data_2MSD
#
_entry.id   2MSD
#
loop_
_entity.id
_entity.type
_entity.pdbx_description
1 polymer 'Apolipoprotein A-I'
2 polymer 'GTPase KRas'
3 non-polymer 1,2-DIOLEOYL-SN-GLYCERO-3-PHOSPHOCHOLINE
4 non-polymer O-[(S)-({(2R)-2,3-bis[(9Z)-octadec-9-enoyloxy]propyl}oxy)(hydroxy)phosphoryl]-L-serine
5 non-polymer 'PHOSPHOAMINOPHOSPHONIC ACID-GUANYLATE ESTER'
6 non-polymer 'MAGNESIUM ION'
#
loop_
_entity_poly.entity_id
_entity_poly.type
_entity_poly.pdbx_seq_one_letter_code
_entity_poly.pdbx_strand_id
1 'polypeptide(L)'
;GPLKLLDNWDSVTSTFSKLREQLGPVTQEFWDNLEKETEGLRQEMSKDLEEVKAKVQPYLDDFQKKWQEEMELYRQKVEP
LRAELQEGARQKLHELQEKLSPLGEEMRDRARAHVDALRTHLAPYSDELRQRLAARLEALKENGGARLAEYHAKATEHLS
TLSEKAKPALEDLRQGLLPVLESFKVSFLSALEEYTKKLN
;
A,C
2 'polypeptide(L)'
;GSMTEYKLVVVGAGGVGKSALTIQLIQNHFVDEYDPTIEDSYRKQVVIDGETCLLDILDTAGQEEYSAMRDQYMRTGEGF
LCVFAINNTKSFEDIHHYREQIKRVKDSEDVPMVLVGNKCDLPSRTVDTKQAQDLARSYGIPFIETSAKTRQGVDDAFYT
LVREIRKHKEKMSKDGKKKKKKSKTKC
;
B
#
loop_
_chem_comp.id
_chem_comp.type
_chem_comp.name
_chem_comp.formula
17F non-polymer O-[(S)-({(2R)-2,3-bis[(9Z)-octadec-9-enoyloxy]propyl}oxy)(hydroxy)phosphoryl]-L-serine 'C42 H78 N O10 P'
GNP non-polymer 'PHOSPHOAMINOPHOSPHONIC ACID-GUANYLATE ESTER' 'C10 H17 N6 O13 P3'
MG non-polymer 'MAGNESIUM ION' 'Mg 2'
PCW non-polymer 1,2-DIOLEOYL-SN-GLYCERO-3-PHOSPHOCHOLINE 'C44 H85 N O8 P 1'
#
# COMPACT_ATOMS: atom_id res chain seq x y z
N LEU A 3 -15.86 -16.64 36.12
CA LEU A 3 -17.18 -16.14 36.47
C LEU A 3 -17.20 -14.62 36.45
N LYS A 4 -16.02 -14.05 36.27
CA LYS A 4 -15.86 -12.60 36.24
C LYS A 4 -16.65 -12.00 35.09
N LEU A 5 -16.36 -12.46 33.88
CA LEU A 5 -17.02 -11.95 32.70
C LEU A 5 -18.49 -12.37 32.67
N LEU A 6 -18.79 -13.51 33.25
CA LEU A 6 -20.15 -14.03 33.28
C LEU A 6 -21.09 -13.13 34.09
N ASP A 7 -20.69 -12.78 35.31
CA ASP A 7 -21.50 -11.93 36.16
C ASP A 7 -21.52 -10.49 35.63
N ASN A 8 -20.36 -10.05 35.14
CA ASN A 8 -20.24 -8.70 34.59
C ASN A 8 -21.14 -8.56 33.36
N TRP A 9 -21.27 -9.63 32.59
CA TRP A 9 -22.12 -9.61 31.39
C TRP A 9 -23.59 -9.46 31.80
N ASP A 10 -23.93 -9.98 32.97
CA ASP A 10 -25.30 -9.88 33.47
C ASP A 10 -25.68 -8.42 33.70
N SER A 11 -24.72 -7.64 34.20
CA SER A 11 -24.92 -6.22 34.45
C SER A 11 -25.10 -5.48 33.13
N VAL A 12 -24.43 -5.97 32.09
CA VAL A 12 -24.52 -5.36 30.77
C VAL A 12 -25.86 -5.74 30.14
N THR A 13 -26.23 -7.01 30.30
CA THR A 13 -27.48 -7.52 29.77
C THR A 13 -28.67 -6.79 30.36
N SER A 14 -28.68 -6.60 31.68
CA SER A 14 -29.76 -5.90 32.35
C SER A 14 -29.85 -4.47 31.85
N THR A 15 -28.69 -3.87 31.58
CA THR A 15 -28.63 -2.52 31.06
C THR A 15 -29.28 -2.46 29.68
N PHE A 16 -28.99 -3.47 28.86
CA PHE A 16 -29.56 -3.56 27.53
C PHE A 16 -31.07 -3.70 27.62
N SER A 17 -31.53 -4.50 28.57
CA SER A 17 -32.95 -4.70 28.79
C SER A 17 -33.60 -3.39 29.21
N LYS A 18 -32.99 -2.71 30.17
CA LYS A 18 -33.49 -1.43 30.67
C LYS A 18 -33.52 -0.41 29.53
N LEU A 19 -32.48 -0.43 28.70
CA LEU A 19 -32.37 0.46 27.57
C LEU A 19 -33.44 0.13 26.53
N ARG A 20 -33.63 -1.15 26.26
CA ARG A 20 -34.63 -1.59 25.29
C ARG A 20 -36.04 -1.22 25.72
N GLU A 21 -36.30 -1.29 27.03
CA GLU A 21 -37.61 -0.94 27.57
C GLU A 21 -37.81 0.58 27.49
N GLN A 22 -36.70 1.31 27.44
CA GLN A 22 -36.74 2.75 27.35
C GLN A 22 -36.76 3.19 25.89
N LEU A 23 -36.06 2.44 25.05
CA LEU A 23 -36.00 2.72 23.61
C LEU A 23 -37.38 2.75 22.99
N GLY A 24 -38.27 1.94 23.53
CA GLY A 24 -39.64 1.91 23.05
C GLY A 24 -40.26 3.29 23.16
N PRO A 25 -40.49 3.79 24.39
CA PRO A 25 -41.02 5.13 24.61
C PRO A 25 -40.20 6.19 23.88
N VAL A 26 -38.87 6.01 23.86
CA VAL A 26 -37.98 6.95 23.18
C VAL A 26 -38.38 7.09 21.72
N THR A 27 -38.49 5.97 21.01
CA THR A 27 -38.87 6.00 19.61
C THR A 27 -40.31 6.46 19.44
N GLN A 28 -41.17 6.06 20.36
CA GLN A 28 -42.58 6.44 20.33
C GLN A 28 -42.73 7.96 20.39
N GLU A 29 -42.09 8.55 21.40
CA GLU A 29 -42.15 9.99 21.60
C GLU A 29 -41.36 10.73 20.52
N PHE A 30 -40.22 10.18 20.13
CA PHE A 30 -39.41 10.79 19.09
C PHE A 30 -40.15 10.80 17.76
N TRP A 31 -40.80 9.69 17.44
CA TRP A 31 -41.57 9.59 16.22
C TRP A 31 -42.74 10.55 16.27
N ASP A 32 -43.36 10.64 17.45
CA ASP A 32 -44.48 11.54 17.68
C ASP A 32 -44.06 12.98 17.41
N ASN A 33 -42.90 13.35 17.95
CA ASN A 33 -42.37 14.70 17.77
C ASN A 33 -41.94 14.91 16.33
N LEU A 34 -41.41 13.86 15.72
CA LEU A 34 -40.97 13.91 14.33
C LEU A 34 -42.16 14.06 13.41
N GLU A 35 -43.29 13.47 13.81
CA GLU A 35 -44.52 13.57 13.04
C GLU A 35 -44.97 15.01 12.99
N LYS A 36 -44.87 15.70 14.13
CA LYS A 36 -45.23 17.11 14.19
C LYS A 36 -44.27 17.91 13.33
N GLU A 37 -43.00 17.53 13.39
CA GLU A 37 -41.95 18.18 12.61
C GLU A 37 -42.24 18.03 11.13
N THR A 38 -42.45 16.80 10.69
CA THR A 38 -42.73 16.51 9.29
C THR A 38 -44.10 17.08 8.89
N GLU A 39 -45.03 17.09 9.83
CA GLU A 39 -46.36 17.64 9.57
C GLU A 39 -46.23 19.12 9.30
N GLY A 40 -45.48 19.80 10.15
CA GLY A 40 -45.24 21.21 9.96
C GLY A 40 -44.52 21.44 8.65
N LEU A 41 -43.50 20.63 8.40
CA LEU A 41 -42.72 20.70 7.17
C LEU A 41 -43.60 20.41 5.95
N ARG A 42 -44.67 19.63 6.15
CA ARG A 42 -45.58 19.30 5.08
C ARG A 42 -46.46 20.52 4.79
N GLN A 43 -46.89 21.19 5.85
CA GLN A 43 -47.69 22.39 5.70
C GLN A 43 -46.81 23.45 5.04
N GLU A 44 -45.55 23.47 5.47
CA GLU A 44 -44.56 24.39 4.93
C GLU A 44 -44.25 24.02 3.50
N MET A 45 -44.23 22.73 3.20
CA MET A 45 -43.98 22.24 1.85
C MET A 45 -45.06 22.75 0.92
N SER A 46 -46.25 22.92 1.48
CA SER A 46 -47.39 23.42 0.74
C SER A 46 -47.33 24.95 0.64
N LYS A 47 -46.17 25.50 1.00
CA LYS A 47 -45.91 26.94 0.93
C LYS A 47 -44.58 27.15 0.23
N ASP A 48 -43.55 26.47 0.75
CA ASP A 48 -42.19 26.54 0.20
C ASP A 48 -42.20 26.23 -1.28
N LEU A 49 -42.59 25.00 -1.61
CA LEU A 49 -42.65 24.55 -2.99
C LEU A 49 -43.78 25.23 -3.76
N GLU A 50 -44.88 25.47 -3.07
CA GLU A 50 -46.03 26.12 -3.70
C GLU A 50 -45.70 27.52 -4.19
N GLU A 51 -45.18 28.34 -3.29
CA GLU A 51 -44.83 29.71 -3.64
C GLU A 51 -43.61 29.76 -4.54
N VAL A 52 -42.66 28.84 -4.33
CA VAL A 52 -41.47 28.81 -5.17
C VAL A 52 -41.83 28.42 -6.60
N LYS A 53 -42.88 27.62 -6.75
CA LYS A 53 -43.35 27.20 -8.07
C LYS A 53 -44.20 28.29 -8.70
N ALA A 54 -44.99 28.96 -7.88
CA ALA A 54 -45.83 30.04 -8.35
C ALA A 54 -44.98 31.22 -8.77
N LYS A 55 -43.84 31.35 -8.11
CA LYS A 55 -42.90 32.42 -8.40
C LYS A 55 -41.84 31.99 -9.39
N VAL A 56 -41.63 30.68 -9.53
CA VAL A 56 -40.62 30.18 -10.46
C VAL A 56 -40.95 30.63 -11.89
N GLN A 57 -42.24 30.79 -12.16
CA GLN A 57 -42.69 31.23 -13.47
C GLN A 57 -42.19 32.64 -13.77
N PRO A 58 -42.62 33.68 -12.99
CA PRO A 58 -42.15 35.06 -13.21
C PRO A 58 -40.65 35.20 -12.98
N TYR A 59 -40.10 34.37 -12.10
CA TYR A 59 -38.66 34.40 -11.82
C TYR A 59 -37.88 33.93 -13.04
N LEU A 60 -38.20 32.74 -13.52
CA LEU A 60 -37.53 32.16 -14.67
C LEU A 60 -37.83 32.97 -15.93
N ASP A 61 -39.08 33.39 -16.09
CA ASP A 61 -39.47 34.17 -17.25
C ASP A 61 -38.72 35.50 -17.29
N ASP A 62 -38.47 36.07 -16.12
CA ASP A 62 -37.75 37.33 -16.02
C ASP A 62 -36.29 37.12 -16.44
N PHE A 63 -35.66 36.11 -15.84
CA PHE A 63 -34.28 35.80 -16.15
C PHE A 63 -34.14 35.32 -17.59
N GLN A 64 -35.11 34.55 -18.05
CA GLN A 64 -35.12 34.03 -19.41
C GLN A 64 -35.26 35.18 -20.42
N LYS A 65 -36.20 36.07 -20.14
CA LYS A 65 -36.44 37.22 -21.00
C LYS A 65 -35.17 38.05 -21.13
N LYS A 66 -34.57 38.35 -19.98
CA LYS A 66 -33.35 39.13 -19.96
C LYS A 66 -32.20 38.34 -20.57
N TRP A 67 -32.19 37.03 -20.36
CA TRP A 67 -31.16 36.18 -20.92
C TRP A 67 -31.26 36.17 -22.44
N GLN A 68 -32.49 36.20 -22.94
CA GLN A 68 -32.73 36.25 -24.37
C GLN A 68 -32.20 37.56 -24.93
N GLU A 69 -32.48 38.64 -24.21
CA GLU A 69 -32.00 39.95 -24.60
C GLU A 69 -30.47 39.93 -24.61
N GLU A 70 -29.91 39.36 -23.54
CA GLU A 70 -28.47 39.25 -23.39
C GLU A 70 -27.88 38.43 -24.53
N MET A 71 -28.54 37.33 -24.87
CA MET A 71 -28.10 36.47 -25.96
C MET A 71 -28.17 37.22 -27.27
N GLU A 72 -29.28 37.94 -27.49
CA GLU A 72 -29.46 38.72 -28.70
C GLU A 72 -28.37 39.78 -28.79
N LEU A 73 -28.19 40.53 -27.71
CA LEU A 73 -27.18 41.57 -27.66
C LEU A 73 -25.79 40.96 -27.90
N TYR A 74 -25.54 39.81 -27.29
CA TYR A 74 -24.27 39.13 -27.45
C TYR A 74 -24.06 38.71 -28.90
N ARG A 75 -25.12 38.20 -29.53
CA ARG A 75 -25.06 37.77 -30.92
C ARG A 75 -24.95 38.97 -31.85
N GLN A 76 -25.63 40.06 -31.49
CA GLN A 76 -25.60 41.29 -32.27
C GLN A 76 -24.24 41.94 -32.20
N LYS A 77 -23.48 41.58 -31.16
CA LYS A 77 -22.14 42.12 -30.98
C LYS A 77 -21.10 41.13 -31.50
N VAL A 78 -21.30 39.85 -31.22
CA VAL A 78 -20.36 38.80 -31.63
C VAL A 78 -20.05 38.85 -33.13
N GLU A 79 -21.05 39.20 -33.94
CA GLU A 79 -20.83 39.27 -35.38
C GLU A 79 -19.85 40.39 -35.76
N PRO A 80 -20.18 41.68 -35.48
CA PRO A 80 -19.27 42.78 -35.79
C PRO A 80 -17.96 42.66 -35.03
N LEU A 81 -18.01 42.17 -33.80
CA LEU A 81 -16.80 42.00 -32.99
C LEU A 81 -15.88 40.98 -33.64
N ARG A 82 -16.46 39.86 -34.11
CA ARG A 82 -15.68 38.83 -34.77
C ARG A 82 -15.16 39.37 -36.09
N ALA A 83 -15.95 40.23 -36.72
CA ALA A 83 -15.55 40.84 -37.98
C ALA A 83 -14.32 41.71 -37.76
N GLU A 84 -14.36 42.52 -36.70
CA GLU A 84 -13.24 43.38 -36.35
C GLU A 84 -12.03 42.52 -36.00
N LEU A 85 -12.26 41.50 -35.17
CA LEU A 85 -11.21 40.59 -34.76
C LEU A 85 -10.61 39.87 -35.95
N GLN A 86 -11.46 39.47 -36.90
CA GLN A 86 -11.01 38.79 -38.10
C GLN A 86 -10.12 39.71 -38.94
N GLU A 87 -10.59 40.93 -39.17
CA GLU A 87 -9.84 41.91 -39.93
C GLU A 87 -8.52 42.19 -39.24
N GLY A 88 -8.60 42.40 -37.92
CA GLY A 88 -7.42 42.66 -37.13
C GLY A 88 -6.47 41.49 -37.19
N ALA A 89 -7.02 40.28 -37.08
CA ALA A 89 -6.22 39.07 -37.13
C ALA A 89 -5.51 38.96 -38.46
N ARG A 90 -6.24 39.22 -39.55
CA ARG A 90 -5.66 39.17 -40.89
C ARG A 90 -4.50 40.14 -40.98
N GLN A 91 -4.71 41.35 -40.49
CA GLN A 91 -3.70 42.40 -40.51
C GLN A 91 -2.50 42.00 -39.66
N LYS A 92 -2.77 41.63 -38.41
CA LYS A 92 -1.73 41.23 -37.47
C LYS A 92 -0.97 40.00 -37.95
N LEU A 93 -1.70 39.01 -38.45
CA LEU A 93 -1.08 37.79 -38.96
C LEU A 93 -0.27 38.09 -40.21
N HIS A 94 -0.77 39.02 -41.02
CA HIS A 94 -0.06 39.41 -42.24
C HIS A 94 1.24 40.08 -41.87
N GLU A 95 1.20 40.92 -40.83
CA GLU A 95 2.40 41.59 -40.36
C GLU A 95 3.39 40.57 -39.85
N LEU A 96 2.86 39.52 -39.23
CA LEU A 96 3.70 38.43 -38.73
C LEU A 96 4.32 37.69 -39.89
N GLN A 97 3.53 37.47 -40.96
CA GLN A 97 4.02 36.79 -42.15
C GLN A 97 5.11 37.62 -42.82
N GLU A 98 4.96 38.95 -42.71
CA GLU A 98 5.92 39.90 -43.27
C GLU A 98 7.25 39.81 -42.52
N LYS A 99 7.26 39.06 -41.43
CA LYS A 99 8.46 38.88 -40.63
C LYS A 99 8.90 37.42 -40.61
N LEU A 100 7.94 36.51 -40.53
CA LEU A 100 8.22 35.08 -40.51
C LEU A 100 8.96 34.63 -41.76
N SER A 101 8.69 35.32 -42.87
CA SER A 101 9.35 34.98 -44.12
C SER A 101 10.79 35.51 -44.20
N PRO A 102 11.02 36.84 -44.17
CA PRO A 102 12.37 37.40 -44.23
C PRO A 102 13.21 37.07 -43.00
N LEU A 103 12.67 37.34 -41.81
CA LEU A 103 13.40 37.07 -40.57
C LEU A 103 13.57 35.57 -40.39
N GLY A 104 12.64 34.81 -40.98
CA GLY A 104 12.72 33.36 -40.91
C GLY A 104 13.90 32.88 -41.71
N GLU A 105 13.99 33.35 -42.95
CA GLU A 105 15.10 32.99 -43.82
C GLU A 105 16.39 33.53 -43.25
N GLU A 106 16.32 34.75 -42.71
CA GLU A 106 17.48 35.40 -42.10
C GLU A 106 17.97 34.54 -40.94
N MET A 107 17.04 34.02 -40.16
CA MET A 107 17.38 33.16 -39.04
C MET A 107 18.00 31.87 -39.56
N ARG A 108 17.44 31.34 -40.64
CA ARG A 108 17.96 30.13 -41.25
C ARG A 108 19.35 30.36 -41.81
N ASP A 109 19.53 31.50 -42.46
CA ASP A 109 20.82 31.86 -43.03
C ASP A 109 21.86 32.06 -41.94
N ARG A 110 21.45 32.75 -40.88
CA ARG A 110 22.34 32.97 -39.74
C ARG A 110 22.59 31.65 -39.02
N ALA A 111 21.57 30.79 -39.00
CA ALA A 111 21.69 29.47 -38.38
C ALA A 111 22.73 28.67 -39.15
N ARG A 112 22.77 28.88 -40.47
CA ARG A 112 23.74 28.22 -41.33
C ARG A 112 25.13 28.55 -40.82
N ALA A 113 25.36 29.83 -40.58
CA ALA A 113 26.64 30.29 -40.07
C ALA A 113 26.87 29.79 -38.66
N HIS A 114 25.82 29.86 -37.84
CA HIS A 114 25.88 29.40 -36.45
C HIS A 114 26.36 27.96 -36.39
N VAL A 115 25.67 27.10 -37.14
CA VAL A 115 25.99 25.68 -37.17
C VAL A 115 27.26 25.38 -37.96
N ASP A 116 27.51 26.16 -39.01
CA ASP A 116 28.72 25.96 -39.81
C ASP A 116 29.95 26.20 -38.95
N ALA A 117 29.92 27.29 -38.19
CA ALA A 117 31.00 27.62 -37.29
C ALA A 117 31.12 26.54 -36.21
N LEU A 118 29.95 26.01 -35.82
CA LEU A 118 29.90 24.95 -34.83
C LEU A 118 30.55 23.69 -35.38
N ARG A 119 30.20 23.33 -36.62
CA ARG A 119 30.76 22.15 -37.26
C ARG A 119 32.26 22.29 -37.46
N THR A 120 32.68 23.49 -37.85
CA THR A 120 34.10 23.77 -38.08
C THR A 120 34.86 23.84 -36.75
N HIS A 121 34.11 23.97 -35.66
CA HIS A 121 34.70 24.02 -34.34
C HIS A 121 34.68 22.64 -33.69
N LEU A 122 33.56 21.95 -33.86
CA LEU A 122 33.37 20.61 -33.31
C LEU A 122 34.30 19.59 -33.97
N ALA A 123 34.61 19.81 -35.24
CA ALA A 123 35.50 18.90 -35.97
C ALA A 123 36.86 18.77 -35.27
N PRO A 124 37.63 19.86 -35.10
CA PRO A 124 38.91 19.80 -34.41
C PRO A 124 38.72 19.50 -32.92
N TYR A 125 37.62 20.01 -32.36
CA TYR A 125 37.33 19.78 -30.95
C TYR A 125 37.19 18.31 -30.64
N SER A 126 36.41 17.59 -31.45
CA SER A 126 36.21 16.16 -31.27
C SER A 126 37.51 15.41 -31.52
N ASP A 127 38.29 15.89 -32.49
CA ASP A 127 39.58 15.27 -32.81
C ASP A 127 40.48 15.34 -31.59
N GLU A 128 40.57 16.52 -31.00
CA GLU A 128 41.37 16.74 -29.81
C GLU A 128 40.74 15.99 -28.64
N LEU A 129 39.41 15.90 -28.64
CA LEU A 129 38.69 15.19 -27.59
C LEU A 129 39.06 13.71 -27.61
N ARG A 130 39.21 13.18 -28.83
CA ARG A 130 39.60 11.78 -28.99
C ARG A 130 41.02 11.60 -28.44
N GLN A 131 41.86 12.60 -28.67
CA GLN A 131 43.23 12.58 -28.18
C GLN A 131 43.20 12.59 -26.66
N ARG A 132 42.34 13.44 -26.11
CA ARG A 132 42.17 13.56 -24.66
C ARG A 132 41.71 12.24 -24.09
N LEU A 133 40.67 11.67 -24.71
CA LEU A 133 40.14 10.39 -24.28
C LEU A 133 41.21 9.32 -24.36
N ALA A 134 41.96 9.31 -25.45
CA ALA A 134 43.02 8.35 -25.65
C ALA A 134 44.06 8.48 -24.54
N ALA A 135 44.48 9.71 -24.27
CA ALA A 135 45.46 9.98 -23.22
C ALA A 135 44.93 9.61 -21.85
N ARG A 136 43.72 10.09 -21.55
CA ARG A 136 43.07 9.81 -20.26
C ARG A 136 42.88 8.32 -20.07
N LEU A 137 42.25 7.66 -21.04
CA LEU A 137 41.99 6.23 -20.95
C LEU A 137 43.27 5.42 -20.84
N GLU A 138 44.30 5.82 -21.58
CA GLU A 138 45.57 5.11 -21.53
C GLU A 138 46.28 5.32 -20.19
N ALA A 139 46.22 6.54 -19.67
CA ALA A 139 46.83 6.84 -18.39
C ALA A 139 46.10 6.06 -17.30
N LEU A 140 44.78 6.08 -17.38
CA LEU A 140 43.94 5.37 -16.42
C LEU A 140 44.04 3.86 -16.63
N LYS A 141 44.54 3.47 -17.79
CA LYS A 141 44.71 2.05 -18.13
C LYS A 141 45.98 1.51 -17.48
N GLU A 142 47.10 2.19 -17.75
CA GLU A 142 48.38 1.77 -17.18
C GLU A 142 48.28 1.80 -15.67
N ASN A 143 47.66 2.85 -15.15
CA ASN A 143 47.46 3.02 -13.73
C ASN A 143 46.38 2.06 -13.26
N GLY A 144 45.39 1.82 -14.11
CA GLY A 144 44.31 0.91 -13.78
C GLY A 144 44.80 -0.49 -13.53
N GLY A 145 45.68 -0.97 -14.40
CA GLY A 145 46.24 -2.29 -14.24
C GLY A 145 47.00 -2.41 -12.93
N ALA A 146 47.78 -1.37 -12.63
CA ALA A 146 48.55 -1.33 -11.40
C ALA A 146 47.61 -1.31 -10.20
N ARG A 147 46.57 -0.48 -10.28
CA ARG A 147 45.58 -0.37 -9.21
C ARG A 147 44.89 -1.70 -8.98
N LEU A 148 44.57 -2.40 -10.07
CA LEU A 148 43.93 -3.71 -9.98
C LEU A 148 44.87 -4.72 -9.37
N ALA A 149 46.13 -4.69 -9.80
CA ALA A 149 47.14 -5.60 -9.26
C ALA A 149 47.34 -5.33 -7.78
N GLU A 150 47.40 -4.05 -7.44
CA GLU A 150 47.56 -3.63 -6.05
C GLU A 150 46.34 -4.07 -5.25
N TYR A 151 45.16 -3.86 -5.81
CA TYR A 151 43.91 -4.26 -5.15
C TYR A 151 43.88 -5.77 -4.96
N HIS A 152 44.46 -6.50 -5.89
CA HIS A 152 44.53 -7.95 -5.80
C HIS A 152 45.38 -8.34 -4.60
N ALA A 153 46.51 -7.67 -4.46
CA ALA A 153 47.41 -7.90 -3.35
C ALA A 153 46.71 -7.52 -2.05
N LYS A 154 46.11 -6.34 -2.02
CA LYS A 154 45.37 -5.86 -0.86
C LYS A 154 44.27 -6.84 -0.48
N ALA A 155 43.58 -7.35 -1.49
CA ALA A 155 42.50 -8.32 -1.27
C ALA A 155 43.08 -9.62 -0.73
N THR A 156 44.24 -10.01 -1.26
CA THR A 156 44.91 -11.22 -0.82
C THR A 156 45.26 -11.11 0.67
N GLU A 157 45.82 -9.96 1.04
CA GLU A 157 46.18 -9.71 2.43
C GLU A 157 44.92 -9.61 3.28
N HIS A 158 43.86 -9.03 2.69
CA HIS A 158 42.59 -8.89 3.38
C HIS A 158 42.00 -10.27 3.67
N LEU A 159 42.07 -11.15 2.68
CA LEU A 159 41.54 -12.50 2.80
C LEU A 159 42.36 -13.35 3.78
N SER A 160 43.68 -13.19 3.76
CA SER A 160 44.54 -13.95 4.67
C SER A 160 44.28 -13.54 6.11
N THR A 161 44.10 -12.24 6.33
CA THR A 161 43.81 -11.73 7.65
C THR A 161 42.37 -12.05 8.02
N LEU A 162 41.51 -12.13 7.01
CA LEU A 162 40.11 -12.48 7.22
C LEU A 162 40.05 -13.93 7.67
N SER A 163 41.06 -14.69 7.27
CA SER A 163 41.16 -16.08 7.66
C SER A 163 41.48 -16.21 9.14
N GLU A 164 42.00 -15.12 9.72
CA GLU A 164 42.31 -15.08 11.14
C GLU A 164 41.02 -14.85 11.91
N LYS A 165 39.98 -14.47 11.17
CA LYS A 165 38.67 -14.23 11.73
C LYS A 165 37.73 -15.39 11.39
N ALA A 166 37.83 -15.88 10.15
CA ALA A 166 37.00 -16.99 9.70
C ALA A 166 37.38 -18.32 10.35
N LYS A 167 38.61 -18.40 10.84
CA LYS A 167 39.06 -19.63 11.49
C LYS A 167 39.18 -19.50 13.01
N PRO A 168 40.22 -18.78 13.53
CA PRO A 168 40.39 -18.62 14.99
C PRO A 168 39.24 -17.87 15.64
N ALA A 169 38.98 -16.64 15.19
CA ALA A 169 37.92 -15.81 15.75
C ALA A 169 36.56 -16.51 15.70
N LEU A 170 36.22 -17.09 14.55
CA LEU A 170 34.95 -17.80 14.40
C LEU A 170 34.88 -19.00 15.32
N GLU A 171 35.98 -19.75 15.41
CA GLU A 171 36.01 -20.92 16.27
C GLU A 171 35.89 -20.48 17.73
N ASP A 172 36.53 -19.35 18.05
CA ASP A 172 36.48 -18.78 19.39
C ASP A 172 35.05 -18.38 19.72
N LEU A 173 34.41 -17.73 18.75
CA LEU A 173 33.03 -17.29 18.89
C LEU A 173 32.13 -18.50 19.11
N ARG A 174 32.37 -19.56 18.34
CA ARG A 174 31.60 -20.79 18.47
C ARG A 174 31.86 -21.44 19.82
N GLN A 175 33.11 -21.40 20.25
CA GLN A 175 33.48 -21.96 21.54
C GLN A 175 32.83 -21.21 22.67
N GLY A 176 32.49 -19.95 22.41
CA GLY A 176 31.83 -19.11 23.39
C GLY A 176 30.31 -19.29 23.26
N LEU A 177 29.85 -19.39 22.02
CA LEU A 177 28.44 -19.56 21.71
C LEU A 177 27.87 -20.84 22.31
N LEU A 178 28.62 -21.94 22.22
CA LEU A 178 28.17 -23.22 22.76
C LEU A 178 27.70 -23.10 24.21
N PRO A 179 28.59 -22.71 25.16
CA PRO A 179 28.20 -22.54 26.57
C PRO A 179 27.20 -21.40 26.74
N VAL A 180 27.28 -20.40 25.86
CA VAL A 180 26.34 -19.26 25.92
C VAL A 180 24.94 -19.76 25.65
N LEU A 181 24.81 -20.58 24.60
CA LEU A 181 23.53 -21.14 24.24
C LEU A 181 23.03 -22.07 25.33
N GLU A 182 23.96 -22.81 25.94
CA GLU A 182 23.61 -23.72 27.02
C GLU A 182 23.06 -22.96 28.21
N SER A 183 23.73 -21.87 28.58
CA SER A 183 23.27 -21.06 29.71
C SER A 183 21.94 -20.40 29.37
N PHE A 184 21.80 -20.00 28.11
CA PHE A 184 20.57 -19.39 27.63
C PHE A 184 19.44 -20.41 27.64
N LYS A 185 19.78 -21.66 27.32
CA LYS A 185 18.79 -22.73 27.32
C LYS A 185 18.26 -22.92 28.73
N VAL A 186 19.17 -22.89 29.71
CA VAL A 186 18.81 -23.03 31.11
C VAL A 186 17.83 -21.94 31.54
N SER A 187 18.15 -20.69 31.19
CA SER A 187 17.31 -19.57 31.55
C SER A 187 16.00 -19.61 30.77
N PHE A 188 16.07 -19.96 29.49
CA PHE A 188 14.89 -20.05 28.64
C PHE A 188 13.92 -21.11 29.17
N LEU A 189 14.47 -22.28 29.51
CA LEU A 189 13.66 -23.37 30.02
C LEU A 189 12.93 -22.98 31.29
N SER A 190 13.65 -22.37 32.21
CA SER A 190 13.07 -21.95 33.48
C SER A 190 12.09 -20.79 33.30
N ALA A 191 12.43 -19.87 32.39
CA ALA A 191 11.57 -18.73 32.11
C ALA A 191 10.23 -19.19 31.55
N LEU A 192 10.27 -20.19 30.68
CA LEU A 192 9.05 -20.74 30.09
C LEU A 192 8.18 -21.33 31.18
N GLU A 193 8.82 -22.00 32.13
CA GLU A 193 8.11 -22.60 33.26
C GLU A 193 7.46 -21.51 34.10
N GLU A 194 8.21 -20.43 34.30
CA GLU A 194 7.74 -19.30 35.08
C GLU A 194 6.46 -18.69 34.51
N TYR A 195 6.50 -18.33 33.23
CA TYR A 195 5.35 -17.74 32.58
C TYR A 195 4.14 -18.67 32.61
N THR A 196 4.39 -19.96 32.38
CA THR A 196 3.32 -20.94 32.38
C THR A 196 2.73 -21.14 33.78
N LYS A 197 3.57 -21.00 34.81
CA LYS A 197 3.14 -21.17 36.19
C LYS A 197 2.26 -20.02 36.68
N LYS A 198 2.45 -18.84 36.11
CA LYS A 198 1.68 -17.68 36.52
C LYS A 198 0.52 -17.35 35.59
N LEU A 199 0.74 -17.50 34.29
CA LEU A 199 -0.30 -17.21 33.31
C LEU A 199 -1.31 -18.35 33.19
N ASN A 200 -0.99 -19.48 33.81
CA ASN A 200 -1.87 -20.66 33.79
C ASN A 200 -1.49 -21.62 34.91
N LEU B 3 30.61 -13.24 31.36
CA LEU B 3 31.67 -13.83 32.17
C LEU B 3 32.89 -14.11 31.30
N LYS B 4 32.63 -14.52 30.07
CA LYS B 4 33.69 -14.80 29.12
C LYS B 4 33.84 -13.65 28.13
N LEU B 5 33.34 -12.49 28.52
CA LEU B 5 33.41 -11.31 27.68
C LEU B 5 34.86 -10.90 27.45
N LEU B 6 35.71 -11.20 28.42
CA LEU B 6 37.14 -10.88 28.32
C LEU B 6 37.77 -11.69 27.19
N ASP B 7 37.35 -12.95 27.09
CA ASP B 7 37.85 -13.85 26.05
C ASP B 7 37.42 -13.34 24.69
N ASN B 8 36.15 -12.97 24.59
CA ASN B 8 35.59 -12.46 23.35
C ASN B 8 36.26 -11.13 23.00
N TRP B 9 36.40 -10.27 24.00
CA TRP B 9 37.03 -8.96 23.79
C TRP B 9 38.46 -9.10 23.30
N ASP B 10 39.18 -10.09 23.82
CA ASP B 10 40.54 -10.34 23.39
C ASP B 10 40.56 -10.70 21.92
N SER B 11 39.61 -11.53 21.52
CA SER B 11 39.49 -11.93 20.13
C SER B 11 39.27 -10.70 19.25
N VAL B 12 38.43 -9.79 19.73
CA VAL B 12 38.14 -8.55 19.01
C VAL B 12 39.41 -7.68 18.98
N THR B 13 40.15 -7.70 20.08
CA THR B 13 41.39 -6.94 20.16
C THR B 13 42.38 -7.49 19.13
N SER B 14 42.44 -8.82 19.04
CA SER B 14 43.32 -9.48 18.08
C SER B 14 42.96 -9.07 16.66
N THR B 15 41.65 -9.03 16.37
CA THR B 15 41.21 -8.63 15.04
C THR B 15 41.55 -7.17 14.75
N PHE B 16 41.58 -6.35 15.80
CA PHE B 16 41.93 -4.94 15.66
C PHE B 16 43.42 -4.82 15.35
N SER B 17 44.23 -5.62 16.03
CA SER B 17 45.66 -5.63 15.80
C SER B 17 45.94 -6.12 14.38
N LYS B 18 45.20 -7.15 13.96
CA LYS B 18 45.32 -7.69 12.61
C LYS B 18 44.92 -6.63 11.59
N LEU B 19 43.97 -5.79 11.97
CA LEU B 19 43.52 -4.71 11.11
C LEU B 19 44.64 -3.69 10.96
N ARG B 20 45.32 -3.41 12.05
CA ARG B 20 46.43 -2.46 12.04
C ARG B 20 47.61 -3.05 11.26
N GLU B 21 47.78 -4.37 11.35
CA GLU B 21 48.84 -5.06 10.62
C GLU B 21 48.59 -4.93 9.12
N GLN B 22 47.33 -4.69 8.77
CA GLN B 22 46.92 -4.51 7.40
C GLN B 22 47.05 -3.04 7.04
N LEU B 23 46.47 -2.19 7.89
CA LEU B 23 46.48 -0.74 7.71
C LEU B 23 47.84 -0.21 7.32
N GLY B 24 48.88 -0.60 8.06
CA GLY B 24 50.23 -0.15 7.76
C GLY B 24 50.61 -0.36 6.30
N PRO B 25 50.88 -1.61 5.89
CA PRO B 25 51.25 -1.93 4.51
C PRO B 25 50.21 -1.44 3.51
N VAL B 26 48.92 -1.68 3.79
CA VAL B 26 47.84 -1.27 2.91
C VAL B 26 47.87 0.23 2.62
N THR B 27 47.97 1.04 3.65
CA THR B 27 48.01 2.49 3.46
C THR B 27 49.29 2.92 2.75
N GLN B 28 50.37 2.22 3.05
CA GLN B 28 51.66 2.51 2.43
C GLN B 28 51.54 2.36 0.92
N GLU B 29 51.06 1.21 0.46
CA GLU B 29 50.88 0.98 -0.96
C GLU B 29 49.72 1.79 -1.50
N PHE B 30 48.72 2.06 -0.66
CA PHE B 30 47.58 2.86 -1.07
C PHE B 30 48.04 4.28 -1.37
N TRP B 31 48.98 4.76 -0.57
CA TRP B 31 49.55 6.09 -0.77
C TRP B 31 50.39 6.07 -2.04
N ASP B 32 51.08 4.95 -2.26
CA ASP B 32 51.89 4.78 -3.47
C ASP B 32 50.96 4.72 -4.67
N ASN B 33 49.79 4.15 -4.45
CA ASN B 33 48.76 4.06 -5.47
C ASN B 33 48.22 5.46 -5.75
N LEU B 34 47.94 6.18 -4.67
CA LEU B 34 47.44 7.55 -4.77
C LEU B 34 48.43 8.43 -5.51
N GLU B 35 49.71 8.17 -5.33
CA GLU B 35 50.75 8.93 -6.02
C GLU B 35 50.65 8.69 -7.51
N LYS B 36 50.43 7.43 -7.90
CA LYS B 36 50.28 7.07 -9.30
C LYS B 36 49.02 7.72 -9.85
N GLU B 37 47.98 7.75 -9.03
CA GLU B 37 46.71 8.35 -9.42
C GLU B 37 46.84 9.87 -9.56
N THR B 38 47.37 10.52 -8.54
CA THR B 38 47.54 11.97 -8.58
C THR B 38 48.44 12.41 -9.73
N GLU B 39 49.63 11.83 -9.80
CA GLU B 39 50.57 12.16 -10.87
C GLU B 39 50.01 11.75 -12.22
N GLY B 40 49.38 10.58 -12.28
CA GLY B 40 48.79 10.11 -13.52
C GLY B 40 47.70 11.04 -13.98
N LEU B 41 46.82 11.41 -13.05
CA LEU B 41 45.73 12.32 -13.35
C LEU B 41 46.30 13.68 -13.73
N ARG B 42 47.45 14.03 -13.15
CA ARG B 42 48.09 15.29 -13.46
C ARG B 42 48.59 15.31 -14.90
N GLN B 43 48.97 14.14 -15.40
CA GLN B 43 49.43 14.03 -16.79
C GLN B 43 48.26 14.33 -17.71
N GLU B 44 47.08 13.89 -17.29
CA GLU B 44 45.86 14.12 -18.03
C GLU B 44 45.40 15.56 -17.82
N MET B 45 45.35 15.98 -16.55
CA MET B 45 44.92 17.31 -16.15
C MET B 45 45.76 18.42 -16.77
N SER B 46 47.07 18.21 -16.89
CA SER B 46 47.93 19.23 -17.47
C SER B 46 47.50 19.50 -18.91
N LYS B 47 47.46 18.44 -19.70
CA LYS B 47 47.03 18.54 -21.09
C LYS B 47 45.59 19.02 -21.16
N ASP B 48 44.77 18.51 -20.25
CA ASP B 48 43.36 18.88 -20.20
C ASP B 48 43.20 20.37 -19.97
N LEU B 49 43.81 20.88 -18.91
CA LEU B 49 43.72 22.29 -18.57
C LEU B 49 44.34 23.18 -19.63
N GLU B 50 45.51 22.77 -20.13
CA GLU B 50 46.20 23.54 -21.17
C GLU B 50 45.37 23.57 -22.44
N GLU B 51 44.82 22.43 -22.81
CA GLU B 51 43.99 22.34 -23.99
C GLU B 51 42.65 23.03 -23.75
N VAL B 52 42.23 23.06 -22.49
CA VAL B 52 40.97 23.72 -22.12
C VAL B 52 41.10 25.20 -22.45
N LYS B 53 42.26 25.77 -22.18
CA LYS B 53 42.52 27.17 -22.47
C LYS B 53 42.43 27.39 -23.98
N ALA B 54 43.01 26.45 -24.73
CA ALA B 54 43.01 26.51 -26.19
C ALA B 54 41.68 26.06 -26.79
N LYS B 55 40.73 25.72 -25.92
CA LYS B 55 39.41 25.28 -26.37
C LYS B 55 38.36 26.31 -25.97
N VAL B 56 38.43 26.76 -24.72
CA VAL B 56 37.48 27.74 -24.20
C VAL B 56 37.64 29.08 -24.89
N GLN B 57 38.90 29.48 -25.11
CA GLN B 57 39.18 30.77 -25.77
C GLN B 57 38.47 30.89 -27.14
N PRO B 58 38.73 29.96 -28.09
CA PRO B 58 38.09 30.01 -29.41
C PRO B 58 36.62 29.59 -29.34
N TYR B 59 36.20 29.00 -28.23
CA TYR B 59 34.82 28.58 -28.06
C TYR B 59 34.00 29.78 -27.61
N LEU B 60 34.54 30.53 -26.65
CA LEU B 60 33.87 31.73 -26.15
C LEU B 60 33.81 32.76 -27.26
N ASP B 61 34.86 32.77 -28.08
CA ASP B 61 34.92 33.68 -29.22
C ASP B 61 33.85 33.29 -30.23
N ASP B 62 33.77 31.99 -30.51
CA ASP B 62 32.78 31.45 -31.44
C ASP B 62 31.37 31.70 -30.91
N PHE B 63 31.22 31.49 -29.60
CA PHE B 63 29.94 31.71 -28.95
C PHE B 63 29.60 33.19 -28.97
N GLN B 64 30.60 34.05 -28.76
CA GLN B 64 30.40 35.48 -28.78
C GLN B 64 29.98 35.92 -30.17
N LYS B 65 30.56 35.32 -31.19
CA LYS B 65 30.22 35.63 -32.56
C LYS B 65 28.75 35.30 -32.79
N LYS B 66 28.36 34.11 -32.35
CA LYS B 66 26.99 33.66 -32.47
C LYS B 66 26.07 34.52 -31.61
N TRP B 67 26.56 34.88 -30.42
CA TRP B 67 25.81 35.73 -29.51
C TRP B 67 25.54 37.08 -30.15
N GLN B 68 26.53 37.58 -30.90
CA GLN B 68 26.38 38.85 -31.59
C GLN B 68 25.31 38.71 -32.67
N GLU B 69 25.40 37.64 -33.45
CA GLU B 69 24.43 37.38 -34.51
C GLU B 69 23.03 37.28 -33.93
N GLU B 70 22.93 36.64 -32.75
CA GLU B 70 21.64 36.50 -32.09
C GLU B 70 21.18 37.81 -31.47
N MET B 71 22.10 38.51 -30.78
CA MET B 71 21.77 39.79 -30.15
C MET B 71 21.39 40.82 -31.19
N GLU B 72 22.21 40.95 -32.22
CA GLU B 72 21.94 41.88 -33.31
C GLU B 72 20.69 41.41 -34.06
N LEU B 73 20.56 40.09 -34.16
CA LEU B 73 19.42 39.46 -34.80
C LEU B 73 18.14 39.88 -34.09
N TYR B 74 18.19 39.85 -32.76
CA TYR B 74 17.06 40.24 -31.94
C TYR B 74 16.77 41.72 -32.08
N ARG B 75 17.79 42.50 -32.43
CA ARG B 75 17.63 43.93 -32.63
C ARG B 75 16.88 44.18 -33.94
N GLN B 76 17.05 43.26 -34.88
CA GLN B 76 16.39 43.36 -36.18
C GLN B 76 15.13 42.52 -36.20
N LYS B 77 14.77 41.94 -35.06
CA LYS B 77 13.59 41.11 -34.96
C LYS B 77 12.71 41.54 -33.81
N VAL B 78 13.20 41.40 -32.59
CA VAL B 78 12.45 41.77 -31.39
C VAL B 78 12.07 43.25 -31.38
N GLU B 79 13.01 44.12 -31.75
CA GLU B 79 12.74 45.55 -31.78
C GLU B 79 11.59 45.92 -32.73
N PRO B 80 11.69 45.59 -34.04
CA PRO B 80 10.61 45.87 -34.99
C PRO B 80 9.34 45.11 -34.62
N LEU B 81 9.49 43.89 -34.10
CA LEU B 81 8.35 43.09 -33.69
C LEU B 81 7.66 43.74 -32.51
N ARG B 82 8.44 44.43 -31.68
CA ARG B 82 7.90 45.14 -30.53
C ARG B 82 7.01 46.27 -31.03
N ALA B 83 7.37 46.82 -32.18
CA ALA B 83 6.61 47.89 -32.80
C ALA B 83 5.37 47.29 -33.45
N GLU B 84 5.54 46.16 -34.14
CA GLU B 84 4.43 45.46 -34.79
C GLU B 84 3.42 45.04 -33.73
N LEU B 85 3.94 44.43 -32.67
CA LEU B 85 3.11 43.97 -31.56
C LEU B 85 2.53 45.14 -30.80
N GLN B 86 3.26 46.26 -30.80
CA GLN B 86 2.78 47.46 -30.11
C GLN B 86 1.56 48.00 -30.84
N GLU B 87 1.69 48.15 -32.15
CA GLU B 87 0.60 48.63 -32.98
C GLU B 87 -0.56 47.64 -32.93
N GLY B 88 -0.20 46.35 -32.95
CA GLY B 88 -1.20 45.30 -32.88
C GLY B 88 -1.92 45.31 -31.56
N ALA B 89 -1.17 45.54 -30.48
CA ALA B 89 -1.73 45.60 -29.15
C ALA B 89 -2.58 46.85 -29.01
N ARG B 90 -2.09 47.96 -29.54
CA ARG B 90 -2.83 49.22 -29.49
C ARG B 90 -4.14 49.06 -30.25
N GLN B 91 -4.07 48.36 -31.38
CA GLN B 91 -5.26 48.09 -32.18
C GLN B 91 -6.20 47.20 -31.39
N LYS B 92 -5.66 46.14 -30.80
CA LYS B 92 -6.45 45.22 -30.01
C LYS B 92 -7.04 45.93 -28.79
N LEU B 93 -6.26 46.82 -28.21
CA LEU B 93 -6.71 47.60 -27.06
C LEU B 93 -7.86 48.49 -27.51
N HIS B 94 -7.74 49.06 -28.70
CA HIS B 94 -8.78 49.90 -29.26
C HIS B 94 -10.02 49.04 -29.50
N GLU B 95 -9.78 47.85 -30.04
CA GLU B 95 -10.85 46.90 -30.30
C GLU B 95 -11.55 46.57 -28.98
N LEU B 96 -10.75 46.33 -27.95
CA LEU B 96 -11.27 45.99 -26.63
C LEU B 96 -11.96 47.18 -25.97
N GLN B 97 -11.37 48.37 -26.10
CA GLN B 97 -11.96 49.58 -25.53
C GLN B 97 -13.33 49.85 -26.13
N GLU B 98 -13.47 49.58 -27.43
CA GLU B 98 -14.73 49.79 -28.11
C GLU B 98 -15.70 48.64 -27.82
N LYS B 99 -15.30 47.78 -26.90
CA LYS B 99 -16.13 46.65 -26.48
C LYS B 99 -16.44 46.81 -24.99
N LEU B 100 -15.40 47.11 -24.21
CA LEU B 100 -15.52 47.28 -22.76
C LEU B 100 -16.41 48.48 -22.40
N SER B 101 -16.56 49.41 -23.33
CA SER B 101 -17.41 50.57 -23.09
C SER B 101 -18.89 50.24 -23.31
N PRO B 102 -19.31 49.85 -24.54
CA PRO B 102 -20.71 49.50 -24.82
C PRO B 102 -21.13 48.26 -24.05
N LEU B 103 -20.38 47.16 -24.23
CA LEU B 103 -20.68 45.92 -23.54
C LEU B 103 -20.52 46.08 -22.03
N GLY B 104 -19.59 46.95 -21.63
CA GLY B 104 -19.37 47.19 -20.23
C GLY B 104 -20.60 47.78 -19.57
N GLU B 105 -21.14 48.83 -20.18
CA GLU B 105 -22.34 49.47 -19.67
C GLU B 105 -23.53 48.55 -19.87
N GLU B 106 -23.47 47.76 -20.94
CA GLU B 106 -24.53 46.80 -21.24
C GLU B 106 -24.57 45.74 -20.14
N MET B 107 -23.40 45.23 -19.76
CA MET B 107 -23.31 44.24 -18.69
C MET B 107 -23.85 44.83 -17.41
N ARG B 108 -23.61 46.12 -17.22
CA ARG B 108 -24.09 46.83 -16.04
C ARG B 108 -25.61 46.97 -16.12
N ASP B 109 -26.11 47.22 -17.32
CA ASP B 109 -27.55 47.33 -17.53
C ASP B 109 -28.19 45.98 -17.26
N ARG B 110 -27.51 44.93 -17.72
CA ARG B 110 -27.97 43.56 -17.50
C ARG B 110 -27.97 43.30 -16.01
N ALA B 111 -26.88 43.72 -15.36
CA ALA B 111 -26.72 43.56 -13.92
C ALA B 111 -27.86 44.29 -13.20
N ARG B 112 -28.16 45.49 -13.66
CA ARG B 112 -29.25 46.27 -13.07
C ARG B 112 -30.56 45.50 -13.17
N ALA B 113 -30.82 44.98 -14.36
CA ALA B 113 -32.02 44.20 -14.62
C ALA B 113 -32.05 42.92 -13.81
N HIS B 114 -30.88 42.32 -13.60
CA HIS B 114 -30.79 41.08 -12.84
C HIS B 114 -30.85 41.36 -11.33
N VAL B 115 -30.10 42.36 -10.89
CA VAL B 115 -30.06 42.73 -9.48
C VAL B 115 -31.41 43.28 -9.03
N ASP B 116 -32.01 44.16 -9.83
CA ASP B 116 -33.31 44.72 -9.48
C ASP B 116 -34.32 43.60 -9.41
N ALA B 117 -34.16 42.63 -10.30
CA ALA B 117 -35.03 41.47 -10.31
C ALA B 117 -34.80 40.71 -9.02
N LEU B 118 -33.53 40.46 -8.71
CA LEU B 118 -33.14 39.76 -7.49
C LEU B 118 -33.67 40.48 -6.26
N ARG B 119 -33.79 41.80 -6.35
CA ARG B 119 -34.32 42.59 -5.25
C ARG B 119 -35.75 42.14 -4.94
N THR B 120 -36.59 42.14 -5.97
CA THR B 120 -37.97 41.73 -5.82
C THR B 120 -38.13 40.20 -5.91
N HIS B 121 -37.01 39.50 -5.99
CA HIS B 121 -37.05 38.04 -6.08
C HIS B 121 -36.51 37.41 -4.80
N LEU B 122 -35.52 38.06 -4.19
CA LEU B 122 -34.91 37.57 -2.97
C LEU B 122 -35.56 38.16 -1.74
N ALA B 123 -35.78 39.47 -1.73
CA ALA B 123 -36.39 40.15 -0.58
C ALA B 123 -37.76 39.53 -0.24
N PRO B 124 -38.74 39.55 -1.17
CA PRO B 124 -40.06 38.97 -0.92
C PRO B 124 -39.95 37.49 -0.59
N TYR B 125 -39.03 36.79 -1.23
CA TYR B 125 -38.86 35.37 -0.99
C TYR B 125 -38.29 35.13 0.41
N SER B 126 -37.32 35.94 0.81
CA SER B 126 -36.74 35.82 2.14
C SER B 126 -37.77 36.17 3.20
N ASP B 127 -38.69 37.07 2.85
CA ASP B 127 -39.75 37.46 3.76
C ASP B 127 -40.71 36.30 3.93
N GLU B 128 -40.98 35.60 2.84
CA GLU B 128 -41.84 34.42 2.87
C GLU B 128 -41.10 33.31 3.60
N LEU B 129 -39.78 33.28 3.42
CA LEU B 129 -38.93 32.31 4.09
C LEU B 129 -38.99 32.57 5.59
N ARG B 130 -39.14 33.85 5.96
CA ARG B 130 -39.25 34.25 7.35
C ARG B 130 -40.53 33.65 7.93
N GLN B 131 -41.59 33.67 7.12
CA GLN B 131 -42.87 33.12 7.53
C GLN B 131 -42.73 31.61 7.74
N ARG B 132 -41.98 30.98 6.85
CA ARG B 132 -41.74 29.55 6.92
C ARG B 132 -40.82 29.25 8.11
N LEU B 133 -39.72 29.98 8.21
CA LEU B 133 -38.77 29.80 9.30
C LEU B 133 -39.44 29.99 10.65
N ALA B 134 -40.41 30.90 10.70
CA ALA B 134 -41.14 31.15 11.92
C ALA B 134 -41.91 29.90 12.32
N ALA B 135 -42.56 29.28 11.35
CA ALA B 135 -43.33 28.07 11.59
C ALA B 135 -42.38 26.92 11.91
N ARG B 136 -41.29 26.84 11.16
CA ARG B 136 -40.28 25.81 11.35
C ARG B 136 -39.70 25.91 12.76
N LEU B 137 -39.34 27.13 13.14
CA LEU B 137 -38.79 27.38 14.47
C LEU B 137 -39.85 27.15 15.53
N GLU B 138 -41.10 27.49 15.20
CA GLU B 138 -42.21 27.30 16.12
C GLU B 138 -42.39 25.82 16.38
N ALA B 139 -42.31 25.02 15.32
CA ALA B 139 -42.41 23.58 15.43
C ALA B 139 -41.24 23.04 16.23
N LEU B 140 -40.05 23.55 15.91
CA LEU B 140 -38.83 23.15 16.60
C LEU B 140 -38.88 23.55 18.08
N LYS B 141 -39.53 24.67 18.36
CA LYS B 141 -39.66 25.13 19.74
C LYS B 141 -40.69 24.29 20.49
N GLU B 142 -41.76 23.92 19.79
CA GLU B 142 -42.80 23.09 20.37
C GLU B 142 -42.23 21.70 20.64
N ASN B 143 -41.72 21.08 19.59
CA ASN B 143 -41.14 19.74 19.69
C ASN B 143 -39.93 19.79 20.59
N GLY B 144 -39.24 20.93 20.58
CA GLY B 144 -38.07 21.11 21.42
C GLY B 144 -38.46 21.14 22.88
N GLY B 145 -39.54 21.87 23.18
CA GLY B 145 -40.01 21.95 24.55
C GLY B 145 -40.44 20.59 25.05
N ALA B 146 -41.10 19.85 24.16
CA ALA B 146 -41.54 18.50 24.48
C ALA B 146 -40.32 17.60 24.63
N ARG B 147 -39.38 17.71 23.70
CA ARG B 147 -38.16 16.92 23.72
C ARG B 147 -37.34 17.20 24.97
N LEU B 148 -37.36 18.45 25.42
CA LEU B 148 -36.64 18.82 26.63
C LEU B 148 -37.22 18.08 27.81
N ALA B 149 -38.55 17.98 27.83
CA ALA B 149 -39.23 17.26 28.90
C ALA B 149 -38.98 15.77 28.76
N GLU B 150 -39.04 15.28 27.52
CA GLU B 150 -38.79 13.87 27.23
C GLU B 150 -37.36 13.51 27.62
N TYR B 151 -36.42 14.37 27.24
CA TYR B 151 -35.02 14.17 27.58
C TYR B 151 -34.84 14.24 29.07
N HIS B 152 -35.56 15.15 29.73
CA HIS B 152 -35.48 15.30 31.17
C HIS B 152 -36.02 14.06 31.85
N ALA B 153 -37.16 13.58 31.37
CA ALA B 153 -37.77 12.38 31.91
C ALA B 153 -36.84 11.19 31.70
N LYS B 154 -36.38 11.03 30.47
CA LYS B 154 -35.47 9.94 30.14
C LYS B 154 -34.17 10.07 30.91
N ALA B 155 -33.79 11.30 31.22
CA ALA B 155 -32.57 11.55 31.99
C ALA B 155 -32.74 10.97 33.38
N THR B 156 -33.87 11.27 34.01
CA THR B 156 -34.15 10.75 35.35
C THR B 156 -34.32 9.23 35.30
N GLU B 157 -34.95 8.75 34.24
CA GLU B 157 -35.16 7.32 34.06
C GLU B 157 -33.82 6.61 33.84
N HIS B 158 -32.94 7.26 33.10
CA HIS B 158 -31.62 6.71 32.82
C HIS B 158 -30.73 6.86 34.05
N LEU B 159 -30.93 7.93 34.79
CA LEU B 159 -30.15 8.17 36.00
C LEU B 159 -30.53 7.17 37.08
N SER B 160 -31.82 6.87 37.19
CA SER B 160 -32.28 5.91 38.17
C SER B 160 -31.77 4.53 37.84
N THR B 161 -31.75 4.18 36.55
CA THR B 161 -31.26 2.89 36.11
C THR B 161 -29.74 2.83 36.27
N LEU B 162 -29.11 4.00 36.18
CA LEU B 162 -27.66 4.10 36.33
C LEU B 162 -27.29 3.92 37.79
N SER B 163 -28.01 4.59 38.69
CA SER B 163 -27.73 4.46 40.12
C SER B 163 -28.14 3.07 40.58
N GLU B 164 -29.19 2.55 39.94
CA GLU B 164 -29.69 1.21 40.24
C GLU B 164 -28.65 0.18 39.85
N LYS B 165 -27.74 0.56 38.96
CA LYS B 165 -26.68 -0.33 38.53
C LYS B 165 -25.39 -0.02 39.26
N ALA B 166 -25.07 1.26 39.36
CA ALA B 166 -23.85 1.72 40.03
C ALA B 166 -23.66 1.10 41.40
N LYS B 167 -24.69 1.13 42.22
CA LYS B 167 -24.59 0.56 43.57
C LYS B 167 -24.20 -0.92 43.57
N PRO B 168 -25.04 -1.83 43.02
CA PRO B 168 -24.72 -3.26 42.98
C PRO B 168 -23.47 -3.55 42.15
N ALA B 169 -23.28 -2.79 41.08
CA ALA B 169 -22.12 -2.98 40.22
C ALA B 169 -20.84 -2.68 40.99
N LEU B 170 -20.81 -1.53 41.65
CA LEU B 170 -19.65 -1.14 42.44
C LEU B 170 -19.46 -2.13 43.58
N GLU B 171 -20.57 -2.56 44.17
CA GLU B 171 -20.54 -3.52 45.25
C GLU B 171 -19.89 -4.81 44.78
N ASP B 172 -20.42 -5.37 43.70
CA ASP B 172 -19.90 -6.60 43.13
C ASP B 172 -18.50 -6.42 42.58
N LEU B 173 -18.25 -5.27 41.96
CA LEU B 173 -16.93 -4.97 41.42
C LEU B 173 -15.88 -4.92 42.52
N ARG B 174 -16.16 -4.16 43.57
CA ARG B 174 -15.22 -4.05 44.68
C ARG B 174 -15.15 -5.38 45.43
N GLN B 175 -16.30 -6.03 45.55
CA GLN B 175 -16.36 -7.33 46.20
C GLN B 175 -15.62 -8.37 45.42
N GLY B 176 -15.34 -8.07 44.15
CA GLY B 176 -14.61 -8.95 43.27
C GLY B 176 -13.15 -8.52 43.27
N LEU B 177 -12.94 -7.21 43.19
CA LEU B 177 -11.60 -6.64 43.17
C LEU B 177 -10.84 -6.93 44.46
N LEU B 178 -11.53 -6.88 45.59
CA LEU B 178 -10.89 -7.15 46.87
C LEU B 178 -10.17 -8.50 46.89
N PRO B 179 -10.90 -9.63 46.70
CA PRO B 179 -10.27 -10.95 46.67
C PRO B 179 -9.39 -11.13 45.44
N VAL B 180 -9.80 -10.57 44.30
CA VAL B 180 -9.02 -10.70 43.07
C VAL B 180 -7.67 -10.01 43.20
N LEU B 181 -7.63 -8.88 43.91
CA LEU B 181 -6.38 -8.16 44.12
C LEU B 181 -5.47 -8.98 45.00
N GLU B 182 -6.05 -9.65 46.00
CA GLU B 182 -5.28 -10.50 46.89
C GLU B 182 -4.70 -11.66 46.09
N SER B 183 -5.52 -12.25 45.23
CA SER B 183 -5.07 -13.35 44.38
C SER B 183 -3.98 -12.84 43.45
N PHE B 184 -4.18 -11.66 42.88
CA PHE B 184 -3.20 -11.05 41.99
C PHE B 184 -1.89 -10.83 42.73
N LYS B 185 -1.99 -10.34 43.96
CA LYS B 185 -0.82 -10.09 44.79
C LYS B 185 -0.05 -11.38 44.98
N VAL B 186 -0.77 -12.48 45.23
CA VAL B 186 -0.15 -13.79 45.41
C VAL B 186 0.61 -14.20 44.15
N SER B 187 -0.06 -14.08 43.00
CA SER B 187 0.56 -14.43 41.73
C SER B 187 1.75 -13.52 41.41
N PHE B 188 1.62 -12.24 41.76
CA PHE B 188 2.68 -11.26 41.51
C PHE B 188 3.87 -11.51 42.42
N LEU B 189 3.60 -11.77 43.71
CA LEU B 189 4.63 -12.03 44.68
C LEU B 189 5.44 -13.26 44.29
N SER B 190 4.74 -14.31 43.87
CA SER B 190 5.40 -15.54 43.47
C SER B 190 6.15 -15.33 42.14
N ALA B 191 5.59 -14.50 41.28
CA ALA B 191 6.20 -14.19 40.00
C ALA B 191 7.51 -13.45 40.21
N LEU B 192 7.43 -12.32 40.91
CA LEU B 192 8.61 -11.51 41.18
C LEU B 192 9.68 -12.30 41.91
N GLU B 193 9.26 -13.02 42.96
CA GLU B 193 10.18 -13.82 43.76
C GLU B 193 10.97 -14.79 42.90
N GLU B 194 10.29 -15.43 41.95
CA GLU B 194 10.94 -16.40 41.08
C GLU B 194 11.67 -15.73 39.92
N TYR B 195 11.17 -14.59 39.46
CA TYR B 195 11.79 -13.88 38.35
C TYR B 195 13.18 -13.40 38.73
N THR B 196 13.31 -12.85 39.94
CA THR B 196 14.61 -12.38 40.42
C THR B 196 15.58 -13.54 40.61
N LYS B 197 15.04 -14.75 40.72
CA LYS B 197 15.85 -15.95 40.88
C LYS B 197 16.48 -16.35 39.56
N LYS B 198 15.75 -16.14 38.47
CA LYS B 198 16.24 -16.46 37.14
C LYS B 198 17.15 -15.35 36.63
N LEU B 199 16.84 -14.13 37.01
CA LEU B 199 17.62 -12.97 36.62
C LEU B 199 18.66 -12.66 37.70
N ASN B 200 19.04 -13.69 38.44
CA ASN B 200 20.01 -13.56 39.51
C ASN B 200 21.43 -13.65 38.96
N MET C 3 2.40 -8.43 -0.64
CA MET C 3 1.08 -8.55 -1.31
C MET C 3 0.35 -9.83 -0.87
N THR C 4 -0.57 -9.68 0.07
CA THR C 4 -1.34 -10.80 0.58
C THR C 4 -2.76 -10.82 0.01
N GLU C 5 -3.18 -9.70 -0.57
CA GLU C 5 -4.52 -9.60 -1.15
C GLU C 5 -4.47 -9.79 -2.65
N TYR C 6 -5.33 -10.65 -3.16
CA TYR C 6 -5.41 -10.91 -4.59
C TYR C 6 -6.84 -10.67 -5.09
N LYS C 7 -6.97 -9.92 -6.17
CA LYS C 7 -8.28 -9.59 -6.72
C LYS C 7 -8.68 -10.54 -7.84
N LEU C 8 -9.81 -11.21 -7.66
CA LEU C 8 -10.31 -12.15 -8.65
C LEU C 8 -11.60 -11.62 -9.28
N VAL C 9 -11.62 -11.50 -10.60
CA VAL C 9 -12.80 -10.99 -11.29
C VAL C 9 -13.43 -12.09 -12.15
N VAL C 10 -14.69 -12.40 -11.89
CA VAL C 10 -15.40 -13.42 -12.63
C VAL C 10 -16.35 -12.79 -13.64
N VAL C 11 -16.02 -12.92 -14.92
CA VAL C 11 -16.84 -12.37 -15.99
C VAL C 11 -17.52 -13.48 -16.77
N GLY C 12 -18.50 -13.12 -17.58
CA GLY C 12 -19.21 -14.10 -18.37
C GLY C 12 -20.58 -13.61 -18.78
N ALA C 13 -21.34 -14.48 -19.44
CA ALA C 13 -22.68 -14.13 -19.89
C ALA C 13 -23.69 -14.13 -18.74
N GLY C 14 -24.80 -13.42 -18.93
CA GLY C 14 -25.82 -13.35 -17.91
C GLY C 14 -26.70 -14.57 -17.89
N GLY C 15 -26.20 -15.64 -17.29
CA GLY C 15 -26.96 -16.88 -17.21
C GLY C 15 -26.08 -18.07 -16.91
N VAL C 16 -24.77 -17.92 -17.13
CA VAL C 16 -23.81 -19.00 -16.89
C VAL C 16 -23.80 -19.44 -15.43
N GLY C 17 -23.92 -18.50 -14.51
CA GLY C 17 -23.93 -18.84 -13.09
C GLY C 17 -22.64 -18.49 -12.38
N LYS C 18 -22.19 -17.25 -12.54
CA LYS C 18 -20.95 -16.80 -11.90
C LYS C 18 -21.14 -16.67 -10.39
N SER C 19 -22.25 -16.07 -10.00
CA SER C 19 -22.57 -15.86 -8.60
C SER C 19 -22.68 -17.20 -7.87
N ALA C 20 -23.14 -18.23 -8.59
CA ALA C 20 -23.28 -19.56 -8.01
C ALA C 20 -21.92 -20.10 -7.61
N LEU C 21 -20.93 -19.91 -8.47
CA LEU C 21 -19.58 -20.37 -8.22
C LEU C 21 -18.99 -19.62 -7.03
N THR C 22 -19.31 -18.33 -6.93
CA THR C 22 -18.81 -17.49 -5.84
C THR C 22 -19.33 -17.99 -4.50
N ILE C 23 -20.64 -18.14 -4.41
CA ILE C 23 -21.27 -18.59 -3.16
C ILE C 23 -20.92 -20.06 -2.88
N GLN C 24 -20.65 -20.81 -3.93
CA GLN C 24 -20.30 -22.23 -3.80
C GLN C 24 -18.91 -22.40 -3.19
N LEU C 25 -18.11 -21.36 -3.25
CA LEU C 25 -16.76 -21.41 -2.69
C LEU C 25 -16.69 -20.72 -1.33
N ILE C 26 -17.22 -19.51 -1.24
CA ILE C 26 -17.18 -18.74 0.01
C ILE C 26 -18.13 -19.31 1.07
N GLN C 27 -19.36 -19.58 0.68
CA GLN C 27 -20.35 -20.10 1.62
C GLN C 27 -20.54 -21.61 1.43
N ASN C 28 -20.09 -22.12 0.28
CA ASN C 28 -20.23 -23.53 -0.06
C ASN C 28 -21.69 -23.91 -0.19
N HIS C 29 -22.47 -22.99 -0.78
CA HIS C 29 -23.90 -23.20 -0.97
C HIS C 29 -24.29 -22.84 -2.39
N PHE C 30 -25.02 -23.71 -3.05
CA PHE C 30 -25.47 -23.47 -4.41
C PHE C 30 -26.78 -22.68 -4.41
N VAL C 31 -26.90 -21.70 -5.29
CA VAL C 31 -28.09 -20.90 -5.38
C VAL C 31 -29.01 -21.39 -6.49
N ASP C 32 -30.15 -21.95 -6.09
CA ASP C 32 -31.14 -22.46 -7.02
C ASP C 32 -31.94 -21.32 -7.63
N GLU C 33 -32.10 -20.28 -6.83
CA GLU C 33 -32.83 -19.09 -7.23
C GLU C 33 -32.00 -18.23 -8.18
N TYR C 34 -32.65 -17.62 -9.16
CA TYR C 34 -31.95 -16.77 -10.11
C TYR C 34 -32.02 -15.32 -9.68
N ASP C 35 -30.99 -14.88 -8.99
CA ASP C 35 -30.91 -13.50 -8.52
C ASP C 35 -29.97 -12.69 -9.41
N PRO C 36 -30.34 -11.44 -9.74
CA PRO C 36 -29.51 -10.57 -10.57
C PRO C 36 -28.23 -10.18 -9.85
N THR C 37 -27.30 -9.61 -10.58
CA THR C 37 -26.04 -9.20 -10.00
C THR C 37 -25.51 -7.95 -10.69
N ILE C 38 -25.05 -7.00 -9.89
CA ILE C 38 -24.49 -5.74 -10.38
C ILE C 38 -23.13 -5.54 -9.72
N GLU C 39 -23.17 -5.33 -8.41
CA GLU C 39 -21.96 -5.15 -7.62
C GLU C 39 -22.06 -5.99 -6.35
N ASP C 40 -21.42 -7.15 -6.38
CA ASP C 40 -21.42 -8.04 -5.23
C ASP C 40 -20.06 -8.73 -5.07
N SER C 41 -19.22 -8.11 -4.24
CA SER C 41 -17.89 -8.61 -3.97
C SER C 41 -17.89 -9.53 -2.75
N TYR C 42 -16.96 -10.47 -2.70
CA TYR C 42 -16.87 -11.41 -1.59
C TYR C 42 -15.42 -11.66 -1.17
N ARG C 43 -15.00 -10.97 -0.12
CA ARG C 43 -13.65 -11.11 0.41
C ARG C 43 -13.61 -12.17 1.50
N LYS C 44 -12.74 -13.16 1.33
CA LYS C 44 -12.60 -14.25 2.30
C LYS C 44 -11.13 -14.55 2.58
N GLN C 45 -10.82 -14.84 3.84
CA GLN C 45 -9.47 -15.18 4.25
C GLN C 45 -9.32 -16.70 4.29
N VAL C 46 -8.27 -17.22 3.67
CA VAL C 46 -8.02 -18.66 3.63
C VAL C 46 -6.53 -18.96 3.67
N VAL C 47 -6.20 -20.24 3.81
CA VAL C 47 -4.81 -20.70 3.84
C VAL C 47 -4.62 -21.80 2.80
N ILE C 48 -4.21 -21.39 1.60
CA ILE C 48 -3.98 -22.34 0.52
C ILE C 48 -2.60 -22.96 0.63
N ASP C 49 -2.58 -24.29 0.78
CA ASP C 49 -1.34 -25.06 0.91
C ASP C 49 -0.60 -24.69 2.19
N GLY C 50 0.27 -23.69 2.11
CA GLY C 50 1.02 -23.26 3.26
C GLY C 50 1.11 -21.75 3.34
N GLU C 51 0.34 -21.09 2.50
CA GLU C 51 0.33 -19.63 2.47
C GLU C 51 -1.08 -19.10 2.68
N THR C 52 -1.20 -18.12 3.56
CA THR C 52 -2.49 -17.52 3.82
C THR C 52 -2.67 -16.28 2.94
N CYS C 53 -3.76 -16.25 2.19
CA CYS C 53 -4.00 -15.15 1.27
C CYS C 53 -5.41 -14.62 1.36
N LEU C 54 -5.56 -13.32 1.24
CA LEU C 54 -6.86 -12.69 1.29
C LEU C 54 -7.41 -12.59 -0.13
N LEU C 55 -8.39 -13.42 -0.43
CA LEU C 55 -8.97 -13.45 -1.77
C LEU C 55 -10.32 -12.73 -1.81
N ASP C 56 -10.50 -11.90 -2.82
CA ASP C 56 -11.74 -11.18 -3.01
C ASP C 56 -12.30 -11.47 -4.39
N ILE C 57 -13.52 -11.97 -4.43
CA ILE C 57 -14.16 -12.31 -5.69
C ILE C 57 -15.17 -11.25 -6.10
N LEU C 58 -14.89 -10.58 -7.22
CA LEU C 58 -15.77 -9.54 -7.71
C LEU C 58 -16.71 -10.10 -8.78
N ASP C 59 -17.94 -10.39 -8.38
CA ASP C 59 -18.94 -10.92 -9.31
C ASP C 59 -19.64 -9.77 -10.03
N THR C 60 -19.09 -9.41 -11.18
CA THR C 60 -19.61 -8.31 -11.99
C THR C 60 -20.89 -8.69 -12.73
N ALA C 61 -21.58 -7.69 -13.26
CA ALA C 61 -22.81 -7.89 -14.01
C ALA C 61 -22.53 -8.54 -15.36
N GLY C 62 -23.30 -9.58 -15.69
CA GLY C 62 -23.11 -10.27 -16.95
C GLY C 62 -23.95 -9.68 -18.07
N GLN C 63 -25.12 -9.19 -17.72
CA GLN C 63 -26.03 -8.59 -18.70
C GLN C 63 -25.87 -7.08 -18.71
N GLU C 64 -24.73 -6.61 -19.21
CA GLU C 64 -24.47 -5.18 -19.26
C GLU C 64 -24.12 -4.73 -20.67
N GLU C 65 -23.69 -3.48 -20.80
CA GLU C 65 -23.33 -2.91 -22.09
C GLU C 65 -21.92 -2.35 -22.05
N TYR C 66 -21.80 -1.06 -21.78
CA TYR C 66 -20.50 -0.41 -21.70
C TYR C 66 -20.57 0.80 -20.77
N SER C 67 -20.36 0.55 -19.49
CA SER C 67 -20.37 1.60 -18.49
C SER C 67 -18.94 1.95 -18.09
N ALA C 68 -18.71 3.22 -17.77
CA ALA C 68 -17.40 3.68 -17.35
C ALA C 68 -17.03 3.04 -16.01
N MET C 69 -18.07 2.65 -15.27
CA MET C 69 -17.88 2.01 -13.96
C MET C 69 -17.29 0.63 -14.17
N ARG C 70 -17.76 -0.06 -15.20
CA ARG C 70 -17.27 -1.40 -15.54
C ARG C 70 -15.81 -1.33 -15.93
N ASP C 71 -15.49 -0.36 -16.77
CA ASP C 71 -14.12 -0.15 -17.24
C ASP C 71 -13.20 0.27 -16.11
N GLN C 72 -13.80 0.69 -15.00
CA GLN C 72 -13.04 1.14 -13.85
C GLN C 72 -12.73 -0.01 -12.88
N TYR C 73 -13.77 -0.61 -12.29
CA TYR C 73 -13.55 -1.69 -11.32
C TYR C 73 -12.97 -2.97 -11.91
N MET C 74 -13.24 -3.23 -13.18
CA MET C 74 -12.72 -4.44 -13.82
C MET C 74 -11.24 -4.29 -14.15
N ARG C 75 -10.76 -3.05 -14.15
CA ARG C 75 -9.37 -2.77 -14.46
C ARG C 75 -8.45 -3.23 -13.32
N THR C 76 -8.99 -3.24 -12.11
CA THR C 76 -8.24 -3.63 -10.93
C THR C 76 -8.10 -5.16 -10.81
N GLY C 77 -8.75 -5.89 -11.70
CA GLY C 77 -8.69 -7.35 -11.65
C GLY C 77 -7.34 -7.91 -12.05
N GLU C 78 -6.88 -8.91 -11.32
CA GLU C 78 -5.61 -9.55 -11.62
C GLU C 78 -5.83 -10.75 -12.53
N GLY C 79 -6.77 -11.61 -12.14
CA GLY C 79 -7.09 -12.78 -12.93
C GLY C 79 -8.53 -12.74 -13.40
N PHE C 80 -8.77 -13.18 -14.62
CA PHE C 80 -10.12 -13.17 -15.18
C PHE C 80 -10.57 -14.55 -15.62
N LEU C 81 -11.75 -14.94 -15.16
CA LEU C 81 -12.31 -16.24 -15.51
C LEU C 81 -13.32 -16.08 -16.64
N CYS C 82 -13.03 -16.73 -17.76
CA CYS C 82 -13.92 -16.68 -18.92
C CYS C 82 -14.93 -17.80 -18.84
N VAL C 83 -15.99 -17.56 -18.07
CA VAL C 83 -17.02 -18.57 -17.86
C VAL C 83 -18.06 -18.54 -18.98
N PHE C 84 -18.15 -19.63 -19.73
CA PHE C 84 -19.11 -19.75 -20.81
C PHE C 84 -19.93 -21.02 -20.65
N ALA C 85 -21.09 -21.04 -21.27
CA ALA C 85 -21.96 -22.21 -21.21
C ALA C 85 -21.73 -23.10 -22.41
N ILE C 86 -21.40 -24.37 -22.17
CA ILE C 86 -21.15 -25.32 -23.24
C ILE C 86 -22.44 -25.71 -23.96
N ASN C 87 -23.56 -25.30 -23.39
CA ASN C 87 -24.86 -25.61 -23.96
C ASN C 87 -25.35 -24.46 -24.81
N ASN C 88 -24.57 -23.39 -24.91
CA ASN C 88 -24.93 -22.23 -25.70
C ASN C 88 -23.75 -21.72 -26.53
N THR C 89 -23.85 -21.89 -27.84
CA THR C 89 -22.79 -21.46 -28.75
C THR C 89 -22.55 -19.95 -28.67
N LYS C 90 -23.61 -19.19 -28.42
CA LYS C 90 -23.52 -17.74 -28.30
C LYS C 90 -22.58 -17.37 -27.15
N SER C 91 -22.65 -18.15 -26.08
CA SER C 91 -21.82 -17.92 -24.91
C SER C 91 -20.36 -18.21 -25.24
N PHE C 92 -20.14 -19.20 -26.08
CA PHE C 92 -18.79 -19.59 -26.48
C PHE C 92 -18.18 -18.54 -27.41
N GLU C 93 -19.00 -18.03 -28.31
CA GLU C 93 -18.54 -17.02 -29.26
C GLU C 93 -18.30 -15.67 -28.59
N ASP C 94 -18.94 -15.45 -27.44
CA ASP C 94 -18.78 -14.20 -26.71
C ASP C 94 -17.45 -14.14 -25.98
N ILE C 95 -16.75 -15.28 -25.93
CA ILE C 95 -15.45 -15.37 -25.28
C ILE C 95 -14.47 -14.37 -25.89
N HIS C 96 -14.47 -14.28 -27.21
CA HIS C 96 -13.58 -13.35 -27.91
C HIS C 96 -13.94 -11.90 -27.55
N HIS C 97 -15.23 -11.67 -27.35
CA HIS C 97 -15.74 -10.35 -27.00
C HIS C 97 -15.15 -9.91 -25.65
N TYR C 98 -15.17 -10.81 -24.68
CA TYR C 98 -14.64 -10.52 -23.35
C TYR C 98 -13.11 -10.45 -23.38
N ARG C 99 -12.51 -11.38 -24.14
CA ARG C 99 -11.06 -11.46 -24.28
C ARG C 99 -10.46 -10.11 -24.67
N GLU C 100 -10.91 -9.57 -25.80
CA GLU C 100 -10.38 -8.30 -26.28
C GLU C 100 -10.79 -7.14 -25.38
N GLN C 101 -11.96 -7.26 -24.75
CA GLN C 101 -12.46 -6.22 -23.86
C GLN C 101 -11.55 -6.09 -22.64
N ILE C 102 -11.25 -7.23 -22.03
CA ILE C 102 -10.39 -7.26 -20.85
C ILE C 102 -8.97 -6.85 -21.22
N LYS C 103 -8.52 -7.31 -22.38
CA LYS C 103 -7.18 -6.99 -22.86
C LYS C 103 -7.00 -5.47 -22.96
N ARG C 104 -8.05 -4.79 -23.38
CA ARG C 104 -8.01 -3.34 -23.51
C ARG C 104 -7.96 -2.65 -22.15
N VAL C 105 -8.80 -3.07 -21.21
CA VAL C 105 -8.84 -2.45 -19.89
C VAL C 105 -7.55 -2.69 -19.11
N LYS C 106 -6.87 -3.79 -19.40
CA LYS C 106 -5.62 -4.10 -18.71
C LYS C 106 -4.44 -3.45 -19.40
N ASP C 107 -4.63 -3.08 -20.67
CA ASP C 107 -3.59 -2.45 -21.48
C ASP C 107 -2.38 -3.39 -21.61
N SER C 108 -2.67 -4.68 -21.56
CA SER C 108 -1.64 -5.71 -21.68
C SER C 108 -2.20 -6.89 -22.47
N GLU C 109 -1.35 -7.59 -23.19
CA GLU C 109 -1.78 -8.72 -24.00
C GLU C 109 -1.82 -10.01 -23.18
N ASP C 110 -0.76 -10.25 -22.43
CA ASP C 110 -0.65 -11.45 -21.60
C ASP C 110 -1.31 -11.27 -20.23
N VAL C 111 -2.64 -11.33 -20.23
CA VAL C 111 -3.41 -11.19 -19.02
C VAL C 111 -3.85 -12.57 -18.53
N PRO C 112 -3.67 -12.86 -17.23
CA PRO C 112 -4.06 -14.15 -16.64
C PRO C 112 -5.55 -14.45 -16.82
N MET C 113 -5.86 -15.29 -17.78
CA MET C 113 -7.24 -15.67 -18.06
C MET C 113 -7.37 -17.19 -18.10
N VAL C 114 -8.52 -17.69 -17.68
CA VAL C 114 -8.78 -19.12 -17.68
C VAL C 114 -10.11 -19.38 -18.36
N LEU C 115 -10.15 -20.33 -19.29
CA LEU C 115 -11.38 -20.66 -19.98
C LEU C 115 -12.17 -21.65 -19.15
N VAL C 116 -13.37 -21.24 -18.74
CA VAL C 116 -14.21 -22.08 -17.91
C VAL C 116 -15.54 -22.40 -18.60
N GLY C 117 -15.76 -23.67 -18.88
CA GLY C 117 -17.01 -24.09 -19.51
C GLY C 117 -17.93 -24.66 -18.47
N ASN C 118 -18.94 -23.89 -18.08
CA ASN C 118 -19.89 -24.33 -17.06
C ASN C 118 -21.08 -25.07 -17.67
N LYS C 119 -21.78 -25.82 -16.82
CA LYS C 119 -22.96 -26.58 -17.21
C LYS C 119 -22.62 -27.76 -18.11
N CYS C 120 -21.52 -28.43 -17.80
CA CYS C 120 -21.08 -29.58 -18.58
C CYS C 120 -21.95 -30.82 -18.31
N ASP C 121 -22.84 -30.68 -17.34
CA ASP C 121 -23.74 -31.78 -16.98
C ASP C 121 -24.97 -31.80 -17.86
N LEU C 122 -25.18 -30.73 -18.63
CA LEU C 122 -26.33 -30.64 -19.51
C LEU C 122 -26.11 -31.48 -20.77
N PRO C 123 -27.13 -32.25 -21.17
CA PRO C 123 -27.06 -33.12 -22.35
C PRO C 123 -27.04 -32.33 -23.65
N SER C 124 -27.49 -31.09 -23.60
CA SER C 124 -27.52 -30.23 -24.77
C SER C 124 -26.19 -29.53 -25.00
N ARG C 125 -25.12 -30.32 -25.06
CA ARG C 125 -23.79 -29.78 -25.28
C ARG C 125 -23.62 -29.41 -26.75
N THR C 126 -23.57 -28.12 -27.02
CA THR C 126 -23.40 -27.64 -28.38
C THR C 126 -21.92 -27.38 -28.68
N VAL C 127 -21.18 -27.06 -27.64
CA VAL C 127 -19.75 -26.79 -27.78
C VAL C 127 -18.94 -28.04 -27.41
N ASP C 128 -18.18 -28.55 -28.37
CA ASP C 128 -17.36 -29.74 -28.15
C ASP C 128 -16.13 -29.40 -27.32
N THR C 129 -15.65 -30.36 -26.54
CA THR C 129 -14.49 -30.17 -25.70
C THR C 129 -13.26 -29.74 -26.50
N LYS C 130 -13.07 -30.36 -27.66
CA LYS C 130 -11.93 -30.05 -28.51
C LYS C 130 -11.99 -28.60 -28.99
N GLN C 131 -13.18 -28.12 -29.26
CA GLN C 131 -13.38 -26.75 -29.72
C GLN C 131 -12.90 -25.76 -28.67
N ALA C 132 -13.29 -26.01 -27.42
CA ALA C 132 -12.92 -25.14 -26.31
C ALA C 132 -11.42 -25.24 -26.04
N GLN C 133 -10.90 -26.46 -26.07
CA GLN C 133 -9.48 -26.69 -25.83
C GLN C 133 -8.61 -26.04 -26.90
N ASP C 134 -9.04 -26.15 -28.15
CA ASP C 134 -8.31 -25.55 -29.27
C ASP C 134 -8.30 -24.03 -29.15
N LEU C 135 -9.45 -23.47 -28.81
CA LEU C 135 -9.59 -22.03 -28.64
C LEU C 135 -8.70 -21.55 -27.50
N ALA C 136 -8.74 -22.27 -26.39
CA ALA C 136 -7.95 -21.94 -25.21
C ALA C 136 -6.47 -21.99 -25.52
N ARG C 137 -6.05 -23.08 -26.17
CA ARG C 137 -4.65 -23.28 -26.53
C ARG C 137 -4.20 -22.21 -27.52
N SER C 138 -5.12 -21.72 -28.34
CA SER C 138 -4.81 -20.68 -29.31
C SER C 138 -4.62 -19.34 -28.62
N TYR C 139 -5.34 -19.14 -27.52
CA TYR C 139 -5.24 -17.90 -26.77
C TYR C 139 -4.15 -17.97 -25.70
N GLY C 140 -3.57 -19.15 -25.54
CA GLY C 140 -2.51 -19.35 -24.57
C GLY C 140 -3.05 -19.44 -23.15
N ILE C 141 -4.26 -19.94 -23.00
CA ILE C 141 -4.88 -20.07 -21.69
C ILE C 141 -5.38 -21.50 -21.47
N PRO C 142 -5.49 -21.93 -20.21
CA PRO C 142 -5.96 -23.27 -19.87
C PRO C 142 -7.49 -23.36 -19.89
N PHE C 143 -8.01 -24.53 -20.21
CA PHE C 143 -9.45 -24.73 -20.25
C PHE C 143 -9.89 -25.74 -19.20
N ILE C 144 -10.85 -25.33 -18.37
CA ILE C 144 -11.37 -26.18 -17.32
C ILE C 144 -12.89 -26.33 -17.47
N GLU C 145 -13.33 -27.56 -17.69
CA GLU C 145 -14.76 -27.83 -17.81
C GLU C 145 -15.35 -27.90 -16.41
N THR C 146 -16.48 -27.25 -16.19
CA THR C 146 -17.08 -27.20 -14.87
C THR C 146 -18.60 -27.34 -14.89
N SER C 147 -19.15 -27.50 -13.70
CA SER C 147 -20.58 -27.60 -13.47
C SER C 147 -20.87 -27.25 -12.02
N ALA C 148 -21.41 -26.06 -11.80
CA ALA C 148 -21.71 -25.60 -10.44
C ALA C 148 -22.82 -26.45 -9.83
N LYS C 149 -23.63 -27.05 -10.69
CA LYS C 149 -24.73 -27.90 -10.26
C LYS C 149 -24.21 -29.14 -9.53
N THR C 150 -23.21 -29.79 -10.12
CA THR C 150 -22.64 -30.99 -9.53
C THR C 150 -21.35 -30.67 -8.77
N ARG C 151 -21.03 -29.37 -8.71
CA ARG C 151 -19.82 -28.89 -8.04
C ARG C 151 -18.57 -29.55 -8.60
N GLN C 152 -18.56 -29.69 -9.92
CA GLN C 152 -17.45 -30.33 -10.63
C GLN C 152 -16.54 -29.28 -11.24
N GLY C 153 -15.27 -29.31 -10.84
CA GLY C 153 -14.27 -28.39 -11.37
C GLY C 153 -14.37 -26.99 -10.78
N VAL C 154 -15.30 -26.80 -9.84
CA VAL C 154 -15.51 -25.50 -9.21
C VAL C 154 -14.25 -25.00 -8.52
N ASP C 155 -13.67 -25.84 -7.67
CA ASP C 155 -12.46 -25.46 -6.94
C ASP C 155 -11.28 -25.29 -7.88
N ASP C 156 -11.16 -26.19 -8.85
CA ASP C 156 -10.07 -26.15 -9.81
C ASP C 156 -10.09 -24.88 -10.66
N ALA C 157 -11.29 -24.39 -10.96
CA ALA C 157 -11.44 -23.17 -11.75
C ALA C 157 -10.76 -22.00 -11.05
N PHE C 158 -11.05 -21.84 -9.76
CA PHE C 158 -10.46 -20.78 -8.98
C PHE C 158 -8.98 -21.04 -8.74
N TYR C 159 -8.65 -22.31 -8.47
CA TYR C 159 -7.27 -22.71 -8.23
C TYR C 159 -6.38 -22.39 -9.43
N THR C 160 -6.85 -22.73 -10.62
CA THR C 160 -6.10 -22.47 -11.84
C THR C 160 -5.89 -20.97 -12.04
N LEU C 161 -6.90 -20.18 -11.71
CA LEU C 161 -6.80 -18.74 -11.85
C LEU C 161 -5.66 -18.18 -11.00
N VAL C 162 -5.64 -18.56 -9.74
CA VAL C 162 -4.60 -18.12 -8.81
C VAL C 162 -3.23 -18.62 -9.28
N ARG C 163 -3.19 -19.84 -9.79
CA ARG C 163 -1.95 -20.44 -10.29
C ARG C 163 -1.37 -19.62 -11.42
N GLU C 164 -2.20 -19.31 -12.42
CA GLU C 164 -1.76 -18.54 -13.58
C GLU C 164 -1.36 -17.12 -13.18
N ILE C 165 -2.05 -16.57 -12.18
CA ILE C 165 -1.74 -15.22 -11.70
C ILE C 165 -0.29 -15.18 -11.18
N ARG C 166 0.05 -16.14 -10.33
CA ARG C 166 1.39 -16.22 -9.77
C ARG C 166 2.40 -16.59 -10.87
N LYS C 167 1.96 -17.45 -11.77
CA LYS C 167 2.81 -17.89 -12.89
C LYS C 167 3.17 -16.70 -13.78
N HIS C 168 2.31 -15.68 -13.76
CA HIS C 168 2.57 -14.49 -14.56
C HIS C 168 3.49 -13.54 -13.80
N LYS C 169 3.37 -13.53 -12.48
CA LYS C 169 4.20 -12.67 -11.64
C LYS C 169 5.65 -13.17 -11.59
N GLU C 170 5.83 -14.48 -11.56
CA GLU C 170 7.17 -15.05 -11.54
C GLU C 170 7.86 -14.74 -12.87
N LYS C 171 7.08 -14.75 -13.94
CA LYS C 171 7.59 -14.43 -15.26
C LYS C 171 7.97 -12.96 -15.31
N MET C 172 7.11 -12.12 -14.73
CA MET C 172 7.33 -10.68 -14.69
C MET C 172 8.57 -10.33 -13.87
N SER C 173 8.97 -11.24 -12.99
CA SER C 173 10.14 -11.03 -12.15
C SER C 173 11.43 -11.11 -12.97
N LYS C 174 11.38 -11.81 -14.10
CA LYS C 174 12.54 -11.95 -14.97
C LYS C 174 12.29 -11.27 -16.30
N ASP C 175 11.12 -10.64 -16.41
CA ASP C 175 10.74 -9.94 -17.63
C ASP C 175 10.96 -8.44 -17.48
N GLY C 176 10.21 -7.65 -18.22
CA GLY C 176 10.34 -6.20 -18.15
C GLY C 176 9.63 -5.52 -19.28
N LYS C 177 9.47 -4.20 -19.18
CA LYS C 177 8.79 -3.42 -20.19
C LYS C 177 9.66 -3.26 -21.44
N LYS C 178 9.38 -4.09 -22.44
CA LYS C 178 10.12 -4.06 -23.68
C LYS C 178 9.77 -2.82 -24.49
N LYS C 179 10.78 -2.00 -24.76
CA LYS C 179 10.57 -0.78 -25.53
C LYS C 179 11.74 -0.57 -26.49
N LYS C 180 11.71 0.56 -27.20
CA LYS C 180 12.78 0.89 -28.14
C LYS C 180 14.06 1.24 -27.38
N LYS C 181 14.99 0.30 -27.37
CA LYS C 181 16.25 0.49 -26.67
C LYS C 181 17.44 0.26 -27.60
N LYS C 182 18.58 0.85 -27.24
CA LYS C 182 19.82 0.72 -28.00
C LYS C 182 19.76 1.43 -29.34
N SER C 183 19.05 0.84 -30.30
CA SER C 183 18.91 1.41 -31.63
C SER C 183 17.85 2.51 -31.65
N LYS C 184 18.27 3.74 -31.46
CA LYS C 184 17.36 4.88 -31.46
C LYS C 184 17.01 5.28 -32.88
N THR C 185 17.93 5.02 -33.81
CA THR C 185 17.74 5.34 -35.23
C THR C 185 17.29 6.79 -35.45
N LYS C 186 17.92 7.71 -34.73
CA LYS C 186 17.61 9.13 -34.82
C LYS C 186 16.13 9.41 -34.59
N CYS C 187 15.67 9.18 -33.37
CA CYS C 187 14.28 9.40 -33.02
C CYS C 187 14.03 10.89 -32.72
C1 PCW D . 4.64 -5.77 -5.65
C2 PCW D . 5.31 -6.28 -4.31
C3 PCW D . 5.78 -7.76 -4.47
C4 PCW D . 2.84 -4.84 -8.85
C5 PCW D . 2.63 -4.26 -10.24
C6 PCW D . 1.21 -2.42 -11.28
C7 PCW D . 3.29 -1.86 -10.12
C8 PCW D . 3.09 -2.86 -11.66
C11 PCW D . 5.60 -8.81 -2.31
C12 PCW D . 6.44 -9.18 -1.12
C13 PCW D . 7.59 -10.14 -1.62
C14 PCW D . 8.54 -10.61 -0.52
C15 PCW D . 10.05 -10.26 -0.73
C16 PCW D . 10.49 -9.09 0.22
C17 PCW D . 11.89 -9.23 0.91
C18 PCW D . 12.47 -7.88 1.35
C19 PCW D . 14.01 -7.82 1.19
C20 PCW D . 14.88 -7.83 2.27
C21 PCW D . 14.67 -7.91 3.73
C22 PCW D . 15.99 -7.46 4.41
C23 PCW D . 16.11 -5.97 4.82
C24 PCW D . 17.24 -5.60 5.72
C25 PCW D . 17.96 -4.23 5.58
C26 PCW D . 17.34 -3.06 6.32
C27 PCW D . 18.28 -1.97 6.86
C28 PCW D . 17.62 -1.26 8.02
C31 PCW D . 6.67 -5.22 -2.69
C32 PCW D . 7.94 -4.36 -2.52
C33 PCW D . 7.76 -2.79 -2.74
C34 PCW D . 6.50 -2.22 -2.06
C35 PCW D . 6.92 -1.92 -0.56
C36 PCW D . 6.60 -0.46 -0.14
C37 PCW D . 6.98 -0.09 1.33
C38 PCW D . 6.25 1.13 1.80
C39 PCW D . 6.60 1.51 3.23
C40 PCW D . 7.56 2.35 3.61
C41 PCW D . 8.50 3.08 2.67
C42 PCW D . 9.51 3.93 3.56
C43 PCW D . 10.45 4.90 2.86
C44 PCW D . 11.29 5.56 3.94
C45 PCW D . 11.95 6.86 3.53
C46 PCW D . 13.31 7.05 4.14
C47 PCW D . 13.44 8.12 5.19
C48 PCW D . 14.87 8.22 5.72
N PCW D . 2.29 -2.87 -10.40
O2 PCW D . 6.51 -5.46 -4.00
O3 PCW D . 6.39 -8.22 -3.26
O11 PCW D . 4.42 -8.99 -2.41
O31 PCW D . 5.93 -5.61 -1.75
O1P PCW D . 4.06 -3.21 -6.83
O2P PCW D . 6.04 -3.36 -8.32
O3P PCW D . 5.58 -5.22 -6.60
O4P PCW D . 4.26 -4.92 -8.63
P PCW D . 5.00 -4.09 -7.58
C1 PCW E . 25.36 -8.42 -7.97
C2 PCW E . 26.42 -8.47 -6.80
C3 PCW E . 27.22 -7.13 -6.74
C4 PCW E . 22.40 -11.75 -9.74
C5 PCW E . 21.79 -13.15 -9.54
C6 PCW E . 20.20 -14.98 -10.34
C7 PCW E . 21.04 -13.29 -11.90
C8 PCW E . 22.01 -14.57 -10.99
C11 PCW E . 29.45 -7.58 -5.96
C12 PCW E . 30.26 -7.61 -4.69
C13 PCW E . 31.79 -7.45 -5.07
C14 PCW E . 32.76 -7.46 -3.89
C15 PCW E . 34.14 -8.11 -4.15
C16 PCW E . 35.29 -7.23 -3.56
C17 PCW E . 36.40 -7.95 -2.71
C18 PCW E . 36.88 -7.13 -1.52
C19 PCW E . 38.28 -7.56 -1.01
C20 PCW E . 38.55 -7.75 0.33
C21 PCW E . 37.73 -7.64 1.55
C22 PCW E . 37.79 -6.15 2.00
C23 PCW E . 37.21 -5.78 3.39
C24 PCW E . 36.20 -4.68 3.44
C25 PCW E . 34.93 -4.71 2.56
C26 PCW E . 33.69 -5.34 3.18
C27 PCW E . 32.71 -6.08 2.26
C28 PCW E . 31.31 -5.56 2.46
C31 PCW E . 26.18 -9.66 -4.77
C32 PCW E . 25.39 -9.71 -3.46
C33 PCW E . 26.25 -9.60 -2.11
C34 PCW E . 25.55 -8.83 -1.01
C35 PCW E . 26.69 -8.27 -0.06
C36 PCW E . 26.14 -7.57 1.20
C37 PCW E . 27.22 -6.98 2.17
C38 PCW E . 26.60 -6.10 3.20
C39 PCW E . 27.61 -5.51 4.15
C40 PCW E . 27.68 -4.26 4.59
C41 PCW E . 26.70 -3.17 4.19
C42 PCW E . 27.09 -1.83 4.96
C43 PCW E . 28.42 -1.18 4.63
C44 PCW E . 28.53 0.06 5.50
C45 PCW E . 29.38 -0.08 6.74
C46 PCW E . 29.36 1.14 7.61
C47 PCW E . 30.27 1.11 8.83
C48 PCW E . 30.16 2.43 9.63
N PCW E . 20.90 -13.69 -10.51
O2 PCW E . 25.73 -8.64 -5.50
O3 PCW E . 28.17 -7.21 -5.66
O11 PCW E . 29.86 -7.84 -7.05
O31 PCW E . 27.12 -10.44 -5.09
O1P PCW E . 25.00 -10.48 -10.04
O2P PCW E . 25.51 -11.68 -7.92
O3P PCW E . 24.32 -9.41 -7.86
O4P PCW E . 23.21 -11.46 -8.57
P PCW E . 24.57 -10.80 -8.63
C1 PCW F . -15.79 17.62 -28.79
C2 PCW F . -15.66 18.88 -27.84
C3 PCW F . -16.68 19.99 -28.26
C4 PCW F . -19.14 16.17 -26.01
C5 PCW F . -19.31 17.07 -24.79
C6 PCW F . -21.23 15.85 -23.65
C7 PCW F . -19.62 17.13 -22.33
C8 PCW F . -20.81 17.76 -23.60
C11 PCW F . -17.51 21.36 -26.48
C12 PCW F . -17.18 22.59 -25.68
C13 PCW F . -17.54 23.85 -26.57
C14 PCW F . -17.25 25.20 -25.92
C15 PCW F . -18.14 26.38 -26.42
C16 PCW F . -17.42 27.17 -27.57
C17 PCW F . -18.22 28.33 -28.26
C18 PCW F . -17.52 29.69 -28.18
C19 PCW F . -18.52 30.86 -28.16
C20 PCW F . -18.44 31.90 -27.24
C21 PCW F . -17.50 32.18 -26.13
C22 PCW F . -16.88 33.58 -26.41
C23 PCW F . -15.35 33.65 -26.62
C24 PCW F . -14.72 35.01 -26.60
C25 PCW F . -13.37 35.28 -27.30
C26 PCW F . -12.13 34.72 -26.63
C27 PCW F . -10.77 34.94 -27.33
C28 PCW F . -9.90 33.70 -27.19
C31 PCW F . -14.90 18.32 -25.67
C32 PCW F . -15.40 17.93 -24.25
C33 PCW F . -15.53 19.16 -23.23
C34 PCW F . -14.20 19.57 -22.60
C35 PCW F . -13.75 20.88 -23.39
C36 PCW F . -12.22 20.97 -23.55
C37 PCW F . -11.70 22.24 -24.32
C38 PCW F . -10.29 22.09 -24.77
C39 PCW F . -9.79 23.30 -25.51
C40 PCW F . -8.67 23.99 -25.26
C41 PCW F . -7.68 23.65 -24.16
C42 PCW F . -6.24 24.13 -24.64
C43 PCW F . -5.65 25.39 -24.02
C44 PCW F . -4.28 25.60 -24.65
C45 PCW F . -3.97 27.01 -25.07
C46 PCW F . -3.72 27.16 -26.55
C47 PCW F . -2.83 28.30 -26.98
C48 PCW F . -2.68 28.33 -28.51
N PCW F . -19.94 16.56 -23.62
O2 PCW F . -15.97 18.50 -26.43
O3 PCW F . -16.53 21.13 -27.40
O11 PCW F . -18.49 20.67 -26.32
O31 PCW F . -13.69 18.42 -26.02
O1P PCW F . -18.31 14.84 -28.44
O2P PCW F . -16.04 15.09 -27.46
O3P PCW F . -17.11 17.03 -28.79
O4P PCW F . -17.82 16.42 -26.55
P PCW F . -17.30 15.76 -27.82
C1 PCW G . -13.61 -15.10 12.50
C2 PCW G . -12.64 -14.38 13.53
C3 PCW G . -11.80 -15.44 14.32
C4 PCW G . -10.45 -16.74 11.45
C5 PCW G . -8.99 -16.62 11.04
C6 PCW G . -6.77 -16.46 12.29
C7 PCW G . -7.81 -18.64 11.86
C8 PCW G . -7.16 -17.44 10.62
C11 PCW G . -9.59 -14.87 15.02
C12 PCW G . -8.85 -14.14 16.11
C13 PCW G . -8.05 -12.95 15.46
C14 PCW G . -7.24 -12.10 16.45
C15 PCW G . -5.92 -11.50 15.89
C16 PCW G . -4.72 -11.83 16.85
C17 PCW G . -3.72 -10.67 17.18
C18 PCW G . -4.35 -9.51 17.94
C19 PCW G . -3.41 -8.94 19.05
C20 PCW G . -3.89 -8.61 20.31
C21 PCW G . -5.23 -8.67 20.93
C22 PCW G . -5.05 -8.26 22.42
C23 PCW G . -5.11 -9.40 23.48
C24 PCW G . -4.44 -9.14 24.80
C25 PCW G . -2.89 -9.05 24.90
C26 PCW G . -2.14 -10.35 25.01
C27 PCW G . -0.87 -10.54 24.16
C28 PCW G . -1.20 -11.27 22.87
C31 PCW G . -12.13 -12.24 12.65
C32 PCW G . -11.05 -11.45 11.88
C33 PCW G . -11.06 -9.87 12.13
C34 PCW G . -10.02 -9.41 13.16
C35 PCW G . -10.82 -9.24 14.51
C36 PCW G . -10.58 -10.41 15.49
C37 PCW G . -11.33 -10.32 16.86
C38 PCW G . -10.89 -11.37 17.82
C39 PCW G . -11.61 -11.29 19.14
C40 PCW G . -11.05 -11.19 20.34
C41 PCW G . -9.55 -11.14 20.59
C42 PCW G . -9.17 -9.64 21.02
C43 PCW G . -9.34 -9.25 22.48
C44 PCW G . -8.91 -7.80 22.59
C45 PCW G . -10.03 -6.80 22.77
C46 PCW G . -9.56 -5.41 23.10
C47 PCW G . -10.59 -4.32 22.97
C48 PCW G . -9.99 -2.95 23.34
N PCW G . -7.97 -17.21 11.85
O2 PCW G . -11.69 -13.49 12.80
O3 PCW G . -10.93 -14.79 15.23
O11 PCW G . -9.07 -15.45 14.10
O31 PCW G . -13.24 -11.78 13.04
O1P PCW G . -13.15 -17.13 10.41
O2P PCW G . -12.47 -15.35 8.82
O3P PCW G . -13.40 -14.72 11.13
O4P PCW G . -11.15 -15.64 10.81
P PCW G . -12.56 -15.77 10.24
C1 PCW H . 16.90 -12.56 -6.19
C2 PCW H . 17.23 -12.40 -4.65
C3 PCW H . 18.20 -11.18 -4.43
C4 PCW H . 18.41 -16.72 -5.68
C5 PCW H . 17.90 -16.81 -4.24
C6 PCW H . 18.90 -18.20 -2.35
C7 PCW H . 19.34 -15.79 -2.51
C8 PCW H . 17.72 -16.64 -2.21
C11 PCW H . 19.63 -11.62 -2.56
C12 PCW H . 19.74 -11.34 -1.08
C13 PCW H . 19.69 -12.72 -0.32
C14 PCW H . 19.80 -12.62 1.20
C15 PCW H . 21.09 -11.94 1.75
C16 PCW H . 22.22 -13.00 1.99
C17 PCW H . 23.70 -12.55 1.74
C18 PCW H . 24.65 -12.97 2.86
C19 PCW H . 26.10 -12.46 2.64
C20 PCW H . 26.55 -11.26 3.17
C21 PCW H . 25.89 -10.23 4.00
C22 PCW H . 26.51 -10.32 5.42
C23 PCW H . 27.43 -9.17 5.88
C24 PCW H . 27.39 -8.78 7.33
C25 PCW H . 26.14 -8.07 7.94
C26 PCW H . 25.85 -6.67 7.44
C27 PCW H . 24.56 -6.44 6.62
C28 PCW H . 23.91 -5.13 7.03
C31 PCW H . 15.78 -12.90 -2.84
C32 PCW H . 14.45 -12.49 -2.18
C33 PCW H . 14.58 -11.51 -0.90
C34 PCW H . 15.62 -10.40 -1.09
C35 PCW H . 14.96 -9.36 -2.11
C36 PCW H . 16.02 -8.45 -2.78
C37 PCW H . 15.45 -7.41 -3.80
C38 PCW H . 16.24 -7.38 -5.07
C39 PCW H . 15.72 -6.39 -6.06
C40 PCW H . 16.41 -5.45 -6.69
C41 PCW H . 17.90 -5.21 -6.50
C42 PCW H . 18.10 -3.75 -5.93
C43 PCW H . 18.15 -2.58 -6.90
C44 PCW H . 18.34 -1.32 -6.09
C45 PCW H . 19.43 -0.39 -6.58
C46 PCW H . 20.16 0.34 -5.48
C47 PCW H . 21.67 0.19 -5.46
C48 PCW H . 22.27 0.98 -4.29
N PCW H . 18.82 -16.97 -3.17
O2 PCW H . 15.98 -12.12 -3.90
O3 PCW H . 18.48 -11.04 -3.04
O11 PCW H . 20.42 -12.24 -3.21
O31 PCW H . 16.54 -13.82 -2.44
O1P PCW H . 16.84 -15.91 -7.99
O2P PCW H . 18.50 -14.05 -8.09
O3P PCW H . 16.45 -13.88 -6.55
O4P PCW H . 18.34 -15.33 -6.06
P PCW H . 17.55 -14.81 -7.25
C1 PCW I . -11.76 -3.07 1.57
C2 PCW I . -11.93 -1.52 1.84
C3 PCW I . -13.31 -1.20 2.50
C4 PCW I . -13.83 -5.39 -1.42
C5 PCW I . -13.03 -4.94 -2.64
C6 PCW I . -10.87 -6.11 -1.92
C7 PCW I . -11.14 -5.28 -4.22
C8 PCW I . -11.08 -4.29 -2.65
C11 PCW I . -13.78 1.01 1.68
C12 PCW I . -13.81 2.44 2.13
C13 PCW I . -15.12 3.13 1.57
C14 PCW I . -15.30 4.59 1.95
C15 PCW I . -14.14 5.55 1.51
C16 PCW I . -14.44 7.02 1.99
C17 PCW I . -13.25 7.82 2.61
C18 PCW I . -13.70 8.94 3.56
C19 PCW I . -12.61 10.03 3.75
C20 PCW I . -12.92 11.33 4.14
C21 PCW I . -14.20 12.02 4.42
C22 PCW I . -14.34 12.09 5.97
C23 PCW I . -15.77 12.01 6.56
C24 PCW I . -16.23 10.69 7.08
C25 PCW I . -16.87 9.63 6.14
C26 PCW I . -17.60 8.48 6.81
C27 PCW I . -17.07 7.05 6.55
C28 PCW I . -18.11 6.04 6.98
C31 PCW I . -9.68 -0.85 2.20
C32 PCW I . -8.69 -0.38 3.29
C33 PCW I . -7.61 -1.48 3.75
C34 PCW I . -8.19 -2.89 3.87
C35 PCW I . -7.00 -3.82 4.33
C36 PCW I . -7.43 -5.28 4.52
C37 PCW I . -6.29 -6.26 4.97
C38 PCW I . -6.59 -6.87 6.30
C39 PCW I . -5.51 -7.81 6.77
C40 PCW I . -4.69 -7.65 7.82
C41 PCW I . -4.73 -6.45 8.75
C42 PCW I . -3.23 -6.04 9.09
C43 PCW I . -2.76 -6.08 10.54
C44 PCW I . -1.31 -5.65 10.55
C45 PCW I . -0.72 -5.43 11.92
C46 PCW I . -0.80 -4.01 12.40
C47 PCW I . 0.48 -3.38 12.88
C48 PCW I . 0.25 -1.93 13.33
N PCW I . -11.79 -5.58 -2.95
O2 PCW I . -10.86 -1.06 2.78
O3 PCW I . -13.41 0.22 2.72
O11 PCW I . -14.04 0.63 0.56
O31 PCW I . -9.40 -1.01 0.99
O1P PCW I . -14.08 -6.17 1.63
O2P PCW I . -12.36 -5.48 0.76
O3P PCW I . -12.77 -3.92 2.16
O4P PCW I . -13.52 -4.46 -0.35
P PCW I . -13.64 -4.80 1.13
C1 PCW J . -7.63 -12.33 11.70
C2 PCW J . -6.19 -11.73 11.92
C3 PCW J . -6.30 -10.30 12.56
C4 PCW J . -5.49 -12.70 8.33
C5 PCW J . -5.39 -11.59 7.28
C6 PCW J . -4.49 -10.74 5.22
C7 PCW J . -3.66 -12.74 6.07
C8 PCW J . -3.04 -10.83 7.14
C11 PCW J . -4.87 -8.64 13.52
C12 PCW J . -3.42 -8.24 13.60
C13 PCW J . -3.18 -7.55 14.99
C14 PCW J . -1.74 -7.07 15.24
C15 PCW J . -1.54 -6.16 16.49
C16 PCW J . -0.06 -5.65 16.57
C17 PCW J . 0.16 -4.10 16.66
C18 PCW J . 0.60 -3.62 18.04
C19 PCW J . 0.49 -2.09 18.20
C20 PCW J . -0.07 -1.50 19.33
C21 PCW J . -0.66 -2.05 20.57
C22 PCW J . -2.17 -2.33 20.28
C23 PCW J . -2.61 -3.81 20.18
C24 PCW J . -3.83 -4.10 19.36
C25 PCW J . -5.02 -4.92 19.92
C26 PCW J . -6.22 -4.14 20.39
C27 PCW J . -7.60 -4.57 19.87
C28 PCW J . -8.44 -3.37 19.52
C31 PCW J . -4.45 -13.30 12.28
C32 PCW J . -3.75 -14.12 13.37
C33 PCW J . -2.50 -13.39 14.08
C34 PCW J . -1.18 -13.62 13.35
C35 PCW J . -0.81 -12.22 12.69
C36 PCW J . 0.49 -11.62 13.27
C37 PCW J . 0.91 -10.24 12.68
C38 PCW J . 1.48 -9.33 13.73
C39 PCW J . 1.89 -7.99 13.17
C40 PCW J . 2.80 -7.17 13.68
C41 PCW J . 3.61 -7.43 14.94
C42 PCW J . 3.54 -6.14 15.86
C43 PCW J . 4.84 -5.50 16.31
C44 PCW J . 4.47 -4.30 17.17
C45 PCW J . 4.60 -2.97 16.48
C46 PCW J . 4.00 -1.83 17.25
C47 PCW J . 4.91 -0.66 17.54
C48 PCW J . 4.17 0.44 18.33
N PCW J . -4.21 -11.48 6.47
O2 PCW J . -5.42 -12.59 12.87
O3 PCW J . -4.98 -9.76 12.76
O11 PCW J . -5.78 -8.06 14.05
O31 PCW J . -4.16 -13.31 11.06
O1P PCW J . -7.28 -14.90 8.92
O2P PCW J . -9.02 -13.13 8.91
O3P PCW J . -7.64 -13.61 11.03
O4P PCW J . -6.71 -12.46 9.08
P PCW J . -7.70 -13.56 9.42
C1 PCW K . 18.07 13.43 -34.03
C2 PCW K . 19.24 13.97 -33.11
C3 PCW K . 20.60 13.30 -33.50
C4 PCW K . 13.99 14.18 -36.01
C5 PCW K . 12.92 13.09 -35.90
C6 PCW K . 10.66 12.25 -35.97
C7 PCW K . 11.16 14.26 -37.03
C8 PCW K . 11.08 14.28 -34.75
C11 PCW K . 22.89 13.28 -32.83
C12 PCW K . 23.84 13.95 -31.86
C13 PCW K . 23.58 13.35 -30.42
C14 PCW K . 24.46 13.92 -29.32
C15 PCW K . 24.02 15.31 -28.75
C16 PCW K . 25.28 16.22 -28.49
C17 PCW K . 26.06 16.73 -29.74
C18 PCW K . 27.17 17.73 -29.39
C19 PCW K . 28.58 17.23 -29.78
C20 PCW K . 29.65 17.30 -28.91
C21 PCW K . 29.80 17.79 -27.51
C22 PCW K . 31.24 18.33 -27.38
C23 PCW K . 31.42 19.73 -26.73
C24 PCW K . 32.75 20.01 -26.09
C25 PCW K . 33.73 21.04 -26.73
C26 PCW K . 35.03 21.28 -25.98
C27 PCW K . 35.04 22.39 -24.90
C28 PCW K . 35.37 23.73 -25.53
C31 PCW K . 18.98 16.19 -32.28
C32 PCW K . 19.20 17.66 -32.63
C33 PCW K . 18.19 18.25 -33.73
C34 PCW K . 16.90 18.79 -33.14
C35 PCW K . 17.20 20.31 -32.78
C36 PCW K . 16.63 20.71 -31.41
C37 PCW K . 16.89 22.19 -30.98
C38 PCW K . 18.17 22.33 -30.22
C39 PCW K . 18.44 23.76 -29.80
C40 PCW K . 19.54 24.47 -30.06
C41 PCW K . 20.74 23.95 -30.83
C42 PCW K . 21.73 23.24 -29.79
C43 PCW K . 23.04 22.68 -30.31
C44 PCW K . 23.75 22.08 -29.12
C45 PCW K . 24.05 20.60 -29.21
C46 PCW K . 22.97 19.73 -28.62
C47 PCW K . 22.20 18.87 -29.59
C48 PCW K . 21.14 18.03 -28.87
N PCW K . 11.53 13.45 -35.91
O2 PCW K . 19.39 15.44 -33.31
O3 PCW K . 21.65 13.80 -32.66
O11 PCW K . 23.20 12.43 -33.63
O31 PCW K . 18.49 15.75 -31.19
O1P PCW K . 16.46 15.48 -36.75
O2P PCW K . 17.34 13.14 -36.78
O3P PCW K . 17.23 14.47 -34.58
O4P PCW K . 15.26 13.56 -35.67
P PCW K . 16.60 14.17 -36.03
C1 PCW L . -6.37 4.90 -8.04
C2 PCW L . -5.66 5.97 -7.11
C3 PCW L . -4.25 6.32 -7.68
C4 PCW L . -4.93 4.55 -11.80
C5 PCW L . -5.07 4.31 -13.30
C6 PCW L . -4.24 4.45 -15.55
C7 PCW L . -3.24 2.96 -14.06
C8 PCW L . -2.79 5.17 -13.76
C11 PCW L . -2.83 6.81 -5.82
C12 PCW L . -2.27 7.96 -5.02
C13 PCW L . -0.70 7.83 -4.98
C14 PCW L . 0.03 8.94 -4.22
C15 PCW L . -0.36 9.09 -2.71
C16 PCW L . 0.21 7.88 -1.87
C17 PCW L . -0.83 6.92 -1.20
C18 PCW L . -0.25 6.12 -0.04
C19 PCW L . -0.89 4.71 0.11
C20 PCW L . -1.54 4.30 1.26
C21 PCW L . -1.80 4.97 2.55
C22 PCW L . -3.22 5.61 2.45
C23 PCW L . -3.59 6.68 3.51
C24 PCW L . -4.25 6.19 4.76
C25 PCW L . -3.41 5.87 6.03
C26 PCW L . -3.16 4.41 6.33
C27 PCW L . -2.24 4.05 7.51
C28 PCW L . -0.89 3.60 7.00
C31 PCW L . -7.48 7.20 -6.23
C32 PCW L . -8.20 8.56 -6.30
C33 PCW L . -8.84 8.91 -7.72
C34 PCW L . -10.31 9.33 -7.64
C35 PCW L . -10.31 10.91 -7.55
C36 PCW L . -11.63 11.53 -8.06
C37 PCW L . -11.71 13.09 -8.00
C38 PCW L . -13.06 13.56 -7.60
C39 PCW L . -13.16 15.07 -7.54
C40 PCW L . -13.92 15.79 -6.70
C41 PCW L . -14.84 15.19 -5.65
C42 PCW L . -14.06 15.18 -4.26
C43 PCW L . -14.71 15.77 -3.04
C44 PCW L . -13.74 15.61 -1.89
C45 PCW L . -14.27 14.85 -0.69
C46 PCW L . -14.04 13.37 -0.76
C47 PCW L . -14.41 12.58 0.47
C48 PCW L . -14.12 11.09 0.26
N PCW L . -3.90 4.23 -14.13
O2 PCW L . -6.45 7.22 -7.08
O3 PCW L . -3.62 7.28 -6.81
O11 PCW L . -2.61 5.65 -5.58
O31 PCW L . -7.81 6.23 -5.48
O1P PCW L . -6.83 3.15 -10.10
O2P PCW L . -8.46 4.69 -11.19
O3P PCW L . -7.11 5.47 -9.15
O4P PCW L . -6.14 5.22 -11.35
P PCW L . -7.18 4.56 -10.47
C1 PCW M . 21.66 1.56 -25.13
C2 PCW M . 22.64 2.58 -24.40
C3 PCW M . 21.84 3.87 -23.97
C4 PCW M . 19.76 2.19 -21.52
C5 PCW M . 18.85 1.83 -20.35
C6 PCW M . 20.19 0.36 -18.75
C7 PCW M . 18.82 2.20 -17.90
C8 PCW M . 18.25 0.67 -18.78
C11 PCW M . 22.59 6.12 -23.62
C12 PCW M . 23.60 6.92 -22.85
C13 PCW M . 23.15 8.43 -22.86
C14 PCW M . 24.09 9.39 -22.11
C15 PCW M . 23.90 10.89 -22.44
C16 PCW M . 22.57 11.44 -21.82
C17 PCW M . 22.09 12.85 -22.28
C18 PCW M . 20.71 12.86 -22.93
C19 PCW M . 20.75 13.23 -24.43
C20 PCW M . 19.68 12.99 -25.29
C21 PCW M . 18.34 12.38 -25.08
C22 PCW M . 17.35 13.56 -24.81
C23 PCW M . 16.42 13.45 -23.57
C24 PCW M . 15.05 14.03 -23.71
C25 PCW M . 14.64 15.31 -22.93
C26 PCW M . 13.36 15.24 -22.13
C27 PCW M . 13.09 16.36 -21.09
C28 PCW M . 11.60 16.41 -20.77
C31 PCW M . 24.51 2.02 -23.06
C32 PCW M . 24.91 1.32 -21.75
C33 PCW M . 25.97 2.12 -20.84
C34 PCW M . 25.32 3.14 -19.90
C35 PCW M . 26.31 4.37 -19.86
C36 PCW M . 25.77 5.54 -19.01
C37 PCW M . 26.70 6.79 -18.93
C38 PCW M . 25.95 8.06 -19.20
C39 PCW M . 26.83 9.28 -19.13
C40 PCW M . 26.45 10.52 -18.85
C41 PCW M . 25.02 10.94 -18.56
C42 PCW M . 25.04 12.43 -18.00
C43 PCW M . 25.40 13.55 -18.95
C44 PCW M . 25.34 14.85 -18.15
C45 PCW M . 26.66 15.29 -17.56
C46 PCW M . 27.51 16.08 -18.51
C47 PCW M . 28.98 15.71 -18.55
C48 PCW M . 29.72 16.59 -19.57
N PCW M . 19.41 1.58 -19.06
O2 PCW M . 23.18 1.95 -23.17
O3 PCW M . 22.72 4.80 -23.32
O11 PCW M . 21.79 6.57 -24.41
O31 PCW M . 25.30 2.58 -23.87
O1P PCW M . 19.04 1.70 -24.32
O2P PCW M . 19.06 -0.68 -23.56
O3P PCW M . 21.24 0.46 -24.30
O4P PCW M . 20.13 0.94 -22.17
P PCW M . 19.79 0.61 -23.61
C1 PCW N . -12.00 2.11 -2.37
C2 PCW N . -11.20 3.44 -2.61
C3 PCW N . -12.16 4.56 -3.13
C4 PCW N . -15.19 0.50 -3.76
C5 PCW N . -15.96 -0.68 -3.15
C6 PCW N . -17.87 -2.11 -2.84
C7 PCW N . -17.43 -1.24 -4.97
C8 PCW N . -18.26 0.20 -3.40
C11 PCW N . -12.08 6.84 -3.85
C12 PCW N . -11.12 8.00 -4.00
C13 PCW N . -11.83 9.30 -3.46
C14 PCW N . -11.00 10.58 -3.55
C15 PCW N . -10.67 11.26 -2.19
C16 PCW N . -9.91 12.61 -2.42
C17 PCW N . -9.45 13.41 -1.16
C18 PCW N . -10.07 14.80 -1.07
C19 PCW N . -9.22 15.78 -0.23
C20 PCW N . -9.62 16.24 1.03
C21 PCW N . -10.82 15.97 1.85
C22 PCW N . -11.65 17.28 1.86
C23 PCW N . -13.18 17.15 2.07
C24 PCW N . -13.91 18.38 2.55
C25 PCW N . -14.49 19.41 1.54
C26 PCW N . -15.20 20.61 2.15
C27 PCW N . -15.71 21.71 1.18
C28 PCW N . -16.38 22.82 1.96
C31 PCW N . -9.36 3.55 -1.11
C32 PCW N . -8.91 4.13 0.24
C33 PCW N . -9.24 3.22 1.53
C34 PCW N . -9.92 4.00 2.65
C35 PCW N . -8.76 4.70 3.46
C36 PCW N . -9.25 5.90 4.30
C37 PCW N . -8.15 6.65 5.12
C38 PCW N . -8.53 6.77 6.56
C39 PCW N . -7.47 7.48 7.38
C40 PCW N . -7.67 8.16 8.51
C41 PCW N . -9.02 8.32 9.17
C42 PCW N . -8.82 9.28 10.44
C43 PCW N . -10.04 10.01 10.99
C44 PCW N . -9.55 10.84 12.16
C45 PCW N . -9.91 12.31 12.11
C46 PCW N . -8.72 13.21 12.06
C47 PCW N . -8.86 14.50 11.26
C48 PCW N . -7.56 15.32 11.30
N PCW N . -17.31 -0.95 -3.57
O2 PCW N . -10.62 3.93 -1.32
O3 PCW N . -11.41 5.77 -3.35
O11 PCW N . -13.25 6.88 -4.13
O31 PCW N . -8.65 2.83 -1.88
O1P PCW N . -13.22 2.26 -4.95
O2P PCW N . -12.17 0.12 -5.67
O3P PCW N . -11.70 1.06 -3.33
O4P PCW N . -13.83 0.04 -3.94
P PCW N . -12.73 0.90 -4.55
C1 PCW O . 8.57 6.23 -20.20
C2 PCW O . 10.14 6.37 -20.35
C3 PCW O . 10.64 7.67 -19.65
C4 PCW O . 6.88 3.85 -24.17
C5 PCW O . 5.51 4.36 -24.61
C6 PCW O . 5.81 5.23 -26.85
C7 PCW O . 6.23 6.61 -25.01
C8 PCW O . 4.04 6.15 -25.48
C11 PCW O . 12.83 7.74 -18.66
C12 PCW O . 14.28 7.86 -19.03
C13 PCW O . 14.69 9.37 -18.90
C14 PCW O . 16.15 9.67 -19.25
C15 PCW O . 16.41 10.98 -20.04
C16 PCW O . 16.27 12.23 -19.11
C17 PCW O . 16.07 13.63 -19.79
C18 PCW O . 16.98 14.71 -19.25
C19 PCW O . 16.22 16.00 -18.84
C20 PCW O . 16.87 17.18 -18.48
C21 PCW O . 18.30 17.53 -18.37
C22 PCW O . 18.38 18.93 -17.69
C23 PCW O . 19.79 19.54 -17.46
C24 PCW O . 20.48 20.08 -18.68
C25 PCW O . 21.73 21.00 -18.55
C26 PCW O . 22.82 20.79 -19.58
C27 PCW O . 22.70 21.57 -20.91
C28 PCW O . 24.07 22.00 -21.38
C31 PCW O . 11.81 4.68 -20.38
C32 PCW O . 12.40 3.52 -19.56
C33 PCW O . 13.03 3.94 -18.15
C34 PCW O . 14.56 3.81 -18.10
C35 PCW O . 14.84 2.52 -17.23
C36 PCW O . 15.49 2.85 -15.88
C37 PCW O . 15.79 1.62 -14.97
C38 PCW O . 16.62 1.99 -13.78
C39 PCW O . 16.92 0.81 -12.89
C40 PCW O . 16.55 0.64 -11.63
C41 PCW O . 15.72 1.65 -10.84
C42 PCW O . 16.73 2.63 -10.09
C43 PCW O . 17.09 2.34 -8.65
C44 PCW O . 18.05 3.43 -8.19
C45 PCW O . 18.19 3.60 -6.70
C46 PCW O . 19.52 4.10 -6.27
C47 PCW O . 19.59 4.78 -4.92
C48 PCW O . 21.02 5.25 -4.61
N PCW O . 5.40 5.52 -25.45
O2 PCW O . 10.82 5.22 -19.69
O3 PCW O . 12.06 7.78 -19.80
O11 PCW O . 12.40 7.63 -17.55
O31 PCW O . 12.21 5.04 -21.54
O1P PCW O . 9.41 4.50 -22.90
O2P PCW O . 8.38 3.38 -20.93
O3P PCW O . 7.90 5.85 -21.41
O4P PCW O . 6.95 4.04 -22.73
P PCW O . 8.23 4.39 -21.99
C1 PCW P . 1.24 12.82 -21.19
C2 PCW P . 0.21 13.99 -21.48
C3 PCW P . 0.09 14.91 -20.22
C4 PCW P . 0.14 9.77 -19.64
C5 PCW P . 1.14 9.72 -18.49
C6 PCW P . 1.14 8.55 -16.23
C7 PCW P . 1.99 7.40 -18.22
C8 PCW P . 2.68 8.90 -17.41
C11 PCW P . -0.35 17.22 -20.70
C12 PCW P . -1.49 18.17 -20.96
C13 PCW P . -2.17 18.50 -19.58
C14 PCW P . -3.35 19.46 -19.64
C15 PCW P . -3.04 20.93 -19.21
C16 PCW P . -3.87 21.34 -17.94
C17 PCW P . -5.19 22.14 -18.17
C18 PCW P . -4.95 23.55 -18.73
C19 PCW P . -5.19 24.66 -17.70
C20 PCW P . -5.24 26.00 -18.05
C21 PCW P . -5.10 26.71 -19.35
C22 PCW P . -5.38 28.21 -19.08
C23 PCW P . -5.75 29.09 -20.29
C24 PCW P . -7.14 28.95 -20.84
C25 PCW P . -7.39 28.49 -22.31
C26 PCW P . -8.82 28.14 -22.67
C27 PCW P . -9.66 29.20 -23.41
C28 PCW P . -10.75 29.70 -22.50
C31 PCW P . -0.18 15.06 -23.56
C32 PCW P . 0.49 15.94 -24.63
C33 PCW P . -0.33 17.25 -25.04
C34 PCW P . 0.48 18.54 -24.91
C35 PCW P . -0.37 19.65 -25.66
C36 PCW P . 0.00 21.08 -25.22
C37 PCW P . -0.80 22.23 -25.93
C38 PCW P . 0.01 23.48 -26.06
C39 PCW P . -0.75 24.60 -26.73
C40 PCW P . -0.32 25.36 -27.73
C41 PCW P . 1.05 25.24 -28.36
C42 PCW P . 1.26 26.51 -29.31
C43 PCW P . 2.12 27.65 -28.81
C44 PCW P . 2.15 28.71 -29.90
C45 PCW P . 1.32 29.93 -29.64
C46 PCW P . 2.04 30.99 -28.85
C47 PCW P . 2.73 32.07 -29.65
C48 PCW P . 3.42 33.08 -28.74
N PCW P . 1.26 8.53 -17.70
O2 PCW P . 0.72 14.83 -22.61
O3 PCW P . -0.84 15.97 -20.49
O11 PCW P . 0.81 17.53 -20.68
O31 PCW P . -1.37 14.63 -23.60
O1P PCW P . -1.04 11.06 -21.98
O2P PCW P . 0.57 9.59 -23.22
O3P PCW P . 1.34 11.85 -22.26
O4P PCW P . 0.91 9.91 -20.86
P PCW P . 0.38 10.57 -22.12
C1 PCW Q . -7.12 6.83 -17.55
C2 PCW Q . -6.78 8.09 -16.64
C3 PCW Q . -7.19 9.42 -17.38
C4 PCW Q . -11.45 7.25 -16.12
C5 PCW Q . -11.21 7.34 -14.61
C6 PCW Q . -11.33 9.26 -12.94
C7 PCW Q . -13.35 8.02 -13.53
C8 PCW Q . -11.83 7.38 -12.67
C11 PCW Q . -7.89 11.16 -15.88
C12 PCW Q . -7.34 12.29 -15.05
C13 PCW Q . -7.59 13.63 -15.85
C14 PCW Q . -7.09 14.89 -15.15
C15 PCW Q . -8.15 16.03 -14.95
C16 PCW Q . -7.54 17.42 -15.31
C17 PCW Q . -6.99 17.63 -16.77
C18 PCW Q . -5.61 18.29 -16.81
C19 PCW Q . -4.44 17.27 -16.80
C20 PCW Q . -3.58 17.13 -15.72
C21 PCW Q . -3.51 17.81 -14.41
C22 PCW Q . -3.06 19.28 -14.67
C23 PCW Q . -1.63 19.68 -14.24
C24 PCW Q . -1.04 20.88 -14.92
C25 PCW Q . 0.25 21.55 -14.36
C26 PCW Q . 1.55 21.19 -15.04
C27 PCW Q . 2.55 20.30 -14.26
C28 PCW Q . 2.37 18.85 -14.65
C31 PCW Q . -6.87 7.55 -14.34
C32 PCW Q . -7.81 7.54 -13.12
C33 PCW Q . -7.33 8.43 -11.87
C34 PCW Q . -6.84 9.83 -12.28
C35 PCW Q . -7.09 10.75 -11.01
C36 PCW Q . -5.81 10.96 -10.18
C37 PCW Q . -5.96 11.87 -8.92
C38 PCW Q . -5.42 11.21 -7.69
C39 PCW Q . -5.57 12.07 -6.46
C40 PCW Q . -4.65 12.85 -5.91
C41 PCW Q . -3.23 12.99 -6.45
C42 PCW Q . -3.25 14.11 -7.59
C43 PCW Q . -3.15 15.57 -7.18
C44 PCW Q . -3.18 16.39 -8.46
C45 PCW Q . -3.80 17.76 -8.32
C46 PCW Q . -3.00 18.85 -9.00
C47 PCW Q . -3.76 20.11 -9.34
C48 PCW Q . -2.83 21.13 -10.03
N PCW Q . -11.96 8.29 -13.85
O2 PCW Q . -7.56 8.02 -15.38
O3 PCW Q . -6.87 10.53 -16.53
O11 PCW Q . -9.05 10.84 -15.94
O31 PCW Q . -5.66 7.18 -14.35
O1P PCW Q . -9.64 7.72 -18.33
O2P PCW Q . -10.01 5.29 -18.76
O3P PCW Q . -8.23 6.05 -17.06
O4P PCW Q . -10.62 6.16 -16.61
P PCW Q . -9.65 6.33 -17.77
C1 PCW R . -22.89 -7.95 11.94
C2 PCW R . -23.60 -7.24 13.16
C3 PCW R . -22.93 -7.69 14.51
C4 PCW R . -19.91 -6.40 8.77
C5 PCW R . -18.65 -7.20 8.41
C6 PCW R . -17.44 -8.97 7.30
C7 PCW R . -19.55 -8.35 6.50
C8 PCW R . -19.49 -9.53 8.45
C11 PCW R . -24.54 -7.71 16.29
C12 PCW R . -25.09 -6.84 17.39
C13 PCW R . -24.01 -6.69 18.52
C14 PCW R . -24.41 -5.83 19.71
C15 PCW R . -24.00 -4.33 19.63
C16 PCW R . -25.24 -3.39 19.88
C17 PCW R . -24.96 -1.91 20.27
C18 PCW R . -26.23 -1.12 20.60
C19 PCW R . -26.09 0.38 20.28
C20 PCW R . -26.63 1.36 21.11
C21 PCW R . -27.39 1.28 22.38
C22 PCW R . -26.36 1.45 23.54
C23 PCW R . -26.42 2.76 24.36
C24 PCW R . -25.37 2.95 25.41
C25 PCW R . -25.73 3.54 26.80
C26 PCW R . -24.57 3.76 27.76
C27 PCW R . -24.58 3.00 29.10
C28 PCW R . -23.62 3.64 30.07
C31 PCW R . -24.58 -5.12 12.77
C32 PCW R . -24.27 -3.61 12.71
C33 PCW R . -24.76 -2.77 13.97
C34 PCW R . -24.62 -1.26 13.78
C35 PCW R . -25.87 -0.63 14.51
C36 PCW R . -25.48 0.27 15.70
C37 PCW R . -26.67 0.92 16.46
C38 PCW R . -27.12 2.20 15.81
C39 PCW R . -28.27 2.84 16.52
C40 PCW R . -28.90 3.97 16.19
C41 PCW R . -28.53 4.81 14.97
C42 PCW R . -29.23 6.23 15.12
C43 PCW R . -30.50 6.51 14.32
C44 PCW R . -30.93 7.92 14.66
C45 PCW R . -31.02 8.87 13.49
C46 PCW R . -32.42 9.28 13.15
C47 PCW R . -32.68 10.76 12.96
C48 PCW R . -34.16 11.02 12.62
N PCW R . -18.77 -8.44 7.70
O2 PCW R . -23.46 -5.76 13.06
O3 PCW R . -23.58 -7.02 15.61
O11 PCW R . -24.89 -8.84 16.06
O31 PCW R . -25.71 -5.64 12.56
O1P PCW R . -22.47 -5.91 10.05
O2P PCW R . -21.04 -5.05 11.91
O3P PCW R . -21.53 -7.56 11.72
O4P PCW R . -20.01 -6.40 10.22
P PCW R . -21.30 -6.16 10.97
C1 PCW S . -9.20 -7.26 9.99
C2 PCW S . -10.45 -6.42 9.53
C3 PCW S . -11.33 -6.00 10.76
C4 PCW S . -11.43 -9.63 7.81
C5 PCW S . -12.64 -10.27 8.49
C6 PCW S . -11.85 -12.51 8.11
C7 PCW S . -13.67 -11.70 6.88
C8 PCW S . -14.04 -12.21 9.07
C11 PCW S . -13.53 -5.88 9.78
C12 PCW S . -14.57 -4.88 9.37
C13 PCW S . -15.28 -4.34 10.67
C14 PCW S . -16.38 -3.30 10.44
C15 PCW S . -17.82 -3.72 10.87
C16 PCW S . -18.69 -2.46 11.19
C17 PCW S . -19.95 -2.21 10.28
C18 PCW S . -21.21 -1.88 11.07
C19 PCW S . -21.58 -0.38 11.02
C20 PCW S . -21.50 0.45 12.14
C21 PCW S . -21.08 0.20 13.54
C22 PCW S . -21.00 1.59 14.24
C23 PCW S . -19.71 1.89 15.05
C24 PCW S . -19.80 2.97 16.08
C25 PCW S . -19.30 4.43 15.80
C26 PCW S . -18.26 4.97 16.76
C27 PCW S . -17.61 6.33 16.40
C28 PCW S . -16.12 6.24 16.59
C31 PCW S . -10.27 -5.11 7.56
C32 PCW S . -9.76 -3.76 7.03
C33 PCW S . -10.85 -2.59 6.98
C34 PCW S . -10.24 -1.21 6.81
C35 PCW S . -11.34 -0.36 6.06
C36 PCW S . -11.06 1.17 6.11
C37 PCW S . -12.11 2.07 5.39
C38 PCW S . -12.47 3.27 6.20
C39 PCW S . -13.49 4.15 5.52
C40 PCW S . -13.59 5.47 5.59
C41 PCW S . -12.66 6.35 6.41
C42 PCW S . -13.45 6.81 7.71
C43 PCW S . -13.04 6.24 9.05
C44 PCW S . -13.95 6.84 10.10
C45 PCW S . -14.92 5.88 10.76
C46 PCW S . -15.98 6.55 11.58
C47 PCW S . -17.41 6.29 11.18
C48 PCW S . -18.38 7.03 12.11
N PCW S . -13.02 -11.61 8.15
O2 PCW S . -10.00 -5.15 8.86
O3 PCW S . -12.45 -5.23 10.31
O11 PCW S . -13.62 -7.07 9.65
O31 PCW S . -10.84 -6.01 6.88
O1P PCW S . -8.60 -9.76 7.18
O2P PCW S . -8.41 -10.38 9.59
O3P PCW S . -8.51 -7.92 8.90
O4P PCW S . -10.45 -9.39 8.84
P PCW S . -8.95 -9.44 8.61
C1 PCW T . 15.69 -13.82 -10.41
C2 PCW T . 16.44 -12.58 -11.05
C3 PCW T . 15.56 -11.96 -12.19
C4 PCW T . 13.34 -10.75 -9.19
C5 PCW T . 13.77 -9.38 -8.64
C6 PCW T . 14.62 -7.10 -9.41
C7 PCW T . 12.38 -7.88 -10.03
C8 PCW T . 13.02 -7.51 -8.33
C11 PCW T . 15.95 -9.59 -12.33
C12 PCW T . 16.76 -8.58 -13.11
C13 PCW T . 18.28 -8.81 -12.78
C14 PCW T . 19.25 -7.87 -13.49
C15 PCW T . 20.76 -8.11 -13.20
C16 PCW T . 21.22 -7.35 -11.92
C17 PCW T . 21.93 -5.97 -12.10
C18 PCW T . 21.76 -5.02 -10.91
C19 PCW T . 23.03 -4.22 -10.58
C20 PCW T . 23.59 -4.20 -9.31
C21 PCW T . 23.19 -4.86 -8.03
C22 PCW T . 22.27 -3.84 -7.28
C23 PCW T . 22.04 -4.10 -5.77
C24 PCW T . 23.26 -4.10 -4.89
C25 PCW T . 23.93 -2.76 -4.45
C26 PCW T . 25.24 -2.41 -5.11
C27 PCW T . 25.21 -1.43 -6.30
C28 PCW T . 26.44 -0.54 -6.27
C31 PCW T . 17.93 -11.22 -9.81
C32 PCW T . 17.97 -10.13 -8.72
C33 PCW T . 18.60 -8.73 -9.18
C34 PCW T . 19.98 -8.45 -8.56
C35 PCW T . 19.76 -8.44 -7.00
C36 PCW T . 21.07 -8.67 -6.21
C37 PCW T . 20.93 -8.68 -4.66
C38 PCW T . 22.11 -8.09 -3.98
C39 PCW T . 21.98 -8.10 -2.47
C40 PCW T . 21.52 -7.12 -1.70
C41 PCW T . 21.04 -5.77 -2.23
C42 PCW T . 21.61 -4.64 -1.26
C43 PCW T . 20.82 -3.35 -1.10
C44 PCW T . 21.58 -2.46 -0.14
C45 PCW T . 22.71 -1.67 -0.74
C46 PCW T . 23.08 -0.44 0.04
C47 PCW T . 23.46 0.78 -0.76
C48 PCW T . 23.81 1.96 0.16
N PCW T . 13.67 -8.23 -9.47
O2 PCW T . 16.65 -11.53 -10.02
O3 PCW T . 16.24 -10.85 -12.78
O11 PCW T . 15.15 -9.32 -11.47
O31 PCW T . 18.93 -11.73 -10.38
O1P PCW T . 13.02 -13.54 -9.87
O2P PCW T . 13.35 -13.86 -7.43
O3P PCW T . 15.39 -13.65 -9.01
O4P PCW T . 13.98 -11.75 -8.38
P PCW T . 13.86 -13.24 -8.66
C1 PCW U . -8.91 16.10 -24.99
C2 PCW U . -7.52 16.68 -24.51
C3 PCW U . -7.12 17.93 -25.38
C4 PCW U . -8.34 12.53 -23.32
C5 PCW U . -7.39 11.69 -24.18
C6 PCW U . -5.00 10.80 -24.01
C7 PCW U . -6.82 9.71 -22.79
C8 PCW U . -6.61 9.86 -24.62
C11 PCW U . -5.50 19.69 -25.36
C12 PCW U . -4.16 20.04 -24.79
C13 PCW U . -4.39 21.15 -23.69
C14 PCW U . -3.13 21.64 -22.98
C15 PCW U . -3.27 22.99 -22.21
C16 PCW U . -1.87 23.63 -21.93
C17 PCW U . -1.82 24.85 -20.95
C18 PCW U . -0.61 24.82 -20.02
C19 PCW U . -0.96 25.19 -18.55
C20 PCW U . -0.86 26.48 -18.06
C21 PCW U . -0.44 27.76 -18.70
C22 PCW U . 1.08 27.94 -18.40
C23 PCW U . 1.51 29.22 -17.64
C24 PCW U . 2.37 29.03 -16.43
C25 PCW U . 3.72 29.79 -16.30
C26 PCW U . 3.83 30.80 -15.17
C27 PCW U . 3.50 32.27 -15.49
C28 PCW U . 3.74 33.13 -14.26
C31 PCW U . -6.56 16.86 -22.34
C32 PCW U . -6.81 17.40 -20.93
C33 PCW U . -7.90 18.57 -20.79
C34 PCW U . -7.31 19.98 -20.88
C35 PCW U . -8.52 20.96 -20.63
C36 PCW U . -8.11 22.45 -20.69
C37 PCW U . -9.26 23.48 -20.44
C38 PCW U . -8.79 24.65 -19.65
C39 PCW U . -9.89 25.65 -19.40
C40 PCW U . -10.08 26.37 -18.30
C41 PCW U . -9.19 26.31 -17.07
C42 PCW U . -8.57 27.76 -16.83
C43 PCW U . -7.58 27.95 -15.70
C44 PCW U . -7.16 29.41 -15.71
C45 PCW U . -6.24 29.83 -14.59
C46 PCW U . -6.63 31.12 -13.93
C47 PCW U . -6.26 32.39 -14.66
C48 PCW U . -6.73 33.62 -13.88
N PCW U . -6.40 10.87 -23.55
O2 PCW U . -7.63 17.14 -23.10
O3 PCW U . -5.87 18.45 -24.95
O11 PCW U . -6.15 20.40 -26.09
O31 PCW U . -5.51 16.27 -22.74
O1P PCW U . -10.77 13.88 -22.51
O2P PCW U . -11.26 13.89 -24.94
O3P PCW U . -9.79 15.73 -23.90
O4P PCW U . -8.99 13.44 -24.23
P PCW U . -10.27 14.18 -23.88
C1 PCW V . -23.38 18.43 -19.23
C2 PCW V . -22.04 19.23 -19.00
C3 PCW V . -21.80 20.24 -20.18
C4 PCW V . -20.70 14.98 -17.82
C5 PCW V . -19.50 15.57 -17.09
C6 PCW V . -20.39 15.91 -14.87
C7 PCW V . -18.07 15.81 -15.19
C8 PCW V . -19.22 13.85 -15.34
C11 PCW V . -19.59 20.87 -20.91
C12 PCW V . -18.40 21.67 -20.47
C13 PCW V . -17.76 22.36 -21.73
C14 PCW V . -16.52 23.22 -21.44
C15 PCW V . -16.34 24.48 -22.34
C16 PCW V . -17.46 25.53 -22.07
C17 PCW V . -17.04 26.86 -21.35
C18 PCW V . -17.76 28.09 -21.91
C19 PCW V . -16.85 29.34 -22.01
C20 PCW V . -16.15 29.65 -23.16
C21 PCW V . -16.06 29.00 -24.49
C22 PCW V . -14.54 28.71 -24.74
C23 PCW V . -14.11 27.23 -24.89
C24 PCW V . -12.72 26.97 -25.38
C25 PCW V . -12.43 26.67 -26.87
C26 PCW V . -11.00 26.86 -27.34
C27 PCW V . -10.51 25.98 -28.51
C28 PCW V . -8.99 26.05 -28.60
C31 PCW V . -21.45 19.52 -16.72
C32 PCW V . -21.65 20.46 -15.52
C33 PCW V . -20.98 21.92 -15.66
C34 PCW V . -21.99 23.02 -15.95
C35 PCW V . -21.18 24.17 -16.69
C36 PCW V . -21.64 24.40 -18.13
C37 PCW V . -20.88 25.52 -18.92
C38 PCW V . -21.80 26.58 -19.39
C39 PCW V . -21.08 27.67 -20.14
C40 PCW V . -20.91 28.93 -19.75
C41 PCW V . -21.42 29.50 -18.45
C42 PCW V . -20.68 30.89 -18.18
C43 PCW V . -21.16 31.76 -17.02
C44 PCW V . -20.29 33.00 -17.01
C45 PCW V . -19.64 33.32 -15.67
C46 PCW V . -18.27 32.74 -15.52
C47 PCW V . -17.13 33.57 -16.05
C48 PCW V . -15.78 32.85 -15.82
N PCW V . -19.31 15.30 -15.70
O2 PCW V . -22.13 20.03 -17.75
O3 PCW V . -20.57 20.95 -19.96
O11 PCW V . -19.67 20.26 -21.94
O31 PCW V . -20.76 18.47 -16.73
O1P PCW V . -23.32 14.66 -19.04
O2P PCW V . -22.38 16.22 -20.75
O3P PCW V . -23.42 17.15 -18.57
O4P PCW V . -21.25 16.05 -18.64
P PCW V . -22.62 15.96 -19.31
C1 PCW W . -28.90 3.41 3.36
C2 PCW W . -29.22 4.96 3.22
C3 PCW W . -27.97 5.71 2.63
C4 PCW W . -30.33 2.80 -1.02
C5 PCW W . -29.94 1.94 -2.24
C6 PCW W . -31.50 -0.05 -2.47
C7 PCW W . -31.10 1.44 -4.36
C8 PCW W . -29.88 0.35 -3.50
C11 PCW W . -27.24 7.96 2.22
C12 PCW W . -27.76 9.36 2.13
C13 PCW W . -27.64 10.02 3.56
C14 PCW W . -28.13 11.47 3.65
C15 PCW W . -27.02 12.55 3.74
C16 PCW W . -27.43 13.69 4.76
C17 PCW W . -26.77 13.63 6.18
C18 PCW W . -26.52 15.01 6.79
C19 PCW W . -26.75 15.05 8.32
C20 PCW W . -25.83 15.60 9.19
C21 PCW W . -24.50 16.25 8.98
C22 PCW W . -23.42 15.26 9.51
C23 PCW W . -22.56 14.52 8.46
C24 PCW W . -21.18 14.13 8.89
C25 PCW W . -20.94 12.90 9.82
C26 PCW W . -20.28 11.70 9.17
C27 PCW W . -20.20 10.40 10.00
C28 PCW W . -20.98 9.29 9.32
C31 PCW W . -31.55 5.00 2.82
C32 PCW W . -32.60 5.26 1.72
C33 PCW W . -33.18 6.76 1.66
C34 PCW W . -34.67 6.82 1.33
C35 PCW W . -34.97 8.34 1.00
C36 PCW W . -36.31 8.82 1.62
C37 PCW W . -36.68 10.30 1.36
C38 PCW W . -37.97 10.68 2.02
C39 PCW W . -38.35 12.12 1.77
C40 PCW W . -38.37 13.12 2.65
C41 PCW W . -37.98 12.96 4.12
C42 PCW W . -38.09 14.39 4.81
C43 PCW W . -36.84 15.01 5.42
C44 PCW W . -37.25 16.35 5.99
C45 PCW W . -36.13 17.35 6.15
C46 PCW W . -35.63 17.48 7.56
C47 PCW W . -34.21 17.99 7.72
C48 PCW W . -33.84 18.07 9.21
N PCW W . -30.95 1.22 -2.95
O2 PCW W . -30.35 5.18 2.28
O3 PCW W . -28.27 7.11 2.52
O11 PCW W . -26.10 7.64 2.05
O31 PCW W . -31.80 4.67 4.01
O1P PCW W . -28.03 3.25 0.68
O2P PCW W . -28.28 0.83 1.17
O3P PCW W . -29.67 2.57 2.48
O4P PCW W . -30.12 1.98 0.16
P PCW W . -28.95 2.15 1.10
C1 PCW X . 23.74 -2.09 -16.44
C2 PCW X . 24.45 -1.26 -15.30
C3 PCW X . 25.71 -2.03 -14.78
C4 PCW X . 23.69 -3.16 -21.02
C5 PCW X . 24.89 -3.71 -21.78
C6 PCW X . 25.78 -4.69 -23.96
C7 PCW X . 24.17 -2.86 -23.99
C8 PCW X . 25.90 -2.84 -23.33
C11 PCW X . 27.67 -1.44 -13.54
C12 PCW X . 28.14 -0.54 -12.43
C13 PCW X . 28.51 0.85 -13.06
C14 PCW X . 29.01 1.90 -12.06
C15 PCW X . 27.89 2.70 -11.30
C16 PCW X . 28.30 2.93 -9.80
C17 PCW X . 28.17 1.74 -8.81
C18 PCW X . 29.51 1.27 -8.24
C19 PCW X . 30.06 0.01 -8.95
C20 PCW X . 31.34 -0.05 -9.49
C21 PCW X . 32.44 0.95 -9.54
C22 PCW X . 33.77 0.15 -9.31
C23 PCW X . 35.03 0.64 -10.07
C24 PCW X . 35.30 2.11 -10.08
C25 PCW X . 36.75 2.66 -10.13
C26 PCW X . 36.92 4.16 -10.03
C27 PCW X . 37.01 4.78 -8.61
C28 PCW X . 38.46 4.93 -8.21
C31 PCW X . 23.98 1.00 -15.85
C32 PCW X . 24.62 2.28 -16.44
C33 PCW X . 24.78 3.50 -15.39
C34 PCW X . 26.13 3.49 -14.66
C35 PCW X . 26.56 5.01 -14.56
C36 PCW X . 27.94 5.28 -15.21
C37 PCW X . 28.42 6.77 -15.15
C38 PCW X . 29.21 7.05 -13.91
C39 PCW X . 29.69 8.48 -13.83
C40 PCW X . 30.52 8.99 -12.93
C41 PCW X . 31.14 8.19 -11.79
C42 PCW X . 32.39 9.02 -11.22
C43 PCW X . 33.77 8.42 -11.36
C44 PCW X . 34.75 9.41 -10.74
C45 PCW X . 36.09 8.82 -10.34
C46 PCW X . 36.32 8.83 -8.85
C47 PCW X . 37.68 9.33 -8.41
C48 PCW X . 37.80 9.29 -6.87
N PCW X . 24.82 -3.87 -23.20
O2 PCW X . 24.92 0.05 -15.84
O3 PCW X . 26.35 -1.26 -13.74
O11 PCW X . 28.38 -2.20 -14.15
O31 PCW X . 22.79 0.89 -15.46
O1P PCW X . 22.10 -2.25 -18.78
O2P PCW X . 23.32 -0.10 -19.15
O3P PCW X . 24.38 -1.97 -17.73
O4P PCW X . 24.19 -2.10 -20.16
P PCW X . 23.42 -1.57 -18.96
C1 PCW Y . 15.83 6.09 -24.65
C2 PCW Y . 15.60 7.53 -24.01
C3 PCW Y . 14.45 7.47 -22.94
C4 PCW Y . 13.97 8.69 -27.59
C5 PCW Y . 14.21 10.07 -26.97
C6 PCW Y . 13.46 11.81 -28.66
C7 PCW Y . 12.81 12.00 -26.32
C8 PCW Y . 14.51 12.08 -27.02
C11 PCW Y . 13.47 9.66 -23.05
C12 PCW Y . 13.40 10.96 -22.29
C13 PCW Y . 12.15 10.89 -21.33
C14 PCW Y . 11.92 12.14 -20.48
C15 PCW Y . 11.37 11.89 -19.05
C16 PCW Y . 10.28 12.96 -18.68
C17 PCW Y . 10.72 14.18 -17.81
C18 PCW Y . 10.26 14.09 -16.35
C19 PCW Y . 10.36 15.43 -15.60
C20 PCW Y . 11.46 15.78 -14.82
C21 PCW Y . 12.73 15.08 -14.50
C22 PCW Y . 13.88 15.91 -15.14
C23 PCW Y . 14.54 17.01 -14.25
C24 PCW Y . 16.00 17.26 -14.46
C25 PCW Y . 17.03 16.94 -13.34
C26 PCW Y . 17.93 15.73 -13.55
C27 PCW Y . 19.44 15.91 -13.39
C28 PCW Y . 20.13 15.79 -14.72
C31 PCW Y . 17.68 8.65 -24.12
C32 PCW Y . 18.89 9.07 -23.27
C33 PCW Y . 19.57 7.90 -22.43
C34 PCW Y . 19.21 7.91 -20.95
C35 PCW Y . 20.53 8.32 -20.18
C36 PCW Y . 20.26 8.81 -18.74
C37 PCW Y . 21.53 9.22 -17.93
C38 PCW Y . 21.20 9.58 -16.52
C39 PCW Y . 22.40 9.99 -15.71
C40 PCW Y . 22.47 10.95 -14.80
C41 PCW Y . 21.30 11.84 -14.41
C42 PCW Y . 20.83 11.42 -12.95
C43 PCW Y . 19.35 11.45 -12.62
C44 PCW Y . 19.21 11.01 -11.17
C45 PCW Y . 18.54 12.00 -10.25
C46 PCW Y . 19.51 12.78 -9.41
C47 PCW Y . 19.74 14.22 -9.81
C48 PCW Y . 20.75 14.91 -8.88
N PCW Y . 13.38 11.16 -27.33
O2 PCW Y . 16.83 7.99 -23.33
O3 PCW Y . 14.26 8.78 -22.38
O11 PCW Y . 12.91 9.44 -24.09
O31 PCW Y . 17.52 8.89 -25.36
O1P PCW Y . 14.50 5.93 -28.24
O2P PCW Y . 13.30 5.52 -26.06
O3P PCW Y . 15.83 6.07 -26.09
O4P PCW Y . 14.11 7.73 -26.53
P PCW Y . 14.38 6.25 -26.78
C1 PCW Z . -15.12 14.55 -20.66
C2 PCW Z . -14.30 15.66 -19.87
C3 PCW Z . -12.92 15.90 -20.56
C4 PCW Z . -14.44 14.07 -24.28
C5 PCW Z . -15.11 13.18 -25.33
C6 PCW Z . -15.15 12.21 -27.70
C7 PCW Z . -13.29 13.62 -26.98
C8 PCW Z . -13.77 11.97 -26.32
C11 PCW Z . -11.34 16.50 -18.86
C12 PCW Z . -10.69 17.71 -18.23
C13 PCW Z . -11.68 18.27 -17.15
C14 PCW Z . -11.17 19.53 -16.41
C15 PCW Z . -11.23 19.45 -14.86
C16 PCW Z . -12.21 20.56 -14.30
C17 PCW Z . -11.96 21.06 -12.83
C18 PCW Z . -12.01 22.58 -12.70
C19 PCW Z . -10.61 23.20 -12.46
C20 PCW Z . -10.41 24.26 -11.58
C21 PCW Z . -11.33 25.03 -10.72
C22 PCW Z . -11.27 26.51 -11.19
C23 PCW Z . -12.44 27.04 -12.07
C24 PCW Z . -13.53 27.77 -11.36
C25 PCW Z . -13.54 29.33 -11.30
C26 PCW Z . -14.83 29.97 -10.81
C27 PCW Z . -14.91 30.37 -9.32
C28 PCW Z . -14.57 31.83 -9.15
C31 PCW Z . -15.89 17.13 -18.89
C32 PCW Z . -16.57 18.50 -19.06
C33 PCW Z . -15.85 19.73 -18.32
C34 PCW Z . -15.69 19.54 -16.81
C35 PCW Z . -17.16 19.46 -16.22
C36 PCW Z . -17.18 19.42 -14.67
C37 PCW Z . -18.59 19.33 -14.02
C38 PCW Z . -18.60 19.84 -12.62
C39 PCW Z . -19.96 19.77 -11.98
C40 PCW Z . -20.68 20.77 -11.48
C41 PCW Z . -20.23 22.21 -11.47
C42 PCW Z . -20.83 22.92 -10.17
C43 PCW Z . -21.90 23.98 -10.36
C44 PCW Z . -22.29 24.47 -8.97
C45 PCW Z . -23.71 24.97 -8.84
C46 PCW Z . -24.09 25.32 -7.43
C47 PCW Z . -25.54 25.75 -7.22
C48 PCW Z . -25.79 26.08 -5.75
N PCW Z . -14.62 13.14 -26.68
O2 PCW Z . -15.05 16.96 -19.91
O3 PCW Z . -12.19 16.90 -19.84
O11 PCW Z . -11.13 15.36 -18.54
O31 PCW Z . -16.11 16.33 -17.94
O1P PCW Z . -16.50 12.86 -22.58
O2P PCW Z . -17.86 14.80 -23.36
O3P PCW Z . -16.27 15.06 -21.37
O4P PCW Z . -15.48 14.89 -23.67
P PCW Z . -16.58 14.34 -22.79
C1 PCW AA . -17.10 -0.06 2.60
C2 PCW AA . -18.55 0.54 2.65
C3 PCW AA . -18.82 1.44 1.40
C4 PCW AA . -19.30 -3.29 0.54
C5 PCW AA . -19.24 -4.56 -0.30
C6 PCW AA . -20.31 -6.77 -0.98
C7 PCW AA . -21.69 -4.96 -0.08
C8 PCW AA . -20.72 -4.97 -1.65
C11 PCW AA . -20.39 3.17 0.83
C12 PCW AA . -21.83 3.54 1.03
C13 PCW AA . -21.96 4.40 2.33
C14 PCW AA . -23.38 4.88 2.67
C15 PCW AA . -24.03 4.21 3.92
C16 PCW AA . -23.61 4.98 5.23
C17 PCW AA . -24.54 6.16 5.71
C18 PCW AA . -23.76 7.30 6.35
C19 PCW AA . -24.65 8.23 7.22
C20 PCW AA . -24.90 9.55 6.88
C21 PCW AA . -24.48 10.38 5.73
C22 PCW AA . -23.58 11.51 6.29
C23 PCW AA . -22.98 12.53 5.28
C24 PCW AA . -21.99 12.01 4.30
C25 PCW AA . -20.55 11.63 4.75
C26 PCW AA . -19.65 11.00 3.70
C27 PCW AA . -18.75 11.93 2.87
C28 PCW AA . -17.53 11.17 2.37
C31 PCW AA . -20.50 -0.44 3.57
C32 PCW AA . -21.46 -1.63 3.43
C33 PCW AA . -22.58 -1.49 2.29
C34 PCW AA . -23.40 -0.20 2.39
C35 PCW AA . -24.52 -0.48 3.46
C36 PCW AA . -25.40 0.77 3.74
C37 PCW AA . -26.54 0.57 4.79
C38 PCW AA . -26.67 1.75 5.70
C39 PCW AA . -27.76 1.59 6.72
C40 PCW AA . -27.61 1.31 8.02
C41 PCW AA . -26.26 1.10 8.70
C42 PCW AA . -26.32 1.78 10.14
C43 PCW AA . -25.02 2.09 10.85
C44 PCW AA . -25.38 2.72 12.19
C45 PCW AA . -24.40 3.75 12.70
C46 PCW AA . -24.18 3.67 14.18
C47 PCW AA . -24.08 4.99 14.92
C48 PCW AA . -23.85 4.78 16.42
N PCW AA . -20.35 -5.47 -0.30
O2 PCW AA . -19.56 -0.55 2.63
O3 PCW AA . -20.15 1.98 1.46
O11 PCW AA . -19.59 3.81 0.23
O31 PCW AA . -20.59 0.48 4.43
O1P PCW AA . -17.23 -1.30 0.14
O2P PCW AA . -15.75 -3.07 1.10
O3P PCW AA . -17.06 -1.50 2.67
O4P PCW AA . -18.13 -3.29 1.40
P PCW AA . -17.00 -2.28 1.27
C1 PCW BA . -23.04 5.02 -7.03
C2 PCW BA . -22.85 6.56 -6.80
C3 PCW BA . -23.01 6.91 -5.28
C4 PCW BA . -22.89 5.58 -11.79
C5 PCW BA . -22.21 6.83 -12.37
C6 PCW BA . -23.95 8.61 -11.82
C7 PCW BA . -21.58 9.18 -11.92
C8 PCW BA . -22.66 8.59 -13.30
C11 PCW BA . -21.82 8.73 -4.25
C12 PCW BA . -21.82 10.23 -4.19
C13 PCW BA . -21.41 10.67 -2.74
C14 PCW BA . -21.36 12.19 -2.51
C15 PCW BA . -19.98 12.88 -2.79
C16 PCW BA . -19.97 14.35 -2.26
C17 PCW BA . -18.62 14.89 -1.69
C18 PCW BA . -18.80 15.84 -0.50
C19 PCW BA . -17.50 16.57 -0.11
C20 PCW BA . -17.30 17.12 1.16
C21 PCW BA . -18.15 17.16 2.36
C22 PCW BA . -18.03 15.78 3.05
C23 PCW BA . -18.50 15.65 4.52
C24 PCW BA . -17.51 15.13 5.52
C25 PCW BA . -16.74 16.09 6.47
C26 PCW BA . -15.44 16.67 5.94
C27 PCW BA . -14.23 16.71 6.90
C28 PCW BA . -13.00 17.21 6.17
C31 PCW BA . -21.44 7.76 -8.28
C32 PCW BA . -19.97 8.11 -8.58
C33 PCW BA . -19.38 9.35 -7.77
C34 PCW BA . -19.83 10.71 -8.32
C35 PCW BA . -20.92 11.24 -7.29
C36 PCW BA . -21.63 12.51 -7.78
C37 PCW BA . -22.72 13.07 -6.81
C38 PCW BA . -23.53 14.16 -7.44
C39 PCW BA . -24.59 14.71 -6.52
C40 PCW BA . -24.49 15.78 -5.73
C41 PCW BA . -23.24 16.65 -5.61
C42 PCW BA . -22.82 16.73 -4.09
C43 PCW BA . -22.81 18.08 -3.40
C44 PCW BA . -22.39 17.86 -1.96
C45 PCW BA . -21.01 18.40 -1.61
C46 PCW BA . -21.05 19.67 -0.81
C47 PCW BA . -19.78 20.03 -0.07
C48 PCW BA . -19.94 21.34 0.70
N PCW BA . -22.56 8.12 -11.88
O2 PCW BA . -21.48 6.98 -7.21
O3 PCW BA . -22.83 8.32 -5.08
O11 PCW BA . -21.07 7.99 -3.67
O31 PCW BA . -22.43 8.17 -8.96
O1P PCW BA . -24.26 3.61 -10.16
O2P PCW BA . -25.04 5.63 -8.92
O3P PCW BA . -22.76 4.57 -8.38
O4P PCW BA . -23.17 5.86 -10.40
P PCW BA . -23.89 4.89 -9.48
C1 PCW CA . -1.15 2.07 -8.91
C2 PCW CA . -0.03 1.59 -7.89
C3 PCW CA . 0.21 2.69 -6.80
C4 PCW CA . -5.74 0.36 -9.37
C5 PCW CA . -5.54 0.29 -7.85
C6 PCW CA . -5.27 2.02 -5.99
C7 PCW CA . -7.49 1.42 -6.83
C8 PCW CA . -6.29 0.33 -5.95
C11 PCW CA . 0.92 2.22 -4.57
C12 PCW CA . 2.12 1.73 -3.79
C13 PCW CA . 3.11 2.95 -3.61
C14 PCW CA . 4.39 2.65 -2.84
C15 PCW CA . 5.10 3.88 -2.21
C16 PCW CA . 5.32 3.67 -0.67
C17 PCW CA . 4.67 4.72 0.29
C18 PCW CA . 5.63 5.23 1.36
C19 PCW CA . 5.35 6.69 1.78
C20 PCW CA . 6.18 7.74 1.42
C21 PCW CA . 7.44 7.80 0.63
C22 PCW CA . 8.60 7.96 1.64
C23 PCW CA . 9.64 9.08 1.36
C24 PCW CA . 9.58 10.30 2.24
C25 PCW CA . 10.79 10.69 3.14
C26 PCW CA . 10.44 11.30 4.50
C27 PCW CA . 11.61 11.76 5.38
C28 PCW CA . 11.20 12.97 6.18
C31 PCW CA . 0.11 -0.75 -7.67
C32 PCW CA . -0.43 -1.96 -6.87
C33 PCW CA . 0.19 -3.37 -7.28
C34 PCW CA . 0.14 -4.41 -6.15
C35 PCW CA . 1.30 -4.01 -5.15
C36 PCW CA . 1.37 -4.95 -3.92
C37 PCW CA . 2.48 -4.62 -2.88
C38 PCW CA . 2.00 -4.81 -1.48
C39 PCW CA . 3.05 -4.50 -0.45
C40 PCW CA . 3.24 -3.34 0.19
C41 PCW CA . 2.41 -2.10 -0.04
C42 PCW CA . 2.46 -1.23 1.30
C43 PCW CA . 1.90 0.20 1.27
C44 PCW CA . 2.07 0.77 2.66
C45 PCW CA . 2.39 2.24 2.71
C46 PCW CA . 3.00 2.70 4.01
C47 PCW CA . 2.78 4.14 4.39
C48 PCW CA . 3.45 4.48 5.73
N PCW CA . -6.07 1.34 -7.04
O2 PCW CA . -0.47 0.35 -7.20
O3 PCW CA . 1.22 2.25 -5.89
O11 PCW CA . -0.13 2.53 -4.08
O31 PCW CA . 0.93 -0.82 -8.62
O1P PCW CA . -4.19 2.78 -8.92
O2P PCW CA . -3.23 2.23 -11.16
O3P PCW CA . -2.27 1.16 -9.03
O4P PCW CA . -4.42 0.50 -9.98
P PCW CA . -3.55 1.74 -9.80
C1 PCW DA . 7.76 18.51 -32.38
C2 PCW DA . 8.71 19.53 -31.65
C3 PCW DA . 9.71 20.17 -32.68
C4 PCW DA . 5.56 14.83 -30.90
C5 PCW DA . 5.62 13.48 -31.59
C6 PCW DA . 7.85 12.75 -31.03
C7 PCW DA . 6.29 11.18 -31.74
C8 PCW DA . 6.04 12.02 -29.64
C11 PCW DA . 11.84 21.26 -32.47
C12 PCW DA . 12.57 22.27 -31.62
C13 PCW DA . 12.70 23.60 -32.45
C14 PCW DA . 13.42 24.74 -31.74
C15 PCW DA . 14.87 25.03 -32.21
C16 PCW DA . 14.89 26.17 -33.30
C17 PCW DA . 16.12 27.15 -33.31
C18 PCW DA . 15.78 28.56 -33.80
C19 PCW DA . 14.88 29.35 -32.81
C20 PCW DA . 15.40 29.99 -31.70
C21 PCW DA . 16.78 30.12 -31.16
C22 PCW DA . 16.89 29.16 -29.94
C23 PCW DA . 18.11 28.20 -29.90
C24 PCW DA . 19.46 28.82 -29.73
C25 PCW DA . 20.72 27.95 -29.44
C26 PCW DA . 22.06 28.55 -29.82
C27 PCW DA . 23.24 27.59 -30.08
C28 PCW DA . 24.55 28.31 -29.88
C31 PCW DA . 7.15 21.36 -31.86
C32 PCW DA . 6.43 22.42 -31.03
C33 PCW DA . 7.22 23.80 -30.85
C34 PCW DA . 7.12 24.38 -29.45
C35 PCW DA . 8.34 25.39 -29.32
C36 PCW DA . 9.57 24.75 -28.63
C37 PCW DA . 10.82 25.68 -28.47
C38 PCW DA . 11.67 25.29 -27.30
C39 PCW DA . 12.87 26.18 -27.12
C40 PCW DA . 13.15 26.92 -26.07
C41 PCW DA . 12.29 27.00 -24.82
C42 PCW DA . 13.24 26.77 -23.55
C43 PCW DA . 12.74 27.21 -22.18
C44 PCW DA . 13.83 26.86 -21.18
C45 PCW DA . 14.21 27.96 -20.23
C46 PCW DA . 15.67 27.99 -19.88
C47 PCW DA . 16.45 29.19 -20.38
C48 PCW DA . 17.93 29.09 -19.95
N PCW DA . 6.42 12.42 -31.03
O2 PCW DA . 7.92 20.64 -31.02
O3 PCW DA . 10.57 21.10 -32.00
O11 PCW DA . 12.31 20.68 -33.42
O31 PCW DA . 7.05 21.20 -33.11
O1P PCW DA . 4.22 17.24 -31.80
O2P PCW DA . 5.75 17.00 -33.77
O3P PCW DA . 6.56 18.18 -31.64
O4P PCW DA . 6.25 15.77 -31.77
P PCW DA . 5.62 17.05 -32.29
C1 PCW EA . -0.91 -2.49 -2.83
C2 PCW EA . -1.83 -1.69 -1.82
C3 PCW EA . -1.21 -1.71 -0.39
C4 PCW EA . -4.81 -4.29 -2.44
C5 PCW EA . -5.53 -3.23 -1.61
C6 PCW EA . -8.02 -3.03 -1.11
C7 PCW EA . -6.51 -4.09 0.49
C8 PCW EA . -6.52 -2.32 -0.07
C11 PCW EA . -3.09 -1.64 1.11
C12 PCW EA . -3.83 -0.68 2.00
C13 PCW EA . -3.25 -0.81 3.46
C14 PCW EA . -3.91 0.11 4.50
C15 PCW EA . -3.56 -0.20 5.99
C16 PCW EA . -2.04 0.03 6.28
C17 PCW EA . -1.36 -0.90 7.35
C18 PCW EA . 0.10 -0.56 7.61
C19 PCW EA . 0.50 -0.74 9.10
C20 PCW EA . 1.24 0.21 9.78
C21 PCW EA . 1.81 1.52 9.38
C22 PCW EA . 3.31 1.49 9.79
C23 PCW EA . 3.72 2.41 10.97
C24 PCW EA . 3.78 3.88 10.70
C25 PCW EA . 5.12 4.60 10.36
C26 PCW EA . 5.78 5.37 11.48
C27 PCW EA . 7.23 5.85 11.27
C28 PCW EA . 8.19 4.94 12.00
C31 PCW EA . -3.09 0.04 -2.86
C32 PCW EA . -3.05 1.53 -3.22
C33 PCW EA . -3.92 2.48 -2.28
C34 PCW EA . -3.79 3.96 -2.61
C35 PCW EA . -4.60 4.71 -1.47
C36 PCW EA . -5.07 6.12 -1.90
C37 PCW EA . -5.88 6.91 -0.82
C38 PCW EA . -5.05 7.97 -0.17
C39 PCW EA . -5.81 8.75 0.87
C40 PCW EA . -6.09 10.05 0.86
C41 PCW EA . -5.66 11.01 -0.24
C42 PCW EA . -5.45 12.45 0.40
C43 PCW EA . -4.95 13.58 -0.48
C44 PCW EA . -4.85 14.82 0.40
C45 PCW EA . -3.51 15.50 0.40
C46 PCW EA . -2.90 15.64 1.77
C47 PCW EA . -1.81 14.66 2.13
C48 PCW EA . -1.29 14.92 3.55
N PCW EA . -6.68 -3.59 -0.84
O2 PCW EA . -1.94 -0.27 -2.24
O3 PCW EA . -2.06 -0.98 0.51
O11 PCW EA . -3.36 -2.80 0.96
O31 PCW EA . -4.03 -0.76 -3.13
O1P PCW EA . -2.86 -5.50 -4.23
O2P PCW EA . -1.39 -5.40 -2.22
O3P PCW EA . -1.63 -3.34 -3.75
O4P PCW EA . -3.38 -4.07 -2.23
P PCW EA . -2.31 -4.66 -3.11
C1 PCW FA . -27.71 17.97 -17.94
C2 PCW FA . -28.37 18.27 -16.53
C3 PCW FA . -29.58 17.31 -16.28
C4 PCW FA . -27.36 17.83 -21.42
C5 PCW FA . -28.13 17.51 -22.70
C6 PCW FA . -28.97 18.29 -24.98
C7 PCW FA . -26.86 19.15 -24.08
C8 PCW FA . -27.27 17.41 -24.56
C11 PCW FA . -30.42 16.56 -14.15
C12 PCW FA . -30.99 17.10 -12.86
C13 PCW FA . -32.45 17.59 -13.12
C14 PCW FA . -33.19 18.18 -11.90
C15 PCW FA . -32.38 18.23 -10.57
C16 PCW FA . -32.31 19.69 -10.02
C17 PCW FA . -30.89 20.31 -9.78
C18 PCW FA . -30.73 20.97 -8.40
C19 PCW FA . -29.96 22.30 -8.46
C20 PCW FA . -30.43 23.48 -7.90
C21 PCW FA . -31.67 23.79 -7.15
C22 PCW FA . -31.24 24.44 -5.80
C23 PCW FA . -32.28 25.35 -5.09
C24 PCW FA . -33.56 24.71 -4.65
C25 PCW FA . -34.39 25.29 -3.48
C26 PCW FA . -35.90 25.23 -3.63
C27 PCW FA . -36.70 24.55 -2.50
C28 PCW FA . -37.81 25.46 -2.02
C31 PCW FA . -27.34 19.04 -14.54
C32 PCW FA . -26.28 18.67 -13.49
C33 PCW FA . -25.64 19.91 -12.71
C34 PCW FA . -25.19 19.56 -11.28
C35 PCW FA . -23.79 18.84 -11.44
C36 PCW FA . -23.69 17.53 -10.63
C37 PCW FA . -22.32 16.78 -10.75
C38 PCW FA . -21.54 16.86 -9.49
C39 PCW FA . -20.21 16.13 -9.58
C40 PCW FA . -19.43 15.75 -8.58
C41 PCW FA . -19.76 15.97 -7.11
C42 PCW FA . -18.68 17.01 -6.53
C43 PCW FA . -18.80 17.42 -5.07
C44 PCW FA . -17.66 18.40 -4.81
C45 PCW FA . -17.39 18.70 -3.36
C46 PCW FA . -16.43 19.84 -3.14
C47 PCW FA . -17.03 21.16 -2.70
C48 PCW FA . -15.95 22.22 -2.51
N PCW FA . -28.07 18.41 -23.80
O2 PCW FA . -27.39 18.06 -15.45
O3 PCW FA . -30.16 17.61 -14.99
O11 PCW FA . -30.23 15.40 -14.40
O31 PCW FA . -28.04 20.09 -14.55
O1P PCW FA . -25.58 16.08 -19.96
O2P PCW FA . -27.64 14.68 -19.65
O3P PCW FA . -27.14 16.64 -18.05
O4P PCW FA . -27.89 16.98 -20.37
P PCW FA . -27.02 16.03 -19.55
C1 PCW GA . 1.75 3.25 -15.23
C2 PCW GA . 3.27 3.66 -15.07
C3 PCW GA . 4.12 2.98 -16.20
C4 PCW GA . -1.38 3.70 -18.93
C5 PCW GA . -0.87 2.85 -20.09
C6 PCW GA . -1.89 3.49 -22.17
C7 PCW GA . 0.32 2.75 -22.16
C8 PCW GA . -0.07 4.83 -21.33
C11 PCW GA . 6.09 4.07 -17.04
C12 PCW GA . 7.52 4.35 -16.69
C13 PCW GA . 7.63 5.87 -16.29
C14 PCW GA . 9.05 6.32 -15.89
C15 PCW GA . 9.19 7.81 -15.45
C16 PCW GA . 10.12 7.93 -14.19
C17 PCW GA . 10.20 9.31 -13.47
C18 PCW GA . 10.85 9.25 -12.09
C19 PCW GA . 12.38 9.41 -12.15
C20 PCW GA . 13.22 8.80 -11.22
C21 PCW GA . 12.97 7.92 -10.06
C22 PCW GA . 14.18 6.95 -9.95
C23 PCW GA . 15.32 7.33 -8.96
C24 PCW GA . 16.48 8.08 -9.52
C25 PCW GA . 17.90 7.44 -9.57
C26 PCW GA . 18.85 7.83 -8.46
C27 PCW GA . 20.31 8.17 -8.84
C28 PCW GA . 21.14 8.41 -7.60
C31 PCW GA . 4.08 5.70 -14.20
C32 PCW GA . 4.17 7.21 -14.46
C33 PCW GA . 3.54 8.14 -13.32
C34 PCW GA . 4.23 9.51 -13.20
C35 PCW GA . 4.37 9.79 -11.65
C36 PCW GA . 5.84 9.91 -11.19
C37 PCW GA . 6.06 10.21 -9.67
C38 PCW GA . 7.39 10.83 -9.40
C39 PCW GA . 7.62 11.13 -7.94
C40 PCW GA . 8.56 10.63 -7.16
C41 PCW GA . 9.61 9.63 -7.63
C42 PCW GA . 10.96 9.92 -6.82
C43 PCW GA . 12.05 10.73 -7.49
C44 PCW GA . 13.19 10.83 -6.49
C45 PCW GA . 14.56 10.62 -7.08
C46 PCW GA . 15.65 10.53 -6.04
C47 PCW GA . 17.07 10.68 -6.54
C48 PCW GA . 18.07 10.56 -5.39
N PCW GA . -0.64 3.45 -21.37
O2 PCW GA . 3.42 5.13 -15.20
O3 PCW GA . 5.50 3.35 -16.04
O11 PCW GA . 5.54 4.43 -18.05
O31 PCW GA . 4.56 5.11 -13.18
O1P PCW GA . -1.18 3.75 -16.01
O2P PCW GA . 0.26 5.76 -16.45
O3P PCW GA . 1.25 3.38 -16.58
O4P PCW GA . -0.22 4.28 -18.29
P PCW GA . -0.03 4.34 -16.77
C1 PCW HA . -26.07 5.05 -3.90
C2 PCW HA . -26.84 6.21 -3.15
C3 PCW HA . -27.31 5.73 -1.74
C4 PCW HA . -28.99 6.58 -6.99
C5 PCW HA . -28.23 7.89 -7.14
C6 PCW HA . -29.14 8.83 -9.33
C7 PCW HA . -28.53 10.32 -7.50
C8 PCW HA . -27.43 9.21 -8.48
C11 PCW HA . -29.34 6.94 -1.32
C12 PCW HA . -29.87 8.10 -0.54
C13 PCW HA . -29.81 9.38 -1.45
C14 PCW HA . -30.33 10.66 -0.79
C15 PCW HA . -31.86 10.91 -0.91
C16 PCW HA . -32.50 11.12 0.51
C17 PCW HA . -32.43 12.56 1.11
C18 PCW HA . -33.53 12.83 2.15
C19 PCW HA . -34.22 14.21 1.96
C20 PCW HA . -33.98 15.28 2.80
C21 PCW HA . -33.12 15.45 3.99
C22 PCW HA . -32.75 16.95 4.05
C23 PCW HA . -31.51 17.36 4.91
C24 PCW HA . -30.38 18.03 4.19
C25 PCW HA . -29.05 18.37 4.92
C26 PCW HA . -27.79 17.77 4.33
C27 PCW HA . -26.76 18.74 3.70
C28 PCW HA . -26.31 18.23 2.36
C31 PCW HA . -26.35 8.50 -3.56
C32 PCW HA . -25.33 9.59 -3.26
C33 PCW HA . -25.93 11.07 -3.08
C34 PCW HA . -26.55 11.32 -1.70
C35 PCW HA . -25.33 11.45 -0.70
C36 PCW HA . -25.24 12.85 -0.06
C37 PCW HA . -24.06 13.06 0.93
C38 PCW HA . -23.28 14.30 0.63
C39 PCW HA . -22.14 14.52 1.59
C40 PCW HA . -21.91 15.59 2.35
C41 PCW HA . -22.80 16.81 2.38
C42 PCW HA . -21.89 18.09 2.68
C43 PCW HA . -21.72 18.54 4.11
C44 PCW HA . -20.81 19.76 4.10
C45 PCW HA . -19.56 19.63 4.91
C46 PCW HA . -18.63 20.81 4.78
C47 PCW HA . -18.71 21.85 5.88
C48 PCW HA . -17.72 22.99 5.62
N PCW HA . -28.79 8.96 -7.91
O2 PCW HA . -25.95 7.38 -2.95
O3 PCW HA . -28.01 6.79 -1.07
O11 PCW HA . -29.99 6.25 -2.05
O31 PCW HA . -27.40 8.63 -4.27
O1P PCW HA . -27.53 4.08 -7.27
O2P PCW HA . -28.38 3.67 -4.95
O3P PCW HA . -26.23 5.06 -5.33
O4P PCW HA . -28.45 5.91 -5.81
P PCW HA . -27.68 4.60 -5.87
C1 PCW IA . 8.82 -18.42 11.11
C2 PCW IA . 8.19 -17.93 12.47
C3 PCW IA . 9.30 -17.88 13.58
C4 PCW IA . 8.04 -21.47 7.50
C5 PCW IA . 6.92 -22.45 7.12
C6 PCW IA . 6.37 -23.17 4.88
C7 PCW IA . 6.74 -24.77 6.54
C8 PCW IA . 8.57 -23.68 5.72
C11 PCW IA . 9.53 -17.39 15.92
C12 PCW IA . 8.75 -16.90 17.11
C13 PCW IA . 8.79 -18.00 18.23
C14 PCW IA . 8.04 -17.66 19.51
C15 PCW IA . 6.99 -18.72 19.99
C16 PCW IA . 5.54 -18.12 19.95
C17 PCW IA . 4.83 -17.88 21.33
C18 PCW IA . 4.84 -16.42 21.78
C19 PCW IA . 3.59 -16.03 22.60
C20 PCW IA . 2.78 -14.97 22.25
C21 PCW IA . 2.83 -14.00 21.12
C22 PCW IA . 3.54 -12.71 21.67
C23 PCW IA . 4.65 -12.09 20.79
C24 PCW IA . 4.90 -10.63 20.98
C25 PCW IA . 5.36 -9.73 19.78
C26 PCW IA . 6.75 -9.13 19.87
C27 PCW IA . 6.86 -7.61 20.10
C28 PCW IA . 8.04 -7.31 20.98
C31 PCW IA . 6.45 -16.37 12.88
C32 PCW IA . 6.03 -14.91 12.64
C33 PCW IA . 7.23 -13.85 12.48
C34 PCW IA . 7.55 -13.09 13.76
C35 PCW IA . 8.64 -13.96 14.52
C36 PCW IA . 10.07 -13.37 14.39
C37 PCW IA . 11.19 -14.17 15.11
C38 PCW IA . 12.45 -14.21 14.30
C39 PCW IA . 13.55 -14.99 14.98
C40 PCW IA . 14.82 -14.61 15.13
C41 PCW IA . 15.38 -13.29 14.61
C42 PCW IA . 16.07 -12.54 15.84
C43 PCW IA . 15.24 -11.55 16.64
C44 PCW IA . 16.15 -10.98 17.72
C45 PCW IA . 16.05 -9.49 17.92
C46 PCW IA . 17.14 -8.71 17.23
C47 PCW IA . 16.72 -7.87 16.04
C48 PCW IA . 17.91 -7.14 15.43
N PCW IA . 7.14 -23.46 6.11
O2 PCW IA . 7.64 -16.55 12.32
O3 PCW IA . 8.72 -17.44 14.83
O11 PCW IA . 10.71 -17.68 15.93
O31 PCW IA . 5.77 -17.23 13.49
O1P PCW IA . 10.04 -19.87 8.87
O2P PCW IA . 9.68 -21.53 10.69
O3P PCW IA . 8.12 -19.50 10.47
O4P PCW IA . 8.04 -21.41 8.95
P PCW IA . 9.05 -20.59 9.74
C1 17F JA . -2.58 -21.66 11.66
N1 17F JA . -3.59 -22.30 13.87
O1 17F JA . -0.69 -20.83 14.68
P1 17F JA . -0.83 -20.65 13.18
C2 17F JA . -3.74 -21.49 12.67
O2 17F JA . 0.45 -21.43 12.95
C3 17F JA . -5.07 -21.82 11.99
O3 17F JA . -1.37 -21.82 12.32
C4 17F JA . -0.03 -19.33 11.05
O4 17F JA . -5.89 -22.69 12.47
C5 17F JA . 0.93 -18.20 10.55
O5 17F JA . -5.42 -21.25 10.96
C6 17F JA . 0.30 -17.51 9.31
O6 17F JA . 0.06 -19.55 12.46
C7 17F JA . 0.82 -15.24 9.09
O7 17F JA . 1.12 -16.48 8.81
C8 17F JA . 1.87 -14.33 8.40
O8 17F JA . -0.08 -14.78 9.74
C9 17F JA . 2.71 -13.49 9.41
O9 17F JA . 1.25 -17.25 11.57
C10 17F JA . 3.78 -12.54 8.77
O10 17F JA . 3.53 -17.63 11.56
C11 17F JA . 3.32 -11.77 7.47
C12 17F JA . 4.44 -10.85 6.89
C17 17F JA . 2.44 -17.48 12.12
C18 17F JA . 2.36 -17.57 13.62
C19 17F JA . 2.54 -16.21 14.35
C20 17F JA . 2.86 -16.39 15.88
C1X 17F JA . 3.95 -10.14 5.62
C1Y 17F JA . 3.03 -15.02 16.57
C1Z 17F JA . 4.31 -14.99 17.42
C2X 17F JA . 5.06 -9.17 4.99
C21 17F JA . 4.50 -7.75 4.67
C22 17F JA . 4.45 -6.78 5.51
C23 17F JA . 4.90 -6.78 6.92
C24 17F JA . 3.99 -6.01 7.87
C25 17F JA . 4.41 -5.99 9.33
C26 17F JA . 4.33 -4.55 10.05
C27 17F JA . 4.74 -4.56 11.51
C28 17F JA . 4.59 -3.08 12.05
C29 17F JA . 5.85 -2.69 12.72
C30 17F JA . 5.85 -1.31 13.30
C31 17F JA . 5.33 -13.84 17.11
C32 17F JA . 6.61 -13.85 17.99
C33 17F JA . 7.40 -12.56 17.76
C34 17F JA . 8.53 -12.26 18.35
C35 17F JA . 9.29 -13.09 19.36
C36 17F JA . 10.58 -13.77 18.80
C37 17F JA . 11.50 -14.04 19.95
C38 17F JA . 12.62 -15.08 19.64
C39 17F JA . 13.53 -15.29 20.87
C40 17F JA . 14.80 -14.45 20.74
C41 17F JA . 15.08 -13.66 22.09
C42 17F JA . 15.23 -12.14 22.04
C1 17F KA . -4.10 7.20 -20.01
N1 17F KA . -2.77 8.11 -21.93
O1 17F KA . -0.88 7.07 -19.09
P1 17F KA . -2.19 7.31 -18.35
C2 17F KA . -3.51 6.97 -21.40
O2 17F KA . -2.83 6.10 -17.72
C3 17F KA . -4.63 6.58 -22.39
O3 17F KA . -3.27 7.98 -19.23
C4 17F KA . -3.08 8.70 -16.33
O4 17F KA . -4.83 7.21 -23.49
C5 17F KA . -2.70 9.73 -15.22
O5 17F KA . -5.38 5.64 -22.15
C6 17F KA . -1.91 9.00 -14.09
O6 17F KA . -1.99 8.33 -17.15
C7 17F KA . -1.09 9.44 -11.93
O7 17F KA . -1.53 9.90 -13.06
C8 17F KA . -0.75 10.64 -11.02
O8 17F KA . -0.93 8.30 -11.57
C9 17F KA . 0.76 10.96 -10.97
O9 17F KA . -1.97 10.85 -15.73
C10 17F KA . 1.17 12.18 -10.06
O10 17F KA . -3.72 12.06 -16.62
C11 17F KA . 0.73 12.05 -8.55
C12 17F KA . 1.19 13.31 -7.71
C17 17F KA . -2.74 11.91 -15.88
C18 17F KA . -2.28 13.06 -15.01
C19 17F KA . -2.81 13.02 -13.55
C20 17F KA . -3.70 14.27 -13.20
C1X 17F KA . 0.76 13.16 -6.25
C1Y 17F KA . -4.20 14.18 -11.74
C1Z 17F KA . -5.66 14.65 -11.64
C2X 17F KA . 1.21 14.44 -5.37
C21 17F KA . 0.97 14.22 -3.83
C22 17F KA . 1.86 14.45 -2.93
C23 17F KA . 3.24 14.94 -3.12
C24 17F KA . 4.31 14.08 -2.45
C25 17F KA . 5.75 14.54 -2.62
C26 17F KA . 6.39 14.28 -4.07
C27 17F KA . 7.82 14.75 -4.23
C28 17F KA . 8.26 14.40 -5.71
C29 17F KA . 9.74 14.39 -5.76
C30 17F KA . 10.31 14.08 -7.10
C31 17F KA . -5.91 16.12 -11.18
C32 17F KA . -7.39 16.57 -11.08
C33 17F KA . -7.47 18.09 -11.17
C34 17F KA . -8.60 18.79 -11.13
C35 17F KA . -10.00 18.24 -10.96
C36 17F KA . -10.78 18.79 -9.73
C37 17F KA . -10.74 17.77 -8.66
C38 17F KA . -10.25 18.29 -7.28
C39 17F KA . -10.24 17.19 -6.22
C40 17F KA . -9.04 17.36 -5.28
C41 17F KA . -8.07 16.12 -5.38
C42 17F KA . -7.44 15.56 -4.10
C1 17F LA . 8.42 -14.22 1.91
N1 17F LA . 7.45 -15.20 -0.19
O1 17F LA . 11.11 -15.25 2.37
P1 17F LA . 10.06 -15.39 3.44
C2 17F LA . 7.16 -14.57 1.09
O2 17F LA . 10.03 -16.69 4.20
C3 17F LA . 6.33 -13.28 0.86
O3 17F LA . 8.63 -15.18 2.90
C4 17F LA . 9.30 -14.19 5.67
O4 17F LA . 5.98 -12.88 -0.31
C5 17F LA . 9.60 -13.00 6.64
O5 17F LA . 5.97 -12.59 1.81
C6 17F LA . 9.89 -13.57 8.07
O6 17F LA . 10.19 -14.26 4.55
C7 17F LA . 10.69 -12.87 10.14
O7 17F LA . 10.17 -12.55 9.00
C8 17F LA . 10.87 -11.58 10.98
O8 17F LA . 11.00 -13.94 10.59
C9 17F LA . 12.27 -11.45 11.64
O9 17F LA . 10.67 -12.16 6.20
C10 17F LA . 12.51 -10.16 12.50
O10 17F LA . 10.02 -10.20 7.22
C11 17F LA . 12.30 -10.36 14.05
C12 17F LA . 12.56 -9.04 14.86
C17 17F LA . 10.34 -10.89 6.23
C18 17F LA . 10.38 -10.24 4.87
C19 17F LA . 11.28 -8.97 4.79
C20 17F LA . 10.45 -7.65 5.02
C1X 17F LA . 12.33 -9.29 16.36
C1Y 17F LA . 11.38 -6.41 4.94
C1Z 17F LA . 11.56 -5.77 6.33
C2X 17F LA . 12.59 -7.97 17.24
C21 17F LA . 11.47 -7.75 18.30
C22 17F LA . 11.63 -7.12 19.42
C23 17F LA . 12.85 -6.48 19.91
C24 17F LA . 12.64 -5.53 21.08
C25 17F LA . 13.88 -4.85 21.64
C26 17F LA . 14.02 -3.29 21.28
C27 17F LA . 15.27 -2.62 21.84
C28 17F LA . 15.25 -1.11 21.40
C29 17F LA . 16.52 -0.80 20.71
C30 17F LA . 16.64 0.61 20.23
C31 17F LA . 13.01 -5.78 6.92
C32 17F LA . 13.17 -5.13 8.32
C33 17F LA . 13.89 -3.78 8.17
C34 17F LA . 14.18 -2.96 9.17
C35 17F LA . 13.88 -3.18 10.64
C36 17F LA . 15.09 -3.67 11.47
C37 17F LA . 15.35 -2.70 12.57
C38 17F LA . 16.83 -2.27 12.72
C39 17F LA . 17.02 -1.27 13.86
C40 17F LA . 17.69 0.01 13.35
C41 17F LA . 17.52 1.19 14.38
C42 17F LA . 18.17 2.54 14.08
C1 17F MA . 16.86 -4.23 -18.14
N1 17F MA . 17.28 -3.03 -20.29
O1 17F MA . 19.75 -2.19 -17.24
P1 17F MA . 18.75 -3.23 -16.77
C2 17F MA . 17.35 -4.30 -19.59
O2 17F MA . 19.19 -4.67 -16.85
C3 17F MA . 16.56 -5.36 -20.37
O3 17F MA . 17.38 -3.12 -17.50
C4 17F MA . 17.43 -3.87 -14.60
O4 17F MA . 15.94 -5.09 -21.48
C5 17F MA . 17.16 -3.50 -13.11
O5 17F MA . 16.48 -6.52 -19.96
C6 17F MA . 16.00 -4.37 -12.57
O6 17F MA . 18.35 -3.01 -15.24
C7 17F MA . 14.69 -3.29 -10.96
O7 17F MA . 15.70 -4.07 -11.21
C8 17F MA . 14.58 -3.10 -9.43
O8 17F MA . 13.92 -2.74 -11.72
C9 17F MA . 14.50 -1.62 -9.01
O9 17F MA . 18.33 -3.61 -12.29
C10 17F MA . 14.38 -1.35 -7.46
O10 17F MA . 18.27 -2.06 -10.59
C11 17F MA . 12.92 -1.49 -6.88
C12 17F MA . 12.88 -1.22 -5.33
C17 17F MA . 18.64 -2.48 -11.70
C18 17F MA . 19.57 -1.63 -12.54
C19 17F MA . 21.04 -1.63 -12.07
C20 17F MA . 21.64 -0.18 -11.97
C1X 17F MA . 11.44 -1.36 -4.80
C1Y 17F MA . 23.11 -0.22 -11.50
C1Z 17F MA . 23.68 1.20 -11.43
C2X 17F MA . 11.35 -1.09 -3.22
C21 17F MA . 11.96 -2.26 -2.37
C22 17F MA . 13.09 -2.18 -1.75
C23 17F MA . 14.02 -1.05 -1.71
C24 17F MA . 15.23 -1.17 -2.62
C25 17F MA . 16.21 -0.01 -2.61
C26 17F MA . 17.43 -0.13 -1.58
C27 17F MA . 18.39 1.03 -1.59
C28 17F MA . 19.50 0.72 -0.52
C29 17F MA . 19.15 1.43 0.73
C30 17F MA . 20.12 1.22 1.85
C31 17F MA . 23.66 1.91 -10.03
C32 17F MA . 24.24 3.35 -10.00
C33 17F MA . 23.19 4.31 -9.48
C34 17F MA . 23.36 5.62 -9.33
C35 17F MA . 24.61 6.41 -9.62
C36 17F MA . 24.36 7.81 -10.27
C37 17F MA . 24.81 8.85 -9.33
C38 17F MA . 24.11 10.22 -9.48
C39 17F MA . 24.64 11.25 -8.47
C40 17F MA . 23.61 12.36 -8.23
C41 17F MA . 23.18 12.42 -6.71
C42 17F MA . 21.77 11.97 -6.32
C1 17F NA . 10.50 6.40 -27.87
N1 17F NA . 9.56 5.64 -25.66
O1 17F NA . 9.17 8.64 -29.01
P1 17F NA . 10.05 8.90 -27.79
C2 17F NA . 9.43 5.58 -27.11
O2 17F NA . 11.14 9.92 -27.96
C3 17F NA . 9.49 4.11 -27.56
O3 17F NA . 10.72 7.62 -27.25
C4 17F NA . 9.79 9.71 -25.30
O4 17F NA . 9.63 3.13 -26.75
C5 17F NA . 8.77 10.21 -24.22
O5 17F NA . 9.39 3.82 -28.75
C6 17F NA . 9.10 9.52 -22.86
O6 17F NA . 9.19 9.41 -26.56
C7 17F NA . 7.08 9.29 -21.67
O7 17F NA . 8.20 9.94 -21.83
C8 17F NA . 6.32 9.95 -20.51
O8 17F NA . 6.63 8.35 -22.27
C9 17F NA . 5.22 10.95 -20.99
O9 17F NA . 8.75 11.64 -24.10
C10 17F NA . 4.40 11.66 -19.85
O10 17F NA . 6.51 11.82 -24.59
C11 17F NA . 5.06 13.00 -19.32
C12 17F NA . 4.19 13.67 -18.19
C17 17F NA . 7.53 12.11 -23.96
C18 17F NA . 7.45 13.15 -22.85
C19 17F NA . 8.49 14.30 -22.97
C20 17F NA . 7.88 15.61 -23.60
C1X 17F NA . 4.87 14.96 -17.69
C1Y 17F NA . 8.94 16.73 -23.69
C1Z 17F NA . 8.31 18.08 -24.01
C2X 17F NA . 4.02 15.68 -16.54
C21 17F NA . 4.78 15.67 -15.16
C22 17F NA . 5.66 16.54 -14.79
C23 17F NA . 6.14 17.70 -15.56
C24 17F NA . 6.62 18.86 -14.71
C25 17F NA . 7.12 20.08 -15.46
C26 17F NA . 6.78 21.50 -14.79
C27 17F NA . 7.29 22.70 -15.54
C28 17F NA . 6.85 23.99 -14.74
C29 17F NA . 6.35 25.00 -15.69
C30 17F NA . 5.90 26.29 -15.07
C31 17F NA . 9.25 19.33 -23.99
C32 17F NA . 8.57 20.69 -24.32
C33 17F NA . 9.65 21.75 -24.49
C34 17F NA . 9.44 23.03 -24.78
C35 17F NA . 8.10 23.71 -24.99
C36 17F NA . 7.87 24.97 -24.12
C37 17F NA . 8.30 26.16 -24.89
C38 17F NA . 8.20 27.51 -24.11
C39 17F NA . 8.67 28.69 -24.97
C40 17F NA . 7.50 29.26 -25.79
C41 17F NA . 8.04 30.00 -27.08
C42 17F NA . 8.42 29.17 -28.31
C1 17F OA . 17.64 -20.81 0.25
N1 17F OA . 15.46 -21.51 1.28
O1 17F OA . 18.77 -18.05 1.06
P1 17F OA . 19.32 -19.39 1.49
C2 17F OA . 16.12 -20.60 0.35
O2 17F OA . 20.52 -19.91 0.74
C3 17F OA . 15.49 -20.75 -1.05
O3 17F OA . 18.26 -20.53 1.46
C4 17F OA . 20.33 -20.54 3.62
O4 17F OA . 14.53 -21.57 -1.29
C5 17F OA . 20.74 -20.32 5.11
O5 17F OA . 15.89 -20.08 -2.00
C6 17F OA . 22.20 -20.79 5.31
O6 17F OA . 19.79 -19.38 3.01
C7 17F OA . 23.31 -19.56 6.97
O7 17F OA . 22.63 -20.62 6.66
C8 17F OA . 23.65 -19.63 8.47
O8 17F OA . 23.68 -18.63 6.29
C9 17F OA . 23.14 -18.41 9.28
O9 17F OA . 20.56 -18.97 5.53
C10 17F OA . 23.47 -18.43 10.81
O10 17F OA . 18.66 -19.56 6.71
C11 17F OA . 24.70 -17.54 11.24
C12 17F OA . 24.97 -17.62 12.79
C17 17F OA . 19.65 -18.85 6.48
C18 17F OA . 19.89 -17.63 7.34
C19 17F OA . 19.73 -16.27 6.61
C20 17F OA . 21.09 -15.75 6.01
C1X 17F OA . 26.16 -16.73 13.16
C1Y 17F OA . 20.88 -14.40 5.28
C1Z 17F OA . 21.14 -13.23 6.24
C2X 17F OA . 26.49 -16.77 14.73
C21 17F OA . 25.24 -16.42 15.60
C22 17F OA . 24.93 -15.24 16.01
C23 17F OA . 25.66 -13.99 15.75
C24 17F OA . 26.37 -13.41 16.97
C25 17F OA . 27.14 -12.11 16.74
C26 17F OA . 26.79 -10.92 17.75
C27 17F OA . 27.56 -9.64 17.52
C28 17F OA . 27.08 -8.59 18.59
C29 17F OA . 26.75 -7.32 17.91
C30 17F OA . 26.27 -6.22 18.82
C31 17F OA . 20.84 -11.79 5.69
C32 17F OA . 21.11 -10.63 6.68
C33 17F OA . 19.82 -10.33 7.45
C34 17F OA . 19.70 -9.39 8.37
C35 17F OA . 20.77 -8.44 8.86
C36 17F OA . 20.64 -6.99 8.28
C37 17F OA . 20.55 -6.03 9.41
C38 17F OA . 19.97 -4.63 9.03
C39 17F OA . 19.92 -3.70 10.24
C40 17F OA . 20.97 -2.58 10.11
C41 17F OA . 20.45 -1.25 10.80
C42 17F OA . 21.22 0.05 10.55
C1 17F PA . -19.23 -5.25 4.10
N1 17F PA . -19.78 -6.56 2.04
O1 17F PA . -15.47 -5.83 4.07
P1 17F PA . -16.77 -5.41 4.72
C2 17F PA . -19.91 -6.49 3.49
O2 17F PA . -17.33 -6.35 5.77
C3 17F PA . -21.39 -6.52 3.87
O3 17F PA . -17.91 -5.14 3.70
C4 17F PA . -17.67 -3.39 6.18
O4 17F PA . -22.34 -6.59 3.00
C5 17F PA . -17.29 -2.04 6.85
O5 17F PA . -21.75 -6.47 5.05
C6 17F PA . -15.75 -1.89 6.92
O6 17F PA . -16.60 -4.02 5.48
C7 17F PA . -14.33 -0.66 8.29
O7 17F PA . -15.37 -0.67 7.52
C8 17F PA . -14.12 0.79 8.79
O8 17F PA . -13.59 -1.55 8.63
C9 17F PA . -13.53 0.86 10.23
O9 17F PA . -17.90 -0.92 6.19
C10 17F PA . -13.31 2.30 10.79
O10 17F PA . -19.98 -0.90 7.18
C11 17F PA . -11.84 2.59 11.27
C12 17F PA . -11.67 4.05 11.82
C17 17F PA . -18.87 -0.40 6.90
C18 17F PA . -18.55 0.98 7.42
C19 17F PA . -18.78 1.18 8.94
C20 17F PA . -17.88 2.34 9.52
C1X 17F PA . -10.23 4.29 12.28
C1Y 17F PA . -18.14 2.51 11.04
C1Z 17F PA . -17.04 1.83 11.86
C2X 17F PA . -10.02 5.78 12.85
C21 17F PA . -9.21 5.81 14.18
C22 17F PA . -8.08 6.42 14.34
C23 17F PA . -7.35 7.21 13.34
C24 17F PA . -6.17 6.49 12.70
C25 17F PA . -5.38 7.26 11.65
C26 17F PA . -4.92 8.73 12.08
C27 17F PA . -4.14 9.49 11.03
C28 17F PA . -3.78 10.90 11.63
C29 17F PA . -2.37 10.86 12.11
C30 17F PA . -1.89 12.14 12.72
C31 17F PA . -16.50 2.61 13.12
C32 17F PA . -15.39 1.89 13.92
C33 17F PA . -14.76 2.88 14.88
C34 17F PA . -13.76 2.59 15.72
C35 17F PA . -13.07 1.26 15.90
C36 17F PA . -11.71 1.13 15.14
C37 17F PA . -11.66 -0.20 14.49
C38 17F PA . -10.59 -0.35 13.38
C39 17F PA . -10.60 -1.76 12.77
C40 17F PA . -9.44 -2.59 13.33
C41 17F PA . -9.96 -3.95 13.93
C42 17F PA . -9.12 -5.21 13.75
C1 17F QA . 3.90 -3.07 -15.64
N1 17F QA . 6.08 -2.11 -16.42
O1 17F QA . 1.72 -0.84 -14.02
P1 17F QA . 3.13 -0.90 -14.56
C2 17F QA . 5.40 -3.30 -15.93
O2 17F QA . 3.34 -0.41 -15.97
C3 17F QA . 5.56 -4.45 -16.93
O3 17F QA . 3.75 -2.32 -14.49
C4 17F QA . 5.51 0.08 -13.99
O4 17F QA . 6.22 -4.31 -18.04
C5 17F QA . 6.30 0.98 -13.01
O5 17F QA . 5.07 -5.55 -16.73
C6 17F QA . 7.76 1.15 -13.49
O6 17F QA . 4.13 -0.03 -13.68
C7 17F QA . 9.27 2.91 -13.13
O7 17F QA . 8.53 1.97 -12.62
C8 17F QA . 10.00 3.62 -11.97
O8 17F QA . 9.44 3.23 -14.28
C9 17F QA . 9.21 4.82 -11.39
O9 17F QA . 5.67 2.25 -12.79
C10 17F QA . 9.91 5.59 -10.20
O10 17F QA . 6.17 2.97 -10.66
C11 17F QA . 9.58 5.03 -8.76
C12 17F QA . 10.31 5.84 -7.63
C17 17F QA . 5.43 2.47 -11.52
C18 17F QA . 4.03 2.04 -11.12
C19 17F QA . 3.29 3.00 -10.16
C20 17F QA . 2.38 4.04 -10.93
C1X 17F QA . 9.96 5.26 -6.25
C1Y 17F QA . 1.67 4.99 -9.94
C1Z 17F QA . 2.69 5.87 -9.21
C2X 17F QA . 10.68 6.07 -5.06
C21 17F QA . 12.17 5.63 -4.88
C22 17F QA . 13.08 6.34 -4.30
C23 17F QA . 12.93 7.67 -3.70
C24 17F QA . 13.16 7.73 -2.19
C25 17F QA . 13.01 9.07 -1.53
C26 17F QA . 13.73 9.24 -0.11
C27 17F QA . 13.57 10.60 0.54
C28 17F QA . 14.33 10.57 1.91
C29 17F QA . 14.57 11.94 2.36
C30 17F QA . 15.30 12.06 3.66
C31 17F QA . 2.78 5.70 -7.64
C32 17F QA . 3.82 6.61 -6.94
C33 17F QA . 4.98 5.75 -6.45
C34 17F QA . 6.04 6.21 -5.80
C35 17F QA . 6.33 7.64 -5.42
C36 17F QA . 6.99 7.83 -4.03
C37 17F QA . 7.33 9.26 -3.84
C38 17F QA . 8.81 9.55 -3.49
C39 17F QA . 9.06 11.06 -3.31
C40 17F QA . 9.44 11.37 -1.85
C41 17F QA . 10.13 12.79 -1.75
C42 17F QA . 10.75 13.23 -0.42
C1 PCW RA . 6.13 12.66 29.43
C2 PCW RA . 5.45 11.25 29.63
C3 PCW RA . 4.10 11.18 28.86
C4 PCW RA . 10.85 12.42 30.74
C5 PCW RA . 11.49 12.01 32.06
C6 PCW RA . 13.24 13.87 31.95
C7 PCW RA . 12.97 12.53 33.98
C8 PCW RA . 13.53 11.97 32.31
C11 PCW RA . 2.85 9.64 30.23
C12 PCW RA . 2.31 8.23 30.23
C13 PCW RA . 0.77 8.30 29.90
C14 PCW RA . 0.05 6.95 29.86
C15 PCW RA . -1.41 6.96 29.31
C16 PCW RA . -2.15 5.62 29.67
C17 PCW RA . -2.83 4.84 28.49
C18 PCW RA . -4.36 4.97 28.47
C19 PCW RA . -5.04 3.89 27.62
C20 PCW RA . -6.26 3.32 27.98
C21 PCW RA . -7.17 3.54 29.12
C22 PCW RA . -8.19 2.36 29.10
C23 PCW RA . -7.98 1.22 30.13
C24 PCW RA . -8.98 0.11 30.14
C25 PCW RA . -9.13 -0.84 28.91
C26 PCW RA . -8.79 -2.30 29.15
C27 PCW RA . -8.09 -3.08 28.01
C28 PCW RA . -8.22 -4.56 28.24
C31 PCW RA . 6.97 9.49 30.03
C32 PCW RA . 7.83 8.42 29.32
C33 PCW RA . 7.50 6.90 29.69
C34 PCW RA . 7.61 5.94 28.51
C35 PCW RA . 6.18 5.95 27.82
C36 PCW RA . 5.41 4.64 28.08
C37 PCW RA . 3.99 4.57 27.43
C38 PCW RA . 2.93 4.27 28.45
C39 PCW RA . 1.55 4.18 27.84
C40 PCW RA . 0.78 3.11 27.77
C41 PCW RA . 1.16 1.74 28.31
C42 PCW RA . 0.94 0.68 27.14
C43 PCW RA . 2.04 -0.34 26.86
C44 PCW RA . 1.54 -1.22 25.72
C45 PCW RA . 2.56 -2.20 25.18
C46 PCW RA . 2.97 -1.92 23.76
C47 PCW RA . 2.69 -3.01 22.75
C48 PCW RA . 3.15 -2.60 21.34
N PCW RA . 12.43 12.89 32.69
O2 PCW RA . 6.34 10.19 29.09
O3 PCW RA . 3.49 9.89 29.06
O11 PCW RA . 2.73 10.42 31.13
O31 PCW RA . 6.88 9.64 31.28
O1P PCW RA . 8.90 14.54 30.34
O2P PCW RA . 7.52 13.14 31.88
O3P PCW RA . 7.57 12.62 29.35
O4P PCW RA . 9.43 12.12 30.84
P PCW RA . 8.35 13.17 30.65
C1 PCW SA . 10.63 23.34 20.09
C2 PCW SA . 9.68 22.20 19.59
C3 PCW SA . 10.01 21.83 18.10
C4 PCW SA . 6.75 24.22 21.87
C5 PCW SA . 5.74 24.26 20.72
C6 PCW SA . 4.40 22.34 21.73
C7 PCW SA . 3.77 23.29 19.55
C8 PCW SA . 5.33 22.39 19.99
C11 PCW SA . 8.90 20.69 16.31
C12 PCW SA . 7.98 19.52 16.05
C13 PCW SA . 6.54 19.92 16.53
C14 PCW SA . 5.47 18.83 16.33
C15 PCW SA . 4.42 18.69 17.48
C16 PCW SA . 4.22 17.18 17.88
C17 PCW SA . 2.93 16.46 17.33
C18 PCW SA . 2.75 15.06 17.91
C19 PCW SA . 1.27 14.60 17.90
C20 PCW SA . 0.57 14.35 19.08
C21 PCW SA . 0.94 14.45 20.50
C22 PCW SA . -0.04 13.54 21.29
C23 PCW SA . 0.46 12.12 21.68
C24 PCW SA . -0.07 11.55 22.96
C25 PCW SA . -0.18 10.00 23.16
C26 PCW SA . -0.08 9.50 24.58
C27 PCW SA . -1.04 8.38 25.03
C28 PCW SA . -0.28 7.08 25.16
C31 PCW SA . 8.85 20.65 21.19
C32 PCW SA . 9.22 19.37 21.96
C33 PCW SA . 8.07 18.25 22.01
C34 PCW SA . 8.11 17.41 23.29
C35 PCW SA . 7.93 15.91 22.82
C36 PCW SA . 8.95 14.95 23.48
C37 PCW SA . 8.84 13.46 23.06
C38 PCW SA . 9.70 13.12 21.89
C39 PCW SA . 9.60 11.68 21.47
C40 PCW SA . 8.87 11.18 20.48
C41 PCW SA . 7.99 12.01 19.56
C42 PCW SA . 6.48 11.49 19.73
C43 PCW SA . 5.36 12.35 19.17
C44 PCW SA . 4.06 11.62 19.46
C45 PCW SA . 3.30 11.14 18.25
C46 PCW SA . 2.41 9.97 18.51
C47 PCW SA . 0.92 10.21 18.38
C48 PCW SA . 0.13 8.92 18.69
N PCW SA . 4.57 23.43 20.75
O2 PCW SA . 9.89 20.97 20.41
O3 PCW SA . 9.15 20.78 17.65
O11 PCW SA . 9.36 21.42 15.47
O31 PCW SA . 7.76 21.27 21.28
O1P PCW SA . 9.50 23.47 22.56
O2P PCW SA . 9.85 25.95 22.53
O3P PCW SA . 9.97 24.59 20.35
O4P PCW SA . 7.87 25.07 21.48
P PCW SA . 9.32 24.76 21.81
C1 PCW TA . 15.89 28.18 10.53
C2 PCW TA . 15.54 26.81 9.83
C3 PCW TA . 16.11 25.61 10.67
C4 PCW TA . 13.45 26.34 13.14
C5 PCW TA . 12.08 25.66 13.09
C6 PCW TA . 11.25 23.28 12.72
C7 PCW TA . 12.03 24.00 14.94
C8 PCW TA . 10.57 24.62 13.99
C11 PCW TA . 14.86 23.56 10.59
C12 PCW TA . 14.66 22.33 9.74
C13 PCW TA . 15.75 21.28 10.15
C14 PCW TA . 15.71 19.96 9.38
C15 PCW TA . 14.56 18.99 9.77
C16 PCW TA . 13.72 18.58 8.50
C17 PCW TA . 14.31 17.44 7.60
C18 PCW TA . 13.68 17.40 6.20
C19 PCW TA . 14.61 17.99 5.11
C20 PCW TA . 14.32 17.93 3.76
C21 PCW TA . 13.17 17.34 3.01
C22 PCW TA . 12.76 18.39 1.94
C23 PCW TA . 13.48 18.33 0.57
C24 PCW TA . 12.83 17.48 -0.49
C25 PCW TA . 13.58 16.25 -1.09
C26 PCW TA . 13.10 15.76 -2.44
C27 PCW TA . 13.72 14.46 -2.98
C28 PCW TA . 13.37 14.29 -4.44
C31 PCW TA . 13.58 26.47 8.52
C32 PCW TA . 12.06 26.31 8.62
C33 PCW TA . 11.53 24.80 8.61
C34 PCW TA . 10.12 24.67 8.03
C35 PCW TA . 10.28 23.71 6.77
C36 PCW TA . 9.03 22.81 6.56
C37 PCW TA . 9.12 21.84 5.33
C38 PCW TA . 7.86 21.85 4.51
C39 PCW TA . 7.93 20.92 3.33
C40 PCW TA . 7.91 21.26 2.05
C41 PCW TA . 7.80 22.68 1.54
C42 PCW TA . 9.27 23.17 1.14
C43 PCW TA . 9.88 24.33 1.91
C44 PCW TA . 11.25 24.58 1.32
C45 PCW TA . 11.99 25.77 1.86
C46 PCW TA . 13.48 25.69 1.69
C47 PCW TA . 14.29 25.63 2.97
C48 PCW TA . 15.79 25.55 2.66
N PCW TA . 11.95 24.31 13.52
O2 PCW TA . 14.06 26.63 9.76
O3 PCW TA . 15.78 24.37 10.02
O11 PCW TA . 14.27 23.80 11.62
O31 PCW TA . 14.27 26.45 7.46
O1P PCW TA . 15.64 28.23 13.28
O2P PCW TA . 13.81 29.92 13.19
O3P PCW TA . 14.73 28.90 11.01
O4P PCW TA . 13.30 27.66 12.55
P PCW TA . 14.40 28.71 12.59
C1 PCW UA . 18.42 13.41 25.10
C2 PCW UA . 19.53 12.29 24.92
C3 PCW UA . 19.06 10.96 25.61
C4 PCW UA . 19.24 14.75 28.35
C5 PCW UA . 19.84 15.77 29.34
C6 PCW UA . 21.97 14.41 29.67
C7 PCW UA . 21.74 16.62 30.67
C8 PCW UA . 20.76 15.11 31.04
C11 PCW UA . 19.69 8.66 25.31
C12 PCW UA . 20.89 7.77 25.18
C13 PCW UA . 21.29 7.28 26.62
C14 PCW UA . 22.51 6.35 26.66
C15 PCW UA . 23.26 6.28 28.04
C16 PCW UA . 23.17 4.85 28.65
C17 PCW UA . 24.09 3.74 28.02
C18 PCW UA . 23.93 2.37 28.68
C19 PCW UA . 22.58 1.70 28.38
C20 PCW UA . 22.44 0.63 27.50
C21 PCW UA . 23.44 -0.10 26.68
C22 PCW UA . 22.75 -1.43 26.24
C23 PCW UA . 23.67 -2.55 25.68
C24 PCW UA . 23.16 -3.95 25.78
C25 PCW UA . 23.62 -5.04 24.76
C26 PCW UA . 22.86 -5.12 23.46
C27 PCW UA . 23.66 -5.21 22.14
C28 PCW UA . 23.31 -4.04 21.25
C31 PCW UA . 20.64 12.77 22.87
C32 PCW UA . 20.72 12.34 21.39
C33 PCW UA . 20.70 13.55 20.34
C34 PCW UA . 19.58 13.47 19.31
C35 PCW UA . 19.94 12.25 18.38
C36 PCW UA . 20.99 12.63 17.29
C37 PCW UA . 21.40 11.47 16.33
C38 PCW UA . 22.50 10.64 16.89
C39 PCW UA . 22.91 9.51 15.98
C40 PCW UA . 22.49 8.24 16.04
C41 PCW UA . 21.51 7.73 17.08
C42 PCW UA . 21.22 6.20 16.77
C43 PCW UA . 21.11 5.22 17.93
C44 PCW UA . 20.83 3.85 17.34
C45 PCW UA . 19.57 3.19 17.83
C46 PCW UA . 19.59 1.69 17.75
C47 PCW UA . 20.26 0.96 18.89
C48 PCW UA . 20.20 -0.56 18.67
N PCW UA . 21.20 15.67 29.73
O2 PCW UA . 19.72 12.00 23.47
O3 PCW UA . 20.09 9.95 25.44
O11 PCW UA . 18.55 8.29 25.31
O31 PCW UA . 21.32 13.67 23.41
O1P PCW UA . 21.04 14.55 26.10
O2P PCW UA . 20.18 16.83 25.59
O3P PCW UA . 18.88 14.74 24.80
O4P PCW UA . 18.95 15.47 27.13
P PCW UA . 19.84 15.42 25.90
C1 PCW VA . 15.92 33.56 8.11
C2 PCW VA . 14.94 32.57 7.36
C3 PCW VA . 13.71 32.24 8.25
C4 PCW VA . 18.55 30.88 6.14
C5 PCW VA . 18.19 29.42 6.38
C6 PCW VA . 16.13 28.73 5.04
C7 PCW VA . 18.20 27.44 4.88
C8 PCW VA . 17.13 27.68 6.37
C11 PCW VA . 13.28 30.09 7.26
C12 PCW VA . 12.18 29.34 6.53
C13 PCW VA . 12.54 29.33 5.01
C14 PCW VA . 11.54 28.60 4.12
C15 PCW VA . 10.14 29.29 3.96
C16 PCW VA . 9.55 29.02 2.53
C17 PCW VA . 10.05 29.95 1.37
C18 PCW VA . 10.94 29.21 0.35
C19 PCW VA . 10.33 29.20 -1.07
C20 PCW VA . 9.35 28.28 -1.46
C21 PCW VA . 8.68 27.18 -0.73
C22 PCW VA . 8.05 26.26 -1.82
C23 PCW VA . 6.76 25.49 -1.44
C24 PCW VA . 6.66 24.06 -1.90
C25 PCW VA . 5.46 23.16 -1.47
C26 PCW VA . 5.69 21.66 -1.50
C27 PCW VA . 5.54 20.93 -2.85
C28 PCW VA . 5.38 19.44 -2.63
C31 PCW VA . 14.98 32.77 4.99
C32 PCW VA . 14.34 33.54 3.81
C33 PCW VA . 13.07 32.83 3.15
C34 PCW VA . 11.82 32.85 4.03
C35 PCW VA . 11.06 34.19 3.66
C36 PCW VA . 10.04 34.00 2.53
C37 PCW VA . 9.26 35.29 2.12
C38 PCW VA . 8.60 35.16 0.79
C39 PCW VA . 7.84 36.39 0.38
C40 PCW VA . 6.59 36.45 -0.07
C41 PCW VA . 5.69 35.24 -0.24
C42 PCW VA . 4.81 35.46 -1.55
C43 PCW VA . 3.30 35.39 -1.43
C44 PCW VA . 2.73 35.64 -2.81
C45 PCW VA . 1.41 36.37 -2.84
C46 PCW VA . 0.21 35.45 -2.85
C47 PCW VA . -1.00 35.93 -3.61
C48 PCW VA . -2.14 34.91 -3.53
N PCW VA . 17.57 28.66 5.34
O2 PCW VA . 14.43 33.23 6.12
O3 PCW VA . 12.83 31.34 7.56
O11 PCW VA . 14.36 29.66 7.52
O31 PCW VA . 15.86 31.87 4.89
O1P PCW VA . 19.52 33.55 6.80
O2P PCW VA . 18.73 32.94 9.08
O3P PCW VA . 17.09 33.92 7.35
O4P PCW VA . 17.95 31.63 7.23
P PCW VA . 18.40 33.01 7.64
C1 PCW WA . 33.54 25.23 -1.65
C2 PCW WA . 33.19 24.93 -3.15
C3 PCW WA . 32.81 23.42 -3.34
C4 PCW WA . 35.42 28.63 -3.95
C5 PCW WA . 35.38 28.44 -5.47
C6 PCW WA . 34.77 30.81 -6.18
C7 PCW WA . 36.11 29.38 -7.65
C8 PCW WA . 34.36 29.11 -7.11
C11 PCW WA . 33.53 22.95 -5.58
C12 PCW WA . 32.98 22.73 -6.96
C13 PCW WA . 32.24 21.34 -6.99
C14 PCW WA . 31.62 20.97 -8.35
C15 PCW WA . 31.05 19.52 -8.45
C16 PCW WA . 32.16 18.46 -8.13
C17 PCW WA . 33.47 18.49 -9.00
C18 PCW WA . 33.22 18.21 -10.48
C19 PCW WA . 33.91 19.23 -11.41
C20 PCW WA . 34.63 18.85 -12.53
C21 PCW WA . 34.92 17.52 -13.12
C22 PCW WA . 34.37 17.54 -14.58
C23 PCW WA . 34.27 16.19 -15.34
C24 PCW WA . 33.53 16.20 -16.65
C25 PCW WA . 34.18 16.78 -17.93
C26 PCW WA . 33.30 17.65 -18.80
C27 PCW WA . 33.58 19.17 -18.85
C28 PCW WA . 32.41 19.92 -18.26
C31 PCW WA . 32.13 26.33 -4.76
C32 PCW WA . 30.84 27.11 -5.03
C33 PCW WA . 29.84 26.43 -6.08
C34 PCW WA . 28.75 25.59 -5.43
C35 PCW WA . 27.38 26.19 -5.95
C36 PCW WA . 26.15 25.65 -5.17
C37 PCW WA . 24.76 26.20 -5.62
C38 PCW WA . 23.64 25.57 -4.88
C39 PCW WA . 22.29 26.08 -5.30
C40 PCW WA . 21.10 25.52 -5.08
C41 PCW WA . 20.91 24.21 -4.34
C42 PCW WA . 19.96 23.27 -5.21
C43 PCW WA . 20.44 21.89 -5.60
C44 PCW WA . 19.33 21.24 -6.42
C45 PCW WA . 19.52 19.78 -6.71
C46 PCW WA . 18.29 19.10 -7.23
C47 PCW WA . 18.41 18.41 -8.57
C48 PCW WA . 17.08 17.75 -8.97
N PCW WA . 35.56 29.57 -6.32
O2 PCW WA . 32.00 25.73 -3.57
O3 PCW WA . 32.49 23.16 -4.71
O11 PCW WA . 34.69 22.94 -5.29
O31 PCW WA . 33.14 26.26 -5.52
O1P PCW WA . 35.81 28.22 -1.08
O2P PCW WA . 36.36 25.90 -1.80
O3P PCW WA . 33.91 26.61 -1.41
O4P PCW WA . 35.21 27.32 -3.36
P PCW WA . 35.40 27.02 -1.88
C1 PCW XA . 22.21 36.11 -4.22
C2 PCW XA . 21.01 35.48 -5.03
C3 PCW XA . 20.95 36.12 -6.46
C4 PCW XA . 20.64 34.94 -0.37
C5 PCW XA . 19.24 35.50 -0.13
C6 PCW XA . 18.64 34.08 1.72
C7 PCW XA . 17.83 33.58 -0.42
C8 PCW XA . 16.91 35.36 0.67
C11 PCW XA . 18.62 36.09 -7.04
C12 PCW XA . 17.64 35.36 -7.92
C13 PCW XA . 17.68 36.01 -9.35
C14 PCW XA . 16.74 35.38 -10.38
C15 PCW XA . 15.56 36.29 -10.86
C16 PCW XA . 15.29 36.08 -12.39
C17 PCW XA . 15.71 37.23 -13.36
C18 PCW XA . 16.24 36.73 -14.72
C19 PCW XA . 17.66 36.13 -14.61
C20 PCW XA . 18.37 35.71 -15.73
C21 PCW XA . 18.04 35.69 -17.18
C22 PCW XA . 18.65 34.38 -17.76
C23 PCW XA . 17.68 33.21 -18.07
C24 PCW XA . 16.78 33.39 -19.27
C25 PCW XA . 17.29 33.13 -20.71
C26 PCW XA . 16.78 34.06 -21.79
C27 PCW XA . 15.25 34.06 -22.07
C28 PCW XA . 14.97 34.72 -23.41
C31 PCW XA . 20.67 33.27 -4.24
C32 PCW XA . 20.96 31.78 -4.55
C33 PCW XA . 21.93 31.49 -5.79
C34 PCW XA . 21.22 30.87 -6.99
C35 PCW XA . 22.36 30.55 -8.04
C36 PCW XA . 22.48 29.04 -8.36
C37 PCW XA . 23.59 28.66 -9.39
C38 PCW XA . 23.03 27.86 -10.52
C39 PCW XA . 24.09 27.48 -11.54
C40 PCW XA . 23.89 27.10 -12.79
C41 PCW XA . 22.53 26.98 -13.45
C42 PCW XA . 22.69 26.14 -14.79
C43 PCW XA . 22.75 26.88 -16.11
C44 PCW XA . 22.90 25.83 -17.21
C45 PCW XA . 22.11 26.10 -18.46
C46 PCW XA . 20.91 25.21 -18.63
C47 PCW XA . 19.86 25.66 -19.63
C48 PCW XA . 18.69 24.66 -19.69
N PCW XA . 18.21 34.67 0.43
O2 PCW XA . 21.21 34.02 -5.21
O3 PCW XA . 19.86 35.55 -7.21
O11 PCW XA . 18.35 37.01 -6.32
O31 PCW XA . 20.04 33.70 -3.23
O1P PCW XA . 23.51 34.78 -0.84
O2P PCW XA . 23.20 37.15 -1.56
O3P PCW XA . 22.78 35.21 -3.22
O4P PCW XA . 21.26 35.77 -1.39
P PCW XA . 22.74 35.75 -1.70
C1 PCW YA . -14.40 16.80 36.86
C2 PCW YA . -14.05 15.62 35.87
C3 PCW YA . -15.02 14.41 36.11
C4 PCW YA . -10.21 17.17 36.52
C5 PCW YA . -9.33 16.08 37.15
C6 PCW YA . -7.35 16.40 35.82
C7 PCW YA . -8.85 14.70 35.26
C8 PCW YA . -7.56 14.37 37.11
C11 PCW YA . -15.61 12.37 35.00
C12 PCW YA . -15.06 11.36 34.02
C13 PCW YA . -14.37 10.21 34.84
C14 PCW YA . -13.75 9.10 33.99
C15 PCW YA . -14.66 7.86 33.75
C16 PCW YA . -14.52 7.36 32.26
C17 PCW YA . -14.98 5.89 31.96
C18 PCW YA . -16.30 5.81 31.19
C19 PCW YA . -17.33 4.89 31.87
C20 PCW YA . -18.53 4.54 31.26
C21 PCW YA . -19.13 4.89 29.96
C22 PCW YA . -18.72 3.76 28.96
C23 PCW YA . -19.73 3.41 27.83
C24 PCW YA . -20.38 2.06 27.92
C25 PCW YA . -20.84 1.31 26.63
C26 PCW YA . -22.26 0.79 26.63
C27 PCW YA . -22.51 -0.64 27.14
C28 PCW YA . -24.00 -0.94 27.13
C31 PCW YA . -13.09 16.15 33.77
C32 PCW YA . -13.43 16.62 32.35
C33 PCW YA . -14.93 16.36 31.85
C34 PCW YA . -15.73 17.64 31.67
C35 PCW YA . -17.25 17.18 31.51
C36 PCW YA . -18.22 18.37 31.33
C37 PCW YA . -19.73 17.99 31.16
C38 PCW YA . -20.43 18.93 30.24
C39 PCW YA . -21.89 18.59 30.05
C40 PCW YA . -22.41 17.84 29.10
C41 PCW YA . -21.60 17.16 28.00
C42 PCW YA . -22.49 15.99 27.39
C43 PCW YA . -21.79 14.71 26.95
C44 PCW YA . -22.87 13.78 26.41
C45 PCW YA . -22.48 12.33 26.34
C46 PCW YA . -23.27 11.44 27.24
C47 PCW YA . -22.58 10.94 28.49
C48 PCW YA . -23.51 10.04 29.31
N PCW YA . -8.32 15.43 36.38
O2 PCW YA . -14.22 16.07 34.47
O3 PCW YA . -14.68 13.35 35.20
O11 PCW YA . -16.69 12.31 35.51
O31 PCW YA . -11.93 15.90 34.20
O1P PCW YA . -11.75 19.57 37.02
O2P PCW YA . -12.67 18.25 38.92
O3P PCW YA . -13.69 18.02 36.57
O4P PCW YA . -11.51 17.08 37.17
P PCW YA . -12.38 18.28 37.46
C1 PCW ZA . 4.63 39.48 -5.14
C2 PCW ZA . 6.15 39.04 -5.10
C3 PCW ZA . 6.44 38.26 -3.77
C4 PCW ZA . 3.20 43.91 -6.05
C5 PCW ZA . 3.44 45.05 -5.05
C6 PCW ZA . 2.22 47.25 -4.64
C7 PCW ZA . 1.55 45.21 -3.46
C8 PCW ZA . 3.15 46.11 -3.33
C11 PCW ZA . 8.75 38.77 -3.31
C12 PCW ZA . 10.12 38.15 -3.34
C13 PCW ZA . 10.79 38.50 -4.70
C14 PCW ZA . 12.20 37.95 -4.89
C15 PCW ZA . 12.63 37.67 -6.37
C16 PCW ZA . 13.75 36.58 -6.44
C17 PCW ZA . 13.73 35.62 -7.68
C18 PCW ZA . 13.15 34.23 -7.37
C19 PCW ZA . 14.19 33.09 -7.52
C20 PCW ZA . 14.44 32.45 -8.72
C21 PCW ZA . 13.86 32.61 -10.07
C22 PCW ZA . 13.67 31.18 -10.64
C23 PCW ZA . 12.22 30.75 -11.05
C24 PCW ZA . 11.65 29.56 -10.35
C25 PCW ZA . 11.28 28.27 -11.14
C26 PCW ZA . 9.95 27.62 -10.78
C27 PCW ZA . 9.13 26.97 -11.92
C28 PCW ZA . 8.64 25.61 -11.50
C31 PCW ZA . 7.47 38.50 -7.00
C32 PCW ZA . 7.64 37.46 -8.12
C33 PCW ZA . 6.67 37.64 -9.39
C34 PCW ZA . 6.51 36.38 -10.21
C35 PCW ZA . 5.01 35.91 -9.99
C36 PCW ZA . 4.90 34.42 -9.57
C37 PCW ZA . 3.45 33.90 -9.32
C38 PCW ZA . 3.44 32.49 -8.84
C39 PCW ZA . 2.05 31.96 -8.59
C40 PCW ZA . 1.32 31.20 -9.40
C41 PCW ZA . 1.79 30.71 -10.77
C42 PCW ZA . 0.50 30.22 -11.59
C43 PCW ZA . 0.52 30.35 -13.10
C44 PCW ZA . -0.82 29.81 -13.60
C45 PCW ZA . -1.15 30.13 -15.03
C46 PCW ZA . -1.58 31.55 -15.24
C47 PCW ZA . -2.61 31.79 -16.32
C48 PCW ZA . -2.97 33.28 -16.43
N PCW ZA . 2.33 45.78 -4.54
O2 PCW ZA . 6.45 38.12 -6.24
O3 PCW ZA . 7.83 37.86 -3.74
O11 PCW ZA . 8.50 39.90 -2.95
O31 PCW ZA . 8.18 39.55 -6.85
O1P PCW ZA . 2.24 41.41 -7.14
O2P PCW ZA . 2.14 40.73 -4.75
O3P PCW ZA . 4.35 40.56 -6.06
O4P PCW ZA . 3.42 42.68 -5.32
P PCW ZA . 2.95 41.32 -5.82
C1 PCW AB . -18.12 40.99 10.93
C2 PCW AB . -18.13 40.27 9.53
C3 PCW AB . -16.70 40.29 8.91
C4 PCW AB . -18.20 38.05 14.80
C5 PCW AB . -17.51 38.38 16.12
C6 PCW AB . -15.22 39.14 16.13
C7 PCW AB . -15.69 36.94 15.49
C8 PCW AB . -15.85 37.42 17.70
C11 PCW AB . -16.58 40.38 6.51
C12 PCW AB . -16.65 39.49 5.30
C13 PCW AB . -18.16 39.16 5.03
C14 PCW AB . -18.43 38.25 3.83
C15 PCW AB . -17.86 38.75 2.47
C16 PCW AB . -18.96 38.67 1.34
C17 PCW AB . -18.53 39.10 -0.10
C18 PCW AB . -19.38 40.24 -0.66
C19 PCW AB . -18.72 40.94 -1.88
C20 PCW AB . -19.45 41.29 -3.02
C21 PCW AB . -20.87 41.14 -3.37
C22 PCW AB . -20.94 41.19 -4.93
C23 PCW AB . -21.34 39.89 -5.68
C24 PCW AB . -20.23 39.18 -6.40
C25 PCW AB . -20.25 37.62 -6.54
C26 PCW AB . -19.10 37.01 -7.31
C27 PCW AB . -18.60 35.62 -6.87
C28 PCW AB . -17.47 35.76 -5.88
C31 PCW AB . -19.82 38.61 9.42
C32 PCW AB . -20.09 37.11 9.62
C33 PCW AB . -19.81 36.19 8.34
C34 PCW AB . -20.62 36.61 7.10
C35 PCW AB . -22.11 36.18 7.40
C36 PCW AB . -23.02 36.31 6.15
C37 PCW AB . -24.51 35.90 6.36
C38 PCW AB . -24.87 34.68 5.57
C39 PCW AB . -26.31 34.28 5.77
C40 PCW AB . -26.77 33.05 6.00
C41 PCW AB . -25.89 31.81 6.11
C42 PCW AB . -25.95 31.04 4.71
C43 PCW AB . -26.92 29.88 4.57
C44 PCW AB . -26.75 29.34 3.15
C45 PCW AB . -27.35 27.99 2.90
C46 PCW AB . -26.36 26.99 2.36
C47 PCW AB . -26.10 25.79 3.24
C48 PCW AB . -25.08 24.84 2.59
N PCW AB . -16.14 37.99 16.35
O2 PCW AB . -18.53 38.84 9.68
O3 PCW AB . -16.73 39.63 7.63
O11 PCW AB . -16.41 41.57 6.48
O31 PCW AB . -20.68 39.47 9.08
O1P PCW AB . -16.50 39.69 13.15
O2P PCW AB . -17.89 41.55 14.04
O3P PCW AB . -18.68 40.20 12.00
O4P PCW AB . -18.70 39.30 14.27
P PCW AB . -17.88 40.22 13.39
C1 PCW BB . 34.80 20.45 5.40
C2 PCW BB . 34.38 19.17 4.58
C3 PCW BB . 35.56 18.15 4.55
C4 PCW BB . 34.37 25.23 4.67
C5 PCW BB . 34.11 26.27 3.58
C6 PCW BB . 34.70 28.76 3.59
C7 PCW BB . 36.16 27.13 2.49
C8 PCW BB . 34.43 27.58 2.04
C11 PCW BB . 35.98 16.58 2.77
C12 PCW BB . 35.38 15.36 2.13
C13 PCW BB . 34.21 15.82 1.19
C14 PCW BB . 33.49 14.69 0.45
C15 PCW BB . 32.59 15.13 -0.75
C16 PCW BB . 33.11 14.48 -2.09
C17 PCW BB . 33.18 12.92 -2.15
C18 PCW BB . 33.07 12.35 -3.57
C19 PCW BB . 34.44 12.20 -4.26
C20 PCW BB . 34.94 10.96 -4.66
C21 PCW BB . 34.39 9.58 -4.56
C22 PCW BB . 33.73 9.26 -5.92
C23 PCW BB . 33.07 7.86 -6.09
C24 PCW BB . 32.76 7.43 -7.48
C25 PCW BB . 31.64 6.38 -7.77
C26 PCW BB . 32.08 5.06 -8.37
C27 PCW BB . 32.80 5.09 -9.73
C28 PCW BB . 31.89 4.54 -10.81
C31 PCW BB . 32.04 18.82 4.69
C32 PCW BB . 30.95 18.06 5.46
C33 PCW BB . 30.18 16.93 4.61
C34 PCW BB . 28.74 16.73 5.08
C35 PCW BB . 27.83 17.55 4.07
C36 PCW BB . 26.35 17.16 4.15
C37 PCW BB . 25.40 17.93 3.18
C38 PCW BB . 24.37 17.03 2.57
C39 PCW BB . 23.45 17.75 1.63
C40 PCW BB . 22.77 17.21 0.61
C41 PCW BB . 22.82 15.74 0.23
C42 PCW BB . 22.84 15.65 -1.35
C43 PCW BB . 21.57 15.26 -2.08
C44 PCW BB . 21.88 15.24 -3.56
C45 PCW BB . 20.86 15.92 -4.45
C46 PCW BB . 19.79 15.00 -4.95
C47 PCW BB . 18.61 15.66 -5.63
C48 PCW BB . 17.58 14.60 -6.10
N PCW BB . 35.04 27.33 3.38
O2 PCW BB . 33.22 18.50 5.23
O3 PCW BB . 35.17 16.99 3.79
O11 PCW BB . 37.00 17.11 2.44
O31 PCW BB . 31.85 19.60 3.71
O1P PCW BB . 36.06 23.17 5.79
O2P PCW BB . 36.24 22.43 3.42
O3P PCW BB . 34.26 21.68 4.88
O4P PCW BB . 34.48 23.94 4.01
P PCW BB . 35.35 22.82 4.53
C1 PCW CB . 3.78 16.42 30.30
C2 PCW CB . 3.11 15.56 29.15
C3 PCW CB . 1.55 15.52 29.34
C4 PCW CB . 1.67 20.71 29.93
C5 PCW CB . 2.06 21.69 28.82
C6 PCW CB . 0.94 23.92 29.38
C7 PCW CB . 3.28 23.85 28.67
C8 PCW CB . 1.79 23.39 27.69
C11 PCW CB . -0.01 15.33 27.54
C12 PCW CB . -0.49 14.36 26.51
C13 PCW CB . -1.39 13.28 27.21
C14 PCW CB . -1.96 12.20 26.29
C15 PCW CB . -3.45 11.82 26.52
C16 PCW CB . -3.98 10.89 25.38
C17 PCW CB . -4.01 11.47 23.92
C18 PCW CB . -4.85 10.65 22.95
C19 PCW CB . -4.36 10.76 21.49
C20 PCW CB . -3.55 9.80 20.88
C21 PCW CB . -2.97 8.53 21.39
C22 PCW CB . -3.12 7.50 20.24
C23 PCW CB . -2.67 6.03 20.53
C24 PCW CB . -1.75 5.39 19.55
C25 PCW CB . -0.24 5.18 19.88
C26 PCW CB . 0.38 3.87 19.43
C27 PCW CB . 1.32 3.90 18.21
C28 PCW CB . 1.02 2.72 17.31
C31 PCW CB . 3.95 15.34 26.95
C32 PCW CB . 4.19 16.10 25.64
C33 PCW CB . 3.64 15.39 24.32
C34 PCW CB . 4.58 14.31 23.77
C35 PCW CB . 3.65 13.03 23.58
C36 PCW CB . 4.43 11.70 23.74
C37 PCW CB . 3.57 10.41 23.56
C38 PCW CB . 4.10 9.55 22.46
C39 PCW CB . 3.29 8.29 22.26
C40 PCW CB . 3.60 7.26 21.48
C41 PCW CB . 4.85 7.18 20.62
C42 PCW CB . 4.51 6.36 19.30
C43 PCW CB . 5.14 6.79 17.99
C44 PCW CB . 4.64 5.84 16.92
C45 PCW CB . 4.38 6.47 15.57
C46 PCW CB . 3.49 5.65 14.67
C47 PCW CB . 2.06 6.14 14.53
C48 PCW CB . 1.28 5.22 13.59
N PCW CB . 2.13 23.09 29.11
O2 PCW CB . 3.40 16.17 27.82
O3 PCW CB . 0.96 14.74 28.29
O11 PCW CB . -0.43 16.44 27.70
O31 PCW CB . 4.25 14.12 27.16
O1P PCW CB . 1.58 18.11 31.22
O2P PCW CB . 3.63 18.95 32.36
O3P PCW CB . 3.79 17.84 30.04
O4P PCW CB . 2.91 20.08 30.38
P PCW CB . 2.94 18.73 31.07
C1 PCW DB . 24.37 13.56 19.53
C2 PCW DB . 25.39 13.43 18.34
C3 PCW DB . 26.09 12.03 18.37
C4 PCW DB . 24.82 18.10 18.75
C5 PCW DB . 25.39 18.34 17.35
C6 PCW DB . 24.62 20.71 16.84
C7 PCW DB . 26.81 19.93 16.07
C8 PCW DB . 25.13 19.30 15.57
C11 PCW DB . 28.34 12.16 17.54
C12 PCW DB . 29.13 11.98 16.27
C13 PCW DB . 29.24 10.44 15.96
C14 PCW DB . 30.01 10.08 14.69
C15 PCW DB . 29.17 10.01 13.38
C16 PCW DB . 28.70 8.54 13.10
C17 PCW DB . 27.61 8.32 11.99
C18 PCW DB . 27.17 6.87 11.85
C19 PCW DB . 26.91 6.46 10.37
C20 PCW DB . 26.50 5.19 10.02
C21 PCW DB . 26.22 3.97 10.82
C22 PCW DB . 25.43 3.00 9.90
C23 PCW DB . 25.98 1.57 9.73
C24 PCW DB . 24.99 0.45 9.85
C25 PCW DB . 25.02 -0.76 8.87
C26 PCW DB . 25.63 -2.04 9.37
C27 PCW DB . 26.64 -2.77 8.46
C28 PCW DB . 27.62 -3.57 9.29
C31 PCW DB . 25.31 14.31 16.14
C32 PCW DB . 24.46 14.34 14.87
C33 PCW DB . 25.05 13.49 13.63
C34 PCW DB . 24.38 12.12 13.48
C35 PCW DB . 25.08 11.44 12.24
C36 PCW DB . 24.12 11.23 11.05
C37 PCW DB . 24.75 10.55 9.79
C38 PCW DB . 23.75 10.39 8.70
C39 PCW DB . 24.33 9.75 7.47
C40 PCW DB . 24.10 8.51 7.02
C41 PCW DB . 23.19 7.52 7.72
C42 PCW DB . 23.46 6.07 7.10
C43 PCW DB . 22.60 4.91 7.58
C44 PCW DB . 23.07 3.68 6.83
C45 PCW DB . 22.10 2.53 6.82
C46 PCW DB . 22.75 1.19 6.61
C47 PCW DB . 21.93 0.15 5.89
C48 PCW DB . 22.71 -1.16 5.75
N PCW DB . 25.66 19.67 16.92
O2 PCW DB . 24.68 13.56 17.04
O3 PCW DB . 27.03 11.93 17.29
O11 PCW DB . 28.81 12.44 18.61
O31 PCW DB . 26.42 14.91 16.31
O1P PCW DB . 23.60 16.88 21.07
O2P PCW DB . 25.68 15.52 21.11
O3P PCW DB . 23.70 14.84 19.61
O4P PCW DB . 25.15 16.73 19.10
P PCW DB . 24.55 16.02 20.30
C1 PCW EB . -10.07 20.64 28.23
C2 PCW EB . -11.32 19.89 27.61
C3 PCW EB . -12.13 19.18 28.75
C4 PCW EB . -12.54 24.34 27.78
C5 PCW EB . -12.82 25.59 26.94
C6 PCW EB . -15.02 26.73 26.37
C7 PCW EB . -13.70 27.48 28.29
C8 PCW EB . -13.24 27.54 26.50
C11 PCW EB . -13.05 17.29 27.59
C12 PCW EB . -14.36 16.75 27.07
C13 PCW EB . -14.75 15.49 27.94
C14 PCW EB . -16.07 14.82 27.53
C15 PCW EB . -17.20 14.81 28.60
C16 PCW EB . -17.52 13.33 29.06
C17 PCW EB . -18.93 13.07 29.69
C18 PCW EB . -18.92 13.00 31.21
C19 PCW EB . -20.13 12.24 31.81
C20 PCW EB . -21.28 12.89 32.22
C21 PCW EB . -21.68 14.32 32.24
C22 PCW EB . -23.23 14.35 32.35
C23 PCW EB . -24.01 15.03 31.18
C24 PCW EB . -24.53 14.12 30.11
C25 PCW EB . -25.82 14.48 29.30
C26 PCW EB . -26.88 13.40 29.24
C27 PCW EB . -27.00 12.58 27.94
C28 PCW EB . -27.14 11.11 28.26
C31 PCW EB . -12.20 20.83 25.63
C32 PCW EB . -13.18 21.89 25.10
C33 PCW EB . -14.73 21.46 25.14
C34 PCW EB . -15.49 22.05 26.32
C35 PCW EB . -17.02 21.93 25.93
C36 PCW EB . -17.96 22.41 27.07
C37 PCW EB . -19.49 22.32 26.76
C38 PCW EB . -20.25 23.42 27.42
C39 PCW EB . -21.73 23.36 27.13
C40 PCW EB . -22.71 23.26 28.02
C41 PCW EB . -22.51 23.18 29.52
C42 PCW EB . -23.76 22.41 30.16
C43 PCW EB . -23.61 21.78 31.52
C44 PCW EB . -24.94 21.13 31.87
C45 PCW EB . -24.91 19.62 31.98
C46 PCW EB . -26.17 18.97 31.48
C47 PCW EB . -26.67 17.80 32.30
C48 PCW EB . -27.96 17.22 31.69
N PCW EB . -13.90 26.46 27.29
O2 PCW EB . -12.23 20.87 26.96
O3 PCW EB . -13.26 18.50 28.19
O11 PCW EB . -11.99 16.74 27.49
O31 PCW EB . -11.48 20.07 24.92
O1P PCW EB . -11.30 22.59 29.72
O2P PCW EB . -9.28 23.98 29.24
O3P PCW EB . -9.87 21.98 27.72
O4P PCW EB . -11.12 24.08 27.70
P PCW EB . -10.39 23.17 28.67
C1 PCW FB . 25.07 10.04 25.13
C2 PCW FB . 24.75 8.54 24.77
C3 PCW FB . 25.12 8.23 23.28
C4 PCW FB . 25.70 13.83 26.56
C5 PCW FB . 24.45 14.26 25.77
C6 PCW FB . 23.47 15.81 24.21
C7 PCW FB . 24.58 13.93 23.41
C8 PCW FB . 25.87 15.61 24.25
C11 PCW FB . 23.58 6.60 22.45
C12 PCW FB . 23.45 5.11 22.20
C13 PCW FB . 23.06 4.43 23.55
C14 PCW FB . 22.89 2.90 23.48
C15 PCW FB . 21.63 2.40 22.71
C16 PCW FB . 21.73 0.85 22.44
C17 PCW FB . 20.73 -0.07 23.23
C18 PCW FB . 20.86 -1.55 22.83
C19 PCW FB . 19.67 -2.40 23.34
C20 PCW FB . 19.10 -3.40 22.57
C21 PCW FB . 19.39 -3.91 21.20
C22 PCW FB . 18.14 -4.72 20.75
C23 PCW FB . 17.97 -4.98 19.24
C24 PCW FB . 17.18 -3.96 18.46
C25 PCW FB . 15.82 -4.34 17.81
C26 PCW FB . 14.97 -3.19 17.29
C27 PCW FB . 13.44 -3.25 17.55
C28 PCW FB . 12.73 -3.72 16.29
C31 PCW FB . 26.88 7.76 25.58
C32 PCW FB . 27.51 6.73 26.53
C33 PCW FB . 28.35 5.56 25.83
C34 PCW FB . 27.50 4.60 25.01
C35 PCW FB . 28.04 3.15 25.33
C36 PCW FB . 26.89 2.13 25.53
C37 PCW FB . 27.35 0.68 25.87
C38 PCW FB . 26.98 -0.28 24.79
C39 PCW FB . 27.41 -1.70 25.08
C40 PCW FB . 27.20 -2.78 24.33
C41 PCW FB . 26.49 -2.75 22.99
C42 PCW FB . 27.58 -2.84 21.84
C43 PCW FB . 27.15 -2.56 20.41
C44 PCW FB . 28.38 -2.72 19.53
C45 PCW FB . 28.33 -1.97 18.22
C46 PCW FB . 28.86 -0.57 18.31
C47 PCW FB . 28.31 0.41 17.29
C48 PCW FB . 28.93 1.80 17.49
N PCW FB . 24.58 14.88 24.48
O2 PCW FB . 25.55 7.61 25.65
O3 PCW FB . 24.81 6.86 22.97
O11 PCW FB . 22.72 7.41 22.23
O31 PCW FB . 27.52 8.58 24.87
O1P PCW FB . 26.24 11.65 28.41
O2P PCW FB . 27.73 10.86 26.58
O3P PCW FB . 25.23 10.30 26.54
O4P PCW FB . 26.08 12.52 26.05
P PCW FB . 26.39 11.34 26.95
C1 PCW GB . 32.55 18.98 11.49
C2 PCW GB . 32.78 17.76 10.52
C3 PCW GB . 33.24 18.25 9.11
C4 PCW GB . 34.48 21.75 10.18
C5 PCW GB . 35.24 23.03 10.51
C6 PCW GB . 37.32 24.49 10.20
C7 PCW GB . 36.85 22.67 8.63
C8 PCW GB . 35.86 24.20 8.92
C11 PCW GB . 34.69 16.88 7.78
C12 PCW GB . 34.66 15.66 6.90
C13 PCW GB . 35.51 14.52 7.59
C14 PCW GB . 35.60 13.21 6.81
C15 PCW GB . 36.26 12.02 7.56
C16 PCW GB . 36.10 10.70 6.74
C17 PCW GB . 35.11 9.61 7.29
C18 PCW GB . 34.65 8.61 6.23
C19 PCW GB . 33.11 8.46 6.17
C20 PCW GB . 32.49 7.22 6.21
C21 PCW GB . 33.02 5.84 6.30
C22 PCW GB . 32.49 5.07 5.05
C23 PCW GB . 33.13 3.69 4.73
C24 PCW GB . 32.21 2.50 4.71
C25 PCW GB . 32.76 1.06 4.91
C26 PCW GB . 32.39 0.04 3.85
C27 PCW GB . 33.37 -1.12 3.58
C28 PCW GB . 34.17 -0.86 2.32
C31 PCW GB . 33.43 15.94 11.90
C32 PCW GB . 34.65 15.12 12.35
C33 PCW GB . 35.05 13.90 11.41
C34 PCW GB . 36.54 13.54 11.47
C35 PCW GB . 36.61 11.97 11.27
C36 PCW GB . 38.03 11.41 11.46
C37 PCW GB . 38.19 9.86 11.27
C38 PCW GB . 38.74 9.21 12.49
C39 PCW GB . 38.90 7.72 12.34
C40 PCW GB . 38.15 6.77 12.89
C41 PCW GB . 36.96 7.04 13.80
C42 PCW GB . 35.63 6.86 12.95
C43 PCW GB . 34.42 6.22 13.62
C44 PCW GB . 33.32 6.18 12.59
C45 PCW GB . 32.80 4.81 12.24
C46 PCW GB . 33.47 4.19 11.04
C47 PCW GB . 33.83 2.74 11.14
C48 PCW GB . 34.51 2.25 9.85
N PCW GB . 36.52 23.29 9.90
O2 PCW GB . 33.85 16.87 11.05
O3 PCW GB . 33.43 17.12 8.25
O11 PCW GB . 35.67 17.53 8.02
O31 PCW GB . 32.23 15.76 12.28
O1P PCW GB . 33.16 21.61 12.78
O2P PCW GB . 35.36 20.71 13.51
O3P PCW GB . 33.60 19.15 12.48
O4P PCW GB . 34.89 20.76 11.16
P PCW GB . 34.25 20.62 12.54
C1 PCW HB . 12.25 42.85 -11.39
C2 PCW HB . 10.73 42.42 -11.30
C3 PCW HB . 9.93 43.07 -12.50
C4 PCW HB . 10.21 43.82 -7.87
C5 PCW HB . 10.42 43.91 -6.37
C6 PCW HB . 8.32 42.82 -5.41
C7 PCW HB . 10.49 42.47 -4.34
C8 PCW HB . 9.57 44.06 -4.52
C11 PCW HB . 7.83 42.58 -13.57
C12 PCW HB . 6.43 42.13 -13.26
C13 PCW HB . 6.39 40.57 -13.35
C14 PCW HB . 5.03 39.93 -13.06
C15 PCW HB . 4.85 38.46 -13.58
C16 PCW HB . 4.23 38.45 -15.02
C17 PCW HB . 5.23 38.46 -16.23
C18 PCW HB . 4.96 37.36 -17.25
C19 PCW HB . 6.04 37.28 -18.35
C20 PCW HB . 6.21 36.15 -19.16
C21 PCW HB . 5.50 34.86 -19.22
C22 PCW HB . 6.55 33.76 -18.89
C23 PCW HB . 6.69 32.58 -19.89
C24 PCW HB . 5.48 31.71 -20.07
C25 PCW HB . 5.53 30.48 -21.03
C26 PCW HB . 4.53 30.49 -22.18
C27 PCW HB . 4.84 31.38 -23.40
C28 PCW HB . 4.09 30.91 -24.62
C31 PCW HB . 9.99 40.35 -10.43
C32 PCW HB . 9.94 38.85 -10.71
C33 PCW HB . 11.34 38.07 -10.55
C34 PCW HB . 11.50 36.90 -11.53
C35 PCW HB . 11.38 35.59 -10.64
C36 PCW HB . 10.03 34.87 -10.83
C37 PCW HB . 9.84 33.57 -9.98
C38 PCW HB . 8.54 32.91 -10.26
C39 PCW HB . 8.35 31.64 -9.45
C40 PCW HB . 7.62 30.59 -9.77
C41 PCW HB . 6.81 30.47 -11.06
C42 PCW HB . 5.57 29.49 -10.78
C43 PCW HB . 5.37 28.32 -11.70
C44 PCW HB . 4.14 27.57 -11.21
C45 PCW HB . 3.57 26.57 -12.18
C46 PCW HB . 2.09 26.74 -12.42
C47 PCW HB . 1.48 25.85 -13.47
C48 PCW HB . -0.02 26.11 -13.62
N PCW HB . 9.79 42.95 -5.50
O2 PCW HB . 10.61 40.95 -11.45
O3 PCW HB . 8.55 42.67 -12.41
O11 PCW HB . 8.26 42.82 -14.66
O31 PCW HB . 9.51 40.93 -9.41
O1P PCW HB . 12.54 42.26 -8.70
O2P PCW HB . 13.73 44.41 -8.28
O3P PCW HB . 12.58 43.99 -10.55
O4P PCW HB . 11.35 44.48 -8.50
P PCW HB . 12.60 43.74 -8.96
C1 PCW IB . -3.85 11.22 36.09
C2 PCW IB . -4.53 9.88 36.58
C3 PCW IB . -6.04 10.12 36.91
C4 PCW IB . -1.59 13.91 39.52
C5 PCW IB . -2.25 14.95 40.43
C6 PCW IB . -2.20 17.24 41.56
C7 PCW IB . -0.81 16.79 39.58
C8 PCW IB . -2.66 16.82 39.70
C11 PCW IB . -7.97 8.88 37.63
C12 PCW IB . -8.38 7.49 38.04
C13 PCW IB . -8.59 6.64 36.73
C14 PCW IB . -9.01 5.18 36.96
C15 PCW IB . -8.15 4.11 36.22
C16 PCW IB . -8.94 3.52 35.00
C17 PCW IB . -10.12 2.53 35.31
C18 PCW IB . -9.97 1.17 34.62
C19 PCW IB . -9.87 0.00 35.62
C20 PCW IB . -9.79 -1.32 35.20
C21 PCW IB . -9.77 -1.94 33.85
C22 PCW IB . -10.38 -3.37 33.99
C23 PCW IB . -11.17 -3.95 32.79
C24 PCW IB . -10.39 -4.77 31.81
C25 PCW IB . -11.05 -5.98 31.07
C26 PCW IB . -11.03 -7.31 31.80
C27 PCW IB . -10.67 -8.58 30.99
C28 PCW IB . -10.89 -9.82 31.83
C31 PCW IB . -4.02 7.67 35.90
C32 PCW IB . -4.02 6.72 34.68
C33 PCW IB . -2.71 6.78 33.76
C34 PCW IB . -2.38 8.17 33.21
C35 PCW IB . -3.65 8.66 32.42
C36 PCW IB . -3.31 9.61 31.25
C37 PCW IB . -4.52 10.15 30.43
C38 PCW IB . -4.96 9.17 29.38
C39 PCW IB . -6.13 9.67 28.58
C40 PCW IB . -6.61 9.18 27.44
C41 PCW IB . -6.04 7.96 26.73
C42 PCW IB . -6.89 7.71 25.41
C43 PCW IB . -6.39 6.71 24.39
C44 PCW IB . -7.40 6.68 23.26
C45 PCW IB . -6.90 7.20 21.93
C46 PCW IB . -6.85 6.16 20.86
C47 PCW IB . -6.89 6.65 19.43
C48 PCW IB . -6.83 5.48 18.45
N PCW IB . -1.65 16.23 40.63
O2 PCW IB . -4.47 8.85 35.50
O3 PCW IB . -6.63 8.90 37.37
O11 PCW IB . -8.71 9.82 37.52
O31 PCW IB . -3.64 7.35 37.07
O1P PCW IB . -2.87 14.29 36.94
O2P PCW IB . -4.79 13.15 38.04
O3P PCW IB . -2.89 11.78 37.00
O4P PCW IB . -2.63 13.00 39.09
P PCW IB . -3.34 13.12 37.76
C1 PCW JB . 8.95 7.04 38.57
C2 PCW JB . 9.49 5.75 37.83
C3 PCW JB . 10.63 5.10 38.68
C4 PCW JB . 12.15 8.59 36.98
C5 PCW JB . 13.34 7.99 37.73
C6 PCW JB . 15.07 7.02 36.11
C7 PCW JB . 15.74 8.65 37.82
C8 PCW JB . 15.06 6.95 38.08
C11 PCW JB . 12.21 4.03 37.22
C12 PCW JB . 12.57 2.68 36.67
C13 PCW JB . 14.00 2.28 37.23
C14 PCW JB . 14.53 0.92 36.77
C15 PCW JB . 15.50 0.95 35.55
C16 PCW JB . 15.89 -0.50 35.11
C17 PCW JB . 15.42 -0.97 33.69
C18 PCW JB . 16.57 -1.05 32.68
C19 PCW JB . 16.60 0.14 31.71
C20 PCW JB . 15.92 0.14 30.51
C21 PCW JB . 15.06 -0.86 29.86
C22 PCW JB . 14.90 -0.42 28.37
C23 PCW JB . 13.60 -0.84 27.64
C24 PCW JB . 13.73 -1.94 26.63
C25 PCW JB . 12.59 -2.23 25.60
C26 PCW JB . 11.17 -2.11 26.11
C27 PCW JB . 10.09 -2.98 25.43
C28 PCW JB . 8.82 -2.98 26.26
C31 PCW JB . 7.56 4.95 36.70
C32 PCW JB . 6.49 3.84 36.72
C33 PCW JB . 6.30 3.05 35.34
C34 PCW JB . 5.20 3.63 34.46
C35 PCW JB . 4.96 2.57 33.31
C36 PCW JB . 5.52 3.05 31.94
C37 PCW JB . 5.32 2.07 30.76
C38 PCW JB . 6.31 0.95 30.78
C39 PCW JB . 6.14 -0.01 29.65
C40 PCW JB . 5.29 -1.05 29.57
C41 PCW JB . 4.33 -1.44 30.67
C42 PCW JB . 3.38 -2.60 30.09
C43 PCW JB . 2.79 -3.61 31.07
C44 PCW JB . 1.94 -4.57 30.25
C45 PCW JB . 2.00 -6.01 30.71
C46 PCW JB . 2.55 -6.96 29.68
C47 PCW JB . 3.68 -7.86 30.12
C48 PCW JB . 4.14 -8.76 28.97
N PCW JB . 14.64 8.00 37.12
O2 PCW JB . 8.39 4.74 37.72
O3 PCW JB . 11.12 3.92 38.03
O11 PCW JB . 12.81 5.05 37.00
O31 PCW JB . 7.61 5.90 35.87
O1P PCW JB . 9.67 10.01 36.33
O2P PCW JB . 9.53 10.29 38.80
O3P PCW JB . 8.67 8.14 37.68
O4P PCW JB . 11.05 8.63 37.93
P PCW JB . 9.72 9.35 37.67
C1 PCW KB . -2.91 19.37 23.75
C2 PCW KB . -3.90 18.15 23.54
C3 PCW KB . -3.84 17.20 24.78
C4 PCW KB . -3.31 19.88 27.24
C5 PCW KB . -4.19 19.23 28.30
C6 PCW KB . -3.55 17.07 29.50
C7 PCW KB . -3.49 19.21 30.68
C8 PCW KB . -4.96 18.35 29.98
C11 PCW KB . -5.10 15.37 25.71
C12 PCW KB . -6.04 14.27 25.32
C13 PCW KB . -7.51 14.79 25.53
C14 PCW KB . -8.61 13.78 25.17
C15 PCW KB . -9.19 12.96 26.37
C16 PCW KB . -10.75 13.10 26.43
C17 PCW KB . -11.51 12.26 27.51
C18 PCW KB . -12.85 11.71 27.01
C19 PCW KB . -12.97 10.17 27.14
C20 PCW KB . -12.78 9.31 26.07
C21 PCW KB . -12.44 9.55 24.64
C22 PCW KB . -11.35 8.50 24.28
C23 PCW KB . -11.80 7.29 23.41
C24 PCW KB . -11.94 7.52 21.94
C25 PCW KB . -11.03 6.77 20.91
C26 PCW KB . -11.71 5.74 20.03
C27 PCW KB . -10.86 4.59 19.49
C28 PCW KB . -10.89 4.58 17.98
C31 PCW KB . -5.96 18.20 22.36
C32 PCW KB . -7.38 18.81 22.37
C33 PCW KB . -7.71 19.77 21.15
C34 PCW KB . -7.70 19.06 19.79
C35 PCW KB . -9.21 19.02 19.31
C36 PCW KB . -9.35 19.36 17.80
C37 PCW KB . -10.82 19.35 17.24
C38 PCW KB . -11.16 18.03 16.63
C39 PCW KB . -12.57 17.99 16.09
C40 PCW KB . -13.07 17.09 15.24
C41 PCW KB . -12.30 15.91 14.68
C42 PCW KB . -12.35 16.01 13.09
C43 PCW KB . -13.02 14.89 12.32
C44 PCW KB . -12.92 15.25 10.85
C45 PCW KB . -12.99 14.08 9.90
C46 PCW KB . -12.00 14.17 8.76
C47 PCW KB . -11.39 12.87 8.30
C48 PCW KB . -10.41 13.10 7.15
N PCW KB . -3.59 18.54 29.40
O2 PCW KB . -5.31 18.66 23.43
O3 PCW KB . -4.75 16.09 24.60
O11 PCW KB . -4.71 15.59 26.82
O31 PCW KB . -5.51 17.40 21.50
O1P PCW KB . -3.26 22.31 25.63
O2P PCW KB . -5.58 21.60 25.04
O3P PCW KB . -3.55 20.66 23.74
O4P PCW KB . -4.11 19.97 26.04
P PCW KB . -4.15 21.20 25.14
C1 PCW LB . 3.13 7.92 39.78
C2 PCW LB . 2.54 7.89 38.31
C3 PCW LB . 1.63 6.63 38.13
C4 PCW LB . 6.00 9.93 37.38
C5 PCW LB . 6.18 9.07 36.14
C6 PCW LB . 5.14 8.68 33.85
C7 PCW LB . 6.37 10.74 34.32
C8 PCW LB . 7.03 9.01 34.27
C11 PCW LB . 1.94 6.29 35.77
C12 PCW LB . 1.19 6.30 34.47
C13 PCW LB . 0.97 4.80 34.02
C14 PCW LB . 0.20 4.62 32.71
C15 PCW LB . 0.81 3.57 31.73
C16 PCW LB . 0.45 2.11 32.18
C17 PCW LB . -1.06 1.68 32.08
C18 PCW LB . -1.33 0.64 30.99
C19 PCW LB . -1.36 -0.81 31.54
C20 PCW LB . -1.07 -1.90 30.74
C21 PCW LB . -0.70 -2.03 29.31
C22 PCW LB . -1.68 -3.06 28.68
C23 PCW LB . -1.52 -3.36 27.16
C24 PCW LB . -0.78 -4.60 26.79
C25 PCW LB . -0.55 -4.98 25.30
C26 PCW LB . -1.71 -5.63 24.58
C27 PCW LB . -2.67 -4.73 23.77
C28 PCW LB . -4.09 -4.92 24.24
C31 PCW LB . 2.11 9.84 37.05
C32 PCW LB . 1.15 11.04 36.93
C33 PCW LB . 0.38 11.16 35.52
C34 PCW LB . 0.78 12.40 34.71
C35 PCW LB . -0.54 13.26 34.61
C36 PCW LB . -0.90 13.61 33.15
C37 PCW LB . -2.19 14.47 32.97
C38 PCW LB . -3.41 13.61 32.85
C39 PCW LB . -4.68 14.41 32.68
C40 PCW LB . -5.92 13.97 32.84
C41 PCW LB . -6.29 12.56 33.23
C42 PCW LB . -7.79 12.28 32.78
C43 PCW LB . -8.04 11.58 31.45
C44 PCW LB . -9.55 11.46 31.30
C45 PCW LB . -10.00 10.34 30.40
C46 PCW LB . -10.49 9.11 31.12
C47 PCW LB . -9.57 7.93 31.13
C48 PCW LB . -10.20 6.75 31.91
N PCW LB . 5.76 9.56 34.86
O2 PCW LB . 1.70 9.09 38.08
O3 PCW LB . 1.10 6.59 36.80
O11 PCW LB . 3.11 6.04 35.87
O31 PCW LB . 3.10 9.61 36.30
O1P PCW LB . 4.41 10.34 39.78
O2P PCW LB . 6.38 9.27 40.91
O3P PCW LB . 4.57 7.81 39.83
O4P PCW LB . 6.18 9.06 38.53
P PCW LB . 5.38 9.21 39.81
C1 PCW MB . -13.26 28.27 22.38
C2 PCW MB . -13.22 27.04 21.39
C3 PCW MB . -12.87 25.73 22.19
C4 PCW MB . -12.37 31.95 20.45
C5 PCW MB . -10.92 32.40 20.44
C6 PCW MB . -10.41 33.30 18.10
C7 PCW MB . -9.69 34.52 20.09
C8 PCW MB . -9.14 32.86 19.53
C11 PCW MB . -11.97 23.59 21.61
C12 PCW MB . -12.09 22.51 20.58
C13 PCW MB . -12.55 21.19 21.29
C14 PCW MB . -12.72 19.97 20.37
C15 PCW MB . -13.91 19.02 20.72
C16 PCW MB . -14.51 18.38 19.42
C17 PCW MB . -15.57 17.25 19.60
C18 PCW MB . -16.06 16.65 18.28
C19 PCW MB . -16.71 15.25 18.45
C20 PCW MB . -16.01 14.08 18.20
C21 PCW MB . -14.62 13.82 17.76
C22 PCW MB . -14.68 12.64 16.75
C23 PCW MB . -13.40 11.81 16.55
C24 PCW MB . -12.93 11.61 15.13
C25 PCW MB . -13.34 10.36 14.32
C26 PCW MB . -13.10 9.01 14.97
C27 PCW MB . -11.64 8.53 15.10
C28 PCW MB . -11.33 8.19 16.54
C31 PCW MB . -14.71 27.41 19.58
C32 PCW MB . -16.14 27.12 19.08
C33 PCW MB . -16.24 26.52 17.60
C34 PCW MB . -17.67 26.50 17.04
C35 PCW MB . -18.20 25.03 17.26
C36 PCW MB . -18.43 24.28 15.94
C37 PCW MB . -18.96 22.82 16.06
C38 PCW MB . -18.23 21.87 15.16
C39 PCW MB . -18.73 20.45 15.28
C40 PCW MB . -18.53 19.45 14.42
C41 PCW MB . -17.73 19.59 13.13
C42 PCW MB . -17.17 18.15 12.73
C43 PCW MB . -17.50 17.58 11.38
C44 PCW MB . -16.83 16.22 11.28
C45 PCW MB . -17.56 15.21 10.42
C46 PCW MB . -16.79 13.93 10.21
C47 PCW MB . -16.86 12.91 11.33
C48 PCW MB . -16.04 11.66 10.98
N PCW MB . -10.50 33.46 19.56
O2 PCW MB . -14.57 26.83 20.78
O3 PCW MB . -12.83 24.61 21.31
O11 PCW MB . -11.24 23.56 22.56
O31 PCW MB . -13.83 28.07 18.96
O1P PCW MB . -14.87 31.73 21.93
O2P PCW MB . -13.37 30.95 23.77
O3P PCW MB . -14.20 29.30 21.99
O4P PCW MB . -12.50 30.98 21.53
P PCW MB . -13.76 30.80 22.34
C1 PCW NB . 1.36 26.04 19.16
C2 PCW NB . 0.45 24.98 18.42
C3 PCW NB . 1.14 24.52 17.09
C4 PCW NB . 0.04 24.29 23.51
C5 PCW NB . -1.48 24.18 23.52
C6 PCW NB . -3.73 24.92 24.50
C7 PCW NB . -1.64 25.86 25.35
C8 PCW NB . -2.35 26.02 23.65
C11 PCW NB . 0.65 22.24 16.54
C12 PCW NB . -0.35 21.39 15.80
C13 PCW NB . 0.21 19.92 15.68
C14 PCW NB . -0.70 18.94 14.94
C15 PCW NB . -0.83 19.17 13.41
C16 PCW NB . -1.73 18.05 12.76
C17 PCW NB . -1.19 17.35 11.47
C18 PCW NB . -2.19 16.38 10.85
C19 PCW NB . -1.54 15.41 9.84
C20 PCW NB . -2.21 14.97 8.70
C21 PCW NB . -3.57 15.25 8.17
C22 PCW NB . -4.14 13.89 7.68
C23 PCW NB . -5.45 13.39 8.33
C24 PCW NB . -6.49 12.81 7.41
C25 PCW NB . -6.20 11.54 6.57
C26 PCW NB . -7.30 11.07 5.64
C27 PCW NB . -7.44 11.79 4.28
C28 PCW NB . -8.61 11.20 3.51
C31 PCW NB . -0.97 23.54 19.65
C32 PCW NB . -0.99 22.27 20.51
C33 PCW NB . -1.29 20.91 19.72
C34 PCW NB . -2.56 20.20 20.19
C35 PCW NB . -3.00 19.27 18.99
C36 PCW NB . -4.19 19.85 18.20
C37 PCW NB . -4.67 18.98 16.99
C38 PCW NB . -4.45 19.67 15.68
C39 PCW NB . -4.91 18.86 14.50
C40 PCW NB . -5.93 19.12 13.71
C41 PCW NB . -6.83 20.34 13.85
C42 PCW NB . -7.10 20.93 12.39
C43 PCW NB . -8.17 20.30 11.52
C44 PCW NB . -8.20 21.06 10.21
C45 PCW NB . -8.39 20.21 8.97
C46 PCW NB . -9.30 20.83 7.95
C47 PCW NB . -9.06 20.44 6.51
C48 PCW NB . -10.06 21.14 5.58
N PCW NB . -2.25 24.83 24.54
O2 PCW NB . 0.28 23.76 19.27
O3 PCW NB . 0.31 23.55 16.43
O11 PCW NB . 1.61 21.82 17.15
O31 PCW NB . -1.98 24.25 19.38
O1P PCW NB . 2.01 26.60 22.71
O2P PCW NB . 2.35 24.64 22.18
O3P PCW NB . 2.10 25.52 20.29
O4P PCW NB . 0.43 24.54 22.13
P PCW NB . 1.37 25.66 21.71
C1 PCW OB . 29.69 10.34 22.91
C2 PCW OB . 29.03 9.18 22.08
C3 PCW OB . 28.14 9.78 20.94
C4 PCW OB . 31.23 14.45 21.36
C5 PCW OB . 32.23 15.11 20.40
C6 PCW OB . 30.51 15.28 18.53
C7 PCW OB . 32.72 16.30 18.29
C8 PCW OB . 32.32 14.50 18.45
C11 PCW OB . 26.20 8.76 19.96
C12 PCW OB . 25.78 7.55 19.18
C13 PCW OB . 26.16 7.78 17.66
C14 PCW OB . 25.79 6.63 16.73
C15 PCW OB . 26.96 6.08 15.84
C16 PCW OB . 28.04 5.38 16.72
C17 PCW OB . 29.45 6.06 16.82
C18 PCW OB . 30.56 5.13 17.29
C19 PCW OB . 31.83 5.22 16.42
C20 PCW OB . 32.82 4.25 16.43
C21 PCW OB . 32.97 2.99 17.19
C22 PCW OB . 33.12 1.85 16.14
C23 PCW OB . 32.50 0.47 16.50
C24 PCW OB . 32.16 -0.43 15.36
C25 PCW OB . 32.03 -1.97 15.56
C26 PCW OB . 33.05 -2.84 14.86
C27 PCW OB . 32.79 -3.24 13.40
C28 PCW OB . 33.70 -4.38 12.98
C31 PCW OB . 30.67 7.46 22.23
C32 PCW OB . 31.71 6.69 21.42
C33 PCW OB . 31.31 5.19 21.05
C34 PCW OB . 31.30 4.26 22.26
C35 PCW OB . 30.46 2.98 21.83
C36 PCW OB . 28.94 3.25 21.78
C37 PCW OB . 28.05 2.03 21.36
C38 PCW OB . 26.61 2.28 21.63
C39 PCW OB . 25.73 1.12 21.24
C40 PCW OB . 24.88 1.06 20.21
C41 PCW OB . 24.63 2.19 19.24
C42 PCW OB . 24.24 1.56 17.82
C43 PCW OB . 24.67 2.29 16.57
C44 PCW OB . 24.16 1.46 15.39
C45 PCW OB . 22.84 1.89 14.81
C46 PCW OB . 22.97 2.95 13.75
C47 PCW OB . 21.84 3.05 12.75
C48 PCW OB . 22.10 4.17 11.73
N PCW OB . 31.77 15.69 19.19
O2 PCW OB . 30.08 8.35 21.42
O3 PCW OB . 27.54 8.71 20.20
O11 PCW OB . 25.48 9.64 20.32
O31 PCW OB . 30.42 7.29 23.47
O1P PCW OB . 30.11 13.03 23.62
O2P PCW OB . 32.42 12.13 23.86
O3P PCW OB . 30.76 11.03 22.23
O4P PCW OB . 31.81 13.18 21.78
P PCW OB . 31.27 12.38 22.94
C1 PCW PB . -3.90 44.55 -3.16
C2 PCW PB . -3.72 44.95 -4.69
C3 PCW PB . -2.19 44.93 -5.06
C4 PCW PB . -6.22 48.17 -4.01
C5 PCW PB . -5.89 48.72 -5.40
C6 PCW PB . -5.13 50.84 -4.54
C7 PCW PB . -4.97 50.40 -6.82
C8 PCW PB . -3.50 49.33 -5.45
C11 PCW PB . -0.78 45.43 -6.94
C12 PCW PB . -0.84 45.86 -8.38
C13 PCW PB . -1.16 44.59 -9.26
C14 PCW PB . -1.25 44.87 -10.77
C15 PCW PB . -2.40 44.13 -11.52
C16 PCW PB . -2.05 43.96 -13.04
C17 PCW PB . -2.90 44.78 -14.07
C18 PCW PB . -2.46 44.59 -15.52
C19 PCW PB . -1.96 45.90 -16.18
C20 PCW PB . -2.40 46.32 -17.41
C21 PCW PB . -3.35 45.75 -18.40
C22 PCW PB . -2.51 45.44 -19.69
C23 PCW PB . -2.25 43.95 -20.01
C24 PCW PB . -1.48 43.66 -21.26
C25 PCW PB . -0.15 42.86 -21.22
C26 PCW PB . -0.22 41.43 -21.73
C27 PCW PB . 0.81 40.99 -22.78
C28 PCW PB . 0.62 39.54 -23.14
C31 PCW PB . -5.64 44.33 -5.92
C32 PCW PB . -6.21 43.22 -6.82
C33 PCW PB . -7.62 43.56 -7.50
C34 PCW PB . -7.49 44.24 -8.86
C35 PCW PB . -8.92 44.16 -9.53
C36 PCW PB . -9.08 45.14 -10.71
C37 PCW PB . -10.47 45.12 -11.41
C38 PCW PB . -10.41 44.48 -12.76
C39 PCW PB . -11.73 44.45 -13.47
C40 PCW PB . -12.53 43.39 -13.64
C41 PCW PB . -12.21 42.00 -13.14
C42 PCW PB . -11.47 41.19 -14.30
C43 PCW PB . -10.06 40.70 -14.07
C44 PCW PB . -9.63 39.98 -15.34
C45 PCW PB . -8.51 38.99 -15.16
C46 PCW PB . -8.05 38.36 -16.45
C47 PCW PB . -8.30 36.88 -16.61
C48 PCW PB . -7.79 36.37 -17.97
N PCW PB . -4.93 49.77 -5.54
O2 PCW PB . -4.41 43.97 -5.56
O3 PCW PB . -2.04 45.31 -6.43
O11 PCW PB . 0.23 45.23 -6.32
O31 PCW PB . -6.23 45.39 -5.59
O1P PCW PB . -6.10 47.09 -1.32
O2P PCW PB . -3.62 47.13 -1.77
O3P PCW PB . -5.06 45.14 -2.55
O4P PCW PB . -5.12 47.32 -3.63
P PCW PB . -4.97 46.72 -2.25
C1 PCW QB . -3.98 42.98 2.49
C2 PCW QB . -4.75 41.71 3.05
C3 PCW QB . -5.19 41.94 4.52
C4 PCW QB . -7.82 44.66 0.50
C5 PCW QB . -8.48 45.15 -0.78
C6 PCW QB . -8.86 47.41 -0.01
C7 PCW QB . -10.64 45.91 -0.07
C8 PCW QB . -9.90 46.72 -2.06
C11 PCW QB . -7.25 40.84 5.12
C12 PCW QB . -7.75 39.52 5.65
C13 PCW QB . -7.40 39.43 7.18
C14 PCW QB . -7.85 38.16 7.89
C15 PCW QB . -7.23 37.90 9.29
C16 PCW QB . -8.27 38.19 10.43
C17 PCW QB . -9.13 36.97 10.94
C18 PCW QB . -10.40 36.75 10.13
C19 PCW QB . -11.15 35.45 10.51
C20 PCW QB . -11.24 34.36 9.65
C21 PCW QB . -10.70 34.13 8.28
C22 PCW QB . -11.90 33.66 7.40
C23 PCW QB . -11.90 32.18 6.91
C24 PCW QB . -13.24 31.60 6.55
C25 PCW QB . -13.64 30.18 7.03
C26 PCW QB . -14.64 30.12 8.16
C27 PCW QB . -14.83 28.77 8.88
C28 PCW QB . -16.01 28.84 9.83
C31 PCW QB . -5.89 40.45 1.38
C32 PCW QB . -7.23 40.35 0.64
C33 PCW QB . -7.75 38.86 0.39
C34 PCW QB . -9.09 38.55 1.06
C35 PCW QB . -9.88 37.63 0.05
C36 PCW QB . -11.02 38.37 -0.67
C37 PCW QB . -11.85 37.51 -1.68
C38 PCW QB . -11.40 37.71 -3.10
C39 PCW QB . -12.19 36.89 -4.08
C40 PCW QB . -11.85 35.73 -4.62
C41 PCW QB . -10.55 35.00 -4.31
C42 PCW QB . -10.90 33.49 -3.90
C43 PCW QB . -10.67 33.07 -2.46
C44 PCW QB . -11.10 31.62 -2.36
C45 PCW QB . -10.01 30.61 -2.68
C46 PCW QB . -9.28 30.10 -1.47
C47 PCW QB . -7.81 29.79 -1.64
C48 PCW QB . -7.20 29.28 -0.33
N PCW QB . -9.42 46.24 -0.73
O2 PCW QB . -5.98 41.47 2.24
O3 PCW QB . -5.88 40.79 5.01
O11 PCW QB . -7.93 41.78 4.83
O31 PCW QB . -4.88 39.72 1.19
O1P PCW QB . -6.01 44.91 2.75
O2P PCW QB . -4.56 46.07 1.08
O3P PCW QB . -4.53 43.50 1.26
O4P PCW QB . -6.38 44.74 0.27
P PCW QB . -5.38 44.87 1.40
C1 PCW RB . -6.73 29.28 14.77
C2 PCW RB . -6.66 28.20 13.62
C3 PCW RB . -5.24 27.56 13.59
C4 PCW RB . -11.03 30.45 14.41
C5 PCW RB . -11.49 31.09 13.10
C6 PCW RB . -11.97 29.31 11.35
C7 PCW RB . -13.62 31.04 11.83
C8 PCW RB . -11.93 31.26 11.12
C11 PCW RB . -3.96 26.30 11.99
C12 PCW RB . -4.11 25.27 10.92
C13 PCW RB . -3.84 23.86 11.56
C14 PCW RB . -3.94 22.68 10.60
C15 PCW RB . -2.88 21.55 10.81
C16 PCW RB . -1.52 21.92 10.13
C17 PCW RB . -0.37 22.42 11.07
C18 PCW RB . 0.92 21.61 10.91
C19 PCW RB . 1.86 21.73 12.13
C20 PCW RB . 2.60 20.66 12.62
C21 PCW RB . 2.71 19.25 12.19
C22 PCW RB . 4.02 19.13 11.35
C23 PCW RB . 4.51 17.70 10.97
C24 PCW RB . 4.63 17.40 9.52
C25 PCW RB . 6.01 17.10 8.86
C26 PCW RB . 6.18 15.73 8.24
C27 PCW RB . 7.09 15.61 6.99
C28 PCW RB . 6.66 14.43 6.15
C31 PCW RB . -8.83 27.28 13.27
C32 PCW RB . -9.73 26.08 13.62
C33 PCW RB . -9.38 24.71 12.88
C34 PCW RB . -9.16 24.87 11.37
C35 PCW RB . -10.61 24.96 10.73
C36 PCW RB . -10.95 23.75 9.85
C37 PCW RB . -12.36 23.76 9.19
C38 PCW RB . -12.33 23.21 7.81
C39 PCW RB . -13.69 23.21 7.15
C40 PCW RB . -14.03 23.84 6.02
C41 PCW RB . -13.07 24.69 5.20
C42 PCW RB . -13.01 24.10 3.72
C43 PCW RB . -11.68 23.61 3.18
C44 PCW RB . -11.93 23.11 1.76
C45 PCW RB . -10.88 22.15 1.24
C46 PCW RB . -11.44 21.11 0.30
C47 PCW RB . -11.10 21.25 -1.16
C48 PCW RB . -11.73 20.12 -1.98
N PCW RB . -12.40 30.40 12.25
O2 PCW RB . -7.65 27.12 13.88
O3 PCW RB . -5.18 26.58 12.54
O11 PCW RB . -2.93 26.82 12.32
O31 PCW RB . -9.17 28.25 12.54
O1P PCW RB . -9.62 30.45 16.95
O2P PCW RB . -7.95 31.78 15.68
O3P PCW RB . -7.92 29.21 15.60
O4P PCW RB . -9.59 30.55 14.43
P PCW RB . -8.78 30.56 15.73
C1 PCW SB . 19.55 22.38 14.97
C2 PCW SB . 19.02 20.90 15.17
C3 PCW SB . 18.74 20.23 13.79
C4 PCW SB . 18.02 25.98 15.83
C5 PCW SB . 17.65 27.19 16.69
C6 PCW SB . 18.39 29.54 17.32
C7 PCW SB . 17.90 29.00 14.99
C8 PCW SB . 16.74 29.00 16.43
C11 PCW SB . 17.13 18.50 13.32
C12 PCW SB . 16.81 17.07 13.66
C13 PCW SB . 17.88 16.15 12.96
C14 PCW SB . 17.69 14.65 13.21
C15 PCW SB . 18.68 13.71 12.45
C16 PCW SB . 17.91 12.55 11.73
C17 PCW SB . 16.79 12.95 10.70
C18 PCW SB . 17.19 12.67 9.25
C19 PCW SB . 16.99 11.19 8.85
C20 PCW SB . 15.80 10.71 8.34
C21 PCW SB . 14.49 11.36 8.05
C22 PCW SB . 13.50 10.87 9.14
C23 PCW SB . 12.54 9.69 8.77
C24 PCW SB . 12.89 8.34 9.34
C25 PCW SB . 12.75 8.06 10.87
C26 PCW SB . 12.33 6.65 11.25
C27 PCW SB . 13.29 5.84 12.14
C28 PCW SB . 12.79 4.42 12.29
C31 PCW SB . 19.98 20.07 17.19
C32 PCW SB . 21.11 19.18 17.74
C33 PCW SB . 20.71 17.65 17.97
C34 PCW SB . 21.73 16.66 17.39
C35 PCW SB . 21.17 16.26 15.96
C36 PCW SB . 21.92 16.97 14.81
C37 PCW SB . 21.41 16.62 13.37
C38 PCW SB . 21.38 17.82 12.48
C39 PCW SB . 20.89 17.50 11.09
C40 PCW SB . 21.63 17.20 10.03
C41 PCW SB . 23.14 17.11 10.03
C42 PCW SB . 23.56 15.73 9.37
C43 PCW SB . 24.78 15.69 8.47
C44 PCW SB . 24.94 14.26 7.98
C45 PCW SB . 25.81 14.09 6.76
C46 PCW SB . 26.91 13.10 6.94
C47 PCW SB . 27.05 12.06 5.85
C48 PCW SB . 28.23 11.11 6.15
N PCW SB . 18.13 28.49 16.32
O2 PCW SB . 20.06 20.07 15.86
O3 PCW SB . 18.27 18.89 13.98
O11 PCW SB . 16.49 19.21 12.58
O31 PCW SB . 19.13 20.70 17.89
O1P PCW SB . 17.48 23.25 16.62
O2P PCW SB . 19.06 23.79 18.48
O3P PCW SB . 19.97 23.02 16.18
O4P PCW SB . 19.01 25.22 16.56
P PCW SB . 18.82 23.79 17.02
C1 PCW TB . 15.15 22.55 19.20
C2 PCW TB . 14.78 21.02 19.31
C3 PCW TB . 13.28 20.80 18.93
C4 PCW TB . 18.53 20.58 21.44
C5 PCW TB . 18.37 19.43 22.43
C6 PCW TB . 16.76 17.49 22.78
C7 PCW TB . 18.55 17.33 21.12
C8 PCW TB . 18.71 17.48 22.96
C11 PCW TB . 12.56 18.93 20.25
C12 PCW TB . 12.30 17.46 20.16
C13 PCW TB . 10.88 17.25 19.50
C14 PCW TB . 10.47 15.79 19.32
C15 PCW TB . 10.13 15.35 17.86
C16 PCW TB . 8.58 15.34 17.62
C17 PCW TB . 8.03 14.27 16.63
C18 PCW TB . 6.60 14.58 16.15
C19 PCW TB . 6.55 14.94 14.65
C20 PCW TB . 5.49 14.56 13.84
C21 PCW TB . 4.23 13.82 14.11
C22 PCW TB . 3.11 14.53 13.31
C23 PCW TB . 2.41 13.73 12.19
C24 PCW TB . 3.09 13.67 10.86
C25 PCW TB . 3.34 12.30 10.15
C26 PCW TB . 4.18 12.34 8.88
C27 PCW TB . 5.59 11.71 8.92
C28 PCW TB . 5.81 10.86 7.70
C31 PCW TB . 16.08 19.09 18.85
C32 PCW TB . 16.89 18.39 17.75
C33 PCW TB . 16.13 17.20 17.00
C34 PCW TB . 16.29 15.84 17.69
C35 PCW TB . 15.88 14.78 16.59
C36 PCW TB . 16.61 13.42 16.79
C37 PCW TB . 16.27 12.32 15.74
C38 PCW TB . 15.45 11.22 16.34
C39 PCW TB . 15.11 10.14 15.36
C40 PCW TB . 15.67 8.94 15.25
C41 PCW TB . 16.78 8.43 16.15
C42 PCW TB . 16.80 6.83 16.08
C43 PCW TB . 15.66 6.07 16.72
C44 PCW TB . 15.94 4.59 16.50
C45 PCW TB . 14.81 3.82 15.83
C46 PCW TB . 14.11 2.88 16.76
C47 PCW TB . 14.40 1.40 16.60
C48 PCW TB . 13.61 0.56 17.61
N PCW TB . 17.80 18.19 22.01
O2 PCW TB . 15.60 20.23 18.34
O3 PCW TB . 12.96 19.40 19.04
O11 PCW TB . 12.44 19.59 21.26
O31 PCW TB . 15.90 18.66 20.03
O1P PCW TB . 17.93 23.43 21.66
O2P PCW TB . 15.59 22.62 22.06
O3P PCW TB . 16.48 22.87 19.67
O4P PCW TB . 17.20 21.07 21.13
P PCW TB . 16.81 22.53 21.21
C1 PCW UB . 31.33 25.86 8.93
C2 PCW UB . 30.14 25.00 9.54
C3 PCW UB . 28.78 25.78 9.40
C4 PCW UB . 32.32 24.53 12.90
C5 PCW UB . 31.05 23.89 13.44
C6 PCW UB . 30.27 21.46 13.57
C7 PCW UB . 31.55 22.45 15.41
C8 PCW UB . 29.86 22.93 14.80
C11 PCW UB . 27.31 25.27 11.22
C12 PCW UB . 26.19 24.33 11.61
C13 PCW UB . 26.54 23.70 13.00
C14 PCW UB . 25.50 22.71 13.54
C15 PCW UB . 24.07 23.26 13.74
C16 PCW UB . 23.01 22.10 13.69
C17 PCW UB . 23.09 21.10 12.49
C18 PCW UB . 22.45 21.62 11.20
C19 PCW UB . 23.48 22.18 10.20
C20 PCW UB . 23.58 21.71 8.89
C21 PCW UB . 22.84 20.66 8.14
C22 PCW UB . 23.79 20.18 7.01
C23 PCW UB . 23.14 19.39 5.84
C24 PCW UB . 22.86 17.93 6.06
C25 PCW UB . 21.44 17.33 5.83
C26 PCW UB . 21.34 15.83 5.68
C27 PCW UB . 20.96 15.25 4.30
C28 PCW UB . 21.95 14.20 3.88
C31 PCW UB . 30.58 22.67 9.38
C32 PCW UB . 30.35 21.45 8.49
C33 PCW UB . 28.81 20.99 8.35
C34 PCW UB . 28.45 20.49 6.96
C35 PCW UB . 27.69 21.69 6.26
C36 PCW UB . 27.30 21.36 4.80
C37 PCW UB . 26.55 22.50 4.04
C38 PCW UB . 25.74 21.96 2.91
C39 PCW UB . 25.00 23.03 2.15
C40 PCW UB . 24.93 23.16 0.83
C41 PCW UB . 25.60 22.23 -0.16
C42 PCW UB . 24.56 21.10 -0.60
C43 PCW UB . 24.32 20.87 -2.07
C44 PCW UB . 23.29 19.75 -2.20
C45 PCW UB . 21.87 20.22 -2.46
C46 PCW UB . 20.85 19.11 -2.32
C47 PCW UB . 19.44 19.47 -2.69
C48 PCW UB . 18.50 18.26 -2.51
N PCW UB . 31.10 22.59 14.04
O2 PCW UB . 30.00 23.72 8.79
O3 PCW UB . 27.72 24.99 9.95
O11 PCW UB . 27.75 26.15 11.92
O31 PCW UB . 31.22 22.69 10.47
O1P PCW UB . 34.34 25.91 11.32
O2P PCW UB . 32.52 27.62 11.05
O3P PCW UB . 32.61 25.56 9.51
O4P PCW UB . 31.91 25.42 11.83
P PCW UB . 32.90 26.18 10.96
C1 PCW VB . 30.89 30.29 7.16
C2 PCW VB . 30.27 29.29 6.10
C3 PCW VB . 28.90 28.73 6.62
C4 PCW VB . 27.47 33.10 5.71
C5 PCW VB . 26.30 32.22 5.30
C6 PCW VB . 23.98 32.85 6.17
C7 PCW VB . 24.47 32.92 3.77
C8 PCW VB . 24.46 31.44 4.88
C11 PCW VB . 27.10 28.07 5.18
C12 PCW VB . 26.73 27.02 4.16
C13 PCW VB . 26.12 27.75 2.91
C14 PCW VB . 25.68 26.82 1.78
C15 PCW VB . 24.28 27.10 1.16
C16 PCW VB . 23.14 26.59 2.12
C17 PCW VB . 21.88 27.53 2.30
C18 PCW VB . 22.05 28.54 3.44
C19 PCW VB . 20.81 29.47 3.62
C20 PCW VB . 20.63 30.63 2.89
C21 PCW VB . 21.45 31.29 1.83
C22 PCW VB . 20.62 31.21 0.52
C23 PCW VB . 21.01 30.12 -0.51
C24 PCW VB . 19.90 29.37 -1.16
C25 PCW VB . 19.04 28.33 -0.36
C26 PCW VB . 17.60 28.70 -0.12
C27 PCW VB . 17.20 29.18 1.29
C28 PCW VB . 15.72 29.53 1.32
C31 PCW VB . 30.75 29.62 3.80
C32 PCW VB . 30.37 30.44 2.56
C33 PCW VB . 30.56 29.70 1.16
C34 PCW VB . 29.36 28.82 0.77
C35 PCW VB . 30.00 27.48 0.21
C36 PCW VB . 29.90 26.30 1.19
C37 PCW VB . 30.51 24.95 0.68
C38 PCW VB . 29.48 24.06 0.08
C39 PCW VB . 30.06 22.76 -0.41
C40 PCW VB . 29.92 22.23 -1.63
C41 PCW VB . 29.11 22.87 -2.75
C42 PCW VB . 28.53 21.72 -3.69
C43 PCW VB . 28.41 21.98 -5.17
C44 PCW VB . 27.85 20.72 -5.81
C45 PCW VB . 26.43 20.85 -6.31
C46 PCW VB . 25.50 19.81 -5.76
C47 PCW VB . 24.24 19.54 -6.57
C48 PCW VB . 23.39 18.45 -5.89
N PCW VB . 25.01 32.81 5.11
O2 PCW VB . 29.99 30.01 4.82
O3 PCW VB . 28.36 27.83 5.65
O11 PCW VB . 26.40 28.99 5.52
O31 PCW VB . 31.63 28.70 3.83
O1P PCW VB . 29.81 33.89 7.26
O2P PCW VB . 31.04 32.61 5.51
O3P PCW VB . 30.01 31.38 7.53
O4P PCW VB . 28.67 32.27 5.70
P PCW VB . 29.93 32.60 6.48
C1 PCW WB . -18.94 27.56 25.83
C2 PCW WB . -18.66 26.92 24.42
C3 PCW WB . -18.06 25.48 24.60
C4 PCW WB . -18.48 31.00 23.62
C5 PCW WB . -17.64 32.12 22.99
C6 PCW WB . -17.62 31.56 20.64
C7 PCW WB . -17.23 33.76 21.29
C8 PCW WB . -19.37 32.99 21.45
C11 PCW WB . -16.50 24.65 22.98
C12 PCW WB . -16.44 24.09 21.58
C13 PCW WB . -16.34 22.52 21.68
C14 PCW WB . -16.28 21.78 20.34
C15 PCW WB . -16.17 22.67 19.06
C16 PCW WB . -15.08 22.10 18.08
C17 PCW WB . -14.14 23.15 17.36
C18 PCW WB . -14.61 23.52 15.97
C19 PCW WB . -13.47 24.05 15.06
C20 PCW WB . -12.97 23.32 13.99
C21 PCW WB . -13.32 21.99 13.44
C22 PCW WB . -11.99 21.26 13.14
C23 PCW WB . -12.05 19.99 12.23
C24 PCW WB . -12.08 20.23 10.74
C25 PCW WB . -12.84 19.26 9.80
C26 PCW WB . -14.35 19.21 9.95
C27 PCW WB . -15.17 20.39 9.40
C28 PCW WB . -16.27 19.89 8.50
C31 PCW WB . -20.07 27.58 22.62
C32 PCW WB . -21.42 27.29 21.96
C33 PCW WB . -21.37 26.38 20.65
C34 PCW WB . -21.15 27.20 19.37
C35 PCW WB . -22.51 27.07 18.55
C36 PCW WB . -22.26 26.79 17.06
C37 PCW WB . -23.55 26.65 16.19
C38 PCW WB . -23.22 26.38 14.74
C39 PCW WB . -24.46 26.24 13.89
C40 PCW WB . -24.76 25.21 13.10
C41 PCW WB . -23.90 23.98 12.92
C42 PCW WB . -24.24 22.95 14.10
C43 PCW WB . -25.49 22.09 13.96
C44 PCW WB . -25.58 21.23 15.21
C45 PCW WB . -26.94 21.17 15.86
C46 PCW WB . -27.79 20.03 15.36
C47 PCW WB . -27.53 18.67 15.97
C48 PCW WB . -28.47 17.62 15.37
N PCW WB . -17.95 32.58 21.66
O2 PCW WB . -19.95 26.76 23.67
O3 PCW WB . -17.80 24.91 23.30
O11 PCW WB . -15.55 24.86 23.69
O31 PCW WB . -19.23 28.44 22.24
O1P PCW WB . -20.01 30.07 25.90
O2P PCW WB . -18.05 30.95 27.19
O3P PCW WB . -18.00 28.59 26.19
O4P PCW WB . -17.79 30.60 24.83
P PCW WB . -18.52 30.10 26.07
C1 17F XB . 29.42 36.65 -10.40
N1 17F XB . 28.78 34.80 -8.83
O1 17F XB . 27.97 38.94 -11.74
P1 17F XB . 27.29 37.65 -11.33
C2 17F XB . 29.81 35.34 -9.71
O2 17F XB . 26.48 37.69 -10.07
C3 17F XB . 31.10 35.55 -8.91
O3 17F XB . 28.29 36.47 -11.18
C4 17F XB . 25.54 35.93 -12.29
O4 17F XB . 31.19 35.27 -7.64
C5 17F XB . 24.62 35.62 -13.50
O5 17F XB . 32.11 35.99 -9.44
C6 17F XB . 25.39 34.77 -14.54
O6 17F XB . 26.29 37.14 -12.46
C7 17F XB . 24.51 35.32 -16.63
O7 17F XB . 24.59 34.45 -15.67
C8 17F XB . 23.61 34.73 -17.74
O8 17F XB . 25.00 36.41 -16.75
C9 17F XB . 24.40 34.28 -18.99
O9 17F XB . 23.40 34.99 -13.12
C10 17F XB . 23.55 33.67 -20.17
O10 17F XB . 22.24 36.78 -14.03
C11 17F XB . 23.87 32.17 -20.48
C12 17F XB . 22.99 31.62 -21.66
C17 17F XB . 22.34 35.62 -13.60
C18 17F XB . 21.11 34.74 -13.58
C19 17F XB . 21.08 33.61 -14.65
C20 17F XB . 21.67 32.25 -14.10
C1X 17F XB . 23.33 30.15 -21.94
C1Y 17F XB . 21.63 31.16 -15.20
C1Z 17F XB . 20.63 30.06 -14.84
C2X 17F XB . 22.47 29.53 -23.14
C21 17F XB . 20.99 29.24 -22.74
C22 17F XB . 20.34 28.16 -23.05
C23 17F XB . 20.85 27.02 -23.83
C24 17F XB . 19.91 26.55 -24.94
C25 17F XB . 20.39 25.37 -25.77
C26 17F XB . 19.53 24.03 -25.66
C27 17F XB . 20.02 22.87 -26.48
C28 17F XB . 19.03 21.66 -26.25
C29 17F XB . 19.83 20.44 -26.00
C30 17F XB . 19.03 19.20 -25.76
C31 17F XB . 19.38 29.91 -15.76
C32 17F XB . 18.38 28.79 -15.36
C33 17F XB . 18.87 27.46 -15.95
C34 17F XB . 18.25 26.30 -15.79
C35 17F XB . 16.98 26.04 -15.02
C36 17F XB . 15.68 26.11 -15.88
C37 17F XB . 14.59 26.68 -15.07
C38 17F XB . 13.16 26.43 -15.62
C39 17F XB . 12.09 27.05 -14.70
C40 17F XB . 11.31 28.14 -15.47
C41 17F XB . 9.85 27.64 -15.80
C42 17F XB . 9.40 27.59 -17.28
C1 17F YB . 10.21 36.88 12.54
N1 17F YB . 9.40 34.52 12.81
O1 17F YB . 11.78 36.96 10.18
P1 17F YB . 10.32 37.28 10.03
C2 17F YB . 9.37 35.87 13.36
O2 17F YB . 9.97 38.59 9.36
C3 17F YB . 7.91 36.34 13.46
O3 17F YB . 9.54 37.26 11.38
C4 17F YB . 8.18 36.26 8.91
O4 17F YB . 6.92 35.62 13.10
C5 17F YB . 7.65 35.06 8.05
O5 17F YB . 7.64 37.47 13.90
C6 17F YB . 7.65 35.44 6.55
O6 17F YB . 9.58 36.17 9.18
C7 17F YB . 6.34 34.65 4.78
O7 17F YB . 7.17 34.38 5.74
C8 17F YB . 5.96 33.31 4.10
O8 17F YB . 5.87 35.70 4.43
C9 17F YB . 5.09 32.41 5.01
O9 17F YB . 8.37 33.85 8.29
C10 17F YB . 4.66 31.02 4.40
O10 17F YB . 8.44 33.27 10.52
C11 17F YB . 5.62 29.82 4.79
C12 17F YB . 5.15 28.46 4.15
C17 17F YB . 7.97 33.22 9.38
C18 17F YB . 6.76 32.34 9.12
C19 17F YB . 5.44 32.88 9.73
C20 17F YB . 4.25 32.82 8.70
C1X 17F YB . 6.10 27.32 4.53
C1Y 17F YB . 2.95 33.37 9.34
C1Z 17F YB . 1.86 32.28 9.35
C2X 17F YB . 5.66 25.90 3.91
C21 17F YB . 5.52 25.95 2.35
C22 17F YB . 4.68 25.24 1.68
C23 17F YB . 3.69 24.29 2.22
C24 17F YB . 4.22 22.87 2.39
C25 17F YB . 3.25 21.83 2.93
C26 17F YB . 2.96 20.57 1.99
C27 17F YB . 1.99 19.55 2.55
C28 17F YB . 1.86 18.40 1.49
C29 17F YB . 0.50 18.46 0.91
C30 17F YB . 0.22 17.42 -0.13
C31 17F YB . 0.38 32.77 9.60
C32 17F YB . -0.69 31.66 9.60
C33 17F YB . -2.06 32.30 9.37
C34 17F YB . -3.20 31.63 9.32
C35 17F YB . -3.38 30.13 9.49
C36 17F YB . -3.57 29.35 8.16
C37 17F YB . -4.70 28.39 8.32
C38 17F YB . -4.66 27.18 7.35
C39 17F YB . -5.87 26.24 7.57
C40 17F YB . -7.04 26.65 6.66
C41 17F YB . -8.41 26.09 7.21
C42 17F YB . -9.67 26.24 6.36
C1 17F ZB . 6.47 26.94 18.54
N1 17F ZB . 6.01 29.37 18.84
O1 17F ZB . 8.12 24.37 18.03
P1 17F ZB . 8.25 25.67 17.27
C2 17F ZB . 5.76 28.20 18.02
O2 17F ZB . 9.63 26.02 16.75
C3 17F ZB . 4.26 27.95 17.92
O3 17F ZB . 7.77 26.90 18.10
C4 17F ZB . 7.28 26.83 15.11
O4 17F ZB . 3.39 28.71 18.50
C5 17F ZB . 6.30 26.64 13.92
O5 17F ZB . 3.80 27.01 17.27
C6 17F ZB . 6.79 27.48 12.72
O6 17F ZB . 7.32 25.70 16.00
C7 17F ZB . 6.24 27.97 10.50
O7 17F ZB . 5.94 27.35 11.59
C8 17F ZB . 5.15 27.67 9.44
O8 17F ZB . 7.17 28.69 10.23
C9 17F ZB . 5.31 26.27 8.79
O9 17F ZB . 6.11 25.28 13.56
C10 17F ZB . 4.24 25.89 7.71
O10 17F ZB . 4.77 24.51 15.27
C11 17F ZB . 3.59 24.47 7.89
C12 17F ZB . 2.54 24.17 6.76
C17 17F ZB . 5.01 24.77 14.09
C18 17F ZB . 3.96 24.47 13.05
C19 17F ZB . 2.79 25.50 13.00
C20 17F ZB . 2.11 25.56 11.59
C1X 17F ZB . 1.93 22.77 6.96
C1Y 17F ZB . 0.95 26.59 11.59
C1Z 17F ZB . 0.08 26.43 10.33
C2X 17F ZB . 0.84 22.43 5.83
C21 17F ZB . -0.40 21.67 6.40
C22 17F ZB . -1.32 21.12 5.68
C23 17F ZB . -1.41 21.07 4.22
C24 17F ZB . -2.51 20.17 3.67
C25 17F ZB . -2.64 20.10 2.16
C26 17F ZB . -4.13 20.22 1.58
C27 17F ZB . -4.24 20.15 0.08
C28 17F ZB . -5.76 20.29 -0.29
C29 17F ZB . -6.25 19.01 -0.84
C30 17F ZB . -7.69 19.01 -1.23
C31 17F ZB . 0.63 27.04 9.01
C32 17F ZB . -0.28 26.85 7.76
C33 17F ZB . 0.47 27.35 6.53
C34 17F ZB . -0.02 27.33 5.29
C35 17F ZB . -1.37 26.82 4.85
C36 17F ZB . -1.43 25.29 4.60
C37 17F ZB . -1.52 25.03 3.13
C38 17F ZB . -0.27 24.35 2.53
C39 17F ZB . -0.44 24.11 1.01
C40 17F ZB . 0.09 22.74 0.61
C41 17F ZB . 0.62 22.75 -0.87
C42 17F ZB . 1.66 21.72 -1.31
C1 17F AC . 20.28 42.67 -7.41
N1 17F AC . 21.09 44.66 -6.14
O1 17F AC . 21.40 39.74 -7.19
P1 17F AC . 21.72 40.75 -8.26
C2 17F AC . 20.28 44.19 -7.25
O2 17F AC . 23.09 40.69 -8.88
C3 17F AC . 18.83 44.69 -7.09
O3 17F AC . 21.55 42.22 -7.77
C4 17F AC . 20.83 41.51 -10.62
O4 17F AC . 18.47 45.41 -6.08
C5 17F AC . 19.76 41.24 -11.72
O5 17F AC . 17.97 44.42 -7.91
C6 17F AC . 19.21 42.57 -12.28
O6 17F AC . 20.72 40.65 -9.49
C7 17F AC . 17.83 43.37 -14.00
O7 17F AC . 18.24 42.36 -13.29
C8 17F AC . 16.82 42.83 -15.03
O8 17F AC . 18.14 44.53 -13.96
C9 17F AC . 17.50 42.24 -16.30
O9 17F AC . 20.26 40.39 -12.75
C10 17F AC . 16.53 41.67 -17.40
O10 17F AC . 18.83 38.61 -12.35
C11 17F AC . 16.55 40.09 -17.53
C12 17F AC . 15.56 39.58 -18.64
C17 17F AC . 19.41 39.44 -13.08
C18 17F AC . 19.11 39.41 -14.57
C19 17F AC . 20.29 38.93 -15.45
C20 17F AC . 20.17 39.43 -16.94
C1X 17F AC . 15.61 38.04 -18.74
C1Y 17F AC . 21.36 38.92 -17.79
C1Z 17F AC . 20.88 38.34 -19.11
C2X 17F AC . 14.62 37.48 -19.87
C21 17F AC . 13.12 37.57 -19.46
C22 17F AC . 12.47 36.62 -18.86
C23 17F AC . 12.97 35.31 -18.45
C24 17F AC . 12.70 34.95 -16.99
C25 17F AC . 13.19 33.59 -16.52
C26 17F AC . 14.55 33.61 -15.66
C27 17F AC . 15.03 32.26 -15.21
C28 17F AC . 16.36 32.48 -14.39
C29 17F AC . 16.39 31.54 -13.25
C30 17F AC . 17.60 31.64 -12.39
C31 17F AC . 20.06 39.29 -20.06
C32 17F AC . 19.59 38.65 -21.40
C33 17F AC . 20.06 39.54 -22.54
C34 17F AC . 19.83 39.30 -23.83
C35 17F AC . 19.09 38.12 -24.41
C36 17F AC . 19.95 37.16 -25.27
C37 17F AC . 19.37 35.80 -25.22
C38 17F AC . 20.40 34.64 -25.13
C39 17F AC . 19.70 33.27 -25.08
C40 17F AC . 19.48 32.73 -26.50
C41 17F AC . 19.52 31.15 -26.51
C42 17F AC . 20.88 30.44 -26.54
C1 17F BC . 17.65 11.24 32.37
N1 17F BC . 17.74 12.05 30.00
O1 17F BC . 18.63 8.38 33.07
P1 17F BC . 17.23 8.77 32.67
C2 17F BC . 17.01 12.08 31.25
O2 17F BC . 16.80 8.81 34.12
C3 17F BC . 16.86 13.54 31.72
O3 17F BC . 16.79 10.25 32.79
C4 17F BC . 14.75 7.95 32.31
O4 17F BC . 17.34 14.54 31.05
C5 17F BC . 13.82 6.70 32.38
O5 17F BC . 16.27 13.81 32.76
C6 17F BC . 12.34 7.15 32.59
O6 17F BC . 16.10 7.66 32.67
C7 17F BC . 10.60 5.95 33.61
O7 17F BC . 11.47 6.02 32.66
C8 17F BC . 9.86 4.60 33.48
O8 17F BC . 10.34 6.72 34.51
C9 17F BC . 10.79 3.38 33.71
O9 17F BC . 13.94 5.85 31.23
C10 17F BC . 10.13 1.96 33.61
O10 17F BC . 13.78 3.91 32.46
C11 17F BC . 11.04 0.79 34.12
C12 17F BC . 10.35 -0.62 34.00
C17 17F BC . 14.27 4.62 31.58
C18 17F BC . 15.40 4.07 30.74
C19 17F BC . 16.82 4.52 31.22
C20 17F BC . 17.17 3.98 32.65
C1X 17F BC . 11.30 -1.71 34.52
C1Y 17F BC . 18.58 4.45 33.07
C1Z 17F BC . 19.16 3.55 34.17
C2X 17F BC . 10.69 -3.19 34.44
C21 17F BC . 11.15 -3.94 33.15
C22 17F BC . 11.73 -5.09 33.14
C23 17F BC . 12.09 -5.95 34.28
C24 17F BC . 11.34 -7.27 34.33
C25 17F BC . 11.65 -8.20 35.49
C26 17F BC . 11.53 -7.57 36.96
C27 17F BC . 11.86 -8.51 38.10
C28 17F BC . 11.67 -7.71 39.44
C29 17F BC . 12.99 -7.61 40.11
C30 17F BC . 12.95 -6.86 41.41
C31 17F BC . 19.56 2.09 33.76
C32 17F BC . 20.13 1.21 34.91
C33 17F BC . 19.97 -0.26 34.53
C34 17F BC . 20.36 -1.27 35.29
C35 17F BC . 21.02 -1.20 36.64
C36 17F BC . 22.50 -1.68 36.67
C37 17F BC . 22.54 -3.16 36.61
C38 17F BC . 22.99 -3.86 37.92
C39 17F BC . 23.00 -5.38 37.78
C40 17F BC . 21.83 -6.00 38.56
C41 17F BC . 21.26 -7.26 37.81
C42 17F BC . 21.76 -8.65 38.22
C1 17F CC . -12.52 42.95 11.35
N1 17F CC . -13.78 44.69 10.08
O1 17F CC . -13.18 41.42 14.67
P1 17F CC . -12.76 41.24 13.23
C2 17F CC . -12.88 44.43 11.20
O2 17F CC . -11.27 41.20 12.97
C3 17F CC . -11.61 45.27 11.04
O3 17F CC . -13.35 42.33 12.28
C4 17F CC . -13.05 39.50 11.28
O4 17F CC . -11.43 46.06 10.05
C5 17F CC . -13.70 38.13 10.89
O5 17F CC . -10.71 45.20 11.88
C6 17F CC . -14.46 37.54 12.11
O6 17F CC . -13.32 39.90 12.63
C7 17F CC . -16.36 36.25 11.62
O7 17F CC . -15.08 36.29 11.81
C8 17F CC . -16.75 34.79 11.34
O8 17F CC . -17.18 37.13 11.64
C9 17F CC . -17.83 34.26 12.33
O9 17F CC . -14.55 38.23 9.74
C10 17F CC . -18.28 32.76 12.10
O10 17F CC . -14.36 36.16 8.75
C11 17F CC . -17.61 31.74 13.09
C12 17F CC . -18.08 30.27 12.83
C17 17F CC . -14.20 37.38 8.79
C18 17F CC . -13.51 38.09 7.65
C19 17F CC . -12.59 37.18 6.79
C20 17F CC . -12.18 37.85 5.42
C1X 17F CC . -17.40 29.30 13.81
C1Y 17F CC . -11.26 36.92 4.60
C1Z 17F CC . -12.06 36.13 3.57
C2X 17F CC . -17.84 27.78 13.59
C21 17F CC . -16.66 26.88 13.15
C22 17F CC . -16.76 25.90 12.33
C23 17F CC . -17.97 25.42 11.64
C24 17F CC . -18.53 24.10 12.19
C25 17F CC . -19.78 23.58 11.52
C26 17F CC . -19.80 22.00 11.24
C27 17F CC . -21.06 21.49 10.57
C28 17F CC . -20.89 19.93 10.38
C29 17F CC . -20.44 19.66 9.00
C30 17F CC . -20.23 18.20 8.68
C31 17F CC . -12.86 36.95 2.51
C32 17F CC . -13.66 36.12 1.47
C33 17F CC . -14.70 37.01 0.81
C34 17F CC . -15.56 36.61 -0.13
C35 17F CC . -15.68 35.23 -0.72
C36 17F CC . -16.99 34.98 -1.51
C37 17F CC . -16.80 33.82 -2.41
C38 17F CC . -18.05 32.92 -2.58
C39 17F CC . -17.77 31.74 -3.52
C40 17F CC . -19.08 31.17 -4.09
C41 17F CC . -19.11 29.60 -3.98
C42 17F CC . -18.72 28.75 -5.20
C1 17F DC . -2.17 40.35 9.88
N1 17F DC . -1.38 38.58 11.46
O1 17F DC . 0.01 40.02 6.87
P1 17F DC . -1.36 39.88 7.51
C2 17F DC . -2.41 39.55 11.17
O2 17F DC . -2.33 41.00 7.24
C3 17F DC . -3.78 38.83 11.07
O3 17F DC . -1.28 39.68 9.05
C4 17F DC . -3.40 38.21 7.46
O4 17F DC . -3.89 37.56 11.25
C5 17F DC . -3.89 36.87 6.85
O5 17F DC . -4.80 39.46 10.84
C6 17F DC . -4.34 35.91 7.98
O6 17F DC . -2.09 38.56 7.01
C7 17F DC . -5.99 34.24 7.81
O7 17F DC . -4.81 34.67 7.48
C8 17F DC . -6.22 32.88 7.13
O8 17F DC . -6.83 34.75 8.52
C9 17F DC . -6.34 32.96 5.58
O9 17F DC . -4.95 37.06 5.89
C10 17F DC . -6.56 31.60 4.83
O10 17F DC . -3.32 37.27 4.26
C11 17F DC . -5.24 30.96 4.26
C12 17F DC . -5.50 29.60 3.52
C17 17F DC . -4.49 37.25 4.67
C18 17F DC . -5.62 37.47 3.68
C19 17F DC . -6.59 36.28 3.53
C20 17F DC . -6.43 35.56 2.14
C1X 17F DC . -4.18 29.03 2.98
C1Y 17F DC . -7.41 34.37 2.01
C1Z 17F DC . -7.73 34.07 0.54
C2X 17F DC . -4.39 27.64 2.20
C21 17F DC . -4.11 27.76 0.68
C22 17F DC . -2.94 27.86 0.14
C23 17F DC . -1.64 27.89 0.82
C24 17F DC . -0.53 28.58 0.03
C25 17F DC . 0.84 28.63 0.69
C26 17F DC . 1.93 29.56 -0.03
C27 17F DC . 3.28 29.59 0.64
C28 17F DC . 4.22 30.54 -0.21
C29 17F DC . 5.27 29.73 -0.85
C30 17F DC . 6.23 30.50 -1.68
C31 17F DC . -6.53 33.61 -0.35
C32 17F DC . -6.88 33.32 -1.84
C33 17F DC . -6.00 34.17 -2.75
C34 17F DC . -6.05 34.15 -4.08
C35 17F DC . -6.98 33.31 -4.94
C36 17F DC . -6.38 32.90 -6.31
C37 17F DC . -7.15 31.74 -6.83
C38 17F DC . -7.93 32.02 -8.15
C39 17F DC . -8.70 30.77 -8.62
C40 17F DC . -10.21 31.02 -8.56
C41 17F DC . -10.99 29.65 -8.45
C42 17F DC . -11.67 29.28 -7.13
C1 17F EC . 5.35 47.46 -7.09
N1 17F EC . 6.62 45.65 -5.92
O1 17F EC . 3.72 49.07 -8.79
P1 17F EC . 3.28 47.66 -8.53
C2 17F EC . 6.59 46.56 -7.05
O2 17F EC . 1.96 47.49 -7.80
C3 17F EC . 7.84 47.44 -7.04
O3 17F EC . 4.30 46.81 -7.72
C4 17F EC . 2.67 45.48 -9.88
O4 17F EC . 8.76 47.34 -6.13
C5 17F EC . 2.56 44.86 -11.32
O5 17F EC . 8.04 48.30 -7.91
C6 17F EC . 3.97 44.78 -11.97
O6 17F EC . 3.10 46.84 -9.87
C7 17F EC . 3.96 45.02 -14.29
O7 17F EC . 3.91 44.23 -13.27
C8 17F EC . 3.85 44.17 -15.58
O8 17F EC . 4.05 46.23 -14.35
C9 17F EC . 2.40 43.74 -15.91
O9 17F EC . 1.90 43.58 -11.34
C10 17F EC . 2.20 42.88 -17.21
O10 17F EC . 3.54 42.60 -10.03
C11 17F EC . 1.67 41.42 -16.95
C12 17F EC . 1.49 40.62 -18.29
C17 17F EC . 2.40 42.69 -10.50
C18 17F EC . 1.37 41.66 -10.10
C19 17F EC . 1.58 40.25 -10.72
C20 17F EC . 1.66 39.12 -9.62
C1X 17F EC . 0.97 39.20 -18.00
C1Y 17F EC . 1.87 37.74 -10.27
C1Z 17F EC . 0.54 37.15 -10.75
C2X 17F EC . 0.77 38.34 -19.34
C21 17F EC . 2.13 37.84 -19.93
C22 17F EC . 2.34 36.65 -20.39
C23 17F EC . 1.39 35.53 -20.46
C24 17F EC . 1.98 34.18 -20.11
C25 17F EC . 1.03 32.99 -20.15
C26 17F EC . 1.21 32.01 -21.41
C27 17F EC . 0.25 30.84 -21.44
C28 17F EC . 0.58 30.00 -22.73
C29 17F EC . -0.39 28.90 -22.85
C30 17F EC . -0.20 28.02 -24.05
C31 17F EC . 0.03 35.86 -10.01
C32 17F EC . -1.32 35.29 -10.52
C33 17F EC . -1.19 33.78 -10.72
C34 17F EC . -2.16 32.99 -11.14
C35 17F EC . -3.57 33.39 -11.52
C36 17F EC . -4.66 33.01 -10.48
C37 17F EC . -4.69 34.05 -9.41
C38 17F EC . -5.80 35.11 -9.58
C39 17F EC . -5.76 36.15 -8.44
C40 17F EC . -7.17 36.41 -7.90
C41 17F EC . -7.12 37.48 -6.73
C42 17F EC . -8.44 37.89 -6.06
PG GNP FC . -27.60 -13.00 -13.01
O1G GNP FC . -27.32 -13.01 -14.48
O2G GNP FC . -26.57 -12.17 -12.25
O3G GNP FC . -28.99 -12.56 -12.87
N3B GNP FC . -27.58 -14.51 -12.42
PB GNP FC . -26.47 -15.65 -12.67
O1B GNP FC . -25.13 -15.26 -12.19
O2B GNP FC . -26.49 -15.94 -14.11
O3A GNP FC . -26.95 -16.93 -11.93
PA GNP FC . -26.59 -17.55 -10.52
O1A GNP FC . -25.18 -17.99 -10.51
O2A GNP FC . -27.06 -16.73 -9.40
O5' GNP FC . -27.43 -18.86 -10.40
C5' GNP FC . -28.87 -18.76 -10.38
C4' GNP FC . -29.48 -19.63 -11.46
O4' GNP FC . -28.43 -20.20 -12.31
C3' GNP FC . -30.28 -20.82 -10.94
O3' GNP FC . -31.50 -20.93 -11.66
C2' GNP FC . -29.33 -21.99 -11.11
O2' GNP FC . -29.92 -23.26 -11.23
C1' GNP FC . -28.55 -21.62 -12.36
N9 GNP FC . -27.19 -22.21 -12.43
C8 GNP FC . -26.04 -21.62 -11.98
N7 GNP FC . -24.98 -22.34 -12.16
C5 GNP FC . -25.45 -23.52 -12.76
C6 GNP FC . -24.75 -24.70 -13.19
O6 GNP FC . -23.57 -24.97 -13.14
N1 GNP FC . -25.58 -25.64 -13.74
C2 GNP FC . -26.94 -25.51 -13.87
N2 GNP FC . -27.56 -26.55 -14.44
N3 GNP FC . -27.61 -24.42 -13.49
C4 GNP FC . -26.80 -23.46 -12.92
MG MG GC . -23.14 -10.92 -8.06
N LEU A 3 -35.31 -7.76 35.45
CA LEU A 3 -36.35 -7.06 34.72
C LEU A 3 -35.90 -5.65 34.37
N LYS A 4 -34.66 -5.34 34.73
CA LYS A 4 -34.08 -4.03 34.46
C LYS A 4 -34.15 -3.71 32.96
N LEU A 5 -33.88 -4.72 32.14
CA LEU A 5 -33.90 -4.55 30.70
C LEU A 5 -35.30 -4.21 30.21
N LEU A 6 -36.28 -4.99 30.63
CA LEU A 6 -37.66 -4.79 30.23
C LEU A 6 -38.21 -3.43 30.68
N ASP A 7 -38.02 -3.10 31.95
CA ASP A 7 -38.50 -1.84 32.50
C ASP A 7 -37.88 -0.64 31.78
N ASN A 8 -36.58 -0.72 31.53
CA ASN A 8 -35.88 0.37 30.86
C ASN A 8 -36.22 0.42 29.37
N TRP A 9 -36.30 -0.74 28.74
CA TRP A 9 -36.64 -0.81 27.33
C TRP A 9 -38.03 -0.28 27.07
N ASP A 10 -38.90 -0.40 28.07
CA ASP A 10 -40.26 0.11 27.97
C ASP A 10 -40.24 1.62 27.82
N SER A 11 -39.32 2.27 28.53
CA SER A 11 -39.18 3.71 28.45
C SER A 11 -38.54 4.11 27.13
N VAL A 12 -37.79 3.18 26.53
CA VAL A 12 -37.14 3.42 25.25
C VAL A 12 -38.15 3.26 24.11
N THR A 13 -39.02 2.27 24.24
CA THR A 13 -40.04 2.02 23.23
C THR A 13 -41.06 3.15 23.21
N SER A 14 -41.37 3.68 24.38
CA SER A 14 -42.33 4.77 24.49
C SER A 14 -41.75 6.05 23.89
N THR A 15 -40.47 6.31 24.15
CA THR A 15 -39.81 7.49 23.60
C THR A 15 -39.74 7.39 22.08
N PHE A 16 -39.42 6.19 21.59
CA PHE A 16 -39.35 5.96 20.15
C PHE A 16 -40.71 6.19 19.52
N SER A 17 -41.76 5.80 20.24
CA SER A 17 -43.12 5.98 19.75
C SER A 17 -43.44 7.48 19.71
N LYS A 18 -43.05 8.19 20.76
CA LYS A 18 -43.26 9.63 20.85
C LYS A 18 -42.42 10.34 19.81
N LEU A 19 -41.27 9.76 19.47
CA LEU A 19 -40.39 10.32 18.47
C LEU A 19 -41.09 10.31 17.12
N ARG A 20 -41.85 9.24 16.89
CA ARG A 20 -42.61 9.11 15.65
C ARG A 20 -43.74 10.12 15.63
N GLU A 21 -44.30 10.39 16.80
CA GLU A 21 -45.38 11.36 16.95
C GLU A 21 -44.87 12.76 16.60
N GLN A 22 -43.57 12.96 16.77
CA GLN A 22 -42.95 14.24 16.47
C GLN A 22 -42.38 14.21 15.05
N LEU A 23 -41.96 13.02 14.62
CA LEU A 23 -41.41 12.82 13.28
C LEU A 23 -42.48 13.07 12.22
N GLY A 24 -43.71 12.68 12.53
CA GLY A 24 -44.80 12.89 11.61
C GLY A 24 -44.90 14.34 11.19
N PRO A 25 -45.30 15.24 12.11
CA PRO A 25 -45.43 16.67 11.83
C PRO A 25 -44.13 17.27 11.29
N VAL A 26 -42.99 16.92 11.90
CA VAL A 26 -41.70 17.46 11.47
C VAL A 26 -41.42 17.16 9.99
N THR A 27 -41.75 15.96 9.53
CA THR A 27 -41.53 15.60 8.13
C THR A 27 -42.47 16.41 7.25
N GLN A 28 -43.70 16.58 7.71
CA GLN A 28 -44.70 17.34 6.97
C GLN A 28 -44.26 18.80 6.86
N GLU A 29 -43.89 19.38 7.99
CA GLU A 29 -43.46 20.78 8.04
C GLU A 29 -42.13 20.97 7.30
N PHE A 30 -41.23 20.00 7.44
CA PHE A 30 -39.94 20.07 6.77
C PHE A 30 -40.15 20.08 5.26
N TRP A 31 -40.96 19.14 4.76
CA TRP A 31 -41.24 19.06 3.33
C TRP A 31 -42.07 20.26 2.88
N ASP A 32 -42.97 20.71 3.75
CA ASP A 32 -43.81 21.87 3.46
C ASP A 32 -42.93 23.08 3.19
N ASN A 33 -41.99 23.32 4.09
CA ASN A 33 -41.06 24.42 3.94
C ASN A 33 -40.06 24.14 2.83
N LEU A 34 -39.71 22.87 2.65
CA LEU A 34 -38.78 22.47 1.60
C LEU A 34 -39.38 22.73 0.24
N GLU A 35 -40.71 22.58 0.15
CA GLU A 35 -41.42 22.84 -1.09
C GLU A 35 -41.32 24.32 -1.42
N LYS A 36 -41.48 25.14 -0.40
CA LYS A 36 -41.39 26.60 -0.58
C LYS A 36 -39.98 26.94 -1.02
N GLU A 37 -39.01 26.24 -0.43
CA GLU A 37 -37.61 26.44 -0.78
C GLU A 37 -37.37 26.06 -2.23
N THR A 38 -37.77 24.84 -2.60
CA THR A 38 -37.60 24.36 -3.95
C THR A 38 -38.37 25.22 -4.95
N GLU A 39 -39.53 25.71 -4.55
CA GLU A 39 -40.33 26.58 -5.41
C GLU A 39 -39.58 27.88 -5.67
N GLY A 40 -39.11 28.50 -4.59
CA GLY A 40 -38.35 29.73 -4.71
C GLY A 40 -37.07 29.49 -5.48
N LEU A 41 -36.36 28.43 -5.09
CA LEU A 41 -35.12 28.05 -5.73
C LEU A 41 -35.34 27.78 -7.21
N ARG A 42 -36.51 27.25 -7.55
CA ARG A 42 -36.85 26.95 -8.94
C ARG A 42 -37.06 28.27 -9.68
N GLN A 43 -37.76 29.20 -9.04
CA GLN A 43 -38.01 30.50 -9.63
C GLN A 43 -36.68 31.20 -9.87
N GLU A 44 -35.81 31.11 -8.88
CA GLU A 44 -34.49 31.70 -8.96
C GLU A 44 -33.65 30.96 -10.00
N MET A 45 -33.73 29.63 -9.96
CA MET A 45 -32.98 28.79 -10.90
C MET A 45 -33.41 29.06 -12.33
N SER A 46 -34.68 29.37 -12.52
CA SER A 46 -35.19 29.67 -13.85
C SER A 46 -34.48 30.93 -14.34
N LYS A 47 -34.31 31.88 -13.43
CA LYS A 47 -33.61 33.12 -13.74
C LYS A 47 -32.12 32.83 -13.88
N ASP A 48 -31.59 32.08 -12.93
CA ASP A 48 -30.18 31.70 -12.91
C ASP A 48 -29.79 31.05 -14.23
N LEU A 49 -30.48 29.98 -14.59
CA LEU A 49 -30.21 29.27 -15.82
C LEU A 49 -30.43 30.12 -17.05
N GLU A 50 -31.59 30.78 -17.13
CA GLU A 50 -31.91 31.62 -18.29
C GLU A 50 -30.87 32.71 -18.48
N GLU A 51 -30.60 33.48 -17.44
CA GLU A 51 -29.65 34.56 -17.51
C GLU A 51 -28.23 34.05 -17.76
N VAL A 52 -27.84 33.00 -17.06
CA VAL A 52 -26.50 32.42 -17.22
C VAL A 52 -26.34 31.85 -18.63
N LYS A 53 -27.38 31.22 -19.15
CA LYS A 53 -27.33 30.64 -20.49
C LYS A 53 -27.38 31.70 -21.57
N ALA A 54 -28.33 32.63 -21.45
CA ALA A 54 -28.47 33.70 -22.43
C ALA A 54 -27.21 34.56 -22.46
N LYS A 55 -26.58 34.71 -21.30
CA LYS A 55 -25.37 35.49 -21.20
C LYS A 55 -24.12 34.64 -21.41
N VAL A 56 -24.26 33.32 -21.33
CA VAL A 56 -23.13 32.43 -21.54
C VAL A 56 -22.68 32.50 -22.99
N GLN A 57 -23.64 32.83 -23.87
CA GLN A 57 -23.35 32.98 -25.28
C GLN A 57 -22.35 34.11 -25.48
N PRO A 58 -22.68 35.37 -25.10
CA PRO A 58 -21.75 36.49 -25.23
C PRO A 58 -20.49 36.27 -24.39
N TYR A 59 -20.62 35.51 -23.30
CA TYR A 59 -19.48 35.20 -22.44
C TYR A 59 -18.47 34.38 -23.20
N LEU A 60 -18.91 33.22 -23.66
CA LEU A 60 -18.06 32.31 -24.42
C LEU A 60 -17.67 32.92 -25.75
N ASP A 61 -18.61 33.60 -26.41
CA ASP A 61 -18.35 34.23 -27.69
C ASP A 61 -17.25 35.27 -27.59
N ASP A 62 -17.36 36.15 -26.60
CA ASP A 62 -16.36 37.20 -26.38
C ASP A 62 -15.00 36.59 -26.10
N PHE A 63 -14.96 35.65 -25.16
CA PHE A 63 -13.72 34.99 -24.80
C PHE A 63 -13.17 34.15 -25.94
N GLN A 64 -14.04 33.43 -26.63
CA GLN A 64 -13.62 32.60 -27.75
C GLN A 64 -13.11 33.43 -28.91
N LYS A 65 -13.79 34.53 -29.22
CA LYS A 65 -13.35 35.40 -30.31
C LYS A 65 -11.98 35.97 -29.99
N LYS A 66 -11.82 36.42 -28.74
CA LYS A 66 -10.55 36.95 -28.28
C LYS A 66 -9.49 35.85 -28.29
N TRP A 67 -9.86 34.68 -27.74
CA TRP A 67 -8.95 33.54 -27.70
C TRP A 67 -8.59 33.07 -29.10
N GLN A 68 -9.52 33.24 -30.04
CA GLN A 68 -9.27 32.86 -31.43
C GLN A 68 -8.10 33.68 -31.94
N GLU A 69 -8.18 35.00 -31.72
CA GLU A 69 -7.12 35.91 -32.13
C GLU A 69 -5.86 35.57 -31.35
N GLU A 70 -6.03 35.27 -30.08
CA GLU A 70 -4.93 34.91 -29.20
C GLU A 70 -4.19 33.69 -29.74
N MET A 71 -4.95 32.70 -30.17
CA MET A 71 -4.39 31.48 -30.73
C MET A 71 -3.72 31.77 -32.06
N GLU A 72 -4.35 32.62 -32.86
CA GLU A 72 -3.79 32.99 -34.16
C GLU A 72 -2.49 33.75 -33.95
N LEU A 73 -2.52 34.70 -33.03
CA LEU A 73 -1.34 35.49 -32.70
C LEU A 73 -0.26 34.58 -32.14
N TYR A 74 -0.69 33.62 -31.32
CA TYR A 74 0.25 32.67 -30.73
C TYR A 74 0.91 31.86 -31.83
N ARG A 75 0.12 31.34 -32.76
CA ARG A 75 0.65 30.56 -33.88
C ARG A 75 1.54 31.45 -34.75
N GLN A 76 1.10 32.68 -34.95
CA GLN A 76 1.84 33.65 -35.75
C GLN A 76 3.16 34.00 -35.08
N LYS A 77 3.25 33.72 -33.79
CA LYS A 77 4.47 33.98 -33.04
C LYS A 77 5.28 32.70 -32.93
N VAL A 78 4.60 31.58 -32.68
CA VAL A 78 5.25 30.28 -32.56
C VAL A 78 6.17 30.00 -33.74
N GLU A 79 5.72 30.30 -34.94
CA GLU A 79 6.52 30.07 -36.13
C GLU A 79 7.86 30.83 -36.10
N PRO A 80 7.86 32.18 -36.06
CA PRO A 80 9.11 32.95 -36.01
C PRO A 80 9.90 32.67 -34.72
N LEU A 81 9.19 32.46 -33.61
CA LEU A 81 9.84 32.18 -32.35
C LEU A 81 10.56 30.82 -32.41
N ARG A 82 9.93 29.87 -33.08
CA ARG A 82 10.51 28.55 -33.25
C ARG A 82 11.68 28.65 -34.22
N ALA A 83 11.59 29.60 -35.14
CA ALA A 83 12.66 29.84 -36.10
C ALA A 83 13.89 30.33 -35.37
N GLU A 84 13.69 31.28 -34.45
CA GLU A 84 14.78 31.82 -33.64
C GLU A 84 15.41 30.68 -32.84
N LEU A 85 14.55 29.84 -32.28
CA LEU A 85 15.00 28.70 -31.49
C LEU A 85 15.72 27.69 -32.37
N GLN A 86 15.19 27.46 -33.57
CA GLN A 86 15.78 26.52 -34.51
C GLN A 86 17.15 27.00 -34.97
N GLU A 87 17.21 28.24 -35.45
CA GLU A 87 18.46 28.83 -35.91
C GLU A 87 19.47 28.83 -34.78
N GLY A 88 19.01 29.21 -33.59
CA GLY A 88 19.85 29.24 -32.43
C GLY A 88 20.33 27.85 -32.07
N ALA A 89 19.40 26.89 -32.06
CA ALA A 89 19.73 25.50 -31.74
C ALA A 89 20.74 24.94 -32.72
N ARG A 90 20.59 25.29 -33.99
CA ARG A 90 21.51 24.82 -35.02
C ARG A 90 22.93 25.25 -34.69
N GLN A 91 23.08 26.51 -34.26
CA GLN A 91 24.38 27.03 -33.90
C GLN A 91 24.85 26.47 -32.57
N LYS A 92 23.97 26.51 -31.57
CA LYS A 92 24.27 26.01 -30.24
C LYS A 92 24.67 24.53 -30.26
N LEU A 93 23.93 23.72 -31.01
CA LEU A 93 24.22 22.30 -31.11
C LEU A 93 25.49 22.08 -31.92
N HIS A 94 25.70 22.92 -32.93
CA HIS A 94 26.88 22.82 -33.78
C HIS A 94 28.13 23.13 -32.95
N GLU A 95 28.05 24.18 -32.16
CA GLU A 95 29.16 24.58 -31.30
C GLU A 95 29.45 23.48 -30.29
N LEU A 96 28.39 22.91 -29.72
CA LEU A 96 28.54 21.83 -28.76
C LEU A 96 29.13 20.61 -29.45
N GLN A 97 28.70 20.36 -30.67
CA GLN A 97 29.20 19.23 -31.46
C GLN A 97 30.67 19.44 -31.77
N GLU A 98 31.01 20.66 -32.17
CA GLU A 98 32.38 21.02 -32.50
C GLU A 98 33.23 21.14 -31.24
N LYS A 99 32.59 20.95 -30.10
CA LYS A 99 33.29 21.00 -28.82
C LYS A 99 33.42 19.58 -28.28
N LEU A 100 32.35 18.81 -28.39
CA LEU A 100 32.33 17.43 -27.93
C LEU A 100 33.26 16.55 -28.76
N SER A 101 33.61 17.02 -29.96
CA SER A 101 34.51 16.27 -30.82
C SER A 101 35.95 16.36 -30.29
N PRO A 102 36.57 17.58 -30.26
CA PRO A 102 37.95 17.72 -29.75
C PRO A 102 38.02 17.39 -28.26
N LEU A 103 37.10 17.94 -27.47
CA LEU A 103 37.07 17.69 -26.04
C LEU A 103 36.75 16.23 -25.75
N GLY A 104 35.98 15.61 -26.64
CA GLY A 104 35.64 14.22 -26.47
C GLY A 104 36.87 13.37 -26.69
N GLU A 105 37.63 13.72 -27.72
CA GLU A 105 38.86 13.01 -28.02
C GLU A 105 39.84 13.23 -26.88
N GLU A 106 39.95 14.47 -26.44
CA GLU A 106 40.85 14.82 -25.33
C GLU A 106 40.45 14.10 -24.06
N MET A 107 39.16 14.08 -23.78
CA MET A 107 38.64 13.41 -22.60
C MET A 107 38.90 11.91 -22.69
N ARG A 108 38.68 11.35 -23.88
CA ARG A 108 38.89 9.93 -24.10
C ARG A 108 40.37 9.60 -23.93
N ASP A 109 41.23 10.48 -24.44
CA ASP A 109 42.67 10.28 -24.34
C ASP A 109 43.12 10.39 -22.88
N ARG A 110 42.55 11.36 -22.17
CA ARG A 110 42.86 11.53 -20.76
C ARG A 110 42.29 10.37 -19.96
N ALA A 111 41.16 9.84 -20.44
CA ALA A 111 40.51 8.70 -19.81
C ALA A 111 41.39 7.47 -19.98
N ARG A 112 42.04 7.40 -21.15
CA ARG A 112 42.96 6.30 -21.44
C ARG A 112 44.07 6.31 -20.41
N ALA A 113 44.76 7.45 -20.29
CA ALA A 113 45.83 7.60 -19.32
C ALA A 113 45.30 7.41 -17.91
N HIS A 114 44.09 7.91 -17.66
CA HIS A 114 43.44 7.80 -16.35
C HIS A 114 43.35 6.35 -15.91
N VAL A 115 42.77 5.52 -16.77
CA VAL A 115 42.59 4.10 -16.49
C VAL A 115 43.88 3.31 -16.69
N ASP A 116 44.62 3.65 -17.74
CA ASP A 116 45.86 2.95 -18.04
C ASP A 116 46.89 3.11 -16.92
N ALA A 117 47.06 4.35 -16.43
CA ALA A 117 47.99 4.60 -15.34
C ALA A 117 47.47 3.91 -14.08
N LEU A 118 46.15 3.74 -14.03
CA LEU A 118 45.52 3.07 -12.92
C LEU A 118 45.84 1.58 -13.00
N ARG A 119 45.86 1.05 -14.23
CA ARG A 119 46.18 -0.36 -14.46
C ARG A 119 47.57 -0.68 -13.93
N THR A 120 48.52 0.21 -14.23
CA THR A 120 49.90 0.03 -13.80
C THR A 120 50.01 0.01 -12.28
N HIS A 121 48.98 0.53 -11.62
CA HIS A 121 48.94 0.57 -10.17
C HIS A 121 48.05 -0.56 -9.64
N LEU A 122 46.96 -0.82 -10.34
CA LEU A 122 46.02 -1.87 -9.96
C LEU A 122 46.69 -3.23 -9.93
N ALA A 123 47.55 -3.50 -10.91
CA ALA A 123 48.25 -4.79 -10.96
C ALA A 123 49.01 -5.06 -9.66
N PRO A 124 49.99 -4.20 -9.28
CA PRO A 124 50.72 -4.39 -8.03
C PRO A 124 49.82 -4.22 -6.81
N TYR A 125 48.90 -3.24 -6.86
CA TYR A 125 47.99 -2.96 -5.75
C TYR A 125 47.20 -4.21 -5.37
N SER A 126 46.63 -4.89 -6.37
CA SER A 126 45.86 -6.09 -6.13
C SER A 126 46.76 -7.20 -5.61
N ASP A 127 47.97 -7.29 -6.16
CA ASP A 127 48.94 -8.29 -5.73
C ASP A 127 49.35 -8.07 -4.29
N GLU A 128 49.57 -6.80 -3.93
CA GLU A 128 49.95 -6.44 -2.57
C GLU A 128 48.78 -6.77 -1.64
N LEU A 129 47.58 -6.45 -2.10
CA LEU A 129 46.37 -6.74 -1.34
C LEU A 129 46.27 -8.23 -1.09
N ARG A 130 46.68 -9.02 -2.09
CA ARG A 130 46.66 -10.48 -1.96
C ARG A 130 47.58 -10.90 -0.83
N GLN A 131 48.78 -10.31 -0.80
CA GLN A 131 49.76 -10.61 0.23
C GLN A 131 49.23 -10.20 1.59
N ARG A 132 48.67 -9.00 1.67
CA ARG A 132 48.10 -8.49 2.90
C ARG A 132 46.94 -9.37 3.35
N LEU A 133 46.05 -9.69 2.42
CA LEU A 133 44.90 -10.52 2.70
C LEU A 133 45.35 -11.92 3.10
N ALA A 134 46.31 -12.46 2.37
CA ALA A 134 46.83 -13.79 2.66
C ALA A 134 47.49 -13.81 4.03
N ALA A 135 48.26 -12.77 4.33
CA ALA A 135 48.92 -12.67 5.62
C ALA A 135 47.88 -12.62 6.72
N ARG A 136 46.84 -11.82 6.51
CA ARG A 136 45.76 -11.70 7.46
C ARG A 136 44.99 -13.01 7.58
N LEU A 137 44.59 -13.57 6.44
CA LEU A 137 43.85 -14.82 6.41
C LEU A 137 44.63 -15.97 7.03
N GLU A 138 45.92 -16.06 6.71
CA GLU A 138 46.77 -17.12 7.26
C GLU A 138 46.90 -16.95 8.77
N ALA A 139 47.08 -15.71 9.20
CA ALA A 139 47.19 -15.43 10.63
C ALA A 139 45.86 -15.72 11.31
N LEU A 140 44.78 -15.22 10.71
CA LEU A 140 43.43 -15.43 11.23
C LEU A 140 43.04 -16.89 11.19
N LYS A 141 43.73 -17.68 10.38
CA LYS A 141 43.46 -19.11 10.29
C LYS A 141 44.11 -19.84 11.44
N GLU A 142 45.38 -19.54 11.70
CA GLU A 142 46.09 -20.15 12.82
C GLU A 142 45.48 -19.63 14.10
N ASN A 143 45.28 -18.31 14.13
CA ASN A 143 44.66 -17.64 15.26
C ASN A 143 43.24 -18.18 15.42
N GLY A 144 42.61 -18.44 14.28
CA GLY A 144 41.28 -18.97 14.27
C GLY A 144 41.23 -20.38 14.84
N GLY A 145 42.20 -21.20 14.45
CA GLY A 145 42.26 -22.55 14.96
C GLY A 145 42.41 -22.54 16.47
N ALA A 146 43.28 -21.64 16.95
CA ALA A 146 43.50 -21.49 18.37
C ALA A 146 42.23 -20.97 19.04
N ARG A 147 41.65 -19.92 18.45
CA ARG A 147 40.42 -19.33 18.95
C ARG A 147 39.30 -20.36 19.02
N LEU A 148 39.17 -21.17 17.97
CA LEU A 148 38.15 -22.20 17.91
C LEU A 148 38.33 -23.19 19.05
N ALA A 149 39.58 -23.56 19.31
CA ALA A 149 39.89 -24.49 20.40
C ALA A 149 39.56 -23.80 21.72
N GLU A 150 39.96 -22.54 21.83
CA GLU A 150 39.71 -21.74 23.01
C GLU A 150 38.22 -21.68 23.31
N TYR A 151 37.45 -21.29 22.29
CA TYR A 151 36.00 -21.18 22.42
C TYR A 151 35.39 -22.55 22.71
N HIS A 152 35.91 -23.58 22.04
CA HIS A 152 35.40 -24.94 22.24
C HIS A 152 35.60 -25.37 23.69
N ALA A 153 36.79 -25.08 24.22
CA ALA A 153 37.11 -25.43 25.61
C ALA A 153 36.18 -24.67 26.56
N LYS A 154 35.97 -23.40 26.27
CA LYS A 154 35.10 -22.56 27.08
C LYS A 154 33.66 -23.06 26.98
N ALA A 155 33.30 -23.54 25.78
CA ALA A 155 31.97 -24.07 25.54
C ALA A 155 31.78 -25.35 26.36
N THR A 156 32.84 -26.16 26.41
CA THR A 156 32.81 -27.40 27.18
C THR A 156 32.61 -27.08 28.66
N GLU A 157 33.39 -26.12 29.15
CA GLU A 157 33.28 -25.71 30.55
C GLU A 157 31.93 -25.03 30.81
N HIS A 158 31.41 -24.39 29.77
CA HIS A 158 30.12 -23.72 29.86
C HIS A 158 29.02 -24.76 29.95
N LEU A 159 29.16 -25.83 29.18
CA LEU A 159 28.18 -26.90 29.16
C LEU A 159 28.26 -27.75 30.41
N SER A 160 29.48 -28.02 30.90
CA SER A 160 29.66 -28.81 32.10
C SER A 160 29.02 -28.10 33.29
N THR A 161 29.33 -26.82 33.45
CA THR A 161 28.76 -26.05 34.52
C THR A 161 27.26 -25.84 34.30
N LEU A 162 26.83 -25.96 33.04
CA LEU A 162 25.42 -25.81 32.70
C LEU A 162 24.67 -27.08 33.09
N SER A 163 25.31 -28.23 32.94
CA SER A 163 24.68 -29.50 33.31
C SER A 163 24.46 -29.51 34.82
N GLU A 164 25.33 -28.81 35.54
CA GLU A 164 25.24 -28.70 36.98
C GLU A 164 24.10 -27.75 37.37
N LYS A 165 23.45 -27.19 36.36
CA LYS A 165 22.33 -26.29 36.55
C LYS A 165 21.09 -26.93 35.95
N ALA A 166 21.27 -27.58 34.80
CA ALA A 166 20.17 -28.24 34.11
C ALA A 166 19.69 -29.47 34.88
N LYS A 167 20.56 -30.02 35.72
CA LYS A 167 20.19 -31.19 36.52
C LYS A 167 19.76 -30.79 37.94
N PRO A 168 20.71 -30.36 38.82
CA PRO A 168 20.38 -30.00 40.21
C PRO A 168 19.44 -28.80 40.31
N ALA A 169 19.83 -27.67 39.71
CA ALA A 169 19.00 -26.46 39.77
C ALA A 169 17.61 -26.69 39.20
N LEU A 170 17.53 -27.28 38.01
CA LEU A 170 16.25 -27.56 37.39
C LEU A 170 15.47 -28.59 38.20
N GLU A 171 16.18 -29.49 38.87
CA GLU A 171 15.55 -30.51 39.71
C GLU A 171 14.86 -29.81 40.87
N ASP A 172 15.60 -28.90 41.49
CA ASP A 172 15.09 -28.14 42.62
C ASP A 172 13.91 -27.27 42.18
N LEU A 173 14.01 -26.72 40.97
CA LEU A 173 12.94 -25.90 40.43
C LEU A 173 11.71 -26.75 40.17
N ARG A 174 11.90 -27.93 39.58
CA ARG A 174 10.81 -28.85 39.31
C ARG A 174 10.20 -29.35 40.61
N GLN A 175 11.08 -29.62 41.57
CA GLN A 175 10.64 -30.09 42.87
C GLN A 175 9.84 -29.04 43.58
N GLY A 176 10.23 -27.78 43.39
CA GLY A 176 9.53 -26.65 44.00
C GLY A 176 8.24 -26.38 43.24
N LEU A 177 8.24 -26.66 41.94
CA LEU A 177 7.07 -26.45 41.11
C LEU A 177 5.89 -27.26 41.61
N LEU A 178 6.14 -28.45 42.11
CA LEU A 178 5.09 -29.31 42.62
C LEU A 178 4.24 -28.62 43.70
N PRO A 179 4.84 -28.25 44.86
CA PRO A 179 4.11 -27.56 45.93
C PRO A 179 3.59 -26.20 45.47
N VAL A 180 4.37 -25.52 44.63
CA VAL A 180 3.97 -24.21 44.11
C VAL A 180 2.68 -24.36 43.31
N LEU A 181 2.64 -25.33 42.42
CA LEU A 181 1.47 -25.60 41.60
C LEU A 181 0.30 -25.98 42.50
N GLU A 182 0.60 -26.70 43.58
CA GLU A 182 -0.42 -27.11 44.54
C GLU A 182 -1.07 -25.88 45.16
N SER A 183 -0.24 -24.98 45.71
CA SER A 183 -0.75 -23.77 46.32
C SER A 183 -1.51 -22.91 45.32
N PHE A 184 -1.03 -22.91 44.08
CA PHE A 184 -1.67 -22.14 43.02
C PHE A 184 -3.01 -22.77 42.66
N LYS A 185 -3.02 -24.09 42.48
CA LYS A 185 -4.24 -24.82 42.15
C LYS A 185 -5.28 -24.66 43.24
N VAL A 186 -4.83 -24.78 44.50
CA VAL A 186 -5.72 -24.65 45.65
C VAL A 186 -6.39 -23.27 45.66
N SER A 187 -5.60 -22.23 45.45
CA SER A 187 -6.12 -20.86 45.44
C SER A 187 -6.97 -20.60 44.19
N PHE A 188 -6.55 -21.18 43.07
CA PHE A 188 -7.29 -21.01 41.81
C PHE A 188 -8.64 -21.70 41.88
N LEU A 189 -8.66 -22.93 42.39
CA LEU A 189 -9.89 -23.69 42.51
C LEU A 189 -10.87 -23.02 43.46
N SER A 190 -10.34 -22.40 44.52
CA SER A 190 -11.17 -21.72 45.49
C SER A 190 -11.63 -20.36 44.93
N ALA A 191 -10.79 -19.74 44.11
CA ALA A 191 -11.12 -18.46 43.51
C ALA A 191 -12.23 -18.64 42.47
N LEU A 192 -12.20 -19.81 41.82
CA LEU A 192 -13.21 -20.14 40.82
C LEU A 192 -14.59 -20.13 41.45
N GLU A 193 -14.66 -20.56 42.70
CA GLU A 193 -15.90 -20.59 43.44
C GLU A 193 -16.47 -19.18 43.54
N GLU A 194 -15.62 -18.24 43.95
CA GLU A 194 -16.03 -16.84 44.08
C GLU A 194 -16.50 -16.29 42.75
N TYR A 195 -15.75 -16.61 41.70
CA TYR A 195 -16.10 -16.16 40.36
C TYR A 195 -17.49 -16.62 39.96
N THR A 196 -17.77 -17.90 40.17
CA THR A 196 -19.06 -18.46 39.83
C THR A 196 -20.16 -17.96 40.77
N LYS A 197 -19.84 -17.87 42.07
CA LYS A 197 -20.79 -17.41 43.07
C LYS A 197 -21.26 -15.98 42.79
N LYS A 198 -20.32 -15.11 42.45
CA LYS A 198 -20.63 -13.71 42.17
C LYS A 198 -21.22 -13.52 40.78
N LEU A 199 -21.13 -14.56 39.95
CA LEU A 199 -21.67 -14.51 38.60
C LEU A 199 -23.13 -14.95 38.61
N ASN A 200 -23.59 -15.37 39.77
CA ASN A 200 -24.97 -15.81 39.93
C ASN A 200 -25.08 -17.33 39.80
N LEU B 3 9.14 -18.75 52.02
CA LEU B 3 9.82 -20.01 52.19
C LEU B 3 10.33 -20.52 50.85
N LYS B 4 9.44 -20.47 49.86
CA LYS B 4 9.77 -20.91 48.51
C LYS B 4 10.80 -19.98 47.89
N LEU B 5 10.58 -18.67 48.08
CA LEU B 5 11.49 -17.65 47.56
C LEU B 5 12.89 -17.80 48.13
N LEU B 6 12.97 -18.32 49.36
CA LEU B 6 14.25 -18.52 50.02
C LEU B 6 15.04 -19.62 49.30
N ASP B 7 14.37 -20.74 49.03
CA ASP B 7 15.00 -21.87 48.35
C ASP B 7 15.33 -21.49 46.92
N ASN B 8 14.41 -20.76 46.30
CA ASN B 8 14.57 -20.29 44.93
C ASN B 8 15.84 -19.45 44.81
N TRP B 9 15.98 -18.44 45.67
CA TRP B 9 17.15 -17.59 45.67
C TRP B 9 18.40 -18.37 46.06
N ASP B 10 18.20 -19.36 46.93
CA ASP B 10 19.30 -20.21 47.38
C ASP B 10 19.91 -20.93 46.20
N SER B 11 19.05 -21.53 45.37
CA SER B 11 19.50 -22.24 44.18
C SER B 11 20.18 -21.27 43.22
N VAL B 12 19.67 -20.04 43.19
CA VAL B 12 20.24 -18.99 42.34
C VAL B 12 21.65 -18.66 42.81
N THR B 13 21.86 -18.75 44.12
CA THR B 13 23.15 -18.49 44.71
C THR B 13 24.17 -19.50 44.21
N SER B 14 23.77 -20.77 44.21
CA SER B 14 24.64 -21.85 43.75
C SER B 14 24.96 -21.70 42.26
N THR B 15 23.96 -21.30 41.48
CA THR B 15 24.15 -21.12 40.05
C THR B 15 25.05 -19.91 39.77
N PHE B 16 25.05 -18.96 40.71
CA PHE B 16 25.86 -17.76 40.58
C PHE B 16 27.34 -18.08 40.79
N SER B 17 27.64 -18.88 41.82
CA SER B 17 29.02 -19.27 42.09
C SER B 17 29.55 -20.10 40.92
N LYS B 18 28.70 -21.00 40.42
CA LYS B 18 29.07 -21.85 39.29
C LYS B 18 28.94 -21.10 37.97
N LEU B 19 28.88 -19.78 38.08
CA LEU B 19 28.82 -18.89 36.93
C LEU B 19 30.04 -17.99 36.98
N ARG B 20 30.27 -17.41 38.16
CA ARG B 20 31.41 -16.54 38.39
C ARG B 20 32.70 -17.33 38.29
N GLU B 21 32.73 -18.49 38.94
CA GLU B 21 33.92 -19.35 38.92
C GLU B 21 34.14 -19.92 37.52
N GLN B 22 33.05 -20.07 36.79
CA GLN B 22 33.12 -20.56 35.42
C GLN B 22 33.78 -19.49 34.55
N LEU B 23 33.42 -18.24 34.82
CA LEU B 23 33.97 -17.11 34.09
C LEU B 23 35.42 -16.87 34.44
N GLY B 24 35.86 -17.43 35.57
CA GLY B 24 37.24 -17.28 36.00
C GLY B 24 38.22 -17.72 34.93
N PRO B 25 38.34 -19.03 34.68
CA PRO B 25 39.25 -19.55 33.65
C PRO B 25 38.83 -19.02 32.27
N VAL B 26 37.52 -18.88 32.07
CA VAL B 26 36.98 -18.39 30.80
C VAL B 26 37.55 -17.02 30.45
N THR B 27 37.53 -16.09 31.40
CA THR B 27 38.06 -14.74 31.14
C THR B 27 39.58 -14.78 30.98
N GLN B 28 40.24 -15.60 31.80
CA GLN B 28 41.69 -15.74 31.73
C GLN B 28 42.08 -16.24 30.34
N GLU B 29 41.39 -17.26 29.88
CA GLU B 29 41.63 -17.83 28.57
C GLU B 29 41.18 -16.84 27.49
N PHE B 30 40.06 -16.18 27.73
CA PHE B 30 39.53 -15.19 26.80
C PHE B 30 40.51 -14.05 26.64
N TRP B 31 41.20 -13.71 27.71
CA TRP B 31 42.18 -12.64 27.68
C TRP B 31 43.34 -13.08 26.80
N ASP B 32 43.72 -14.35 26.92
CA ASP B 32 44.80 -14.91 26.11
C ASP B 32 44.31 -14.99 24.66
N ASN B 33 43.03 -15.33 24.52
CA ASN B 33 42.38 -15.42 23.22
C ASN B 33 42.41 -14.05 22.57
N LEU B 34 42.07 -13.03 23.35
CA LEU B 34 42.09 -11.65 22.88
C LEU B 34 43.52 -11.23 22.60
N GLU B 35 44.45 -11.72 23.43
CA GLU B 35 45.86 -11.45 23.25
C GLU B 35 46.30 -11.99 21.90
N LYS B 36 45.81 -13.19 21.57
CA LYS B 36 46.12 -13.81 20.29
C LYS B 36 45.69 -12.90 19.15
N GLU B 37 44.46 -12.41 19.23
CA GLU B 37 43.93 -11.50 18.21
C GLU B 37 44.77 -10.22 18.16
N THR B 38 45.10 -9.69 19.34
CA THR B 38 45.90 -8.49 19.45
C THR B 38 47.31 -8.72 18.88
N GLU B 39 47.92 -9.83 19.28
CA GLU B 39 49.25 -10.18 18.79
C GLU B 39 49.22 -10.34 17.29
N GLY B 40 48.20 -11.03 16.80
CA GLY B 40 48.06 -11.22 15.37
C GLY B 40 47.98 -9.88 14.69
N LEU B 41 47.09 -9.02 15.19
CA LEU B 41 46.92 -7.68 14.65
C LEU B 41 48.20 -6.87 14.76
N ARG B 42 49.03 -7.19 15.75
CA ARG B 42 50.31 -6.50 15.93
C ARG B 42 51.23 -6.82 14.76
N GLN B 43 51.02 -7.97 14.14
CA GLN B 43 51.82 -8.39 13.00
C GLN B 43 51.08 -8.11 11.69
N GLU B 44 49.76 -8.12 11.77
CA GLU B 44 48.93 -7.85 10.61
C GLU B 44 48.83 -6.35 10.31
N MET B 45 48.39 -5.60 11.31
CA MET B 45 48.21 -4.15 11.17
C MET B 45 49.52 -3.43 10.87
N SER B 46 50.64 -3.98 11.32
CA SER B 46 51.93 -3.36 11.06
C SER B 46 52.19 -3.37 9.56
N LYS B 47 51.88 -4.49 8.93
CA LYS B 47 52.04 -4.63 7.50
C LYS B 47 50.93 -3.88 6.80
N ASP B 48 49.74 -3.97 7.38
CA ASP B 48 48.55 -3.30 6.84
C ASP B 48 48.81 -1.80 6.72
N LEU B 49 49.31 -1.21 7.80
CA LEU B 49 49.61 0.22 7.83
C LEU B 49 50.77 0.58 6.93
N GLU B 50 51.81 -0.24 6.94
CA GLU B 50 52.98 0.01 6.10
C GLU B 50 52.61 -0.09 4.63
N GLU B 51 51.83 -1.12 4.30
CA GLU B 51 51.37 -1.32 2.94
C GLU B 51 50.44 -0.17 2.56
N VAL B 52 49.61 0.25 3.53
CA VAL B 52 48.70 1.37 3.31
C VAL B 52 49.50 2.64 3.00
N LYS B 53 50.54 2.89 3.79
CA LYS B 53 51.38 4.06 3.59
C LYS B 53 52.06 4.00 2.23
N ALA B 54 52.59 2.84 1.89
CA ALA B 54 53.27 2.65 0.62
C ALA B 54 52.29 2.51 -0.55
N LYS B 55 51.00 2.49 -0.24
CA LYS B 55 49.98 2.38 -1.27
C LYS B 55 49.24 3.69 -1.45
N VAL B 56 48.93 4.34 -0.33
CA VAL B 56 48.23 5.62 -0.32
C VAL B 56 49.10 6.72 -0.92
N GLN B 57 50.40 6.67 -0.65
CA GLN B 57 51.31 7.68 -1.18
C GLN B 57 51.26 7.71 -2.72
N PRO B 58 51.57 6.60 -3.41
CA PRO B 58 51.51 6.56 -4.88
C PRO B 58 50.07 6.69 -5.37
N TYR B 59 49.11 6.28 -4.53
CA TYR B 59 47.70 6.37 -4.90
C TYR B 59 47.29 7.83 -4.98
N LEU B 60 47.56 8.58 -3.91
CA LEU B 60 47.23 9.99 -3.87
C LEU B 60 48.06 10.75 -4.88
N ASP B 61 49.28 10.28 -5.08
CA ASP B 61 50.19 10.89 -6.05
C ASP B 61 49.64 10.72 -7.46
N ASP B 62 49.26 9.49 -7.79
CA ASP B 62 48.71 9.20 -9.10
C ASP B 62 47.32 9.81 -9.24
N PHE B 63 46.60 9.86 -8.12
CA PHE B 63 45.27 10.46 -8.11
C PHE B 63 45.40 11.96 -8.32
N GLN B 64 46.51 12.52 -7.84
CA GLN B 64 46.77 13.94 -8.00
C GLN B 64 46.97 14.23 -9.47
N LYS B 65 47.64 13.31 -10.17
CA LYS B 65 47.86 13.45 -11.60
C LYS B 65 46.52 13.40 -12.29
N LYS B 66 45.70 12.44 -11.88
CA LYS B 66 44.36 12.28 -12.44
C LYS B 66 43.51 13.49 -12.15
N TRP B 67 43.56 13.98 -10.91
CA TRP B 67 42.81 15.16 -10.54
C TRP B 67 43.32 16.36 -11.31
N GLN B 68 44.62 16.38 -11.57
CA GLN B 68 45.22 17.44 -12.34
C GLN B 68 44.72 17.33 -13.78
N GLU B 69 44.70 16.10 -14.30
CA GLU B 69 44.20 15.85 -15.65
C GLU B 69 42.76 16.33 -15.74
N GLU B 70 41.97 15.96 -14.75
CA GLU B 70 40.58 16.35 -14.68
C GLU B 70 40.43 17.86 -14.51
N MET B 71 41.21 18.45 -13.61
CA MET B 71 41.17 19.89 -13.39
C MET B 71 41.47 20.63 -14.68
N GLU B 72 42.51 20.18 -15.38
CA GLU B 72 42.88 20.76 -16.66
C GLU B 72 41.74 20.52 -17.64
N LEU B 73 41.23 19.29 -17.64
CA LEU B 73 40.12 18.90 -18.49
C LEU B 73 38.92 19.81 -18.26
N TYR B 74 38.55 19.97 -17.00
CA TYR B 74 37.42 20.81 -16.63
C TYR B 74 37.69 22.27 -16.97
N ARG B 75 38.92 22.71 -16.77
CA ARG B 75 39.29 24.08 -17.10
C ARG B 75 39.20 24.31 -18.60
N GLN B 76 39.68 23.34 -19.35
CA GLN B 76 39.66 23.40 -20.81
C GLN B 76 38.26 23.21 -21.35
N LYS B 77 37.33 22.78 -20.49
CA LYS B 77 35.95 22.57 -20.89
C LYS B 77 35.09 23.73 -20.42
N VAL B 78 35.08 23.94 -19.10
CA VAL B 78 34.28 24.99 -18.49
C VAL B 78 34.60 26.37 -19.05
N GLU B 79 35.88 26.64 -19.31
CA GLU B 79 36.27 27.94 -19.85
C GLU B 79 35.59 28.28 -21.17
N PRO B 80 35.82 27.50 -22.25
CA PRO B 80 35.18 27.76 -23.55
C PRO B 80 33.68 27.53 -23.49
N LEU B 81 33.27 26.53 -22.71
CA LEU B 81 31.85 26.24 -22.56
C LEU B 81 31.14 27.38 -21.87
N ARG B 82 31.84 28.06 -20.96
CA ARG B 82 31.26 29.20 -20.26
C ARG B 82 31.01 30.30 -21.27
N ALA B 83 31.94 30.46 -22.20
CA ALA B 83 31.81 31.46 -23.25
C ALA B 83 30.67 31.08 -24.18
N GLU B 84 30.72 29.85 -24.70
CA GLU B 84 29.69 29.36 -25.59
C GLU B 84 28.33 29.41 -24.92
N LEU B 85 28.29 29.03 -23.64
CA LEU B 85 27.05 29.06 -22.88
C LEU B 85 26.58 30.48 -22.70
N GLN B 86 27.50 31.39 -22.43
CA GLN B 86 27.15 32.80 -22.27
C GLN B 86 26.61 33.37 -23.58
N GLU B 87 27.24 32.99 -24.69
CA GLU B 87 26.80 33.43 -26.00
C GLU B 87 25.42 32.84 -26.28
N GLY B 88 25.31 31.53 -26.11
CA GLY B 88 24.05 30.84 -26.33
C GLY B 88 22.94 31.33 -25.41
N ALA B 89 23.30 31.58 -24.15
CA ALA B 89 22.33 32.08 -23.18
C ALA B 89 21.95 33.50 -23.51
N ARG B 90 22.92 34.30 -23.94
CA ARG B 90 22.65 35.68 -24.31
C ARG B 90 21.75 35.70 -25.53
N GLN B 91 22.00 34.76 -26.44
CA GLN B 91 21.18 34.62 -27.64
C GLN B 91 19.78 34.23 -27.21
N LYS B 92 19.70 33.24 -26.32
CA LYS B 92 18.42 32.77 -25.79
C LYS B 92 17.72 33.89 -25.04
N LEU B 93 18.52 34.71 -24.36
CA LEU B 93 17.99 35.84 -23.62
C LEU B 93 17.37 36.83 -24.60
N HIS B 94 18.04 37.03 -25.73
CA HIS B 94 17.54 37.91 -26.77
C HIS B 94 16.33 37.27 -27.42
N GLU B 95 16.39 35.95 -27.59
CA GLU B 95 15.30 35.18 -28.14
C GLU B 95 14.08 35.37 -27.25
N LEU B 96 14.30 35.25 -25.94
CA LEU B 96 13.26 35.42 -24.95
C LEU B 96 12.84 36.89 -24.86
N GLN B 97 13.81 37.78 -25.04
CA GLN B 97 13.55 39.22 -25.00
C GLN B 97 12.55 39.58 -26.10
N GLU B 98 12.72 38.96 -27.26
CA GLU B 98 11.84 39.17 -28.40
C GLU B 98 10.55 38.37 -28.25
N LYS B 99 10.31 37.86 -27.04
CA LYS B 99 9.13 37.11 -26.72
C LYS B 99 8.42 37.74 -25.52
N LEU B 100 9.18 37.90 -24.45
CA LEU B 100 8.67 38.49 -23.21
C LEU B 100 8.16 39.92 -23.42
N SER B 101 8.72 40.63 -24.39
CA SER B 101 8.30 42.00 -24.68
C SER B 101 7.08 42.01 -25.62
N PRO B 102 7.21 41.48 -26.87
CA PRO B 102 6.09 41.45 -27.82
C PRO B 102 4.89 40.68 -27.27
N LEU B 103 5.14 39.47 -26.80
CA LEU B 103 4.08 38.64 -26.24
C LEU B 103 3.65 39.19 -24.89
N GLY B 104 4.54 39.94 -24.26
CA GLY B 104 4.22 40.55 -22.97
C GLY B 104 3.17 41.63 -23.15
N GLU B 105 3.41 42.52 -24.10
CA GLU B 105 2.46 43.59 -24.39
C GLU B 105 1.19 42.99 -24.97
N GLU B 106 1.35 41.91 -25.71
CA GLU B 106 0.23 41.21 -26.30
C GLU B 106 -0.61 40.58 -25.20
N MET B 107 0.07 39.89 -24.28
CA MET B 107 -0.59 39.24 -23.15
C MET B 107 -1.28 40.27 -22.29
N ARG B 108 -0.64 41.43 -22.13
CA ARG B 108 -1.21 42.51 -21.33
C ARG B 108 -2.52 42.98 -21.95
N ASP B 109 -2.55 43.08 -23.28
CA ASP B 109 -3.75 43.49 -23.97
C ASP B 109 -4.80 42.39 -23.89
N ARG B 110 -4.33 41.14 -23.95
CA ARG B 110 -5.22 39.99 -23.82
C ARG B 110 -5.82 40.03 -22.43
N ALA B 111 -4.98 40.35 -21.45
CA ALA B 111 -5.40 40.46 -20.06
C ALA B 111 -6.42 41.58 -19.93
N ARG B 112 -6.18 42.69 -20.63
CA ARG B 112 -7.11 43.81 -20.61
C ARG B 112 -8.45 43.33 -21.15
N ALA B 113 -8.39 42.65 -22.29
CA ALA B 113 -9.58 42.12 -22.93
C ALA B 113 -10.28 41.10 -22.05
N HIS B 114 -9.50 40.37 -21.25
CA HIS B 114 -10.04 39.38 -20.34
C HIS B 114 -10.62 40.04 -19.10
N VAL B 115 -9.80 40.84 -18.42
CA VAL B 115 -10.19 41.53 -17.21
C VAL B 115 -11.33 42.53 -17.45
N ASP B 116 -11.23 43.33 -18.49
CA ASP B 116 -12.28 44.31 -18.79
C ASP B 116 -13.58 43.57 -19.09
N ALA B 117 -13.47 42.47 -19.82
CA ALA B 117 -14.63 41.67 -20.13
C ALA B 117 -15.19 41.12 -18.82
N LEU B 118 -14.30 40.68 -17.95
CA LEU B 118 -14.68 40.17 -16.65
C LEU B 118 -15.39 41.24 -15.84
N ARG B 119 -15.00 42.50 -16.01
CA ARG B 119 -15.65 43.59 -15.32
C ARG B 119 -17.11 43.66 -15.76
N THR B 120 -17.31 43.71 -17.07
CA THR B 120 -18.64 43.79 -17.65
C THR B 120 -19.34 42.42 -17.67
N HIS B 121 -18.71 41.41 -17.10
CA HIS B 121 -19.29 40.07 -17.06
C HIS B 121 -19.54 39.59 -15.63
N LEU B 122 -18.63 39.95 -14.73
CA LEU B 122 -18.75 39.56 -13.33
C LEU B 122 -19.54 40.57 -12.51
N ALA B 123 -19.38 41.85 -12.82
CA ALA B 123 -20.10 42.91 -12.09
C ALA B 123 -21.62 42.69 -12.15
N PRO B 124 -22.22 42.62 -13.36
CA PRO B 124 -23.66 42.38 -13.49
C PRO B 124 -24.02 41.02 -12.93
N TYR B 125 -23.12 40.05 -13.10
CA TYR B 125 -23.33 38.70 -12.60
C TYR B 125 -23.43 38.70 -11.09
N SER B 126 -22.60 39.52 -10.45
CA SER B 126 -22.60 39.64 -9.00
C SER B 126 -23.92 40.25 -8.55
N ASP B 127 -24.41 41.24 -9.30
CA ASP B 127 -25.67 41.88 -8.98
C ASP B 127 -26.80 40.90 -9.20
N GLU B 128 -26.69 40.12 -10.27
CA GLU B 128 -27.66 39.08 -10.60
C GLU B 128 -27.71 38.09 -9.45
N LEU B 129 -26.52 37.71 -8.98
CA LEU B 129 -26.39 36.79 -7.87
C LEU B 129 -27.09 37.36 -6.65
N ARG B 130 -26.87 38.65 -6.39
CA ARG B 130 -27.49 39.32 -5.27
C ARG B 130 -29.01 39.29 -5.41
N GLN B 131 -29.49 39.53 -6.62
CA GLN B 131 -30.92 39.53 -6.89
C GLN B 131 -31.52 38.14 -6.63
N ARG B 132 -30.78 37.12 -7.03
CA ARG B 132 -31.23 35.74 -6.85
C ARG B 132 -31.04 35.32 -5.39
N LEU B 133 -29.95 35.76 -4.79
CA LEU B 133 -29.65 35.46 -3.40
C LEU B 133 -30.62 36.18 -2.48
N ALA B 134 -31.16 37.29 -2.95
CA ALA B 134 -32.13 38.06 -2.19
C ALA B 134 -33.37 37.22 -1.93
N ALA B 135 -33.86 36.58 -3.00
CA ALA B 135 -35.02 35.71 -2.89
C ALA B 135 -34.64 34.47 -2.08
N ARG B 136 -33.42 33.98 -2.33
CA ARG B 136 -32.89 32.82 -1.62
C ARG B 136 -32.87 33.11 -0.12
N LEU B 137 -32.41 34.32 0.22
CA LEU B 137 -32.35 34.75 1.61
C LEU B 137 -33.76 34.92 2.16
N GLU B 138 -34.64 35.47 1.32
CA GLU B 138 -36.04 35.67 1.72
C GLU B 138 -36.68 34.35 2.06
N ALA B 139 -36.42 33.34 1.23
CA ALA B 139 -36.95 32.01 1.45
C ALA B 139 -36.43 31.49 2.78
N LEU B 140 -35.14 31.70 3.02
CA LEU B 140 -34.51 31.27 4.25
C LEU B 140 -35.03 32.05 5.46
N LYS B 141 -35.57 33.24 5.20
CA LYS B 141 -36.13 34.07 6.27
C LYS B 141 -37.55 33.63 6.59
N GLU B 142 -38.35 33.47 5.54
CA GLU B 142 -39.73 33.05 5.68
C GLU B 142 -39.83 31.62 6.18
N ASN B 143 -39.19 30.71 5.46
CA ASN B 143 -39.20 29.30 5.84
C ASN B 143 -38.37 29.11 7.10
N GLY B 144 -37.32 29.91 7.22
CA GLY B 144 -36.46 29.83 8.39
C GLY B 144 -37.22 30.21 9.65
N GLY B 145 -37.93 31.34 9.58
CA GLY B 145 -38.72 31.79 10.71
C GLY B 145 -39.81 30.79 11.03
N ALA B 146 -40.41 30.23 9.99
CA ALA B 146 -41.45 29.23 10.17
C ALA B 146 -40.87 28.01 10.87
N ARG B 147 -39.74 27.53 10.35
CA ARG B 147 -39.06 26.38 10.95
C ARG B 147 -38.67 26.67 12.38
N LEU B 148 -38.23 27.90 12.63
CA LEU B 148 -37.84 28.32 13.97
C LEU B 148 -39.01 28.18 14.92
N ALA B 149 -40.21 28.47 14.40
CA ALA B 149 -41.42 28.36 15.19
C ALA B 149 -41.79 26.89 15.35
N GLU B 150 -41.67 26.14 14.26
CA GLU B 150 -41.96 24.71 14.27
C GLU B 150 -41.02 24.00 15.23
N TYR B 151 -39.75 24.39 15.19
CA TYR B 151 -38.74 23.82 16.07
C TYR B 151 -39.04 24.21 17.51
N HIS B 152 -39.56 25.42 17.70
CA HIS B 152 -39.92 25.89 19.03
C HIS B 152 -41.05 25.07 19.59
N ALA B 153 -42.08 24.85 18.77
CA ALA B 153 -43.23 24.05 19.16
C ALA B 153 -42.77 22.64 19.50
N LYS B 154 -41.96 22.08 18.61
CA LYS B 154 -41.43 20.74 18.80
C LYS B 154 -40.46 20.69 19.97
N ALA B 155 -39.89 21.84 20.32
CA ALA B 155 -38.98 21.91 21.45
C ALA B 155 -39.79 21.74 22.73
N THR B 156 -40.91 22.44 22.81
CA THR B 156 -41.79 22.32 23.96
C THR B 156 -42.32 20.91 24.04
N GLU B 157 -42.73 20.38 22.88
CA GLU B 157 -43.24 19.01 22.80
C GLU B 157 -42.14 18.01 23.13
N HIS B 158 -40.91 18.40 22.88
CA HIS B 158 -39.76 17.56 23.17
C HIS B 158 -39.48 17.61 24.66
N LEU B 159 -39.56 18.81 25.22
CA LEU B 159 -39.31 19.01 26.64
C LEU B 159 -40.39 18.34 27.48
N SER B 160 -41.64 18.46 27.02
CA SER B 160 -42.77 17.85 27.74
C SER B 160 -42.68 16.34 27.73
N THR B 161 -42.26 15.78 26.59
CA THR B 161 -42.11 14.34 26.49
C THR B 161 -40.89 13.87 27.27
N LEU B 162 -39.84 14.68 27.26
CA LEU B 162 -38.62 14.36 27.99
C LEU B 162 -38.90 14.37 29.49
N SER B 163 -39.64 15.38 29.94
CA SER B 163 -40.00 15.47 31.36
C SER B 163 -41.03 14.40 31.70
N GLU B 164 -41.85 14.04 30.71
CA GLU B 164 -42.88 13.01 30.90
C GLU B 164 -42.21 11.67 31.16
N LYS B 165 -40.95 11.57 30.72
CA LYS B 165 -40.17 10.38 30.94
C LYS B 165 -39.28 10.58 32.15
N ALA B 166 -38.65 11.75 32.23
CA ALA B 166 -37.75 12.09 33.33
C ALA B 166 -38.40 11.87 34.69
N LYS B 167 -39.65 12.27 34.84
CA LYS B 167 -40.36 12.10 36.11
C LYS B 167 -40.46 10.63 36.54
N PRO B 168 -41.17 9.77 35.78
CA PRO B 168 -41.31 8.35 36.12
C PRO B 168 -39.99 7.59 36.01
N ALA B 169 -39.20 7.87 34.97
CA ALA B 169 -37.94 7.18 34.77
C ALA B 169 -36.98 7.42 35.92
N LEU B 170 -36.80 8.66 36.34
CA LEU B 170 -35.91 8.95 37.45
C LEU B 170 -36.40 8.30 38.74
N GLU B 171 -37.71 8.37 38.95
CA GLU B 171 -38.32 7.78 40.14
C GLU B 171 -38.17 6.26 40.11
N ASP B 172 -38.38 5.68 38.93
CA ASP B 172 -38.27 4.25 38.75
C ASP B 172 -36.81 3.82 38.83
N LEU B 173 -35.93 4.60 38.22
CA LEU B 173 -34.50 4.32 38.25
C LEU B 173 -34.00 4.34 39.68
N ARG B 174 -34.43 5.34 40.44
CA ARG B 174 -34.05 5.45 41.83
C ARG B 174 -34.69 4.33 42.63
N GLN B 175 -35.88 3.92 42.21
CA GLN B 175 -36.59 2.84 42.87
C GLN B 175 -36.00 1.50 42.52
N GLY B 176 -35.28 1.45 41.41
CA GLY B 176 -34.64 0.23 40.95
C GLY B 176 -33.23 0.17 41.53
N LEU B 177 -32.55 1.32 41.52
CA LEU B 177 -31.20 1.41 42.05
C LEU B 177 -31.16 1.09 43.53
N LEU B 178 -32.24 1.38 44.26
CA LEU B 178 -32.28 1.08 45.69
C LEU B 178 -32.05 -0.41 45.96
N PRO B 179 -32.95 -1.32 45.50
CA PRO B 179 -32.79 -2.76 45.71
C PRO B 179 -31.59 -3.31 44.93
N VAL B 180 -31.31 -2.73 43.77
CA VAL B 180 -30.18 -3.16 42.94
C VAL B 180 -28.86 -2.89 43.66
N LEU B 181 -28.67 -1.66 44.11
CA LEU B 181 -27.45 -1.30 44.83
C LEU B 181 -27.40 -2.04 46.16
N GLU B 182 -28.57 -2.25 46.75
CA GLU B 182 -28.66 -2.96 48.02
C GLU B 182 -28.15 -4.39 47.86
N SER B 183 -28.66 -5.09 46.86
CA SER B 183 -28.24 -6.45 46.59
C SER B 183 -26.78 -6.48 46.11
N PHE B 184 -26.40 -5.44 45.37
CA PHE B 184 -25.03 -5.31 44.89
C PHE B 184 -24.09 -5.17 46.07
N LYS B 185 -24.51 -4.40 47.08
CA LYS B 185 -23.72 -4.20 48.28
C LYS B 185 -23.55 -5.53 49.01
N VAL B 186 -24.61 -6.32 49.05
CA VAL B 186 -24.56 -7.63 49.69
C VAL B 186 -23.55 -8.50 48.95
N SER B 187 -23.57 -8.41 47.62
CA SER B 187 -22.66 -9.15 46.77
C SER B 187 -21.23 -8.66 46.99
N PHE B 188 -21.08 -7.34 47.09
CA PHE B 188 -19.77 -6.74 47.32
C PHE B 188 -19.21 -7.14 48.68
N LEU B 189 -20.02 -6.96 49.72
CA LEU B 189 -19.63 -7.30 51.08
C LEU B 189 -19.15 -8.74 51.19
N SER B 190 -19.93 -9.67 50.64
CA SER B 190 -19.57 -11.07 50.68
C SER B 190 -18.32 -11.32 49.86
N ALA B 191 -18.23 -10.70 48.68
CA ALA B 191 -17.07 -10.84 47.81
C ALA B 191 -15.81 -10.37 48.50
N LEU B 192 -15.90 -9.20 49.15
CA LEU B 192 -14.77 -8.63 49.86
C LEU B 192 -14.26 -9.59 50.93
N GLU B 193 -15.20 -10.18 51.66
CA GLU B 193 -14.85 -11.13 52.72
C GLU B 193 -14.27 -12.41 52.14
N GLU B 194 -14.95 -12.98 51.14
CA GLU B 194 -14.49 -14.21 50.50
C GLU B 194 -13.11 -14.03 49.87
N TYR B 195 -12.90 -12.89 49.21
CA TYR B 195 -11.62 -12.63 48.56
C TYR B 195 -10.48 -12.44 49.57
N THR B 196 -10.76 -11.77 50.68
CA THR B 196 -9.73 -11.55 51.70
C THR B 196 -9.34 -12.84 52.41
N LYS B 197 -10.21 -13.84 52.29
CA LYS B 197 -9.96 -15.14 52.90
C LYS B 197 -8.98 -15.93 52.04
N LYS B 198 -9.07 -15.75 50.73
CA LYS B 198 -8.19 -16.44 49.80
C LYS B 198 -6.89 -15.67 49.59
N LEU B 199 -6.99 -14.35 49.47
CA LEU B 199 -5.83 -13.50 49.28
C LEU B 199 -5.10 -13.22 50.59
N ASN B 200 -4.56 -14.27 51.19
CA ASN B 200 -3.84 -14.15 52.44
C ASN B 200 -2.94 -15.35 52.66
N MET C 3 1.98 -11.74 2.14
CA MET C 3 1.42 -12.84 1.33
C MET C 3 0.89 -12.30 0.01
N THR C 4 1.13 -13.05 -1.05
CA THR C 4 0.70 -12.67 -2.38
C THR C 4 -0.82 -12.54 -2.49
N GLU C 5 -1.26 -11.60 -3.33
CA GLU C 5 -2.67 -11.35 -3.54
C GLU C 5 -2.99 -11.55 -5.02
N TYR C 6 -4.14 -12.13 -5.32
CA TYR C 6 -4.53 -12.38 -6.69
C TYR C 6 -5.85 -11.71 -7.04
N LYS C 7 -5.80 -10.82 -8.02
CA LYS C 7 -6.97 -10.10 -8.48
C LYS C 7 -7.72 -10.93 -9.51
N LEU C 8 -8.85 -11.48 -9.11
CA LEU C 8 -9.65 -12.31 -10.01
C LEU C 8 -10.98 -11.65 -10.32
N VAL C 9 -11.26 -11.49 -11.60
CA VAL C 9 -12.50 -10.87 -12.04
C VAL C 9 -13.42 -11.93 -12.65
N VAL C 10 -14.55 -12.16 -12.00
CA VAL C 10 -15.51 -13.14 -12.49
C VAL C 10 -16.50 -12.48 -13.44
N VAL C 11 -16.29 -12.71 -14.73
CA VAL C 11 -17.16 -12.15 -15.75
C VAL C 11 -18.19 -13.17 -16.22
N GLY C 12 -19.16 -12.71 -17.00
CA GLY C 12 -20.19 -13.59 -17.50
C GLY C 12 -21.48 -12.82 -17.71
N ALA C 13 -22.55 -13.54 -18.03
CA ALA C 13 -23.84 -12.93 -18.26
C ALA C 13 -24.73 -13.03 -17.03
N GLY C 14 -25.95 -12.55 -17.15
CA GLY C 14 -26.89 -12.60 -16.05
C GLY C 14 -27.63 -13.92 -16.01
N GLY C 15 -27.64 -14.56 -14.86
CA GLY C 15 -28.33 -15.83 -14.73
C GLY C 15 -27.38 -17.00 -14.62
N VAL C 16 -26.08 -16.72 -14.60
CA VAL C 16 -25.09 -17.79 -14.48
C VAL C 16 -24.76 -18.12 -13.03
N GLY C 17 -25.05 -17.16 -12.14
CA GLY C 17 -24.80 -17.37 -10.72
C GLY C 17 -23.37 -17.13 -10.29
N LYS C 18 -22.78 -16.02 -10.74
CA LYS C 18 -21.41 -15.68 -10.39
C LYS C 18 -21.28 -15.44 -8.89
N SER C 19 -22.20 -14.65 -8.35
CA SER C 19 -22.20 -14.34 -6.92
C SER C 19 -22.42 -15.58 -6.08
N ALA C 20 -23.24 -16.49 -6.59
CA ALA C 20 -23.55 -17.73 -5.89
C ALA C 20 -22.28 -18.54 -5.64
N LEU C 21 -21.44 -18.61 -6.67
CA LEU C 21 -20.17 -19.33 -6.57
C LEU C 21 -19.20 -18.57 -5.70
N THR C 22 -19.22 -17.25 -5.81
CA THR C 22 -18.33 -16.39 -5.03
C THR C 22 -18.58 -16.54 -3.53
N ILE C 23 -19.83 -16.39 -3.11
CA ILE C 23 -20.18 -16.51 -1.69
C ILE C 23 -19.99 -17.94 -1.20
N GLN C 24 -20.13 -18.89 -2.12
CA GLN C 24 -19.95 -20.30 -1.79
C GLN C 24 -18.49 -20.60 -1.45
N LEU C 25 -17.58 -19.84 -2.04
CA LEU C 25 -16.16 -20.02 -1.79
C LEU C 25 -15.71 -19.19 -0.60
N ILE C 26 -16.25 -17.99 -0.49
CA ILE C 26 -15.88 -17.09 0.59
C ILE C 26 -16.48 -17.50 1.95
N GLN C 27 -17.80 -17.57 2.02
CA GLN C 27 -18.45 -17.92 3.28
C GLN C 27 -19.14 -19.28 3.23
N ASN C 28 -19.02 -19.96 2.09
CA ASN C 28 -19.61 -21.27 1.90
C ASN C 28 -21.12 -21.24 2.09
N HIS C 29 -21.72 -20.12 1.69
CA HIS C 29 -23.16 -19.93 1.82
C HIS C 29 -23.78 -19.70 0.45
N PHE C 30 -24.67 -20.60 0.05
CA PHE C 30 -25.34 -20.48 -1.23
C PHE C 30 -26.49 -19.50 -1.12
N VAL C 31 -26.84 -18.87 -2.23
CA VAL C 31 -27.93 -17.90 -2.25
C VAL C 31 -29.16 -18.49 -2.92
N ASP C 32 -30.32 -17.93 -2.62
CA ASP C 32 -31.57 -18.39 -3.20
C ASP C 32 -32.28 -17.23 -3.88
N GLU C 33 -31.91 -16.02 -3.46
CA GLU C 33 -32.48 -14.80 -3.99
C GLU C 33 -31.70 -14.35 -5.22
N TYR C 34 -32.33 -13.54 -6.05
CA TYR C 34 -31.68 -13.03 -7.25
C TYR C 34 -30.88 -11.78 -6.95
N ASP C 35 -29.58 -11.96 -6.76
CA ASP C 35 -28.69 -10.86 -6.46
C ASP C 35 -28.46 -9.96 -7.68
N PRO C 36 -28.79 -8.67 -7.55
CA PRO C 36 -28.60 -7.68 -8.62
C PRO C 36 -27.20 -7.08 -8.53
N THR C 37 -26.21 -7.93 -8.63
CA THR C 37 -24.81 -7.54 -8.56
C THR C 37 -24.42 -6.46 -9.57
N ILE C 38 -23.74 -5.43 -9.07
CA ILE C 38 -23.26 -4.33 -9.91
C ILE C 38 -21.74 -4.29 -9.79
N GLU C 39 -21.27 -4.18 -8.55
CA GLU C 39 -19.85 -4.15 -8.25
C GLU C 39 -19.63 -4.56 -6.79
N ASP C 40 -19.41 -5.84 -6.58
CA ASP C 40 -19.19 -6.38 -5.23
C ASP C 40 -17.92 -7.22 -5.19
N SER C 41 -16.96 -6.80 -4.38
CA SER C 41 -15.70 -7.51 -4.28
C SER C 41 -15.52 -8.14 -2.89
N TYR C 42 -15.18 -9.42 -2.89
CA TYR C 42 -14.96 -10.16 -1.65
C TYR C 42 -13.51 -10.62 -1.57
N ARG C 43 -12.95 -10.63 -0.36
CA ARG C 43 -11.56 -11.03 -0.18
C ARG C 43 -11.42 -12.03 0.95
N LYS C 44 -10.59 -13.05 0.74
CA LYS C 44 -10.36 -14.09 1.74
C LYS C 44 -9.01 -14.74 1.52
N GLN C 45 -8.42 -15.28 2.58
CA GLN C 45 -7.13 -15.94 2.49
C GLN C 45 -7.34 -17.45 2.43
N VAL C 46 -6.64 -18.11 1.53
CA VAL C 46 -6.74 -19.56 1.35
C VAL C 46 -5.38 -20.18 1.12
N VAL C 47 -5.23 -21.45 1.46
CA VAL C 47 -3.97 -22.17 1.29
C VAL C 47 -3.98 -23.00 0.01
N ILE C 48 -4.13 -22.31 -1.12
CA ILE C 48 -4.19 -22.97 -2.42
C ILE C 48 -2.89 -23.68 -2.76
N ASP C 49 -2.96 -25.00 -2.87
CA ASP C 49 -1.81 -25.85 -3.21
C ASP C 49 -0.68 -25.73 -2.19
N GLY C 50 -1.00 -25.24 -1.01
CA GLY C 50 -0.01 -25.10 0.03
C GLY C 50 0.50 -23.68 0.17
N GLU C 51 0.00 -22.77 -0.66
CA GLU C 51 0.41 -21.38 -0.60
C GLU C 51 -0.72 -20.49 -0.09
N THR C 52 -0.53 -19.91 1.08
CA THR C 52 -1.53 -19.02 1.67
C THR C 52 -1.53 -17.69 0.92
N CYS C 53 -2.55 -17.46 0.12
CA CYS C 53 -2.67 -16.25 -0.66
C CYS C 53 -3.99 -15.55 -0.39
N LEU C 54 -4.04 -14.27 -0.73
CA LEU C 54 -5.23 -13.48 -0.55
C LEU C 54 -5.96 -13.34 -1.88
N LEU C 55 -7.19 -13.82 -1.93
CA LEU C 55 -7.98 -13.76 -3.14
C LEU C 55 -8.95 -12.58 -3.13
N ASP C 56 -8.78 -11.69 -4.09
CA ASP C 56 -9.66 -10.52 -4.22
C ASP C 56 -10.56 -10.77 -5.41
N ILE C 57 -11.78 -11.22 -5.13
CA ILE C 57 -12.74 -11.54 -6.17
C ILE C 57 -13.61 -10.34 -6.53
N LEU C 58 -13.50 -9.90 -7.77
CA LEU C 58 -14.28 -8.78 -8.26
C LEU C 58 -15.48 -9.27 -9.06
N ASP C 59 -16.63 -9.37 -8.39
CA ASP C 59 -17.86 -9.80 -9.02
C ASP C 59 -18.59 -8.59 -9.60
N THR C 60 -18.43 -8.39 -10.91
CA THR C 60 -19.04 -7.27 -11.59
C THR C 60 -20.41 -7.62 -12.18
N ALA C 61 -21.13 -6.60 -12.63
CA ALA C 61 -22.45 -6.78 -13.22
C ALA C 61 -22.39 -7.57 -14.52
N GLY C 62 -23.47 -8.30 -14.81
CA GLY C 62 -23.52 -9.10 -16.01
C GLY C 62 -24.11 -8.33 -17.18
N GLN C 63 -25.35 -7.86 -17.00
CA GLN C 63 -26.04 -7.10 -18.04
C GLN C 63 -25.63 -5.64 -18.01
N GLU C 64 -24.50 -5.32 -18.63
CA GLU C 64 -24.01 -3.95 -18.70
C GLU C 64 -23.53 -3.65 -20.11
N GLU C 65 -23.44 -2.37 -20.45
CA GLU C 65 -22.99 -1.96 -21.76
C GLU C 65 -21.49 -1.67 -21.71
N TYR C 66 -20.93 -1.26 -22.85
CA TYR C 66 -19.51 -0.96 -22.90
C TYR C 66 -19.23 0.43 -22.32
N SER C 67 -18.87 0.46 -21.05
CA SER C 67 -18.57 1.70 -20.37
C SER C 67 -17.07 1.80 -20.13
N ALA C 68 -16.59 3.02 -19.86
CA ALA C 68 -15.18 3.24 -19.60
C ALA C 68 -14.79 2.64 -18.25
N MET C 69 -15.78 2.47 -17.38
CA MET C 69 -15.55 1.91 -16.06
C MET C 69 -15.30 0.41 -16.16
N ARG C 70 -16.06 -0.24 -17.04
CA ARG C 70 -15.92 -1.66 -17.26
C ARG C 70 -14.54 -1.98 -17.83
N ASP C 71 -14.06 -1.10 -18.69
CA ASP C 71 -12.75 -1.26 -19.31
C ASP C 71 -11.64 -0.88 -18.32
N GLN C 72 -12.03 -0.16 -17.27
CA GLN C 72 -11.10 0.29 -16.25
C GLN C 72 -10.71 -0.85 -15.29
N TYR C 73 -11.69 -1.42 -14.61
CA TYR C 73 -11.41 -2.48 -13.66
C TYR C 73 -11.03 -3.81 -14.31
N MET C 74 -11.29 -3.92 -15.61
CA MET C 74 -10.97 -5.13 -16.36
C MET C 74 -9.46 -5.29 -16.51
N ARG C 75 -8.74 -4.17 -16.46
CA ARG C 75 -7.29 -4.19 -16.62
C ARG C 75 -6.58 -4.71 -15.37
N THR C 76 -7.26 -4.65 -14.23
CA THR C 76 -6.68 -5.12 -12.98
C THR C 76 -6.70 -6.64 -12.87
N GLY C 77 -7.52 -7.28 -13.68
CA GLY C 77 -7.63 -8.73 -13.64
C GLY C 77 -6.43 -9.41 -14.26
N GLU C 78 -5.80 -10.30 -13.50
CA GLU C 78 -4.64 -11.04 -13.99
C GLU C 78 -5.08 -12.28 -14.76
N GLY C 79 -6.10 -12.93 -14.24
CA GLY C 79 -6.64 -14.11 -14.87
C GLY C 79 -8.13 -13.99 -15.05
N PHE C 80 -8.65 -14.49 -16.16
CA PHE C 80 -10.07 -14.40 -16.42
C PHE C 80 -10.69 -15.76 -16.71
N LEU C 81 -11.91 -15.94 -16.22
CA LEU C 81 -12.65 -17.18 -16.41
C LEU C 81 -13.72 -16.99 -17.48
N CYS C 82 -13.64 -17.77 -18.53
CA CYS C 82 -14.61 -17.69 -19.61
C CYS C 82 -15.79 -18.61 -19.30
N VAL C 83 -16.67 -18.13 -18.43
CA VAL C 83 -17.84 -18.89 -18.01
C VAL C 83 -18.94 -18.83 -19.07
N PHE C 84 -19.19 -19.97 -19.71
CA PHE C 84 -20.23 -20.05 -20.72
C PHE C 84 -21.25 -21.12 -20.35
N ALA C 85 -22.44 -21.01 -20.92
CA ALA C 85 -23.50 -21.97 -20.65
C ALA C 85 -23.51 -23.06 -21.71
N ILE C 86 -23.36 -24.31 -21.28
CA ILE C 86 -23.35 -25.45 -22.21
C ILE C 86 -24.72 -25.70 -22.84
N ASN C 87 -25.74 -25.02 -22.34
CA ASN C 87 -27.09 -25.17 -22.84
C ASN C 87 -27.45 -24.03 -23.79
N ASN C 88 -26.49 -23.14 -24.02
CA ASN C 88 -26.71 -22.00 -24.90
C ASN C 88 -25.51 -21.82 -25.82
N THR C 89 -25.70 -22.11 -27.09
CA THR C 89 -24.66 -22.01 -28.09
C THR C 89 -24.15 -20.57 -28.26
N LYS C 90 -25.04 -19.59 -28.05
CA LYS C 90 -24.67 -18.19 -28.18
C LYS C 90 -23.62 -17.83 -27.14
N SER C 91 -23.79 -18.38 -25.94
CA SER C 91 -22.87 -18.16 -24.84
C SER C 91 -21.48 -18.69 -25.20
N PHE C 92 -21.45 -19.80 -25.93
CA PHE C 92 -20.20 -20.41 -26.35
C PHE C 92 -19.52 -19.55 -27.43
N GLU C 93 -20.32 -18.93 -28.28
CA GLU C 93 -19.79 -18.09 -29.34
C GLU C 93 -19.28 -16.75 -28.79
N ASP C 94 -19.79 -16.36 -27.63
CA ASP C 94 -19.39 -15.10 -27.00
C ASP C 94 -18.01 -15.22 -26.36
N ILE C 95 -17.48 -16.44 -26.32
CA ILE C 95 -16.15 -16.67 -25.73
C ILE C 95 -15.09 -15.86 -26.49
N HIS C 96 -15.25 -15.78 -27.82
CA HIS C 96 -14.32 -15.03 -28.64
C HIS C 96 -14.41 -13.53 -28.31
N HIS C 97 -15.62 -13.12 -27.94
CA HIS C 97 -15.89 -11.73 -27.58
C HIS C 97 -15.14 -11.38 -26.30
N TYR C 98 -15.22 -12.27 -25.32
CA TYR C 98 -14.54 -12.06 -24.04
C TYR C 98 -13.02 -12.09 -24.22
N ARG C 99 -12.56 -13.06 -25.01
CA ARG C 99 -11.14 -13.23 -25.28
C ARG C 99 -10.54 -11.96 -25.89
N GLU C 100 -11.19 -11.45 -26.93
CA GLU C 100 -10.72 -10.25 -27.62
C GLU C 100 -10.86 -9.00 -26.76
N GLN C 101 -11.91 -8.93 -25.96
CA GLN C 101 -12.14 -7.78 -25.11
C GLN C 101 -11.02 -7.59 -24.10
N ILE C 102 -10.73 -8.64 -23.32
CA ILE C 102 -9.69 -8.59 -22.31
C ILE C 102 -8.30 -8.49 -22.94
N LYS C 103 -8.14 -9.07 -24.13
CA LYS C 103 -6.85 -9.02 -24.83
C LYS C 103 -6.49 -7.56 -25.11
N ARG C 104 -7.49 -6.79 -25.51
CA ARG C 104 -7.30 -5.37 -25.82
C ARG C 104 -6.96 -4.56 -24.58
N VAL C 105 -7.58 -4.90 -23.45
CA VAL C 105 -7.34 -4.18 -22.20
C VAL C 105 -5.98 -4.54 -21.60
N LYS C 106 -5.53 -5.76 -21.84
CA LYS C 106 -4.24 -6.21 -21.32
C LYS C 106 -3.12 -5.86 -22.30
N ASP C 107 -3.52 -5.46 -23.51
CA ASP C 107 -2.58 -5.05 -24.56
C ASP C 107 -1.67 -6.22 -25.01
N SER C 108 -2.03 -7.43 -24.63
CA SER C 108 -1.23 -8.59 -24.99
C SER C 108 -2.12 -9.81 -25.20
N GLU C 109 -1.59 -10.79 -25.92
CA GLU C 109 -2.31 -12.03 -26.18
C GLU C 109 -1.94 -13.07 -25.13
N ASP C 110 -0.81 -12.83 -24.47
CA ASP C 110 -0.29 -13.70 -23.43
C ASP C 110 -1.06 -13.48 -22.13
N VAL C 111 -2.35 -13.79 -22.17
CA VAL C 111 -3.22 -13.62 -21.00
C VAL C 111 -3.78 -14.96 -20.54
N PRO C 112 -3.56 -15.31 -19.27
CA PRO C 112 -4.05 -16.56 -18.69
C PRO C 112 -5.57 -16.56 -18.56
N MET C 113 -6.21 -17.52 -19.21
CA MET C 113 -7.66 -17.64 -19.18
C MET C 113 -8.06 -19.11 -19.04
N VAL C 114 -9.23 -19.35 -18.47
CA VAL C 114 -9.72 -20.70 -18.30
C VAL C 114 -11.13 -20.81 -18.84
N LEU C 115 -11.37 -21.78 -19.71
CA LEU C 115 -12.69 -21.99 -20.28
C LEU C 115 -13.56 -22.70 -19.26
N VAL C 116 -14.64 -22.04 -18.85
CA VAL C 116 -15.51 -22.60 -17.83
C VAL C 116 -16.89 -22.94 -18.40
N GLY C 117 -17.17 -24.23 -18.51
CA GLY C 117 -18.47 -24.67 -19.01
C GLY C 117 -19.42 -24.91 -17.87
N ASN C 118 -20.27 -23.92 -17.59
CA ASN C 118 -21.22 -24.01 -16.49
C ASN C 118 -22.57 -24.56 -16.95
N LYS C 119 -23.38 -25.00 -15.98
CA LYS C 119 -24.71 -25.54 -16.23
C LYS C 119 -24.66 -26.93 -16.87
N CYS C 120 -23.57 -27.65 -16.63
CA CYS C 120 -23.39 -28.98 -17.20
C CYS C 120 -24.31 -30.03 -16.55
N ASP C 121 -25.04 -29.63 -15.52
CA ASP C 121 -25.94 -30.53 -14.82
C ASP C 121 -27.28 -30.62 -15.55
N LEU C 122 -27.48 -29.70 -16.48
CA LEU C 122 -28.72 -29.67 -17.27
C LEU C 122 -28.59 -30.55 -18.50
N PRO C 123 -29.67 -31.27 -18.85
CA PRO C 123 -29.70 -32.15 -20.03
C PRO C 123 -29.83 -31.38 -21.33
N SER C 124 -30.01 -30.07 -21.20
CA SER C 124 -30.16 -29.17 -22.34
C SER C 124 -28.81 -28.84 -22.96
N ARG C 125 -27.87 -29.79 -22.84
CA ARG C 125 -26.52 -29.61 -23.37
C ARG C 125 -26.50 -29.58 -24.89
N THR C 126 -26.18 -28.42 -25.44
CA THR C 126 -26.09 -28.26 -26.88
C THR C 126 -24.63 -28.19 -27.30
N VAL C 127 -23.77 -27.78 -26.37
CA VAL C 127 -22.35 -27.66 -26.63
C VAL C 127 -21.63 -28.96 -26.30
N ASP C 128 -21.02 -29.57 -27.31
CA ASP C 128 -20.28 -30.82 -27.13
C ASP C 128 -18.97 -30.56 -26.40
N THR C 129 -18.58 -31.51 -25.55
CA THR C 129 -17.37 -31.41 -24.77
C THR C 129 -16.15 -31.24 -25.69
N LYS C 130 -16.14 -31.94 -26.81
CA LYS C 130 -15.04 -31.86 -27.76
C LYS C 130 -14.97 -30.47 -28.38
N GLN C 131 -16.13 -29.91 -28.71
CA GLN C 131 -16.20 -28.58 -29.31
C GLN C 131 -15.58 -27.53 -28.38
N ALA C 132 -15.89 -27.64 -27.10
CA ALA C 132 -15.36 -26.72 -26.11
C ALA C 132 -13.86 -26.89 -25.93
N GLN C 133 -13.43 -28.13 -25.76
CA GLN C 133 -12.01 -28.42 -25.57
C GLN C 133 -11.19 -28.03 -26.80
N ASP C 134 -11.76 -28.24 -27.99
CA ASP C 134 -11.08 -27.90 -29.23
C ASP C 134 -10.81 -26.40 -29.30
N LEU C 135 -11.80 -25.62 -28.87
CA LEU C 135 -11.68 -24.17 -28.86
C LEU C 135 -10.62 -23.73 -27.85
N ALA C 136 -10.67 -24.33 -26.67
CA ALA C 136 -9.71 -24.04 -25.60
C ALA C 136 -8.29 -24.38 -26.05
N ARG C 137 -8.13 -25.54 -26.65
CA ARG C 137 -6.84 -25.99 -27.14
C ARG C 137 -6.27 -25.03 -28.18
N SER C 138 -7.16 -24.47 -28.99
CA SER C 138 -6.77 -23.53 -30.03
C SER C 138 -6.22 -22.23 -29.44
N TYR C 139 -6.75 -21.84 -28.28
CA TYR C 139 -6.30 -20.62 -27.61
C TYR C 139 -5.14 -20.90 -26.67
N GLY C 140 -4.93 -22.17 -26.36
CA GLY C 140 -3.86 -22.56 -25.47
C GLY C 140 -4.26 -22.43 -24.01
N ILE C 141 -5.55 -22.56 -23.76
CA ILE C 141 -6.09 -22.46 -22.42
C ILE C 141 -6.79 -23.76 -22.02
N PRO C 142 -6.86 -24.06 -20.72
CA PRO C 142 -7.51 -25.26 -20.21
C PRO C 142 -9.03 -25.10 -20.13
N PHE C 143 -9.73 -26.22 -20.21
CA PHE C 143 -11.19 -26.23 -20.13
C PHE C 143 -11.65 -27.00 -18.89
N ILE C 144 -12.51 -26.36 -18.10
CA ILE C 144 -13.04 -26.97 -16.88
C ILE C 144 -14.56 -26.92 -16.89
N GLU C 145 -15.19 -28.09 -16.72
CA GLU C 145 -16.64 -28.16 -16.67
C GLU C 145 -17.12 -27.86 -15.25
N THR C 146 -18.11 -27.00 -15.11
CA THR C 146 -18.60 -26.61 -13.80
C THR C 146 -20.12 -26.65 -13.73
N SER C 147 -20.62 -26.63 -12.50
CA SER C 147 -22.05 -26.63 -12.24
C SER C 147 -22.31 -26.01 -10.88
N ALA C 148 -23.15 -24.98 -10.86
CA ALA C 148 -23.48 -24.30 -9.62
C ALA C 148 -24.43 -25.13 -8.76
N LYS C 149 -25.09 -26.10 -9.39
CA LYS C 149 -26.04 -26.95 -8.69
C LYS C 149 -25.35 -28.12 -7.98
N THR C 150 -24.41 -28.75 -8.67
CA THR C 150 -23.69 -29.89 -8.09
C THR C 150 -22.43 -29.42 -7.37
N ARG C 151 -22.08 -28.14 -7.57
CA ARG C 151 -20.90 -27.54 -6.97
C ARG C 151 -19.62 -28.28 -7.41
N GLN C 152 -19.69 -28.84 -8.61
CA GLN C 152 -18.58 -29.60 -9.16
C GLN C 152 -17.79 -28.76 -10.15
N GLY C 153 -16.47 -28.86 -10.07
CA GLY C 153 -15.60 -28.13 -10.98
C GLY C 153 -15.32 -26.70 -10.53
N VAL C 154 -16.15 -26.22 -9.60
CA VAL C 154 -16.01 -24.86 -9.08
C VAL C 154 -14.61 -24.62 -8.52
N ASP C 155 -14.15 -25.52 -7.67
CA ASP C 155 -12.82 -25.39 -7.06
C ASP C 155 -11.74 -25.50 -8.12
N ASP C 156 -11.92 -26.45 -9.02
CA ASP C 156 -10.95 -26.69 -10.09
C ASP C 156 -10.76 -25.46 -10.97
N ALA C 157 -11.87 -24.81 -11.32
CA ALA C 157 -11.82 -23.62 -12.16
C ALA C 157 -10.99 -22.51 -11.51
N PHE C 158 -11.29 -22.20 -10.26
CA PHE C 158 -10.57 -21.17 -9.53
C PHE C 158 -9.10 -21.55 -9.31
N TYR C 159 -8.88 -22.80 -8.90
CA TYR C 159 -7.55 -23.30 -8.64
C TYR C 159 -6.68 -23.26 -9.90
N THR C 160 -7.24 -23.69 -11.02
CA THR C 160 -6.51 -23.70 -12.29
C THR C 160 -6.14 -22.28 -12.70
N LEU C 161 -7.05 -21.33 -12.48
CA LEU C 161 -6.79 -19.94 -12.83
C LEU C 161 -5.58 -19.41 -12.07
N VAL C 162 -5.51 -19.71 -10.78
CA VAL C 162 -4.39 -19.27 -9.96
C VAL C 162 -3.10 -19.93 -10.44
N ARG C 163 -3.21 -21.18 -10.86
CA ARG C 163 -2.07 -21.94 -11.35
C ARG C 163 -1.56 -21.36 -12.67
N GLU C 164 -2.49 -20.87 -13.50
CA GLU C 164 -2.11 -20.25 -14.77
C GLU C 164 -1.27 -19.01 -14.51
N ILE C 165 -1.67 -18.24 -13.50
CA ILE C 165 -0.95 -17.03 -13.12
C ILE C 165 0.44 -17.40 -12.62
N ARG C 166 0.52 -18.51 -11.89
CA ARG C 166 1.80 -18.99 -11.36
C ARG C 166 2.77 -19.22 -12.50
N LYS C 167 2.31 -19.96 -13.52
CA LYS C 167 3.12 -20.26 -14.69
C LYS C 167 3.46 -18.98 -15.44
N HIS C 168 2.50 -18.06 -15.51
CA HIS C 168 2.71 -16.79 -16.19
C HIS C 168 3.82 -15.98 -15.52
N LYS C 169 3.84 -16.01 -14.19
CA LYS C 169 4.85 -15.29 -13.42
C LYS C 169 6.24 -15.81 -13.74
N GLU C 170 6.36 -17.14 -13.84
CA GLU C 170 7.65 -17.76 -14.15
C GLU C 170 8.04 -17.45 -15.59
N LYS C 171 7.06 -17.54 -16.48
CA LYS C 171 7.28 -17.26 -17.90
C LYS C 171 7.84 -15.86 -18.08
N MET C 172 7.28 -14.91 -17.35
CA MET C 172 7.72 -13.51 -17.41
C MET C 172 9.19 -13.38 -17.02
N SER C 173 9.62 -14.22 -16.08
CA SER C 173 11.00 -14.19 -15.63
C SER C 173 11.92 -14.88 -16.63
N LYS C 174 11.35 -15.80 -17.41
CA LYS C 174 12.10 -16.56 -18.41
C LYS C 174 11.91 -15.95 -19.79
N ASP C 175 11.17 -14.85 -19.86
CA ASP C 175 10.91 -14.17 -21.13
C ASP C 175 12.16 -13.49 -21.68
N GLY C 176 13.10 -13.19 -20.80
CA GLY C 176 14.34 -12.57 -21.24
C GLY C 176 14.51 -11.14 -20.77
N LYS C 177 14.82 -10.95 -19.49
CA LYS C 177 15.03 -9.62 -18.94
C LYS C 177 16.41 -9.11 -19.31
N LYS C 178 17.41 -9.99 -19.19
CA LYS C 178 18.79 -9.64 -19.52
C LYS C 178 18.95 -9.52 -21.04
N LYS C 179 17.99 -10.08 -21.76
CA LYS C 179 17.99 -10.04 -23.21
C LYS C 179 17.58 -8.65 -23.72
N LYS C 180 17.02 -7.85 -22.82
CA LYS C 180 16.57 -6.49 -23.14
C LYS C 180 15.47 -6.52 -24.20
N LYS C 181 14.47 -7.37 -23.97
CA LYS C 181 13.35 -7.49 -24.90
C LYS C 181 12.19 -6.60 -24.46
N LYS C 182 11.84 -5.65 -25.31
CA LYS C 182 10.75 -4.71 -25.04
C LYS C 182 11.02 -3.88 -23.79
N SER C 183 11.99 -2.99 -23.89
CA SER C 183 12.35 -2.13 -22.77
C SER C 183 11.70 -0.76 -22.93
N LYS C 184 12.07 -0.07 -24.01
CA LYS C 184 11.55 1.27 -24.31
C LYS C 184 12.11 2.32 -23.35
N THR C 185 11.85 3.58 -23.64
CA THR C 185 12.32 4.67 -22.78
C THR C 185 11.31 4.98 -21.70
N LYS C 186 10.03 4.87 -22.06
CA LYS C 186 8.94 5.15 -21.14
C LYS C 186 7.67 4.45 -21.57
N CYS C 187 7.06 3.73 -20.63
CA CYS C 187 5.82 3.01 -20.89
C CYS C 187 4.72 3.50 -19.95
C1 PCW D . 2.14 -15.40 12.36
C2 PCW D . 1.91 -14.66 13.73
C3 PCW D . 1.47 -15.69 14.82
C4 PCW D . 1.80 -15.57 8.79
C5 PCW D . 1.93 -16.35 7.48
C6 PCW D . 1.01 -18.69 7.06
C7 PCW D . -0.15 -16.71 6.19
C8 PCW D . 1.53 -17.33 5.75
C11 PCW D . 0.62 -15.71 17.07
C12 PCW D . 0.49 -14.83 18.27
C13 PCW D . 1.84 -14.85 19.06
C14 PCW D . 1.88 -13.99 20.33
C15 PCW D . 3.13 -13.08 20.50
C16 PCW D . 3.19 -12.47 21.94
C17 PCW D . 4.48 -12.75 22.79
C18 PCW D . 4.99 -11.51 23.54
C19 PCW D . 4.84 -11.63 25.07
C20 PCW D . 5.93 -11.71 25.92
C21 PCW D . 7.39 -11.71 25.68
C22 PCW D . 8.05 -10.97 26.87
C23 PCW D . 9.59 -11.05 27.01
C24 PCW D . 10.40 -10.44 25.91
C25 PCW D . 10.81 -8.93 25.96
C26 PCW D . 9.77 -7.92 25.52
C27 PCW D . 9.75 -7.49 24.04
C28 PCW D . 8.47 -7.95 23.38
C31 PCW D . 3.28 -12.72 13.86
C32 PCW D . 4.63 -12.21 14.41
C33 PCW D . 4.51 -10.96 15.41
C34 PCW D . 4.73 -9.61 14.73
C35 PCW D . 4.77 -8.55 15.90
C36 PCW D . 4.32 -7.15 15.46
C37 PCW D . 4.34 -6.06 16.57
C38 PCW D . 3.72 -4.77 16.12
C39 PCW D . 3.74 -3.71 17.19
C40 PCW D . 3.68 -2.39 17.02
C41 PCW D . 3.61 -1.69 15.67
C42 PCW D . 4.95 -0.85 15.46
C43 PCW D . 5.02 0.56 16.02
C44 PCW D . 6.40 1.10 15.68
C45 PCW D . 6.49 2.61 15.58
C46 PCW D . 7.30 3.23 16.69
C47 PCW D . 7.25 4.75 16.78
C48 PCW D . 8.11 5.24 17.94
N PCW D . 0.88 -17.21 7.07
O2 PCW D . 3.17 -14.01 14.19
O3 PCW D . 1.25 -15.02 16.07
O11 PCW D . 0.23 -16.84 16.99
O31 PCW D . 2.43 -12.03 13.23
O1P PCW D . 3.26 -13.54 10.25
O2P PCW D . 5.17 -15.12 9.98
O3P PCW D . 3.51 -15.40 11.92
O4P PCW D . 2.95 -15.94 9.61
P PCW D . 3.76 -14.94 10.40
C1 PCW E . 17.18 -21.28 8.66
C2 PCW E . 18.21 -21.09 9.85
C3 PCW E . 19.53 -20.43 9.33
C4 PCW E . 16.56 -20.65 5.06
C5 PCW E . 15.56 -20.77 3.89
C6 PCW E . 13.71 -19.47 2.73
C7 PCW E . 16.04 -18.68 2.65
C8 PCW E . 15.33 -20.23 1.94
C11 PCW E . 21.51 -21.11 10.51
C12 PCW E . 22.32 -20.78 11.74
C13 PCW E . 21.66 -21.50 12.96
C14 PCW E . 22.36 -21.28 14.31
C15 PCW E . 21.81 -22.12 15.50
C16 PCW E . 22.99 -22.69 16.36
C17 PCW E . 23.24 -22.01 17.75
C18 PCW E . 23.84 -22.95 18.79
C19 PCW E . 25.38 -23.04 18.70
C20 PCW E . 26.21 -22.54 19.70
C21 PCW E . 25.93 -21.85 20.98
C22 PCW E . 27.04 -20.77 21.16
C23 PCW E . 26.62 -19.28 21.05
C24 PCW E . 26.79 -18.44 22.29
C25 PCW E . 25.70 -17.40 22.70
C26 PCW E . 26.21 -16.10 23.29
C27 PCW E . 26.97 -16.17 24.63
C28 PCW E . 26.71 -14.91 25.43
C31 PCW E . 17.70 -20.65 12.14
C32 PCW E . 17.07 -19.61 13.07
C33 PCW E . 17.01 -20.03 14.62
C34 PCW E . 17.86 -19.15 15.52
C35 PCW E . 18.76 -20.15 16.37
C36 PCW E . 19.04 -19.63 17.79
C37 PCW E . 19.90 -20.57 18.69
C38 PCW E . 19.69 -20.32 20.14
C39 PCW E . 20.52 -21.22 21.01
C40 PCW E . 21.64 -20.90 21.65
C41 PCW E . 22.29 -19.53 21.61
C42 PCW E . 22.20 -18.89 23.06
C43 PCW E . 21.55 -17.52 23.22
C44 PCW E . 21.61 -17.16 24.70
C45 PCW E . 22.64 -16.13 25.06
C46 PCW E . 22.08 -14.74 25.19
C47 PCW E . 23.00 -13.61 24.80
C48 PCW E . 22.30 -12.25 24.96
N PCW E . 15.09 -19.58 3.26
O2 PCW E . 17.63 -20.18 10.88
O3 PCW E . 20.44 -20.26 10.43
O11 PCW E . 21.75 -21.99 9.74
O31 PCW E . 18.18 -21.77 12.50
O1P PCW E . 18.97 -21.57 6.39
O2P PCW E . 18.04 -23.83 5.88
O3P PCW E . 17.29 -22.54 7.98
O4P PCW E . 16.57 -21.94 5.74
P PCW E . 17.79 -22.49 6.45
C1 PCW F . 0.32 7.15 -23.56
C2 PCW F . 0.50 8.72 -23.43
C3 PCW F . 0.25 9.39 -24.82
C4 PCW F . -4.11 7.93 -23.03
C5 PCW F . -4.27 9.42 -22.71
C6 PCW F . -6.65 10.20 -23.20
C7 PCW F . -5.62 10.64 -21.02
C8 PCW F . -5.11 11.29 -22.67
C11 PCW F . -0.46 11.61 -25.39
C12 PCW F . -0.15 13.06 -25.09
C13 PCW F . -1.40 13.71 -24.40
C14 PCW F . -1.24 15.18 -24.03
C15 PCW F . -0.70 16.12 -25.15
C16 PCW F . 0.19 17.26 -24.55
C17 PCW F . -0.51 18.63 -24.25
C18 PCW F . 0.36 19.85 -24.55
C19 PCW F . 0.19 20.36 -25.99
C20 PCW F . 1.25 20.47 -26.88
C21 PCW F . 2.69 20.16 -26.75
C22 PCW F . 3.45 21.51 -26.73
C23 PCW F . 3.85 22.08 -25.34
C24 PCW F . 4.13 23.55 -25.26
C25 PCW F . 3.78 24.37 -23.99
C26 PCW F . 4.86 24.48 -22.93
C27 PCW F . 4.79 23.50 -21.73
C28 PCW F . 5.09 24.23 -20.45
C31 PCW F . -0.15 9.19 -21.20
C32 PCW F . -1.29 9.80 -20.36
C33 PCW F . -1.59 11.35 -20.62
C34 PCW F . -0.58 12.29 -19.96
C35 PCW F . 0.43 12.70 -21.11
C36 PCW F . 0.95 14.16 -20.96
C37 PCW F . 1.97 14.61 -22.06
C38 PCW F . 3.26 15.07 -21.48
C39 PCW F . 4.25 15.52 -22.52
C40 PCW F . 5.41 16.13 -22.32
C41 PCW F . 5.94 16.51 -20.94
C42 PCW F . 7.36 17.21 -21.14
C43 PCW F . 7.40 18.68 -21.55
C44 PCW F . 8.87 19.06 -21.65
C45 PCW F . 9.17 20.15 -22.65
C46 PCW F . 10.64 20.31 -22.96
C47 PCW F . 11.15 21.73 -23.08
C48 PCW F . 12.65 21.74 -23.39
N PCW F . -5.53 9.91 -22.27
O2 PCW F . -0.51 9.27 -22.48
O3 PCW F . 0.39 10.82 -24.69
O11 PCW F . -1.34 11.23 -26.13
O31 PCW F . 0.92 8.70 -20.74
O1P PCW F . -3.03 5.36 -23.85
O2P PCW F . -1.54 5.70 -21.88
O3P PCW F . -0.93 6.75 -24.16
O4P PCW F . -2.72 7.60 -22.74
P PCW F . -2.08 6.28 -23.13
C1 PCW G . -25.25 -12.28 14.12
C2 PCW G . -24.95 -11.84 15.60
C3 PCW G . -24.89 -13.09 16.53
C4 PCW G . -21.71 -13.51 14.44
C5 PCW G . -20.18 -13.40 14.46
C6 PCW G . -17.92 -14.58 14.58
C7 PCW G . -19.84 -15.67 13.51
C8 PCW G . -18.98 -14.13 12.97
C11 PCW G . -23.34 -12.88 18.35
C12 PCW G . -23.26 -12.37 19.77
C13 PCW G . -23.76 -13.52 20.72
C14 PCW G . -23.73 -13.18 22.22
C15 PCW G . -22.32 -13.19 22.89
C16 PCW G . -22.37 -13.96 24.25
C17 PCW G . -21.40 -13.45 25.38
C18 PCW G . -21.91 -12.19 26.08
C19 PCW G . -21.51 -12.13 27.58
C20 PCW G . -20.33 -11.56 28.01
C21 PCW G . -19.20 -10.90 27.31
C22 PCW G . -18.03 -11.94 27.28
C23 PCW G . -16.85 -11.69 28.24
C24 PCW G . -16.20 -12.90 28.84
C25 PCW G . -16.79 -13.57 30.12
C26 PCW G . -16.29 -13.03 31.45
C27 PCW G . -16.14 -14.02 32.63
C28 PCW G . -16.29 -13.29 33.94
C31 PCW G . -23.67 -9.84 15.67
C32 PCW G . -22.23 -9.31 15.75
C33 PCW G . -22.09 -7.76 16.16
C34 PCW G . -21.32 -7.55 17.46
C35 PCW G . -22.31 -6.78 18.42
C36 PCW G . -22.90 -7.67 19.53
C37 PCW G . -23.89 -6.98 20.52
C38 PCW G . -23.18 -6.28 21.63
C39 PCW G . -24.12 -5.60 22.59
C40 PCW G . -23.80 -4.86 23.64
C41 PCW G . -22.36 -4.56 24.07
C42 PCW G . -22.20 -2.98 24.17
C43 PCW G . -21.08 -2.32 23.38
C44 PCW G . -21.16 -0.83 23.67
C45 PCW G . -21.56 0.03 22.49
C46 PCW G . -21.74 1.48 22.84
C47 PCW G . -23.15 2.02 22.79
C48 PCW G . -23.18 3.52 23.17
N PCW G . -19.39 -14.58 14.34
O2 PCW G . -23.62 -11.17 15.68
O3 PCW G . -24.61 -12.68 17.89
O11 PCW G . -22.44 -13.37 17.73
O31 PCW G . -24.72 -9.12 15.61
O1P PCW G . -23.60 -13.83 12.28
O2P PCW G . -22.52 -11.75 11.43
O3P PCW G . -24.44 -11.60 13.13
O4P PCW G . -22.19 -12.34 13.72
P PCW G . -23.18 -12.42 12.58
C1 PCW H . 9.57 -21.86 10.19
C2 PCW H . 10.52 -22.23 11.41
C3 PCW H . 11.96 -22.56 10.90
C4 PCW H . 6.76 -23.46 13.40
C5 PCW H . 7.42 -23.34 14.77
C6 PCW H . 7.91 -25.83 15.08
C7 PCW H . 9.07 -24.15 16.44
C8 PCW H . 7.26 -24.54 16.42
C11 PCW H . 13.94 -22.17 12.20
C12 PCW H . 14.67 -22.69 13.42
C13 PCW H . 13.88 -22.21 14.70
C14 PCW H . 14.48 -22.66 16.04
C15 PCW H . 14.70 -21.52 17.08
C16 PCW H . 13.54 -21.51 18.14
C17 PCW H . 13.93 -21.81 19.63
C18 PCW H . 14.45 -20.59 20.39
C19 PCW H . 15.74 -20.90 21.20
C20 PCW H . 16.00 -20.33 22.43
C21 PCW H . 15.25 -19.38 23.28
C22 PCW H . 15.89 -19.43 24.70
C23 PCW H . 15.55 -18.29 25.70
C24 PCW H . 16.50 -17.13 25.74
C25 PCW H . 17.26 -16.78 27.06
C26 PCW H . 16.82 -15.51 27.76
C27 PCW H . 15.69 -15.63 28.82
C28 PCW H . 14.48 -14.85 28.36
C31 PCW H . 10.50 -21.35 13.62
C32 PCW H . 10.62 -20.05 14.43
C33 PCW H . 9.64 -19.93 15.69
C34 PCW H . 9.92 -18.72 16.56
C35 PCW H . 9.18 -17.51 15.85
C36 PCW H . 9.99 -16.19 15.94
C37 PCW H . 9.33 -14.96 15.26
C38 PCW H . 9.32 -13.76 16.16
C39 PCW H . 8.68 -12.55 15.53
C40 PCW H . 9.23 -11.35 15.36
C41 PCW H . 10.65 -11.00 15.78
C42 PCW H . 11.13 -9.76 14.90
C43 PCW H . 12.17 -10.01 13.82
C44 PCW H . 12.43 -8.68 13.14
C45 PCW H . 13.06 -8.76 11.77
C46 PCW H . 14.21 -7.83 11.57
C47 PCW H . 13.88 -6.44 11.07
C48 PCW H . 15.15 -5.60 10.91
N PCW H . 8.23 -24.40 15.29
O2 PCW H . 10.63 -21.05 12.33
O3 PCW H . 12.80 -22.89 12.02
O11 PCW H . 14.31 -21.26 11.51
O31 PCW H . 10.31 -22.50 14.10
O1P PCW H . 6.10 -23.34 10.57
O2P PCW H . 8.32 -24.44 10.32
O3P PCW H . 8.17 -21.89 10.52
O4P PCW H . 7.82 -23.39 12.41
P PCW H . 7.56 -23.32 10.91
C1 PCW I . -15.24 -6.02 6.59
C2 PCW I . -14.58 -4.82 5.80
C3 PCW I . -15.58 -3.62 5.70
C4 PCW I . -14.45 -7.66 2.18
C5 PCW I . -13.15 -7.16 1.54
C6 PCW I . -12.39 -6.44 -0.78
C7 PCW I . -13.65 -4.90 0.65
C8 PCW I . -11.97 -5.61 0.94
C11 PCW I . -14.95 -2.60 3.62
C12 PCW I . -14.26 -1.37 3.08
C13 PCW I . -15.20 -0.12 3.35
C14 PCW I . -14.65 1.21 2.86
C15 PCW I . -14.30 2.25 3.97
C16 PCW I . -13.79 3.59 3.34
C17 PCW I . -14.07 4.91 4.13
C18 PCW I . -15.55 5.29 4.17
C19 PCW I . -15.80 6.68 4.82
C20 PCW I . -17.08 7.16 5.07
C21 PCW I . -18.43 6.58 4.85
C22 PCW I . -19.33 7.11 6.01
C23 PCW I . -20.55 7.98 5.63
C24 PCW I . -20.64 9.33 6.27
C25 PCW I . -20.25 10.61 5.51
C26 PCW I . -21.26 11.16 4.52
C27 PCW I . -21.27 12.67 4.25
C28 PCW I . -22.18 12.99 3.08
C31 PCW I . -12.24 -4.53 5.86
C32 PCW I . -11.08 -3.96 6.72
C33 PCW I . -10.62 -4.90 7.95
C34 PCW I . -11.48 -4.74 9.20
C35 PCW I . -10.63 -3.85 10.19
C36 PCW I . -11.47 -2.76 10.89
C37 PCW I . -10.71 -1.84 11.89
C38 PCW I . -11.63 -1.16 12.85
C39 PCW I . -10.91 -0.27 13.82
C40 PCW I . -10.55 -0.56 15.07
C41 PCW I . -10.83 -1.90 15.74
C42 PCW I . -9.51 -2.79 15.63
C43 PCW I . -8.33 -2.48 16.53
C44 PCW I . -7.24 -3.48 16.21
C45 PCW I . -5.84 -2.93 16.23
C46 PCW I . -5.35 -2.56 17.61
C47 PCW I . -4.11 -1.70 17.67
C48 PCW I . -3.73 -1.40 19.12
N PCW I . -13.21 -6.26 0.44
O2 PCW I . -13.37 -4.33 6.52
O3 PCW I . -14.97 -2.54 4.98
O11 PCW I . -15.40 -3.49 2.96
O31 PCW I . -12.11 -5.07 4.72
O1P PCW I . -15.94 -9.07 4.56
O2P PCW I . -13.96 -8.55 4.64
O3P PCW I . -14.78 -7.32 6.17
O4P PCW I . -14.50 -7.10 3.51
P PCW I . -15.22 -7.75 4.68
C1 PCW J . -13.96 -11.72 12.19
C2 PCW J . -13.78 -10.18 12.48
C3 PCW J . -14.31 -9.86 13.92
C4 PCW J . -16.38 -13.37 8.22
C5 PCW J . -15.43 -13.04 7.07
C6 PCW J . -16.95 -11.26 6.39
C7 PCW J . -15.22 -11.94 4.96
C8 PCW J . -14.63 -10.72 6.80
C11 PCW J . -14.93 -7.89 15.15
C12 PCW J . -14.60 -6.43 15.28
C13 PCW J . -13.74 -6.25 16.58
C14 PCW J . -13.30 -4.81 16.87
C15 PCW J . -13.17 -4.44 18.37
C16 PCW J . -14.33 -3.47 18.80
C17 PCW J . -14.95 -3.70 20.23
C18 PCW J . -16.47 -3.88 20.21
C19 PCW J . -17.10 -3.84 21.62
C20 PCW J . -17.71 -4.94 22.21
C21 PCW J . -17.94 -6.33 21.74
C22 PCW J . -18.87 -7.01 22.77
C23 PCW J . -19.79 -8.15 22.27
C24 PCW J . -20.33 -9.09 23.29
C25 PCW J . -21.51 -8.67 24.22
C26 PCW J . -22.86 -9.29 23.93
C27 PCW J . -24.01 -9.01 24.91
C28 PCW J . -25.00 -10.14 24.88
C31 PCW J . -11.95 -9.15 11.37
C32 PCW J . -10.46 -8.85 11.49
C33 PCW J . -10.07 -7.68 12.50
C34 PCW J . -9.40 -8.18 13.78
C35 PCW J . -9.42 -6.96 14.78
C36 PCW J . -9.76 -7.39 16.23
C37 PCW J . -9.80 -6.23 17.29
C38 PCW J . -8.80 -6.43 18.38
C39 PCW J . -8.82 -5.32 19.40
C40 PCW J . -8.88 -5.45 20.72
C41 PCW J . -8.95 -6.78 21.45
C42 PCW J . -7.61 -6.97 22.28
C43 PCW J . -7.43 -6.17 23.55
C44 PCW J . -6.07 -6.54 24.13
C45 PCW J . -5.08 -5.41 24.20
C46 PCW J . -5.01 -4.75 25.54
C47 PCW J . -3.95 -3.68 25.71
C48 PCW J . -3.99 -3.07 27.12
N PCW J . -15.56 -11.81 6.35
O2 PCW J . -12.33 -9.82 12.46
O3 PCW J . -14.14 -8.45 14.19
O11 PCW J . -15.77 -8.47 15.79
O31 PCW J . -12.70 -8.81 10.40
O1P PCW J . -15.73 -14.14 10.95
O2P PCW J . -16.86 -12.00 11.52
O3P PCW J . -14.38 -12.03 10.84
O4P PCW J . -16.18 -12.36 9.24
P PCW J . -15.85 -12.67 10.68
C1 PCW K . 29.09 -7.69 -15.92
C2 PCW K . 29.63 -6.63 -14.90
C3 PCW K . 31.18 -6.49 -15.04
C4 PCW K . 26.00 -6.82 -19.59
C5 PCW K . 25.32 -7.94 -20.40
C6 PCW K . 23.53 -8.76 -21.79
C7 PCW K . 23.45 -6.57 -21.02
C8 PCW K . 23.03 -8.21 -19.50
C11 PCW K . 32.08 -4.31 -14.59
C12 PCW K . 32.55 -3.45 -13.45
C13 PCW K . 34.00 -3.92 -13.06
C14 PCW K . 34.66 -3.16 -11.91
C15 PCW K . 34.46 -3.78 -10.49
C16 PCW K . 35.17 -5.19 -10.39
C17 PCW K . 36.68 -5.20 -9.97
C18 PCW K . 37.57 -5.98 -10.94
C19 PCW K . 38.75 -5.14 -11.47
C20 PCW K . 40.06 -5.37 -11.06
C21 PCW K . 40.68 -6.35 -10.14
C22 PCW K . 40.53 -5.76 -8.70
C23 PCW K . 41.62 -4.76 -8.22
C24 PCW K . 41.15 -3.57 -7.43
C25 PCW K . 41.14 -3.60 -5.87
C26 PCW K . 39.89 -4.20 -5.22
C27 PCW K . 39.68 -3.91 -3.72
C28 PCW K . 38.79 -2.70 -3.54
C31 PCW K . 27.89 -5.04 -14.59
C32 PCW K . 27.42 -3.63 -14.99
C33 PCW K . 27.91 -2.45 -14.02
C34 PCW K . 26.94 -2.17 -12.88
C35 PCW K . 27.79 -1.41 -11.77
C36 PCW K . 27.33 0.04 -11.57
C37 PCW K . 28.13 0.86 -10.50
C38 PCW K . 29.05 1.86 -11.13
C39 PCW K . 29.83 2.66 -10.11
C40 PCW K . 31.01 2.35 -9.58
C41 PCW K . 31.80 1.09 -9.90
C42 PCW K . 32.46 0.54 -8.56
C43 PCW K . 33.11 -0.82 -8.58
C44 PCW K . 33.64 -1.08 -7.18
C45 PCW K . 35.05 -1.63 -7.12
C46 PCW K . 35.23 -2.73 -6.10
C47 PCW K . 36.12 -3.88 -6.52
C48 PCW K . 36.23 -4.93 -5.40
N PCW K . 23.91 -7.87 -20.66
O2 PCW K . 29.05 -5.29 -15.19
O3 PCW K . 31.68 -5.51 -14.11
O11 PCW K . 32.07 -3.98 -15.75
O31 PCW K . 27.26 -5.83 -13.82
O1P PCW K . 27.82 -5.19 -18.02
O2P PCW K . 29.47 -6.95 -18.64
O3P PCW K . 27.90 -7.29 -16.62
O4P PCW K . 27.13 -7.43 -18.93
P PCW K . 28.13 -6.65 -18.09
C1 PCW L . -5.59 -2.61 -7.41
C2 PCW L . -5.60 -1.79 -6.06
C3 PCW L . -4.71 -2.49 -4.98
C4 PCW L . -1.73 -1.33 -6.56
C5 PCW L . -0.43 -0.58 -6.80
C6 PCW L . 1.01 -1.74 -5.26
C7 PCW L . 1.96 -0.44 -6.96
C8 PCW L . 1.01 -2.42 -7.57
C11 PCW L . -3.54 -1.39 -3.19
C12 PCW L . -3.79 -0.57 -1.95
C13 PCW L . -3.82 0.95 -2.37
C14 PCW L . -4.07 1.93 -1.21
C15 PCW L . -2.81 2.34 -0.39
C16 PCW L . -3.20 2.63 1.10
C17 PCW L . -2.26 2.06 2.22
C18 PCW L . -3.00 1.34 3.34
C19 PCW L . -2.21 0.15 3.92
C20 PCW L . -1.56 0.22 5.16
C21 PCW L . -1.43 1.30 6.16
C22 PCW L . -2.24 0.86 7.40
C23 PCW L . -1.80 1.41 8.77
C24 PCW L . -2.74 1.20 9.93
C25 PCW L . -2.62 2.06 11.22
C26 PCW L . -3.49 3.31 11.29
C27 PCW L . -3.14 4.37 12.35
C28 PCW L . -2.30 5.46 11.73
C31 PCW L . -5.89 0.42 -6.85
C32 PCW L . -5.17 1.78 -7.01
C33 PCW L . -6.12 3.06 -7.13
C34 PCW L . -6.48 3.68 -5.79
C35 PCW L . -5.85 5.12 -5.81
C36 PCW L . -6.85 6.20 -6.33
C37 PCW L . -6.28 7.65 -6.38
C38 PCW L . -7.13 8.56 -7.22
C39 PCW L . -6.61 9.96 -7.29
C40 PCW L . -7.02 11.00 -6.57
C41 PCW L . -8.13 10.94 -5.53
C42 PCW L . -7.45 10.95 -4.09
C43 PCW L . -7.90 9.92 -3.06
C44 PCW L . -7.10 10.16 -1.80
C45 PCW L . -7.18 9.06 -0.77
C46 PCW L . -5.90 8.28 -0.62
C47 PCW L . -5.77 7.04 -1.47
C48 PCW L . -4.42 6.33 -1.21
N PCW L . 0.82 -1.26 -6.65
O2 PCW L . -5.04 -0.42 -6.28
O3 PCW L . -4.73 -1.72 -3.76
O11 PCW L . -2.46 -1.68 -3.62
O31 PCW L . -7.07 0.18 -7.20
O1P PCW L . -3.11 -3.76 -7.28
O2P PCW L . -2.57 -3.02 -9.60
O3P PCW L . -4.66 -2.12 -8.41
O4P PCW L . -2.40 -1.41 -7.84
P PCW L . -3.15 -2.66 -8.30
C1 PCW M . 22.49 -17.06 0.03
C2 PCW M . 23.66 -16.17 0.62
C3 PCW M . 23.74 -14.81 -0.15
C4 PCW M . 18.35 -14.57 -0.73
C5 PCW M . 16.88 -14.79 -1.11
C6 PCW M . 16.04 -12.45 -1.72
C7 PCW M . 15.33 -14.42 -3.01
C8 PCW M . 14.98 -14.04 -1.23
C11 PCW M . 26.08 -14.23 -0.06
C12 PCW M . 27.02 -13.27 0.63
C13 PCW M . 27.07 -11.94 -0.20
C14 PCW M . 27.98 -10.85 0.37
C15 PCW M . 28.96 -10.19 -0.67
C16 PCW M . 28.29 -8.91 -1.30
C17 PCW M . 28.28 -8.82 -2.87
C18 PCW M . 28.92 -7.53 -3.40
C19 PCW M . 30.05 -7.81 -4.43
C20 PCW M . 29.90 -7.53 -5.79
C21 PCW M . 28.77 -6.98 -6.57
C22 PCW M . 29.17 -5.52 -6.96
C23 PCW M . 28.03 -4.49 -7.12
C24 PCW M . 27.04 -4.37 -6.00
C25 PCW M . 27.23 -3.30 -4.88
C26 PCW M . 26.26 -2.13 -4.89
C27 PCW M . 24.76 -2.44 -4.69
C28 PCW M . 24.32 -2.02 -3.32
C31 PCW M . 24.30 -16.35 2.89
C32 PCW M . 23.89 -15.95 4.31
C33 PCW M . 24.94 -15.03 5.08
C34 PCW M . 25.02 -13.60 4.54
C35 PCW M . 26.34 -12.98 5.15
C36 PCW M . 27.59 -13.31 4.31
C37 PCW M . 28.93 -12.72 4.86
C38 PCW M . 29.73 -12.06 3.78
C39 PCW M . 31.04 -11.49 4.28
C40 PCW M . 31.95 -10.83 3.57
C41 PCW M . 31.82 -10.55 2.08
C42 PCW M . 31.78 -8.97 1.88
C43 PCW M . 32.05 -8.41 0.49
C44 PCW M . 31.96 -6.89 0.60
C45 PCW M . 31.71 -6.17 -0.71
C46 PCW M . 31.03 -4.85 -0.53
C47 PCW M . 31.77 -3.65 -1.09
C48 PCW M . 30.98 -2.35 -0.86
N PCW M . 16.25 -13.88 -2.02
O2 PCW M . 23.39 -15.86 2.04
O3 PCW M . 24.81 -14.01 0.39
O11 PCW M . 26.38 -15.05 -0.88
O31 PCW M . 25.33 -17.02 2.57
O1P PCW M . 20.94 -15.22 -1.90
O2P PCW M . 20.04 -17.55 -1.82
O3P PCW M . 21.16 -16.53 0.25
O4P PCW M . 18.94 -15.87 -0.50
P PCW M . 20.28 -16.29 -1.07
C1 PCW N . -7.39 -1.25 -2.33
C2 PCW N . -7.66 -0.33 -1.07
C3 PCW N . -7.70 1.17 -1.51
C4 PCW N . -10.78 -3.53 -5.06
C5 PCW N . -12.31 -3.49 -5.10
C6 PCW N . -12.74 -2.46 -7.24
C7 PCW N . -12.62 -1.11 -5.33
C8 PCW N . -14.47 -2.40 -5.58
C11 PCW N . -7.58 3.33 -0.44
C12 PCW N . -7.93 4.02 0.85
C13 PCW N . -6.59 4.54 1.50
C14 PCW N . -6.77 5.28 2.83
C15 PCW N . -5.61 6.24 3.23
C16 PCW N . -6.18 7.56 3.87
C17 PCW N . -5.92 8.90 3.09
C18 PCW N . -4.48 9.39 3.21
C19 PCW N . -4.29 10.46 4.31
C20 PCW N . -3.14 11.25 4.39
C21 PCW N . -1.90 11.30 3.58
C22 PCW N . -1.68 12.80 3.19
C23 PCW N . -1.86 13.19 1.70
C24 PCW N . -3.23 13.62 1.27
C25 PCW N . -3.45 14.56 0.05
C26 PCW N . -3.64 16.03 0.36
C27 PCW N . -4.99 16.68 -0.01
C28 PCW N . -5.53 17.47 1.15
C31 PCW N . -8.97 -1.70 0.38
C32 PCW N . -10.39 -1.90 0.91
C33 PCW N . -10.96 -0.68 1.79
C34 PCW N . -10.38 -0.62 3.20
C35 PCW N . -10.69 0.83 3.72
C36 PCW N . -9.41 1.69 3.92
C37 PCW N . -9.65 3.14 4.44
C38 PCW N . -10.10 3.17 5.86
C39 PCW N . -10.33 4.57 6.38
C40 PCW N . -9.97 5.05 7.56
C41 PCW N . -9.23 4.26 8.62
C42 PCW N . -8.61 5.29 9.67
C43 PCW N . -7.98 4.73 10.94
C44 PCW N . -7.46 5.92 11.74
C45 PCW N . -7.87 5.93 13.19
C46 PCW N . -8.42 7.25 13.65
C47 PCW N . -9.17 7.23 14.96
C48 PCW N . -9.68 8.64 15.33
N PCW N . -13.00 -2.43 -5.78
O2 PCW N . -8.99 -0.66 -0.46
O3 PCW N . -7.93 2.01 -0.37
O11 PCW N . -7.07 3.85 -1.40
O31 PCW N . -7.96 -2.41 0.67
O1P PCW N . -8.01 -3.76 -4.17
O2P PCW N . -9.09 -3.75 -1.91
O3P PCW N . -8.57 -1.53 -3.11
O4P PCW N . -10.39 -3.00 -3.77
P PCW N . -8.97 -3.09 -3.23
C1 PCW O . 13.65 -5.73 -4.48
C2 PCW O . 14.39 -5.32 -3.15
C3 PCW O . 14.10 -3.82 -2.81
C4 PCW O . 15.49 -8.46 -8.09
C5 PCW O . 14.77 -9.23 -9.18
C6 PCW O . 15.31 -11.40 -8.27
C7 PCW O . 16.39 -10.66 -10.21
C8 PCW O . 14.22 -11.29 -10.42
C11 PCW O . 15.13 -2.15 -1.43
C12 PCW O . 15.81 -1.98 -0.10
C13 PCW O . 17.30 -1.55 -0.36
C14 PCW O . 18.15 -1.33 0.90
C15 PCW O . 18.36 0.14 1.33
C16 PCW O . 18.78 0.23 2.84
C17 PCW O . 19.59 1.49 3.30
C18 PCW O . 20.61 1.19 4.40
C19 PCW O . 20.13 1.65 5.79
C20 PCW O . 21.00 1.78 6.87
C21 PCW O . 22.46 1.54 7.01
C22 PCW O . 23.10 2.91 7.42
C23 PCW O . 24.65 2.97 7.51
C24 PCW O . 25.23 3.59 8.74
C25 PCW O . 25.40 2.76 10.05
C26 PCW O . 26.73 2.88 10.75
C27 PCW O . 26.73 3.02 12.29
C28 PCW O . 27.86 2.22 12.89
C31 PCW O . 14.56 -7.26 -1.81
C32 PCW O . 13.93 -7.99 -0.61
C33 PCW O . 13.57 -9.53 -0.87
C34 PCW O . 12.27 -9.98 -0.19
C35 PCW O . 12.66 -10.26 1.31
C36 PCW O . 12.04 -9.24 2.30
C37 PCW O . 12.39 -9.46 3.80
C38 PCW O . 12.32 -8.19 4.59
C39 PCW O . 12.65 -8.40 6.05
C40 PCW O . 12.83 -7.45 6.97
C41 PCW O . 12.74 -5.96 6.68
C42 PCW O . 11.97 -5.27 7.89
C43 PCW O . 12.36 -3.86 8.30
C44 PCW O . 11.47 -3.47 9.47
C45 PCW O . 12.15 -2.61 10.51
C46 PCW O . 11.25 -2.27 11.67
C47 PCW O . 11.90 -2.30 13.03
C48 PCW O . 10.88 -1.94 14.12
N PCW O . 15.15 -10.57 -9.50
O2 PCW O . 13.88 -6.14 -2.01
O3 PCW O . 14.77 -3.46 -1.59
O11 PCW O . 14.94 -1.27 -2.22
O31 PCW O . 15.55 -7.67 -2.49
O1P PCW O . 16.02 -8.20 -5.26
O2P PCW O . 13.55 -8.54 -5.06
O3P PCW O . 14.54 -6.17 -5.53
O4P PCW O . 14.46 -7.94 -7.20
P PCW O . 14.66 -7.78 -5.70
C1 PCW P . 9.18 5.34 -15.21
C2 PCW P . 9.15 6.89 -15.50
C3 PCW P . 9.25 7.71 -14.17
C4 PCW P . 7.74 1.64 -15.22
C5 PCW P . 8.70 1.27 -14.09
C6 PCW P . 7.08 -0.01 -12.60
C7 PCW P . 9.46 -0.58 -12.61
C8 PCW P . 8.68 1.00 -12.06
C11 PCW P . 8.00 9.70 -14.73
C12 PCW P . 8.20 11.16 -15.01
C13 PCW P . 7.72 11.98 -13.75
C14 PCW P . 7.85 13.50 -13.88
C15 PCW P . 6.52 14.30 -13.90
C16 PCW P . 6.80 15.82 -14.19
C17 PCW P . 7.07 16.23 -15.68
C18 PCW P . 8.42 16.91 -15.88
C19 PCW P . 8.63 17.40 -17.34
C20 PCW P . 8.25 18.66 -17.77
C21 PCW P . 7.60 19.80 -17.08
C22 PCW P . 7.70 21.02 -18.04
C23 PCW P . 7.46 22.43 -17.42
C24 PCW P . 8.65 23.35 -17.33
C25 PCW P . 9.09 24.22 -18.55
C26 PCW P . 8.35 25.53 -18.73
C27 PCW P . 8.82 26.46 -19.88
C28 PCW P . 7.66 27.29 -20.37
C31 PCW P . 10.00 7.52 -17.62
C32 PCW P . 11.29 7.87 -18.37
C33 PCW P . 11.26 9.25 -19.18
C34 PCW P . 11.76 10.44 -18.37
C35 PCW P . 12.57 11.34 -19.40
C36 PCW P . 14.05 11.50 -19.00
C37 PCW P . 14.92 12.37 -19.96
C38 PCW P . 14.69 13.83 -19.75
C39 PCW P . 15.51 14.69 -20.66
C40 PCW P . 15.65 16.01 -20.59
C41 PCW P . 14.97 16.88 -19.55
C42 PCW P . 16.03 17.20 -18.39
C43 PCW P . 16.82 18.51 -18.48
C44 PCW P . 17.74 18.54 -17.27
C45 PCW P . 19.20 18.76 -17.59
C46 PCW P . 19.56 20.21 -17.80
C47 PCW P . 19.78 20.63 -19.24
C48 PCW P . 20.14 22.12 -19.32
N PCW P . 8.39 0.15 -13.26
O2 PCW P . 10.31 7.26 -16.34
O3 PCW P . 9.21 9.12 -14.46
O11 PCW P . 6.95 9.12 -14.73
O31 PCW P . 8.84 7.48 -18.12
O1P PCW P . 6.92 4.22 -16.32
O2P PCW P . 8.15 3.42 -18.33
O3P PCW P . 9.42 4.54 -16.38
O4P PCW P . 8.54 2.29 -16.24
P PCW P . 8.18 3.63 -16.86
C1 PCW Q . -2.53 0.64 -12.84
C2 PCW Q . -1.64 1.78 -12.21
C3 PCW Q . -1.80 3.11 -13.03
C4 PCW Q . -5.88 0.52 -13.85
C5 PCW Q . -6.32 -0.10 -12.52
C6 PCW Q . -7.37 1.71 -11.05
C7 PCW Q . -8.55 -0.40 -11.45
C8 PCW Q . -6.94 -0.14 -10.56
C11 PCW Q . -0.73 5.25 -13.19
C12 PCW Q . 0.16 6.18 -12.41
C13 PCW Q . 1.65 5.89 -12.82
C14 PCW Q . 2.70 6.75 -12.12
C15 PCW Q . 4.18 6.48 -12.54
C16 PCW Q . 5.17 7.06 -11.46
C17 PCW Q . 6.05 6.03 -10.68
C18 PCW Q . 7.00 5.24 -11.58
C19 PCW Q . 7.81 4.17 -10.82
C20 PCW Q . 9.11 4.39 -10.38
C21 PCW Q . 10.02 5.55 -10.49
C22 PCW Q . 11.07 5.42 -9.36
C23 PCW Q . 11.89 6.67 -8.99
C24 PCW Q . 12.95 6.51 -7.95
C25 PCW Q . 13.47 7.73 -7.11
C26 PCW Q . 14.94 8.05 -7.22
C27 PCW Q . 15.35 9.50 -7.55
C28 PCW Q . 16.32 9.53 -8.70
C31 PCW Q . -1.12 1.89 -9.90
C32 PCW Q . -1.72 2.20 -8.52
C33 PCW Q . -1.57 3.72 -8.04
C34 PCW Q . -2.10 3.96 -6.62
C35 PCW Q . -0.80 4.22 -5.74
C36 PCW Q . -0.83 5.60 -5.04
C37 PCW Q . 0.42 5.91 -4.14
C38 PCW Q . 1.17 7.10 -4.65
C39 PCW Q . 2.38 7.43 -3.81
C40 PCW Q . 3.66 7.41 -4.20
C41 PCW Q . 4.11 7.02 -5.59
C42 PCW Q . 5.68 6.72 -5.55
C43 PCW Q . 6.35 6.16 -6.78
C44 PCW Q . 7.83 5.98 -6.45
C45 PCW Q . 8.72 7.12 -6.86
C46 PCW Q . 9.72 7.51 -5.81
C47 PCW Q . 10.05 8.98 -5.69
C48 PCW Q . 11.07 9.24 -4.58
N PCW Q . -7.45 0.46 -11.83
O2 PCW Q . -2.07 2.05 -10.81
O3 PCW Q . -0.98 4.13 -12.45
O11 PCW Q . -1.15 5.46 -14.30
O31 PCW Q . 0.08 1.53 -10.10
O1P PCW Q . -3.96 1.77 -15.60
O2P PCW Q . -3.51 -0.56 -16.32
O3P PCW Q . -2.32 0.41 -14.26
O4P PCW Q . -4.70 -0.22 -14.26
P PCW Q . -3.64 0.37 -15.18
C1 PCW R . -30.80 -0.84 6.98
C2 PCW R . -31.24 -0.13 8.32
C3 PCW R . -31.83 -1.19 9.32
C4 PCW R . -27.82 -4.25 5.46
C5 PCW R . -26.36 -4.68 5.29
C6 PCW R . -24.36 -5.17 4.05
C7 PCW R . -25.77 -3.45 3.33
C8 PCW R . -26.47 -5.59 3.00
C11 PCW R . -33.28 -1.04 11.22
C12 PCW R . -33.53 -0.21 12.44
C13 PCW R . -34.44 1.01 12.04
C14 PCW R . -34.78 1.97 13.18
C15 PCW R . -34.85 3.47 12.81
C16 PCW R . -35.24 4.34 14.06
C17 PCW R . -34.89 5.87 14.00
C18 PCW R . -33.40 6.17 14.10
C19 PCW R . -32.83 5.95 15.52
C20 PCW R . -32.85 6.94 16.49
C21 PCW R . -33.36 8.33 16.49
C22 PCW R . -32.13 9.27 16.68
C23 PCW R . -32.38 10.69 17.20
C24 PCW R . -32.06 10.97 18.64
C25 PCW R . -33.06 10.58 19.77
C26 PCW R . -32.57 9.58 20.79
C27 PCW R . -32.91 8.09 20.56
C28 PCW R . -33.95 7.63 21.56
C31 PCW R . -30.19 1.79 9.21
C32 PCW R . -28.90 2.29 9.89
C33 PCW R . -29.06 3.61 10.79
C34 PCW R . -28.78 4.91 10.03
C35 PCW R . -29.70 5.99 10.71
C36 PCW R . -29.43 7.42 10.20
C37 PCW R . -30.31 8.55 10.83
C38 PCW R . -30.22 9.83 10.07
C39 PCW R . -31.06 10.92 10.67
C40 PCW R . -31.63 11.94 10.03
C41 PCW R . -31.54 12.18 8.53
C42 PCW R . -32.93 12.77 8.04
C43 PCW R . -33.10 14.28 8.00
C44 PCW R . -34.51 14.55 7.49
C45 PCW R . -34.61 15.04 6.07
C46 PCW R . -34.04 16.40 5.85
C47 PCW R . -33.67 16.77 4.44
C48 PCW R . -33.10 18.20 4.36
N PCW R . -25.76 -4.72 3.99
O2 PCW R . -30.05 0.49 8.99
O3 PCW R . -32.23 -0.53 10.52
O11 PCW R . -33.93 -2.01 10.89
O31 PCW R . -31.19 2.51 8.92
O1P PCW R . -29.53 -2.05 4.62
O2P PCW R . -27.76 -0.67 5.71
O3P PCW R . -29.64 -1.69 7.13
O4P PCW R . -27.82 -3.01 6.21
P PCW R . -28.68 -1.81 5.84
C1 PCW S . -15.02 -6.54 10.60
C2 PCW S . -15.86 -5.23 10.89
C3 PCW S . -16.26 -5.17 12.41
C4 PCW S . -19.14 -8.46 10.67
C5 PCW S . -19.99 -9.64 10.21
C6 PCW S . -20.93 -8.39 8.36
C7 PCW S . -22.29 -8.96 10.17
C8 PCW S . -21.70 -10.64 8.74
C11 PCW S . -18.38 -4.08 12.63
C12 PCW S . -18.98 -2.73 12.93
C13 PCW S . -20.38 -2.64 12.22
C14 PCW S . -21.13 -1.32 12.43
C15 PCW S . -21.69 -0.65 11.14
C16 PCW S . -22.57 0.60 11.48
C17 PCW S . -23.19 1.40 10.29
C18 PCW S . -24.01 2.62 10.74
C19 PCW S . -24.91 3.20 9.63
C20 PCW S . -24.44 4.06 8.64
C21 PCW S . -23.10 4.64 8.38
C22 PCW S . -23.31 6.15 8.09
C23 PCW S . -22.55 7.17 8.97
C24 PCW S . -23.16 7.51 10.29
C25 PCW S . -23.89 8.87 10.51
C26 PCW S . -24.52 9.08 11.88
C27 PCW S . -25.58 10.21 12.03
C28 PCW S . -26.84 9.66 12.62
C31 PCW S . -15.49 -3.31 9.55
C32 PCW S . -14.56 -2.09 9.38
C33 PCW S . -14.87 -1.18 8.10
C34 PCW S . -13.66 -0.41 7.58
C35 PCW S . -14.16 1.05 7.28
C36 PCW S . -13.87 2.03 8.44
C37 PCW S . -14.34 3.50 8.21
C38 PCW S . -13.88 4.40 9.30
C39 PCW S . -14.33 5.82 9.10
C40 PCW S . -14.98 6.59 9.97
C41 PCW S . -15.39 6.14 11.36
C42 PCW S . -16.28 7.28 12.02
C43 PCW S . -17.74 6.99 12.33
C44 PCW S . -18.33 8.25 12.94
C45 PCW S . -19.78 8.50 12.59
C46 PCW S . -20.26 9.88 12.94
C47 PCW S . -20.69 10.76 11.80
C48 PCW S . -21.15 12.14 12.29
N PCW S . -21.17 -9.41 9.41
O2 PCW S . -15.05 -4.02 10.60
O3 PCW S . -17.02 -3.99 12.66
O11 PCW S . -19.01 -5.07 12.39
O31 PCW S . -16.50 -3.58 8.84
O1P PCW S . -17.07 -7.41 8.94
O2P PCW S . -16.04 -9.65 9.29
O3P PCW S . -15.66 -7.77 11.01
O4P PCW S . -17.78 -8.95 10.78
P PCW S . -16.64 -8.45 9.92
C1 PCW T . 10.38 -18.16 4.79
C2 PCW T . 11.79 -17.86 5.44
C3 PCW T . 11.99 -16.32 5.62
C4 PCW T . 7.51 -16.47 8.20
C5 PCW T . 7.31 -17.30 9.47
C6 PCW T . 8.03 -15.47 11.10
C7 PCW T . 6.68 -17.35 11.88
C8 PCW T . 8.39 -17.40 11.20
C11 PCW T . 14.40 -16.31 5.51
C12 PCW T . 15.60 -15.95 6.34
C13 PCW T . 16.07 -17.24 7.11
C14 PCW T . 17.29 -17.06 8.01
C15 PCW T . 17.00 -17.02 9.54
C16 PCW T . 18.25 -16.49 10.33
C17 PCW T . 18.36 -14.95 10.54
C18 PCW T . 19.81 -14.46 10.63
C19 PCW T . 20.30 -14.29 12.08
C20 PCW T . 20.59 -13.04 12.63
C21 PCW T . 20.54 -11.66 12.08
C22 PCW T . 22.00 -11.14 12.04
C23 PCW T . 22.21 -9.61 12.23
C24 PCW T . 23.45 -9.18 12.95
C25 PCW T . 23.49 -9.15 14.51
C26 PCW T . 23.78 -7.80 15.15
C27 PCW T . 23.10 -7.49 16.49
C28 PCW T . 22.71 -6.02 16.54
C31 PCW T . 12.91 -19.29 6.96
C32 PCW T . 12.86 -19.85 8.39
C33 PCW T . 12.36 -18.82 9.52
C34 PCW T . 13.50 -18.20 10.32
C35 PCW T . 12.85 -17.73 11.69
C36 PCW T . 13.81 -17.92 12.88
C37 PCW T . 13.23 -17.47 14.27
C38 PCW T . 14.18 -17.76 15.38
C39 PCW T . 13.64 -17.35 16.73
C40 PCW T . 14.01 -16.29 17.45
C41 PCW T . 15.07 -15.30 17.03
C42 PCW T . 14.98 -14.03 18.00
C43 PCW T . 16.26 -13.30 18.37
C44 PCW T . 15.86 -12.16 19.28
C45 PCW T . 15.94 -10.79 18.66
C46 PCW T . 16.95 -9.88 19.30
C47 PCW T . 18.01 -9.30 18.39
C48 PCW T . 18.97 -8.40 19.17
N PCW T . 7.20 -16.64 10.74
O2 PCW T . 11.86 -18.48 6.79
O3 PCW T . 13.27 -16.05 6.23
O11 PCW T . 14.42 -16.76 4.40
O31 PCW T . 13.80 -19.56 6.10
O1P PCW T . 8.98 -15.83 5.81
O2P PCW T . 7.24 -17.22 4.69
O3P PCW T . 9.32 -18.32 5.75
O4P PCW T . 7.50 -17.39 7.08
P PCW T . 8.25 -17.12 5.79
C1 PCW U . 3.82 11.70 -20.66
C2 PCW U . 4.97 12.08 -19.65
C3 PCW U . 6.21 12.64 -20.44
C4 PCW U . 5.39 7.44 -19.66
C5 PCW U . 5.74 7.42 -18.17
C6 PCW U . 3.43 6.57 -17.46
C7 PCW U . 5.28 6.65 -15.87
C8 PCW U . 4.46 8.07 -16.72
C11 PCW U . 8.54 12.78 -19.91
C12 PCW U . 9.46 13.20 -18.81
C13 PCW U . 10.30 14.44 -19.30
C14 PCW U . 11.32 15.00 -18.31
C15 PCW U . 11.19 14.51 -16.84
C16 PCW U . 12.49 13.78 -16.36
C17 PCW U . 13.61 14.66 -15.71
C18 PCW U . 13.36 14.95 -14.23
C19 PCW U . 13.11 16.44 -13.94
C20 PCW U . 13.14 16.97 -12.66
C21 PCW U . 13.40 16.36 -11.33
C22 PCW U . 14.77 16.92 -10.85
C23 PCW U . 14.87 17.37 -9.37
C24 PCW U . 14.20 18.66 -9.01
C25 PCW U . 15.03 19.96 -8.83
C26 PCW U . 14.87 20.68 -7.50
C27 PCW U . 13.70 21.68 -7.36
C28 PCW U . 13.47 21.99 -5.89
C31 PCW U . 4.50 12.81 -17.46
C32 PCW U . 4.00 14.02 -16.65
C33 PCW U . 2.46 14.00 -16.25
C34 PCW U . 1.53 14.49 -17.36
C35 PCW U . 1.46 16.07 -17.20
C36 PCW U . 0.09 16.65 -17.65
C37 PCW U . -0.06 18.20 -17.53
C38 PCW U . -0.99 18.58 -16.43
C39 PCW U . -1.15 20.08 -16.29
C40 PCW U . -0.36 20.92 -15.64
C41 PCW U . 0.89 20.51 -14.88
C42 PCW U . 1.92 21.73 -14.90
C43 PCW U . 3.29 21.53 -15.54
C44 PCW U . 4.03 22.85 -15.42
C45 PCW U . 4.05 23.70 -16.67
C46 PCW U . 3.19 24.92 -16.57
C47 PCW U . 3.56 26.08 -17.48
C48 PCW U . 2.61 27.26 -17.28
N PCW U . 4.89 6.74 -17.25
O2 PCW U . 4.51 13.16 -18.74
O3 PCW U . 7.25 12.98 -19.52
O11 PCW U . 8.89 12.36 -20.98
O31 PCW U . 4.82 11.68 -16.98
O1P PCW U . 4.01 8.23 -22.10
O2P PCW U . 5.69 10.09 -22.09
O3P PCW U . 3.52 10.28 -20.71
O4P PCW U . 5.36 8.83 -20.06
P PCW U . 4.67 9.33 -21.32
C1 PCW V . -9.44 10.30 -19.00
C2 PCW V . -8.61 11.62 -19.18
C3 PCW V . -9.47 12.69 -19.94
C4 PCW V . -8.20 5.62 -18.98
C5 PCW V . -6.96 4.73 -18.81
C6 PCW V . -5.84 2.69 -18.17
C7 PCW V . -8.15 2.67 -18.44
C8 PCW V . -7.33 3.70 -16.59
C11 PCW V . -7.99 14.06 -21.25
C12 PCW V . -7.28 15.39 -21.20
C13 PCW V . -5.76 15.10 -20.88
C14 PCW V . -4.87 16.34 -20.79
C15 PCW V . -4.85 17.27 -22.04
C16 PCW V . -3.95 18.53 -21.79
C17 PCW V . -4.42 19.52 -20.67
C18 PCW V . -3.32 20.47 -20.19
C19 PCW V . -3.61 21.95 -20.53
C20 PCW V . -2.69 22.74 -21.22
C21 PCW V . -1.35 22.48 -21.76
C22 PCW V . -0.43 23.65 -21.27
C23 PCW V . 0.98 23.28 -20.77
C24 PCW V . 1.12 22.82 -19.35
C25 PCW V . 1.69 21.42 -19.00
C26 PCW V . 2.50 20.72 -20.07
C27 PCW V . 2.68 19.20 -19.98
C28 PCW V . 1.79 18.51 -21.00
C31 PCW V . -7.02 12.64 -17.74
C32 PCW V . -6.82 13.19 -16.33
C33 PCW V . -7.35 14.68 -16.08
C34 PCW V . -6.24 15.72 -16.03
C35 PCW V . -6.85 17.03 -16.69
C36 PCW V . -5.81 18.16 -16.85
C37 PCW V . -6.35 19.47 -17.49
C38 PCW V . -6.29 20.62 -16.55
C39 PCW V . -6.82 21.90 -17.16
C40 PCW V . -7.11 23.04 -16.53
C41 PCW V . -6.95 23.24 -15.03
C42 PCW V . -6.04 24.52 -14.80
C43 PCW V . -4.54 24.33 -14.70
C44 PCW V . -3.92 25.70 -14.49
C45 PCW V . -2.44 25.79 -14.78
C46 PCW V . -1.56 25.61 -13.57
C47 PCW V . -0.72 24.35 -13.54
C48 PCW V . 0.13 24.29 -12.26
N PCW V . -7.06 3.51 -18.04
O2 PCW V . -8.27 12.18 -17.84
O3 PCW V . -8.71 13.89 -20.10
O11 PCW V . -7.95 13.28 -22.16
O31 PCW V . -6.14 12.62 -18.65
O1P PCW V . -9.95 7.59 -20.19
O2P PCW V . -7.82 8.52 -21.08
O3P PCW V . -8.63 9.14 -18.72
O4P PCW V . -7.70 6.95 -19.27
P PCW V . -8.56 8.04 -19.90
C1 PCW W . -30.68 5.75 -3.66
C2 PCW W . -30.35 7.17 -3.06
C3 PCW W . -29.01 7.11 -2.23
C4 PCW W . -28.44 5.85 -7.93
C5 PCW W . -27.51 4.77 -8.47
C6 PCW W . -25.17 4.06 -9.22
C7 PCW W . -25.54 6.26 -8.23
C8 PCW W . -25.75 4.60 -7.43
C11 PCW W . -28.98 8.61 -0.35
C12 PCW W . -28.62 10.03 0.00
C13 PCW W . -29.79 10.97 -0.48
C14 PCW W . -29.58 12.46 -0.19
C15 PCW W . -30.57 13.09 0.84
C16 PCW W . -30.10 12.80 2.32
C17 PCW W . -29.32 13.93 3.07
C18 PCW W . -30.14 14.60 4.17
C19 PCW W . -29.69 16.07 4.44
C20 PCW W . -29.63 16.58 5.72
C21 PCW W . -29.92 16.01 7.06
C22 PCW W . -29.94 17.20 8.07
C23 PCW W . -31.33 17.80 8.42
C24 PCW W . -31.82 17.57 9.82
C25 PCW W . -32.39 18.74 10.68
C26 PCW W . -33.04 18.35 11.99
C27 PCW W . -33.99 19.38 12.66
C28 PCW W . -33.38 19.85 13.96
C31 PCW W . -31.09 9.10 -4.22
C32 PCW W . -30.75 10.03 -5.39
C33 PCW W . -29.55 11.05 -5.13
C34 PCW W . -30.02 12.48 -4.90
C35 PCW W . -29.95 13.18 -6.32
C36 PCW W . -28.86 14.28 -6.38
C37 PCW W . -28.73 15.01 -7.76
C38 PCW W . -29.01 16.47 -7.64
C39 PCW W . -28.90 17.20 -8.96
C40 PCW W . -29.71 18.16 -9.40
C41 PCW W . -30.91 18.70 -8.64
C42 PCW W . -30.46 20.01 -7.85
C43 PCW W . -29.93 19.87 -6.43
C44 PCW W . -29.58 21.26 -5.94
C45 PCW W . -30.26 21.66 -4.65
C46 PCW W . -29.56 21.16 -3.42
C47 PCW W . -29.96 21.79 -2.11
C48 PCW W . -29.18 21.18 -0.94
N PCW W . -26.15 5.08 -8.79
O2 PCW W . -30.14 8.16 -4.15
O3 PCW W . -28.73 8.40 -1.68
O11 PCW W . -29.43 7.80 0.40
O31 PCW W . -32.11 9.21 -3.47
O1P PCW W . -28.13 5.32 -5.10
O2P PCW W . -29.62 3.39 -5.59
O3P PCW W . -30.63 5.71 -5.11
O4P PCW W . -29.49 5.16 -7.20
P PCW W . -29.41 4.84 -5.72
C1 PCW X . 19.86 -18.99 4.83
C2 PCW X . 20.18 -17.77 5.79
C3 PCW X . 21.34 -18.17 6.78
C4 PCW X . 21.29 -21.94 3.25
C5 PCW X . 22.66 -22.45 2.79
C6 PCW X . 23.85 -24.01 1.15
C7 PCW X . 22.25 -22.35 0.34
C8 PCW X . 23.88 -22.06 1.19
C11 PCW X . 22.83 -17.08 8.30
C12 PCW X . 22.94 -15.85 9.17
C13 PCW X . 23.73 -14.75 8.38
C14 PCW X . 23.93 -13.43 9.13
C15 PCW X . 25.41 -13.01 9.37
C16 PCW X . 25.55 -12.23 10.72
C17 PCW X . 26.30 -12.95 11.89
C18 PCW X . 25.81 -12.54 13.28
C19 PCW X . 26.42 -13.39 14.42
C20 PCW X . 27.32 -12.87 15.34
C21 PCW X . 27.93 -11.53 15.48
C22 PCW X . 29.47 -11.73 15.63
C23 PCW X . 30.31 -11.88 14.33
C24 PCW X . 31.74 -12.25 14.49
C25 PCW X . 32.87 -11.18 14.29
C26 PCW X . 34.08 -11.31 15.20
C27 PCW X . 34.95 -12.59 15.07
C28 PCW X . 35.95 -12.42 13.95
C31 PCW X . 19.67 -15.84 4.53
C32 PCW X . 20.31 -14.68 3.73
C33 PCW X . 20.31 -13.26 4.49
C34 PCW X . 21.60 -12.48 4.27
C35 PCW X . 21.47 -11.19 5.18
C36 PCW X . 22.50 -11.17 6.34
C37 PCW X . 22.42 -9.93 7.28
C38 PCW X . 23.75 -9.55 7.83
C39 PCW X . 23.70 -8.35 8.75
C40 PCW X . 24.68 -7.85 9.49
C41 PCW X . 26.08 -8.44 9.56
C42 PCW X . 27.12 -7.27 9.25
C43 PCW X . 27.24 -6.13 10.25
C44 PCW X . 28.29 -5.17 9.70
C45 PCW X . 29.07 -4.41 10.74
C46 PCW X . 30.32 -5.11 11.20
C47 PCW X . 31.47 -5.15 10.22
C48 PCW X . 32.68 -5.90 10.81
N PCW X . 22.79 -23.04 1.49
O2 PCW X . 20.66 -16.61 5.00
O3 PCW X . 21.64 -17.07 7.65
O11 PCW X . 23.66 -17.94 8.21
O31 PCW X . 18.43 -16.02 4.70
O1P PCW X . 18.62 -20.78 2.87
O2P PCW X . 19.76 -19.57 1.01
O3P PCW X . 19.88 -18.67 3.42
O4P PCW X . 21.14 -20.62 2.67
P PCW X . 19.80 -19.94 2.44
C1 PCW Y . 19.28 -7.99 -5.63
C2 PCW Y . 19.58 -6.44 -5.61
C3 PCW Y . 18.77 -5.74 -4.47
C4 PCW Y . 19.23 -6.88 -9.54
C5 PCW Y . 18.74 -5.45 -9.34
C6 PCW Y . 19.41 -4.76 -11.71
C7 PCW Y . 18.19 -3.21 -10.25
C8 PCW Y . 19.88 -3.89 -10.00
C11 PCW Y . 18.84 -3.63 -3.32
C12 PCW Y . 19.21 -2.19 -3.55
C13 PCW Y . 17.94 -1.45 -4.13
C14 PCW Y . 18.14 0.05 -4.42
C15 PCW Y . 18.05 0.99 -3.18
C16 PCW Y . 19.32 1.92 -3.10
C17 PCW Y . 19.20 3.34 -3.72
C18 PCW Y . 19.30 4.47 -2.69
C19 PCW Y . 20.40 5.50 -3.03
C20 PCW Y . 21.67 5.43 -2.49
C21 PCW Y . 22.30 4.47 -1.55
C22 PCW Y . 23.67 5.10 -1.13
C23 PCW Y . 24.31 4.59 0.19
C24 PCW Y . 24.82 5.64 1.13
C25 PCW Y . 24.70 5.46 2.67
C26 PCW Y . 25.86 5.97 3.50
C27 PCW Y . 26.27 5.14 4.75
C28 PCW Y . 27.76 5.24 4.98
C31 PCW Y . 21.76 -5.86 -6.38
C32 PCW Y . 23.22 -5.66 -5.93
C33 PCW Y . 23.85 -6.86 -5.08
C34 PCW Y . 24.52 -6.39 -3.78
C35 PCW Y . 23.48 -6.70 -2.63
C36 PCW Y . 22.62 -5.47 -2.26
C37 PCW Y . 21.57 -5.69 -1.13
C38 PCW Y . 22.11 -5.28 0.20
C39 PCW Y . 21.12 -5.49 1.33
C40 PCW Y . 21.29 -5.19 2.62
C41 PCW Y . 22.56 -4.59 3.20
C42 PCW Y . 22.38 -4.49 4.78
C43 PCW Y . 22.28 -3.14 5.42
C44 PCW Y . 22.12 -3.36 6.91
C45 PCW Y . 21.26 -2.35 7.64
C46 PCW Y . 21.88 -1.82 8.90
C47 PCW Y . 20.93 -1.53 10.04
C48 PCW Y . 21.70 -0.99 11.27
N PCW Y . 18.64 -4.57 -10.46
O2 PCW Y . 21.04 -6.21 -5.32
O3 PCW Y . 19.06 -4.34 -4.48
O11 PCW Y . 18.42 -4.09 -2.31
O31 PCW Y . 21.34 -5.71 -7.57
O1P PCW Y . 20.46 -9.46 -8.97
O2P PCW Y . 18.25 -9.93 -7.94
O3P PCW Y . 20.08 -8.72 -6.59
O4P PCW Y . 18.81 -7.65 -8.38
P PCW Y . 19.39 -9.00 -8.02
C1 PCW Z . -3.47 9.27 -16.17
C2 PCW Z . -2.24 10.11 -15.63
C3 PCW Z . -0.90 9.38 -15.98
C4 PCW Z . -1.89 6.31 -18.02
C5 PCW Z . -2.23 5.16 -18.97
C6 PCW Z . -1.44 3.17 -20.36
C7 PCW Z . 0.18 4.62 -19.22
C8 PCW Z . -1.10 3.51 -18.46
C11 PCW Z . 1.37 9.50 -15.21
C12 PCW Z . 2.39 10.50 -14.72
C13 PCW Z . 2.09 10.83 -13.21
C14 PCW Z . 3.04 11.84 -12.57
C15 PCW Z . 2.37 12.95 -11.71
C16 PCW Z . 3.25 14.25 -11.72
C17 PCW Z . 3.87 14.70 -10.35
C18 PCW Z . 3.59 16.16 -10.00
C19 PCW Z . 3.54 16.42 -8.48
C20 PCW Z . 3.67 17.69 -7.93
C21 PCW Z . 3.86 19.03 -8.53
C22 PCW Z . 3.56 20.08 -7.43
C23 PCW Z . 2.45 21.12 -7.71
C24 PCW Z . 2.87 22.41 -8.35
C25 PCW Z . 1.84 23.52 -8.67
C26 PCW Z . 2.37 24.93 -8.79
C27 PCW Z . 1.77 26.01 -7.85
C28 PCW Z . 1.49 27.27 -8.63
C31 PCW Z . -3.07 12.33 -15.79
C32 PCW Z . -2.91 13.65 -16.57
C33 PCW Z . -2.49 14.93 -15.68
C34 PCW Z . -1.27 14.68 -14.82
C35 PCW Z . -1.37 15.73 -13.63
C36 PCW Z . -0.11 15.76 -12.75
C37 PCW Z . -0.13 16.77 -11.56
C38 PCW Z . 0.74 17.97 -11.84
C39 PCW Z . 0.72 18.97 -10.71
C40 PCW Z . 0.02 20.09 -10.64
C41 PCW Z . -0.92 20.58 -11.72
C42 PCW Z . -2.34 20.85 -11.06
C43 PCW Z . -3.52 21.12 -11.96
C44 PCW Z . -4.73 21.34 -11.06
C45 PCW Z . -5.87 22.09 -11.69
C46 PCW Z . -6.57 23.03 -10.74
C47 PCW Z . -8.07 23.08 -10.86
C48 PCW Z . -8.66 24.07 -9.84
N PCW Z . -1.20 4.43 -19.64
O2 PCW Z . -2.21 11.45 -16.30
O3 PCW Z . 0.21 10.15 -15.49
O11 PCW Z . 1.56 8.32 -15.33
O31 PCW Z . -3.87 12.13 -14.83
O1P PCW Z . -4.65 7.03 -17.47
O2P PCW Z . -4.50 8.14 -19.70
O3P PCW Z . -3.68 9.37 -17.60
O4P PCW Z . -2.46 7.52 -18.60
P PCW Z . -3.89 7.97 -18.36
C1 PCW AA . -14.85 1.06 -0.92
C2 PCW AA . -14.71 2.62 -0.72
C3 PCW AA . -13.60 3.19 -1.67
C4 PCW AA . -17.69 0.09 -4.73
C5 PCW AA . -19.20 -0.14 -4.77
C6 PCW AA . -19.99 1.61 -6.47
C7 PCW AA . -21.03 -0.61 -6.38
C8 PCW AA . -21.03 0.70 -5.08
C11 PCW AA . -12.44 5.07 -0.73
C12 PCW AA . -12.50 6.57 -0.66
C13 PCW AA . -13.59 6.97 0.42
C14 PCW AA . -13.78 8.47 0.62
C15 PCW AA . -15.14 9.05 0.11
C16 PCW AA . -16.31 8.69 1.10
C17 PCW AA . -16.64 9.72 2.23
C18 PCW AA . -18.07 10.27 2.15
C19 PCW AA . -18.15 11.68 1.52
C20 PCW AA . -17.76 12.82 2.20
C21 PCW AA . -17.20 13.05 3.55
C22 PCW AA . -16.17 14.21 3.43
C23 PCW AA . -14.76 13.87 2.88
C24 PCW AA . -13.83 13.17 3.83
C25 PCW AA . -13.06 11.89 3.40
C26 PCW AA . -11.70 11.69 4.02
C27 PCW AA . -10.57 11.12 3.12
C28 PCW AA . -9.58 10.33 3.95
C31 PCW AA . -16.70 3.73 -0.03
C32 PCW AA . -17.96 4.40 -0.55
C33 PCW AA . -19.24 4.32 0.43
C34 PCW AA . -19.42 5.56 1.28
C35 PCW AA . -20.73 5.29 2.14
C36 PCW AA . -21.65 6.54 2.23
C37 PCW AA . -22.95 6.34 3.07
C38 PCW AA . -23.85 7.53 3.00
C39 PCW AA . -25.11 7.36 3.80
C40 PCW AA . -25.42 7.93 4.97
C41 PCW AA . -24.49 8.88 5.72
C42 PCW AA . -25.33 9.60 6.87
C43 PCW AA . -25.79 11.02 6.64
C44 PCW AA . -26.56 11.45 7.87
C45 PCW AA . -26.87 12.92 7.96
C46 PCW AA . -27.88 13.25 9.02
C47 PCW AA . -27.55 14.41 9.93
C48 PCW AA . -28.66 14.63 10.97
N PCW AA . -19.93 0.22 -5.95
O2 PCW AA . -15.99 3.29 -1.08
O3 PCW AA . -13.48 4.60 -1.48
O11 PCW AA . -11.60 4.39 -0.21
O31 PCW AA . -16.37 3.59 1.19
O1P PCW AA . -14.97 0.56 -3.90
O2P PCW AA . -15.27 -1.56 -2.66
O3P PCW AA . -16.05 0.66 -1.62
O4P PCW AA . -17.24 -0.43 -3.45
P PCW AA . -15.81 -0.22 -2.94
C1 PCW BA . -16.28 6.17 -5.60
C2 PCW BA . -16.60 7.63 -5.07
C3 PCW BA . -16.78 7.60 -3.51
C4 PCW BA . -17.39 2.95 -8.46
C5 PCW BA . -16.44 2.29 -9.47
C6 PCW BA . -14.76 1.59 -7.66
C7 PCW BA . -14.51 0.81 -9.97
C8 PCW BA . -14.42 2.55 -9.34
C11 PCW BA . -18.34 9.41 -3.17
C12 PCW BA . -18.42 10.80 -2.58
C13 PCW BA . -17.49 11.74 -3.44
C14 PCW BA . -17.46 13.21 -2.98
C15 PCW BA . -16.78 13.46 -1.59
C16 PCW BA . -15.38 14.14 -1.78
C17 PCW BA . -14.22 13.66 -0.83
C18 PCW BA . -12.84 13.75 -1.49
C19 PCW BA . -11.88 12.65 -0.99
C20 PCW BA . -10.62 12.94 -0.46
C21 PCW BA . -9.91 14.22 -0.25
C22 PCW BA . -9.45 14.23 1.24
C23 PCW BA . -7.94 14.47 1.51
C24 PCW BA . -7.19 13.36 2.20
C25 PCW BA . -6.84 13.45 3.71
C26 PCW BA . -6.16 14.72 4.19
C27 PCW BA . -4.81 14.60 4.91
C28 PCW BA . -5.01 14.54 6.40
C31 PCW BA . -15.60 9.23 -6.49
C32 PCW BA . -14.37 10.13 -6.66
C33 PCW BA . -14.25 11.32 -5.59
C34 PCW BA . -13.23 12.40 -5.99
C35 PCW BA . -13.92 13.78 -5.67
C36 PCW BA . -12.92 14.84 -5.16
C37 PCW BA . -13.54 16.24 -4.83
C38 PCW BA . -12.73 16.96 -3.80
C39 PCW BA . -13.32 18.32 -3.46
C40 PCW BA . -13.78 18.73 -2.28
C41 PCW BA . -13.78 17.86 -1.03
C42 PCW BA . -12.84 18.54 0.06
C43 PCW BA . -11.79 17.69 0.75
C44 PCW BA . -11.04 18.60 1.71
C45 PCW BA . -9.68 18.12 2.12
C46 PCW BA . -8.97 19.03 3.09
C47 PCW BA . -7.95 18.38 4.00
C48 PCW BA . -7.31 19.43 4.93
N PCW BA . -15.37 1.46 -9.00
O2 PCW BA . -15.48 8.55 -5.36
O3 PCW BA . -17.07 8.92 -3.02
O11 PCW BA . -19.26 8.83 -3.68
O31 PCW BA . -16.56 9.16 -7.32
O1P PCW BA . -18.47 4.77 -6.48
O2P PCW BA . -18.50 6.38 -8.41
O3P PCW BA . -16.35 6.03 -7.03
O4P PCW BA . -17.19 4.39 -8.60
P PCW BA . -17.72 5.40 -7.61
C1 PCW CA . -2.65 -8.42 4.59
C2 PCW CA . -1.39 -7.50 4.89
C3 PCW CA . -1.80 -6.33 5.85
C4 PCW CA . -1.64 -8.69 1.21
C5 PCW CA . -2.31 -7.33 0.95
C6 PCW CA . -1.22 -7.13 -1.36
C7 PCW CA . -2.82 -5.44 -0.58
C8 PCW CA . -1.15 -5.85 0.12
C11 PCW CA . -0.32 -4.55 5.21
C12 PCW CA . 0.90 -3.80 5.68
C13 PCW CA . 0.47 -2.84 6.85
C14 PCW CA . 1.59 -2.00 7.46
C15 PCW CA . 1.45 -1.65 8.96
C16 PCW CA . 2.21 -0.33 9.31
C17 PCW CA . 2.10 0.20 10.78
C18 PCW CA . 1.87 1.71 10.86
C19 PCW CA . 1.17 2.15 12.17
C20 PCW CA . 1.80 2.91 13.13
C21 PCW CA . 3.16 3.49 13.22
C22 PCW CA . 3.03 4.99 12.82
C23 PCW CA . 3.14 6.04 13.96
C24 PCW CA . 3.61 7.41 13.58
C25 PCW CA . 5.07 7.88 13.86
C26 PCW CA . 6.08 7.68 12.74
C27 PCW CA . 7.01 6.46 12.82
C28 PCW CA . 7.30 5.93 11.43
C31 PCW CA . 0.77 -8.47 4.85
C32 PCW CA . 1.76 -9.30 5.69
C33 PCW CA . 2.58 -8.45 6.78
C34 PCW CA . 2.35 -8.93 8.22
C35 PCW CA . 0.96 -8.32 8.64
C36 PCW CA . 1.07 -6.85 9.09
C37 PCW CA . -0.27 -6.18 9.54
C38 PCW CA . -0.04 -4.84 10.17
C39 PCW CA . -1.32 -4.18 10.61
C40 PCW CA . -1.56 -3.61 11.79
C41 PCW CA . -0.55 -3.51 12.92
C42 PCW CA . -0.43 -1.98 13.35
C43 PCW CA . -0.94 -1.57 14.73
C44 PCW CA . -0.70 -0.08 14.87
C45 PCW CA . -0.72 0.45 16.28
C46 PCW CA . -0.18 1.84 16.42
C47 PCW CA . -1.19 2.93 16.69
C48 PCW CA . -0.51 4.29 16.81
N PCW CA . -2.24 -6.75 -0.36
O2 PCW CA . -0.33 -8.28 5.58
O3 PCW CA . -0.65 -5.50 6.12
O11 PCW CA . -0.91 -4.34 4.18
O31 PCW CA . 0.96 -8.06 3.67
O1P PCW CA . -0.53 -10.69 3.03
O2P PCW CA . -2.80 -11.68 2.84
O3P PCW CA . -2.35 -9.82 4.56
O4P PCW CA . -2.51 -9.40 2.14
P PCW CA . -2.01 -10.46 3.11
C1 PCW DA . 21.92 3.65 -21.85
C2 PCW DA . 23.02 3.39 -20.75
C3 PCW DA . 24.46 3.60 -21.36
C4 PCW DA . 19.15 0.59 -19.47
C5 PCW DA . 19.64 -0.35 -18.38
C6 PCW DA . 19.23 -2.58 -19.23
C7 PCW DA . 17.55 -1.49 -18.03
C8 PCW DA . 19.35 -2.27 -16.85
C11 PCW DA . 26.66 3.96 -20.44
C12 PCW DA . 27.53 3.55 -19.29
C13 PCW DA . 27.94 4.85 -18.49
C14 PCW DA . 28.84 4.61 -17.28
C15 PCW DA . 29.57 5.87 -16.71
C16 PCW DA . 31.04 5.94 -17.25
C17 PCW DA . 31.46 7.25 -18.01
C18 PCW DA . 32.84 7.77 -17.62
C19 PCW DA . 33.56 8.49 -18.79
C20 PCW DA . 34.72 9.23 -18.61
C21 PCW DA . 35.53 9.54 -17.41
C22 PCW DA . 36.80 8.63 -17.47
C23 PCW DA . 37.92 8.89 -16.44
C24 PCW DA . 37.66 8.43 -15.03
C25 PCW DA . 37.72 6.92 -14.64
C26 PCW DA . 38.49 6.58 -13.39
C27 PCW DA . 37.80 6.81 -12.03
C28 PCW DA . 38.75 7.46 -11.05
C31 PCW DA . 22.99 5.64 -19.89
C32 PCW DA . 22.79 6.44 -18.59
C33 PCW DA . 23.97 7.45 -18.22
C34 PCW DA . 24.28 7.50 -16.72
C35 PCW DA . 25.80 7.92 -16.62
C36 PCW DA . 26.17 8.46 -15.21
C37 PCW DA . 27.66 8.89 -15.03
C38 PCW DA . 28.15 8.64 -13.64
C39 PCW DA . 29.58 9.05 -13.44
C40 PCW DA . 30.31 8.92 -12.33
C41 PCW DA . 29.78 8.33 -11.04
C42 PCW DA . 29.72 9.48 -9.94
C43 PCW DA . 29.88 9.11 -8.48
C44 PCW DA . 29.77 10.39 -7.67
C45 PCW DA . 31.03 10.79 -6.94
C46 PCW DA . 30.82 11.91 -5.95
C47 PCW DA . 31.88 12.07 -4.89
C48 PCW DA . 31.54 13.24 -3.96
N PCW DA . 18.97 -1.61 -18.14
O2 PCW DA . 22.87 4.33 -19.60
O3 PCW DA . 25.45 3.35 -20.34
O11 PCW DA . 26.99 4.71 -21.33
O31 PCW DA . 23.22 6.14 -21.04
O1P PCW DA . 19.14 1.25 -22.31
O2P PCW DA . 21.59 0.85 -22.10
O3P PCW DA . 20.60 3.16 -21.49
O4P PCW DA . 20.33 1.18 -20.09
P PCW DA . 20.41 1.55 -21.56
C1 PCW EA . -6.24 -8.71 4.86
C2 PCW EA . -6.22 -7.24 5.45
C3 PCW EA . -5.69 -7.26 6.91
C4 PCW EA . -11.04 -9.70 4.35
C5 PCW EA . -10.93 -9.92 5.85
C6 PCW EA . -9.70 -8.56 7.62
C7 PCW EA . -12.06 -8.13 7.15
C8 PCW EA . -11.31 -9.66 7.85
C11 PCW EA . -6.68 -5.55 8.26
C12 PCW EA . -6.48 -4.11 8.68
C13 PCW EA . -5.51 -4.09 9.93
C14 PCW EA . -5.21 -2.70 10.48
C15 PCW EA . -5.44 -2.51 12.00
C16 PCW EA . -5.80 -1.02 12.33
C17 PCW EA . -5.00 -0.33 13.49
C18 PCW EA . -5.83 0.70 14.27
C19 PCW EA . -5.15 1.14 15.58
C20 PCW EA . -5.05 2.46 15.97
C21 PCW EA . -5.49 3.73 15.32
C22 PCW EA . -5.49 4.81 16.43
C23 PCW EA . -5.03 6.23 16.02
C24 PCW EA . -5.25 7.33 17.01
C25 PCW EA . -4.10 8.31 17.38
C26 PCW EA . -4.04 8.77 18.82
C27 PCW EA . -2.83 9.61 19.27
C28 PCW EA . -2.04 8.87 20.33
C31 PCW EA . -5.87 -5.73 3.65
C32 PCW EA . -4.79 -4.89 2.95
C33 PCW EA . -4.41 -3.50 3.69
C34 PCW EA . -5.60 -2.56 3.87
C35 PCW EA . -5.34 -1.80 5.23
C36 PCW EA . -6.24 -0.54 5.38
C37 PCW EA . -6.03 0.27 6.70
C38 PCW EA . -6.16 1.74 6.47
C39 PCW EA . -5.97 2.54 7.74
C40 PCW EA . -5.21 3.62 7.89
C41 PCW EA . -4.39 4.25 6.80
C42 PCW EA . -3.75 5.60 7.37
C43 PCW EA . -2.30 5.91 7.04
C44 PCW EA . -1.97 7.24 7.70
C45 PCW EA . -0.50 7.58 7.78
C46 PCW EA . -0.16 8.52 8.90
C47 PCW EA . -0.24 10.00 8.58
C48 PCW EA . 0.12 10.84 9.80
N PCW EA . -10.85 -8.79 6.73
O2 PCW EA . -5.30 -6.37 4.66
O3 PCW EA . -5.67 -5.92 7.44
O11 PCW EA . -7.60 -6.25 8.61
O31 PCW EA . -7.09 -5.80 3.30
O1P PCW EA . -9.25 -7.49 4.81
O2P PCW EA . -8.22 -8.22 2.67
O3P PCW EA . -7.55 -9.34 4.87
O4P PCW EA . -9.69 -9.74 3.80
P PCW EA . -8.69 -8.61 4.01
C1 PCW FA . -14.24 12.37 -19.96
C2 PCW FA . -14.59 12.68 -18.45
C3 PCW FA . -15.91 11.94 -18.04
C4 PCW FA . -13.52 12.58 -23.39
C5 PCW FA . -12.78 12.04 -24.60
C6 PCW FA . -11.83 13.17 -26.67
C7 PCW FA . -10.46 12.95 -24.65
C8 PCW FA . -11.12 11.60 -25.72
C11 PCW FA . -17.53 12.25 -16.31
C12 PCW FA . -17.64 12.56 -14.85
C13 PCW FA . -18.58 13.83 -14.69
C14 PCW FA . -18.81 14.29 -13.26
C15 PCW FA . -19.46 15.71 -13.10
C16 PCW FA . -20.98 15.67 -13.52
C17 PCW FA . -21.97 16.57 -12.71
C18 PCW FA . -21.49 18.01 -12.51
C19 PCW FA . -22.00 18.99 -13.60
C20 PCW FA . -21.83 20.36 -13.51
C21 PCW FA . -21.19 21.21 -12.49
C22 PCW FA . -22.31 22.06 -11.83
C23 PCW FA . -22.70 23.40 -12.52
C24 PCW FA . -21.74 24.53 -12.38
C25 PCW FA . -21.04 25.15 -13.63
C26 PCW FA . -21.25 26.64 -13.85
C27 PCW FA . -21.69 27.10 -15.26
C28 PCW FA . -21.36 28.56 -15.44
C31 PCW FA . -12.96 13.09 -16.78
C32 PCW FA . -11.86 12.40 -15.94
C33 PCW FA . -12.06 12.49 -14.35
C34 PCW FA . -10.78 12.83 -13.59
C35 PCW FA . -10.90 14.37 -13.24
C36 PCW FA . -9.51 15.06 -13.12
C37 PCW FA . -9.56 16.58 -12.77
C38 PCW FA . -8.21 17.10 -12.38
C39 PCW FA . -8.23 18.57 -12.04
C40 PCW FA . -8.41 19.11 -10.83
C41 PCW FA . -8.64 18.30 -9.56
C42 PCW FA . -8.76 19.32 -8.34
C43 PCW FA . -10.14 19.71 -7.85
C44 PCW FA . -9.94 20.69 -6.70
C45 PCW FA . -10.66 20.32 -5.43
C46 PCW FA . -11.03 21.51 -4.58
C47 PCW FA . -10.86 21.33 -3.08
C48 PCW FA . -11.27 22.60 -2.32
N PCW FA . -11.79 12.85 -25.24
O2 PCW FA . -13.50 12.16 -17.57
O3 PCW FA . -16.22 12.23 -16.67
O11 PCW FA . -18.46 12.04 -17.05
O31 PCW FA . -13.27 14.31 -16.71
O1P PCW FA . -11.78 11.27 -21.47
O2P PCW FA . -13.18 9.29 -22.00
O3P PCW FA . -13.96 10.99 -20.23
O4P PCW FA . -14.01 11.44 -22.63
P PCW FA . -13.15 10.70 -21.60
C1 PCW GA . 4.84 -5.90 -3.95
C2 PCW GA . 5.89 -5.98 -2.77
C3 PCW GA . 6.95 -7.10 -3.06
C4 PCW GA . 4.07 -6.31 -7.62
C5 PCW GA . 4.88 -6.42 -8.91
C6 PCW GA . 3.37 -5.72 -10.66
C7 PCW GA . 3.41 -7.96 -10.01
C8 PCW GA . 5.17 -7.20 -11.24
C11 PCW GA . 9.21 -7.14 -2.27
C12 PCW GA . 10.02 -7.23 -1.01
C13 PCW GA . 10.51 -5.78 -0.65
C14 PCW GA . 11.36 -5.69 0.63
C15 PCW GA . 12.14 -4.36 0.83
C16 PCW GA . 13.55 -4.65 1.45
C17 PCW GA . 13.70 -4.48 3.00
C18 PCW GA . 14.13 -3.08 3.42
C19 PCW GA . 15.66 -2.90 3.47
C20 PCW GA . 16.34 -2.63 4.67
C21 PCW GA . 15.88 -2.44 6.06
C22 PCW GA . 16.06 -3.82 6.78
C23 PCW GA . 17.15 -3.89 7.89
C24 PCW GA . 17.37 -2.67 8.73
C25 PCW GA . 16.32 -2.22 9.79
C26 PCW GA . 15.65 -0.88 9.56
C27 PCW GA . 15.16 -0.11 10.81
C28 PCW GA . 16.12 1.00 11.16
C31 PCW GA . 6.51 -4.11 -1.46
C32 PCW GA . 7.31 -2.80 -1.50
C33 PCW GA . 6.46 -1.49 -1.89
C34 PCW GA . 6.77 -0.28 -0.99
C35 PCW GA . 7.53 0.76 -1.92
C36 PCW GA . 7.28 2.22 -1.48
C37 PCW GA . 7.98 3.31 -2.35
C38 PCW GA . 9.26 3.76 -1.73
C39 PCW GA . 9.96 4.82 -2.55
C40 PCW GA . 11.27 5.01 -2.67
C41 PCW GA . 12.31 4.17 -1.96
C42 PCW GA . 12.83 4.97 -0.69
C43 PCW GA . 12.98 4.23 0.63
C44 PCW GA . 13.49 5.23 1.65
C45 PCW GA . 14.88 4.96 2.17
C46 PCW GA . 15.15 5.55 3.51
C47 PCW GA . 15.81 6.91 3.54
C48 PCW GA . 16.03 7.40 4.98
N PCW GA . 4.23 -6.80 -10.14
O2 PCW GA . 6.62 -4.69 -2.66
O3 PCW GA . 7.88 -7.16 -1.98
O11 PCW GA . 9.68 -7.07 -3.38
O31 PCW GA . 5.87 -4.55 -0.46
O1P PCW GA . 2.46 -5.15 -5.49
O2P PCW GA . 3.55 -3.04 -6.24
O3P PCW GA . 4.74 -4.58 -4.55
O4P PCW GA . 4.52 -5.12 -6.93
P PCW GA . 3.75 -4.44 -5.81
C1 PCW HA . -21.68 6.96 -5.53
C2 PCW HA . -22.40 8.32 -5.91
C3 PCW HA . -23.74 8.47 -5.09
C4 PCW HA . -21.18 6.72 -10.10
C5 PCW HA . -20.64 8.12 -10.34
C6 PCW HA . -18.83 9.54 -9.25
C7 PCW HA . -18.26 7.95 -11.02
C8 PCW HA . -19.31 9.47 -11.14
C11 PCW HA . -25.56 9.66 -6.12
C12 PCW HA . -26.03 11.07 -6.39
C13 PCW HA . -25.21 11.62 -7.62
C14 PCW HA . -25.57 13.05 -8.03
C15 PCW HA . -24.36 13.98 -8.37
C16 PCW HA . -24.63 15.45 -7.90
C17 PCW HA . -24.76 16.55 -9.01
C18 PCW HA . -24.28 17.92 -8.54
C19 PCW HA . -24.50 19.02 -9.60
C20 PCW HA . -25.39 20.06 -9.41
C21 PCW HA . -26.30 20.41 -8.28
C22 PCW HA . -25.54 21.42 -7.39
C23 PCW HA . -24.93 20.89 -6.06
C24 PCW HA . -25.87 20.71 -4.91
C25 PCW HA . -25.50 19.80 -3.70
C26 PCW HA . -24.90 20.48 -2.50
C27 PCW HA . -25.21 19.90 -1.10
C28 PCW HA . -25.07 20.97 -0.05
C31 PCW HA . -21.17 10.22 -6.59
C32 PCW HA . -20.28 11.36 -6.07
C33 PCW HA . -21.02 12.77 -5.89
C34 PCW HA . -22.16 12.75 -4.89
C35 PCW HA . -21.52 13.17 -3.51
C36 PCW HA . -21.84 14.64 -3.13
C37 PCW HA . -21.23 15.12 -1.76
C38 PCW HA . -20.04 16.00 -1.96
C39 PCW HA . -19.45 16.47 -0.67
C40 PCW HA . -18.47 17.36 -0.52
C41 PCW HA . -17.76 18.06 -1.67
C42 PCW HA . -17.19 19.45 -1.12
C43 PCW HA . -17.23 20.65 -2.05
C44 PCW HA . -16.63 21.82 -1.28
C45 PCW HA . -17.57 22.50 -0.32
C46 PCW HA . -17.36 23.99 -0.22
C47 PCW HA . -18.49 24.85 -0.74
C48 PCW HA . -18.15 26.34 -0.58
N PCW HA . -19.27 8.41 -10.08
O2 PCW HA . -21.53 9.46 -5.56
O3 PCW HA . -24.37 9.71 -5.44
O11 PCW HA . -26.13 8.67 -6.45
O31 PCW HA . -21.50 10.04 -7.81
O1P PCW HA . -20.61 4.57 -8.25
O2P PCW HA . -22.87 5.12 -7.38
O3P PCW HA . -20.82 6.45 -6.58
O4P PCW HA . -21.79 6.72 -8.79
P PCW HA . -21.54 5.63 -7.76
C1 PCW IA . -2.38 -18.02 19.76
C2 PCW IA . -3.82 -18.16 20.36
C3 PCW IA . -3.76 -18.75 21.81
C4 PCW IA . -1.16 -19.46 15.27
C5 PCW IA . -1.55 -19.13 13.83
C6 PCW IA . -1.65 -20.35 11.75
C7 PCW IA . -3.62 -19.58 12.73
C8 PCW IA . -2.62 -21.36 13.72
C11 PCW IA . -5.33 -18.37 23.59
C12 PCW IA . -6.78 -18.59 23.95
C13 PCW IA . -7.59 -17.31 23.54
C14 PCW IA . -9.09 -17.38 23.85
C15 PCW IA . -10.02 -16.59 22.89
C16 PCW IA . -11.48 -16.49 23.47
C17 PCW IA . -11.80 -15.27 24.39
C18 PCW IA . -12.12 -15.66 25.84
C19 PCW IA . -11.01 -15.27 26.83
C20 PCW IA . -11.27 -14.94 28.15
C21 PCW IA . -12.53 -14.87 28.93
C22 PCW IA . -12.33 -13.77 30.01
C23 PCW IA . -12.24 -14.23 31.49
C24 PCW IA . -11.62 -13.26 32.46
C25 PCW IA . -12.49 -12.46 33.47
C26 PCW IA . -11.94 -12.29 34.87
C27 PCW IA . -12.78 -12.83 36.05
C28 PCW IA . -13.53 -11.69 36.70
C31 PCW IA . -5.35 -16.55 19.51
C32 PCW IA . -5.93 -15.15 19.75
C33 PCW IA . -4.88 -14.03 20.25
C34 PCW IA . -4.78 -13.94 21.77
C35 PCW IA . -3.22 -13.96 22.08
C36 PCW IA . -2.86 -14.84 23.29
C37 PCW IA . -1.34 -14.91 23.64
C38 PCW IA . -1.10 -14.78 25.11
C39 PCW IA . 0.37 -14.83 25.48
C40 PCW IA . 1.18 -13.80 25.71
C41 PCW IA . 0.76 -12.35 25.63
C42 PCW IA . 0.30 -11.88 27.08
C43 PCW IA . 0.87 -10.58 27.64
C44 PCW IA . 0.27 -10.38 29.02
C45 PCW IA . -0.90 -9.42 29.09
C46 PCW IA . -0.53 -8.06 29.62
C47 PCW IA . -1.68 -7.07 29.76
C48 PCW IA . -1.18 -5.73 30.32
N PCW IA . -2.31 -20.06 13.04
O2 PCW IA . -4.47 -16.82 20.47
O3 PCW IA . -5.10 -18.85 22.34
O11 PCW IA . -4.51 -17.85 24.29
O31 PCW IA . -5.66 -17.32 18.54
O1P PCW IA . -1.13 -20.21 18.06
O2P PCW IA . -3.60 -20.20 17.79
O3P PCW IA . -2.35 -18.01 18.30
O4P PCW IA . -2.28 -19.09 16.12
P PCW IA . -2.34 -19.45 17.59
C1 17F JA . -16.15 -18.86 15.39
N1 17F JA . -15.93 -16.96 16.99
O1 17F JA . -13.20 -20.31 16.13
P1 17F JA . -13.67 -18.89 15.83
C2 17F JA . -16.73 -17.55 15.94
O2 17F JA . -12.97 -18.93 14.49
C3 17F JA . -18.16 -17.80 16.46
O3 17F JA . -14.87 -18.65 14.89
C4 17F JA . -12.98 -16.37 15.75
O4 17F JA . -18.53 -17.51 17.64
C5 17F JA . -11.80 -15.37 16.00
O5 17F JA . -19.01 -18.30 15.72
C6 17F JA . -12.31 -13.91 15.85
O6 17F JA . -12.62 -17.72 16.01
C7 17F JA . -10.77 -12.32 15.07
O7 17F JA . -11.28 -12.97 16.08
C8 17F JA . -9.68 -11.39 15.62
O8 17F JA . -11.04 -12.36 13.90
C9 17F JA . -8.48 -12.16 16.24
O9 17F JA . -11.13 -15.58 17.26
C10 17F JA . -7.31 -11.27 16.82
O10 17F JA . -12.77 -16.32 18.70
C11 17F JA . -6.76 -10.17 15.84
C12 17F JA . -5.61 -9.34 16.48
C17 17F JA . -11.94 -15.51 18.31
C18 17F JA . -11.74 -14.23 19.10
C19 17F JA . -10.29 -14.00 19.60
C20 17F JA . -10.17 -12.67 20.45
C1X 17F JA . -5.09 -8.27 15.50
C1Y 17F JA . -8.71 -12.47 20.93
C1Z 17F JA . -8.46 -13.25 22.22
C2X 17F JA . -3.90 -7.40 16.12
C21 17F JA . -3.46 -6.25 15.16
C22 17F JA . -2.76 -5.22 15.53
C23 17F JA . -2.24 -4.93 16.88
C24 17F JA . -0.74 -4.64 16.92
C25 17F JA . -0.16 -4.32 18.29
C26 17F JA . 0.10 -2.76 18.60
C27 17F JA . 0.66 -2.46 19.96
C28 17F JA . 0.85 -0.89 20.06
C29 17F JA . 2.27 -0.58 19.91
C30 17F JA . 2.60 0.89 19.99
C31 17F JA . -8.07 -12.41 23.49
C32 17F JA . -7.82 -13.23 24.78
C33 17F JA . -6.34 -13.19 25.11
C34 17F JA . -5.78 -13.80 26.15
C35 17F JA . -6.50 -14.62 27.21
C36 17F JA . -6.39 -16.16 27.01
C37 17F JA . -5.02 -16.61 27.37
C38 17F JA . -4.95 -17.59 28.56
C39 17F JA . -3.50 -18.01 28.88
C40 17F JA . -3.10 -17.55 30.29
C41 17F JA . -2.13 -16.31 30.22
C42 17F JA . -2.71 -14.90 30.40
C1 17F KA . 4.61 -3.08 -13.51
N1 17F KA . 6.10 -3.04 -15.53
O1 17F KA . 7.58 -3.21 -12.80
P1 17F KA . 6.47 -3.59 -11.86
C2 17F KA . 4.86 -3.53 -14.96
O2 17F KA . 6.73 -4.70 -10.89
C3 17F KA . 3.68 -3.10 -15.84
O3 17F KA . 5.16 -3.96 -12.60
C4 17F KA . 5.00 -2.47 -9.98
O4 17F KA . 3.85 -2.40 -16.92
C5 17F KA . 4.72 -1.15 -9.20
O5 17F KA . 2.52 -3.41 -15.56
C6 17F KA . 5.54 -1.14 -7.88
O6 17F KA . 6.03 -2.35 -10.96
C7 17F KA . 5.53 0.01 -5.86
O7 17F KA . 5.33 0.04 -7.14
C8 17F KA . 5.23 1.41 -5.29
O8 17F KA . 5.89 -0.90 -5.14
C9 17F KA . 4.25 1.38 -4.08
O9 17F KA . 4.98 0.02 -9.99
C10 17F KA . 3.89 2.78 -3.45
O10 17F KA . 2.82 0.05 -10.77
C11 17F KA . 2.87 2.72 -2.27
C12 17F KA . 2.55 4.16 -1.69
C17 17F KA . 3.88 0.58 -10.45
C18 17F KA . 4.02 2.08 -10.55
C19 17F KA . 3.75 2.86 -9.24
C20 17F KA . 2.81 4.10 -9.48
C1X 17F KA . 1.55 4.06 -0.53
C1Y 17F KA . 2.56 4.84 -8.15
C1Z 17F KA . 1.36 5.79 -8.27
C2X 17F KA . 1.20 5.49 0.09
C21 17F KA . -0.11 5.46 0.93
C22 17F KA . -0.21 5.87 2.16
C23 17F KA . 0.85 6.45 2.99
C24 17F KA . 1.44 5.49 4.02
C25 17F KA . 2.54 6.04 4.92
C26 17F KA . 4.03 5.95 4.34
C27 17F KA . 5.10 6.50 5.26
C28 17F KA . 6.49 6.32 4.53
C29 17F KA . 7.13 7.63 4.40
C30 17F KA . 8.47 7.60 3.72
C31 17F KA . 1.66 7.31 -8.49
C32 17F KA . 0.42 8.23 -8.60
C33 17F KA . 0.76 9.44 -9.46
C34 17F KA . -0.08 10.42 -9.76
C35 17F KA . -1.52 10.55 -9.31
C36 17F KA . -1.73 11.41 -8.03
C37 17F KA . -2.74 10.74 -7.16
C38 17F KA . -2.24 10.39 -5.74
C39 17F KA . -3.33 9.71 -4.91
C40 17F KA . -2.72 8.95 -3.73
C41 17F KA . -2.54 9.90 -2.47
C42 17F KA . -1.51 9.53 -1.40
C1 17F LA . -3.82 -17.01 7.70
N1 17F LA . -5.69 -16.93 9.38
O1 17F LA . -0.79 -17.35 9.09
P1 17F LA . -2.18 -17.11 9.63
C2 17F LA . -5.34 -16.84 7.97
O2 17F LA . -2.96 -18.34 10.03
C3 17F LA . -6.12 -17.90 7.17
O3 17F LA . -3.08 -16.32 8.66
C4 17F LA . -3.35 -15.85 11.62
O4 17F LA . -6.96 -18.71 7.73
C5 17F LA . -3.10 -14.97 12.88
O5 17F LA . -5.99 -18.00 5.95
C6 17F LA . -3.35 -15.82 14.15
O6 17F LA . -2.15 -16.21 10.93
C7 17F LA . -4.13 -14.35 15.79
O7 17F LA . -3.14 -15.08 15.34
C8 17F LA . -3.65 -13.68 17.09
O8 17F LA . -5.24 -14.18 15.36
C9 17F LA . -2.61 -12.55 16.86
O9 17F LA . -1.81 -14.35 12.89
C10 17F LA . -2.10 -11.82 18.15
O10 17F LA . -2.73 -12.36 12.17
C11 17F LA . -3.04 -10.67 18.68
C12 17F LA . -2.47 -9.97 19.97
C17 17F LA . -1.87 -13.05 12.74
C18 17F LA . -0.68 -12.35 13.36
C19 17F LA . -1.00 -11.05 14.13
C20 17F LA . 0.18 -10.59 15.05
C1X 17F LA . -3.42 -8.87 20.44
C1Y 17F LA . -0.17 -9.29 15.80
C1Z 17F LA . 0.37 -9.32 17.23
C2X 17F LA . -2.89 -8.13 21.76
C21 17F LA . -3.09 -8.98 23.05
C22 17F LA . -2.55 -8.71 24.18
C23 17F LA . -1.67 -7.59 24.52
C24 17F LA . -0.47 -7.95 25.40
C25 17F LA . 0.47 -6.82 25.77
C26 17F LA . -0.20 -5.52 26.41
C27 17F LA . 0.76 -4.41 26.77
C28 17F LA . -0.09 -3.24 27.40
C29 17F LA . 0.43 -1.96 26.89
C30 17F LA . -0.29 -0.75 27.40
C31 17F LA . 0.84 -7.96 17.85
C32 17F LA . 1.39 -8.02 19.30
C33 17F LA . 2.89 -8.34 19.26
C34 17F LA . 3.66 -8.47 20.33
C35 17F LA . 3.25 -8.33 21.78
C36 17F LA . 3.95 -7.18 22.56
C37 17F LA . 3.91 -7.49 24.01
C38 17F LA . 4.84 -6.62 24.88
C39 17F LA . 4.74 -6.98 26.37
C40 17F LA . 6.09 -7.52 26.89
C41 17F LA . 6.04 -7.73 28.45
C42 17F LA . 5.37 -8.99 29.01
C1 17F MA . 11.22 -16.06 -1.08
N1 17F MA . 12.68 -16.64 -3.04
O1 17F MA . 14.03 -16.74 1.30
P1 17F MA . 12.61 -16.27 1.05
C2 17F MA . 11.43 -16.04 -2.60
O2 17F MA . 11.51 -17.25 1.34
C3 17F MA . 11.36 -14.58 -3.12
O3 17F MA . 12.41 -15.79 -0.41
C4 17F MA . 10.99 -14.35 1.83
O4 17F MA . 12.30 -14.05 -3.82
C5 17F MA . 10.87 -13.09 2.74
O5 17F MA . 10.39 -13.87 -2.87
C6 17F MA . 9.51 -12.37 2.46
O6 17F MA . 12.28 -14.97 1.91
C7 17F MA . 8.18 -10.98 3.78
O7 17F MA . 9.35 -11.22 3.26
C8 17F MA . 8.28 -9.65 4.57
O8 17F MA . 7.15 -11.59 3.70
C9 17F MA . 8.51 -9.85 6.08
O9 17F MA . 11.02 -13.41 4.13
C10 17F MA . 8.61 -8.53 6.93
O10 17F MA . 13.29 -13.03 4.14
C11 17F MA . 9.11 -8.74 8.41
C12 17F MA . 9.18 -7.37 9.19
C17 17F MA . 12.15 -12.97 4.63
C18 17F MA . 11.97 -12.31 5.97
C19 17F MA . 12.84 -12.90 7.12
C20 17F MA . 13.72 -11.81 7.83
C1X 17F MA . 9.68 -7.60 10.63
C1Y 17F MA . 14.57 -12.44 8.96
C1Z 17F MA . 15.60 -11.44 9.49
C2X 17F MA . 9.77 -6.24 11.46
C21 17F MA . 8.49 -5.97 12.32
C22 17F MA . 8.51 -5.67 13.59
C23 17F MA . 9.69 -5.52 14.45
C24 17F MA . 9.63 -6.30 15.74
C25 17F MA . 10.82 -6.18 16.67
C26 17F MA . 10.49 -5.86 18.21
C27 17F MA . 11.69 -5.74 19.12
C28 17F MA . 11.15 -5.42 20.57
C29 17F MA . 11.85 -4.23 21.09
C30 17F MA . 11.43 -3.82 22.47
C31 17F MA . 16.91 -11.25 8.65
C32 17F MA . 17.94 -10.23 9.22
C33 17F MA . 17.52 -8.83 8.81
C34 17F MA . 18.18 -7.72 9.13
C35 17F MA . 19.43 -7.61 9.95
C36 17F MA . 19.63 -6.25 10.67
C37 17F MA . 21.02 -5.78 10.45
C38 17F MA . 21.74 -5.24 11.72
C39 17F MA . 23.17 -4.78 11.40
C40 17F MA . 24.16 -5.37 12.42
C41 17F MA . 25.22 -4.27 12.85
C42 17F MA . 25.19 -3.74 14.28
C1 17F NA . 15.42 -5.69 -13.81
N1 17F NA . 16.27 -5.14 -11.53
O1 17F NA . 14.91 -4.33 -16.54
P1 17F NA . 15.57 -3.68 -15.34
C2 17F NA . 15.43 -6.03 -12.31
O2 17F NA . 17.06 -3.61 -15.34
C3 17F NA . 15.89 -7.48 -12.10
O3 17F NA . 15.15 -4.34 -14.01
C4 17F NA . 15.56 -1.35 -14.12
O4 17F NA . 16.87 -7.79 -11.33
C5 17F NA . 14.97 0.09 -14.14
O5 17F NA . 15.31 -8.41 -12.66
C6 17F NA . 13.55 0.08 -13.55
O6 17F NA . 15.09 -2.18 -15.18
C7 17F NA . 12.83 2.00 -12.42
O7 17F NA . 12.95 1.37 -13.55
C8 17F NA . 12.17 3.37 -12.70
O8 17F NA . 13.14 1.68 -11.31
C9 17F NA . 13.18 4.46 -13.14
O9 17F NA . 15.82 1.04 -13.46
C10 17F NA . 12.58 5.88 -13.45
O10 17F NA . 16.27 2.07 -15.48
C11 17F NA . 13.05 7.00 -12.45
C12 17F NA . 12.41 8.40 -12.81
C17 17F NA . 16.20 2.03 -14.23
C18 17F NA . 16.57 3.26 -13.44
C19 17F NA . 17.95 3.17 -12.72
C20 17F NA . 18.43 4.57 -12.17
C1X 17F NA . 12.88 9.47 -11.81
C1Y 17F NA . 19.79 4.44 -11.46
C1Z 17F NA . 20.82 5.40 -12.06
C2X 17F NA . 12.25 10.92 -12.13
C21 17F NA . 10.74 11.01 -11.75
C22 17F NA . 10.29 11.12 -10.55
C23 17F NA . 11.07 11.18 -9.30
C24 17F NA . 11.02 12.52 -8.58
C25 17F NA . 11.81 12.64 -7.29
C26 17F NA . 13.11 13.58 -7.34
C27 17F NA . 13.88 13.68 -6.04
C28 17F NA . 15.09 14.65 -6.28
C29 17F NA . 14.92 15.85 -5.44
C30 17F NA . 16.01 16.87 -5.56
C31 17F NA . 20.99 6.79 -11.37
C32 17F NA . 22.04 7.74 -12.00
C33 17F NA . 21.44 9.14 -12.11
C34 17F NA . 22.07 10.19 -12.61
C35 17F NA . 23.48 10.22 -13.15
C36 17F NA . 24.16 11.62 -13.10
C37 17F NA . 25.48 11.49 -12.45
C38 17F NA . 25.95 12.75 -11.66
C39 17F NA . 27.32 12.53 -11.01
C40 17F NA . 27.93 13.87 -10.59
C41 17F NA . 29.39 13.67 -10.01
C42 17F NA . 30.59 13.74 -10.96
C1 17F OA . 2.22 -20.83 13.29
N1 17F OA . 0.32 -22.44 13.04
O1 17F OA . 4.01 -18.70 11.79
P1 17F OA . 4.47 -19.93 12.56
C2 17F OA . 1.57 -22.17 13.72
O2 17F OA . 5.75 -20.58 12.09
C3 17F OA . 1.34 -22.14 15.24
O3 17F OA . 3.41 -21.05 12.60
C4 17F OA . 5.16 -20.60 15.00
O4 17F OA . 0.18 -22.36 15.76
C5 17F OA . 5.35 -20.08 16.46
O5 17F OA . 2.27 -21.94 16.01
C6 17F OA . 6.09 -21.16 17.29
O6 17F OA . 4.72 -19.59 14.09
C7 17F OA . 7.34 -21.23 19.26
O7 17F OA . 6.30 -20.77 18.63
C8 17F OA . 7.31 -20.67 20.71
O8 17F OA . 8.21 -21.96 18.89
C9 17F OA . 6.68 -21.67 21.72
O9 17F OA . 6.02 -18.82 16.52
C10 17F OA . 6.62 -21.17 23.21
O10 17F OA . 4.01 -17.68 16.55
C11 17F OA . 6.77 -22.32 24.29
C12 17F OA . 6.70 -21.76 25.75
C17 17F OA . 5.20 -17.83 16.85
C18 17F OA . 5.90 -16.78 17.69
C19 17F OA . 6.71 -17.33 18.88
C20 17F OA . 7.94 -16.40 19.24
C1X 17F OA . 6.85 -22.90 26.76
C1Y 17F OA . 8.73 -16.99 20.45
C1Z 17F OA . 9.69 -15.95 21.02
C2X 17F OA . 6.79 -22.38 28.28
C21 17F OA . 5.69 -23.13 29.10
C22 17F OA . 5.58 -23.09 30.39
C23 17F OA . 6.43 -22.35 31.33
C24 17F OA . 5.73 -22.01 32.65
C25 17F OA . 6.55 -21.23 33.68
C26 17F OA . 6.01 -21.28 35.18
C27 17F OA . 6.83 -20.50 36.19
C28 17F OA . 6.14 -20.67 37.59
C29 17F OA . 6.56 -19.55 38.47
C30 17F OA . 5.97 -19.57 39.84
C31 17F OA . 11.18 -16.40 21.25
C32 17F OA . 12.13 -15.33 21.84
C33 17F OA . 13.32 -16.01 22.51
C34 17F OA . 14.32 -15.38 23.11
C35 17F OA . 14.49 -13.88 23.26
C36 17F OA . 14.32 -13.36 24.72
C37 17F OA . 14.86 -11.98 24.80
C38 17F OA . 14.65 -11.27 26.16
C39 17F OA . 15.24 -9.85 26.16
C40 17F OA . 15.75 -9.49 27.55
C41 17F OA . 15.45 -7.96 27.89
C42 17F OA . 14.43 -7.62 28.96
C1 17F PA . -22.51 -1.29 1.98
N1 17F PA . -23.43 -3.56 1.33
O1 17F PA . -21.31 -4.09 4.14
P1 17F PA . -21.74 -2.66 4.00
C2 17F PA . -23.52 -2.12 1.14
O2 17F PA . -23.17 -2.35 4.40
C3 17F PA . -23.34 -1.80 -0.36
O3 17F PA . -21.55 -2.12 2.56
C4 17F PA . -21.10 -0.28 4.93
O4 17F PA . -23.15 -2.72 -1.24
C5 17F PA . -20.13 0.49 5.89
O5 17F PA . -23.38 -0.64 -0.77
C6 17F PA . -20.07 -0.23 7.25
O6 17F PA . -20.87 -1.69 4.90
C7 17F PA . -18.47 -0.29 8.95
O7 17F PA . -19.20 0.43 8.16
C8 17F PA . -17.63 0.67 9.84
O8 17F PA . -18.38 -1.48 9.07
C9 17F PA . -17.79 0.40 11.35
O9 17F PA . -18.82 0.67 5.32
C10 17F PA . -16.96 1.35 12.30
O10 17F PA . -18.92 2.44 3.86
C11 17F PA . -16.94 0.90 13.81
C12 17F PA . -16.11 1.89 14.69
C17 17F PA . -18.61 1.91 4.93
C18 17F PA . -17.90 2.73 5.98
C19 17F PA . -18.83 3.49 6.96
C20 17F PA . -18.06 4.05 8.21
C1X 17F PA . -16.12 1.43 16.17
C1Y 17F PA . -19.03 4.79 9.16
C1Z 17F PA . -19.21 4.03 10.48
C2X 17F PA . -15.28 2.40 17.12
C21 17F PA . -13.86 1.85 17.44
C22 17F PA . -12.85 2.58 17.78
C23 17F PA . -12.83 4.04 17.93
C24 17F PA . -11.44 4.66 17.98
C25 17F PA . -11.38 6.16 18.13
C26 17F PA . -11.66 6.73 19.61
C27 17F PA . -11.59 8.24 19.74
C28 17F PA . -11.88 8.60 21.25
C29 17F PA . -12.98 9.58 21.29
C30 17F PA . -13.38 10.01 22.68
C31 17F PA . -20.43 4.41 11.37
C32 17F PA . -20.57 3.61 12.69
C33 17F PA . -19.74 4.28 13.77
C34 17F PA . -19.63 3.85 15.02
C35 17F PA . -20.28 2.64 15.63
C36 17F PA . -19.86 2.33 17.08
C37 17F PA . -20.02 0.87 17.35
C38 17F PA . -21.00 0.52 18.51
C39 17F PA . -21.11 -1.00 18.71
C40 17F PA . -22.57 -1.41 18.93
C41 17F PA . -22.81 -2.89 18.44
C42 17F PA . -23.72 -3.15 17.23
C1 17F QA . 5.94 -11.57 0.29
N1 17F QA . 5.69 -13.03 -1.75
O1 17F QA . 3.17 -10.27 0.37
P1 17F QA . 4.42 -9.60 -0.14
C2 17F QA . 5.81 -13.00 -0.30
O2 17F QA . 4.24 -8.61 -1.25
C3 17F QA . 4.60 -13.71 0.33
O3 17F QA . 5.49 -10.62 -0.60
C4 17F QA . 6.35 -8.07 0.78
O4 17F QA . 3.67 -14.24 -0.37
C5 17F QA . 6.89 -7.35 2.05
O5 17F QA . 4.49 -13.80 1.56
C6 17F QA . 7.75 -6.13 1.64
O6 17F QA . 5.15 -8.80 1.02
C7 17F QA . 8.57 -4.19 2.67
O7 17F QA . 8.29 -5.45 2.77
C8 17F QA . 9.16 -3.73 4.03
O8 17F QA . 8.47 -3.43 1.73
C9 17F QA . 8.08 -3.32 5.05
O9 17F QA . 5.86 -7.00 2.99
C10 17F QA . 8.63 -2.86 6.46
O10 17F QA . 4.35 -6.03 1.52
C11 17F QA . 8.28 -1.38 6.85
C12 17F QA . 8.86 -0.99 8.27
C17 17F QA . 5.05 -6.05 2.55
C18 17F QA . 5.00 -4.85 3.49
C19 17F QA . 4.06 -3.71 3.05
C20 17F QA . 4.84 -2.41 2.66
C1X 17F QA . 8.50 0.47 8.61
C1Y 17F QA . 3.86 -1.29 2.22
C1Z 17F QA . 4.05 -0.03 3.07
C2X 17F QA . 9.06 0.90 10.05
C21 17F QA . 10.27 1.90 9.94
C22 17F QA . 11.11 2.14 10.89
C23 17F QA . 11.13 1.54 12.23
C24 17F QA . 11.25 2.55 13.37
C25 17F QA . 11.27 1.97 14.79
C26 17F QA . 11.86 2.94 15.92
C27 17F QA . 11.88 2.34 17.31
C28 17F QA . 12.49 3.43 18.27
C29 17F QA . 11.49 3.76 19.31
C30 17F QA . 11.93 4.78 20.30
C31 17F QA . 3.16 0.08 4.35
C32 17F QA . 3.38 1.38 5.18
C33 17F QA . 4.30 1.07 6.37
C34 17F QA . 4.69 1.96 7.26
C35 17F QA . 4.31 3.42 7.33
C36 17F QA . 3.90 3.93 8.75
C37 17F QA . 3.33 5.30 8.63
C38 17F QA . 4.28 6.44 9.09
C39 17F QA . 3.61 7.82 8.93
C40 17F QA . 4.57 8.80 8.25
C41 17F QA . 5.33 9.68 9.32
C42 17F QA . 6.86 9.83 9.21
C1 PCW RA . -3.08 10.67 35.77
C2 PCW RA . -4.33 9.71 35.73
C3 PCW RA . -5.58 10.47 35.19
C4 PCW RA . 0.67 10.77 37.15
C5 PCW RA . 1.67 10.43 38.25
C6 PCW RA . 4.23 10.34 38.34
C7 PCW RA . 3.03 12.45 38.74
C8 PCW RA . 2.99 10.90 39.75
C11 PCW RA . -7.67 9.75 36.11
C12 PCW RA . -8.75 8.72 35.92
C13 PCW RA . -9.86 9.34 34.98
C14 PCW RA . -11.04 8.41 34.68
C15 PCW RA . -10.84 7.44 33.47
C16 PCW RA . -11.62 6.11 33.71
C17 PCW RA . -12.97 5.91 32.94
C18 PCW RA . -13.63 4.54 33.17
C19 PCW RA . -14.83 4.60 34.15
C20 PCW RA . -15.97 3.82 33.97
C21 PCW RA . -16.35 2.83 32.94
C22 PCW RA . -17.60 2.07 33.48
C23 PCW RA . -18.99 2.68 33.18
C24 PCW RA . -20.15 1.72 33.08
C25 PCW RA . -21.56 2.22 32.68
C26 PCW RA . -22.50 1.19 32.11
C27 PCW RA . -23.31 1.56 30.85
C28 PCW RA . -22.71 0.90 29.63
C31 PCW RA . -4.00 7.39 35.42
C32 PCW RA . -3.73 6.32 34.35
C33 PCW RA . -4.82 5.14 34.25
C34 PCW RA . -4.42 4.04 33.28
C35 PCW RA . -5.77 3.28 32.93
C36 PCW RA . -6.42 3.81 31.63
C37 PCW RA . -7.75 3.12 31.22
C38 PCW RA . -7.71 2.61 29.82
C39 PCW RA . -8.99 1.94 29.39
C40 PCW RA . -9.12 0.81 28.70
C41 PCW RA . -7.95 -0.03 28.22
C42 PCW RA . -8.38 -1.56 28.25
C43 PCW RA . -8.60 -2.28 26.93
C44 PCW RA . -9.00 -3.71 27.26
C45 PCW RA . -9.59 -4.49 26.11
C46 PCW RA . -11.09 -4.57 26.16
C47 PCW RA . -11.78 -5.09 24.92
C48 PCW RA . -13.30 -5.14 25.09
N PCW RA . 2.95 11.08 38.27
O2 PCW RA . -4.07 8.57 34.80
O3 PCW RA . -6.71 9.59 35.16
O11 PCW RA . -7.66 10.58 36.98
O31 PCW RA . -4.14 7.17 36.65
O1P PCW RA . -1.11 12.67 35.87
O2P PCW RA . -1.69 13.25 38.21
O3P PCW RA . -2.87 11.28 37.06
O4P PCW RA . -0.55 11.18 37.81
P PCW RA . -1.53 12.16 37.22
C1 PCW SA . 4.22 19.16 25.42
C2 PCW SA . 2.98 18.21 25.67
C3 PCW SA . 2.98 17.04 24.64
C4 PCW SA . 2.61 23.31 27.29
C5 PCW SA . 1.30 22.84 26.65
C6 PCW SA . -0.49 21.03 26.45
C7 PCW SA . 0.54 21.52 28.62
C8 PCW SA . -0.52 22.63 27.59
C11 PCW SA . 0.64 16.58 24.41
C12 PCW SA . -0.40 15.56 24.78
C13 PCW SA . -0.83 15.82 26.27
C14 PCW SA . -1.89 14.87 26.81
C15 PCW SA . -1.40 13.43 27.14
C16 PCW SA . -2.22 12.81 28.33
C17 PCW SA . -3.73 12.49 28.07
C18 PCW SA . -4.28 11.39 28.96
C19 PCW SA . -5.35 11.89 29.95
C20 PCW SA . -5.69 11.20 31.10
C21 PCW SA . -5.20 9.93 31.68
C22 PCW SA . -6.16 8.80 31.19
C23 PCW SA . -5.60 7.78 30.18
C24 PCW SA . -6.58 6.85 29.53
C25 PCW SA . -6.47 6.49 28.02
C26 PCW SA . -5.57 5.32 27.67
C27 PCW SA . -5.86 4.55 26.36
C28 PCW SA . -5.78 3.06 26.59
C31 PCW SA . 2.06 17.93 27.84
C32 PCW SA . 2.30 17.22 29.19
C33 PCW SA . 1.57 15.80 29.36
C34 PCW SA . 2.54 14.67 29.71
C35 PCW SA . 1.66 13.35 29.76
C36 PCW SA . 2.16 12.26 28.81
C37 PCW SA . 1.34 10.93 28.81
C38 PCW SA . 2.00 9.87 27.98
C39 PCW SA . 1.23 8.57 27.96
C40 PCW SA . 0.25 8.22 27.13
C41 PCW SA . -0.27 9.10 25.99
C42 PCW SA . -1.71 8.56 25.58
C43 PCW SA . -2.94 9.24 26.17
C44 PCW SA . -4.15 8.54 25.59
C45 PCW SA . -5.20 9.44 24.99
C46 PCW SA . -6.28 9.84 25.95
C47 PCW SA . -7.17 10.99 25.53
C48 PCW SA . -8.22 11.29 26.60
N PCW SA . 0.59 21.71 27.18
O2 PCW SA . 3.07 17.60 27.03
O3 PCW SA . 1.85 16.19 24.88
O11 PCW SA . 0.42 17.59 23.80
O31 PCW SA . 1.09 18.69 27.57
O1P PCW SA . 3.53 20.67 27.93
O2P PCW SA . 5.69 21.50 27.03
O3P PCW SA . 3.89 20.56 25.44
O4P PCW SA . 3.69 22.73 26.52
P PCW SA . 4.23 21.35 26.80
C1 PCW TA . 17.55 17.55 23.25
C2 PCW TA . 16.68 16.65 22.28
C3 PCW TA . 15.62 15.85 23.12
C4 PCW TA . 15.16 20.24 23.90
C5 PCW TA . 13.94 19.54 23.31
C6 PCW TA . 12.36 20.44 25.12
C7 PCW TA . 11.48 19.24 23.18
C8 PCW TA . 12.58 18.59 24.52
C11 PCW TA . 13.56 15.45 21.94
C12 PCW TA . 12.92 14.45 21.02
C13 PCW TA . 11.97 13.53 21.89
C14 PCW TA . 11.23 12.45 21.09
C15 PCW TA . 11.76 11.00 21.28
C16 PCW TA . 12.21 10.39 19.91
C17 PCW TA . 13.49 9.49 19.92
C18 PCW TA . 13.24 8.07 19.42
C19 PCW TA . 13.63 7.86 17.94
C20 PCW TA . 12.72 7.44 16.98
C21 PCW TA . 11.28 7.10 17.04
C22 PCW TA . 10.62 7.69 15.77
C23 PCW TA . 10.56 6.79 14.51
C24 PCW TA . 10.80 7.45 13.19
C25 PCW TA . 12.21 7.41 12.51
C26 PCW TA . 12.60 6.09 11.86
C27 PCW TA . 13.70 5.26 12.56
C28 PCW TA . 14.33 4.31 11.56
C31 PCW TA . 16.37 17.41 20.06
C32 PCW TA . 15.53 18.36 19.19
C33 PCW TA . 13.97 18.03 19.12
C34 PCW TA . 13.51 17.55 17.75
C35 PCW TA . 12.68 16.23 18.02
C36 PCW TA . 11.16 16.51 18.20
C37 PCW TA . 10.28 15.24 18.48
C38 PCW TA . 10.11 14.39 17.27
C39 PCW TA . 9.26 13.17 17.52
C40 PCW TA . 9.29 12.02 16.86
C41 PCW TA . 10.24 11.72 15.70
C42 PCW TA . 11.66 11.29 16.30
C43 PCW TA . 12.90 12.01 15.79
C44 PCW TA . 14.08 11.40 16.53
C45 PCW TA . 14.73 12.30 17.56
C46 PCW TA . 16.06 12.87 17.11
C47 PCW TA . 16.23 14.36 17.26
C48 PCW TA . 17.62 14.80 16.78
N PCW TA . 12.63 19.88 23.78
O2 PCW TA . 15.95 17.52 21.32
O3 PCW TA . 14.82 15.04 22.24
O11 PCW TA . 13.03 16.45 22.35
O31 PCW TA . 17.33 16.68 19.66
O1P PCW TA . 17.95 20.12 24.70
O2P PCW TA . 18.32 21.27 22.53
O3P PCW TA . 18.11 18.72 22.60
O4P PCW TA . 16.20 20.21 22.88
P PCW TA . 17.68 20.14 23.22
C1 PCW UA . 8.73 9.76 34.29
C2 PCW UA . 8.54 8.54 35.27
C3 PCW UA . 7.04 8.14 35.36
C4 PCW UA . 11.22 10.63 37.17
C5 PCW UA . 10.55 11.24 38.41
C6 PCW UA . 10.94 13.03 40.16
C7 PCW UA . 10.62 13.65 37.82
C8 PCW UA . 9.40 12.83 38.96
C11 PCW UA . 5.75 6.94 37.01
C12 PCW UA . 5.81 5.72 37.88
C13 PCW UA . 6.47 6.16 39.25
C14 PCW UA . 6.61 5.05 40.30
C15 PCW UA . 7.13 3.67 39.77
C16 PCW UA . 6.23 2.51 40.32
C17 PCW UA . 4.74 2.46 39.84
C18 PCW UA . 3.83 1.70 40.80
C19 PCW UA . 2.94 0.66 40.08
C20 PCW UA . 3.30 -0.68 39.98
C21 PCW UA . 4.49 -1.43 40.44
C22 PCW UA . 3.97 -2.56 41.38
C23 PCW UA . 4.40 -4.01 41.06
C24 PCW UA . 3.33 -5.07 41.16
C25 PCW UA . 3.65 -6.48 41.75
C26 PCW UA . 3.21 -7.67 40.91
C27 PCW UA . 4.11 -8.92 40.91
C28 PCW UA . 3.33 -10.12 41.40
C31 PCW UA . 10.40 7.08 35.42
C32 PCW UA . 11.06 5.85 34.76
C33 PCW UA . 11.66 6.10 33.30
C34 PCW UA . 10.65 5.87 32.17
C35 PCW UA . 11.18 4.60 31.38
C36 PCW UA . 10.79 4.63 29.89
C37 PCW UA . 11.29 3.41 29.04
C38 PCW UA . 10.33 2.26 29.09
C39 PCW UA . 10.78 1.08 28.28
C40 PCW UA . 10.20 -0.11 28.21
C41 PCW UA . 8.93 -0.49 28.95
C42 PCW UA . 8.79 -2.07 28.93
C43 PCW UA . 8.95 -2.83 30.24
C44 PCW UA . 8.78 -4.31 29.92
C45 PCW UA . 9.96 -5.17 30.25
C46 PCW UA . 9.84 -6.59 29.77
C47 PCW UA . 9.93 -7.67 30.82
C48 PCW UA . 9.78 -9.07 30.20
N PCW UA . 10.87 12.59 38.77
O2 PCW UA . 9.29 7.36 34.75
O3 PCW UA . 6.89 7.03 36.26
O11 PCW UA . 4.84 7.72 36.97
O31 PCW UA . 10.85 7.69 36.43
O1P PCW UA . 12.40 10.68 34.51
O2P PCW UA . 10.68 12.43 34.10
O3P PCW UA . 10.09 9.95 33.83
O4P PCW UA . 10.41 11.02 36.02
P PCW UA . 10.95 11.07 34.60
C1 PCW VA . 19.47 25.37 17.60
C2 PCW VA . 18.61 24.23 16.94
C3 PCW VA . 17.08 24.57 17.04
C4 PCW VA . 21.58 22.42 18.57
C5 PCW VA . 20.36 21.73 19.18
C6 PCW VA . 19.64 19.54 18.08
C7 PCW VA . 20.32 19.58 20.43
C8 PCW VA . 18.87 20.41 19.65
C11 PCW VA . 16.16 22.35 17.12
C12 PCW VA . 15.34 21.39 16.32
C13 PCW VA . 13.81 21.70 16.59
C14 PCW VA . 12.82 20.80 15.82
C15 PCW VA . 12.51 21.22 14.36
C16 PCW VA . 13.02 20.14 13.35
C17 PCW VA . 13.95 20.63 12.19
C18 PCW VA . 13.34 20.44 10.80
C19 PCW VA . 14.17 21.11 9.67
C20 PCW VA . 13.80 21.02 8.33
C21 PCW VA . 12.68 20.33 7.65
C22 PCW VA . 12.52 21.03 6.26
C23 PCW VA . 11.26 20.67 5.42
C24 PCW VA . 11.51 19.91 4.15
C25 PCW VA . 11.51 18.34 4.15
C26 PCW VA . 11.55 17.68 2.79
C27 PCW VA . 10.28 16.94 2.33
C28 PCW VA . 10.38 16.61 0.86
C31 PCW VA . 19.39 22.91 15.14
C32 PCW VA . 19.67 22.93 13.63
C33 PCW VA . 18.50 22.33 12.72
C34 PCW VA . 17.20 23.12 12.78
C35 PCW VA . 17.35 24.31 11.73
C36 PCW VA . 16.86 25.66 12.28
C37 PCW VA . 16.97 26.88 11.30
C38 PCW VA . 15.79 26.96 10.38
C39 PCW VA . 15.88 28.12 9.43
C40 PCW VA . 14.87 28.80 8.91
C41 PCW VA . 13.41 28.52 9.20
C42 PCW VA . 12.52 29.57 8.38
C43 PCW VA . 11.52 29.04 7.36
C44 PCW VA . 10.85 30.25 6.75
C45 PCW VA . 11.22 30.55 5.32
C46 PCW VA . 10.24 30.02 4.31
C47 PCW VA . 10.78 29.02 3.32
C48 PCW VA . 9.70 28.56 2.33
N PCW VA . 20.27 20.30 19.18
O2 PCW VA . 18.93 24.10 15.49
O3 PCW VA . 16.31 23.51 16.44
O11 PCW VA . 16.62 22.12 18.22
O31 PCW VA . 19.57 21.92 15.91
O1P PCW VA . 22.89 24.22 16.71
O2P PCW VA . 22.76 25.82 18.61
O3P PCW VA . 20.77 25.53 16.99
O4P PCW VA . 21.36 23.85 18.68
P PCW VA . 22.02 24.85 17.74
C1 PCW WA . 32.45 9.75 17.82
C2 PCW WA . 32.17 8.34 17.15
C3 PCW WA . 31.63 7.34 18.22
C4 PCW WA . 36.94 11.51 16.79
C5 PCW WA . 37.84 11.42 15.55
C6 PCW WA . 39.56 13.28 15.83
C7 PCW WA . 40.24 11.07 15.02
C8 PCW WA . 39.13 12.26 14.19
C11 PCW WA . 32.32 5.09 17.74
C12 PCW WA . 31.88 3.87 16.97
C13 PCW WA . 32.05 4.17 15.42
C14 PCW WA . 31.64 3.04 14.48
C15 PCW WA . 31.63 3.39 12.97
C16 PCW WA . 32.75 2.61 12.20
C17 PCW WA . 32.45 1.12 11.79
C18 PCW WA . 33.61 0.18 12.04
C19 PCW WA . 33.65 -0.33 13.51
C20 PCW WA . 33.70 -1.69 13.83
C21 PCW WA . 33.71 -2.91 12.99
C22 PCW WA . 34.98 -3.71 13.39
C23 PCW WA . 36.06 -3.94 12.30
C24 PCW WA . 37.08 -2.85 12.11
C25 PCW WA . 36.88 -1.74 11.05
C26 PCW WA . 37.01 -2.14 9.60
C27 PCW WA . 35.71 -2.37 8.80
C28 PCW WA . 35.28 -1.09 8.11
C31 PCW WA . 31.54 8.39 14.86
C32 PCW WA . 30.34 8.56 13.92
C33 PCW WA . 30.52 7.96 12.44
C34 PCW WA . 29.34 7.12 11.98
C35 PCW WA . 28.42 8.08 11.12
C36 PCW WA . 28.26 7.61 9.66
C37 PCW WA . 27.38 8.52 8.75
C38 PCW WA . 26.62 7.73 7.74
C39 PCW WA . 25.75 8.58 6.85
C40 PCW WA . 24.49 8.36 6.52
C41 PCW WA . 23.67 7.17 7.00
C42 PCW WA . 22.32 7.13 6.15
C43 PCW WA . 22.03 5.91 5.30
C44 PCW WA . 20.69 6.15 4.61
C45 PCW WA . 20.72 6.08 3.12
C46 PCW WA . 19.54 6.76 2.47
C47 PCW WA . 19.72 8.23 2.14
C48 PCW WA . 18.46 8.81 1.48
N PCW WA . 39.20 11.85 15.63
O2 PCW WA . 31.10 8.49 16.11
O3 PCW WA . 31.39 6.07 17.59
O11 PCW WA . 33.34 5.18 18.36
O31 PCW WA . 32.74 8.18 14.49
O1P PCW WA . 35.27 10.73 19.06
O2P PCW WA . 35.20 8.56 17.85
O3P PCW WA . 33.57 10.45 17.23
O4P PCW WA . 35.92 10.48 16.63
P PCW WA . 35.02 10.03 17.77
C1 PCW XA . 29.07 22.78 10.78
C2 PCW XA . 28.63 22.04 9.45
C3 PCW XA . 29.89 21.85 8.53
C4 PCW XA . 25.70 24.56 13.47
C5 PCW XA . 24.65 25.38 12.73
C6 PCW XA . 22.36 25.57 11.99
C7 PCW XA . 22.92 26.22 14.16
C8 PCW XA . 22.88 23.99 13.72
C11 PCW XA . 28.97 21.93 6.31
C12 PCW XA . 28.66 21.05 5.12
C13 PCW XA . 29.31 21.71 3.85
C14 PCW XA . 29.10 20.95 2.55
C15 PCW XA . 30.27 21.04 1.52
C16 PCW XA . 31.54 20.28 2.01
C17 PCW XA . 31.35 18.81 2.51
C18 PCW XA . 31.63 17.77 1.43
C19 PCW XA . 30.36 17.35 0.65
C20 PCW XA . 30.33 17.25 -0.73
C21 PCW XA . 31.36 17.48 -1.77
C22 PCW XA . 31.08 18.89 -2.39
C23 PCW XA . 30.31 18.93 -3.74
C24 PCW XA . 31.14 19.09 -4.98
C25 PCW XA . 31.93 17.90 -5.58
C26 PCW XA . 31.11 16.81 -6.25
C27 PCW XA . 31.32 16.57 -7.76
C28 PCW XA . 30.22 17.23 -8.55
C31 PCW XA . 26.79 20.62 9.90
C32 PCW XA . 26.41 19.16 10.24
C33 PCW XA . 25.81 18.31 9.04
C34 PCW XA . 25.74 16.82 9.33
C35 PCW XA . 27.02 16.19 8.64
C36 PCW XA . 27.20 14.69 8.96
C37 PCW XA . 28.45 14.00 8.32
C38 PCW XA . 28.30 12.53 8.24
C39 PCW XA . 29.49 11.84 7.62
C40 PCW XA . 29.53 11.19 6.46
C41 PCW XA . 28.33 11.02 5.54
C42 PCW XA . 28.85 10.40 4.16
C43 PCW XA . 27.84 9.80 3.21
C44 PCW XA . 28.62 9.30 2.00
C45 PCW XA . 27.80 8.64 0.93
C46 PCW XA . 28.62 8.03 -0.17
C47 PCW XA . 28.37 6.56 -0.45
C48 PCW XA . 29.27 6.05 -1.58
N PCW XA . 23.27 25.29 13.13
O2 PCW XA . 28.12 20.68 9.78
O3 PCW XA . 29.51 21.18 7.31
O11 PCW XA . 28.77 23.11 6.36
O31 PCW XA . 25.97 21.58 9.77
O1P PCW XA . 28.04 23.12 14.35
O2P PCW XA . 29.23 24.71 12.83
O3P PCW XA . 28.19 22.54 11.89
O4P PCW XA . 26.85 24.46 12.60
P PCW XA . 28.12 23.74 12.98
C1 PCW YA . -22.25 25.33 33.18
C2 PCW YA . -22.98 24.49 32.06
C3 PCW YA . -24.22 23.75 32.67
C4 PCW YA . -19.23 24.62 31.26
C5 PCW YA . -18.65 23.30 31.79
C6 PCW YA . -18.82 22.04 29.74
C7 PCW YA . -17.61 21.17 31.54
C8 PCW YA . -16.67 22.90 30.40
C11 PCW YA . -24.78 21.63 31.69
C12 PCW YA . -25.57 21.03 30.56
C13 PCW YA . -24.57 20.67 29.39
C14 PCW YA . -25.22 20.04 28.16
C15 PCW YA . -25.50 18.52 28.24
C16 PCW YA . -26.88 18.17 27.59
C17 PCW YA . -27.85 17.22 28.38
C18 PCW YA . -27.98 15.83 27.76
C19 PCW YA . -29.01 14.94 28.51
C20 PCW YA . -30.08 14.34 27.85
C21 PCW YA . -30.51 14.34 26.45
C22 PCW YA . -31.37 13.06 26.24
C23 PCW YA . -31.19 12.31 24.89
C24 PCW YA . -31.70 10.89 24.84
C25 PCW YA . -30.72 9.70 24.63
C26 PCW YA . -31.36 8.37 24.25
C27 PCW YA . -30.54 7.08 24.53
C28 PCW YA . -31.16 5.91 23.80
C31 PCW YA . -22.80 25.30 29.83
C32 PCW YA . -23.42 26.29 28.83
C33 PCW YA . -25.00 26.12 28.60
C34 PCW YA . -25.37 24.86 27.81
C35 PCW YA . -25.35 25.30 26.28
C36 PCW YA . -26.32 24.47 25.41
C37 PCW YA . -26.35 24.86 23.89
C38 PCW YA . -27.65 24.51 23.25
C39 PCW YA . -27.70 24.88 21.79
C40 PCW YA . -27.48 24.07 20.76
C41 PCW YA . -27.14 22.59 20.87
C42 PCW YA . -28.43 21.76 20.44
C43 PCW YA . -29.38 21.26 21.51
C44 PCW YA . -30.49 20.50 20.80
C45 PCW YA . -31.63 20.05 21.68
C46 PCW YA . -31.97 18.60 21.51
C47 PCW YA . -32.91 18.01 22.55
C48 PCW YA . -33.18 16.53 22.27
N PCW YA . -17.97 22.40 30.91
O2 PCW YA . -23.48 25.39 30.98
O3 PCW YA . -24.89 22.99 31.65
O11 PCW YA . -24.17 21.01 32.52
O31 PCW YA . -21.80 24.55 29.61
O1P PCW YA . -20.19 27.33 30.92
O2P PCW YA . -19.47 27.56 33.29
O3P PCW YA . -21.81 26.64 32.75
O4P PCW YA . -19.74 25.35 32.40
P PCW YA . -20.26 26.77 32.32
C1 PCW ZA . 14.01 30.44 2.44
C2 PCW ZA . 15.02 29.42 3.08
C3 PCW ZA . 14.43 28.86 4.43
C4 PCW ZA . 16.44 34.69 2.52
C5 PCW ZA . 17.04 35.43 3.72
C6 PCW ZA . 16.93 37.94 3.28
C7 PCW ZA . 16.12 37.01 5.41
C8 PCW ZA . 17.85 37.00 4.74
C11 PCW ZA . 16.48 28.37 5.61
C12 PCW ZA . 17.25 27.22 6.16
C13 PCW ZA . 18.09 26.57 5.00
C14 PCW ZA . 18.94 25.36 5.41
C15 PCW ZA . 18.16 24.14 5.98
C16 PCW ZA . 18.93 23.51 7.20
C17 PCW ZA . 19.98 22.39 6.87
C18 PCW ZA . 19.63 21.03 7.46
C19 PCW ZA . 20.63 19.93 7.06
C20 PCW ZA . 20.54 19.22 5.86
C21 PCW ZA . 19.57 19.28 4.75
C22 PCW ZA . 18.84 17.91 4.72
C23 PCW ZA . 17.47 17.84 3.99
C24 PCW ZA . 17.32 16.81 2.92
C25 PCW ZA . 15.94 16.18 2.59
C26 PCW ZA . 15.83 15.41 1.29
C27 PCW ZA . 14.52 15.52 0.50
C28 PCW ZA . 14.79 16.00 -0.91
C31 PCW ZA . 16.44 28.17 1.65
C32 PCW ZA . 16.49 26.93 0.74
C33 PCW ZA . 15.61 27.01 -0.59
C34 PCW ZA . 15.74 25.77 -1.48
C35 PCW ZA . 14.33 25.04 -1.37
C36 PCW ZA . 13.58 25.00 -2.72
C37 PCW ZA . 12.19 24.29 -2.70
C38 PCW ZA . 11.45 24.47 -3.98
C39 PCW ZA . 10.10 23.80 -3.98
C40 PCW ZA . 9.38 23.47 -5.05
C41 PCW ZA . 9.81 23.72 -6.48
C42 PCW ZA . 8.62 23.22 -7.44
C43 PCW ZA . 8.74 21.85 -8.09
C44 PCW ZA . 7.50 21.64 -8.93
C45 PCW ZA . 7.73 21.00 -10.28
C46 PCW ZA . 6.67 20.04 -10.69
C47 PCW ZA . 5.95 20.33 -11.99
C48 PCW ZA . 4.88 19.27 -12.28
N PCW ZA . 16.55 36.74 4.05
O2 PCW ZA . 15.22 28.25 2.18
O3 PCW ZA . 15.34 27.91 5.02
O11 PCW ZA . 16.81 29.52 5.68
O31 PCW ZA . 17.39 28.97 1.86
O1P PCW ZA . 13.65 33.89 2.67
O2P PCW ZA . 14.47 32.38 4.47
O3P PCW ZA . 14.62 31.67 1.99
O4P PCW ZA . 16.10 33.35 2.97
P PCW ZA . 14.66 32.86 3.08
C1 PCW AB . -8.67 37.63 5.39
C2 PCW AB . -8.67 37.98 3.86
C3 PCW AB . -7.27 37.66 3.24
C4 PCW AB . -9.46 38.53 9.55
C5 PCW AB . -10.37 38.73 10.76
C6 PCW AB . -10.85 38.83 13.13
C7 PCW AB . -8.65 39.05 12.40
C8 PCW AB . -9.57 36.96 12.29
C11 PCW AB . -6.71 39.15 1.44
C12 PCW AB . -6.83 39.27 -0.06
C13 PCW AB . -5.67 38.43 -0.70
C14 PCW AB . -5.64 38.45 -2.23
C15 PCW AB . -4.46 39.24 -2.87
C16 PCW AB . -4.88 39.91 -4.22
C17 PCW AB . -4.12 41.20 -4.67
C18 PCW AB . -3.71 41.19 -6.15
C19 PCW AB . -2.21 40.87 -6.35
C20 PCW AB . -1.77 39.74 -7.01
C21 PCW AB . -2.49 38.61 -7.65
C22 PCW AB . -1.45 37.86 -8.53
C23 PCW AB . -1.71 37.81 -10.06
C24 PCW AB . -1.13 36.64 -10.80
C25 PCW AB . -1.85 35.26 -10.80
C26 PCW AB . -1.14 34.11 -10.10
C27 PCW AB . -1.30 33.98 -8.57
C28 PCW AB . -1.64 32.55 -8.21
C31 PCW AB . -10.53 37.81 2.37
C32 PCW AB . -11.48 36.81 1.70
C33 PCW AB . -12.49 37.43 0.63
C34 PCW AB . -13.84 37.84 1.22
C35 PCW AB . -14.80 36.61 1.00
C36 PCW AB . -16.16 37.02 0.38
C37 PCW AB . -17.17 35.85 0.13
C38 PCW AB . -17.92 36.05 -1.14
C39 PCW AB . -18.90 34.94 -1.42
C40 PCW AB . -18.66 33.78 -2.04
C41 PCW AB . -17.30 33.37 -2.58
C42 PCW AB . -17.47 31.99 -3.35
C43 PCW AB . -17.12 30.69 -2.64
C44 PCW AB . -17.37 29.56 -3.61
C45 PCW AB . -16.38 28.42 -3.55
C46 PCW AB . -15.92 27.95 -4.90
C47 PCW AB . -16.60 26.72 -5.45
C48 PCW AB . -16.04 26.35 -6.83
N PCW AB . -9.89 38.42 12.08
O2 PCW AB . -9.67 37.13 3.14
O3 PCW AB . -7.27 37.97 1.84
O11 PCW AB . -6.22 39.96 2.16
O31 PCW AB . -10.55 39.07 2.22
O1P PCW AB . -8.49 39.73 7.09
O2P PCW AB . -10.91 40.19 6.70
O3P PCW AB . -9.91 37.91 6.07
O4P PCW AB . -10.32 38.57 8.37
P PCW AB . -9.89 39.19 7.05
C1 PCW BB . 29.59 5.62 21.15
C2 PCW BB . 29.53 4.04 21.25
C3 PCW BB . 30.94 3.42 20.99
C4 PCW BB . 31.92 9.21 23.11
C5 PCW BB . 33.02 9.84 22.25
C6 PCW BB . 34.32 12.01 21.95
C7 PCW BB . 34.55 10.70 24.00
C8 PCW BB . 35.03 10.21 22.28
C11 PCW BB . 30.45 1.28 19.99
C12 PCW BB . 30.45 -0.19 20.32
C13 PCW BB . 30.10 -1.00 19.02
C14 PCW BB . 30.05 -2.52 19.19
C15 PCW BB . 29.98 -3.35 17.88
C16 PCW BB . 29.42 -4.80 18.15
C17 PCW BB . 27.87 -4.96 18.31
C18 PCW BB . 27.17 -5.38 17.02
C19 PCW BB . 27.15 -6.93 16.82
C20 PCW BB . 27.59 -7.53 15.67
C21 PCW BB . 28.15 -6.99 14.40
C22 PCW BB . 29.23 -8.01 13.92
C23 PCW BB . 29.02 -8.65 12.52
C24 PCW BB . 30.25 -8.82 11.68
C25 PCW BB . 30.62 -10.20 11.07
C26 PCW BB . 30.29 -10.41 9.60
C27 PCW BB . 29.15 -11.40 9.25
C28 PCW BB . 29.70 -12.79 9.04
C31 PCW BB . 28.02 2.85 22.62
C32 PCW BB . 27.70 2.51 24.09
C33 PCW BB . 26.53 1.44 24.30
C34 PCW BB . 25.13 2.04 24.17
C35 PCW BB . 24.30 0.98 23.34
C36 PCW BB . 23.86 1.52 21.97
C37 PCW BB . 23.03 0.52 21.08
C38 PCW BB . 22.20 1.23 20.07
C39 PCW BB . 21.39 0.29 19.21
C40 PCW BB . 20.24 0.54 18.59
C41 PCW BB . 19.53 1.88 18.64
C42 PCW BB . 17.99 1.64 18.27
C43 PCW BB . 17.50 2.11 16.92
C44 PCW BB . 16.02 1.75 16.83
C45 PCW BB . 15.48 1.55 15.44
C46 PCW BB . 15.02 0.15 15.16
C47 PCW BB . 16.05 -0.79 14.57
C48 PCW BB . 15.46 -2.18 14.33
N PCW BB . 33.81 10.91 22.78
O2 PCW BB . 29.10 3.62 22.61
O3 PCW BB . 30.87 1.99 21.09
O11 PCW BB . 30.14 1.75 18.94
O31 PCW BB . 27.36 2.46 21.61
O1P PCW BB . 29.60 7.49 23.33
O2P PCW BB . 31.28 5.80 24.08
O3P PCW BB . 30.85 6.19 21.56
O4P PCW BB . 32.06 7.76 22.95
P PCW BB . 30.89 6.81 23.05
C1 PCW CB . -2.90 16.27 35.64
C2 PCW CB . -3.75 15.65 34.46
C3 PCW CB . -4.51 16.77 33.68
C4 PCW CB . -4.31 20.66 35.16
C5 PCW CB . -3.92 21.68 34.08
C6 PCW CB . -5.63 22.96 32.67
C7 PCW CB . -4.42 24.08 34.49
C8 PCW CB . -3.72 23.36 32.94
C11 PCW CB . -6.55 16.56 32.43
C12 PCW CB . -7.15 15.80 31.27
C13 PCW CB . -8.19 14.77 31.84
C14 PCW CB . -8.89 13.92 30.79
C15 PCW CB . -9.32 12.48 31.25
C16 PCW CB . -9.81 11.64 30.02
C17 PCW CB . -9.71 10.08 30.14
C18 PCW CB . -10.88 9.34 29.50
C19 PCW CB . -10.60 7.84 29.26
C20 PCW CB . -10.26 7.34 28.01
C21 PCW CB . -10.10 7.99 26.69
C22 PCW CB . -10.95 7.17 25.67
C23 PCW CB . -10.23 6.62 24.41
C24 PCW CB . -10.68 5.29 23.91
C25 PCW CB . -10.40 3.98 24.71
C26 PCW CB . -11.60 3.29 25.31
C27 PCW CB . -11.55 1.76 25.51
C28 PCW CB . -12.84 1.13 25.07
C31 PCW CB . -3.10 13.66 33.33
C32 PCW CB . -2.10 13.11 32.31
C33 PCW CB . -1.44 11.70 32.71
C34 PCW CB . -1.05 10.85 31.51
C35 PCW CB . -1.33 9.35 31.94
C36 PCW CB . -1.65 8.45 30.73
C37 PCW CB . -1.94 6.96 31.07
C38 PCW CB . -2.02 6.11 29.84
C39 PCW CB . -2.29 4.67 30.13
C40 PCW CB . -1.82 3.61 29.48
C41 PCW CB . -0.91 3.69 28.27
C42 PCW CB . -1.78 3.42 26.96
C43 PCW CB . -1.25 3.93 25.62
C44 PCW CB . -2.27 3.52 24.57
C45 PCW CB . -1.71 3.25 23.19
C46 PCW CB . -2.75 3.19 22.12
C47 PCW CB . -2.38 2.42 20.87
C48 PCW CB . -3.54 2.44 19.85
N PCW CB . -4.76 22.82 33.86
O2 PCW CB . -2.83 14.97 33.49
O3 PCW CB . -5.26 16.17 32.60
O11 PCW CB . -7.13 17.38 33.10
O31 PCW CB . -4.01 13.01 33.91
O1P PCW CB . -4.41 18.29 36.84
O2P PCW CB . -2.13 19.04 37.53
O3P PCW CB . -2.46 17.63 35.41
O4P PCW CB . -3.09 19.97 35.53
P PCW CB . -3.06 18.74 36.41
C1 PCW DB . 17.35 6.73 37.87
C2 PCW DB . 17.75 6.45 36.38
C3 PCW DB . 18.93 5.42 36.33
C4 PCW DB . 16.92 10.08 36.23
C5 PCW DB . 17.58 10.34 34.88
C6 PCW DB . 15.63 11.52 33.75
C7 PCW DB . 17.92 11.96 33.03
C8 PCW DB . 16.99 10.37 32.92
C11 PCW DB . 20.32 4.34 34.70
C12 PCW DB . 20.51 4.21 33.21
C13 PCW DB . 20.15 2.73 32.81
C14 PCW DB . 20.28 2.42 31.32
C15 PCW DB . 19.62 1.08 30.85
C16 PCW DB . 20.44 0.45 29.67
C17 PCW DB . 19.97 -0.96 29.16
C18 PCW DB . 20.55 -2.12 29.96
C19 PCW DB . 20.77 -3.39 29.11
C20 PCW DB . 20.62 -4.67 29.62
C21 PCW DB . 20.26 -5.19 30.96
C22 PCW DB . 18.89 -5.92 30.80
C23 PCW DB . 17.89 -5.82 31.98
C24 PCW DB . 16.91 -6.95 32.13
C25 PCW DB . 17.04 -7.97 33.30
C26 PCW DB . 16.59 -9.38 33.01
C27 PCW DB . 17.69 -10.45 32.80
C28 PCW DB . 17.38 -11.27 31.56
C31 PCW DB . 16.37 6.43 34.45
C32 PCW DB . 15.17 5.72 33.81
C33 PCW DB . 15.52 4.36 33.03
C34 PCW DB . 14.81 4.22 31.69
C35 PCW DB . 15.94 3.79 30.66
C36 PCW DB . 15.43 2.79 29.60
C37 PCW DB . 16.49 2.33 28.55
C38 PCW DB . 16.18 0.98 28.00
C39 PCW DB . 17.20 0.52 26.99
C40 PCW DB . 17.31 -0.68 26.43
C41 PCW DB . 16.38 -1.86 26.75
C42 PCW DB . 16.72 -3.04 25.74
C43 PCW DB . 15.58 -3.71 25.00
C44 PCW DB . 16.19 -4.78 24.11
C45 PCW DB . 15.77 -6.20 24.43
C46 PCW DB . 14.60 -6.67 23.61
C47 PCW DB . 14.83 -7.89 22.75
C48 PCW DB . 13.56 -8.27 21.98
N PCW DB . 17.07 11.37 34.03
O2 PCW DB . 16.60 5.86 35.64
O3 PCW DB . 19.27 5.17 34.95
O11 PCW DB . 20.99 3.77 35.53
O31 PCW DB . 17.01 7.39 33.94
O1P PCW DB . 16.27 9.25 38.94
O2P PCW DB . 18.58 10.07 39.42
O3P PCW DB . 18.22 7.67 38.55
O4P PCW DB . 17.97 9.66 37.13
P PCW DB . 17.72 9.20 38.57
C1 PCW EB . -17.01 26.65 28.48
C2 PCW EB . -17.81 25.54 27.70
C3 PCW EB . -19.32 25.93 27.56
C4 PCW EB . -15.64 28.79 25.78
C5 PCW EB . -15.86 28.38 24.32
C6 PCW EB . -15.99 29.21 21.91
C7 PCW EB . -14.09 29.81 23.32
C8 PCW EB . -14.58 28.13 22.75
C11 PCW EB . -21.12 25.22 26.13
C12 PCW EB . -21.65 23.98 25.43
C13 PCW EB . -22.35 23.07 26.50
C14 PCW EB . -22.94 21.76 25.95
C15 PCW EB . -23.88 21.91 24.71
C16 PCW EB . -24.04 20.53 23.97
C17 PCW EB . -25.48 19.94 23.86
C18 PCW EB . -25.50 18.42 23.67
C19 PCW EB . -26.26 17.97 22.40
C20 PCW EB . -27.29 17.05 22.44
C21 PCW EB . -27.91 16.30 23.56
C22 PCW EB . -29.32 16.93 23.81
C23 PCW EB . -29.37 18.25 24.62
C24 PCW EB . -30.45 18.38 25.66
C25 PCW EB . -31.19 19.73 25.90
C26 PCW EB . -30.58 20.67 26.92
C27 PCW EB . -29.46 21.62 26.45
C28 PCW EB . -30.05 22.87 25.83
C31 PCW EB . -16.86 24.14 26.05
C32 PCW EB . -16.33 24.14 24.61
C33 PCW EB . -17.45 24.31 23.47
C34 PCW EB . -18.07 25.71 23.43
C35 PCW EB . -19.44 25.55 22.66
C36 PCW EB . -20.34 26.79 22.80
C37 PCW EB . -21.72 26.70 22.06
C38 PCW EB . -22.15 28.02 21.52
C39 PCW EB . -23.46 27.97 20.80
C40 PCW EB . -24.69 28.10 21.32
C41 PCW EB . -24.97 28.35 22.80
C42 PCW EB . -26.54 28.60 22.96
C43 PCW EB . -27.21 28.30 24.28
C44 PCW EB . -28.67 28.63 24.13
C45 PCW EB . -29.64 27.49 24.39
C46 PCW EB . -31.00 27.94 24.82
C47 PCW EB . -32.05 28.08 23.74
C48 PCW EB . -33.39 28.55 24.32
N PCW EB . -15.42 29.25 23.27
O2 PCW EB . -17.27 25.38 26.33
O3 PCW EB . -20.01 24.89 26.84
O11 PCW EB . -21.60 26.31 26.04
O31 PCW EB . -16.88 23.15 26.83
O1P PCW EB . -15.08 28.89 28.64
O2P PCW EB . -13.22 27.33 28.02
O3P PCW EB . -15.58 26.43 28.47
O4P PCW EB . -15.00 27.66 26.44
P PCW EB . -14.67 27.63 27.92
C1 PCW FB . 11.43 1.60 44.85
C2 PCW FB . 10.99 0.10 44.58
C3 PCW FB . 10.33 -0.02 43.15
C4 PCW FB . 15.14 4.30 46.05
C5 PCW FB . 15.69 5.47 45.22
C6 PCW FB . 16.68 4.70 43.16
C7 PCW FB . 17.88 4.50 45.14
C8 PCW FB . 17.67 6.60 44.26
C11 PCW FB . 8.61 -1.68 42.98
C12 PCW FB . 8.41 -3.15 42.68
C13 PCW FB . 8.49 -3.34 41.12
C14 PCW FB . 8.32 -4.78 40.63
C15 PCW FB . 8.77 -5.06 39.15
C16 PCW FB . 8.40 -6.51 38.72
C17 PCW FB . 8.20 -6.79 37.19
C18 PCW FB . 8.58 -8.21 36.78
C19 PCW FB . 7.39 -9.01 36.20
C20 PCW FB . 6.96 -8.88 34.88
C21 PCW FB . 7.44 -8.06 33.74
C22 PCW FB . 6.19 -7.48 33.04
C23 PCW FB . 6.32 -6.09 32.36
C24 PCW FB . 5.06 -5.45 31.86
C25 PCW FB . 5.07 -4.51 30.61
C26 PCW FB . 4.35 -3.19 30.77
C27 PCW FB . 2.94 -3.07 30.16
C28 PCW FB . 1.90 -2.96 31.24
C31 PCW FB . 13.11 -0.66 43.69
C32 PCW FB . 14.20 -1.70 43.93
C33 PCW FB . 14.73 -2.44 42.62
C34 PCW FB . 13.62 -2.97 41.72
C35 PCW FB . 13.76 -4.55 41.73
C36 PCW FB . 12.39 -5.27 41.64
C37 PCW FB . 12.45 -6.83 41.65
C38 PCW FB . 11.28 -7.44 40.95
C39 PCW FB . 11.32 -8.95 40.96
C40 PCW FB . 11.83 -9.73 40.01
C41 PCW FB . 12.47 -9.24 38.73
C42 PCW FB . 12.45 -10.43 37.67
C43 PCW FB . 13.22 -10.25 36.38
C44 PCW FB . 13.03 -11.52 35.55
C45 PCW FB . 12.19 -11.37 34.32
C46 PCW FB . 12.93 -11.61 33.04
C47 PCW FB . 12.80 -10.55 31.97
C48 PCW FB . 13.60 -10.92 30.72
N PCW FB . 16.91 5.32 44.48
O2 PCW FB . 12.16 -0.84 44.63
O3 PCW FB . 9.93 -1.39 42.92
O11 PCW FB . 7.72 -0.90 43.20
O31 PCW FB . 13.12 0.22 42.79
O1P PCW FB . 15.10 1.88 44.49
O2P PCW FB . 13.26 3.06 43.28
O3P PCW FB . 12.75 1.73 45.43
O4P PCW FB . 13.90 3.88 45.43
P PCW FB . 13.80 2.62 44.58
C1 PCW GB . 23.35 6.56 34.36
C2 PCW GB . 23.98 5.39 33.50
C3 PCW GB . 24.10 5.83 32.00
C4 PCW GB . 27.20 9.19 35.26
C5 PCW GB . 27.87 7.84 34.96
C6 PCW GB . 29.66 8.83 33.45
C7 PCW GB . 29.93 6.58 34.37
C8 PCW GB . 28.64 7.17 33.19
C11 PCW GB . 25.98 4.88 30.84
C12 PCW GB . 26.38 3.68 30.03
C13 PCW GB . 27.86 3.31 30.39
C14 PCW GB . 28.43 2.08 29.65
C15 PCW GB . 27.92 0.70 30.14
C16 PCW GB . 28.99 -0.42 29.86
C17 PCW GB . 29.28 -0.78 28.36
C18 PCW GB . 28.80 -2.18 27.98
C19 PCW GB . 27.35 -2.18 27.42
C20 PCW GB . 27.10 -2.10 26.05
C21 PCW GB . 27.99 -1.99 24.87
C22 PCW GB . 27.21 -2.61 23.67
C23 PCW GB . 27.69 -2.26 22.24
C24 PCW GB . 26.79 -1.37 21.42
C25 PCW GB . 25.97 -1.95 20.24
C26 PCW GB . 24.75 -2.79 20.61
C27 PCW GB . 24.86 -4.33 20.43
C28 PCW GB . 24.07 -5.03 21.50
C31 PCW GB . 25.40 4.17 34.94
C32 PCW GB . 26.88 3.95 35.33
C33 PCW GB . 27.68 2.87 34.44
C34 PCW GB . 26.84 1.66 34.02
C35 PCW GB . 27.70 0.40 34.38
C36 PCW GB . 26.92 -0.93 34.20
C37 PCW GB . 27.71 -2.23 34.54
C38 PCW GB . 27.93 -3.08 33.33
C39 PCW GB . 28.70 -4.34 33.63
C40 PCW GB . 28.38 -5.58 33.27
C41 PCW GB . 27.13 -5.94 32.49
C42 PCW GB . 27.58 -6.65 31.12
C43 PCW GB . 26.93 -6.20 29.83
C44 PCW GB . 27.54 -7.02 28.72
C45 PCW GB . 28.18 -6.22 27.61
C46 PCW GB . 27.32 -6.09 26.38
C47 PCW GB . 27.75 -6.88 25.16
C48 PCW GB . 26.79 -6.66 23.99
N PCW GB . 29.19 7.82 34.41
O2 PCW GB . 25.37 5.08 33.98
O3 PCW GB . 24.68 4.76 31.22
O11 PCW GB . 26.70 5.80 31.11
O31 PCW GB . 24.42 3.56 35.45
O1P PCW GB . 24.89 8.89 33.53
O2P PCW GB . 23.63 9.65 35.54
O3P PCW GB . 24.27 7.17 35.29
O4P PCW GB . 25.89 8.89 35.84
P PCW GB . 24.64 8.71 35.01
C1 PCW HB . 23.13 30.37 2.08
C2 PCW HB . 22.07 29.72 1.09
C3 PCW HB . 22.03 30.54 -0.24
C4 PCW HB . 21.00 29.43 5.34
C5 PCW HB . 19.98 30.46 5.83
C6 PCW HB . 18.78 30.21 8.08
C7 PCW HB . 20.50 31.92 7.77
C8 PCW HB . 18.87 31.80 6.92
C11 PCW HB . 21.52 29.46 -2.33
C12 PCW HB . 20.36 28.88 -3.10
C13 PCW HB . 20.88 28.39 -4.49
C14 PCW HB . 19.83 27.77 -5.40
C15 PCW HB . 19.73 26.21 -5.37
C16 PCW HB . 18.35 25.72 -5.94
C17 PCW HB . 18.04 24.20 -5.85
C18 PCW HB . 17.33 23.64 -7.08
C19 PCW HB . 18.31 23.09 -8.15
C20 PCW HB . 17.96 22.95 -9.48
C21 PCW HB . 16.71 23.26 -10.22
C22 PCW HB . 17.13 24.01 -11.51
C23 PCW HB . 16.52 23.52 -12.86
C24 PCW HB . 17.14 24.04 -14.11
C25 PCW HB . 17.55 23.09 -15.27
C26 PCW HB . 16.43 22.56 -16.14
C27 PCW HB . 16.58 22.66 -17.67
C28 PCW HB . 15.33 22.17 -18.36
C31 PCW HB . 22.03 27.41 1.61
C32 PCW HB . 22.52 26.03 1.13
C33 PCW HB . 21.54 24.80 1.45
C34 PCW HB . 20.21 24.87 0.69
C35 PCW HB . 19.43 23.56 1.09
C36 PCW HB . 18.33 23.82 2.12
C37 PCW HB . 17.50 22.58 2.57
C38 PCW HB . 16.04 22.87 2.65
C39 PCW HB . 15.22 21.68 3.07
C40 PCW HB . 14.68 20.76 2.29
C41 PCW HB . 14.79 20.74 0.77
C42 PCW HB . 13.42 21.30 0.17
C43 PCW HB . 12.26 20.34 -0.02
C44 PCW HB . 11.11 21.16 -0.59
C45 PCW HB . 10.15 20.38 -1.46
C46 PCW HB . 10.58 20.26 -2.89
C47 PCW HB . 10.96 18.87 -3.37
C48 PCW HB . 11.38 18.89 -4.85
N PCW HB . 19.88 30.74 7.24
O2 PCW HB . 22.47 28.32 0.75
O3 PCW HB . 21.06 29.94 -1.13
O11 PCW HB . 22.66 29.50 -2.70
O31 PCW HB . 21.33 27.63 2.64
O1P PCW HB . 23.74 28.49 5.35
O2P PCW HB . 24.25 30.91 5.04
O3P PCW HB . 23.71 29.43 3.01
O4P PCW HB . 22.01 30.16 4.61
P PCW HB . 23.47 29.74 4.57
C1 PCW IB . -19.32 12.34 41.26
C2 PCW IB . -19.49 10.83 40.82
C3 PCW IB . -20.80 10.68 39.96
C4 PCW IB . -14.90 14.21 42.27
C5 PCW IB . -14.67 15.64 42.76
C6 PCW IB . -14.75 16.44 45.18
C7 PCW IB . -12.60 16.07 44.06
C8 PCW IB . -13.90 17.32 43.65
C11 PCW IB . -21.96 8.59 40.14
C12 PCW IB . -21.93 7.17 39.60
C13 PCW IB . -23.37 6.80 39.10
C14 PCW IB . -23.51 5.40 38.52
C15 PCW IB . -24.94 4.78 38.58
C16 PCW IB . -24.97 3.38 37.85
C17 PCW IB . -25.46 3.37 36.36
C18 PCW IB . -26.98 3.39 36.22
C19 PCW IB . -27.54 4.77 35.79
C20 PCW IB . -27.44 5.24 34.49
C21 PCW IB . -26.85 4.68 33.25
C22 PCW IB . -27.73 3.46 32.83
C23 PCW IB . -29.11 3.76 32.19
C24 PCW IB . -29.76 2.64 31.42
C25 PCW IB . -30.03 1.26 32.09
C26 PCW IB . -29.75 0.04 31.25
C27 PCW IB . -30.83 -1.07 31.16
C28 PCW IB . -31.08 -1.43 29.72
C31 PCW IB . -17.82 9.24 40.31
C32 PCW IB . -16.66 8.94 39.34
C33 PCW IB . -17.09 8.66 37.83
C34 PCW IB . -15.92 8.31 36.91
C35 PCW IB . -16.42 8.63 35.45
C36 PCW IB . -15.34 8.39 34.37
C37 PCW IB . -15.77 8.69 32.91
C38 PCW IB . -16.83 7.75 32.45
C39 PCW IB . -17.28 8.01 31.03
C40 PCW IB . -18.31 7.48 30.40
C41 PCW IB . -19.26 6.46 31.03
C42 PCW IB . -19.51 5.28 29.97
C43 PCW IB . -18.44 4.23 29.80
C44 PCW IB . -18.94 3.26 28.75
C45 PCW IB . -18.66 1.79 29.03
C46 PCW IB . -18.67 0.93 27.80
C47 PCW IB . -17.41 0.14 27.54
C48 PCW IB . -17.53 -0.69 26.26
N PCW IB . -14.03 15.89 44.01
O2 PCW IB . -18.35 10.41 39.96
O3 PCW IB . -20.95 9.31 39.57
O11 PCW IB . -22.75 9.00 40.94
O31 PCW IB . -18.19 8.49 41.25
O1P PCW IB . -15.88 11.77 41.03
O2P PCW IB . -17.20 13.36 39.64
O3P PCW IB . -18.07 12.61 41.95
O4P PCW IB . -16.23 14.18 41.66
P PCW IB . -16.81 12.94 41.01
C1 PCW JB . -4.00 8.94 40.68
C2 PCW JB . -4.14 7.40 41.01
C3 PCW JB . -4.89 7.21 42.37
C4 PCW JB . -1.47 9.44 44.36
C5 PCW JB . -1.60 8.18 45.20
C6 PCW JB . 0.46 6.68 45.19
C7 PCW JB . -0.38 7.62 47.30
C8 PCW JB . -1.22 6.42 46.17
C11 PCW JB . -4.00 5.17 43.29
C12 PCW JB . -4.33 3.72 43.46
C13 PCW JB . -4.85 3.52 44.93
C14 PCW JB . -5.25 2.08 45.28
C15 PCW JB . -4.26 1.31 46.20
C16 PCW JB . -4.39 -0.23 46.00
C17 PCW JB . -3.87 -0.83 44.64
C18 PCW JB . -2.45 -0.41 44.30
C19 PCW JB . -1.37 -1.32 44.95
C20 PCW JB . -0.11 -1.48 44.39
C21 PCW JB . 0.52 -0.92 43.18
C22 PCW JB . 0.39 -2.00 42.06
C23 PCW JB . -0.65 -1.77 40.96
C24 PCW JB . -1.49 -2.94 40.56
C25 PCW JB . -1.65 -3.35 39.07
C26 PCW JB . -2.13 -4.77 38.81
C27 PCW JB . -1.68 -5.45 37.50
C28 PCW JB . -1.85 -6.94 37.59
C31 PCW JB . -4.53 5.52 39.60
C32 PCW JB . -5.46 4.97 38.52
C33 PCW JB . -6.32 3.68 38.93
C34 PCW JB . -7.62 3.55 38.13
C35 PCW JB . -7.62 2.07 37.56
C36 PCW JB . -6.92 1.95 36.19
C37 PCW JB . -6.88 0.53 35.56
C38 PCW JB . -6.08 -0.43 36.39
C39 PCW JB . -6.04 -1.82 35.78
C40 PCW JB . -6.97 -2.76 35.87
C41 PCW JB . -8.29 -2.60 36.60
C42 PCW JB . -8.19 -3.41 37.98
C43 PCW JB . -8.21 -4.93 37.95
C44 PCW JB . -8.11 -5.39 39.39
C45 PCW JB . -8.61 -6.79 39.66
C46 PCW JB . -9.89 -6.83 40.44
C47 PCW JB . -10.84 -7.95 40.11
C48 PCW JB . -12.11 -7.88 40.98
N PCW JB . -0.44 7.65 45.86
O2 PCW JB . -4.96 6.73 39.95
O3 PCW JB . -5.03 5.81 42.65
O11 PCW JB . -2.98 5.70 43.63
O31 PCW JB . -3.53 4.91 40.09
O1P PCW JB . -1.55 11.40 42.24
O2P PCW JB . -4.02 11.18 42.52
O3P PCW JB . -2.72 9.51 41.04
O4P PCW JB . -2.61 9.48 43.47
P PCW JB . -2.73 10.47 42.33
C1 PCW KB . -12.07 15.88 29.95
C2 PCW KB . -13.01 14.93 29.10
C3 PCW KB . -14.08 14.27 30.05
C4 PCW KB . -10.05 18.57 32.00
C5 PCW KB . -10.40 18.56 33.49
C6 PCW KB . -9.26 17.10 35.24
C7 PCW KB . -8.70 19.48 35.06
C8 PCW KB . -10.33 18.72 35.53
C11 PCW KB . -15.78 12.58 29.94
C12 PCW KB . -16.55 11.75 28.95
C13 PCW KB . -18.09 12.00 29.18
C14 PCW KB . -19.02 11.22 28.25
C15 PCW KB . -20.35 10.72 28.88
C16 PCW KB . -21.53 10.84 27.85
C17 PCW KB . -21.35 10.14 26.46
C18 PCW KB . -22.63 9.50 25.93
C19 PCW KB . -23.68 10.55 25.48
C20 PCW KB . -23.66 11.12 24.22
C21 PCW KB . -22.77 10.94 23.05
C22 PCW KB . -23.66 10.97 21.79
C23 PCW KB . -22.96 11.13 20.41
C24 PCW KB . -23.75 11.79 19.33
C25 PCW KB . -24.49 10.94 18.24
C26 PCW KB . -24.14 11.25 16.79
C27 PCW KB . -23.41 10.15 15.98
C28 PCW KB . -21.91 10.27 16.19
C31 PCW KB . -13.67 15.20 26.85
C32 PCW KB . -14.45 16.12 25.91
C33 PCW KB . -14.49 15.66 24.37
C34 PCW KB . -13.22 16.04 23.61
C35 PCW KB . -12.84 14.75 22.77
C36 PCW KB . -11.76 15.05 21.71
C37 PCW KB . -11.33 13.83 20.84
C38 PCW KB . -12.29 13.55 19.73
C39 PCW KB . -11.90 12.37 18.88
C40 PCW KB . -11.16 12.40 17.77
C41 PCW KB . -10.57 13.67 17.16
C42 PCW KB . -10.81 13.61 15.60
C43 PCW KB . -12.19 13.93 15.05
C44 PCW KB . -12.12 13.81 13.54
C45 PCW KB . -12.37 12.42 12.98
C46 PCW KB . -11.36 11.98 11.97
C47 PCW KB . -10.22 11.12 12.48
C48 PCW KB . -9.27 10.73 11.34
N PCW KB . -9.36 18.34 34.45
O2 PCW KB . -13.74 15.72 28.08
O3 PCW KB . -14.92 13.41 29.28
O11 PCW KB . -15.90 12.53 31.14
O31 PCW KB . -13.06 14.14 26.51
O1P PCW KB . -10.40 19.23 29.19
O2P PCW KB . -12.83 19.01 29.77
O3P PCW KB . -11.44 16.92 29.17
O4P PCW KB . -11.22 18.10 31.29
P PCW KB . -11.49 18.40 29.82
C1 PCW LB . -12.73 11.33 41.56
C2 PCW LB . -12.42 10.47 40.28
C3 PCW LB . -12.64 8.96 40.61
C4 PCW LB . -9.45 13.04 40.24
C5 PCW LB . -7.98 12.90 39.88
C6 PCW LB . -7.15 13.64 37.59
C7 PCW LB . -6.49 14.87 39.60
C8 PCW LB . -6.08 13.12 39.15
C11 PCW LB . -11.53 7.10 39.57
C12 PCW LB . -11.37 6.41 38.26
C13 PCW LB . -12.41 5.22 38.21
C14 PCW LB . -12.39 4.39 36.91
C15 PCW LB . -12.31 2.85 37.10
C16 PCW LB . -13.73 2.23 37.35
C17 PCW LB . -14.18 1.06 36.42
C18 PCW LB . -14.53 -0.22 37.19
C19 PCW LB . -15.62 -1.06 36.48
C20 PCW LB . -15.70 -2.44 36.62
C21 PCW LB . -14.90 -3.42 37.39
C22 PCW LB . -13.98 -4.16 36.37
C23 PCW LB . -12.49 -4.33 36.75
C24 PCW LB . -11.93 -5.72 36.68
C25 PCW LB . -10.97 -6.15 35.55
C26 PCW LB . -10.29 -7.50 35.70
C27 PCW LB . -9.00 -7.76 34.92
C28 PCW LB . -9.26 -8.70 33.76
C31 PCW LB . -13.16 12.02 38.63
C32 PCW LB . -14.21 12.23 37.52
C33 PCW LB . -13.96 11.37 36.19
C34 PCW LB . -13.78 12.23 34.93
C35 PCW LB . -15.25 12.64 34.50
C36 PCW LB . -15.37 14.16 34.23
C37 PCW LB . -16.80 14.64 33.80
C38 PCW LB . -17.52 15.34 34.92
C39 PCW LB . -18.89 15.81 34.54
C40 PCW LB . -20.06 15.34 34.97
C41 PCW LB . -20.19 14.20 35.96
C42 PCW LB . -20.63 12.89 35.16
C43 PCW LB . -20.26 11.54 35.72
C44 PCW LB . -20.80 10.49 34.76
C45 PCW LB . -20.14 9.14 34.84
C46 PCW LB . -21.02 8.00 34.41
C47 PCW LB . -21.56 7.12 35.50
C48 PCW LB . -22.44 6.00 34.92
N PCW LB . -7.37 13.87 39.02
O2 PCW LB . -13.37 10.82 39.18
O3 PCW LB . -12.36 8.16 39.44
O11 PCW LB . -11.01 6.75 40.61
O31 PCW LB . -12.26 12.85 38.94
O1P PCW LB . -11.58 13.85 42.07
O2P PCW LB . -10.04 12.91 43.79
O3P PCW LB . -11.64 11.36 42.51
O4P PCW LB . -9.65 12.34 41.50
P PCW LB . -10.72 12.69 42.50
C1 PCW MB . -12.56 26.99 19.97
C2 PCW MB . -12.44 25.63 19.19
C3 PCW MB . -13.50 24.60 19.74
C4 PCW MB . -10.09 29.72 18.98
C5 PCW MB . -8.92 30.71 19.12
C6 PCW MB . -9.00 32.58 17.37
C7 PCW MB . -8.91 33.11 19.76
C8 PCW MB . -7.63 32.24 18.74
C11 PCW MB . -13.13 22.22 19.73
C12 PCW MB . -13.03 21.05 18.78
C13 PCW MB . -14.19 20.04 19.13
C14 PCW MB . -14.23 18.79 18.25
C15 PCW MB . -14.02 17.44 18.99
C16 PCW MB . -14.63 16.25 18.16
C17 PCW MB . -16.04 15.71 18.60
C18 PCW MB . -17.10 15.85 17.50
C19 PCW MB . -18.50 15.38 17.97
C20 PCW MB . -19.14 14.29 17.39
C21 PCW MB . -18.75 13.35 16.30
C22 PCW MB . -18.27 12.04 16.99
C23 PCW MB . -16.74 11.82 17.14
C24 PCW MB . -15.95 11.62 15.88
C25 PCW MB . -14.77 10.62 15.82
C26 PCW MB . -15.11 9.20 15.44
C27 PCW MB . -14.90 8.10 16.50
C28 PCW MB . -15.42 6.78 15.98
C31 PCW MB . -11.67 26.14 17.01
C32 PCW MB . -12.14 26.31 15.56
C33 PCW MB . -12.67 24.97 14.85
C34 PCW MB . -13.80 25.22 13.84
C35 PCW MB . -15.06 24.47 14.44
C36 PCW MB . -16.36 24.74 13.63
C37 PCW MB . -17.65 24.03 14.16
C38 PCW MB . -18.68 23.85 13.08
C39 PCW MB . -19.93 23.17 13.58
C40 PCW MB . -20.67 22.30 12.90
C41 PCW MB . -20.38 21.84 11.48
C42 PCW MB . -19.94 20.31 11.55
C43 PCW MB . -18.69 19.87 10.79
C44 PCW MB . -18.52 18.37 11.03
C45 PCW MB . -17.22 17.98 11.68
C46 PCW MB . -16.96 16.50 11.67
C47 PCW MB . -16.93 15.81 13.01
C48 PCW MB . -16.65 14.31 12.87
N PCW MB . -9.11 32.08 18.76
O2 PCW MB . -12.74 25.82 17.75
O3 PCW MB . -13.37 23.36 19.02
O11 PCW MB . -13.00 22.16 20.92
O31 PCW MB . -10.49 26.29 17.43
O1P PCW MB . -12.14 29.62 21.02
O2P PCW MB . -10.27 28.83 22.46
O3P PCW MB . -11.57 27.17 21.00
O4P PCW MB . -9.97 28.78 20.08
P PCW MB . -11.00 28.66 21.19
C1 PCW NB . -2.16 20.65 23.30
C2 PCW NB . -2.82 19.81 22.13
C3 PCW NB . -2.03 18.47 21.93
C4 PCW NB . -4.52 24.99 23.69
C5 PCW NB . -5.97 24.95 24.19
C6 PCW NB . -7.21 23.38 25.77
C7 PCW NB . -5.98 25.31 26.64
C8 PCW NB . -7.46 25.31 25.54
C11 PCW NB . -2.98 16.42 21.14
C12 PCW NB . -3.60 15.80 19.90
C13 PCW NB . -4.99 15.18 20.29
C14 PCW NB . -5.75 14.51 19.15
C15 PCW NB . -5.02 13.35 18.43
C16 PCW NB . -6.00 12.17 18.13
C17 PCW NB . -6.83 12.24 16.80
C18 PCW NB . -5.97 12.11 15.55
C19 PCW NB . -6.13 10.74 14.85
C20 PCW NB . -5.52 10.45 13.64
C21 PCW NB . -4.67 11.24 12.72
C22 PCW NB . -5.57 11.75 11.56
C23 PCW NB . -4.92 11.93 10.17
C24 PCW NB . -4.60 10.68 9.41
C25 PCW NB . -5.57 10.13 8.31
C26 PCW NB . -6.18 8.77 8.58
C27 PCW NB . -7.05 8.14 7.47
C28 PCW NB . -8.47 8.62 7.60
C31 PCW NB . -5.13 20.35 22.14
C32 PCW NB . -6.52 19.83 22.57
C33 PCW NB . -7.53 19.53 21.38
C34 PCW NB . -8.84 20.32 21.49
C35 PCW NB . -9.40 20.41 20.01
C36 PCW NB . -9.05 21.74 19.32
C37 PCW NB . -9.57 21.89 17.85
C38 PCW NB . -8.57 21.43 16.85
C39 PCW NB . -9.07 21.57 15.44
C40 PCW NB . -8.64 20.91 14.36
C41 PCW NB . -7.54 19.85 14.39
C42 PCW NB . -8.09 18.52 13.71
C43 PCW NB . -7.20 17.78 12.74
C44 PCW NB . -7.98 16.58 12.25
C45 PCW NB . -7.23 15.67 11.29
C46 PCW NB . -8.13 14.79 10.47
C47 PCW NB . -7.93 14.85 8.97
C48 PCW NB . -8.91 13.90 8.26
N PCW NB . -6.24 24.46 25.50
O2 PCW NB . -4.22 19.44 22.50
O3 PCW NB . -2.65 17.71 20.88
O11 PCW NB . -2.81 15.85 22.18
O31 PCW NB . -4.91 21.45 21.56
O1P PCW NB . -2.33 23.50 25.37
O2P PCW NB . -4.23 22.79 25.14
O3P PCW NB . -3.10 21.27 24.18
O4P PCW NB . -4.14 23.61 23.42
P PCW NB . -3.07 22.87 24.21
C1 PCW OB . 17.85 0.08 42.41
C2 PCW OB . 17.61 -0.25 40.87
C3 PCW OB . 17.52 1.08 40.05
C4 PCW OB . 21.05 2.20 40.54
C5 PCW OB . 22.48 2.71 40.37
C6 PCW OB . 24.50 3.11 38.87
C7 PCW OB . 22.36 2.41 37.90
C8 PCW OB . 22.74 4.00 38.79
C11 PCW OB . 18.19 1.30 37.77
C12 PCW OB . 17.81 0.87 36.37
C13 PCW OB . 18.87 -0.18 35.88
C14 PCW OB . 18.64 -0.73 34.47
C15 PCW OB . 18.92 -2.26 34.29
C16 PCW OB . 20.46 -2.51 34.08
C17 PCW OB . 21.29 -2.96 35.34
C18 PCW OB . 22.28 -4.08 35.05
C19 PCW OB . 22.63 -4.91 36.30
C20 PCW OB . 22.62 -6.29 36.31
C21 PCW OB . 22.32 -7.30 35.25
C22 PCW OB . 20.80 -7.64 35.35
C23 PCW OB . 20.42 -9.12 35.56
C24 PCW OB . 19.54 -9.45 36.74
C25 PCW OB . 18.42 -10.52 36.63
C26 PCW OB . 17.17 -10.28 37.45
C27 PCW OB . 17.05 -11.00 38.81
C28 PCW OB . 15.85 -11.92 38.81
C31 PCW OB . 18.61 -2.35 40.45
C32 PCW OB . 19.84 -3.03 39.84
C33 PCW OB . 19.56 -3.94 38.56
C34 PCW OB . 19.19 -5.39 38.90
C35 PCW OB . 18.40 -5.94 37.64
C36 PCW OB . 16.92 -6.27 37.96
C37 PCW OB . 16.08 -6.82 36.75
C38 PCW OB . 14.91 -5.95 36.44
C39 PCW OB . 14.09 -6.47 35.28
C40 PCW OB . 13.68 -5.78 34.21
C41 PCW OB . 14.00 -4.32 33.97
C42 PCW OB . 13.31 -3.89 32.59
C43 PCW OB . 14.13 -3.09 31.59
C44 PCW OB . 13.23 -2.83 30.39
C45 PCW OB . 13.84 -3.19 29.06
C46 PCW OB . 13.00 -4.16 28.26
C47 PCW OB . 12.26 -3.57 27.08
C48 PCW OB . 11.44 -4.65 26.35
N PCW OB . 23.15 2.58 39.11
O2 PCW OB . 18.75 -1.03 40.33
O3 PCW OB . 17.31 0.78 38.66
O11 PCW OB . 19.14 2.00 38.03
O31 PCW OB . 17.64 -2.96 40.98
O1P PCW OB . 18.92 2.59 42.48
O2P PCW OB . 20.66 1.79 44.10
O3P PCW OB . 19.24 0.09 42.79
O4P PCW OB . 21.01 1.40 41.76
P PCW OB . 19.94 1.54 42.82
C1 PCW PB . 10.10 40.00 -4.65
C2 PCW PB . 11.32 39.53 -5.55
C3 PCW PB . 12.24 38.57 -4.74
C4 PCW PB . 10.54 43.51 -6.96
C5 PCW PB . 12.04 43.63 -7.21
C6 PCW PB . 13.91 43.76 -8.72
C7 PCW PB . 12.55 45.64 -8.43
C8 PCW PB . 11.70 43.91 -9.65
C11 PCW PB . 14.48 38.87 -5.54
C12 PCW PB . 15.49 38.24 -6.46
C13 PCW PB . 15.38 38.96 -7.86
C14 PCW PB . 16.35 38.43 -8.93
C15 PCW PB . 16.09 38.92 -10.38
C16 PCW PB . 17.29 39.81 -10.89
C17 PCW PB . 18.32 39.14 -11.86
C18 PCW PB . 19.65 38.81 -11.19
C19 PCW PB . 20.82 38.67 -12.19
C20 PCW PB . 21.14 37.47 -12.80
C21 PCW PB . 20.55 36.11 -12.70
C22 PCW PB . 20.33 35.61 -14.16
C23 PCW PB . 18.88 35.25 -14.57
C24 PCW PB . 18.67 34.80 -16.00
C25 PCW PB . 19.31 33.47 -16.51
C26 PCW PB . 18.79 32.97 -17.85
C27 PCW PB . 19.83 32.50 -18.90
C28 PCW PB . 19.14 32.01 -20.13
C31 PCW PB . 11.10 39.31 -7.91
C32 PCW PB . 10.51 38.40 -9.01
C33 PCW PB . 9.40 39.09 -9.93
C34 PCW PB . 8.49 38.09 -10.65
C35 PCW PB . 8.59 38.45 -12.18
C36 PCW PB . 7.49 37.75 -13.03
C37 PCW PB . 7.54 38.05 -14.56
C38 PCW PB . 8.41 37.09 -15.30
C39 PCW PB . 8.46 37.37 -16.78
C40 PCW PB . 7.84 36.68 -17.74
C41 PCW PB . 6.97 35.46 -17.49
C42 PCW PB . 7.82 34.16 -17.82
C43 PCW PB . 7.14 32.81 -17.72
C44 PCW PB . 8.19 31.76 -18.08
C45 PCW PB . 8.19 30.54 -17.20
C46 PCW PB . 9.47 29.76 -17.25
C47 PCW PB . 9.55 28.51 -16.40
C48 PCW PB . 10.91 27.82 -16.54
N PCW PB . 12.53 44.20 -8.44
O2 PCW PB . 10.80 38.77 -6.73
O3 PCW PB . 13.34 38.15 -5.56
O11 PCW PB . 14.67 39.87 -4.88
O31 PCW PB . 11.75 40.38 -8.11
O1P PCW PB . 7.86 42.81 -6.00
O2P PCW PB . 9.02 42.70 -3.78
O3P PCW PB . 9.06 40.68 -5.38
O4P PCW PB . 10.38 42.69 -5.77
P PCW PB . 9.02 42.28 -5.20
C1 PCW QB . 5.24 36.41 4.61
C2 PCW QB . 4.48 35.12 5.11
C3 PCW QB . 4.23 35.22 6.66
C4 PCW QB . 3.21 38.45 0.61
C5 PCW QB . 3.58 39.50 -0.43
C6 PCW QB . 1.79 40.43 -1.76
C7 PCW QB . 3.46 41.83 -0.95
C8 PCW QB . 1.94 41.06 0.56
C11 PCW QB . 3.21 33.94 8.42
C12 PCW QB . 2.52 32.63 8.67
C13 PCW QB . 1.10 32.94 9.29
C14 PCW QB . 0.26 31.70 9.61
C15 PCW QB . -0.64 31.18 8.46
C16 PCW QB . -2.12 30.95 8.97
C17 PCW QB . -2.34 29.77 9.98
C18 PCW QB . -3.43 28.79 9.54
C19 PCW QB . -4.85 29.24 9.95
C20 PCW QB . -5.90 29.33 9.04
C21 PCW QB . -5.98 29.07 7.59
C22 PCW QB . -7.49 28.81 7.26
C23 PCW QB . -7.87 27.47 6.58
C24 PCW QB . -7.13 27.12 5.32
C25 PCW QB . -7.86 26.47 4.11
C26 PCW QB . -7.03 25.59 3.21
C27 PCW QB . -6.55 24.22 3.75
C28 PCW QB . -7.49 23.13 3.30
C31 PCW QB . 3.10 34.15 3.46
C32 PCW QB . 1.67 34.16 2.87
C33 PCW QB . 1.18 32.78 2.23
C34 PCW QB . 1.38 32.71 0.72
C35 PCW QB . 0.22 31.77 0.18
C36 PCW QB . 0.69 30.83 -0.94
C37 PCW QB . -0.40 29.87 -1.51
C38 PCW QB . -0.85 28.87 -0.50
C39 PCW QB . -1.89 27.93 -1.02
C40 PCW QB . -2.55 27.00 -0.34
C41 PCW QB . -2.33 26.72 1.13
C42 PCW QB . -1.50 25.36 1.27
C43 PCW QB . 0.00 25.44 1.51
C44 PCW QB . 0.51 24.02 1.58
C45 PCW QB . 1.13 23.47 0.33
C46 PCW QB . 0.28 22.43 -0.35
C47 PCW QB . 0.88 21.76 -1.56
C48 PCW QB . -0.09 20.72 -2.15
N PCW QB . 2.73 40.64 -0.64
O2 PCW QB . 3.15 35.03 4.45
O3 PCW QB . 3.55 34.03 7.10
O11 PCW QB . 3.45 34.77 9.25
O31 PCW QB . 4.06 33.43 3.04
O1P PCW QB . 2.61 37.77 3.37
O2P PCW QB . 4.56 39.25 3.84
O3P PCW QB . 4.94 36.78 3.24
O4P PCW QB . 4.27 38.44 1.60
P PCW QB . 4.04 38.10 3.06
C1 PCW RB . -5.21 27.81 17.36
C2 PCW RB . -4.67 26.96 16.15
C3 PCW RB . -3.75 25.80 16.69
C4 PCW RB . -4.77 31.70 14.64
C5 PCW RB . -6.08 31.53 13.85
C6 PCW RB . -5.23 32.52 11.66
C7 PCW RB . -7.20 31.08 11.69
C8 PCW RB . -7.00 32.73 12.48
C11 PCW RB . -2.81 23.76 15.84
C12 PCW RB . -2.32 23.13 14.57
C13 PCW RB . -3.45 22.17 14.04
C14 PCW RB . -3.11 21.44 12.73
C15 PCW RB . -3.82 20.06 12.52
C16 PCW RB . -2.76 18.91 12.39
C17 PCW RB . -2.30 18.19 13.71
C18 PCW RB . -3.30 17.17 14.23
C19 PCW RB . -3.36 17.10 15.76
C20 PCW RB . -2.46 16.35 16.52
C21 PCW RB . -1.32 15.50 16.14
C22 PCW RB . -0.54 15.18 17.44
C23 PCW RB . -0.27 13.70 17.76
C24 PCW RB . 0.99 13.10 17.21
C25 PCW RB . 1.01 12.39 15.82
C26 PCW RB . 2.34 12.41 15.08
C27 PCW RB . 2.57 11.34 14.00
C28 PCW RB . 3.12 11.98 12.75
C31 PCW RB . -6.34 27.07 14.46
C32 PCW RB . -7.50 26.28 13.83
C33 PCW RB . -7.11 25.48 12.49
C34 PCW RB . -7.99 24.25 12.25
C35 PCW RB . -7.01 23.09 11.84
C36 PCW RB . -6.88 22.92 10.31
C37 PCW RB . -5.90 21.80 9.84
C38 PCW RB . -5.51 21.94 8.41
C39 PCW RB . -4.57 20.86 7.95
C40 PCW RB . -3.79 20.86 6.87
C41 PCW RB . -3.72 22.01 5.89
C42 PCW RB . -4.02 21.43 4.43
C43 PCW RB . -2.86 21.23 3.47
C44 PCW RB . -3.44 20.67 2.19
C45 PCW RB . -3.29 21.57 0.97
C46 PCW RB . -4.58 22.24 0.57
C47 PCW RB . -4.43 23.61 -0.07
C48 PCW RB . -5.81 24.19 -0.42
N PCW RB . -6.06 31.57 12.43
O2 PCW RB . -5.80 26.32 15.43
O3 PCW RB . -3.25 25.02 15.58
O11 PCW RB . -2.80 23.24 16.93
O31 PCW RB . -5.99 28.25 14.14
O1P PCW RB . -4.62 31.42 17.54
O2P PCW RB . -3.04 29.57 16.98
O3P PCW RB . -5.59 29.16 16.99
O4P PCW RB . -4.47 30.41 15.23
P PCW RB . -4.37 30.18 16.73
C1 PCW SB . 16.27 14.00 28.00
C2 PCW SB . 14.99 13.14 27.66
C3 PCW SB . 15.22 12.35 26.33
C4 PCW SB . 16.79 18.43 27.05
C5 PCW SB . 17.36 19.58 27.88
C6 PCW SB . 19.75 20.12 27.13
C7 PCW SB . 18.06 21.89 27.28
C8 PCW SB . 18.75 20.86 28.66
C11 PCW SB . 13.98 10.95 24.83
C12 PCW SB . 12.69 10.18 24.73
C13 PCW SB . 13.01 8.65 24.94
C14 PCW SB . 11.80 7.72 24.88
C15 PCW SB . 12.05 6.35 24.18
C16 PCW SB . 11.62 5.16 25.11
C17 PCW SB . 10.29 4.41 24.75
C18 PCW SB . 10.45 3.44 23.58
C19 PCW SB . 9.21 2.53 23.40
C20 PCW SB . 9.17 1.52 22.44
C21 PCW SB . 10.15 1.05 21.43
C22 PCW SB . 9.45 -0.06 20.60
C23 PCW SB . 9.41 0.11 19.05
C24 PCW SB . 9.76 -1.09 18.23
C25 PCW SB . 8.73 -1.74 17.25
C26 PCW SB . 7.46 -2.29 17.88
C27 PCW SB . 7.46 -3.78 18.30
C28 PCW SB . 7.09 -3.91 19.75
C31 PCW SB . 14.00 12.57 29.74
C32 PCW SB . 13.83 11.43 30.74
C33 PCW SB . 12.32 10.89 30.91
C34 PCW SB . 12.25 9.40 31.28
C35 PCW SB . 12.39 8.61 29.91
C36 PCW SB . 13.61 7.66 29.91
C37 PCW SB . 13.82 6.84 28.60
C38 PCW SB . 15.19 7.04 28.04
C39 PCW SB . 15.43 6.25 26.77
C40 PCW SB . 16.56 5.66 26.39
C41 PCW SB . 17.83 5.67 27.21
C42 PCW SB . 19.00 5.04 26.31
C43 PCW SB . 19.95 4.06 26.97
C44 PCW SB . 20.94 3.64 25.90
C45 PCW SB . 21.00 2.15 25.64
C46 PCW SB . 20.69 1.77 24.22
C47 PCW SB . 19.28 1.29 23.96
C48 PCW SB . 19.09 0.94 22.47
N PCW SB . 18.32 20.47 27.29
O2 PCW SB . 14.75 12.13 28.73
O3 PCW SB . 14.05 11.57 26.03
O11 PCW SB . 14.82 11.01 23.97
O31 PCW SB . 13.51 13.74 29.86
O1P PCW SB . 15.64 15.97 26.12
O2P PCW SB . 13.84 16.52 27.75
O3P PCW SB . 15.97 15.31 28.55
O4P PCW SB . 15.93 17.67 27.93
P PCW SB . 15.29 16.36 27.53
C1 PCW TB . 9.76 19.87 28.36
C2 PCW TB . 9.19 18.40 28.22
C3 PCW TB . 7.69 18.44 27.81
C4 PCW TB . 12.36 17.46 30.13
C5 PCW TB . 11.66 16.80 31.31
C6 PCW TB . 10.75 14.42 31.19
C7 PCW TB . 12.71 14.92 32.56
C8 PCW TB . 10.98 15.54 32.78
C11 PCW TB . 6.40 16.62 28.68
C12 PCW TB . 6.03 15.19 28.39
C13 PCW TB . 5.24 15.15 27.03
C14 PCW TB . 4.79 13.76 26.58
C15 PCW TB . 4.69 13.55 25.03
C16 PCW TB . 3.73 12.36 24.70
C17 PCW TB . 2.19 12.66 24.72
C18 PCW TB . 1.39 11.87 23.68
C19 PCW TB . 1.39 12.56 22.30
C20 PCW TB . 1.50 11.83 21.11
C21 PCW TB . 1.66 10.38 20.83
C22 PCW TB . 2.02 10.25 19.33
C23 PCW TB . 2.05 8.83 18.72
C24 PCW TB . 1.72 8.69 17.27
C25 PCW TB . 0.24 8.58 16.78
C26 PCW TB . 0.02 8.11 15.37
C27 PCW TB . -1.16 8.69 14.58
C28 PCW TB . -0.69 9.25 13.26
C31 PCW TB . 10.30 16.43 27.48
C32 PCW TB . 11.03 15.82 26.28
C33 PCW TB . 10.36 14.50 25.67
C34 PCW TB . 10.69 13.24 26.46
C35 PCW TB . 9.33 12.44 26.57
C36 PCW TB . 9.13 11.45 25.40
C37 PCW TB . 7.81 10.63 25.44
C38 PCW TB . 8.01 9.23 24.99
C39 PCW TB . 6.74 8.42 25.02
C40 PCW TB . 6.50 7.31 25.72
C41 PCW TB . 7.52 6.65 26.63
C42 PCW TB . 6.81 6.32 28.02
C43 PCW TB . 6.37 4.90 28.30
C44 PCW TB . 5.72 4.89 29.68
C45 PCW TB . 4.22 4.89 29.68
C46 PCW TB . 3.61 5.43 30.94
C47 PCW TB . 2.77 6.68 30.81
C48 PCW TB . 2.22 7.12 32.16
N PCW TB . 11.80 15.39 31.54
O2 PCW TB . 9.93 17.67 27.15
O3 PCW TB . 7.21 17.09 27.69
O11 PCW TB . 6.06 17.23 29.65
O31 PCW TB . 10.11 15.88 28.60
O1P PCW TB . 13.55 19.49 28.37
O2P PCW TB . 12.39 21.04 29.92
O3P PCW TB . 11.13 20.01 27.92
O4P PCW TB . 11.70 18.74 29.95
P PCW TB . 12.26 19.84 29.05
C1 PCW UB . 25.64 15.06 27.78
C2 PCW UB . 24.27 14.33 27.51
C3 PCW UB . 23.41 15.16 26.50
C4 PCW UB . 25.70 12.35 31.07
C5 PCW UB . 24.55 12.46 32.06
C6 PCW UB . 22.14 13.12 31.53
C7 PCW UB . 22.74 10.77 31.85
C8 PCW UB . 22.81 12.13 33.10
C11 PCW UB . 21.07 14.83 27.01
C12 PCW UB . 19.90 13.98 26.60
C13 PCW UB . 20.22 12.48 26.99
C14 PCW UB . 19.12 11.48 26.64
C15 PCW UB . 19.19 10.87 25.21
C16 PCW UB . 18.74 9.37 25.21
C17 PCW UB . 17.83 8.89 24.03
C18 PCW UB . 18.53 8.89 22.68
C19 PCW UB . 19.47 7.67 22.49
C20 PCW UB . 19.12 6.58 21.72
C21 PCW UB . 17.89 6.25 20.95
C22 PCW UB . 17.65 4.72 21.13
C23 PCW UB . 16.18 4.23 21.24
C24 PCW UB . 15.91 3.15 22.24
C25 PCW UB . 14.60 3.13 23.07
C26 PCW UB . 14.37 1.91 23.94
C27 PCW UB . 13.50 0.78 23.38
C28 PCW UB . 13.17 -0.22 24.47
C31 PCW UB . 24.10 11.96 27.62
C32 PCW UB . 24.42 10.68 26.84
C33 PCW UB . 23.51 10.43 25.53
C34 PCW UB . 23.96 11.27 24.33
C35 PCW UB . 22.82 11.07 23.25
C36 PCW UB . 22.70 12.29 22.31
C37 PCW UB . 21.59 12.18 21.21
C38 PCW UB . 21.65 13.31 20.24
C39 PCW UB . 20.61 13.22 19.16
C40 PCW UB . 20.78 12.86 17.89
C41 PCW UB . 22.13 12.46 17.30
C42 PCW UB . 21.87 11.47 16.08
C43 PCW UB . 23.04 10.72 15.48
C44 PCW UB . 22.49 9.87 14.35
C45 PCW UB . 23.11 8.50 14.24
C46 PCW UB . 23.61 8.17 12.85
C47 PCW UB . 24.15 6.78 12.64
C48 PCW UB . 24.61 6.58 11.19
N PCW UB . 23.22 12.11 31.66
O2 PCW UB . 24.51 13.00 26.89
O3 PCW UB . 22.16 14.48 26.26
O11 PCW UB . 21.07 15.67 27.88
O31 PCW UB . 23.55 12.02 28.77
O1P PCW UB . 28.22 13.28 29.99
O2P PCW UB . 27.20 15.54 30.33
O3P PCW UB . 26.71 14.18 28.19
O4P PCW UB . 25.76 13.62 30.36
P PCW UB . 27.04 14.17 29.76
C1 PCW VB . 32.30 18.61 23.76
C2 PCW VB . 31.68 17.40 22.95
C3 PCW VB . 30.12 17.39 23.09
C4 PCW VB . 30.22 21.27 20.54
C5 PCW VB . 28.91 20.56 20.24
C6 PCW VB . 27.36 22.58 20.04
C7 PCW VB . 26.92 20.56 18.74
C8 PCW VB . 26.90 20.74 20.58
C11 PCW VB . 28.54 16.54 21.50
C12 PCW VB . 28.12 15.26 20.83
C13 PCW VB . 26.64 14.93 21.26
C14 PCW VB . 26.05 13.64 20.66
C15 PCW VB . 25.42 13.80 19.24
C16 PCW VB . 26.13 12.83 18.22
C17 PCW VB . 27.20 13.48 17.26
C18 PCW VB . 26.69 13.69 15.84
C19 PCW VB . 26.54 15.17 15.46
C20 PCW VB . 25.31 15.80 15.38
C21 PCW VB . 23.92 15.32 15.59
C22 PCW VB . 22.99 16.25 14.76
C23 PCW VB . 22.10 17.25 15.53
C24 PCW VB . 21.61 18.45 14.77
C25 PCW VB . 22.50 19.70 14.56
C26 PCW VB . 23.22 19.81 13.23
C27 PCW VB . 22.44 20.43 12.05
C28 PCW VB . 22.51 19.53 10.84
C31 PCW VB . 33.05 16.84 21.10
C32 PCW VB . 33.25 17.12 19.61
C33 PCW VB . 33.67 15.85 18.73
C34 PCW VB . 32.72 15.57 17.56
C35 PCW VB . 31.42 14.96 18.22
C36 PCW VB . 31.62 13.51 18.71
C37 PCW VB . 30.37 12.85 19.37
C38 PCW VB . 30.76 11.82 20.38
C39 PCW VB . 29.56 11.18 21.04
C40 PCW VB . 28.73 10.28 20.50
C41 PCW VB . 28.84 9.76 19.08
C42 PCW VB . 28.07 8.36 19.00
C43 PCW VB . 28.02 7.64 17.67
C44 PCW VB . 27.23 6.36 17.90
C45 PCW VB . 27.95 5.08 17.51
C46 PCW VB . 27.42 3.86 18.22
C47 PCW VB . 26.97 2.71 17.34
C48 PCW VB . 26.46 1.53 18.19
N PCW VB . 27.86 21.28 19.57
O2 PCW VB . 32.00 17.56 21.51
O3 PCW VB . 29.57 16.29 22.35
O11 PCW VB . 28.04 17.62 21.33
O31 PCW VB . 33.76 16.08 21.83
O1P PCW VB . 32.28 22.10 22.42
O2P PCW VB . 33.45 20.06 21.59
O3P PCW VB . 31.70 19.89 23.47
O4P PCW VB . 31.10 20.28 21.14
P PCW VB . 32.20 20.63 22.13
C1 PCW WB . -18.16 30.14 18.41
C2 PCW WB . -18.00 28.59 18.25
C3 PCW WB . -18.49 27.86 19.55
C4 PCW WB . -15.87 31.46 15.17
C5 PCW WB . -14.97 32.49 14.48
C6 PCW WB . -14.63 34.43 13.07
C7 PCW WB . -15.71 34.68 15.11
C8 PCW WB . -16.88 33.67 13.43
C11 PCW WB . -17.20 25.86 19.87
C12 PCW WB . -17.25 24.38 19.61
C13 PCW WB . -16.78 24.12 18.14
C14 PCW WB . -16.76 22.65 17.71
C15 PCW WB . -18.13 22.07 17.28
C16 PCW WB . -18.05 20.50 17.11
C17 PCW WB . -18.09 19.95 15.64
C18 PCW WB . -16.89 19.06 15.29
C19 PCW WB . -15.72 19.86 14.69
C20 PCW WB . -14.50 19.27 14.37
C21 PCW WB . -14.00 17.88 14.48
C22 PCW WB . -12.76 17.77 13.56
C23 PCW WB . -12.97 17.23 12.13
C24 PCW WB . -11.91 17.55 11.12
C25 PCW WB . -11.61 16.56 9.95
C26 PCW WB . -12.22 16.91 8.61
C27 PCW WB . -11.38 17.71 7.60
C28 PCW WB . -10.97 16.83 6.44
C31 PCW WB . -18.32 28.24 15.92
C32 PCW WB . -19.32 27.70 14.88
C33 PCW WB . -18.85 27.82 13.35
C34 PCW WB . -18.92 29.24 12.80
C35 PCW WB . -19.76 29.13 11.46
C36 PCW WB . -18.87 28.89 10.22
C37 PCW WB . -19.64 28.78 8.87
C38 PCW WB . -19.39 27.47 8.20
C39 PCW WB . -20.12 27.33 6.89
C40 PCW WB . -20.52 26.20 6.30
C41 PCW WB . -20.29 24.81 6.89
C42 PCW WB . -21.71 24.17 7.21
C43 PCW WB . -22.08 22.86 6.57
C44 PCW WB . -23.46 22.49 7.05
C45 PCW WB . -24.53 22.46 5.99
C46 PCW WB . -25.91 22.18 6.52
C47 PCW WB . -26.92 21.68 5.52
C48 PCW WB . -28.29 21.43 6.18
N PCW WB . -15.52 33.75 14.03
O2 PCW WB . -18.86 28.10 17.13
O3 PCW WB . -18.35 26.44 19.40
O11 PCW WB . -16.30 26.45 20.41
O31 PCW WB . -17.19 28.75 15.67
O1P PCW WB . -17.98 32.43 16.90
O2P PCW WB . -16.06 33.26 18.26
O3P PCW WB . -16.89 30.83 18.54
O4P PCW WB . -15.63 31.60 16.60
P PCW WB . -16.68 32.10 17.56
C1 17F XB . 34.11 17.04 9.43
N1 17F XB . 34.89 16.56 11.75
O1 17F XB . 36.60 16.45 7.99
P1 17F XB . 35.55 17.33 7.36
C2 17F XB . 34.69 17.58 10.75
O2 17F XB . 36.03 18.56 6.63
C3 17F XB . 33.75 18.66 11.32
O3 17F XB . 34.50 17.84 8.37
C4 17F XB . 33.62 17.17 5.58
O4 17F XB . 33.26 18.60 12.51
C5 17F XB . 32.89 16.23 4.57
O5 17F XB . 33.43 19.65 10.65
C6 17F XB . 33.93 15.48 3.71
O6 17F XB . 34.68 16.53 6.30
C7 17F XB . 34.04 13.69 2.22
O7 17F XB . 33.31 14.60 2.78
C8 17F XB . 33.14 12.89 1.24
O8 17F XB . 35.21 13.41 2.34
C9 17F XB . 33.03 11.38 1.59
O9 17F XB . 32.00 15.32 5.23
C10 17F XB . 32.13 10.52 0.62
O10 17F XB . 30.09 16.58 4.94
C11 17F XB . 32.85 10.09 -0.72
C12 17F XB . 31.90 9.24 -1.65
C17 17F XB . 30.74 15.52 4.91
C18 17F XB . 30.05 14.26 4.46
C19 17F XB . 29.98 14.04 2.92
C20 17F XB . 28.50 14.04 2.39
C1X 17F XB . 32.65 8.84 -2.94
C1Y 17F XB . 28.48 13.84 0.85
C1Z 17F XB . 27.60 12.63 0.48
C2X 17F XB . 31.72 7.97 -3.92
C21 17F XB . 32.43 7.68 -5.28
C22 17F XB . 32.56 6.51 -5.80
C23 17F XB . 32.09 5.23 -5.24
C24 17F XB . 30.94 4.57 -6.00
C25 17F XB . 30.44 3.25 -5.46
C26 17F XB . 28.86 3.01 -5.60
C27 17F XB . 28.37 1.68 -5.06
C28 17F XB . 26.81 1.64 -5.28
C29 17F XB . 26.15 2.05 -4.03
C30 17F XB . 24.65 2.05 -4.08
C31 17F XB . 26.14 12.95 0.03
C32 17F XB . 25.28 11.71 -0.34
C33 17F XB . 24.49 12.02 -1.61
C34 17F XB . 23.65 11.17 -2.19
C35 17F XB . 23.31 9.76 -1.75
C36 17F XB . 21.99 9.66 -0.91
C37 17F XB . 20.96 8.96 -1.73
C38 17F XB . 19.84 9.87 -2.29
C39 17F XB . 18.82 9.07 -3.11
C40 17F XB . 17.39 9.27 -2.58
C41 17F XB . 16.42 8.15 -3.12
C42 17F XB . 14.92 8.29 -2.87
C1 17F YB . 12.23 30.33 18.05
N1 17F YB . 12.14 28.99 20.17
O1 17F YB . 14.57 30.01 15.31
P1 17F YB . 13.13 29.91 15.72
C2 17F YB . 12.70 30.16 19.51
O2 17F YB . 12.27 31.13 15.50
C3 17F YB . 12.35 31.42 20.31
O3 17F YB . 12.96 29.51 17.20
C4 17F YB . 11.01 28.45 15.16
O4 17F YB . 11.66 31.38 21.39
C5 17F YB . 10.48 27.26 14.30
O5 17F YB . 12.74 32.53 19.93
C6 17F YB . 10.26 27.72 12.84
O6 17F YB . 12.38 28.74 14.94
C7 17F YB . 9.42 26.91 10.81
O7 17F YB . 9.78 26.65 12.03
C8 17F YB . 8.97 25.58 10.16
O8 17F YB . 9.43 27.95 10.18
C9 17F YB . 10.13 24.56 9.99
O9 17F YB . 11.35 26.12 14.36
C10 17F YB . 9.75 23.18 9.34
O10 17F YB . 10.71 24.96 16.25
C11 17F YB . 9.76 21.96 10.35
C12 17F YB . 9.37 20.61 9.62
C17 17F YB . 10.80 25.13 15.02
C18 17F YB . 10.23 24.07 14.10
C19 17F YB . 8.67 24.08 14.01
C20 17F YB . 8.10 22.70 13.54
C1X 17F YB . 9.39 19.45 10.64
C1Y 17F YB . 6.56 22.75 13.46
C1Z 17F YB . 6.07 22.46 12.04
C2X 17F YB . 9.00 18.05 9.95
C21 17F YB . 9.15 16.86 10.95
C22 17F YB . 9.96 15.86 10.79
C23 17F YB . 10.91 15.66 9.67
C24 17F YB . 10.61 14.44 8.81
C25 17F YB . 11.54 14.17 7.65
C26 17F YB . 12.95 13.50 8.02
C27 17F YB . 13.87 13.25 6.86
C28 17F YB . 15.19 12.59 7.42
C29 17F YB . 15.29 11.21 6.90
C30 17F YB . 16.52 10.46 7.36
C31 17F YB . 5.40 23.64 11.27
C32 17F YB . 4.93 23.32 9.82
C33 17F YB . 6.08 23.59 8.85
C34 17F YB . 6.01 23.42 7.55
C35 17F YB . 4.84 22.93 6.75
C36 17F YB . 4.78 21.39 6.53
C37 17F YB . 3.59 20.84 7.21
C38 17F YB . 2.74 19.87 6.36
C39 17F YB . 1.52 19.34 7.12
C40 17F YB . 0.23 19.66 6.36
C41 17F YB . -0.14 18.48 5.37
C42 17F YB . -1.34 17.57 5.69
C1 17F ZB . 1.11 25.11 23.23
N1 17F ZB . -1.28 24.49 22.76
O1 17F ZB . 0.74 22.10 23.78
P1 17F ZB . 1.76 22.70 22.84
C2 17F ZB . -0.35 25.05 23.73
O2 17F ZB . 3.17 22.82 23.34
C3 17F ZB . -0.82 26.45 24.14
O3 17F ZB . 1.36 24.10 22.32
C4 17F ZB . 2.77 22.20 20.47
O4 17F ZB . -1.89 27.00 23.65
C5 17F ZB . 2.73 21.23 19.25
O5 17F ZB . -0.19 27.11 24.97
C6 17F ZB . 4.18 20.90 18.82
O6 17F ZB . 1.87 21.84 21.51
C7 17F ZB . 4.62 18.80 17.87
O7 17F ZB . 4.21 20.02 17.70
C8 17F ZB . 4.56 18.09 16.49
O8 17F ZB . 5.00 18.23 18.86
C9 17F ZB . 3.40 17.08 16.37
O9 17F ZB . 1.97 20.04 19.50
C10 17F ZB . 3.29 16.33 14.99
O10 17F ZB . -0.14 20.93 19.74
C11 17F ZB . 1.86 16.35 14.33
C12 17F ZB . 1.84 15.58 12.95
C17 17F ZB . 0.69 20.18 19.22
C18 17F ZB . 0.26 19.27 18.09
C19 17F ZB . -0.11 20.01 16.77
C20 17F ZB . 1.02 19.87 15.68
C1X 17F ZB . 0.43 15.63 12.35
C1Y 17F ZB . 0.62 20.61 14.38
C1Z 17F ZB . 1.25 19.95 13.16
C2X 17F ZB . 0.34 14.86 10.94
C21 17F ZB . 0.60 15.81 9.74
C22 17F ZB . 1.01 15.43 8.57
C23 17F ZB . 1.31 14.06 8.14
C24 17F ZB . 1.47 13.90 6.64
C25 17F ZB . 1.79 12.50 6.14
C26 17F ZB . 1.95 12.33 4.55
C27 17F ZB . 2.26 10.93 4.08
C28 17F ZB . 2.38 10.97 2.51
C29 17F ZB . 2.18 9.59 1.99
C30 17F ZB . 2.27 9.48 0.50
C31 17F ZB . 2.53 20.66 12.56
C32 17F ZB . 3.14 19.96 11.32
C33 17F ZB . 4.27 19.04 11.78
C34 17F ZB . 5.01 18.29 10.97
C35 17F ZB . 4.90 18.20 9.47
C36 17F ZB . 5.19 16.78 8.89
C37 17F ZB . 5.58 16.91 7.47
C38 17F ZB . 4.84 15.93 6.51
C39 17F ZB . 5.29 16.11 5.05
C40 17F ZB . 4.38 17.11 4.33
C41 17F ZB . 3.65 16.43 3.10
C42 17F ZB . 2.42 17.10 2.49
C1 17F AC . 39.22 26.43 -3.28
N1 17F AC . 39.91 27.71 -1.24
O1 17F AC . 38.04 24.87 -0.59
P1 17F AC . 38.66 24.38 -1.87
C2 17F AC . 39.47 27.80 -2.62
O2 17F AC . 39.37 23.05 -1.82
C3 17F AC . 38.20 28.65 -2.71
O3 17F AC . 39.68 25.39 -2.48
C4 17F AC . 37.91 23.76 -4.33
O4 17F AC . 37.65 29.18 -1.68
C5 17F AC . 36.69 23.68 -5.29
O5 17F AC . 37.65 28.86 -3.80
C6 17F AC . 36.43 25.07 -5.91
O6 17F AC . 37.57 24.21 -3.02
C7 17F AC . 35.41 25.76 -7.90
O7 17F AC . 35.33 25.07 -6.80
C8 17F AC . 34.09 25.59 -8.67
O8 17F AC . 36.30 26.45 -8.32
C9 17F AC . 34.21 24.60 -9.87
O9 17F AC . 36.84 22.69 -6.31
C10 17F AC . 32.90 24.38 -10.71
O10 17F AC . 34.60 22.16 -6.12
C11 17F AC . 31.91 23.32 -10.10
C12 17F AC . 30.62 23.13 -10.99
C17 17F AC . 35.77 21.92 -6.43
C18 17F AC . 36.11 20.58 -7.05
C19 17F AC . 36.42 20.63 -8.56
C20 17F AC . 35.15 20.97 -9.43
C1X 17F AC . 29.68 22.09 -10.36
C1Y 17F AC . 35.51 21.00 -10.93
C1Z 17F AC . 34.28 20.74 -11.80
C2X 17F AC . 28.34 21.88 -11.24
C21 17F AC . 27.10 22.55 -10.58
C22 17F AC . 26.17 21.92 -9.93
C23 17F AC . 26.10 20.46 -9.68
C24 17F AC . 26.59 20.03 -8.29
C25 17F AC . 26.52 18.54 -7.99
C26 17F AC . 27.05 18.10 -6.54
C27 17F AC . 26.99 16.61 -6.26
C28 17F AC . 27.55 16.38 -4.80
C29 17F AC . 27.31 14.97 -4.42
C30 17F AC . 27.79 14.62 -3.05
C31 17F AC . 33.73 19.26 -11.83
C32 17F AC . 32.48 19.03 -12.72
C33 17F AC . 31.28 18.76 -11.81
C34 17F AC . 30.05 18.52 -12.25
C35 17F AC . 29.58 18.46 -13.68
C36 17F AC . 28.10 18.01 -13.87
C37 17F AC . 28.06 16.82 -14.76
C38 17F AC . 27.62 15.51 -14.06
C39 17F AC . 27.61 14.32 -15.02
C40 17F AC . 26.17 14.01 -15.50
C41 17F AC . 26.16 12.79 -16.49
C42 17F AC . 24.97 12.61 -17.44
C1 17F BC . 5.51 9.49 42.62
N1 17F BC . 7.37 8.11 41.68
O1 17F BC . 5.19 6.72 44.13
P1 17F BC . 4.46 7.20 42.89
C2 17F BC . 6.41 9.17 41.42
O2 17F BC . 3.26 7.55 43.74
C3 17F BC . 7.14 10.43 40.96
O3 17F BC . 4.36 8.71 42.59
C4 17F BC . 2.64 6.65 41.08
O4 17F BC . 8.42 10.49 40.86
C5 17F BC . 1.61 5.58 40.59
O5 17F BC . 6.52 11.46 40.69
C6 17F BC . 2.15 4.86 39.33
O6 17F BC . 3.36 6.26 42.24
C7 17F BC . 0.37 4.20 37.96
O7 17F BC . 1.24 3.87 38.87
C8 17F BC . -0.49 2.95 37.68
O8 17F BC . 0.17 5.25 37.40
C9 17F BC . -1.56 2.68 38.76
O9 17F BC . 1.25 4.65 41.62
C10 17F BC . -2.48 1.42 38.54
O10 17F BC . -0.98 5.23 41.43
C11 17F BC . -3.30 0.99 39.82
C12 17F BC . -4.19 -0.28 39.54
C17 17F BC . -0.04 4.44 41.68
C18 17F BC . -0.37 3.04 42.13
C19 17F BC . -0.90 2.93 43.58
C20 17F BC . 0.26 2.99 44.65
C1X 17F BC . -4.96 -0.67 40.82
C1Y 17F BC . -0.31 2.89 46.08
C1Z 17F BC . 0.32 1.72 46.84
C2X 17F BC . -5.89 -1.96 40.59
C21 17F BC . -5.16 -3.30 40.96
C22 17F BC . -5.33 -3.95 42.05
C23 17F BC . -6.22 -3.60 43.17
C24 17F BC . -7.56 -4.32 43.16
C25 17F BC . -8.52 -3.99 44.29
C26 17F BC . -9.32 -5.23 44.91
C27 17F BC . -10.27 -4.90 46.04
C28 17F BC . -10.96 -6.23 46.50
C29 17F BC . -10.43 -6.61 47.83
C30 17F BC . -11.00 -7.87 48.40
C31 17F BC . -0.14 1.54 48.34
C32 17F BC . 0.51 0.35 49.08
C33 17F BC . -0.33 0.02 50.31
C34 17F BC . -0.07 -0.95 51.17
C35 17F BC . 1.10 -1.91 51.14
C36 17F BC . 0.80 -3.34 51.68
C37 17F BC . 1.82 -4.28 51.16
C38 17F BC . 2.79 -4.85 52.23
C39 17F BC . 3.81 -5.82 51.62
C40 17F BC . 4.53 -6.60 52.71
C41 17F BC . 4.01 -8.09 52.77
C42 17F BC . 5.00 -9.21 53.12
C1 17F CC . -5.80 38.21 9.51
N1 17F CC . -4.92 39.32 11.59
O1 17F CC . -6.61 35.98 12.46
P1 17F CC . -6.11 36.20 11.05
C2 17F CC . -4.98 39.36 10.14
O2 17F CC . -4.61 36.13 10.85
C3 17F CC . -5.55 40.71 9.68
O3 17F CC . -6.57 37.56 10.46
C4 17F CC . -6.38 35.13 8.67
O4 17F CC . -5.90 41.63 10.51
C5 17F CC . -7.07 34.00 7.86
O5 17F CC . -5.69 40.97 8.50
C6 17F CC . -8.48 34.46 7.41
O6 17F CC . -6.71 35.13 10.05
C7 17F CC . -9.30 33.64 5.40
O7 17F CC . -9.15 33.46 6.67
C8 17F CC . -10.07 32.43 4.82
O8 17F CC . -8.96 34.56 4.70
C9 17F CC . -9.25 31.66 3.75
O9 17F CC . -6.30 33.56 6.73
C10 17F CC . -9.96 30.41 3.10
O10 17F CC . -4.94 32.12 7.91
C11 17F CC . -10.74 29.49 4.12
C12 17F CC . -11.41 28.27 3.39
C17 17F CC . -5.15 33.02 7.09
C18 17F CC . -3.98 33.62 6.35
C19 17F CC . -3.02 32.61 5.68
C20 17F CC . -3.80 31.47 4.92
C1X 17F CC . -12.16 27.39 4.40
C1Y 17F CC . -2.81 30.47 4.27
C1Z 17F CC . -2.81 30.64 2.74
C2X 17F CC . -12.87 26.13 3.70
C21 17F CC . -14.40 26.08 3.97
C22 17F CC . -15.06 25.01 4.26
C23 17F CC . -14.52 23.66 4.42
C24 17F CC . -14.89 22.70 3.30
C25 17F CC . -14.35 21.28 3.40
C26 17F CC . -15.32 20.22 4.11
C27 17F CC . -14.77 18.82 4.20
C28 17F CC . -15.86 17.93 4.92
C29 17F CC . -15.28 17.36 6.14
C30 17F CC . -16.20 16.49 6.93
C31 17F CC . -4.19 30.43 2.02
C32 17F CC . -4.16 30.60 0.48
C33 17F CC . -5.18 31.66 0.09
C34 17F CC . -5.41 32.07 -1.16
C35 17F CC . -4.75 31.57 -2.42
C36 17F CC . -5.33 30.23 -2.97
C37 17F CC . -4.88 30.05 -4.37
C38 17F CC . -3.59 29.20 -4.55
C39 17F CC . -3.20 29.07 -6.03
C40 17F CC . -2.47 27.75 -6.28
C41 17F CC . -2.51 27.37 -7.82
C42 17F CC . -2.58 25.88 -8.21
C1 17F DC . 6.70 32.87 12.67
N1 17F DC . 8.07 31.67 14.39
O1 17F DC . 9.23 33.40 9.93
P1 17F DC . 7.83 33.08 10.40
C2 17F DC . 7.05 32.67 14.16
O2 17F DC . 6.83 34.22 10.31
C3 17F DC . 5.77 32.29 14.92
O3 17F DC . 7.79 32.56 11.87
C4 17F DC . 5.87 31.42 9.81
O4 17F DC . 5.70 31.21 15.65
C5 17F DC . 5.46 30.26 8.87
O5 17F DC . 4.77 32.99 14.87
C6 17F DC . 4.61 29.23 9.65
O6 17F DC . 7.19 31.90 9.56
C7 17F DC . 2.94 27.89 8.72
O7 17F DC . 4.20 28.15 8.82
C8 17F DC . 2.79 26.69 7.76
O8 17F DC . 1.98 28.41 9.24
C9 17F DC . 2.80 27.11 6.26
O9 17F DC . 4.76 30.72 7.69
C10 17F DC . 2.66 25.94 5.23
O10 17F DC . 6.36 29.67 6.39
C11 17F DC . 4.00 25.56 4.49
C12 17F DC . 3.81 24.38 3.48
C17 17F DC . 5.40 30.43 6.57
C18 17F DC . 4.83 31.18 5.39
C19 17F DC . 3.51 30.58 4.83
C20 17F DC . 3.76 29.67 3.57
C1X 17F DC . 5.15 24.06 2.80
C1Y 17F DC . 2.42 29.09 3.05
C1Z 17F DC . 2.52 28.73 1.57
C2X 17F DC . 5.02 22.86 1.74
C21 17F DC . 4.90 23.37 0.27
C22 17F DC . 5.91 23.61 -0.51
C23 17F DC . 7.33 23.44 -0.23
C24 17F DC . 8.13 24.74 -0.25
C25 17F DC . 9.62 24.61 0.05
C26 17F DC . 10.04 24.73 1.60
C27 17F DC . 11.52 24.61 1.86
C28 17F DC . 11.74 24.74 3.43
C29 17F DC . 13.16 25.03 3.68
C30 17F DC . 13.51 25.18 5.13
C31 17F DC . 3.60 27.66 1.17
C32 17F DC . 3.66 27.31 -0.34
C33 17F DC . 4.35 28.45 -1.10
C34 17F DC . 4.57 28.47 -2.41
C35 17F DC . 4.20 27.41 -3.41
C36 17F DC . 2.82 27.59 -4.08
C37 17F DC . 2.04 26.33 -3.97
C38 17F DC . 0.72 26.44 -3.16
C39 17F DC . -0.03 25.10 -3.09
C40 17F DC . -1.20 25.08 -4.09
C41 17F DC . -2.50 24.50 -3.41
C42 17F DC . -3.86 25.06 -3.83
C1 17F EC . 21.76 35.53 2.57
N1 17F EC . 20.63 35.53 4.81
O1 17F EC . 21.87 37.92 0.78
P1 17F EC . 20.59 37.17 1.04
C2 17F EC . 21.79 35.09 4.05
O2 17F EC . 19.33 37.99 1.12
C3 17F EC . 23.07 35.62 4.71
O3 17F EC . 20.64 36.31 2.32
C4 17F EC . 19.13 35.29 -0.09
O4 17F EC . 23.04 36.34 5.79
C5 17F EC . 19.04 34.33 -1.31
O5 17F EC . 24.18 35.38 4.26
C6 17F EC . 20.42 33.70 -1.60
O6 17F EC . 20.30 36.12 -0.11
C7 17F EC . 20.90 33.23 -3.83
O7 17F EC . 20.39 32.82 -2.71
C8 17F EC . 20.77 32.09 -4.86
O8 17F EC . 21.41 34.29 -4.12
C9 17F EC . 19.74 32.38 -5.98
O9 17F EC . 18.00 33.33 -1.16
C10 17F EC . 19.57 31.25 -7.05
O10 17F EC . 18.93 32.48 0.80
C11 17F EC . 18.11 30.70 -7.22
C12 17F EC . 18.03 29.57 -8.31
C17 17F EC . 18.30 32.39 -0.26
C18 17F EC . 17.73 31.03 -0.65
C19 17F EC . 17.58 30.80 -2.18
C20 17F EC . 16.11 31.04 -2.68
C1X 17F EC . 16.59 29.05 -8.45
C1Y 17F EC . 16.01 30.80 -4.20
C1Z 17F EC . 14.56 31.00 -4.68
C2X 17F EC . 16.47 27.90 -9.56
C21 17F EC . 16.90 28.40 -10.98
C22 17F EC . 16.17 28.29 -12.04
C23 17F EC . 14.84 27.69 -12.14
C24 17F EC . 14.61 26.86 -13.40
C25 17F EC . 13.24 26.21 -13.55
C26 17F EC . 12.91 25.02 -12.52
C27 17F EC . 11.54 24.38 -12.69
C28 17F EC . 11.42 23.25 -11.60
C29 17F EC . 11.60 21.94 -12.26
C30 17F EC . 11.51 20.75 -11.34
C31 17F EC . 14.01 29.94 -5.69
C32 17F EC . 12.55 30.16 -6.16
C33 17F EC . 11.62 29.27 -5.34
C34 17F EC . 10.31 29.21 -5.48
C35 17F EC . 9.46 29.97 -6.46
C36 17F EC . 7.98 29.51 -6.54
C37 17F EC . 7.10 30.70 -6.50
C38 17F EC . 6.63 31.22 -7.88
C39 17F EC . 5.72 32.45 -7.75
C40 17F EC . 6.32 33.66 -8.48
C41 17F EC . 5.39 34.93 -8.33
C42 17F EC . 5.97 36.31 -8.67
PG GNP FC . -24.97 -12.39 -10.72
O1G GNP FC . -24.13 -11.56 -9.80
O2G GNP FC . -25.38 -11.63 -11.97
O3G GNP FC . -24.19 -13.62 -10.95
N3B GNP FC . -26.31 -12.90 -9.97
PB GNP FC . -27.61 -13.54 -10.64
O1B GNP FC . -27.35 -14.01 -12.01
O2B GNP FC . -28.67 -12.53 -10.57
O3A GNP FC . -28.05 -14.75 -9.76
PA GNP FC . -27.61 -15.29 -8.35
O1A GNP FC . -26.21 -15.78 -8.39
O2A GNP FC . -27.99 -14.39 -7.25
O5' GNP FC . -28.48 -16.55 -8.08
C5' GNP FC . -29.93 -16.40 -7.99
C4' GNP FC . -30.57 -17.77 -7.90
O4' GNP FC . -30.44 -18.43 -9.19
C3' GNP FC . -29.96 -18.70 -6.87
O3' GNP FC . -30.98 -19.34 -6.13
C2' GNP FC . -29.09 -19.65 -7.70
O2' GNP FC . -28.89 -20.93 -7.17
C1' GNP FC . -29.79 -19.70 -9.05
N9 GNP FC . -28.87 -19.89 -10.20
C8 GNP FC . -28.24 -18.89 -10.88
N7 GNP FC . -27.48 -19.32 -11.84
C5 GNP FC . -27.61 -20.72 -11.80
C6 GNP FC . -27.01 -21.74 -12.60
O6 GNP FC . -26.24 -21.65 -13.55
N1 GNP FC . -27.39 -23.00 -12.24
C2 GNP FC . -28.25 -23.30 -11.20
N2 GNP FC . -28.48 -24.60 -11.02
N3 GNP FC . -28.81 -22.36 -10.44
C4 GNP FC . -28.46 -21.09 -10.79
MG MG GC . -21.86 -9.33 -6.95
N LEU A 3 44.14 4.89 -22.48
CA LEU A 3 45.44 5.33 -21.97
C LEU A 3 45.37 5.52 -20.45
N LYS A 4 44.47 6.40 -20.04
CA LYS A 4 44.29 6.71 -18.63
C LYS A 4 43.83 5.45 -17.88
N LEU A 5 42.87 4.75 -18.47
CA LEU A 5 42.34 3.53 -17.87
C LEU A 5 43.22 2.32 -18.17
N LEU A 6 44.37 2.56 -18.79
CA LEU A 6 45.29 1.48 -19.11
C LEU A 6 46.43 1.44 -18.10
N ASP A 7 47.07 2.58 -17.89
CA ASP A 7 48.18 2.66 -16.96
C ASP A 7 47.67 2.66 -15.52
N ASN A 8 46.62 3.44 -15.26
CA ASN A 8 46.05 3.53 -13.92
C ASN A 8 45.42 2.22 -13.48
N TRP A 9 44.96 1.42 -14.44
CA TRP A 9 44.36 0.13 -14.11
C TRP A 9 45.44 -0.83 -13.66
N ASP A 10 46.64 -0.64 -14.18
CA ASP A 10 47.78 -1.48 -13.82
C ASP A 10 48.17 -1.21 -12.38
N SER A 11 48.10 0.06 -11.98
CA SER A 11 48.43 0.45 -10.62
C SER A 11 47.47 -0.23 -9.63
N VAL A 12 46.22 -0.38 -10.04
CA VAL A 12 45.22 -1.03 -9.22
C VAL A 12 45.49 -2.53 -9.20
N THR A 13 45.78 -3.08 -10.37
CA THR A 13 46.06 -4.51 -10.50
C THR A 13 47.29 -4.93 -9.71
N SER A 14 48.35 -4.13 -9.77
CA SER A 14 49.57 -4.43 -9.03
C SER A 14 49.30 -4.40 -7.53
N THR A 15 48.50 -3.43 -7.12
CA THR A 15 48.13 -3.30 -5.72
C THR A 15 47.27 -4.48 -5.30
N PHE A 16 46.49 -5.00 -6.24
CA PHE A 16 45.63 -6.17 -5.98
C PHE A 16 46.50 -7.37 -5.63
N SER A 17 47.56 -7.57 -6.40
CA SER A 17 48.47 -8.68 -6.15
C SER A 17 49.23 -8.42 -4.86
N LYS A 18 49.59 -7.16 -4.62
CA LYS A 18 50.30 -6.78 -3.40
C LYS A 18 49.40 -7.06 -2.20
N LEU A 19 48.09 -6.90 -2.42
CA LEU A 19 47.11 -7.17 -1.38
C LEU A 19 47.07 -8.66 -1.13
N ARG A 20 47.05 -9.44 -2.21
CA ARG A 20 47.03 -10.90 -2.11
C ARG A 20 48.30 -11.42 -1.46
N GLU A 21 49.43 -10.77 -1.78
CA GLU A 21 50.72 -11.16 -1.22
C GLU A 21 50.71 -11.01 0.30
N GLN A 22 49.86 -10.12 0.79
CA GLN A 22 49.74 -9.89 2.22
C GLN A 22 48.58 -10.71 2.76
N LEU A 23 47.53 -10.84 1.96
CA LEU A 23 46.34 -11.60 2.33
C LEU A 23 46.68 -13.08 2.57
N GLY A 24 47.64 -13.59 1.81
CA GLY A 24 48.05 -14.98 1.96
C GLY A 24 48.47 -15.27 3.39
N PRO A 25 49.59 -14.69 3.85
CA PRO A 25 50.06 -14.86 5.22
C PRO A 25 49.00 -14.40 6.22
N VAL A 26 48.29 -13.31 5.87
CA VAL A 26 47.24 -12.76 6.73
C VAL A 26 46.18 -13.82 7.04
N THR A 27 45.79 -14.59 6.04
CA THR A 27 44.81 -15.64 6.22
C THR A 27 45.32 -16.67 7.22
N GLN A 28 46.60 -17.01 7.08
CA GLN A 28 47.24 -17.98 7.97
C GLN A 28 47.36 -17.40 9.37
N GLU A 29 47.77 -16.14 9.45
CA GLU A 29 47.93 -15.44 10.73
C GLU A 29 46.57 -15.28 11.40
N PHE A 30 45.55 -15.02 10.60
CA PHE A 30 44.20 -14.87 11.10
C PHE A 30 43.75 -16.19 11.70
N TRP A 31 43.88 -17.26 10.91
CA TRP A 31 43.50 -18.59 11.36
C TRP A 31 44.33 -19.00 12.57
N ASP A 32 45.62 -18.64 12.56
CA ASP A 32 46.52 -18.94 13.67
C ASP A 32 45.94 -18.39 14.96
N ASN A 33 45.62 -17.11 14.95
CA ASN A 33 45.05 -16.45 16.12
C ASN A 33 43.65 -16.98 16.42
N LEU A 34 42.84 -17.16 15.37
CA LEU A 34 41.48 -17.66 15.53
C LEU A 34 41.49 -19.07 16.12
N GLU A 35 42.44 -19.89 15.70
CA GLU A 35 42.55 -21.26 16.19
C GLU A 35 42.96 -21.24 17.66
N LYS A 36 43.87 -20.36 18.02
CA LYS A 36 44.32 -20.26 19.41
C LYS A 36 43.15 -19.80 20.27
N GLU A 37 42.34 -18.91 19.70
CA GLU A 37 41.16 -18.39 20.38
C GLU A 37 40.14 -19.50 20.56
N THR A 38 39.84 -20.21 19.47
CA THR A 38 38.88 -21.30 19.51
C THR A 38 39.41 -22.48 20.33
N GLU A 39 40.72 -22.66 20.33
CA GLU A 39 41.35 -23.72 21.09
C GLU A 39 41.05 -23.50 22.56
N GLY A 40 41.31 -22.29 23.02
CA GLY A 40 41.00 -21.95 24.39
C GLY A 40 39.51 -22.02 24.61
N LEU A 41 38.76 -21.49 23.65
CA LEU A 41 37.31 -21.50 23.69
C LEU A 41 36.74 -22.92 23.71
N ARG A 42 37.52 -23.90 23.26
CA ARG A 42 37.08 -25.28 23.27
C ARG A 42 37.04 -25.76 24.71
N GLN A 43 38.10 -25.44 25.45
CA GLN A 43 38.18 -25.79 26.86
C GLN A 43 37.14 -24.96 27.59
N GLU A 44 37.01 -23.72 27.13
CA GLU A 44 36.05 -22.77 27.69
C GLU A 44 34.64 -23.31 27.53
N MET A 45 34.28 -23.69 26.31
CA MET A 45 32.96 -24.23 26.02
C MET A 45 32.72 -25.49 26.83
N SER A 46 33.77 -26.27 27.04
CA SER A 46 33.68 -27.49 27.82
C SER A 46 33.38 -27.12 29.28
N LYS A 47 33.98 -26.02 29.74
CA LYS A 47 33.75 -25.54 31.09
C LYS A 47 32.36 -24.94 31.16
N ASP A 48 32.03 -24.11 30.17
CA ASP A 48 30.74 -23.45 30.06
C ASP A 48 29.64 -24.50 30.14
N LEU A 49 29.69 -25.47 29.24
CA LEU A 49 28.71 -26.54 29.19
C LEU A 49 28.67 -27.34 30.48
N GLU A 50 29.84 -27.62 31.04
CA GLU A 50 29.93 -28.40 32.27
C GLU A 50 29.33 -27.64 33.44
N GLU A 51 29.82 -26.44 33.67
CA GLU A 51 29.35 -25.62 34.78
C GLU A 51 27.90 -25.22 34.63
N VAL A 52 27.42 -25.17 33.39
CA VAL A 52 26.03 -24.82 33.12
C VAL A 52 25.11 -26.04 33.21
N LYS A 53 25.51 -27.14 32.58
CA LYS A 53 24.68 -28.36 32.59
C LYS A 53 24.74 -29.13 33.90
N ALA A 54 25.94 -29.31 34.45
CA ALA A 54 26.08 -30.05 35.71
C ALA A 54 25.34 -29.32 36.82
N LYS A 55 25.23 -28.01 36.67
CA LYS A 55 24.54 -27.20 37.65
C LYS A 55 23.14 -26.83 37.16
N VAL A 56 22.82 -27.20 35.93
CA VAL A 56 21.50 -26.90 35.38
C VAL A 56 20.46 -27.78 36.05
N GLN A 57 20.91 -28.95 36.52
CA GLN A 57 20.02 -29.87 37.21
C GLN A 57 19.47 -29.20 38.46
N PRO A 58 20.32 -28.78 39.43
CA PRO A 58 19.85 -28.09 40.63
C PRO A 58 19.14 -26.78 40.29
N TYR A 59 19.55 -26.14 39.18
CA TYR A 59 18.93 -24.89 38.75
C TYR A 59 17.48 -25.16 38.39
N LEU A 60 17.26 -26.16 37.54
CA LEU A 60 15.92 -26.52 37.11
C LEU A 60 15.16 -27.22 38.22
N ASP A 61 15.86 -28.06 38.99
CA ASP A 61 15.26 -28.78 40.09
C ASP A 61 14.69 -27.82 41.12
N ASP A 62 15.49 -26.82 41.48
CA ASP A 62 15.06 -25.80 42.44
C ASP A 62 13.83 -25.09 41.90
N PHE A 63 13.92 -24.66 40.66
CA PHE A 63 12.82 -23.96 40.00
C PHE A 63 11.59 -24.86 39.90
N GLN A 64 11.81 -26.12 39.59
CA GLN A 64 10.71 -27.09 39.48
C GLN A 64 10.07 -27.36 40.83
N LYS A 65 10.91 -27.48 41.86
CA LYS A 65 10.42 -27.71 43.22
C LYS A 65 9.53 -26.55 43.63
N LYS A 66 10.02 -25.35 43.35
CA LYS A 66 9.29 -24.13 43.67
C LYS A 66 8.04 -24.01 42.82
N TRP A 67 8.19 -24.24 41.51
CA TRP A 67 7.07 -24.17 40.57
C TRP A 67 6.00 -25.19 40.93
N GLN A 68 6.41 -26.35 41.46
CA GLN A 68 5.47 -27.36 41.87
C GLN A 68 4.58 -26.79 42.96
N GLU A 69 5.21 -26.17 43.95
CA GLU A 69 4.49 -25.54 45.04
C GLU A 69 3.68 -24.37 44.52
N GLU A 70 4.29 -23.59 43.64
CA GLU A 70 3.65 -22.43 43.03
C GLU A 70 2.36 -22.84 42.32
N MET A 71 2.42 -23.95 41.59
CA MET A 71 1.26 -24.46 40.88
C MET A 71 0.23 -25.00 41.85
N GLU A 72 0.70 -25.73 42.87
CA GLU A 72 -0.18 -26.30 43.87
C GLU A 72 -0.89 -25.21 44.65
N LEU A 73 -0.12 -24.22 45.10
CA LEU A 73 -0.67 -23.09 45.84
C LEU A 73 -1.60 -22.29 44.94
N TYR A 74 -1.27 -22.27 43.65
CA TYR A 74 -2.09 -21.56 42.68
C TYR A 74 -3.44 -22.27 42.58
N ARG A 75 -3.41 -23.60 42.47
CA ARG A 75 -4.63 -24.40 42.38
C ARG A 75 -5.44 -24.25 43.66
N GLN A 76 -4.73 -24.29 44.79
CA GLN A 76 -5.33 -24.17 46.11
C GLN A 76 -6.04 -22.82 46.28
N LYS A 77 -5.62 -21.83 45.51
CA LYS A 77 -6.23 -20.51 45.57
C LYS A 77 -7.22 -20.31 44.44
N VAL A 78 -6.85 -20.76 43.24
CA VAL A 78 -7.68 -20.62 42.05
C VAL A 78 -9.09 -21.20 42.25
N GLU A 79 -9.18 -22.36 42.88
CA GLU A 79 -10.48 -22.99 43.11
C GLU A 79 -11.39 -22.09 43.97
N PRO A 80 -10.98 -21.73 45.20
CA PRO A 80 -11.77 -20.83 46.06
C PRO A 80 -11.89 -19.45 45.41
N LEU A 81 -10.88 -19.09 44.62
CA LEU A 81 -10.88 -17.82 43.90
C LEU A 81 -12.09 -17.79 42.99
N ARG A 82 -12.20 -18.81 42.15
CA ARG A 82 -13.30 -18.93 41.23
C ARG A 82 -14.61 -19.11 41.98
N ALA A 83 -14.57 -19.84 43.07
CA ALA A 83 -15.75 -20.07 43.89
C ALA A 83 -16.31 -18.73 44.39
N GLU A 84 -15.44 -17.95 45.01
CA GLU A 84 -15.83 -16.64 45.53
C GLU A 84 -16.21 -15.71 44.39
N LEU A 85 -15.45 -15.79 43.30
CA LEU A 85 -15.71 -14.96 42.13
C LEU A 85 -17.07 -15.29 41.55
N GLN A 86 -17.35 -16.58 41.39
CA GLN A 86 -18.62 -17.03 40.85
C GLN A 86 -19.76 -16.64 41.78
N GLU A 87 -19.61 -16.92 43.07
CA GLU A 87 -20.62 -16.58 44.07
C GLU A 87 -20.88 -15.09 44.07
N GLY A 88 -19.81 -14.31 44.06
CA GLY A 88 -19.92 -12.87 44.04
C GLY A 88 -20.55 -12.40 42.75
N ALA A 89 -20.11 -12.97 41.63
CA ALA A 89 -20.63 -12.62 40.32
C ALA A 89 -22.10 -13.01 40.23
N ARG A 90 -22.45 -14.12 40.88
CA ARG A 90 -23.83 -14.58 40.88
C ARG A 90 -24.73 -13.54 41.53
N GLN A 91 -24.30 -13.04 42.69
CA GLN A 91 -25.05 -12.03 43.41
C GLN A 91 -25.07 -10.73 42.63
N LYS A 92 -23.91 -10.38 42.08
CA LYS A 92 -23.77 -9.16 41.29
C LYS A 92 -24.64 -9.22 40.04
N LEU A 93 -24.58 -10.35 39.34
CA LEU A 93 -25.37 -10.55 38.13
C LEU A 93 -26.85 -10.63 38.48
N HIS A 94 -27.14 -11.20 39.64
CA HIS A 94 -28.52 -11.33 40.10
C HIS A 94 -29.12 -9.95 40.25
N GLU A 95 -28.50 -9.15 41.12
CA GLU A 95 -28.97 -7.80 41.38
C GLU A 95 -28.94 -6.93 40.13
N LEU A 96 -27.98 -7.18 39.24
CA LEU A 96 -27.87 -6.42 38.01
C LEU A 96 -28.96 -6.80 37.01
N GLN A 97 -29.08 -8.09 36.70
CA GLN A 97 -30.09 -8.57 35.75
C GLN A 97 -31.50 -8.30 36.26
N GLU A 98 -31.70 -8.52 37.55
CA GLU A 98 -33.01 -8.29 38.16
C GLU A 98 -33.34 -6.81 38.23
N LYS A 99 -32.33 -5.98 37.98
CA LYS A 99 -32.54 -4.53 37.98
C LYS A 99 -32.69 -4.07 36.53
N LEU A 100 -31.89 -4.69 35.65
CA LEU A 100 -31.93 -4.38 34.23
C LEU A 100 -33.26 -4.78 33.61
N SER A 101 -33.99 -5.65 34.30
CA SER A 101 -35.30 -6.08 33.81
C SER A 101 -36.33 -4.96 33.96
N PRO A 102 -36.66 -4.50 35.19
CA PRO A 102 -37.63 -3.42 35.39
C PRO A 102 -37.12 -2.11 34.79
N LEU A 103 -35.83 -1.84 34.97
CA LEU A 103 -35.23 -0.62 34.42
C LEU A 103 -35.15 -0.71 32.91
N GLY A 104 -35.09 -1.94 32.39
CA GLY A 104 -35.04 -2.15 30.96
C GLY A 104 -36.38 -1.81 30.34
N GLU A 105 -37.45 -2.30 30.96
CA GLU A 105 -38.79 -2.02 30.48
C GLU A 105 -39.08 -0.54 30.65
N GLU A 106 -38.54 0.03 31.74
CA GLU A 106 -38.70 1.44 32.01
C GLU A 106 -38.01 2.23 30.91
N MET A 107 -36.80 1.80 30.57
CA MET A 107 -36.03 2.42 29.51
C MET A 107 -36.76 2.30 28.19
N ARG A 108 -37.41 1.15 27.99
CA ARG A 108 -38.18 0.91 26.77
C ARG A 108 -39.36 1.87 26.70
N ASP A 109 -40.03 2.08 27.82
CA ASP A 109 -41.17 3.00 27.86
C ASP A 109 -40.68 4.42 27.65
N ARG A 110 -39.51 4.74 28.21
CA ARG A 110 -38.92 6.05 28.05
C ARG A 110 -38.54 6.22 26.59
N ALA A 111 -38.05 5.13 25.99
CA ALA A 111 -37.68 5.13 24.58
C ALA A 111 -38.94 5.35 23.76
N ARG A 112 -40.05 4.77 24.22
CA ARG A 112 -41.32 4.93 23.55
C ARG A 112 -41.67 6.40 23.50
N ALA A 113 -41.71 7.05 24.67
CA ALA A 113 -42.02 8.47 24.76
C ALA A 113 -41.00 9.28 23.95
N HIS A 114 -39.73 8.92 24.11
CA HIS A 114 -38.64 9.59 23.41
C HIS A 114 -38.84 9.56 21.90
N VAL A 115 -39.02 8.36 21.37
CA VAL A 115 -39.19 8.15 19.93
C VAL A 115 -40.58 8.54 19.43
N ASP A 116 -41.63 8.17 20.17
CA ASP A 116 -43.00 8.49 19.75
C ASP A 116 -43.17 10.00 19.60
N ALA A 117 -42.67 10.75 20.58
CA ALA A 117 -42.74 12.19 20.54
C ALA A 117 -41.92 12.71 19.37
N LEU A 118 -40.83 12.00 19.06
CA LEU A 118 -39.97 12.38 17.95
C LEU A 118 -40.64 12.04 16.63
N ARG A 119 -41.36 10.92 16.61
CA ARG A 119 -42.08 10.49 15.41
C ARG A 119 -43.15 11.52 15.05
N THR A 120 -43.93 11.91 16.05
CA THR A 120 -44.98 12.89 15.85
C THR A 120 -44.38 14.30 15.67
N HIS A 121 -43.08 14.41 15.90
CA HIS A 121 -42.37 15.67 15.75
C HIS A 121 -41.78 15.73 14.35
N LEU A 122 -41.16 14.64 13.93
CA LEU A 122 -40.53 14.54 12.63
C LEU A 122 -41.58 14.54 11.51
N ALA A 123 -42.76 13.99 11.78
CA ALA A 123 -43.84 13.95 10.79
C ALA A 123 -44.13 15.34 10.21
N PRO A 124 -44.52 16.34 11.05
CA PRO A 124 -44.77 17.69 10.56
C PRO A 124 -43.45 18.37 10.17
N TYR A 125 -42.39 18.09 10.93
CA TYR A 125 -41.08 18.68 10.66
C TYR A 125 -40.62 18.40 9.24
N SER A 126 -40.66 17.13 8.85
CA SER A 126 -40.25 16.72 7.52
C SER A 126 -41.20 17.28 6.47
N ASP A 127 -42.49 17.28 6.79
CA ASP A 127 -43.49 17.81 5.88
C ASP A 127 -43.24 19.28 5.63
N GLU A 128 -42.97 20.01 6.70
CA GLU A 128 -42.67 21.43 6.61
C GLU A 128 -41.37 21.60 5.83
N LEU A 129 -40.42 20.69 6.07
CA LEU A 129 -39.15 20.70 5.37
C LEU A 129 -39.36 20.47 3.89
N ARG A 130 -40.34 19.62 3.56
CA ARG A 130 -40.67 19.33 2.17
C ARG A 130 -41.12 20.62 1.48
N GLN A 131 -41.99 21.36 2.17
CA GLN A 131 -42.49 22.62 1.64
C GLN A 131 -41.34 23.63 1.53
N ARG A 132 -40.43 23.56 2.50
CA ARG A 132 -39.27 24.44 2.51
C ARG A 132 -38.37 24.11 1.34
N LEU A 133 -38.13 22.82 1.14
CA LEU A 133 -37.30 22.37 0.03
C LEU A 133 -37.98 22.73 -1.28
N ALA A 134 -39.31 22.62 -1.29
CA ALA A 134 -40.09 22.96 -2.46
C ALA A 134 -39.93 24.44 -2.76
N ALA A 135 -40.09 25.27 -1.73
CA ALA A 135 -39.96 26.71 -1.87
C ALA A 135 -38.54 27.06 -2.29
N ARG A 136 -37.56 26.38 -1.69
CA ARG A 136 -36.16 26.59 -2.03
C ARG A 136 -35.97 26.29 -3.51
N LEU A 137 -36.50 25.13 -3.93
CA LEU A 137 -36.40 24.71 -5.31
C LEU A 137 -37.17 25.65 -6.23
N GLU A 138 -38.24 26.24 -5.72
CA GLU A 138 -39.04 27.19 -6.50
C GLU A 138 -38.17 28.39 -6.83
N ALA A 139 -37.47 28.88 -5.82
CA ALA A 139 -36.57 30.01 -5.98
C ALA A 139 -35.40 29.56 -6.85
N LEU A 140 -34.96 28.32 -6.63
CA LEU A 140 -33.85 27.73 -7.39
C LEU A 140 -34.23 27.52 -8.85
N LYS A 141 -35.52 27.45 -9.14
CA LYS A 141 -35.99 27.29 -10.51
C LYS A 141 -35.68 28.55 -11.28
N GLU A 142 -36.05 29.68 -10.69
CA GLU A 142 -35.81 30.98 -11.28
C GLU A 142 -34.32 31.31 -11.19
N ASN A 143 -33.75 31.03 -10.03
CA ASN A 143 -32.34 31.28 -9.76
C ASN A 143 -31.46 30.48 -10.72
N GLY A 144 -31.67 29.17 -10.74
CA GLY A 144 -30.90 28.30 -11.61
C GLY A 144 -31.20 28.55 -13.07
N GLY A 145 -32.47 28.77 -13.37
CA GLY A 145 -32.88 29.04 -14.74
C GLY A 145 -32.22 30.29 -15.27
N ALA A 146 -32.26 31.35 -14.46
CA ALA A 146 -31.64 32.61 -14.84
C ALA A 146 -30.14 32.44 -14.88
N ARG A 147 -29.59 31.75 -13.90
CA ARG A 147 -28.15 31.49 -13.84
C ARG A 147 -27.69 30.81 -15.12
N LEU A 148 -28.36 29.74 -15.49
CA LEU A 148 -28.02 28.99 -16.68
C LEU A 148 -28.18 29.85 -17.93
N ALA A 149 -29.31 30.55 -18.04
CA ALA A 149 -29.56 31.42 -19.18
C ALA A 149 -28.48 32.48 -19.28
N GLU A 150 -28.11 33.04 -18.14
CA GLU A 150 -27.08 34.05 -18.08
C GLU A 150 -25.70 33.45 -18.36
N TYR A 151 -25.49 32.23 -17.87
CA TYR A 151 -24.24 31.52 -18.09
C TYR A 151 -24.02 31.29 -19.57
N HIS A 152 -25.09 30.87 -20.26
CA HIS A 152 -25.02 30.61 -21.69
C HIS A 152 -24.74 31.91 -22.45
N ALA A 153 -25.39 32.98 -22.02
CA ALA A 153 -25.22 34.30 -22.64
C ALA A 153 -23.79 34.80 -22.43
N LYS A 154 -23.23 34.52 -21.28
CA LYS A 154 -21.87 34.94 -20.96
C LYS A 154 -20.88 34.01 -21.64
N ALA A 155 -21.31 32.78 -21.88
CA ALA A 155 -20.48 31.78 -22.54
C ALA A 155 -20.20 32.20 -23.97
N THR A 156 -21.24 32.67 -24.67
CA THR A 156 -21.09 33.12 -26.04
C THR A 156 -20.15 34.33 -26.11
N GLU A 157 -20.26 35.20 -25.12
CA GLU A 157 -19.38 36.37 -25.04
C GLU A 157 -17.96 35.92 -24.77
N HIS A 158 -17.82 34.94 -23.88
CA HIS A 158 -16.52 34.39 -23.52
C HIS A 158 -15.91 33.68 -24.73
N LEU A 159 -16.77 33.03 -25.52
CA LEU A 159 -16.33 32.32 -26.71
C LEU A 159 -15.90 33.31 -27.78
N SER A 160 -16.57 34.46 -27.83
CA SER A 160 -16.22 35.50 -28.80
C SER A 160 -14.83 36.03 -28.48
N THR A 161 -14.57 36.29 -27.20
CA THR A 161 -13.27 36.77 -26.77
C THR A 161 -12.23 35.66 -26.94
N LEU A 162 -12.68 34.41 -26.78
CA LEU A 162 -11.82 33.25 -26.93
C LEU A 162 -11.43 33.11 -28.41
N SER A 163 -12.36 33.43 -29.29
CA SER A 163 -12.11 33.37 -30.72
C SER A 163 -11.05 34.38 -31.12
N GLU A 164 -11.04 35.51 -30.41
CA GLU A 164 -10.06 36.57 -30.65
C GLU A 164 -8.67 36.09 -30.23
N LYS A 165 -8.64 34.95 -29.54
CA LYS A 165 -7.39 34.36 -29.09
C LYS A 165 -7.09 33.11 -29.93
N ALA A 166 -8.14 32.45 -30.38
CA ALA A 166 -8.03 31.25 -31.19
C ALA A 166 -7.72 31.56 -32.65
N LYS A 167 -8.02 32.78 -33.08
CA LYS A 167 -7.75 33.17 -34.45
C LYS A 167 -6.61 34.20 -34.55
N PRO A 168 -6.82 35.48 -34.15
CA PRO A 168 -5.78 36.51 -34.24
C PRO A 168 -4.55 36.15 -33.42
N ALA A 169 -4.74 35.88 -32.14
CA ALA A 169 -3.62 35.53 -31.27
C ALA A 169 -2.91 34.25 -31.71
N LEU A 170 -3.69 33.25 -32.12
CA LEU A 170 -3.13 31.97 -32.56
C LEU A 170 -2.36 32.15 -33.87
N GLU A 171 -2.95 32.87 -34.82
CA GLU A 171 -2.28 33.12 -36.09
C GLU A 171 -1.00 33.90 -35.84
N ASP A 172 -1.06 34.83 -34.92
CA ASP A 172 0.10 35.62 -34.56
C ASP A 172 1.16 34.71 -33.96
N LEU A 173 0.75 33.87 -33.02
CA LEU A 173 1.66 32.92 -32.38
C LEU A 173 2.32 32.03 -33.42
N ARG A 174 1.53 31.61 -34.40
CA ARG A 174 2.03 30.78 -35.49
C ARG A 174 3.05 31.56 -36.31
N GLN A 175 2.74 32.83 -36.58
CA GLN A 175 3.63 33.69 -37.34
C GLN A 175 4.87 34.05 -36.54
N GLY A 176 4.80 33.89 -35.24
CA GLY A 176 5.92 34.16 -34.35
C GLY A 176 6.76 32.90 -34.22
N LEU A 177 6.08 31.76 -34.06
CA LEU A 177 6.74 30.48 -33.92
C LEU A 177 7.63 30.15 -35.10
N LEU A 178 7.22 30.57 -36.29
CA LEU A 178 8.00 30.30 -37.49
C LEU A 178 9.43 30.86 -37.40
N PRO A 179 9.62 32.20 -37.30
CA PRO A 179 10.96 32.80 -37.19
C PRO A 179 11.68 32.34 -35.93
N VAL A 180 10.91 32.11 -34.86
CA VAL A 180 11.49 31.65 -33.59
C VAL A 180 12.06 30.25 -33.78
N LEU A 181 11.29 29.38 -34.44
CA LEU A 181 11.72 28.01 -34.69
C LEU A 181 12.94 28.01 -35.60
N GLU A 182 12.95 28.92 -36.57
CA GLU A 182 14.07 29.03 -37.49
C GLU A 182 15.33 29.40 -36.72
N SER A 183 15.19 30.36 -35.83
CA SER A 183 16.31 30.81 -34.99
C SER A 183 16.73 29.66 -34.08
N PHE A 184 15.74 28.92 -33.58
CA PHE A 184 15.98 27.78 -32.71
C PHE A 184 16.78 26.73 -33.48
N LYS A 185 16.39 26.50 -34.73
CA LYS A 185 17.07 25.54 -35.59
C LYS A 185 18.53 25.95 -35.75
N VAL A 186 18.75 27.20 -36.13
CA VAL A 186 20.09 27.73 -36.33
C VAL A 186 20.92 27.57 -35.06
N SER A 187 20.34 27.92 -33.92
CA SER A 187 21.03 27.82 -32.64
C SER A 187 21.33 26.36 -32.28
N PHE A 188 20.32 25.50 -32.42
CA PHE A 188 20.47 24.09 -32.10
C PHE A 188 21.46 23.40 -33.04
N LEU A 189 21.29 23.60 -34.34
CA LEU A 189 22.15 22.97 -35.34
C LEU A 189 23.62 23.34 -35.14
N SER A 190 23.88 24.58 -34.78
CA SER A 190 25.25 25.02 -34.56
C SER A 190 25.78 24.51 -33.23
N ALA A 191 24.96 24.62 -32.18
CA ALA A 191 25.34 24.16 -30.85
C ALA A 191 25.59 22.66 -30.83
N LEU A 192 24.80 21.92 -31.61
CA LEU A 192 24.95 20.47 -31.69
C LEU A 192 26.32 20.10 -32.23
N GLU A 193 26.85 20.94 -33.13
CA GLU A 193 28.16 20.70 -33.71
C GLU A 193 29.25 20.99 -32.68
N GLU A 194 29.05 22.04 -31.89
CA GLU A 194 30.01 22.39 -30.86
C GLU A 194 30.07 21.30 -29.81
N TYR A 195 28.94 20.62 -29.60
CA TYR A 195 28.83 19.53 -28.64
C TYR A 195 29.67 18.33 -29.08
N THR A 196 29.48 17.90 -30.33
CA THR A 196 30.21 16.77 -30.86
C THR A 196 31.70 17.09 -31.02
N LYS A 197 31.99 18.36 -31.29
CA LYS A 197 33.36 18.82 -31.47
C LYS A 197 34.05 19.04 -30.12
N LYS A 198 33.33 18.78 -29.05
CA LYS A 198 33.85 18.94 -27.71
C LYS A 198 34.05 17.61 -27.01
N LEU A 199 33.10 16.69 -27.22
CA LEU A 199 33.16 15.37 -26.61
C LEU A 199 34.25 14.52 -27.27
N ASN A 200 34.27 14.51 -28.59
CA ASN A 200 35.26 13.71 -29.33
C ASN A 200 34.82 12.25 -29.37
N LEU B 3 13.77 41.69 -29.97
CA LEU B 3 13.07 40.42 -30.02
C LEU B 3 11.61 40.61 -30.43
N LYS B 4 10.90 39.51 -30.64
CA LYS B 4 9.50 39.57 -31.05
C LYS B 4 8.58 39.77 -29.86
N LEU B 5 9.13 40.28 -28.76
CA LEU B 5 8.37 40.54 -27.56
C LEU B 5 7.36 41.66 -27.80
N LEU B 6 7.72 42.59 -28.68
CA LEU B 6 6.87 43.72 -29.03
C LEU B 6 5.53 43.23 -29.60
N ASP B 7 5.60 42.20 -30.44
CA ASP B 7 4.41 41.64 -31.07
C ASP B 7 3.66 40.75 -30.09
N ASN B 8 4.42 39.95 -29.34
CA ASN B 8 3.84 39.04 -28.37
C ASN B 8 3.06 39.81 -27.30
N TRP B 9 3.70 40.82 -26.71
CA TRP B 9 3.08 41.62 -25.68
C TRP B 9 1.92 42.45 -26.24
N ASP B 10 2.03 42.87 -27.50
CA ASP B 10 0.98 43.64 -28.14
C ASP B 10 -0.30 42.82 -28.20
N SER B 11 -0.14 41.53 -28.43
CA SER B 11 -1.26 40.62 -28.50
C SER B 11 -1.80 40.39 -27.09
N VAL B 12 -0.91 40.45 -26.11
CA VAL B 12 -1.28 40.28 -24.71
C VAL B 12 -2.15 41.45 -24.26
N THR B 13 -1.72 42.67 -24.59
CA THR B 13 -2.48 43.86 -24.23
C THR B 13 -3.84 43.85 -24.93
N SER B 14 -3.85 43.44 -26.19
CA SER B 14 -5.07 43.37 -26.97
C SER B 14 -6.04 42.37 -26.35
N THR B 15 -5.53 41.19 -26.01
CA THR B 15 -6.36 40.14 -25.43
C THR B 15 -6.82 40.54 -24.02
N PHE B 16 -5.96 41.27 -23.31
CA PHE B 16 -6.28 41.73 -21.97
C PHE B 16 -7.40 42.76 -22.03
N SER B 17 -7.28 43.69 -22.98
CA SER B 17 -8.28 44.73 -23.16
C SER B 17 -9.60 44.10 -23.58
N LYS B 18 -9.53 43.13 -24.50
CA LYS B 18 -10.72 42.43 -24.97
C LYS B 18 -11.34 41.63 -23.84
N LEU B 19 -10.50 41.14 -22.94
CA LEU B 19 -10.97 40.40 -21.79
C LEU B 19 -11.73 41.34 -20.87
N ARG B 20 -11.19 42.55 -20.70
CA ARG B 20 -11.83 43.56 -19.87
C ARG B 20 -13.15 43.99 -20.50
N GLU B 21 -13.18 44.02 -21.84
CA GLU B 21 -14.38 44.37 -22.58
C GLU B 21 -15.52 43.43 -22.21
N GLN B 22 -15.18 42.16 -22.07
CA GLN B 22 -16.14 41.15 -21.71
C GLN B 22 -16.38 41.14 -20.20
N LEU B 23 -15.31 41.27 -19.43
CA LEU B 23 -15.38 41.27 -17.97
C LEU B 23 -16.37 42.30 -17.45
N GLY B 24 -16.44 43.46 -18.10
CA GLY B 24 -17.36 44.50 -17.69
C GLY B 24 -18.80 44.02 -17.65
N PRO B 25 -19.45 43.83 -18.82
CA PRO B 25 -20.83 43.37 -18.90
C PRO B 25 -21.03 42.02 -18.21
N VAL B 26 -20.03 41.14 -18.30
CA VAL B 26 -20.12 39.82 -17.67
C VAL B 26 -20.24 39.94 -16.16
N THR B 27 -19.35 40.72 -15.54
CA THR B 27 -19.40 40.91 -14.10
C THR B 27 -20.62 41.72 -13.70
N GLN B 28 -21.01 42.66 -14.56
CA GLN B 28 -22.18 43.48 -14.30
C GLN B 28 -23.43 42.60 -14.30
N GLU B 29 -23.55 41.76 -15.33
CA GLU B 29 -24.66 40.84 -15.42
C GLU B 29 -24.57 39.83 -14.29
N PHE B 30 -23.32 39.50 -13.90
CA PHE B 30 -23.08 38.58 -12.81
C PHE B 30 -23.58 39.20 -11.51
N TRP B 31 -23.38 40.50 -11.37
CA TRP B 31 -23.85 41.22 -10.20
C TRP B 31 -25.37 41.24 -10.22
N ASP B 32 -25.92 41.46 -11.40
CA ASP B 32 -27.37 41.48 -11.58
C ASP B 32 -27.92 40.08 -11.32
N ASN B 33 -27.12 39.08 -11.65
CA ASN B 33 -27.48 37.69 -11.42
C ASN B 33 -27.43 37.43 -9.92
N LEU B 34 -26.42 37.99 -9.28
CA LEU B 34 -26.26 37.87 -7.84
C LEU B 34 -27.41 38.57 -7.14
N GLU B 35 -27.97 39.59 -7.81
CA GLU B 35 -29.12 40.31 -7.27
C GLU B 35 -30.31 39.37 -7.22
N LYS B 36 -30.37 38.48 -8.21
CA LYS B 36 -31.43 37.48 -8.29
C LYS B 36 -31.12 36.39 -7.29
N GLU B 37 -29.84 36.05 -7.21
CA GLU B 37 -29.35 35.03 -6.29
C GLU B 37 -29.70 35.42 -4.86
N THR B 38 -29.28 36.63 -4.47
CA THR B 38 -29.55 37.13 -3.14
C THR B 38 -31.04 37.22 -2.88
N GLU B 39 -31.79 37.66 -3.89
CA GLU B 39 -33.24 37.76 -3.77
C GLU B 39 -33.82 36.40 -3.43
N GLY B 40 -33.43 35.39 -4.20
CA GLY B 40 -33.90 34.04 -3.98
C GLY B 40 -33.40 33.49 -2.66
N LEU B 41 -32.10 33.67 -2.40
CA LEU B 41 -31.49 33.19 -1.17
C LEU B 41 -32.15 33.84 0.05
N ARG B 42 -32.43 35.13 -0.03
CA ARG B 42 -33.08 35.84 1.06
C ARG B 42 -34.51 35.38 1.20
N GLN B 43 -35.15 35.08 0.08
CA GLN B 43 -36.53 34.60 0.08
C GLN B 43 -36.57 33.25 0.79
N GLU B 44 -35.60 32.40 0.49
CA GLU B 44 -35.50 31.09 1.12
C GLU B 44 -35.12 31.27 2.59
N MET B 45 -34.09 32.07 2.81
CA MET B 45 -33.56 32.32 4.16
C MET B 45 -34.57 32.98 5.09
N SER B 46 -35.33 33.96 4.61
CA SER B 46 -36.31 34.63 5.46
C SER B 46 -37.31 33.62 6.01
N LYS B 47 -37.84 32.79 5.12
CA LYS B 47 -38.78 31.76 5.50
C LYS B 47 -38.07 30.71 6.35
N ASP B 48 -36.87 30.33 5.93
CA ASP B 48 -36.08 29.34 6.63
C ASP B 48 -35.75 29.77 8.05
N LEU B 49 -35.09 30.92 8.19
CA LEU B 49 -34.69 31.44 9.49
C LEU B 49 -35.88 31.59 10.45
N GLU B 50 -36.98 32.13 9.96
CA GLU B 50 -38.16 32.31 10.79
C GLU B 50 -38.77 30.95 11.17
N GLU B 51 -38.89 30.07 10.18
CA GLU B 51 -39.43 28.74 10.43
C GLU B 51 -38.48 27.95 11.31
N VAL B 52 -37.19 28.28 11.24
CA VAL B 52 -36.19 27.63 12.06
C VAL B 52 -36.48 27.89 13.53
N LYS B 53 -36.83 29.13 13.85
CA LYS B 53 -37.16 29.49 15.22
C LYS B 53 -38.43 28.77 15.65
N ALA B 54 -39.38 28.67 14.73
CA ALA B 54 -40.65 28.00 14.99
C ALA B 54 -40.45 26.49 15.07
N LYS B 55 -39.26 26.04 14.71
CA LYS B 55 -38.92 24.63 14.76
C LYS B 55 -38.00 24.34 15.94
N VAL B 56 -37.11 25.27 16.23
CA VAL B 56 -36.17 25.12 17.34
C VAL B 56 -36.90 25.14 18.67
N GLN B 57 -37.90 26.01 18.79
CA GLN B 57 -38.67 26.11 20.02
C GLN B 57 -39.29 24.76 20.43
N PRO B 58 -40.15 24.16 19.59
CA PRO B 58 -40.76 22.87 19.90
C PRO B 58 -39.74 21.73 19.91
N TYR B 59 -38.58 21.97 19.27
CA TYR B 59 -37.53 20.96 19.23
C TYR B 59 -36.76 20.96 20.55
N LEU B 60 -36.38 22.16 21.00
CA LEU B 60 -35.67 22.30 22.27
C LEU B 60 -36.59 21.91 23.42
N ASP B 61 -37.88 22.13 23.21
CA ASP B 61 -38.88 21.77 24.21
C ASP B 61 -39.03 20.25 24.26
N ASP B 62 -39.15 19.65 23.07
CA ASP B 62 -39.27 18.20 22.95
C ASP B 62 -38.02 17.52 23.48
N PHE B 63 -36.88 18.09 23.12
CA PHE B 63 -35.60 17.57 23.59
C PHE B 63 -35.45 17.79 25.08
N GLN B 64 -35.99 18.90 25.57
CA GLN B 64 -35.94 19.21 27.00
C GLN B 64 -36.71 18.14 27.76
N LYS B 65 -37.91 17.85 27.29
CA LYS B 65 -38.77 16.84 27.90
C LYS B 65 -38.05 15.49 27.88
N LYS B 66 -37.45 15.16 26.74
CA LYS B 66 -36.73 13.91 26.60
C LYS B 66 -35.51 13.90 27.51
N TRP B 67 -34.84 15.04 27.60
CA TRP B 67 -33.67 15.17 28.46
C TRP B 67 -34.05 15.05 29.93
N GLN B 68 -35.28 15.44 30.25
CA GLN B 68 -35.76 15.33 31.62
C GLN B 68 -35.88 13.85 31.98
N GLU B 69 -36.42 13.07 31.05
CA GLU B 69 -36.57 11.64 31.24
C GLU B 69 -35.20 11.00 31.27
N GLU B 70 -34.32 11.44 30.38
CA GLU B 70 -32.98 10.92 30.28
C GLU B 70 -32.18 11.25 31.54
N MET B 71 -32.20 12.51 31.94
CA MET B 71 -31.48 12.97 33.13
C MET B 71 -31.99 12.25 34.38
N GLU B 72 -33.30 12.30 34.60
CA GLU B 72 -33.89 11.63 35.75
C GLU B 72 -33.63 10.14 35.67
N LEU B 73 -33.72 9.59 34.46
CA LEU B 73 -33.47 8.19 34.21
C LEU B 73 -32.07 7.83 34.67
N TYR B 74 -31.11 8.67 34.34
CA TYR B 74 -29.73 8.44 34.75
C TYR B 74 -29.62 8.55 36.27
N ARG B 75 -30.36 9.49 36.85
CA ARG B 75 -30.35 9.69 38.28
C ARG B 75 -30.99 8.50 39.01
N GLN B 76 -32.04 7.96 38.41
CA GLN B 76 -32.75 6.83 39.01
C GLN B 76 -32.21 5.49 38.53
N LYS B 77 -31.13 5.51 37.76
CA LYS B 77 -30.53 4.28 37.27
C LYS B 77 -29.05 4.21 37.65
N VAL B 78 -28.29 5.25 37.29
CA VAL B 78 -26.87 5.30 37.58
C VAL B 78 -26.62 5.36 39.09
N GLU B 79 -27.44 6.11 39.82
CA GLU B 79 -27.29 6.21 41.26
C GLU B 79 -27.42 4.85 41.96
N PRO B 80 -28.57 4.14 41.78
CA PRO B 80 -28.74 2.81 42.37
C PRO B 80 -27.71 1.83 41.81
N LEU B 81 -27.34 2.03 40.54
CA LEU B 81 -26.32 1.18 39.92
C LEU B 81 -24.99 1.41 40.60
N ARG B 82 -24.72 2.66 40.97
CA ARG B 82 -23.49 3.01 41.67
C ARG B 82 -23.50 2.37 43.04
N ALA B 83 -24.69 2.25 43.62
CA ALA B 83 -24.83 1.61 44.92
C ALA B 83 -24.53 0.13 44.77
N GLU B 84 -25.08 -0.47 43.72
CA GLU B 84 -24.84 -1.89 43.43
C GLU B 84 -23.36 -2.09 43.08
N LEU B 85 -22.82 -1.15 42.32
CA LEU B 85 -21.42 -1.20 41.93
C LEU B 85 -20.55 -1.01 43.16
N GLN B 86 -21.00 -0.18 44.09
CA GLN B 86 -20.27 0.06 45.33
C GLN B 86 -20.21 -1.24 46.12
N GLU B 87 -21.34 -1.91 46.24
CA GLU B 87 -21.42 -3.17 46.95
C GLU B 87 -20.59 -4.22 46.19
N GLY B 88 -20.75 -4.25 44.88
CA GLY B 88 -20.01 -5.19 44.06
C GLY B 88 -18.52 -4.96 44.18
N ALA B 89 -18.13 -3.69 44.18
CA ALA B 89 -16.74 -3.31 44.32
C ALA B 89 -16.26 -3.64 45.72
N ARG B 90 -17.08 -3.32 46.72
CA ARG B 90 -16.75 -3.61 48.10
C ARG B 90 -16.51 -5.11 48.28
N GLN B 91 -17.41 -5.90 47.70
CA GLN B 91 -17.29 -7.34 47.76
C GLN B 91 -16.01 -7.79 47.08
N LYS B 92 -15.77 -7.26 45.87
CA LYS B 92 -14.58 -7.61 45.12
C LYS B 92 -13.32 -7.13 45.85
N LEU B 93 -13.40 -5.94 46.45
CA LEU B 93 -12.29 -5.38 47.20
C LEU B 93 -12.00 -6.24 48.42
N HIS B 94 -13.05 -6.65 49.12
CA HIS B 94 -12.89 -7.51 50.28
C HIS B 94 -12.29 -8.83 49.84
N GLU B 95 -12.77 -9.33 48.70
CA GLU B 95 -12.24 -10.56 48.14
C GLU B 95 -10.77 -10.38 47.83
N LEU B 96 -10.46 -9.28 47.15
CA LEU B 96 -9.09 -8.96 46.79
C LEU B 96 -8.22 -8.81 48.04
N GLN B 97 -8.75 -8.19 49.07
CA GLN B 97 -8.02 -8.01 50.32
C GLN B 97 -7.70 -9.36 50.96
N GLU B 98 -8.64 -10.30 50.88
CA GLU B 98 -8.46 -11.61 51.45
C GLU B 98 -7.73 -12.55 50.48
N LYS B 99 -7.37 -12.03 49.31
CA LYS B 99 -6.67 -12.83 48.31
C LYS B 99 -5.28 -12.27 48.00
N LEU B 100 -5.20 -10.97 47.80
CA LEU B 100 -3.93 -10.31 47.50
C LEU B 100 -2.97 -10.37 48.66
N SER B 101 -3.49 -10.35 49.88
CA SER B 101 -2.65 -10.43 51.06
C SER B 101 -1.93 -11.79 51.15
N PRO B 102 -2.68 -12.92 51.19
CA PRO B 102 -2.06 -14.24 51.24
C PRO B 102 -1.21 -14.48 50.00
N LEU B 103 -1.69 -13.98 48.85
CA LEU B 103 -0.95 -14.12 47.60
C LEU B 103 0.31 -13.28 47.64
N GLY B 104 0.23 -12.12 48.28
CA GLY B 104 1.37 -11.25 48.42
C GLY B 104 2.43 -11.90 49.29
N GLU B 105 2.00 -12.44 50.42
CA GLU B 105 2.92 -13.13 51.34
C GLU B 105 3.49 -14.34 50.64
N GLU B 106 2.65 -15.01 49.86
CA GLU B 106 3.06 -16.18 49.11
C GLU B 106 4.06 -15.76 48.04
N MET B 107 3.75 -14.68 47.34
CA MET B 107 4.62 -14.14 46.31
C MET B 107 5.96 -13.74 46.91
N ARG B 108 5.91 -13.26 48.15
CA ARG B 108 7.13 -12.87 48.86
C ARG B 108 7.98 -14.11 49.07
N ASP B 109 7.36 -15.17 49.58
CA ASP B 109 8.06 -16.42 49.81
C ASP B 109 8.51 -17.02 48.50
N ARG B 110 7.67 -16.89 47.46
CA ARG B 110 7.99 -17.38 46.13
C ARG B 110 9.23 -16.64 45.65
N ALA B 111 9.20 -15.32 45.82
CA ALA B 111 10.31 -14.47 45.43
C ALA B 111 11.55 -14.82 46.24
N ARG B 112 11.38 -15.04 47.53
CA ARG B 112 12.49 -15.42 48.40
C ARG B 112 13.09 -16.73 47.90
N ALA B 113 12.24 -17.70 47.66
CA ALA B 113 12.66 -19.01 47.18
C ALA B 113 13.14 -18.96 45.74
N HIS B 114 13.04 -17.81 45.10
CA HIS B 114 13.50 -17.65 43.73
C HIS B 114 14.74 -16.78 43.69
N VAL B 115 14.67 -15.62 44.33
CA VAL B 115 15.78 -14.68 44.37
C VAL B 115 16.93 -15.21 45.21
N ASP B 116 16.62 -15.75 46.39
CA ASP B 116 17.66 -16.31 47.26
C ASP B 116 18.29 -17.50 46.58
N ALA B 117 17.46 -18.28 45.89
CA ALA B 117 17.94 -19.43 45.14
C ALA B 117 18.84 -18.92 44.01
N LEU B 118 18.37 -17.87 43.35
CA LEU B 118 19.12 -17.24 42.27
C LEU B 118 20.42 -16.67 42.79
N ARG B 119 20.42 -16.21 44.04
CA ARG B 119 21.63 -15.67 44.65
C ARG B 119 22.71 -16.74 44.71
N THR B 120 22.33 -17.92 45.19
CA THR B 120 23.26 -19.04 45.27
C THR B 120 23.39 -19.76 43.92
N HIS B 121 22.81 -19.17 42.89
CA HIS B 121 22.87 -19.74 41.55
C HIS B 121 23.60 -18.80 40.61
N LEU B 122 23.48 -17.50 40.87
CA LEU B 122 24.12 -16.48 40.06
C LEU B 122 25.49 -16.12 40.60
N ALA B 123 25.63 -16.08 41.93
CA ALA B 123 26.93 -15.76 42.53
C ALA B 123 28.02 -16.73 42.07
N PRO B 124 27.83 -18.06 42.27
CA PRO B 124 28.82 -19.04 41.82
C PRO B 124 28.96 -19.00 40.30
N TYR B 125 27.85 -18.75 39.61
CA TYR B 125 27.85 -18.68 38.15
C TYR B 125 28.69 -17.50 37.68
N SER B 126 28.55 -16.37 38.36
CA SER B 126 29.31 -15.18 38.03
C SER B 126 30.77 -15.43 38.33
N ASP B 127 31.02 -16.20 39.38
CA ASP B 127 32.38 -16.54 39.76
C ASP B 127 32.98 -17.45 38.69
N GLU B 128 32.15 -18.34 38.18
CA GLU B 128 32.56 -19.24 37.10
C GLU B 128 32.79 -18.41 35.85
N LEU B 129 31.92 -17.42 35.64
CA LEU B 129 32.04 -16.52 34.51
C LEU B 129 33.34 -15.74 34.63
N ARG B 130 33.76 -15.47 35.87
CA ARG B 130 35.00 -14.76 36.12
C ARG B 130 36.15 -15.60 35.60
N GLN B 131 36.08 -16.91 35.85
CA GLN B 131 37.10 -17.84 35.39
C GLN B 131 37.09 -17.92 33.87
N ARG B 132 35.89 -18.10 33.31
CA ARG B 132 35.73 -18.19 31.88
C ARG B 132 36.16 -16.89 31.19
N LEU B 133 35.70 -15.77 31.71
CA LEU B 133 36.06 -14.47 31.15
C LEU B 133 37.56 -14.21 31.32
N ALA B 134 38.14 -14.78 32.38
CA ALA B 134 39.56 -14.62 32.64
C ALA B 134 40.35 -15.30 31.53
N ALA B 135 39.93 -16.51 31.17
CA ALA B 135 40.58 -17.27 30.12
C ALA B 135 40.33 -16.60 28.78
N ARG B 136 39.09 -16.16 28.59
CA ARG B 136 38.68 -15.47 27.37
C ARG B 136 39.51 -14.21 27.19
N LEU B 137 39.63 -13.42 28.27
CA LEU B 137 40.41 -12.19 28.24
C LEU B 137 41.88 -12.51 28.00
N GLU B 138 42.32 -13.64 28.54
CA GLU B 138 43.71 -14.08 28.36
C GLU B 138 43.95 -14.34 26.88
N ALA B 139 43.05 -15.10 26.27
CA ALA B 139 43.16 -15.42 24.85
C ALA B 139 43.10 -14.13 24.03
N LEU B 140 42.19 -13.24 24.42
CA LEU B 140 42.03 -11.96 23.73
C LEU B 140 43.28 -11.10 23.87
N LYS B 141 44.04 -11.30 24.94
CA LYS B 141 45.25 -10.55 25.19
C LYS B 141 46.46 -11.24 24.52
N GLU B 142 46.47 -12.57 24.58
CA GLU B 142 47.55 -13.33 23.97
C GLU B 142 47.48 -13.18 22.45
N ASN B 143 46.31 -13.45 21.91
CA ASN B 143 46.07 -13.32 20.48
C ASN B 143 46.03 -11.86 20.11
N GLY B 144 45.56 -11.05 21.06
CA GLY B 144 45.49 -9.61 20.84
C GLY B 144 46.87 -9.01 20.68
N GLY B 145 47.79 -9.43 21.54
CA GLY B 145 49.16 -8.95 21.47
C GLY B 145 49.78 -9.34 20.14
N ALA B 146 49.53 -10.58 19.72
CA ALA B 146 50.03 -11.07 18.45
C ALA B 146 49.41 -10.23 17.33
N ARG B 147 48.10 -10.06 17.40
CA ARG B 147 47.37 -9.27 16.42
C ARG B 147 47.95 -7.86 16.30
N LEU B 148 48.17 -7.23 17.45
CA LEU B 148 48.71 -5.87 17.47
C LEU B 148 50.08 -5.80 16.79
N ALA B 149 50.88 -6.83 16.98
CA ALA B 149 52.21 -6.89 16.37
C ALA B 149 52.10 -7.22 14.89
N GLU B 150 51.35 -8.28 14.59
CA GLU B 150 51.17 -8.73 13.21
C GLU B 150 50.49 -7.65 12.38
N TYR B 151 49.51 -6.95 12.97
CA TYR B 151 48.82 -5.88 12.27
C TYR B 151 49.78 -4.76 11.91
N HIS B 152 50.68 -4.44 12.84
CA HIS B 152 51.67 -3.38 12.60
C HIS B 152 52.65 -3.83 11.52
N ALA B 153 52.97 -5.11 11.53
CA ALA B 153 53.88 -5.67 10.52
C ALA B 153 53.21 -5.57 9.16
N LYS B 154 51.94 -6.00 9.09
CA LYS B 154 51.17 -5.95 7.86
C LYS B 154 50.94 -4.50 7.44
N ALA B 155 50.80 -3.61 8.41
CA ALA B 155 50.61 -2.20 8.15
C ALA B 155 51.86 -1.66 7.48
N THR B 156 53.01 -2.05 8.01
CA THR B 156 54.29 -1.66 7.45
C THR B 156 54.41 -2.21 6.03
N GLU B 157 54.07 -3.49 5.87
CA GLU B 157 54.10 -4.14 4.56
C GLU B 157 53.18 -3.39 3.61
N HIS B 158 52.05 -2.93 4.14
CA HIS B 158 51.08 -2.20 3.37
C HIS B 158 51.61 -0.82 3.00
N LEU B 159 52.28 -0.18 3.95
CA LEU B 159 52.85 1.15 3.70
C LEU B 159 53.95 1.08 2.65
N SER B 160 54.77 0.03 2.75
CA SER B 160 55.85 -0.18 1.80
C SER B 160 55.33 -0.50 0.41
N THR B 161 54.12 -1.05 0.34
CA THR B 161 53.51 -1.40 -0.93
C THR B 161 52.64 -0.26 -1.47
N LEU B 162 52.19 0.60 -0.57
CA LEU B 162 51.37 1.74 -0.96
C LEU B 162 52.24 2.88 -1.44
N SER B 163 53.43 3.00 -0.86
CA SER B 163 54.36 4.06 -1.24
C SER B 163 54.76 3.95 -2.71
N GLU B 164 54.71 2.73 -3.24
CA GLU B 164 55.05 2.48 -4.64
C GLU B 164 54.04 3.18 -5.55
N LYS B 165 52.87 3.44 -5.01
CA LYS B 165 51.82 4.12 -5.75
C LYS B 165 51.66 5.55 -5.26
N ALA B 166 52.02 5.77 -4.01
CA ALA B 166 51.94 7.09 -3.40
C ALA B 166 53.05 8.02 -3.87
N LYS B 167 54.15 7.46 -4.35
CA LYS B 167 55.25 8.27 -4.85
C LYS B 167 55.44 8.12 -6.36
N PRO B 168 55.94 6.96 -6.86
CA PRO B 168 56.16 6.74 -8.30
C PRO B 168 54.87 6.90 -9.11
N ALA B 169 53.83 6.16 -8.73
CA ALA B 169 52.56 6.22 -9.43
C ALA B 169 51.93 7.60 -9.34
N LEU B 170 52.12 8.28 -8.21
CA LEU B 170 51.58 9.63 -8.05
C LEU B 170 52.28 10.58 -8.99
N GLU B 171 53.60 10.41 -9.11
CA GLU B 171 54.38 11.24 -10.02
C GLU B 171 53.94 10.98 -11.45
N ASP B 172 53.60 9.72 -11.74
CA ASP B 172 53.12 9.33 -13.05
C ASP B 172 51.76 9.96 -13.30
N LEU B 173 50.92 9.96 -12.26
CA LEU B 173 49.60 10.56 -12.34
C LEU B 173 49.72 12.05 -12.60
N ARG B 174 50.66 12.69 -11.93
CA ARG B 174 50.91 14.12 -12.12
C ARG B 174 51.43 14.34 -13.52
N GLN B 175 52.26 13.41 -13.97
CA GLN B 175 52.82 13.47 -15.31
C GLN B 175 51.76 13.29 -16.36
N GLY B 176 50.64 12.69 -15.96
CA GLY B 176 49.51 12.47 -16.83
C GLY B 176 48.63 13.70 -16.79
N LEU B 177 48.42 14.21 -15.58
CA LEU B 177 47.60 15.40 -15.36
C LEU B 177 48.15 16.60 -16.11
N LEU B 178 49.47 16.72 -16.20
CA LEU B 178 50.11 17.84 -16.89
C LEU B 178 49.58 17.99 -18.33
N PRO B 179 49.82 17.00 -19.23
CA PRO B 179 49.33 17.07 -20.60
C PRO B 179 47.80 17.01 -20.65
N VAL B 180 47.20 16.33 -19.67
CA VAL B 180 45.74 16.21 -19.61
C VAL B 180 45.10 17.58 -19.39
N LEU B 181 45.63 18.33 -18.43
CA LEU B 181 45.12 19.67 -18.16
C LEU B 181 45.35 20.57 -19.36
N GLU B 182 46.47 20.36 -20.03
CA GLU B 182 46.82 21.15 -21.22
C GLU B 182 45.87 20.82 -22.38
N SER B 183 45.66 19.52 -22.64
CA SER B 183 44.78 19.11 -23.72
C SER B 183 43.35 19.53 -23.44
N PHE B 184 42.94 19.40 -22.17
CA PHE B 184 41.60 19.80 -21.76
C PHE B 184 41.46 21.30 -21.85
N LYS B 185 42.55 22.02 -21.59
CA LYS B 185 42.57 23.46 -21.67
C LYS B 185 42.29 23.90 -23.10
N VAL B 186 42.87 23.18 -24.06
CA VAL B 186 42.66 23.48 -25.47
C VAL B 186 41.18 23.29 -25.80
N SER B 187 40.59 22.24 -25.23
CA SER B 187 39.19 21.96 -25.43
C SER B 187 38.33 23.05 -24.81
N PHE B 188 38.69 23.45 -23.59
CA PHE B 188 37.96 24.50 -22.88
C PHE B 188 38.11 25.85 -23.57
N LEU B 189 39.34 26.19 -23.96
CA LEU B 189 39.61 27.45 -24.62
C LEU B 189 38.79 27.59 -25.90
N SER B 190 38.75 26.52 -26.69
CA SER B 190 37.99 26.54 -27.93
C SER B 190 36.50 26.58 -27.63
N ALA B 191 36.09 25.83 -26.62
CA ALA B 191 34.68 25.76 -26.23
C ALA B 191 34.19 27.12 -25.75
N LEU B 192 34.98 27.77 -24.91
CA LEU B 192 34.63 29.09 -24.37
C LEU B 192 34.40 30.10 -25.50
N GLU B 193 35.09 29.89 -26.60
CA GLU B 193 34.96 30.78 -27.75
C GLU B 193 33.78 30.33 -28.62
N GLU B 194 33.75 29.05 -28.94
CA GLU B 194 32.70 28.48 -29.78
C GLU B 194 31.30 28.66 -29.17
N TYR B 195 31.16 28.37 -27.88
CA TYR B 195 29.87 28.52 -27.21
C TYR B 195 29.44 29.98 -27.15
N THR B 196 30.39 30.86 -26.87
CA THR B 196 30.10 32.29 -26.78
C THR B 196 29.70 32.85 -28.16
N LYS B 197 30.24 32.26 -29.22
CA LYS B 197 29.94 32.70 -30.58
C LYS B 197 28.46 32.51 -30.90
N LYS B 198 27.80 31.63 -30.15
CA LYS B 198 26.39 31.36 -30.35
C LYS B 198 25.55 32.10 -29.31
N LEU B 199 26.15 32.37 -28.16
CA LEU B 199 25.45 33.07 -27.08
C LEU B 199 25.86 34.53 -27.03
N ASN B 200 26.08 35.13 -28.19
CA ASN B 200 26.48 36.52 -28.27
C ASN B 200 25.59 37.26 -29.27
N MET C 3 -5.35 -10.72 4.36
CA MET C 3 -5.05 -11.84 3.43
C MET C 3 -5.00 -11.32 2.00
N THR C 4 -4.49 -12.15 1.09
CA THR C 4 -4.39 -11.79 -0.31
C THR C 4 -5.79 -11.82 -0.95
N GLU C 5 -6.19 -10.69 -1.53
CA GLU C 5 -7.49 -10.60 -2.16
C GLU C 5 -7.39 -10.80 -3.67
N TYR C 6 -8.25 -11.64 -4.20
CA TYR C 6 -8.28 -11.92 -5.63
C TYR C 6 -9.70 -11.85 -6.16
N LYS C 7 -9.99 -10.81 -6.92
CA LYS C 7 -11.32 -10.65 -7.52
C LYS C 7 -11.39 -11.43 -8.82
N LEU C 8 -12.31 -12.37 -8.88
CA LEU C 8 -12.47 -13.22 -10.06
C LEU C 8 -13.82 -12.99 -10.71
N VAL C 9 -13.80 -12.71 -12.00
CA VAL C 9 -15.02 -12.46 -12.75
C VAL C 9 -15.38 -13.66 -13.61
N VAL C 10 -16.58 -14.19 -13.42
CA VAL C 10 -17.05 -15.33 -14.19
C VAL C 10 -17.93 -14.88 -15.34
N VAL C 11 -17.42 -15.03 -16.56
CA VAL C 11 -18.15 -14.63 -17.75
C VAL C 11 -18.61 -15.84 -18.56
N GLY C 12 -19.63 -15.65 -19.39
CA GLY C 12 -20.14 -16.73 -20.20
C GLY C 12 -21.58 -16.48 -20.58
N ALA C 13 -22.22 -17.48 -21.19
CA ALA C 13 -23.61 -17.36 -21.61
C ALA C 13 -24.56 -17.55 -20.42
N GLY C 14 -25.80 -17.09 -20.58
CA GLY C 14 -26.77 -17.21 -19.50
C GLY C 14 -27.34 -18.61 -19.37
N GLY C 15 -26.89 -19.51 -20.22
CA GLY C 15 -27.37 -20.88 -20.19
C GLY C 15 -26.51 -21.79 -19.35
N VAL C 16 -25.31 -21.34 -19.00
CA VAL C 16 -24.39 -22.14 -18.19
C VAL C 16 -24.64 -21.92 -16.70
N GLY C 17 -23.86 -22.60 -15.86
CA GLY C 17 -24.00 -22.47 -14.43
C GLY C 17 -23.35 -21.22 -13.87
N LYS C 18 -23.74 -20.07 -14.41
CA LYS C 18 -23.20 -18.78 -13.98
C LYS C 18 -23.24 -18.60 -12.46
N SER C 19 -24.44 -18.59 -11.90
CA SER C 19 -24.59 -18.42 -10.45
C SER C 19 -24.52 -19.78 -9.75
N ALA C 20 -24.65 -20.85 -10.52
CA ALA C 20 -24.61 -22.20 -9.99
C ALA C 20 -23.25 -22.50 -9.38
N LEU C 21 -22.19 -22.21 -10.12
CA LEU C 21 -20.83 -22.47 -9.65
C LEU C 21 -20.51 -21.62 -8.41
N THR C 22 -21.03 -20.40 -8.39
CA THR C 22 -20.79 -19.49 -7.28
C THR C 22 -21.47 -19.98 -6.00
N ILE C 23 -22.76 -20.26 -6.08
CA ILE C 23 -23.52 -20.71 -4.92
C ILE C 23 -23.03 -22.09 -4.45
N GLN C 24 -22.61 -22.93 -5.39
CA GLN C 24 -22.11 -24.26 -5.06
C GLN C 24 -20.78 -24.20 -4.32
N LEU C 25 -20.03 -23.13 -4.53
CA LEU C 25 -18.74 -22.97 -3.89
C LEU C 25 -18.82 -22.13 -2.62
N ILE C 26 -19.55 -21.03 -2.69
CA ILE C 26 -19.70 -20.13 -1.54
C ILE C 26 -20.65 -20.68 -0.48
N GLN C 27 -21.84 -21.10 -0.93
CA GLN C 27 -22.83 -21.62 -0.01
C GLN C 27 -22.85 -23.14 0.01
N ASN C 28 -22.15 -23.75 -0.95
CA ASN C 28 -22.06 -25.20 -1.07
C ASN C 28 -23.43 -25.82 -1.33
N HIS C 29 -24.30 -25.04 -1.94
CA HIS C 29 -25.65 -25.47 -2.27
C HIS C 29 -25.89 -25.31 -3.76
N PHE C 30 -26.38 -26.36 -4.40
CA PHE C 30 -26.65 -26.33 -5.83
C PHE C 30 -28.05 -25.81 -6.12
N VAL C 31 -28.15 -24.93 -7.10
CA VAL C 31 -29.43 -24.37 -7.50
C VAL C 31 -29.88 -24.97 -8.83
N ASP C 32 -31.17 -25.22 -8.95
CA ASP C 32 -31.72 -25.81 -10.17
C ASP C 32 -32.65 -24.81 -10.85
N GLU C 33 -32.84 -23.67 -10.20
CA GLU C 33 -33.71 -22.62 -10.70
C GLU C 33 -32.99 -21.77 -11.74
N TYR C 34 -33.74 -21.35 -12.77
CA TYR C 34 -33.19 -20.52 -13.82
C TYR C 34 -33.32 -19.05 -13.42
N ASP C 35 -32.61 -18.68 -12.37
CA ASP C 35 -32.63 -17.32 -11.86
C ASP C 35 -31.67 -16.44 -12.65
N PRO C 36 -32.10 -15.21 -12.99
CA PRO C 36 -31.27 -14.26 -13.73
C PRO C 36 -30.06 -13.80 -12.94
N THR C 37 -29.25 -12.96 -13.56
CA THR C 37 -28.06 -12.43 -12.91
C THR C 37 -27.71 -11.06 -13.45
N ILE C 38 -27.50 -10.12 -12.54
CA ILE C 38 -27.14 -8.76 -12.89
C ILE C 38 -25.77 -8.43 -12.31
N GLU C 39 -25.73 -8.30 -10.98
CA GLU C 39 -24.49 -7.99 -10.28
C GLU C 39 -24.28 -8.96 -9.11
N ASP C 40 -24.08 -10.23 -9.42
CA ASP C 40 -23.86 -11.24 -8.37
C ASP C 40 -22.44 -11.14 -7.85
N SER C 41 -22.28 -10.89 -6.57
CA SER C 41 -20.96 -10.79 -5.98
C SER C 41 -20.90 -11.49 -4.62
N TYR C 42 -19.96 -12.43 -4.49
CA TYR C 42 -19.79 -13.18 -3.26
C TYR C 42 -18.33 -13.20 -2.83
N ARG C 43 -18.09 -12.90 -1.55
CA ARG C 43 -16.73 -12.88 -1.01
C ARG C 43 -16.57 -13.95 0.05
N LYS C 44 -15.55 -14.79 -0.10
CA LYS C 44 -15.29 -15.86 0.84
C LYS C 44 -13.78 -16.08 1.00
N GLN C 45 -13.39 -16.62 2.15
CA GLN C 45 -11.98 -16.89 2.43
C GLN C 45 -11.69 -18.38 2.26
N VAL C 46 -10.65 -18.70 1.51
CA VAL C 46 -10.28 -20.09 1.26
C VAL C 46 -8.77 -20.28 1.30
N VAL C 47 -8.35 -21.53 1.40
CA VAL C 47 -6.94 -21.87 1.44
C VAL C 47 -6.50 -22.40 0.07
N ILE C 48 -5.56 -21.71 -0.56
CA ILE C 48 -5.07 -22.10 -1.86
C ILE C 48 -3.58 -22.42 -1.81
N ASP C 49 -3.25 -23.70 -2.01
CA ASP C 49 -1.86 -24.16 -1.98
C ASP C 49 -1.23 -23.95 -0.61
N GLY C 50 -2.08 -23.87 0.41
CA GLY C 50 -1.60 -23.68 1.77
C GLY C 50 -1.73 -22.24 2.22
N GLU C 51 -1.76 -21.32 1.27
CA GLU C 51 -1.87 -19.90 1.56
C GLU C 51 -3.33 -19.48 1.69
N THR C 52 -3.64 -18.78 2.77
CA THR C 52 -5.00 -18.30 2.99
C THR C 52 -5.25 -17.05 2.16
N CYS C 53 -6.29 -17.07 1.35
CA CYS C 53 -6.62 -15.94 0.50
C CYS C 53 -8.11 -15.62 0.54
N LEU C 54 -8.45 -14.39 0.19
CA LEU C 54 -9.83 -13.95 0.17
C LEU C 54 -10.25 -13.76 -1.28
N LEU C 55 -11.34 -14.41 -1.66
CA LEU C 55 -11.82 -14.34 -3.04
C LEU C 55 -13.14 -13.60 -3.15
N ASP C 56 -13.20 -12.69 -4.10
CA ASP C 56 -14.40 -11.93 -4.39
C ASP C 56 -14.84 -12.32 -5.79
N ILE C 57 -15.82 -13.22 -5.86
CA ILE C 57 -16.30 -13.71 -7.14
C ILE C 57 -17.47 -12.89 -7.67
N LEU C 58 -17.33 -12.42 -8.90
CA LEU C 58 -18.35 -11.62 -9.55
C LEU C 58 -19.01 -12.38 -10.70
N ASP C 59 -20.28 -12.69 -10.54
CA ASP C 59 -21.04 -13.39 -11.57
C ASP C 59 -21.75 -12.35 -12.42
N THR C 60 -21.24 -12.13 -13.61
CA THR C 60 -21.79 -11.13 -14.52
C THR C 60 -22.99 -11.64 -15.31
N ALA C 61 -23.69 -10.73 -15.97
CA ALA C 61 -24.86 -11.07 -16.77
C ALA C 61 -24.43 -11.85 -18.00
N GLY C 62 -25.02 -13.02 -18.19
CA GLY C 62 -24.69 -13.85 -19.33
C GLY C 62 -25.49 -13.48 -20.57
N GLN C 63 -26.18 -12.34 -20.51
CA GLN C 63 -26.98 -11.86 -21.62
C GLN C 63 -27.01 -10.33 -21.62
N GLU C 64 -25.84 -9.72 -21.49
CA GLU C 64 -25.72 -8.27 -21.48
C GLU C 64 -25.18 -7.77 -22.81
N GLU C 65 -25.44 -6.51 -23.12
CA GLU C 65 -24.99 -5.91 -24.36
C GLU C 65 -23.71 -5.10 -24.13
N TYR C 66 -23.40 -4.22 -25.07
CA TYR C 66 -22.21 -3.38 -24.94
C TYR C 66 -22.53 -2.14 -24.11
N SER C 67 -22.16 -2.18 -22.85
CA SER C 67 -22.40 -1.06 -21.95
C SER C 67 -21.11 -0.66 -21.25
N ALA C 68 -20.98 0.62 -20.92
CA ALA C 68 -19.79 1.13 -20.25
C ALA C 68 -19.63 0.50 -18.86
N MET C 69 -20.77 0.18 -18.24
CA MET C 69 -20.76 -0.43 -16.92
C MET C 69 -20.01 -1.76 -16.97
N ARG C 70 -20.19 -2.47 -18.07
CA ARG C 70 -19.54 -3.76 -18.29
C ARG C 70 -18.04 -3.56 -18.42
N ASP C 71 -17.64 -2.58 -19.23
CA ASP C 71 -16.23 -2.27 -19.46
C ASP C 71 -15.52 -1.91 -18.17
N GLN C 72 -16.28 -1.40 -17.21
CA GLN C 72 -15.74 -1.00 -15.92
C GLN C 72 -15.53 -2.19 -14.99
N TYR C 73 -16.61 -2.93 -14.73
CA TYR C 73 -16.53 -4.07 -13.82
C TYR C 73 -15.67 -5.23 -14.35
N MET C 74 -15.48 -5.26 -15.66
CA MET C 74 -14.68 -6.31 -16.28
C MET C 74 -13.24 -5.85 -16.44
N ARG C 75 -12.93 -4.68 -15.90
CA ARG C 75 -11.60 -4.13 -15.99
C ARG C 75 -10.84 -4.34 -14.68
N THR C 76 -11.58 -4.50 -13.60
CA THR C 76 -10.97 -4.69 -12.27
C THR C 76 -10.73 -6.16 -11.95
N GLY C 77 -10.94 -7.04 -12.91
CA GLY C 77 -10.74 -8.45 -12.68
C GLY C 77 -9.34 -8.90 -13.05
N GLU C 78 -8.70 -9.67 -12.18
CA GLU C 78 -7.35 -10.16 -12.44
C GLU C 78 -7.37 -11.25 -13.52
N GLY C 79 -7.97 -12.38 -13.18
CA GLY C 79 -8.08 -13.48 -14.11
C GLY C 79 -9.50 -13.67 -14.59
N PHE C 80 -9.65 -14.28 -15.76
CA PHE C 80 -10.98 -14.48 -16.32
C PHE C 80 -11.18 -15.93 -16.76
N LEU C 81 -12.38 -16.45 -16.52
CA LEU C 81 -12.72 -17.81 -16.89
C LEU C 81 -13.68 -17.82 -18.06
N CYS C 82 -13.29 -18.49 -19.13
CA CYS C 82 -14.12 -18.59 -20.32
C CYS C 82 -15.03 -19.80 -20.18
N VAL C 83 -16.17 -19.61 -19.53
CA VAL C 83 -17.12 -20.68 -19.29
C VAL C 83 -18.07 -20.89 -20.47
N PHE C 84 -17.87 -21.99 -21.17
CA PHE C 84 -18.72 -22.33 -22.32
C PHE C 84 -19.36 -23.68 -22.05
N ALA C 85 -20.42 -24.00 -22.77
CA ALA C 85 -21.10 -25.27 -22.60
C ALA C 85 -20.72 -26.24 -23.72
N ILE C 86 -20.30 -27.44 -23.34
CA ILE C 86 -19.89 -28.45 -24.32
C ILE C 86 -21.09 -29.02 -25.08
N ASN C 87 -22.28 -28.74 -24.57
CA ASN C 87 -23.51 -29.22 -25.21
C ASN C 87 -24.02 -28.19 -26.21
N ASN C 88 -23.40 -27.02 -26.22
CA ASN C 88 -23.80 -25.95 -27.11
C ASN C 88 -22.59 -25.34 -27.82
N THR C 89 -22.42 -25.70 -29.08
CA THR C 89 -21.30 -25.23 -29.88
C THR C 89 -21.28 -23.70 -29.98
N LYS C 90 -22.45 -23.08 -29.90
CA LYS C 90 -22.55 -21.62 -29.98
C LYS C 90 -21.71 -20.94 -28.91
N SER C 91 -21.64 -21.57 -27.74
CA SER C 91 -20.87 -21.02 -26.63
C SER C 91 -19.38 -21.17 -26.90
N PHE C 92 -19.02 -22.27 -27.54
CA PHE C 92 -17.62 -22.55 -27.87
C PHE C 92 -17.13 -21.57 -28.94
N GLU C 93 -18.01 -21.24 -29.88
CA GLU C 93 -17.67 -20.33 -30.96
C GLU C 93 -17.63 -18.88 -30.46
N ASP C 94 -18.12 -18.66 -29.24
CA ASP C 94 -18.14 -17.32 -28.68
C ASP C 94 -16.93 -17.08 -27.78
N ILE C 95 -16.09 -18.10 -27.64
CA ILE C 95 -14.88 -17.99 -26.82
C ILE C 95 -13.96 -16.89 -27.33
N HIS C 96 -13.81 -16.81 -28.66
CA HIS C 96 -12.97 -15.79 -29.27
C HIS C 96 -13.55 -14.40 -28.97
N HIS C 97 -14.87 -14.34 -28.97
CA HIS C 97 -15.60 -13.10 -28.69
C HIS C 97 -15.32 -12.64 -27.27
N TYR C 98 -15.25 -13.60 -26.35
CA TYR C 98 -14.98 -13.30 -24.95
C TYR C 98 -13.54 -12.83 -24.76
N ARG C 99 -12.61 -13.60 -25.33
CA ARG C 99 -11.18 -13.29 -25.22
C ARG C 99 -10.85 -11.89 -25.71
N GLU C 100 -11.26 -11.58 -26.95
CA GLU C 100 -11.01 -10.26 -27.53
C GLU C 100 -11.67 -9.15 -26.72
N GLN C 101 -12.86 -9.45 -26.22
CA GLN C 101 -13.63 -8.50 -25.41
C GLN C 101 -12.84 -8.09 -24.17
N ILE C 102 -12.30 -9.09 -23.47
CA ILE C 102 -11.53 -8.86 -22.26
C ILE C 102 -10.16 -8.25 -22.58
N LYS C 103 -9.56 -8.70 -23.68
CA LYS C 103 -8.26 -8.19 -24.12
C LYS C 103 -8.33 -6.69 -24.36
N ARG C 104 -9.49 -6.23 -24.82
CA ARG C 104 -9.72 -4.82 -25.10
C ARG C 104 -9.73 -3.99 -23.82
N VAL C 105 -10.45 -4.48 -22.80
CA VAL C 105 -10.55 -3.74 -21.54
C VAL C 105 -9.28 -3.85 -20.68
N LYS C 106 -8.58 -4.98 -20.78
CA LYS C 106 -7.36 -5.17 -20.01
C LYS C 106 -6.14 -4.58 -20.71
N ASP C 107 -6.31 -4.22 -21.97
CA ASP C 107 -5.24 -3.63 -22.78
C ASP C 107 -4.00 -4.51 -22.84
N SER C 108 -4.21 -5.81 -23.06
CA SER C 108 -3.12 -6.76 -23.13
C SER C 108 -3.57 -8.06 -23.79
N GLU C 109 -2.61 -8.90 -24.13
CA GLU C 109 -2.88 -10.19 -24.77
C GLU C 109 -2.62 -11.31 -23.78
N ASP C 110 -1.62 -11.11 -22.92
CA ASP C 110 -1.25 -12.12 -21.93
C ASP C 110 -2.14 -12.06 -20.69
N VAL C 111 -3.43 -11.93 -20.91
CA VAL C 111 -4.41 -11.88 -19.83
C VAL C 111 -4.72 -13.29 -19.33
N PRO C 112 -4.53 -13.54 -18.02
CA PRO C 112 -4.79 -14.85 -17.41
C PRO C 112 -6.21 -15.33 -17.68
N MET C 113 -6.34 -16.36 -18.50
CA MET C 113 -7.64 -16.91 -18.86
C MET C 113 -7.59 -18.43 -18.84
N VAL C 114 -8.71 -19.03 -18.49
CA VAL C 114 -8.81 -20.48 -18.46
C VAL C 114 -10.06 -20.92 -19.22
N LEU C 115 -9.93 -21.92 -20.08
CA LEU C 115 -11.06 -22.42 -20.84
C LEU C 115 -11.86 -23.39 -19.98
N VAL C 116 -13.11 -23.03 -19.71
CA VAL C 116 -13.97 -23.83 -18.86
C VAL C 116 -15.09 -24.49 -19.67
N GLY C 117 -15.04 -25.81 -19.78
CA GLY C 117 -16.07 -26.55 -20.49
C GLY C 117 -17.15 -27.03 -19.55
N ASN C 118 -18.17 -26.21 -19.37
CA ASN C 118 -19.27 -26.52 -18.48
C ASN C 118 -20.27 -27.51 -19.08
N LYS C 119 -21.02 -28.17 -18.19
CA LYS C 119 -22.04 -29.14 -18.58
C LYS C 119 -21.45 -30.40 -19.22
N CYS C 120 -20.28 -30.81 -18.74
CA CYS C 120 -19.61 -32.00 -19.26
C CYS C 120 -20.25 -33.30 -18.78
N ASP C 121 -21.34 -33.16 -18.03
CA ASP C 121 -22.06 -34.32 -17.51
C ASP C 121 -23.25 -34.66 -18.40
N LEU C 122 -23.43 -33.88 -19.45
CA LEU C 122 -24.52 -34.09 -20.38
C LEU C 122 -24.07 -34.98 -21.55
N PRO C 123 -24.92 -35.94 -21.94
CA PRO C 123 -24.61 -36.86 -23.04
C PRO C 123 -24.65 -36.19 -24.40
N SER C 124 -25.33 -35.04 -24.46
CA SER C 124 -25.46 -34.29 -25.69
C SER C 124 -24.23 -33.40 -25.93
N ARG C 125 -23.05 -34.01 -25.88
CA ARG C 125 -21.81 -33.29 -26.10
C ARG C 125 -21.56 -33.03 -27.58
N THR C 126 -21.62 -31.77 -27.97
CA THR C 126 -21.39 -31.41 -29.36
C THR C 126 -19.99 -30.86 -29.55
N VAL C 127 -19.29 -30.64 -28.44
CA VAL C 127 -17.92 -30.12 -28.48
C VAL C 127 -16.95 -31.16 -27.94
N ASP C 128 -16.08 -31.67 -28.79
CA ASP C 128 -15.10 -32.66 -28.39
C ASP C 128 -13.98 -32.01 -27.60
N THR C 129 -13.48 -32.73 -26.61
CA THR C 129 -12.41 -32.24 -25.76
C THR C 129 -11.17 -31.87 -26.57
N LYS C 130 -10.89 -32.65 -27.62
CA LYS C 130 -9.73 -32.39 -28.46
C LYS C 130 -9.86 -31.05 -29.16
N GLN C 131 -11.08 -30.74 -29.60
CA GLN C 131 -11.36 -29.48 -30.29
C GLN C 131 -11.15 -28.31 -29.34
N ALA C 132 -11.63 -28.48 -28.11
CA ALA C 132 -11.50 -27.45 -27.09
C ALA C 132 -10.05 -27.26 -26.67
N GLN C 133 -9.33 -28.37 -26.50
CA GLN C 133 -7.92 -28.33 -26.12
C GLN C 133 -7.11 -27.55 -27.15
N ASP C 134 -7.44 -27.74 -28.42
CA ASP C 134 -6.74 -27.07 -29.50
C ASP C 134 -6.92 -25.56 -29.40
N LEU C 135 -8.16 -25.13 -29.15
CA LEU C 135 -8.47 -23.71 -29.04
C LEU C 135 -7.66 -23.08 -27.91
N ALA C 136 -7.68 -23.75 -26.75
CA ALA C 136 -6.96 -23.27 -25.58
C ALA C 136 -5.45 -23.28 -25.85
N ARG C 137 -4.97 -24.35 -26.49
CA ARG C 137 -3.56 -24.51 -26.80
C ARG C 137 -3.08 -23.41 -27.74
N SER C 138 -3.94 -22.99 -28.66
CA SER C 138 -3.60 -21.96 -29.63
C SER C 138 -3.39 -20.61 -28.94
N TYR C 139 -4.15 -20.36 -27.88
CA TYR C 139 -4.03 -19.10 -27.14
C TYR C 139 -2.95 -19.20 -26.07
N GLY C 140 -2.65 -20.43 -25.66
CA GLY C 140 -1.64 -20.66 -24.65
C GLY C 140 -2.21 -20.74 -23.26
N ILE C 141 -3.47 -21.14 -23.17
CA ILE C 141 -4.16 -21.26 -21.89
C ILE C 141 -4.60 -22.70 -21.64
N PRO C 142 -4.87 -23.05 -20.37
CA PRO C 142 -5.32 -24.40 -20.02
C PRO C 142 -6.82 -24.59 -20.21
N PHE C 143 -7.24 -25.85 -20.35
CA PHE C 143 -8.65 -26.17 -20.54
C PHE C 143 -9.11 -27.17 -19.47
N ILE C 144 -10.21 -26.85 -18.82
CA ILE C 144 -10.76 -27.69 -17.76
C ILE C 144 -12.26 -27.92 -17.96
N GLU C 145 -12.67 -29.19 -18.05
CA GLU C 145 -14.09 -29.53 -18.18
C GLU C 145 -14.73 -29.47 -16.79
N THR C 146 -15.88 -28.83 -16.69
CA THR C 146 -16.53 -28.68 -15.40
C THR C 146 -18.00 -29.09 -15.40
N SER C 147 -18.38 -29.81 -14.37
CA SER C 147 -19.74 -30.25 -14.20
C SER C 147 -20.25 -29.72 -12.86
N ALA C 148 -21.22 -28.83 -12.91
CA ALA C 148 -21.78 -28.25 -11.70
C ALA C 148 -22.63 -29.27 -10.95
N LYS C 149 -23.03 -30.32 -11.66
CA LYS C 149 -23.84 -31.37 -11.07
C LYS C 149 -23.03 -32.24 -10.12
N THR C 150 -21.77 -32.46 -10.44
CA THR C 150 -20.91 -33.29 -9.62
C THR C 150 -19.70 -32.53 -9.08
N ARG C 151 -19.68 -31.21 -9.29
CA ARG C 151 -18.56 -30.37 -8.84
C ARG C 151 -17.24 -30.83 -9.48
N GLN C 152 -17.36 -31.45 -10.65
CA GLN C 152 -16.21 -31.97 -11.37
C GLN C 152 -15.36 -30.84 -11.96
N GLY C 153 -14.11 -30.77 -11.51
CA GLY C 153 -13.17 -29.77 -11.99
C GLY C 153 -13.48 -28.35 -11.56
N VAL C 154 -14.54 -28.16 -10.79
CA VAL C 154 -14.93 -26.82 -10.32
C VAL C 154 -13.82 -26.16 -9.49
N ASP C 155 -13.40 -26.83 -8.43
CA ASP C 155 -12.36 -26.31 -7.55
C ASP C 155 -11.05 -26.10 -8.30
N ASP C 156 -10.66 -27.07 -9.11
CA ASP C 156 -9.41 -27.00 -9.85
C ASP C 156 -9.41 -25.84 -10.84
N ALA C 157 -10.55 -25.58 -11.46
CA ALA C 157 -10.68 -24.49 -12.42
C ALA C 157 -10.34 -23.16 -11.77
N PHE C 158 -10.90 -22.93 -10.60
CA PHE C 158 -10.64 -21.70 -9.87
C PHE C 158 -9.18 -21.63 -9.41
N TYR C 159 -8.69 -22.75 -8.88
CA TYR C 159 -7.32 -22.84 -8.39
C TYR C 159 -6.32 -22.62 -9.53
N THR C 160 -6.63 -23.14 -10.70
CA THR C 160 -5.75 -22.98 -11.87
C THR C 160 -5.64 -21.50 -12.23
N LEU C 161 -6.78 -20.81 -12.25
CA LEU C 161 -6.80 -19.39 -12.58
C LEU C 161 -5.92 -18.60 -11.63
N VAL C 162 -6.01 -18.92 -10.33
CA VAL C 162 -5.21 -18.24 -9.32
C VAL C 162 -3.73 -18.50 -9.56
N ARG C 163 -3.40 -19.72 -9.98
CA ARG C 163 -2.03 -20.09 -10.26
C ARG C 163 -1.52 -19.42 -11.53
N GLU C 164 -2.41 -19.21 -12.49
CA GLU C 164 -2.05 -18.53 -13.74
C GLU C 164 -1.71 -17.07 -13.43
N ILE C 165 -2.44 -16.49 -12.48
CA ILE C 165 -2.20 -15.12 -12.06
C ILE C 165 -0.83 -15.01 -11.42
N ARG C 166 -0.46 -16.04 -10.66
CA ARG C 166 0.85 -16.09 -10.01
C ARG C 166 1.96 -15.97 -11.05
N LYS C 167 1.78 -16.68 -12.17
CA LYS C 167 2.75 -16.68 -13.25
C LYS C 167 2.85 -15.29 -13.87
N HIS C 168 1.71 -14.62 -13.98
CA HIS C 168 1.65 -13.28 -14.58
C HIS C 168 2.46 -12.28 -13.76
N LYS C 169 2.52 -12.50 -12.45
CA LYS C 169 3.27 -11.60 -11.58
C LYS C 169 4.76 -11.67 -11.90
N GLU C 170 5.22 -12.87 -12.22
CA GLU C 170 6.63 -13.07 -12.57
C GLU C 170 6.92 -12.48 -13.94
N LYS C 171 5.96 -12.63 -14.85
CA LYS C 171 6.09 -12.08 -16.20
C LYS C 171 6.13 -10.56 -16.16
N MET C 172 5.53 -10.01 -15.12
CA MET C 172 5.48 -8.56 -14.94
C MET C 172 6.81 -8.07 -14.36
N SER C 173 7.56 -8.97 -13.76
CA SER C 173 8.85 -8.63 -13.19
C SER C 173 9.98 -8.88 -14.19
N LYS C 174 9.93 -10.04 -14.85
CA LYS C 174 10.94 -10.40 -15.84
C LYS C 174 10.56 -9.86 -17.22
N ASP C 175 10.40 -8.55 -17.32
CA ASP C 175 10.03 -7.92 -18.58
C ASP C 175 10.80 -6.62 -18.76
N GLY C 176 11.16 -6.30 -19.99
CA GLY C 176 11.90 -5.09 -20.27
C GLY C 176 11.45 -4.41 -21.54
N LYS C 177 11.95 -3.20 -21.77
CA LYS C 177 11.60 -2.43 -22.95
C LYS C 177 12.84 -1.79 -23.57
N LYS C 178 12.67 -1.29 -24.80
CA LYS C 178 13.74 -0.66 -25.56
C LYS C 178 14.88 -1.65 -25.80
N LYS C 179 16.12 -1.21 -25.65
CA LYS C 179 17.26 -2.07 -25.86
C LYS C 179 18.32 -1.89 -24.77
N LYS C 180 19.34 -2.74 -24.82
CA LYS C 180 20.41 -2.70 -23.84
C LYS C 180 21.55 -1.80 -24.31
N LYS C 181 22.46 -1.51 -23.39
CA LYS C 181 23.60 -0.65 -23.70
C LYS C 181 24.90 -1.36 -23.34
N LYS C 182 26.00 -0.88 -23.91
CA LYS C 182 27.31 -1.44 -23.64
C LYS C 182 28.38 -0.37 -23.83
N SER C 183 28.18 0.49 -24.82
CA SER C 183 29.10 1.57 -25.09
C SER C 183 28.89 2.72 -24.11
N LYS C 184 29.92 3.03 -23.33
CA LYS C 184 29.85 4.09 -22.35
C LYS C 184 30.14 5.44 -23.00
N THR C 185 30.80 5.39 -24.14
CA THR C 185 31.13 6.60 -24.88
C THR C 185 30.47 6.58 -26.26
N LYS C 186 29.69 7.60 -26.55
CA LYS C 186 29.01 7.70 -27.83
C LYS C 186 29.98 8.09 -28.95
N CYS C 187 30.50 7.08 -29.63
CA CYS C 187 31.44 7.30 -30.72
C CYS C 187 30.70 7.41 -32.06
C1 PCW D . -2.62 2.85 -17.39
C2 PCW D . -1.27 3.57 -17.78
C3 PCW D . -1.50 4.52 -19.00
C4 PCW D . -0.73 -0.31 -15.66
C5 PCW D . -0.72 -1.74 -16.22
C6 PCW D . -1.98 -1.92 -18.42
C7 PCW D . 0.31 -2.74 -18.24
C8 PCW D . -1.19 -3.36 -17.35
C11 PCW D . -0.30 6.14 -20.30
C12 PCW D . 1.08 6.71 -20.49
C13 PCW D . 1.93 5.67 -21.30
C14 PCW D . 3.38 6.08 -21.59
C15 PCW D . 4.10 6.88 -20.46
C16 PCW D . 4.75 8.19 -21.02
C17 PCW D . 3.81 9.19 -21.80
C18 PCW D . 3.39 10.40 -20.96
C19 PCW D . 2.45 11.36 -21.73
C20 PCW D . 1.68 12.32 -21.09
C21 PCW D . 1.49 12.67 -19.66
C22 PCW D . 1.56 14.22 -19.58
C23 PCW D . 0.22 15.00 -19.51
C24 PCW D . -0.15 15.59 -18.19
C25 PCW D . -0.67 17.06 -18.07
C26 PCW D . -2.17 17.26 -18.22
C27 PCW D . -2.66 18.41 -19.13
C28 PCW D . -2.83 19.68 -18.31
C31 PCW D . 0.06 3.81 -15.82
C32 PCW D . 0.45 4.80 -14.71
C33 PCW D . -0.68 5.05 -13.59
C34 PCW D . -0.10 5.38 -12.23
C35 PCW D . -0.94 6.61 -11.69
C36 PCW D . -0.12 7.92 -11.66
C37 PCW D . -0.90 9.18 -11.14
C38 PCW D . -0.04 10.40 -11.15
C39 PCW D . -0.76 11.63 -10.65
C40 PCW D . -0.27 12.59 -9.88
C41 PCW D . 1.16 12.62 -9.35
C42 PCW D . 1.11 12.51 -7.76
C43 PCW D . 0.96 11.12 -7.15
C44 PCW D . 0.94 11.32 -5.64
C45 PCW D . -0.24 10.72 -4.93
C46 PCW D . -0.85 11.60 -3.88
C47 PCW D . -2.16 11.16 -3.31
C48 PCW D . -2.67 12.15 -2.25
N PCW D . -0.74 -1.97 -17.62
O2 PCW D . -0.81 4.42 -16.63
O3 PCW D . -0.27 5.17 -19.34
O11 PCW D . -1.28 6.49 -20.90
O31 PCW D . 0.50 2.63 -15.95
O1P PCW D . -2.77 0.99 -14.04
O2P PCW D . -4.21 0.48 -16.00
O3P PCW D . -2.78 2.61 -15.97
O4P PCW D . -1.83 0.37 -16.30
P PCW D . -2.95 1.07 -15.53
C1 PCW E . -16.51 13.92 -16.10
C2 PCW E . -16.07 14.58 -17.47
C3 PCW E . -16.84 15.93 -17.69
C4 PCW E . -19.49 10.02 -16.12
C5 PCW E . -19.78 8.81 -17.00
C6 PCW E . -20.97 6.54 -17.14
C7 PCW E . -22.19 8.54 -16.42
C8 PCW E . -21.43 8.21 -18.07
C11 PCW E . -17.37 16.93 -19.81
C12 PCW E . -16.71 17.51 -21.04
C13 PCW E . -16.93 16.50 -22.23
C14 PCW E . -16.31 16.93 -23.56
C15 PCW E . -14.76 16.82 -23.66
C16 PCW E . -14.19 17.93 -24.62
C17 PCW E . -13.96 19.35 -24.00
C18 PCW E . -14.77 20.45 -24.69
C19 PCW E . -15.45 21.41 -23.69
C20 PCW E . -15.39 22.79 -23.83
C21 PCW E . -14.73 23.67 -24.83
C22 PCW E . -15.65 24.94 -24.98
C23 PCW E . -15.22 26.22 -24.22
C24 PCW E . -16.24 26.84 -23.32
C25 PCW E . -15.97 28.20 -22.63
C26 PCW E . -17.19 29.06 -22.32
C27 PCW E . -17.86 28.89 -20.95
C28 PCW E . -17.63 30.12 -20.10
C31 PCW E . -13.92 14.52 -18.47
C32 PCW E . -12.45 14.94 -18.26
C33 PCW E . -11.44 13.73 -17.97
C34 PCW E . -10.37 14.08 -16.93
C35 PCW E . -9.23 14.83 -17.73
C36 PCW E . -8.62 16.01 -16.94
C37 PCW E . -7.48 16.80 -17.67
C38 PCW E . -7.97 18.09 -18.24
C39 PCW E . -6.89 18.86 -18.95
C40 PCW E . -6.64 20.16 -18.85
C41 PCW E . -7.43 21.12 -17.96
C42 PCW E . -6.70 22.54 -18.00
C43 PCW E . -6.76 23.43 -16.77
C44 PCW E . -5.98 24.69 -17.09
C45 PCW E . -6.38 25.91 -16.29
C46 PCW E . -6.81 27.07 -17.13
C47 PCW E . -7.55 28.17 -16.42
C48 PCW E . -7.95 29.30 -17.39
N PCW E . -20.90 7.95 -16.70
O2 PCW E . -14.62 14.92 -17.41
O3 PCW E . -16.42 16.52 -18.94
O11 PCW E . -18.56 16.85 -19.64
O31 PCW E . -14.38 13.92 -19.49
O1P PCW E . -19.36 12.87 -15.47
O2P PCW E . -18.87 13.09 -17.91
O3P PCW E . -16.98 12.57 -16.25
O4P PCW E . -18.66 10.92 -16.91
P PCW E . -18.54 12.41 -16.63
C1 PCW F . -10.41 -23.94 17.75
C2 PCW F . -10.03 -22.72 18.69
C3 PCW F . -10.83 -22.82 20.04
C4 PCW F . -6.06 -25.90 18.11
C5 PCW F . -4.72 -25.15 18.10
C6 PCW F . -3.87 -25.50 20.48
C7 PCW F . -2.32 -25.47 18.58
C8 PCW F . -3.37 -24.09 19.20
C11 PCW F . -9.69 -21.98 21.97
C12 PCW F . -9.46 -20.71 22.74
C13 PCW F . -10.42 -20.69 23.99
C14 PCW F . -10.30 -19.47 24.89
C15 PCW F . -10.17 -19.74 26.41
C16 PCW F . -8.89 -19.06 26.99
C17 PCW F . -7.91 -19.95 27.84
C18 PCW F . -7.31 -19.22 29.03
C19 PCW F . -7.86 -19.70 30.38
C20 PCW F . -8.50 -18.84 31.27
C21 PCW F . -8.79 -17.38 31.21
C22 PCW F . -8.85 -16.88 32.68
C23 PCW F . -10.18 -16.22 33.16
C24 PCW F . -10.25 -14.73 33.09
C25 PCW F . -10.03 -13.85 34.35
C26 PCW F . -9.66 -12.40 34.10
C27 PCW F . -8.43 -11.83 34.85
C28 PCW F . -8.83 -10.60 35.63
C31 PCW F . -7.96 -21.61 19.02
C32 PCW F . -6.49 -21.84 19.37
C33 PCW F . -6.10 -21.57 20.89
C34 PCW F . -4.92 -20.60 21.04
C35 PCW F . -5.28 -19.72 22.30
C36 PCW F . -5.59 -18.25 21.91
C37 PCW F . -5.94 -17.30 23.09
C38 PCW F . -7.41 -17.26 23.36
C39 PCW F . -7.77 -16.34 24.51
C40 PCW F . -8.82 -15.54 24.60
C41 PCW F . -9.89 -15.40 23.53
C42 PCW F . -10.84 -14.19 23.94
C43 PCW F . -11.96 -13.79 23.00
C44 PCW F . -12.69 -12.62 23.65
C45 PCW F . -12.56 -11.30 22.92
C46 PCW F . -12.49 -10.12 23.83
C47 PCW F . -11.13 -9.46 23.99
C48 PCW F . -11.20 -8.26 24.95
N PCW F . -3.70 -25.54 19.02
O2 PCW F . -8.57 -22.79 19.02
O3 PCW F . -10.48 -21.72 20.89
O11 PCW F . -9.27 -23.06 22.28
O31 PCW F . -8.50 -20.48 18.78
O1P PCW F . -8.16 -26.34 16.15
O2P PCW F . -8.15 -23.85 16.04
O3P PCW F . -9.52 -25.07 17.86
O4P PCW F . -7.09 -24.89 17.92
P PCW F . -8.22 -25.04 16.92
C1 PCW G . 22.10 -4.26 -18.03
C2 PCW G . 23.24 -3.21 -17.81
C3 PCW G . 23.84 -2.75 -19.18
C4 PCW G . 19.12 -1.30 -20.23
C5 PCW G . 17.67 -0.85 -20.41
C6 PCW G . 18.13 1.56 -21.11
C7 PCW G . 16.03 0.47 -21.73
C8 PCW G . 16.64 0.88 -20.03
C11 PCW G . 26.12 -2.06 -19.47
C12 PCW G . 27.05 -0.93 -19.14
C13 PCW G . 27.06 0.06 -20.36
C14 PCW G . 27.97 1.29 -20.19
C15 PCW G . 27.25 2.59 -19.73
C16 PCW G . 26.31 3.15 -20.86
C17 PCW G . 25.49 4.44 -20.53
C18 PCW G . 26.25 5.73 -20.84
C19 PCW G . 27.04 6.27 -19.62
C20 PCW G . 26.87 7.56 -19.13
C21 PCW G . 26.01 8.69 -19.56
C22 PCW G . 26.43 9.93 -18.71
C23 PCW G . 25.87 11.31 -19.14
C24 PCW G . 26.67 12.09 -20.13
C25 PCW G . 26.06 12.53 -21.49
C26 PCW G . 25.82 11.43 -22.52
C27 PCW G . 26.72 11.40 -23.77
C28 PCW G . 26.99 9.97 -24.16
C31 PCW G . 23.27 -1.73 -15.96
C32 PCW G . 22.61 -0.46 -15.38
C33 PCW G . 23.45 0.32 -14.27
C34 PCW G . 24.12 1.59 -14.79
C35 PCW G . 25.67 1.30 -14.74
C36 PCW G . 26.38 1.69 -16.06
C37 PCW G . 27.92 1.43 -16.09
C38 PCW G . 28.70 2.70 -15.93
C39 PCW G . 30.18 2.48 -15.96
C40 PCW G . 30.99 2.33 -14.91
C41 PCW G . 30.52 2.36 -13.47
C42 PCW G . 31.80 2.58 -12.54
C43 PCW G . 32.18 1.48 -11.56
C44 PCW G . 33.42 1.96 -10.82
C45 PCW G . 34.04 0.94 -9.89
C46 PCW G . 33.73 1.19 -8.43
C47 PCW G . 34.39 0.26 -7.44
C48 PCW G . 34.00 0.62 -6.00
N PCW G . 17.36 0.30 -21.20
O2 PCW G . 22.70 -1.99 -17.13
O3 PCW G . 24.88 -1.79 -18.96
O11 PCW G . 26.41 -3.05 -20.09
O31 PCW G . 24.20 -2.39 -15.41
O1P PCW G . 21.29 -3.18 -20.58
O2P PCW G . 19.52 -4.86 -20.06
O3P PCW G . 20.78 -3.68 -18.16
O4P PCW G . 19.10 -2.56 -19.53
P PCW G . 20.19 -3.60 -19.66
C1 PCW H . -10.39 6.10 -20.13
C2 PCW H . -9.20 7.07 -20.56
C3 PCW H . -9.62 8.56 -20.34
C4 PCW H . -8.31 3.68 -23.30
C5 PCW H . -7.53 4.45 -24.36
C6 PCW H . -5.07 4.64 -23.73
C7 PCW H . -5.73 3.85 -25.95
C8 PCW H . -6.01 5.53 -25.20
C11 PCW H . -8.70 10.76 -20.64
C12 PCW H . -7.44 11.44 -21.10
C13 PCW H . -7.03 12.52 -20.03
C14 PCW H . -5.77 13.32 -20.35
C15 PCW H . -6.01 14.76 -20.89
C16 PCW H . -4.97 15.10 -22.03
C17 PCW H . -5.37 14.74 -23.50
C18 PCW H . -4.48 15.40 -24.56
C19 PCW H . -5.07 16.73 -25.10
C20 PCW H . -4.70 17.96 -24.59
C21 PCW H . -3.77 18.37 -23.51
C22 PCW H . -4.47 19.53 -22.72
C23 PCW H . -3.60 20.76 -22.35
C24 PCW H . -4.33 21.97 -21.85
C25 PCW H . -3.76 22.82 -20.68
C26 PCW H . -4.22 24.28 -20.63
C27 PCW H . -3.18 25.34 -20.25
C28 PCW H . -3.87 26.66 -19.97
C31 PCW H . -6.92 6.45 -20.39
C32 PCW H . -5.78 6.22 -19.39
C33 PCW H . -5.26 7.54 -18.64
C34 PCW H . -3.86 7.38 -18.06
C35 PCW H . -4.04 6.52 -16.74
C36 PCW H . -4.40 7.40 -15.51
C37 PCW H . -4.60 6.62 -14.16
C38 PCW H . -5.87 5.84 -14.15
C39 PCW H . -6.07 5.09 -12.86
C40 PCW H . -7.06 5.25 -11.98
C41 PCW H . -8.19 6.26 -12.15
C42 PCW H . -7.74 7.64 -11.49
C43 PCW H . -8.75 8.76 -11.35
C44 PCW H . -8.04 9.93 -10.69
C45 PCW H . -8.55 10.31 -9.33
C46 PCW H . -9.30 11.61 -9.31
C47 PCW H . -10.80 11.52 -9.17
C48 PCW H . -11.45 12.91 -9.17
N PCW H . -6.16 4.17 -24.60
O2 PCW H . -8.01 6.80 -19.71
O3 PCW H . -8.53 9.41 -20.73
O11 PCW H . -9.69 11.31 -20.25
O31 PCW H . -6.83 6.32 -21.65
O1P PCW H . -10.67 2.72 -21.86
O2P PCW H . -11.58 4.96 -22.51
O3P PCW H . -10.12 4.71 -20.41
O4P PCW H . -9.21 4.63 -22.67
P PCW H . -10.46 4.22 -21.91
C1 PCW I . 15.96 -11.37 -5.25
C2 PCW I . 16.37 -10.03 -4.50
C3 PCW I . 17.86 -9.67 -4.81
C4 PCW I . 11.57 -11.74 -4.43
C5 PCW I . 10.95 -11.74 -5.83
C6 PCW I . 11.54 -13.28 -7.77
C7 PCW I . 9.55 -13.71 -6.39
C8 PCW I . 9.87 -12.26 -7.49
C11 PCW I . 18.57 -8.56 -2.81
C12 PCW I . 18.87 -7.18 -2.28
C13 PCW I . 17.58 -6.62 -1.55
C14 PCW I . 17.73 -5.23 -0.94
C15 PCW I . 16.40 -4.55 -0.48
C16 PCW I . 16.68 -3.50 0.65
C17 PCW I . 16.04 -3.77 2.06
C18 PCW I . 16.74 -3.03 3.19
C19 PCW I . 16.99 -3.92 4.43
C20 PCW I . 18.15 -3.85 5.18
C21 PCW I . 19.37 -3.02 5.07
C22 PCW I . 20.57 -3.91 5.52
C23 PCW I . 22.00 -3.37 5.26
C24 PCW I . 22.89 -3.22 6.47
C25 PCW I . 23.41 -4.47 7.23
C26 PCW I . 24.83 -4.40 7.75
C27 PCW I . 25.05 -4.55 9.28
C28 PCW I . 26.32 -5.31 9.55
C31 PCW I . 14.44 -8.70 -4.24
C32 PCW I . 13.69 -7.49 -4.84
C33 PCW I . 14.39 -6.08 -4.61
C34 PCW I . 14.17 -5.09 -5.75
C35 PCW I . 13.88 -3.70 -5.06
C36 PCW I . 13.15 -2.70 -5.99
C37 PCW I . 12.84 -1.30 -5.36
C38 PCW I . 13.49 -0.19 -6.13
C39 PCW I . 13.19 1.16 -5.54
C40 PCW I . 14.08 2.04 -5.09
C41 PCW I . 15.58 1.83 -5.10
C42 PCW I . 16.23 2.87 -6.12
C43 PCW I . 16.65 4.23 -5.60
C44 PCW I . 17.23 5.00 -6.77
C45 PCW I . 16.36 6.11 -7.30
C46 PCW I . 17.06 7.43 -7.43
C47 PCW I . 17.38 7.88 -8.84
C48 PCW I . 18.11 9.24 -8.83
N PCW I . 10.79 -12.97 -6.54
O2 PCW I . 15.53 -8.90 -4.97
O3 PCW I . 18.20 -8.46 -4.11
O11 PCW I . 18.63 -9.57 -2.17
O31 PCW I . 14.07 -9.37 -3.23
O1P PCW I . 13.68 -13.24 -2.65
O2P PCW I . 13.63 -13.36 -4.68
O3P PCW I . 15.51 -12.44 -4.38
O4P PCW I . 13.00 -11.57 -4.61
P PCW I . 14.04 -12.27 -3.76
C1 PCW J . 17.12 -2.33 -16.76
C2 PCW J . 17.58 -1.11 -15.88
C3 PCW J . 19.03 -0.68 -16.29
C4 PCW J . 13.30 -3.87 -16.91
C5 PCW J . 13.10 -3.25 -15.53
C6 PCW J . 11.96 -5.11 -14.49
C7 PCW J . 10.72 -3.32 -15.35
C8 PCW J . 11.86 -2.96 -13.42
C11 PCW J . 19.73 1.61 -16.11
C12 PCW J . 20.16 2.63 -15.09
C13 PCW J . 18.90 3.49 -14.70
C14 PCW J . 19.16 4.58 -13.66
C15 PCW J . 17.98 5.57 -13.41
C16 PCW J . 18.46 7.06 -13.57
C17 PCW J . 19.61 7.56 -12.63
C18 PCW J . 19.82 9.08 -12.66
C19 PCW J . 20.55 9.57 -13.92
C20 PCW J . 21.90 9.91 -13.92
C21 PCW J . 22.93 9.92 -12.86
C22 PCW J . 24.32 10.01 -13.58
C23 PCW J . 25.37 10.96 -12.99
C24 PCW J . 26.58 11.25 -13.84
C25 PCW J . 27.90 10.46 -13.64
C26 PCW J . 28.20 9.39 -14.67
C27 PCW J . 29.25 8.31 -14.30
C28 PCW J . 29.38 7.32 -15.44
C31 PCW J . 15.51 -0.02 -15.49
C32 PCW J . 14.71 1.26 -15.83
C33 PCW J . 14.83 2.45 -14.76
C34 PCW J . 13.84 2.31 -13.60
C35 PCW J . 13.26 3.77 -13.36
C36 PCW J . 13.69 4.36 -12.00
C37 PCW J . 13.15 5.80 -11.72
C38 PCW J . 14.20 6.66 -11.09
C39 PCW J . 13.71 8.05 -10.80
C40 PCW J . 14.29 9.19 -11.16
C41 PCW J . 15.58 9.27 -11.95
C42 PCW J . 15.50 10.53 -12.93
C43 PCW J . 16.78 11.06 -13.54
C44 PCW J . 16.40 12.23 -14.42
C45 PCW J . 16.89 13.58 -13.95
C46 PCW J . 15.88 14.68 -14.10
C47 PCW J . 14.92 14.87 -12.94
C48 PCW J . 13.94 16.02 -13.21
N PCW J . 11.97 -3.64 -14.74
O2 PCW J . 16.69 0.07 -16.11
O3 PCW J . 19.44 0.44 -15.48
O11 PCW J . 19.68 1.81 -17.30
O31 PCW J . 15.10 -0.97 -14.77
O1P PCW J . 14.29 -2.59 -19.33
O2P PCW J . 16.17 -4.21 -19.06
O3P PCW J . 16.19 -1.97 -17.81
O4P PCW J . 14.73 -3.82 -17.18
P PCW J . 15.33 -3.17 -18.42
C1 PCW K . -31.25 -0.18 6.86
C2 PCW K . -31.83 0.97 7.75
C3 PCW K . -33.30 1.31 7.32
C4 PCW K . -30.58 -4.81 7.64
C5 PCW K . -29.60 -5.31 6.58
C6 PCW K . -29.23 -7.57 7.34
C7 PCW K . -27.76 -5.89 8.02
C8 PCW K . -27.61 -6.58 5.86
C11 PCW K . -33.66 3.65 7.73
C12 PCW K . -34.21 4.59 8.76
C13 PCW K . -33.00 5.18 9.58
C14 PCW K . -33.37 6.16 10.69
C15 PCW K . -32.21 7.08 11.19
C16 PCW K . -32.23 8.46 10.45
C17 PCW K . -31.98 9.74 11.32
C18 PCW K . -33.00 10.85 11.08
C19 PCW K . -33.88 11.16 12.32
C20 PCW K . -33.50 12.05 13.30
C21 PCW K . -32.29 12.89 13.48
C22 PCW K . -31.68 12.52 14.86
C23 PCW K . -31.99 13.45 16.06
C24 PCW K . -30.90 14.35 16.51
C25 PCW K . -30.85 15.84 16.05
C26 PCW K . -30.10 16.11 14.75
C27 PCW K . -29.23 17.38 14.69
C28 PCW K . -28.12 17.18 13.70
C31 PCW K . -31.32 1.40 10.03
C32 PCW K . -31.44 0.82 11.44
C33 PCW K . -30.24 -0.15 11.89
C34 PCW K . -28.85 0.46 11.70
C35 PCW K . -28.63 1.40 12.96
C36 PCW K . -28.35 2.87 12.55
C37 PCW K . -28.13 3.86 13.74
C38 PCW K . -28.21 5.28 13.30
C39 PCW K . -27.99 6.25 14.43
C40 PCW K . -27.41 7.45 14.36
C41 PCW K . -26.87 8.06 13.08
C42 PCW K . -27.26 9.61 13.07
C43 PCW K . -28.48 10.04 12.28
C44 PCW K . -28.61 11.54 12.45
C45 PCW K . -29.03 12.29 11.20
C46 PCW K . -27.92 13.09 10.58
C47 PCW K . -28.09 14.59 10.57
C48 PCW K . -26.89 15.28 9.91
N PCW K . -28.61 -6.29 6.93
O2 PCW K . -31.88 0.53 9.18
O3 PCW K . -33.79 2.37 8.16
O11 PCW K . -33.17 3.98 6.68
O31 PCW K . -30.78 2.51 9.73
O1P PCW K . -31.46 -2.74 9.48
O2P PCW K . -33.05 -2.19 7.64
O3P PCW K . -30.65 -1.27 7.61
O4P PCW K . -31.17 -3.58 7.13
P PCW K . -31.64 -2.45 8.02
C1 PCW L . 1.27 -9.93 3.64
C2 PCW L . 2.27 -8.70 3.71
C3 PCW L . 2.06 -7.77 2.47
C4 PCW L . -1.41 -6.74 3.03
C5 PCW L . -2.35 -5.68 3.58
C6 PCW L . -0.96 -3.71 3.81
C7 PCW L . -3.26 -3.45 3.60
C8 PCW L . -2.11 -4.06 1.73
C11 PCW L . 2.44 -5.40 2.45
C12 PCW L . 3.55 -4.39 2.57
C13 PCW L . 3.13 -3.33 3.65
C14 PCW L . 4.15 -2.21 3.91
C15 PCW L . 3.73 -1.15 4.96
C16 PCW L . 4.35 0.26 4.60
C17 PCW L . 4.74 1.20 5.80
C18 PCW L . 3.61 2.13 6.23
C19 PCW L . 4.12 3.48 6.78
C20 PCW L . 4.43 4.56 5.95
C21 PCW L . 4.37 4.72 4.49
C22 PCW L . 5.66 5.48 4.06
C23 PCW L . 6.19 5.23 2.62
C24 PCW L . 6.48 6.44 1.79
C25 PCW L . 5.80 6.63 0.40
C26 PCW L . 6.72 6.69 -0.81
C27 PCW L . 7.42 8.03 -1.11
C28 PCW L . 8.00 8.01 -2.52
C31 PCW L . 2.89 -8.06 5.90
C32 PCW L . 2.49 -7.16 7.09
C33 PCW L . 1.90 -7.92 8.38
C34 PCW L . 2.63 -9.23 8.69
C35 PCW L . 3.19 -9.07 10.16
C36 PCW L . 3.30 -10.43 10.89
C37 PCW L . 3.86 -10.36 12.35
C38 PCW L . 4.32 -11.69 12.83
C39 PCW L . 4.87 -11.66 14.23
C40 PCW L . 6.05 -12.08 14.64
C41 PCW L . 7.08 -12.71 13.72
C42 PCW L . 8.12 -11.56 13.29
C43 PCW L . 9.45 -11.98 12.71
C44 PCW L . 10.22 -10.71 12.38
C45 PCW L . 10.76 -10.63 10.98
C46 PCW L . 11.79 -9.54 10.79
C47 PCW L . 11.43 -8.43 9.83
C48 PCW L . 12.56 -7.40 9.73
N PCW L . -2.17 -4.30 3.20
O2 PCW L . 2.00 -7.88 4.93
O3 PCW L . 2.97 -6.66 2.55
O11 PCW L . 1.29 -5.14 2.30
O31 PCW L . 3.89 -8.82 5.86
O1P PCW L . -0.87 -9.41 2.02
O2P PCW L . -2.46 -10.08 3.83
O3P PCW L . 0.04 -9.73 4.37
O4P PCW L . -1.51 -7.89 3.92
P PCW L . -1.24 -9.31 3.47
C1 PCW M . -27.20 4.64 -5.18
C2 PCW M . -27.41 6.21 -5.19
C3 PCW M . -26.96 6.80 -3.81
C4 PCW M . -25.63 1.67 -8.65
C5 PCW M . -24.33 1.57 -9.43
C6 PCW M . -22.73 0.56 -7.72
C7 PCW M . -22.56 -0.03 -10.10
C8 PCW M . -22.28 1.62 -9.31
C11 PCW M . -28.30 8.71 -3.29
C12 PCW M . -28.29 10.22 -3.37
C13 PCW M . -27.41 10.77 -2.19
C14 PCW M . -27.30 12.28 -2.11
C15 PCW M . -28.34 13.00 -1.21
C16 PCW M . -28.05 12.72 0.31
C17 PCW M . -29.26 12.51 1.26
C18 PCW M . -29.75 11.06 1.32
C19 PCW M . -30.86 10.82 2.36
C20 PCW M . -30.65 10.03 3.49
C21 PCW M . -29.49 9.26 3.98
C22 PCW M . -30.04 8.22 4.99
C23 PCW M . -29.12 7.01 5.34
C24 PCW M . -29.10 6.59 6.79
C25 PCW M . -27.96 5.67 7.33
C26 PCW M . -26.99 6.33 8.30
C27 PCW M . -26.67 5.59 9.61
C28 PCW M . -25.40 6.14 10.21
C31 PCW M . -27.23 7.64 -7.07
C32 PCW M . -26.24 8.20 -8.09
C33 PCW M . -26.20 9.80 -8.22
C34 PCW M . -25.34 10.47 -7.16
C35 PCW M . -26.03 11.86 -6.84
C36 PCW M . -25.08 12.85 -6.14
C37 PCW M . -25.68 14.24 -5.79
C38 PCW M . -24.62 15.27 -5.59
C39 PCW M . -25.17 16.63 -5.24
C40 PCW M . -24.72 17.47 -4.33
C41 PCW M . -23.53 17.18 -3.43
C42 PCW M . -23.50 18.27 -2.26
C43 PCW M . -23.84 17.84 -0.85
C44 PCW M . -23.74 19.07 0.03
C45 PCW M . -24.96 19.39 0.86
C46 PCW M . -25.37 20.83 0.79
C47 PCW M . -26.70 21.10 0.11
C48 PCW M . -27.01 22.61 0.11
N PCW M . -23.35 0.60 -9.07
O2 PCW M . -26.56 6.83 -6.25
O3 PCW M . -27.14 8.22 -3.81
O11 PCW M . -29.19 8.04 -2.84
O31 PCW M . -28.47 7.91 -7.01
O1P PCW M . -27.98 2.55 -7.14
O2P PCW M . -27.58 4.68 -8.38
O3P PCW M . -26.30 4.17 -6.21
O4P PCW M . -25.82 3.07 -8.32
P PCW M . -27.00 3.61 -7.54
C1 PCW N . 6.03 -9.72 3.51
C2 PCW N . 6.51 -8.23 3.30
C3 PCW N . 7.27 -7.72 4.56
C4 PCW N . 5.33 -13.36 0.83
C5 PCW N . 5.74 -14.68 1.46
C6 PCW N . 6.34 -17.02 1.45
C7 PCW N . 6.83 -15.68 -0.41
C8 PCW N . 4.66 -16.25 -0.09
C11 PCW N . 8.23 -5.69 5.42
C12 PCW N . 8.62 -4.30 5.00
C13 PCW N . 7.76 -3.28 5.85
C14 PCW N . 8.01 -1.80 5.55
C15 PCW N . 8.94 -1.05 6.57
C16 PCW N . 8.19 0.16 7.21
C17 PCW N . 7.45 -0.07 8.57
C18 PCW N . 8.41 -0.19 9.76
C19 PCW N . 8.62 1.16 10.49
C20 PCW N . 8.92 1.23 11.85
C21 PCW N . 9.12 0.19 12.89
C22 PCW N . 9.41 0.94 14.22
C23 PCW N . 10.77 1.69 14.35
C24 PCW N . 11.96 0.87 14.73
C25 PCW N . 12.29 0.57 16.21
C26 PCW N . 12.80 -0.83 16.52
C27 PCW N . 11.81 -2.00 16.39
C28 PCW N . 11.58 -2.64 17.74
C31 PCW N . 7.24 -7.14 1.32
C32 PCW N . 8.29 -7.21 0.20
C33 PCW N . 9.79 -6.82 0.63
C34 PCW N . 10.21 -5.42 0.19
C35 PCW N . 11.16 -4.88 1.33
C36 PCW N . 10.76 -3.47 1.83
C37 PCW N . 11.67 -2.88 2.95
C38 PCW N . 12.18 -1.51 2.61
C39 PCW N . 13.05 -0.94 3.68
C40 PCW N . 13.35 0.35 3.88
C41 PCW N . 12.83 1.48 3.01
C42 PCW N . 13.65 2.80 3.38
C43 PCW N . 12.88 4.03 3.85
C44 PCW N . 13.90 5.12 4.12
C45 PCW N . 14.03 6.16 3.05
C46 PCW N . 15.44 6.35 2.57
C47 PCW N . 15.64 7.37 1.46
C48 PCW N . 17.12 7.45 1.06
N PCW N . 5.88 -15.85 0.65
O2 PCW N . 7.47 -8.16 2.15
O3 PCW N . 7.71 -6.36 4.37
O11 PCW N . 8.36 -6.14 6.53
O31 PCW N . 6.33 -6.27 1.43
O1P PCW N . 4.78 -10.53 1.16
O2P PCW N . 7.07 -10.28 0.20
O3P PCW N . 6.75 -10.70 2.73
O4P PCW N . 6.43 -12.42 1.05
P PCW N . 6.22 -10.93 1.23
C1 PCW O . -16.64 -2.55 -4.46
C2 PCW O . -17.51 -1.27 -4.18
C3 PCW O . -17.05 -0.54 -2.88
C4 PCW O . -17.60 -6.50 -3.78
C5 PCW O . -18.99 -7.11 -3.65
C6 PCW O . -20.77 -8.18 -2.41
C7 PCW O . -18.87 -7.45 -1.28
C8 PCW O . -18.65 -9.31 -2.57
C11 PCW O . -18.79 0.59 -1.65
C12 PCW O . -19.52 1.90 -1.61
C13 PCW O . -18.92 2.77 -0.43
C14 PCW O . -19.56 4.15 -0.25
C15 PCW O . -19.60 4.67 1.22
C16 PCW O . -20.28 6.09 1.27
C17 PCW O . -21.15 6.43 2.53
C18 PCW O . -22.62 6.07 2.35
C19 PCW O . -23.21 5.31 3.57
C20 PCW O . -24.18 5.87 4.38
C21 PCW O . -24.89 7.18 4.37
C22 PCW O . -24.49 7.92 5.67
C23 PCW O . -24.79 9.44 5.74
C24 PCW O . -23.80 10.29 6.48
C25 PCW O . -23.85 11.85 6.41
C26 PCW O . -22.68 12.59 7.02
C27 PCW O . -22.99 13.80 7.94
C28 PCW O . -21.90 14.84 7.82
C31 PCW O . -18.51 0.06 -5.87
C32 PCW O . -18.20 1.06 -7.00
C33 PCW O . -18.57 2.58 -6.69
C34 PCW O . -18.38 3.50 -7.89
C35 PCW O . -18.84 4.93 -7.41
C36 PCW O . -17.65 5.88 -7.13
C37 PCW O . -18.03 7.31 -6.65
C38 PCW O . -16.84 8.06 -6.13
C39 PCW O . -17.18 9.45 -5.66
C40 PCW O . -16.32 10.45 -5.45
C41 PCW O . -14.82 10.36 -5.66
C42 PCW O . -14.19 11.78 -5.28
C43 PCW O . -12.78 11.80 -4.72
C44 PCW O . -12.43 13.26 -4.46
C45 PCW O . -11.24 13.78 -5.23
C46 PCW O . -11.20 15.27 -5.37
C47 PCW O . -10.93 15.81 -6.76
C48 PCW O . -10.93 17.34 -6.76
N PCW O . -19.30 -7.97 -2.54
O2 PCW O . -17.36 -0.30 -5.31
O3 PCW O . -17.87 0.62 -2.65
O11 PCW O . -18.98 -0.33 -0.91
O31 PCW O . -19.67 -0.34 -5.55
O1P PCW O . -16.49 -5.04 -1.52
O2P PCW O . -18.38 -3.50 -1.99
O3P PCW O . -16.17 -3.25 -3.28
O4P PCW O . -17.78 -5.06 -3.70
P PCW O . -17.23 -4.22 -2.55
C1 PCW P . -12.35 -5.44 13.40
C2 PCW P . -12.17 -5.46 14.97
C3 PCW P . -11.17 -4.32 15.40
C4 PCW P . -11.45 -6.12 9.96
C5 PCW P . -11.61 -5.12 8.82
C6 PCW P . -9.28 -4.70 7.86
C7 PCW P . -11.19 -5.05 6.38
C8 PCW P . -10.91 -3.66 7.56
C11 PCW P . -9.90 -4.97 17.32
C12 PCW P . -9.94 -4.90 18.83
C13 PCW P . -8.85 -3.85 19.29
C14 PCW P . -8.75 -3.66 20.81
C15 PCW P . -7.49 -2.88 21.30
C16 PCW P . -7.72 -2.30 22.75
C17 PCW P . -7.15 -3.12 23.94
C18 PCW P . -5.79 -2.61 24.44
C19 PCW P . -5.92 -1.74 25.71
C20 PCW P . -5.46 -2.18 26.96
C21 PCW P . -4.82 -3.44 27.40
C22 PCW P . -5.50 -3.85 28.73
C23 PCW P . -6.85 -4.61 28.65
C24 PCW P . -6.81 -6.08 28.95
C25 PCW P . -6.59 -6.60 30.40
C26 PCW P . -6.75 -8.09 30.63
C27 PCW P . -7.94 -8.56 31.49
C28 PCW P . -8.73 -9.62 30.76
C31 PCW P . -14.10 -6.30 16.07
C32 PCW P . -15.41 -5.87 16.75
C33 PCW P . -15.25 -4.76 17.90
C34 PCW P . -16.54 -4.51 18.67
C35 PCW P . -16.09 -4.35 20.18
C36 PCW P . -17.05 -5.09 21.15
C37 PCW P . -16.68 -4.98 22.67
C38 PCW P . -17.30 -3.78 23.32
C39 PCW P . -16.96 -3.67 24.77
C40 PCW P . -17.03 -2.57 25.53
C41 PCW P . -17.50 -1.22 25.02
C42 PCW P . -18.43 -0.57 26.15
C43 PCW P . -17.82 0.45 27.08
C44 PCW P . -18.92 0.89 28.03
C45 PCW P . -18.55 2.01 28.96
C46 PCW P . -19.29 3.29 28.71
C47 PCW P . -18.44 4.53 28.49
C48 PCW P . -19.32 5.76 28.24
N PCW P . -10.69 -5.13 7.73
O2 PCW P . -13.46 -5.20 15.64
O3 PCW P . -11.01 -4.35 16.82
O11 PCW P . -9.06 -5.49 16.67
O31 PCW P . -13.69 -7.50 15.95
O1P PCW P . -11.87 -8.09 12.05
O2P PCW P . -14.22 -8.04 11.22
O3P PCW P . -13.42 -6.29 12.93
O4P PCW P . -12.76 -6.25 10.59
P PCW P . -13.06 -7.25 11.69
C1 PCW Q . -2.80 -11.79 9.06
C2 PCW Q . -3.47 -10.61 9.87
C3 PCW Q . -3.57 -10.99 11.39
C4 PCW Q . -0.98 -15.10 8.41
C5 PCW Q . -0.15 -14.32 7.39
C6 PCW Q . 0.95 -12.02 7.36
C7 PCW Q . 2.10 -13.94 8.36
C8 PCW Q . 1.63 -13.70 6.59
C11 PCW Q . -5.39 -10.18 12.70
C12 PCW Q . -5.84 -8.94 13.43
C13 PCW Q . -7.25 -8.53 12.86
C14 PCW Q . -7.86 -7.28 13.49
C15 PCW Q . -8.89 -6.51 12.61
C16 PCW Q . -8.29 -5.17 12.07
C17 PCW Q . -9.21 -3.90 12.08
C18 PCW Q . -8.59 -2.69 11.39
C19 PCW Q . -9.61 -1.87 10.56
C20 PCW Q . -9.25 -1.15 9.43
C21 PCW Q . -7.95 -0.97 8.74
C22 PCW Q . -8.21 -0.01 7.54
C23 PCW Q . -7.13 0.05 6.42
C24 PCW Q . -7.27 1.16 5.42
C25 PCW Q . -6.01 1.86 4.81
C26 PCW Q . -5.60 3.17 5.44
C27 PCW Q . -6.06 4.47 4.75
C28 PCW Q . -6.81 5.34 5.72
C31 PCW Q . -2.60 -8.83 8.56
C32 PCW Q . -1.69 -7.60 8.63
C33 PCW Q . -1.96 -6.49 7.50
C34 PCW Q . -0.75 -5.57 7.26
C35 PCW Q . -0.88 -4.41 8.32
C36 PCW Q . 0.35 -4.30 9.25
C37 PCW Q . 0.29 -3.16 10.32
C38 PCW Q . 0.46 -1.82 9.70
C39 PCW Q . 0.41 -0.70 10.71
C40 PCW Q . -0.68 -0.06 11.16
C41 PCW Q . -2.09 -0.38 10.71
C42 PCW Q . -2.82 0.99 10.33
C43 PCW Q . -3.37 1.84 11.46
C44 PCW Q . -4.00 3.08 10.82
C45 PCW Q . -3.31 4.38 11.13
C46 PCW Q . -3.24 5.33 9.98
C47 PCW Q . -4.15 6.54 10.06
C48 PCW Q . -3.98 7.43 8.82
N PCW Q . 0.86 -13.41 7.84
O2 PCW Q . -2.63 -9.38 9.77
O3 PCW Q . -4.18 -9.93 12.12
O11 PCW Q . -5.99 -11.22 12.65
O31 PCW Q . -3.21 -9.24 7.52
O1P PCW Q . -2.74 -14.18 10.56
O2P PCW Q . -4.51 -15.21 9.15
O3P PCW Q . -3.71 -12.83 8.67
O4P PCW Q . -2.37 -14.79 8.14
P PCW Q . -3.34 -14.32 9.20
C1 PCW R . 33.79 -13.05 -8.88
C2 PCW R . 34.74 -12.39 -7.81
C3 PCW R . 35.36 -11.07 -8.40
C4 PCW R . 30.62 -15.51 -9.76
C5 PCW R . 31.07 -15.53 -11.22
C6 PCW R . 29.57 -17.30 -11.93
C7 PCW R . 30.77 -16.09 -13.53
C8 PCW R . 29.03 -15.03 -12.52
C11 PCW R . 37.54 -10.29 -7.76
C12 PCW R . 38.28 -9.65 -6.62
C13 PCW R . 39.27 -10.70 -6.01
C14 PCW R . 40.11 -10.20 -4.83
C15 PCW R . 39.31 -9.66 -3.61
C16 PCW R . 39.98 -8.36 -3.03
C17 PCW R . 40.04 -8.22 -1.47
C18 PCW R . 40.64 -6.89 -1.00
C19 PCW R . 40.08 -6.42 0.36
C20 PCW R . 39.95 -5.08 0.69
C21 PCW R . 40.26 -3.83 -0.06
C22 PCW R . 41.38 -3.10 0.75
C23 PCW R . 41.74 -1.66 0.31
C24 PCW R . 43.19 -1.37 0.08
C25 PCW R . 43.63 -0.25 -0.91
C26 PCW R . 43.65 -0.62 -2.38
C27 PCW R . 43.64 0.53 -3.40
C28 PCW R . 43.31 -0.01 -4.78
C31 PCW R . 34.45 -12.49 -5.47
C32 PCW R . 33.55 -12.02 -4.32
C33 PCW R . 34.31 -11.59 -2.97
C34 PCW R . 35.27 -10.43 -3.15
C35 PCW R . 36.12 -10.38 -1.81
C36 PCW R . 35.54 -9.40 -0.77
C37 PCW R . 36.32 -9.32 0.58
C38 PCW R . 35.78 -10.28 1.59
C39 PCW R . 36.50 -10.23 2.91
C40 PCW R . 36.31 -11.03 3.96
C41 PCW R . 35.30 -12.18 3.97
C42 PCW R . 35.70 -13.16 5.16
C43 PCW R . 34.84 -14.39 5.39
C44 PCW R . 35.44 -15.13 6.58
C45 PCW R . 34.59 -15.16 7.82
C46 PCW R . 35.35 -15.51 9.06
C47 PCW R . 34.54 -16.02 10.23
C48 PCW R . 35.44 -16.34 11.43
N PCW R . 30.15 -15.97 -12.24
O2 PCW R . 33.96 -12.00 -6.61
O3 PCW R . 36.23 -10.47 -7.42
O11 PCW R . 38.03 -10.59 -8.81
O31 PCW R . 35.48 -13.22 -5.34
O1P PCW R . 32.12 -14.66 -7.40
O2P PCW R . 30.36 -12.89 -7.30
O3P PCW R . 32.42 -12.58 -8.80
O4P PCW R . 30.61 -14.11 -9.35
P PCW R . 31.36 -13.60 -8.13
C1 PCW S . 17.01 -2.35 -12.29
C2 PCW S . 18.28 -2.63 -11.40
C3 PCW S . 19.38 -1.54 -11.67
C4 PCW S . 17.38 -6.65 -14.24
C5 PCW S . 18.84 -6.22 -14.26
C6 PCW S . 19.90 -8.32 -13.68
C7 PCW S . 19.45 -6.76 -12.00
C8 PCW S . 21.16 -6.29 -13.42
C11 PCW S . 21.39 -2.79 -11.26
C12 PCW S . 22.52 -2.90 -10.26
C13 PCW S . 23.84 -3.28 -11.03
C14 PCW S . 25.08 -3.44 -10.16
C15 PCW S . 24.84 -3.80 -8.66
C16 PCW S . 25.65 -5.08 -8.26
C17 PCW S . 25.12 -5.91 -7.04
C18 PCW S . 26.09 -6.99 -6.57
C19 PCW S . 25.62 -8.42 -6.89
C20 PCW S . 26.25 -9.55 -6.38
C21 PCW S . 27.42 -9.72 -5.49
C22 PCW S . 26.90 -10.44 -4.21
C23 PCW S . 27.82 -10.44 -2.96
C24 PCW S . 28.94 -11.44 -2.96
C25 PCW S . 30.41 -10.98 -2.77
C26 PCW S . 30.72 -10.24 -1.47
C27 PCW S . 31.61 -8.97 -1.57
C28 PCW S . 31.93 -8.46 -0.19
C31 PCW S . 18.37 -3.56 -9.23
C32 PCW S . 17.92 -3.35 -7.77
C33 PCW S . 18.75 -2.25 -6.96
C34 PCW S . 17.89 -1.43 -6.00
C35 PCW S . 18.02 -2.16 -4.60
C36 PCW S . 18.78 -1.31 -3.55
C37 PCW S . 18.93 -1.97 -2.14
C38 PCW S . 20.03 -1.34 -1.33
C39 PCW S . 20.19 -1.96 0.02
C40 PCW S . 21.33 -2.33 0.61
C41 PCW S . 22.71 -2.18 -0.03
C42 PCW S . 23.79 -2.76 0.98
C43 PCW S . 23.97 -4.26 1.06
C44 PCW S . 25.05 -4.53 2.11
C45 PCW S . 25.10 -5.94 2.64
C46 PCW S . 25.65 -6.04 4.03
C47 PCW S . 25.99 -7.42 4.52
C48 PCW S . 26.54 -7.38 5.95
N PCW S . 19.79 -6.87 -13.39
O2 PCW S . 17.91 -2.54 -9.96
O3 PCW S . 20.53 -1.81 -10.86
O11 PCW S . 21.25 -3.48 -12.24
O31 PCW S . 19.05 -4.54 -9.64
O1P PCW S . 16.58 -5.19 -11.87
O2P PCW S . 14.65 -4.49 -13.28
O3P PCW S . 16.89 -3.22 -13.43
O4P PCW S . 16.57 -5.44 -14.37
P PCW S . 16.12 -4.61 -13.17
C1 PCW T . -12.37 4.26 -16.49
C2 PCW T . -12.26 5.63 -15.70
C3 PCW T . -12.86 5.47 -14.26
C4 PCW T . -8.95 3.37 -14.68
C5 PCW T . -7.69 2.52 -14.56
C6 PCW T . -6.38 1.43 -12.67
C7 PCW T . -8.38 0.34 -13.59
C8 PCW T . -6.77 0.70 -14.44
C11 PCW T . -13.71 7.67 -13.82
C12 PCW T . -13.43 8.89 -12.99
C13 PCW T . -12.27 9.70 -13.66
C14 PCW T . -11.85 10.99 -12.94
C15 PCW T . -11.05 12.01 -13.79
C16 PCW T . -9.58 12.14 -13.27
C17 PCW T . -8.90 13.55 -13.36
C18 PCW T . -9.34 14.52 -12.26
C19 PCW T . -8.16 15.15 -11.49
C20 PCW T . -8.05 16.52 -11.30
C21 PCW T . -8.91 17.66 -11.71
C22 PCW T . -9.52 18.25 -10.40
C23 PCW T . -9.27 19.76 -10.12
C24 PCW T . -10.38 20.51 -9.44
C25 PCW T . -11.19 21.61 -10.21
C26 PCW T . -12.69 21.52 -10.10
C27 PCW T . -13.48 22.85 -10.11
C28 PCW T . -13.99 23.16 -8.73
C31 PCW T . -10.45 6.97 -16.41
C32 PCW T . -8.97 7.28 -16.14
C33 PCW T . -8.66 8.72 -15.51
C34 PCW T . -9.01 9.87 -16.44
C35 PCW T . -7.63 10.41 -16.99
C36 PCW T . -7.09 11.61 -16.16
C37 PCW T . -5.72 12.20 -16.64
C38 PCW T . -4.62 11.20 -16.60
C39 PCW T . -3.29 11.73 -17.06
C40 PCW T . -2.28 12.12 -16.30
C41 PCW T . -2.28 12.05 -14.78
C42 PCW T . -2.36 13.54 -14.21
C43 PCW T . -3.72 14.20 -14.08
C44 PCW T . -3.49 15.59 -13.52
C45 PCW T . -3.68 16.71 -14.52
C46 PCW T . -4.73 17.71 -14.12
C47 PCW T . -4.75 19.01 -14.89
C48 PCW T . -5.86 19.94 -14.37
N PCW T . -7.58 1.55 -13.52
O2 PCW T . -10.83 6.03 -15.56
O3 PCW T . -12.76 6.72 -13.56
O11 PCW T . -14.62 7.55 -14.59
O31 PCW T . -11.17 7.54 -17.27
O1P PCW T . -11.01 1.86 -16.04
O2P PCW T . -9.54 2.18 -18.01
O3P PCW T . -11.25 4.00 -17.36
O4P PCW T . -9.19 3.58 -16.10
P PCW T . -10.24 2.83 -16.88
C1 PCW U . -9.16 -11.40 19.42
C2 PCW U . -9.48 -9.89 19.71
C3 PCW U . -11.04 -9.70 19.87
C4 PCW U . -10.72 -11.50 15.12
C5 PCW U . -12.19 -11.33 14.77
C6 PCW U . -13.75 -11.03 12.78
C7 PCW U . -12.54 -13.14 13.11
C8 PCW U . -13.84 -12.39 14.20
C11 PCW U . -12.64 -7.97 20.29
C12 PCW U . -12.73 -6.49 20.55
C13 PCW U . -12.93 -6.29 22.11
C14 PCW U . -13.05 -4.83 22.58
C15 PCW U . -11.75 -4.20 23.15
C16 PCW U . -12.02 -2.75 23.69
C17 PCW U . -11.58 -1.56 22.78
C18 PCW U . -12.74 -0.84 22.11
C19 PCW U . -12.54 -0.63 20.58
C20 PCW U . -11.69 0.34 20.07
C21 PCW U . -10.82 1.36 20.71
C22 PCW U . -11.69 2.65 20.90
C23 PCW U . -11.06 3.98 20.45
C24 PCW U . -11.49 5.22 21.20
C25 PCW U . -10.55 5.88 22.24
C26 PCW U . -9.80 7.11 21.77
C27 PCW U . -8.71 7.69 22.69
C28 PCW U . -7.99 8.83 21.98
C31 PCW U . -7.55 -9.18 20.88
C32 PCW U . -7.03 -8.77 22.28
C33 PCW U . -7.00 -7.19 22.55
C34 PCW U . -5.64 -6.69 23.04
C35 PCW U . -5.60 -7.01 24.59
C36 PCW U . -4.21 -6.74 25.21
C37 PCW U . -4.10 -7.03 26.75
C38 PCW U . -2.69 -6.86 27.25
C39 PCW U . -2.57 -7.13 28.73
C40 PCW U . -1.60 -6.73 29.54
C41 PCW U . -0.41 -5.89 29.11
C42 PCW U . -0.59 -4.43 29.73
C43 PCW U . -1.24 -3.35 28.86
C44 PCW U . -1.28 -2.09 29.70
C45 PCW U . -2.57 -1.85 30.43
C46 PCW U . -2.92 -0.40 30.59
C47 PCW U . -4.30 -0.09 31.13
C48 PCW U . -4.52 1.43 31.24
N PCW U . -12.68 -11.75 13.50
O2 PCW U . -8.84 -9.46 20.99
O3 PCW U . -11.33 -8.32 20.13
O11 PCW U . -13.58 -8.71 20.22
O31 PCW U . -6.85 -9.25 19.84
O1P PCW U . -8.83 -13.40 16.23
O2P PCW U . -10.52 -13.53 18.07
O3P PCW U . -8.73 -11.67 18.07
O4P PCW U . -10.63 -11.68 16.56
P PCW U . -9.68 -12.65 17.21
C1 PCW V . 1.10 -21.50 23.81
C2 PCW V . -0.18 -20.58 23.80
C3 PCW V . -0.53 -20.13 25.27
C4 PCW V . 3.40 -20.21 19.68
C5 PCW V . 2.84 -19.97 18.27
C6 PCW V . 4.66 -21.26 17.32
C7 PCW V . 3.16 -20.17 15.91
C8 PCW V . 2.41 -22.03 16.99
C11 PCW V . -2.85 -19.82 25.75
C12 PCW V . -3.94 -18.79 25.66
C13 PCW V . -4.03 -18.02 27.03
C14 PCW V . -5.09 -16.93 27.10
C15 PCW V . -4.66 -15.60 27.79
C16 PCW V . -4.60 -14.43 26.75
C17 PCW V . -3.25 -13.66 26.62
C18 PCW V . -3.18 -12.40 27.52
C19 PCW V . -3.53 -11.10 26.76
C20 PCW V . -4.77 -10.50 26.89
C21 PCW V . -5.98 -10.83 27.66
C22 PCW V . -7.19 -10.76 26.68
C23 PCW V . -7.81 -12.11 26.23
C24 PCW V . -8.17 -13.09 27.30
C25 PCW V . -9.31 -12.80 28.32
C26 PCW V . -10.52 -13.70 28.24
C27 PCW V . -11.85 -13.08 27.75
C28 PCW V . -12.76 -12.77 28.93
C31 PCW V . -0.88 -19.02 22.16
C32 PCW V . -0.45 -17.74 21.43
C33 PCW V . -0.03 -16.51 22.37
C34 PCW V . -1.05 -15.37 22.37
C35 PCW V . -0.18 -14.04 22.30
C36 PCW V . -0.09 -13.32 23.67
C37 PCW V . 0.74 -12.00 23.67
C38 PCW V . 1.20 -11.64 25.05
C39 PCW V . 2.01 -10.37 25.07
C40 PCW V . 2.42 -9.69 26.14
C41 PCW V . 2.13 -10.11 27.58
C42 PCW V . 2.49 -8.88 28.53
C43 PCW V . 2.20 -9.01 30.02
C44 PCW V . 2.64 -7.72 30.67
C45 PCW V . 2.27 -7.57 32.13
C46 PCW V . 3.09 -6.55 32.85
C47 PCW V . 2.37 -5.27 33.25
C48 PCW V . 3.32 -4.31 33.98
N PCW V . 3.25 -20.82 17.18
O2 PCW V . 0.09 -19.35 23.01
O3 PCW V . -1.70 -19.30 25.25
O11 PCW V . -2.98 -20.92 26.21
O31 PCW V . -1.96 -19.65 21.97
O1P PCW V . 2.96 -22.68 21.12
O2P PCW V . 0.57 -21.98 21.04
O3P PCW V . 2.14 -21.08 22.88
O4P PCW V . 2.26 -20.33 20.58
P PCW V . 1.96 -21.59 21.37
C1 PCW W . 20.32 -19.39 3.55
C2 PCW W . 21.00 -19.82 4.92
C3 PCW W . 21.78 -18.61 5.54
C4 PCW W . 15.70 -19.42 4.79
C5 PCW W . 14.31 -19.87 4.36
C6 PCW W . 12.55 -20.84 5.93
C7 PCW W . 12.36 -18.54 5.12
C8 PCW W . 12.29 -20.10 4.13
C11 PCW W . 23.53 -19.73 6.75
C12 PCW W . 23.97 -20.04 8.15
C13 PCW W . 25.04 -18.97 8.58
C14 PCW W . 25.60 -19.15 9.99
C15 PCW W . 26.44 -17.95 10.55
C16 PCW W . 27.48 -18.45 11.61
C17 PCW W . 28.96 -17.95 11.45
C18 PCW W . 29.32 -16.81 12.41
C19 PCW W . 30.80 -16.85 12.85
C20 PCW W . 31.59 -15.71 12.94
C21 PCW W . 31.29 -14.27 12.68
C22 PCW W . 32.54 -13.47 13.19
C23 PCW W . 33.14 -12.41 12.24
C24 PCW W . 34.61 -12.51 11.96
C25 PCW W . 35.55 -11.27 12.12
C26 PCW W . 36.16 -10.73 10.85
C27 PCW W . 37.67 -10.98 10.63
C28 PCW W . 38.19 -10.04 9.55
C31 PCW W . 20.16 -21.43 6.44
C32 PCW W . 19.03 -21.72 7.44
C33 PCW W . 19.43 -22.57 8.72
C34 PCW W . 20.43 -21.86 9.64
C35 PCW W . 21.60 -22.91 9.90
C36 PCW W . 22.80 -22.29 10.66
C37 PCW W . 23.98 -23.27 10.94
C38 PCW W . 24.71 -22.92 12.20
C39 PCW W . 25.85 -23.86 12.48
C40 PCW W . 27.08 -23.54 12.89
C41 PCW W . 27.54 -22.11 13.14
C42 PCW W . 29.13 -22.12 13.26
C43 PCW W . 29.77 -21.67 14.56
C44 PCW W . 31.27 -21.79 14.39
C45 PCW W . 32.02 -20.49 14.36
C46 PCW W . 33.50 -20.63 14.09
C47 PCW W . 34.12 -19.58 13.21
C48 PCW W . 35.63 -19.85 13.01
N PCW W . 13.20 -19.71 5.25
O2 PCW W . 19.95 -20.23 5.91
O3 PCW W . 22.37 -19.01 6.79
O11 PCW W . 24.10 -20.06 5.75
O31 PCW W . 21.13 -22.20 6.19
O1P PCW W . 18.10 -17.81 4.62
O2P PCW W . 17.69 -17.99 2.17
O3P PCW W . 18.96 -19.86 3.41
O4P PCW W . 16.56 -19.52 3.62
P PCW W . 17.83 -18.70 3.45
C1 PCW X . -21.72 7.04 -9.55
C2 PCW X . -21.64 8.63 -9.42
C3 PCW X . -22.50 9.32 -10.54
C4 PCW X . -25.66 6.91 -11.61
C5 PCW X . -26.90 6.17 -11.12
C6 PCW X . -28.30 5.47 -13.14
C7 PCW X . -27.74 3.84 -11.41
C8 PCW X . -28.77 5.36 -11.23
C11 PCW X . -23.01 11.50 -11.36
C12 PCW X . -22.80 12.96 -11.04
C13 PCW X . -23.80 13.35 -9.89
C14 PCW X . -23.73 14.81 -9.44
C15 PCW X . -22.38 15.27 -8.80
C16 PCW X . -21.60 16.25 -9.76
C17 PCW X . -22.44 17.27 -10.59
C18 PCW X . -22.46 18.68 -10.00
C19 PCW X . -22.99 19.74 -10.99
C20 PCW X . -22.79 21.10 -10.80
C21 PCW X . -22.10 21.87 -9.74
C22 PCW X . -23.22 22.47 -8.82
C23 PCW X . -23.20 24.00 -8.58
C24 PCW X . -24.52 24.70 -8.48
C25 PCW X . -25.60 24.54 -9.59
C26 PCW X . -25.13 24.74 -11.02
C27 PCW X . -25.81 25.85 -11.85
C28 PCW X . -26.96 25.29 -12.63
C31 PCW X . -21.33 9.76 -7.36
C32 PCW X . -22.02 10.12 -6.05
C33 PCW X . -21.15 10.97 -5.01
C34 PCW X . -21.26 12.48 -5.21
C35 PCW X . -20.30 13.13 -4.11
C36 PCW X . -21.08 13.67 -2.90
C37 PCW X . -20.20 14.32 -1.78
C38 PCW X . -20.97 15.33 -0.99
C39 PCW X . -20.13 15.97 0.09
C40 PCW X . -19.44 17.11 0.02
C41 PCW X . -19.38 17.99 -1.23
C42 PCW X . -19.58 19.50 -0.77
C43 PCW X . -20.20 20.47 -1.76
C44 PCW X . -20.27 21.82 -1.07
C45 PCW X . -21.43 22.70 -1.48
C46 PCW X . -21.65 23.87 -0.59
C47 PCW X . -23.01 24.52 -0.65
C48 PCW X . -23.10 25.71 0.32
N PCW X . -27.48 5.16 -11.95
O2 PCW X . -22.18 9.06 -8.11
O3 PCW X . -22.42 10.74 -10.40
O11 PCW X . -23.59 11.09 -12.32
O31 PCW X . -20.15 10.08 -7.69
O1P PCW X . -23.67 4.88 -12.04
O2P PCW X . -23.61 4.83 -9.54
O3P PCW X . -22.21 6.57 -10.83
O4P PCW X . -24.63 6.70 -10.61
P PCW X . -23.53 5.66 -10.76
C1 PCW Y . -22.60 -1.77 1.59
C2 PCW Y . -22.24 -0.60 2.60
C3 PCW Y . -20.98 0.20 2.07
C4 PCW Y . -21.29 -4.16 4.59
C5 PCW Y . -21.74 -2.99 5.44
C6 PCW Y . -22.55 -3.57 7.79
C7 PCW Y . -20.60 -2.10 7.46
C8 PCW Y . -22.36 -1.78 6.98
C11 PCW Y . -20.27 0.95 4.26
C12 PCW Y . -19.98 2.22 5.01
C13 PCW Y . -21.31 2.75 5.64
C14 PCW Y . -21.18 4.05 6.44
C15 PCW Y . -21.90 4.07 7.81
C16 PCW Y . -22.30 5.54 8.20
C17 PCW Y . -21.16 6.61 8.31
C18 PCW Y . -20.24 6.40 9.51
C19 PCW Y . -20.74 7.13 10.78
C20 PCW Y . -20.04 8.17 11.37
C21 PCW Y . -18.77 8.85 11.03
C22 PCW Y . -18.89 10.31 11.54
C23 PCW Y . -19.23 11.41 10.50
C24 PCW Y . -18.39 12.66 10.55
C25 PCW Y . -19.04 14.06 10.35
C26 PCW Y . -18.10 15.24 10.36
C27 PCW Y . -18.67 16.62 10.76
C28 PCW Y . -18.24 17.67 9.75
C31 PCW Y . -24.23 0.07 3.68
C32 PCW Y . -25.34 1.14 3.67
C33 PCW Y . -26.29 1.12 2.39
C34 PCW Y . -27.06 2.43 2.20
C35 PCW Y . -26.01 3.46 1.59
C36 PCW Y . -26.41 3.96 0.18
C37 PCW Y . -25.41 4.97 -0.47
C38 PCW Y . -25.88 6.38 -0.33
C39 PCW Y . -24.92 7.37 -0.95
C40 PCW Y . -24.63 8.59 -0.50
C41 PCW Y . -25.23 9.20 0.76
C42 PCW Y . -24.24 10.33 1.28
C43 PCW Y . -24.82 11.52 2.00
C44 PCW Y . -23.66 12.43 2.37
C45 PCW Y . -23.57 13.72 1.59
C46 PCW Y . -24.11 14.92 2.32
C47 PCW Y . -23.09 15.81 2.98
C48 PCW Y . -23.77 16.99 3.70
N PCW Y . -21.54 -3.02 6.85
O2 PCW Y . -23.37 0.36 2.70
O3 PCW Y . -20.66 1.26 2.98
O11 PCW Y . -20.18 -0.16 4.71
O31 PCW Y . -24.16 -0.91 4.47
O1P PCW Y . -23.81 -4.96 3.35
O2P PCW Y . -22.44 -4.93 1.27
O3P PCW Y . -23.49 -2.76 2.15
O4P PCW Y . -21.55 -3.82 3.21
P PCW Y . -22.84 -4.19 2.49
C1 PCW Z . -3.43 -13.39 14.69
C2 PCW Z . -2.94 -11.89 14.82
C3 PCW Z . -3.81 -11.16 15.90
C4 PCW Z . -5.18 -16.19 11.86
C5 PCW Z . -6.54 -15.53 11.61
C6 PCW Z . -7.08 -13.65 9.96
C7 PCW Z . -7.53 -15.98 9.38
C8 PCW Z . -8.30 -14.97 10.72
C11 PCW Z . -3.04 -9.35 17.26
C12 PCW Z . -2.66 -7.89 17.19
C13 PCW Z . -3.82 -7.04 17.82
C14 PCW Z . -3.60 -5.53 17.83
C15 PCW Z . -4.72 -4.68 18.51
C16 PCW Z . -4.12 -3.76 19.62
C17 PCW Z . -3.82 -2.27 19.23
C18 PCW Z . -4.24 -1.28 20.32
C19 PCW Z . -4.07 0.20 19.88
C20 PCW Z . -3.54 1.17 20.72
C21 PCW Z . -3.06 1.13 22.12
C22 PCW Z . -1.86 2.11 22.20
C23 PCW Z . -0.43 1.50 22.16
C24 PCW Z . 0.66 2.28 22.83
C25 PCW Z . 2.15 1.82 22.73
C26 PCW Z . 3.14 2.87 22.26
C27 PCW Z . 4.37 2.39 21.47
C28 PCW Z . 4.38 2.99 20.09
C31 PCW Z . -0.66 -11.50 14.32
C32 PCW Z . 0.75 -11.51 14.94
C33 PCW Z . 0.90 -10.70 16.32
C34 PCW Z . 1.75 -9.43 16.19
C35 PCW Z . 3.17 -9.81 16.74
C36 PCW Z . 3.49 -9.13 18.09
C37 PCW Z . 4.90 -9.48 18.70
C38 PCW Z . 5.00 -9.10 20.13
C39 PCW Z . 6.35 -9.41 20.73
C40 PCW Z . 6.60 -9.91 21.94
C41 PCW Z . 5.52 -10.24 22.96
C42 PCW Z . 6.25 -10.77 24.28
C43 PCW Z . 6.84 -9.76 25.24
C44 PCW Z . 7.47 -10.54 26.39
C45 PCW Z . 8.31 -9.72 27.34
C46 PCW Z . 9.78 -9.98 27.22
C47 PCW Z . 10.58 -8.99 26.41
C48 PCW Z . 12.07 -9.37 26.37
N PCW Z . -6.88 -15.06 10.29
O2 PCW Z . -1.53 -11.85 15.27
O3 PCW Z . -3.38 -9.79 16.02
O11 PCW Z . -3.06 -10.00 18.27
O31 PCW Z . -0.92 -11.22 13.12
O1P PCW Z . -2.34 -16.30 12.46
O2P PCW Z . -3.15 -16.34 14.82
O3P PCW Z . -2.85 -14.11 13.58
O4P PCW Z . -4.68 -15.64 13.11
P PCW Z . -3.21 -15.67 13.50
C1 PCW AA . 9.85 -11.79 3.19
C2 PCW AA . 11.13 -10.86 3.16
C3 PCW AA . 11.27 -10.14 4.55
C4 PCW AA . 11.17 -13.76 -0.79
C5 PCW AA . 11.27 -15.25 -1.09
C6 PCW AA . 13.03 -16.66 -2.30
C7 PCW AA . 13.24 -16.19 0.09
C8 PCW AA . 11.91 -17.17 -0.76
C11 PCW AA . 13.14 -9.15 5.69
C12 PCW AA . 14.32 -8.25 5.46
C13 PCW AA . 15.64 -9.08 5.65
C14 PCW AA . 16.95 -8.31 5.44
C15 PCW AA . 18.24 -9.17 5.31
C16 PCW AA . 19.35 -8.67 6.30
C17 PCW AA . 20.84 -8.98 5.90
C18 PCW AA . 21.55 -9.89 6.89
C19 PCW AA . 22.84 -9.26 7.46
C20 PCW AA . 23.02 -9.03 8.82
C21 PCW AA . 22.16 -9.28 10.00
C22 PCW AA . 21.28 -8.02 10.20
C23 PCW AA . 20.69 -7.78 11.61
C24 PCW AA . 21.02 -6.46 12.26
C25 PCW AA . 20.21 -5.18 11.93
C26 PCW AA . 20.83 -4.22 10.92
C27 PCW AA . 19.89 -3.59 9.88
C28 PCW AA . 20.30 -2.18 9.58
C31 PCW AA . 12.84 -11.65 1.72
C32 PCW AA . 14.10 -12.53 1.68
C33 PCW AA . 15.49 -11.74 1.73
C34 PCW AA . 16.39 -12.19 2.88
C35 PCW AA . 17.51 -13.09 2.22
C36 PCW AA . 18.36 -13.85 3.26
C37 PCW AA . 19.48 -14.77 2.69
C38 PCW AA . 20.58 -14.99 3.66
C39 PCW AA . 21.68 -15.88 3.13
C40 PCW AA . 22.87 -15.50 2.66
C41 PCW AA . 23.33 -14.05 2.59
C42 PCW AA . 24.39 -13.81 3.78
C43 PCW AA . 24.07 -12.77 4.82
C44 PCW AA . 25.22 -12.75 5.81
C45 PCW AA . 25.89 -11.42 6.03
C46 PCW AA . 26.29 -11.17 7.46
C47 PCW AA . 27.74 -11.42 7.80
C48 PCW AA . 28.03 -11.13 9.29
N PCW AA . 12.56 -15.88 -1.14
O2 PCW AA . 12.36 -11.67 2.96
O3 PCW AA . 12.44 -9.30 4.53
O11 PCW AA . 12.86 -9.66 6.74
O31 PCW AA . 12.35 -11.02 0.73
O1P PCW AA . 11.07 -14.09 2.08
O2P PCW AA . 8.69 -14.66 1.65
O3P PCW AA . 9.40 -12.20 1.87
O4P PCW AA . 9.92 -13.56 -0.08
P PCW AA . 9.78 -13.70 1.43
C1 PCW BA . 10.07 -15.05 5.21
C2 PCW BA . 11.56 -15.20 5.73
C3 PCW BA . 12.51 -14.34 4.82
C4 PCW BA . 5.87 -17.11 6.32
C5 PCW BA . 5.30 -18.45 6.81
C6 PCW BA . 3.66 -20.18 5.90
C7 PCW BA . 5.99 -20.16 5.16
C8 PCW BA . 5.35 -20.48 6.86
C11 PCW BA . 14.60 -15.54 4.86
C12 PCW BA . 15.99 -15.45 5.46
C13 PCW BA . 15.87 -15.36 7.02
C14 PCW BA . 17.20 -15.27 7.78
C15 PCW BA . 18.34 -14.52 7.07
C16 PCW BA . 19.03 -13.49 8.03
C17 PCW BA . 18.44 -12.04 8.07
C18 PCW BA . 18.72 -11.31 9.39
C19 PCW BA . 17.51 -11.30 10.35
C20 PCW BA . 16.77 -10.16 10.61
C21 PCW BA . 16.89 -8.76 10.11
C22 PCW BA . 16.05 -7.87 11.08
C23 PCW BA . 16.70 -6.56 11.57
C24 PCW BA . 16.13 -5.28 11.04
C25 PCW BA . 15.59 -4.18 12.01
C26 PCW BA . 16.61 -3.17 12.51
C27 PCW BA . 16.61 -2.85 14.02
C28 PCW BA . 17.86 -2.07 14.38
C31 PCW BA . 12.11 -15.56 8.00
C32 PCW BA . 12.16 -14.87 9.37
C33 PCW BA . 13.61 -14.81 10.05
C34 PCW BA . 13.70 -13.81 11.20
C35 PCW BA . 13.25 -14.61 12.49
C36 PCW BA . 13.86 -14.05 13.79
C37 PCW BA . 13.46 -14.79 15.10
C38 PCW BA . 14.60 -15.53 15.71
C39 PCW BA . 14.23 -16.26 16.98
C40 PCW BA . 14.91 -17.23 17.58
C41 PCW BA . 16.23 -17.79 17.07
C42 PCW BA . 17.40 -16.81 17.55
C43 PCW BA . 18.09 -15.94 16.51
C44 PCW BA . 19.14 -15.12 17.25
C45 PCW BA . 18.69 -13.75 17.69
C46 PCW BA . 18.68 -12.72 16.59
C47 PCW BA . 17.32 -12.18 16.19
C48 PCW BA . 17.45 -11.14 15.07
N PCW BA . 4.95 -19.45 5.87
O2 PCW BA . 11.67 -14.67 7.11
O3 PCW BA . 13.86 -14.47 5.28
O11 PCW BA . 14.22 -16.41 4.14
O31 PCW BA . 12.43 -16.76 7.76
O1P PCW BA . 7.94 -16.89 4.32
O2P PCW BA . 9.30 -18.11 6.03
O3P PCW BA . 9.07 -15.54 6.13
O4P PCW BA . 7.26 -17.06 6.73
P PCW BA . 8.41 -16.96 5.75
C1 PCW CA . 0.97 -3.88 -9.73
C2 PCW CA . 0.30 -2.95 -8.64
C3 PCW CA . 1.26 -1.77 -8.29
C4 PCW CA . -1.09 -7.29 -7.77
C5 PCW CA . -0.89 -7.44 -6.26
C6 PCW CA . -2.77 -6.03 -5.27
C7 PCW CA . -2.11 -8.15 -4.22
C8 PCW CA . -1.09 -6.61 -4.41
C11 PCW CA . 0.85 -1.19 -5.98
C12 PCW CA . 0.13 -0.17 -5.15
C13 PCW CA . 1.09 1.05 -4.95
C14 PCW CA . 0.53 2.21 -4.12
C15 PCW CA . 0.45 3.59 -4.84
C16 PCW CA . 1.67 4.49 -4.45
C17 PCW CA . 1.35 5.96 -3.99
C18 PCW CA . 1.92 6.30 -2.61
C19 PCW CA . 1.68 7.77 -2.21
C20 PCW CA . 2.61 8.76 -2.47
C21 PCW CA . 3.94 8.75 -3.11
C22 PCW CA . 4.34 10.23 -3.39
C23 PCW CA . 5.02 11.01 -2.24
C24 PCW CA . 5.48 12.40 -2.55
C25 PCW CA . 4.46 13.54 -2.85
C26 PCW CA . 4.83 14.92 -2.34
C27 PCW CA . 6.16 15.54 -2.82
C28 PCW CA . 5.95 16.32 -4.09
C31 PCW CA . -2.06 -2.92 -8.71
C32 PCW CA . -3.27 -2.20 -9.35
C33 PCW CA . -3.62 -0.76 -8.74
C34 PCW CA . -3.09 0.40 -9.57
C35 PCW CA . -1.82 0.92 -8.78
C36 PCW CA . -0.79 1.61 -9.70
C37 PCW CA . 0.50 2.15 -8.97
C38 PCW CA . 1.41 2.88 -9.90
C39 PCW CA . 2.65 3.40 -9.21
C40 PCW CA . 2.86 4.63 -8.78
C41 PCW CA . 1.85 5.77 -8.89
C42 PCW CA . 2.66 7.11 -9.20
C43 PCW CA . 3.07 8.00 -8.03
C44 PCW CA . 3.81 9.19 -8.62
C45 PCW CA . 5.05 9.62 -7.85
C46 PCW CA . 4.95 10.99 -7.26
C47 PCW CA . 6.26 11.72 -7.01
C48 PCW CA . 6.01 13.10 -6.40
N PCW CA . -2.00 -7.29 -5.39
O2 PCW CA . -0.96 -2.36 -9.18
O3 PCW CA . 0.64 -0.92 -7.29
O11 PCW CA . 1.52 -2.09 -5.55
O31 PCW CA . -2.12 -3.87 -7.87
O1P PCW CA . -0.18 -7.45 -10.53
O2P PCW CA . 1.97 -6.65 -9.56
O3P PCW CA . 0.13 -4.97 -10.19
O4P PCW CA . -0.02 -6.42 -8.23
P PCW CA . 0.52 -6.43 -9.66
C1 PCW DA . -23.22 -6.30 16.76
C2 PCW DA . -23.07 -4.80 16.27
C3 PCW DA . -24.15 -3.89 16.97
C4 PCW DA . -21.31 -7.81 13.28
C5 PCW DA . -22.13 -7.93 11.99
C6 PCW DA . -20.89 -6.56 10.44
C7 PCW DA . -22.38 -8.16 9.62
C8 PCW DA . -20.42 -8.91 10.51
C11 PCW DA . -24.66 -2.15 15.38
C12 PCW DA . -24.38 -0.70 15.10
C13 PCW DA . -25.52 0.16 15.75
C14 PCW DA . -25.40 1.67 15.56
C15 PCW DA . -25.54 2.53 16.86
C16 PCW DA . -27.05 2.78 17.19
C17 PCW DA . -27.60 2.19 18.54
C18 PCW DA . -28.88 2.86 19.02
C19 PCW DA . -29.73 1.95 19.93
C20 PCW DA . -31.09 2.15 20.13
C21 PCW DA . -32.04 3.17 19.62
C22 PCW DA . -32.25 4.21 20.76
C23 PCW DA . -33.54 5.07 20.72
C24 PCW DA . -33.84 5.89 21.93
C25 PCW DA . -34.20 7.40 21.80
C26 PCW DA . -33.08 8.39 22.02
C27 PCW DA . -33.43 9.89 22.01
C28 PCW DA . -32.27 10.70 21.48
C31 PCW DA . -21.42 -4.24 17.93
C32 PCW DA . -19.99 -3.67 18.07
C33 PCW DA . -19.85 -2.39 19.03
C34 PCW DA . -20.40 -1.11 18.41
C35 PCW DA . -20.76 -0.18 19.63
C36 PCW DA . -21.09 1.27 19.20
C37 PCW DA . -21.46 2.25 20.36
C38 PCW DA . -22.91 2.22 20.67
C39 PCW DA . -23.30 3.16 21.79
C40 PCW DA . -23.83 4.36 21.67
C41 PCW DA . -24.18 5.04 20.35
C42 PCW DA . -24.80 6.47 20.66
C43 PCW DA . -24.59 7.59 19.66
C44 PCW DA . -25.29 8.82 20.21
C45 PCW DA . -24.56 10.13 19.98
C46 PCW DA . -25.04 11.24 20.87
C47 PCW DA . -24.78 12.65 20.39
C48 PCW DA . -25.32 13.68 21.38
N PCW DA . -21.49 -7.89 10.71
O2 PCW DA . -21.71 -4.26 16.63
O3 PCW DA . -24.01 -2.53 16.52
O11 PCW DA . -25.36 -2.86 14.71
O31 PCW DA . -22.17 -4.60 18.89
O1P PCW DA . -20.68 -9.03 15.84
O2P PCW DA . -23.17 -9.23 16.00
O3P PCW DA . -21.99 -7.05 16.69
O4P PCW DA . -22.25 -7.73 14.37
P PCW DA . -22.01 -8.35 15.73
C1 PCW EA . 4.51 -2.70 -6.16
C2 PCW EA . 5.74 -2.80 -5.17
C3 PCW EA . 6.24 -1.37 -4.77
C4 PCW EA . 5.36 -6.39 -9.18
C5 PCW EA . 6.78 -5.87 -8.94
C6 PCW EA . 8.22 -4.86 -7.09
C7 PCW EA . 7.50 -7.19 -6.95
C8 PCW EA . 8.61 -6.42 -8.21
C11 PCW EA . 8.58 -1.80 -4.39
C12 PCW EA . 9.59 -1.88 -3.28
C13 PCW EA . 9.94 -0.41 -2.83
C14 PCW EA . 10.96 -0.31 -1.70
C15 PCW EA . 11.90 0.94 -1.74
C16 PCW EA . 11.53 1.95 -0.60
C17 PCW EA . 11.54 3.47 -0.96
C18 PCW EA . 11.50 4.39 0.26
C19 PCW EA . 11.79 5.87 -0.09
C20 PCW EA . 11.24 6.92 0.63
C21 PCW EA . 10.32 6.98 1.80
C22 PCW EA . 9.88 8.46 1.95
C23 PCW EA . 10.39 9.23 3.19
C24 PCW EA . 11.43 10.28 2.93
C25 PCW EA . 12.95 9.91 2.90
C26 PCW EA . 13.62 9.74 4.25
C27 PCW EA . 15.04 10.33 4.42
C28 PCW EA . 15.23 10.79 5.84
C31 PCW EA . 6.10 -4.54 -3.60
C32 PCW EA . 5.57 -5.15 -2.29
C33 PCW EA . 5.51 -4.15 -1.04
C34 PCW EA . 6.89 -3.72 -0.55
C35 PCW EA . 6.86 -2.13 -0.52
C36 PCW EA . 7.74 -1.55 0.61
C37 PCW EA . 7.76 0.02 0.68
C38 PCW EA . 8.61 0.52 1.80
C39 PCW EA . 8.64 2.01 1.88
C40 PCW EA . 8.83 2.76 2.96
C41 PCW EA . 9.07 2.21 4.35
C42 PCW EA . 9.69 3.37 5.25
C43 PCW EA . 8.76 4.39 5.88
C44 PCW EA . 9.64 5.36 6.67
C45 PCW EA . 9.29 6.82 6.47
C46 PCW EA . 10.48 7.73 6.61
C47 PCW EA . 10.43 8.73 7.75
C48 PCW EA . 11.69 9.60 7.77
N PCW EA . 7.34 -5.92 -7.62
O2 PCW EA . 5.34 -3.49 -3.92
O3 PCW EA . 7.36 -1.48 -3.87
O11 PCW EA . 8.81 -2.00 -5.56
O31 PCW EA . 7.10 -4.97 -4.25
O1P PCW EA . 4.74 -5.72 -6.45
O2P PCW EA . 2.59 -4.88 -7.42
O3P PCW EA . 4.70 -3.40 -7.41
O4P PCW EA . 4.45 -5.29 -8.90
P PCW EA . 4.07 -4.87 -7.48
C1 PCW FA . 9.37 -27.55 21.40
C2 PCW FA . 10.62 -26.62 21.64
C3 PCW FA . 11.93 -27.48 21.71
C4 PCW FA . 5.99 -26.43 21.42
C5 PCW FA . 4.58 -26.97 21.66
C6 PCW FA . 3.04 -27.37 23.65
C7 PCW FA . 3.34 -25.12 22.77
C8 PCW FA . 2.59 -26.58 21.92
C11 PCW FA . 14.13 -26.72 21.10
C12 PCW FA . 15.18 -25.72 21.52
C13 PCW FA . 16.50 -26.51 21.87
C14 PCW FA . 17.68 -25.63 22.31
C15 PCW FA . 17.98 -25.64 23.85
C16 PCW FA . 19.44 -25.12 24.12
C17 PCW FA . 19.68 -23.58 23.96
C18 PCW FA . 19.68 -22.83 25.30
C19 PCW FA . 19.58 -21.30 25.12
C20 PCW FA . 20.50 -20.42 25.67
C21 PCW FA . 21.72 -20.63 26.50
C22 PCW FA . 22.92 -20.80 25.52
C23 PCW FA . 23.81 -19.57 25.27
C24 PCW FA . 25.13 -19.52 25.99
C25 PCW FA . 26.24 -20.57 25.71
C26 PCW FA . 27.10 -20.96 26.89
C27 PCW FA . 26.41 -21.66 28.09
C28 PCW FA . 26.45 -23.17 27.90
C31 PCW FA . 10.67 -24.38 20.87
C32 PCW FA . 10.84 -23.52 19.60
C33 PCW FA . 9.92 -22.20 19.55
C34 PCW FA . 10.68 -20.93 19.88
C35 PCW FA . 10.84 -20.16 18.51
C36 PCW FA . 10.77 -18.63 18.68
C37 PCW FA . 10.92 -17.79 17.36
C38 PCW FA . 9.74 -17.94 16.47
C39 PCW FA . 9.86 -17.14 15.19
C40 PCW FA . 9.41 -15.90 14.99
C41 PCW FA . 8.69 -15.07 16.02
C42 PCW FA . 9.73 -14.05 16.66
C43 PCW FA . 9.38 -12.57 16.68
C44 PCW FA . 10.55 -11.84 17.34
C45 PCW FA . 11.78 -11.69 16.47
C46 PCW FA . 12.06 -10.27 16.05
C47 PCW FA . 13.14 -10.07 15.02
C48 PCW FA . 13.32 -8.58 14.69
N PCW FA . 3.81 -26.49 22.77
O2 PCW FA . 10.77 -25.66 20.51
O3 PCW FA . 13.05 -26.61 21.94
O11 PCW FA . 14.22 -27.49 20.18
O31 PCW FA . 10.47 -23.95 22.04
O1P PCW FA . 7.99 -25.46 19.56
O2P PCW FA . 7.24 -27.39 18.18
O3P PCW FA . 9.02 -27.72 20.01
O4P PCW FA . 6.65 -27.36 20.51
P PCW FA . 7.71 -26.93 19.51
C1 PCW GA . -6.86 -4.51 -1.86
C2 PCW GA . -8.00 -3.60 -2.46
C3 PCW GA . -9.37 -4.35 -2.39
C4 PCW GA . -8.44 -5.85 1.26
C5 PCW GA . -9.85 -5.31 1.06
C6 PCW GA . -11.33 -5.53 2.95
C7 PCW GA . -10.79 -7.42 1.69
C8 PCW GA . -12.22 -5.91 0.75
C11 PCW GA . -11.37 -3.03 -2.12
C12 PCW GA . -12.36 -2.25 -2.92
C13 PCW GA . -11.63 -1.00 -3.53
C14 PCW GA . -12.51 -0.09 -4.39
C15 PCW GA . -13.44 0.88 -3.62
C16 PCW GA . -14.50 1.52 -4.59
C17 PCW GA . -14.14 2.93 -5.20
C18 PCW GA . -14.43 4.09 -4.26
C19 PCW GA . -15.93 4.29 -3.95
C20 PCW GA . -16.39 4.98 -2.84
C21 PCW GA . -15.67 5.69 -1.74
C22 PCW GA . -15.87 7.22 -1.99
C23 PCW GA . -17.17 7.86 -1.43
C24 PCW GA . -17.33 9.33 -1.66
C25 PCW GA . -18.71 9.93 -2.09
C26 PCW GA . -19.73 10.11 -0.98
C27 PCW GA . -19.45 11.19 0.09
C28 PCW GA . -19.62 10.61 1.47
C31 PCW GA . -7.39 -1.35 -2.11
C32 PCW GA . -7.64 -0.13 -1.18
C33 PCW GA . -7.47 1.30 -1.88
C34 PCW GA . -6.86 2.36 -0.93
C35 PCW GA . -7.97 3.48 -0.78
C36 PCW GA . -7.61 4.53 0.29
C37 PCW GA . -8.66 5.67 0.49
C38 PCW GA . -9.00 5.86 1.93
C39 PCW GA . -10.02 6.95 2.15
C40 PCW GA . -9.78 8.24 2.38
C41 PCW GA . -8.38 8.85 2.45
C42 PCW GA . -8.47 10.19 3.30
C43 PCW GA . -8.64 11.51 2.56
C44 PCW GA . -8.69 12.60 3.62
C45 PCW GA . -10.06 12.90 4.16
C46 PCW GA . -10.82 13.91 3.35
C47 PCW GA . -11.97 13.38 2.52
C48 PCW GA . -12.65 14.52 1.73
N PCW GA . -10.99 -6.00 1.59
O2 PCW GA . -8.15 -2.35 -1.67
O3 PCW GA . -10.42 -3.54 -2.95
O11 PCW GA . -11.42 -3.21 -0.93
O31 PCW GA . -6.59 -1.37 -3.09
O1P PCW GA . -5.76 -6.24 0.19
O2P PCW GA . -5.22 -4.29 1.64
O3P PCW GA . -6.18 -3.93 -0.72
O4P PCW GA . -7.53 -4.72 1.15
P PCW GA . -6.12 -4.85 0.61
C1 PCW HA . 18.05 -18.66 8.93
C2 PCW HA . 18.19 -18.26 10.45
C3 PCW HA . 19.61 -18.69 10.98
C4 PCW HA . 13.85 -18.97 10.37
C5 PCW HA . 13.88 -18.57 11.84
C6 PCW HA . 12.75 -19.94 13.69
C7 PCW HA . 15.19 -19.92 13.46
C8 PCW HA . 14.08 -18.50 13.87
C11 PCW HA . 19.43 -19.27 13.30
C12 PCW HA . 19.60 -18.68 14.68
C13 PCW HA . 20.47 -19.67 15.53
C14 PCW HA . 20.76 -19.22 16.97
C15 PCW HA . 22.21 -19.44 17.47
C16 PCW HA . 23.24 -18.63 16.61
C17 PCW HA . 24.76 -18.82 16.93
C18 PCW HA . 25.35 -17.73 17.82
C19 PCW HA . 26.78 -18.05 18.31
C20 PCW HA . 27.14 -17.98 19.64
C21 PCW HA . 26.38 -17.63 20.87
C22 PCW HA . 26.80 -16.19 21.25
C23 PCW HA . 27.07 -15.90 22.76
C24 PCW HA . 28.50 -15.84 23.19
C25 PCW HA . 29.45 -14.73 22.66
C26 PCW HA . 29.46 -13.43 23.44
C27 PCW HA . 30.79 -12.99 24.09
C28 PCW HA . 30.66 -11.59 24.63
C31 PCW HA . 17.28 -16.40 11.59
C32 PCW HA . 17.27 -14.86 11.62
C33 PCW HA . 18.04 -14.21 12.87
C34 PCW HA . 19.56 -14.45 12.85
C35 PCW HA . 20.20 -13.04 12.57
C36 PCW HA . 21.13 -12.57 13.72
C37 PCW HA . 21.80 -11.18 13.52
C38 PCW HA . 23.17 -11.13 14.13
C39 PCW HA . 23.84 -9.79 13.95
C40 PCW HA . 24.80 -9.27 14.70
C41 PCW HA . 25.41 -9.95 15.92
C42 PCW HA . 24.99 -9.11 17.21
C43 PCW HA . 26.06 -8.33 17.94
C44 PCW HA . 25.38 -7.63 19.11
C45 PCW HA . 26.31 -7.09 20.16
C46 PCW HA . 25.61 -6.35 21.27
C47 PCW HA . 26.31 -5.13 21.81
C48 PCW HA . 25.48 -4.46 22.93
N PCW HA . 13.92 -19.58 12.85
O2 PCW HA . 18.09 -16.78 10.61
O3 PCW HA . 19.72 -18.33 12.37
O11 PCW HA . 19.06 -20.39 13.07
O31 PCW HA . 16.62 -17.16 12.35
O1P PCW HA . 14.55 -19.33 7.57
O2P PCW HA . 16.23 -20.91 8.51
O3P PCW HA . 16.74 -18.39 8.37
O4P PCW HA . 15.20 -19.34 10.01
P PCW HA . 15.65 -19.56 8.57
C1 PCW IA . 9.63 10.18 -26.57
C2 PCW IA . 10.81 9.75 -25.61
C3 PCW IA . 12.19 10.09 -26.26
C4 PCW IA . 5.61 7.37 -27.05
C5 PCW IA . 5.29 5.88 -26.99
C6 PCW IA . 3.35 5.90 -28.41
C7 PCW IA . 4.34 3.85 -27.85
C8 PCW IA . 5.44 5.16 -29.35
C11 PCW IA . 13.65 8.39 -25.40
C12 PCW IA . 14.75 8.20 -24.38
C13 PCW IA . 16.05 8.90 -24.92
C14 PCW IA . 17.27 8.81 -24.01
C15 PCW IA . 17.38 9.91 -22.92
C16 PCW IA . 18.87 10.34 -22.70
C17 PCW IA . 19.55 11.16 -23.85
C18 PCW IA . 20.16 12.48 -23.38
C19 PCW IA . 21.70 12.52 -23.52
C20 PCW IA . 22.48 13.48 -22.89
C21 PCW IA . 22.13 14.63 -22.02
C22 PCW IA . 23.46 15.37 -21.70
C23 PCW IA . 23.79 15.63 -20.21
C24 PCW IA . 24.92 16.58 -19.94
C25 PCW IA . 26.40 16.15 -20.14
C26 PCW IA . 27.34 17.21 -20.67
C27 PCW IA . 28.22 17.95 -19.65
C28 PCW IA . 27.91 19.43 -19.66
C31 PCW IA . 10.64 9.72 -23.26
C32 PCW IA . 10.56 10.63 -22.01
C33 PCW IA . 9.08 10.88 -21.44
C34 PCW IA . 8.91 12.25 -20.82
C35 PCW IA . 8.48 13.22 -22.00
C36 PCW IA . 9.13 14.63 -21.89
C37 PCW IA . 8.77 15.63 -23.02
C38 PCW IA . 7.55 16.43 -22.70
C39 PCW IA . 7.18 17.41 -23.79
C40 PCW IA . 6.70 18.64 -23.64
C41 PCW IA . 6.43 19.30 -22.29
C42 PCW IA . 7.66 20.27 -21.96
C43 PCW IA . 8.76 19.77 -21.04
C44 PCW IA . 9.77 20.90 -20.91
C45 PCW IA . 10.43 21.02 -19.56
C46 PCW IA . 11.14 22.33 -19.35
C47 PCW IA . 12.63 22.33 -19.57
C48 PCW IA . 13.23 23.73 -19.33
N PCW IA . 4.63 5.24 -28.09
O2 PCW IA . 10.73 10.50 -24.33
O3 PCW IA . 13.25 9.69 -25.38
O11 PCW IA . 13.21 7.52 -26.11
O31 PCW IA . 10.64 8.46 -23.24
O1P PCW IA . 7.09 9.45 -28.46
O2P PCW IA . 8.98 7.86 -28.23
O3P PCW IA . 8.40 9.47 -26.33
O4P PCW IA . 7.05 7.52 -26.85
P PCW IA . 7.88 8.57 -27.55
C1 17F JA . 17.82 2.81 -24.55
N1 17F JA . 17.24 2.61 -26.98
O1 17F JA . 16.41 5.67 -25.15
P1 17F JA . 16.35 4.76 -23.92
C2 17F JA . 18.08 3.27 -26.00
O2 17F JA . 14.96 4.33 -24.28
C3 17F JA . 19.56 3.05 -26.35
O3 17F JA . 16.59 3.25 -24.11
C4 17F JA . 15.47 4.43 -21.48
O4 17F JA . 19.92 2.37 -27.38
C5 17F JA . 14.63 5.07 -20.32
O5 17F JA . 20.44 3.53 -25.66
C6 17F JA . 15.37 4.86 -18.97
O6 17F JA . 15.56 5.24 -22.65
C7 17F JA . 15.27 5.66 -16.78
O7 17F JA . 14.64 5.42 -17.89
C8 17F JA . 14.26 6.23 -15.76
O8 17F JA . 16.42 5.48 -16.48
C9 17F JA . 13.73 7.65 -16.15
O9 17F JA . 14.30 6.46 -20.56
C10 17F JA . 12.70 8.28 -15.15
O10 17F JA . 16.42 7.26 -21.01
C11 17F JA . 11.41 7.41 -14.89
C12 17F JA . 10.42 8.10 -13.88
C17 17F JA . 15.33 7.28 -20.42
C18 17F JA . 15.07 8.37 -19.41
C19 17F JA . 14.06 9.44 -19.87
C20 17F JA . 14.30 10.83 -19.16
C1X 17F JA . 9.18 7.22 -13.65
C1Y 17F JA . 13.26 11.89 -19.63
C1Z 17F JA . 13.91 12.88 -20.62
C2X 17F JA . 8.14 7.89 -12.62
C21 17F JA . 7.78 6.94 -11.44
C22 17F JA . 7.92 7.25 -10.20
C23 17F JA . 8.44 8.50 -9.64
C24 17F JA . 9.77 8.39 -8.93
C25 17F JA . 10.34 9.68 -8.35
C26 17F JA . 10.76 10.80 -9.42
C27 17F JA . 11.32 12.07 -8.82
C28 17F JA . 11.68 13.04 -10.01
C29 17F JA . 10.55 13.97 -10.23
C30 17F JA . 10.77 14.95 -11.35
C31 17F JA . 15.02 13.82 -20.04
C32 17F JA . 15.64 14.81 -21.05
C33 17F JA . 17.17 14.69 -21.00
C34 17F JA . 18.01 15.39 -21.74
C35 17F JA . 17.67 16.46 -22.76
C36 17F JA . 18.03 17.90 -22.33
C37 17F JA . 16.79 18.61 -21.92
C38 17F JA . 16.07 19.39 -23.06
C39 17F JA . 14.80 20.09 -22.55
C40 17F JA . 13.55 19.32 -23.00
C41 17F JA . 12.60 20.24 -23.87
C42 17F JA . 11.37 19.61 -24.54
C1 17F KA . -9.75 -8.71 8.00
N1 17F KA . -10.07 -11.14 8.58
O1 17F KA . -9.94 -7.57 5.18
P1 17F KA . -8.75 -8.33 5.72
C2 17F KA . -10.54 -9.78 8.79
O2 17F KA . -7.97 -9.17 4.74
C3 17F KA . -12.03 -9.70 8.39
O3 17F KA . -9.11 -9.26 6.91
C4 17F KA . -6.45 -7.82 6.91
O4 17F KA . -12.69 -10.72 7.96
C5 17F KA . -5.54 -6.69 7.46
O5 17F KA . -12.65 -8.63 8.49
C6 17F KA . -5.32 -5.62 6.36
O6 17F KA . -7.67 -7.33 6.34
C7 17F KA . -4.96 -3.35 6.76
O7 17F KA . -4.49 -4.56 6.82
C8 17F KA . -3.87 -2.39 7.30
O8 17F KA . -6.02 -2.94 6.36
C9 17F KA . -3.57 -1.21 6.36
O9 17F KA . -6.04 -6.11 8.67
C10 17F KA . -2.48 -0.18 6.85
O10 17F KA . -5.46 -7.71 10.22
C11 17F KA . -2.36 1.12 5.98
C12 17F KA . -1.26 2.11 6.51
C17 17F KA . -5.41 -6.58 9.73
C18 17F KA . -4.53 -5.53 10.38
C19 17F KA . -4.08 -5.84 11.83
C20 17F KA . -2.55 -6.22 11.93
C1X 17F KA . -1.17 3.36 5.63
C1Y 17F KA . -2.16 -6.53 13.39
C1Z 17F KA . -1.18 -5.48 13.93
C2X 17F KA . -0.07 4.40 6.14
C21 17F KA . 0.39 5.39 5.02
C22 17F KA . -0.31 6.39 4.59
C23 17F KA . -1.64 6.82 5.05
C24 17F KA . -2.60 7.20 3.92
C25 17F KA . -3.99 7.66 4.34
C26 17F KA . -4.07 9.08 5.05
C27 17F KA . -5.48 9.51 5.45
C28 17F KA . -5.36 10.93 6.13
C29 17F KA . -6.61 11.21 6.85
C30 17F KA . -6.65 12.54 7.54
C31 17F KA . 0.07 -6.02 14.70
C32 17F KA . 1.04 -4.93 15.23
C33 17F KA . 2.25 -4.84 14.30
C34 17F KA . 3.27 -4.01 14.47
C35 17F KA . 3.47 -3.00 15.57
C36 17F KA . 3.09 -1.54 15.19
C37 17F KA . 4.22 -0.90 14.47
C38 17F KA . 3.86 -0.28 13.10
C39 17F KA . 5.10 0.35 12.42
C40 17F KA . 4.94 1.87 12.34
C41 17F KA . 4.56 2.30 10.86
C42 17F KA . 3.88 3.66 10.64
C1 17F LA . 4.63 -1.30 -16.37
N1 17F LA . 2.31 -1.98 -15.69
O1 17F LA . 3.34 0.47 -18.89
P1 17F LA . 4.64 0.55 -18.11
C2 17F LA . 3.33 -2.06 -16.72
O2 17F LA . 5.82 -0.18 -18.69
C3 17F LA . 3.65 -3.54 -17.01
O3 17F LA . 4.49 0.06 -16.65
C4 17F LA . 6.32 2.37 -17.26
O4 17F LA . 3.07 -4.51 -16.40
C5 17F LA . 6.61 3.90 -17.22
O5 17F LA . 4.50 -3.84 -17.85
C6 17F LA . 7.10 4.38 -18.62
O6 17F LA . 5.12 2.05 -17.95
C7 17F LA . 8.61 6.17 -18.43
O7 17F LA . 7.38 5.77 -18.64
C8 17F LA . 8.63 7.71 -18.54
O8 17F LA . 9.61 5.54 -18.20
C9 17F LA . 8.43 8.42 -17.18
O9 17F LA . 5.50 4.67 -16.77
C10 17F LA . 8.44 9.99 -17.21
O10 17F LA . 6.63 6.21 -15.48
C11 17F LA . 9.82 10.65 -16.82
C12 17F LA . 9.76 12.22 -16.88
C17 17F LA . 5.78 5.34 -15.66
C18 17F LA . 4.89 4.91 -14.51
C19 17F LA . 4.77 5.95 -13.36
C20 17F LA . 3.76 7.12 -13.71
C1X 17F LA . 11.12 12.82 -16.48
C1Y 17F LA . 3.67 8.13 -12.55
C1Z 17F LA . 4.40 9.44 -12.91
C2X 17F LA . 11.11 14.42 -16.53
C21 17F LA . 10.28 15.05 -15.35
C22 17F LA . 10.27 16.29 -15.05
C23 17F LA . 11.01 17.38 -15.71
C24 17F LA . 10.52 18.78 -15.35
C25 17F LA . 11.26 19.94 -16.01
C26 17F LA . 12.57 20.45 -15.22
C27 17F LA . 13.30 21.61 -15.89
C28 17F LA . 14.54 21.96 -14.98
C29 17F LA . 15.22 23.13 -15.57
C30 17F LA . 16.43 23.59 -14.80
C31 17F LA . 3.63 10.42 -13.87
C32 17F LA . 4.41 11.73 -14.22
C33 17F LA . 4.95 11.62 -15.65
C34 17F LA . 5.66 12.55 -16.27
C35 17F LA . 6.07 13.90 -15.72
C36 17F LA . 5.36 15.11 -16.38
C37 17F LA . 6.27 16.28 -16.36
C38 17F LA . 6.14 17.23 -17.58
C39 17F LA . 7.11 18.41 -17.49
C40 17F LA . 6.42 19.70 -17.95
C41 17F LA . 7.05 20.95 -17.21
C42 17F LA . 6.81 22.35 -17.80
C1 17F MA . -20.21 4.46 -13.25
N1 17F MA . -20.80 3.96 -10.86
O1 17F MA . -20.94 8.15 -13.67
P1 17F MA . -20.00 6.99 -13.49
C2 17F MA . -20.63 3.42 -12.20
O2 17F MA . -19.24 6.56 -14.72
C3 17F MA . -19.61 2.28 -12.15
O3 17F MA . -20.72 5.71 -12.95
C4 17F MA . -17.88 6.34 -12.08
O4 17F MA . -19.02 1.91 -11.06
C5 17F MA . -16.88 6.82 -10.99
O5 17F MA . -19.30 1.66 -13.16
C6 17F MA . -15.55 6.06 -11.15
O6 17F MA . -18.89 7.29 -12.41
C7 17F MA . -13.57 5.65 -9.98
O7 17F MA . -14.58 6.45 -10.19
C8 17F MA . -12.67 6.29 -8.90
O8 17F MA . -13.30 4.60 -10.49
C9 17F MA . -11.17 6.31 -9.30
O9 17F MA . -16.66 8.24 -11.03
C10 17F MA . -10.18 6.94 -8.24
O10 17F MA . -18.51 8.66 -9.72
C11 17F MA . -8.74 6.28 -8.24
C12 17F MA . -7.81 6.93 -7.16
C17 17F MA . -17.36 8.88 -10.10
C18 17F MA . -16.56 10.00 -9.47
C19 17F MA . -17.03 11.42 -9.88
C20 17F MA . -15.85 12.47 -9.83
C1X 17F MA . -6.42 6.26 -7.20
C1Y 17F MA . -16.35 13.88 -10.24
C1Z 17F MA . -16.21 14.87 -9.08
C2X 17F MA . -5.41 6.89 -6.12
C21 17F MA . -4.05 7.33 -6.75
C22 17F MA . -3.84 8.48 -7.29
C23 17F MA . -4.78 9.60 -7.41
C24 17F MA . -5.03 10.37 -6.13
C25 17F MA . -5.98 11.54 -6.21
C26 17F MA . -5.61 12.81 -5.31
C27 17F MA . -6.59 13.97 -5.40
C28 17F MA . -6.06 15.11 -4.46
C29 17F MA . -7.18 16.02 -4.15
C30 17F MA . -6.83 17.16 -3.26
C31 17F MA . -14.96 15.81 -9.12
C32 17F MA . -14.84 16.81 -7.94
C33 17F MA . -15.14 18.22 -8.43
C34 17F MA . -15.14 19.31 -7.67
C35 17F MA . -14.82 19.39 -6.20
C36 17F MA . -16.01 19.86 -5.30
C37 17F MA . -15.52 20.89 -4.34
C38 17F MA . -16.36 21.00 -3.04
C39 17F MA . -15.79 22.08 -2.10
C40 17F MA . -15.83 21.59 -0.65
C41 17F MA . -14.38 21.22 -0.15
C42 17F MA . -13.64 22.20 0.78
C1 17F NA . -17.95 -7.53 5.28
N1 17F NA . -15.91 -6.80 4.02
O1 17F NA . -19.63 -7.61 7.57
P1 17F NA . -18.98 -6.29 7.23
C2 17F NA . -16.45 -7.77 4.96
O2 17F NA . -19.90 -5.09 7.11
C3 17F NA . -16.26 -9.19 4.41
O3 17F NA . -18.14 -6.32 5.93
C4 17F NA . -17.19 -4.65 8.24
O4 17F NA . -15.70 -9.42 3.28
C5 17F NA . -16.20 -4.40 9.42
O5 17F NA . -16.65 -10.17 5.04
C6 17F NA . -15.31 -3.18 9.08
O6 17F NA . -17.93 -5.87 8.34
C7 17F NA . -14.63 -1.84 10.87
O7 17F NA . -14.39 -2.87 10.12
C8 17F NA . -13.47 -1.70 11.89
O8 17F NA . -15.56 -1.06 10.86
C9 17F NA . -13.43 -0.28 12.54
O9 17F NA . -16.88 -4.22 10.67
C10 17F NA . -12.28 -0.02 13.58
O10 17F NA . -16.67 -6.41 11.38
C11 17F NA . -12.17 1.48 14.05
C12 17F NA . -11.01 1.70 15.08
C17 17F NA . -16.59 -5.18 11.53
C18 17F NA . -16.13 -4.63 12.86
C19 17F NA . -17.24 -4.03 13.74
C20 17F NA . -16.99 -2.51 14.07
C1X 17F NA . -10.97 3.18 15.51
C1Y 17F NA . -18.13 -1.94 14.95
C1Z 17F NA . -17.57 -0.96 15.99
C2X 17F NA . -9.80 3.48 16.56
C21 17F NA . -8.77 4.53 16.03
C22 17F NA . -8.69 5.75 16.45
C23 17F NA . -9.52 6.40 17.47
C24 17F NA . -9.51 7.92 17.44
C25 17F NA . -10.35 8.63 18.48
C26 17F NA . -10.44 10.23 18.35
C27 17F NA . -11.29 10.90 19.41
C28 17F NA . -11.26 12.45 19.11
C29 17F NA . -11.84 13.16 20.27
C30 17F NA . -11.87 14.66 20.14
C31 17F NA . -17.69 0.56 15.67
C32 17F NA . -17.12 1.52 16.75
C33 17F NA . -15.62 1.68 16.54
C34 17F NA . -14.82 2.43 17.30
C35 17F NA . -15.22 3.27 18.49
C36 17F NA . -15.24 2.51 19.85
C37 17F NA . -16.23 3.15 20.74
C38 17F NA . -16.15 2.72 22.23
C39 17F NA . -17.21 3.42 23.09
C40 17F NA . -18.36 2.47 23.43
C41 17F NA . -19.59 3.25 24.05
C42 17F NA . -20.66 2.47 24.81
C1 17F OA . 0.73 2.69 -25.46
N1 17F OA . 2.23 4.68 -25.81
O1 17F OA . -1.89 3.48 -24.54
P1 17F OA . -1.38 4.05 -25.84
C2 17F OA . 1.75 3.68 -24.88
O2 17F OA . -2.36 4.11 -26.98
C3 17F OA . 2.95 2.89 -24.31
O3 17F OA . -0.11 3.32 -26.37
C4 17F OA . -0.37 6.29 -26.77
O4 17F OA . 4.17 3.13 -24.65
C5 17F OA . 0.07 7.74 -26.43
O5 17F OA . 2.78 1.98 -23.49
C6 17F OA . 0.12 8.58 -27.73
O6 17F OA . -0.89 5.55 -25.67
C7 17F OA . -0.27 10.88 -27.84
O7 17F OA . 0.52 9.92 -27.48
C8 17F OA . 0.41 12.22 -27.48
O8 17F OA . -1.36 10.85 -28.37
C9 17F OA . -0.57 13.43 -27.49
O9 17F OA . -0.78 8.35 -25.44
C10 17F OA . 0.08 14.83 -27.14
O10 17F OA . 0.76 7.84 -23.81
C11 17F OA . -0.82 16.08 -27.50
C12 17F OA . -0.11 17.43 -27.13
C17 17F OA . -0.18 8.49 -24.28
C18 17F OA . -0.81 9.58 -23.44
C19 17F OA . -0.83 10.98 -24.11
C20 17F OA . -1.44 12.09 -23.16
C1X 17F OA . -1.00 18.62 -27.49
C1Y 17F OA . -1.46 13.46 -23.87
C1Z 17F OA . -1.14 14.59 -22.88
C2X 17F OA . -0.32 20.02 -27.11
C21 17F OA . -1.09 21.24 -27.72
C22 17F OA . -0.58 22.41 -27.92
C23 17F OA . 0.80 22.84 -27.64
C24 17F OA . 1.29 23.97 -28.53
C25 17F OA . 2.71 24.47 -28.29
C26 17F OA . 3.76 24.19 -29.47
C27 17F OA . 5.16 24.69 -29.23
C28 17F OA . 6.03 24.33 -30.50
C29 17F OA . 7.45 24.60 -30.20
C30 17F OA . 8.40 24.29 -31.31
C31 17F OA . -0.73 15.97 -23.50
C32 17F OA . -0.42 17.09 -22.47
C33 17F OA . 0.98 17.64 -22.73
C34 17F OA . 1.55 18.61 -22.03
C35 17F OA . 0.96 19.36 -20.86
C36 17F OA . 1.88 19.42 -19.60
C37 17F OA . 1.80 20.77 -19.00
C38 17F OA . 0.86 20.89 -17.77
C39 17F OA . 0.83 22.32 -17.22
C40 17F OA . 0.15 22.36 -15.84
C41 17F OA . 0.65 23.61 -15.00
C42 17F OA . 0.91 23.43 -13.50
C1 17F PA . 19.42 -13.26 -11.01
N1 17F PA . 19.11 -11.27 -12.52
O1 17F PA . 22.13 -11.59 -11.56
P1 17F PA . 21.57 -12.13 -10.27
C2 17F PA . 18.89 -12.70 -12.36
O2 17F PA . 22.10 -13.47 -9.82
C3 17F PA . 17.39 -13.02 -12.49
O3 17F PA . 20.02 -12.25 -10.26
C4 17F PA . 21.43 -11.47 -7.73
O4 17F PA . 16.51 -12.11 -12.72
C5 17F PA . 21.80 -10.39 -6.67
O5 17F PA . 16.98 -14.17 -12.39
C6 17F PA . 21.23 -9.02 -7.10
O6 17F PA . 21.87 -11.16 -9.05
C7 17F PA . 20.69 -7.03 -6.00
O7 17F PA . 21.53 -7.99 -6.17
C8 17F PA . 21.27 -6.06 -4.95
O8 17F PA . 19.62 -6.84 -6.52
C9 17F PA . 21.49 -4.63 -5.50
O9 17F PA . 21.36 -10.74 -5.34
C10 17F PA . 22.07 -3.58 -4.49
O10 17F PA . 23.41 -11.67 -4.86
C11 17F PA . 22.80 -2.36 -5.15
C12 17F PA . 23.37 -1.36 -4.09
C17 17F PA . 22.36 -11.09 -4.57
C18 17F PA . 22.10 -10.73 -3.11
C19 17F PA . 22.13 -9.20 -2.81
C20 17F PA . 23.58 -8.68 -2.54
C1X 17F PA . 24.07 -0.18 -4.78
C1Y 17F PA . 23.57 -7.16 -2.24
C1Z 17F PA . 24.68 -6.44 -3.03
C2X 17F PA . 24.67 0.87 -3.73
C21 17F PA . 24.68 2.32 -4.28
C22 17F PA . 25.27 3.32 -3.70
C23 17F PA . 26.01 3.29 -2.43
C24 17F PA . 25.21 3.73 -1.21
C25 17F PA . 25.92 3.71 0.13
C26 17F PA . 27.35 4.42 0.16
C27 17F PA . 28.05 4.40 1.50
C28 17F PA . 29.43 5.13 1.33
C29 17F PA . 30.26 4.87 2.52
C30 17F PA . 31.61 5.53 2.48
C31 17F PA . 25.00 -4.96 -2.61
C32 17F PA . 26.12 -4.25 -3.42
C33 17F PA . 26.63 -3.07 -2.61
C34 17F PA . 27.59 -2.25 -3.00
C35 17F PA . 28.35 -2.29 -4.29
C36 17F PA . 29.66 -1.44 -4.31
C37 17F PA . 29.59 -0.45 -5.41
C38 17F PA . 30.24 -0.90 -6.74
C39 17F PA . 30.12 0.18 -7.82
C40 17F PA . 29.26 -0.32 -8.99
C41 17F PA . 28.68 0.91 -9.82
C42 17F PA . 27.38 0.73 -10.60
C1 17F QA . -11.80 1.09 -9.80
N1 17F QA . -11.48 0.32 -7.43
O1 17F QA . -9.69 2.28 -11.63
P1 17F QA . -9.36 1.45 -10.40
C2 17F QA . -12.44 0.64 -8.47
O2 17F QA . -8.16 0.56 -10.50
C3 17F QA . -13.34 -0.58 -8.71
O3 17F QA . -10.54 0.54 -9.97
C4 17F QA . -8.77 1.81 -7.86
O4 17F QA . -13.21 -1.69 -8.06
C5 17F QA . -8.56 2.88 -6.75
O5 17F QA . -14.24 -0.55 -9.55
C6 17F QA . -9.93 3.44 -6.28
O6 17F QA . -9.10 2.38 -9.13
C7 17F QA . -10.33 4.20 -4.10
O7 17F QA . -9.77 4.41 -5.25
C8 17F QA . -10.00 5.40 -3.18
O8 17F QA . -10.99 3.27 -3.71
C9 17F QA . -10.72 6.71 -3.59
O9 17F QA . -7.79 2.37 -5.65
C10 17F QA . -10.43 7.96 -2.69
O10 17F QA . -6.92 4.25 -4.64
C11 17F QA . -9.64 9.13 -3.41
C12 17F QA . -9.39 10.34 -2.44
C17 17F QA . -6.83 3.20 -5.30
C18 17F QA . -5.48 2.75 -5.80
C19 17F QA . -4.29 3.08 -4.86
C20 17F QA . -4.12 2.04 -3.69
C1X 17F QA . -8.63 11.46 -3.18
C1Y 17F QA . -2.94 2.42 -2.78
C1Z 17F QA . -3.34 3.53 -1.81
C2X 17F QA . -8.34 12.72 -2.23
C21 17F QA . -7.60 12.32 -0.91
C22 17F QA . -6.83 13.10 -0.23
C23 17F QA . -6.48 14.50 -0.52
C24 17F QA . -5.74 15.21 0.61
C25 17F QA . -5.36 16.66 0.36
C26 17F QA . -4.44 17.35 1.49
C27 17F QA . -4.07 18.78 1.22
C28 17F QA . -3.18 19.27 2.43
C29 17F QA . -3.60 20.65 2.79
C30 17F QA . -2.84 21.25 3.92
C31 17F QA . -2.79 4.97 -2.11
C32 17F QA . -3.22 6.07 -1.11
C33 17F QA . -4.64 6.54 -1.46
C34 17F QA . -5.31 7.48 -0.81
C35 17F QA . -4.84 8.28 0.40
C36 17F QA . -5.16 9.81 0.33
C37 17F QA . -4.81 10.43 1.63
C38 17F QA . -3.94 11.71 1.53
C39 17F QA . -3.63 12.29 2.92
C40 17F QA . -2.16 12.73 3.00
C41 17F QA . -1.24 11.50 3.38
C42 17F QA . -0.82 11.31 4.85
C1 PCW RA . 24.49 26.52 1.02
C2 PCW RA . 25.12 25.16 0.52
C3 PCW RA . 25.01 24.07 1.64
C4 PCW RA . 22.39 30.17 -1.42
C5 PCW RA . 22.69 31.63 -1.09
C6 PCW RA . 20.88 32.94 0.13
C7 PCW RA . 23.07 32.60 1.15
C8 PCW RA . 22.66 33.54 -0.39
C11 PCW RA . 26.95 22.77 1.05
C12 PCW RA . 27.33 21.40 0.55
C13 PCW RA . 27.40 21.47 -1.02
C14 PCW RA . 27.77 20.15 -1.70
C15 PCW RA . 28.01 20.24 -3.25
C16 PCW RA . 27.71 18.86 -3.92
C17 PCW RA . 27.69 18.84 -5.49
C18 PCW RA . 27.29 17.48 -6.08
C19 PCW RA . 28.46 16.48 -6.14
C20 PCW RA . 28.71 15.67 -7.24
C21 PCW RA . 28.02 15.53 -8.55
C22 PCW RA . 28.91 14.62 -9.43
C23 PCW RA . 28.22 13.47 -10.21
C24 PCW RA . 28.90 12.13 -10.18
C25 PCW RA . 30.20 11.87 -11.00
C26 PCW RA . 31.05 10.71 -10.55
C27 PCW RA . 32.04 10.11 -11.57
C28 PCW RA . 33.31 9.70 -10.87
C31 PCW RA . 25.03 24.83 -1.82
C32 PCW RA . 24.15 24.28 -2.95
C33 PCW RA . 24.72 24.48 -4.43
C34 PCW RA . 25.25 23.19 -5.07
C35 PCW RA . 24.00 22.57 -5.83
C36 PCW RA . 23.74 21.10 -5.41
C37 PCW RA . 22.52 20.41 -6.11
C38 PCW RA . 22.95 19.55 -7.25
C39 PCW RA . 21.78 18.88 -7.94
C40 PCW RA . 21.83 17.81 -8.73
C41 PCW RA . 23.11 17.07 -9.09
C42 PCW RA . 23.09 16.80 -10.66
C43 PCW RA . 22.94 15.37 -11.15
C44 PCW RA . 22.96 15.42 -12.67
C45 PCW RA . 22.82 14.09 -13.36
C46 PCW RA . 22.28 14.19 -14.76
C47 PCW RA . 20.89 13.64 -14.99
C48 PCW RA . 20.46 13.82 -16.45
N PCW RA . 22.16 32.22 0.09
O2 PCW RA . 24.38 24.67 -0.67
O3 PCW RA . 25.60 22.85 1.16
O11 PCW RA . 27.72 23.65 1.31
O31 PCW RA . 26.18 25.34 -1.96
O1P PCW RA . 22.09 27.27 -1.44
O2P PCW RA . 21.85 27.61 1.03
O3P PCW RA . 24.19 27.44 -0.05
O4P PCW RA . 22.77 29.40 -0.26
P PCW RA . 22.65 27.88 -0.18
C1 PCW SA . 15.69 23.01 12.43
C2 PCW SA . 16.89 22.33 11.66
C3 PCW SA . 16.40 21.03 10.91
C4 PCW SA . 18.57 25.72 14.28
C5 PCW SA . 19.83 25.23 14.98
C6 PCW SA . 19.82 22.68 14.86
C7 PCW SA . 21.87 23.94 14.41
C8 PCW SA . 20.93 23.84 16.00
C11 PCW SA . 18.30 19.58 10.91
C12 PCW SA . 19.37 19.04 10.00
C13 PCW SA . 20.50 20.13 9.87
C14 PCW SA . 21.67 19.74 8.97
C15 PCW SA . 21.79 20.53 7.63
C16 PCW SA . 22.90 21.63 7.70
C17 PCW SA . 24.37 21.16 7.97
C18 PCW SA . 24.93 20.25 6.88
C19 PCW SA . 25.51 21.04 5.68
C20 PCW SA . 25.11 20.80 4.36
C21 PCW SA . 24.13 19.86 3.78
C22 PCW SA . 24.33 19.92 2.24
C23 PCW SA . 23.94 18.67 1.41
C24 PCW SA . 22.63 18.72 0.68
C25 PCW SA . 22.50 18.16 -0.77
C26 PCW SA . 23.51 18.68 -1.79
C27 PCW SA . 23.87 17.76 -2.97
C28 PCW SA . 24.88 16.72 -2.53
C31 PCW SA . 18.54 23.88 10.95
C32 PCW SA . 18.94 24.79 9.78
C33 PCW SA . 19.71 24.06 8.58
C34 PCW SA . 18.91 24.03 7.28
C35 PCW SA . 18.81 22.51 6.87
C36 PCW SA . 18.35 22.31 5.40
C37 PCW SA . 18.23 20.83 4.92
C38 PCW SA . 17.23 20.05 5.73
C39 PCW SA . 17.11 18.62 5.26
C40 PCW SA . 17.81 17.57 5.68
C41 PCW SA . 18.90 17.65 6.74
C42 PCW SA . 20.12 16.75 6.25
C43 PCW SA . 21.28 17.40 5.54
C44 PCW SA . 22.27 16.31 5.19
C45 PCW SA . 22.62 16.19 3.73
C46 PCW SA . 23.23 14.87 3.36
C47 PCW SA . 23.95 14.81 2.02
C48 PCW SA . 24.53 13.41 1.77
N PCW SA . 20.44 24.00 14.60
O2 PCW SA . 17.40 23.27 10.62
O3 PCW SA . 17.50 20.43 10.22
O11 PCW SA . 18.17 19.29 12.08
O31 PCW SA . 19.17 23.75 12.05
O1P PCW SA . 16.02 25.69 12.91
O2P PCW SA . 15.12 25.31 15.21
O3P PCW SA . 15.98 23.32 13.81
O4P PCW SA . 17.47 24.96 14.83
P PCW SA . 16.11 24.88 14.17
C1 PCW TA . 2.24 28.22 15.56
C2 PCW TA . 2.40 26.84 14.80
C3 PCW TA . 3.28 27.04 13.52
C4 PCW TA . 6.11 26.82 16.24
C5 PCW TA . 7.29 26.31 17.07
C6 PCW TA . 9.10 24.56 17.39
C7 PCW TA . 8.56 25.38 15.15
C8 PCW TA . 9.27 26.33 16.57
C11 PCW TA . 4.63 25.16 12.89
C12 PCW TA . 4.55 23.87 12.12
C13 PCW TA . 5.23 24.10 10.72
C14 PCW TA . 5.24 22.88 9.79
C15 PCW TA . 5.25 23.18 8.26
C16 PCW TA . 3.84 22.95 7.63
C17 PCW TA . 3.79 22.58 6.11
C18 PCW TA . 2.85 21.40 5.80
C19 PCW TA . 1.58 21.83 5.03
C20 PCW TA . 0.42 22.24 5.68
C21 PCW TA . 0.08 22.38 7.11
C22 PCW TA . -1.22 21.56 7.34
C23 PCW TA . -1.06 20.10 7.84
C24 PCW TA . -1.66 19.03 6.97
C25 PCW TA . -2.07 17.65 7.57
C26 PCW TA . -3.38 17.07 7.11
C27 PCW TA . -3.35 15.69 6.41
C28 PCW TA . -4.44 15.62 5.36
C31 PCW TA . 2.35 24.81 16.01
C32 PCW TA . 3.21 23.89 16.90
C33 PCW TA . 4.28 22.99 16.12
C34 PCW TA . 3.99 21.49 16.23
C35 PCW TA . 3.49 21.05 14.79
C36 PCW TA . 2.30 20.06 14.84
C37 PCW TA . 1.76 19.58 13.46
C38 PCW TA . 0.51 18.79 13.59
C39 PCW TA . -0.03 18.32 12.26
C40 PCW TA . -0.96 18.90 11.52
C41 PCW TA . -1.69 20.19 11.89
C42 PCW TA . -0.87 21.41 11.29
C43 PCW TA . -0.53 22.58 12.19
C44 PCW TA . 0.25 23.59 11.35
C45 PCW TA . -0.38 24.95 11.26
C46 PCW TA . -0.49 25.66 12.58
C47 PCW TA . -1.11 27.04 12.55
C48 PCW TA . -1.16 27.66 13.95
N PCW TA . 8.17 25.32 16.54
O2 PCW TA . 3.09 25.86 15.67
O3 PCW TA . 3.41 25.79 12.83
O11 PCW TA . 5.59 25.57 13.48
O31 PCW TA . 1.15 24.60 15.67
O1P PCW TA . 4.76 29.24 15.39
O2P PCW TA . 4.78 29.76 17.82
O3P PCW TA . 2.92 28.29 16.83
O4P PCW TA . 5.20 27.49 17.14
P PCW TA . 4.46 28.76 16.78
C1 PCW UA . 16.95 31.59 3.23
C2 PCW UA . 16.43 31.50 1.74
C3 PCW UA . 17.58 30.98 0.81
C4 PCW UA . 15.71 34.82 2.29
C5 PCW UA . 15.15 36.16 2.77
C6 PCW UA . 14.01 37.68 1.08
C7 PCW UA . 12.73 36.67 2.90
C8 PCW UA . 14.11 37.90 3.03
C11 PCW UA . 18.01 30.88 -1.55
C12 PCW UA . 17.30 30.82 -2.87
C13 PCW UA . 17.11 32.30 -3.38
C14 PCW UA . 16.41 32.44 -4.73
C15 PCW UA . 16.19 33.90 -5.23
C16 PCW UA . 17.13 34.23 -6.45
C17 PCW UA . 17.18 35.72 -6.92
C18 PCW UA . 17.04 35.88 -8.44
C19 PCW UA . 18.38 36.21 -9.14
C20 PCW UA . 18.96 35.37 -10.08
C21 PCW UA . 18.54 34.06 -10.65
C22 PCW UA . 18.61 34.20 -12.20
C23 PCW UA . 17.76 33.22 -13.04
C24 PCW UA . 18.50 32.23 -13.88
C25 PCW UA . 17.76 31.39 -14.97
C26 PCW UA . 17.94 29.88 -14.90
C27 PCW UA . 16.93 29.08 -14.04
C28 PCW UA . 17.06 27.61 -14.34
C31 PCW UA . 14.12 31.10 1.38
C32 PCW UA . 13.07 29.97 1.33
C33 PCW UA . 12.04 30.03 0.10
C34 PCW UA . 10.69 29.40 0.42
C35 PCW UA . 10.14 28.85 -0.95
C36 PCW UA . 8.66 29.24 -1.21
C37 PCW UA . 8.04 28.73 -2.55
C38 PCW UA . 8.01 29.79 -3.59
C39 PCW UA . 7.42 29.31 -4.89
C40 PCW UA . 7.81 29.62 -6.12
C41 PCW UA . 8.97 30.55 -6.44
C42 PCW UA . 9.13 30.63 -8.03
C43 PCW UA . 10.48 30.30 -8.64
C44 PCW UA . 10.33 30.45 -10.15
C45 PCW UA . 11.39 29.77 -10.98
C46 PCW UA . 11.07 29.71 -12.44
C47 PCW UA . 12.25 29.67 -13.40
C48 PCW UA . 11.78 29.60 -14.86
N PCW UA . 13.97 36.69 2.17
O2 PCW UA . 15.30 30.53 1.66
O3 PCW UA . 17.09 30.90 -0.54
O11 PCW UA . 19.20 30.91 -1.40
O31 PCW UA . 13.90 32.32 1.19
O1P PCW UA . 13.90 33.30 3.97
O2P PCW UA . 15.56 33.83 5.75
O3P PCW UA . 15.90 31.79 4.21
O4P PCW UA . 16.22 34.11 3.45
P PCW UA . 15.33 33.30 4.38
C1 PCW VA . 5.77 27.54 22.25
C2 PCW VA . 5.30 26.09 21.85
C3 PCW VA . 6.54 25.13 21.78
C4 PCW VA . 2.35 29.03 20.06
C5 PCW VA . 1.80 27.63 19.75
C6 PCW VA . -0.39 26.53 20.48
C7 PCW VA . -0.26 27.72 18.34
C8 PCW VA . 0.66 26.19 18.84
C11 PCW VA . 6.18 23.46 20.10
C12 PCW VA . 5.68 22.05 19.93
C13 PCW VA . 6.75 21.08 20.53
C14 PCW VA . 6.40 19.59 20.45
C15 PCW VA . 5.28 19.10 21.42
C16 PCW VA . 4.57 17.82 20.86
C17 PCW VA . 3.41 18.04 19.83
C18 PCW VA . 2.02 17.90 20.45
C19 PCW VA . 1.33 19.27 20.70
C20 PCW VA . -0.01 19.38 21.02
C21 PCW VA . -1.07 18.36 21.21
C22 PCW VA . -1.95 18.39 19.92
C23 PCW VA . -2.13 17.06 19.14
C24 PCW VA . -3.51 16.48 19.07
C25 PCW VA . -3.92 15.27 19.96
C26 PCW VA . -2.79 14.39 20.47
C27 PCW VA . -2.83 12.88 20.11
C28 PCW VA . -1.46 12.28 20.35
C31 PCW VA . 3.25 25.02 22.37
C32 PCW VA . 2.40 24.51 23.54
C33 PCW VA . 2.62 22.97 23.92
C34 PCW VA . 3.75 22.77 24.93
C35 PCW VA . 3.04 22.67 26.35
C36 PCW VA . 3.24 21.27 27.00
C37 PCW VA . 2.57 21.08 28.39
C38 PCW VA . 3.56 21.16 29.49
C39 PCW VA . 2.94 20.96 30.85
C40 PCW VA . 2.98 19.88 31.61
C41 PCW VA . 3.67 18.58 31.21
C42 PCW VA . 2.66 17.74 30.30
C43 PCW VA . 3.13 17.31 28.92
C44 PCW VA . 1.98 16.54 28.30
C45 PCW VA . 2.23 15.07 28.07
C46 PCW VA . 1.35 14.17 28.90
C47 PCW VA . -0.07 13.99 28.42
C48 PCW VA . -0.85 13.06 29.35
N PCW VA . 0.38 27.44 19.62
O2 PCW VA . 4.37 25.54 22.87
O3 PCW VA . 6.11 23.81 21.41
O11 PCW VA . 6.57 24.16 19.21
O31 PCW VA . 2.93 24.95 21.14
O1P PCW VA . 3.36 30.51 22.34
O2P PCW VA . 5.55 30.28 21.15
O3P PCW VA . 4.68 28.39 22.66
O4P PCW VA . 3.73 28.85 20.47
P PCW VA . 4.33 29.59 21.66
C1 PCW WA . -12.47 29.96 13.50
C2 PCW WA . -13.15 28.57 13.15
C3 PCW WA . -13.14 28.35 11.60
C4 PCW WA . -13.51 28.98 17.95
C5 PCW WA . -14.87 28.47 18.45
C6 PCW WA . -16.51 28.47 20.40
C7 PCW WA . -15.65 30.58 19.51
C8 PCW WA . -16.71 29.33 18.65
C11 PCW WA . -15.11 27.06 11.12
C12 PCW WA . -15.55 25.65 10.83
C13 PCW WA . -15.88 25.55 9.29
C14 PCW WA . -16.33 24.17 8.81
C15 PCW WA . -17.87 23.92 8.86
C16 PCW WA . -18.52 24.23 7.46
C17 PCW WA . -20.08 24.38 7.41
C18 PCW WA . -20.53 25.82 7.18
C19 PCW WA . -21.50 25.96 5.98
C20 PCW WA . -22.83 26.33 6.14
C21 PCW WA . -23.64 26.68 7.34
C22 PCW WA . -24.77 27.62 6.84
C23 PCW WA . -26.20 27.39 7.41
C24 PCW WA . -26.64 28.29 8.52
C25 PCW WA . -27.04 27.72 9.92
C26 PCW WA . -28.44 28.02 10.40
C27 PCW WA . -29.58 27.09 9.93
C28 PCW WA . -30.21 26.40 11.12
C31 PCW WA . -13.09 26.69 14.59
C32 PCW WA . -12.17 25.59 15.13
C33 PCW WA . -12.73 24.09 14.98
C34 PCW WA . -12.92 23.66 13.53
C35 PCW WA . -12.42 22.15 13.47
C36 PCW WA . -11.96 21.74 12.06
C37 PCW WA . -11.46 20.26 11.92
C38 PCW WA . -12.51 19.37 11.36
C39 PCW WA . -12.05 17.95 11.23
C40 PCW WA . -12.74 16.92 10.72
C41 PCW WA . -14.14 17.03 10.16
C42 PCW WA . -14.37 15.82 9.15
C43 PCW WA . -15.10 16.10 7.84
C44 PCW WA . -15.17 14.79 7.09
C45 PCW WA . -16.54 14.14 7.03
C46 PCW WA . -17.23 14.33 5.72
C47 PCW WA . -18.74 14.19 5.74
C48 PCW WA . -19.34 14.40 4.33
N PCW WA . -15.52 29.14 19.53
O2 PCW WA . -12.38 27.46 13.76
O3 PCW WA . -13.76 27.09 11.29
O11 PCW WA . -15.84 28.01 11.21
O31 PCW WA . -14.31 26.85 14.87
O1P PCW WA . -12.70 31.54 16.86
O2P PCW WA . -14.47 31.06 15.19
O3P PCW WA . -12.10 30.10 14.88
O4P PCW WA . -13.67 29.25 16.54
P PCW WA . -13.26 30.56 15.89
C1 PCW XA . -10.17 26.53 24.42
C2 PCW XA . -10.40 25.32 25.40
C3 PCW XA . -11.89 25.26 25.84
C4 PCW XA . -5.90 27.20 26.28
C5 PCW XA . -5.39 25.84 26.77
C6 PCW XA . -6.42 25.18 28.85
C7 PCW XA . -4.70 26.77 28.89
C8 PCW XA . -4.12 24.60 28.48
C11 PCW XA . -11.58 24.25 27.99
C12 PCW XA . -11.90 22.98 28.75
C13 PCW XA . -13.18 23.22 29.63
C14 PCW XA . -13.64 22.02 30.45
C15 PCW XA . -14.87 22.27 31.37
C16 PCW XA . -16.03 21.26 31.04
C17 PCW XA . -17.21 21.79 30.14
C18 PCW XA . -17.41 20.97 28.86
C19 PCW XA . -16.81 21.65 27.61
C20 PCW XA . -15.74 21.10 26.90
C21 PCW XA . -14.94 19.87 27.08
C22 PCW XA . -15.22 18.97 25.85
C23 PCW XA . -15.68 17.51 26.12
C24 PCW XA . -16.25 16.74 24.96
C25 PCW XA . -17.78 16.66 24.72
C26 PCW XA . -18.31 15.38 24.10
C27 PCW XA . -18.74 14.24 25.04
C28 PCW XA . -19.05 13.00 24.24
C31 PCW XA . -8.95 23.47 25.15
C32 PCW XA . -8.75 22.17 24.35
C33 PCW XA . -7.63 22.24 23.19
C34 PCW XA . -8.02 23.13 22.02
C35 PCW XA . -7.77 22.26 20.73
C36 PCW XA . -9.06 22.07 19.89
C37 PCW XA . -8.90 21.21 18.60
C38 PCW XA . -10.15 21.15 17.79
C39 PCW XA . -10.02 20.33 16.53
C40 PCW XA . -10.88 19.46 16.05
C41 PCW XA . -12.22 19.13 16.69
C42 PCW XA . -13.12 18.41 15.60
C43 PCW XA . -13.53 16.97 15.83
C44 PCW XA . -14.38 16.55 14.64
C45 PCW XA . -14.85 15.10 14.66
C46 PCW XA . -15.01 14.50 13.30
C47 PCW XA . -14.47 13.10 13.11
C48 PCW XA . -14.70 12.61 11.67
N PCW XA . -5.18 25.61 28.18
O2 PCW XA . -10.07 24.05 24.71
O3 PCW XA . -12.09 24.15 26.74
O11 PCW XA . -10.98 25.19 28.44
O31 PCW XA . -8.18 23.91 26.05
O1P PCW XA . -7.36 28.94 24.46
O2P PCW XA . -9.22 28.58 26.08
O3P PCW XA . -8.78 26.88 24.22
O4P PCW XA . -7.34 27.09 26.16
P PCW XA . -8.17 27.96 25.24
C1 PCW YA . 40.67 17.84 7.52
C2 PCW YA . 40.96 16.32 7.20
C3 PCW YA . 42.41 16.17 6.61
C4 PCW YA . 36.60 17.14 6.94
C5 PCW YA . 35.76 17.66 5.78
C6 PCW YA . 33.92 16.12 5.58
C7 PCW YA . 33.68 18.31 4.79
C8 PCW YA . 33.67 18.02 7.05
C11 PCW YA . 42.32 14.29 5.11
C12 PCW YA . 42.66 12.84 5.04
C13 PCW YA . 41.35 12.01 5.25
C14 PCW YA . 41.52 10.49 5.21
C15 PCW YA . 40.51 9.73 4.30
C16 PCW YA . 40.93 9.84 2.80
C17 PCW YA . 39.84 9.48 1.73
C18 PCW YA . 39.81 7.98 1.39
C19 PCW YA . 40.84 7.58 0.31
C20 PCW YA . 41.02 6.26 -0.08
C21 PCW YA . 40.40 4.98 0.36
C22 PCW YA . 40.22 4.11 -0.92
C23 PCW YA . 39.71 2.66 -0.73
C24 PCW YA . 40.14 1.64 -1.73
C25 PCW YA . 39.33 0.33 -1.97
C26 PCW YA . 39.66 -0.45 -3.22
C27 PCW YA . 39.38 -1.97 -3.22
C28 PCW YA . 38.57 -2.36 -4.43
C31 PCW YA . 39.84 14.74 8.55
C32 PCW YA . 39.92 13.97 9.88
C33 PCW YA . 41.05 12.84 9.94
C34 PCW YA . 40.52 11.47 10.40
C35 PCW YA . 41.79 10.53 10.48
C36 PCW YA . 41.55 9.29 11.37
C37 PCW YA . 42.77 8.32 11.50
C38 PCW YA . 42.48 7.19 12.45
C39 PCW YA . 43.64 6.23 12.58
C40 PCW YA . 43.65 4.93 12.34
C41 PCW YA . 42.43 4.15 11.86
C42 PCW YA . 42.63 3.83 10.30
C43 PCW YA . 41.75 2.77 9.66
C44 PCW YA . 42.15 2.68 8.21
C45 PCW YA . 41.00 2.49 7.23
C46 PCW YA . 41.10 1.23 6.43
C47 PCW YA . 40.22 1.15 5.21
C48 PCW YA . 40.40 -0.19 4.48
N PCW YA . 34.34 17.52 5.81
O2 PCW YA . 40.91 15.52 8.45
O3 PCW YA . 42.67 14.79 6.33
O11 PCW YA . 41.80 14.93 4.23
O31 PCW YA . 38.90 14.65 7.70
O1P PCW YA . 37.35 18.75 9.25
O2P PCW YA . 38.54 20.11 7.53
O3P PCW YA . 39.67 18.03 8.55
O4P PCW YA . 37.85 17.89 6.93
P PCW YA . 38.31 18.75 8.09
C1 PCW ZA . 0.17 15.33 34.36
C2 PCW ZA . -0.88 16.01 33.40
C3 PCW ZA . -0.31 16.05 31.94
C4 PCW ZA . -1.16 17.20 38.30
C5 PCW ZA . -0.30 18.10 39.17
C6 PCW ZA . -1.24 18.30 41.54
C7 PCW ZA . 1.07 17.59 41.18
C8 PCW ZA . 0.31 19.22 40.77
C11 PCW ZA . -1.39 18.03 31.08
C12 PCW ZA . -2.43 18.45 30.08
C13 PCW ZA . -1.76 18.42 28.65
C14 PCW ZA . -2.68 18.82 27.50
C15 PCW ZA . -2.46 18.05 26.16
C16 PCW ZA . -2.86 18.94 24.93
C17 PCW ZA . -4.37 18.90 24.48
C18 PCW ZA . -4.54 18.40 23.05
C19 PCW ZA . -5.90 18.82 22.43
C20 PCW ZA . -7.01 18.00 22.44
C21 PCW ZA . -7.24 16.62 22.96
C22 PCW ZA . -8.13 15.90 21.92
C23 PCW ZA . -8.48 14.40 22.19
C24 PCW ZA . -7.49 13.38 21.72
C25 PCW ZA . -7.10 13.26 20.21
C26 PCW ZA . -7.32 11.90 19.57
C27 PCW ZA . -6.07 11.11 19.13
C28 PCW ZA . -5.73 11.44 17.70
C31 PCW ZA . -3.21 15.86 33.85
C32 PCW ZA . -4.42 14.92 33.76
C33 PCW ZA . -4.63 14.20 32.34
C34 PCW ZA . -5.15 12.77 32.48
C35 PCW ZA . -4.00 11.84 31.88
C36 PCW ZA . -4.55 10.77 30.91
C37 PCW ZA . -3.48 9.82 30.29
C38 PCW ZA . -4.08 8.85 29.32
C39 PCW ZA . -3.07 7.93 28.70
C40 PCW ZA . -3.00 7.54 27.43
C41 PCW ZA . -3.98 7.98 26.36
C42 PCW ZA . -4.62 6.68 25.70
C43 PCW ZA . -6.10 6.68 25.36
C44 PCW ZA . -6.42 5.33 24.75
C45 PCW ZA . -7.72 4.71 25.22
C46 PCW ZA . -7.59 3.29 25.68
C47 PCW ZA . -7.13 3.08 27.11
C48 PCW ZA . -7.05 1.58 27.46
N PCW ZA . -0.22 17.84 40.58
O2 PCW ZA . -2.14 15.22 33.37
O3 PCW ZA . -1.26 16.67 31.06
O11 PCW ZA . -0.76 18.77 31.79
O31 PCW ZA . -3.23 17.05 34.29
O1P PCW ZA . 0.18 14.62 38.09
O2P PCW ZA . 1.77 15.91 36.66
O3P PCW ZA . -0.37 14.95 35.65
O4P PCW ZA . -0.37 16.89 37.11
P PCW ZA . 0.36 15.56 36.93
C1 PCW AB . 23.41 6.26 37.69
C2 PCW AB . 22.62 4.90 37.86
C3 PCW AB . 21.08 5.17 37.70
C4 PCW AB . 27.82 7.04 35.87
C5 PCW AB . 28.47 6.74 34.51
C6 PCW AB . 30.06 8.57 34.50
C7 PCW AB . 28.05 8.80 33.33
C8 PCW AB . 29.62 7.42 32.43
C11 PCW AB . 19.26 3.74 37.09
C12 PCW AB . 18.64 2.41 37.42
C13 PCW AB . 17.63 2.62 38.61
C14 PCW AB . 16.91 1.36 39.09
C15 PCW AB . 15.58 1.02 38.34
C16 PCW AB . 15.66 -0.40 37.71
C17 PCW AB . 14.43 -1.35 37.93
C18 PCW AB . 13.82 -1.85 36.62
C19 PCW AB . 12.61 -2.79 36.84
C20 PCW AB . 11.31 -2.39 36.53
C21 PCW AB . 10.75 -1.13 35.98
C22 PCW AB . 9.53 -0.75 36.86
C23 PCW AB . 8.16 -1.36 36.49
C24 PCW AB . 7.47 -0.82 35.29
C25 PCW AB . 6.53 -1.72 34.43
C26 PCW AB . 7.09 -2.20 33.10
C27 PCW AB . 7.23 -3.72 32.88
C28 PCW AB . 6.89 -4.08 31.46
C31 PCW AB . 23.45 2.77 37.25
C32 PCW AB . 23.82 1.89 36.05
C33 PCW AB . 22.62 1.53 35.05
C34 PCW AB . 21.48 0.78 35.73
C35 PCW AB . 21.88 -0.76 35.68
C36 PCW AB . 21.19 -1.52 34.53
C37 PCW AB . 21.53 -3.04 34.42
C38 PCW AB . 20.73 -3.73 33.38
C39 PCW AB . 21.04 -5.19 33.25
C40 PCW AB . 21.95 -5.75 32.47
C41 PCW AB . 22.86 -4.99 31.51
C42 PCW AB . 23.43 -6.03 30.45
C43 PCW AB . 22.55 -6.45 29.30
C44 PCW AB . 23.34 -7.43 28.45
C45 PCW AB . 23.03 -8.89 28.68
C46 PCW AB . 21.58 -9.25 28.45
C47 PCW AB . 20.79 -9.66 29.68
C48 PCW AB . 19.34 -9.99 29.32
N PCW AB . 29.02 7.83 33.74
O2 PCW AB . 23.01 3.93 36.79
O3 PCW AB . 20.35 3.94 37.86
O11 PCW AB . 18.82 4.51 36.26
O31 PCW AB . 23.56 2.43 38.48
O1P PCW AB . 26.24 7.03 38.30
O2P PCW AB . 26.12 4.58 37.87
O3P PCW AB . 24.48 6.19 36.72
O4P PCW AB . 26.81 6.02 36.07
P PCW AB . 25.94 5.95 37.31
C1 PCW BB . -11.76 35.39 4.30
C2 PCW BB . -11.39 33.91 3.87
C3 PCW BB . -12.46 33.38 2.85
C4 PCW BB . -11.10 37.23 7.18
C5 PCW BB . -11.54 38.42 8.04
C6 PCW BB . -11.23 38.48 10.56
C7 PCW BB . -9.82 39.85 9.10
C8 PCW BB . -11.64 39.97 9.35
C11 PCW BB . -12.44 31.66 1.17
C12 PCW BB . -12.01 30.23 0.96
C13 PCW BB . -13.20 29.46 0.27
C14 PCW BB . -12.95 27.98 -0.02
C15 PCW BB . -14.19 27.05 0.06
C16 PCW BB . -14.40 26.28 -1.30
C17 PCW BB . -15.88 26.10 -1.80
C18 PCW BB . -15.97 25.94 -3.32
C19 PCW BB . -17.35 26.35 -3.89
C20 PCW BB . -18.13 25.49 -4.64
C21 PCW BB . -17.93 24.09 -5.08
C22 PCW BB . -19.17 23.28 -4.60
C23 PCW BB . -19.71 22.17 -5.55
C24 PCW BB . -21.19 22.11 -5.73
C25 PCW BB . -22.07 21.12 -4.92
C26 PCW BB . -23.57 21.16 -5.17
C27 PCW BB . -24.38 22.30 -4.51
C28 PCW BB . -25.35 21.73 -3.51
C31 PCW BB . -9.04 33.60 3.96
C32 PCW BB . -7.76 33.62 3.12
C33 PCW BB . -7.50 32.29 2.24
C34 PCW BB . -6.97 31.11 3.05
C35 PCW BB . -8.10 30.00 2.95
C36 PCW BB . -7.53 28.58 3.19
C37 PCW BB . -8.59 27.42 3.11
C38 PCW BB . -8.07 26.16 3.74
C39 PCW BB . -9.07 25.04 3.67
C40 PCW BB . -8.82 23.75 3.41
C41 PCW BB . -7.43 23.20 3.14
C42 PCW BB . -7.53 21.62 3.05
C43 PCW BB . -7.72 20.98 1.68
C44 PCW BB . -7.78 19.48 1.90
C45 PCW BB . -9.16 18.87 1.78
C46 PCW BB . -9.40 18.18 0.46
C47 PCW BB . -9.64 16.69 0.52
C48 PCW BB . -9.88 16.11 -0.89
N PCW BB . -10.78 38.77 9.19
O2 PCW BB . -10.08 33.89 3.17
O3 PCW BB . -12.13 32.04 2.45
O11 PCW BB . -12.96 32.35 0.35
O31 PCW BB . -9.10 33.35 5.21
O1P PCW BB . -8.98 36.64 5.30
O2P PCW BB . -9.82 38.69 4.15
O3P PCW BB . -10.93 36.41 3.70
O4P PCW BB . -11.23 37.65 5.79
P PCW BB . -10.16 37.38 4.74
C1 PCW CB . 28.55 26.95 6.83
C2 PCW CB . 28.17 25.43 6.60
C3 PCW CB . 29.00 24.52 7.57
C4 PCW CB . 28.04 27.95 10.28
C5 PCW CB . 27.58 26.80 11.18
C6 PCW CB . 27.35 28.27 13.26
C7 PCW CB . 26.50 25.97 13.25
C8 PCW CB . 28.25 26.53 13.09
C11 PCW CB . 29.23 22.20 8.15
C12 PCW CB . 28.73 20.83 7.77
C13 PCW CB . 29.87 20.09 6.98
C14 PCW CB . 29.52 18.67 6.51
C15 PCW CB . 28.40 18.57 5.44
C16 PCW CB . 29.01 18.51 3.99
C17 PCW CB . 28.00 18.49 2.79
C18 PCW CB . 27.73 17.09 2.25
C19 PCW CB . 27.37 17.07 0.74
C20 PCW CB . 27.89 16.12 -0.14
C21 PCW CB . 28.79 14.96 0.06
C22 PCW CB . 27.91 13.68 -0.03
C23 PCW CB . 28.64 12.31 -0.08
C24 PCW CB . 29.53 12.08 -1.26
C25 PCW CB . 28.96 11.57 -2.61
C26 PCW CB . 29.58 12.13 -3.87
C27 PCW CB . 29.52 11.27 -5.15
C28 PCW CB . 30.13 12.03 -6.31
C31 PCW CB . 25.95 25.10 5.84
C32 PCW CB . 24.51 24.87 6.33
C33 PCW CB . 23.38 25.66 5.51
C34 PCW CB . 22.09 24.85 5.35
C35 PCW CB . 21.99 24.55 3.80
C36 PCW CB . 21.79 23.04 3.51
C37 PCW CB . 21.68 22.65 2.01
C38 PCW CB . 20.38 21.98 1.69
C39 PCW CB . 20.25 21.61 0.23
C40 PCW CB . 19.34 20.80 -0.31
C41 PCW CB . 18.25 20.10 0.49
C42 PCW CB . 18.34 18.53 0.18
C43 PCW CB . 18.89 17.61 1.25
C44 PCW CB . 18.84 16.20 0.68
C45 PCW CB . 20.14 15.44 0.75
C46 PCW CB . 20.63 14.95 -0.58
C47 PCW CB . 21.17 13.53 -0.62
C48 PCW CB . 21.63 13.16 -2.03
N PCW CB . 27.01 27.07 12.47
O2 PCW CB . 26.73 25.21 6.92
O3 PCW CB . 28.66 23.14 7.36
O11 PCW CB . 30.03 22.43 9.03
O31 PCW CB . 26.32 25.17 4.63
O1P PCW CB . 28.57 29.72 8.02
O2P PCW CB . 26.08 29.75 7.86
O3P PCW CB . 27.43 27.86 6.76
O4P PCW CB . 27.10 28.03 9.17
P PCW CB . 27.30 28.92 7.96
C1 PCW DB . 8.52 35.64 -0.67
C2 PCW DB . 6.96 35.50 -0.91
C3 PCW DB . 6.50 36.40 -2.10
C4 PCW DB . 7.78 36.76 3.94
C5 PCW DB . 7.54 35.37 4.50
C6 PCW DB . 8.72 35.88 6.70
C7 PCW DB . 7.43 33.81 6.43
C8 PCW DB . 8.97 34.31 5.53
C11 PCW DB . 4.49 36.98 -3.28
C12 PCW DB . 3.02 36.67 -3.30
C13 PCW DB . 2.82 35.42 -4.25
C14 PCW DB . 1.37 34.95 -4.41
C15 PCW DB . 0.91 33.85 -3.41
C16 PCW DB . -0.64 33.64 -3.48
C17 PCW DB . -1.16 32.41 -4.29
C18 PCW DB . -1.36 32.68 -5.78
C19 PCW DB . -0.41 31.83 -6.66
C20 PCW DB . -0.59 31.72 -8.03
C21 PCW DB . -1.59 32.30 -8.96
C22 PCW DB . -2.38 31.10 -9.56
C23 PCW DB . -3.07 31.33 -10.94
C24 PCW DB . -4.11 30.34 -11.34
C25 PCW DB . -4.61 30.27 -12.82
C26 PCW DB . -4.04 29.15 -13.67
C27 PCW DB . -2.67 29.38 -14.34
C28 PCW DB . -2.35 28.24 -15.28
C31 PCW DB . 6.21 33.34 -0.25
C32 PCW DB . 5.92 31.94 -0.80
C33 PCW DB . 4.42 31.68 -1.28
C34 PCW DB . 4.32 31.12 -2.70
C35 PCW DB . 3.56 29.73 -2.56
C36 PCW DB . 2.87 29.30 -3.86
C37 PCW DB . 2.09 27.95 -3.78
C38 PCW DB . 1.14 27.79 -4.92
C39 PCW DB . 0.38 26.48 -4.88
C40 PCW DB . -0.73 26.17 -5.54
C41 PCW DB . -1.44 27.12 -6.49
C42 PCW DB . -1.27 26.56 -7.97
C43 PCW DB . -1.75 27.43 -9.12
C44 PCW DB . -1.46 26.66 -10.40
C45 PCW DB . -2.66 26.47 -11.30
C46 PCW DB . -2.45 25.43 -12.38
C47 PCW DB . -3.64 25.10 -13.24
C48 PCW DB . -3.28 24.04 -14.29
N PCW DB . 7.76 35.11 5.89
O2 PCW DB . 6.63 34.10 -1.27
O3 PCW DB . 5.08 36.25 -2.30
O11 PCW DB . 5.05 37.75 -4.00
O31 PCW DB . 6.07 33.71 0.95
O1P PCW DB . 9.89 37.55 2.10
O2P PCW DB . 7.98 38.11 0.61
O3P PCW DB . 8.89 35.70 0.72
O4P PCW DB . 7.56 36.69 2.50
P PCW DB . 8.61 37.09 1.48
C1 PCW EB . 34.74 18.15 12.42
C2 PCW EB . 34.55 16.66 11.95
C3 PCW EB . 35.73 16.25 11.00
C4 PCW EB . 34.05 18.54 16.18
C5 PCW EB . 35.16 17.70 16.80
C6 PCW EB . 35.92 17.04 19.15
C7 PCW EB . 33.99 15.95 18.11
C8 PCW EB . 35.76 15.89 17.56
C11 PCW EB . 34.94 14.67 9.36
C12 PCW EB . 34.86 13.18 9.12
C13 PCW EB . 36.20 12.72 8.44
C14 PCW EB . 36.29 11.23 8.13
C15 PCW EB . 36.53 10.29 9.35
C16 PCW EB . 36.58 8.79 8.89
C17 PCW EB . 37.71 7.90 9.51
C18 PCW EB . 39.00 7.90 8.69
C19 PCW EB . 39.84 6.61 8.90
C20 PCW EB . 40.80 6.20 7.99
C21 PCW EB . 41.28 6.78 6.70
C22 PCW EB . 42.81 6.51 6.63
C23 PCW EB . 43.75 7.63 7.14
C24 PCW EB . 44.41 7.41 8.46
C25 PCW EB . 45.85 6.81 8.56
C26 PCW EB . 45.95 5.43 9.18
C27 PCW EB . 46.06 4.22 8.23
C28 PCW EB . 46.65 3.04 8.96
C31 PCW EB . 33.74 14.72 13.04
C32 PCW EB . 33.88 13.87 14.31
C33 PCW EB . 34.32 12.35 14.06
C34 PCW EB . 35.70 12.21 13.41
C35 PCW EB . 36.71 11.95 14.61
C36 PCW EB . 38.04 11.32 14.14
C37 PCW EB . 39.08 11.04 15.26
C38 PCW EB . 40.47 10.88 14.72
C39 PCW EB . 41.48 10.61 15.79
C40 PCW EB . 42.80 10.53 15.65
C41 PCW EB . 43.53 10.72 14.34
C42 PCW EB . 45.03 10.22 14.52
C43 PCW EB . 45.84 9.86 13.29
C44 PCW EB . 47.23 9.43 13.76
C45 PCW EB . 47.47 7.94 13.76
C46 PCW EB . 48.00 7.41 12.46
C47 PCW EB . 48.78 6.12 12.51
C48 PCW EB . 49.26 5.70 11.11
N PCW EB . 34.93 17.04 18.05
O2 PCW EB . 34.58 15.74 13.13
O3 PCW EB . 35.54 14.89 10.56
O11 PCW EB . 34.52 15.51 8.62
O31 PCW EB . 32.94 14.47 12.08
O1P PCW EB . 32.02 19.71 14.51
O2P PCW EB . 31.71 17.37 13.73
O3P PCW EB . 33.51 18.87 12.65
O4P PCW EB . 33.72 17.92 14.90
P PCW EB . 32.66 18.47 13.97
C1 PCW FB . 13.22 36.45 -10.26
C2 PCW FB . 12.84 35.98 -11.73
C3 PCW FB . 11.34 35.54 -11.83
C4 PCW FB . 13.06 39.29 -7.16
C5 PCW FB . 13.99 39.39 -5.96
C6 PCW FB . 12.89 38.24 -4.15
C7 PCW FB . 12.40 40.48 -4.53
C8 PCW FB . 14.42 40.00 -3.60
C11 PCW FB . 11.42 33.87 -13.55
C12 PCW FB . 11.01 33.64 -14.98
C13 PCW FB . 9.53 33.13 -15.01
C14 PCW FB . 8.96 32.85 -16.39
C15 PCW FB . 7.74 31.88 -16.44
C16 PCW FB . 7.01 31.97 -17.83
C17 PCW FB . 6.82 30.64 -18.62
C18 PCW FB . 7.49 30.65 -20.00
C19 PCW FB . 9.03 30.76 -19.92
C20 PCW FB . 9.86 29.67 -19.71
C21 PCW FB . 9.57 28.22 -19.51
C22 PCW FB . 9.83 27.92 -18.00
C23 PCW FB . 8.68 27.28 -17.19
C24 PCW FB . 9.00 26.81 -15.81
C25 PCW FB . 9.30 25.31 -15.51
C26 PCW FB . 10.59 25.02 -14.75
C27 PCW FB . 10.68 23.68 -13.98
C28 PCW FB . 11.07 23.94 -12.55
C31 PCW FB . 12.35 38.20 -12.53
C32 PCW FB . 12.73 39.20 -13.64
C33 PCW FB . 11.61 39.43 -14.78
C34 PCW FB . 11.08 38.13 -15.38
C35 PCW FB . 9.50 38.27 -15.39
C36 PCW FB . 8.80 37.22 -14.50
C37 PCW FB . 7.25 37.30 -14.47
C38 PCW FB . 6.61 36.03 -14.95
C39 PCW FB . 5.10 36.09 -14.92
C40 PCW FB . 4.25 35.08 -15.03
C41 PCW FB . 4.67 33.64 -15.22
C42 PCW FB . 3.39 32.80 -15.67
C43 PCW FB . 3.09 32.69 -17.15
C44 PCW FB . 1.82 31.86 -17.30
C45 PCW FB . 1.22 31.85 -18.67
C46 PCW FB . 1.16 30.48 -19.30
C47 PCW FB . 2.23 30.15 -20.31
C48 PCW FB . 2.04 28.73 -20.86
N PCW FB . 13.45 39.52 -4.63
O2 PCW FB . 13.06 37.09 -12.72
O3 PCW FB . 11.04 35.12 -13.17
O11 PCW FB . 11.99 33.07 -12.86
O31 PCW FB . 11.50 38.43 -11.60
O1P PCW FB . 11.18 37.10 -7.07
O2P PCW FB . 13.24 35.73 -7.30
O3P PCW FB . 12.08 36.69 -9.40
O4P PCW FB . 13.38 38.05 -7.84
P PCW FB . 12.45 36.84 -7.83
C1 PCW GB . -4.69 35.91 6.68
C2 PCW GB . -4.86 35.86 5.11
C3 PCW GB . -6.11 36.72 4.68
C4 PCW GB . -3.52 39.42 6.83
C5 PCW GB . -3.73 39.79 5.36
C6 PCW GB . -3.65 42.32 5.68
C7 PCW GB . -3.23 41.34 3.48
C8 PCW GB . -4.79 41.30 4.46
C11 PCW GB . -5.81 37.71 2.51
C12 PCW GB . -6.16 37.49 1.06
C13 PCW GB . -5.49 36.14 0.59
C14 PCW GB . -5.76 35.77 -0.86
C15 PCW GB . -6.67 34.52 -1.09
C16 PCW GB . -8.17 34.85 -0.73
C17 PCW GB . -9.04 35.57 -1.81
C18 PCW GB . -10.54 35.43 -1.57
C19 PCW GB . -11.37 35.53 -2.87
C20 PCW GB . -11.91 34.41 -3.50
C21 PCW GB . -11.86 32.97 -3.16
C22 PCW GB . -13.34 32.48 -3.05
C23 PCW GB . -13.71 31.14 -3.74
C24 PCW GB . -15.15 30.97 -4.12
C25 PCW GB . -15.54 30.54 -5.56
C26 PCW GB . -15.32 29.07 -5.91
C27 PCW GB . -15.88 28.57 -7.26
C28 PCW GB . -15.60 27.10 -7.42
C31 PCW GB . -2.83 35.57 3.92
C32 PCW GB . -1.65 36.35 3.29
C33 PCW GB . -2.00 37.19 1.98
C34 PCW GB . -1.48 36.56 0.69
C35 PCW GB . -1.32 37.75 -0.33
C36 PCW GB . -1.22 37.27 -1.79
C37 PCW GB . -1.07 38.40 -2.86
C38 PCW GB . -1.06 37.85 -4.25
C39 PCW GB . -0.91 38.92 -5.31
C40 PCW GB . -1.86 39.38 -6.11
C41 PCW GB . -3.31 38.90 -6.09
C42 PCW GB . -3.44 37.74 -7.18
C43 PCW GB . -4.32 36.54 -6.85
C44 PCW GB . -4.27 35.60 -8.04
C45 PCW GB . -4.64 34.17 -7.76
C46 PCW GB . -5.62 33.60 -8.74
C47 PCW GB . -6.85 32.95 -8.16
C48 PCW GB . -7.76 32.40 -9.27
N PCW GB . -3.38 41.10 4.90
O2 PCW GB . -3.66 36.47 4.46
O3 PCW GB . -6.28 36.67 3.26
O11 PCW GB . -5.24 38.68 2.94
O31 PCW GB . -2.98 34.32 3.91
O1P PCW GB . -3.80 37.50 9.01
O2P PCW GB . -1.42 37.00 8.45
O3P PCW GB . -3.32 35.87 7.14
O4P PCW GB . -2.71 38.21 6.84
P PCW GB . -2.80 37.16 7.94
C1 PCW HB . -7.57 18.59 34.11
C2 PCW HB . -7.59 17.52 32.95
C3 PCW HB . -8.89 16.64 33.05
C4 PCW HB . -3.05 20.13 33.57
C5 PCW HB . -1.89 20.89 34.23
C6 PCW HB . 0.61 20.43 34.10
C7 PCW HB . -0.45 22.01 32.55
C8 PCW HB . -0.29 22.15 34.38
C11 PCW HB . -8.56 14.39 32.27
C12 PCW HB . -8.62 13.57 31.01
C13 PCW HB . -9.70 12.44 31.23
C14 PCW HB . -9.88 11.50 30.04
C15 PCW HB . -8.72 10.49 29.77
C16 PCW HB . -9.25 9.01 29.78
C17 PCW HB . -8.71 8.05 28.66
C18 PCW HB . -9.38 6.68 28.68
C19 PCW HB . -10.51 6.55 27.62
C20 PCW HB . -11.72 5.94 27.89
C21 PCW HB . -12.26 5.30 29.12
C22 PCW HB . -13.16 6.37 29.81
C23 PCW HB . -13.85 5.98 31.15
C24 PCW HB . -14.89 4.91 31.08
C25 PCW HB . -14.58 3.45 31.55
C26 PCW HB . -15.07 2.33 30.66
C27 PCW HB . -15.73 1.11 31.33
C28 PCW HB . -15.21 -0.17 30.73
C31 PCW HB . -6.60 17.93 30.83
C32 PCW HB . -6.78 18.71 29.52
C33 PCW HB . -6.16 18.02 28.21
C34 PCW HB . -6.73 16.64 27.92
C35 PCW HB . -5.48 15.71 27.70
C36 PCW HB . -5.37 15.17 26.25
C37 PCW HB . -4.15 14.23 25.97
C38 PCW HB . -4.36 13.39 24.76
C39 PCW HB . -3.19 12.48 24.48
C40 PCW HB . -3.20 11.37 23.74
C41 PCW HB . -4.43 10.82 23.03
C42 PCW HB . -4.25 9.25 22.88
C43 PCW HB . -3.84 8.69 21.54
C44 PCW HB . -3.76 7.18 21.69
C45 PCW HB . -4.29 6.38 20.52
C46 PCW HB . -5.49 5.55 20.86
C47 PCW HB . -6.09 4.76 19.72
C48 PCW HB . -7.31 3.94 20.20
N PCW HB . -0.64 20.97 33.54
O2 PCW HB . -7.63 18.21 31.63
O3 PCW HB . -8.89 15.68 31.98
O11 PCW HB . -8.25 13.98 33.36
O31 PCW HB . -5.65 17.15 31.09
O1P PCW HB . -5.76 20.35 32.57
O2P PCW HB . -6.16 21.48 34.75
O3P PCW HB . -6.24 18.90 34.59
O4P PCW HB . -4.16 20.18 34.51
P PCW HB . -5.61 20.29 34.06
C1 PCW IB . 36.84 18.53 1.05
C2 PCW IB . 37.68 18.83 -0.26
C3 PCW IB . 39.19 18.44 -0.04
C4 PCW IB . 38.67 21.17 4.74
C5 PCW IB . 37.96 22.24 5.58
C6 PCW IB . 38.24 23.09 7.97
C7 PCW IB . 39.59 24.02 6.15
C8 PCW IB . 37.76 24.11 6.35
C11 PCW IB . 41.23 18.30 -1.31
C12 PCW IB . 41.81 18.70 -2.63
C13 PCW IB . 41.24 17.73 -3.73
C14 PCW IB . 41.73 17.97 -5.16
C15 PCW IB . 42.93 17.09 -5.61
C16 PCW IB . 42.46 15.66 -6.02
C17 PCW IB . 43.14 14.44 -5.31
C18 PCW IB . 43.41 13.26 -6.25
C19 PCW IB . 44.77 13.37 -6.97
C20 PCW IB . 44.87 13.46 -8.35
C21 PCW IB . 43.84 13.49 -9.42
C22 PCW IB . 44.23 12.38 -10.45
C23 PCW IB . 43.08 11.76 -11.29
C24 PCW IB . 42.22 12.71 -12.06
C25 PCW IB . 40.67 12.66 -11.94
C26 PCW IB . 39.90 13.76 -12.66
C27 PCW IB . 39.09 14.75 -11.79
C28 PCW IB . 39.79 16.09 -11.74
C31 PCW IB . 37.03 18.67 -2.53
C32 PCW IB . 36.50 17.68 -3.60
C33 PCW IB . 35.34 16.69 -3.10
C34 PCW IB . 35.87 15.29 -2.74
C35 PCW IB . 34.57 14.42 -2.45
C36 PCW IB . 34.92 12.96 -2.10
C37 PCW IB . 33.70 12.03 -1.81
C38 PCW IB . 33.77 10.75 -2.58
C39 PCW IB . 32.60 9.84 -2.31
C40 PCW IB . 32.19 8.80 -3.05
C41 PCW IB . 32.86 8.37 -4.35
C42 PCW IB . 31.74 7.76 -5.30
C43 PCW IB . 31.58 8.33 -6.69
C44 PCW IB . 30.45 7.56 -7.37
C45 PCW IB . 29.33 8.41 -7.90
C46 PCW IB . 28.57 7.76 -9.03
C47 PCW IB . 27.48 8.58 -9.68
C48 PCW IB . 26.80 7.80 -10.81
N PCW IB . 38.69 22.96 6.56
O2 PCW IB . 37.18 18.00 -1.39
O3 PCW IB . 39.93 18.72 -1.24
O11 PCW IB . 41.82 17.72 -0.44
O31 PCW IB . 37.29 19.88 -2.73
O1P PCW IB . 37.54 21.42 2.08
O2P PCW IB . 35.55 20.35 3.14
O3P PCW IB . 37.48 18.90 2.28
O4P PCW IB . 37.64 20.24 4.30
P PCW IB . 37.01 20.30 2.92
C1 PCW JB . 29.47 32.75 -1.44
C2 PCW JB . 29.81 32.41 -2.94
C3 PCW JB . 30.39 33.66 -3.66
C4 PCW JB . 26.53 35.62 -2.24
C5 PCW JB . 27.06 35.88 -3.65
C6 PCW JB . 26.10 38.16 -4.26
C7 PCW JB . 28.36 37.54 -4.95
C8 PCW JB . 26.76 36.77 -5.47
C11 PCW JB . 29.87 33.78 -6.01
C12 PCW JB . 30.36 33.29 -7.34
C13 PCW JB . 29.38 32.16 -7.82
C14 PCW JB . 29.71 31.53 -9.17
C15 PCW JB . 28.59 30.66 -9.80
C16 PCW JB . 27.76 31.49 -10.85
C17 PCW JB . 26.25 31.75 -10.51
C18 PCW JB . 25.36 31.80 -11.76
C19 PCW JB . 24.48 33.07 -11.81
C20 PCW JB . 23.15 33.04 -12.23
C21 PCW JB . 22.26 31.93 -12.70
C22 PCW JB . 21.55 31.37 -11.44
C23 PCW JB . 20.93 29.96 -11.54
C24 PCW JB . 21.87 28.79 -11.39
C25 PCW JB . 22.69 28.27 -12.60
C26 PCW JB . 22.10 27.09 -13.37
C27 PCW JB . 22.86 25.76 -13.35
C28 PCW JB . 22.46 24.91 -14.53
C31 PCW JB . 30.67 30.44 -3.94
C32 PCW JB . 31.83 29.44 -3.86
C33 PCW JB . 31.73 28.18 -4.86
C34 PCW JB . 31.61 26.84 -4.13
C35 PCW JB . 31.12 25.79 -5.21
C36 PCW JB . 30.41 24.58 -4.59
C37 PCW JB . 29.89 23.50 -5.59
C38 PCW JB . 28.78 24.02 -6.45
C39 PCW JB . 28.27 22.98 -7.42
C40 PCW JB . 28.15 23.11 -8.74
C41 PCW JB . 28.52 24.35 -9.53
C42 PCW JB . 29.13 23.90 -10.93
C43 PCW JB . 28.16 23.47 -12.02
C44 PCW JB . 29.01 23.11 -13.23
C45 PCW JB . 28.24 22.75 -14.48
C46 PCW JB . 28.11 23.89 -15.45
C47 PCW JB . 27.79 23.53 -16.88
C48 PCW JB . 27.69 24.78 -17.76
N PCW JB . 27.22 37.22 -4.13
O2 PCW JB . 30.87 31.35 -2.99
O3 PCW JB . 30.70 33.32 -5.03
O11 PCW JB . 28.90 34.45 -5.83
O31 PCW JB . 29.72 30.40 -4.76
O1P PCW JB . 25.91 33.59 -0.24
O2P PCW JB . 28.06 34.35 0.78
O3P PCW JB . 28.07 32.60 -1.11
O4P PCW JB . 27.60 34.97 -1.51
P PCW JB . 27.36 33.91 -0.45
C1 PCW KB . 29.28 15.67 11.87
C2 PCW KB . 29.27 14.83 10.54
C3 PCW KB . 30.74 14.62 10.04
C4 PCW KB . 29.79 20.55 11.74
C5 PCW KB . 30.96 21.46 12.08
C6 PCW KB . 32.73 20.91 10.33
C7 PCW KB . 32.35 23.22 11.01
C8 PCW KB . 32.97 21.83 12.04
C11 PCW KB . 31.09 14.51 7.68
C12 PCW KB . 31.03 13.55 6.51
C13 PCW KB . 32.45 12.89 6.36
C14 PCW KB . 32.58 11.89 5.21
C15 PCW KB . 33.73 12.17 4.19
C16 PCW KB . 34.21 10.84 3.50
C17 PCW KB . 35.70 10.41 3.71
C18 PCW KB . 35.84 9.23 4.68
C19 PCW KB . 37.18 8.47 4.48
C20 PCW KB . 37.40 7.20 5.04
C21 PCW KB . 36.54 6.33 5.87
C22 PCW KB . 37.26 4.95 5.93
C23 PCW KB . 36.43 3.69 5.54
C24 PCW KB . 36.72 2.43 6.29
C25 PCW KB . 35.94 1.12 5.98
C26 PCW KB . 34.68 0.89 6.79
C27 PCW KB . 33.44 0.35 6.04
C28 PCW KB . 32.96 -0.93 6.69
C31 PCW KB . 27.81 13.07 9.89
C32 PCW KB . 27.31 11.68 10.31
C33 PCW KB . 27.28 10.58 9.14
C34 PCW KB . 28.27 9.43 9.37
C35 PCW KB . 27.41 8.25 9.98
C36 PCW KB . 28.22 6.92 10.09
C37 PCW KB . 27.44 5.71 10.69
C38 PCW KB . 28.01 4.41 10.24
C39 PCW KB . 27.28 3.22 10.80
C40 PCW KB . 26.27 2.55 10.25
C41 PCW KB . 25.66 2.90 8.90
C42 PCW KB . 24.08 2.72 9.01
C43 PCW KB . 23.24 3.88 9.52
C44 PCW KB . 21.79 3.42 9.50
C45 PCW KB . 20.81 4.40 10.09
C46 PCW KB . 19.49 3.77 10.48
C47 PCW KB . 18.29 4.20 9.67
C48 PCW KB . 17.02 3.50 10.16
N PCW KB . 31.86 21.86 11.05
O2 PCW KB . 28.69 13.48 10.80
O3 PCW KB . 30.74 13.86 8.82
O11 PCW KB . 31.39 15.67 7.60
O31 PCW KB . 27.43 13.71 8.86
O1P PCW KB . 27.76 18.46 11.74
O2P PCW KB . 28.79 17.86 13.92
O3P PCW KB . 29.82 17.00 11.72
O4P PCW KB . 30.03 19.31 12.45
P PCW KB . 29.02 18.17 12.49
C1 PCW LB . 35.35 27.60 -1.26
C2 PCW LB . 34.74 26.28 -1.86
C3 PCW LB . 35.82 25.55 -2.73
C4 PCW LB . 31.32 28.46 0.05
C5 PCW LB . 30.06 28.46 -0.82
C6 PCW LB . 28.86 26.34 -0.05
C7 PCW LB . 27.58 28.34 -0.67
C8 PCW LB . 28.66 27.30 -1.76
C11 PCW LB . 34.66 24.41 -4.49
C12 PCW LB . 34.12 23.05 -4.85
C13 PCW LB . 33.68 23.07 -6.36
C14 PCW LB . 33.10 21.75 -6.89
C15 PCW LB . 33.89 21.11 -8.06
C16 PCW LB . 32.93 20.79 -9.26
C17 PCW LB . 33.41 19.71 -10.30
C18 PCW LB . 33.44 20.24 -11.75
C19 PCW LB . 34.67 19.73 -12.53
C20 PCW LB . 34.64 18.57 -13.29
C21 PCW LB . 33.57 17.57 -13.55
C22 PCW LB . 34.16 16.17 -13.18
C23 PCW LB . 33.17 15.00 -12.98
C24 PCW LB . 32.53 14.43 -14.22
C25 PCW LB . 32.47 12.90 -14.45
C26 PCW LB . 31.10 12.33 -14.83
C27 PCW LB . 30.82 12.05 -16.32
C28 PCW LB . 29.46 12.59 -16.70
C31 PCW LB . 33.04 25.23 -0.59
C32 PCW LB . 32.79 24.24 0.57
C33 PCW LB . 32.81 22.69 0.16
C34 PCW LB . 31.41 22.08 0.02
C35 PCW LB . 31.64 20.58 -0.38
C36 PCW LB . 31.34 19.60 0.77
C37 PCW LB . 31.54 18.09 0.45
C38 PCW LB . 32.09 17.33 1.62
C39 PCW LB . 32.29 15.87 1.33
C40 PCW LB . 33.41 15.18 1.50
C41 PCW LB . 34.71 15.76 2.02
C42 PCW LB . 35.86 14.67 1.83
C43 PCW LB . 37.03 14.68 2.78
C44 PCW LB . 37.95 13.54 2.36
C45 PCW LB . 39.23 13.96 1.69
C46 PCW LB . 39.22 13.84 0.19
C47 PCW LB . 40.23 14.66 -0.57
C48 PCW LB . 40.10 14.45 -2.08
N PCW LB . 28.88 27.79 -0.36
O2 PCW LB . 34.35 25.35 -0.77
O3 PCW LB . 35.25 24.35 -3.27
O11 PCW LB . 34.57 25.40 -5.17
O31 PCW LB . 32.13 25.83 -1.25
O1P PCW LB . 34.05 28.46 0.98
O2P PCW LB . 34.06 30.78 0.06
O3P PCW LB . 34.53 28.77 -1.48
O4P PCW LB . 32.30 29.29 -0.62
P PCW LB . 33.76 29.34 -0.19
C1 PCW MB . 29.70 16.15 17.79
C2 PCW MB . 29.81 14.73 17.13
C3 PCW MB . 30.49 14.83 15.72
C4 PCW MB . 30.37 15.28 22.42
C5 PCW MB . 29.39 14.16 22.76
C6 PCW MB . 29.76 12.82 24.89
C7 PCW MB . 27.78 14.23 24.63
C8 PCW MB . 28.23 12.73 23.64
C11 PCW MB . 29.48 13.04 14.48
C12 PCW MB . 29.80 11.68 13.91
C13 PCW MB . 30.74 11.89 12.67
C14 PCW MB . 31.18 10.62 11.95
C15 PCW MB . 31.60 10.79 10.46
C16 PCW MB . 32.45 9.58 9.97
C17 PCW MB . 32.78 9.51 8.44
C18 PCW MB . 32.61 8.12 7.84
C19 PCW MB . 31.88 8.15 6.48
C20 PCW MB . 31.03 7.14 6.06
C21 PCW MB . 30.61 5.85 6.68
C22 PCW MB . 29.15 5.60 6.22
C23 PCW MB . 28.52 4.23 6.57
C24 PCW MB . 28.46 3.22 5.47
C25 PCW MB . 27.73 1.86 5.68
C26 PCW MB . 28.04 0.78 4.67
C27 PCW MB . 27.55 -0.65 4.98
C28 PCW MB . 26.79 -1.20 3.80
C31 PCW MB . 29.98 13.11 18.86
C32 PCW MB . 30.98 12.24 19.63
C33 PCW MB . 30.84 10.66 19.41
C34 PCW MB . 31.33 9.83 20.59
C35 PCW MB . 32.55 9.00 20.03
C36 PCW MB . 32.55 7.54 20.50
C37 PCW MB . 33.74 6.65 19.99
C38 PCW MB . 33.29 5.66 18.97
C39 PCW MB . 34.41 4.80 18.46
C40 PCW MB . 34.32 3.58 17.95
C41 PCW MB . 33.02 2.82 17.79
C42 PCW MB . 32.67 2.76 16.24
C43 PCW MB . 31.22 2.47 15.85
C44 PCW MB . 31.17 2.48 14.32
C45 PCW MB . 31.01 1.12 13.68
C46 PCW MB . 31.69 0.98 12.35
C47 PCW MB . 30.80 1.07 11.13
C48 PCW MB . 31.62 0.92 9.84
N PCW MB . 29.08 13.87 24.12
O2 PCW MB . 30.65 13.83 17.97
O3 PCW MB . 30.58 13.53 15.13
O11 PCW MB . 28.43 13.60 14.38
O31 PCW MB . 28.73 13.13 19.05
O1P PCW MB . 31.63 16.22 19.97
O2P PCW MB . 30.18 18.22 20.35
O3P PCW MB . 29.23 16.14 19.16
O4P PCW MB . 29.67 16.20 21.56
P PCW MB . 30.25 16.74 20.26
C1 PCW NB . 19.86 18.69 14.64
C2 PCW NB . 20.08 17.22 14.13
C3 PCW NB . 18.69 16.57 13.79
C4 PCW NB . 23.58 18.66 17.52
C5 PCW NB . 24.79 17.95 16.90
C6 PCW NB . 25.58 17.54 14.52
C7 PCW NB . 26.12 19.64 15.67
C8 PCW NB . 26.67 17.92 16.11
C11 PCW NB . 17.98 14.68 12.47
C12 PCW NB . 18.39 13.28 12.12
C13 PCW NB . 18.85 13.26 10.61
C14 PCW NB . 19.30 11.89 10.09
C15 PCW NB . 18.37 10.68 10.43
C16 PCW NB . 18.20 9.75 9.17
C17 PCW NB . 17.81 8.26 9.45
C18 PCW NB . 16.34 7.96 9.16
C19 PCW NB . 16.10 7.46 7.72
C20 PCW NB . 14.95 6.78 7.35
C21 PCW NB . 13.74 6.37 8.11
C22 PCW NB . 13.93 4.87 8.48
C23 PCW NB . 12.85 3.87 7.96
C24 PCW NB . 13.09 2.41 8.24
C25 PCW NB . 13.92 1.54 7.24
C26 PCW NB . 15.17 0.88 7.80
C27 PCW NB . 15.90 -0.15 6.91
C28 PCW NB . 17.33 -0.32 7.37
C31 PCW NB . 22.14 16.80 13.04
C32 PCW NB . 22.85 16.89 11.68
C33 PCW NB . 22.58 15.66 10.69
C34 PCW NB . 23.78 14.74 10.50
C35 PCW NB . 23.20 13.37 9.98
C36 PCW NB . 23.51 12.19 10.93
C37 PCW NB . 22.96 10.80 10.46
C38 PCW NB . 23.02 9.79 11.56
C39 PCW NB . 22.50 8.44 11.14
C40 PCW NB . 21.72 7.62 11.85
C41 PCW NB . 21.24 7.92 13.25
C42 PCW NB . 19.64 8.06 13.20
C43 PCW NB . 18.81 6.83 13.52
C44 PCW NB . 17.34 7.25 13.40
C45 PCW NB . 16.48 6.32 12.60
C46 PCW NB . 15.10 6.13 13.19
C47 PCW NB . 13.94 6.31 12.24
C48 PCW NB . 12.60 6.08 12.96
N PCW NB . 25.33 18.43 15.67
O2 PCW NB . 20.89 17.23 12.87
O3 PCW NB . 18.90 15.22 13.32
O11 PCW NB . 16.99 15.25 12.08
O31 PCW NB . 22.67 16.41 14.12
O1P PCW NB . 22.24 21.18 16.21
O2P PCW NB . 23.09 19.66 15.13
O3P PCW NB . 21.04 19.52 14.55
O4P PCW NB . 22.50 18.55 16.57
P PCW NB . 21.83 19.76 15.92
C1 PCW OB . 8.69 36.28 -5.50
C2 PCW OB . 8.23 35.12 -6.46
C3 PCW OB . 7.04 34.32 -5.82
C4 PCW OB . 7.61 40.24 -3.64
C5 PCW OB . 6.13 40.63 -3.66
C6 PCW OB . 4.99 42.56 -4.85
C7 PCW OB . 5.06 40.34 -5.88
C8 PCW OB . 4.21 40.84 -4.30
C11 PCW OB . 5.34 32.83 -6.61
C12 PCW OB . 5.10 31.73 -7.62
C13 PCW OB . 4.04 32.24 -8.66
C14 PCW OB . 3.68 31.24 -9.77
C15 PCW OB . 3.35 31.86 -11.16
C16 PCW OB . 1.83 32.28 -11.23
C17 PCW OB . 1.48 33.54 -12.08
C18 PCW OB . 0.08 34.09 -11.82
C19 PCW OB . -0.17 35.44 -12.53
C20 PCW OB . -0.79 35.52 -13.78
C21 PCW OB . -1.32 34.50 -14.71
C22 PCW OB . -0.84 34.90 -16.14
C23 PCW OB . -1.66 36.00 -16.88
C24 PCW OB . -3.04 35.63 -17.33
C25 PCW OB . -3.31 34.30 -18.09
C26 PCW OB . -3.04 34.31 -19.59
C27 PCW OB . -2.15 33.20 -20.17
C28 PCW OB . -2.96 31.95 -20.40
C31 PCW OB . 8.58 35.59 -8.76
C32 PCW OB . 7.95 36.24 -9.99
C33 PCW OB . 7.79 35.28 -11.26
C34 PCW OB . 6.46 34.50 -11.28
C35 PCW OB . 6.71 33.30 -12.27
C36 PCW OB . 7.15 32.01 -11.53
C37 PCW OB . 7.41 30.77 -12.45
C38 PCW OB . 6.94 29.49 -11.82
C39 PCW OB . 7.19 28.30 -12.70
C40 PCW OB . 6.90 27.02 -12.42
C41 PCW OB . 6.24 26.56 -11.13
C42 PCW OB . 6.00 24.98 -11.24
C43 PCW OB . 4.77 24.48 -11.98
C44 PCW OB . 4.80 22.97 -11.94
C45 PCW OB . 4.88 22.29 -13.28
C46 PCW OB . 4.12 21.00 -13.35
C47 PCW OB . 3.73 20.53 -14.74
C48 PCW OB . 2.96 19.21 -14.68
N PCW OB . 5.56 41.21 -4.83
O2 PCW OB . 7.73 35.71 -7.74
O3 PCW OB . 6.62 33.27 -6.71
O11 PCW OB . 4.51 33.25 -5.84
O31 PCW OB . 9.71 35.03 -8.72
O1P PCW OB . 9.83 38.38 -4.07
O2P PCW OB . 9.94 39.54 -6.27
O3P PCW OB . 8.27 37.60 -5.92
O4P PCW OB . 7.95 39.79 -4.98
P PCW OB . 9.09 38.83 -5.29
C1 PCW PB . 1.93 5.37 41.66
C2 PCW PB . 0.38 5.09 41.54
C3 PCW PB . -0.24 5.94 40.37
C4 PCW PB . 0.65 4.19 45.58
C5 PCW PB . -0.17 5.10 46.50
C6 PCW PB . -2.15 6.27 47.18
C7 PCW PB . -2.35 4.49 45.69
C8 PCW PB . -1.48 6.43 44.88
C11 PCW PB . -2.50 6.44 41.01
C12 PCW PB . -3.91 5.97 40.79
C13 PCW PB . -4.21 4.83 41.83
C14 PCW PB . -5.62 4.24 41.74
C15 PCW PB . -5.79 2.81 42.33
C16 PCW PB . -7.26 2.30 42.16
C17 PCW PB . -8.24 2.51 43.37
C18 PCW PB . -9.59 3.09 42.95
C19 PCW PB . -10.60 3.12 44.12
C20 PCW PB . -11.97 3.29 43.92
C21 PCW PB . -12.78 3.46 42.69
C22 PCW PB . -13.82 2.31 42.67
C23 PCW PB . -14.69 2.14 41.39
C24 PCW PB . -15.93 1.31 41.52
C25 PCW PB . -16.75 0.87 40.28
C26 PCW PB . -16.24 -0.34 39.52
C27 PCW PB . -16.65 -1.74 40.04
C28 PCW PB . -15.44 -2.55 40.40
C31 PCW PB . -0.62 3.01 42.10
C32 PCW PB . -0.76 1.55 41.63
C33 PCW PB . -2.00 0.75 42.26
C34 PCW PB . -1.60 -0.24 43.36
C35 PCW PB . -2.59 -1.46 43.20
C36 PCW PB . -1.92 -2.81 43.55
C37 PCW PB . -2.83 -4.08 43.43
C38 PCW PB . -2.74 -4.70 42.09
C39 PCW PB . -3.61 -5.92 41.93
C40 PCW PB . -4.88 -5.96 41.51
C41 PCW PB . -5.67 -4.73 41.11
C42 PCW PB . -5.88 -4.78 39.54
C43 PCW PB . -5.29 -3.66 38.69
C44 PCW PB . -5.64 -3.97 37.24
C45 PCW PB . -5.52 -2.80 36.30
C46 PCW PB . -5.36 -3.20 34.86
C47 PCW PB . -6.41 -2.69 33.89
C48 PCW PB . -6.12 -3.18 32.47
N PCW PB . -1.47 5.54 46.08
O2 PCW PB . 0.14 3.65 41.22
O3 PCW PB . -1.65 5.66 40.28
O11 PCW PB . -2.17 7.34 41.73
O31 PCW PB . -1.12 3.50 43.15
O1P PCW PB . 3.49 4.04 44.91
O2P PCW PB . 3.13 6.42 44.24
O3P PCW PB . 2.60 4.50 42.60
O4P PCW PB . 1.21 5.03 44.53
P PCW PB . 2.67 5.02 44.12
C1 PCW QB . 9.84 12.30 35.90
C2 PCW QB . 10.09 11.34 34.68
C3 PCW QB . 11.36 11.80 33.89
C4 PCW QB . 10.57 9.80 40.07
C5 PCW QB . 10.42 8.32 40.41
C6 PCW QB . 11.28 8.26 42.67
C7 PCW QB . 9.95 6.51 41.91
C8 PCW QB . 8.90 8.48 42.36
C11 PCW QB . 12.82 10.34 32.67
C12 PCW QB . 12.84 9.44 31.47
C13 PCW QB . 14.05 9.88 30.55
C14 PCW QB . 14.23 9.07 29.26
C15 PCW QB . 15.42 9.51 28.35
C16 PCW QB . 16.80 9.28 29.08
C17 PCW QB . 17.70 8.13 28.54
C18 PCW QB . 18.43 7.37 29.64
C19 PCW QB . 19.86 6.94 29.23
C20 PCW QB . 20.14 5.67 28.73
C21 PCW QB . 19.29 4.49 28.47
C22 PCW QB . 20.19 3.44 27.74
C23 PCW QB . 20.76 2.27 28.58
C24 PCW QB . 19.89 1.07 28.75
C25 PCW QB . 19.84 -0.04 27.66
C26 PCW QB . 18.75 0.11 26.61
C27 PCW QB . 17.29 -0.17 27.03
C28 PCW QB . 16.94 -1.60 26.74
C31 PCW QB . 9.65 9.02 34.49
C32 PCW QB . 10.01 7.64 35.10
C33 PCW QB . 8.86 6.96 35.98
C34 PCW QB . 7.69 6.43 35.15
C35 PCW QB . 8.19 5.07 34.50
C36 PCW QB . 7.03 4.16 34.08
C37 PCW QB . 7.44 2.79 33.44
C38 PCW QB . 7.15 2.75 31.97
C39 PCW QB . 7.55 1.45 31.34
C40 PCW QB . 7.50 1.15 30.03
C41 PCW QB . 7.05 2.11 28.96
C42 PCW QB . 7.92 1.84 27.65
C43 PCW QB . 7.97 2.92 26.57
C44 PCW QB . 8.86 2.40 25.46
C45 PCW QB . 8.47 2.81 24.07
C46 PCW QB . 9.33 3.90 23.49
C47 PCW QB . 8.82 4.58 22.25
C48 PCW QB . 9.80 5.66 21.76
N PCW QB . 10.16 7.92 41.77
O2 PCW QB . 10.33 9.95 35.16
O3 PCW QB . 11.59 10.92 32.79
O11 PCW QB . 13.73 10.50 33.44
O31 PCW QB . 8.85 9.20 33.53
O1P PCW QB . 8.90 11.97 39.16
O2P PCW QB . 8.28 10.35 37.38
O3P PCW QB . 10.39 11.82 37.14
O4P PCW QB . 10.25 9.92 38.65
P PCW QB . 9.38 11.03 38.10
C1 PCW RB . 22.06 13.79 22.01
C2 PCW RB . 20.56 13.29 21.93
C3 PCW RB . 19.78 14.17 20.89
C4 PCW RB . 23.57 11.36 25.62
C5 PCW RB . 22.50 11.03 26.65
C6 PCW RB . 21.19 8.87 26.32
C7 PCW RB . 22.60 9.18 28.29
C8 PCW RB . 21.09 10.13 27.82
C11 PCW RB . 17.50 14.61 20.31
C12 PCW RB . 16.14 13.96 20.29
C13 PCW RB . 15.98 13.22 18.92
C14 PCW RB . 14.63 12.49 18.73
C15 PCW RB . 14.66 10.95 18.96
C16 PCW RB . 14.09 10.19 17.71
C17 PCW RB . 15.10 9.75 16.60
C18 PCW RB . 14.59 9.97 15.18
C19 PCW RB . 15.67 10.55 14.23
C20 PCW RB . 15.39 10.87 12.91
C21 PCW RB . 14.16 10.79 12.09
C22 PCW RB . 14.61 10.90 10.60
C23 PCW RB . 14.81 12.33 10.02
C24 PCW RB . 13.63 12.98 9.38
C25 PCW RB . 13.34 14.49 9.58
C26 PCW RB . 12.94 14.92 10.98
C27 PCW RB . 11.51 14.54 11.47
C28 PCW RB . 10.61 15.75 11.40
C31 PCW RB . 20.43 10.97 22.42
C32 PCW RB . 20.40 9.57 21.78
C33 PCW RB . 19.15 8.65 22.20
C34 PCW RB . 19.46 7.67 23.32
C35 PCW RB . 19.22 6.23 22.72
C36 PCW RB . 19.05 5.14 23.81
C37 PCW RB . 18.80 3.69 23.29
C38 PCW RB . 17.54 3.10 23.86
C39 PCW RB . 17.28 1.70 23.37
C40 PCW RB . 16.09 1.12 23.20
C41 PCW RB . 14.77 1.79 23.49
C42 PCW RB . 14.01 2.01 22.10
C43 PCW RB . 12.49 2.01 22.10
C44 PCW RB . 12.05 2.24 20.66
C45 PCW RB . 11.40 1.05 19.99
C46 PCW RB . 9.90 1.00 20.17
C47 PCW RB . 9.10 0.52 18.97
C48 PCW RB . 7.59 0.52 19.28
N PCW RB . 22.24 9.67 26.99
O2 PCW RB . 20.51 11.88 21.45
O3 PCW RB . 18.41 13.73 20.80
O11 PCW RB . 17.74 15.73 19.93
O31 PCW RB . 20.39 11.21 23.67
O1P PCW RB . 25.22 12.51 23.52
O2P PCW RB . 23.91 14.57 24.01
O3P PCW RB . 22.99 12.77 22.41
O4P PCW RB . 23.07 12.46 24.82
P PCW RB . 23.87 13.12 23.71
C1 PCW SB . 6.17 30.39 7.93
C2 PCW SB . 6.73 29.42 6.81
C3 PCW SB . 5.57 28.61 6.16
C4 PCW SB . 6.38 30.33 12.14
C5 PCW SB . 6.66 31.06 13.46
C6 PCW SB . 5.47 33.29 13.17
C7 PCW SB . 5.46 32.15 15.34
C8 PCW SB . 6.92 32.83 14.44
C11 PCW SB . 5.90 26.40 5.31
C12 PCW SB . 6.55 25.67 4.16
C13 PCW SB . 5.43 25.34 3.11
C14 PCW SB . 5.93 24.60 1.86
C15 PCW SB . 6.51 23.17 2.12
C16 PCW SB . 5.60 22.07 1.48
C17 PCW SB . 5.54 22.00 -0.08
C18 PCW SB . 6.57 21.06 -0.68
C19 PCW SB . 5.96 19.74 -1.22
C20 PCW SB . 5.27 19.67 -2.42
C21 PCW SB . 4.94 20.70 -3.44
C22 PCW SB . 5.77 20.34 -4.71
C23 PCW SB . 6.94 21.29 -5.09
C24 PCW SB . 6.93 21.85 -6.48
C25 PCW SB . 7.08 20.92 -7.72
C26 PCW SB . 7.84 21.49 -8.89
C27 PCW SB . 7.48 20.99 -10.31
C28 PCW SB . 8.72 20.95 -11.18
C31 PCW SB . 8.71 30.10 5.70
C32 PCW SB . 9.24 30.96 4.54
C33 PCW SB . 8.75 30.51 3.08
C34 PCW SB . 7.42 31.12 2.67
C35 PCW SB . 6.45 29.88 2.42
C36 PCW SB . 4.99 30.19 2.80
C37 PCW SB . 3.98 29.01 2.58
C38 PCW SB . 3.51 28.94 1.16
C39 PCW SB . 2.53 27.82 0.92
C40 PCW SB . 1.24 27.93 0.68
C41 PCW SB . 0.49 29.26 0.61
C42 PCW SB . -0.10 29.41 -0.86
C43 PCW SB . -1.39 28.69 -1.21
C44 PCW SB . -1.71 29.02 -2.66
C45 PCW SB . -3.05 28.55 -3.15
C46 PCW SB . -3.96 29.67 -3.59
C47 PCW SB . -4.21 29.77 -5.08
C48 PCW SB . -5.15 30.94 -5.40
N PCW SB . 5.75 32.05 13.93
O2 PCW SB . 7.38 30.21 5.74
O3 PCW SB . 6.10 27.74 5.16
O11 PCW SB . 5.31 25.87 6.21
O31 PCW SB . 9.43 29.41 6.48
O1P PCW SB . 7.16 28.75 9.84
O2P PCW SB . 9.25 30.08 9.98
O3P PCW SB . 7.19 31.01 8.73
O4P PCW SB . 7.31 30.87 11.16
P PCW SB . 7.77 30.10 9.93
C1 PCW TB . 13.38 28.54 11.44
C2 PCW TB . 13.12 27.50 10.28
C3 PCW TB . 13.99 26.21 10.52
C4 PCW TB . 11.73 30.85 8.29
C5 PCW TB . 12.44 30.72 6.94
C6 PCW TB . 14.16 28.84 6.78
C7 PCW TB . 12.21 28.88 5.29
C8 PCW TB . 13.59 30.10 5.36
C11 PCW TB . 14.48 25.35 8.33
C12 PCW TB . 14.05 24.29 7.38
C13 PCW TB . 14.52 22.89 7.93
C14 PCW TB . 14.14 21.68 7.06
C15 PCW TB . 12.65 21.24 7.11
C16 PCW TB . 12.51 19.78 7.65
C17 PCW TB . 11.10 19.32 8.13
C18 PCW TB . 10.56 18.12 7.35
C19 PCW TB . 9.11 18.32 6.87
C20 PCW TB . 8.67 17.91 5.61
C21 PCW TB . 9.37 17.25 4.49
C22 PCW TB . 8.57 15.96 4.18
C23 PCW TB . 9.31 14.60 4.31
C24 PCW TB . 8.47 13.40 4.65
C25 PCW TB . 8.11 13.06 6.12
C26 PCW TB . 7.89 11.59 6.43
C27 PCW TB . 7.07 11.24 7.69
C28 PCW TB . 6.55 9.82 7.58
C31 PCW TB . 11.09 27.20 9.11
C32 PCW TB . 9.63 26.73 9.28
C33 PCW TB . 9.39 25.17 9.10
C34 PCW TB . 8.63 24.81 7.83
C35 PCW TB . 9.74 24.48 6.75
C36 PCW TB . 9.90 25.60 5.70
C37 PCW TB . 10.99 25.35 4.61
C38 PCW TB . 10.67 26.06 3.34
C39 PCW TB . 11.70 25.83 2.26
C40 PCW TB . 11.67 24.89 1.32
C41 PCW TB . 10.55 23.88 1.16
C42 PCW TB . 10.04 23.91 -0.35
C43 PCW TB . 8.79 24.69 -0.68
C44 PCW TB . 8.56 24.54 -2.18
C45 PCW TB . 7.17 24.90 -2.66
C46 PCW TB . 7.12 25.21 -4.13
C47 PCW TB . 5.74 25.44 -4.71
C48 PCW TB . 5.83 25.75 -6.22
N PCW TB . 12.83 29.43 6.47
O2 PCW TB . 11.69 27.09 10.30
O3 PCW TB . 13.73 25.27 9.47
O11 PCW TB . 15.36 26.16 8.13
O31 PCW TB . 11.62 27.60 8.04
O1P PCW TB . 11.48 31.86 11.02
O2P PCW TB . 13.96 31.50 11.06
O3P PCW TB . 12.36 29.55 11.55
O4P PCW TB . 12.69 30.45 9.30
P PCW TB . 12.62 30.92 10.75
C1 PCW UB . -1.23 33.34 14.18
C2 PCW UB . -0.55 32.48 13.06
C3 PCW UB . 0.29 31.32 13.70
C4 PCW UB . -0.42 36.34 11.18
C5 PCW UB . 0.94 36.16 10.51
C6 PCW UB . 1.39 35.73 8.04
C7 PCW UB . 1.56 38.00 8.96
C8 PCW UB . 2.59 36.52 9.37
C11 PCW UB . 2.24 30.71 12.43
C12 PCW UB . 2.66 29.80 11.30
C13 PCW UB . 2.30 30.50 9.94
C14 PCW UB . 2.66 29.71 8.69
C15 PCW UB . 2.01 28.30 8.56
C16 PCW UB . 0.52 28.41 8.09
C17 PCW UB . -0.12 27.15 7.41
C18 PCW UB . -0.64 27.42 6.00
C19 PCW UB . -2.11 27.93 5.99
C20 PCW UB . -3.17 27.16 5.53
C21 PCW UB . -3.25 25.80 4.95
C22 PCW UB . -3.18 25.95 3.40
C23 PCW UB . -1.81 25.75 2.73
C24 PCW UB . -1.80 25.00 1.43
C25 PCW UB . -0.76 23.87 1.15
C26 PCW UB . 0.55 24.27 0.51
C27 PCW UB . 0.65 24.19 -1.03
C28 PCW UB . 2.10 24.28 -1.45
C31 PCW UB . -1.62 32.32 10.95
C32 PCW UB . -2.75 31.58 10.20
C33 PCW UB . -2.45 30.05 9.86
C34 PCW UB . -3.71 29.19 9.77
C35 PCW UB . -3.20 27.69 9.70
C36 PCW UB . -4.33 26.68 9.42
C37 PCW UB . -3.90 25.19 9.33
C38 PCW UB . -4.61 24.34 10.34
C39 PCW UB . -4.19 22.89 10.27
C40 PCW UB . -4.94 21.88 9.84
C41 PCW UB . -6.37 22.00 9.33
C42 PCW UB . -6.55 21.01 8.09
C43 PCW UB . -7.89 20.31 7.91
C44 PCW UB . -7.76 19.44 6.68
C45 PCW UB . -7.53 17.97 6.94
C46 PCW UB . -8.72 17.10 6.60
C47 PCW UB . -9.12 16.07 7.64
C48 PCW UB . -10.32 15.26 7.17
N PCW UB . 1.12 36.63 9.17
O2 PCW UB . -1.59 31.85 12.20
O3 PCW UB . 0.91 30.54 12.66
O11 PCW UB . 2.96 31.45 13.03
O31 PCW UB . -0.87 33.21 10.46
O1P PCW UB . -2.45 36.84 13.19
O2P PCW UB . -0.62 36.21 14.76
O3P PCW UB . -2.08 34.40 13.68
O4P PCW UB . -0.36 35.64 12.45
P PCW UB . -1.39 35.84 13.55
C1 PCW VB . -7.15 37.41 16.07
C2 PCW VB . -7.27 36.41 14.85
C3 PCW VB . -5.88 35.72 14.60
C4 PCW VB . -7.50 33.58 18.66
C5 PCW VB . -6.91 32.46 17.81
C6 PCW VB . -5.62 30.88 19.33
C7 PCW VB . -7.21 30.00 17.70
C8 PCW VB . -5.64 30.92 17.37
C11 PCW VB . -5.78 33.48 13.74
C12 PCW VB . -5.92 32.71 12.46
C13 PCW VB . -7.03 31.62 12.65
C14 PCW VB . -7.29 30.74 11.42
C15 PCW VB . -8.51 29.77 11.53
C16 PCW VB . -8.10 28.43 12.23
C17 PCW VB . -9.18 27.30 12.33
C18 PCW VB . -8.66 25.92 11.95
C19 PCW VB . -9.42 24.78 12.66
C20 PCW VB . -8.77 23.63 13.12
C21 PCW VB . -7.36 23.20 13.06
C22 PCW VB . -7.07 22.47 14.42
C23 PCW VB . -6.67 20.97 14.33
C24 PCW VB . -5.48 20.55 15.13
C25 PCW VB . -5.62 20.06 16.61
C26 PCW VB . -6.19 18.69 16.83
C27 PCW VB . -6.66 18.32 18.26
C28 PCW VB . -7.84 17.38 18.20
C31 PCW VB . -9.47 35.55 14.67
C32 PCW VB . -10.36 34.35 15.08
C33 PCW VB . -11.22 33.72 13.88
C34 PCW VB . -10.37 33.21 12.73
C35 PCW VB . -11.24 33.44 11.42
C36 PCW VB . -10.60 32.80 10.17
C37 PCW VB . -11.39 32.98 8.83
C38 PCW VB . -12.42 31.92 8.66
C39 PCW VB . -13.20 32.08 7.38
C40 PCW VB . -14.30 31.42 7.02
C41 PCW VB . -14.98 30.36 7.87
C42 PCW VB . -14.25 28.96 7.63
C43 PCW VB . -13.95 28.53 6.20
C44 PCW VB . -13.27 27.17 6.28
C45 PCW VB . -11.85 27.19 6.80
C46 PCW VB . -11.60 26.17 7.87
C47 PCW VB . -10.39 25.29 7.71
C48 PCW VB . -10.26 24.30 8.88
N PCW VB . -6.71 31.17 18.38
O2 PCW VB . -8.25 35.33 15.15
O3 PCW VB . -5.98 34.80 13.49
O11 PCW VB . -5.53 33.00 14.81
O31 PCW VB . -9.85 36.56 14.01
O1P PCW VB . -7.61 36.32 19.64
O2P PCW VB . -9.28 36.61 17.80
O3P PCW VB . -6.75 36.79 17.32
O4P PCW VB . -7.85 34.67 17.75
P PCW VB . -7.93 36.12 18.18
C1 PCW WB . 34.95 13.69 22.50
C2 PCW WB . 34.44 12.52 21.56
C3 PCW WB . 35.13 12.63 20.16
C4 PCW WB . 35.36 11.90 26.96
C5 PCW WB . 33.99 11.23 27.11
C6 PCW WB . 32.37 9.75 28.13
C7 PCW WB . 33.88 10.90 29.49
C8 PCW WB . 34.70 9.15 28.27
C11 PCW WB . 34.53 11.83 17.98
C12 PCW WB . 34.06 10.60 17.27
C13 PCW WB . 35.27 9.60 17.15
C14 PCW WB . 34.95 8.28 16.44
C15 PCW WB . 35.88 7.91 15.24
C16 PCW WB . 35.07 7.91 13.90
C17 PCW WB . 34.02 6.76 13.69
C18 PCW WB . 32.64 7.28 13.28
C19 PCW WB . 31.90 8.01 14.43
C20 PCW WB . 30.70 7.56 14.96
C21 PCW WB . 29.83 6.39 14.64
C22 PCW WB . 28.41 6.96 14.32
C23 PCW WB . 27.29 6.69 15.36
C24 PCW WB . 26.64 5.34 15.32
C25 PCW WB . 25.98 4.73 16.59
C26 PCW WB . 24.84 3.77 16.36
C27 PCW WB . 23.91 3.45 17.55
C28 PCW WB . 22.97 2.32 17.19
C31 PCW WB . 33.96 10.71 23.03
C32 PCW WB . 34.49 9.35 23.51
C33 PCW WB . 33.36 8.33 24.01
C34 PCW WB . 33.80 7.47 25.20
C35 PCW WB . 33.87 5.99 24.63
C36 PCW WB . 34.52 5.00 25.64
C37 PCW WB . 34.63 3.53 25.15
C38 PCW WB . 33.34 2.79 25.32
C39 PCW WB . 33.42 1.36 24.85
C40 PCW WB . 32.72 0.81 23.88
C41 PCW WB . 31.69 1.53 23.04
C42 PCW WB . 31.82 1.00 21.54
C43 PCW WB . 30.67 0.21 20.96
C44 PCW WB . 31.06 -0.16 19.53
C45 PCW WB . 31.85 -1.44 19.39
C46 PCW WB . 31.35 -2.34 18.31
C47 PCW WB . 32.16 -2.37 17.03
C48 PCW WB . 31.55 -3.34 16.00
N PCW WB . 33.75 10.30 28.19
O2 PCW WB . 34.82 11.19 22.14
O3 PCW WB . 34.67 11.57 19.30
O11 PCW WB . 34.76 12.89 17.45
O31 PCW WB . 32.88 11.27 23.40
O1P PCW WB . 36.80 12.39 24.47
O2P PCW WB . 36.48 14.79 25.10
O3P PCW WB . 34.61 13.52 23.89
O4P PCW WB . 35.14 13.13 26.22
P PCW WB . 35.84 13.47 24.91
C1 17F XB . -12.17 30.87 21.06
N1 17F XB . -10.78 29.57 19.44
O1 17F XB . -14.64 30.36 22.56
P1 17F XB . -13.52 29.35 22.56
C2 17F XB . -11.16 30.89 19.91
O2 17F XB . -12.71 29.27 23.83
C3 17F XB . -9.92 31.68 20.34
O3 17F XB . -12.51 29.57 21.42
C4 17F XB . -13.19 26.76 22.27
O4 17F XB . -8.72 31.17 20.28
C5 17F XB . -13.95 25.42 22.01
O5 17F XB . -10.00 32.83 20.77
C6 17F XB . -13.91 25.09 20.49
O6 17F XB . -14.07 27.89 22.32
C7 17F XB . -15.67 23.94 19.48
O7 17F XB . -14.59 23.87 20.19
C8 17F XB . -16.19 22.50 19.28
O8 17F XB . -16.25 24.88 19.02
C9 17F XB . -17.60 22.27 19.89
O9 17F XB . -13.44 24.34 22.80
C10 17F XB . -18.20 20.82 19.71
O10 17F XB . -15.52 24.04 23.77
C11 17F XB . -19.54 20.77 18.87
C12 17F XB . -20.07 19.29 18.73
C17 17F XB . -14.40 23.65 23.39
C18 17F XB . -14.02 22.21 23.62
C19 17F XB . -14.50 21.23 22.53
C20 17F XB . -13.30 20.64 21.70
C1X 17F XB . -21.37 19.26 17.90
C1Y 17F XB . -13.81 19.67 20.60
C1Z 17F XB . -14.01 18.26 21.18
C2X 17F XB . -21.94 17.78 17.73
C21 17F XB . -22.95 17.38 18.85
C22 17F XB . -24.10 16.82 18.66
C23 17F XB . -24.70 16.44 17.37
C24 17F XB . -24.83 14.94 17.16
C25 17F XB . -25.44 14.49 15.84
C26 17F XB . -24.42 13.88 14.77
C27 17F XB . -25.05 13.45 13.47
C28 17F XB . -23.91 12.88 12.56
C29 17F XB . -24.43 11.73 11.79
C30 17F XB . -23.45 11.08 10.87
C31 17F XB . -15.29 17.49 20.72
C32 17F XB . -15.47 16.08 21.33
C33 17F XB . -15.96 15.13 20.24
C34 17F XB . -16.20 13.84 20.41
C35 17F XB . -16.05 13.05 21.69
C36 17F XB . -15.97 11.52 21.50
C37 17F XB . -14.57 11.07 21.72
C38 17F XB . -14.30 10.44 23.10
C39 17F XB . -12.83 10.00 23.26
C40 17F XB . -12.14 10.82 24.36
C41 17F XB . -11.66 9.89 25.55
C42 17F XB . -12.58 9.70 26.77
C1 17F YB . 12.34 23.39 28.21
N1 17F YB . 11.34 22.12 26.29
O1 17F YB . 9.73 22.92 29.15
P1 17F YB . 10.76 21.85 29.45
C2 17F YB . 12.13 23.27 26.68
O2 17F YB . 11.00 21.52 30.89
C3 17F YB . 13.50 23.22 25.97
O3 17F YB . 12.15 22.17 28.84
C4 17F YB . 11.21 19.32 28.92
O4 17F YB . 13.83 22.28 25.16
C5 17F YB . 10.66 18.07 28.17
O5 17F YB . 14.34 24.10 26.17
C6 17F YB . 9.26 17.70 28.71
O6 17F YB . 10.38 20.47 28.78
C7 17F YB . 7.53 16.16 28.33
O7 17F YB . 8.73 16.57 28.04
C8 17F YB . 7.21 14.95 27.42
O8 17F YB . 6.74 16.58 29.13
C9 17F YB . 6.17 15.30 26.32
O9 17F YB . 10.65 18.24 26.76
C10 17F YB . 5.78 14.12 25.35
O10 17F YB . 12.11 16.46 26.59
C11 17F YB . 5.40 14.59 23.89
C12 17F YB . 5.02 13.38 22.96
C17 17F YB . 11.39 17.36 26.11
C18 17F YB . 11.31 17.53 24.62
C19 17F YB . 10.15 16.76 23.95
C20 17F YB . 10.48 15.23 23.76
C1X 17F YB . 4.66 13.88 21.56
C1Y 17F YB . 9.30 14.48 23.08
C1Z 17F YB . 9.63 13.00 22.91
C2X 17F YB . 4.28 12.67 20.57
C21 17F YB . 5.31 12.51 19.41
C22 17F YB . 5.04 12.74 18.17
C23 17F YB . 3.76 13.18 17.59
C24 17F YB . 3.26 12.33 16.43
C25 17F YB . 1.95 12.74 15.80
C26 17F YB . 1.70 12.20 14.30
C27 17F YB . 0.38 12.63 13.68
C28 17F YB . 0.32 12.01 12.23
C29 17F YB . -0.10 13.07 11.29
C30 17F YB . -0.20 12.64 9.86
C31 17F YB . 10.84 12.64 21.98
C32 17F YB . 11.14 11.13 21.83
C33 17F YB . 12.59 10.86 22.20
C34 17F YB . 13.18 9.67 22.17
C35 17F YB . 12.53 8.35 21.80
C36 17F YB . 13.53 7.22 21.39
C37 17F YB . 13.50 7.07 19.91
C38 17F YB . 12.98 5.71 19.41
C39 17F YB . 12.99 5.63 17.88
C40 17F YB . 12.23 4.40 17.40
C41 17F YB . 10.81 4.80 16.83
C42 17F YB . 9.57 4.07 17.36
C1 17F ZB . 19.00 21.81 19.40
N1 17F ZB . 20.33 19.90 18.47
O1 17F ZB . 17.47 22.40 16.82
P1 17F ZB . 16.86 21.78 18.05
C2 17F ZB . 20.27 21.34 18.67
O2 17F ZB . 16.06 22.71 18.94
C3 17F ZB . 21.51 21.81 19.44
O3 17F ZB . 17.90 21.10 18.97
C4 17F ZB . 15.16 19.89 18.71
O4 17F ZB . 22.44 21.00 19.83
C5 17F ZB . 14.23 18.77 18.16
O5 17F ZB . 21.68 23.00 19.72
C6 17F ZB . 13.48 18.08 19.33
O6 17F ZB . 15.85 20.61 17.69
C7 17F ZB . 12.41 16.02 19.62
O7 17F ZB . 12.62 17.05 18.86
C8 17F ZB . 11.45 15.07 18.86
O8 17F ZB . 12.84 15.74 20.71
C9 17F ZB . 10.00 15.59 18.80
O9 17F ZB . 13.31 19.25 17.18
C10 17F ZB . 8.98 14.68 18.03
O10 17F ZB . 14.61 19.31 15.27
C11 17F ZB . 8.52 15.27 16.64
C12 17F ZB . 7.51 14.32 15.89
C17 17F ZB . 13.66 18.90 15.95
C18 17F ZB . 12.74 17.85 15.38
C19 17F ZB . 13.31 16.42 15.35
C20 17F ZB . 12.19 15.33 15.19
C1X 17F ZB . 7.10 14.94 14.54
C1Y 17F ZB . 12.80 13.92 15.17
C1Z 17F ZB . 11.86 12.91 15.87
C2X 17F ZB . 6.07 14.02 13.74
C21 17F ZB . 6.56 13.71 12.29
C22 17F ZB . 6.91 12.55 11.87
C23 17F ZB . 6.93 11.29 12.64
C24 17F ZB . 6.59 10.06 11.82
C25 17F ZB . 6.59 8.73 12.56
C26 17F ZB . 5.19 8.32 13.23
C27 17F ZB . 5.19 7.01 13.96
C28 17F ZB . 3.75 6.78 14.53
C29 17F ZB . 2.91 6.15 13.50
C30 17F ZB . 1.49 5.88 13.92
C31 17F ZB . 10.93 12.05 14.94
C32 17F ZB . 10.00 11.05 15.67
C33 17F ZB . 10.63 9.66 15.63
C34 17F ZB . 10.09 8.58 16.17
C35 17F ZB . 8.77 8.49 16.90
C36 17F ZB . 8.89 8.45 18.46
C37 17F ZB . 7.79 7.63 19.01
C38 17F ZB . 6.56 8.43 19.51
C39 17F ZB . 5.47 7.51 20.07
C40 17F ZB . 4.16 8.27 20.29
C41 17F ZB . 2.94 7.52 19.64
C42 17F ZB . 2.05 8.26 18.64
C1 17F AC . -19.95 23.88 28.82
N1 17F AC . -19.13 26.13 29.55
O1 17F AC . -22.65 23.16 29.45
P1 17F AC . -21.64 23.20 30.57
C2 17F AC . -19.18 25.16 28.47
O2 17F AC . -22.06 23.90 31.84
C3 17F AC . -19.82 25.81 27.24
O3 17F AC . -20.32 23.87 30.16
C4 17F AC . -20.23 21.55 32.06
O4 17F AC . -20.22 27.03 27.22
C5 17F AC . -19.90 20.06 32.35
O5 17F AC . -19.97 25.17 26.19
C6 17F AC . -19.99 19.79 33.87
O6 17F AC . -21.18 21.75 31.02
C7 17F AC . -20.65 17.67 34.64
O7 17F AC . -19.70 18.43 34.18
C8 17F AC . -20.06 16.26 34.92
O8 17F AC . -21.80 17.93 34.86
C9 17F AC . -19.58 15.52 33.64
O9 17F AC . -20.72 19.15 31.60
C10 17F AC . -18.97 14.09 33.87
O10 17F AC . -19.04 17.93 30.60
C11 17F AC . -17.42 14.06 34.14
C12 17F AC . -16.89 12.60 34.36
C17 17F AC . -20.08 18.62 30.58
C18 17F AC . -20.72 18.94 29.26
C19 17F AC . -21.67 17.84 28.72
C20 17F AC . -20.91 16.78 27.83
C1X 17F AC . -15.37 12.60 34.61
C1Y 17F AC . -21.89 15.69 27.31
C1Z 17F AC . -21.84 14.45 28.22
C2X 17F AC . -14.80 11.11 34.84
C21 17F AC . -13.43 10.88 34.12
C22 17F AC . -13.28 10.16 33.06
C23 17F AC . -14.32 9.43 32.32
C24 17F AC . -15.07 10.26 31.28
C25 17F AC . -16.15 9.54 30.50
C26 17F AC . -15.93 9.44 28.92
C27 17F AC . -17.01 8.73 28.16
C28 17F AC . -16.62 8.74 26.64
C29 17F AC . -16.24 7.37 26.23
C30 17F AC . -15.83 7.25 24.78
C31 17F AC . -23.15 13.61 28.32
C32 17F AC . -23.07 12.37 29.24
C33 17F AC . -23.47 11.14 28.46
C34 17F AC . -23.53 9.90 28.95
C35 17F AC . -23.20 9.47 30.36
C36 17F AC . -22.02 8.46 30.47
C37 17F AC . -22.39 7.40 31.45
C38 17F AC . -22.18 5.95 30.95
C39 17F AC . -22.57 4.92 32.03
C40 17F AC . -23.63 3.95 31.47
C41 17F AC . -24.90 3.93 32.44
C42 17F AC . -26.23 4.51 31.92
C1 17F BC . 19.55 35.99 -1.59
N1 17F BC . 17.24 35.78 -0.65
O1 17F BC . 20.86 36.55 -4.21
P1 17F BC . 20.41 35.15 -3.81
C2 17F BC . 18.66 35.55 -0.41
O2 17F BC . 21.75 34.89 -3.15
C3 17F BC . 19.09 36.29 0.86
O3 17F BC . 19.94 34.90 -2.35
C4 17F BC . 20.54 32.58 -4.33
O4 17F BC . 18.26 36.99 1.56
C5 17F BC . 21.18 31.53 -5.31
O5 17F BC . 20.25 36.25 1.26
C6 17F BC . 21.11 30.12 -4.69
O6 17F BC . 20.92 33.91 -4.64
C7 17F BC . 22.74 28.51 -5.16
O7 17F BC . 21.69 29.15 -5.55
C8 17F BC . 23.17 27.55 -6.29
O8 17F BC . 23.36 28.59 -4.14
C9 17F BC . 24.12 28.21 -7.33
O9 17F BC . 20.59 31.57 -6.60
C10 17F BC . 24.59 27.30 -8.52
O10 17F BC . 22.24 30.91 -8.07
C11 17F BC . 25.35 28.06 -9.67
C12 17F BC . 25.80 27.10 -10.83
C17 17F BC . 21.47 31.74 -7.56
C18 17F BC . 21.51 33.17 -8.06
C19 17F BC . 22.92 33.81 -8.09
C20 17F BC . 22.91 35.25 -8.71
C1X 17F BC . 26.53 27.88 -11.93
C1Y 17F BC . 24.34 35.85 -8.72
C1Z 17F BC . 24.75 36.24 -10.14
C2X 17F BC . 27.00 26.93 -13.13
C21 17F BC . 26.29 27.26 -14.48
C22 17F BC . 26.73 28.09 -15.36
C23 17F BC . 27.97 28.89 -15.29
C24 17F BC . 28.78 28.90 -16.58
C25 17F BC . 30.07 29.71 -16.56
C26 17F BC . 30.37 30.56 -17.88
C27 17F BC . 31.65 31.37 -17.85
C28 17F BC . 31.77 32.13 -19.22
C29 17F BC . 33.15 31.97 -19.73
C30 17F BC . 33.43 32.64 -21.04
C31 17F BC . 24.03 37.49 -10.76
C32 17F BC . 24.47 37.85 -12.20
C33 17F BC . 25.56 38.92 -12.15
C34 17F BC . 26.15 39.45 -13.21
C35 17F BC . 25.88 39.11 -14.66
C36 17F BC . 26.71 39.95 -15.68
C37 17F BC . 25.82 40.98 -16.29
C38 17F BC . 25.96 41.11 -17.83
C39 17F BC . 25.02 42.20 -18.40
C40 17F BC . 23.98 41.58 -19.32
C41 17F BC . 23.57 42.60 -20.47
C42 17F BC . 22.46 42.21 -21.44
C1 17F CC . 22.10 11.66 36.53
N1 17F CC . 24.59 11.52 36.77
O1 17F CC . 22.39 12.29 33.57
P1 17F CC . 21.70 11.07 34.10
C2 17F CC . 23.45 12.41 36.63
O2 17F CC . 20.20 11.10 34.11
C3 17F CC . 23.40 13.38 37.81
O3 17F CC . 22.15 10.69 35.54
C4 17F CC . 21.57 8.49 33.55
O4 17F CC . 24.28 13.36 38.76
C5 17F CC . 22.07 7.37 32.59
O5 17F CC . 22.51 14.23 37.91
C6 17F CC . 23.21 7.91 31.69
O6 17F CC . 22.08 9.79 33.25
C7 17F CC . 24.94 6.57 30.85
O7 17F CC . 23.69 6.90 30.80
C8 17F CC . 25.18 5.47 29.79
O8 17F CC . 25.84 6.96 31.57
C9 17F CC . 24.87 5.93 28.35
O9 17F CC . 22.47 6.19 33.29
C10 17F CC . 25.09 4.86 27.21
O10 17F CC . 22.33 4.48 31.75
C11 17F CC . 23.77 4.25 26.63
C12 17F CC . 24.06 3.19 25.50
C17 17F CC . 21.96 5.10 32.75
C18 17F CC . 20.76 4.59 33.51
C19 17F CC . 19.45 4.45 32.68
C20 17F CC . 18.90 2.97 32.68
C1X 17F CC . 22.75 2.61 24.95
C1Y 17F CC . 17.61 2.87 31.85
C1Z 17F CC . 16.93 1.51 32.06
C2X 17F CC . 23.00 1.53 23.80
C21 17F CC . 23.09 2.19 22.38
C22 17F CC . 23.58 1.61 21.33
C23 17F CC . 24.14 0.25 21.23
C24 17F CC . 25.35 0.13 20.31
C25 17F CC . 25.96 -1.25 20.16
C26 17F CC . 25.92 -1.88 18.69
C27 17F CC . 26.53 -3.26 18.56
C28 17F CC . 26.39 -3.71 17.06
C29 17F CC . 25.17 -4.52 16.92
C30 17F CC . 24.90 -5.02 15.53
C31 17F CC . 16.75 0.61 30.79
C32 17F CC . 16.07 -0.76 31.05
C33 17F CC . 16.99 -1.87 30.58
C34 17F CC . 16.72 -3.17 30.65
C35 17F CC . 15.46 -3.80 31.19
C36 17F CC . 14.40 -4.19 30.13
C37 17F CC . 13.11 -4.46 30.80
C38 17F CC . 12.18 -5.46 30.07
C39 17F CC . 10.87 -5.68 30.83
C40 17F CC . 10.98 -6.89 31.77
C41 17F CC . 9.55 -7.36 32.25
C42 17F CC . 9.36 -7.80 33.72
C1 17F DC . 13.33 15.60 30.05
N1 17F DC . 13.25 17.71 31.40
O1 17F DC . 10.40 15.32 32.13
P1 17F DC . 11.32 14.54 31.21
C2 17F DC . 13.82 16.38 31.29
O2 17F DC . 12.44 13.78 31.86
C3 17F DC . 15.36 16.49 31.24
O3 17F DC . 11.95 15.43 30.10
C4 17F DC . 11.17 12.58 29.46
O4 17F DC . 15.98 17.62 31.31
C5 17F DC . 10.21 11.57 28.76
O5 17F DC . 16.06 15.48 31.15
C6 17F DC . 10.59 11.47 27.26
O6 17F DC . 10.51 13.44 30.38
C7 17F DC . 10.20 9.36 26.32
O7 17F DC . 9.75 10.55 26.55
C8 17F DC . 9.13 8.58 25.51
O8 17F DC . 11.24 8.84 26.63
C9 17F DC . 8.46 7.44 26.31
O9 17F DC . 10.21 10.28 29.39
C10 17F DC . 7.37 6.61 25.52
O10 17F DC . 8.67 10.89 31.01
C11 17F DC . 5.97 7.33 25.36
C12 17F DC . 4.96 6.43 24.56
C17 17F DC . 9.17 10.11 30.17
C18 17F DC . 8.55 8.74 29.98
C19 17F DC . 6.99 8.74 29.93
C20 17F DC . 6.37 7.47 30.64
C1X 17F DC . 3.60 7.14 24.41
C1Y 17F DC . 4.83 7.50 30.58
C1Z 17F DC . 4.24 6.11 30.85
C2X 17F DC . 2.53 6.25 23.61
C21 17F DC . 1.18 6.11 24.36
C22 17F DC . 0.18 6.94 24.27
C23 17F DC . 0.12 8.16 23.46
C24 17F DC . 0.51 9.44 24.21
C25 17F DC . 0.47 10.73 23.41
C26 17F DC . 0.80 12.06 24.24
C27 17F DC . 0.76 13.34 23.43
C28 17F DC . 1.11 14.53 24.40
C29 17F DC . 1.15 15.79 23.63
C30 17F DC . 1.47 17.00 24.44
C31 17F DC . 3.91 5.78 32.35
C32 17F DC . 3.31 4.37 32.60
C33 17F DC . 3.31 4.09 34.10
C34 17F DC . 2.87 2.96 34.65
C35 17F DC . 2.27 1.77 33.95
C36 17F DC . 3.22 0.54 33.83
C37 17F DC . 3.88 0.58 32.50
C38 17F DC . 3.03 0.06 31.33
C39 17F DC . 3.79 0.13 29.99
C40 17F DC . 4.08 -1.28 29.46
C41 17F DC . 4.80 -1.20 28.05
C42 17F DC . 6.12 -1.96 27.86
C1 17F EC . -5.14 17.82 41.69
N1 17F EC . -3.73 18.78 39.86
O1 17F EC . -4.92 16.09 44.15
P1 17F EC . -4.21 15.77 42.85
C2 17F EC . -5.08 18.44 40.30
O2 17F EC . -2.84 15.15 42.97
C3 17F EC . -5.97 19.69 40.25
O3 17F EC . -4.05 17.00 41.93
C4 17F EC . -4.61 14.30 40.70
O4 17F EC . -5.53 20.84 39.89
C5 17F EC . -5.58 13.30 40.02
O5 17F EC . -7.15 19.63 40.58
C6 17F EC . -7.05 13.79 40.20
O6 17F EC . -5.05 14.75 41.98
C7 17F EC . -9.18 12.86 40.07
O7 17F EC . -7.98 12.91 39.59
C8 17F EC . -9.98 11.82 39.24
O8 17F EC . -9.70 13.47 40.97
C9 17F EC . -9.63 10.35 39.58
O9 17F EC . -5.26 13.06 38.64
C10 17F EC . -10.40 9.25 38.78
O10 17F EC . -5.37 15.23 37.86
C11 17F EC . -9.87 9.03 37.31
C12 17F EC . -10.68 7.91 36.55
C17 17F EC . -5.65 14.02 37.82
C18 17F EC . -6.54 13.53 36.69
C19 17F EC . -6.85 12.00 36.71
C20 17F EC . -5.77 11.17 35.94
C1X 17F EC . -10.13 7.71 35.13
C1Y 17F EC . -6.11 9.66 35.98
C1Z 17F EC . -4.84 8.81 36.14
C2X 17F EC . -10.94 6.58 34.31
C21 17F EC . -10.63 5.14 34.84
C22 17F EC . -10.29 4.15 34.08
C23 17F EC . -10.13 4.16 32.63
C24 17F EC . -10.15 2.78 31.99
C25 17F EC . -9.99 2.72 30.48
C26 17F EC . -10.98 1.72 29.71
C27 17F EC . -10.81 1.67 28.22
C28 17F EC . -11.86 0.65 27.64
C29 17F EC . -12.92 1.39 26.95
C30 17F EC . -13.99 0.53 26.35
C31 17F EC . -4.96 7.50 36.99
C32 17F EC . -3.66 6.66 37.13
C33 17F EC . -3.95 5.21 36.79
C34 17F EC . -3.06 4.23 36.82
C35 17F EC . -1.59 4.33 37.17
C36 17F EC . -1.00 3.04 37.81
C37 17F EC . 0.46 2.99 37.52
C38 17F EC . 1.29 2.14 38.51
C39 17F EC . 2.79 2.13 38.14
C40 17F EC . 3.65 2.16 39.40
C41 17F EC . 5.03 2.89 39.12
C42 17F EC . 6.07 2.20 38.24
PG GNP FC . -29.80 -16.51 -16.43
O1G GNP FC . -29.61 -16.44 -17.90
O2G GNP FC . -28.96 -15.47 -15.68
O3G GNP FC . -31.25 -16.42 -16.21
N3B GNP FC . -29.39 -17.99 -15.87
PB GNP FC . -27.96 -18.48 -15.33
O1B GNP FC . -27.73 -18.09 -13.92
O2B GNP FC . -26.96 -17.95 -16.24
O3A GNP FC . -27.96 -20.03 -15.46
PA GNP FC . -28.07 -21.19 -14.40
O1A GNP FC . -26.88 -21.19 -13.52
O2A GNP FC . -29.38 -21.25 -13.77
O5' GNP FC . -27.99 -22.52 -15.21
C5' GNP FC . -29.03 -22.83 -16.17
C4' GNP FC . -29.59 -24.21 -15.88
O4' GNP FC . -28.54 -25.19 -16.13
C3' GNP FC . -30.03 -24.42 -14.43
O3' GNP FC . -31.28 -25.09 -14.41
C2' GNP FC . -28.88 -25.20 -13.81
O2' GNP FC . -29.20 -26.02 -12.71
C1' GNP FC . -28.30 -25.99 -14.97
N9 GNP FC . -26.84 -26.25 -14.87
C8 GNP FC . -25.92 -25.39 -14.34
N7 GNP FC . -24.71 -25.84 -14.38
C5 GNP FC . -24.82 -27.10 -15.00
C6 GNP FC . -23.81 -28.06 -15.32
O6 GNP FC . -22.61 -28.04 -15.14
N1 GNP FC . -24.33 -29.18 -15.93
C2 GNP FC . -25.66 -29.38 -16.21
N2 GNP FC . -25.95 -30.54 -16.82
N3 GNP FC . -26.61 -28.48 -15.92
C4 GNP FC . -26.12 -27.37 -15.31
MG MG GC . -25.63 -15.00 -11.07
N LEU A 3 28.59 -28.84 28.14
CA LEU A 3 28.84 -28.81 29.57
C LEU A 3 28.33 -27.51 30.18
N LYS A 4 28.88 -26.40 29.72
CA LYS A 4 28.49 -25.09 30.20
C LYS A 4 27.02 -24.82 29.89
N LEU A 5 26.62 -25.22 28.70
CA LEU A 5 25.24 -25.05 28.27
C LEU A 5 24.30 -25.97 29.03
N LEU A 6 24.80 -27.14 29.41
CA LEU A 6 24.01 -28.12 30.13
C LEU A 6 23.61 -27.58 31.49
N ASP A 7 24.59 -27.12 32.25
CA ASP A 7 24.33 -26.57 33.59
C ASP A 7 23.56 -25.27 33.52
N ASN A 8 23.85 -24.48 32.48
CA ASN A 8 23.18 -23.20 32.28
C ASN A 8 21.70 -23.42 32.04
N TRP A 9 21.39 -24.37 31.17
CA TRP A 9 20.01 -24.68 30.84
C TRP A 9 19.31 -25.41 31.97
N ASP A 10 20.08 -26.04 32.86
CA ASP A 10 19.50 -26.75 34.00
C ASP A 10 18.69 -25.78 34.85
N SER A 11 19.27 -24.61 35.08
CA SER A 11 18.62 -23.56 35.85
C SER A 11 17.38 -23.05 35.10
N VAL A 12 17.41 -23.18 33.77
CA VAL A 12 16.29 -22.76 32.95
C VAL A 12 15.14 -23.76 33.11
N THR A 13 15.49 -25.03 33.18
CA THR A 13 14.50 -26.08 33.35
C THR A 13 13.80 -25.93 34.70
N SER A 14 14.58 -25.60 35.74
CA SER A 14 14.03 -25.43 37.07
C SER A 14 13.15 -24.18 37.15
N THR A 15 13.53 -23.13 36.45
CA THR A 15 12.74 -21.91 36.46
C THR A 15 11.46 -22.12 35.65
N PHE A 16 11.57 -22.86 34.55
CA PHE A 16 10.43 -23.17 33.70
C PHE A 16 9.42 -24.03 34.43
N SER A 17 9.92 -25.02 35.16
CA SER A 17 9.04 -25.90 35.92
C SER A 17 8.33 -25.12 37.02
N LYS A 18 9.08 -24.29 37.73
CA LYS A 18 8.52 -23.47 38.78
C LYS A 18 7.55 -22.45 38.20
N LEU A 19 7.82 -22.01 36.98
CA LEU A 19 6.94 -21.07 36.30
C LEU A 19 5.63 -21.75 35.98
N ARG A 20 5.71 -22.97 35.45
CA ARG A 20 4.51 -23.73 35.12
C ARG A 20 3.78 -24.14 36.40
N GLU A 21 4.54 -24.50 37.42
CA GLU A 21 3.98 -24.89 38.71
C GLU A 21 3.21 -23.73 39.31
N GLN A 22 3.70 -22.52 39.05
CA GLN A 22 3.07 -21.32 39.54
C GLN A 22 1.93 -20.92 38.61
N LEU A 23 2.13 -21.16 37.31
CA LEU A 23 1.12 -20.83 36.30
C LEU A 23 -0.18 -21.57 36.58
N GLY A 24 -0.09 -22.74 37.19
CA GLY A 24 -1.27 -23.50 37.54
C GLY A 24 -2.20 -22.68 38.41
N PRO A 25 -1.82 -22.44 39.68
CA PRO A 25 -2.63 -21.63 40.59
C PRO A 25 -2.90 -20.25 39.99
N VAL A 26 -1.89 -19.69 39.30
CA VAL A 26 -2.02 -18.39 38.67
C VAL A 26 -3.23 -18.34 37.74
N THR A 27 -3.30 -19.28 36.80
CA THR A 27 -4.41 -19.31 35.87
C THR A 27 -5.73 -19.61 36.58
N GLN A 28 -5.68 -20.49 37.57
CA GLN A 28 -6.86 -20.85 38.35
C GLN A 28 -7.40 -19.62 39.08
N GLU A 29 -6.52 -18.93 39.79
CA GLU A 29 -6.89 -17.74 40.55
C GLU A 29 -7.24 -16.59 39.62
N PHE A 30 -6.49 -16.45 38.52
CA PHE A 30 -6.74 -15.40 37.55
C PHE A 30 -8.10 -15.61 36.91
N TRP A 31 -8.40 -16.85 36.56
CA TRP A 31 -9.68 -17.18 35.97
C TRP A 31 -10.81 -16.97 36.97
N ASP A 32 -10.54 -17.22 38.24
CA ASP A 32 -11.54 -17.01 39.28
C ASP A 32 -11.91 -15.54 39.34
N ASN A 33 -10.89 -14.69 39.27
CA ASN A 33 -11.11 -13.25 39.27
C ASN A 33 -11.83 -12.86 38.00
N LEU A 34 -11.43 -13.48 36.89
CA LEU A 34 -12.04 -13.22 35.60
C LEU A 34 -13.51 -13.62 35.62
N GLU A 35 -13.82 -14.73 36.30
CA GLU A 35 -15.19 -15.20 36.40
C GLU A 35 -16.04 -14.17 37.12
N LYS A 36 -15.50 -13.61 38.20
CA LYS A 36 -16.21 -12.59 38.95
C LYS A 36 -16.36 -11.35 38.09
N GLU A 37 -15.30 -11.01 37.38
CA GLU A 37 -15.28 -9.85 36.49
C GLU A 37 -16.31 -10.01 35.38
N THR A 38 -16.24 -11.14 34.67
CA THR A 38 -17.16 -11.41 33.58
C THR A 38 -18.59 -11.53 34.09
N GLU A 39 -18.75 -12.05 35.31
CA GLU A 39 -20.06 -12.18 35.92
C GLU A 39 -20.64 -10.80 36.17
N GLY A 40 -19.81 -9.94 36.76
CA GLY A 40 -20.22 -8.58 37.03
C GLY A 40 -20.57 -7.87 35.73
N LEU A 41 -19.71 -8.04 34.74
CA LEU A 41 -19.92 -7.45 33.42
C LEU A 41 -21.16 -8.04 32.77
N ARG A 42 -21.44 -9.31 33.05
CA ARG A 42 -22.62 -9.97 32.51
C ARG A 42 -23.86 -9.36 33.12
N GLN A 43 -23.83 -9.16 34.44
CA GLN A 43 -24.95 -8.53 35.14
C GLN A 43 -25.09 -7.11 34.61
N GLU A 44 -23.94 -6.46 34.43
CA GLU A 44 -23.89 -5.12 33.90
C GLU A 44 -24.55 -5.08 32.54
N MET A 45 -24.10 -5.97 31.65
CA MET A 45 -24.65 -6.05 30.29
C MET A 45 -26.14 -6.35 30.31
N SER A 46 -26.58 -7.06 31.34
CA SER A 46 -28.00 -7.39 31.47
C SER A 46 -28.81 -6.14 31.78
N LYS A 47 -28.14 -5.12 32.31
CA LYS A 47 -28.80 -3.86 32.65
C LYS A 47 -28.45 -2.81 31.59
N ASP A 48 -27.17 -2.77 31.24
CA ASP A 48 -26.65 -1.83 30.24
C ASP A 48 -27.38 -1.99 28.92
N LEU A 49 -27.24 -3.17 28.31
CA LEU A 49 -27.89 -3.45 27.04
C LEU A 49 -29.41 -3.28 27.15
N GLU A 50 -29.97 -3.66 28.29
CA GLU A 50 -31.40 -3.53 28.50
C GLU A 50 -31.82 -2.06 28.47
N GLU A 51 -31.14 -1.25 29.26
CA GLU A 51 -31.43 0.17 29.30
C GLU A 51 -31.10 0.82 27.96
N VAL A 52 -30.02 0.39 27.34
CA VAL A 52 -29.61 0.91 26.05
C VAL A 52 -30.68 0.62 25.01
N LYS A 53 -31.19 -0.60 24.99
CA LYS A 53 -32.24 -0.97 24.04
C LYS A 53 -33.55 -0.30 24.37
N ALA A 54 -33.93 -0.31 25.64
CA ALA A 54 -35.17 0.30 26.08
C ALA A 54 -35.17 1.80 25.82
N LYS A 55 -34.00 2.42 25.94
CA LYS A 55 -33.87 3.85 25.71
C LYS A 55 -33.53 4.15 24.26
N VAL A 56 -32.99 3.16 23.53
CA VAL A 56 -32.65 3.35 22.13
C VAL A 56 -33.91 3.51 21.31
N GLN A 57 -35.01 2.96 21.80
CA GLN A 57 -36.30 3.08 21.15
C GLN A 57 -36.67 4.56 21.07
N PRO A 58 -36.81 5.26 22.23
CA PRO A 58 -37.11 6.69 22.24
C PRO A 58 -35.99 7.49 21.57
N TYR A 59 -34.75 7.01 21.70
CA TYR A 59 -33.61 7.66 21.08
C TYR A 59 -33.80 7.73 19.57
N LEU A 60 -34.00 6.56 18.97
CA LEU A 60 -34.20 6.46 17.54
C LEU A 60 -35.54 7.04 17.13
N ASP A 61 -36.56 6.83 17.96
CA ASP A 61 -37.89 7.36 17.67
C ASP A 61 -37.88 8.87 17.60
N ASP A 62 -37.29 9.49 18.61
CA ASP A 62 -37.19 10.95 18.66
C ASP A 62 -36.33 11.45 17.51
N PHE A 63 -35.19 10.80 17.32
CA PHE A 63 -34.28 11.17 16.24
C PHE A 63 -34.95 11.03 14.90
N GLN A 64 -35.70 9.94 14.71
CA GLN A 64 -36.41 9.70 13.46
C GLN A 64 -37.51 10.72 13.26
N LYS A 65 -38.22 11.05 14.34
CA LYS A 65 -39.28 12.05 14.27
C LYS A 65 -38.70 13.39 13.89
N LYS A 66 -37.60 13.73 14.54
CA LYS A 66 -36.90 14.99 14.28
C LYS A 66 -36.34 14.99 12.86
N TRP A 67 -35.62 13.95 12.50
CA TRP A 67 -35.04 13.84 11.16
C TRP A 67 -36.11 13.81 10.09
N GLN A 68 -37.26 13.22 10.41
CA GLN A 68 -38.37 13.15 9.47
C GLN A 68 -38.83 14.57 9.16
N GLU A 69 -39.05 15.35 10.22
CA GLU A 69 -39.48 16.73 10.06
C GLU A 69 -38.35 17.54 9.44
N GLU A 70 -37.12 17.22 9.83
CA GLU A 70 -35.95 17.91 9.30
C GLU A 70 -35.86 17.72 7.80
N MET A 71 -36.01 16.49 7.35
CA MET A 71 -35.97 16.18 5.93
C MET A 71 -37.19 16.75 5.22
N GLU A 72 -38.33 16.74 5.89
CA GLU A 72 -39.54 17.31 5.33
C GLU A 72 -39.35 18.80 5.10
N LEU A 73 -38.90 19.48 6.16
CA LEU A 73 -38.64 20.91 6.08
C LEU A 73 -37.53 21.20 5.09
N TYR A 74 -36.64 20.22 4.93
CA TYR A 74 -35.54 20.33 4.00
C TYR A 74 -36.09 20.32 2.59
N ARG A 75 -36.87 19.27 2.26
CA ARG A 75 -37.46 19.13 0.93
C ARG A 75 -38.44 20.27 0.67
N GLN A 76 -39.10 20.73 1.73
CA GLN A 76 -40.05 21.83 1.65
C GLN A 76 -39.34 23.08 1.14
N LYS A 77 -38.03 23.13 1.37
CA LYS A 77 -37.22 24.25 0.93
C LYS A 77 -36.47 23.87 -0.35
N VAL A 78 -36.09 22.60 -0.45
CA VAL A 78 -35.38 22.10 -1.64
C VAL A 78 -36.11 22.46 -2.92
N GLU A 79 -37.44 22.33 -2.91
CA GLU A 79 -38.25 22.67 -4.07
C GLU A 79 -38.08 24.14 -4.49
N PRO A 80 -38.47 25.11 -3.64
CA PRO A 80 -38.31 26.53 -3.96
C PRO A 80 -36.86 26.95 -4.12
N LEU A 81 -35.97 26.42 -3.28
CA LEU A 81 -34.55 26.74 -3.35
C LEU A 81 -33.97 26.33 -4.70
N ARG A 82 -34.39 25.16 -5.18
CA ARG A 82 -33.93 24.67 -6.47
C ARG A 82 -34.47 25.57 -7.56
N ALA A 83 -35.67 26.09 -7.36
CA ALA A 83 -36.29 26.99 -8.32
C ALA A 83 -35.53 28.31 -8.36
N GLU A 84 -35.18 28.82 -7.18
CA GLU A 84 -34.43 30.06 -7.07
C GLU A 84 -33.08 29.90 -7.75
N LEU A 85 -32.42 28.78 -7.46
CA LEU A 85 -31.13 28.48 -8.04
C LEU A 85 -31.26 28.25 -9.54
N GLN A 86 -32.36 27.65 -9.95
CA GLN A 86 -32.63 27.37 -11.35
C GLN A 86 -32.82 28.68 -12.11
N GLU A 87 -33.74 29.51 -11.63
CA GLU A 87 -34.01 30.80 -12.25
C GLU A 87 -32.75 31.64 -12.25
N GLY A 88 -32.03 31.62 -11.13
CA GLY A 88 -30.80 32.36 -11.02
C GLY A 88 -29.75 31.83 -11.98
N ALA A 89 -29.64 30.52 -12.05
CA ALA A 89 -28.67 29.88 -12.94
C ALA A 89 -28.99 30.22 -14.38
N ARG A 90 -30.27 30.21 -14.72
CA ARG A 90 -30.71 30.54 -16.07
C ARG A 90 -30.26 31.95 -16.42
N GLN A 91 -30.41 32.87 -15.48
CA GLN A 91 -30.01 34.26 -15.68
C GLN A 91 -28.49 34.36 -15.78
N LYS A 92 -27.81 33.76 -14.83
CA LYS A 92 -26.35 33.78 -14.79
C LYS A 92 -25.76 33.14 -16.05
N LEU A 93 -26.32 32.02 -16.46
CA LEU A 93 -25.87 31.34 -17.67
C LEU A 93 -26.30 32.11 -18.91
N HIS A 94 -27.43 32.80 -18.80
CA HIS A 94 -27.95 33.60 -19.90
C HIS A 94 -26.96 34.69 -20.25
N GLU A 95 -26.62 35.50 -19.24
CA GLU A 95 -25.67 36.59 -19.44
C GLU A 95 -24.31 36.04 -19.85
N LEU A 96 -23.93 34.89 -19.29
CA LEU A 96 -22.66 34.27 -19.62
C LEU A 96 -22.62 33.91 -21.10
N GLN A 97 -23.67 33.26 -21.58
CA GLN A 97 -23.77 32.89 -23.00
C GLN A 97 -23.87 34.14 -23.86
N GLU A 98 -24.61 35.12 -23.37
CA GLU A 98 -24.80 36.39 -24.08
C GLU A 98 -23.48 37.13 -24.21
N LYS A 99 -22.53 36.81 -23.33
CA LYS A 99 -21.22 37.43 -23.38
C LYS A 99 -20.24 36.53 -24.11
N LEU A 100 -20.46 35.23 -24.00
CA LEU A 100 -19.61 34.24 -24.67
C LEU A 100 -19.72 34.39 -26.18
N SER A 101 -20.79 35.02 -26.64
CA SER A 101 -21.00 35.23 -28.06
C SER A 101 -20.10 36.37 -28.58
N PRO A 102 -20.35 37.65 -28.18
CA PRO A 102 -19.53 38.78 -28.64
C PRO A 102 -18.11 38.73 -28.08
N LEU A 103 -17.98 38.64 -26.76
CA LEU A 103 -16.67 38.58 -26.12
C LEU A 103 -15.92 37.31 -26.50
N GLY A 104 -16.66 36.35 -27.05
CA GLY A 104 -16.06 35.11 -27.49
C GLY A 104 -15.57 35.25 -28.92
N GLU A 105 -16.43 35.78 -29.78
CA GLU A 105 -16.08 35.99 -31.18
C GLU A 105 -15.00 37.04 -31.29
N GLU A 106 -15.11 38.09 -30.49
CA GLU A 106 -14.13 39.17 -30.48
C GLU A 106 -12.80 38.64 -30.01
N MET A 107 -12.84 37.70 -29.06
CA MET A 107 -11.63 37.08 -28.55
C MET A 107 -10.96 36.30 -29.68
N ARG A 108 -11.78 35.73 -30.54
CA ARG A 108 -11.31 34.97 -31.69
C ARG A 108 -10.82 35.93 -32.76
N ASP A 109 -11.49 37.07 -32.89
CA ASP A 109 -11.10 38.09 -33.87
C ASP A 109 -9.74 38.66 -33.47
N ARG A 110 -9.56 38.84 -32.16
CA ARG A 110 -8.30 39.33 -31.62
C ARG A 110 -7.26 38.23 -31.72
N ALA A 111 -7.72 36.99 -31.58
CA ALA A 111 -6.85 35.82 -31.68
C ALA A 111 -6.34 35.69 -33.11
N ARG A 112 -7.18 36.09 -34.06
CA ARG A 112 -6.81 36.06 -35.46
C ARG A 112 -5.58 36.92 -35.67
N ALA A 113 -5.64 38.15 -35.16
CA ALA A 113 -4.51 39.07 -35.25
C ALA A 113 -3.35 38.55 -34.42
N HIS A 114 -3.69 38.01 -33.25
CA HIS A 114 -2.71 37.44 -32.34
C HIS A 114 -1.83 36.40 -33.07
N VAL A 115 -2.50 35.44 -33.70
CA VAL A 115 -1.81 34.37 -34.42
C VAL A 115 -1.29 34.85 -35.78
N ASP A 116 -2.07 35.68 -36.47
CA ASP A 116 -1.66 36.19 -37.77
C ASP A 116 -0.37 37.00 -37.67
N ALA A 117 -0.31 37.86 -36.65
CA ALA A 117 0.87 38.67 -36.41
C ALA A 117 2.03 37.74 -36.07
N LEU A 118 1.69 36.62 -35.43
CA LEU A 118 2.68 35.63 -35.07
C LEU A 118 3.19 34.94 -36.32
N ARG A 119 2.31 34.76 -37.30
CA ARG A 119 2.69 34.12 -38.56
C ARG A 119 3.71 34.98 -39.27
N THR A 120 3.36 36.25 -39.45
CA THR A 120 4.23 37.21 -40.12
C THR A 120 5.49 37.52 -39.30
N HIS A 121 5.55 37.01 -38.08
CA HIS A 121 6.70 37.21 -37.22
C HIS A 121 7.54 35.95 -37.11
N LEU A 122 6.89 34.83 -36.84
CA LEU A 122 7.57 33.55 -36.72
C LEU A 122 8.19 33.10 -38.02
N ALA A 123 7.53 33.42 -39.13
CA ALA A 123 8.06 33.04 -40.45
C ALA A 123 9.46 33.60 -40.70
N PRO A 124 9.65 34.94 -40.67
CA PRO A 124 10.97 35.53 -40.87
C PRO A 124 11.92 35.17 -39.73
N TYR A 125 11.38 35.09 -38.51
CA TYR A 125 12.18 34.75 -37.34
C TYR A 125 12.79 33.37 -37.49
N SER A 126 11.96 32.38 -37.84
CA SER A 126 12.44 31.01 -38.02
C SER A 126 13.39 30.92 -39.19
N ASP A 127 13.10 31.69 -40.26
CA ASP A 127 13.96 31.71 -41.43
C ASP A 127 15.34 32.25 -41.05
N GLU A 128 15.33 33.34 -40.29
CA GLU A 128 16.57 33.93 -39.83
C GLU A 128 17.23 32.99 -38.83
N LEU A 129 16.42 32.29 -38.04
CA LEU A 129 16.93 31.33 -37.08
C LEU A 129 17.67 30.23 -37.82
N ARG A 130 17.17 29.88 -39.00
CA ARG A 130 17.80 28.88 -39.84
C ARG A 130 19.14 29.40 -40.31
N GLN A 131 19.16 30.66 -40.72
CA GLN A 131 20.38 31.32 -41.16
C GLN A 131 21.39 31.36 -40.02
N ARG A 132 20.89 31.67 -38.82
CA ARG A 132 21.72 31.72 -37.63
C ARG A 132 22.25 30.32 -37.34
N LEU A 133 21.34 29.33 -37.36
CA LEU A 133 21.71 27.95 -37.12
C LEU A 133 22.73 27.49 -38.14
N ALA A 134 22.55 27.91 -39.39
CA ALA A 134 23.48 27.55 -40.45
C ALA A 134 24.85 28.15 -40.14
N ALA A 135 24.87 29.42 -39.75
CA ALA A 135 26.11 30.10 -39.40
C ALA A 135 26.75 29.45 -38.18
N ARG A 136 25.92 29.12 -37.20
CA ARG A 136 26.37 28.47 -35.97
C ARG A 136 26.93 27.09 -36.30
N LEU A 137 26.14 26.29 -37.00
CA LEU A 137 26.54 24.94 -37.38
C LEU A 137 27.77 24.95 -38.26
N GLU A 138 27.85 25.88 -39.21
CA GLU A 138 29.01 25.98 -40.08
C GLU A 138 30.26 26.27 -39.27
N ALA A 139 30.13 27.13 -38.28
CA ALA A 139 31.25 27.48 -37.42
C ALA A 139 31.57 26.30 -36.52
N LEU A 140 30.54 25.73 -35.92
CA LEU A 140 30.69 24.59 -35.01
C LEU A 140 31.22 23.36 -35.74
N LYS A 141 30.91 23.23 -37.02
CA LYS A 141 31.40 22.11 -37.82
C LYS A 141 32.89 22.22 -38.02
N GLU A 142 33.34 23.39 -38.48
CA GLU A 142 34.76 23.63 -38.71
C GLU A 142 35.49 23.63 -37.37
N ASN A 143 34.87 24.28 -36.39
CA ASN A 143 35.43 24.37 -35.04
C ASN A 143 35.54 22.97 -34.46
N GLY A 144 34.44 22.23 -34.55
CA GLY A 144 34.39 20.87 -34.05
C GLY A 144 35.36 19.96 -34.77
N GLY A 145 35.44 20.13 -36.09
CA GLY A 145 36.36 19.34 -36.89
C GLY A 145 37.79 19.55 -36.44
N ALA A 146 38.12 20.81 -36.16
CA ALA A 146 39.45 21.15 -35.68
C ALA A 146 39.67 20.53 -34.30
N ARG A 147 38.62 20.60 -33.48
CA ARG A 147 38.66 20.04 -32.14
C ARG A 147 38.84 18.53 -32.20
N LEU A 148 38.14 17.89 -33.14
CA LEU A 148 38.23 16.45 -33.32
C LEU A 148 39.63 16.07 -33.76
N ALA A 149 40.19 16.85 -34.68
CA ALA A 149 41.55 16.62 -35.16
C ALA A 149 42.50 16.72 -33.98
N GLU A 150 42.26 17.73 -33.15
CA GLU A 150 43.06 17.94 -31.95
C GLU A 150 42.85 16.80 -30.97
N TYR A 151 41.60 16.40 -30.77
CA TYR A 151 41.25 15.31 -29.87
C TYR A 151 42.01 14.05 -30.25
N HIS A 152 42.14 13.82 -31.55
CA HIS A 152 42.87 12.66 -32.04
C HIS A 152 44.32 12.72 -31.55
N ALA A 153 44.89 13.91 -31.60
CA ALA A 153 46.27 14.11 -31.15
C ALA A 153 46.35 14.05 -29.64
N LYS A 154 45.40 14.71 -28.98
CA LYS A 154 45.35 14.74 -27.52
C LYS A 154 45.21 13.33 -26.97
N ALA A 155 44.44 12.50 -27.69
CA ALA A 155 44.23 11.11 -27.29
C ALA A 155 45.46 10.28 -27.64
N THR A 156 46.02 10.50 -28.81
CA THR A 156 47.21 9.77 -29.24
C THR A 156 48.39 10.08 -28.32
N GLU A 157 48.56 11.36 -28.01
CA GLU A 157 49.63 11.79 -27.13
C GLU A 157 49.35 11.39 -25.69
N HIS A 158 48.11 11.00 -25.43
CA HIS A 158 47.73 10.52 -24.12
C HIS A 158 47.99 9.03 -24.06
N LEU A 159 47.76 8.38 -25.19
CA LEU A 159 47.96 6.94 -25.32
C LEU A 159 49.45 6.62 -25.39
N SER A 160 50.23 7.52 -25.98
CA SER A 160 51.66 7.32 -26.09
C SER A 160 52.28 7.35 -24.69
N THR A 161 51.74 8.21 -23.84
CA THR A 161 52.20 8.32 -22.48
C THR A 161 51.50 7.27 -21.61
N LEU A 162 50.36 6.78 -22.11
CA LEU A 162 49.61 5.75 -21.41
C LEU A 162 50.26 4.40 -21.61
N SER A 163 50.83 4.18 -22.78
CA SER A 163 51.52 2.92 -23.06
C SER A 163 52.79 2.89 -22.20
N GLU A 164 53.32 4.08 -21.93
CA GLU A 164 54.49 4.25 -21.09
C GLU A 164 54.11 4.10 -19.62
N LYS A 165 52.85 3.73 -19.41
CA LYS A 165 52.33 3.49 -18.08
C LYS A 165 51.81 2.06 -18.03
N ALA A 166 51.10 1.66 -19.09
CA ALA A 166 50.56 0.32 -19.21
C ALA A 166 51.68 -0.73 -19.30
N LYS A 167 52.88 -0.28 -19.60
CA LYS A 167 54.02 -1.17 -19.69
C LYS A 167 54.90 -1.07 -18.44
N PRO A 168 55.65 0.06 -18.24
CA PRO A 168 56.53 0.23 -17.08
C PRO A 168 55.79 0.15 -15.74
N ALA A 169 54.67 0.86 -15.62
CA ALA A 169 53.91 0.86 -14.38
C ALA A 169 53.29 -0.52 -14.10
N LEU A 170 52.81 -1.19 -15.14
CA LEU A 170 52.23 -2.51 -14.96
C LEU A 170 53.32 -3.52 -14.63
N GLU A 171 54.48 -3.37 -15.26
CA GLU A 171 55.61 -4.24 -15.00
C GLU A 171 56.05 -4.04 -13.56
N ASP A 172 55.99 -2.78 -13.13
CA ASP A 172 56.36 -2.42 -11.76
C ASP A 172 55.33 -2.96 -10.80
N LEU A 173 54.05 -2.84 -11.16
CA LEU A 173 52.96 -3.33 -10.33
C LEU A 173 53.05 -4.85 -10.19
N ARG A 174 53.36 -5.53 -11.29
CA ARG A 174 53.49 -6.98 -11.26
C ARG A 174 54.73 -7.35 -10.45
N GLN A 175 55.76 -6.51 -10.57
CA GLN A 175 57.00 -6.73 -9.83
C GLN A 175 56.78 -6.49 -8.36
N GLY A 176 55.71 -5.77 -8.04
CA GLY A 176 55.34 -5.49 -6.67
C GLY A 176 54.44 -6.61 -6.17
N LEU A 177 53.52 -7.03 -7.02
CA LEU A 177 52.57 -8.10 -6.71
C LEU A 177 53.28 -9.37 -6.26
N LEU A 178 54.37 -9.73 -6.94
CA LEU A 178 55.12 -10.93 -6.58
C LEU A 178 55.55 -10.95 -5.09
N PRO A 179 56.43 -10.03 -4.65
CA PRO A 179 56.85 -9.99 -3.25
C PRO A 179 55.72 -9.63 -2.31
N VAL A 180 54.86 -8.70 -2.73
CA VAL A 180 53.72 -8.28 -1.91
C VAL A 180 52.78 -9.44 -1.60
N LEU A 181 52.32 -10.13 -2.64
CA LEU A 181 51.43 -11.26 -2.46
C LEU A 181 52.11 -12.37 -1.67
N GLU A 182 53.40 -12.56 -1.91
CA GLU A 182 54.16 -13.58 -1.20
C GLU A 182 54.21 -13.25 0.29
N SER A 183 54.56 -12.00 0.61
CA SER A 183 54.63 -11.56 1.99
C SER A 183 53.26 -11.67 2.64
N PHE A 184 52.22 -11.32 1.87
CA PHE A 184 50.85 -11.40 2.36
C PHE A 184 50.48 -12.84 2.64
N LYS A 185 50.82 -13.73 1.71
CA LYS A 185 50.52 -15.15 1.87
C LYS A 185 51.24 -15.73 3.08
N VAL A 186 52.52 -15.37 3.23
CA VAL A 186 53.31 -15.83 4.38
C VAL A 186 52.64 -15.42 5.67
N SER A 187 52.21 -14.17 5.72
CA SER A 187 51.54 -13.62 6.90
C SER A 187 50.15 -14.23 7.08
N PHE A 188 49.47 -14.50 5.98
CA PHE A 188 48.14 -15.10 6.01
C PHE A 188 48.21 -16.53 6.54
N LEU A 189 49.14 -17.30 6.02
CA LEU A 189 49.31 -18.69 6.43
C LEU A 189 49.65 -18.81 7.91
N SER A 190 50.39 -17.83 8.43
CA SER A 190 50.78 -17.85 9.83
C SER A 190 49.67 -17.26 10.71
N ALA A 191 48.78 -16.50 10.10
CA ALA A 191 47.67 -15.91 10.83
C ALA A 191 46.46 -16.84 10.87
N LEU A 192 46.19 -17.48 9.74
CA LEU A 192 45.07 -18.41 9.63
C LEU A 192 45.23 -19.58 10.58
N GLU A 193 46.46 -20.11 10.65
CA GLU A 193 46.73 -21.24 11.53
C GLU A 193 46.55 -20.84 12.99
N GLU A 194 46.87 -19.58 13.28
CA GLU A 194 46.76 -19.04 14.63
C GLU A 194 45.29 -18.78 14.96
N TYR A 195 44.53 -18.38 13.94
CA TYR A 195 43.12 -18.09 14.09
C TYR A 195 42.35 -19.36 14.50
N THR A 196 42.46 -20.40 13.69
CA THR A 196 41.76 -21.64 13.95
C THR A 196 42.34 -22.36 15.17
N LYS A 197 43.53 -21.95 15.58
CA LYS A 197 44.20 -22.55 16.72
C LYS A 197 43.56 -22.11 18.04
N LYS A 198 42.89 -20.97 18.03
CA LYS A 198 42.24 -20.45 19.22
C LYS A 198 40.88 -21.09 19.46
N LEU A 199 40.10 -21.20 18.39
CA LEU A 199 38.77 -21.79 18.47
C LEU A 199 38.77 -23.25 18.03
N ASN A 200 39.58 -24.04 18.70
CA ASN A 200 39.68 -25.47 18.39
C ASN A 200 40.34 -26.24 19.51
N LEU B 3 57.30 -2.58 1.73
CA LEU B 3 58.69 -2.26 2.02
C LEU B 3 59.27 -1.45 0.87
N LYS B 4 58.86 -1.78 -0.34
CA LYS B 4 59.34 -1.10 -1.53
C LYS B 4 58.52 0.16 -1.82
N LEU B 5 58.16 0.88 -0.77
CA LEU B 5 57.37 2.11 -0.90
C LEU B 5 58.12 3.16 -1.69
N LEU B 6 59.44 3.14 -1.56
CA LEU B 6 60.28 4.09 -2.28
C LEU B 6 60.22 3.80 -3.77
N ASP B 7 60.18 2.50 -4.12
CA ASP B 7 60.11 2.07 -5.51
C ASP B 7 58.71 2.33 -6.06
N ASN B 8 57.70 1.99 -5.27
CA ASN B 8 56.31 2.20 -5.65
C ASN B 8 56.06 3.67 -5.92
N TRP B 9 56.55 4.51 -5.01
CA TRP B 9 56.39 5.96 -5.15
C TRP B 9 57.17 6.48 -6.34
N ASP B 10 58.28 5.80 -6.66
CA ASP B 10 59.10 6.19 -7.80
C ASP B 10 58.31 6.02 -9.09
N SER B 11 57.60 4.88 -9.19
CA SER B 11 56.78 4.60 -10.34
C SER B 11 55.72 5.68 -10.49
N VAL B 12 55.20 6.14 -9.35
CA VAL B 12 54.19 7.20 -9.32
C VAL B 12 54.83 8.53 -9.70
N THR B 13 56.09 8.72 -9.28
CA THR B 13 56.81 9.94 -9.61
C THR B 13 57.07 10.01 -11.10
N SER B 14 57.46 8.87 -11.70
CA SER B 14 57.73 8.80 -13.12
C SER B 14 56.45 9.03 -13.92
N THR B 15 55.32 8.59 -13.38
CA THR B 15 54.05 8.78 -14.06
C THR B 15 53.55 10.21 -13.86
N PHE B 16 53.89 10.80 -12.72
CA PHE B 16 53.50 12.17 -12.42
C PHE B 16 54.17 13.15 -13.38
N SER B 17 55.45 12.91 -13.65
CA SER B 17 56.19 13.76 -14.57
C SER B 17 55.56 13.63 -15.96
N LYS B 18 55.23 12.39 -16.32
CA LYS B 18 54.60 12.12 -17.61
C LYS B 18 53.26 12.86 -17.69
N LEU B 19 52.54 12.90 -16.57
CA LEU B 19 51.25 13.59 -16.49
C LEU B 19 51.44 15.06 -16.80
N ARG B 20 52.47 15.65 -16.21
CA ARG B 20 52.78 17.06 -16.41
C ARG B 20 53.18 17.31 -17.87
N GLU B 21 53.81 16.30 -18.46
CA GLU B 21 54.21 16.38 -19.86
C GLU B 21 52.97 16.37 -20.74
N GLN B 22 51.95 15.60 -20.32
CA GLN B 22 50.68 15.56 -21.05
C GLN B 22 49.98 16.89 -20.84
N LEU B 23 50.22 17.48 -19.67
CA LEU B 23 49.64 18.77 -19.33
C LEU B 23 50.43 19.91 -19.99
N GLY B 24 51.31 19.54 -20.90
CA GLY B 24 52.11 20.52 -21.60
C GLY B 24 51.52 20.84 -22.96
N PRO B 25 52.01 20.19 -24.02
CA PRO B 25 51.52 20.42 -25.39
C PRO B 25 50.01 20.21 -25.52
N VAL B 26 49.49 19.21 -24.81
CA VAL B 26 48.05 18.90 -24.86
C VAL B 26 47.22 20.07 -24.34
N THR B 27 47.68 20.74 -23.29
CA THR B 27 46.94 21.87 -22.74
C THR B 27 47.19 23.12 -23.59
N GLN B 28 48.38 23.19 -24.18
CA GLN B 28 48.73 24.32 -25.04
C GLN B 28 47.79 24.33 -26.24
N GLU B 29 47.67 23.18 -26.89
CA GLU B 29 46.77 23.06 -28.03
C GLU B 29 45.33 23.18 -27.57
N PHE B 30 45.08 22.85 -26.30
CA PHE B 30 43.75 22.96 -25.73
C PHE B 30 43.42 24.43 -25.55
N TRP B 31 44.43 25.24 -25.30
CA TRP B 31 44.24 26.68 -25.15
C TRP B 31 44.04 27.28 -26.54
N ASP B 32 44.66 26.65 -27.53
CA ASP B 32 44.50 27.07 -28.91
C ASP B 32 43.12 26.62 -29.38
N ASN B 33 42.61 25.59 -28.70
CA ASN B 33 41.29 25.06 -28.94
C ASN B 33 40.29 26.05 -28.40
N LEU B 34 40.61 26.55 -27.20
CA LEU B 34 39.79 27.56 -26.53
C LEU B 34 39.78 28.84 -27.36
N GLU B 35 40.88 29.06 -28.09
CA GLU B 35 40.99 30.20 -28.97
C GLU B 35 39.95 30.06 -30.08
N LYS B 36 39.88 28.86 -30.65
CA LYS B 36 38.92 28.57 -31.70
C LYS B 36 37.51 28.62 -31.11
N GLU B 37 37.39 28.16 -29.86
CA GLU B 37 36.12 28.18 -29.14
C GLU B 37 35.63 29.62 -29.05
N THR B 38 36.44 30.46 -28.44
CA THR B 38 36.12 31.87 -28.26
C THR B 38 35.99 32.60 -29.59
N GLU B 39 36.93 32.37 -30.51
CA GLU B 39 36.87 33.03 -31.82
C GLU B 39 35.60 32.68 -32.57
N GLY B 40 35.30 31.39 -32.64
CA GLY B 40 34.10 30.95 -33.32
C GLY B 40 32.88 31.51 -32.64
N LEU B 41 32.84 31.39 -31.32
CA LEU B 41 31.74 31.90 -30.52
C LEU B 41 31.63 33.41 -30.65
N ARG B 42 32.74 34.08 -30.93
CA ARG B 42 32.74 35.52 -31.09
C ARG B 42 31.98 35.89 -32.36
N GLN B 43 32.30 35.18 -33.44
CA GLN B 43 31.64 35.40 -34.73
C GLN B 43 30.18 35.00 -34.62
N GLU B 44 29.92 33.94 -33.87
CA GLU B 44 28.58 33.44 -33.66
C GLU B 44 27.76 34.36 -32.75
N MET B 45 28.29 34.64 -31.57
CA MET B 45 27.62 35.46 -30.58
C MET B 45 27.40 36.90 -31.03
N SER B 46 28.33 37.46 -31.81
CA SER B 46 28.16 38.82 -32.29
C SER B 46 26.89 38.93 -33.12
N LYS B 47 26.77 38.05 -34.11
CA LYS B 47 25.59 38.03 -34.96
C LYS B 47 24.38 37.52 -34.19
N ASP B 48 24.62 36.54 -33.32
CA ASP B 48 23.56 35.95 -32.49
C ASP B 48 22.88 37.03 -31.66
N LEU B 49 23.66 37.70 -30.83
CA LEU B 49 23.14 38.76 -29.96
C LEU B 49 22.62 39.94 -30.77
N GLU B 50 23.32 40.28 -31.86
CA GLU B 50 22.89 41.38 -32.72
C GLU B 50 21.50 41.08 -33.25
N GLU B 51 21.33 39.86 -33.73
CA GLU B 51 20.04 39.42 -34.26
C GLU B 51 19.01 39.29 -33.16
N VAL B 52 19.47 38.99 -31.95
CA VAL B 52 18.58 38.87 -30.81
C VAL B 52 17.98 40.25 -30.53
N LYS B 53 18.83 41.26 -30.57
CA LYS B 53 18.39 42.63 -30.34
C LYS B 53 17.54 43.11 -31.52
N ALA B 54 18.04 42.86 -32.72
CA ALA B 54 17.35 43.25 -33.95
C ALA B 54 15.98 42.60 -34.08
N LYS B 55 15.83 41.43 -33.46
CA LYS B 55 14.56 40.71 -33.50
C LYS B 55 13.75 40.93 -32.24
N VAL B 56 14.41 41.33 -31.15
CA VAL B 56 13.70 41.57 -29.90
C VAL B 56 12.90 42.86 -29.98
N GLN B 57 13.40 43.83 -30.74
CA GLN B 57 12.70 45.10 -30.91
C GLN B 57 11.30 44.87 -31.51
N PRO B 58 11.20 44.23 -32.70
CA PRO B 58 9.90 43.94 -33.31
C PRO B 58 9.14 42.86 -32.54
N TYR B 59 9.87 42.06 -31.76
CA TYR B 59 9.25 41.00 -30.96
C TYR B 59 8.52 41.60 -29.77
N LEU B 60 9.22 42.49 -29.06
CA LEU B 60 8.63 43.14 -27.89
C LEU B 60 7.50 44.04 -28.35
N ASP B 61 7.65 44.59 -29.56
CA ASP B 61 6.63 45.45 -30.15
C ASP B 61 5.38 44.63 -30.45
N ASP B 62 5.59 43.50 -31.11
CA ASP B 62 4.51 42.59 -31.47
C ASP B 62 3.85 42.04 -30.20
N PHE B 63 4.69 41.65 -29.24
CA PHE B 63 4.21 41.12 -27.97
C PHE B 63 3.44 42.20 -27.23
N GLN B 64 3.93 43.43 -27.27
CA GLN B 64 3.28 44.56 -26.63
C GLN B 64 1.91 44.79 -27.26
N LYS B 65 1.87 44.79 -28.59
CA LYS B 65 0.61 44.98 -29.31
C LYS B 65 -0.38 43.91 -28.91
N LYS B 66 0.08 42.66 -28.88
CA LYS B 66 -0.76 41.54 -28.48
C LYS B 66 -1.17 41.70 -27.03
N TRP B 67 -0.25 42.19 -26.20
CA TRP B 67 -0.51 42.42 -24.79
C TRP B 67 -1.60 43.47 -24.65
N GLN B 68 -1.55 44.48 -25.51
CA GLN B 68 -2.55 45.54 -25.52
C GLN B 68 -3.91 44.96 -25.88
N GLU B 69 -3.90 44.07 -26.88
CA GLU B 69 -5.13 43.41 -27.33
C GLU B 69 -5.78 42.67 -26.18
N GLU B 70 -4.98 41.89 -25.46
CA GLU B 70 -5.48 41.12 -24.34
C GLU B 70 -5.74 41.98 -23.10
N MET B 71 -4.90 42.99 -22.87
CA MET B 71 -5.08 43.87 -21.73
C MET B 71 -6.42 44.59 -21.82
N GLU B 72 -6.67 45.17 -22.98
CA GLU B 72 -7.92 45.87 -23.22
C GLU B 72 -9.06 44.85 -23.25
N LEU B 73 -8.78 43.72 -23.88
CA LEU B 73 -9.74 42.62 -23.99
C LEU B 73 -10.18 42.18 -22.59
N TYR B 74 -9.20 42.00 -21.71
CA TYR B 74 -9.46 41.59 -20.34
C TYR B 74 -10.22 42.69 -19.61
N ARG B 75 -9.81 43.94 -19.82
CA ARG B 75 -10.48 45.05 -19.17
C ARG B 75 -11.94 45.14 -19.60
N GLN B 76 -12.17 45.01 -20.90
CA GLN B 76 -13.53 45.09 -21.44
C GLN B 76 -14.28 43.77 -21.29
N LYS B 77 -13.64 42.81 -20.65
CA LYS B 77 -14.27 41.51 -20.42
C LYS B 77 -14.53 41.32 -18.93
N VAL B 78 -13.48 41.48 -18.14
CA VAL B 78 -13.56 41.33 -16.70
C VAL B 78 -14.39 42.44 -16.06
N GLU B 79 -14.39 43.63 -16.67
CA GLU B 79 -15.18 44.74 -16.13
C GLU B 79 -16.67 44.40 -16.10
N PRO B 80 -17.30 44.13 -17.26
CA PRO B 80 -18.72 43.76 -17.29
C PRO B 80 -18.94 42.44 -16.56
N LEU B 81 -17.93 41.57 -16.56
CA LEU B 81 -18.00 40.29 -15.88
C LEU B 81 -18.02 40.52 -14.38
N ARG B 82 -17.32 41.55 -13.92
CA ARG B 82 -17.28 41.89 -12.51
C ARG B 82 -18.66 42.38 -12.10
N ALA B 83 -19.37 42.97 -13.05
CA ALA B 83 -20.72 43.44 -12.81
C ALA B 83 -21.63 42.22 -12.64
N GLU B 84 -21.44 41.25 -13.53
CA GLU B 84 -22.21 40.00 -13.46
C GLU B 84 -21.83 39.27 -12.18
N LEU B 85 -20.54 39.32 -11.84
CA LEU B 85 -20.02 38.69 -10.64
C LEU B 85 -20.29 39.55 -9.41
N GLN B 86 -21.15 40.54 -9.57
CA GLN B 86 -21.53 41.43 -8.48
C GLN B 86 -23.04 41.42 -8.35
N GLU B 87 -23.72 41.74 -9.44
CA GLU B 87 -25.18 41.75 -9.45
C GLU B 87 -25.68 40.31 -9.40
N GLY B 88 -25.06 39.46 -10.22
CA GLY B 88 -25.41 38.06 -10.24
C GLY B 88 -24.97 37.40 -8.95
N ALA B 89 -23.88 37.92 -8.39
CA ALA B 89 -23.36 37.41 -7.13
C ALA B 89 -24.25 37.89 -6.00
N ARG B 90 -24.82 39.07 -6.15
CA ARG B 90 -25.72 39.61 -5.15
C ARG B 90 -26.95 38.74 -5.11
N GLN B 91 -27.36 38.25 -6.27
CA GLN B 91 -28.49 37.35 -6.36
C GLN B 91 -28.13 36.07 -5.64
N LYS B 92 -26.89 35.63 -5.85
CA LYS B 92 -26.38 34.42 -5.20
C LYS B 92 -26.32 34.63 -3.69
N LEU B 93 -25.87 35.82 -3.29
CA LEU B 93 -25.79 36.18 -1.88
C LEU B 93 -27.18 36.23 -1.28
N HIS B 94 -28.11 36.82 -2.02
CA HIS B 94 -29.50 36.92 -1.58
C HIS B 94 -30.11 35.52 -1.56
N GLU B 95 -29.71 34.71 -2.54
CA GLU B 95 -30.16 33.33 -2.61
C GLU B 95 -29.73 32.63 -1.33
N LEU B 96 -28.49 32.89 -0.94
CA LEU B 96 -27.95 32.31 0.29
C LEU B 96 -28.66 32.90 1.51
N GLN B 97 -28.95 34.20 1.46
CA GLN B 97 -29.64 34.88 2.56
C GLN B 97 -31.00 34.23 2.83
N GLU B 98 -31.75 34.00 1.76
CA GLU B 98 -33.08 33.40 1.88
C GLU B 98 -33.00 31.92 2.26
N LYS B 99 -31.79 31.41 2.39
CA LYS B 99 -31.59 30.02 2.76
C LYS B 99 -30.96 29.93 4.15
N LEU B 100 -29.88 30.67 4.36
CA LEU B 100 -29.17 30.67 5.63
C LEU B 100 -30.03 31.19 6.77
N SER B 101 -30.90 32.15 6.49
CA SER B 101 -31.77 32.71 7.51
C SER B 101 -32.81 31.68 8.00
N PRO B 102 -33.72 31.20 7.12
CA PRO B 102 -34.73 30.21 7.51
C PRO B 102 -34.10 28.91 8.02
N LEU B 103 -33.13 28.40 7.27
CA LEU B 103 -32.46 27.16 7.65
C LEU B 103 -31.63 27.36 8.91
N GLY B 104 -31.10 28.56 9.10
CA GLY B 104 -30.30 28.84 10.27
C GLY B 104 -31.13 28.85 11.52
N GLU B 105 -32.23 29.59 11.49
CA GLU B 105 -33.13 29.65 12.62
C GLU B 105 -33.80 28.30 12.85
N GLU B 106 -34.01 27.57 11.75
CA GLU B 106 -34.60 26.25 11.82
C GLU B 106 -33.58 25.29 12.43
N MET B 107 -32.32 25.46 12.06
CA MET B 107 -31.22 24.65 12.58
C MET B 107 -31.10 24.83 14.08
N ARG B 108 -31.28 26.08 14.53
CA ARG B 108 -31.23 26.37 15.96
C ARG B 108 -32.32 25.60 16.69
N ASP B 109 -33.47 25.49 16.05
CA ASP B 109 -34.59 24.75 16.61
C ASP B 109 -34.33 23.27 16.52
N ARG B 110 -33.68 22.85 15.41
CA ARG B 110 -33.34 21.45 15.21
C ARG B 110 -32.39 21.03 16.31
N ALA B 111 -31.51 21.94 16.71
CA ALA B 111 -30.56 21.69 17.78
C ALA B 111 -31.30 21.54 19.10
N ARG B 112 -32.38 22.30 19.26
CA ARG B 112 -33.18 22.24 20.47
C ARG B 112 -33.97 20.93 20.48
N ALA B 113 -34.11 20.34 19.31
CA ALA B 113 -34.82 19.08 19.17
C ALA B 113 -33.84 17.92 19.09
N HIS B 114 -32.54 18.24 19.12
CA HIS B 114 -31.50 17.22 19.07
C HIS B 114 -30.61 17.29 20.29
N VAL B 115 -29.83 18.36 20.37
CA VAL B 115 -28.90 18.57 21.48
C VAL B 115 -29.65 18.67 22.81
N ASP B 116 -30.70 19.49 22.84
CA ASP B 116 -31.50 19.66 24.05
C ASP B 116 -32.18 18.37 24.44
N ALA B 117 -32.57 17.59 23.43
CA ALA B 117 -33.21 16.30 23.65
C ALA B 117 -32.17 15.33 24.18
N LEU B 118 -30.96 15.44 23.64
CA LEU B 118 -29.85 14.61 24.06
C LEU B 118 -29.45 14.94 25.49
N ARG B 119 -29.65 16.19 25.88
CA ARG B 119 -29.33 16.63 27.24
C ARG B 119 -30.10 15.79 28.25
N THR B 120 -31.39 15.66 28.01
CA THR B 120 -32.26 14.88 28.89
C THR B 120 -32.15 13.39 28.60
N HIS B 121 -31.22 13.03 27.73
CA HIS B 121 -31.01 11.63 27.36
C HIS B 121 -29.65 11.15 27.84
N LEU B 122 -28.65 12.02 27.67
CA LEU B 122 -27.29 11.72 28.08
C LEU B 122 -27.11 11.91 29.57
N ALA B 123 -27.85 12.86 30.15
CA ALA B 123 -27.77 13.10 31.59
C ALA B 123 -28.12 11.82 32.36
N PRO B 124 -29.33 11.24 32.14
CA PRO B 124 -29.71 9.99 32.83
C PRO B 124 -28.79 8.86 32.38
N TYR B 125 -28.31 8.93 31.14
CA TYR B 125 -27.41 7.91 30.62
C TYR B 125 -26.10 7.93 31.40
N SER B 126 -25.66 9.14 31.76
CA SER B 126 -24.43 9.29 32.54
C SER B 126 -24.68 8.74 33.93
N ASP B 127 -25.91 8.90 34.41
CA ASP B 127 -26.31 8.39 35.72
C ASP B 127 -26.26 6.87 35.67
N GLU B 128 -26.77 6.32 34.57
CA GLU B 128 -26.77 4.88 34.36
C GLU B 128 -25.33 4.41 34.25
N LEU B 129 -24.52 5.18 33.53
CA LEU B 129 -23.11 4.87 33.36
C LEU B 129 -22.42 4.85 34.71
N ARG B 130 -22.75 5.83 35.55
CA ARG B 130 -22.18 5.91 36.89
C ARG B 130 -22.58 4.70 37.71
N GLN B 131 -23.83 4.27 37.53
CA GLN B 131 -24.34 3.11 38.24
C GLN B 131 -23.61 1.84 37.81
N ARG B 132 -23.42 1.70 36.51
CA ARG B 132 -22.74 0.55 35.94
C ARG B 132 -21.25 0.61 36.26
N LEU B 133 -20.65 1.78 36.05
CA LEU B 133 -19.23 1.97 36.32
C LEU B 133 -18.91 1.76 37.79
N ALA B 134 -19.88 2.08 38.65
CA ALA B 134 -19.70 1.89 40.08
C ALA B 134 -19.55 0.40 40.37
N ALA B 135 -20.41 -0.39 39.74
CA ALA B 135 -20.38 -1.84 39.90
C ALA B 135 -19.09 -2.38 39.29
N ARG B 136 -18.70 -1.80 38.16
CA ARG B 136 -17.47 -2.18 37.48
C ARG B 136 -16.28 -1.87 38.37
N LEU B 137 -16.33 -0.72 39.02
CA LEU B 137 -15.27 -0.31 39.93
C LEU B 137 -15.21 -1.26 41.10
N GLU B 138 -16.38 -1.68 41.59
CA GLU B 138 -16.45 -2.61 42.70
C GLU B 138 -15.81 -3.92 42.30
N ALA B 139 -16.14 -4.40 41.10
CA ALA B 139 -15.57 -5.64 40.60
C ALA B 139 -14.05 -5.50 40.50
N LEU B 140 -13.60 -4.34 40.02
CA LEU B 140 -12.17 -4.06 39.90
C LEU B 140 -11.53 -3.92 41.27
N LYS B 141 -12.33 -3.67 42.28
CA LYS B 141 -11.84 -3.55 43.65
C LYS B 141 -11.78 -4.91 44.30
N GLU B 142 -12.80 -5.72 44.04
CA GLU B 142 -12.87 -7.07 44.58
C GLU B 142 -11.78 -7.91 43.94
N ASN B 143 -11.81 -7.99 42.62
CA ASN B 143 -10.84 -8.77 41.87
C ASN B 143 -9.48 -8.09 41.96
N GLY B 144 -9.49 -6.76 41.99
CA GLY B 144 -8.26 -6.01 42.08
C GLY B 144 -7.57 -6.25 43.41
N GLY B 145 -8.34 -6.17 44.49
CA GLY B 145 -7.80 -6.41 45.81
C GLY B 145 -7.29 -7.84 45.92
N ALA B 146 -8.07 -8.77 45.39
CA ALA B 146 -7.68 -10.18 45.40
C ALA B 146 -6.43 -10.37 44.57
N ARG B 147 -6.41 -9.79 43.38
CA ARG B 147 -5.26 -9.86 42.48
C ARG B 147 -4.02 -9.37 43.19
N LEU B 148 -4.13 -8.26 43.90
CA LEU B 148 -3.01 -7.69 44.63
C LEU B 148 -2.47 -8.68 45.65
N ALA B 149 -3.38 -9.36 46.34
CA ALA B 149 -3.00 -10.36 47.34
C ALA B 149 -2.37 -11.57 46.66
N GLU B 150 -3.07 -12.07 45.64
CA GLU B 150 -2.61 -13.23 44.88
C GLU B 150 -1.25 -12.95 44.25
N TYR B 151 -1.14 -11.80 43.59
CA TYR B 151 0.10 -11.40 42.95
C TYR B 151 1.20 -11.24 43.99
N HIS B 152 0.84 -10.70 45.15
CA HIS B 152 1.80 -10.50 46.23
C HIS B 152 2.36 -11.84 46.67
N ALA B 153 1.48 -12.83 46.83
CA ALA B 153 1.89 -14.15 47.23
C ALA B 153 2.75 -14.76 46.14
N LYS B 154 2.27 -14.69 44.90
CA LYS B 154 3.01 -15.23 43.76
C LYS B 154 4.36 -14.55 43.60
N ALA B 155 4.40 -13.25 43.90
CA ALA B 155 5.64 -12.50 43.82
C ALA B 155 6.64 -13.04 44.83
N THR B 156 6.16 -13.32 46.03
CA THR B 156 7.01 -13.85 47.09
C THR B 156 7.44 -15.27 46.73
N GLU B 157 6.49 -16.07 46.24
CA GLU B 157 6.77 -17.44 45.84
C GLU B 157 7.72 -17.49 44.64
N HIS B 158 7.71 -16.41 43.86
CA HIS B 158 8.57 -16.31 42.69
C HIS B 158 9.91 -15.72 43.10
N LEU B 159 9.90 -14.82 44.08
CA LEU B 159 11.13 -14.20 44.58
C LEU B 159 11.96 -15.23 45.31
N SER B 160 11.31 -16.10 46.05
CA SER B 160 11.99 -17.15 46.79
C SER B 160 12.64 -18.11 45.82
N THR B 161 11.89 -18.49 44.78
CA THR B 161 12.41 -19.41 43.78
C THR B 161 13.52 -18.73 42.98
N LEU B 162 13.38 -17.42 42.79
CA LEU B 162 14.38 -16.65 42.06
C LEU B 162 15.68 -16.62 42.85
N SER B 163 15.60 -16.33 44.14
CA SER B 163 16.79 -16.29 44.98
C SER B 163 17.32 -17.69 45.23
N GLU B 164 16.40 -18.65 45.37
CA GLU B 164 16.76 -20.05 45.58
C GLU B 164 17.57 -20.56 44.41
N LYS B 165 17.37 -19.95 43.25
CA LYS B 165 18.09 -20.32 42.05
C LYS B 165 19.25 -19.38 41.83
N ALA B 166 19.05 -18.10 42.10
CA ALA B 166 20.09 -17.08 41.93
C ALA B 166 21.30 -17.36 42.78
N LYS B 167 21.08 -17.82 44.01
CA LYS B 167 22.20 -18.13 44.91
C LYS B 167 23.14 -19.17 44.29
N PRO B 168 22.67 -20.40 44.01
CA PRO B 168 23.51 -21.43 43.39
C PRO B 168 23.93 -21.03 41.99
N ALA B 169 23.05 -20.36 41.24
CA ALA B 169 23.37 -19.94 39.89
C ALA B 169 24.56 -18.97 39.88
N LEU B 170 24.55 -18.02 40.81
CA LEU B 170 25.64 -17.07 40.92
C LEU B 170 26.90 -17.75 41.40
N GLU B 171 26.74 -18.68 42.33
CA GLU B 171 27.88 -19.42 42.87
C GLU B 171 28.46 -20.35 41.80
N ASP B 172 27.59 -20.98 41.04
CA ASP B 172 28.02 -21.86 39.95
C ASP B 172 28.61 -21.00 38.84
N LEU B 173 28.01 -19.82 38.65
CA LEU B 173 28.48 -18.89 37.64
C LEU B 173 29.89 -18.47 37.98
N ARG B 174 30.12 -18.17 39.25
CA ARG B 174 31.44 -17.78 39.73
C ARG B 174 32.37 -18.97 39.68
N GLN B 175 31.82 -20.15 39.97
CA GLN B 175 32.59 -21.37 39.95
C GLN B 175 33.00 -21.73 38.53
N GLY B 176 32.24 -21.22 37.57
CA GLY B 176 32.51 -21.43 36.16
C GLY B 176 33.38 -20.30 35.65
N LEU B 177 33.15 -19.11 36.20
CA LEU B 177 33.90 -17.92 35.84
C LEU B 177 35.37 -18.05 36.22
N LEU B 178 35.64 -18.58 37.40
CA LEU B 178 37.02 -18.74 37.86
C LEU B 178 37.87 -19.51 36.84
N PRO B 179 37.53 -20.76 36.50
CA PRO B 179 38.29 -21.54 35.52
C PRO B 179 38.14 -20.97 34.11
N VAL B 180 36.96 -20.43 33.78
CA VAL B 180 36.74 -19.86 32.45
C VAL B 180 37.59 -18.61 32.24
N LEU B 181 37.77 -17.83 33.29
CA LEU B 181 38.59 -16.62 33.21
C LEU B 181 40.04 -17.02 33.05
N GLU B 182 40.40 -18.14 33.66
CA GLU B 182 41.76 -18.65 33.57
C GLU B 182 42.02 -19.23 32.19
N SER B 183 41.11 -20.08 31.71
CA SER B 183 41.25 -20.67 30.39
C SER B 183 41.22 -19.59 29.32
N PHE B 184 40.29 -18.64 29.47
CA PHE B 184 40.19 -17.53 28.53
C PHE B 184 41.45 -16.70 28.57
N LYS B 185 41.98 -16.49 29.77
CA LYS B 185 43.20 -15.73 29.95
C LYS B 185 44.37 -16.46 29.29
N VAL B 186 44.42 -17.77 29.45
CA VAL B 186 45.46 -18.58 28.84
C VAL B 186 45.37 -18.49 27.31
N SER B 187 44.14 -18.54 26.80
CA SER B 187 43.89 -18.44 25.37
C SER B 187 44.26 -17.04 24.87
N PHE B 188 43.95 -16.03 25.69
CA PHE B 188 44.25 -14.65 25.35
C PHE B 188 45.75 -14.37 25.44
N LEU B 189 46.38 -14.89 26.48
CA LEU B 189 47.81 -14.71 26.69
C LEU B 189 48.60 -15.22 25.49
N SER B 190 48.19 -16.36 24.96
CA SER B 190 48.86 -16.94 23.80
C SER B 190 48.52 -16.15 22.55
N ALA B 191 47.30 -15.62 22.50
CA ALA B 191 46.85 -14.83 21.35
C ALA B 191 47.64 -13.53 21.28
N LEU B 192 47.89 -12.95 22.44
CA LEU B 192 48.65 -11.70 22.53
C LEU B 192 50.15 -11.98 22.49
N GLU B 193 50.49 -13.25 22.32
CA GLU B 193 51.89 -13.67 22.25
C GLU B 193 52.30 -13.99 20.82
N GLU B 194 51.45 -14.75 20.13
CA GLU B 194 51.73 -15.15 18.76
C GLU B 194 51.40 -14.05 17.75
N TYR B 195 50.20 -13.48 17.86
CA TYR B 195 49.78 -12.43 16.93
C TYR B 195 50.67 -11.20 16.99
N THR B 196 51.24 -10.92 18.16
CA THR B 196 52.12 -9.76 18.30
C THR B 196 53.36 -9.93 17.43
N LYS B 197 53.76 -11.18 17.23
CA LYS B 197 54.91 -11.50 16.40
C LYS B 197 54.56 -11.35 14.92
N LYS B 198 53.28 -11.49 14.62
CA LYS B 198 52.80 -11.35 13.25
C LYS B 198 52.71 -9.87 12.89
N LEU B 199 52.37 -9.06 13.88
CA LEU B 199 52.24 -7.63 13.68
C LEU B 199 53.58 -6.91 13.90
N ASN B 200 54.59 -7.67 14.30
CA ASN B 200 55.90 -7.10 14.54
C ASN B 200 56.71 -7.08 13.25
N MET C 3 1.51 -17.17 -2.57
CA MET C 3 0.71 -16.32 -1.68
C MET C 3 -0.29 -17.18 -0.91
N THR C 4 -0.98 -16.59 0.04
CA THR C 4 -1.97 -17.31 0.84
C THR C 4 -3.39 -16.98 0.37
N GLU C 5 -3.59 -15.75 -0.07
CA GLU C 5 -4.89 -15.31 -0.53
C GLU C 5 -4.86 -15.15 -2.05
N TYR C 6 -5.92 -15.61 -2.71
CA TYR C 6 -6.02 -15.52 -4.15
C TYR C 6 -7.42 -15.09 -4.57
N LYS C 7 -7.51 -13.97 -5.27
CA LYS C 7 -8.79 -13.46 -5.73
C LYS C 7 -9.11 -13.96 -7.14
N LEU C 8 -10.34 -14.41 -7.33
CA LEU C 8 -10.78 -14.91 -8.63
C LEU C 8 -12.04 -14.19 -9.10
N VAL C 9 -11.95 -13.52 -10.25
CA VAL C 9 -13.08 -12.80 -10.80
C VAL C 9 -13.80 -13.66 -11.84
N VAL C 10 -15.01 -14.08 -11.51
CA VAL C 10 -15.79 -14.92 -12.41
C VAL C 10 -16.67 -14.07 -13.31
N VAL C 11 -16.30 -14.00 -14.58
CA VAL C 11 -17.05 -13.23 -15.57
C VAL C 11 -17.82 -14.17 -16.48
N GLY C 12 -18.60 -13.60 -17.39
CA GLY C 12 -19.38 -14.40 -18.31
C GLY C 12 -20.63 -13.70 -18.77
N ALA C 13 -21.49 -14.43 -19.49
CA ALA C 13 -22.73 -13.86 -19.99
C ALA C 13 -23.86 -14.04 -18.99
N GLY C 14 -24.99 -13.39 -19.25
CA GLY C 14 -26.12 -13.49 -18.36
C GLY C 14 -26.90 -14.77 -18.52
N GLY C 15 -26.63 -15.73 -17.64
CA GLY C 15 -27.33 -17.01 -17.70
C GLY C 15 -26.40 -18.20 -17.75
N VAL C 16 -25.10 -17.96 -17.90
CA VAL C 16 -24.13 -19.05 -17.97
C VAL C 16 -24.05 -19.86 -16.68
N GLY C 17 -24.25 -19.19 -15.55
CA GLY C 17 -24.20 -19.86 -14.26
C GLY C 17 -23.28 -19.16 -13.28
N LYS C 18 -23.27 -17.83 -13.37
CA LYS C 18 -22.45 -16.97 -12.52
C LYS C 18 -22.59 -17.33 -11.03
N SER C 19 -23.79 -17.15 -10.49
CA SER C 19 -24.05 -17.44 -9.09
C SER C 19 -24.44 -18.90 -8.88
N ALA C 20 -24.04 -19.76 -9.82
CA ALA C 20 -24.35 -21.18 -9.71
C ALA C 20 -23.09 -21.96 -9.38
N LEU C 21 -22.05 -21.76 -10.19
CA LEU C 21 -20.78 -22.44 -9.99
C LEU C 21 -20.11 -21.97 -8.70
N THR C 22 -20.34 -20.71 -8.35
CA THR C 22 -19.78 -20.12 -7.16
C THR C 22 -20.34 -20.80 -5.90
N ILE C 23 -21.67 -20.82 -5.79
CA ILE C 23 -22.33 -21.43 -4.64
C ILE C 23 -22.06 -22.95 -4.61
N GLN C 24 -21.91 -23.54 -5.78
CA GLN C 24 -21.64 -24.97 -5.90
C GLN C 24 -20.24 -25.29 -5.37
N LEU C 25 -19.32 -24.36 -5.51
CA LEU C 25 -17.95 -24.55 -5.04
C LEU C 25 -17.83 -24.17 -3.57
N ILE C 26 -18.56 -23.14 -3.15
CA ILE C 26 -18.50 -22.68 -1.77
C ILE C 26 -19.32 -23.54 -0.81
N GLN C 27 -20.64 -23.54 -0.99
CA GLN C 27 -21.51 -24.31 -0.10
C GLN C 27 -21.95 -25.64 -0.70
N ASN C 28 -21.51 -25.90 -1.93
CA ASN C 28 -21.86 -27.14 -2.64
C ASN C 28 -23.36 -27.24 -2.87
N HIS C 29 -23.98 -26.11 -3.19
CA HIS C 29 -25.41 -26.07 -3.43
C HIS C 29 -25.71 -25.55 -4.83
N PHE C 30 -26.48 -26.33 -5.58
CA PHE C 30 -26.86 -25.95 -6.93
C PHE C 30 -28.15 -25.13 -6.88
N VAL C 31 -28.16 -24.00 -7.57
CA VAL C 31 -29.33 -23.12 -7.59
C VAL C 31 -30.46 -23.68 -8.44
N ASP C 32 -31.65 -23.14 -8.23
CA ASP C 32 -32.83 -23.58 -8.97
C ASP C 32 -33.52 -22.39 -9.62
N GLU C 33 -33.28 -21.22 -9.06
CA GLU C 33 -33.85 -19.99 -9.54
C GLU C 33 -32.86 -19.23 -10.41
N TYR C 34 -33.32 -18.18 -11.07
CA TYR C 34 -32.47 -17.37 -11.91
C TYR C 34 -32.01 -16.15 -11.11
N ASP C 35 -31.06 -16.39 -10.22
CA ASP C 35 -30.51 -15.34 -9.36
C ASP C 35 -29.55 -14.44 -10.13
N PRO C 36 -29.87 -13.14 -10.18
CA PRO C 36 -29.02 -12.14 -10.84
C PRO C 36 -27.81 -11.81 -9.96
N THR C 37 -26.97 -10.89 -10.40
CA THR C 37 -25.80 -10.55 -9.63
C THR C 37 -25.31 -9.13 -9.91
N ILE C 38 -24.95 -8.43 -8.85
CA ILE C 38 -24.43 -7.07 -8.93
C ILE C 38 -23.00 -7.07 -8.40
N GLU C 39 -22.86 -7.60 -7.19
CA GLU C 39 -21.56 -7.69 -6.52
C GLU C 39 -21.60 -8.81 -5.49
N ASP C 40 -21.22 -10.02 -5.90
CA ASP C 40 -21.23 -11.16 -4.99
C ASP C 40 -19.83 -11.47 -4.50
N SER C 41 -19.67 -11.59 -3.19
CA SER C 41 -18.38 -11.89 -2.60
C SER C 41 -18.41 -13.23 -1.88
N TYR C 42 -17.61 -14.17 -2.37
CA TYR C 42 -17.52 -15.49 -1.77
C TYR C 42 -16.09 -15.78 -1.33
N ARG C 43 -15.93 -16.52 -0.25
CA ARG C 43 -14.60 -16.83 0.27
C ARG C 43 -14.57 -18.20 0.92
N LYS C 44 -13.53 -18.98 0.63
CA LYS C 44 -13.39 -20.32 1.19
C LYS C 44 -11.91 -20.72 1.25
N GLN C 45 -11.56 -21.50 2.26
CA GLN C 45 -10.19 -21.96 2.43
C GLN C 45 -10.08 -23.41 1.98
N VAL C 46 -9.28 -23.65 0.95
CA VAL C 46 -9.10 -25.00 0.41
C VAL C 46 -7.64 -25.28 0.09
N VAL C 47 -7.32 -26.55 0.02
CA VAL C 47 -5.96 -26.99 -0.29
C VAL C 47 -5.90 -27.41 -1.76
N ILE C 48 -5.28 -26.58 -2.58
CA ILE C 48 -5.17 -26.86 -4.01
C ILE C 48 -3.79 -27.38 -4.36
N ASP C 49 -3.73 -28.64 -4.82
CA ASP C 49 -2.49 -29.30 -5.23
C ASP C 49 -1.50 -29.42 -4.08
N GLY C 50 -1.99 -29.32 -2.85
CA GLY C 50 -1.12 -29.44 -1.69
C GLY C 50 -0.87 -28.12 -0.99
N GLU C 51 -1.33 -27.03 -1.59
CA GLU C 51 -1.13 -25.71 -1.00
C GLU C 51 -2.42 -25.19 -0.38
N THR C 52 -2.36 -24.86 0.91
CA THR C 52 -3.51 -24.30 1.62
C THR C 52 -3.64 -22.82 1.26
N CYS C 53 -4.78 -22.45 0.70
CA CYS C 53 -5.00 -21.07 0.28
C CYS C 53 -6.43 -20.62 0.50
N LEU C 54 -6.61 -19.30 0.59
CA LEU C 54 -7.91 -18.69 0.78
C LEU C 54 -8.39 -18.14 -0.55
N LEU C 55 -9.45 -18.71 -1.08
CA LEU C 55 -10.00 -18.28 -2.35
C LEU C 55 -11.03 -17.16 -2.18
N ASP C 56 -10.71 -16.02 -2.76
CA ASP C 56 -11.60 -14.86 -2.70
C ASP C 56 -12.30 -14.75 -4.05
N ILE C 57 -13.47 -15.34 -4.16
CA ILE C 57 -14.21 -15.35 -5.41
C ILE C 57 -15.19 -14.19 -5.50
N LEU C 58 -15.12 -13.46 -6.60
CA LEU C 58 -16.01 -12.33 -6.84
C LEU C 58 -16.89 -12.59 -8.06
N ASP C 59 -18.19 -12.67 -7.82
CA ASP C 59 -19.15 -12.90 -8.90
C ASP C 59 -19.64 -11.56 -9.43
N THR C 60 -19.27 -11.25 -10.66
CA THR C 60 -19.62 -9.99 -11.28
C THR C 60 -20.95 -10.06 -12.03
N ALA C 61 -21.35 -8.96 -12.63
CA ALA C 61 -22.60 -8.91 -13.38
C ALA C 61 -22.36 -9.41 -14.80
N GLY C 62 -23.32 -10.19 -15.32
CA GLY C 62 -23.19 -10.71 -16.67
C GLY C 62 -23.42 -9.64 -17.71
N GLN C 63 -24.59 -9.03 -17.65
CA GLN C 63 -24.96 -7.97 -18.58
C GLN C 63 -24.83 -6.62 -17.88
N GLU C 64 -23.74 -5.93 -18.15
CA GLU C 64 -23.48 -4.64 -17.53
C GLU C 64 -22.99 -3.64 -18.56
N GLU C 65 -23.03 -2.35 -18.19
CA GLU C 65 -22.58 -1.29 -19.07
C GLU C 65 -21.12 -0.96 -18.79
N TYR C 66 -20.65 0.18 -19.29
CA TYR C 66 -19.29 0.59 -19.07
C TYR C 66 -19.17 1.37 -17.77
N SER C 67 -19.17 0.66 -16.67
CA SER C 67 -19.05 1.28 -15.37
C SER C 67 -17.59 1.30 -14.93
N ALA C 68 -17.17 2.39 -14.27
CA ALA C 68 -15.81 2.53 -13.80
C ALA C 68 -15.53 1.45 -12.76
N MET C 69 -16.57 1.09 -12.02
CA MET C 69 -16.48 0.06 -10.99
C MET C 69 -16.14 -1.28 -11.65
N ARG C 70 -16.74 -1.53 -12.81
CA ARG C 70 -16.50 -2.77 -13.56
C ARG C 70 -15.08 -2.78 -14.09
N ASP C 71 -14.65 -1.67 -14.68
CA ASP C 71 -13.31 -1.54 -15.23
C ASP C 71 -12.27 -1.73 -14.13
N GLN C 72 -12.66 -1.39 -12.92
CA GLN C 72 -11.79 -1.51 -11.76
C GLN C 72 -11.77 -2.95 -11.22
N TYR C 73 -12.94 -3.53 -11.00
CA TYR C 73 -13.02 -4.88 -10.44
C TYR C 73 -12.50 -5.97 -11.38
N MET C 74 -12.64 -5.75 -12.68
CA MET C 74 -12.19 -6.74 -13.67
C MET C 74 -10.74 -6.49 -14.04
N ARG C 75 -10.10 -5.59 -13.32
CA ARG C 75 -8.71 -5.25 -13.58
C ARG C 75 -7.79 -5.95 -12.59
N THR C 76 -8.31 -6.24 -11.41
CA THR C 76 -7.52 -6.89 -10.37
C THR C 76 -7.25 -8.38 -10.67
N GLY C 77 -8.29 -9.10 -11.07
CA GLY C 77 -8.16 -10.51 -11.36
C GLY C 77 -7.15 -10.81 -12.46
N GLU C 78 -6.32 -11.84 -12.25
CA GLU C 78 -5.32 -12.23 -13.23
C GLU C 78 -5.82 -13.36 -14.11
N GLY C 79 -6.64 -14.23 -13.53
CA GLY C 79 -7.18 -15.35 -14.27
C GLY C 79 -8.65 -15.17 -14.59
N PHE C 80 -9.03 -15.45 -15.82
CA PHE C 80 -10.41 -15.31 -16.26
C PHE C 80 -10.92 -16.57 -16.93
N LEU C 81 -12.20 -16.85 -16.73
CA LEU C 81 -12.83 -18.02 -17.30
C LEU C 81 -13.84 -17.61 -18.37
N CYS C 82 -13.66 -18.14 -19.57
CA CYS C 82 -14.56 -17.83 -20.68
C CYS C 82 -15.69 -18.85 -20.67
N VAL C 83 -16.65 -18.64 -19.76
CA VAL C 83 -17.78 -19.53 -19.63
C VAL C 83 -18.85 -19.24 -20.67
N PHE C 84 -19.05 -20.20 -21.57
CA PHE C 84 -20.05 -20.08 -22.62
C PHE C 84 -20.98 -21.28 -22.58
N ALA C 85 -22.07 -21.22 -23.32
CA ALA C 85 -23.03 -22.30 -23.37
C ALA C 85 -22.93 -23.05 -24.69
N ILE C 86 -22.75 -24.37 -24.61
CA ILE C 86 -22.63 -25.20 -25.81
C ILE C 86 -23.97 -25.33 -26.53
N ASN C 87 -25.00 -24.73 -25.95
CA ASN C 87 -26.35 -24.77 -26.53
C ASN C 87 -26.70 -23.41 -27.13
N ASN C 88 -25.73 -22.50 -27.12
CA ASN C 88 -25.93 -21.16 -27.66
C ASN C 88 -24.72 -20.71 -28.45
N THR C 89 -24.85 -20.71 -29.76
CA THR C 89 -23.77 -20.32 -30.66
C THR C 89 -23.36 -18.86 -30.44
N LYS C 90 -24.32 -18.03 -30.04
CA LYS C 90 -24.05 -16.62 -29.79
C LYS C 90 -23.06 -16.46 -28.64
N SER C 91 -23.16 -17.32 -27.64
CA SER C 91 -22.25 -17.28 -26.50
C SER C 91 -20.83 -17.58 -26.94
N PHE C 92 -20.70 -18.43 -27.96
CA PHE C 92 -19.40 -18.81 -28.49
C PHE C 92 -18.77 -17.60 -29.20
N GLU C 93 -19.61 -16.77 -29.79
CA GLU C 93 -19.16 -15.58 -30.49
C GLU C 93 -18.84 -14.46 -29.49
N ASP C 94 -19.50 -14.50 -28.34
CA ASP C 94 -19.29 -13.49 -27.32
C ASP C 94 -17.96 -13.71 -26.61
N ILE C 95 -17.36 -14.87 -26.82
CA ILE C 95 -16.07 -15.20 -26.23
C ILE C 95 -15.04 -14.15 -26.68
N HIS C 96 -15.10 -13.77 -27.94
CA HIS C 96 -14.18 -12.78 -28.48
C HIS C 96 -14.49 -11.40 -27.89
N HIS C 97 -15.78 -11.17 -27.64
CA HIS C 97 -16.24 -9.90 -27.06
C HIS C 97 -15.60 -9.69 -25.69
N TYR C 98 -15.55 -10.76 -24.90
CA TYR C 98 -14.95 -10.69 -23.57
C TYR C 98 -13.42 -10.67 -23.69
N ARG C 99 -12.91 -11.46 -24.62
CA ARG C 99 -11.47 -11.55 -24.86
C ARG C 99 -10.86 -10.17 -25.11
N GLU C 100 -11.52 -9.39 -25.97
CA GLU C 100 -11.05 -8.04 -26.29
C GLU C 100 -11.09 -7.13 -25.07
N GLN C 101 -12.20 -7.19 -24.34
CA GLN C 101 -12.40 -6.37 -23.15
C GLN C 101 -11.33 -6.65 -22.11
N ILE C 102 -11.04 -7.94 -21.90
CA ILE C 102 -10.04 -8.36 -20.94
C ILE C 102 -8.65 -7.82 -21.31
N LYS C 103 -8.29 -7.95 -22.59
CA LYS C 103 -6.99 -7.47 -23.07
C LYS C 103 -6.85 -5.97 -22.82
N ARG C 104 -7.92 -5.25 -23.09
CA ARG C 104 -7.94 -3.80 -22.95
C ARG C 104 -7.83 -3.35 -21.48
N VAL C 105 -8.19 -4.23 -20.55
CA VAL C 105 -8.12 -3.89 -19.12
C VAL C 105 -6.88 -4.45 -18.44
N LYS C 106 -6.23 -5.42 -19.09
CA LYS C 106 -5.03 -6.03 -18.53
C LYS C 106 -3.77 -5.61 -19.27
N ASP C 107 -3.95 -4.73 -20.24
CA ASP C 107 -2.84 -4.20 -21.06
C ASP C 107 -2.31 -5.21 -22.07
N SER C 108 -1.74 -6.29 -21.58
CA SER C 108 -1.18 -7.32 -22.45
C SER C 108 -2.17 -8.47 -22.67
N GLU C 109 -1.97 -9.21 -23.76
CA GLU C 109 -2.84 -10.34 -24.09
C GLU C 109 -2.42 -11.59 -23.33
N ASP C 110 -1.25 -11.53 -22.72
CA ASP C 110 -0.73 -12.66 -21.96
C ASP C 110 -1.39 -12.74 -20.59
N VAL C 111 -2.65 -13.14 -20.61
CA VAL C 111 -3.45 -13.26 -19.39
C VAL C 111 -4.02 -14.68 -19.27
N PRO C 112 -3.83 -15.31 -18.10
CA PRO C 112 -4.34 -16.67 -17.84
C PRO C 112 -5.84 -16.75 -18.08
N MET C 113 -6.23 -17.47 -19.11
CA MET C 113 -7.63 -17.62 -19.48
C MET C 113 -7.94 -19.08 -19.76
N VAL C 114 -9.13 -19.50 -19.38
CA VAL C 114 -9.57 -20.87 -19.62
C VAL C 114 -10.94 -20.87 -20.26
N LEU C 115 -11.09 -21.62 -21.36
CA LEU C 115 -12.36 -21.70 -22.05
C LEU C 115 -13.25 -22.73 -21.35
N VAL C 116 -14.42 -22.31 -20.92
CA VAL C 116 -15.32 -23.20 -20.20
C VAL C 116 -16.66 -23.34 -20.92
N GLY C 117 -16.96 -24.56 -21.34
CA GLY C 117 -18.21 -24.84 -22.01
C GLY C 117 -19.20 -25.47 -21.05
N ASN C 118 -20.09 -24.67 -20.51
CA ASN C 118 -21.07 -25.17 -19.54
C ASN C 118 -22.38 -25.61 -20.23
N LYS C 119 -23.19 -26.35 -19.47
CA LYS C 119 -24.50 -26.84 -19.92
C LYS C 119 -24.35 -27.98 -20.93
N CYS C 120 -23.31 -28.78 -20.76
CA CYS C 120 -23.06 -29.92 -21.65
C CYS C 120 -24.08 -31.03 -21.43
N ASP C 121 -24.80 -30.94 -20.32
CA ASP C 121 -25.80 -31.94 -19.97
C ASP C 121 -27.08 -31.75 -20.79
N LEU C 122 -27.14 -30.67 -21.54
CA LEU C 122 -28.30 -30.38 -22.39
C LEU C 122 -28.15 -31.10 -23.72
N PRO C 123 -29.22 -31.74 -24.20
CA PRO C 123 -29.21 -32.49 -25.48
C PRO C 123 -29.05 -31.57 -26.70
N SER C 124 -29.48 -30.33 -26.55
CA SER C 124 -29.40 -29.37 -27.64
C SER C 124 -27.99 -28.77 -27.75
N ARG C 125 -27.03 -29.57 -28.18
CA ARG C 125 -25.67 -29.11 -28.34
C ARG C 125 -25.47 -28.51 -29.73
N THR C 126 -25.36 -27.19 -29.79
CA THR C 126 -25.15 -26.50 -31.05
C THR C 126 -23.67 -26.33 -31.31
N VAL C 127 -22.94 -26.00 -30.24
CA VAL C 127 -21.50 -25.81 -30.32
C VAL C 127 -20.77 -27.13 -30.16
N ASP C 128 -20.08 -27.56 -31.21
CA ASP C 128 -19.34 -28.82 -31.18
C ASP C 128 -18.05 -28.68 -30.38
N THR C 129 -17.69 -29.75 -29.69
CA THR C 129 -16.49 -29.79 -28.85
C THR C 129 -15.24 -29.43 -29.64
N LYS C 130 -15.12 -29.98 -30.83
CA LYS C 130 -13.95 -29.72 -31.68
C LYS C 130 -13.87 -28.24 -32.04
N GLN C 131 -15.02 -27.65 -32.33
CA GLN C 131 -15.08 -26.23 -32.67
C GLN C 131 -14.58 -25.38 -31.49
N ALA C 132 -15.01 -25.75 -30.30
CA ALA C 132 -14.61 -25.04 -29.08
C ALA C 132 -13.12 -25.25 -28.81
N GLN C 133 -12.67 -26.48 -29.00
CA GLN C 133 -11.27 -26.83 -28.79
C GLN C 133 -10.38 -26.05 -29.74
N ASP C 134 -10.84 -25.90 -30.98
CA ASP C 134 -10.09 -25.17 -32.00
C ASP C 134 -9.86 -23.73 -31.57
N LEU C 135 -10.92 -23.08 -31.09
CA LEU C 135 -10.83 -21.70 -30.64
C LEU C 135 -9.85 -21.57 -29.47
N ALA C 136 -9.97 -22.48 -28.51
CA ALA C 136 -9.10 -22.49 -27.35
C ALA C 136 -7.65 -22.70 -27.78
N ARG C 137 -7.45 -23.65 -28.69
CA ARG C 137 -6.13 -23.96 -29.19
C ARG C 137 -5.53 -22.77 -29.93
N SER C 138 -6.38 -22.00 -30.59
CA SER C 138 -5.96 -20.82 -31.32
C SER C 138 -5.47 -19.75 -30.35
N TYR C 139 -6.22 -19.55 -29.27
CA TYR C 139 -5.85 -18.56 -28.25
C TYR C 139 -4.63 -19.06 -27.49
N GLY C 140 -4.50 -20.38 -27.40
CA GLY C 140 -3.40 -20.98 -26.69
C GLY C 140 -3.78 -21.27 -25.26
N ILE C 141 -5.08 -21.31 -25.00
CA ILE C 141 -5.60 -21.56 -23.66
C ILE C 141 -6.28 -22.92 -23.61
N PRO C 142 -6.45 -23.49 -22.40
CA PRO C 142 -7.11 -24.78 -22.22
C PRO C 142 -8.63 -24.68 -22.27
N PHE C 143 -9.28 -25.74 -22.72
CA PHE C 143 -10.72 -25.80 -22.81
C PHE C 143 -11.26 -26.93 -21.95
N ILE C 144 -12.17 -26.59 -21.05
CA ILE C 144 -12.78 -27.58 -20.16
C ILE C 144 -14.30 -27.51 -20.27
N GLU C 145 -14.91 -28.63 -20.65
CA GLU C 145 -16.36 -28.70 -20.76
C GLU C 145 -16.93 -29.00 -19.38
N THR C 146 -17.95 -28.26 -18.98
CA THR C 146 -18.53 -28.44 -17.66
C THR C 146 -20.05 -28.49 -17.68
N SER C 147 -20.60 -28.78 -16.51
CA SER C 147 -22.03 -28.84 -16.30
C SER C 147 -22.30 -28.44 -14.86
N ALA C 148 -23.01 -27.34 -14.67
CA ALA C 148 -23.30 -26.85 -13.33
C ALA C 148 -24.27 -27.77 -12.60
N LYS C 149 -25.07 -28.50 -13.38
CA LYS C 149 -26.05 -29.42 -12.83
C LYS C 149 -25.41 -30.73 -12.36
N THR C 150 -24.48 -31.23 -13.15
CA THR C 150 -23.83 -32.50 -12.83
C THR C 150 -22.45 -32.30 -12.20
N ARG C 151 -22.04 -31.04 -12.05
CA ARG C 151 -20.73 -30.69 -11.47
C ARG C 151 -19.61 -31.38 -12.25
N GLN C 152 -19.77 -31.45 -13.56
CA GLN C 152 -18.80 -32.09 -14.43
C GLN C 152 -17.56 -31.23 -14.63
N GLY C 153 -16.47 -31.60 -13.98
CA GLY C 153 -15.21 -30.89 -14.11
C GLY C 153 -15.26 -29.44 -13.64
N VAL C 154 -16.23 -29.12 -12.80
CA VAL C 154 -16.37 -27.76 -12.30
C VAL C 154 -15.19 -27.40 -11.40
N ASP C 155 -14.83 -28.31 -10.51
CA ASP C 155 -13.72 -28.09 -9.58
C ASP C 155 -12.42 -27.98 -10.35
N ASP C 156 -12.22 -28.89 -11.29
CA ASP C 156 -11.00 -28.92 -12.09
C ASP C 156 -10.85 -27.67 -12.95
N ALA C 157 -11.97 -27.14 -13.44
CA ALA C 157 -11.95 -25.94 -14.26
C ALA C 157 -11.33 -24.78 -13.48
N PHE C 158 -11.80 -24.60 -12.24
CA PHE C 158 -11.30 -23.54 -11.38
C PHE C 158 -9.84 -23.79 -11.00
N TYR C 159 -9.54 -25.05 -10.69
CA TYR C 159 -8.18 -25.43 -10.30
C TYR C 159 -7.19 -25.21 -11.45
N THR C 160 -7.62 -25.51 -12.67
CA THR C 160 -6.76 -25.35 -13.84
C THR C 160 -6.40 -23.87 -14.03
N LEU C 161 -7.36 -22.99 -13.78
CA LEU C 161 -7.14 -21.56 -13.91
C LEU C 161 -6.00 -21.12 -12.99
N VAL C 162 -6.03 -21.63 -11.76
CA VAL C 162 -5.00 -21.32 -10.78
C VAL C 162 -3.64 -21.85 -11.25
N ARG C 163 -3.66 -23.04 -11.85
CA ARG C 163 -2.44 -23.66 -12.35
C ARG C 163 -1.84 -22.84 -13.50
N GLU C 164 -2.70 -22.26 -14.31
CA GLU C 164 -2.25 -21.42 -15.43
C GLU C 164 -1.53 -20.20 -14.89
N ILE C 165 -2.06 -19.65 -13.81
CA ILE C 165 -1.46 -18.48 -13.16
C ILE C 165 -0.10 -18.84 -12.58
N ARG C 166 0.02 -20.05 -12.04
CA ARG C 166 1.28 -20.53 -11.47
C ARG C 166 2.39 -20.46 -12.50
N LYS C 167 2.12 -21.01 -13.69
CA LYS C 167 3.09 -21.02 -14.77
C LYS C 167 3.35 -19.60 -15.26
N HIS C 168 2.28 -18.80 -15.29
CA HIS C 168 2.37 -17.41 -15.74
C HIS C 168 3.30 -16.60 -14.84
N LYS C 169 3.32 -16.93 -13.56
CA LYS C 169 4.15 -16.22 -12.61
C LYS C 169 5.64 -16.50 -12.85
N GLU C 170 5.97 -17.77 -13.00
CA GLU C 170 7.35 -18.18 -13.23
C GLU C 170 7.83 -17.74 -14.61
N LYS C 171 6.87 -17.60 -15.51
CA LYS C 171 7.14 -17.19 -16.88
C LYS C 171 7.78 -15.80 -16.90
N MET C 172 7.26 -14.89 -16.09
CA MET C 172 7.78 -13.53 -16.00
C MET C 172 9.13 -13.49 -15.30
N SER C 173 9.42 -14.52 -14.52
CA SER C 173 10.68 -14.59 -13.80
C SER C 173 11.82 -14.87 -14.79
N LYS C 174 11.48 -15.50 -15.90
CA LYS C 174 12.48 -15.84 -16.91
C LYS C 174 12.54 -14.81 -18.03
N ASP C 175 11.44 -14.10 -18.26
CA ASP C 175 11.40 -13.08 -19.30
C ASP C 175 10.83 -11.77 -18.76
N GLY C 176 11.60 -10.70 -18.92
CA GLY C 176 11.16 -9.40 -18.45
C GLY C 176 12.28 -8.62 -17.77
N LYS C 177 13.39 -8.44 -18.47
CA LYS C 177 14.54 -7.70 -17.94
C LYS C 177 15.64 -7.59 -18.99
N LYS C 178 16.39 -6.49 -18.94
CA LYS C 178 17.48 -6.27 -19.88
C LYS C 178 18.61 -7.26 -19.59
N LYS C 179 18.75 -8.25 -20.47
CA LYS C 179 19.79 -9.28 -20.36
C LYS C 179 19.54 -10.21 -19.15
N LYS C 180 18.95 -11.36 -19.42
CA LYS C 180 18.65 -12.33 -18.37
C LYS C 180 19.76 -13.38 -18.32
N LYS C 181 20.23 -13.68 -17.11
CA LYS C 181 21.28 -14.67 -16.93
C LYS C 181 20.72 -16.08 -16.79
N LYS C 182 19.45 -16.17 -16.39
CA LYS C 182 18.75 -17.45 -16.21
C LYS C 182 19.23 -18.18 -14.96
N SER C 183 20.53 -18.48 -14.92
CA SER C 183 21.11 -19.18 -13.80
C SER C 183 21.28 -18.21 -12.63
N LYS C 184 20.57 -18.48 -11.54
CA LYS C 184 20.65 -17.64 -10.35
C LYS C 184 22.04 -17.75 -9.76
N THR C 185 22.54 -18.98 -9.68
CA THR C 185 23.85 -19.26 -9.15
C THR C 185 24.89 -19.08 -10.27
N LYS C 186 26.02 -18.46 -9.94
CA LYS C 186 27.07 -18.23 -10.91
C LYS C 186 27.72 -19.55 -11.35
N CYS C 187 28.38 -19.53 -12.50
CA CYS C 187 29.05 -20.72 -13.01
C CYS C 187 30.39 -20.94 -12.30
C1 PCW D . 19.99 -7.21 -11.60
C2 PCW D . 20.99 -6.88 -10.41
C3 PCW D . 22.35 -7.62 -10.63
C4 PCW D . 16.37 -7.72 -9.41
C5 PCW D . 15.12 -8.51 -9.81
C6 PCW D . 13.58 -10.51 -9.43
C7 PCW D . 15.39 -10.03 -7.86
C8 PCW D . 13.91 -8.99 -8.23
C11 PCW D . 24.54 -7.08 -9.83
C12 PCW D . 25.28 -6.75 -8.57
C13 PCW D . 26.81 -6.62 -8.90
C14 PCW D . 27.71 -6.29 -7.71
C15 PCW D . 29.19 -6.78 -7.81
C16 PCW D . 29.99 -6.40 -6.51
C17 PCW D . 30.71 -5.01 -6.50
C18 PCW D . 31.78 -4.87 -7.60
C19 PCW D . 33.11 -4.29 -7.07
C20 PCW D . 33.62 -3.08 -7.52
C21 PCW D . 33.13 -2.09 -8.51
C22 PCW D . 32.62 -0.86 -7.70
C23 PCW D . 31.87 0.24 -8.49
C24 PCW D . 32.23 1.66 -8.16
C25 PCW D . 33.29 2.44 -9.00
C26 PCW D . 32.84 3.77 -9.58
C27 PCW D . 33.94 4.71 -10.12
C28 PCW D . 33.33 5.76 -11.02
C31 PCW D . 20.78 -4.78 -9.33
C32 PCW D . 21.16 -3.29 -9.44
C33 PCW D . 22.40 -2.85 -8.52
C34 PCW D . 22.22 -1.46 -7.91
C35 PCW D . 21.80 -1.69 -6.41
C36 PCW D . 22.47 -0.68 -5.44
C37 PCW D . 22.11 -0.86 -3.93
C38 PCW D . 21.71 0.44 -3.30
C39 PCW D . 21.36 0.30 -1.84
C40 PCW D . 20.14 0.26 -1.31
C41 PCW D . 18.86 0.36 -2.12
C42 PCW D . 18.25 1.82 -1.94
C43 PCW D . 17.54 2.45 -3.13
C44 PCW D . 17.08 3.83 -2.68
C45 PCW D . 16.23 4.57 -3.68
C46 PCW D . 16.41 6.07 -3.61
C47 PCW D . 17.05 6.73 -4.80
C48 PCW D . 17.17 8.25 -4.58
N PCW D . 14.81 -9.75 -9.16
O2 PCW D . 21.28 -5.42 -10.39
O3 PCW D . 23.24 -7.31 -9.55
O11 PCW D . 25.02 -7.12 -10.94
O31 PCW D . 20.10 -5.30 -8.40
O1P PCW D . 16.32 -6.12 -11.84
O2P PCW D . 17.40 -8.12 -12.84
O3P PCW D . 18.82 -6.37 -11.63
O4P PCW D . 17.37 -7.93 -10.45
P PCW D . 17.41 -7.13 -11.74
C1 PCW E . 25.36 1.60 -21.16
C2 PCW E . 26.87 1.83 -21.53
C3 PCW E . 27.03 3.15 -22.36
C4 PCW E . 22.28 -1.07 -22.65
C5 PCW E . 21.67 -2.43 -22.99
C6 PCW E . 19.43 -3.38 -23.71
C7 PCW E . 20.83 -2.17 -25.31
C8 PCW E . 21.20 -3.77 -24.47
C11 PCW E . 28.87 2.95 -23.92
C12 PCW E . 30.34 3.26 -24.03
C13 PCW E . 31.12 2.24 -23.12
C14 PCW E . 32.64 2.40 -23.11
C15 PCW E . 33.30 2.43 -21.70
C16 PCW E . 34.86 2.55 -21.82
C17 PCW E . 35.50 3.96 -21.58
C18 PCW E . 36.98 3.92 -21.24
C19 PCW E . 37.87 3.57 -22.46
C20 PCW E . 38.89 4.41 -22.90
C21 PCW E . 39.39 5.72 -22.42
C22 PCW E . 40.52 5.42 -21.38
C23 PCW E . 40.31 5.91 -19.93
C24 PCW E . 41.55 6.17 -19.13
C25 PCW E . 41.71 7.48 -18.30
C26 PCW E . 42.82 8.42 -18.73
C27 PCW E . 43.54 9.24 -17.63
C28 PCW E . 44.85 8.58 -17.28
C31 PCW E . 28.58 1.01 -20.09
C32 PCW E . 29.33 1.31 -18.79
C33 PCW E . 30.43 2.46 -18.88
C34 PCW E . 30.36 3.47 -17.74
C35 PCW E . 31.57 4.47 -17.98
C36 PCW E . 32.74 4.23 -17.01
C37 PCW E . 33.97 5.18 -17.20
C38 PCW E . 34.12 6.12 -16.03
C39 PCW E . 35.29 7.05 -16.20
C40 PCW E . 35.57 8.13 -15.49
C41 PCW E . 34.72 8.66 -14.35
C42 PCW E . 35.53 9.81 -13.62
C43 PCW E . 34.76 10.94 -12.95
C44 PCW E . 35.78 11.88 -12.35
C45 PCW E . 35.46 12.36 -10.95
C46 PCW E . 35.90 13.77 -10.69
C47 PCW E . 35.51 14.36 -9.35
C48 PCW E . 36.02 15.80 -9.21
N PCW E . 20.60 -2.51 -23.92
O2 PCW E . 27.68 1.98 -20.30
O3 PCW E . 28.42 3.34 -22.69
O11 PCW E . 28.20 2.45 -24.78
O31 PCW E . 28.77 0.00 -20.84
O1P PCW E . 24.88 0.03 -23.33
O2P PCW E . 25.72 -1.94 -22.04
O3P PCW E . 25.05 0.23 -20.81
O4P PCW E . 23.42 -1.30 -21.78
P PCW E . 24.81 -0.78 -22.05
C1 PCW F . -25.57 6.45 -5.46
C2 PCW F . -25.37 7.97 -5.04
C3 PCW F . -26.50 8.39 -4.04
C4 PCW F . -22.14 5.02 -2.73
C5 PCW F . -22.64 5.87 -1.56
C6 PCW F . -22.43 5.82 0.97
C7 PCW F . -20.64 6.77 -0.40
C8 PCW F . -22.37 7.38 -0.22
C11 PCW F . -27.21 10.68 -4.14
C12 PCW F . -26.84 12.05 -3.62
C13 PCW F . -27.96 12.52 -2.62
C14 PCW F . -27.73 13.90 -1.99
C15 PCW F . -28.01 14.01 -0.46
C16 PCW F . -29.31 14.85 -0.19
C17 PCW F . -29.13 16.21 0.57
C18 PCW F . -29.81 16.23 1.95
C19 PCW F . -29.41 17.46 2.81
C20 PCW F . -28.32 17.43 3.67
C21 PCW F . -27.32 16.38 4.00
C22 PCW F . -26.57 16.86 5.29
C23 PCW F . -25.45 17.92 5.10
C24 PCW F . -25.56 19.17 5.92
C25 PCW F . -24.96 20.51 5.41
C26 PCW F . -25.31 21.75 6.21
C27 PCW F . -26.09 22.88 5.49
C28 PCW F . -25.15 23.72 4.66
C31 PCW F . -23.37 9.20 -4.75
C32 PCW F . -22.06 9.24 -3.93
C33 PCW F . -22.07 10.22 -2.67
C34 PCW F . -21.48 11.60 -2.97
C35 PCW F . -22.63 12.64 -2.63
C36 PCW F . -22.97 13.56 -3.84
C37 PCW F . -24.09 14.61 -3.57
C38 PCW F . -24.83 14.98 -4.82
C39 PCW F . -25.91 16.01 -4.57
C40 PCW F . -26.07 17.17 -5.19
C41 PCW F . -25.16 17.68 -6.31
C42 PCW F . -24.37 18.95 -5.77
C43 PCW F . -22.88 19.07 -6.08
C44 PCW F . -22.39 20.36 -5.45
C45 PCW F . -21.01 20.31 -4.87
C46 PCW F . -20.48 21.65 -4.44
C47 PCW F . -19.00 21.73 -4.11
C48 PCW F . -18.62 23.15 -3.70
N PCW F . -21.85 5.98 -0.38
O2 PCW F . -24.07 8.13 -4.33
O3 PCW F . -26.32 9.76 -3.65
O11 PCW F . -28.14 10.44 -4.85
O31 PCW F . -23.73 10.03 -5.62
O1P PCW F . -24.06 3.29 -4.08
O2P PCW F . -23.43 4.66 -6.07
O3P PCW F . -25.22 5.50 -4.43
O4P PCW F . -22.85 5.49 -3.91
P PCW F . -23.87 4.66 -4.66
C1 PCW G . 15.07 -22.20 7.86
C2 PCW G . 15.85 -21.76 9.16
C3 PCW G . 16.56 -23.01 9.79
C4 PCW G . 19.21 -22.12 5.97
C5 PCW G . 19.89 -23.22 5.16
C6 PCW G . 21.82 -24.88 5.08
C7 PCW G . 20.42 -24.73 7.07
C8 PCW G . 19.92 -25.27 5.37
C11 PCW G . 18.39 -23.32 11.31
C12 PCW G . 19.01 -22.73 12.55
C13 PCW G . 20.37 -22.05 12.14
C14 PCW G . 21.14 -21.38 13.28
C15 PCW G . 22.14 -20.26 12.87
C16 PCW G . 23.49 -20.88 12.35
C17 PCW G . 23.77 -20.83 10.81
C18 PCW G . 23.15 -19.60 10.12
C19 PCW G . 23.88 -19.22 8.81
C20 PCW G . 24.17 -17.91 8.47
C21 PCW G . 23.91 -16.62 9.16
C22 PCW G . 25.21 -16.22 9.91
C23 PCW G . 25.25 -16.46 11.45
C24 PCW G . 26.56 -16.20 12.14
C25 PCW G . 27.36 -17.35 12.81
C26 PCW G . 28.87 -17.26 12.70
C27 PCW G . 29.63 -18.50 12.18
C28 PCW G . 31.11 -18.34 12.42
C31 PCW G . 16.94 -19.71 9.64
C32 PCW G . 18.07 -18.78 9.16
C33 PCW G . 18.47 -17.62 10.19
C34 PCW G . 19.84 -17.01 9.90
C35 PCW G . 20.69 -17.24 11.22
C36 PCW G . 21.06 -15.91 11.94
C37 PCW G . 21.89 -16.08 13.25
C38 PCW G . 21.08 -15.84 14.48
C39 PCW G . 21.87 -16.00 15.76
C40 PCW G . 21.39 -16.19 16.98
C41 PCW G . 19.92 -16.29 17.31
C42 PCW G . 19.38 -14.83 17.65
C43 PCW G . 19.22 -14.42 19.10
C44 PCW G . 18.69 -13.00 19.12
C45 PCW G . 17.29 -12.82 19.67
C46 PCW G . 17.24 -11.99 20.92
C47 PCW G . 16.08 -12.26 21.86
C48 PCW G . 16.15 -11.34 23.08
N PCW G . 20.79 -24.14 5.81
O2 PCW G . 16.90 -20.77 8.82
O3 PCW G . 17.28 -22.61 10.98
O11 PCW G . 18.82 -24.27 10.70
O31 PCW G . 16.18 -19.51 10.63
O1P PCW G . 17.15 -23.84 7.02
O2P PCW G . 16.13 -23.55 4.77
O3P PCW G . 15.70 -21.80 6.62
O4P PCW G . 17.85 -22.01 5.46
P PCW G . 16.70 -22.87 5.97
C1 PCW H . 27.06 -5.82 -17.17
C2 PCW H . 28.52 -5.35 -17.51
C3 PCW H . 28.51 -4.37 -18.73
C4 PCW H . 29.28 -9.63 -17.61
C5 PCW H . 30.48 -9.10 -16.83
C6 PCW H . 32.53 -10.62 -16.76
C7 PCW H . 32.67 -8.38 -17.74
C8 PCW H . 32.32 -8.82 -15.99
C11 PCW H . 30.17 -2.64 -18.76
C12 PCW H . 31.62 -2.41 -19.12
C13 PCW H . 32.40 -2.11 -17.79
C14 PCW H . 33.90 -1.83 -17.97
C15 PCW H . 34.28 -0.34 -18.25
C16 PCW H . 35.69 -0.25 -18.93
C17 PCW H . 36.53 1.05 -18.66
C18 PCW H . 37.78 0.80 -17.81
C19 PCW H . 38.94 1.78 -18.13
C20 PCW H . 38.93 3.09 -17.70
C21 PCW H . 37.94 3.90 -16.92
C22 PCW H . 38.75 5.01 -16.21
C23 PCW H . 38.32 5.39 -14.76
C24 PCW H . 39.21 4.90 -13.65
C25 PCW H . 39.77 5.88 -12.58
C26 PCW H . 38.91 6.13 -11.36
C27 PCW H . 39.41 7.17 -10.34
C28 PCW H . 39.05 6.73 -8.94
C31 PCW H . 30.31 -5.00 -15.98
C32 PCW H . 30.76 -4.15 -14.79
C33 PCW H . 31.24 -4.96 -13.50
C34 PCW H . 31.41 -4.08 -12.26
C35 PCW H . 29.95 -3.75 -11.78
C36 PCW H . 29.93 -3.03 -10.40
C37 PCW H . 28.51 -2.66 -9.87
C38 PCW H . 27.94 -1.47 -10.56
C39 PCW H . 26.58 -1.09 -10.05
C40 PCW H . 25.65 -0.38 -10.71
C41 PCW H . 25.83 0.16 -12.11
C42 PCW H . 25.15 1.61 -12.17
C43 PCW H . 24.49 2.04 -13.47
C44 PCW H . 23.94 3.44 -13.24
C45 PCW H . 22.45 3.57 -13.40
C46 PCW H . 21.95 4.98 -13.32
C47 PCW H . 21.61 5.65 -14.63
C48 PCW H . 21.12 7.10 -14.40
N PCW H . 31.82 -9.43 -17.25
O2 PCW H . 29.09 -4.60 -16.34
O3 PCW H . 29.86 -3.94 -19.02
O11 PCW H . 29.42 -1.83 -18.30
O31 PCW H . 30.99 -5.92 -16.53
O1P PCW H . 26.46 -9.59 -16.91
O2P PCW H . 26.32 -8.06 -18.89
O3P PCW H . 26.98 -7.14 -16.58
O4P PCW H . 28.47 -8.47 -17.94
P PCW H . 27.00 -8.37 -17.61
C1 PCW I . 7.13 -13.57 2.15
C2 PCW I . 6.88 -12.33 3.08
C3 PCW I . 6.25 -12.80 4.44
C4 PCW I . 9.47 -17.03 0.11
C5 PCW I . 8.77 -17.44 -1.18
C6 PCW I . 6.92 -15.98 -2.14
C7 PCW I . 9.05 -16.20 -3.31
C8 PCW I . 7.80 -17.52 -2.98
C11 PCW I . 4.73 -11.26 5.48
C12 PCW I . 4.71 -10.07 6.40
C13 PCW I . 3.72 -10.38 7.58
C14 PCW I . 3.57 -9.25 8.61
C15 PCW I . 2.27 -8.40 8.52
C16 PCW I . 1.71 -8.08 9.95
C17 PCW I . 1.79 -6.59 10.43
C18 PCW I . 2.79 -6.39 11.57
C19 PCW I . 2.36 -5.27 12.56
C20 PCW I . 1.56 -5.52 13.67
C21 PCW I . 0.94 -6.76 14.19
C22 PCW I . 1.53 -6.99 15.61
C23 PCW I . 2.87 -7.80 15.71
C24 PCW I . 2.78 -9.27 15.45
C25 PCW I . 3.39 -10.30 16.45
C26 PCW I . 2.41 -11.25 17.12
C27 PCW I . 1.55 -10.71 18.28
C28 PCW I . 2.05 -11.25 19.59
C31 PCW I . 8.40 -10.56 2.72
C32 PCW I . 9.76 -9.98 3.16
C33 PCW I . 11.01 -10.97 2.99
C34 PCW I . 12.30 -10.25 2.58
C35 PCW I . 13.34 -10.56 3.72
C36 PCW I . 14.14 -9.30 4.15
C37 PCW I . 15.20 -9.53 5.29
C38 PCW I . 14.64 -9.22 6.63
C39 PCW I . 15.64 -9.44 7.74
C40 PCW I . 15.92 -8.59 8.73
C41 PCW I . 15.26 -7.24 8.92
C42 PCW I . 16.02 -6.17 8.00
C43 PCW I . 16.78 -5.03 8.68
C44 PCW I . 17.39 -4.20 7.58
C45 PCW I . 18.49 -3.27 8.01
C46 PCW I . 18.50 -1.95 7.29
C47 PCW I . 19.29 -0.83 7.93
C48 PCW I . 19.20 0.45 7.09
N PCW I . 8.32 -16.44 -2.09
O2 PCW I . 8.17 -11.66 3.41
O3 PCW I . 6.02 -11.67 5.29
O11 PCW I . 3.76 -11.77 4.97
O31 PCW I . 7.65 -10.04 1.84
O1P PCW I . 10.67 -14.22 0.82
O2P PCW I . 9.06 -14.48 -0.43
O3P PCW I . 8.19 -13.39 1.18
O4P PCW I . 8.67 -15.97 0.70
P PCW I . 9.23 -14.60 1.05
C1 PCW J . 15.40 -17.51 6.21
C2 PCW J . 16.56 -16.50 5.90
C3 PCW J . 16.44 -15.25 6.85
C4 PCW J . 15.18 -18.10 2.31
C5 PCW J . 14.96 -16.67 1.81
C6 PCW J . 14.08 -15.10 0.20
C7 PCW J . 13.91 -17.39 -0.23
C8 PCW J . 15.98 -16.45 -0.44
C11 PCW J . 18.22 -13.86 7.62
C12 PCW J . 19.25 -12.88 7.14
C13 PCW J . 18.96 -11.48 7.80
C14 PCW J . 19.91 -10.34 7.41
C15 PCW J . 21.28 -10.78 6.80
C16 PCW J . 22.40 -10.79 7.91
C17 PCW J . 23.06 -12.17 8.25
C18 PCW J . 22.46 -12.85 9.47
C19 PCW J . 23.46 -12.97 10.65
C20 PCW J . 23.17 -12.51 11.92
C21 PCW J . 21.96 -11.85 12.50
C22 PCW J . 22.42 -11.17 13.83
C23 PCW J . 21.37 -11.04 14.96
C24 PCW J . 21.55 -11.92 16.16
C25 PCW J . 22.28 -11.40 17.43
C26 PCW J . 23.64 -11.99 17.72
C27 PCW J . 24.51 -11.29 18.78
C28 PCW J . 25.87 -10.95 18.21
C31 PCW J . 18.48 -17.63 5.09
C32 PCW J . 19.82 -18.25 5.52
C33 PCW J . 20.84 -17.26 6.25
C34 PCW J . 22.04 -16.90 5.39
C35 PCW J . 22.19 -15.34 5.53
C36 PCW J . 22.39 -14.65 4.15
C37 PCW J . 22.54 -13.11 4.19
C38 PCW J . 23.98 -12.70 4.12
C39 PCW J . 24.16 -11.20 4.16
C40 PCW J . 25.16 -10.53 4.72
C41 PCW J . 26.32 -11.17 5.44
C42 PCW J . 27.57 -10.17 5.37
C43 PCW J . 27.64 -9.01 6.34
C44 PCW J . 28.90 -8.24 6.04
C45 PCW J . 28.70 -6.79 5.68
C46 PCW J . 28.38 -6.56 4.22
C47 PCW J . 27.06 -5.88 3.93
C48 PCW J . 26.86 -5.71 2.41
N PCW J . 14.74 -16.41 0.41
O2 PCW J . 17.88 -17.13 6.18
O3 PCW J . 17.50 -14.31 6.58
O11 PCW J . 18.06 -14.18 8.77
O31 PCW J . 18.04 -17.58 3.90
O1P PCW J . 15.51 -20.52 3.87
O2P PCW J . 13.40 -19.75 4.95
O3P PCW J . 15.67 -18.86 5.76
O4P PCW J . 14.64 -18.16 3.65
P PCW J . 14.78 -19.40 4.54
C1 PCW K . 3.78 14.58 -33.56
C2 PCW K . 3.73 16.11 -33.20
C3 PCW K . 4.03 16.98 -34.47
C4 PCW K . 0.50 12.15 -31.09
C5 PCW K . 0.17 10.86 -30.35
C6 PCW K . -1.90 10.26 -31.45
C7 PCW K . -1.98 11.45 -29.45
C8 PCW K . -1.40 9.25 -29.33
C11 PCW K . 4.63 19.25 -34.93
C12 PCW K . 4.49 20.63 -34.36
C13 PCW K . 5.80 20.94 -33.54
C14 PCW K . 5.86 22.32 -32.88
C15 PCW K . 7.23 22.71 -32.26
C16 PCW K . 8.35 22.73 -33.35
C17 PCW K . 8.55 24.06 -34.15
C18 PCW K . 9.95 24.21 -34.76
C19 PCW K . 10.24 25.65 -35.25
C20 PCW K . 11.47 26.26 -35.07
C21 PCW K . 12.73 25.80 -34.45
C22 PCW K . 13.01 26.76 -33.25
C23 PCW K . 13.33 26.10 -31.87
C24 PCW K . 12.42 26.47 -30.73
C25 PCW K . 11.53 25.40 -30.05
C26 PCW K . 10.08 25.80 -29.80
C27 PCW K . 9.11 25.79 -31.00
C28 PCW K . 7.81 26.45 -30.62
C31 PCW K . 2.34 17.06 -31.53
C32 PCW K . 0.86 17.37 -31.19
C33 PCW K . 0.27 16.58 -29.93
C34 PCW K . 0.84 17.03 -28.59
C35 PCW K . 0.43 18.56 -28.44
C36 PCW K . 1.67 19.48 -28.31
C37 PCW K . 1.36 21.01 -28.17
C38 PCW K . 1.63 21.75 -29.43
C39 PCW K . 1.34 23.22 -29.31
C40 PCW K . 2.21 24.23 -29.47
C41 PCW K . 3.69 24.02 -29.82
C42 PCW K . 4.52 24.07 -28.45
C43 PCW K . 5.74 23.18 -28.33
C44 PCW K . 6.32 23.43 -26.94
C45 PCW K . 7.53 22.60 -26.59
C46 PCW K . 8.84 23.32 -26.80
C47 PCW K . 9.95 22.97 -25.85
C48 PCW K . 11.23 23.77 -26.17
N PCW K . -1.20 10.48 -30.16
O2 PCW K . 2.36 16.47 -32.73
O3 PCW K . 3.97 18.37 -34.12
O11 PCW K . 5.23 18.96 -35.92
O31 PCW K . 3.33 17.31 -30.80
O1P PCW K . 1.34 12.99 -33.74
O2P PCW K . 3.16 11.33 -33.35
O3P PCW K . 3.40 13.72 -32.45
O4P PCW K . 1.90 12.08 -31.46
P PCW K . 2.42 12.50 -32.82
C1 PCW L . -2.12 -3.99 -1.85
C2 PCW L . -0.70 -3.56 -1.31
C3 PCW L . 0.43 -4.27 -2.14
C4 PCW L . -0.46 -2.06 -5.24
C5 PCW L . -0.45 -1.18 -6.49
C6 PCW L . 1.76 -1.55 -7.37
C7 PCW L . 0.09 -0.72 -8.78
C8 PCW L . -0.03 -2.92 -8.18
C11 PCW L . 2.48 -3.04 -2.41
C12 PCW L . 3.78 -2.77 -1.70
C13 PCW L . 3.80 -1.26 -1.25
C14 PCW L . 5.06 -0.81 -0.51
C15 PCW L . 6.18 -0.21 -1.41
C16 PCW L . 7.04 0.83 -0.60
C17 PCW L . 8.50 0.42 -0.21
C18 PCW L . 8.78 0.53 1.28
C19 PCW L . 9.72 1.70 1.64
C20 PCW L . 10.92 1.52 2.31
C21 PCW L . 11.60 0.30 2.84
C22 PCW L . 11.77 0.51 4.37
C23 PCW L . 10.97 -0.41 5.31
C24 PCW L . 11.44 -0.53 6.72
C25 PCW L . 10.79 0.31 7.86
C26 PCW L . 11.06 1.80 7.84
C27 PCW L . 12.37 2.32 8.48
C28 PCW L . 12.99 3.39 7.61
C31 PCW L . -1.00 -1.36 -0.47
C32 PCW L . -0.73 0.12 -0.78
C33 PCW L . -1.70 1.16 -0.04
C34 PCW L . -1.00 2.00 1.02
C35 PCW L . -1.95 3.23 1.29
C36 PCW L . -2.80 3.07 2.57
C37 PCW L . -3.77 4.24 2.90
C38 PCW L . -5.06 3.76 3.46
C39 PCW L . -6.01 4.89 3.79
C40 PCW L . -6.54 5.17 4.97
C41 PCW L . -6.27 4.38 6.25
C42 PCW L . -5.03 5.03 6.98
C43 PCW L . -3.94 4.11 7.52
C44 PCW L . -2.89 5.00 8.16
C45 PCW L . -1.50 4.85 7.60
C46 PCW L . -1.20 5.83 6.49
C47 PCW L . -0.58 5.25 5.24
C48 PCW L . -0.32 6.35 4.19
N PCW L . 0.30 -1.58 -7.64
O2 PCW L . -0.51 -2.09 -1.47
O3 PCW L . 1.72 -3.87 -1.64
O11 PCW L . 2.16 -2.60 -3.48
O31 PCW L . -1.59 -1.81 0.56
O1P PCW L . -1.91 -4.47 -4.54
O2P PCW L . -3.90 -3.03 -4.98
O3P PCW L . -2.77 -2.99 -2.68
O4P PCW L . -1.79 -1.96 -4.66
P PCW L . -2.62 -3.17 -4.27
C1 PCW M . 12.22 7.43 -31.20
C2 PCW M . 13.08 8.69 -30.80
C3 PCW M . 12.17 9.79 -30.14
C4 PCW M . 12.81 5.26 -27.91
C5 PCW M . 13.27 4.09 -27.04
C6 PCW M . 14.28 4.52 -24.73
C7 PCW M . 12.09 3.45 -24.97
C8 PCW M . 13.72 2.80 -25.51
C11 PCW M . 12.92 12.04 -30.56
C12 PCW M . 13.87 13.07 -30.02
C13 PCW M . 13.15 14.46 -30.04
C14 PCW M . 13.99 15.64 -29.53
C15 PCW M . 13.21 16.72 -28.73
C16 PCW M . 13.84 18.14 -28.95
C17 PCW M . 13.34 18.95 -30.19
C18 PCW M . 12.39 20.11 -29.82
C19 PCW M . 11.25 20.31 -30.84
C20 PCW M . 9.97 19.80 -30.64
C21 PCW M . 9.37 19.00 -29.55
C22 PCW M . 7.84 18.96 -29.80
C23 PCW M . 6.92 19.21 -28.58
C24 PCW M . 6.57 18.02 -27.74
C25 PCW M . 6.43 18.15 -26.21
C26 PCW M . 5.03 18.44 -25.68
C27 PCW M . 4.57 17.72 -24.40
C28 PCW M . 3.34 18.39 -23.83
C31 PCW M . 15.31 8.04 -30.32
C32 PCW M . 16.26 7.67 -29.17
C33 PCW M . 17.80 8.04 -29.43
C34 PCW M . 18.01 9.46 -29.93
C35 PCW M . 18.08 10.37 -28.62
C36 PCW M . 17.05 11.51 -28.65
C37 PCW M . 17.04 12.46 -27.41
C38 PCW M . 17.08 13.91 -27.79
C39 PCW M . 17.08 14.82 -26.60
C40 PCW M . 17.31 16.13 -26.58
C41 PCW M . 17.62 16.95 -27.82
C42 PCW M . 18.08 18.40 -27.35
C43 PCW M . 17.93 19.55 -28.32
C44 PCW M . 18.44 20.80 -27.61
C45 PCW M . 18.04 22.11 -28.24
C46 PCW M . 18.89 23.27 -27.82
C47 PCW M . 19.89 23.78 -28.84
C48 PCW M . 20.69 24.96 -28.28
N PCW M . 13.15 4.17 -25.62
O2 PCW M . 14.10 8.31 -29.79
O3 PCW M . 12.99 10.92 -29.79
O11 PCW M . 12.22 12.17 -31.52
O31 PCW M . 15.60 8.06 -31.54
O1P PCW M . 11.03 5.12 -30.19
O2P PCW M . 12.84 3.66 -31.11
O3P PCW M . 12.99 6.21 -31.35
O4P PCW M . 13.35 5.05 -29.24
P PCW M . 12.49 4.96 -30.48
C1 PCW N . 2.21 -6.14 1.25
C2 PCW N . 2.83 -4.98 2.11
C3 PCW N . 2.24 -3.60 1.66
C4 PCW N . -1.87 -8.51 2.42
C5 PCW N . -2.40 -9.86 2.89
C6 PCW N . -3.94 -11.72 2.73
C7 PCW N . -4.15 -9.94 1.24
C8 PCW N . -4.81 -9.57 3.39
C11 PCW N . 2.30 -1.29 2.30
C12 PCW N . 3.05 -0.33 3.20
C13 PCW N . 3.17 1.05 2.45
C14 PCW N . 3.90 2.15 3.23
C15 PCW N . 3.01 3.29 3.79
C16 PCW N . 3.84 4.60 4.01
C17 PCW N . 4.06 5.07 5.49
C18 PCW N . 3.38 6.39 5.82
C19 PCW N . 3.81 6.97 7.19
C20 PCW N . 2.93 7.69 7.99
C21 PCW N . 1.51 8.07 7.83
C22 PCW N . 1.18 9.07 8.98
C23 PCW N . 0.31 8.55 10.15
C24 PCW N . -0.96 9.31 10.44
C25 PCW N . -1.78 9.02 11.73
C26 PCW N . -2.80 7.90 11.66
C27 PCW N . -2.95 6.99 12.88
C28 PCW N . -2.07 5.77 12.75
C31 PCW N . 3.47 -5.69 4.28
C32 PCW N . 2.98 -5.81 5.74
C33 PCW N . 3.46 -4.65 6.72
C34 PCW N . 4.58 -5.07 7.68
C35 PCW N . 5.39 -3.76 8.01
C36 PCW N . 5.46 -3.48 9.53
C37 PCW N . 6.25 -2.20 9.93
C38 PCW N . 6.93 -2.34 11.24
C39 PCW N . 7.70 -1.11 11.65
C40 PCW N . 9.03 -0.99 11.75
C41 PCW N . 10.00 -2.12 11.46
C42 PCW N . 10.47 -2.75 12.84
C43 PCW N . 11.60 -3.77 12.83
C44 PCW N . 11.84 -4.19 14.28
C45 PCW N . 12.95 -3.46 14.99
C46 PCW N . 12.65 -3.17 16.44
C47 PCW N . 12.27 -1.74 16.76
C48 PCW N . 11.99 -1.57 18.25
N PCW N . -3.76 -10.26 2.59
O2 PCW N . 2.49 -5.16 3.56
O3 PCW N . 2.82 -2.55 2.45
O11 PCW N . 1.40 -0.99 1.57
O31 PCW N . 4.62 -6.05 3.87
O1P PCW N . -0.57 -6.91 0.36
O2P PCW N . 0.95 -8.88 0.22
O3P PCW N . 1.36 -7.04 1.99
O4P PCW N . -0.46 -8.67 2.15
P PCW N . 0.30 -7.88 1.10
C1 PCW O . 6.52 2.66 -21.10
C2 PCW O . 6.83 4.16 -21.49
C3 PCW O . 5.57 5.07 -21.30
C4 PCW O . 2.56 -0.08 -21.53
C5 PCW O . 2.31 -1.00 -22.74
C6 PCW O . 1.85 0.09 -24.84
C7 PCW O . 0.23 0.13 -23.18
C8 PCW O . 0.55 -1.84 -24.26
C11 PCW O . 5.89 7.36 -20.68
C12 PCW O . 6.22 8.70 -21.28
C13 PCW O . 7.79 8.80 -21.45
C14 PCW O . 8.29 10.11 -22.05
C15 PCW O . 7.95 10.34 -23.55
C16 PCW O . 9.02 11.26 -24.24
C17 PCW O . 8.64 11.90 -25.61
C18 PCW O . 9.77 11.83 -26.65
C19 PCW O . 9.68 12.94 -27.72
C20 PCW O . 10.27 14.18 -27.56
C21 PCW O . 11.08 14.77 -26.45
C22 PCW O . 10.15 15.78 -25.70
C23 PCW O . 10.37 17.28 -25.97
C24 PCW O . 10.88 18.10 -24.83
C25 PCW O . 12.40 18.36 -24.64
C26 PCW O . 12.98 19.56 -25.37
C27 PCW O . 14.13 20.33 -24.69
C28 PCW O . 15.07 20.88 -25.73
C31 PCW O . 9.13 4.63 -21.14
C32 PCW O . 10.12 5.22 -20.12
C33 PCW O . 11.09 6.36 -20.68
C34 PCW O . 12.56 5.93 -20.76
C35 PCW O . 13.39 7.28 -20.72
C36 PCW O . 14.84 7.06 -20.23
C37 PCW O . 15.72 8.34 -20.18
C38 PCW O . 16.71 8.30 -19.04
C39 PCW O . 17.55 9.55 -18.98
C40 PCW O . 18.38 9.90 -18.00
C41 PCW O . 18.60 9.10 -16.73
C42 PCW O . 19.33 10.04 -15.66
C43 PCW O . 20.79 10.40 -15.89
C44 PCW O . 21.21 11.29 -14.73
C45 PCW O . 22.20 12.38 -15.08
C46 PCW O . 22.57 13.24 -13.90
C47 PCW O . 23.77 14.14 -14.08
C48 PCW O . 24.04 14.96 -12.81
N PCW O . 1.29 -0.67 -23.71
O2 PCW O . 7.91 4.70 -20.61
O3 PCW O . 5.88 6.42 -21.66
O11 PCW O . 5.68 7.16 -19.51
O31 PCW O . 9.43 4.17 -22.27
O1P PCW O . 3.47 2.26 -22.96
O2P PCW O . 5.58 0.96 -23.15
O3P PCW O . 5.11 2.34 -21.03
O4P PCW O . 3.97 0.25 -21.54
P PCW O . 4.53 1.45 -22.26
C1 PCW P . -8.87 9.73 -12.45
C2 PCW P . -9.72 11.02 -12.14
C3 PCW P . -9.26 11.66 -10.79
C4 PCW P . -8.91 5.99 -15.14
C5 PCW P . -8.03 5.67 -16.36
C6 PCW P . -6.08 7.26 -15.94
C7 PCW P . -5.74 5.16 -17.14
C8 PCW P . -6.77 6.60 -17.66
C11 PCW P . -10.94 12.78 -9.48
C12 PCW P . -11.63 14.11 -9.35
C13 PCW P . -11.04 14.86 -8.10
C14 PCW P . -11.66 16.24 -7.82
C15 PCW P . -10.64 17.43 -7.74
C16 PCW P . -11.40 18.78 -7.54
C17 PCW P . -11.75 19.61 -8.83
C18 PCW P . -12.46 20.93 -8.52
C19 PCW P . -13.97 20.88 -8.84
C20 PCW P . -14.66 21.98 -9.34
C21 PCW P . -14.24 23.35 -9.69
C22 PCW P . -14.87 24.30 -8.64
C23 PCW P . -14.68 25.82 -8.85
C24 PCW P . -15.89 26.69 -8.70
C25 PCW P . -16.24 27.36 -7.35
C26 PCW P . -16.94 26.49 -6.32
C27 PCW P . -16.73 26.83 -4.83
C28 PCW P . -15.89 25.77 -4.16
C31 PCW P . -10.58 12.30 -13.94
C32 PCW P . -10.20 13.36 -14.99
C33 PCW P . -11.41 14.30 -15.47
C34 PCW P . -10.94 15.48 -16.32
C35 PCW P . -11.74 16.74 -15.79
C36 PCW P . -11.32 18.06 -16.47
C37 PCW P . -12.06 19.34 -15.99
C38 PCW P . -11.77 20.52 -16.86
C39 PCW P . -12.48 21.77 -16.42
C40 PCW P . -12.09 23.02 -16.61
C41 PCW P . -10.82 23.41 -17.36
C42 PCW P . -11.21 24.47 -18.49
C43 PCW P . -10.14 25.42 -18.99
C44 PCW P . -10.79 26.31 -20.05
C45 PCW P . -10.85 27.77 -19.72
C46 PCW P . -11.55 28.60 -20.75
C47 PCW P . -12.72 29.43 -20.27
C48 PCW P . -13.36 30.22 -21.42
N PCW P . -6.64 5.94 -16.32
O2 PCW P . -9.50 12.05 -13.21
O3 PCW P . -10.04 12.83 -10.51
O11 PCW P . -11.13 11.83 -8.78
O31 PCW P . -11.72 11.77 -13.82
O1P PCW P . -10.22 7.32 -12.93
O2P PCW P . -11.24 8.69 -14.75
O3P PCW P . -8.92 9.30 -13.82
O4P PCW P . -9.30 7.38 -15.26
P PCW P . -10.00 8.15 -14.16
C1 PCW Q . -5.50 -0.52 -10.37
C2 PCW Q . -5.09 0.86 -9.70
C3 PCW Q . -6.18 1.95 -10.00
C4 PCW Q . -7.19 -2.50 -6.45
C5 PCW Q . -7.46 -1.33 -5.50
C6 PCW Q . -8.82 -0.90 -3.39
C7 PCW Q . -6.69 -2.10 -3.27
C8 PCW Q . -6.97 -0.35 -3.79
C11 PCW Q . -6.58 3.70 -8.40
C12 PCW Q . -6.02 5.02 -7.93
C13 PCW Q . -6.80 6.16 -8.67
C14 PCW Q . -6.35 7.58 -8.31
C15 PCW Q . -6.71 8.69 -9.35
C16 PCW Q . -6.31 10.11 -8.82
C17 PCW Q . -5.83 11.16 -9.87
C18 PCW Q . -4.30 11.28 -9.97
C19 PCW Q . -3.68 11.96 -8.73
C20 PCW Q . -2.44 12.59 -8.77
C21 PCW Q . -1.44 12.77 -9.85
C22 PCW Q . -0.47 11.55 -9.79
C23 PCW Q . 0.05 10.98 -11.14
C24 PCW Q . 1.45 11.34 -11.53
C25 PCW Q . 1.74 12.58 -12.42
C26 PCW Q . 1.72 13.93 -11.72
C27 PCW Q . 2.88 14.27 -10.74
C28 PCW Q . 3.10 15.76 -10.69
C31 PCW Q . -3.77 0.57 -7.76
C32 PCW Q . -3.85 0.43 -6.22
C33 PCW Q . -3.80 1.81 -5.41
C34 PCW Q . -2.68 1.87 -4.38
C35 PCW Q . -2.65 3.37 -3.85
C36 PCW Q . -1.32 3.73 -3.16
C37 PCW Q . -1.22 5.19 -2.62
C38 PCW Q . 0.15 5.51 -2.11
C39 PCW Q . 0.26 6.91 -1.57
C40 PCW Q . 0.82 7.95 -2.17
C41 PCW Q . 1.47 7.89 -3.54
C42 PCW Q . 1.26 9.31 -4.25
C43 PCW Q . 2.07 9.62 -5.49
C44 PCW Q . 1.67 11.01 -5.94
C45 PCW Q . 2.41 12.14 -5.28
C46 PCW Q . 2.43 13.41 -6.09
C47 PCW Q . 3.27 14.55 -5.55
C48 PCW Q . 3.19 15.77 -6.47
N PCW Q . -7.74 -1.58 -4.13
O2 PCW Q . -5.01 0.71 -8.22
O3 PCW Q . -5.79 3.19 -9.39
O11 PCW Q . -7.58 3.18 -7.97
O31 PCW Q . -2.72 0.54 -8.44
O1P PCW Q . -7.28 -3.55 -9.17
O2P PCW Q . -4.85 -2.99 -9.15
O3P PCW Q . -6.60 -1.19 -9.71
O4P PCW Q . -6.24 -2.02 -7.46
P PCW Q . -6.22 -2.52 -8.89
C1 PCW R . 7.51 -23.65 19.13
C2 PCW R . 6.50 -23.12 20.21
C3 PCW R . 7.28 -22.70 21.51
C4 PCW R . 6.61 -24.03 14.34
C5 PCW R . 7.57 -24.55 13.26
C6 PCW R . 8.29 -22.59 12.03
C7 PCW R . 6.31 -23.67 11.42
C8 PCW R . 8.26 -24.72 10.89
C11 PCW R . 6.82 -21.47 23.52
C12 PCW R . 5.67 -21.06 24.41
C13 PCW R . 5.94 -21.63 25.86
C14 PCW R . 4.87 -21.30 26.90
C15 PCW R . 5.38 -20.95 28.33
C16 PCW R . 4.71 -19.63 28.85
C17 PCW R . 5.61 -18.64 29.66
C18 PCW R . 5.14 -17.18 29.58
C19 PCW R . 6.18 -16.25 28.92
C20 PCW R . 6.73 -15.17 29.60
C21 PCW R . 6.54 -14.63 30.97
C22 PCW R . 7.93 -14.73 31.68
C23 PCW R . 8.83 -13.48 31.65
C24 PCW R . 10.23 -13.67 31.15
C25 PCW R . 11.45 -13.43 32.08
C26 PCW R . 11.90 -14.59 32.94
C27 PCW R . 12.33 -14.30 34.38
C28 PCW R . 12.44 -15.58 35.17
C31 PCW R . 4.53 -21.81 20.12
C32 PCW R . 3.94 -20.53 19.52
C33 PCW R . 3.41 -19.45 20.59
C34 PCW R . 1.89 -19.29 20.58
C35 PCW R . 1.56 -18.28 21.76
C36 PCW R . 0.36 -18.72 22.62
C37 PCW R . -0.02 -17.76 23.79
C38 PCW R . -1.36 -18.07 24.37
C39 PCW R . -1.74 -17.15 25.51
C40 PCW R . -2.82 -16.36 25.58
C41 PCW R . -3.88 -16.28 24.50
C42 PCW R . -5.13 -15.50 25.11
C43 PCW R . -6.42 -16.26 25.35
C44 PCW R . -7.42 -15.28 25.92
C45 PCW R . -7.75 -15.47 27.38
C46 PCW R . -9.22 -15.39 27.68
C47 PCW R . -9.63 -14.45 28.80
C48 PCW R . -11.16 -14.47 28.99
N PCW R . 7.61 -23.91 11.96
O2 PCW R . 5.79 -21.91 19.70
O3 PCW R . 6.33 -22.22 22.49
O11 PCW R . 7.96 -21.16 23.69
O31 PCW R . 3.93 -22.61 20.89
O1P PCW R . 5.51 -22.47 16.51
O2P PCW R . 7.89 -21.86 16.92
O3P PCW R . 6.89 -24.05 17.89
O4P PCW R . 7.41 -23.77 15.52
P PCW R . 6.90 -22.96 16.70
C1 PCW S . 12.03 -14.15 4.63
C2 PCW S . 11.83 -14.17 6.20
C3 PCW S . 12.92 -15.10 6.86
C4 PCW S . 10.38 -18.01 5.05
C5 PCW S . 10.92 -18.68 6.30
C6 PCW S . 9.43 -20.29 7.30
C7 PCW S . 11.74 -20.70 7.32
C8 PCW S . 10.66 -20.94 5.32
C11 PCW S . 12.72 -16.31 8.92
C12 PCW S . 12.53 -16.11 10.39
C13 PCW S . 11.17 -16.80 10.80
C14 PCW S . 10.81 -16.68 12.29
C15 PCW S . 9.61 -15.76 12.62
C16 PCW S . 8.41 -16.58 13.22
C17 PCW S . 7.52 -17.38 12.22
C18 PCW S . 7.06 -18.74 12.76
C19 PCW S . 5.53 -18.93 12.71
C20 PCW S . 4.70 -18.58 13.76
C21 PCW S . 4.96 -18.00 15.09
C22 PCW S . 3.58 -17.55 15.66
C23 PCW S . 3.43 -17.50 17.21
C24 PCW S . 2.95 -16.20 17.79
C25 PCW S . 3.42 -15.74 19.20
C26 PCW S . 4.83 -15.20 19.30
C27 PCW S . 5.01 -13.66 19.42
C28 PCW S . 6.09 -13.19 18.48
C31 PCW S . 10.93 -12.04 6.67
C32 PCW S . 11.26 -10.67 7.28
C33 PCW S . 10.39 -9.44 6.73
C34 PCW S . 10.56 -8.16 7.56
C35 PCW S . 9.19 -7.96 8.31
C36 PCW S . 9.31 -7.01 9.53
C37 PCW S . 7.99 -6.78 10.33
C38 PCW S . 8.24 -6.35 11.74
C39 PCW S . 6.98 -6.12 12.53
C40 PCW S . 6.53 -6.84 13.56
C41 PCW S . 7.25 -8.05 14.13
C42 PCW S . 6.59 -8.41 15.53
C43 PCW S . 7.32 -7.99 16.80
C44 PCW S . 6.47 -8.45 17.98
C45 PCW S . 7.21 -9.25 19.01
C46 PCW S . 6.78 -8.96 20.43
C47 PCW S . 6.28 -10.14 21.23
C48 PCW S . 5.88 -9.70 22.65
N PCW S . 10.69 -20.08 6.55
O2 PCW S . 12.01 -12.81 6.77
O3 PCW S . 12.73 -15.11 8.28
O11 PCW S . 12.86 -17.38 8.37
O31 PCW S . 9.82 -12.36 6.16
O1P PCW S . 10.17 -15.67 3.33
O2P PCW S . 11.96 -16.83 2.05
O3P PCW S . 12.56 -15.36 4.08
O4P PCW S . 11.53 -17.56 4.29
P PCW S . 11.51 -16.36 3.38
C1 PCW T . 22.10 -5.17 -18.51
C2 PCW T . 22.38 -3.62 -18.65
C3 PCW T . 21.06 -2.81 -18.47
C4 PCW T . 23.56 -4.84 -14.89
C5 PCW T . 24.52 -5.05 -13.72
C6 PCW T . 26.04 -3.01 -13.40
C7 PCW T . 24.74 -3.92 -11.53
C8 PCW T . 26.11 -4.73 -12.47
C11 PCW T . 20.49 -0.64 -19.32
C12 PCW T . 20.98 0.77 -19.33
C13 PCW T . 21.03 1.30 -17.85
C14 PCW T . 21.52 2.75 -17.68
C15 PCW T . 22.90 3.08 -18.31
C16 PCW T . 23.83 3.81 -17.27
C17 PCW T . 25.37 3.58 -17.40
C18 PCW T . 26.13 4.80 -17.91
C19 PCW T . 27.14 5.35 -16.87
C20 PCW T . 26.77 6.23 -15.86
C21 PCW T . 25.47 6.84 -15.49
C22 PCW T . 25.78 7.95 -14.45
C23 PCW T . 24.67 8.99 -14.16
C24 PCW T . 25.09 10.28 -13.54
C25 PCW T . 24.74 10.61 -12.06
C26 PCW T . 25.89 10.57 -11.07
C27 PCW T . 26.85 11.78 -11.04
C28 PCW T . 27.24 12.08 -9.62
C31 PCW T . 24.45 -2.63 -18.05
C32 PCW T . 25.31 -2.23 -16.84
C33 PCW T . 25.19 -0.68 -16.41
C34 PCW T . 26.39 0.16 -16.86
C35 PCW T . 27.32 0.30 -15.59
C36 PCW T . 28.46 -0.73 -15.56
C37 PCW T . 29.41 -0.65 -14.34
C38 PCW T . 30.47 0.39 -14.52
C39 PCW T . 31.41 0.49 -13.35
C40 PCW T . 31.15 1.04 -12.16
C41 PCW T . 29.82 1.67 -11.77
C42 PCW T . 29.92 3.24 -12.06
C43 PCW T . 29.22 3.80 -13.28
C44 PCW T . 29.49 5.30 -13.29
C45 PCW T . 30.40 5.77 -14.39
C46 PCW T . 30.85 7.20 -14.22
C47 PCW T . 30.01 8.25 -14.93
C48 PCW T . 30.56 9.66 -14.68
N PCW T . 24.96 -3.92 -12.95
O2 PCW T . 23.32 -3.18 -17.58
O3 PCW T . 21.34 -1.42 -18.60
O11 PCW T . 19.49 -1.04 -19.86
O31 PCW T . 24.77 -2.48 -19.26
O1P PCW T . 22.02 -6.87 -16.26
O2P PCW T . 24.27 -7.81 -16.78
O3P PCW T . 23.27 -5.96 -18.27
O4P PCW T . 24.14 -5.54 -16.03
P PCW T . 23.40 -6.61 -16.80
C1 PCW U . -17.91 5.81 -10.17
C2 PCW U . -16.69 6.81 -10.31
C3 PCW U . -17.19 8.19 -10.87
C4 PCW U . -21.23 3.95 -12.91
C5 PCW U . -21.08 5.03 -13.99
C6 PCW U . -21.66 3.73 -16.12
C7 PCW U . -22.32 6.08 -15.87
C8 PCW U . -20.61 5.39 -15.96
C11 PCW U . -16.30 10.41 -10.79
C12 PCW U . -15.01 11.18 -10.94
C13 PCW U . -15.31 12.43 -11.85
C14 PCW U . -14.11 13.33 -12.13
C15 PCW U . -14.31 14.83 -11.77
C16 PCW U . -13.16 15.71 -12.37
C17 PCW U . -12.66 16.93 -11.51
C18 PCW U . -11.49 17.68 -12.15
C19 PCW U . -10.12 17.06 -11.81
C20 PCW U . -8.98 17.32 -12.56
C21 PCW U . -8.74 18.15 -13.76
C22 PCW U . -7.96 19.41 -13.28
C23 PCW U . -6.41 19.30 -13.18
C24 PCW U . -5.72 20.35 -12.36
C25 PCW U . -5.47 20.15 -10.84
C26 PCW U . -5.18 21.40 -10.03
C27 PCW U . -6.23 21.83 -8.97
C28 PCW U . -6.65 23.25 -9.20
C31 PCW U . -14.93 6.45 -8.76
C32 PCW U . -14.44 6.81 -7.35
C33 PCW U . -13.95 8.32 -7.16
C34 PCW U . -15.05 9.26 -6.65
C35 PCW U . -14.40 10.71 -6.61
C36 PCW U . -15.44 11.81 -6.30
C37 PCW U . -14.88 13.26 -6.24
C38 PCW U . -15.70 14.13 -5.34
C39 PCW U . -15.18 15.55 -5.26
C40 PCW U . -14.26 16.02 -4.42
C41 PCW U . -13.55 15.17 -3.38
C42 PCW U . -13.49 16.01 -2.02
C43 PCW U . -12.48 15.59 -0.96
C44 PCW U . -12.64 16.56 0.21
C45 PCW U . -11.53 17.57 0.37
C46 PCW U . -10.54 17.21 1.44
C47 PCW U . -9.72 18.35 2.01
C48 PCW U . -8.76 17.84 3.08
N PCW U . -21.82 4.89 -15.22
O2 PCW U . -16.09 7.06 -8.96
O3 PCW U . -16.07 9.08 -10.97
O11 PCW U . -17.37 10.90 -10.53
O31 PCW U . -14.32 5.70 -9.58
O1P PCW U . -18.74 2.69 -12.05
O2P PCW U . -19.48 3.46 -9.80
O3P PCW U . -18.20 5.06 -11.37
O4P PCW U . -20.53 4.44 -11.73
P PCW U . -19.24 3.83 -11.20
C1 PCW V . -20.61 4.54 3.66
C2 PCW V . -20.24 6.07 3.77
C3 PCW V . -21.36 6.83 4.57
C4 PCW V . -16.72 2.60 1.44
C5 PCW V . -15.94 3.07 0.22
C6 PCW V . -16.12 1.35 -1.46
C7 PCW V . -14.48 1.16 0.19
C8 PCW V . -14.14 2.72 -1.45
C11 PCW V . -21.26 9.01 3.58
C12 PCW V . -20.84 10.42 3.89
C13 PCW V . -22.04 11.16 4.58
C14 PCW V . -21.79 12.62 4.95
C15 PCW V . -22.80 13.65 4.39
C16 PCW V . -22.22 14.36 3.11
C17 PCW V . -21.43 15.69 3.31
C18 PCW V . -21.72 16.74 2.25
C19 PCW V . -20.51 17.66 1.95
C20 PCW V . -20.54 19.03 2.19
C21 PCW V . -21.59 19.93 2.73
C22 PCW V . -21.83 21.03 1.65
C23 PCW V . -22.55 20.60 0.34
C24 PCW V . -23.91 19.97 0.48
C25 PCW V . -25.19 20.85 0.57
C26 PCW V . -26.40 20.22 1.23
C27 PCW V . -27.14 21.04 2.32
C28 PCW V . -28.19 21.91 1.69
C31 PCW V . -18.02 6.92 3.86
C32 PCW V . -16.77 7.00 4.75
C33 PCW V . -16.99 7.65 6.19
C34 PCW V . -16.98 9.18 6.18
C35 PCW V . -18.48 9.63 6.41
C36 PCW V . -18.84 9.74 7.91
C37 PCW V . -20.30 10.17 8.22
C38 PCW V . -20.41 11.64 8.47
C39 PCW V . -21.83 12.08 8.77
C40 PCW V . -22.21 13.28 9.20
C41 PCW V . -21.27 14.43 9.46
C42 PCW V . -22.07 15.78 9.16
C43 PCW V . -21.80 16.52 7.85
C44 PCW V . -22.68 17.75 7.85
C45 PCW V . -21.95 19.06 7.69
C46 PCW V . -22.50 20.18 8.53
C47 PCW V . -21.60 20.72 9.62
C48 PCW V . -22.30 21.85 10.39
N PCW V . -15.22 2.12 -0.59
O2 PCW V . -18.97 6.23 4.51
O3 PCW V . -21.02 8.22 4.67
O11 PCW V . -21.73 8.63 2.54
O31 PCW V . -18.14 7.42 2.69
O1P PCW V . -19.53 1.84 1.71
O2P PCW V . -19.92 4.17 0.92
O3P PCW V . -19.47 3.68 3.41
O4P PCW V . -17.73 3.61 1.71
P PCW V . -19.20 3.29 1.87
C1 PCW W . -8.36 -14.01 12.93
C2 PCW W . -8.95 -13.14 14.11
C3 PCW W . -9.29 -11.69 13.60
C4 PCW W . -12.62 -14.94 11.46
C5 PCW W . -13.42 -15.75 12.48
C6 PCW W . -14.67 -15.10 14.61
C7 PCW W . -15.79 -15.02 12.44
C8 PCW W . -15.12 -16.51 13.32
C11 PCW W . -8.96 -10.18 15.44
C12 PCW W . -9.72 -9.43 16.50
C13 PCW W . -9.22 -9.94 17.90
C14 PCW W . -9.90 -9.28 19.10
C15 PCW W . -9.67 -9.98 20.48
C16 PCW W . -8.68 -9.14 21.38
C17 PCW W . -8.30 -9.74 22.77
C18 PCW W . -7.45 -8.79 23.63
C19 PCW W . -8.26 -8.17 24.80
C20 PCW W . -7.91 -6.95 25.39
C21 PCW W . -6.80 -6.00 25.12
C22 PCW W . -6.71 -5.07 26.36
C23 PCW W . -5.45 -5.21 27.27
C24 PCW W . -4.37 -4.19 27.09
C25 PCW W . -4.47 -2.79 27.76
C26 PCW W . -3.37 -2.44 28.75
C27 PCW W . -3.13 -0.95 29.06
C28 PCW W . -2.76 -0.77 30.51
C31 PCW W . -10.18 -14.07 15.91
C32 PCW W . -11.54 -14.68 16.27
C33 PCW W . -11.82 -14.85 17.84
C34 PCW W . -12.17 -13.53 18.54
C35 PCW W . -12.52 -13.92 20.04
C36 PCW W . -13.34 -12.83 20.76
C37 PCW W . -13.71 -13.14 22.25
C38 PCW W . -15.05 -12.58 22.62
C39 PCW W . -15.43 -12.87 24.04
C40 PCW W . -15.15 -12.14 25.12
C41 PCW W . -14.38 -10.83 25.07
C42 PCW W . -13.58 -10.67 26.45
C43 PCW W . -12.26 -9.94 26.44
C44 PCW W . -11.74 -9.95 27.87
C45 PCW W . -10.24 -10.09 28.01
C46 PCW W . -9.68 -9.32 29.18
C47 PCW W . -8.79 -10.10 30.12
C48 PCW W . -8.27 -9.21 31.26
N PCW W . -14.53 -15.15 13.14
O2 PCW W . -10.22 -13.74 14.62
O3 PCW W . -9.82 -10.92 14.68
O11 PCW W . -7.77 -10.12 15.26
O31 PCW W . -9.21 -13.91 16.69
O1P PCW W . -10.26 -13.32 11.01
O2P PCW W . -9.39 -15.38 9.93
O3P PCW W . -9.23 -15.08 12.49
O4P PCW W . -11.32 -15.57 11.35
P PCW W . -10.04 -14.79 11.13
C1 PCW X . 19.36 3.35 -26.65
C2 PCW X . 19.88 4.33 -25.53
C3 PCW X . 21.30 3.87 -25.02
C4 PCW X . 16.62 3.67 -30.60
C5 PCW X . 16.16 4.75 -31.58
C6 PCW X . 16.96 5.83 -33.75
C7 PCW X . 16.08 3.55 -33.75
C8 PCW X . 15.18 5.10 -33.33
C11 PCW X . 22.98 5.36 -24.16
C12 PCW X . 23.27 6.24 -22.97
C13 PCW X . 24.83 6.36 -22.81
C14 PCW X . 25.31 7.23 -21.65
C15 PCW X . 25.02 8.75 -21.77
C16 PCW X . 26.09 9.44 -22.68
C17 PCW X . 25.81 10.93 -23.11
C18 PCW X . 26.75 11.42 -24.22
C19 PCW X . 28.11 11.89 -23.66
C20 PCW X . 28.71 13.08 -24.06
C21 PCW X . 28.30 14.15 -25.01
C22 PCW X . 29.42 14.22 -26.10
C23 PCW X . 30.80 14.78 -25.65
C24 PCW X . 31.23 16.09 -26.26
C25 PCW X . 31.81 17.22 -25.38
C26 PCW X . 32.24 18.48 -26.09
C27 PCW X . 33.42 19.28 -25.50
C28 PCW X . 32.91 20.36 -24.59
C31 PCW X . 19.38 6.65 -25.40
C32 PCW X . 19.62 8.00 -26.09
C33 PCW X . 21.13 8.52 -26.11
C34 PCW X . 21.68 8.84 -24.73
C35 PCW X . 21.32 10.36 -24.45
C36 PCW X . 22.06 10.92 -23.21
C37 PCW X . 21.76 12.42 -22.87
C38 PCW X . 22.88 13.32 -23.30
C39 PCW X . 22.61 14.77 -22.98
C40 PCW X . 22.70 15.80 -23.81
C41 PCW X . 23.11 15.71 -25.27
C42 PCW X . 23.60 17.16 -25.74
C43 PCW X . 22.55 18.24 -25.96
C44 PCW X . 23.31 19.49 -26.41
C45 PCW X . 22.51 20.77 -26.33
C46 PCW X . 23.32 21.94 -25.85
C47 PCW X . 23.04 22.42 -24.44
C48 PCW X . 23.92 23.63 -24.08
N PCW X . 16.55 4.65 -32.96
O2 PCW X . 20.03 5.71 -26.08
O3 PCW X . 21.76 4.78 -24.00
O11 PCW X . 23.71 5.21 -25.10
O31 PCW X . 18.67 6.46 -24.37
O1P PCW X . 17.12 2.14 -28.21
O2P PCW X . 16.30 4.19 -27.07
O3P PCW X . 18.77 4.01 -27.79
O4P PCW X . 16.94 4.35 -29.35
P PCW X . 17.23 3.62 -28.07
C1 PCW Y . 0.81 3.45 -26.60
C2 PCW Y . 1.60 4.78 -26.31
C3 PCW Y . 2.79 4.48 -25.33
C4 PCW Y . -2.05 4.85 -24.06
C5 PCW Y . -1.19 6.11 -24.02
C6 PCW Y . -2.89 8.00 -23.80
C7 PCW Y . -0.75 8.11 -22.62
C8 PCW Y . -1.04 8.11 -24.44
C11 PCW Y . 2.96 6.61 -24.20
C12 PCW Y . 3.89 7.79 -24.05
C13 PCW Y . 3.66 8.76 -25.27
C14 PCW Y . 4.53 10.02 -25.27
C15 PCW Y . 3.75 11.36 -25.13
C16 PCW Y . 4.07 12.03 -23.76
C17 PCW Y . 4.81 13.42 -23.80
C18 PCW Y . 5.80 13.60 -22.64
C19 PCW Y . 5.44 14.82 -21.76
C20 PCW Y . 6.31 15.90 -21.59
C21 PCW Y . 7.67 16.18 -22.13
C22 PCW Y . 8.65 16.08 -20.94
C23 PCW Y . 9.97 16.88 -21.02
C24 PCW Y . 9.87 18.37 -20.95
C25 PCW Y . 9.66 19.10 -19.59
C26 PCW Y . 10.69 20.16 -19.22
C27 PCW Y . 10.20 21.61 -19.05
C28 PCW Y . 11.09 22.56 -19.81
C31 PCW Y . 1.68 6.49 -27.95
C32 PCW Y . 2.36 6.90 -29.27
C33 PCW Y . 3.94 6.62 -29.35
C34 PCW Y . 4.78 7.68 -28.67
C35 PCW Y . 6.15 6.96 -28.33
C36 PCW Y . 6.51 7.08 -26.83
C37 PCW Y . 7.85 6.39 -26.40
C38 PCW Y . 8.72 7.32 -25.64
C39 PCW Y . 10.02 6.68 -25.21
C40 PCW Y . 11.24 7.08 -25.54
C41 PCW Y . 11.56 8.27 -26.42
C42 PCW Y . 12.50 9.26 -25.59
C43 PCW Y . 13.40 10.21 -26.36
C44 PCW Y . 14.17 11.03 -25.33
C45 PCW Y . 13.50 12.31 -24.92
C46 PCW Y . 14.34 13.16 -24.00
C47 PCW Y . 14.05 14.64 -24.02
C48 PCW Y . 14.99 15.39 -23.05
N PCW Y . -1.68 7.29 -23.37
O2 PCW Y . 2.19 5.31 -27.58
O3 PCW Y . 3.52 5.70 -25.06
O11 PCW Y . 1.91 6.49 -23.64
O31 PCW Y . 0.78 7.15 -27.36
O1P PCW Y . -3.01 3.74 -26.59
O2P PCW Y . -1.73 1.74 -25.86
O3P PCW Y . -0.54 3.68 -27.07
O4P PCW Y . -1.29 3.83 -24.75
P PCW Y . -1.71 3.21 -26.07
C1 PCW Z . -9.26 4.00 -4.31
C2 PCW Z . -9.32 5.58 -4.40
C3 PCW Z . -10.14 6.00 -5.67
C4 PCW Z . -10.73 3.05 -7.50
C5 PCW Z . -11.46 3.95 -8.51
C6 PCW Z . -11.27 5.72 -10.34
C7 PCW Z . -9.73 3.81 -10.30
C8 PCW Z . -11.56 3.77 -10.54
C11 PCW Z . -10.12 8.01 -6.99
C12 PCW Z . -10.24 9.51 -6.86
C13 PCW Z . -8.99 10.04 -6.05
C14 PCW Z . -8.96 11.54 -5.83
C15 PCW Z . -9.32 12.03 -4.40
C16 PCW Z . -9.81 13.53 -4.43
C17 PCW Z . -8.80 14.62 -3.93
C18 PCW Z . -8.25 14.34 -2.53
C19 PCW Z . -8.60 15.46 -1.52
C20 PCW Z . -7.67 16.42 -1.13
C21 PCW Z . -6.26 16.66 -1.51
C22 PCW Z . -5.75 17.82 -0.61
C23 PCW Z . -4.44 17.59 0.18
C24 PCW Z . -4.44 17.98 1.63
C25 PCW Z . -4.08 16.95 2.74
C26 PCW Z . -5.03 16.89 3.93
C27 PCW Z . -5.77 15.56 4.18
C28 PCW Z . -6.25 15.50 5.62
C31 PCW Z . -9.24 6.40 -2.18
C32 PCW Z . -10.10 6.96 -1.05
C33 PCW Z . -10.43 8.53 -1.15
C34 PCW Z . -9.20 9.40 -1.43
C35 PCW Z . -8.87 10.14 -0.07
C36 PCW Z . -9.45 11.57 -0.02
C37 PCW Z . -9.16 12.37 1.29
C38 PCW Z . -10.11 11.99 2.39
C39 PCW Z . -9.84 12.74 3.67
C40 PCW Z . -10.67 13.57 4.30
C41 PCW Z . -12.06 13.92 3.82
C42 PCW Z . -13.11 13.22 4.79
C43 PCW Z . -14.51 13.80 4.90
C44 PCW Z . -15.27 12.94 5.89
C45 PCW Z . -15.64 13.62 7.19
C46 PCW Z . -15.90 12.67 8.31
C47 PCW Z . -16.75 13.20 9.45
C48 PCW Z . -16.94 12.13 10.53
N PCW Z . -10.74 4.56 -9.57
O2 PCW Z . -10.04 6.13 -3.21
O3 PCW Z . -10.19 7.44 -5.75
O11 PCW Z . -10.02 7.41 -8.02
O31 PCW Z . -7.98 6.24 -2.14
O1P PCW Z . -10.06 1.29 -5.27
O2P PCW Z . -12.41 1.77 -4.58
O3P PCW Z . -10.52 3.38 -3.95
O4P PCW Z . -11.40 3.20 -6.22
P PCW Z . -11.11 2.33 -5.02
C1 PCW AA . -1.11 -11.21 7.01
C2 PCW AA . -1.36 -10.04 8.05
C3 PCW AA . -2.44 -9.05 7.48
C4 PCW AA . -4.46 -14.81 7.02
C5 PCW AA . -5.88 -14.45 6.61
C6 PCW AA . -6.60 -14.26 9.05
C7 PCW AA . -8.24 -14.01 7.26
C8 PCW AA . -7.27 -15.52 7.69
C11 PCW AA . -3.13 -6.81 7.96
C12 PCW AA . -3.33 -5.85 9.11
C13 PCW AA . -1.93 -5.65 9.83
C14 PCW AA . -1.96 -4.70 11.03
C15 PCW AA . -2.90 -5.12 12.20
C16 PCW AA . -2.29 -4.67 13.57
C17 PCW AA . -2.87 -3.35 14.20
C18 PCW AA . -1.84 -2.58 15.04
C19 PCW AA . -2.37 -2.18 16.43
C20 PCW AA . -1.93 -1.05 17.11
C21 PCW AA . -0.93 -0.01 16.76
C22 PCW AA . -1.74 1.30 16.53
C23 PCW AA . -1.46 2.49 17.49
C24 PCW AA . -2.47 3.59 17.51
C25 PCW AA . -2.28 4.86 16.63
C26 PCW AA . -1.46 5.97 17.25
C27 PCW AA . -0.44 6.72 16.34
C28 PCW AA . 0.92 6.75 17.01
C31 PCW AA . -0.96 -11.06 10.15
C32 PCW AA . -1.65 -11.59 11.41
C33 PCW AA . -0.70 -11.78 12.69
C34 PCW AA . -1.21 -11.07 13.95
C35 PCW AA . -1.78 -12.22 14.87
C36 PCW AA . -0.68 -12.93 15.68
C37 PCW AA . -1.16 -14.08 16.62
C38 PCW AA . -0.28 -14.23 17.81
C39 PCW AA . -0.73 -15.35 18.73
C40 PCW AA . -0.95 -15.26 20.04
C41 PCW AA . -0.78 -13.98 20.85
C42 PCW AA . -0.26 -14.39 22.30
C43 PCW AA . 0.46 -13.35 23.13
C44 PCW AA . 0.83 -14.01 24.45
C45 PCW AA . 2.19 -13.64 25.00
C46 PCW AA . 3.28 -14.57 24.56
C47 PCW AA . 4.46 -13.94 23.85
C48 PCW AA . 5.51 -14.99 23.46
N PCW AA . -6.84 -14.09 7.61
O2 PCW AA . -1.91 -10.60 9.33
O3 PCW AA . -2.68 -8.00 8.43
O11 PCW AA . -3.35 -6.55 6.81
O31 PCW AA . 0.29 -11.07 9.93
O1P PCW AA . -4.21 -12.15 8.10
O2P PCW AA . -3.67 -11.54 5.74
O3P PCW AA . -1.84 -12.42 7.30
O4P PCW AA . -3.57 -13.85 6.38
P PCW AA . -3.39 -12.44 6.88
C1 PCW BA . -12.05 -9.13 4.20
C2 PCW BA . -11.21 -8.66 5.45
C3 PCW BA . -9.88 -9.48 5.54
C4 PCW BA . -15.33 -6.77 1.44
C5 PCW BA . -16.50 -5.80 1.59
C6 PCW BA . -18.44 -4.59 0.45
C7 PCW BA . -17.98 -6.95 -0.06
C8 PCW BA . -18.50 -6.22 1.55
C11 PCW BA . -8.20 -9.89 7.22
C12 PCW BA . -7.52 -9.22 8.38
C13 PCW BA . -8.16 -9.77 9.72
C14 PCW BA . -7.57 -9.19 11.00
C15 PCW BA . -8.28 -7.92 11.56
C16 PCW BA . -7.36 -6.66 11.45
C17 PCW BA . -7.91 -5.45 10.61
C18 PCW BA . -6.82 -4.74 9.79
C19 PCW BA . -7.14 -3.25 9.53
C20 PCW BA . -6.19 -2.25 9.65
C21 PCW BA . -4.75 -2.28 10.02
C22 PCW BA . -4.04 -1.17 9.19
C23 PCW BA . -3.30 -0.05 9.97
C24 PCW BA . -4.12 1.14 10.40
C25 PCW BA . -4.91 1.11 11.73
C26 PCW BA . -5.26 2.46 12.32
C27 PCW BA . -5.98 2.49 13.68
C28 PCW BA . -4.97 2.44 14.82
C31 PCW BA . -11.53 -6.39 6.08
C32 PCW BA . -11.05 -4.95 5.78
C33 PCW BA . -9.94 -4.40 6.78
C34 PCW BA . -9.99 -2.88 6.94
C35 PCW BA . -10.53 -2.64 8.41
C36 PCW BA . -12.03 -2.25 8.43
C37 PCW BA . -12.63 -1.99 9.85
C38 PCW BA . -12.23 -0.65 10.39
C39 PCW BA . -12.79 -0.38 11.76
C40 PCW BA . -12.12 0.03 12.83
C41 PCW BA . -10.62 0.29 12.85
C42 PCW BA . -10.32 1.39 13.97
C43 PCW BA . -10.16 0.94 15.40
C44 PCW BA . -9.89 2.18 16.24
C45 PCW BA . -8.44 2.49 16.47
C46 PCW BA . -8.14 3.08 17.81
C47 PCW BA . -6.69 3.10 18.24
C48 PCW BA . -6.54 3.73 19.64
N PCW BA . -17.50 -5.73 0.56
O2 PCW BA . -10.85 -7.22 5.29
O3 PCW BA . -9.11 -9.04 6.67
O11 PCW BA . -7.98 -11.01 6.83
O31 PCW BA . -12.42 -6.71 6.92
O1P PCW BA . -14.79 -9.29 2.82
O2P PCW BA . -14.83 -7.83 4.83
O3P PCW BA . -12.68 -8.06 3.46
O4P PCW BA . -14.61 -6.78 2.71
P PCW BA . -14.29 -8.03 3.48
C1 PCW CA . 11.83 -5.01 -6.11
C2 PCW CA . 11.53 -3.46 -6.25
C3 PCW CA . 11.89 -2.73 -4.90
C4 PCW CA . 8.64 -6.27 -8.94
C5 PCW CA . 8.50 -4.88 -9.54
C6 PCW CA . 6.75 -4.91 -11.40
C7 PCW CA . 6.65 -3.23 -9.63
C8 PCW CA . 7.96 -3.44 -10.91
C11 PCW CA . 10.38 -0.86 -4.64
C12 PCW CA . 10.31 0.63 -4.85
C13 PCW CA . 10.89 1.33 -3.55
C14 PCW CA . 10.89 2.85 -3.60
C15 PCW CA . 12.25 3.54 -3.25
C16 PCW CA . 12.01 4.82 -2.36
C17 PCW CA . 13.16 5.24 -1.40
C18 PCW CA . 12.95 6.63 -0.78
C19 PCW CA . 14.28 7.29 -0.34
C20 PCW CA . 14.33 8.28 0.64
C21 PCW CA . 13.28 8.92 1.47
C22 PCW CA . 13.85 10.30 1.92
C23 PCW CA . 14.34 10.42 3.39
C24 PCW CA . 14.59 11.81 3.90
C25 PCW CA . 15.32 12.03 5.26
C26 PCW CA . 16.36 13.13 5.29
C27 PCW CA . 17.78 12.78 5.79
C28 PCW CA . 18.72 12.60 4.62
C31 PCW CA . 11.73 -2.47 -8.40
C32 PCW CA . 12.76 -1.88 -9.39
C33 PCW CA . 13.48 -0.54 -8.90
C34 PCW CA . 15.00 -0.63 -8.91
C35 PCW CA . 15.41 -1.31 -7.54
C36 PCW CA . 15.40 -0.31 -6.35
C37 PCW CA . 15.79 -0.91 -4.97
C38 PCW CA . 14.92 -0.40 -3.87
C39 PCW CA . 15.28 -0.97 -2.52
C40 PCW CA . 14.83 -0.58 -1.33
C41 PCW CA . 13.84 0.56 -1.13
C42 PCW CA . 14.64 1.82 -0.58
C43 PCW CA . 14.50 2.19 0.89
C44 PCW CA . 15.36 3.42 1.12
C45 PCW CA . 16.59 3.19 1.97
C46 PCW CA . 17.84 3.72 1.35
C47 PCW CA . 19.09 3.63 2.19
C48 PCW CA . 20.30 4.22 1.45
N PCW CA . 7.24 -4.46 -10.08
O2 PCW CA . 12.39 -2.86 -7.31
O3 PCW CA . 11.61 -1.32 -5.03
O11 PCW CA . 9.49 -1.54 -4.20
O31 PCW CA . 10.48 -2.56 -8.60
O1P PCW CA . 11.07 -7.81 -8.58
O2P PCW CA . 10.50 -7.61 -6.18
O3P PCW CA . 11.79 -5.72 -7.37
O4P PCW CA . 9.41 -6.13 -7.72
P PCW CA . 10.70 -6.90 -7.45
C1 PCW DA . -7.93 11.69 -23.77
C2 PCW DA . -7.09 13.03 -23.82
C3 PCW DA . -7.07 13.63 -25.28
C4 PCW DA . -8.56 7.76 -23.89
C5 PCW DA . -7.79 6.52 -24.32
C6 PCW DA . -9.29 4.64 -24.52
C7 PCW DA . -8.51 5.26 -22.42
C8 PCW DA . -7.03 4.23 -23.80
C11 PCW DA . -6.75 15.89 -26.03
C12 PCW DA . -5.82 17.06 -25.90
C13 PCW DA . -6.63 18.27 -25.32
C14 PCW DA . -5.83 19.56 -25.11
C15 PCW DA . -6.62 20.88 -25.34
C16 PCW DA . -5.64 22.11 -25.44
C17 PCW DA . -5.83 23.08 -26.65
C18 PCW DA . -5.22 24.47 -26.41
C19 PCW DA . -5.56 25.47 -27.53
C20 PCW DA . -4.66 25.79 -28.55
C21 PCW DA . -3.29 25.32 -28.84
C22 PCW DA . -2.41 26.59 -29.01
C23 PCW DA . -1.72 27.16 -27.75
C24 PCW DA . -0.22 27.10 -27.72
C25 PCW DA . 0.65 28.15 -28.48
C26 PCW DA . 2.12 27.85 -28.61
C27 PCW DA . 2.89 28.49 -29.80
C28 PCW DA . 4.33 28.73 -29.41
C31 PCW DA . -8.96 14.42 -23.19
C32 PCW DA . -9.38 15.48 -22.16
C33 PCW DA . -10.61 16.43 -22.59
C34 PCW DA . -10.19 17.58 -23.50
C35 PCW DA . -10.31 18.89 -22.61
C36 PCW DA . -8.97 19.66 -22.49
C37 PCW DA . -9.01 20.94 -21.63
C38 PCW DA . -8.05 21.98 -22.13
C39 PCW DA . -8.06 23.24 -21.30
C40 PCW DA . -7.03 23.80 -20.69
C41 PCW DA . -5.62 23.24 -20.72
C42 PCW DA . -4.72 24.07 -19.69
C43 PCW DA . -3.47 24.75 -20.19
C44 PCW DA . -2.83 25.46 -19.01
C45 PCW DA . -1.62 26.30 -19.34
C46 PCW DA . -1.44 27.47 -18.41
C47 PCW DA . -0.46 27.28 -17.27
C48 PCW DA . -0.37 28.55 -16.41
N PCW DA . -8.14 5.22 -23.79
O2 PCW DA . -7.70 14.07 -22.91
O3 PCW DA . -6.30 14.84 -25.28
O11 PCW DA . -7.75 15.88 -26.71
O31 PCW DA . -9.70 13.98 -24.12
O1P PCW DA . -10.27 10.13 -23.89
O2P PCW DA . -10.08 9.89 -26.37
O3P PCW DA . -8.25 11.13 -25.06
O4P PCW DA . -8.50 8.71 -25.00
P PCW DA . -9.36 9.96 -25.07
C1 PCW EA . 13.66 -6.24 -1.01
C2 PCW EA . 12.94 -6.50 0.38
C3 PCW EA . 13.65 -5.67 1.50
C4 PCW EA . 10.61 -8.75 -3.12
C5 PCW EA . 10.37 -10.22 -2.77
C6 PCW EA . 11.86 -11.15 -0.92
C7 PCW EA . 9.42 -11.14 -0.67
C8 PCW EA . 10.44 -12.08 -1.91
C11 PCW EA . 13.63 -5.50 3.89
C12 PCW EA . 12.79 -5.82 5.10
C13 PCW EA . 12.63 -4.51 5.96
C14 PCW EA . 11.79 -4.67 7.23
C15 PCW EA . 12.57 -4.62 8.57
C16 PCW EA . 12.65 -3.16 9.12
C17 PCW EA . 14.04 -2.65 9.62
C18 PCW EA . 14.12 -1.14 9.80
C19 PCW EA . 15.02 -0.45 8.76
C20 PCW EA . 15.88 0.60 9.08
C21 PCW EA . 16.15 1.30 10.36
C22 PCW EA . 15.86 2.81 10.11
C23 PCW EA . 17.08 3.77 10.02
C24 PCW EA . 16.94 5.11 10.68
C25 PCW EA . 17.53 6.39 10.00
C26 PCW EA . 16.56 7.24 9.21
C27 PCW EA . 16.82 8.77 9.15
C28 PCW EA . 15.66 9.45 8.46
C31 PCW EA . 10.64 -6.99 0.07
C32 PCW EA . 9.24 -6.35 0.04
C33 PCW EA . 8.40 -6.44 1.41
C34 PCW EA . 8.94 -5.54 2.51
C35 PCW EA . 7.73 -4.66 2.99
C36 PCW EA . 8.13 -3.20 3.29
C37 PCW EA . 6.98 -2.25 3.76
C38 PCW EA . 7.25 -1.69 5.11
C39 PCW EA . 6.16 -0.77 5.59
C40 PCW EA . 6.22 0.55 5.73
C41 PCW EA . 7.46 1.38 5.40
C42 PCW EA . 7.22 2.86 5.94
C43 PCW EA . 7.69 3.22 7.34
C44 PCW EA . 7.33 4.68 7.57
C45 PCW EA . 8.43 5.51 8.19
C46 PCW EA . 7.92 6.69 8.98
C47 PCW EA . 7.66 7.95 8.21
C48 PCW EA . 7.15 9.07 9.13
N PCW EA . 10.56 -10.66 -1.42
O2 PCW EA . 11.52 -6.02 0.32
O3 PCW EA . 13.00 -5.90 2.76
O11 PCW EA . 14.71 -4.97 3.93
O31 PCW EA . 10.89 -8.22 -0.11
O1P PCW EA . 11.75 -6.11 -3.00
O2P PCW EA . 13.51 -7.12 -4.44
O3P PCW EA . 13.63 -7.38 -1.89
O4P PCW EA . 12.04 -8.58 -3.27
P PCW EA . 12.71 -7.23 -3.20
C1 PCW FA . -16.73 -0.04 4.21
C2 PCW FA . -17.07 0.29 5.71
C3 PCW FA . -15.74 0.38 6.55
C4 PCW FA . -20.29 -0.90 0.92
C5 PCW FA . -21.66 -1.47 1.27
C6 PCW FA . -22.76 0.48 2.49
C7 PCW FA . -24.07 -0.95 0.99
C8 PCW FA . -23.25 -1.42 2.57
C11 PCW FA . -16.27 -0.37 8.77
C12 PCW FA . -16.62 0.16 10.14
C13 PCW FA . -16.42 -1.00 11.18
C14 PCW FA . -16.74 -0.63 12.63
C15 PCW FA . -17.84 -1.49 13.32
C16 PCW FA . -17.20 -2.54 14.28
C17 PCW FA . -17.89 -2.78 15.67
C18 PCW FA . -16.93 -3.22 16.77
C19 PCW FA . -16.53 -2.06 17.72
C20 PCW FA . -17.15 -1.87 18.94
C21 PCW FA . -18.22 -2.60 19.65
C22 PCW FA . -18.07 -2.27 21.17
C23 PCW FA . -18.67 -0.94 21.67
C24 PCW FA . -19.79 -1.02 22.66
C25 PCW FA . -19.85 -0.09 23.90
C26 PCW FA . -19.26 -0.62 25.19
C27 PCW FA . -20.24 -1.16 26.27
C28 PCW FA . -19.82 -0.68 27.63
C31 PCW FA . -18.75 1.66 6.67
C32 PCW FA . -19.35 3.08 6.65
C33 PCW FA . -18.36 4.26 7.13
C34 PCW FA . -17.75 4.02 8.51
C35 PCW FA . -16.19 3.87 8.24
C36 PCW FA . -15.39 3.63 9.54
C37 PCW FA . -13.85 3.47 9.34
C38 PCW FA . -13.10 3.50 10.63
C39 PCW FA . -11.61 3.34 10.45
C40 PCW FA . -10.65 3.97 11.11
C41 PCW FA . -10.90 4.99 12.20
C42 PCW FA . -9.50 5.31 12.90
C43 PCW FA . -9.49 5.66 14.38
C44 PCW FA . -8.04 5.91 14.76
C45 PCW FA . -7.81 7.10 15.66
C46 PCW FA . -6.64 6.92 16.59
C47 PCW FA . -6.77 7.56 17.96
C48 PCW FA . -5.51 7.30 18.79
N PCW FA . -22.76 -0.57 1.45
O2 PCW FA . -17.75 1.62 5.79
O3 PCW FA . -16.07 0.67 7.92
O11 PCW FA . -16.19 -1.53 8.47
O31 PCW FA . -19.15 0.72 7.41
O1P PCW FA . -17.46 -0.19 0.84
O2P PCW FA . -17.23 -2.16 2.33
O3P PCW FA . -17.84 0.16 3.29
O4P PCW FA . -19.41 -1.22 2.04
P PCW FA . -17.93 -0.88 2.08
C1 PCW GA . 5.35 1.09 -11.08
C2 PCW GA . 5.83 2.58 -11.31
C3 PCW GA . 6.91 2.61 -12.45
C4 PCW GA . 3.60 -1.23 -14.81
C5 PCW GA . 2.32 -1.35 -15.65
C6 PCW GA . 0.89 -2.38 -17.29
C7 PCW GA . 2.71 -3.58 -16.44
C8 PCW GA . 3.16 -1.89 -17.92
C11 PCW GA . 6.70 4.70 -13.61
C12 PCW GA . 7.33 6.07 -13.67
C13 PCW GA . 8.30 6.11 -14.91
C14 PCW GA . 9.03 7.43 -15.13
C15 PCW GA . 8.44 8.37 -16.22
C16 PCW GA . 9.29 8.28 -17.54
C17 PCW GA . 10.55 9.20 -17.64
C18 PCW GA . 10.32 10.43 -18.52
C19 PCW GA . 11.47 10.65 -19.55
C20 PCW GA . 12.58 11.43 -19.27
C21 PCW GA . 12.98 12.19 -18.06
C22 PCW GA . 14.47 11.83 -17.78
C23 PCW GA . 15.53 12.93 -18.03
C24 PCW GA . 16.47 13.24 -16.92
C25 PCW GA . 17.86 13.89 -17.17
C26 PCW GA . 18.19 15.12 -16.36
C27 PCW GA . 19.27 15.00 -15.27
C28 PCW GA . 20.30 16.09 -15.41
C31 PCW GA . 3.85 3.78 -10.76
C32 PCW GA . 2.73 4.63 -11.38
C33 PCW GA . 2.14 5.78 -10.43
C34 PCW GA . 2.35 7.19 -10.99
C35 PCW GA . 2.55 8.12 -9.72
C36 PCW GA . 3.82 9.00 -9.83
C37 PCW GA . 4.07 9.95 -8.61
C38 PCW GA . 5.51 10.37 -8.52
C39 PCW GA . 5.77 11.28 -7.34
C40 PCW GA . 6.05 12.59 -7.39
C41 PCW GA . 6.13 13.40 -8.68
C42 PCW GA . 7.23 14.54 -8.47
C43 PCW GA . 7.45 15.54 -9.58
C44 PCW GA . 8.54 16.50 -9.12
C45 PCW GA . 8.97 17.51 -10.13
C46 PCW GA . 9.96 18.53 -9.60
C47 PCW GA . 11.19 18.76 -10.43
C48 PCW GA . 12.11 19.80 -9.77
N PCW GA . 2.28 -2.25 -16.76
O2 PCW GA . 4.68 3.42 -11.75
O3 PCW GA . 7.35 3.96 -12.67
O11 PCW GA . 5.78 4.33 -14.28
O31 PCW GA . 3.96 3.47 -9.54
O1P PCW GA . 5.46 -1.36 -12.57
O2P PCW GA . 3.37 -1.64 -11.25
O3P PCW GA . 4.20 0.72 -11.89
O4P PCW GA . 3.18 -0.80 -13.49
P PCW GA . 4.08 -0.84 -12.28
C1 PCW HA . -11.67 -10.85 8.94
C2 PCW HA . -12.38 -10.21 10.20
C3 PCW HA . -12.10 -11.10 11.45
C4 PCW HA . -15.82 -9.78 7.74
C5 PCW HA . -15.38 -8.32 7.65
C6 PCW HA . -17.13 -7.49 9.30
C7 PCW HA . -15.36 -5.99 8.52
C8 PCW HA . -16.71 -6.77 7.53
C11 PCW HA . -13.64 -11.33 13.26
C12 PCW HA . -14.19 -10.59 14.45
C13 PCW HA . -13.82 -11.41 15.75
C14 PCW HA . -14.30 -10.79 17.06
C15 PCW HA . -13.40 -9.67 17.66
C16 PCW HA . -13.79 -9.39 19.16
C17 PCW HA . -15.26 -8.95 19.45
C18 PCW HA . -15.75 -9.30 20.85
C19 PCW HA . -17.15 -8.74 21.16
C20 PCW HA . -17.43 -8.01 22.30
C21 PCW HA . -16.60 -7.58 23.44
C22 PCW HA . -17.56 -7.25 24.61
C23 PCW HA . -17.32 -7.95 25.97
C24 PCW HA . -16.59 -7.17 27.02
C25 PCW HA . -15.04 -7.12 27.06
C26 PCW HA . -14.41 -6.49 28.29
C27 PCW HA . -12.93 -6.03 28.20
C28 PCW HA . -12.31 -5.98 29.57
C31 PCW HA . -12.72 -7.90 10.60
C32 PCW HA . -12.00 -6.58 10.87
C33 PCW HA . -12.51 -5.76 12.16
C34 PCW HA . -12.37 -6.54 13.47
C35 PCW HA . -10.94 -6.14 14.04
C36 PCW HA . -11.03 -5.61 15.49
C37 PCW HA . -9.67 -5.20 16.14
C38 PCW HA . -9.64 -5.46 17.61
C39 PCW HA . -8.34 -5.08 18.25
C40 PCW HA . -8.16 -4.24 19.27
C41 PCW HA . -9.28 -3.50 19.99
C42 PCW HA . -9.16 -3.80 21.55
C43 PCW HA . -9.39 -2.66 22.52
C44 PCW HA . -9.20 -3.23 23.92
C45 PCW HA . -8.92 -2.20 24.99
C46 PCW HA . -10.00 -2.13 26.04
C47 PCW HA . -9.61 -2.59 27.42
C48 PCW HA . -10.78 -2.46 28.40
N PCW HA . -15.84 -7.35 8.60
O2 PCW HA . -11.81 -8.86 10.47
O3 PCW HA . -12.75 -10.55 12.61
O11 PCW HA . -13.95 -12.45 12.95
O31 PCW HA . -13.98 -8.04 10.51
O1P PCW HA . -14.08 -11.37 6.01
O2P PCW HA . -13.78 -12.72 8.08
O3P PCW HA . -12.36 -10.61 7.68
O4P PCW HA . -14.71 -10.52 8.31
P PCW HA . -13.77 -11.37 7.48
C1 PCW IA . 30.91 -10.74 -8.25
C2 PCW IA . 31.54 -11.08 -6.85
C3 PCW IA . 32.52 -12.29 -6.97
C4 PCW IA . 27.32 -12.84 -10.60
C5 PCW IA . 25.79 -12.80 -10.58
C6 PCW IA . 25.20 -14.52 -8.99
C7 PCW IA . 25.39 -15.06 -11.25
C8 PCW IA . 23.56 -13.86 -10.63
C11 PCW IA . 33.55 -13.85 -5.46
C12 PCW IA . 34.12 -13.93 -4.07
C13 PCW IA . 33.46 -15.15 -3.33
C14 PCW IA . 33.93 -15.37 -1.89
C15 PCW IA . 33.49 -16.70 -1.23
C16 PCW IA . 33.25 -16.51 0.31
C17 PCW IA . 34.39 -16.99 1.28
C18 PCW IA . 34.38 -16.26 2.63
C19 PCW IA . 33.54 -17.00 3.70
C20 PCW IA . 33.24 -16.42 4.93
C21 PCW IA . 33.57 -15.10 5.53
C22 PCW IA . 33.67 -15.32 7.07
C23 PCW IA . 35.03 -15.02 7.75
C24 PCW IA . 35.03 -13.99 8.84
C25 PCW IA . 35.03 -12.47 8.50
C26 PCW IA . 33.94 -11.63 9.14
C27 PCW IA . 34.09 -11.31 10.65
C28 PCW IA . 34.67 -9.94 10.84
C31 PCW IA . 32.15 -9.63 -5.06
C32 PCW IA . 33.04 -8.43 -4.71
C33 PCW IA . 34.04 -8.64 -3.48
C34 PCW IA . 34.87 -9.93 -3.57
C35 PCW IA . 35.85 -9.71 -4.79
C36 PCW IA . 36.64 -10.99 -5.16
C37 PCW IA . 37.62 -10.85 -6.35
C38 PCW IA . 39.03 -10.61 -5.89
C39 PCW IA . 40.00 -10.47 -7.04
C40 PCW IA . 40.85 -9.46 -7.25
C41 PCW IA . 40.98 -8.25 -6.34
C42 PCW IA . 42.20 -8.52 -5.35
C43 PCW IA . 42.39 -7.59 -4.16
C44 PCW IA . 43.62 -8.08 -3.40
C45 PCW IA . 44.33 -7.05 -2.57
C46 PCW IA . 45.82 -7.26 -2.51
C47 PCW IA . 46.56 -6.43 -1.49
C48 PCW IA . 48.06 -6.73 -1.54
N PCW IA . 25.03 -14.00 -10.37
O2 PCW IA . 32.34 -9.92 -6.35
O3 PCW IA . 33.08 -12.60 -5.68
O11 PCW IA . 33.53 -14.75 -6.25
O31 PCW IA . 31.37 -10.24 -4.28
O1P PCW IA . 30.16 -12.97 -9.96
O2P PCW IA . 29.32 -13.55 -7.70
O3P PCW IA . 29.51 -11.10 -8.40
O4P PCW IA . 27.78 -12.57 -9.25
P PCW IA . 29.24 -12.61 -8.83
C1 17F JA . 23.43 -18.35 -4.54
N1 17F JA . 25.43 -19.23 -3.32
O1 17F JA . 26.37 -18.07 -7.03
P1 17F JA . 25.36 -17.55 -6.01
C2 17F JA . 24.04 -19.46 -3.66
O2 17F JA . 24.53 -16.95 -7.11
C3 17F JA . 23.91 -20.81 -4.37
O3 17F JA . 24.03 -18.32 -5.80
C4 17F JA . 24.52 -15.43 -4.68
O4 17F JA . 24.93 -21.59 -4.59
C5 17F JA . 24.75 -13.90 -4.44
O5 17F JA . 22.82 -21.22 -4.77
C6 17F JA . 23.58 -13.36 -3.59
O6 17F JA . 25.42 -16.01 -5.63
C7 17F JA . 22.68 -11.20 -3.52
O7 17F JA . 23.71 -11.97 -3.32
C8 17F JA . 23.07 -9.76 -3.10
O8 17F JA . 21.57 -11.46 -3.91
C9 17F JA . 23.14 -9.58 -1.56
O9 17F JA . 26.02 -13.62 -3.84
C10 17F JA . 23.53 -8.15 -1.04
O10 17F JA . 26.93 -12.92 -5.84
C11 17F JA . 22.36 -7.41 -0.28
C12 17F JA . 22.79 -5.98 0.21
C17 17F JA . 26.98 -13.46 -4.73
C18 17F JA . 28.30 -14.04 -4.25
C19 17F JA . 28.73 -13.58 -2.84
C20 17F JA . 30.17 -12.92 -2.84
C1X 17F JA . 21.61 -5.30 0.95
C1Y 17F JA . 30.56 -12.48 -1.41
C1Z 17F JA . 32.03 -12.03 -1.38
C2X 17F JA . 22.00 -3.84 1.48
C21 17F JA . 22.40 -3.83 2.98
C22 17F JA . 23.05 -2.87 3.55
C23 17F JA . 23.53 -1.63 2.92
C24 17F JA . 22.47 -0.53 2.79
C25 17F JA . 22.91 0.77 2.15
C26 17F JA . 23.86 1.70 3.05
C27 17F JA . 24.30 2.99 2.38
C28 17F JA . 25.21 3.76 3.40
C29 17F JA . 24.84 5.19 3.39
C30 17F JA . 25.64 6.05 4.31
C31 17F JA . 32.79 -12.25 -0.02
C32 17F JA . 34.28 -11.79 0.00
C33 17F JA . 35.14 -12.93 0.49
C34 17F JA . 36.46 -12.87 0.64
C35 17F JA . 37.35 -11.70 0.33
C36 17F JA . 38.85 -11.87 0.75
C37 17F JA . 39.71 -11.06 -0.15
C38 17F JA . 40.33 -9.80 0.50
C39 17F JA . 41.20 -9.02 -0.51
C40 17F JA . 40.67 -7.60 -0.69
C41 17F JA . 41.33 -6.61 0.34
C42 17F JA . 41.99 -5.33 -0.16
C1 17F KA . -7.50 3.35 -12.95
N1 17F KA . -6.76 2.94 -15.30
O1 17F KA . -6.89 6.16 -12.97
P1 17F KA . -5.74 5.19 -12.94
C2 17F KA . -7.54 2.45 -14.19
O2 17F KA . -4.88 5.14 -14.18
C3 17F KA . -9.00 2.28 -14.64
O3 17F KA . -6.19 3.73 -12.66
C4 17F KA . -3.58 4.72 -11.52
O4 17F KA . -9.40 2.55 -15.83
C5 17F KA . -2.73 5.23 -10.31
O5 17F KA . -9.86 1.87 -13.86
C6 17F KA . -1.86 4.08 -9.75
O6 17F KA . -4.74 5.51 -11.75
C7 17F KA . -0.64 3.64 -7.80
O7 17F KA . -1.08 4.52 -8.65
C8 17F KA . 0.18 4.40 -6.72
O8 17F KA . -0.76 2.44 -7.77
C9 17F KA . 1.68 4.54 -7.10
O9 17F KA . -1.95 6.37 -10.63
C10 17F KA . 2.59 5.30 -6.06
O10 17F KA . -3.51 8.07 -10.43
C11 17F KA . 3.32 4.37 -5.02
C12 17F KA . 4.19 5.19 -4.01
C17 17F KA . -2.46 7.48 -10.12
C18 17F KA . -1.58 8.06 -9.04
C19 17F KA . -1.97 7.62 -7.59
C20 17F KA . -2.10 8.84 -6.62
C1X 17F KA . 4.89 4.24 -3.01
C1Y 17F KA . -2.49 8.36 -5.20
C1Z 17F KA . -3.24 9.46 -4.44
C2X 17F KA . 5.81 5.04 -1.96
C21 17F KA . 7.33 4.83 -2.23
C22 17F KA . 8.13 5.73 -2.66
C23 17F KA . 7.82 7.13 -2.99
C24 17F KA . 8.89 8.13 -2.59
C25 17F KA . 8.60 9.59 -2.90
C26 17F KA . 9.67 10.32 -3.84
C27 17F KA . 9.36 11.77 -4.14
C28 17F KA . 10.52 12.32 -5.07
C29 17F KA . 9.95 12.67 -6.38
C30 17F KA . 10.94 13.20 -7.37
C31 17F KA . -2.95 9.59 -2.90
C32 17F KA . -3.74 10.72 -2.18
C33 17F KA . -2.74 11.65 -1.48
C34 17F KA . -3.07 12.72 -0.77
C35 17F KA . -4.48 13.23 -0.50
C36 17F KA . -4.87 13.30 1.01
C37 17F KA . -5.52 12.03 1.40
C38 17F KA . -4.87 11.30 2.61
C39 17F KA . -5.60 9.99 2.95
C40 17F KA . -4.61 8.83 3.07
C41 17F KA . -4.38 8.44 4.59
C42 17F KA . -3.17 9.02 5.33
C1 17F LA . 18.13 -11.80 -12.13
N1 17F LA . 16.23 -11.49 -10.52
O1 17F LA . 20.55 -10.01 -12.79
P1 17F LA . 20.53 -11.08 -11.72
C2 17F LA . 16.79 -11.11 -11.80
O2 17F LA . 21.19 -12.38 -12.07
C3 17F LA . 15.77 -11.39 -12.92
O3 17F LA . 19.10 -11.43 -11.22
C4 17F LA . 21.36 -11.45 -9.26
O4 17F LA . 14.62 -11.90 -12.69
C5 17F LA . 22.11 -10.79 -8.05
O5 17F LA . 16.04 -11.14 -14.10
C6 17F LA . 23.60 -11.20 -8.08
O6 17F LA . 21.26 -10.60 -10.40
C7 17F LA . 25.49 -10.14 -7.21
O7 17F LA . 24.32 -10.63 -6.99
C8 17F LA . 26.03 -9.58 -5.88
O8 17F LA . 26.13 -10.07 -8.23
C9 17F LA . 27.56 -9.75 -5.72
O9 17F LA . 21.95 -9.37 -8.01
C10 17F LA . 28.19 -9.21 -4.38
O10 17F LA . 20.55 -9.59 -6.19
C11 17F LA . 27.58 -9.83 -3.07
C12 17F LA . 28.24 -9.23 -1.77
C17 17F LA . 21.30 -8.96 -6.95
C18 17F LA . 21.55 -7.49 -6.66
C19 17F LA . 22.15 -7.19 -5.27
C20 17F LA . 22.58 -5.67 -5.12
C1X 17F LA . 27.62 -9.87 -0.51
C1Y 17F LA . 23.18 -5.40 -3.73
C1Z 17F LA . 24.67 -5.04 -3.82
C2X 17F LA . 28.28 -9.29 0.83
C21 17F LA . 28.98 -10.41 1.67
C22 17F LA . 30.13 -10.27 2.24
C23 17F LA . 31.00 -9.09 2.22
C24 17F LA . 31.78 -8.88 3.51
C25 17F LA . 32.70 -7.66 3.56
C26 17F LA . 32.83 -6.93 4.98
C27 17F LA . 33.75 -5.73 5.00
C28 17F LA . 33.74 -5.16 6.47
C29 17F LA . 35.10 -4.68 6.78
C30 17F LA . 35.25 -4.10 8.16
C31 17F LA . 25.68 -6.00 -3.11
C32 17F LA . 27.18 -5.60 -3.23
C33 17F LA . 27.70 -5.23 -1.85
C34 17F LA . 28.95 -4.84 -1.58
C35 17F LA . 30.08 -4.70 -2.57
C36 17F LA . 31.28 -5.65 -2.33
C37 17F LA . 32.46 -5.11 -3.06
C38 17F LA . 33.33 -4.11 -2.26
C39 17F LA . 34.53 -3.61 -3.08
C40 17F LA . 35.19 -2.42 -2.39
C41 17F LA . 36.69 -2.76 -2.00
C42 17F LA . 37.00 -3.14 -0.54
C1 17F MA . 17.56 0.58 -25.45
N1 17F MA . 15.52 -0.17 -24.20
O1 17F MA . 20.27 0.61 -24.06
P1 17F MA . 18.94 0.66 -23.33
C2 17F MA . 16.30 -0.30 -25.42
O2 17F MA . 18.48 -0.64 -22.72
C3 17F MA . 16.70 -1.77 -25.62
O3 17F MA . 17.79 1.17 -24.21
C4 17F MA . 17.84 1.90 -21.29
O4 17F MA . 16.35 -2.69 -24.79
C5 17F MA . 18.07 2.95 -20.15
O5 17F MA . 17.37 -2.12 -26.59
C6 17F MA . 17.71 2.33 -18.79
O6 17F MA . 18.98 1.69 -22.12
C7 17F MA . 17.04 4.14 -17.46
O7 17F MA . 17.92 3.23 -17.70
C8 17F MA . 17.50 4.92 -16.20
O8 17F MA . 15.99 4.40 -18.01
C9 17F MA . 17.30 4.11 -14.90
O9 17F MA . 19.42 3.47 -20.14
C10 17F MA . 17.75 4.84 -13.56
O10 17F MA . 19.46 4.80 -22.03
C11 17F MA . 17.32 4.07 -12.24
C12 17F MA . 17.80 4.84 -10.96
C17 17F MA . 19.50 4.61 -20.80
C18 17F MA . 19.70 5.79 -19.88
C19 17F MA . 21.16 6.25 -19.72
C20 17F MA . 21.38 7.12 -18.43
C1X 17F MA . 17.36 4.06 -9.70
C1Y 17F MA . 22.87 7.55 -18.31
C1Z 17F MA . 23.04 9.03 -18.71
C2X 17F MA . 17.81 4.79 -8.34
C21 17F MA . 18.03 3.78 -7.17
C22 17F MA . 19.06 3.01 -7.04
C23 17F MA . 20.23 2.91 -7.93
C24 17F MA . 21.57 3.01 -7.22
C25 17F MA . 22.80 2.90 -8.11
C26 17F MA . 23.45 4.29 -8.57
C27 17F MA . 24.67 4.16 -9.46
C28 17F MA . 25.16 5.61 -9.81
C29 17F MA . 26.27 5.51 -10.78
C30 17F MA . 26.85 6.83 -11.20
C31 17F MA . 24.33 9.74 -18.19
C32 17F MA . 24.47 11.23 -18.61
C33 17F MA . 25.65 11.86 -17.86
C34 17F MA . 26.04 13.12 -17.99
C35 17F MA . 25.44 14.18 -18.87
C36 17F MA . 24.82 15.39 -18.11
C37 17F MA . 25.87 16.43 -17.91
C38 17F MA . 25.91 17.05 -16.48
C39 17F MA . 27.02 18.11 -16.37
C40 17F MA . 27.02 18.75 -14.98
C41 17F MA . 27.47 20.26 -15.05
C42 17F MA . 26.55 21.34 -14.45
C1 17F NA . -4.46 7.30 -20.02
N1 17F NA . -2.56 6.16 -21.17
O1 17F NA . -7.15 7.90 -21.16
P1 17F NA . -5.95 8.78 -21.44
C2 17F NA . -3.72 5.99 -20.33
O2 17F NA . -5.84 9.36 -22.82
C3 17F NA . -4.70 5.00 -20.99
O3 17F NA . -4.59 8.07 -21.16
C4 17F NA . -4.86 11.01 -20.56
O4 17F NA . -4.45 4.44 -22.13
C5 17F NA . -4.99 12.18 -19.53
O5 17F NA . -5.75 4.69 -20.45
C6 17F NA . -5.78 11.71 -18.29
O6 17F NA . -5.90 10.04 -20.48
C7 17F NA . -6.45 12.48 -16.18
O7 17F NA . -5.92 12.75 -17.33
C8 17F NA . -6.47 13.80 -15.34
O8 17F NA . -6.86 11.45 -15.73
C9 17F NA . -6.31 13.57 -13.82
O9 17F NA . -3.74 12.74 -19.16
C10 17F NA . -6.33 14.88 -12.94
O10 17F NA . -2.57 13.56 -20.97
C11 17F NA . -6.28 14.65 -11.39
C12 17F NA . -6.31 16.02 -10.60
C17 17F NA . -3.33 13.67 -20.00
C18 17F NA . -3.91 15.03 -19.68
C19 17F NA . -3.46 15.62 -18.31
C20 17F NA . -4.50 16.66 -17.75
C1X 17F NA . -6.26 15.75 -9.08
C1Y 17F NA . -4.02 17.22 -16.39
C1Z 17F NA . -4.06 18.74 -16.39
C2X 17F NA . -6.28 17.11 -8.24
C21 17F NA . -6.92 16.92 -6.82
C22 17F NA . -6.36 17.26 -5.71
C23 17F NA . -5.04 17.88 -5.54
C24 17F NA . -5.05 19.41 -5.55
C25 17F NA . -3.71 20.09 -5.38
C26 17F NA . -3.11 20.81 -6.68
C27 17F NA . -1.77 21.48 -6.48
C28 17F NA . -1.36 22.12 -7.86
C29 17F NA . 0.04 22.58 -7.77
C30 17F NA . 0.59 23.22 -9.01
C31 17F NA . -2.77 19.47 -15.89
C32 17F NA . -2.84 21.03 -15.89
C33 17F NA . -1.60 21.59 -15.19
C34 17F NA . -1.36 22.89 -15.02
C35 17F NA . -2.21 24.05 -15.48
C36 17F NA . -3.17 24.61 -14.39
C37 17F NA . -3.88 25.80 -14.94
C38 17F NA . -5.30 25.53 -15.47
C39 17F NA . -5.95 26.81 -16.02
C40 17F NA . -6.43 26.60 -17.46
C41 17F NA . -6.03 27.82 -18.38
C42 17F NA . -6.74 28.01 -19.72
C1 17F OA . 29.14 -14.25 -13.81
N1 17F OA . 26.67 -13.85 -13.99
O1 17F OA . 27.84 -10.99 -14.22
P1 17F OA . 29.16 -11.72 -14.13
C2 17F OA . 27.81 -14.61 -14.48
O2 17F OA . 29.78 -12.15 -15.44
C3 17F OA . 27.53 -16.12 -14.30
O3 17F OA . 29.08 -12.99 -13.23
C4 17F OA . 31.59 -11.32 -13.22
O4 17F OA . 26.44 -16.56 -13.78
C5 17F OA . 32.53 -10.29 -12.51
O5 17F OA . 28.35 -16.96 -14.64
C6 17F OA . 33.94 -10.39 -13.12
O6 17F OA . 30.27 -10.84 -13.42
C7 17F OA . 35.10 -8.36 -13.12
O7 17F OA . 34.85 -9.48 -12.52
C8 17F OA . 36.14 -7.59 -12.27
O8 17F OA . 34.70 -7.91 -14.17
C9 17F OA . 37.53 -7.50 -12.94
O9 17F OA . 32.03 -8.96 -12.58
C10 17F OA . 38.64 -6.73 -12.13
O10 17F OA . 30.33 -9.01 -11.02
C11 17F OA . 39.98 -7.54 -11.94
C12 17F OA . 41.04 -6.72 -11.12
C17 17F OA . 31.41 -8.60 -11.47
C18 17F OA . 32.17 -7.55 -10.70
C19 17F OA . 32.97 -8.08 -9.48
C20 17F OA . 34.24 -7.20 -9.16
C1X 17F OA . 42.32 -7.55 -10.95
C1Y 17F OA . 35.01 -7.77 -7.95
C1Z 17F OA . 36.09 -6.81 -7.49
C2X 17F OA . 43.45 -6.76 -10.12
C21 17F OA . 44.78 -7.57 -10.05
C22 17F OA . 45.79 -7.22 -9.33
C23 17F OA . 45.91 -6.04 -8.46
C24 17F OA . 45.74 -6.34 -6.96
C25 17F OA . 45.85 -5.14 -6.03
C26 17F OA . 47.33 -4.82 -5.50
C27 17F OA . 47.42 -3.64 -4.56
C28 17F OA . 48.94 -3.50 -4.16
C29 17F OA . 49.02 -3.15 -2.72
C30 17F OA . 50.41 -2.99 -2.20
C31 17F OA . 36.04 -6.34 -5.99
C32 17F OA . 37.17 -5.36 -5.57
C33 17F OA . 37.98 -5.99 -4.44
C34 17F OA . 39.02 -5.43 -3.85
C35 17F OA . 39.61 -4.06 -4.14
C36 17F OA . 40.81 -3.66 -3.24
C37 17F OA . 41.17 -2.25 -3.52
C38 17F OA . 41.26 -1.33 -2.28
C39 17F OA . 41.65 0.10 -2.66
C40 17F OA . 40.73 1.12 -1.97
C41 17F OA . 40.75 2.50 -2.73
C42 17F OA . 41.56 3.67 -2.13
C1 17F PA . 3.46 -19.71 5.19
N1 17F PA . 2.10 -20.16 7.25
O1 17F PA . 6.27 -20.31 4.15
P1 17F PA . 5.83 -20.50 5.58
C2 17F PA . 2.46 -19.18 6.24
O2 17F PA . 6.45 -21.65 6.33
C3 17F PA . 1.19 -18.67 5.53
O3 17F PA . 4.30 -20.67 5.73
C4 17F PA . 5.83 -19.18 7.86
O4 17F PA . 0.02 -19.10 5.85
C5 17F PA . 6.22 -17.84 8.57
O5 17F PA . 1.25 -17.84 4.64
C6 17F PA . 7.69 -17.47 8.22
O6 17F PA . 6.16 -19.22 6.47
C7 17F PA . 8.56 -15.30 8.14
O7 17F PA . 8.08 -16.26 8.86
C8 17F PA . 8.91 -14.13 9.10
O8 17F PA . 8.76 -15.22 6.96
C9 17F PA . 7.81 -13.04 9.15
O9 17F PA . 5.33 -16.77 8.26
C10 17F PA . 8.09 -11.82 10.09
O10 17F PA . 3.68 -17.33 9.77
C11 17F PA . 9.61 -11.57 10.44
C12 17F PA . 9.80 -10.32 11.38
C17 17F PA . 4.48 -16.54 9.24
C18 17F PA . 4.55 -15.11 9.73
C19 17F PA . 4.82 -14.95 11.25
C20 17F PA . 4.69 -13.45 11.72
C1X 17F PA . 11.29 -10.12 11.70
C1Y 17F PA . 4.96 -13.33 13.23
C1Z 17F PA . 6.47 -13.37 13.52
C2X 17F PA . 11.54 -8.86 12.66
C21 17F PA . 12.83 -8.08 12.30
C22 17F PA . 13.63 -7.54 13.16
C23 17F PA . 13.50 -7.56 14.62
C24 17F PA . 14.72 -8.07 15.36
C25 17F PA . 14.64 -8.12 16.88
C26 17F PA . 14.62 -6.69 17.61
C27 17F PA . 14.55 -6.75 19.12
C28 17F PA . 14.53 -5.27 19.66
C29 17F PA . 14.72 -5.30 21.12
C30 17F PA . 14.72 -3.95 21.78
C31 17F PA . 6.98 -12.53 14.74
C32 17F PA . 8.50 -12.60 14.99
C33 17F PA . 9.00 -11.23 15.44
C34 17F PA . 10.25 -10.94 15.74
C35 17F PA . 11.43 -11.88 15.71
C36 17F PA . 12.40 -11.75 16.92
C37 17F PA . 12.20 -12.91 17.81
C38 17F PA . 13.28 -14.02 17.70
C39 17F PA . 12.99 -15.18 18.66
C40 17F PA . 14.27 -16.00 18.91
C41 17F PA . 14.29 -17.27 17.97
C42 17F PA . 15.49 -17.45 17.01
C1 17F QA . 12.05 -0.50 -20.65
N1 17F QA . 10.01 -1.11 -19.31
O1 17F QA . 15.05 0.47 -20.17
P1 17F QA . 13.95 0.26 -19.15
C2 17F QA . 10.51 -0.60 -20.58
O2 17F QA . 13.94 -1.07 -18.44
C3 17F QA . 10.00 -1.48 -21.72
O3 17F QA . 12.52 0.45 -19.74
C4 17F QA . 13.08 1.37 -16.93
O4 17F QA . 9.25 -2.51 -21.52
C5 17F QA . 13.33 2.51 -15.91
O5 17F QA . 10.29 -1.23 -22.90
C6 17F QA . 13.13 3.89 -16.58
O6 17F QA . 14.01 1.35 -18.01
C7 17F QA . 13.51 6.15 -16.14
O7 17F QA . 13.35 4.96 -15.68
C8 17F QA . 13.70 7.11 -14.93
O8 17F QA . 13.50 6.57 -17.27
C9 17F QA . 14.92 8.08 -15.09
O9 17F QA . 12.52 2.40 -14.74
C10 17F QA . 15.16 9.06 -13.90
O10 17F QA . 14.24 2.23 -13.20
C11 17F QA . 16.63 9.05 -13.33
C12 17F QA . 16.81 10.06 -12.13
C17 17F QA . 13.18 1.86 -13.73
C18 17F QA . 12.50 0.62 -13.20
C19 17F QA . 11.23 0.90 -12.34
C20 17F QA . 11.60 1.58 -10.96
C1X 17F QA . 18.25 10.01 -11.59
C1Y 17F QA . 10.32 1.85 -10.12
C1Z 17F QA . 10.43 3.21 -9.41
C2X 17F QA . 18.48 11.03 -10.37
C21 17F QA . 18.92 12.45 -10.83
C22 17F QA . 20.04 13.02 -10.52
C23 17F QA . 21.11 12.46 -9.67
C24 17F QA . 22.07 13.50 -9.10
C25 17F QA . 23.19 12.97 -8.22
C26 17F QA . 24.06 14.08 -7.46
C27 17F QA . 25.17 13.54 -6.59
C28 17F QA . 25.91 14.76 -5.94
C29 17F QA . 27.34 14.44 -5.80
C30 17F QA . 28.17 15.52 -5.18
C31 17F QA . 11.30 3.26 -8.11
C32 17F QA . 11.38 4.65 -7.42
C33 17F QA . 12.61 5.39 -7.93
C34 17F QA . 12.98 6.60 -7.56
C35 17F QA . 12.29 7.50 -6.56
C36 17F QA . 13.00 7.61 -5.19
C37 17F QA . 13.15 9.05 -4.85
C38 17F QA . 13.74 9.31 -3.43
C39 17F QA . 13.87 10.82 -3.15
C40 17F QA . 13.15 11.18 -1.84
C41 17F QA . 12.77 12.72 -1.81
C42 17F QA . 13.55 13.67 -0.90
C1 PCW RA . 31.24 9.73 24.48
C2 PCW RA . 30.80 8.24 24.70
C3 PCW RA . 29.32 8.18 25.23
C4 PCW RA . 35.15 11.71 22.29
C5 PCW RA . 36.47 11.48 23.01
C6 PCW RA . 37.94 12.29 21.09
C7 PCW RA . 38.86 12.08 23.34
C8 PCW RA . 38.22 10.73 22.25
C11 PCW RA . 29.34 6.18 26.56
C12 PCW RA . 28.83 4.77 26.55
C13 PCW RA . 27.38 4.77 27.17
C14 PCW RA . 26.70 3.40 27.26
C15 PCW RA . 26.36 2.72 25.90
C16 PCW RA . 26.52 1.16 26.00
C17 PCW RA . 26.30 0.33 24.69
C18 PCW RA . 25.57 -0.99 24.94
C19 PCW RA . 26.46 -2.23 24.69
C20 PCW RA . 25.94 -3.51 24.49
C21 PCW RA . 24.54 -4.02 24.48
C22 PCW RA . 24.10 -4.06 22.98
C23 PCW RA . 24.74 -5.14 22.06
C24 PCW RA . 24.31 -6.55 22.27
C25 PCW RA . 25.27 -7.60 22.89
C26 PCW RA . 24.64 -8.65 23.80
C27 PCW RA . 25.24 -8.82 25.21
C28 PCW RA . 24.36 -8.13 26.24
C31 PCW RA . 31.61 6.43 23.39
C32 PCW RA . 31.53 5.79 21.99
C33 PCW RA . 30.71 4.41 21.92
C34 PCW RA . 31.53 3.24 21.36
C35 PCW RA . 32.39 2.70 22.57
C36 PCW RA . 32.58 1.16 22.53
C37 PCW RA . 33.41 0.55 23.70
C38 PCW RA . 34.15 -0.68 23.28
C39 PCW RA . 34.95 -1.29 24.39
C40 PCW RA . 34.88 -2.55 24.83
C41 PCW RA . 33.94 -3.60 24.26
C42 PCW RA . 34.82 -4.74 23.59
C43 PCW RA . 34.30 -5.43 22.35
C44 PCW RA . 35.34 -6.46 21.94
C45 PCW RA . 34.81 -7.84 21.67
C46 PCW RA . 35.17 -8.36 20.30
C47 PCW RA . 36.34 -9.31 20.23
C48 PCW RA . 36.59 -9.76 18.78
N PCW RA . 37.68 12.09 22.53
O2 PCW RA . 30.82 7.51 23.39
O3 PCW RA . 28.93 6.82 25.42
O11 PCW RA . 30.00 6.67 27.43
O31 PCW RA . 32.30 6.00 24.35
O1P PCW RA . 32.46 11.00 21.47
O2P PCW RA . 31.83 12.35 23.47
O3P PCW RA . 32.48 9.86 23.73
O4P PCW RA . 34.10 11.62 23.28
P PCW RA . 32.66 11.25 22.93
C1 PCW SA . 25.17 19.18 16.98
C2 PCW SA . 24.37 18.08 17.79
C3 PCW SA . 23.52 17.20 16.80
C4 PCW SA . 23.01 21.32 19.14
C5 PCW SA . 22.31 20.16 19.87
C6 PCW SA . 21.76 20.51 22.33
C7 PCW SA . 19.97 20.18 20.69
C8 PCW SA . 21.30 18.98 21.19
C11 PCW SA . 21.63 16.59 18.17
C12 PCW SA . 21.04 15.41 18.89
C13 PCW SA . 21.83 15.20 20.23
C14 PCW SA . 21.35 14.03 21.10
C15 PCW SA . 21.04 12.70 20.35
C16 PCW SA . 22.31 11.77 20.32
C17 PCW SA . 22.17 10.38 19.61
C18 PCW SA . 23.25 9.38 20.02
C19 PCW SA . 24.38 9.24 18.98
C20 PCW SA . 24.80 8.02 18.48
C21 PCW SA . 24.36 6.63 18.76
C22 PCW SA . 25.29 6.09 19.89
C23 PCW SA . 25.49 4.56 19.98
C24 PCW SA . 26.69 4.08 20.74
C25 PCW SA . 27.38 2.73 20.39
C26 PCW SA . 26.66 1.47 20.83
C27 PCW SA . 26.41 0.37 19.77
C28 PCW SA . 26.32 -0.98 20.43
C31 PCW SA . 25.48 17.45 19.78
C32 PCW SA . 26.48 16.41 20.36
C33 PCW SA . 25.82 15.04 20.86
C34 PCW SA . 25.24 14.19 19.72
C35 PCW SA . 26.38 13.15 19.34
C36 PCW SA . 26.19 12.56 17.94
C37 PCW SA . 27.27 11.53 17.48
C38 PCW SA . 28.20 12.11 16.47
C39 PCW SA . 29.26 11.14 16.01
C40 PCW SA . 29.24 10.39 14.91
C41 PCW SA . 28.13 10.40 13.89
C42 PCW SA . 27.31 9.04 14.04
C43 PCW SA . 25.80 9.10 14.14
C44 PCW SA . 25.31 7.67 14.28
C45 PCW SA . 23.88 7.44 13.85
C46 PCW SA . 22.86 7.70 14.92
C47 PCW SA . 21.42 7.78 14.48
C48 PCW SA . 20.49 8.05 15.66
N PCW SA . 21.38 20.44 20.91
O2 PCW SA . 25.31 17.16 18.50
O3 PCW SA . 22.78 16.21 17.55
O11 PCW SA . 21.16 17.69 18.15
O31 PCW SA . 24.95 18.39 20.43
O1P PCW SA . 25.13 22.08 17.28
O2P PCW SA . 23.24 22.24 15.66
O3P PCW SA . 24.36 19.99 16.11
O4P PCW SA . 22.87 21.05 17.72
P PCW SA . 23.92 21.42 16.69
C1 PCW TA . 21.76 26.72 8.90
C2 PCW TA . 21.06 25.38 8.43
C3 PCW TA . 22.07 24.19 8.60
C4 PCW TA . 21.51 24.73 12.35
C5 PCW TA . 20.44 23.98 13.15
C6 PCW TA . 18.97 21.94 12.78
C7 PCW TA . 21.30 21.67 13.46
C8 PCW TA . 19.92 22.46 14.41
C11 PCW TA . 20.99 22.09 9.13
C12 PCW TA . 20.37 20.90 8.46
C13 PCW TA . 21.53 20.03 7.85
C14 PCW TA . 21.08 18.76 7.12
C15 PCW TA . 21.19 18.80 5.57
C16 PCW TA . 21.32 17.34 4.99
C17 PCW TA . 22.56 17.05 4.06
C18 PCW TA . 22.24 17.16 2.57
C19 PCW TA . 22.69 18.50 1.95
C20 PCW TA . 21.82 19.34 1.27
C21 PCW TA . 20.39 19.24 0.95
C22 PCW TA . 20.26 19.28 -0.60
C23 PCW TA . 19.81 17.98 -1.31
C24 PCW TA . 18.35 17.68 -1.33
C25 PCW TA . 17.76 16.59 -2.27
C26 PCW TA . 17.32 15.30 -1.61
C27 PCW TA . 17.78 13.97 -2.25
C28 PCW TA . 17.23 12.80 -1.47
C31 PCW TA . 18.75 25.67 8.88
C32 PCW TA . 17.63 25.27 9.85
C33 PCW TA . 17.01 23.81 9.61
C34 PCW TA . 16.21 23.70 8.30
C35 PCW TA . 17.02 22.65 7.42
C36 PCW TA . 16.32 21.29 7.33
C37 PCW TA . 17.05 20.21 6.47
C38 PCW TA . 16.92 18.84 7.06
C39 PCW TA . 17.62 17.79 6.24
C40 PCW TA . 17.05 16.89 5.44
C41 PCW TA . 15.56 16.78 5.20
C42 PCW TA . 15.18 17.71 3.96
C43 PCW TA . 14.30 18.92 4.20
C44 PCW TA . 14.11 19.62 2.86
C45 PCW TA . 15.10 20.71 2.56
C46 PCW TA . 14.73 22.04 3.15
C47 PCW TA . 15.88 22.90 3.63
C48 PCW TA . 15.36 24.23 4.20
N PCW TA . 20.28 22.57 12.97
O2 PCW TA . 19.87 25.09 9.28
O3 PCW TA . 21.44 22.97 8.17
O11 PCW TA . 21.09 22.25 10.31
O31 PCW TA . 18.61 26.42 7.86
O1P PCW TA . 23.22 26.82 11.26
O2P PCW TA . 21.53 28.33 12.34
O3P PCW TA . 21.09 27.38 10.00
O4P PCW TA . 20.94 26.02 12.02
P PCW TA . 21.76 27.17 11.46
C1 PCW UA . 34.21 17.11 14.54
C2 PCW UA . 35.40 16.07 14.54
C3 PCW UA . 35.10 14.92 15.58
C4 PCW UA . 36.49 19.76 14.55
C5 PCW UA . 36.96 21.09 13.96
C6 PCW UA . 39.44 21.69 14.10
C7 PCW UA . 38.38 21.27 11.93
C8 PCW UA . 38.02 22.63 13.12
C11 PCW UA . 36.96 13.89 16.70
C12 PCW UA . 38.01 12.82 16.50
C13 PCW UA . 39.15 13.42 15.59
C14 PCW UA . 40.30 12.46 15.30
C15 PCW UA . 39.97 11.26 14.35
C16 PCW UA . 41.20 10.95 13.43
C17 PCW UA . 41.58 9.43 13.24
C18 PCW UA . 42.61 9.20 12.13
C19 PCW UA . 43.99 8.78 12.69
C20 PCW UA . 44.82 7.90 11.99
C21 PCW UA . 44.68 7.20 10.70
C22 PCW UA . 44.36 5.71 11.03
C23 PCW UA . 45.11 4.62 10.22
C24 PCW UA . 44.31 3.47 9.69
C25 PCW UA . 44.84 2.01 9.77
C26 PCW UA . 45.14 1.48 11.16
C27 PCW UA . 44.28 0.32 11.69
C28 PCW UA . 44.21 0.37 13.19
C31 PCW UA . 36.76 15.53 12.67
C32 PCW UA . 36.75 14.83 11.30
C33 PCW UA . 37.48 15.62 10.11
C34 PCW UA . 36.53 16.53 9.32
C35 PCW UA . 35.51 15.57 8.60
C36 PCW UA . 34.71 16.28 7.49
C37 PCW UA . 33.68 15.39 6.72
C38 PCW UA . 34.25 14.87 5.44
C39 PCW UA . 33.29 14.02 4.67
C40 PCW UA . 33.11 12.71 4.77
C41 PCW UA . 33.91 11.82 5.72
C42 PCW UA . 34.67 10.72 4.83
C43 PCW UA . 35.97 10.15 5.35
C44 PCW UA . 36.45 9.15 4.33
C45 PCW UA . 36.07 7.71 4.61
C46 PCW UA . 35.22 7.08 3.54
C47 PCW UA . 33.73 7.14 3.76
C48 PCW UA . 32.98 6.47 2.60
N PCW UA . 38.26 21.18 13.37
O2 PCW UA . 35.54 15.42 13.20
O3 PCW UA . 36.18 13.97 15.58
O11 PCW UA . 36.83 14.56 17.69
O31 PCW UA . 37.76 16.11 13.19
O1P PCW UA . 35.84 18.63 11.95
O2P PCW UA . 33.78 19.98 12.18
O3P PCW UA . 33.90 17.64 13.23
O4P PCW UA . 35.09 19.59 14.14
P PCW UA . 34.67 19.00 12.80
C1 PCW VA . 17.00 33.67 10.68
C2 PCW VA . 15.80 32.66 10.69
C3 PCW VA . 15.75 31.88 12.05
C4 PCW VA . 17.41 34.07 6.77
C5 PCW VA . 17.59 32.60 6.43
C6 PCW VA . 15.28 32.11 5.43
C7 PCW VA . 17.25 30.82 4.73
C8 PCW VA . 16.47 30.88 6.41
C11 PCW VA . 14.78 29.81 11.32
C12 PCW VA . 13.52 29.00 11.46
C13 PCW VA . 12.40 29.67 10.60
C14 PCW VA . 11.04 28.96 10.64
C15 PCW VA . 9.85 29.80 11.16
C16 PCW VA . 8.55 29.50 10.32
C17 PCW VA . 8.37 30.30 8.98
C18 PCW VA . 8.69 29.48 7.73
C19 PCW VA . 7.60 29.59 6.65
C20 PCW VA . 7.49 28.67 5.60
C21 PCW VA . 8.27 27.47 5.23
C22 PCW VA . 7.61 26.27 5.97
C23 PCW VA . 6.73 25.31 5.12
C24 PCW VA . 7.31 23.97 4.79
C25 PCW VA . 6.39 22.72 4.66
C26 PCW VA . 6.53 21.92 3.38
C27 PCW VA . 5.43 22.06 2.31
C28 PCW VA . 4.83 20.71 1.97
C31 PCW VA . 14.09 33.58 9.30
C32 PCW VA . 12.77 34.35 9.33
C33 PCW VA . 11.58 33.63 10.13
C34 PCW VA . 11.20 34.34 11.43
C35 PCW VA . 9.99 33.52 12.02
C36 PCW VA . 8.65 33.82 11.31
C37 PCW VA . 7.42 33.03 11.85
C38 PCW VA . 6.18 33.34 11.08
C39 PCW VA . 4.98 32.60 11.58
C40 PCW VA . 4.27 31.68 10.92
C41 PCW VA . 4.58 31.23 9.50
C42 PCW VA . 4.26 29.68 9.40
C43 PCW VA . 4.18 29.05 8.01
C44 PCW VA . 3.87 27.57 8.22
C45 PCW VA . 2.88 26.99 7.23
C46 PCW VA . 1.44 27.24 7.60
C47 PCW VA . 0.75 26.16 8.41
C48 PCW VA . -0.70 26.55 8.72
N PCW VA . 16.76 31.98 5.43
O2 PCW VA . 14.50 33.39 10.56
O3 PCW VA . 14.66 30.95 12.06
O11 PCW VA . 15.73 29.51 10.66
O31 PCW VA . 14.70 33.19 8.26
O1P PCW VA . 16.87 36.55 8.19
O2P PCW VA . 18.95 35.94 9.44
O3P PCW VA . 16.67 34.98 10.13
O4P PCW VA . 17.86 34.24 8.13
P PCW VA . 17.62 35.50 8.95
C1 PCW WA . 19.28 32.49 -5.27
C2 PCW WA . 19.37 31.82 -6.68
C3 PCW WA . 20.62 30.87 -6.75
C4 PCW WA . 21.07 36.39 -7.10
C5 PCW WA . 20.08 36.49 -8.28
C6 PCW WA . 19.91 39.04 -8.08
C7 PCW WA . 18.75 37.84 -9.88
C8 PCW WA . 18.46 37.72 -8.06
C11 PCW WA . 21.25 30.96 -9.06
C12 PCW WA . 21.24 30.14 -10.33
C13 PCW WA . 19.89 30.43 -11.10
C14 PCW WA . 19.72 29.67 -12.42
C15 PCW WA . 19.88 30.50 -13.72
C16 PCW WA . 21.02 29.93 -14.61
C17 PCW WA . 22.30 30.83 -14.81
C18 PCW WA . 22.20 31.74 -16.04
C19 PCW WA . 23.32 31.49 -17.07
C20 PCW WA . 23.07 31.05 -18.36
C21 PCW WA . 21.80 30.74 -19.08
C22 PCW WA . 22.21 30.00 -20.39
C23 PCW WA . 22.85 30.83 -21.53
C24 PCW WA . 21.92 31.61 -22.40
C25 PCW WA . 21.95 33.17 -22.41
C26 PCW WA . 22.75 33.82 -23.52
C27 PCW WA . 24.24 34.11 -23.25
C28 PCW WA . 24.65 35.41 -23.90
C31 PCW WA . 17.45 31.36 -8.01
C32 PCW WA . 16.25 30.42 -8.11
C33 PCW WA . 15.88 29.93 -9.60
C34 PCW WA . 14.55 29.17 -9.68
C35 PCW WA . 14.49 28.59 -11.15
C36 PCW WA . 13.39 27.52 -11.31
C37 PCW WA . 13.26 26.90 -12.74
C38 PCW WA . 12.49 25.62 -12.73
C39 PCW WA . 12.36 25.02 -14.11
C40 PCW WA . 12.13 23.74 -14.41
C41 PCW WA . 11.98 22.63 -13.39
C42 PCW WA . 10.69 21.77 -13.79
C43 PCW WA . 10.91 20.36 -14.31
C44 PCW WA . 9.53 19.78 -14.61
C45 PCW WA . 9.12 18.64 -13.71
C46 PCW WA . 9.53 17.29 -14.23
C47 PCW WA . 8.42 16.40 -14.75
C48 PCW WA . 8.98 15.06 -15.25
N PCW WA . 19.74 37.77 -8.82
O2 PCW WA . 18.16 30.99 -6.94
O3 PCW WA . 20.70 30.25 -8.05
O11 PCW WA . 21.69 32.08 -8.98
O31 PCW WA . 17.72 32.31 -8.80
O1P PCW WA . 20.43 35.90 -4.30
O2P PCW WA . 21.71 33.80 -4.67
O3P PCW WA . 19.23 33.93 -5.30
O4P PCW WA . 20.97 35.03 -6.60
P PCW WA . 20.64 34.69 -5.16
C1 PCW XA . 14.98 39.43 -2.64
C2 PCW XA . 13.71 38.52 -2.90
C3 PCW XA . 12.43 39.41 -3.08
C4 PCW XA . 14.89 36.42 0.62
C5 PCW XA . 13.52 35.78 0.80
C6 PCW XA . 11.74 34.74 2.08
C7 PCW XA . 12.56 36.84 2.72
C8 PCW XA . 13.90 35.04 3.14
C11 PCW XA . 10.77 37.87 -2.27
C12 PCW XA . 9.60 37.06 -2.74
C13 PCW XA . 8.39 38.04 -3.00
C14 PCW XA . 7.10 37.38 -3.48
C15 PCW XA . 7.26 36.37 -4.66
C16 PCW XA . 6.13 36.58 -5.73
C17 PCW XA . 5.80 35.36 -6.67
C18 PCW XA . 4.31 35.27 -7.04
C19 PCW XA . 3.89 36.34 -8.08
C20 PCW XA . 2.64 36.35 -8.68
C21 PCW XA . 1.45 35.47 -8.55
C22 PCW XA . 0.41 35.95 -9.60
C23 PCW XA . -0.35 34.86 -10.40
C24 PCW XA . -0.47 35.06 -11.87
C25 PCW XA . 0.01 33.97 -12.88
C26 PCW XA . -0.78 33.85 -14.17
C27 PCW XA . -0.20 32.98 -15.30
C28 PCW XA . 0.23 33.85 -16.45
C31 PCW XA . 14.33 36.50 -3.96
C32 PCW XA . 14.45 35.82 -5.33
C33 PCW XA . 13.48 34.57 -5.55
C34 PCW XA . 14.18 33.35 -6.16
C35 PCW XA . 14.47 33.74 -7.67
C36 PCW XA . 13.32 33.32 -8.62
C37 PCW XA . 13.55 33.67 -10.13
C38 PCW XA . 13.04 32.59 -11.02
C39 PCW XA . 13.25 32.90 -12.48
C40 PCW XA . 12.47 32.53 -13.49
C41 PCW XA . 11.20 31.69 -13.33
C42 PCW XA . 11.39 30.35 -14.17
C43 PCW XA . 10.18 29.46 -14.36
C44 PCW XA . 10.64 28.26 -15.19
C45 PCW XA . 9.68 27.84 -16.28
C46 PCW XA . 9.76 26.37 -16.61
C47 PCW XA . 8.64 25.51 -16.09
C48 PCW XA . 8.84 24.04 -16.50
N PCW XA . 12.95 35.60 2.12
O2 PCW XA . 13.89 37.74 -4.15
O3 PCW XA . 11.29 38.58 -3.31
O11 PCW XA . 11.19 37.89 -1.15
O31 PCW XA . 14.63 35.97 -2.85
O1P PCW XA . 16.98 38.45 0.47
O2P PCW XA . 15.04 39.99 0.24
O3P PCW XA . 15.99 38.79 -1.83
O4P PCW XA . 14.66 37.66 -0.12
P PCW XA . 15.70 38.75 -0.25
C1 PCW YA . 19.59 3.45 40.92
C2 PCW YA . 18.68 2.34 40.27
C3 PCW YA . 19.17 0.91 40.71
C4 PCW YA . 19.25 5.27 37.21
C5 PCW YA . 20.33 5.22 36.12
C6 PCW YA . 21.46 6.15 34.21
C7 PCW YA . 19.64 7.29 35.11
C8 PCW YA . 19.20 5.38 33.93
C11 PCW YA . 18.30 -1.32 40.68
C12 PCW YA . 17.36 -2.21 39.90
C13 PCW YA . 18.18 -3.44 39.39
C14 PCW YA . 17.39 -4.46 38.57
C15 PCW YA . 18.21 -5.64 37.95
C16 PCW YA . 17.33 -6.93 37.85
C17 PCW YA . 17.95 -8.15 37.08
C18 PCW YA . 19.17 -8.76 37.79
C19 PCW YA . 19.96 -9.76 36.89
C20 PCW YA . 20.85 -9.34 35.92
C21 PCW YA . 21.28 -7.98 35.47
C22 PCW YA . 21.35 -8.03 33.92
C23 PCW YA . 20.02 -7.82 33.14
C24 PCW YA . 19.60 -8.93 32.21
C25 PCW YA . 18.63 -10.05 32.70
C26 PCW YA . 18.88 -11.44 32.17
C27 PCW YA . 18.60 -12.64 33.11
C28 PCW YA . 19.89 -13.23 33.60
C31 PCW YA . 16.52 3.24 39.93
C32 PCW YA . 15.10 3.29 40.53
C33 PCW YA . 14.26 1.94 40.43
C34 PCW YA . 13.05 2.04 39.52
C35 PCW YA . 11.89 1.24 40.23
C36 PCW YA . 10.90 0.59 39.23
C37 PCW YA . 9.72 -0.22 39.86
C38 PCW YA . 8.41 0.11 39.23
C39 PCW YA . 7.27 -0.66 39.81
C40 PCW YA . 6.74 -1.79 39.35
C41 PCW YA . 7.22 -2.51 38.10
C42 PCW YA . 7.55 -4.01 38.50
C43 PCW YA . 8.84 -4.63 38.00
C44 PCW YA . 8.88 -6.06 38.52
C45 PCW YA . 8.23 -7.09 37.63
C46 PCW YA . 9.09 -8.30 37.38
C47 PCW YA . 8.38 -9.63 37.27
C48 PCW YA . 9.38 -10.76 37.00
N PCW YA . 20.16 5.97 34.91
O2 PCW YA . 17.27 2.48 40.73
O3 PCW YA . 18.34 -0.09 40.11
O11 PCW YA . 18.91 -1.65 41.65
O31 PCW YA . 16.89 3.80 38.86
O1P PCW YA . 19.12 7.01 39.54
O2P PCW YA . 21.28 5.91 40.11
O3P PCW YA . 19.07 4.80 40.76
O4P PCW YA . 19.89 4.87 38.45
P PCW YA . 19.87 5.71 39.71
C1 PCW ZA . -0.96 31.69 7.36
C2 PCW ZA . 0.11 31.52 6.20
C3 PCW ZA . 1.55 31.63 6.78
C4 PCW ZA . -2.63 35.38 9.92
C5 PCW ZA . -2.86 36.89 9.88
C6 PCW ZA . -5.07 38.14 10.14
C7 PCW ZA . -3.59 37.84 12.06
C8 PCW ZA . -3.26 38.79 10.52
C11 PCW ZA . 3.68 32.19 5.79
C12 PCW ZA . 4.51 31.88 4.58
C13 PCW ZA . 4.20 32.97 3.49
C14 PCW ZA . 4.98 32.81 2.17
C15 PCW ZA . 5.08 34.09 1.30
C16 PCW ZA . 4.80 33.76 -0.21
C17 PCW ZA . 5.89 32.91 -0.96
C18 PCW ZA . 5.31 31.69 -1.68
C19 PCW ZA . 5.99 30.36 -1.27
C20 PCW ZA . 5.61 29.14 -1.82
C21 PCW ZA . 4.58 28.77 -2.80
C22 PCW ZA . 3.36 28.19 -2.01
C23 PCW ZA . 2.59 27.00 -2.64
C24 PCW ZA . 2.91 25.64 -2.12
C25 PCW ZA . 1.85 24.50 -2.14
C26 PCW ZA . 2.18 23.28 -2.98
C27 PCW ZA . 2.16 21.89 -2.30
C28 PCW ZA . 0.80 21.25 -2.49
C31 PCW ZA . -0.83 30.11 4.53
C32 PCW ZA . -0.85 28.65 4.03
C33 PCW ZA . -1.62 27.61 4.99
C34 PCW ZA . -3.04 27.31 4.52
C35 PCW ZA . -3.09 25.75 4.28
C36 PCW ZA . -4.54 25.20 4.19
C37 PCW ZA . -4.66 23.66 3.95
C38 PCW ZA . -5.91 23.31 3.19
C39 PCW ZA . -6.06 21.84 2.94
C40 PCW ZA . -6.76 21.25 1.99
C41 PCW ZA . -7.57 22.01 0.95
C42 PCW ZA . -7.75 21.06 -0.32
C43 PCW ZA . -8.98 21.27 -1.21
C44 PCW ZA . -8.91 20.24 -2.32
C45 PCW ZA . -10.14 19.37 -2.48
C46 PCW ZA . -11.05 19.82 -3.58
C47 PCW ZA . -12.53 19.80 -3.28
C48 PCW ZA . -13.34 20.29 -4.50
N PCW ZA . -3.90 37.46 10.70
O2 PCW ZA . -0.03 30.17 5.60
O3 PCW ZA . 2.51 31.48 5.72
O11 PCW ZA . 3.98 32.94 6.67
O31 PCW ZA . -1.47 31.07 4.02
O1P PCW ZA . -1.01 32.98 10.00
O2P PCW ZA . 0.53 34.33 8.58
O3P PCW ZA . -1.43 33.04 7.52
O4P PCW ZA . -1.73 35.08 8.82
P PCW ZA . -0.85 33.84 8.79
C1 PCW AB . -5.76 22.40 28.47
C2 PCW AB . -7.04 21.47 28.45
C3 PCW AB . -7.07 20.62 27.13
C4 PCW AB . -1.56 22.02 30.47
C5 PCW AB . -0.87 21.70 31.79
C6 PCW AB . 0.79 20.25 30.80
C7 PCW AB . 0.94 20.78 33.06
C8 PCW AB . 1.48 22.41 31.57
C11 PCW AB . -9.38 20.26 26.59
C12 PCW AB . -10.45 19.20 26.69
C13 PCW AB . -11.80 19.81 26.15
C14 PCW AB . -13.00 18.86 26.20
C15 PCW AB . -14.22 19.34 27.04
C16 PCW AB . -15.28 18.20 27.18
C17 PCW AB . -16.47 18.20 26.16
C18 PCW AB . -17.73 18.89 26.69
C19 PCW AB . -17.61 20.43 26.70
C20 PCW AB . -18.02 21.23 25.63
C21 PCW AB . -18.61 20.90 24.31
C22 PCW AB . -20.12 21.30 24.40
C23 PCW AB . -21.16 20.26 23.89
C24 PCW AB . -21.23 18.95 24.63
C25 PCW AB . -21.06 17.60 23.87
C26 PCW AB . -22.25 17.15 23.03
C27 PCW AB . -22.06 15.88 22.17
C28 PCW AB . -23.26 15.69 21.27
C31 PCW AB . -8.13 20.43 30.29
C32 PCW AB . -7.92 19.40 31.42
C33 PCW AB . -7.63 17.90 30.94
C34 PCW AB . -8.89 17.11 30.62
C35 PCW AB . -8.84 15.83 31.55
C36 PCW AB . -9.92 14.78 31.19
C37 PCW AB . -9.94 13.49 32.06
C38 PCW AB . -10.81 12.42 31.48
C39 PCW AB . -10.83 11.17 32.31
C40 PCW AB . -10.52 9.94 31.91
C41 PCW AB . -10.05 9.59 30.51
C42 PCW AB . -10.91 8.35 30.00
C43 PCW AB . -10.20 7.05 29.71
C44 PCW AB . -11.25 6.05 29.26
C45 PCW AB . -11.47 5.98 27.77
C46 PCW AB . -12.79 6.55 27.32
C47 PCW AB . -12.83 7.12 25.93
C48 PCW AB . -14.23 7.67 25.59
N PCW AB . 0.51 21.31 31.80
O2 PCW AB . -6.99 20.51 29.60
O3 PCW AB . -8.22 19.77 27.13
O11 PCW AB . -9.50 21.35 26.11
O31 PCW AB . -9.20 21.08 30.07
O1P PCW AB . -3.10 23.38 28.42
O2P PCW AB . -4.01 24.65 30.37
O3P PCW AB . -5.03 22.37 29.71
O4P PCW AB . -2.86 22.59 30.78
P PCW AB . -3.72 23.32 29.78
C1 PCW BB . 29.90 27.41 -8.20
C2 PCW BB . 30.18 26.25 -9.23
C3 PCW BB . 30.98 26.81 -10.46
C4 PCW BB . 29.96 30.92 -8.36
C5 PCW BB . 30.68 32.27 -8.29
C6 PCW BB . 29.85 34.55 -7.50
C7 PCW BB . 30.97 33.04 -5.94
C8 PCW BB . 31.68 33.85 -7.45
C11 PCW BB . 31.33 26.03 -12.71
C12 PCW BB . 31.58 24.78 -13.50
C13 PCW BB . 30.18 24.11 -13.80
C14 PCW BB . 30.25 22.80 -14.60
C15 PCW BB . 30.05 22.95 -16.14
C16 PCW BB . 30.82 21.81 -16.91
C17 PCW BB . 29.96 20.81 -17.74
C18 PCW BB . 29.51 21.37 -19.10
C19 PCW BB . 28.02 21.80 -19.11
C20 PCW BB . 27.01 20.95 -19.56
C21 PCW BB . 27.04 19.58 -20.11
C22 PCW BB . 25.68 19.36 -20.84
C23 PCW BB . 25.73 19.24 -22.38
C24 PCW BB . 26.32 17.99 -22.94
C25 PCW BB . 27.76 17.99 -23.56
C26 PCW BB . 27.94 18.75 -24.86
C27 PCW BB . 27.49 18.06 -26.17
C28 PCW BB . 27.88 18.89 -27.36
C31 PCW BB . 30.59 23.96 -8.78
C32 PCW BB . 31.57 23.01 -8.07
C33 PCW BB . 31.07 22.42 -6.67
C34 PCW BB . 31.07 23.45 -5.54
C35 PCW BB . 29.54 23.80 -5.28
C36 PCW BB . 28.86 22.81 -4.31
C37 PCW BB . 27.36 23.10 -4.00
C38 PCW BB . 26.95 22.60 -2.66
C39 PCW BB . 25.49 22.86 -2.36
C40 PCW BB . 24.55 21.95 -2.10
C41 PCW BB . 24.80 20.46 -2.08
C42 PCW BB . 24.26 19.85 -3.45
C43 PCW BB . 23.01 19.00 -3.42
C44 PCW BB . 22.74 18.55 -4.84
C45 PCW BB . 21.77 17.41 -4.98
C46 PCW BB . 21.07 17.37 -6.31
C47 PCW BB . 19.84 16.50 -6.41
C48 PCW BB . 19.23 16.56 -7.81
N PCW BB . 30.35 33.19 -7.24
O2 PCW BB . 31.03 25.21 -8.60
O3 PCW BB . 31.23 25.73 -11.40
O11 PCW BB . 31.24 27.13 -13.18
O31 PCW BB . 29.56 23.61 -9.42
O1P PCW BB . 30.57 29.69 -5.83
O2P PCW BB . 32.82 29.40 -6.84
O3P PCW BB . 30.99 27.66 -7.28
O4P PCW BB . 30.98 29.89 -8.30
P PCW BB . 31.36 29.20 -7.00
C1 PCW CB . 25.95 13.23 27.33
C2 PCW CB . 25.10 11.98 26.83
C3 PCW CB . 23.61 12.14 27.26
C4 PCW CB . 26.30 16.52 28.55
C5 PCW CB . 24.85 16.96 28.70
C6 PCW CB . 22.92 16.85 30.37
C7 PCW CB . 24.90 18.18 30.87
C8 PCW CB . 23.68 18.44 29.52
C11 PCW CB . 21.74 11.23 26.04
C12 PCW CB . 21.13 9.91 25.66
C13 PCW CB . 19.65 9.87 26.23
C14 PCW CB . 18.87 8.58 25.92
C15 PCW CB . 19.30 7.78 24.67
C16 PCW CB . 20.09 6.47 25.09
C17 PCW CB . 21.44 6.19 24.35
C18 PCW CB . 21.70 4.70 24.12
C19 PCW CB . 23.10 4.41 23.54
C20 PCW CB . 23.54 3.12 23.24
C21 PCW CB . 22.89 1.80 23.37
C22 PCW CB . 22.33 1.43 21.97
C23 PCW CB . 22.73 0.04 21.39
C24 PCW CB . 21.83 -1.12 21.71
C25 PCW CB . 21.07 -1.88 20.59
C26 PCW CB . 21.71 -3.15 20.08
C27 PCW CB . 22.21 -3.17 18.62
C28 PCW CB . 23.34 -4.18 18.47
C31 PCW CB . 25.52 10.70 24.88
C32 PCW CB . 25.52 10.76 23.34
C33 PCW CB . 26.20 9.51 22.61
C34 PCW CB . 27.52 9.85 21.93
C35 PCW CB . 28.13 8.46 21.49
C36 PCW CB . 28.60 8.47 20.02
C37 PCW CB . 29.22 7.13 19.50
C38 PCW CB . 28.60 6.69 18.20
C39 PCW CB . 29.19 5.40 17.70
C40 PCW CB . 29.32 5.03 16.44
C41 PCW CB . 28.88 5.87 15.24
C42 PCW CB . 27.68 5.10 14.50
C43 PCW CB . 28.02 3.88 13.67
C44 PCW CB . 26.70 3.35 13.10
C45 PCW CB . 25.84 2.59 14.06
C46 PCW CB . 26.12 1.11 14.10
C47 PCW CB . 25.05 0.24 14.73
C48 PCW CB . 25.46 -1.24 14.71
N PCW CB . 24.31 17.18 30.02
O2 PCW CB . 25.15 11.90 25.35
O3 PCW CB . 22.86 11.00 26.79
O11 PCW CB . 21.32 12.31 25.74
O31 PCW CB . 25.81 9.69 25.58
O1P PCW CB . 28.58 14.84 27.81
O2P PCW CB . 28.19 15.83 25.56
O3P PCW CB . 26.85 13.77 26.33
O4P PCW CB . 26.44 16.02 27.19
P PCW CB . 27.59 15.15 26.73
C1 PCW DB . 38.10 21.59 3.87
C2 PCW DB . 37.29 21.05 2.62
C3 PCW DB . 38.13 21.24 1.31
C4 PCW DB . 34.74 22.25 7.23
C5 PCW DB . 33.79 23.45 7.37
C6 PCW DB . 33.21 23.57 9.85
C7 PCW DB . 33.69 25.61 8.58
C8 PCW DB . 32.29 24.44 8.34
C11 PCW DB . 38.05 20.05 -0.78
C12 PCW DB . 37.09 19.62 -1.85
C13 PCW DB . 37.17 18.05 -1.97
C14 PCW DB . 36.25 17.43 -3.03
C15 PCW DB . 36.97 16.69 -4.21
C16 PCW DB . 36.24 15.34 -4.53
C17 PCW DB . 36.83 14.04 -3.88
C18 PCW DB . 36.93 12.87 -4.86
C19 PCW DB . 38.37 12.32 -5.01
C20 PCW DB . 39.04 12.32 -6.23
C21 PCW DB . 38.66 12.79 -7.58
C22 PCW DB . 39.15 11.72 -8.59
C23 PCW DB . 40.19 12.16 -9.66
C24 PCW DB . 40.31 11.31 -10.88
C25 PCW DB . 39.60 11.70 -12.21
C26 PCW DB . 40.04 10.95 -13.45
C27 PCW DB . 39.25 9.69 -13.87
C28 PCW DB . 39.76 9.17 -15.19
C31 PCW DB . 35.77 19.30 3.11
C32 PCW DB . 35.65 17.78 3.24
C33 PCW DB . 34.55 17.10 2.30
C34 PCW DB . 35.15 16.21 1.20
C35 PCW DB . 33.91 15.41 0.60
C36 PCW DB . 33.84 15.49 -0.94
C37 PCW DB . 32.65 14.73 -1.60
C38 PCW DB . 33.12 13.79 -2.68
C39 PCW DB . 31.97 13.04 -3.33
C40 PCW DB . 31.81 12.81 -4.63
C41 PCW DB . 32.75 13.28 -5.71
C42 PCW DB . 32.01 13.11 -7.12
C43 PCW DB . 32.57 12.10 -8.11
C44 PCW DB . 31.67 12.15 -9.34
C45 PCW DB . 31.93 11.07 -10.37
C46 PCW DB . 31.60 9.69 -9.89
C47 PCW DB . 30.26 9.12 -10.32
C48 PCW DB . 30.06 7.71 -9.77
N PCW DB . 33.73 24.17 8.61
O2 PCW DB . 37.01 19.59 2.78
O3 PCW DB . 37.38 20.74 0.19
O11 PCW DB . 39.23 19.82 -0.77
O31 PCW DB . 34.83 20.13 3.30
O1P PCW DB . 37.62 22.63 7.30
O2P PCW DB . 37.19 23.90 5.19
O3P PCW DB . 37.47 21.34 5.13
O4P PCW DB . 35.47 22.44 5.99
P PCW DB . 36.97 22.64 5.94
C1 PCW EB . 16.66 10.10 37.51
C2 PCW EB . 16.24 8.69 36.93
C3 PCW EB . 15.56 7.84 38.05
C4 PCW EB . 12.47 12.03 36.55
C5 PCW EB . 11.52 12.85 37.43
C6 PCW EB . 9.20 11.79 37.54
C7 PCW EB . 10.41 12.35 39.60
C8 PCW EB . 9.79 13.51 38.29
C11 PCW EB . 14.05 5.95 37.98
C12 PCW EB . 13.87 4.64 37.28
C13 PCW EB . 13.24 4.90 35.87
C14 PCW EB . 12.97 3.67 35.01
C15 PCW EB . 12.00 2.61 35.62
C16 PCW EB . 12.05 1.27 34.80
C17 PCW EB . 13.32 0.37 34.98
C18 PCW EB . 13.09 -0.82 35.90
C19 PCW EB . 14.03 -0.82 37.14
C20 PCW EB . 14.05 -1.86 38.05
C21 PCW EB . 13.29 -3.14 38.13
C22 PCW EB . 12.87 -3.31 39.62
C23 PCW EB . 13.78 -4.17 40.53
C24 PCW EB . 13.82 -3.80 41.99
C25 PCW EB . 12.88 -4.50 43.01
C26 PCW EB . 11.64 -3.74 43.42
C27 PCW EB . 10.29 -4.17 42.78
C28 PCW EB . 9.48 -2.95 42.39
C31 PCW EB . 15.53 8.21 34.72
C32 PCW EB . 14.41 8.50 33.69
C33 PCW EB . 12.99 7.82 33.99
C34 PCW EB . 12.03 8.73 34.74
C35 PCW EB . 10.70 7.89 34.91
C36 PCW EB . 10.42 7.52 36.39
C37 PCW EB . 9.12 6.69 36.64
C38 PCW EB . 9.04 6.18 38.03
C39 PCW EB . 7.80 5.37 38.30
C40 PCW EB . 7.64 4.42 39.22
C41 PCW EB . 8.72 3.99 40.20
C42 PCW EB . 8.02 3.30 41.45
C43 PCW EB . 8.89 2.64 42.51
C44 PCW EB . 7.97 2.08 43.57
C45 PCW EB . 8.42 0.79 44.21
C46 PCW EB . 7.29 -0.07 44.71
C47 PCW EB . 7.52 -0.79 46.02
C48 PCW EB . 6.29 -1.63 46.41
N PCW EB . 10.48 12.19 38.16
O2 PCW EB . 15.24 8.88 35.84
O3 PCW EB . 15.19 6.56 37.50
O11 PCW EB . 13.34 6.40 38.83
O31 PCW EB . 16.54 7.48 34.53
O1P PCW EB . 14.04 10.57 38.51
O2P PCW EB . 15.15 12.78 38.83
O3P PCW EB . 15.91 11.21 36.96
O4P PCW EB . 13.82 12.46 36.86
P PCW EB . 14.70 11.75 37.87
C1 PCW FB . 47.94 15.98 6.56
C2 PCW FB . 48.22 14.67 5.70
C3 PCW FB . 46.90 14.13 5.04
C4 PCW FB . 47.44 19.37 8.21
C5 PCW FB . 47.15 19.92 9.62
C6 PCW FB . 44.91 20.75 9.22
C7 PCW FB . 46.71 22.23 9.10
C8 PCW FB . 46.07 21.50 11.18
C11 PCW FB . 47.13 11.74 4.90
C12 PCW FB . 47.47 10.64 3.93
C13 PCW FB . 46.15 9.90 3.52
C14 PCW FB . 46.32 8.75 2.53
C15 PCW FB . 45.68 7.40 2.97
C16 PCW FB . 44.44 7.05 2.06
C17 PCW FB . 43.74 5.66 2.31
C18 PCW FB . 44.30 4.54 1.43
C19 PCW FB . 44.66 3.27 2.24
C20 PCW FB . 43.87 2.13 2.20
C21 PCW FB . 42.62 1.81 1.47
C22 PCW FB . 41.70 1.06 2.48
C23 PCW FB . 40.57 0.17 1.91
C24 PCW FB . 39.16 0.60 2.18
C25 PCW FB . 38.27 -0.17 3.20
C26 PCW FB . 36.82 -0.40 2.82
C27 PCW FB . 35.73 -0.05 3.85
C28 PCW FB . 34.79 -1.21 4.03
C31 PCW FB . 48.85 15.94 3.75
C32 PCW FB . 49.97 16.07 2.70
C33 PCW FB . 49.77 15.20 1.37
C34 PCW FB . 49.65 13.70 1.64
C35 PCW FB . 49.93 12.99 0.24
C36 PCW FB . 48.65 12.38 -0.37
C37 PCW FB . 48.85 11.67 -1.75
C38 PCW FB . 47.63 10.93 -2.17
C39 PCW FB . 47.80 10.23 -3.50
C40 PCW FB . 47.40 9.01 -3.83
C41 PCW FB . 46.68 8.06 -2.88
C42 PCW FB . 45.18 7.87 -3.42
C43 PCW FB . 44.80 6.51 -3.97
C44 PCW FB . 43.35 6.61 -4.40
C45 PCW FB . 43.06 6.14 -5.82
C46 PCW FB . 42.53 4.74 -5.89
C47 PCW FB . 42.56 4.09 -7.25
C48 PCW FB . 42.01 2.66 -7.19
N PCW FB . 46.26 21.03 9.76
O2 PCW FB . 49.20 14.96 4.59
O3 PCW FB . 47.20 12.95 4.27
O11 PCW FB . 46.82 11.58 6.06
O31 PCW FB . 47.81 16.65 3.78
O1P PCW FB . 45.07 17.72 8.25
O2P PCW FB . 46.49 16.22 9.63
O3P PCW FB . 46.58 16.09 7.06
O4P PCW FB . 47.57 17.93 8.35
P PCW FB . 46.37 16.99 8.38
C1 PCW GB . 33.93 26.55 -5.33
C2 PCW GB . 34.79 25.77 -6.40
C3 PCW GB . 35.49 26.79 -7.38
C4 PCW GB . 35.82 29.51 -4.09
C5 PCW GB . 36.98 30.17 -4.82
C6 PCW GB . 38.57 30.42 -2.84
C7 PCW GB . 39.44 30.34 -5.12
C8 PCW GB . 38.35 31.63 -4.37
C11 PCW GB . 37.57 26.44 -8.51
C12 PCW GB . 38.20 25.55 -9.56
C13 PCW GB . 38.63 24.20 -8.87
C14 PCW GB . 39.29 23.18 -9.80
C15 PCW GB . 38.67 21.75 -9.78
C16 PCW GB . 37.26 21.73 -10.47
C17 PCW GB . 37.21 22.03 -12.01
C18 PCW GB . 35.79 22.14 -12.56
C19 PCW GB . 35.55 21.29 -13.84
C20 PCW GB . 34.33 20.70 -14.13
C21 PCW GB . 33.04 20.69 -13.41
C22 PCW GB . 32.51 19.23 -13.44
C23 PCW GB . 31.05 18.98 -12.98
C24 PCW GB . 30.57 17.56 -12.98
C25 PCW GB . 30.24 16.83 -14.32
C26 PCW GB . 29.78 15.39 -14.20
C27 PCW GB . 30.47 14.34 -15.10
C28 PCW GB . 29.45 13.68 -15.99
C31 PCW GB . 35.75 23.68 -5.80
C32 PCW GB . 36.92 23.04 -5.04
C33 PCW GB . 37.87 22.09 -5.91
C34 PCW GB . 38.93 21.38 -5.07
C35 PCW GB . 39.95 20.77 -6.14
C36 PCW GB . 40.18 19.25 -5.93
C37 PCW GB . 41.17 18.59 -6.94
C38 PCW GB . 40.51 18.28 -8.25
C39 PCW GB . 41.46 17.64 -9.23
C40 PCW GB . 41.17 16.68 -10.11
C41 PCW GB . 39.80 16.06 -10.27
C42 PCW GB . 39.44 16.04 -11.83
C43 PCW GB . 38.42 17.02 -12.35
C44 PCW GB . 38.28 16.77 -13.84
C45 PCW GB . 36.95 17.11 -14.45
C46 PCW GB . 35.99 15.95 -14.54
C47 PCW GB . 36.11 15.08 -15.78
C48 PCW GB . 35.09 13.94 -15.75
N PCW GB . 38.30 30.14 -4.26
O2 PCW GB . 35.87 25.00 -5.71
O3 PCW GB . 36.27 26.06 -8.34
O11 PCW GB . 38.13 27.32 -7.94
O31 PCW GB . 34.84 23.06 -6.43
O1P PCW GB . 35.25 27.56 -2.02
O2P PCW GB . 36.79 26.15 -3.37
O3P PCW GB . 34.28 26.26 -3.96
O4P PCW GB . 35.86 28.10 -4.40
P PCW GB . 35.59 27.01 -3.38
C1 PCW HB . 0.73 36.92 2.54
C2 PCW HB . -0.47 35.90 2.40
C3 PCW HB . -1.82 36.67 2.20
C4 PCW HB . 3.00 36.27 5.76
C5 PCW HB . 2.70 35.69 7.14
C6 PCW HB . 3.39 35.38 9.58
C7 PCW HB . 4.10 37.37 8.33
C8 PCW HB . 2.38 36.87 8.79
C11 PCW HB . -3.99 36.10 1.36
C12 PCW HB . -4.99 34.98 1.35
C13 PCW HB . -4.54 33.91 0.29
C14 PCW HB . -5.46 32.70 0.16
C15 PCW HB . -6.21 32.55 -1.20
C16 PCW HB . -7.71 33.00 -1.04
C17 PCW HB . -8.82 31.94 -1.38
C18 PCW HB . -9.21 31.93 -2.85
C19 PCW HB . -9.85 30.60 -3.30
C20 PCW HB . -9.16 29.62 -3.99
C21 PCW HB . -7.75 29.55 -4.49
C22 PCW HB . -7.73 28.49 -5.62
C23 PCW HB . -6.61 28.62 -6.69
C24 PCW HB . -7.06 28.80 -8.11
C25 PCW HB . -6.77 30.12 -8.87
C26 PCW HB . -6.95 30.09 -10.38
C27 PCW HB . -7.96 31.06 -11.01
C28 PCW HB . -8.11 30.77 -12.48
C31 PCW HB . 0.63 34.07 1.34
C32 PCW HB . 0.71 33.30 0.01
C33 PCW HB . 1.37 31.84 0.09
C34 PCW HB . 0.51 30.83 0.85
C35 PCW HB . 1.45 29.57 1.08
C36 PCW HB . 2.39 29.77 2.30
C37 PCW HB . 3.34 28.56 2.59
C38 PCW HB . 2.65 27.49 3.37
C39 PCW HB . 3.54 26.32 3.69
C40 PCW HB . 3.55 25.14 3.07
C41 PCW HB . 2.62 24.78 1.93
C42 PCW HB . 1.47 23.83 2.50
C43 PCW HB . 1.32 22.44 1.90
C44 PCW HB . 0.16 21.77 2.63
C45 PCW HB . -0.35 20.50 1.99
C46 PCW HB . -1.23 20.76 0.80
C47 PCW HB . -2.60 21.31 1.08
C48 PCW HB . -3.40 21.53 -0.22
N PCW HB . 3.52 36.05 8.26
O2 PCW HB . -0.27 35.04 1.19
O3 PCW HB . -2.90 35.73 2.08
O11 PCW HB . -4.14 37.16 0.81
O31 PCW HB . 1.30 33.82 2.38
O1P PCW HB . 0.98 38.30 6.09
O2P PCW HB . -0.58 36.47 5.47
O3P PCW HB . 0.60 37.85 3.65
O4P PCW HB . 1.76 36.17 5.00
P PCW HB . 0.66 37.20 5.13
C1 PCW IB . 26.44 0.65 34.46
C2 PCW IB . 27.62 -0.40 34.42
C3 PCW IB . 27.44 -1.44 35.58
C4 PCW IB . 26.60 5.11 36.48
C5 PCW IB . 25.64 6.04 37.22
C6 PCW IB . 24.28 6.44 39.34
C7 PCW IB . 26.63 5.77 39.49
C8 PCW IB . 25.93 7.33 38.78
C11 PCW IB . 28.23 -3.70 35.76
C12 PCW IB . 29.48 -4.52 35.68
C13 PCW IB . 29.52 -5.25 34.28
C14 PCW IB . 30.74 -6.13 34.04
C15 PCW IB . 30.70 -7.54 34.69
C16 PCW IB . 30.73 -8.67 33.60
C17 PCW IB . 29.92 -9.97 33.88
C18 PCW IB . 30.16 -11.07 32.86
C19 PCW IB . 29.09 -11.12 31.74
C20 PCW IB . 28.07 -12.07 31.73
C21 PCW IB . 27.75 -13.20 32.64
C22 PCW IB . 28.10 -14.51 31.88
C23 PCW IB . 29.46 -15.19 32.22
C24 PCW IB . 29.66 -16.58 31.71
C25 PCW IB . 29.60 -17.80 32.67
C26 PCW IB . 29.10 -19.10 32.07
C27 PCW IB . 30.12 -19.99 31.34
C28 PCW IB . 30.06 -19.74 29.85
C31 PCW IB . 28.72 -1.14 32.45
C32 PCW IB . 28.51 -1.97 31.17
C33 PCW IB . 27.49 -1.33 30.10
C34 PCW IB . 26.06 -1.82 30.26
C35 PCW IB . 25.35 -1.54 28.87
C36 PCW IB . 23.85 -1.17 29.03
C37 PCW IB . 23.09 -0.86 27.70
C38 PCW IB . 22.15 -1.97 27.33
C39 PCW IB . 21.40 -1.70 26.05
C40 PCW IB . 20.42 -2.43 25.54
C41 PCW IB . 19.88 -3.70 26.17
C42 PCW IB . 19.47 -4.71 25.00
C43 PCW IB . 20.53 -5.65 24.47
C44 PCW IB . 19.87 -6.48 23.38
C45 PCW IB . 20.46 -6.31 22.00
C46 PCW IB . 19.77 -7.12 20.94
C47 PCW IB . 20.51 -7.30 19.63
C48 PCW IB . 19.69 -8.14 18.65
N PCW IB . 25.47 5.92 38.64
O2 PCW IB . 27.57 -1.16 33.14
O3 PCW IB . 28.52 -2.39 35.54
O11 PCW IB . 27.13 -4.13 35.99
O31 PCW IB . 29.79 -0.57 32.79
O1P PCW IB . 26.05 3.72 33.98
O2P PCW IB . 24.25 2.64 35.35
O3P PCW IB . 26.65 1.72 35.40
O4P PCW IB . 26.00 3.79 36.49
P PCW IB . 25.68 3.00 35.25
C1 PCW JB . 40.10 6.76 23.69
C2 PCW JB . 40.88 5.72 22.79
C3 PCW JB . 42.37 6.18 22.59
C4 PCW JB . 42.65 9.79 25.01
C5 PCW JB . 44.03 9.32 24.51
C6 PCW JB . 44.32 11.36 22.98
C7 PCW JB . 46.17 9.79 23.33
C8 PCW JB . 44.53 9.46 22.52
C11 PCW JB . 43.88 5.73 20.79
C12 PCW JB . 44.53 4.59 20.05
C13 PCW JB . 44.71 5.00 18.54
C14 PCW JB . 45.36 3.94 17.65
C15 PCW JB . 44.40 3.24 16.64
C16 PCW JB . 44.36 4.03 15.28
C17 PCW JB . 42.96 4.52 14.78
C18 PCW JB . 42.07 3.39 14.26
C19 PCW JB . 40.69 3.32 14.96
C20 PCW JB . 40.10 2.13 15.33
C21 PCW JB . 40.53 0.71 15.18
C22 PCW JB . 39.80 0.13 13.94
C23 PCW JB . 40.22 -1.27 13.45
C24 PCW JB . 39.16 -2.11 12.81
C25 PCW JB . 39.27 -3.67 12.80
C26 PCW JB . 40.26 -4.26 11.80
C27 PCW JB . 40.14 -5.77 11.49
C28 PCW JB . 40.00 -5.99 10.00
C31 PCW JB . 39.73 3.75 23.45
C32 PCW JB . 39.93 2.41 24.17
C33 PCW JB . 39.74 1.11 23.25
C34 PCW JB . 38.37 0.44 23.43
C35 PCW JB . 37.67 0.53 22.01
C36 PCW JB . 36.78 1.78 21.85
C37 PCW JB . 36.06 1.93 20.48
C38 PCW JB . 37.03 1.98 19.34
C39 PCW JB . 36.35 2.12 18.00
C40 PCW JB . 35.76 1.16 17.29
C41 PCW JB . 35.66 -0.29 17.72
C42 PCW JB . 36.89 -1.09 17.09
C43 PCW JB . 37.83 -1.82 18.03
C44 PCW JB . 38.89 -2.49 17.16
C45 PCW JB . 39.36 -3.84 17.65
C46 PCW JB . 38.81 -4.99 16.85
C47 PCW JB . 39.81 -5.82 16.08
C48 PCW JB . 39.11 -6.94 15.31
N PCW JB . 44.86 10.23 23.76
O2 PCW JB . 40.91 4.39 23.46
O3 PCW JB . 43.07 5.24 21.77
O11 PCW JB . 44.05 6.90 20.55
O31 PCW JB . 38.66 4.17 22.95
O1P PCW JB . 39.82 9.25 24.81
O2P PCW JB . 40.12 8.29 27.10
O3P PCW JB . 40.61 6.86 25.03
O4P PCW JB . 42.08 8.67 25.74
P PCW JB . 40.60 8.33 25.69
C1 PCW KB . 17.27 7.98 30.16
C2 PCW KB . 17.32 6.66 29.30
C3 PCW KB . 17.83 5.46 30.18
C4 PCW KB . 21.17 7.82 28.97
C5 PCW KB . 22.64 8.23 29.06
C6 PCW KB . 24.65 6.67 29.24
C7 PCW KB . 24.03 7.68 27.09
C8 PCW KB . 24.61 8.54 28.62
C11 PCW KB . 18.99 4.04 28.63
C12 PCW KB . 18.84 2.75 27.88
C13 PCW KB . 19.26 1.58 28.85
C14 PCW KB . 19.17 0.18 28.26
C15 PCW KB . 18.63 -0.92 29.20
C16 PCW KB . 17.24 -1.47 28.69
C17 PCW KB . 16.96 -2.99 28.89
C18 PCW KB . 15.67 -3.46 28.21
C19 PCW KB . 15.19 -4.84 28.72
C20 PCW KB . 13.98 -5.40 28.30
C21 PCW KB . 12.93 -4.93 27.36
C22 PCW KB . 12.63 -6.10 26.40
C23 PCW KB . 11.18 -6.65 26.37
C24 PCW KB . 10.84 -7.62 25.28
C25 PCW KB . 11.13 -9.14 25.44
C26 PCW KB . 10.49 -10.07 24.43
C27 PCW KB . 10.22 -11.53 24.86
C28 PCW KB . 9.61 -12.31 23.72
C31 PCW KB . 15.89 6.00 27.54
C32 PCW KB . 14.43 5.65 27.21
C33 PCW KB . 14.07 4.10 27.30
C34 PCW KB . 13.50 3.53 25.99
C35 PCW KB . 12.00 3.12 26.32
C36 PCW KB . 11.08 3.17 25.08
C37 PCW KB . 9.60 2.77 25.32
C38 PCW KB . 9.44 1.29 25.52
C39 PCW KB . 8.00 0.89 25.75
C40 PCW KB . 7.23 0.17 24.95
C41 PCW KB . 7.68 -0.39 23.61
C42 PCW KB . 7.39 0.71 22.49
C43 PCW KB . 8.34 0.80 21.30
C44 PCW KB . 7.82 1.91 20.40
C45 PCW KB . 7.52 1.49 18.98
C46 PCW KB . 8.65 1.78 18.02
C47 PCW KB . 8.34 1.57 16.56
C48 PCW KB . 9.57 1.87 15.69
N PCW KB . 23.65 7.42 28.45
O2 PCW KB . 15.96 6.29 28.83
O3 PCW KB . 17.88 4.26 29.38
O11 PCW KB . 19.95 4.77 28.57
O31 PCW KB . 16.85 6.02 26.70
O1P PCW KB . 19.19 9.87 29.54
O2P PCW KB . 20.17 9.75 31.82
O3P PCW KB . 18.34 8.10 31.13
O4P PCW KB . 20.63 7.96 30.31
P PCW KB . 19.59 9.01 30.69
C1 PCW LB . 34.68 2.49 31.81
C2 PCW LB . 34.30 1.46 30.69
C3 PCW LB . 34.51 -0.01 31.19
C4 PCW LB . 35.25 5.46 28.71
C5 PCW LB . 35.76 4.68 27.50
C6 PCW LB . 34.47 3.75 25.52
C7 PCW LB . 35.55 5.95 25.38
C8 PCW LB . 36.36 4.30 25.59
C11 PCW LB . 35.17 -1.59 29.51
C12 PCW LB . 34.59 -2.53 28.49
C13 PCW LB . 34.78 -4.00 29.00
C14 PCW LB . 34.24 -5.10 28.07
C15 PCW LB . 35.30 -5.80 27.18
C16 PCW LB . 35.13 -7.35 27.22
C17 PCW LB . 34.61 -8.05 25.92
C18 PCW LB . 34.85 -9.56 25.90
C19 PCW LB . 33.80 -10.36 26.71
C20 PCW LB . 32.62 -10.81 26.15
C21 PCW LB . 32.05 -10.69 24.78
C22 PCW LB . 30.72 -9.89 24.92
C23 PCW LB . 30.76 -8.38 24.56
C24 PCW LB . 31.12 -8.03 23.15
C25 PCW LB . 30.14 -8.32 21.98
C26 PCW LB . 30.72 -9.10 20.80
C27 PCW LB . 30.58 -10.63 20.82
C28 PCW LB . 31.96 -11.26 20.95
C31 PCW LB . 32.61 2.31 29.24
C32 PCW LB . 31.09 2.36 29.02
C33 PCW LB . 30.26 3.18 30.11
C34 PCW LB . 29.23 2.33 30.84
C35 PCW LB . 27.92 3.21 30.91
C36 PCW LB . 26.62 2.37 30.80
C37 PCW LB . 25.29 3.19 30.87
C38 PCW LB . 24.09 2.31 30.69
C39 PCW LB . 22.79 3.06 30.76
C40 PCW LB . 21.88 3.03 31.72
C41 PCW LB . 22.00 2.18 32.97
C42 PCW LB . 21.22 0.79 32.71
C43 PCW LB . 22.04 -0.49 32.72
C44 PCW LB . 21.05 -1.63 32.45
C45 PCW LB . 21.41 -2.53 31.31
C46 PCW LB . 22.27 -3.71 31.72
C47 PCW LB . 22.34 -4.87 30.76
C48 PCW LB . 23.23 -5.99 31.30
N PCW LB . 35.14 4.86 26.23
O2 PCW LB . 32.85 1.60 30.34
O3 PCW LB . 34.16 -0.95 30.17
O11 PCW LB . 36.35 -1.45 29.71
O31 PCW LB . 33.49 2.87 28.51
O1P PCW LB . 34.05 5.11 31.33
O2P PCW LB . 36.33 5.76 32.12
O3P PCW LB . 35.83 3.32 31.49
O4P PCW LB . 36.09 5.07 29.83
P PCW LB . 35.54 4.87 31.23
C1 PCW MB . 5.90 12.05 34.68
C2 PCW MB . 6.40 11.39 33.34
C3 PCW MB . 7.43 10.25 33.65
C4 PCW MB . 6.60 15.06 32.80
C5 PCW MB . 7.48 15.54 31.65
C6 PCW MB . 7.12 16.18 29.21
C7 PCW MB . 6.62 17.78 31.01
C8 PCW MB . 8.27 17.08 30.54
C11 PCW MB . 9.07 10.07 31.92
C12 PCW MB . 9.36 9.32 30.64
C13 PCW MB . 10.51 8.28 30.93
C14 PCW MB . 10.93 7.44 29.71
C15 PCW MB . 11.73 6.15 30.05
C16 PCW MB . 10.77 4.91 30.13
C17 PCW MB . 11.43 3.50 30.32
C18 PCW MB . 10.65 2.37 29.66
C19 PCW MB . 10.74 1.03 30.44
C20 PCW MB . 11.78 0.12 30.23
C21 PCW MB . 12.95 0.13 29.33
C22 PCW MB . 12.80 -1.09 28.38
C23 PCW MB . 12.68 -0.81 26.86
C24 PCW MB . 11.67 -1.61 26.11
C25 PCW MB . 11.80 -1.82 24.57
C26 PCW MB . 10.74 -2.68 23.92
C27 PCW MB . 11.03 -3.28 22.53
C28 PCW MB . 9.86 -3.05 21.60
C31 PCW MB . 4.52 11.63 31.92
C32 PCW MB . 3.38 10.84 31.25
C33 PCW MB . 3.84 9.73 30.20
C34 PCW MB . 2.68 8.91 29.64
C35 PCW MB . 2.70 7.54 30.45
C36 PCW MB . 1.42 6.70 30.23
C37 PCW MB . 1.37 5.35 30.99
C38 PCW MB . -0.02 4.95 31.34
C39 PCW MB . -0.10 3.65 32.08
C40 PCW MB . -0.31 2.43 31.56
C41 PCW MB . -0.51 2.17 30.07
C42 PCW MB . 0.93 1.97 29.40
C43 PCW MB . 1.31 0.60 28.88
C44 PCW MB . 2.71 0.71 28.31
C45 PCW MB . 3.28 -0.58 27.77
C46 PCW MB . 2.65 -1.02 26.48
C47 PCW MB . 3.27 -2.24 25.82
C48 PCW MB . 2.54 -2.58 24.51
N PCW MB . 6.94 16.41 30.66
O2 PCW MB . 5.25 10.77 32.63
O3 PCW MB . 7.88 9.66 32.42
O11 PCW MB . 9.79 10.89 32.41
O31 PCW MB . 4.72 12.87 31.81
O1P PCW MB . 5.94 14.97 35.62
O2P PCW MB . 8.40 14.73 35.89
O3P PCW MB . 6.96 12.66 35.46
O4P PCW MB . 7.46 14.33 33.72
P PCW MB . 7.19 14.25 35.21
C1 PCW NB . 17.71 14.22 20.52
C2 PCW NB . 16.63 14.01 19.38
C3 PCW NB . 17.34 13.46 18.09
C4 PCW NB . 15.76 16.04 24.97
C5 PCW NB . 16.59 15.58 26.17
C6 PCW NB . 18.80 14.31 26.49
C7 PCW NB . 18.80 16.70 25.94
C8 PCW NB . 18.14 15.88 27.47
C11 PCW NB . 15.90 12.00 16.85
C12 PCW NB . 14.91 12.00 15.72
C13 PCW NB . 15.56 11.23 14.51
C14 PCW NB . 14.70 11.12 13.25
C15 PCW NB . 14.90 9.85 12.40
C16 PCW NB . 14.30 8.59 13.11
C17 PCW NB . 14.40 7.23 12.35
C18 PCW NB . 13.13 6.40 12.45
C19 PCW NB . 12.70 5.80 11.09
C20 PCW NB . 11.61 4.94 10.97
C21 PCW NB . 10.65 4.40 11.96
C22 PCW NB . 9.62 3.55 11.16
C23 PCW NB . 8.38 3.01 11.93
C24 PCW NB . 7.11 3.79 11.78
C25 PCW NB . 5.90 3.20 10.98
C26 PCW NB . 4.81 4.20 10.58
C27 PCW NB . 3.89 3.83 9.40
C28 PCW NB . 2.45 4.07 9.77
C31 PCW NB . 14.60 13.49 20.50
C32 PCW NB . 13.65 12.32 20.83
C33 PCW NB . 13.20 11.41 19.58
C34 PCW NB . 11.81 11.75 19.05
C35 PCW NB . 11.30 10.42 18.34
C36 PCW NB . 10.26 9.66 19.21
C37 PCW NB . 9.71 8.35 18.57
C38 PCW NB . 9.42 7.31 19.61
C39 PCW NB . 8.87 6.03 19.03
C40 PCW NB . 7.61 5.68 18.90
C41 PCW NB . 6.43 6.55 19.33
C42 PCW NB . 6.00 7.45 18.10
C43 PCW NB . 5.01 6.88 17.09
C44 PCW NB . 4.79 7.95 16.03
C45 PCW NB . 5.51 7.72 14.72
C46 PCW NB . 5.14 8.71 13.66
C47 PCW NB . 4.49 8.14 12.41
C48 PCW NB . 4.17 9.25 11.40
N PCW NB . 18.02 15.49 26.04
O2 PCW NB . 15.62 12.99 19.79
O3 PCW NB . 16.37 13.27 17.05
O11 PCW NB . 16.23 11.03 17.49
O31 PCW NB . 14.44 14.70 20.85
O1P PCW NB . 17.32 16.57 22.30
O2P PCW NB . 17.79 15.05 23.57
O3P PCW NB . 17.21 13.97 21.86
O4P PCW NB . 15.92 15.02 23.94
P PCW NB . 16.67 15.26 22.64
C1 PCW OB . 43.81 18.17 5.30
C2 PCW OB . 43.00 17.68 4.04
C3 PCW OB . 41.80 18.64 3.76
C4 PCW OB . 44.31 21.99 3.16
C5 PCW OB . 45.17 22.82 2.20
C6 PCW OB . 44.92 23.76 -0.15
C7 PCW OB . 43.88 24.89 1.75
C8 PCW OB . 45.69 24.64 1.42
C11 PCW OB . 39.79 17.73 2.79
C12 PCW OB . 39.22 17.32 1.46
C13 PCW OB . 39.62 15.83 1.17
C14 PCW OB . 39.12 15.27 -0.15
C15 PCW OB . 40.20 15.04 -1.26
C16 PCW OB . 40.50 16.39 -2.01
C17 PCW OB . 41.41 16.32 -3.28
C18 PCW OB . 42.90 16.34 -2.96
C19 PCW OB . 43.77 16.80 -4.17
C20 PCW OB . 44.39 15.90 -5.02
C21 PCW OB . 44.42 14.42 -5.06
C22 PCW OB . 43.48 13.99 -6.23
C23 PCW OB . 43.91 12.74 -7.06
C24 PCW OB . 42.99 11.56 -7.02
C25 PCW OB . 43.53 10.12 -7.22
C26 PCW OB . 42.87 9.29 -8.28
C27 PCW OB . 43.69 8.95 -9.56
C28 PCW OB . 43.86 7.46 -9.69
C31 PCW OB . 44.46 16.52 2.58
C32 PCW OB . 45.30 16.67 1.30
C33 PCW OB . 44.89 15.74 0.07
C34 PCW OB . 45.65 14.41 0.03
C35 PCW OB . 44.56 13.30 -0.20
C36 PCW OB . 44.65 12.14 0.82
C37 PCW OB . 43.60 11.01 0.65
C38 PCW OB . 42.38 11.26 1.48
C39 PCW OB . 41.33 10.18 1.33
C40 PCW OB . 40.05 10.34 1.03
C41 PCW OB . 39.40 11.68 0.77
C42 PCW OB . 37.95 11.67 1.44
C43 PCW OB . 36.73 11.71 0.54
C44 PCW OB . 35.51 11.69 1.44
C45 PCW OB . 34.19 11.76 0.72
C46 PCW OB . 33.39 10.49 0.80
C47 PCW OB . 32.63 10.09 -0.44
C48 PCW OB . 31.86 8.78 -0.22
N PCW OB . 44.54 23.70 1.26
O2 PCW OB . 43.86 17.68 2.82
O3 PCW OB . 41.07 18.19 2.61
O11 PCW OB . 39.22 17.67 3.84
O31 PCW OB . 44.35 15.46 3.26
O1P PCW OB . 43.39 20.85 5.66
O2P PCW OB . 45.80 21.03 6.28
O3P PCW OB . 44.96 18.99 4.96
O4P PCW OB . 45.21 21.19 3.96
P PCW OB . 44.81 20.57 5.29
C1 PCW PB . -13.16 29.57 18.71
C2 PCW PB . -12.81 30.34 17.38
C3 PCW PB . -11.28 30.19 17.06
C4 PCW PB . -15.19 33.61 19.45
C5 PCW PB . -15.47 34.18 18.06
C6 PCW PB . -13.36 35.17 17.46
C7 PCW PB . -14.96 36.47 18.55
C8 PCW PB . -15.33 35.97 16.36
C11 PCW PB . -10.87 32.26 15.91
C12 PCW PB . -10.58 32.80 14.54
C13 PCW PB . -11.95 33.04 13.80
C14 PCW PB . -11.83 33.59 12.38
C15 PCW PB . -11.75 35.14 12.26
C16 PCW PB . -11.19 35.56 10.85
C17 PCW PB . -9.75 36.15 10.81
C18 PCW PB . -9.29 36.54 9.40
C19 PCW PB . -9.46 38.05 9.11
C20 PCW PB . -10.23 38.52 8.05
C21 PCW PB . -11.05 37.82 7.04
C22 PCW PB . -11.84 38.92 6.26
C23 PCW PB . -12.02 38.74 4.74
C24 PCW PB . -13.06 39.59 4.08
C25 PCW PB . -12.73 40.38 2.78
C26 PCW PB . -13.22 39.77 1.48
C27 PCW PB . -14.61 40.20 0.95
C28 PCW PB . -15.33 38.99 0.41
C31 PCW PB . -14.72 30.35 15.99
C32 PCW PB . -15.38 29.64 14.80
C33 PCW PB . -16.10 30.60 13.75
C34 PCW PB . -17.55 30.92 14.11
C35 PCW PB . -17.96 32.13 13.17
C36 PCW PB . -19.35 31.95 12.55
C37 PCW PB . -19.82 33.10 11.60
C38 PCW PB . -19.88 32.66 10.17
C39 PCW PB . -20.34 33.75 9.24
C40 PCW PB . -19.55 34.62 8.60
C41 PCW PB . -18.03 34.63 8.70
C42 PCW PB . -17.46 35.45 7.45
C43 PCW PB . -15.95 35.61 7.31
C44 PCW PB . -15.70 36.43 6.06
C45 PCW PB . -14.69 35.86 5.10
C46 PCW PB . -15.29 35.36 3.82
C47 PCW PB . -14.44 35.51 2.58
C48 PCW PB . -15.17 34.97 1.34
N PCW PB . -14.81 35.39 17.63
O2 PCW PB . -13.56 29.76 16.24
O3 PCW PB . -10.99 30.91 15.85
O11 PCW PB . -11.01 32.93 16.91
O31 PCW PB . -15.20 31.35 16.61
O1P PCW PB . -14.82 31.54 21.48
O2P PCW PB . -12.47 31.57 20.64
O3P PCW PB . -14.26 30.16 19.45
O4P PCW PB . -14.16 32.59 19.28
P PCW PB . -13.90 31.48 20.28
C1 PCW QB . -3.82 31.19 18.61
C2 PCW QB . -3.39 29.74 18.13
C3 PCW QB . -2.23 29.20 19.04
C4 PCW QB . -8.19 32.23 20.65
C5 PCW QB . -9.29 31.20 20.91
C6 PCW QB . -10.41 32.19 22.82
C7 PCW QB . -8.71 30.62 23.17
C8 PCW QB . -10.71 29.84 22.40
C11 PCW QB . -2.38 26.82 19.24
C12 PCW QB . -1.85 25.55 18.61
C13 PCW QB . -0.94 24.82 19.67
C14 PCW QB . -0.32 23.50 19.19
C15 PCW QB . -1.29 22.27 19.15
C16 PCW QB . -1.00 21.30 20.35
C17 PCW QB . -1.82 19.96 20.41
C18 PCW QB . -1.18 18.91 21.31
C19 PCW QB . -1.79 18.88 22.73
C20 PCW QB . -1.51 17.87 23.64
C21 PCW QB . -0.65 16.65 23.55
C22 PCW QB . -1.46 15.49 24.20
C23 PCW QB . -2.36 14.64 23.27
C24 PCW QB . -3.73 14.31 23.77
C25 PCW QB . -4.96 14.26 22.80
C26 PCW QB . -5.71 12.94 22.74
C27 PCW QB . -5.41 12.01 21.54
C28 PCW QB . -4.95 10.66 22.04
C31 PCW QB . -4.91 28.24 17.12
C32 PCW QB . -6.09 27.30 17.42
C33 PCW QB . -6.69 26.50 16.17
C34 PCW QB . -8.05 27.01 15.72
C35 PCW QB . -9.09 25.90 16.14
C36 PCW QB . -10.22 25.70 15.11
C37 PCW QB . -11.28 24.61 15.47
C38 PCW QB . -11.50 23.65 14.33
C39 PCW QB . -12.51 22.58 14.65
C40 PCW QB . -12.28 21.35 15.11
C41 PCW QB . -10.89 20.80 15.40
C42 PCW QB . -10.67 19.51 14.48
C43 PCW QB . -9.48 19.48 13.55
C44 PCW QB . -9.53 18.15 12.81
C45 PCW QB . -8.41 17.19 13.14
C46 PCW QB . -7.72 16.63 11.92
C47 PCW QB . -7.64 15.12 11.85
C48 PCW QB . -6.91 14.67 10.57
N PCW QB . -9.76 30.98 22.25
O2 PCW QB . -4.53 28.80 18.26
O3 PCW QB . -1.85 27.89 18.60
O11 PCW QB . -3.14 26.86 20.16
O31 PCW QB . -4.39 28.43 15.97
O1P PCW QB . -5.70 33.56 19.91
O2P PCW QB . -6.20 32.61 17.66
O3P PCW QB . -5.01 31.19 19.45
O4P PCW QB . -7.38 31.72 19.55
P PCW QB . -6.07 32.35 19.11
C1 PCW RB . 6.61 18.52 22.48
C2 PCW RB . 6.15 17.87 21.10
C3 PCW RB . 7.36 17.86 20.10
C4 PCW RB . 3.94 18.18 24.96
C5 PCW RB . 3.18 19.47 25.24
C6 PCW RB . 1.15 20.49 24.07
C7 PCW RB . 0.87 19.06 26.04
C8 PCW RB . 1.71 20.71 25.94
C11 PCW RB . 7.66 16.23 18.36
C12 PCW RB . 7.06 15.77 17.06
C13 PCW RB . 6.55 14.30 17.26
C14 PCW RB . 5.90 13.65 16.04
C15 PCW RB . 5.89 12.10 16.02
C16 PCW RB . 7.07 11.54 15.15
C17 PCW RB . 8.27 10.87 15.90
C18 PCW RB . 9.09 9.92 15.01
C19 PCW RB . 10.43 10.55 14.54
C20 PCW RB . 10.91 10.40 13.25
C21 PCW RB . 10.38 9.68 12.07
C22 PCW RB . 11.08 10.31 10.83
C23 PCW RB . 11.94 9.37 9.94
C24 PCW RB . 11.26 8.77 8.75
C25 PCW RB . 12.08 8.01 7.66
C26 PCW RB . 11.34 7.64 6.39
C27 PCW RB . 11.83 6.40 5.62
C28 PCW RB . 10.66 5.60 5.12
C31 PCW RB . 4.51 16.29 21.75
C32 PCW RB . 4.24 14.78 21.92
C33 PCW RB . 3.84 14.30 23.39
C34 PCW RB . 2.33 14.32 23.63
C35 PCW RB . 1.85 12.83 23.37
C36 PCW RB . 0.97 12.71 22.10
C37 PCW RB . 0.45 11.27 21.77
C38 PCW RB . 0.62 10.93 20.33
C39 PCW RB . 0.13 9.55 20.00
C40 PCW RB . -1.03 9.22 19.41
C41 PCW RB . -2.07 10.24 18.96
C42 PCW RB . -2.69 9.73 17.59
C43 PCW RB . -3.76 10.56 16.93
C44 PCW RB . -4.17 9.83 15.64
C45 PCW RB . -5.29 10.48 14.88
C46 PCW RB . -5.72 9.70 13.66
C47 PCW RB . -5.98 10.50 12.41
C48 PCW RB . -6.41 9.58 11.25
N PCW RB . 1.77 19.54 25.02
O2 PCW RB . 5.74 16.44 21.31
O3 PCW RB . 6.93 17.27 18.86
O11 PCW RB . 8.64 15.77 18.87
O31 PCW RB . 3.68 17.21 22.03
O1P PCW RB . 6.02 16.15 25.20
O2P PCW RB . 7.40 18.09 25.94
O3P PCW RB . 7.14 17.56 23.42
O4P PCW RB . 5.34 18.54 24.79
P PCW RB . 6.49 17.54 24.90
C1 PCW SB . 27.07 21.93 6.90
C2 PCW SB . 27.75 20.50 6.90
C3 PCW SB . 27.37 19.73 5.59
C4 PCW SB . 26.47 25.07 9.75
C5 PCW SB . 26.67 26.53 10.18
C6 PCW SB . 25.72 28.47 11.53
C7 PCW SB . 25.97 26.26 12.55
C8 PCW SB . 27.30 27.37 11.92
C11 PCW SB . 27.19 17.34 5.33
C12 PCW SB . 28.03 16.09 5.39
C13 PCW SB . 28.78 15.96 4.00
C14 PCW SB . 29.69 14.73 3.88
C15 PCW SB . 30.01 14.27 2.43
C16 PCW SB . 30.16 12.71 2.36
C17 PCW SB . 28.86 11.86 2.44
C18 PCW SB . 28.99 10.49 1.76
C19 PCW SB . 28.42 9.34 2.63
C20 PCW SB . 28.15 8.08 2.10
C21 PCW SB . 28.30 7.52 0.75
C22 PCW SB . 28.06 5.98 0.86
C23 PCW SB . 29.32 5.07 1.03
C24 PCW SB . 29.39 4.23 2.27
C25 PCW SB . 28.81 2.78 2.28
C26 PCW SB . 29.82 1.67 2.42
C27 PCW SB . 30.01 1.03 3.81
C28 PCW SB . 29.69 -0.45 3.75
C31 PCW SB . 29.82 20.12 8.00
C32 PCW SB . 31.33 20.34 7.87
C33 PCW SB . 32.16 19.05 7.42
C34 PCW SB . 33.00 19.28 6.16
C35 PCW SB . 32.25 18.47 5.02
C36 PCW SB . 31.72 19.39 3.89
C37 PCW SB . 30.98 18.66 2.73
C38 PCW SB . 31.57 18.98 1.40
C39 PCW SB . 30.88 18.29 0.27
C40 PCW SB . 31.03 18.53 -1.04
C41 PCW SB . 31.96 19.58 -1.62
C42 PCW SB . 32.08 19.31 -3.18
C43 PCW SB . 33.44 19.49 -3.84
C44 PCW SB . 33.26 19.16 -5.33
C45 PCW SB . 33.35 17.71 -5.68
C46 PCW SB . 32.92 17.40 -7.09
C47 PCW SB . 31.52 16.89 -7.27
C48 PCW SB . 31.21 16.62 -8.76
N PCW SB . 25.98 27.03 11.33
O2 PCW SB . 29.23 20.63 6.91
O3 PCW SB . 27.98 18.42 5.59
O11 PCW SB . 26.01 17.38 5.09
O31 PCW SB . 29.23 19.55 8.96
O1P PCW SB . 27.25 22.28 9.59
O2P PCW SB . 29.55 23.23 9.29
O3P PCW SB . 27.96 23.00 7.27
O4P PCW SB . 27.65 24.68 8.99
P PCW SB . 28.13 23.25 8.85
C1 PCW TB . 24.95 21.11 12.92
C2 PCW TB . 25.30 19.60 12.59
C3 PCW TB . 24.28 18.65 13.31
C4 PCW TB . 29.18 21.26 11.77
C5 PCW TB . 30.11 20.18 12.32
C6 PCW TB . 28.97 18.29 13.58
C7 PCW TB . 30.28 17.82 11.56
C8 PCW TB . 30.87 18.49 13.18
C11 PCW TB . 25.58 16.67 13.76
C12 PCW TB . 25.75 15.25 13.31
C13 PCW TB . 24.83 14.35 14.22
C14 PCW TB . 24.87 12.86 13.90
C15 PCW TB . 23.82 11.98 14.65
C16 PCW TB . 22.59 11.68 13.71
C17 PCW TB . 22.87 10.95 12.36
C18 PCW TB . 21.94 11.39 11.23
C19 PCW TB . 20.73 10.45 11.03
C20 PCW TB . 20.67 9.51 10.01
C21 PCW TB . 21.62 9.16 8.92
C22 PCW TB . 20.81 8.35 7.87
C23 PCW TB . 21.22 8.52 6.38
C24 PCW TB . 20.21 9.16 5.47
C25 PCW TB . 19.25 8.29 4.61
C26 PCW TB . 17.83 8.15 5.11
C27 PCW TB . 16.99 6.98 4.56
C28 PCW TB . 15.71 6.83 5.37
C31 PCW TB . 26.19 18.69 10.59
C32 PCW TB . 25.91 18.52 9.08
C33 PCW TB . 24.62 17.66 8.71
C34 PCW TB . 24.63 16.27 9.35
C35 PCW TB . 24.40 15.26 8.14
C36 PCW TB . 24.07 13.83 8.63
C37 PCW TB . 23.83 12.79 7.49
C38 PCW TB . 25.07 12.02 7.16
C39 PCW TB . 24.86 11.01 6.08
C40 PCW TB . 25.72 10.07 5.67
C41 PCW TB . 27.10 9.87 6.26
C42 PCW TB . 27.32 8.31 6.49
C43 PCW TB . 27.24 7.76 7.90
C44 PCW TB . 27.48 6.25 7.82
C45 PCW TB . 28.87 5.80 8.19
C46 PCW TB . 29.53 4.96 7.13
C47 PCW TB . 31.02 5.14 6.94
C48 PCW TB . 31.54 4.22 5.83
N PCW TB . 29.65 18.83 12.39
O2 PCW TB . 25.17 19.36 11.13
O3 PCW TB . 24.60 17.28 13.02
O11 PCW TB . 26.20 17.20 14.65
O31 PCW TB . 27.20 18.24 11.21
O1P PCW TB . 27.64 23.71 12.12
O2P PCW TB . 27.05 22.65 14.30
O3P PCW TB . 25.73 22.07 12.18
O4P PCW TB . 27.99 21.26 12.60
P PCW TB . 27.15 22.48 12.83
C1 PCW UB . 33.18 31.84 -2.02
C2 PCW UB . 31.95 31.03 -1.44
C3 PCW UB . 30.75 32.00 -1.18
C4 PCW UB . 34.84 28.77 0.74
C5 PCW UB . 33.67 27.82 0.99
C6 PCW UB . 34.87 25.60 0.61
C7 PCW UB . 32.91 25.73 2.07
C8 PCW UB . 32.99 26.04 0.24
C11 PCW UB . 29.56 31.09 0.70
C12 PCW UB . 28.35 30.27 1.05
C13 PCW UB . 28.82 29.07 1.95
C14 PCW UB . 27.71 28.12 2.41
C15 PCW UB . 28.18 26.70 2.85
C16 PCW UB . 28.64 26.71 4.35
C17 PCW UB . 30.13 26.31 4.64
C18 PCW UB . 30.27 24.99 5.38
C19 PCW UB . 31.07 23.93 4.60
C20 PCW UB . 30.45 22.92 3.88
C21 PCW UB . 29.02 22.58 3.65
C22 PCW UB . 28.94 21.75 2.34
C23 PCW UB . 27.70 20.83 2.16
C24 PCW UB . 27.63 20.04 0.89
C25 PCW UB . 26.82 18.70 0.82
C26 PCW UB . 27.15 17.78 -0.34
C27 PCW UB . 26.40 16.44 -0.44
C28 PCW UB . 25.61 16.37 -1.71
C31 PCW UB . 31.19 28.83 -1.92
C32 PCW UB . 30.75 27.91 -3.06
C33 PCW UB . 29.21 27.99 -3.45
C34 PCW UB . 28.42 26.74 -3.07
C35 PCW UB . 26.91 27.06 -3.43
C36 PCW UB . 26.61 26.89 -4.94
C37 PCW UB . 25.13 27.18 -5.36
C38 PCW UB . 24.27 25.97 -5.24
C39 PCW UB . 22.83 26.23 -5.63
C40 PCW UB . 21.74 25.82 -5.00
C41 PCW UB . 21.76 24.99 -3.72
C42 PCW UB . 20.76 23.77 -3.93
C43 PCW UB . 21.30 22.48 -4.52
C44 PCW UB . 20.13 21.51 -4.58
C45 PCW UB . 19.71 21.10 -5.97
C46 PCW UB . 18.36 20.44 -6.03
C47 PCW UB . 17.43 20.89 -7.12
C48 PCW UB . 16.09 20.14 -7.07
N PCW UB . 33.91 26.45 1.34
O2 PCW UB . 31.50 30.03 -2.44
O3 PCW UB . 29.63 31.25 -0.65
O11 PCW UB . 30.35 31.52 1.50
O31 PCW UB . 31.24 28.53 -0.70
O1P PCW UB . 36.55 30.74 -0.57
O2P PCW UB . 34.86 32.34 0.34
O3P PCW UB . 34.45 31.14 -1.91
O4P PCW UB . 34.27 30.03 0.26
P PCW UB . 35.09 31.09 -0.43
C1 PCW VB . 28.36 34.92 -2.12
C2 PCW VB . 27.59 33.69 -2.74
C3 PCW VB . 27.00 32.81 -1.59
C4 PCW VB . 24.12 36.63 -1.67
C5 PCW VB . 23.20 35.41 -1.62
C6 PCW VB . 22.19 34.53 0.55
C7 PCW VB . 20.79 35.70 -1.09
C8 PCW VB . 21.67 34.08 -1.30
C11 PCW VB . 25.04 31.43 -1.71
C12 PCW VB . 24.47 30.24 -2.43
C13 PCW VB . 23.04 30.64 -2.95
C14 PCW VB . 22.29 29.53 -3.71
C15 PCW VB . 21.11 28.87 -2.94
C16 PCW VB . 19.91 29.87 -2.79
C17 PCW VB . 18.49 29.36 -3.22
C18 PCW VB . 17.33 30.10 -2.56
C19 PCW VB . 15.95 29.60 -3.01
C20 PCW VB . 15.29 28.57 -2.34
C21 PCW VB . 15.65 27.74 -1.17
C22 PCW VB . 15.50 26.27 -1.62
C23 PCW VB . 15.56 25.18 -0.52
C24 PCW VB . 14.28 24.46 -0.19
C25 PCW VB . 13.38 24.93 0.98
C26 PCW VB . 11.89 24.73 0.81
C27 PCW VB . 10.99 25.98 0.95
C28 PCW VB . 9.61 25.56 1.39
C31 PCW VB . 26.63 34.07 -4.89
C32 PCW VB . 25.37 34.57 -5.59
C33 PCW VB . 24.79 33.62 -6.74
C34 PCW VB . 24.32 32.26 -6.22
C35 PCW VB . 25.42 31.23 -6.69
C36 PCW VB . 25.29 30.86 -8.18
C37 PCW VB . 26.35 29.84 -8.72
C38 PCW VB . 26.36 29.78 -10.22
C39 PCW VB . 27.38 28.81 -10.76
C40 PCW VB . 27.26 27.50 -10.88
C41 PCW VB . 26.03 26.71 -10.47
C42 PCW VB . 26.49 25.50 -9.54
C43 PCW VB . 25.50 24.91 -8.56
C44 PCW VB . 26.21 23.78 -7.82
C45 PCW VB . 25.32 22.69 -7.30
C46 PCW VB . 24.93 21.69 -8.33
C47 PCW VB . 24.92 20.23 -7.89
C48 PCW VB . 24.49 19.31 -9.05
N PCW VB . 22.13 35.36 -0.67
O2 PCW VB . 26.44 34.16 -3.57
O3 PCW VB . 26.29 31.70 -2.17
O11 PCW VB . 24.47 32.07 -0.86
O31 PCW VB . 27.68 33.65 -5.47
O1P PCW VB . 26.58 38.11 -1.17
O2P PCW VB . 27.21 37.21 -3.41
O3P PCW VB . 27.55 35.78 -1.30
O4P PCW VB . 25.35 36.19 -2.27
P PCW VB . 26.68 36.90 -2.07
C1 PCW WB . 2.90 11.07 37.84
C2 PCW WB . 2.89 10.10 36.59
C3 PCW WB . 3.57 8.75 36.96
C4 PCW WB . 1.57 13.98 35.25
C5 PCW WB . 1.04 15.41 35.33
C6 PCW WB . -0.19 15.63 33.27
C7 PCW WB . -0.65 17.08 35.04
C8 PCW WB . -1.38 14.94 35.26
C11 PCW WB . 4.70 7.75 35.10
C12 PCW WB . 4.47 6.82 33.94
C13 PCW WB . 5.69 5.83 33.83
C14 PCW WB . 5.60 4.80 32.70
C15 PCW WB . 6.10 5.29 31.31
C16 PCW WB . 6.11 4.11 30.28
C17 PCW WB . 4.82 3.89 29.43
C18 PCW WB . 5.01 4.15 27.94
C19 PCW WB . 4.06 5.24 27.38
C20 PCW WB . 3.54 5.19 26.09
C21 PCW WB . 3.71 4.22 24.98
C22 PCW WB . 4.30 5.02 23.78
C23 PCW WB . 4.00 4.48 22.36
C24 PCW WB . 3.63 5.50 21.32
C25 PCW WB . 2.22 6.16 21.32
C26 PCW WB . 1.08 5.34 20.76
C27 PCW WB . 0.08 4.71 21.76
C28 PCW WB . -1.11 5.62 21.93
C31 PCW WB . 1.12 10.32 35.02
C32 PCW WB . -0.34 9.93 34.75
C33 PCW WB . -0.57 8.44 34.21
C34 PCW WB . -0.99 8.38 32.74
C35 PCW WB . -2.54 8.03 32.75
C36 PCW WB . -2.98 7.29 31.48
C37 PCW WB . -4.50 6.91 31.42
C38 PCW WB . -4.78 5.80 30.46
C39 PCW WB . -6.24 5.44 30.41
C40 PCW WB . -6.77 4.26 30.09
C41 PCW WB . -5.95 3.04 29.72
C42 PCW WB . -6.70 1.75 30.27
C43 PCW WB . -6.71 0.49 29.43
C44 PCW WB . -7.50 -0.56 30.21
C45 PCW WB . -6.66 -1.54 31.00
C46 PCW WB . -7.02 -2.97 30.75
C47 PCW WB . -6.03 -4.00 31.25
C48 PCW WB . -6.51 -5.42 30.92
N PCW WB . -0.22 15.74 34.75
O2 PCW WB . 1.48 9.81 36.19
O3 PCW WB . 3.55 7.88 35.81
O11 PCW WB . 5.74 8.30 35.36
O31 PCW WB . 1.86 11.01 34.26
O1P PCW WB . 1.42 13.39 38.08
O2P PCW WB . 3.47 14.80 38.18
O3P PCW WB . 3.65 12.29 37.62
O4P PCW WB . 2.79 13.95 36.05
P PCW WB . 2.79 13.64 37.54
C1 17F XB . 15.39 42.98 -9.82
N1 17F XB . 16.47 40.79 -9.25
O1 17F XB . 13.26 44.24 -11.48
P1 17F XB . 12.95 43.25 -10.37
C2 17F XB . 16.54 41.98 -10.08
O2 17F XB . 12.42 43.84 -9.08
C3 17F XB . 17.90 42.68 -9.87
O3 17F XB . 14.15 42.38 -9.99
C4 17F XB . 11.38 41.18 -9.93
O4 17F XB . 18.79 42.22 -9.06
C5 17F XB . 10.29 40.26 -10.56
O5 17F XB . 18.17 43.71 -10.46
C6 17F XB . 10.89 39.50 -11.76
O6 17F XB . 11.84 42.20 -10.81
C7 17F XB . 9.32 39.08 -13.45
O7 17F XB . 9.93 38.65 -12.38
C8 17F XB . 8.32 37.99 -13.91
O8 17F XB . 9.44 40.12 -14.06
C9 17F XB . 8.62 37.45 -15.32
O9 17F XB . 9.71 39.36 -9.60
C10 17F XB . 7.63 36.34 -15.86
O10 17F XB . 7.59 39.86 -10.36
C11 17F XB . 8.02 34.86 -15.50
C12 17F XB . 6.96 33.84 -16.08
C17 17F XB . 8.43 39.13 -9.84
C18 17F XB . 8.00 37.76 -9.35
C19 17F XB . 8.55 36.58 -10.17
C20 17F XB . 9.09 35.41 -9.26
C1X 17F XB . 7.35 32.39 -15.72
C1Y 17F XB . 9.64 34.24 -10.12
C1Z 17F XB . 8.63 33.10 -10.19
C2X 17F XB . 6.30 31.32 -16.31
C21 17F XB . 6.20 30.03 -15.44
C22 17F XB . 6.12 28.84 -15.93
C23 17F XB . 6.08 28.46 -17.34
C24 17F XB . 5.54 27.05 -17.61
C25 17F XB . 5.49 26.61 -19.05
C26 17F XB . 6.54 25.46 -19.46
C27 17F XB . 6.48 25.03 -20.91
C28 17F XB . 7.57 23.91 -21.11
C29 17F XB . 7.12 22.99 -22.16
C30 17F XB . 8.06 21.87 -22.47
C31 17F XB . 8.12 32.69 -11.62
C32 17F XB . 7.10 31.52 -11.65
C33 17F XB . 7.84 30.20 -11.57
C34 17F XB . 7.26 29.00 -11.58
C35 17F XB . 5.78 28.71 -11.67
C36 17F XB . 5.33 27.43 -10.91
C37 17F XB . 5.04 27.78 -9.50
C38 17F XB . 3.70 27.25 -8.94
C39 17F XB . 3.49 27.65 -7.46
C40 17F XB . 2.80 26.53 -6.69
C41 17F XB . 3.87 25.50 -6.14
C42 17F XB . 3.77 24.03 -6.53
C1 17F YB . 10.46 32.39 17.82
N1 17F YB . 12.77 32.23 16.83
O1 17F YB . 8.36 33.67 14.96
P1 17F YB . 8.68 32.64 16.01
C2 17F YB . 11.93 31.95 17.97
O2 17F YB . 7.82 32.65 17.25
C3 17F YB . 12.00 30.45 18.32
O3 17F YB . 10.16 32.69 16.48
C4 17F YB . 8.77 30.01 16.23
O4 17F YB . 12.71 29.62 17.64
C5 17F YB . 8.58 28.65 15.49
O5 17F YB . 11.36 29.99 19.25
C6 17F YB . 7.44 28.76 14.44
O6 17F YB . 8.53 31.16 15.42
C7 17F YB . 6.04 27.23 13.35
O7 17F YB . 7.24 27.54 13.74
C8 17F YB . 6.11 25.86 12.64
O8 17F YB . 4.99 27.82 13.47
C9 17F YB . 6.39 25.98 11.12
O9 17F YB . 9.79 28.18 14.88
C10 17F YB . 6.47 24.61 10.34
O10 17F YB . 10.42 26.97 16.74
C11 17F YB . 7.82 24.40 9.52
C12 17F YB . 7.84 23.02 8.77
C17 17F YB . 10.29 27.15 15.52
C18 17F YB . 10.75 26.06 14.57
C19 17F YB . 10.53 24.62 15.08
C20 17F YB . 9.10 24.08 14.75
C1X 17F YB . 9.16 22.85 7.99
C1Y 17F YB . 8.91 22.63 15.28
C1Z 17F YB . 8.00 21.83 14.33
C2X 17F YB . 9.21 21.45 7.22
C21 17F YB . 10.17 20.43 7.89
C22 17F YB . 10.85 19.54 7.26
C23 17F YB . 10.88 19.30 5.81
C24 17F YB . 10.24 17.99 5.36
C25 17F YB . 10.26 17.71 3.86
C26 17F YB . 10.68 16.22 3.45
C27 17F YB . 10.69 15.94 1.96
C28 17F YB . 11.12 14.44 1.77
C29 17F YB . 9.92 13.66 1.40
C30 17F YB . 10.17 12.19 1.18
C31 17F YB . 6.69 21.23 14.95
C32 17F YB . 5.79 20.43 13.97
C33 17F YB . 4.76 19.64 14.76
C34 17F YB . 3.83 18.85 14.22
C35 17F YB . 3.62 18.58 12.75
C36 17F YB . 3.72 17.08 12.36
C37 17F YB . 2.47 16.68 11.66
C38 17F YB . 1.38 16.06 12.58
C39 17F YB . 0.13 15.68 11.77
C40 17F YB . -0.59 14.51 12.44
C41 17F YB . -1.65 15.02 13.49
C42 17F YB . -3.12 14.64 13.32
C1 17F ZB . 17.97 23.11 20.28
N1 17F ZB . 17.23 25.11 21.60
O1 17F ZB . 20.30 22.89 18.39
P1 17F ZB . 19.12 23.79 18.14
C2 17F ZB . 17.26 23.66 21.54
O2 17F ZB . 19.40 25.11 17.46
C3 17F ZB . 17.96 23.10 22.80
O3 17F ZB . 18.35 24.14 19.43
C4 17F ZB . 16.82 23.77 16.86
O4 17F ZB . 18.41 23.87 23.73
C5 17F ZB . 15.88 22.91 15.96
O5 17F ZB . 18.10 21.90 22.96
C6 17F ZB . 16.05 23.34 14.49
O6 17F ZB . 18.02 23.09 17.24
C7 17F ZB . 14.49 23.22 12.75
O7 17F ZB . 15.21 22.59 13.63
C8 17F ZB . 13.67 22.17 11.96
O8 17F ZB . 14.40 24.40 12.51
C9 17F ZB . 14.51 21.42 10.88
O9 17F ZB . 16.08 21.50 16.12
C10 17F ZB . 13.73 20.35 10.04
O10 17F ZB . 15.68 20.89 18.31
C11 17F ZB . 14.42 18.93 10.00
C12 17F ZB . 13.59 17.91 9.14
C17 17F ZB . 15.37 21.01 17.12
C18 17F ZB . 13.99 20.54 16.66
C19 17F ZB . 13.60 19.13 17.16
C20 17F ZB . 13.56 18.07 16.00
C1X 17F ZB . 14.28 16.53 9.12
C1Y 17F ZB . 13.14 16.68 16.54
C1Z 17F ZB . 12.52 15.82 15.43
C2X 17F ZB . 13.47 15.46 8.25
C21 17F ZB . 13.54 14.02 8.85
C22 17F ZB . 12.80 13.03 8.47
C23 17F ZB . 11.78 13.03 7.42
C24 17F ZB . 11.80 11.81 6.51
C25 17F ZB . 10.75 11.76 5.41
C26 17F ZB . 9.33 11.15 5.83
C27 17F ZB . 8.31 11.11 4.73
C28 17F ZB . 6.99 10.49 5.33
C29 17F ZB . 5.91 11.48 5.24
C30 17F ZB . 4.59 11.02 5.77
C31 17F ZB . 11.13 15.17 15.74
C32 17F ZB . 10.53 14.31 14.60
C33 17F ZB . 9.38 15.08 13.96
C34 17F ZB . 8.63 14.65 12.95
C35 17F ZB . 8.75 13.33 12.23
C36 17F ZB . 7.41 12.76 11.65
C37 17F ZB . 7.49 12.75 10.16
C38 17F ZB . 6.91 14.00 9.48
C39 17F ZB . 7.03 13.92 7.94
C40 17F ZB . 6.66 15.26 7.30
C41 17F ZB . 5.12 15.30 6.95
C42 17F ZB . 4.64 16.29 5.88
C1 17F AC . 7.93 42.39 -8.40
N1 17F AC . 7.28 43.44 -6.22
O1 17F AC . 7.89 42.50 -11.48
P1 17F AC . 6.99 43.31 -10.57
C2 17F AC . 7.09 42.30 -7.11
O2 17F AC . 6.62 44.69 -11.05
C3 17F AC . 7.39 41.00 -6.36
O3 17F AC . 7.57 43.50 -9.14
C4 17F AC . 4.59 43.17 -9.52
O4 17F AC . 7.77 40.99 -5.12
C5 17F AC . 3.29 42.30 -9.41
O5 17F AC . 7.31 39.91 -6.92
C6 17F AC . 2.07 43.23 -9.20
O6 17F AC . 5.60 42.59 -10.34
C7 17F AC . -0.25 43.10 -9.35
O7 17F AC . 0.86 42.48 -9.10
C8 17F AC . -1.41 42.09 -9.17
O8 17F AC . -0.47 44.25 -9.65
C9 17F AC . -2.22 41.87 -10.47
O9 17F AC . 3.11 41.45 -10.54
C10 17F AC . -3.42 40.87 -10.37
O10 17F AC . 4.00 39.51 -9.70
C11 17F AC . -3.53 39.85 -11.58
C12 17F AC . -4.75 38.86 -11.41
C17 17F AC . 3.10 40.18 -10.21
C18 17F AC . 1.78 39.52 -10.52
C19 17F AC . 1.59 39.13 -12.01
C20 17F AC . 0.32 39.81 -12.64
C1X 17F AC . -4.83 37.90 -12.59
C1Y 17F AC . 0.16 39.40 -14.13
C1Z 17F AC . -1.00 38.42 -14.31
C2X 17F AC . -6.06 36.88 -12.47
C21 17F AC . -6.07 36.09 -11.12
C22 17F AC . -5.48 34.96 -10.93
C23 17F AC . -4.71 34.17 -11.90
C24 17F AC . -4.37 32.75 -11.45
C25 17F AC . -3.57 31.90 -12.42
C26 17F AC . -2.67 30.75 -11.74
C27 17F AC . -1.89 29.90 -12.71
C28 17F AC . -1.07 28.85 -11.87
C29 17F AC . -1.46 27.50 -12.33
C30 17F AC . -0.76 26.38 -11.60
C31 17F AC . -1.25 37.90 -15.77
C32 17F AC . -2.43 36.91 -15.93
C33 17F AC . -3.56 37.60 -16.68
C34 17F AC . -4.72 37.03 -16.99
C35 17F AC . -5.15 35.62 -16.67
C36 17F AC . -5.99 34.93 -17.78
C37 17F AC . -7.38 34.74 -17.29
C38 17F AC . -8.36 35.88 -17.65
C39 17F AC . -9.77 35.60 -17.10
C40 17F AC . -10.68 35.07 -18.23
C41 17F AC . -11.24 33.64 -17.86
C42 17F AC . -10.53 32.40 -18.42
C1 17F BC . 40.31 14.47 19.00
N1 17F BC . 42.25 15.22 17.58
O1 17F BC . 43.82 13.73 20.30
P1 17F BC . 42.47 13.31 19.74
C2 17F BC . 40.87 15.49 17.98
O2 17F BC . 42.06 12.77 21.08
C3 17F BC . 40.78 16.92 18.56
O3 17F BC . 41.22 14.21 20.02
C4 17F BC . 41.01 11.32 18.82
O4 17F BC . 41.80 17.69 18.65
C5 17F BC . 41.00 9.79 18.51
O5 17F BC . 39.71 17.35 18.97
C6 17F BC . 39.57 9.22 18.69
O6 17F BC . 42.24 11.79 19.36
C7 17F BC . 39.34 7.00 19.40
O7 17F BC . 39.53 7.83 18.42
C8 17F BC . 39.33 5.56 18.81
O8 17F BC . 39.18 7.20 20.56
C9 17F BC . 40.38 4.62 19.45
O9 17F BC . 41.51 9.49 17.21
C10 17F BC . 40.41 3.14 18.91
O10 17F BC . 42.66 7.58 17.83
C11 17F BC . 41.74 2.34 19.21
C12 17F BC . 41.69 0.88 18.65
C17 17F BC . 42.55 8.67 17.25
C18 17F BC . 43.73 9.21 16.48
C19 17F BC . 45.09 9.07 17.20
C20 17F BC . 46.24 8.57 16.23
C1X 17F BC . 43.00 0.14 18.97
C1Y 17F BC . 47.58 8.45 16.99
C1Z 17F BC . 48.33 7.19 16.55
C2X 17F BC . 42.99 -1.37 18.40
C21 17F BC . 42.77 -1.43 16.84
C22 17F BC . 43.26 -2.33 16.08
C23 17F BC . 44.11 -3.47 16.45
C24 17F BC . 43.52 -4.82 16.12
C25 17F BC . 44.36 -6.04 16.49
C26 17F BC . 45.53 -5.80 17.55
C27 17F BC . 46.34 -7.03 17.91
C28 17F BC . 47.44 -6.59 18.96
C29 17F BC . 47.22 -7.34 20.22
C30 17F BC . 48.20 -7.01 21.29
C31 17F BC . 49.77 7.40 15.94
C32 17F BC . 50.51 6.12 15.50
C33 17F BC . 51.19 5.49 16.72
C34 17F BC . 51.89 4.36 16.70
C35 17F BC . 52.19 3.49 15.50
C36 17F BC . 52.93 2.16 15.83
C37 17F BC . 54.34 2.26 15.40
C38 17F BC . 54.79 1.18 14.38
C39 17F BC . 56.27 1.37 13.98
C40 17F BC . 56.38 1.53 12.46
C41 17F BC . 57.59 2.48 12.09
C42 17F BC . 58.53 2.09 10.94
C1 17F CC . -0.79 26.43 25.77
N1 17F CC . -1.25 25.86 28.17
O1 17F CC . 0.84 23.85 25.72
P1 17F CC . -0.48 24.05 25.00
C2 17F CC . -0.48 26.69 27.26
O2 17F CC . -0.41 24.29 23.52
C3 17F CC . -0.74 28.18 27.59
O3 17F CC . -1.34 25.18 25.60
C4 17F CC . -2.70 22.69 24.59
O4 17F CC . -1.53 28.55 28.54
C5 17F CC . -3.43 21.34 24.86
O5 17F CC . -0.20 29.07 26.94
C6 17F CC . -3.14 20.88 26.31
O6 17F CC . -1.40 22.76 25.16
C7 17F CC . -3.41 19.02 27.68
O7 17F CC . -3.78 19.65 26.61
C8 17F CC . -4.26 17.72 27.79
O8 17F CC . -2.57 19.28 28.49
C9 17F CC . -3.52 16.46 27.29
O9 17F CC . -4.84 21.42 24.61
C10 17F CC . -4.32 15.12 27.38
O10 17F CC . -5.12 19.40 23.54
C11 17F CC . -3.45 13.86 27.76
C12 17F CC . -4.32 12.55 27.83
C17 17F CC . -5.21 20.63 23.62
C18 17F CC . -5.83 21.40 22.48
C19 17F CC . -5.45 20.91 21.07
C20 17F CC . -6.71 20.44 20.23
C1X 17F CC . -3.43 11.35 28.19
C1Y 17F CC . -6.27 19.95 18.83
C1Z 17F CC . -6.20 18.42 18.79
C2X 17F CC . -4.28 9.98 28.29
C21 17F CC . -4.86 9.53 26.91
C22 17F CC . -4.59 8.39 26.34
C23 17F CC . -3.74 7.32 26.85
C24 17F CC . -2.37 7.24 26.19
C25 17F CC . -1.44 6.13 26.68
C26 17F CC . -1.61 4.72 25.95
C27 17F CC . -0.67 3.63 26.44
C28 17F CC . -0.98 2.33 25.62
C29 17F CC . 0.26 1.89 24.96
C30 17F CC . 0.12 0.64 24.13
C31 17F CC . -7.56 17.64 18.96
C32 17F CC . -7.46 16.09 18.91
C33 17F CC . -8.76 15.50 19.45
C34 17F CC . -9.02 14.19 19.55
C35 17F CC . -8.10 13.04 19.18
C36 17F CC . -7.94 12.80 17.64
C37 17F CC . -9.27 12.51 17.04
C38 17F CC . -9.64 13.38 15.82
C39 17F CC . -11.03 13.03 15.27
C40 17F CC . -11.59 14.17 14.43
C41 17F CC . -12.11 15.34 15.36
C42 17F CC . -13.48 15.98 15.05
C1 17F DC . 6.18 27.08 18.75
N1 17F DC . 8.57 26.81 19.43
O1 17F DC . 5.21 29.68 16.60
P1 17F DC . 4.68 28.37 17.14
C2 17F DC . 7.53 27.75 19.04
O2 17F DC . 3.83 28.45 18.40
C3 17F DC . 7.35 28.79 20.16
O3 17F DC . 5.80 27.32 17.43
C4 17F DC . 3.15 26.37 16.37
O4 17F DC . 8.05 28.78 21.25
C5 17F DC . 2.28 25.83 15.20
O5 17F DC . 6.52 29.70 20.05
C6 17F DC . 2.51 24.30 15.05
O6 17F DC . 3.76 27.63 16.08
C7 17F DC . 1.14 22.63 14.18
O7 17F DC . 1.74 23.75 13.99
C8 17F DC . 0.41 22.24 12.87
O8 17F DC . 1.10 21.91 15.16
C9 17F DC . 0.29 20.71 12.66
O9 17F DC . 0.89 26.12 15.35
C10 17F DC . -0.45 20.26 11.34
O10 17F DC . 0.81 28.06 14.10
C11 17F DC . -1.53 19.12 11.54
C12 17F DC . -2.22 18.72 10.19
C17 17F DC . 0.44 26.91 14.40
C18 17F DC . -0.67 26.27 13.60
C19 17F DC . -1.87 25.78 14.45
C20 17F DC . -2.49 24.43 13.89
C1X 17F DC . -3.26 17.62 10.43
C1Y 17F DC . -3.68 23.98 14.77
C1Z 17F DC . -4.92 23.71 13.91
C2X 17F DC . -3.99 17.17 9.07
C21 17F DC . -5.39 17.84 8.89
C22 17F DC . -5.64 18.83 8.10
C23 17F DC . -4.69 19.52 7.22
C24 17F DC . -4.26 20.90 7.70
C25 17F DC . -3.29 21.65 6.81
C26 17F DC . -1.77 21.69 7.32
C27 17F DC . -0.82 22.46 6.43
C28 17F DC . 0.62 22.38 7.08
C29 17F DC . 1.58 23.05 6.19
C30 17F DC . 2.98 23.05 6.71
C31 17F DC . -5.17 22.22 13.46
C32 17F DC . -6.43 21.97 12.60
C33 17F DC . -6.21 22.54 11.19
C34 17F DC . -7.09 22.49 10.19
C35 17F DC . -8.47 21.89 10.23
C36 17F DC . -8.54 20.37 9.86
C37 17F DC . -9.38 20.20 8.65
C38 17F DC . -9.58 18.73 8.21
C39 17F DC . -10.46 18.63 6.95
C40 17F DC . -11.88 18.21 7.32
C41 17F DC . -12.20 16.77 6.78
C42 17F DC . -12.07 15.57 7.74
C1 17F EC . -4.56 44.19 6.58
N1 17F EC . -3.76 44.26 4.21
O1 17F EC . -7.32 44.38 7.45
P1 17F EC . -6.74 43.02 7.11
C2 17F EC . -4.35 45.02 5.29
O2 17F EC . -6.49 42.09 8.27
C3 17F EC . -3.49 46.25 5.62
O3 17F EC . -5.41 43.12 6.33
C4 17F EC . -7.33 40.90 5.65
O4 17F EC . -2.40 46.52 4.98
C5 17F EC . -8.39 40.30 4.68
O5 17F EC . -3.80 47.03 6.51
C6 17F EC . -8.01 40.65 3.21
O6 17F EC . -7.68 42.22 6.11
C7 17F EC . -8.53 39.69 1.14
O7 17F EC . -8.95 40.12 2.28
C8 17F EC . -9.75 39.21 0.33
O8 17F EC . -7.41 39.64 0.69
C9 17F EC . -10.00 37.69 0.43
O9 17F EC . -8.57 38.88 4.86
C10 17F EC . -11.23 37.16 -0.38
O10 17F EC . -6.33 38.37 4.58
C11 17F EC . -11.25 35.59 -0.59
C12 17F EC . -12.52 35.13 -1.40
C17 17F EC . -7.54 38.14 4.46
C18 17F EC . -7.99 36.88 3.78
C19 17F EC . -7.33 35.58 4.33
C20 17F EC . -7.76 34.29 3.52
C1X 17F EC . -12.51 33.61 -1.59
C1Y 17F EC . -7.07 33.03 4.09
C1Z 17F EC . -7.97 31.81 3.93
C2X 17F EC . -13.80 33.10 -2.42
C21 17F EC . -13.62 33.28 -3.96
C22 17F EC . -13.68 32.32 -4.82
C23 17F EC . -13.92 30.90 -4.56
C24 17F EC . -12.92 29.95 -5.22
C25 17F EC . -13.13 28.46 -4.99
C26 17F EC . -12.06 27.48 -5.66
C27 17F EC . -12.29 26.00 -5.41
C28 17F EC . -11.15 25.22 -6.14
C29 17F EC . -11.06 23.86 -5.56
C30 17F EC . -10.00 23.00 -6.18
C31 17F EC . -7.79 30.97 2.62
C32 17F EC . -8.71 29.74 2.48
C33 17F EC . -8.30 28.68 3.50
C34 17F EC . -8.89 27.50 3.65
C35 17F EC . -10.04 26.95 2.85
C36 17F EC . -9.74 25.62 2.09
C37 17F EC . -9.64 24.51 3.07
C38 17F EC . -10.99 23.93 3.55
C39 17F EC . -10.79 22.79 4.56
C40 17F EC . -10.78 23.34 6.00
C41 17F EC . -9.31 23.36 6.58
C42 17F EC . -8.80 24.61 7.30
PG GNP FC . -27.70 -13.93 -13.82
O1G GNP FC . -27.32 -13.71 -15.24
O2G GNP FC . -26.62 -13.47 -12.84
O3G GNP FC . -29.01 -13.28 -13.64
N3B GNP FC . -27.99 -15.50 -13.55
PB GNP FC . -26.91 -16.68 -13.43
O1B GNP FC . -26.09 -16.58 -12.20
O2B GNP FC . -26.12 -16.66 -14.65
O3A GNP FC . -27.71 -18.02 -13.41
PA GNP FC . -28.28 -18.92 -12.25
O1A GNP FC . -27.18 -19.51 -11.47
O2A GNP FC . -29.38 -18.28 -11.52
O5' GNP FC . -28.98 -20.13 -12.95
C5' GNP FC . -30.12 -19.89 -13.81
C4' GNP FC . -30.90 -21.18 -13.99
O4' GNP FC . -30.19 -22.03 -14.94
C3' GNP FC . -31.06 -22.02 -12.71
O3' GNP FC . -32.39 -22.47 -12.61
C2' GNP FC . -30.02 -23.13 -12.87
O2' GNP FC . -30.32 -24.34 -12.20
C1' GNP FC . -29.93 -23.32 -14.37
N9 GNP FC . -28.58 -23.76 -14.84
C8 GNP FC . -27.46 -23.00 -14.82
N7 GNP FC . -26.41 -23.63 -15.29
C5 GNP FC . -26.88 -24.89 -15.65
C6 GNP FC . -26.20 -26.03 -16.22
O6 GNP FC . -25.04 -26.16 -16.54
N1 GNP FC . -27.03 -27.09 -16.43
C2 GNP FC . -28.38 -27.12 -16.13
N2 GNP FC . -29.00 -28.27 -16.42
N3 GNP FC . -29.02 -26.09 -15.60
C4 GNP FC . -28.22 -24.99 -15.39
MG MG GC . -23.86 -13.81 -8.38
N LEU A 3 -12.05 34.61 -34.19
CA LEU A 3 -11.14 35.44 -34.97
C LEU A 3 -9.87 35.71 -34.19
N LYS A 4 -9.99 35.78 -32.87
CA LYS A 4 -8.86 36.04 -31.99
C LYS A 4 -7.86 34.90 -32.06
N LEU A 5 -8.38 33.68 -32.15
CA LEU A 5 -7.56 32.48 -32.22
C LEU A 5 -6.77 32.43 -33.52
N LEU A 6 -7.37 32.98 -34.58
CA LEU A 6 -6.73 33.01 -35.89
C LEU A 6 -5.53 33.95 -35.88
N ASP A 7 -5.75 35.16 -35.39
CA ASP A 7 -4.69 36.16 -35.30
C ASP A 7 -3.62 35.71 -34.33
N ASN A 8 -4.04 35.11 -33.22
CA ASN A 8 -3.12 34.60 -32.21
C ASN A 8 -2.24 33.50 -32.79
N TRP A 9 -2.86 32.56 -33.50
CA TRP A 9 -2.12 31.46 -34.11
C TRP A 9 -1.09 31.96 -35.11
N ASP A 10 -1.42 33.04 -35.83
CA ASP A 10 -0.48 33.62 -36.78
C ASP A 10 0.71 34.20 -36.02
N SER A 11 0.44 34.80 -34.88
CA SER A 11 1.48 35.37 -34.04
C SER A 11 2.38 34.27 -33.48
N VAL A 12 1.79 33.12 -33.22
CA VAL A 12 2.53 31.97 -32.71
C VAL A 12 3.38 31.37 -33.82
N THR A 13 2.76 31.19 -34.99
CA THR A 13 3.46 30.62 -36.13
C THR A 13 4.59 31.53 -36.62
N SER A 14 4.35 32.85 -36.61
CA SER A 14 5.35 33.81 -37.05
C SER A 14 6.53 33.85 -36.09
N THR A 15 6.34 33.29 -34.91
CA THR A 15 7.39 33.22 -33.91
C THR A 15 8.05 31.85 -33.98
N PHE A 16 7.24 30.83 -34.24
CA PHE A 16 7.72 29.46 -34.36
C PHE A 16 8.64 29.34 -35.56
N SER A 17 8.34 30.11 -36.61
CA SER A 17 9.17 30.10 -37.81
C SER A 17 10.53 30.69 -37.49
N LYS A 18 10.53 31.77 -36.70
CA LYS A 18 11.77 32.42 -36.29
C LYS A 18 12.56 31.46 -35.41
N LEU A 19 11.83 30.68 -34.63
CA LEU A 19 12.45 29.69 -33.76
C LEU A 19 13.10 28.62 -34.60
N ARG A 20 12.36 28.13 -35.60
CA ARG A 20 12.88 27.09 -36.50
C ARG A 20 14.06 27.62 -37.29
N GLU A 21 13.93 28.85 -37.80
CA GLU A 21 14.98 29.50 -38.58
C GLU A 21 16.26 29.61 -37.76
N GLN A 22 16.11 29.73 -36.45
CA GLN A 22 17.25 29.84 -35.56
C GLN A 22 17.69 28.47 -35.07
N LEU A 23 16.74 27.56 -34.90
CA LEU A 23 17.03 26.20 -34.43
C LEU A 23 17.97 25.50 -35.39
N GLY A 24 17.80 25.74 -36.68
CA GLY A 24 18.66 25.14 -37.69
C GLY A 24 20.13 25.42 -37.39
N PRO A 25 20.57 26.68 -37.52
CA PRO A 25 21.95 27.05 -37.21
C PRO A 25 22.31 26.75 -35.76
N VAL A 26 21.35 26.93 -34.85
CA VAL A 26 21.58 26.68 -33.42
C VAL A 26 22.03 25.25 -33.17
N THR A 27 21.33 24.29 -33.76
CA THR A 27 21.69 22.89 -33.58
C THR A 27 23.05 22.61 -34.18
N GLN A 28 23.37 23.33 -35.25
CA GLN A 28 24.65 23.19 -35.93
C GLN A 28 25.77 23.82 -35.11
N GLU A 29 25.52 25.03 -34.62
CA GLU A 29 26.49 25.74 -33.79
C GLU A 29 26.75 24.97 -32.52
N PHE A 30 25.67 24.48 -31.91
CA PHE A 30 25.76 23.69 -30.70
C PHE A 30 26.51 22.39 -31.00
N TRP A 31 26.27 21.85 -32.19
CA TRP A 31 26.92 20.61 -32.63
C TRP A 31 28.41 20.84 -32.85
N ASP A 32 28.76 21.94 -33.50
CA ASP A 32 30.16 22.25 -33.76
C ASP A 32 30.91 22.37 -32.45
N ASN A 33 30.28 23.02 -31.47
CA ASN A 33 30.87 23.16 -30.15
C ASN A 33 30.99 21.80 -29.49
N LEU A 34 29.93 20.99 -29.63
CA LEU A 34 29.93 19.65 -29.08
C LEU A 34 30.98 18.81 -29.77
N GLU A 35 31.20 19.07 -31.05
CA GLU A 35 32.21 18.37 -31.83
C GLU A 35 33.58 18.67 -31.26
N LYS A 36 33.81 19.94 -30.92
CA LYS A 36 35.07 20.36 -30.33
C LYS A 36 35.21 19.77 -28.94
N GLU A 37 34.10 19.77 -28.20
CA GLU A 37 34.06 19.22 -26.86
C GLU A 37 34.39 17.73 -26.92
N THR A 38 33.69 17.02 -27.78
CA THR A 38 33.91 15.59 -27.95
C THR A 38 35.29 15.32 -28.54
N GLU A 39 35.76 16.22 -29.40
CA GLU A 39 37.08 16.08 -30.00
C GLU A 39 38.11 16.09 -28.88
N GLY A 40 37.99 17.07 -28.00
CA GLY A 40 38.88 17.16 -26.87
C GLY A 40 38.72 15.93 -26.00
N LEU A 41 37.46 15.58 -25.75
CA LEU A 41 37.15 14.40 -24.94
C LEU A 41 37.71 13.12 -25.56
N ARG A 42 37.83 13.11 -26.89
CA ARG A 42 38.37 11.95 -27.58
C ARG A 42 39.85 11.81 -27.26
N GLN A 43 40.57 12.92 -27.34
CA GLN A 43 42.00 12.95 -27.03
C GLN A 43 42.21 12.76 -25.54
N GLU A 44 41.22 13.18 -24.77
CA GLU A 44 41.26 13.06 -23.33
C GLU A 44 40.93 11.65 -22.86
N MET A 45 39.79 11.11 -23.31
CA MET A 45 39.36 9.77 -22.92
C MET A 45 40.39 8.71 -23.28
N SER A 46 41.10 8.91 -24.39
CA SER A 46 42.13 7.97 -24.79
C SER A 46 43.24 7.96 -23.75
N LYS A 47 43.58 9.15 -23.25
CA LYS A 47 44.62 9.29 -22.24
C LYS A 47 44.06 8.86 -20.88
N ASP A 48 42.82 9.25 -20.62
CA ASP A 48 42.12 8.90 -19.39
C ASP A 48 42.13 7.39 -19.22
N LEU A 49 41.57 6.71 -20.22
CA LEU A 49 41.49 5.26 -20.22
C LEU A 49 42.88 4.64 -20.19
N GLU A 50 43.80 5.17 -20.98
CA GLU A 50 45.16 4.65 -21.03
C GLU A 50 45.85 4.77 -19.67
N GLU A 51 45.83 5.95 -19.09
CA GLU A 51 46.44 6.18 -17.80
C GLU A 51 45.75 5.37 -16.71
N VAL A 52 44.42 5.32 -16.77
CA VAL A 52 43.64 4.57 -15.81
C VAL A 52 43.93 3.08 -15.93
N LYS A 53 43.97 2.56 -17.16
CA LYS A 53 44.24 1.14 -17.39
C LYS A 53 45.70 0.79 -17.07
N ALA A 54 46.63 1.66 -17.47
CA ALA A 54 48.04 1.43 -17.21
C ALA A 54 48.31 1.41 -15.72
N LYS A 55 47.60 2.26 -15.00
CA LYS A 55 47.75 2.34 -13.55
C LYS A 55 46.81 1.38 -12.84
N VAL A 56 45.80 0.88 -13.55
CA VAL A 56 44.85 -0.07 -12.96
C VAL A 56 45.55 -1.38 -12.67
N GLN A 57 46.61 -1.65 -13.44
CA GLN A 57 47.39 -2.85 -13.23
C GLN A 57 47.99 -2.82 -11.83
N PRO A 58 48.88 -1.83 -11.52
CA PRO A 58 49.46 -1.71 -10.19
C PRO A 58 48.38 -1.44 -9.13
N TYR A 59 47.25 -0.85 -9.56
CA TYR A 59 46.13 -0.58 -8.65
C TYR A 59 45.66 -1.90 -8.05
N LEU A 60 45.23 -2.80 -8.94
CA LEU A 60 44.73 -4.10 -8.54
C LEU A 60 45.86 -4.99 -8.07
N ASP A 61 47.00 -4.92 -8.75
CA ASP A 61 48.15 -5.74 -8.41
C ASP A 61 48.61 -5.48 -6.98
N ASP A 62 48.78 -4.20 -6.64
CA ASP A 62 49.21 -3.83 -5.29
C ASP A 62 48.12 -4.16 -4.29
N PHE A 63 46.87 -3.91 -4.67
CA PHE A 63 45.75 -4.22 -3.80
C PHE A 63 45.73 -5.71 -3.51
N GLN A 64 46.05 -6.50 -4.53
CA GLN A 64 46.09 -7.95 -4.40
C GLN A 64 47.21 -8.35 -3.45
N LYS A 65 48.35 -7.66 -3.54
CA LYS A 65 49.48 -7.93 -2.67
C LYS A 65 49.02 -7.78 -1.22
N LYS A 66 48.37 -6.65 -0.96
CA LYS A 66 47.85 -6.35 0.37
C LYS A 66 46.76 -7.35 0.75
N TRP A 67 45.78 -7.52 -0.14
CA TRP A 67 44.67 -8.44 0.10
C TRP A 67 45.15 -9.85 0.37
N GLN A 68 46.20 -10.27 -0.33
CA GLN A 68 46.76 -11.61 -0.12
C GLN A 68 47.20 -11.74 1.32
N GLU A 69 47.95 -10.76 1.79
CA GLU A 69 48.42 -10.75 3.17
C GLU A 69 47.24 -10.61 4.12
N GLU A 70 46.33 -9.71 3.78
CA GLU A 70 45.14 -9.47 4.59
C GLU A 70 44.33 -10.74 4.78
N MET A 71 44.07 -11.45 3.69
CA MET A 71 43.32 -12.69 3.73
C MET A 71 44.10 -13.80 4.42
N GLU A 72 45.35 -13.98 4.02
CA GLU A 72 46.20 -15.02 4.60
C GLU A 72 46.37 -14.82 6.10
N LEU A 73 46.73 -13.59 6.49
CA LEU A 73 46.90 -13.29 7.89
C LEU A 73 45.59 -13.43 8.65
N TYR A 74 44.49 -13.04 8.00
CA TYR A 74 43.17 -13.17 8.59
C TYR A 74 42.87 -14.63 8.88
N ARG A 75 43.07 -15.48 7.88
CA ARG A 75 42.82 -16.92 8.04
C ARG A 75 43.76 -17.51 9.09
N GLN A 76 45.00 -17.03 9.09
CA GLN A 76 46.01 -17.47 10.03
C GLN A 76 45.59 -17.16 11.46
N LYS A 77 44.74 -16.16 11.60
CA LYS A 77 44.23 -15.77 12.90
C LYS A 77 42.87 -16.42 13.14
N VAL A 78 42.00 -16.35 12.13
CA VAL A 78 40.65 -16.91 12.20
C VAL A 78 40.64 -18.35 12.71
N GLU A 79 41.58 -19.17 12.23
CA GLU A 79 41.64 -20.56 12.66
C GLU A 79 41.86 -20.68 14.19
N PRO A 80 42.99 -20.21 14.74
CA PRO A 80 43.23 -20.26 16.19
C PRO A 80 42.20 -19.46 16.96
N LEU A 81 41.73 -18.35 16.38
CA LEU A 81 40.71 -17.52 17.03
C LEU A 81 39.42 -18.31 17.19
N ARG A 82 39.04 -19.00 16.13
CA ARG A 82 37.84 -19.83 16.16
C ARG A 82 38.02 -20.91 17.19
N ALA A 83 39.23 -21.46 17.27
CA ALA A 83 39.54 -22.49 18.24
C ALA A 83 39.39 -21.93 19.65
N GLU A 84 39.94 -20.72 19.87
CA GLU A 84 39.84 -20.06 21.17
C GLU A 84 38.39 -19.78 21.50
N LEU A 85 37.66 -19.26 20.52
CA LEU A 85 36.24 -18.96 20.69
C LEU A 85 35.48 -20.24 21.04
N GLN A 86 35.85 -21.33 20.36
CA GLN A 86 35.22 -22.62 20.60
C GLN A 86 35.55 -23.11 22.00
N GLU A 87 36.83 -23.02 22.39
CA GLU A 87 37.26 -23.44 23.72
C GLU A 87 36.49 -22.64 24.77
N GLY A 88 36.43 -21.33 24.57
CA GLY A 88 35.72 -20.47 25.48
C GLY A 88 34.24 -20.78 25.49
N ALA A 89 33.65 -20.91 24.30
CA ALA A 89 32.23 -21.21 24.17
C ALA A 89 31.89 -22.54 24.81
N ARG A 90 32.76 -23.54 24.62
CA ARG A 90 32.54 -24.87 25.20
C ARG A 90 32.39 -24.77 26.71
N GLN A 91 33.25 -23.97 27.33
CA GLN A 91 33.23 -23.78 28.78
C GLN A 91 32.05 -22.91 29.20
N LYS A 92 31.88 -21.80 28.49
CA LYS A 92 30.79 -20.87 28.79
C LYS A 92 29.43 -21.54 28.63
N LEU A 93 29.28 -22.33 27.58
CA LEU A 93 28.05 -23.06 27.33
C LEU A 93 27.91 -24.19 28.34
N HIS A 94 29.03 -24.77 28.74
CA HIS A 94 29.02 -25.85 29.71
C HIS A 94 28.48 -25.33 31.03
N GLU A 95 28.94 -24.16 31.42
CA GLU A 95 28.48 -23.54 32.65
C GLU A 95 27.00 -23.20 32.55
N LEU A 96 26.60 -22.72 31.38
CA LEU A 96 25.20 -22.39 31.13
C LEU A 96 24.36 -23.66 31.19
N GLN A 97 24.88 -24.73 30.63
CA GLN A 97 24.20 -26.02 30.63
C GLN A 97 24.08 -26.54 32.07
N GLU A 98 25.18 -26.45 32.81
CA GLU A 98 25.22 -26.90 34.20
C GLU A 98 24.51 -25.90 35.12
N LYS A 99 23.86 -24.93 34.50
CA LYS A 99 23.10 -23.92 35.23
C LYS A 99 21.63 -24.08 34.88
N LEU A 100 21.38 -24.38 33.61
CA LEU A 100 20.02 -24.60 33.12
C LEU A 100 19.37 -25.79 33.79
N SER A 101 20.19 -26.74 34.23
CA SER A 101 19.66 -27.93 34.89
C SER A 101 19.27 -27.65 36.35
N PRO A 102 20.23 -27.31 37.25
CA PRO A 102 19.92 -27.06 38.65
C PRO A 102 19.03 -25.82 38.84
N LEU A 103 19.45 -24.71 38.26
CA LEU A 103 18.69 -23.47 38.36
C LEU A 103 17.38 -23.59 37.59
N GLY A 104 17.39 -24.46 36.58
CA GLY A 104 16.21 -24.69 35.78
C GLY A 104 15.20 -25.50 36.56
N GLU A 105 15.67 -26.55 37.22
CA GLU A 105 14.82 -27.39 38.05
C GLU A 105 14.20 -26.55 39.17
N GLU A 106 14.98 -25.61 39.69
CA GLU A 106 14.50 -24.70 40.73
C GLU A 106 13.36 -23.86 40.14
N MET A 107 13.56 -23.41 38.90
CA MET A 107 12.57 -22.60 38.23
C MET A 107 11.31 -23.42 37.98
N ARG A 108 11.49 -24.70 37.66
CA ARG A 108 10.39 -25.61 37.42
C ARG A 108 9.62 -25.85 38.72
N ASP A 109 10.38 -26.03 39.80
CA ASP A 109 9.80 -26.24 41.13
C ASP A 109 9.01 -24.99 41.53
N ARG A 110 9.59 -23.83 41.25
CA ARG A 110 8.95 -22.57 41.57
C ARG A 110 7.77 -22.33 40.63
N ALA A 111 7.89 -22.79 39.40
CA ALA A 111 6.83 -22.65 38.42
C ALA A 111 5.64 -23.49 38.86
N ARG A 112 5.93 -24.69 39.35
CA ARG A 112 4.89 -25.58 39.85
C ARG A 112 4.15 -24.91 40.99
N ALA A 113 4.89 -24.40 41.95
CA ALA A 113 4.30 -23.70 43.09
C ALA A 113 3.54 -22.48 42.60
N HIS A 114 4.12 -21.81 41.62
CA HIS A 114 3.52 -20.62 41.03
C HIS A 114 2.14 -20.94 40.47
N VAL A 115 2.09 -21.94 39.59
CA VAL A 115 0.85 -22.34 38.95
C VAL A 115 -0.08 -23.08 39.91
N ASP A 116 0.47 -23.98 40.71
CA ASP A 116 -0.34 -24.76 41.64
C ASP A 116 -1.02 -23.90 42.68
N ALA A 117 -0.30 -22.94 43.24
CA ALA A 117 -0.87 -22.03 44.23
C ALA A 117 -1.91 -21.15 43.55
N LEU A 118 -1.64 -20.83 42.28
CA LEU A 118 -2.55 -20.02 41.49
C LEU A 118 -3.80 -20.82 41.19
N ARG A 119 -3.64 -22.14 41.09
CA ARG A 119 -4.77 -23.03 40.84
C ARG A 119 -5.74 -22.94 42.00
N THR A 120 -5.20 -22.99 43.22
CA THR A 120 -5.99 -22.90 44.44
C THR A 120 -6.52 -21.48 44.62
N HIS A 121 -6.11 -20.58 43.74
CA HIS A 121 -6.55 -19.21 43.78
C HIS A 121 -7.59 -18.96 42.70
N LEU A 122 -7.27 -19.39 41.48
CA LEU A 122 -8.16 -19.23 40.33
C LEU A 122 -9.46 -19.99 40.54
N ALA A 123 -9.38 -21.17 41.17
CA ALA A 123 -10.57 -21.98 41.42
C ALA A 123 -11.63 -21.19 42.19
N PRO A 124 -11.35 -20.72 43.43
CA PRO A 124 -12.31 -19.93 44.20
C PRO A 124 -12.56 -18.58 43.53
N TYR A 125 -11.52 -18.01 42.91
CA TYR A 125 -11.66 -16.73 42.24
C TYR A 125 -12.68 -16.79 41.12
N SER A 126 -12.60 -17.83 40.30
CA SER A 126 -13.53 -18.00 39.20
C SER A 126 -14.94 -18.27 39.74
N ASP A 127 -15.03 -19.06 40.80
CA ASP A 127 -16.31 -19.37 41.42
C ASP A 127 -16.93 -18.09 41.97
N GLU A 128 -16.12 -17.31 42.68
CA GLU A 128 -16.56 -16.04 43.23
C GLU A 128 -16.97 -15.10 42.10
N LEU A 129 -16.21 -15.15 41.01
CA LEU A 129 -16.50 -14.33 39.85
C LEU A 129 -17.83 -14.75 39.26
N ARG A 130 -18.10 -16.06 39.29
CA ARG A 130 -19.36 -16.60 38.80
C ARG A 130 -20.51 -16.09 39.67
N GLN A 131 -20.25 -16.03 40.97
CA GLN A 131 -21.23 -15.53 41.92
C GLN A 131 -21.45 -14.04 41.67
N ARG A 132 -20.34 -13.31 41.58
CA ARG A 132 -20.37 -11.88 41.34
C ARG A 132 -21.06 -11.58 40.01
N LEU A 133 -20.71 -12.34 38.98
CA LEU A 133 -21.31 -12.17 37.67
C LEU A 133 -22.79 -12.50 37.72
N ALA A 134 -23.14 -13.53 38.50
CA ALA A 134 -24.53 -13.91 38.65
C ALA A 134 -25.31 -12.78 39.29
N ALA A 135 -24.72 -12.17 40.31
CA ALA A 135 -25.33 -11.06 41.01
C ALA A 135 -25.43 -9.86 40.08
N ARG A 136 -24.36 -9.61 39.33
CA ARG A 136 -24.33 -8.50 38.37
C ARG A 136 -25.35 -8.74 37.27
N LEU A 137 -25.38 -9.96 36.75
CA LEU A 137 -26.32 -10.32 35.70
C LEU A 137 -27.74 -10.26 36.24
N GLU A 138 -27.88 -10.54 37.54
CA GLU A 138 -29.19 -10.47 38.19
C GLU A 138 -29.67 -9.03 38.15
N ALA A 139 -28.77 -8.12 38.46
CA ALA A 139 -29.09 -6.69 38.43
C ALA A 139 -29.32 -6.29 36.98
N LEU A 140 -28.48 -6.81 36.09
CA LEU A 140 -28.59 -6.54 34.67
C LEU A 140 -29.90 -7.09 34.11
N LYS A 141 -30.51 -8.03 34.83
CA LYS A 141 -31.77 -8.62 34.42
C LYS A 141 -32.92 -7.78 34.95
N GLU A 142 -32.88 -7.50 36.25
CA GLU A 142 -33.91 -6.69 36.89
C GLU A 142 -33.93 -5.30 36.27
N ASN A 143 -32.75 -4.69 36.22
CA ASN A 143 -32.61 -3.38 35.63
C ASN A 143 -32.81 -3.48 34.14
N GLY A 144 -32.34 -4.58 33.56
CA GLY A 144 -32.47 -4.81 32.14
C GLY A 144 -33.91 -4.82 31.69
N GLY A 145 -34.74 -5.57 32.40
CA GLY A 145 -36.15 -5.64 32.09
C GLY A 145 -36.77 -4.26 32.18
N ALA A 146 -36.36 -3.51 33.20
CA ALA A 146 -36.85 -2.16 33.38
C ALA A 146 -36.35 -1.26 32.25
N ARG A 147 -35.08 -1.43 31.90
CA ARG A 147 -34.47 -0.65 30.82
C ARG A 147 -35.25 -0.85 29.53
N LEU A 148 -35.56 -2.11 29.22
CA LEU A 148 -36.30 -2.45 28.02
C LEU A 148 -37.73 -1.93 28.06
N ALA A 149 -38.41 -2.19 29.17
CA ALA A 149 -39.79 -1.74 29.35
C ALA A 149 -39.86 -0.22 29.26
N GLU A 150 -38.95 0.45 29.95
CA GLU A 150 -38.89 1.90 29.95
C GLU A 150 -38.50 2.42 28.57
N TYR A 151 -37.50 1.80 27.97
CA TYR A 151 -37.03 2.22 26.65
C TYR A 151 -38.15 2.12 25.63
N HIS A 152 -38.94 1.06 25.71
CA HIS A 152 -40.05 0.88 24.80
C HIS A 152 -41.10 1.97 25.03
N ALA A 153 -41.36 2.25 26.31
CA ALA A 153 -42.30 3.28 26.68
C ALA A 153 -41.81 4.65 26.21
N LYS A 154 -40.55 4.93 26.50
CA LYS A 154 -39.92 6.19 26.10
C LYS A 154 -39.91 6.28 24.58
N ALA A 155 -39.71 5.14 23.93
CA ALA A 155 -39.70 5.07 22.48
C ALA A 155 -41.09 5.39 21.97
N THR A 156 -42.10 4.92 22.68
CA THR A 156 -43.49 5.18 22.32
C THR A 156 -43.75 6.68 22.40
N GLU A 157 -43.35 7.29 23.52
CA GLU A 157 -43.51 8.72 23.72
C GLU A 157 -42.74 9.48 22.65
N HIS A 158 -41.60 8.92 22.26
CA HIS A 158 -40.77 9.54 21.23
C HIS A 158 -41.43 9.41 19.86
N LEU A 159 -42.00 8.25 19.59
CA LEU A 159 -42.66 8.00 18.31
C LEU A 159 -43.97 8.76 18.19
N SER A 160 -44.73 8.85 19.29
CA SER A 160 -46.00 9.57 19.28
C SER A 160 -45.74 11.05 19.00
N THR A 161 -44.79 11.63 19.75
CA THR A 161 -44.44 13.02 19.57
C THR A 161 -43.71 13.23 18.25
N LEU A 162 -43.06 12.17 17.76
CA LEU A 162 -42.37 12.24 16.47
C LEU A 162 -43.41 12.33 15.37
N SER A 163 -44.46 11.52 15.49
CA SER A 163 -45.54 11.54 14.53
C SER A 163 -46.24 12.89 14.61
N GLU A 164 -46.27 13.43 15.83
CA GLU A 164 -46.88 14.73 16.09
C GLU A 164 -46.02 15.85 15.50
N LYS A 165 -44.81 15.49 15.11
CA LYS A 165 -43.89 16.45 14.51
C LYS A 165 -43.84 16.22 13.01
N ALA A 166 -43.49 15.01 12.62
CA ALA A 166 -43.37 14.62 11.22
C ALA A 166 -44.63 14.89 10.40
N LYS A 167 -45.79 14.50 10.93
CA LYS A 167 -47.05 14.70 10.20
C LYS A 167 -47.31 16.17 9.84
N PRO A 168 -47.48 17.07 10.82
CA PRO A 168 -47.73 18.49 10.52
C PRO A 168 -46.51 19.18 9.88
N ALA A 169 -45.31 18.82 10.33
CA ALA A 169 -44.10 19.44 9.79
C ALA A 169 -43.87 19.08 8.33
N LEU A 170 -43.96 17.79 7.99
CA LEU A 170 -43.76 17.37 6.60
C LEU A 170 -44.88 17.91 5.71
N GLU A 171 -46.07 17.98 6.27
CA GLU A 171 -47.22 18.49 5.54
C GLU A 171 -47.03 19.98 5.27
N ASP A 172 -46.60 20.70 6.29
CA ASP A 172 -46.34 22.13 6.16
C ASP A 172 -45.10 22.35 5.29
N LEU A 173 -44.14 21.44 5.43
CA LEU A 173 -42.92 21.51 4.63
C LEU A 173 -43.27 21.36 3.16
N ARG A 174 -44.22 20.48 2.87
CA ARG A 174 -44.68 20.28 1.50
C ARG A 174 -45.42 21.53 1.06
N GLN A 175 -46.17 22.10 2.00
CA GLN A 175 -46.92 23.31 1.73
C GLN A 175 -45.99 24.51 1.58
N GLY A 176 -44.75 24.33 2.01
CA GLY A 176 -43.73 25.37 1.90
C GLY A 176 -42.92 25.10 0.64
N LEU A 177 -42.59 23.84 0.42
CA LEU A 177 -41.82 23.41 -0.74
C LEU A 177 -42.55 23.74 -2.05
N LEU A 178 -43.88 23.61 -2.05
CA LEU A 178 -44.66 23.90 -3.25
C LEU A 178 -44.42 25.34 -3.74
N PRO A 179 -44.72 26.37 -2.92
CA PRO A 179 -44.50 27.77 -3.32
C PRO A 179 -43.01 28.09 -3.41
N VAL A 180 -42.20 27.46 -2.55
CA VAL A 180 -40.76 27.69 -2.56
C VAL A 180 -40.15 27.20 -3.89
N LEU A 181 -40.45 25.95 -4.24
CA LEU A 181 -39.94 25.38 -5.48
C LEU A 181 -40.48 26.15 -6.68
N GLU A 182 -41.71 26.62 -6.57
CA GLU A 182 -42.33 27.39 -7.63
C GLU A 182 -41.59 28.71 -7.82
N SER A 183 -41.47 29.49 -6.74
CA SER A 183 -40.78 30.77 -6.80
C SER A 183 -39.31 30.58 -7.21
N PHE A 184 -38.72 29.50 -6.73
CA PHE A 184 -37.33 29.18 -7.04
C PHE A 184 -37.20 28.83 -8.52
N LYS A 185 -38.11 28.00 -9.02
CA LYS A 185 -38.10 27.62 -10.42
C LYS A 185 -38.33 28.84 -11.30
N VAL A 186 -39.23 29.72 -10.86
CA VAL A 186 -39.54 30.94 -11.58
C VAL A 186 -38.27 31.79 -11.74
N SER A 187 -37.48 31.86 -10.68
CA SER A 187 -36.25 32.63 -10.71
C SER A 187 -35.14 31.87 -11.45
N PHE A 188 -35.15 30.55 -11.30
CA PHE A 188 -34.16 29.70 -11.96
C PHE A 188 -34.34 29.74 -13.48
N LEU A 189 -35.59 29.64 -13.92
CA LEU A 189 -35.90 29.66 -15.35
C LEU A 189 -35.47 30.98 -15.98
N SER A 190 -35.68 32.07 -15.25
CA SER A 190 -35.31 33.38 -15.76
C SER A 190 -33.78 33.56 -15.69
N ALA A 191 -33.18 33.06 -14.61
CA ALA A 191 -31.74 33.14 -14.43
C ALA A 191 -31.03 32.36 -15.54
N LEU A 192 -31.57 31.18 -15.85
CA LEU A 192 -31.01 30.35 -16.90
C LEU A 192 -31.12 31.05 -18.25
N GLU A 193 -32.23 31.76 -18.44
CA GLU A 193 -32.47 32.51 -19.67
C GLU A 193 -31.43 33.62 -19.79
N GLU A 194 -31.12 34.25 -18.66
CA GLU A 194 -30.15 35.31 -18.61
C GLU A 194 -28.77 34.79 -18.99
N TYR A 195 -28.44 33.61 -18.46
CA TYR A 195 -27.15 32.98 -18.73
C TYR A 195 -26.93 32.65 -20.20
N THR A 196 -27.97 32.12 -20.86
CA THR A 196 -27.86 31.77 -22.27
C THR A 196 -27.58 32.98 -23.14
N LYS A 197 -28.12 34.13 -22.74
CA LYS A 197 -27.93 35.37 -23.50
C LYS A 197 -26.54 35.96 -23.26
N LYS A 198 -25.86 35.48 -22.24
CA LYS A 198 -24.53 35.98 -21.91
C LYS A 198 -23.43 35.12 -22.51
N LEU A 199 -23.71 33.84 -22.68
CA LEU A 199 -22.75 32.90 -23.24
C LEU A 199 -22.93 32.73 -24.75
N ASN A 200 -24.11 33.11 -25.24
CA ASN A 200 -24.43 32.97 -26.66
C ASN A 200 -25.45 34.01 -27.13
N LEU B 3 -39.10 34.00 3.02
CA LEU B 3 -40.26 34.81 3.40
C LEU B 3 -41.24 33.93 4.16
N LYS B 4 -41.06 32.63 4.00
CA LYS B 4 -41.91 31.64 4.65
C LYS B 4 -41.26 31.20 5.95
N LEU B 5 -40.13 31.83 6.29
CA LEU B 5 -39.39 31.51 7.51
C LEU B 5 -40.26 31.68 8.75
N LEU B 6 -41.25 32.58 8.65
CA LEU B 6 -42.17 32.82 9.75
C LEU B 6 -42.98 31.57 10.02
N ASP B 7 -43.42 30.93 8.95
CA ASP B 7 -44.21 29.71 9.03
C ASP B 7 -43.32 28.56 9.47
N ASN B 8 -42.10 28.55 8.94
CA ASN B 8 -41.12 27.52 9.27
C ASN B 8 -40.80 27.57 10.76
N TRP B 9 -40.51 28.77 11.26
CA TRP B 9 -40.20 28.96 12.68
C TRP B 9 -41.40 28.62 13.55
N ASP B 10 -42.60 28.87 13.01
CA ASP B 10 -43.83 28.56 13.73
C ASP B 10 -43.90 27.05 13.95
N SER B 11 -43.52 26.31 12.92
CA SER B 11 -43.52 24.86 12.98
C SER B 11 -42.41 24.38 13.93
N VAL B 12 -41.33 25.17 14.01
CA VAL B 12 -40.22 24.85 14.90
C VAL B 12 -40.67 25.02 16.35
N THR B 13 -41.40 26.09 16.60
CA THR B 13 -41.91 26.36 17.94
C THR B 13 -42.85 25.26 18.41
N SER B 14 -43.71 24.77 17.50
CA SER B 14 -44.63 23.70 17.84
C SER B 14 -43.87 22.39 18.08
N THR B 15 -42.89 22.11 17.22
CA THR B 15 -42.10 20.90 17.36
C THR B 15 -41.26 20.94 18.65
N PHE B 16 -40.80 22.14 18.99
CA PHE B 16 -40.01 22.35 20.20
C PHE B 16 -40.87 22.14 21.43
N SER B 17 -42.13 22.58 21.35
CA SER B 17 -43.07 22.40 22.44
C SER B 17 -43.32 20.90 22.62
N LYS B 18 -43.45 20.21 21.50
CA LYS B 18 -43.66 18.76 21.51
C LYS B 18 -42.35 18.04 21.77
N LEU B 19 -41.30 18.81 22.03
CA LEU B 19 -40.00 18.28 22.35
C LEU B 19 -39.81 18.41 23.85
N ARG B 20 -40.30 19.52 24.39
CA ARG B 20 -40.23 19.77 25.82
C ARG B 20 -41.15 18.80 26.55
N GLU B 21 -42.33 18.59 25.98
CA GLU B 21 -43.31 17.66 26.52
C GLU B 21 -42.92 16.23 26.19
N GLN B 22 -41.84 16.09 25.44
CA GLN B 22 -41.33 14.78 25.05
C GLN B 22 -40.18 14.41 25.98
N LEU B 23 -39.23 15.32 26.13
CA LEU B 23 -38.08 15.09 26.99
C LEU B 23 -38.49 15.14 28.45
N GLY B 24 -39.47 15.99 28.76
CA GLY B 24 -39.95 16.14 30.13
C GLY B 24 -40.28 14.81 30.81
N PRO B 25 -41.40 14.18 30.44
CA PRO B 25 -41.82 12.90 31.02
C PRO B 25 -40.71 11.85 30.92
N VAL B 26 -40.05 11.82 29.75
CA VAL B 26 -38.97 10.87 29.50
C VAL B 26 -37.84 11.01 30.53
N THR B 27 -37.37 12.24 30.76
CA THR B 27 -36.30 12.47 31.73
C THR B 27 -36.78 12.21 33.15
N GLN B 28 -38.05 12.51 33.40
CA GLN B 28 -38.64 12.29 34.72
C GLN B 28 -38.52 10.83 35.11
N GLU B 29 -38.95 9.93 34.22
CA GLU B 29 -38.84 8.51 34.50
C GLU B 29 -37.44 7.99 34.19
N PHE B 30 -36.68 8.76 33.42
CA PHE B 30 -35.30 8.39 33.10
C PHE B 30 -34.48 8.47 34.38
N TRP B 31 -34.77 9.47 35.19
CA TRP B 31 -34.10 9.63 36.47
C TRP B 31 -34.50 8.48 37.38
N ASP B 32 -35.72 8.00 37.20
CA ASP B 32 -36.25 6.87 37.96
C ASP B 32 -35.54 5.61 37.48
N ASN B 33 -35.20 5.59 36.19
CA ASN B 33 -34.46 4.48 35.60
C ASN B 33 -33.05 4.51 36.17
N LEU B 34 -32.49 5.70 36.23
CA LEU B 34 -31.16 5.91 36.77
C LEU B 34 -31.17 5.57 38.26
N GLU B 35 -32.34 5.70 38.88
CA GLU B 35 -32.51 5.36 40.28
C GLU B 35 -32.29 3.86 40.44
N LYS B 36 -32.91 3.09 39.56
CA LYS B 36 -32.77 1.65 39.57
C LYS B 36 -31.34 1.32 39.20
N GLU B 37 -30.80 2.07 38.25
CA GLU B 37 -29.42 1.89 37.79
C GLU B 37 -28.45 2.05 38.93
N THR B 38 -28.52 3.19 39.61
CA THR B 38 -27.62 3.46 40.73
C THR B 38 -27.83 2.46 41.85
N GLU B 39 -29.10 2.14 42.15
CA GLU B 39 -29.42 1.18 43.19
C GLU B 39 -28.91 -0.21 42.82
N GLY B 40 -29.09 -0.58 41.56
CA GLY B 40 -28.61 -1.87 41.07
C GLY B 40 -27.11 -1.92 41.11
N LEU B 41 -26.48 -0.85 40.61
CA LEU B 41 -25.04 -0.75 40.60
C LEU B 41 -24.50 -0.74 42.02
N ARG B 42 -25.29 -0.18 42.95
CA ARG B 42 -24.90 -0.14 44.35
C ARG B 42 -24.86 -1.55 44.91
N GLN B 43 -25.84 -2.35 44.52
CA GLN B 43 -25.91 -3.74 44.95
C GLN B 43 -24.76 -4.52 44.33
N GLU B 44 -24.45 -4.20 43.08
CA GLU B 44 -23.35 -4.83 42.38
C GLU B 44 -22.02 -4.43 42.99
N MET B 45 -21.78 -3.11 43.04
CA MET B 45 -20.54 -2.54 43.55
C MET B 45 -20.28 -2.88 45.03
N SER B 46 -21.34 -2.96 45.84
CA SER B 46 -21.14 -3.29 47.25
C SER B 46 -20.54 -4.69 47.38
N LYS B 47 -21.21 -5.66 46.77
CA LYS B 47 -20.72 -7.04 46.79
C LYS B 47 -19.37 -7.11 46.08
N ASP B 48 -19.25 -6.30 45.02
CA ASP B 48 -18.04 -6.24 44.23
C ASP B 48 -16.86 -5.82 45.10
N LEU B 49 -17.00 -4.69 45.77
CA LEU B 49 -15.95 -4.15 46.63
C LEU B 49 -15.74 -5.02 47.86
N GLU B 50 -16.81 -5.49 48.47
CA GLU B 50 -16.71 -6.35 49.64
C GLU B 50 -15.93 -7.62 49.30
N GLU B 51 -16.28 -8.22 48.17
CA GLU B 51 -15.60 -9.42 47.70
C GLU B 51 -14.21 -9.06 47.19
N VAL B 52 -14.05 -7.81 46.73
CA VAL B 52 -12.77 -7.34 46.24
C VAL B 52 -11.73 -7.39 47.36
N LYS B 53 -12.16 -7.04 48.56
CA LYS B 53 -11.26 -7.08 49.72
C LYS B 53 -10.84 -8.52 49.99
N ALA B 54 -11.79 -9.43 49.85
CA ALA B 54 -11.54 -10.85 50.07
C ALA B 54 -10.82 -11.46 48.88
N LYS B 55 -10.62 -10.67 47.83
CA LYS B 55 -9.92 -11.13 46.65
C LYS B 55 -8.53 -10.54 46.57
N VAL B 56 -8.43 -9.24 46.76
CA VAL B 56 -7.15 -8.53 46.71
C VAL B 56 -6.20 -8.98 47.81
N GLN B 57 -6.75 -9.27 49.00
CA GLN B 57 -5.91 -9.73 50.11
C GLN B 57 -5.14 -11.00 49.76
N PRO B 58 -5.82 -12.14 49.48
CA PRO B 58 -5.12 -13.38 49.12
C PRO B 58 -4.42 -13.26 47.77
N TYR B 59 -4.82 -12.28 46.97
CA TYR B 59 -4.21 -12.05 45.67
C TYR B 59 -2.82 -11.47 45.88
N LEU B 60 -2.76 -10.38 46.64
CA LEU B 60 -1.49 -9.72 46.93
C LEU B 60 -0.66 -10.57 47.88
N ASP B 61 -1.34 -11.30 48.76
CA ASP B 61 -0.64 -12.18 49.70
C ASP B 61 0.11 -13.27 48.95
N ASP B 62 -0.56 -13.86 47.97
CA ASP B 62 0.06 -14.90 47.16
C ASP B 62 1.03 -14.27 46.18
N PHE B 63 0.65 -13.12 45.63
CA PHE B 63 1.50 -12.38 44.71
C PHE B 63 2.82 -12.07 45.39
N GLN B 64 2.75 -11.71 46.67
CA GLN B 64 3.95 -11.42 47.44
C GLN B 64 4.80 -12.68 47.54
N LYS B 65 4.14 -13.81 47.76
CA LYS B 65 4.82 -15.10 47.85
C LYS B 65 5.45 -15.42 46.50
N LYS B 66 4.65 -15.30 45.46
CA LYS B 66 5.10 -15.56 44.10
C LYS B 66 6.23 -14.63 43.73
N TRP B 67 6.09 -13.37 44.12
CA TRP B 67 7.13 -12.39 43.86
C TRP B 67 8.39 -12.76 44.60
N GLN B 68 8.24 -13.24 45.84
CA GLN B 68 9.39 -13.66 46.63
C GLN B 68 10.05 -14.86 45.96
N GLU B 69 9.22 -15.80 45.49
CA GLU B 69 9.70 -17.00 44.81
C GLU B 69 10.56 -16.60 43.62
N GLU B 70 10.09 -15.63 42.86
CA GLU B 70 10.81 -15.17 41.69
C GLU B 70 11.94 -14.20 42.04
N MET B 71 11.73 -13.33 43.01
CA MET B 71 12.77 -12.39 43.41
C MET B 71 13.98 -13.14 43.94
N GLU B 72 13.72 -14.14 44.79
CA GLU B 72 14.78 -14.96 45.34
C GLU B 72 15.36 -15.81 44.21
N LEU B 73 14.47 -16.42 43.44
CA LEU B 73 14.86 -17.26 42.31
C LEU B 73 15.73 -16.49 41.33
N TYR B 74 15.36 -15.24 41.08
CA TYR B 74 16.12 -14.37 40.18
C TYR B 74 17.45 -14.00 40.80
N ARG B 75 17.44 -13.69 42.09
CA ARG B 75 18.67 -13.34 42.80
C ARG B 75 19.61 -14.54 42.78
N GLN B 76 19.05 -15.71 43.09
CA GLN B 76 19.81 -16.95 43.11
C GLN B 76 20.05 -17.48 41.69
N LYS B 77 19.85 -16.61 40.71
CA LYS B 77 20.05 -16.94 39.31
C LYS B 77 20.98 -15.90 38.69
N VAL B 78 20.59 -14.64 38.82
CA VAL B 78 21.36 -13.53 38.29
C VAL B 78 22.72 -13.43 38.97
N GLU B 79 22.76 -13.67 40.29
CA GLU B 79 24.02 -13.60 41.01
C GLU B 79 25.04 -14.62 40.49
N PRO B 80 24.74 -15.94 40.53
CA PRO B 80 25.66 -16.95 40.01
C PRO B 80 25.94 -16.76 38.52
N LEU B 81 24.91 -16.35 37.77
CA LEU B 81 25.06 -16.12 36.35
C LEU B 81 25.93 -14.88 36.10
N ARG B 82 25.84 -13.90 36.99
CA ARG B 82 26.64 -12.69 36.86
C ARG B 82 28.11 -13.05 37.01
N ALA B 83 28.39 -13.99 37.89
CA ALA B 83 29.74 -14.45 38.12
C ALA B 83 30.20 -15.25 36.91
N GLU B 84 29.33 -16.12 36.41
CA GLU B 84 29.62 -16.94 35.24
C GLU B 84 29.86 -16.06 34.03
N LEU B 85 28.94 -15.11 33.83
CA LEU B 85 29.05 -14.17 32.72
C LEU B 85 30.24 -13.25 32.92
N GLN B 86 30.62 -13.03 34.18
CA GLN B 86 31.76 -12.18 34.50
C GLN B 86 33.03 -12.85 34.03
N GLU B 87 33.17 -14.14 34.36
CA GLU B 87 34.34 -14.90 33.95
C GLU B 87 34.32 -15.02 32.43
N GLY B 88 33.13 -15.24 31.88
CA GLY B 88 32.97 -15.35 30.45
C GLY B 88 33.32 -14.04 29.78
N ALA B 89 32.92 -12.93 30.40
CA ALA B 89 33.20 -11.60 29.89
C ALA B 89 34.70 -11.32 29.99
N ARG B 90 35.31 -11.78 31.08
CA ARG B 90 36.74 -11.62 31.28
C ARG B 90 37.47 -12.33 30.15
N GLN B 91 37.03 -13.56 29.86
CA GLN B 91 37.60 -14.34 28.79
C GLN B 91 37.35 -13.63 27.47
N LYS B 92 36.10 -13.22 27.26
CA LYS B 92 35.72 -12.51 26.04
C LYS B 92 36.55 -11.25 25.87
N LEU B 93 36.78 -10.54 26.97
CA LEU B 93 37.58 -9.33 26.95
C LEU B 93 39.00 -9.67 26.53
N HIS B 94 39.48 -10.83 26.95
CA HIS B 94 40.82 -11.28 26.60
C HIS B 94 40.83 -11.78 25.16
N GLU B 95 39.72 -12.41 24.78
CA GLU B 95 39.55 -12.93 23.43
C GLU B 95 39.51 -11.75 22.45
N LEU B 96 39.13 -10.59 22.96
CA LEU B 96 39.08 -9.38 22.17
C LEU B 96 40.37 -8.57 22.30
N GLN B 97 40.77 -8.29 23.54
CA GLN B 97 41.97 -7.52 23.83
C GLN B 97 43.21 -8.10 23.17
N GLU B 98 43.48 -9.37 23.42
CA GLU B 98 44.66 -10.04 22.88
C GLU B 98 44.52 -10.32 21.38
N LYS B 99 43.45 -9.81 20.79
CA LYS B 99 43.21 -9.99 19.37
C LYS B 99 43.18 -8.64 18.68
N LEU B 100 42.42 -7.71 19.24
CA LEU B 100 42.29 -6.36 18.70
C LEU B 100 43.62 -5.62 18.74
N SER B 101 44.51 -6.03 19.63
CA SER B 101 45.81 -5.40 19.73
C SER B 101 46.72 -5.83 18.56
N PRO B 102 47.05 -7.14 18.42
CA PRO B 102 47.88 -7.61 17.32
C PRO B 102 47.21 -7.38 15.98
N LEU B 103 45.91 -7.69 15.89
CA LEU B 103 45.15 -7.49 14.66
C LEU B 103 44.96 -6.00 14.41
N GLY B 104 44.95 -5.23 15.49
CA GLY B 104 44.81 -3.80 15.36
C GLY B 104 46.03 -3.23 14.70
N GLU B 105 47.20 -3.69 15.14
CA GLU B 105 48.47 -3.26 14.56
C GLU B 105 48.51 -3.75 13.13
N GLU B 106 47.98 -4.95 12.92
CA GLU B 106 47.93 -5.55 11.60
C GLU B 106 47.04 -4.70 10.68
N MET B 107 45.84 -4.38 11.16
CA MET B 107 44.90 -3.56 10.40
C MET B 107 45.53 -2.21 10.12
N ARG B 108 46.26 -1.71 11.10
CA ARG B 108 46.95 -0.43 10.95
C ARG B 108 48.05 -0.56 9.92
N ASP B 109 48.76 -1.68 9.94
CA ASP B 109 49.83 -1.95 8.98
C ASP B 109 49.23 -2.01 7.58
N ARG B 110 48.09 -2.68 7.48
CA ARG B 110 47.37 -2.79 6.22
C ARG B 110 46.93 -1.41 5.80
N ALA B 111 46.44 -0.63 6.77
CA ALA B 111 45.98 0.73 6.52
C ALA B 111 47.15 1.58 6.05
N ARG B 112 48.30 1.43 6.69
CA ARG B 112 49.50 2.17 6.32
C ARG B 112 49.81 1.87 4.86
N ALA B 113 49.79 0.59 4.52
CA ALA B 113 50.05 0.16 3.16
C ALA B 113 48.96 0.64 2.21
N HIS B 114 47.71 0.58 2.66
CA HIS B 114 46.57 1.03 1.86
C HIS B 114 46.69 2.52 1.56
N VAL B 115 46.90 3.30 2.62
CA VAL B 115 47.05 4.75 2.48
C VAL B 115 48.30 5.09 1.67
N ASP B 116 49.39 4.37 1.95
CA ASP B 116 50.64 4.59 1.22
C ASP B 116 50.42 4.33 -0.26
N ALA B 117 49.72 3.25 -0.55
CA ALA B 117 49.39 2.91 -1.93
C ALA B 117 48.55 4.02 -2.52
N LEU B 118 47.58 4.49 -1.74
CA LEU B 118 46.71 5.58 -2.18
C LEU B 118 47.52 6.86 -2.39
N ARG B 119 48.56 7.05 -1.58
CA ARG B 119 49.41 8.23 -1.71
C ARG B 119 50.10 8.23 -3.07
N THR B 120 50.68 7.10 -3.44
CA THR B 120 51.37 6.97 -4.71
C THR B 120 50.41 6.58 -5.84
N HIS B 121 49.11 6.70 -5.60
CA HIS B 121 48.12 6.35 -6.61
C HIS B 121 47.12 7.49 -6.82
N LEU B 122 46.57 8.01 -5.73
CA LEU B 122 45.59 9.10 -5.79
C LEU B 122 46.27 10.43 -6.04
N ALA B 123 47.40 10.67 -5.37
CA ALA B 123 48.14 11.92 -5.55
C ALA B 123 48.48 12.14 -7.03
N PRO B 124 49.17 11.20 -7.70
CA PRO B 124 49.50 11.33 -9.12
C PRO B 124 48.21 11.38 -9.95
N TYR B 125 47.18 10.67 -9.50
CA TYR B 125 45.90 10.65 -10.20
C TYR B 125 45.28 12.04 -10.20
N SER B 126 45.43 12.74 -9.08
CA SER B 126 44.91 14.10 -8.96
C SER B 126 45.69 15.02 -9.90
N ASP B 127 46.98 14.70 -10.08
CA ASP B 127 47.83 15.47 -10.97
C ASP B 127 47.47 15.15 -12.42
N GLU B 128 47.18 13.88 -12.66
CA GLU B 128 46.76 13.43 -13.98
C GLU B 128 45.45 14.11 -14.32
N LEU B 129 44.58 14.19 -13.33
CA LEU B 129 43.30 14.85 -13.49
C LEU B 129 43.49 16.34 -13.75
N ARG B 130 44.59 16.88 -13.25
CA ARG B 130 44.89 18.30 -13.45
C ARG B 130 45.11 18.59 -14.92
N GLN B 131 45.93 17.79 -15.59
CA GLN B 131 46.20 17.98 -17.01
C GLN B 131 44.94 17.71 -17.83
N ARG B 132 44.11 16.79 -17.33
CA ARG B 132 42.87 16.44 -18.00
C ARG B 132 41.82 17.54 -17.79
N LEU B 133 41.66 17.98 -16.55
CA LEU B 133 40.71 19.02 -16.23
C LEU B 133 41.12 20.32 -16.90
N ALA B 134 42.42 20.54 -17.01
CA ALA B 134 42.94 21.73 -17.66
C ALA B 134 42.49 21.78 -19.11
N ALA B 135 42.66 20.67 -19.81
CA ALA B 135 42.26 20.57 -21.20
C ALA B 135 40.74 20.67 -21.32
N ARG B 136 40.06 19.94 -20.45
CA ARG B 136 38.60 19.95 -20.41
C ARG B 136 38.08 21.36 -20.19
N LEU B 137 38.68 22.06 -19.23
CA LEU B 137 38.29 23.43 -18.93
C LEU B 137 38.62 24.35 -20.09
N GLU B 138 39.76 24.13 -20.73
CA GLU B 138 40.16 24.95 -21.87
C GLU B 138 39.17 24.77 -23.01
N ALA B 139 38.74 23.53 -23.21
CA ALA B 139 37.76 23.24 -24.25
C ALA B 139 36.45 23.94 -23.91
N LEU B 140 36.06 23.85 -22.64
CA LEU B 140 34.85 24.48 -22.16
C LEU B 140 34.97 26.00 -22.23
N LYS B 141 36.21 26.49 -22.22
CA LYS B 141 36.47 27.92 -22.31
C LYS B 141 36.34 28.38 -23.75
N GLU B 142 36.99 27.64 -24.65
CA GLU B 142 36.93 27.95 -26.07
C GLU B 142 35.51 27.83 -26.57
N ASN B 143 34.89 26.69 -26.28
CA ASN B 143 33.52 26.44 -26.70
C ASN B 143 32.59 27.38 -25.94
N GLY B 144 32.96 27.69 -24.71
CA GLY B 144 32.16 28.59 -23.90
C GLY B 144 32.15 29.98 -24.50
N GLY B 145 33.33 30.46 -24.85
CA GLY B 145 33.44 31.79 -25.46
C GLY B 145 32.73 31.83 -26.79
N ALA B 146 32.86 30.75 -27.56
CA ALA B 146 32.19 30.64 -28.85
C ALA B 146 30.68 30.63 -28.64
N ARG B 147 30.23 29.76 -27.74
CA ARG B 147 28.82 29.63 -27.42
C ARG B 147 28.25 30.96 -26.94
N LEU B 148 29.00 31.65 -26.07
CA LEU B 148 28.56 32.95 -25.56
C LEU B 148 28.34 33.91 -26.71
N ALA B 149 29.24 33.91 -27.68
CA ALA B 149 29.14 34.76 -28.84
C ALA B 149 27.92 34.36 -29.67
N GLU B 150 27.76 33.04 -29.86
CA GLU B 150 26.64 32.50 -30.61
C GLU B 150 25.32 32.84 -29.92
N TYR B 151 25.24 32.50 -28.63
CA TYR B 151 24.05 32.76 -27.84
C TYR B 151 23.72 34.25 -27.83
N HIS B 152 24.75 35.08 -27.72
CA HIS B 152 24.57 36.53 -27.73
C HIS B 152 23.96 36.97 -29.06
N ALA B 153 24.51 36.44 -30.14
CA ALA B 153 24.02 36.75 -31.47
C ALA B 153 22.60 36.24 -31.65
N LYS B 154 22.37 34.99 -31.26
CA LYS B 154 21.06 34.37 -31.35
C LYS B 154 20.05 35.11 -30.49
N ALA B 155 20.53 35.69 -29.40
CA ALA B 155 19.69 36.46 -28.51
C ALA B 155 19.34 37.77 -29.18
N THR B 156 20.34 38.35 -29.87
CA THR B 156 20.15 39.60 -30.59
C THR B 156 19.09 39.39 -31.68
N GLU B 157 19.24 38.29 -32.42
CA GLU B 157 18.30 37.95 -33.47
C GLU B 157 16.93 37.75 -32.84
N HIS B 158 16.91 37.06 -31.71
CA HIS B 158 15.67 36.78 -30.99
C HIS B 158 15.00 38.08 -30.56
N LEU B 159 15.78 39.02 -30.04
CA LEU B 159 15.24 40.31 -29.62
C LEU B 159 14.52 40.99 -30.77
N SER B 160 15.13 40.97 -31.95
CA SER B 160 14.54 41.58 -33.13
C SER B 160 13.31 40.78 -33.58
N THR B 161 13.43 39.46 -33.61
CA THR B 161 12.32 38.59 -34.01
C THR B 161 11.16 38.69 -33.04
N LEU B 162 11.47 39.03 -31.79
CA LEU B 162 10.45 39.18 -30.77
C LEU B 162 9.81 40.56 -30.89
N SER B 163 10.60 41.53 -31.32
CA SER B 163 10.12 42.90 -31.50
C SER B 163 9.00 42.96 -32.55
N GLU B 164 9.03 42.00 -33.48
CA GLU B 164 8.01 41.91 -34.52
C GLU B 164 6.64 41.67 -33.88
N LYS B 165 6.66 41.13 -32.68
CA LYS B 165 5.43 40.84 -31.95
C LYS B 165 5.30 41.76 -30.74
N ALA B 166 6.45 42.17 -30.20
CA ALA B 166 6.48 43.06 -29.03
C ALA B 166 5.87 44.42 -29.33
N LYS B 167 5.85 44.79 -30.61
CA LYS B 167 5.27 46.06 -31.00
C LYS B 167 4.01 45.88 -31.87
N PRO B 168 4.13 45.41 -33.14
CA PRO B 168 2.97 45.23 -34.02
C PRO B 168 1.90 44.32 -33.42
N ALA B 169 2.29 43.14 -32.95
CA ALA B 169 1.33 42.21 -32.37
C ALA B 169 0.71 42.77 -31.08
N LEU B 170 1.55 43.35 -30.21
CA LEU B 170 1.06 43.92 -28.97
C LEU B 170 0.11 45.08 -29.23
N GLU B 171 0.42 45.90 -30.23
CA GLU B 171 -0.43 47.02 -30.59
C GLU B 171 -1.73 46.51 -31.18
N ASP B 172 -1.64 45.42 -31.93
CA ASP B 172 -2.81 44.80 -32.54
C ASP B 172 -3.71 44.25 -31.45
N LEU B 173 -3.08 43.61 -30.46
CA LEU B 173 -3.82 43.06 -29.33
C LEU B 173 -4.51 44.18 -28.59
N ARG B 174 -3.80 45.29 -28.41
CA ARG B 174 -4.35 46.45 -27.73
C ARG B 174 -5.49 47.04 -28.54
N GLN B 175 -5.32 47.06 -29.86
CA GLN B 175 -6.34 47.59 -30.75
C GLN B 175 -7.56 46.70 -30.76
N GLY B 176 -7.32 45.39 -30.66
CA GLY B 176 -8.41 44.42 -30.64
C GLY B 176 -9.07 44.40 -29.27
N LEU B 177 -8.30 44.70 -28.24
CA LEU B 177 -8.82 44.72 -26.88
C LEU B 177 -9.81 45.86 -26.70
N LEU B 178 -9.64 46.92 -27.49
CA LEU B 178 -10.55 48.07 -27.42
C LEU B 178 -12.01 47.67 -27.64
N PRO B 179 -12.37 47.12 -28.82
CA PRO B 179 -13.75 46.69 -29.08
C PRO B 179 -14.14 45.53 -28.17
N VAL B 180 -13.16 44.70 -27.82
CA VAL B 180 -13.40 43.56 -26.93
C VAL B 180 -13.83 44.03 -25.56
N LEU B 181 -13.08 44.99 -25.00
CA LEU B 181 -13.40 45.54 -23.69
C LEU B 181 -14.77 46.20 -23.71
N GLU B 182 -15.09 46.85 -24.83
CA GLU B 182 -16.37 47.52 -24.98
C GLU B 182 -17.48 46.49 -25.10
N SER B 183 -17.26 45.45 -25.91
CA SER B 183 -18.24 44.39 -26.08
C SER B 183 -18.47 43.70 -24.75
N PHE B 184 -17.39 43.45 -24.02
CA PHE B 184 -17.47 42.83 -22.72
C PHE B 184 -18.17 43.77 -21.75
N LYS B 185 -17.92 45.06 -21.91
CA LYS B 185 -18.53 46.07 -21.05
C LYS B 185 -20.03 46.08 -21.28
N VAL B 186 -20.44 46.10 -22.55
CA VAL B 186 -21.86 46.10 -22.90
C VAL B 186 -22.50 44.81 -22.36
N SER B 187 -21.80 43.70 -22.50
CA SER B 187 -22.29 42.42 -22.02
C SER B 187 -22.38 42.43 -20.49
N PHE B 188 -21.42 43.08 -19.84
CA PHE B 188 -21.41 43.17 -18.39
C PHE B 188 -22.50 44.13 -17.92
N LEU B 189 -22.64 45.25 -18.61
CA LEU B 189 -23.65 46.25 -18.27
C LEU B 189 -25.04 45.64 -18.35
N SER B 190 -25.29 44.88 -19.40
CA SER B 190 -26.58 44.24 -19.57
C SER B 190 -26.75 43.14 -18.52
N ALA B 191 -25.69 42.35 -18.32
CA ALA B 191 -25.71 41.26 -17.35
C ALA B 191 -25.97 41.79 -15.95
N LEU B 192 -25.32 42.91 -15.61
CA LEU B 192 -25.49 43.53 -14.30
C LEU B 192 -26.94 43.93 -14.07
N GLU B 193 -27.55 44.51 -15.11
CA GLU B 193 -28.93 44.94 -15.04
C GLU B 193 -29.87 43.75 -14.98
N GLU B 194 -29.66 42.79 -15.85
CA GLU B 194 -30.49 41.59 -15.91
C GLU B 194 -30.35 40.76 -14.63
N TYR B 195 -29.13 40.66 -14.13
CA TYR B 195 -28.86 39.89 -12.91
C TYR B 195 -29.49 40.53 -11.69
N THR B 196 -29.41 41.86 -11.59
CA THR B 196 -29.98 42.57 -10.44
C THR B 196 -31.51 42.41 -10.41
N LYS B 197 -32.11 42.24 -11.58
CA LYS B 197 -33.55 42.06 -11.69
C LYS B 197 -33.97 40.73 -11.09
N LYS B 198 -32.99 39.86 -10.87
CA LYS B 198 -33.24 38.54 -10.29
C LYS B 198 -32.79 38.49 -8.83
N LEU B 199 -32.31 39.62 -8.33
CA LEU B 199 -31.84 39.70 -6.95
C LEU B 199 -32.70 40.66 -6.12
N ASN B 200 -33.39 41.55 -6.81
CA ASN B 200 -34.25 42.53 -6.16
C ASN B 200 -35.64 41.96 -5.93
N MET C 3 0.08 -10.31 4.25
CA MET C 3 -1.39 -10.13 4.09
C MET C 3 -2.04 -11.46 3.69
N THR C 4 -3.21 -11.73 4.23
CA THR C 4 -3.93 -12.95 3.92
C THR C 4 -5.32 -12.65 3.36
N GLU C 5 -5.53 -11.41 2.93
CA GLU C 5 -6.80 -11.00 2.36
C GLU C 5 -6.75 -11.09 0.84
N TYR C 6 -7.75 -11.74 0.24
CA TYR C 6 -7.79 -11.91 -1.19
C TYR C 6 -9.19 -11.63 -1.75
N LYS C 7 -9.34 -10.47 -2.37
CA LYS C 7 -10.62 -10.09 -2.97
C LYS C 7 -10.64 -10.53 -4.42
N LEU C 8 -11.64 -11.30 -4.79
CA LEU C 8 -11.76 -11.80 -6.16
C LEU C 8 -13.10 -11.40 -6.77
N VAL C 9 -13.04 -10.79 -7.95
CA VAL C 9 -14.24 -10.35 -8.64
C VAL C 9 -14.64 -11.38 -9.70
N VAL C 10 -15.83 -11.93 -9.57
CA VAL C 10 -16.33 -12.91 -10.51
C VAL C 10 -17.07 -12.24 -11.65
N VAL C 11 -16.37 -12.00 -12.74
CA VAL C 11 -16.97 -11.37 -13.91
C VAL C 11 -17.34 -12.42 -14.95
N GLY C 12 -18.15 -12.01 -15.93
CA GLY C 12 -18.58 -12.93 -16.96
C GLY C 12 -19.93 -12.55 -17.52
N ALA C 13 -20.40 -13.32 -18.48
CA ALA C 13 -21.69 -13.06 -19.12
C ALA C 13 -22.85 -13.36 -18.18
N GLY C 14 -23.96 -12.65 -18.37
CA GLY C 14 -25.13 -12.86 -17.55
C GLY C 14 -25.88 -14.12 -17.91
N GLY C 15 -25.36 -15.27 -17.51
CA GLY C 15 -26.03 -16.53 -17.80
C GLY C 15 -25.11 -17.73 -17.64
N VAL C 16 -23.80 -17.50 -17.69
CA VAL C 16 -22.81 -18.57 -17.56
C VAL C 16 -22.93 -19.33 -16.24
N GLY C 17 -23.35 -18.64 -15.18
CA GLY C 17 -23.50 -19.29 -13.89
C GLY C 17 -22.40 -18.91 -12.91
N LYS C 18 -22.09 -17.62 -12.84
CA LYS C 18 -21.04 -17.13 -11.95
C LYS C 18 -21.43 -17.35 -10.48
N SER C 19 -22.61 -16.88 -10.12
CA SER C 19 -23.12 -17.00 -8.76
C SER C 19 -23.28 -18.47 -8.34
N ALA C 20 -23.42 -19.34 -9.33
CA ALA C 20 -23.57 -20.77 -9.07
C ALA C 20 -22.30 -21.32 -8.47
N LEU C 21 -21.17 -20.81 -8.97
CA LEU C 21 -19.86 -21.24 -8.49
C LEU C 21 -19.58 -20.60 -7.12
N THR C 22 -20.17 -19.43 -6.91
CA THR C 22 -20.00 -18.69 -5.66
C THR C 22 -20.59 -19.50 -4.48
N ILE C 23 -21.86 -19.83 -4.59
CA ILE C 23 -22.54 -20.58 -3.53
C ILE C 23 -21.97 -22.00 -3.42
N GLN C 24 -21.41 -22.48 -4.52
CA GLN C 24 -20.80 -23.81 -4.57
C GLN C 24 -19.57 -23.88 -3.67
N LEU C 25 -18.87 -22.77 -3.55
CA LEU C 25 -17.67 -22.72 -2.71
C LEU C 25 -18.02 -22.25 -1.30
N ILE C 26 -19.04 -21.40 -1.20
CA ILE C 26 -19.47 -20.87 0.09
C ILE C 26 -20.20 -21.91 0.92
N GLN C 27 -21.30 -22.43 0.41
CA GLN C 27 -22.09 -23.41 1.15
C GLN C 27 -22.17 -24.75 0.43
N ASN C 28 -21.42 -24.88 -0.67
CA ASN C 28 -21.38 -26.11 -1.45
C ASN C 28 -22.75 -26.46 -2.02
N HIS C 29 -23.50 -25.44 -2.41
CA HIS C 29 -24.84 -25.65 -2.96
C HIS C 29 -24.92 -25.06 -4.37
N PHE C 30 -25.32 -25.88 -5.32
CA PHE C 30 -25.47 -25.43 -6.69
C PHE C 30 -26.88 -24.91 -6.90
N VAL C 31 -27.02 -23.85 -7.68
CA VAL C 31 -28.34 -23.27 -7.93
C VAL C 31 -29.07 -24.01 -9.05
N ASP C 32 -30.38 -23.99 -8.99
CA ASP C 32 -31.22 -24.65 -9.99
C ASP C 32 -32.15 -23.63 -10.64
N GLU C 33 -32.12 -22.42 -10.11
CA GLU C 33 -32.95 -21.34 -10.61
C GLU C 33 -32.11 -20.25 -11.24
N TYR C 34 -32.76 -19.33 -11.94
CA TYR C 34 -32.07 -18.23 -12.57
C TYR C 34 -32.17 -16.99 -11.68
N ASP C 35 -31.08 -16.68 -10.98
CA ASP C 35 -31.07 -15.53 -10.09
C ASP C 35 -30.33 -14.36 -10.72
N PRO C 36 -31.02 -13.20 -10.87
CA PRO C 36 -30.43 -11.99 -11.44
C PRO C 36 -29.53 -11.30 -10.41
N THR C 37 -28.27 -11.69 -10.40
CA THR C 37 -27.30 -11.13 -9.47
C THR C 37 -26.88 -9.71 -9.87
N ILE C 38 -26.63 -8.87 -8.87
CA ILE C 38 -26.22 -7.49 -9.11
C ILE C 38 -24.93 -7.22 -8.33
N GLU C 39 -25.09 -7.04 -7.03
CA GLU C 39 -23.96 -6.79 -6.15
C GLU C 39 -24.08 -7.69 -4.93
N ASP C 40 -23.16 -8.65 -4.82
CA ASP C 40 -23.17 -9.60 -3.72
C ASP C 40 -21.77 -10.14 -3.45
N SER C 41 -21.27 -9.88 -2.26
CA SER C 41 -19.95 -10.33 -1.87
C SER C 41 -20.03 -11.27 -0.67
N TYR C 42 -19.19 -12.31 -0.67
CA TYR C 42 -19.17 -13.29 0.41
C TYR C 42 -17.73 -13.63 0.79
N ARG C 43 -17.47 -13.70 2.09
CA ARG C 43 -16.13 -14.01 2.57
C ARG C 43 -16.09 -15.35 3.28
N LYS C 44 -15.01 -16.08 3.07
CA LYS C 44 -14.83 -17.39 3.68
C LYS C 44 -13.35 -17.66 3.98
N GLN C 45 -13.06 -18.08 5.19
CA GLN C 45 -11.69 -18.39 5.60
C GLN C 45 -11.36 -19.83 5.22
N VAL C 46 -10.40 -20.00 4.32
CA VAL C 46 -10.01 -21.33 3.88
C VAL C 46 -8.53 -21.57 4.12
N VAL C 47 -8.17 -22.82 4.38
CA VAL C 47 -6.79 -23.18 4.59
C VAL C 47 -6.26 -23.91 3.37
N ILE C 48 -5.75 -23.15 2.40
CA ILE C 48 -5.23 -23.71 1.17
C ILE C 48 -3.85 -24.34 1.38
N ASP C 49 -3.85 -25.62 1.70
CA ASP C 49 -2.62 -26.38 1.94
C ASP C 49 -1.70 -25.67 2.91
N GLY C 50 -2.21 -25.41 4.11
CA GLY C 50 -1.43 -24.74 5.13
C GLY C 50 -1.59 -23.23 5.08
N GLU C 51 -1.64 -22.69 3.87
CA GLU C 51 -1.78 -21.25 3.68
C GLU C 51 -3.24 -20.81 3.82
N THR C 52 -3.64 -20.50 5.04
CA THR C 52 -4.99 -20.05 5.31
C THR C 52 -5.15 -18.59 4.92
N CYS C 53 -6.20 -18.29 4.18
CA CYS C 53 -6.46 -16.94 3.72
C CYS C 53 -7.96 -16.68 3.64
N LEU C 54 -8.31 -15.40 3.61
CA LEU C 54 -9.70 -14.99 3.53
C LEU C 54 -10.05 -14.64 2.09
N LEU C 55 -11.08 -15.25 1.55
CA LEU C 55 -11.49 -14.99 0.19
C LEU C 55 -12.72 -14.11 0.13
N ASP C 56 -12.55 -12.90 -0.38
CA ASP C 56 -13.64 -11.97 -0.54
C ASP C 56 -14.17 -12.09 -1.96
N ILE C 57 -15.17 -12.94 -2.13
CA ILE C 57 -15.74 -13.19 -3.44
C ILE C 57 -16.81 -12.16 -3.80
N LEU C 58 -16.51 -11.34 -4.80
CA LEU C 58 -17.43 -10.32 -5.26
C LEU C 58 -18.05 -10.73 -6.60
N ASP C 59 -19.28 -11.22 -6.55
CA ASP C 59 -19.98 -11.64 -7.74
C ASP C 59 -20.81 -10.47 -8.28
N THR C 60 -20.26 -9.79 -9.28
CA THR C 60 -20.89 -8.63 -9.88
C THR C 60 -21.95 -8.99 -10.92
N ALA C 61 -22.56 -7.96 -11.51
CA ALA C 61 -23.59 -8.16 -12.52
C ALA C 61 -22.99 -8.20 -13.93
N GLY C 62 -23.43 -9.16 -14.72
CA GLY C 62 -22.95 -9.30 -16.07
C GLY C 62 -23.88 -8.65 -17.08
N GLN C 63 -25.02 -8.20 -16.59
CA GLN C 63 -26.02 -7.57 -17.45
C GLN C 63 -26.02 -6.06 -17.25
N GLU C 64 -24.84 -5.50 -17.01
CA GLU C 64 -24.68 -4.07 -16.81
C GLU C 64 -23.84 -3.51 -17.94
N GLU C 65 -24.16 -2.30 -18.38
CA GLU C 65 -23.43 -1.66 -19.46
C GLU C 65 -22.14 -1.04 -18.94
N TYR C 66 -22.23 0.20 -18.45
CA TYR C 66 -21.06 0.88 -17.93
C TYR C 66 -21.43 2.04 -17.01
N SER C 67 -21.29 1.83 -15.72
CA SER C 67 -21.57 2.86 -14.73
C SER C 67 -20.27 3.24 -14.02
N ALA C 68 -20.25 4.41 -13.38
CA ALA C 68 -19.06 4.87 -12.66
C ALA C 68 -18.70 3.89 -11.54
N MET C 69 -19.74 3.42 -10.85
CA MET C 69 -19.57 2.47 -9.76
C MET C 69 -18.93 1.18 -10.25
N ARG C 70 -19.19 0.84 -11.51
CA ARG C 70 -18.64 -0.36 -12.12
C ARG C 70 -17.13 -0.28 -12.21
N ASP C 71 -16.64 0.87 -12.68
CA ASP C 71 -15.20 1.09 -12.81
C ASP C 71 -14.54 0.91 -11.45
N GLN C 72 -15.14 1.54 -10.44
CA GLN C 72 -14.64 1.47 -9.09
C GLN C 72 -14.63 0.05 -8.53
N TYR C 73 -15.77 -0.64 -8.59
CA TYR C 73 -15.87 -2.00 -8.06
C TYR C 73 -15.01 -3.03 -8.79
N MET C 74 -14.60 -2.69 -10.01
CA MET C 74 -13.76 -3.61 -10.79
C MET C 74 -12.28 -3.42 -10.50
N ARG C 75 -11.98 -2.49 -9.62
CA ARG C 75 -10.59 -2.22 -9.24
C ARG C 75 -10.25 -2.91 -7.93
N THR C 76 -11.21 -3.66 -7.39
CA THR C 76 -11.02 -4.35 -6.13
C THR C 76 -10.14 -5.60 -6.27
N GLY C 77 -10.50 -6.46 -7.20
CA GLY C 77 -9.75 -7.69 -7.41
C GLY C 77 -8.53 -7.51 -8.29
N GLU C 78 -7.61 -8.46 -8.21
CA GLU C 78 -6.38 -8.42 -9.01
C GLU C 78 -6.44 -9.47 -10.12
N GLY C 79 -7.12 -10.58 -9.86
CA GLY C 79 -7.25 -11.64 -10.84
C GLY C 79 -8.66 -11.73 -11.37
N PHE C 80 -8.80 -11.97 -12.67
CA PHE C 80 -10.11 -12.06 -13.29
C PHE C 80 -10.23 -13.29 -14.17
N LEU C 81 -11.43 -13.86 -14.22
CA LEU C 81 -11.69 -15.04 -15.03
C LEU C 81 -12.57 -14.69 -16.22
N CYS C 82 -12.22 -15.20 -17.38
CA CYS C 82 -12.99 -14.95 -18.59
C CYS C 82 -13.82 -16.18 -18.95
N VAL C 83 -15.03 -16.24 -18.44
CA VAL C 83 -15.91 -17.38 -18.67
C VAL C 83 -16.77 -17.19 -19.92
N PHE C 84 -16.74 -18.18 -20.80
CA PHE C 84 -17.53 -18.15 -22.02
C PHE C 84 -18.19 -19.50 -22.25
N ALA C 85 -19.08 -19.57 -23.23
CA ALA C 85 -19.77 -20.81 -23.55
C ALA C 85 -19.27 -21.36 -24.87
N ILE C 86 -18.81 -22.61 -24.86
CA ILE C 86 -18.29 -23.24 -26.08
C ILE C 86 -19.40 -23.50 -27.11
N ASN C 87 -20.64 -23.24 -26.70
CA ASN C 87 -21.78 -23.46 -27.57
C ASN C 87 -22.32 -22.13 -28.09
N ASN C 88 -21.72 -21.04 -27.64
CA ASN C 88 -22.14 -19.70 -28.05
C ASN C 88 -20.94 -18.86 -28.49
N THR C 89 -20.84 -18.63 -29.79
CA THR C 89 -19.74 -17.87 -30.37
C THR C 89 -19.73 -16.42 -29.92
N LYS C 90 -20.90 -15.89 -29.56
CA LYS C 90 -21.02 -14.52 -29.10
C LYS C 90 -20.17 -14.28 -27.85
N SER C 91 -20.29 -15.17 -26.89
CA SER C 91 -19.53 -15.06 -25.64
C SER C 91 -18.03 -15.26 -25.88
N PHE C 92 -17.71 -16.06 -26.90
CA PHE C 92 -16.32 -16.34 -27.25
C PHE C 92 -15.64 -15.07 -27.77
N GLU C 93 -16.41 -14.25 -28.48
CA GLU C 93 -15.89 -13.00 -29.03
C GLU C 93 -15.98 -11.89 -27.99
N ASP C 94 -16.92 -12.03 -27.06
CA ASP C 94 -17.15 -11.05 -26.02
C ASP C 94 -15.97 -10.96 -25.07
N ILE C 95 -15.16 -12.01 -25.05
CA ILE C 95 -13.98 -12.08 -24.19
C ILE C 95 -13.08 -10.86 -24.38
N HIS C 96 -12.90 -10.45 -25.63
CA HIS C 96 -12.07 -9.29 -25.93
C HIS C 96 -12.70 -8.02 -25.36
N HIS C 97 -14.01 -7.89 -25.54
CA HIS C 97 -14.75 -6.74 -25.05
C HIS C 97 -14.64 -6.64 -23.52
N TYR C 98 -14.74 -7.78 -22.86
CA TYR C 98 -14.64 -7.83 -21.41
C TYR C 98 -13.21 -7.53 -20.95
N ARG C 99 -12.23 -8.10 -21.65
CA ARG C 99 -10.82 -7.89 -21.30
C ARG C 99 -10.43 -6.43 -21.44
N GLU C 100 -10.93 -5.77 -22.48
CA GLU C 100 -10.62 -4.36 -22.71
C GLU C 100 -11.09 -3.49 -21.55
N GLN C 101 -12.20 -3.89 -20.94
CA GLN C 101 -12.74 -3.15 -19.81
C GLN C 101 -11.84 -3.33 -18.59
N ILE C 102 -11.42 -4.58 -18.35
CA ILE C 102 -10.54 -4.88 -17.23
C ILE C 102 -9.20 -4.18 -17.39
N LYS C 103 -8.72 -4.12 -18.63
CA LYS C 103 -7.45 -3.48 -18.94
C LYS C 103 -7.48 -1.99 -18.61
N ARG C 104 -8.66 -1.40 -18.66
CA ARG C 104 -8.78 0.03 -18.39
C ARG C 104 -9.06 0.31 -16.91
N VAL C 105 -9.80 -0.57 -16.25
CA VAL C 105 -10.11 -0.37 -14.83
C VAL C 105 -8.88 -0.53 -13.95
N LYS C 106 -7.95 -1.40 -14.36
CA LYS C 106 -6.73 -1.63 -13.60
C LYS C 106 -5.56 -0.91 -14.28
N ASP C 107 -5.80 -0.41 -15.49
CA ASP C 107 -4.79 0.29 -16.29
C ASP C 107 -3.51 -0.53 -16.38
N SER C 108 -3.64 -1.75 -16.85
CA SER C 108 -2.51 -2.66 -17.01
C SER C 108 -2.88 -3.80 -17.96
N GLU C 109 -1.95 -4.19 -18.82
CA GLU C 109 -2.17 -5.29 -19.75
C GLU C 109 -1.60 -6.57 -19.14
N ASP C 110 -1.00 -6.42 -17.97
CA ASP C 110 -0.41 -7.53 -17.26
C ASP C 110 -1.28 -7.88 -16.06
N VAL C 111 -2.39 -8.54 -16.33
CA VAL C 111 -3.33 -8.94 -15.29
C VAL C 111 -3.59 -10.43 -15.36
N PRO C 112 -3.58 -11.13 -14.20
CA PRO C 112 -3.82 -12.56 -14.12
C PRO C 112 -5.23 -12.90 -14.64
N MET C 113 -5.29 -13.44 -15.84
CA MET C 113 -6.56 -13.81 -16.45
C MET C 113 -6.53 -15.27 -16.88
N VAL C 114 -7.67 -15.94 -16.74
CA VAL C 114 -7.78 -17.33 -17.14
C VAL C 114 -8.99 -17.51 -18.05
N LEU C 115 -8.78 -18.16 -19.18
CA LEU C 115 -9.86 -18.40 -20.12
C LEU C 115 -10.65 -19.62 -19.67
N VAL C 116 -11.92 -19.40 -19.33
CA VAL C 116 -12.76 -20.47 -18.84
C VAL C 116 -13.80 -20.91 -19.87
N GLY C 117 -13.53 -22.03 -20.52
CA GLY C 117 -14.46 -22.57 -21.49
C GLY C 117 -15.42 -23.52 -20.81
N ASN C 118 -16.59 -23.01 -20.46
CA ASN C 118 -17.57 -23.80 -19.74
C ASN C 118 -18.62 -24.42 -20.67
N LYS C 119 -19.36 -25.39 -20.12
CA LYS C 119 -20.42 -26.10 -20.83
C LYS C 119 -19.88 -27.08 -21.86
N CYS C 120 -18.74 -27.71 -21.53
CA CYS C 120 -18.10 -28.68 -22.41
C CYS C 120 -18.87 -30.01 -22.41
N ASP C 121 -19.77 -30.15 -21.44
CA ASP C 121 -20.56 -31.37 -21.31
C ASP C 121 -21.68 -31.39 -22.34
N LEU C 122 -21.91 -30.27 -22.99
CA LEU C 122 -22.95 -30.18 -23.99
C LEU C 122 -22.43 -30.65 -25.34
N PRO C 123 -23.23 -31.47 -26.05
CA PRO C 123 -22.85 -32.01 -27.37
C PRO C 123 -22.67 -30.90 -28.40
N SER C 124 -23.29 -29.76 -28.13
CA SER C 124 -23.20 -28.63 -29.02
C SER C 124 -21.86 -27.92 -28.87
N ARG C 125 -20.88 -28.34 -29.65
CA ARG C 125 -19.55 -27.75 -29.60
C ARG C 125 -19.34 -26.78 -30.77
N THR C 126 -19.60 -25.50 -30.51
CA THR C 126 -19.43 -24.48 -31.53
C THR C 126 -17.97 -24.05 -31.59
N VAL C 127 -17.33 -24.00 -30.43
CA VAL C 127 -15.93 -23.60 -30.33
C VAL C 127 -15.07 -24.79 -29.91
N ASP C 128 -14.12 -25.16 -30.77
CA ASP C 128 -13.22 -26.27 -30.49
C ASP C 128 -12.21 -25.89 -29.40
N THR C 129 -11.66 -26.90 -28.73
CA THR C 129 -10.69 -26.68 -27.66
C THR C 129 -9.46 -25.90 -28.15
N LYS C 130 -8.95 -26.26 -29.32
CA LYS C 130 -7.76 -25.59 -29.86
C LYS C 130 -8.04 -24.13 -30.22
N GLN C 131 -9.27 -23.84 -30.62
CA GLN C 131 -9.64 -22.47 -30.98
C GLN C 131 -9.44 -21.56 -29.77
N ALA C 132 -9.81 -22.06 -28.61
CA ALA C 132 -9.66 -21.32 -27.36
C ALA C 132 -8.20 -21.32 -26.92
N GLN C 133 -7.53 -22.46 -27.14
CA GLN C 133 -6.11 -22.59 -26.77
C GLN C 133 -5.26 -21.60 -27.56
N ASP C 134 -5.56 -21.46 -28.85
CA ASP C 134 -4.85 -20.55 -29.73
C ASP C 134 -5.07 -19.11 -29.28
N LEU C 135 -6.32 -18.79 -28.96
CA LEU C 135 -6.68 -17.46 -28.50
C LEU C 135 -5.97 -17.14 -27.18
N ALA C 136 -6.02 -18.11 -26.26
CA ALA C 136 -5.39 -17.96 -24.96
C ALA C 136 -3.89 -17.77 -25.09
N ARG C 137 -3.27 -18.59 -25.95
CA ARG C 137 -1.83 -18.52 -26.17
C ARG C 137 -1.42 -17.16 -26.75
N SER C 138 -2.28 -16.60 -27.59
CA SER C 138 -2.01 -15.31 -28.21
C SER C 138 -2.20 -14.17 -27.21
N TYR C 139 -2.99 -14.41 -26.18
CA TYR C 139 -3.25 -13.40 -25.17
C TYR C 139 -2.29 -13.57 -23.98
N GLY C 140 -1.60 -14.69 -23.95
CA GLY C 140 -0.66 -14.97 -22.88
C GLY C 140 -1.35 -15.44 -21.61
N ILE C 141 -2.49 -16.09 -21.77
CA ILE C 141 -3.26 -16.58 -20.63
C ILE C 141 -3.57 -18.07 -20.78
N PRO C 142 -3.76 -18.78 -19.66
CA PRO C 142 -4.08 -20.21 -19.66
C PRO C 142 -5.56 -20.46 -19.94
N PHE C 143 -5.85 -21.56 -20.61
CA PHE C 143 -7.23 -21.92 -20.93
C PHE C 143 -7.63 -23.19 -20.18
N ILE C 144 -8.71 -23.08 -19.42
CA ILE C 144 -9.21 -24.20 -18.64
C ILE C 144 -10.65 -24.53 -19.05
N GLU C 145 -10.85 -25.71 -19.60
CA GLU C 145 -12.17 -26.16 -20.01
C GLU C 145 -12.90 -26.66 -18.76
N THR C 146 -14.15 -26.26 -18.58
CA THR C 146 -14.89 -26.65 -17.39
C THR C 146 -16.35 -26.96 -17.69
N SER C 147 -16.98 -27.66 -16.75
CA SER C 147 -18.38 -28.00 -16.85
C SER C 147 -19.02 -27.84 -15.48
N ALA C 148 -20.11 -27.09 -15.41
CA ALA C 148 -20.81 -26.87 -14.17
C ALA C 148 -21.74 -28.03 -13.85
N LYS C 149 -21.85 -28.96 -14.79
CA LYS C 149 -22.70 -30.12 -14.65
C LYS C 149 -21.97 -31.24 -13.93
N THR C 150 -20.79 -31.60 -14.45
CA THR C 150 -19.99 -32.66 -13.86
C THR C 150 -18.98 -32.10 -12.88
N ARG C 151 -18.93 -30.77 -12.80
CA ARG C 151 -18.01 -30.06 -11.90
C ARG C 151 -16.56 -30.33 -12.33
N GLN C 152 -16.39 -30.66 -13.60
CA GLN C 152 -15.09 -30.95 -14.17
C GLN C 152 -14.27 -29.68 -14.37
N GLY C 153 -13.04 -29.70 -13.85
CA GLY C 153 -12.14 -28.56 -13.99
C GLY C 153 -12.48 -27.38 -13.09
N VAL C 154 -13.61 -27.44 -12.42
CA VAL C 154 -14.05 -26.36 -11.54
C VAL C 154 -13.02 -26.05 -10.46
N ASP C 155 -12.50 -27.09 -9.83
CA ASP C 155 -11.50 -26.93 -8.77
C ASP C 155 -10.24 -26.26 -9.29
N ASP C 156 -9.74 -26.78 -10.40
CA ASP C 156 -8.51 -26.26 -10.99
C ASP C 156 -8.69 -24.89 -11.62
N ALA C 157 -9.90 -24.58 -12.07
CA ALA C 157 -10.18 -23.28 -12.68
C ALA C 157 -9.84 -22.16 -11.71
N PHE C 158 -10.34 -22.28 -10.49
CA PHE C 158 -10.10 -21.29 -9.46
C PHE C 158 -8.65 -21.36 -9.00
N TYR C 159 -8.12 -22.58 -8.95
CA TYR C 159 -6.74 -22.79 -8.54
C TYR C 159 -5.76 -22.12 -9.51
N THR C 160 -6.05 -22.22 -10.79
CA THR C 160 -5.21 -21.62 -11.81
C THR C 160 -5.13 -20.11 -11.63
N LEU C 161 -6.25 -19.50 -11.27
CA LEU C 161 -6.30 -18.06 -11.04
C LEU C 161 -5.32 -17.68 -9.93
N VAL C 162 -5.32 -18.47 -8.86
CA VAL C 162 -4.43 -18.22 -7.74
C VAL C 162 -2.98 -18.38 -8.17
N ARG C 163 -2.73 -19.37 -9.02
CA ARG C 163 -1.39 -19.63 -9.53
C ARG C 163 -0.88 -18.43 -10.31
N GLU C 164 -1.72 -17.90 -11.19
CA GLU C 164 -1.34 -16.73 -12.00
C GLU C 164 -1.11 -15.51 -11.11
N ILE C 165 -1.94 -15.37 -10.07
CA ILE C 165 -1.80 -14.25 -9.14
C ILE C 165 -0.44 -14.32 -8.44
N ARG C 166 -0.05 -15.53 -8.05
CA ARG C 166 1.22 -15.73 -7.38
C ARG C 166 2.37 -15.30 -8.30
N LYS C 167 2.27 -15.70 -9.57
CA LYS C 167 3.28 -15.35 -10.55
C LYS C 167 3.33 -13.85 -10.77
N HIS C 168 2.15 -13.23 -10.79
CA HIS C 168 2.04 -11.80 -10.99
C HIS C 168 2.76 -11.05 -9.88
N LYS C 169 2.66 -11.55 -8.66
CA LYS C 169 3.30 -10.93 -7.50
C LYS C 169 4.81 -11.14 -7.55
N GLU C 170 5.24 -12.32 -7.96
CA GLU C 170 6.66 -12.63 -8.07
C GLU C 170 7.27 -11.74 -9.16
N LYS C 171 6.52 -11.61 -10.25
CA LYS C 171 6.92 -10.80 -11.38
C LYS C 171 7.07 -9.33 -10.97
N MET C 172 6.14 -8.86 -10.16
CA MET C 172 6.15 -7.48 -9.70
C MET C 172 7.30 -7.22 -8.72
N SER C 173 7.63 -8.22 -7.92
CA SER C 173 8.69 -8.09 -6.92
C SER C 173 10.08 -8.17 -7.57
N LYS C 174 10.13 -8.69 -8.79
CA LYS C 174 11.39 -8.80 -9.50
C LYS C 174 11.49 -7.78 -10.62
N ASP C 175 10.47 -6.93 -10.71
CA ASP C 175 10.41 -5.88 -11.72
C ASP C 175 10.42 -6.47 -13.14
N GLY C 176 10.88 -5.70 -14.11
CA GLY C 176 10.92 -6.18 -15.47
C GLY C 176 11.34 -5.10 -16.46
N LYS C 177 12.02 -5.52 -17.51
CA LYS C 177 12.47 -4.59 -18.53
C LYS C 177 11.47 -4.53 -19.68
N LYS C 178 11.12 -5.69 -20.22
CA LYS C 178 10.17 -5.78 -21.32
C LYS C 178 9.65 -7.20 -21.43
N LYS C 179 8.46 -7.36 -22.00
CA LYS C 179 7.85 -8.67 -22.16
C LYS C 179 7.66 -9.01 -23.63
N LYS C 180 8.03 -10.22 -24.01
CA LYS C 180 7.89 -10.67 -25.38
C LYS C 180 7.05 -11.93 -25.45
N LYS C 181 6.48 -12.18 -26.63
CA LYS C 181 5.67 -13.38 -26.83
C LYS C 181 6.58 -14.58 -26.92
N LYS C 182 7.75 -14.37 -27.51
CA LYS C 182 8.75 -15.41 -27.67
C LYS C 182 10.02 -15.01 -26.93
N SER C 183 10.39 -15.78 -25.92
CA SER C 183 11.57 -15.49 -25.15
C SER C 183 12.82 -16.07 -25.83
N LYS C 184 13.99 -15.71 -25.32
CA LYS C 184 15.24 -16.19 -25.87
C LYS C 184 16.19 -16.56 -24.74
N THR C 185 17.30 -17.20 -25.10
CA THR C 185 18.30 -17.64 -24.13
C THR C 185 19.14 -16.47 -23.61
N LYS C 186 18.92 -15.29 -24.15
CA LYS C 186 19.66 -14.11 -23.74
C LYS C 186 18.73 -13.07 -23.12
N CYS C 187 19.31 -12.17 -22.35
CA CYS C 187 18.56 -11.10 -21.70
C CYS C 187 18.38 -9.91 -22.62
C1 PCW D . -16.09 -0.14 -0.33
C2 PCW D . -17.04 1.12 -0.49
C3 PCW D . -18.50 0.73 -0.09
C4 PCW D . -11.26 -0.13 -1.17
C5 PCW D . -10.54 0.07 -2.50
C6 PCW D . -8.28 -0.65 -3.44
C7 PCW D . -10.18 -2.19 -3.48
C8 PCW D . -10.00 -0.58 -4.36
C11 PCW D . -20.53 1.72 -0.90
C12 PCW D . -21.27 3.03 -0.95
C13 PCW D . -21.31 3.52 -2.44
C14 PCW D . -22.03 4.85 -2.68
C15 PCW D . -21.66 5.59 -3.99
C16 PCW D . -21.21 7.07 -3.68
C17 PCW D . -22.09 8.22 -4.27
C18 PCW D . -22.96 8.92 -3.22
C19 PCW D . -22.14 9.90 -2.33
C20 PCW D . -21.84 9.60 -1.00
C21 PCW D . -22.14 8.44 -0.13
C22 PCW D . -22.10 8.95 1.33
C23 PCW D . -22.37 7.91 2.46
C24 PCW D . -22.38 8.43 3.86
C25 PCW D . -23.72 8.77 4.59
C26 PCW D . -23.93 10.22 4.97
C27 PCW D . -23.41 10.69 6.34
C28 PCW D . -24.52 11.40 7.10
C31 PCW D . -16.13 3.29 -0.18
C32 PCW D . -15.71 4.30 0.91
C33 PCW D . -14.14 4.37 1.21
C34 PCW D . -13.42 5.47 0.44
C35 PCW D . -13.29 6.69 1.43
C36 PCW D . -12.16 7.67 1.03
C37 PCW D . -11.97 8.90 1.98
C38 PCW D . -10.58 9.44 1.93
C39 PCW D . -10.38 10.63 2.84
C40 PCW D . -9.76 10.64 4.01
C41 PCW D . -9.12 9.42 4.66
C42 PCW D . -9.61 9.34 6.16
C43 PCW D . -8.60 8.97 7.24
C44 PCW D . -9.34 8.98 8.57
C45 PCW D . -9.40 10.31 9.27
C46 PCW D . -9.57 10.22 10.76
C47 PCW D . -8.57 10.99 11.60
C48 PCW D . -8.84 10.80 13.10
N PCW D . -9.64 -0.95 -2.97
O2 PCW D . -16.59 2.20 0.44
O3 PCW D . -19.36 1.88 -0.24
O11 PCW D . -20.91 0.69 -1.38
O31 PCW D . -16.04 3.47 -1.42
O1P PCW D . -13.71 -1.52 -1.83
O2P PCW D . -14.38 0.68 -2.77
O3P PCW D . -14.68 0.19 -0.26
O4P PCW D . -12.51 0.61 -1.26
P PCW D . -13.83 -0.05 -1.60
C1 PCW E . -26.91 -4.49 9.73
C2 PCW E . -28.29 -3.86 10.18
C3 PCW E . -28.71 -4.42 11.59
C4 PCW E . -24.48 -8.06 8.38
C5 PCW E . -24.39 -9.55 8.08
C6 PCW E . -23.19 -11.78 8.43
C7 PCW E . -23.17 -10.06 10.17
C8 PCW E . -24.62 -10.98 9.52
C11 PCW E . -30.02 -3.18 13.16
C12 PCW E . -31.43 -2.66 13.36
C13 PCW E . -31.48 -1.18 12.83
C14 PCW E . -32.84 -0.50 12.96
C15 PCW E . -33.44 -0.42 14.40
C16 PCW E . -34.62 0.61 14.47
C17 PCW E . -34.27 2.11 14.14
C18 PCW E . -34.06 2.98 15.39
C19 PCW E . -32.61 2.91 15.93
C20 PCW E . -31.52 3.39 15.21
C21 PCW E . -31.38 4.02 13.88
C22 PCW E . -31.91 5.48 14.01
C23 PCW E . -30.88 6.63 13.96
C24 PCW E . -31.39 8.02 14.21
C25 PCW E . -32.28 8.33 15.46
C26 PCW E . -31.55 8.54 16.77
C27 PCW E . -31.03 9.96 17.09
C28 PCW E . -29.55 9.91 17.37
C31 PCW E . -29.09 -1.68 9.67
C32 PCW E . -28.80 -0.19 9.90
C33 PCW E . -29.42 0.80 8.81
C34 PCW E . -28.54 2.02 8.50
C35 PCW E . -28.92 3.09 9.61
C36 PCW E . -28.01 4.34 9.53
C37 PCW E . -28.32 5.46 10.59
C38 PCW E . -27.49 6.68 10.38
C39 PCW E . -27.77 7.77 11.38
C40 PCW E . -26.89 8.52 12.01
C41 PCW E . -25.38 8.41 11.82
C42 PCW E . -24.79 9.90 11.74
C43 PCW E . -24.53 10.64 13.02
C44 PCW E . -23.98 12.00 12.65
C45 PCW E . -23.01 12.61 13.64
C46 PCW E . -23.69 13.27 14.80
C47 PCW E . -22.96 13.21 16.13
C48 PCW E . -23.76 13.92 17.23
N PCW E . -23.47 -10.37 8.80
O2 PCW E . -28.15 -2.38 10.32
O3 PCW E . -29.96 -3.84 11.98
O11 PCW E . -29.11 -3.04 13.92
O31 PCW E . -30.04 -2.15 8.99
O1P PCW E . -25.82 -6.86 10.66
O2P PCW E . -27.84 -7.91 9.65
O3P PCW E . -27.04 -5.61 8.83
O4P PCW E . -25.88 -7.68 8.29
P PCW E . -26.65 -7.06 9.42
C1 PCW F . 23.95 -20.95 0.15
C2 PCW F . 24.55 -20.15 1.37
C3 PCW F . 26.04 -19.77 1.09
C4 PCW F . 22.36 -17.28 -2.62
C5 PCW F . 22.16 -15.81 -2.23
C6 PCW F . 24.50 -15.10 -2.96
C7 PCW F . 22.79 -13.42 -2.43
C8 PCW F . 23.57 -14.65 -1.29
C11 PCW F . 26.72 -17.68 2.09
C12 PCW F . 27.30 -17.13 3.36
C13 PCW F . 28.67 -16.42 3.00
C14 PCW F . 29.39 -15.80 4.19
C15 PCW F . 30.81 -15.23 3.88
C16 PCW F . 31.56 -14.87 5.21
C17 PCW F . 32.44 -15.97 5.88
C18 PCW F . 32.54 -15.84 7.40
C19 PCW F . 33.44 -16.92 8.05
C20 PCW F . 34.30 -16.64 9.10
C21 PCW F . 34.61 -15.39 9.83
C22 PCW F . 34.57 -15.75 11.34
C23 PCW F . 33.43 -15.14 12.20
C24 PCW F . 32.57 -16.09 12.97
C25 PCW F . 32.77 -16.31 14.50
C26 PCW F . 31.52 -16.59 15.32
C27 PCW F . 31.02 -15.50 16.29
C28 PCW F . 29.81 -14.81 15.70
C31 PCW F . 23.12 -18.82 2.73
C32 PCW F . 22.38 -17.46 2.78
C33 PCW F . 23.18 -16.22 2.16
C34 PCW F . 23.08 -14.96 3.02
C35 PCW F . 24.25 -15.09 4.08
C36 PCW F . 23.85 -14.54 5.47
C37 PCW F . 24.95 -14.64 6.57
C38 PCW F . 25.04 -16.02 7.15
C39 PCW F . 26.10 -16.15 8.21
C40 PCW F . 26.03 -16.86 9.33
C41 PCW F . 24.84 -17.70 9.72
C42 PCW F . 24.10 -16.99 10.96
C43 PCW F . 24.71 -17.13 12.34
C44 PCW F . 23.82 -16.36 13.30
C45 PCW F . 24.18 -14.91 13.48
C46 PCW F . 25.05 -14.65 14.67
C47 PCW F . 25.58 -13.24 14.83
C48 PCW F . 26.44 -13.11 16.08
N PCW F . 23.08 -14.82 -2.69
O2 PCW F . 23.78 -18.88 1.57
O3 PCW F . 26.58 -19.04 2.20
O11 PCW F . 26.42 -17.04 1.12
O31 PCW F . 23.09 -19.71 3.63
O1P PCW F . 21.58 -20.07 -2.35
O2P PCW F . 21.50 -19.48 0.08
O3P PCW F . 23.74 -20.15 -1.02
O4P PCW F . 22.66 -18.00 -1.39
P PCW F . 22.29 -19.45 -1.16
C1 PCW G . -6.24 10.95 -19.85
C2 PCW G . -6.89 12.37 -20.06
C3 PCW G . -7.64 12.45 -21.43
C4 PCW G . -10.42 8.85 -20.49
C5 PCW G . -11.73 9.62 -20.39
C6 PCW G . -13.03 8.59 -18.45
C7 PCW G . -12.89 11.02 -18.70
C8 PCW G . -13.69 9.81 -19.84
C11 PCW G . -9.57 13.86 -21.73
C12 PCW G . -9.95 15.31 -21.86
C13 PCW G . -9.55 15.81 -23.29
C14 PCW G . -9.88 17.27 -23.59
C15 PCW G . -9.16 18.32 -22.68
C16 PCW G . -10.18 19.43 -22.21
C17 PCW G . -11.39 18.96 -21.32
C18 PCW G . -12.22 20.12 -20.78
C19 PCW G . -13.67 20.10 -21.30
C20 PCW G . -14.44 21.25 -21.40
C21 PCW G . -14.17 22.67 -21.07
C22 PCW G . -15.46 23.24 -20.41
C23 PCW G . -16.30 24.23 -21.23
C24 PCW G . -17.27 23.66 -22.23
C25 PCW G . -18.63 23.06 -21.77
C26 PCW G . -18.63 21.61 -21.35
C27 PCW G . -19.12 20.56 -22.37
C28 PCW G . -18.40 19.26 -22.16
C31 PCW G . -7.88 13.88 -18.53
C32 PCW G . -8.96 14.00 -17.45
C33 PCW G . -8.99 15.40 -16.66
C34 PCW G . -9.73 16.51 -17.41
C35 PCW G . -8.63 17.61 -17.73
C36 PCW G . -9.05 19.02 -17.28
C37 PCW G . -8.00 20.15 -17.55
C38 PCW G . -7.66 20.91 -16.32
C39 PCW G . -6.65 22.00 -16.58
C40 PCW G . -5.75 22.48 -15.72
C41 PCW G . -5.59 21.99 -14.29
C42 PCW G . -4.96 23.17 -13.43
C43 PCW G . -4.42 22.85 -12.04
C44 PCW G . -3.88 24.15 -11.46
C45 PCW G . -2.55 24.03 -10.77
C46 PCW G . -1.68 25.26 -10.92
C47 PCW G . -0.70 25.52 -9.80
C48 PCW G . 0.12 26.79 -10.09
N PCW G . -12.38 9.73 -19.11
O2 PCW G . -7.90 12.63 -19.00
O3 PCW G . -8.22 13.76 -21.59
O11 PCW G . -10.33 12.95 -21.75
O31 PCW G . -7.10 14.80 -18.91
O1P PCW G . -7.94 7.70 -19.48
O2P PCW G . -7.98 9.70 -17.99
O3P PCW G . -7.01 9.85 -20.38
O4P PCW G . -9.39 9.71 -19.93
P PCW G . -8.08 9.18 -19.38
C1 PCW H . -26.49 -2.55 4.19
C2 PCW H . -26.55 -0.98 3.95
C3 PCW H . -26.77 -0.23 5.31
C4 PCW H . -29.33 -1.63 1.27
C5 PCW H . -29.40 -0.12 1.50
C6 PCW H . -30.50 1.12 -0.43
C7 PCW H . -31.32 1.40 1.86
C8 PCW H . -29.67 1.88 1.17
C11 PCW H . -27.99 1.73 4.62
C12 PCW H . -27.81 3.20 4.41
C13 PCW H . -28.98 3.95 5.14
C14 PCW H . -28.95 5.47 5.02
C15 PCW H . -29.19 6.27 6.34
C16 PCW H . -29.01 7.81 6.09
C17 PCW H . -29.80 8.78 7.04
C18 PCW H . -31.22 9.09 6.55
C19 PCW H . -31.52 10.62 6.51
C20 PCW H . -31.78 11.35 7.66
C21 PCW H . -31.85 10.97 9.10
C22 PCW H . -30.81 11.87 9.84
C23 PCW H . -29.68 11.15 10.62
C24 PCW H . -28.29 11.69 10.46
C25 PCW H . -27.70 12.72 11.45
C26 PCW H . -26.96 13.90 10.85
C27 PCW H . -27.79 15.12 10.41
C28 PCW H . -27.34 16.36 11.17
C31 PCW H . -25.37 0.08 2.20
C32 PCW H . -23.97 0.53 1.75
C33 PCW H . -23.69 2.11 1.88
C34 PCW H . -22.99 2.50 3.17
C35 PCW H . -21.49 2.78 2.77
C36 PCW H . -20.67 3.43 3.92
C37 PCW H . -19.18 3.73 3.57
C38 PCW H . -18.26 3.23 4.63
C39 PCW H . -16.81 3.51 4.32
C40 PCW H . -16.03 4.46 4.87
C41 PCW H . -16.50 5.44 5.92
C42 PCW H . -15.68 5.15 7.26
C43 PCW H . -16.44 4.71 8.50
C44 PCW H . -15.42 4.51 9.61
C45 PCW H . -14.82 3.13 9.70
C46 PCW H . -15.84 2.04 9.97
C47 PCW H . -15.32 0.62 9.93
C48 PCW H . -16.45 -0.37 10.23
N PCW H . -30.48 0.64 0.96
O2 PCW H . -25.25 -0.50 3.39
O3 PCW H . -26.81 1.18 5.07
O11 PCW H . -29.00 1.10 4.41
O31 PCW H . -26.44 0.24 1.55
O1P PCW H . -28.24 -4.33 1.26
O2P PCW H . -28.99 -4.30 3.64
O3P PCW H . -26.70 -3.33 2.99
O4P PCW H . -28.82 -2.21 2.49
P PCW H . -28.24 -3.60 2.58
C1 PCW I . 2.54 5.88 -15.77
C2 PCW I . 2.99 6.34 -14.33
C3 PCW I . 4.18 7.36 -14.46
C4 PCW I . -0.18 3.77 -18.53
C5 PCW I . 0.42 2.38 -18.73
C6 PCW I . 0.07 0.18 -17.52
C7 PCW I . -1.36 0.80 -19.41
C8 PCW I . 0.45 0.46 -19.42
C11 PCW I . 5.42 6.98 -12.43
C12 PCW I . 5.74 7.65 -11.12
C13 PCW I . 7.23 8.14 -11.18
C14 PCW I . 7.75 8.85 -9.93
C15 PCW I . 7.21 8.32 -8.57
C16 PCW I . 6.39 9.42 -7.83
C17 PCW I . 6.99 10.87 -7.77
C18 PCW I . 8.12 11.02 -6.74
C19 PCW I . 7.85 12.14 -5.72
C20 PCW I . 8.52 13.37 -5.76
C21 PCW I . 9.55 13.92 -6.67
C22 PCW I . 9.15 15.40 -6.93
C23 PCW I . 10.14 16.26 -7.78
C24 PCW I . 10.02 16.13 -9.27
C25 PCW I . 10.54 17.26 -10.21
C26 PCW I . 10.99 16.82 -11.60
C27 PCW I . 12.41 16.21 -11.74
C28 PCW I . 12.43 15.20 -12.86
C31 PCW I . 1.12 6.29 -12.88
C32 PCW I . 0.02 7.15 -12.25
C33 PCW I . -1.33 7.26 -13.12
C34 PCW I . -2.50 7.84 -12.33
C35 PCW I . -2.50 9.39 -12.64
C36 PCW I . -3.51 10.17 -11.76
C37 PCW I . -3.56 11.71 -12.00
C38 PCW I . -4.30 12.43 -10.93
C39 PCW I . -4.36 13.92 -11.16
C40 PCW I . -4.14 14.87 -10.27
C41 PCW I . -3.78 14.62 -8.81
C42 PCW I . -4.73 15.53 -7.90
C43 PCW I . -4.09 16.64 -7.09
C44 PCW I . -5.23 17.32 -6.32
C45 PCW I . -5.21 18.83 -6.35
C46 PCW I . -6.02 19.43 -7.46
C47 PCW I . -5.28 19.85 -8.70
C48 PCW I . -6.24 20.44 -9.74
N PCW I . -0.37 1.23 -18.45
O2 PCW I . 1.87 7.06 -13.66
O3 PCW I . 4.60 7.79 -13.16
O11 PCW I . 5.82 5.91 -12.77
O31 PCW I . 1.29 5.04 -12.67
O1P PCW I . -0.33 6.89 -18.26
O2P PCW I . -0.31 5.65 -16.64
O3P PCW I . 1.51 6.70 -16.36
O4P PCW I . 0.79 4.53 -17.74
P PCW I . 0.73 6.04 -17.61
C1 PCW J . -9.31 8.47 -13.65
C2 PCW J . -9.54 9.83 -12.87
C3 PCW J . -8.42 10.86 -13.24
C4 PCW J . -8.11 5.43 -15.56
C5 PCW J . -6.64 5.82 -15.48
C6 PCW J . -4.42 5.62 -14.56
C7 PCW J . -6.10 4.17 -13.83
C8 PCW J . -6.19 6.34 -13.10
C11 PCW J . -8.35 13.25 -13.17
C12 PCW J . -8.63 14.41 -12.24
C13 PCW J . -8.18 15.75 -12.94
C14 PCW J . -8.40 17.03 -12.12
C15 PCW J . -9.16 18.18 -12.86
C16 PCW J . -8.50 19.57 -12.55
C17 PCW J . -9.47 20.76 -12.24
C18 PCW J . -8.76 22.12 -12.16
C19 PCW J . -9.33 23.03 -11.04
C20 PCW J . -10.26 24.03 -11.29
C21 PCW J . -10.91 24.49 -12.54
C22 PCW J . -10.25 25.84 -12.94
C23 PCW J . -10.18 26.21 -14.44
C24 PCW J . -9.18 25.46 -15.27
C25 PCW J . -9.48 25.12 -16.76
C26 PCW J . -10.04 23.75 -17.05
C27 PCW J . -11.04 23.61 -18.22
C28 PCW J . -10.37 23.00 -19.42
C31 PCW J . -11.61 10.79 -12.23
C32 PCW J . -12.91 11.38 -12.78
C33 PCW J . -13.04 12.98 -12.67
C34 PCW J . -13.36 13.47 -11.27
C35 PCW J . -12.16 14.44 -10.88
C36 PCW J . -11.90 14.48 -9.36
C37 PCW J . -10.73 15.41 -8.90
C38 PCW J . -11.12 16.85 -8.91
C39 PCW J . -10.00 17.77 -8.47
C40 PCW J . -9.95 18.51 -7.37
C41 PCW J . -11.05 18.56 -6.32
C42 PCW J . -10.36 18.87 -4.92
C43 PCW J . -11.08 19.79 -3.95
C44 PCW J . -10.20 19.90 -2.71
C45 PCW J . -9.25 21.08 -2.70
C46 PCW J . -9.73 22.24 -1.87
C47 PCW J . -10.00 23.52 -2.61
C48 PCW J . -10.47 24.63 -1.65
N PCW J . -5.88 5.51 -14.31
O2 PCW J . -10.84 10.43 -13.26
O3 PCW J . -8.62 12.09 -12.52
O11 PCW J . -7.94 13.35 -14.29
O31 PCW J . -11.32 10.66 -11.00
O1P PCW J . -10.72 6.07 -14.47
O2P PCW J . -11.10 7.02 -16.75
O3P PCW J . -9.95 8.43 -14.94
O4P PCW J . -8.85 6.57 -16.07
P PCW J . -10.22 6.97 -15.57
C1 PCW K . -8.44 -22.73 19.96
C2 PCW K . -8.37 -21.73 21.18
C3 PCW K . -8.98 -22.38 22.46
C4 PCW K . -6.05 -23.57 15.88
C5 PCW K . -4.84 -23.15 15.04
C6 PCW K . -3.40 -23.28 13.11
C7 PCW K . -5.52 -24.25 13.01
C8 PCW K . -3.94 -25.32 14.26
C11 PCW K . -8.96 -21.95 24.82
C12 PCW K . -8.84 -20.82 25.80
C13 PCW K . -10.28 -20.47 26.34
C14 PCW K . -10.32 -19.34 27.36
C15 PCW K . -11.12 -19.64 28.67
C16 PCW K . -10.47 -20.83 29.45
C17 PCW K . -9.30 -20.50 30.44
C18 PCW K . -9.76 -19.73 31.68
C19 PCW K . -9.32 -20.40 33.00
C20 PCW K . -9.94 -20.14 34.21
C21 PCW K . -11.07 -19.26 34.58
C22 PCW K . -10.48 -17.83 34.81
C23 PCW K . -9.87 -17.51 36.20
C24 PCW K . -10.60 -16.51 37.04
C25 PCW K . -9.82 -15.52 37.96
C26 PCW K . -8.88 -14.55 37.27
C27 PCW K . -9.49 -13.50 36.32
C28 PCW K . -8.65 -13.37 35.07
C31 PCW K . -6.71 -20.11 21.69
C32 PCW K . -5.22 -19.93 21.99
C33 PCW K . -4.41 -19.00 20.96
C34 PCW K . -4.61 -17.51 21.20
C35 PCW K . -4.03 -17.22 22.65
C36 PCW K . -2.50 -17.09 22.67
C37 PCW K . -1.86 -16.81 24.06
C38 PCW K . -1.60 -18.07 24.82
C39 PCW K . -0.98 -17.81 26.17
C40 PCW K . -1.16 -18.54 27.27
C41 PCW K . -2.02 -19.78 27.34
C42 PCW K . -3.33 -19.43 28.19
C43 PCW K . -4.60 -19.06 27.44
C44 PCW K . -5.67 -18.77 28.49
C45 PCW K . -6.77 -17.83 28.07
C46 PCW K . -7.36 -17.05 29.20
C47 PCW K . -8.43 -16.05 28.83
C48 PCW K . -8.97 -15.31 30.07
N PCW K . -4.44 -23.95 13.91
O2 PCW K . -6.94 -21.41 21.48
O3 PCW K . -8.89 -21.46 23.56
O11 PCW K . -9.09 -23.11 25.12
O31 PCW K . -7.57 -19.18 21.64
O1P PCW K . -8.66 -22.98 17.03
O2P PCW K . -7.61 -20.77 17.51
O3P PCW K . -7.28 -22.74 19.12
O4P PCW K . -6.17 -22.60 16.97
P PCW K . -7.49 -22.23 17.61
C1 PCW L . 6.33 -2.72 -5.72
C2 PCW L . 5.42 -1.45 -5.44
C3 PCW L . 3.92 -1.85 -5.54
C4 PCW L . 5.71 -6.22 -2.57
C5 PCW L . 6.34 -6.99 -1.41
C6 PCW L . 5.72 -9.15 -2.32
C7 PCW L . 6.97 -9.04 -0.35
C8 PCW L . 8.06 -8.55 -2.28
C11 PCW L . 1.77 -0.78 -5.53
C12 PCW L . 1.11 0.53 -5.16
C13 PCW L . 1.10 0.63 -3.59
C14 PCW L . 0.48 1.91 -3.02
C15 PCW L . 1.25 2.58 -1.86
C16 PCW L . 2.38 3.53 -2.42
C17 PCW L . 3.54 3.92 -1.45
C18 PCW L . 3.35 5.28 -0.79
C19 PCW L . 3.74 5.29 0.71
C20 PCW L . 2.80 5.24 1.73
C21 PCW L . 1.31 5.17 1.71
C22 PCW L . 0.79 6.58 2.12
C23 PCW L . -0.21 7.28 1.16
C24 PCW L . -0.69 8.64 1.56
C25 PCW L . -2.12 9.12 1.16
C26 PCW L . -2.52 10.49 1.66
C27 PCW L . -2.50 11.67 0.67
C28 PCW L . -1.46 12.69 1.09
C31 PCW L . 6.33 0.19 -4.00
C32 PCW L . 6.50 0.58 -2.52
C33 PCW L . 7.95 1.12 -2.11
C34 PCW L . 8.02 2.64 -1.98
C35 PCW L . 9.18 2.91 -0.93
C36 PCW L . 10.31 3.80 -1.51
C37 PCW L . 11.48 4.12 -0.53
C38 PCW L . 12.76 4.37 -1.26
C39 PCW L . 13.90 4.68 -0.33
C40 PCW L . 14.59 5.82 -0.24
C41 PCW L . 14.32 7.05 -1.10
C42 PCW L . 13.23 7.94 -0.36
C43 PCW L . 12.57 9.07 -1.15
C44 PCW L . 11.59 9.75 -0.19
C45 PCW L . 10.28 10.17 -0.80
C46 PCW L . 9.13 9.26 -0.45
C47 PCW L . 8.44 8.56 -1.61
C48 PCW L . 7.30 7.67 -1.12
N PCW L . 6.74 -8.36 -1.59
O2 PCW L . 5.66 -0.96 -4.05
O3 PCW L . 3.10 -0.70 -5.27
O11 PCW L . 1.19 -1.74 -5.97
O31 PCW L . 6.75 0.87 -4.99
O1P PCW L . 5.45 -5.45 -5.34
O2P PCW L . 7.94 -5.56 -5.29
O3P PCW L . 6.73 -3.44 -4.54
O4P PCW L . 6.78 -5.47 -3.20
P PCW L . 6.72 -5.04 -4.66
C1 PCW M . -15.91 -14.90 19.59
C2 PCW M . -15.39 -13.64 20.39
C3 PCW M . -13.82 -13.60 20.40
C4 PCW M . -17.00 -15.36 14.80
C5 PCW M . -16.49 -13.95 14.51
C6 PCW M . -15.69 -13.47 12.13
C7 PCW M . -17.60 -12.25 13.07
C8 PCW M . -15.83 -12.22 13.64
C11 PCW M . -12.90 -12.64 22.38
C12 PCW M . -12.49 -11.31 22.96
C13 PCW M . -10.92 -11.19 22.83
C14 PCW M . -10.33 -9.88 23.37
C15 PCW M . -10.87 -9.38 24.74
C16 PCW M . -10.33 -10.27 25.92
C17 PCW M . -8.83 -10.10 26.32
C18 PCW M . -8.04 -11.40 26.26
C19 PCW M . -7.25 -11.69 27.55
C20 PCW M . -6.25 -12.66 27.62
C21 PCW M . -5.70 -13.60 26.61
C22 PCW M . -4.17 -13.72 26.89
C23 PCW M . -3.22 -13.66 25.67
C24 PCW M . -1.91 -12.96 25.87
C25 PCW M . -0.56 -13.66 25.54
C26 PCW M . 0.30 -13.02 24.47
C27 PCW M . 1.61 -13.73 24.06
C28 PCW M . 1.47 -14.29 22.68
C31 PCW M . -16.95 -11.85 20.29
C32 PCW M . -17.30 -10.57 19.50
C33 PCW M . -17.16 -9.21 20.33
C34 PCW M . -15.71 -8.86 20.70
C35 PCW M . -15.54 -9.32 22.21
C36 PCW M . -15.26 -8.14 23.17
C37 PCW M . -15.07 -8.52 24.67
C38 PCW M . -14.65 -7.36 25.50
C39 PCW M . -14.47 -7.71 26.96
C40 PCW M . -13.49 -7.31 27.77
C41 PCW M . -12.36 -6.39 27.34
C42 PCW M . -11.27 -6.36 28.53
C43 PCW M . -9.89 -6.92 28.25
C44 PCW M . -9.10 -6.76 29.55
C45 PCW M . -7.62 -6.55 29.37
C46 PCW M . -7.08 -5.35 30.11
C47 PCW M . -6.08 -5.65 31.21
C48 PCW M . -5.60 -4.36 31.90
N PCW M . -16.69 -13.36 13.22
O2 PCW M . -15.85 -12.39 19.73
O3 PCW M . -13.38 -12.45 21.12
O11 PCW M . -12.83 -13.68 22.96
O31 PCW M . -17.58 -12.31 21.28
O1P PCW M . -15.21 -16.47 16.81
O2P PCW M . -17.34 -16.96 18.00
O3P PCW M . -16.23 -14.64 18.21
O4P PCW M . -17.39 -15.38 16.20
P PCW M . -16.51 -15.94 17.30
C1 PCW N . 5.59 1.94 -8.62
C2 PCW N . 5.22 3.28 -7.88
C3 PCW N . 6.54 4.02 -7.43
C4 PCW N . 6.43 -1.02 -11.49
C5 PCW N . 7.03 -1.01 -12.91
C6 PCW N . 8.54 -1.77 -14.63
C7 PCW N . 8.30 -3.03 -12.69
C8 PCW N . 9.48 -1.08 -12.53
C11 PCW N . 6.47 5.34 -5.43
C12 PCW N . 6.06 6.69 -4.92
C13 PCW N . 4.57 6.58 -4.41
C14 PCW N . 3.97 7.87 -3.85
C15 PCW N . 3.69 9.00 -4.88
C16 PCW N . 4.74 10.16 -4.75
C17 PCW N . 4.38 11.36 -3.81
C18 PCW N . 5.46 11.68 -2.77
C19 PCW N . 5.09 12.88 -1.87
C20 PCW N . 5.96 13.35 -0.88
C21 PCW N . 7.30 12.91 -0.43
C22 PCW N . 7.91 14.10 0.36
C23 PCW N . 9.42 14.41 0.14
C24 PCW N . 10.37 13.83 1.15
C25 PCW N . 11.65 14.61 1.59
C26 PCW N . 12.74 14.76 0.55
C27 PCW N . 13.57 13.52 0.20
C28 PCW N . 14.83 13.93 -0.54
C31 PCW N . 3.33 4.63 -8.34
C32 PCW N . 2.70 5.55 -9.39
C33 PCW N . 2.87 7.13 -9.11
C34 PCW N . 1.71 7.72 -8.31
C35 PCW N . 1.27 9.02 -9.11
C36 PCW N . 0.87 10.18 -8.18
C37 PCW N . 0.42 11.50 -8.89
C38 PCW N . 1.41 12.60 -8.71
C39 PCW N . 1.01 13.88 -9.39
C40 PCW N . 1.80 14.78 -9.95
C41 PCW N . 3.31 14.68 -10.00
C42 PCW N . 3.93 15.95 -9.24
C43 PCW N . 5.41 15.96 -8.94
C44 PCW N . 5.71 17.27 -8.23
C45 PCW N . 6.78 18.12 -8.87
C46 PCW N . 6.89 19.50 -8.29
C47 PCW N . 7.93 20.41 -8.89
C48 PCW N . 7.93 21.78 -8.21
N PCW N . 8.27 -1.68 -13.17
O2 PCW N . 4.50 4.20 -8.80
O3 PCW N . 6.19 5.25 -6.76
O11 PCW N . 6.98 4.48 -4.77
O31 PCW N . 2.82 4.33 -7.21
O1P PCW N . 4.83 -0.66 -9.10
O2P PCW N . 3.10 0.11 -10.73
O3P PCW N . 4.89 1.75 -9.88
O4P PCW N . 5.38 -0.03 -11.47
P PCW N . 4.50 0.23 -10.26
C1 PCW O . -6.62 -8.46 9.23
C2 PCW O . -6.42 -7.70 10.61
C3 PCW O . -6.25 -6.16 10.35
C4 PCW O . -5.34 -12.11 9.09
C5 PCW O . -4.97 -13.03 10.25
C6 PCW O . -3.54 -14.61 11.38
C7 PCW O . -2.72 -13.45 9.52
C8 PCW O . -4.24 -15.10 9.13
C11 PCW O . -4.84 -5.01 11.92
C12 PCW O . -4.89 -4.30 13.24
C13 PCW O . -4.70 -5.37 14.38
C14 PCW O . -4.73 -4.79 15.80
C15 PCW O . -4.99 -5.81 16.95
C16 PCW O . -4.72 -5.14 18.34
C17 PCW O . -5.33 -5.84 19.61
C18 PCW O . -4.93 -5.18 20.92
C19 PCW O . -6.04 -5.29 22.01
C20 PCW O . -5.88 -6.05 23.16
C21 PCW O . -4.76 -6.89 23.66
C22 PCW O . -5.34 -8.31 23.90
C23 PCW O . -5.41 -8.82 25.36
C24 PCW O . -4.21 -9.53 25.88
C25 PCW O . -3.69 -9.28 27.33
C26 PCW O . -2.93 -7.99 27.57
C27 PCW O . -3.58 -6.92 28.49
C28 PCW O . -2.54 -6.26 29.34
C31 PCW O . -7.77 -9.10 11.99
C32 PCW O . -9.05 -9.11 12.85
C33 PCW O . -10.41 -9.38 12.06
C34 PCW O . -10.90 -8.20 11.24
C35 PCW O . -11.91 -7.42 12.18
C36 PCW O . -11.51 -5.94 12.40
C37 PCW O . -12.47 -5.12 13.32
C38 PCW O . -12.64 -3.72 12.84
C39 PCW O . -13.57 -2.92 13.72
C40 PCW O . -13.43 -1.64 14.07
C41 PCW O . -12.29 -0.74 13.63
C42 PCW O . -12.90 0.64 13.13
C43 PCW O . -13.14 1.75 14.14
C44 PCW O . -13.72 2.94 13.39
C45 PCW O . -13.70 4.24 14.14
C46 PCW O . -15.04 4.64 14.69
C47 PCW O . -15.21 6.09 15.08
C48 PCW O . -16.61 6.38 15.62
N PCW O . -3.92 -14.00 10.08
O2 PCW O . -7.62 -7.87 11.47
O3 PCW O . -6.08 -5.47 11.59
O11 PCW O . -3.86 -5.13 11.24
O31 PCW O . -7.01 -10.09 11.80
O1P PCW O . -3.59 -10.21 7.77
O2P PCW O . -3.48 -9.19 10.03
O3P PCW O . -5.42 -8.60 8.44
O4P PCW O . -5.23 -10.75 9.59
P PCW O . -4.35 -9.70 8.96
C1 PCW P . 8.99 -10.24 10.47
C2 PCW P . 10.32 -10.61 11.24
C3 PCW P . 11.27 -9.37 11.30
C4 PCW P . 5.23 -10.18 8.71
C5 PCW P . 3.99 -9.28 8.80
C6 PCW P . 4.37 -7.41 7.10
C7 PCW P . 2.17 -8.49 7.31
C8 PCW P . 3.07 -7.48 8.58
C11 PCW P . 13.59 -8.95 11.75
C12 PCW P . 14.73 -9.47 12.60
C13 PCW P . 15.60 -8.23 13.06
C14 PCW P . 16.80 -8.58 13.92
C15 PCW P . 17.03 -7.66 15.16
C16 PCW P . 18.43 -6.95 15.06
C17 PCW P . 19.47 -7.25 16.20
C18 PCW P . 20.45 -8.37 15.84
C19 PCW P . 21.02 -9.11 17.08
C20 PCW P . 22.21 -9.81 17.06
C21 PCW P . 23.20 -10.05 15.98
C22 PCW P . 24.47 -9.23 16.34
C23 PCW P . 25.43 -8.84 15.19
C24 PCW P . 26.84 -9.32 15.29
C25 PCW P . 27.63 -9.76 14.02
C26 PCW P . 29.08 -9.33 13.95
C27 PCW P . 29.47 -8.27 12.90
C28 PCW P . 30.28 -7.16 13.54
C31 PCW P . 9.94 -12.30 12.85
C32 PCW P . 9.61 -12.54 14.33
C33 PCW P . 10.75 -12.10 15.37
C34 PCW P . 10.20 -11.73 16.75
C35 PCW P . 10.64 -12.91 17.70
C36 PCW P . 11.81 -12.52 18.62
C37 PCW P . 12.30 -13.64 19.59
C38 PCW P . 13.78 -13.81 19.57
C39 PCW P . 14.27 -14.89 20.50
C40 PCW P . 15.46 -14.97 21.08
C41 PCW P . 16.57 -13.94 20.89
C42 PCW P . 16.55 -12.94 22.14
C43 PCW P . 17.18 -13.40 23.44
C44 PCW P . 17.01 -12.26 24.44
C45 PCW P . 17.42 -12.58 25.85
C46 PCW P . 17.97 -11.41 26.60
C47 PCW P . 19.46 -11.43 26.87
C48 PCW P . 19.91 -10.18 27.65
N PCW P . 3.58 -8.53 7.65
O2 PCW P . 10.00 -10.98 12.65
O3 PCW P . 12.48 -9.71 12.00
O11 PCW P . 13.64 -8.03 10.99
O31 PCW P . 10.14 -13.21 11.98
O1P PCW P . 7.39 -12.06 9.19
O2P PCW P . 6.12 -12.51 11.29
O3P PCW P . 7.78 -10.55 11.18
O4P PCW P . 5.61 -10.51 10.08
P PCW P . 6.71 -11.49 10.41
C1 PCW Q . 14.34 -5.74 -3.04
C2 PCW Q . 13.13 -6.05 -2.06
C3 PCW Q . 13.61 -5.95 -0.57
C4 PCW Q . 12.90 -4.65 -6.22
C5 PCW Q . 11.37 -4.61 -6.32
C6 PCW Q . 11.24 -2.21 -7.17
C7 PCW Q . 9.34 -3.74 -7.46
C8 PCW Q . 10.07 -3.11 -5.88
C11 PCW Q . 12.63 -5.83 1.62
C12 PCW Q . 11.38 -6.23 2.37
C13 PCW Q . 11.62 -7.67 2.96
C14 PCW Q . 10.44 -8.25 3.76
C15 PCW Q . 10.82 -8.96 5.10
C16 PCW Q . 10.93 -7.93 6.28
C17 PCW Q . 10.12 -8.24 7.59
C18 PCW Q . 9.22 -7.10 8.03
C19 PCW Q . 7.80 -7.57 8.45
C20 PCW Q . 7.02 -6.88 9.36
C21 PCW Q . 7.27 -5.63 10.13
C22 PCW Q . 5.95 -5.32 10.91
C23 PCW Q . 6.03 -4.31 12.07
C24 PCW Q . 4.76 -3.63 12.47
C25 PCW Q . 3.95 -4.11 13.71
C26 PCW Q . 3.38 -3.03 14.61
C27 PCW Q . 4.34 -2.32 15.58
C28 PCW Q . 3.55 -1.61 16.66
C31 PCW Q . 10.82 -5.52 -2.14
C32 PCW Q . 9.83 -4.38 -2.37
C33 PCW Q . 9.25 -3.68 -1.04
C34 PCW Q . 9.48 -2.17 -0.99
C35 PCW Q . 10.24 -1.90 0.37
C36 PCW Q . 10.27 -0.40 0.75
C37 PCW Q . 11.02 -0.06 2.07
C38 PCW Q . 10.61 1.28 2.62
C39 PCW Q . 11.32 1.63 3.90
C40 PCW Q . 10.78 1.82 5.10
C41 PCW Q . 9.30 1.72 5.38
C42 PCW Q . 9.10 1.20 6.88
C43 PCW Q . 8.85 -0.27 7.11
C44 PCW Q . 8.71 -0.47 8.61
C45 PCW Q . 9.65 -1.48 9.23
C46 PCW Q . 10.30 -0.99 10.49
C47 PCW Q . 11.50 -1.79 10.97
C48 PCW Q . 12.07 -1.19 12.28
N PCW Q . 10.75 -3.60 -7.11
O2 PCW Q . 12.05 -5.03 -2.26
O3 PCW Q . 12.51 -6.23 0.32
O11 PCW Q . 13.56 -5.26 2.10
O31 PCW Q . 10.50 -6.72 -1.86
O1P PCW Q . 15.66 -5.28 -5.67
O2P PCW Q . 14.99 -7.57 -6.39
O3P PCW Q . 14.62 -6.82 -3.96
O4P PCW Q . 13.26 -6.00 -5.82
P PCW Q . 14.69 -6.41 -5.52
C1 PCW R . 6.58 13.14 -32.92
C2 PCW R . 7.81 14.11 -32.68
C3 PCW R . 7.88 15.19 -33.82
C4 PCW R . 2.99 11.12 -31.84
C5 PCW R . 1.74 11.59 -32.57
C6 PCW R . 0.23 9.77 -32.03
C7 PCW R . 1.38 9.73 -34.06
C8 PCW R . -0.33 11.22 -33.86
C11 PCW R . 9.37 16.93 -34.54
C12 PCW R . 10.55 17.74 -34.07
C13 PCW R . 10.02 19.14 -33.59
C14 PCW R . 11.10 20.10 -33.07
C15 PCW R . 10.90 20.61 -31.61
C16 PCW R . 10.23 22.03 -31.60
C17 PCW R . 10.84 23.09 -30.63
C18 PCW R . 10.41 22.91 -29.18
C19 PCW R . 9.22 23.81 -28.77
C20 PCW R . 8.48 23.58 -27.62
C21 PCW R . 8.55 22.55 -26.57
C22 PCW R . 9.04 23.27 -25.27
C23 PCW R . 10.52 23.07 -24.85
C24 PCW R . 11.45 24.22 -25.06
C25 PCW R . 12.76 24.05 -25.88
C26 PCW R . 13.72 25.23 -25.87
C27 PCW R . 14.66 25.38 -24.66
C28 PCW R . 15.32 26.73 -24.69
C31 PCW R . 8.75 14.99 -30.70
C32 PCW R . 8.42 15.75 -29.41
C33 PCW R . 7.86 17.24 -29.61
C34 PCW R . 7.44 17.91 -28.30
C35 PCW R . 8.59 18.95 -27.98
C36 PCW R . 9.46 18.49 -26.79
C37 PCW R . 10.63 19.47 -26.41
C38 PCW R . 11.87 19.18 -27.20
C39 PCW R . 13.01 20.11 -26.84
C40 PCW R . 14.18 19.77 -26.30
C41 PCW R . 14.56 18.35 -25.93
C42 PCW R . 15.65 18.41 -24.78
C43 PCW R . 16.19 17.11 -24.21
C44 PCW R . 17.20 17.47 -23.13
C45 PCW R . 18.54 16.80 -23.26
C46 PCW R . 19.55 17.60 -24.02
C47 PCW R . 20.94 17.01 -24.13
C48 PCW R . 21.87 17.95 -24.93
N PCW R . 0.80 10.63 -33.10
O2 PCW R . 7.63 14.83 -31.39
O3 PCW R . 8.99 16.06 -33.57
O11 PCW R . 8.84 17.04 -35.62
O31 PCW R . 9.92 14.60 -31.04
O1P PCW R . 5.10 11.35 -29.85
O2P PCW R . 4.96 13.77 -30.43
O3P PCW R . 6.39 12.18 -31.86
O4P PCW R . 3.95 12.20 -31.93
P PCW R . 5.09 12.39 -30.94
C1 PCW S . -5.47 12.29 -16.07
C2 PCW S . -4.18 12.46 -16.96
C3 PCW S . -4.14 13.89 -17.62
C4 PCW S . -4.12 8.47 -17.50
C5 PCW S . -4.23 6.96 -17.71
C6 PCW S . -2.89 5.39 -18.96
C7 PCW S . -3.65 7.33 -20.01
C8 PCW S . -5.19 5.70 -19.59
C11 PCW S . -3.08 14.07 -19.77
C12 PCW S . -1.72 14.20 -20.38
C13 PCW S . -1.28 15.70 -20.32
C14 PCW S . 0.10 16.03 -20.90
C15 PCW S . 0.29 15.64 -22.40
C16 PCW S . 1.30 14.43 -22.53
C17 PCW S . 0.88 13.26 -23.49
C18 PCW S . 1.58 11.94 -23.18
C19 PCW S . 0.64 10.73 -23.30
C20 PCW S . 0.84 9.70 -24.23
C21 PCW S . 1.87 9.49 -25.28
C22 PCW S . 2.71 8.26 -24.81
C23 PCW S . 4.25 8.44 -24.73
C24 PCW S . 4.95 7.75 -23.61
C25 PCW S . 6.29 8.31 -23.03
C26 PCW S . 6.23 9.68 -22.39
C27 PCW S . 7.51 10.54 -22.39
C28 PCW S . 7.14 12.01 -22.35
C31 PCW S . -2.03 11.50 -16.63
C32 PCW S . -0.85 11.46 -15.64
C33 PCW S . 0.02 10.12 -15.67
C34 PCW S . 1.00 10.02 -14.49
C35 PCW S . 2.39 10.54 -15.05
C36 PCW S . 3.15 11.40 -14.02
C37 PCW S . 4.53 11.95 -14.50
C38 PCW S . 5.54 11.96 -13.39
C39 PCW S . 6.87 12.48 -13.84
C40 PCW S . 7.49 13.58 -13.41
C41 PCW S . 6.93 14.52 -12.35
C42 PCW S . 6.56 15.90 -13.05
C43 PCW S . 7.07 17.19 -12.43
C44 PCW S . 6.57 18.32 -13.31
C45 PCW S . 7.64 19.20 -13.90
C46 PCW S . 7.12 20.22 -14.88
C47 PCW S . 7.28 19.89 -16.35
C48 PCW S . 6.71 21.01 -17.22
N PCW S . -4.00 6.38 -19.00
O2 PCW S . -2.95 12.32 -16.12
O3 PCW S . -2.95 14.02 -18.41
O11 PCW S . -4.11 14.03 -20.38
O31 PCW S . -2.11 10.87 -17.71
O1P PCW S . -4.43 9.97 -15.04
O2P PCW S . -6.69 8.95 -15.04
O3P PCW S . -6.24 11.11 -16.38
O4P PCW S . -5.44 8.92 -17.09
P PCW S . -5.68 9.71 -15.81
C1 PCW T . -21.61 -6.72 4.55
C2 PCW T . -21.84 -5.86 5.86
C3 PCW T . -20.69 -6.13 6.89
C4 PCW T . -21.25 -5.29 -0.15
C5 PCW T . -22.21 -4.11 -0.08
C6 PCW T . -20.63 -2.40 -1.14
C7 PCW T . -23.06 -2.04 -1.16
C8 PCW T . -21.94 -2.12 0.30
C11 PCW T . -21.45 -5.93 9.16
C12 PCW T . -21.60 -4.93 10.28
C13 PCW T . -23.12 -4.52 10.37
C14 PCW T . -23.45 -3.50 11.46
C15 PCW T . -23.95 -2.11 10.96
C16 PCW T . -23.32 -0.95 11.82
C17 PCW T . -21.78 -1.01 12.10
C18 PCW T . -21.07 0.33 11.87
C19 PCW T . -20.22 0.35 10.58
C20 PCW T . -20.13 1.47 9.77
C21 PCW T . -20.73 2.82 9.86
C22 PCW T . -19.55 3.82 9.98
C23 PCW T . -19.32 4.48 11.37
C24 PCW T . -18.43 3.73 12.33
C25 PCW T . -18.71 3.77 13.87
C26 PCW T . -19.77 2.81 14.39
C27 PCW T . -21.23 3.29 14.38
C28 PCW T . -21.61 3.84 15.74
C31 PCW T . -22.87 -3.73 5.97
C32 PCW T . -22.71 -2.26 5.55
C33 PCW T . -22.21 -1.27 6.70
C34 PCW T . -23.31 -0.86 7.67
C35 PCW T . -23.43 0.71 7.55
C36 PCW T . -24.64 1.28 8.32
C37 PCW T . -24.82 2.83 8.25
C38 PCW T . -25.06 3.30 6.85
C39 PCW T . -25.24 4.79 6.76
C40 PCW T . -24.29 5.72 6.76
C41 PCW T . -22.81 5.43 6.86
C42 PCW T . -22.28 6.05 8.23
C43 PCW T . -22.23 7.56 8.36
C44 PCW T . -21.68 7.86 9.75
C45 PCW T . -20.27 8.40 9.79
C46 PCW T . -20.12 9.62 10.64
C47 PCW T . -19.81 10.91 9.90
C48 PCW T . -19.67 12.09 10.88
N PCW T . -21.98 -2.97 -0.92
O2 PCW T . -21.81 -4.41 5.51
O3 PCW T . -20.91 -5.33 8.07
O11 PCW T . -21.76 -7.09 9.23
O31 PCW T . -23.83 -4.22 6.64
O1P PCW T . -19.49 -5.72 2.11
O2P PCW T . -20.56 -7.96 2.16
O3P PCW T . -21.69 -5.97 3.32
O4P PCW T . -21.64 -6.22 0.90
P PCW T . -20.77 -6.50 2.11
C1 PCW U . 14.37 -14.90 7.54
C2 PCW U . 14.43 -13.97 8.81
C3 PCW U . 15.40 -14.59 9.88
C4 PCW U . 10.26 -13.55 6.66
C5 PCW U . 9.03 -14.45 6.53
C6 PCW U . 7.35 -14.90 8.39
C7 PCW U . 6.80 -13.35 6.57
C8 PCW U . 7.12 -15.17 6.47
C11 PCW U . 16.56 -13.80 11.82
C12 PCW U . 16.44 -12.83 12.96
C13 PCW U . 16.71 -13.60 14.30
C14 PCW U . 16.63 -12.76 15.57
C15 PCW U . 15.25 -12.09 15.84
C16 PCW U . 15.43 -10.77 16.67
C17 PCW U . 16.08 -10.89 18.10
C18 PCW U . 15.56 -9.86 19.08
C19 PCW U . 16.56 -8.71 19.32
C20 PCW U . 16.24 -7.38 19.06
C21 PCW U . 15.02 -6.73 18.54
C22 PCW U . 15.47 -5.42 17.84
C23 PCW U . 14.43 -4.28 17.68
C24 PCW U . 14.79 -2.95 18.24
C25 PCW U . 13.81 -2.18 19.17
C26 PCW U . 14.44 -1.24 20.18
C27 PCW U . 13.50 -0.37 21.05
C28 PCW U . 14.31 0.66 21.80
C31 PCW U . 14.09 -11.64 8.59
C32 PCW U . 14.77 -10.33 8.17
C33 PCW U . 16.21 -10.06 8.83
C34 PCW U . 16.49 -8.58 9.10
C35 PCW U . 17.88 -8.29 8.40
C36 PCW U . 19.05 -8.22 9.40
C37 PCW U . 20.46 -7.94 8.77
C38 PCW U . 21.20 -6.88 9.51
C39 PCW U . 22.55 -6.59 8.93
C40 PCW U . 23.70 -6.42 9.59
C41 PCW U . 23.83 -6.50 11.09
C42 PCW U . 25.13 -5.67 11.52
C43 PCW U . 25.04 -4.74 12.72
C44 PCW U . 26.40 -4.10 12.90
C45 PCW U . 26.41 -2.59 12.81
C46 PCW U . 26.75 -1.90 14.11
C47 PCW U . 25.86 -0.75 14.51
C48 PCW U . 26.32 -0.15 15.86
N PCW U . 7.83 -14.11 7.24
O2 PCW U . 14.96 -12.63 8.45
O3 PCW U . 15.46 -13.73 11.03
O11 PCW U . 17.51 -14.54 11.63
O31 PCW U . 12.89 -11.74 8.98
O1P PCW U . 12.07 -14.43 4.53
O2P PCW U . 12.36 -16.41 6.01
O3P PCW U . 13.75 -14.28 6.39
O4P PCW U . 11.38 -14.43 6.95
P PCW U . 12.37 -14.93 5.91
C1 PCW V . 23.48 -9.64 -6.92
C2 PCW V . 23.65 -10.29 -5.49
C3 PCW V . 25.11 -10.78 -5.26
C4 PCW V . 19.00 -11.36 -7.91
C5 PCW V . 17.86 -11.49 -6.90
C6 PCW V . 17.28 -9.57 -5.56
C7 PCW V . 15.58 -10.86 -6.52
C8 PCW V . 16.78 -9.51 -7.92
C11 PCW V . 26.26 -10.96 -3.16
C12 PCW V . 26.20 -11.70 -1.85
C13 PCW V . 25.45 -10.80 -0.82
C14 PCW V . 25.28 -11.41 0.58
C15 PCW V . 26.61 -11.92 1.26
C16 PCW V . 26.31 -12.51 2.67
C17 PCW V . 27.47 -12.47 3.72
C18 PCW V . 27.36 -11.30 4.71
C19 PCW V . 27.98 -9.99 4.16
C20 PCW V . 29.20 -9.49 4.64
C21 PCW V . 30.14 -9.99 5.69
C22 PCW V . 30.41 -8.79 6.64
C23 PCW V . 29.77 -8.85 8.05
C24 PCW V . 30.47 -9.67 9.08
C25 PCW V . 29.84 -10.99 9.62
C26 PCW V . 30.45 -12.28 9.09
C27 PCW V . 29.51 -13.47 8.85
C28 PCW V . 29.66 -14.50 9.94
C31 PCW V . 22.39 -9.65 -3.59
C32 PCW V . 22.18 -8.52 -2.55
C33 PCW V . 23.27 -7.34 -2.56
C34 PCW V . 23.88 -7.06 -1.20
C35 PCW V . 25.39 -6.66 -1.50
C36 PCW V . 26.25 -6.62 -0.21
C37 PCW V . 27.75 -6.23 -0.43
C38 PCW V . 28.64 -7.44 -0.56
C39 PCW V . 30.09 -7.08 -0.76
C40 PCW V . 31.00 -6.86 0.17
C41 PCW V . 30.72 -6.93 1.68
C42 PCW V . 31.01 -5.50 2.30
C43 PCW V . 31.92 -5.40 3.51
C44 PCW V . 32.03 -3.94 3.89
C45 PCW V . 33.16 -3.60 4.81
C46 PCW V . 34.14 -2.61 4.24
C47 PCW V . 34.37 -1.34 5.04
C48 PCW V . 35.38 -0.43 4.33
N PCW V . 16.93 -10.42 -6.73
O2 PCW V . 23.35 -9.27 -4.44
O3 PCW V . 25.23 -11.36 -3.96
O11 PCW V . 27.10 -10.15 -3.46
O31 PCW V . 21.76 -10.74 -3.60
O1P PCW V . 21.59 -11.39 -9.26
O2P PCW V . 22.37 -12.27 -7.08
O3P PCW V . 22.15 -9.73 -7.45
O4P PCW V . 20.23 -11.21 -7.15
P PCW V . 21.60 -11.22 -7.77
C1 PCW W . 14.76 4.47 -22.47
C2 PCW W . 15.86 5.19 -23.34
C3 PCW W . 16.68 6.20 -22.47
C4 PCW W . 15.84 0.04 -23.71
C5 PCW W . 15.41 -1.43 -23.64
C6 PCW W . 15.03 -3.38 -25.24
C7 PCW W . 17.30 -2.63 -24.71
C8 PCW W . 16.05 -3.37 -23.57
C11 PCW W . 17.29 7.89 -24.06
C12 PCW W . 18.47 8.40 -24.85
C13 PCW W . 19.46 9.12 -23.84
C14 PCW W . 20.73 9.69 -24.48
C15 PCW W . 21.16 11.09 -23.96
C16 PCW W . 22.65 11.06 -23.46
C17 PCW W . 23.73 11.70 -24.41
C18 PCW W . 23.69 13.23 -24.42
C19 PCW W . 25.10 13.86 -24.45
C20 PCW W . 25.39 15.04 -23.77
C21 PCW W . 24.56 15.92 -22.92
C22 PCW W . 25.16 15.88 -21.49
C23 PCW W . 25.34 17.23 -20.74
C24 PCW W . 24.31 17.57 -19.70
C25 PCW W . 22.80 17.68 -20.05
C26 PCW W . 22.24 19.09 -20.17
C27 PCW W . 22.50 19.86 -21.49
C28 PCW W . 22.23 21.33 -21.29
C31 PCW W . 17.02 4.28 -25.20
C32 PCW W . 18.03 3.20 -25.60
C33 PCW W . 19.58 3.66 -25.61
C34 PCW W . 19.79 5.09 -26.09
C35 PCW W . 21.27 5.15 -26.64
C36 PCW W . 21.74 6.59 -26.92
C37 PCW W . 23.19 6.73 -27.47
C38 PCW W . 23.36 7.95 -28.31
C39 PCW W . 24.76 8.08 -28.85
C40 PCW W . 25.69 8.94 -28.44
C41 PCW W . 25.51 9.95 -27.32
C42 PCW W . 26.95 10.40 -26.80
C43 PCW W . 27.38 11.85 -27.00
C44 PCW W . 28.77 11.99 -26.42
C45 PCW W . 28.86 12.72 -25.11
C46 PCW W . 28.95 14.21 -25.27
C47 PCW W . 29.55 14.97 -24.11
C48 PCW W . 29.58 16.48 -24.39
N PCW W . 15.89 -2.34 -24.64
O2 PCW W . 16.82 4.19 -23.88
O3 PCW W . 17.67 6.85 -23.28
O11 PCW W . 16.17 8.34 -24.13
O31 PCW W . 16.48 5.11 -25.98
O1P PCW W . 16.24 2.12 -21.73
O2P PCW W . 13.90 1.55 -21.08
O3P PCW W . 14.34 3.20 -23.01
O4P PCW W . 14.70 0.80 -23.22
P PCW W . 14.83 1.91 -22.18
C1 PCW X . -20.78 -11.13 14.77
C2 PCW X . -20.23 -9.67 14.54
C3 PCW X . -21.40 -8.64 14.63
C4 PCW X . -20.90 -15.01 15.93
C5 PCW X . -20.92 -16.19 16.91
C6 PCW X . -22.32 -18.32 16.99
C7 PCW X . -20.20 -18.27 15.77
C8 PCW X . -20.46 -18.06 17.58
C11 PCW X . -21.78 -6.33 14.07
C12 PCW X . -21.05 -5.02 13.95
C13 PCW X . -21.57 -4.08 15.09
C14 PCW X . -20.94 -2.69 15.13
C15 PCW X . -21.04 -1.93 16.49
C16 PCW X . -22.32 -1.02 16.52
C17 PCW X . -23.48 -1.46 17.47
C18 PCW X . -24.01 -0.32 18.36
C19 PCW X . -25.36 -0.67 19.03
C20 PCW X . -25.43 -1.17 20.33
C21 PCW X . -24.42 -1.48 21.35
C22 PCW X . -25.08 -2.48 22.34
C23 PCW X . -25.43 -1.96 23.76
C24 PCW X . -26.70 -2.48 24.36
C25 PCW X . -26.85 -2.62 25.91
C26 PCW X . -26.82 -4.02 26.47
C27 PCW X . -27.75 -4.35 27.65
C28 PCW X . -27.05 -5.26 28.63
C31 PCW X . -17.99 -9.20 15.18
C32 PCW X . -17.11 -8.84 16.38
C33 PCW X . -16.52 -7.35 16.38
C34 PCW X . -17.54 -6.29 16.79
C35 PCW X . -16.74 -5.25 17.68
C36 PCW X . -17.54 -4.81 18.93
C37 PCW X . -16.80 -3.78 19.84
C38 PCW X . -17.75 -3.04 20.72
C39 PCW X . -17.05 -2.04 21.61
C40 PCW X . -17.23 -1.88 22.92
C41 PCW X . -18.20 -2.69 23.76
C42 PCW X . -18.24 -2.07 25.23
C43 PCW X . -17.71 -2.91 26.38
C44 PCW X . -17.86 -2.07 27.64
C45 PCW X . -17.00 -2.48 28.80
C46 PCW X . -16.08 -1.39 29.29
C47 PCW X . -16.60 -0.52 30.42
C48 PCW X . -15.57 0.54 30.82
N PCW X . -21.23 -17.50 16.43
O2 PCW X . -19.25 -9.32 15.61
O3 PCW X . -20.90 -7.31 14.43
O11 PCW X . -22.95 -6.49 13.89
O31 PCW X . -17.59 -9.34 13.98
O1P PCW X . -18.93 -12.88 15.85
O2P PCW X . -19.75 -12.46 18.17
O3P PCW X . -21.00 -11.46 16.16
O4P PCW X . -21.08 -13.82 16.74
P PCW X . -20.12 -12.66 16.75
C1 PCW Y . -9.26 -15.39 11.92
C2 PCW Y . -9.18 -14.65 13.32
C3 PCW Y . -8.98 -13.12 13.10
C4 PCW Y . -6.26 -17.91 14.14
C5 PCW Y . -6.95 -17.88 15.51
C6 PCW Y . -5.62 -18.39 17.63
C7 PCW Y . -6.42 -16.12 17.18
C8 PCW Y . -7.43 -17.63 17.49
C11 PCW Y . -7.77 -12.57 15.11
C12 PCW Y . -7.90 -11.78 16.39
C13 PCW Y . -8.38 -12.76 17.52
C14 PCW Y . -8.57 -12.12 18.90
C15 PCW Y . -7.85 -12.82 20.09
C16 PCW Y . -6.70 -11.92 20.66
C17 PCW Y . -5.22 -12.34 20.34
C18 PCW Y . -4.40 -12.64 21.59
C19 PCW Y . -2.87 -12.55 21.33
C20 PCW Y . -2.11 -11.46 21.76
C21 PCW Y . -2.47 -10.23 22.51
C22 PCW Y . -1.28 -9.25 22.34
C23 PCW Y . -1.04 -8.21 23.47
C24 PCW Y . -0.27 -6.99 23.10
C25 PCW Y . -0.92 -5.80 22.36
C26 PCW Y . -1.71 -4.82 23.22
C27 PCW Y . -0.91 -3.73 23.99
C28 PCW Y . -1.52 -3.51 25.35
C31 PCW Y . -10.32 -15.34 15.29
C32 PCW Y . -11.71 -15.47 15.92
C33 PCW Y . -12.61 -14.13 15.92
C34 PCW Y . -12.16 -13.09 16.95
C35 PCW Y . -11.90 -11.76 16.11
C36 PCW Y . -11.86 -10.50 17.00
C37 PCW Y . -11.61 -9.15 16.24
C38 PCW Y . -10.34 -8.49 16.65
C39 PCW Y . -10.10 -7.19 15.93
C40 PCW Y . -9.47 -6.12 16.39
C41 PCW Y . -8.85 -6.02 17.78
C42 PCW Y . -8.68 -4.48 18.14
C43 PCW Y . -8.99 -4.03 19.56
C44 PCW Y . -8.74 -2.53 19.61
C45 PCW Y . -7.70 -2.07 20.59
C46 PCW Y . -6.85 -0.93 20.08
C47 PCW Y . -7.16 0.43 20.65
C48 PCW Y . -6.22 1.49 20.03
N PCW Y . -6.21 -17.44 16.65
O2 PCW Y . -10.46 -14.83 14.07
O3 PCW Y . -8.90 -12.45 14.38
O11 PCW Y . -6.80 -13.20 14.79
O31 PCW Y . -9.23 -15.66 15.85
O1P PCW Y . -6.94 -18.33 11.35
O2P PCW Y . -6.50 -15.88 11.18
O3P PCW Y . -8.80 -16.75 11.94
O4P PCW Y . -6.83 -16.82 13.36
P PCW Y . -7.20 -16.96 11.90
C1 PCW Z . 13.21 -10.50 -1.79
C2 PCW Z . 14.21 -9.56 -1.01
C3 PCW Z . 14.04 -9.74 0.53
C4 PCW Z . 11.52 -13.05 0.41
C5 PCW Z . 11.48 -14.21 1.41
C6 PCW Z . 9.97 -15.75 2.78
C7 PCW Z . 9.51 -15.37 0.42
C8 PCW Z . 11.00 -16.18 1.17
C11 PCW Z . 15.95 -9.45 1.97
C12 PCW Z . 16.77 -8.36 2.62
C13 PCW Z . 15.95 -7.76 3.81
C14 PCW Z . 16.63 -6.63 4.59
C15 PCW Z . 18.19 -6.71 4.68
C16 PCW Z . 18.84 -5.60 3.79
C17 PCW Z . 19.92 -6.06 2.74
C18 PCW Z . 21.32 -5.52 3.01
C19 PCW Z . 21.89 -6.00 4.36
C20 PCW Z . 23.23 -5.85 4.70
C21 PCW Z . 24.38 -5.27 3.99
C22 PCW Z . 25.28 -4.58 5.06
C23 PCW Z . 25.31 -3.02 5.08
C24 PCW Z . 26.52 -2.36 4.49
C25 PCW Z . 27.54 -1.61 5.40
C26 PCW Z . 29.01 -1.74 5.02
C27 PCW Z . 29.94 -0.57 5.33
C28 PCW Z . 30.72 -0.18 4.09
C31 PCW Z . 16.44 -8.89 -1.54
C32 PCW Z . 17.84 -9.44 -1.88
C33 PCW Z . 19.01 -9.03 -0.88
C34 PCW Z . 18.96 -7.56 -0.44
C35 PCW Z . 19.33 -6.71 -1.73
C36 PCW Z . 19.95 -5.33 -1.38
C37 PCW Z . 20.32 -4.43 -2.59
C38 PCW Z . 21.70 -3.88 -2.48
C39 PCW Z . 22.10 -3.02 -3.65
C40 PCW Z . 23.27 -2.99 -4.29
C41 PCW Z . 24.45 -3.87 -3.93
C42 PCW Z . 25.76 -2.97 -3.96
C43 PCW Z . 26.60 -2.95 -5.22
C44 PCW Z . 27.77 -2.03 -4.97
C45 PCW Z . 28.18 -1.16 -6.14
C46 PCW Z . 29.26 -0.17 -5.82
C47 PCW Z . 29.91 0.52 -7.00
C48 PCW Z . 30.99 1.51 -6.53
N PCW Z . 10.26 -14.96 1.58
O2 PCW Z . 15.62 -9.94 -1.36
O3 PCW Z . 14.95 -8.88 1.23
O11 PCW Z . 16.13 -10.64 2.11
O31 PCW Z . 16.13 -7.68 -1.44
O1P PCW Z . 11.36 -12.59 -2.44
O2P PCW Z . 13.20 -14.28 -2.53
O3P PCW Z . 13.73 -11.80 -2.10
O4P PCW Z . 12.70 -13.24 -0.42
P PCW Z . 12.69 -13.03 -1.93
C1 PCW AA . 8.15 4.03 -14.70
C2 PCW AA . 8.56 5.54 -14.56
C3 PCW AA . 9.66 5.70 -13.44
C4 PCW AA . 11.25 1.97 -17.88
C5 PCW AA . 11.44 0.68 -18.67
C6 PCW AA . 12.99 -0.94 -19.88
C7 PCW AA . 13.85 0.47 -18.08
C8 PCW AA . 12.58 -0.86 -17.96
C11 PCW AA . 10.61 7.51 -12.16
C12 PCW AA . 10.90 8.98 -12.25
C13 PCW AA . 12.43 9.15 -12.57
C14 PCW AA . 12.91 10.59 -12.70
C15 PCW AA . 14.45 10.78 -12.75
C16 PCW AA . 14.93 10.90 -14.24
C17 PCW AA . 16.34 10.28 -14.59
C18 PCW AA . 17.43 11.33 -14.76
C19 PCW AA . 18.77 10.92 -14.10
C20 PCW AA . 19.16 11.41 -12.86
C21 PCW AA . 18.54 12.36 -11.90
C22 PCW AA . 18.37 11.61 -10.56
C23 PCW AA . 16.92 11.35 -10.08
C24 PCW AA . 16.74 11.09 -8.61
C25 PCW AA . 15.41 10.48 -8.05
C26 PCW AA . 15.49 9.84 -6.69
C27 PCW AA . 15.05 10.71 -5.47
C28 PCW AA . 16.01 10.49 -4.31
C31 PCW AA . 8.26 6.59 -16.67
C32 PCW AA . 9.02 7.03 -17.93
C33 PCW AA . 9.66 5.86 -18.79
C34 PCW AA . 9.65 6.14 -20.29
C35 PCW AA . 10.96 6.98 -20.58
C36 PCW AA . 10.85 7.82 -21.86
C37 PCW AA . 12.10 8.69 -22.20
C38 PCW AA . 11.74 10.09 -22.59
C39 PCW AA . 12.93 10.94 -22.94
C40 PCW AA . 12.98 12.27 -22.98
C41 PCW AA . 11.79 13.18 -22.69
C42 PCW AA . 12.23 14.68 -23.02
C43 PCW AA . 11.14 15.74 -23.08
C44 PCW AA . 11.83 17.06 -23.40
C45 PCW AA . 11.56 18.18 -22.42
C46 PCW AA . 12.05 19.52 -22.90
C47 PCW AA . 13.15 20.16 -22.09
C48 PCW AA . 13.54 21.52 -22.69
N PCW AA . 12.75 0.21 -18.99
O2 PCW AA . 9.15 6.04 -15.83
O3 PCW AA . 10.03 7.09 -13.33
O11 PCW AA . 10.83 6.80 -11.21
O31 PCW AA . 7.02 6.71 -16.46
O1P PCW AA . 11.05 3.12 -15.23
O2P PCW AA . 9.50 1.21 -14.84
O3P PCW AA . 8.64 3.40 -15.91
O4P PCW AA . 10.04 1.79 -17.10
P PCW AA . 9.86 2.37 -15.71
C1 PCW BA . 13.71 -0.84 -14.43
C2 PCW BA . 14.60 0.45 -14.31
C3 PCW BA . 13.69 1.73 -14.44
C4 PCW BA . 14.45 -3.07 -11.59
C5 PCW BA . 15.35 -3.91 -10.68
C6 PCW BA . 14.70 -5.72 -9.00
C7 PCW BA . 15.34 -6.32 -11.27
C8 PCW BA . 16.38 -5.52 -9.97
C11 PCW BA . 14.90 3.52 -15.48
C12 PCW BA . 15.70 4.75 -15.14
C13 PCW BA . 17.18 4.30 -14.82
C14 PCW BA . 18.13 5.44 -14.44
C15 PCW BA . 18.33 5.68 -12.91
C16 PCW BA . 18.30 7.22 -12.58
C17 PCW BA . 17.63 7.66 -11.24
C18 PCW BA . 18.60 7.65 -10.06
C19 PCW BA . 17.90 7.34 -8.71
C20 PCW BA . 18.52 7.55 -7.49
C21 PCW BA . 19.86 8.07 -7.11
C22 PCW BA . 19.63 9.25 -6.14
C23 PCW BA . 19.97 10.68 -6.66
C24 PCW BA . 20.36 11.69 -5.63
C25 PCW BA . 19.32 12.66 -5.01
C26 PCW BA . 19.86 13.91 -4.33
C27 PCW BA . 19.77 13.99 -2.79
C28 PCW BA . 18.85 15.11 -2.38
C31 PCW BA . 16.44 -0.07 -12.92
C32 PCW BA . 16.97 0.06 -11.48
C33 PCW BA . 17.59 1.49 -11.11
C34 PCW BA . 19.06 1.42 -10.69
C35 PCW BA . 19.78 2.57 -11.52
C36 PCW BA . 20.96 3.20 -10.75
C37 PCW BA . 21.72 4.33 -11.51
C38 PCW BA . 22.35 5.31 -10.57
C39 PCW BA . 23.09 6.41 -11.28
C40 PCW BA . 23.10 7.70 -10.97
C41 PCW BA . 22.34 8.31 -9.80
C42 PCW BA . 22.77 9.83 -9.66
C43 PCW BA . 23.65 10.25 -8.50
C44 PCW BA . 23.90 11.74 -8.63
C45 PCW BA . 24.84 12.33 -7.61
C46 PCW BA . 24.49 13.73 -7.21
C47 PCW BA . 23.88 13.90 -5.83
C48 PCW BA . 23.57 15.38 -5.55
N PCW BA . 14.97 -5.25 -10.36
O2 PCW BA . 15.24 0.51 -12.96
O3 PCW BA . 14.50 2.91 -14.33
O11 PCW BA . 14.64 3.15 -16.59
O31 PCW BA . 17.04 -0.64 -13.87
O1P PCW BA . 12.76 -3.55 -13.90
O2P PCW BA . 14.85 -4.51 -14.87
O3P PCW BA . 14.40 -1.98 -14.99
O4P PCW BA . 15.04 -3.12 -12.92
P PCW BA . 14.22 -3.36 -14.17
C1 PCW CA . -5.40 -1.00 -5.59
C2 PCW CA . -4.43 -0.24 -4.60
C3 PCW CA . -4.16 1.21 -5.12
C4 PCW CA . -2.37 -3.30 -5.19
C5 PCW CA . -1.75 -4.49 -5.94
C6 PCW CA . -0.21 -3.69 -7.80
C7 PCW CA . 0.58 -5.30 -6.14
C8 PCW CA . -0.75 -5.53 -7.39
C11 PCW CA . -3.67 3.11 -3.76
C12 PCW CA . -2.63 3.66 -2.83
C13 PCW CA . -3.23 3.69 -1.37
C14 PCW CA . -2.30 4.22 -0.28
C15 PCW CA . -1.92 3.19 0.83
C16 PCW CA . -2.13 3.81 2.25
C17 PCW CA . -3.60 3.99 2.75
C18 PCW CA . -3.76 5.06 3.82
C19 PCW CA . -4.07 6.46 3.25
C20 PCW CA . -4.57 7.49 4.03
C21 PCW CA . -4.90 7.59 5.47
C22 PCW CA . -4.19 8.86 6.01
C23 PCW CA . -4.55 9.31 7.45
C24 PCW CA . -5.29 10.61 7.60
C25 PCW CA . -5.49 11.26 8.99
C26 PCW CA . -5.58 12.78 9.02
C27 PCW CA . -6.80 13.45 8.34
C28 PCW CA . -7.53 14.33 9.32
C31 PCW CA . -4.71 -1.07 -2.39
C32 PCW CA . -5.44 -0.80 -1.06
C33 PCW CA . -5.25 0.68 -0.48
C34 PCW CA . -6.56 1.47 -0.41
C35 PCW CA . -6.62 2.31 -1.75
C36 PCW CA . -8.06 2.77 -2.10
C37 PCW CA . -8.21 3.61 -3.41
C38 PCW CA . -8.16 5.07 -3.13
C39 PCW CA . -8.30 5.90 -4.38
C40 PCW CA . -7.35 6.61 -4.99
C41 PCW CA . -5.91 6.69 -4.50
C42 PCW CA . -5.84 7.72 -3.28
C43 PCW CA . -4.52 8.38 -2.95
C44 PCW CA . -4.76 9.30 -1.76
C45 PCW CA . -5.26 10.68 -2.09
C46 PCW CA . -6.20 11.25 -1.05
C47 PCW CA . -7.27 12.19 -1.56
C48 PCW CA . -8.15 12.70 -0.42
N PCW CA . -0.45 -4.36 -6.51
O2 PCW CA . -5.06 -0.12 -3.25
O3 PCW CA . -3.28 1.89 -4.21
O11 PCW CA . -4.70 3.66 -4.05
O31 PCW CA . -3.94 -2.05 -2.62
O1P PCW CA . -4.90 -4.59 -4.56
O2P PCW CA . -5.41 -4.07 -6.94
O3P PCW CA . -5.82 -2.30 -5.12
O4P PCW CA . -3.57 -2.93 -5.92
P PCW CA . -4.93 -3.55 -5.65
C1 PCW DA . 2.87 -21.80 18.76
C2 PCW DA . 2.80 -20.49 19.64
C3 PCW DA . 3.03 -20.83 21.16
C4 PCW DA . 2.04 -21.15 14.03
C5 PCW DA . 0.76 -20.67 13.34
C6 PCW DA . 1.14 -18.31 13.02
C7 PCW DA . -0.43 -19.42 11.68
C8 PCW DA . 1.77 -19.82 11.25
C11 PCW DA . 1.95 -19.46 22.81
C12 PCW DA . 2.09 -18.15 23.53
C13 PCW DA . 2.83 -18.42 24.89
C14 PCW DA . 3.06 -17.18 25.77
C15 PCW DA . 3.61 -17.46 27.20
C16 PCW DA . 2.44 -17.47 28.24
C17 PCW DA . 2.62 -18.36 29.52
C18 PCW DA . 1.41 -18.32 30.46
C19 PCW DA . 1.43 -19.45 31.50
C20 PCW DA . 0.38 -19.67 32.39
C21 PCW DA . -0.92 -18.96 32.59
C22 PCW DA . -0.83 -18.25 33.97
C23 PCW DA . -1.05 -16.71 34.00
C24 PCW DA . -0.62 -15.98 35.23
C25 PCW DA . -1.02 -14.50 35.45
C26 PCW DA . -1.95 -14.21 36.62
C27 PCW DA . -3.30 -13.53 36.32
C28 PCW DA . -4.36 -14.59 36.11
C31 PCW DA . 5.13 -19.95 19.34
C32 PCW DA . 6.06 -18.81 18.85
C33 PCW DA . 6.59 -17.83 20.00
C34 PCW DA . 5.56 -16.79 20.45
C35 PCW DA . 5.67 -16.73 22.03
C36 PCW DA . 6.38 -15.46 22.52
C37 PCW DA . 6.54 -15.33 24.07
C38 PCW DA . 5.74 -14.18 24.61
C39 PCW DA . 5.87 -14.04 26.10
C40 PCW DA . 6.26 -12.96 26.78
C41 PCW DA . 6.65 -11.63 26.14
C42 PCW DA . 5.91 -10.47 26.94
C43 PCW DA . 6.40 -10.12 28.33
C44 PCW DA . 5.52 -8.98 28.85
C45 PCW DA . 4.28 -9.41 29.59
C46 PCW DA . 4.53 -9.83 31.00
C47 PCW DA . 4.65 -8.73 32.03
C48 PCW DA . 4.90 -9.31 33.43
N PCW DA . 0.81 -19.60 12.38
O2 PCW DA . 3.87 -19.52 19.22
O3 PCW DA . 2.98 -19.61 21.93
O11 PCW DA . 1.06 -20.26 22.99
O31 PCW DA . 5.52 -21.08 19.77
O1P PCW DA . 3.23 -23.32 15.56
O2P PCW DA . 1.14 -23.09 16.92
O3P PCW DA . 3.17 -21.57 17.37
O4P PCW DA . 1.72 -21.30 15.43
P PCW DA . 2.30 -22.40 16.30
C1 PCW EA . -5.95 2.02 -8.56
C2 PCW EA . -4.92 3.20 -8.54
C3 PCW EA . -5.57 4.47 -7.90
C4 PCW EA . -2.59 -0.32 -10.54
C5 PCW EA . -2.20 0.61 -11.69
C6 PCW EA . -0.35 2.37 -11.79
C7 PCW EA . 0.05 0.09 -12.60
C8 PCW EA . -1.14 1.34 -13.28
C11 PCW EA . -4.43 6.27 -9.02
C12 PCW EA . -3.41 7.33 -8.77
C13 PCW EA . -4.11 8.53 -8.03
C14 PCW EA . -3.20 9.72 -7.71
C15 PCW EA . -3.77 10.74 -6.67
C16 PCW EA . -2.61 11.59 -6.04
C17 PCW EA . -2.86 12.16 -4.60
C18 PCW EA . -2.84 13.69 -4.55
C19 PCW EA . -4.19 14.29 -4.09
C20 PCW EA . -4.37 14.86 -2.83
C21 PCW EA . -3.44 15.03 -1.68
C22 PCW EA . -3.16 16.57 -1.57
C23 PCW EA . -2.54 17.09 -0.25
C24 PCW EA . -2.93 18.47 0.17
C25 PCW EA . -4.26 18.72 0.94
C26 PCW EA . -4.18 19.62 2.15
C27 PCW EA . -5.51 20.17 2.72
C28 PCW EA . -5.29 20.71 4.12
C31 PCW EA . -2.58 2.86 -8.38
C32 PCW EA . -1.46 2.47 -7.40
C33 PCW EA . -1.15 3.54 -6.25
C34 PCW EA . -0.34 4.74 -6.75
C35 PCW EA . -0.97 6.01 -6.04
C36 PCW EA . 0.08 6.86 -5.30
C37 PCW EA . -0.48 8.13 -4.58
C38 PCW EA . -0.13 8.14 -3.13
C39 PCW EA . -0.67 9.35 -2.41
C40 PCW EA . 0.04 10.33 -1.84
C41 PCW EA . 1.55 10.38 -1.83
C42 PCW EA . 2.03 10.61 -0.32
C43 PCW EA . 3.31 9.95 0.14
C44 PCW EA . 3.52 10.34 1.59
C45 PCW EA . 4.40 9.42 2.39
C46 PCW EA . 3.68 8.70 3.51
C47 PCW EA . 3.73 9.35 4.87
C48 PCW EA . 2.95 8.52 5.90
N PCW EA . -0.82 0.97 -11.86
O2 PCW EA . -3.73 2.84 -7.72
O3 PCW EA . -4.63 5.55 -7.87
O11 PCW EA . -5.00 6.08 -10.06
O31 PCW EA . -2.42 3.12 -9.60
O1P PCW EA . -4.10 0.01 -8.08
O2P PCW EA . -5.77 -1.45 -9.24
O3P PCW EA . -5.75 1.09 -9.65
O4P PCW EA . -4.06 -0.40 -10.56
P PCW EA . -4.90 -0.24 -9.32
C1 PCW FA . 21.81 -6.55 -13.18
C2 PCW FA . 22.89 -5.39 -13.34
C3 PCW FA . 22.22 -4.13 -14.01
C4 PCW FA . 24.31 -10.68 -12.35
C5 PCW FA . 24.16 -11.84 -11.37
C6 PCW FA . 26.61 -12.17 -10.71
C7 PCW FA . 24.80 -12.70 -9.13
C8 PCW FA . 25.16 -13.51 -10.75
C11 PCW FA . 23.78 -2.91 -15.38
C12 PCW FA . 24.77 -1.78 -15.31
C13 PCW FA . 26.16 -2.32 -15.80
C14 PCW FA . 27.31 -1.29 -15.80
C15 PCW FA . 28.56 -1.68 -16.64
C16 PCW FA . 28.18 -1.84 -18.16
C17 PCW FA . 28.63 -0.69 -19.14
C18 PCW FA . 30.12 -0.72 -19.46
C19 PCW FA . 30.50 0.22 -20.62
C20 PCW FA . 30.67 1.59 -20.45
C21 PCW FA . 30.56 2.48 -19.27
C22 PCW FA . 31.89 3.26 -19.16
C23 PCW FA . 32.62 3.25 -17.80
C24 PCW FA . 34.11 3.38 -17.82
C25 PCW FA . 34.86 4.15 -16.70
C26 PCW FA . 35.98 5.07 -17.15
C27 PCW FA . 35.63 6.57 -17.37
C28 PCW FA . 36.87 7.41 -17.19
C31 PCW FA . 24.71 -4.99 -11.89
C32 PCW FA . 25.07 -4.54 -10.46
C33 PCW FA . 25.35 -2.97 -10.29
C34 PCW FA . 24.21 -2.23 -9.57
C35 PCW FA . 24.92 -1.42 -8.40
C36 PCW FA . 24.71 0.11 -8.53
C37 PCW FA . 25.37 0.97 -7.41
C38 PCW FA . 25.53 2.39 -7.82
C39 PCW FA . 26.17 3.25 -6.76
C40 PCW FA . 25.85 4.49 -6.43
C41 PCW FA . 24.75 5.30 -7.11
C42 PCW FA . 24.01 6.16 -6.00
C43 PCW FA . 24.32 7.64 -5.89
C44 PCW FA . 23.48 8.21 -4.76
C45 PCW FA . 23.53 9.71 -4.63
C46 PCW FA . 23.40 10.20 -3.21
C47 PCW FA . 23.24 11.69 -3.03
C48 PCW FA . 23.13 12.05 -1.54
N PCW FA . 25.17 -12.07 -10.39
O2 PCW FA . 23.38 -4.97 -12.01
O3 PCW FA . 23.21 -3.10 -14.15
O11 PCW FA . 23.52 -3.56 -16.36
O31 PCW FA . 25.53 -5.32 -12.79
O1P PCW FA . 23.83 -8.02 -11.30
O2P PCW FA . 21.48 -8.82 -11.12
O3P PCW FA . 22.36 -7.87 -13.34
O4P PCW FA . 23.00 -10.06 -12.50
P PCW FA . 22.67 -8.67 -11.99
C1 PCW GA . 0.91 -5.15 -1.09
C2 PCW GA . 0.20 -4.37 0.08
C3 PCW GA . 0.43 -5.10 1.45
C4 PCW GA . -3.06 -5.62 -1.69
C5 PCW GA . -4.20 -6.08 -0.77
C6 PCW GA . -6.09 -4.65 -1.25
C7 PCW GA . -6.46 -6.80 -0.42
C8 PCW GA . -5.79 -6.63 -2.59
C11 PCW GA . -0.33 -4.95 3.73
C12 PCW GA . -1.02 -4.00 4.67
C13 PCW GA . -2.42 -4.60 5.06
C14 PCW GA . -3.26 -3.75 6.02
C15 PCW GA . -2.47 -3.03 7.16
C16 PCW GA . -3.45 -2.22 8.08
C17 PCW GA . -3.12 -2.19 9.61
C18 PCW GA . -3.29 -0.80 10.24
C19 PCW GA . -3.60 -0.85 11.75
C20 PCW GA . -4.87 -0.64 12.27
C21 PCW GA . -6.17 -0.33 11.62
C22 PCW GA . -7.06 -1.60 11.79
C23 PCW GA . -8.26 -1.51 12.76
C24 PCW GA . -8.13 -2.25 14.05
C25 PCW GA . -7.54 -1.56 15.33
C26 PCW GA . -8.55 -0.86 16.23
C27 PCW GA . -8.31 0.62 16.56
C28 PCW GA . -9.62 1.29 16.91
C31 PCW GA . -0.11 -2.05 0.46
C32 PCW GA . 0.64 -0.72 0.57
C33 PCW GA . 1.38 -0.47 1.97
C34 PCW GA . 2.16 -1.70 2.46
C35 PCW GA . 2.89 -1.23 3.78
C36 PCW GA . 3.69 -2.39 4.44
C37 PCW GA . 4.45 -2.03 5.75
C38 PCW GA . 4.25 -3.06 6.82
C39 PCW GA . 4.98 -2.73 8.10
C40 PCW GA . 4.54 -2.00 9.11
C41 PCW GA . 3.18 -1.33 9.16
C42 PCW GA . 3.25 -0.14 10.22
C43 PCW GA . 2.59 -0.33 11.57
C44 PCW GA . 2.82 0.95 12.36
C45 PCW GA . 2.28 0.95 13.76
C46 PCW GA . 2.53 2.25 14.51
C47 PCW GA . 1.32 2.95 15.07
C48 PCW GA . 1.73 4.25 15.78
N PCW GA . -5.56 -6.03 -1.23
O2 PCW GA . 0.78 -3.01 0.21
O3 PCW GA . -0.22 -4.37 2.51
O11 PCW GA . 0.06 -6.06 4.01
O31 PCW GA . -1.37 -2.21 0.57
O1P PCW GA . -0.66 -5.41 -3.34
O2P PCW GA . -0.70 -7.89 -3.16
O3P PCW GA . 0.38 -6.48 -1.31
O4P PCW GA . -2.03 -6.63 -1.61
P PCW GA . -0.76 -6.61 -2.44
C1 PCW HA . 18.50 0.69 -20.27
C2 PCW HA . 19.70 1.58 -20.79
C3 PCW HA . 19.64 2.98 -20.11
C4 PCW HA . 19.56 -4.09 -19.91
C5 PCW HA . 20.93 -4.23 -19.25
C6 PCW HA . 21.24 -6.74 -19.63
C7 PCW HA . 23.18 -5.29 -19.33
C8 PCW HA . 21.86 -5.67 -18.11
C11 PCW HA . 20.54 4.61 -21.64
C12 PCW HA . 21.79 5.40 -21.90
C13 PCW HA . 22.67 4.61 -22.94
C14 PCW HA . 23.98 5.29 -23.31
C15 PCW HA . 24.84 4.57 -24.39
C16 PCW HA . 25.99 5.51 -24.91
C17 PCW HA . 27.25 5.68 -23.99
C18 PCW HA . 28.12 6.89 -24.36
C19 PCW HA . 29.64 6.58 -24.32
C20 PCW HA . 30.44 6.86 -23.22
C21 PCW HA . 30.15 7.46 -21.89
C22 PCW HA . 30.73 8.91 -21.92
C23 PCW HA . 30.04 9.98 -21.03
C24 PCW HA . 30.89 10.64 -19.99
C25 PCW HA . 31.36 9.86 -18.73
C26 PCW HA . 32.76 10.16 -18.23
C27 PCW HA . 32.96 11.40 -17.34
C28 PCW HA . 33.85 11.07 -16.16
C31 PCW HA . 21.46 0.05 -21.28
C32 PCW HA . 22.80 -0.49 -20.76
C33 PCW HA . 22.84 -0.87 -19.20
C34 PCW HA . 24.12 -0.44 -18.50
C35 PCW HA . 24.06 1.14 -18.43
C36 PCW HA . 25.45 1.78 -18.22
C37 PCW HA . 25.47 3.35 -18.15
C38 PCW HA . 26.79 3.88 -17.72
C39 PCW HA . 26.82 5.39 -17.65
C40 PCW HA . 27.88 6.17 -17.51
C41 PCW HA . 29.31 5.66 -17.38
C42 PCW HA . 30.14 6.72 -16.53
C43 PCW HA . 31.55 6.37 -16.11
C44 PCW HA . 32.09 7.54 -15.32
C45 PCW HA . 33.06 7.17 -14.22
C46 PCW HA . 32.88 7.99 -12.97
C47 PCW HA . 33.72 7.58 -11.78
C48 PCW HA . 33.43 8.48 -10.57
N PCW HA . 21.77 -5.36 -19.57
O2 PCW HA . 21.00 0.96 -20.41
O3 PCW HA . 20.73 3.80 -20.57
O11 PCW HA . 19.51 4.71 -22.26
O31 PCW HA . 20.89 -0.31 -22.35
O1P PCW HA . 17.18 -2.46 -19.75
O2P PCW HA . 17.97 -1.59 -21.94
O3P PCW HA . 18.89 -0.60 -19.74
O4P PCW HA . 19.53 -2.80 -20.56
P PCW HA . 18.32 -1.88 -20.53
C1 PCW IA . -24.18 8.65 -14.65
C2 PCW IA . -23.72 10.14 -14.94
C3 PCW IA . -24.53 10.72 -16.15
C4 PCW IA . -25.58 5.90 -11.48
C5 PCW IA . -26.00 6.62 -10.20
C6 PCW IA . -26.08 6.87 -7.80
C7 PCW IA . -24.61 5.33 -8.73
C8 PCW IA . -26.83 4.78 -8.75
C11 PCW IA . -24.96 13.09 -16.11
C12 PCW IA . -24.30 14.40 -16.46
C13 PCW IA . -24.36 14.57 -18.03
C14 PCW IA . -23.73 15.87 -18.56
C15 PCW IA . -24.27 17.18 -17.91
C16 PCW IA . -24.76 18.18 -19.02
C17 PCW IA . -24.10 19.61 -19.04
C18 PCW IA . -22.63 19.58 -19.41
C19 PCW IA . -22.08 20.97 -19.80
C20 PCW IA . -21.65 21.89 -18.86
C21 PCW IA . -21.59 21.84 -17.38
C22 PCW IA . -21.90 23.29 -16.88
C23 PCW IA . -22.52 23.44 -15.46
C24 PCW IA . -24.02 23.52 -15.38
C25 PCW IA . -24.88 22.23 -15.29
C26 PCW IA . -25.93 22.03 -16.37
C27 PCW IA . -27.21 22.90 -16.29
C28 PCW IA . -27.19 23.93 -17.39
C31 PCW IA . -23.02 11.86 -13.46
C32 PCW IA . -23.45 12.67 -12.23
C33 PCW IA . -22.25 13.18 -11.30
C34 PCW IA . -21.73 14.57 -11.68
C35 PCW IA . -22.86 15.58 -11.24
C36 PCW IA . -22.69 16.06 -9.78
C37 PCW IA . -23.78 17.07 -9.27
C38 PCW IA . -24.14 16.83 -7.84
C39 PCW IA . -25.17 17.79 -7.33
C40 PCW IA . -25.04 18.66 -6.33
C41 PCW IA . -23.77 18.83 -5.52
C42 PCW IA . -23.24 20.33 -5.72
C43 PCW IA . -21.76 20.59 -5.65
C44 PCW IA . -21.57 22.09 -5.86
C45 PCW IA . -20.34 22.47 -6.63
C46 PCW IA . -20.48 23.76 -7.40
C47 PCW IA . -19.84 23.80 -8.77
C48 PCW IA . -20.06 25.17 -9.43
N PCW IA . -25.89 5.94 -8.94
O2 PCW IA . -24.01 11.00 -13.76
O3 PCW IA . -24.11 12.07 -16.42
O11 PCW IA . -26.05 12.97 -15.62
O31 PCW IA . -21.93 11.99 -14.08
O1P PCW IA . -24.75 6.00 -14.26
O2P PCW IA . -22.47 5.79 -13.27
O3P PCW IA . -23.60 8.10 -13.45
O4P PCW IA . -24.27 6.42 -11.83
P PCW IA . -23.75 6.51 -13.25
C1 17F JA . -17.91 7.87 -20.26
N1 17F JA . -16.39 9.01 -21.90
O1 17F JA . -18.88 11.28 -21.54
P1 17F JA . -18.70 10.27 -20.42
C2 17F JA . -16.74 7.76 -21.26
O2 17F JA . -20.20 10.13 -20.28
C3 17F JA . -17.09 6.72 -22.33
O3 17F JA . -18.87 8.76 -20.72
C4 17F JA . -18.74 9.85 -17.83
O4 17F JA . -17.05 7.00 -23.60
C5 17F JA . -18.96 10.52 -16.44
O5 17F JA . -17.42 5.58 -22.03
C6 17F JA . -18.70 9.47 -15.33
O6 17F JA . -18.90 10.75 -18.93
C7 17F JA . -17.91 9.94 -13.18
O7 17F JA . -18.88 10.02 -14.04
C8 17F JA . -18.36 10.60 -11.86
O8 17F JA . -16.81 9.45 -13.30
C9 17F JA . -17.19 11.21 -11.06
O9 17F JA . -18.16 11.70 -16.27
C10 17F JA . -17.57 11.91 -9.70
O10 17F JA . -19.42 12.97 -14.83
C11 17F JA . -16.34 12.29 -8.80
C12 17F JA . -16.78 12.99 -7.45
C17 17F JA . -18.88 12.74 -15.92
C18 17F JA . -19.02 13.73 -17.05
C19 17F JA . -18.77 15.21 -16.63
C20 17F JA . -19.87 16.19 -17.21
C1X 17F JA . -15.55 13.34 -6.61
C1Y 17F JA . -19.59 17.65 -16.77
C1Z 17F JA . -20.87 18.31 -16.24
C2X 17F JA . -15.95 14.05 -5.22
C21 17F JA . -15.75 13.12 -3.99
C22 17F JA . -14.76 13.20 -3.16
C23 17F JA . -13.65 14.16 -3.18
C24 17F JA . -12.73 14.09 -1.96
C25 17F JA . -11.56 15.05 -1.94
C26 17F JA . -11.10 15.54 -0.47
C27 17F JA . -9.93 16.50 -0.47
C28 17F JA . -9.62 16.86 1.03
C29 17F JA . -8.25 16.42 1.35
C30 17F JA . -7.82 16.70 2.76
C31 17F JA . -21.46 17.75 -14.91
C32 17F JA . -22.76 18.44 -14.41
C33 17F JA . -23.88 17.42 -14.32
C34 17F JA . -25.12 17.70 -13.93
C35 17F JA . -25.65 19.04 -13.51
C36 17F JA . -26.65 19.00 -12.30
C37 17F JA . -26.10 19.86 -11.22
C38 17F JA . -26.68 21.30 -11.19
C39 17F JA . -26.08 22.13 -10.04
C40 17F JA . -27.19 22.82 -9.25
C41 17F JA . -26.69 23.20 -7.80
C42 17F JA . -26.63 24.67 -7.40
C1 17F KA . 5.74 -11.53 3.53
N1 17F KA . 6.97 -12.63 1.64
O1 17F KA . 4.33 -10.12 5.55
P1 17F KA . 4.23 -9.59 4.14
C2 17F KA . 7.04 -11.64 2.70
O2 17F KA . 2.84 -9.37 3.60
C3 17F KA . 8.22 -11.96 3.63
O3 17F KA . 4.98 -10.46 3.09
C4 17F KA . 4.98 -7.46 2.78
O4 17F KA . 8.98 -12.98 3.43
C5 17F KA . 5.72 -6.09 2.88
O5 17F KA . 8.47 -11.26 4.60
C6 17F KA . 5.15 -5.11 1.82
O6 17F KA . 4.93 -8.17 4.02
C7 17F KA . 5.72 -3.06 0.86
O7 17F KA . 5.80 -3.85 1.89
C8 17F KA . 6.49 -1.76 1.20
O8 17F KA . 5.18 -3.19 -0.21
C9 17F KA . 5.56 -0.53 1.37
O9 17F KA . 5.65 -5.52 4.20
C10 17F KA . 6.28 0.83 1.72
O10 17F KA . 7.23 -6.72 5.37
C11 17F KA . 5.67 1.58 2.96
C12 17F KA . 6.43 2.92 3.27
C17 17F KA . 6.77 -5.69 4.86
C18 17F KA . 7.57 -4.40 4.99
C19 17F KA . 9.08 -4.54 4.73
C20 17F KA . 9.91 -3.29 5.20
C1X 17F KA . 5.80 3.62 4.49
C1Y 17F KA . 11.42 -3.49 4.91
C1Z 17F KA . 12.15 -2.15 4.87
C2X 17F KA . 6.54 5.00 4.86
C21 17F KA . 5.82 5.78 6.00
C22 17F KA . 5.81 5.42 7.24
C23 17F KA . 6.44 4.22 7.84
C24 17F KA . 5.63 3.58 8.96
C25 17F KA . 6.23 2.35 9.60
C26 17F KA . 6.38 2.40 11.20
C27 17F KA . 6.98 1.16 11.82
C28 17F KA . 7.05 1.39 13.38
C29 17F KA . 7.31 0.10 14.04
C30 17F KA . 7.40 0.16 15.53
C31 17F KA . 13.70 -2.19 4.60
C32 17F KA . 14.40 -0.81 4.56
C33 17F KA . 15.40 -0.73 5.71
C34 17F KA . 16.17 0.31 5.97
C35 17F KA . 16.24 1.62 5.20
C36 17F KA . 15.24 2.71 5.67
C37 17F KA . 14.74 3.46 4.50
C38 17F KA . 13.78 4.62 4.83
C39 17F KA . 13.31 5.36 3.56
C40 17F KA . 12.20 6.35 3.89
C41 17F KA . 10.77 5.73 3.61
C42 17F KA . 9.94 6.26 2.44
C1 17F LA . -16.21 6.59 -9.57
N1 17F LA . -13.76 6.02 -9.51
O1 17F LA . -17.66 4.62 -6.75
P1 17F LA . -17.71 5.83 -7.66
C2 17F LA . -15.01 5.88 -10.23
O2 17F LA . -18.67 5.74 -8.84
C3 17F LA . -14.83 6.42 -11.66
O3 17F LA . -16.32 6.20 -8.24
C4 17F LA . -18.27 8.39 -7.53
O4 17F LA . -13.71 6.89 -12.09
C5 17F LA . -18.72 9.56 -6.58
O5 17F LA . -15.75 6.40 -12.47
C6 17F LA . -19.88 10.35 -7.23
O6 17F LA . -18.15 7.13 -6.87
C7 17F LA . -21.22 12.23 -6.85
O7 17F LA . -20.31 11.42 -6.40
C8 17F LA . -21.49 13.30 -5.77
O8 17F LA . -21.83 12.24 -7.90
C9 17F LA . -20.31 14.30 -5.60
O9 17F LA . -19.07 9.09 -5.27
C10 17F LA . -20.51 15.42 -4.51
O10 17F LA . -18.61 10.82 -3.83
C11 17F LA . -19.39 16.53 -4.50
C12 17F LA . -19.65 17.61 -3.39
C17 17F LA . -18.40 9.71 -4.33
C18 17F LA . -17.22 8.90 -3.84
C19 17F LA . -17.54 7.95 -2.67
C20 17F LA . -17.10 8.53 -1.28
C1X 17F LA . -18.53 18.67 -3.42
C1Y 17F LA . -17.44 7.55 -0.13
C1Z 17F LA . -18.30 8.25 0.94
C2X 17F LA . -18.73 19.80 -2.31
C21 17F LA . -17.37 20.32 -1.74
C22 17F LA . -17.25 21.13 -0.75
C23 17F LA . -18.30 21.75 0.06
C24 17F LA . -17.84 22.92 0.91
C25 17F LA . -18.90 23.59 1.77
C26 17F LA . -18.36 24.52 2.95
C27 17F LA . -19.43 25.19 3.80
C28 17F LA . -18.70 26.05 4.90
C29 17F LA . -19.70 26.84 5.62
C30 17F LA . -19.14 27.72 6.71
C31 17F LA . -17.53 8.94 2.12
C32 17F LA . -18.42 9.62 3.19
C33 17F LA . -18.55 11.11 2.88
C34 17F LA . -19.24 11.99 3.58
C35 17F LA . -20.03 11.72 4.85
C36 17F LA . -19.40 12.28 6.15
C37 17F LA . -20.02 13.60 6.47
C38 17F LA . -19.06 14.81 6.33
C39 17F LA . -19.77 16.13 6.67
C40 17F LA . -18.76 17.28 6.77
C41 17F LA . -18.28 17.48 8.26
C42 17F LA . -17.25 18.57 8.57
C1 17F MA . -19.78 -12.49 7.32
N1 17F MA . -18.59 -11.25 5.50
O1 17F MA . -20.02 -11.07 10.35
P1 17F MA . -19.70 -10.56 8.95
C2 17F MA . -19.66 -12.17 5.82
O2 17F MA . -20.87 -10.03 8.16
C3 17F MA . -21.00 -11.61 5.32
O3 17F MA . -19.01 -11.62 8.07
C4 17F MA . -18.22 -8.73 7.79
O4 17F MA . -21.09 -10.47 4.71
C5 17F MA . -17.20 -7.58 8.05
O5 17F MA . -22.05 -12.23 5.47
C6 17F MA . -16.72 -7.01 6.68
O6 17F MA . -18.67 -9.36 8.99
C7 17F MA . -16.05 -4.80 6.33
O7 17F MA . -15.79 -5.95 6.85
C8 17F MA . -14.87 -3.85 6.67
O8 17F MA . -16.99 -4.42 5.69
C9 17F MA . -15.28 -2.35 6.76
O9 17F MA . -17.72 -6.55 8.89
C10 17F MA . -14.11 -1.35 7.10
O10 17F MA . -17.43 -7.54 10.95
C11 17F MA . -14.13 0.00 6.28
C12 17F MA . -12.92 0.93 6.67
C17 17F MA . -17.26 -6.64 10.12
C18 17F MA . -16.43 -5.44 10.50
C19 17F MA . -17.25 -4.17 10.86
C20 17F MA . -17.36 -3.96 12.42
C1X 17F MA . -12.96 2.24 5.86
C1Y 17F MA . -18.19 -2.69 12.74
C1Z 17F MA . -17.40 -1.73 13.64
C2X 17F MA . -11.75 3.21 6.25
C21 17F MA . -11.84 4.59 5.53
C22 17F MA . -11.82 5.73 6.13
C23 17F MA . -11.72 5.97 7.59
C24 17F MA . -12.60 7.09 8.09
C25 17F MA . -12.55 7.38 9.58
C26 17F MA . -13.94 7.82 10.27
C27 17F MA . -13.86 8.10 11.74
C28 17F MA . -15.30 8.51 12.23
C29 17F MA . -15.21 9.78 12.98
C30 17F MA . -16.52 10.29 13.50
C31 17F MA . -17.41 -2.04 15.18
C32 17F MA . -16.62 -1.04 16.07
C33 17F MA . -17.55 0.06 16.54
C34 17F MA . -17.18 1.07 17.32
C35 17F MA . -15.80 1.35 17.89
C36 17F MA . -15.80 2.14 19.24
C37 17F MA . -14.93 1.43 20.21
C38 17F MA . -15.27 1.72 21.69
C39 17F MA . -14.32 0.96 22.65
C40 17F MA . -14.63 1.32 24.10
C41 17F MA . -13.83 0.38 25.09
C42 17F MA . -14.39 -1.02 25.42
C1 17F NA . 0.93 -14.37 8.64
N1 17F NA . 0.12 -11.99 8.74
O1 17F NA . 1.04 -16.96 10.21
P1 17F NA . 0.41 -15.69 10.73
C2 17F NA . 1.29 -12.87 8.75
O2 17F NA . -0.81 -15.87 11.60
C3 17F NA . 2.23 -12.48 7.60
O3 17F NA . 0.00 -14.71 9.61
C4 17F NA . 1.08 -13.63 12.22
O4 17F NA . 1.96 -11.51 6.78
C5 17F NA . 2.24 -12.99 13.05
O5 17F NA . 3.28 -13.08 7.41
C6 17F NA . 1.68 -11.90 14.00
O6 17F NA . 1.44 -14.86 11.62
C7 17F NA . 2.85 -10.00 14.71
O7 17F NA . 2.71 -11.28 14.77
C8 17F NA . 4.02 -9.60 15.65
O8 17F NA . 2.24 -9.18 14.07
C9 17F NA . 4.79 -8.33 15.17
O9 17F NA . 3.01 -13.96 13.76
C10 17F NA . 5.99 -7.89 16.08
O10 17F NA . 4.46 -14.71 12.13
C11 17F NA . 5.89 -6.42 16.64
C12 17F NA . 7.12 -6.04 17.54
C17 17F NA . 4.18 -14.15 13.21
C18 17F NA . 5.31 -13.61 14.06
C19 17F NA . 5.43 -14.26 15.46
C20 17F NA . 5.53 -13.19 16.61
C1X 17F NA . 6.99 -4.60 18.07
C1Y 17F NA . 5.65 -13.88 18.00
C1Z 17F NA . 6.45 -13.02 18.97
C2X 17F NA . 8.23 -4.16 18.99
C21 17F NA . 8.95 -2.90 18.45
C22 17F NA . 9.08 -1.79 19.10
C23 17F NA . 8.58 -1.48 20.45
C24 17F NA . 7.37 -0.56 20.48
C25 17F NA . 6.82 -0.21 21.85
C26 17F NA . 7.58 0.97 22.61
C27 17F NA . 7.03 1.31 23.99
C28 17F NA . 7.90 2.48 24.57
C29 17F NA . 8.99 1.90 25.38
C30 17F NA . 9.91 2.90 26.01
C31 17F NA . 5.92 -11.56 19.22
C32 17F NA . 6.76 -10.71 20.23
C33 17F NA . 8.16 -10.50 19.66
C34 17F NA . 9.13 -9.82 20.27
C35 17F NA . 9.05 -9.11 21.61
C36 17F NA . 9.84 -9.80 22.76
C37 17F NA . 9.22 -9.43 24.06
C38 17F NA . 9.54 -7.99 24.54
C39 17F NA . 8.87 -7.68 25.89
C40 17F NA . 9.89 -7.13 26.90
C41 17F NA . 9.96 -8.06 28.17
C42 17F NA . 11.31 -8.21 28.91
C1 17F OA . -25.28 3.33 -3.72
N1 17F OA . -25.61 4.27 -6.01
O1 17F OA . -24.61 1.44 -1.38
P1 17F OA . -26.00 1.93 -1.73
C2 17F OA . -26.03 4.31 -4.63
O2 17F OA . -27.13 0.96 -1.48
C3 17F OA . -25.88 5.74 -4.09
O3 17F OA . -26.14 2.36 -3.21
C4 17F OA . -27.65 3.85 -1.08
O4 17F OA . -25.43 6.71 -4.81
C5 17F OA . -27.86 5.12 -0.20
O5 17F OA . -26.20 6.01 -2.93
C6 17F OA . -29.36 5.51 -0.20
O6 17F OA . -26.39 3.22 -0.91
C7 17F OA . -30.38 6.54 1.64
O7 17F OA . -29.63 6.65 0.59
C8 17F OA . -30.52 7.94 2.27
O8 17F OA . -30.95 5.59 2.10
C9 17F OA . -31.65 8.78 1.64
O9 17F OA . -27.38 4.94 1.15
C10 17F OA . -31.85 10.22 2.24
O10 17F OA . -25.12 5.33 0.81
C11 17F OA . -31.91 11.37 1.16
C12 17F OA . -32.11 12.79 1.80
C17 17F OA . -26.23 5.56 1.33
C18 17F OA . -26.33 6.68 2.34
C19 17F OA . -26.44 8.11 1.73
C20 17F OA . -27.12 9.13 2.71
C1X 17F OA . -32.18 13.87 0.72
C1Y 17F OA . -27.20 10.54 2.05
C1Z 17F OA . -27.25 11.63 3.13
C2X 17F OA . -32.38 15.34 1.33
C21 17F OA . -32.20 16.45 0.26
C22 17F OA . -32.59 17.68 0.38
C23 17F OA . -33.27 18.28 1.54
C24 17F OA . -33.12 19.80 1.65
C25 17F OA . -33.80 20.47 2.83
C26 17F OA . -32.84 21.20 3.88
C27 17F OA . -33.55 21.86 5.03
C28 17F OA . -32.46 22.52 5.95
C29 17F OA . -33.12 23.46 6.87
C30 17F OA . -32.20 24.18 7.81
C31 17F OA . -26.44 12.95 2.84
C32 17F OA . -26.51 14.03 3.94
C33 17F OA . -25.31 14.95 3.83
C34 17F OA . -25.06 15.99 4.63
C35 17F OA . -25.91 16.48 5.78
C36 17F OA . -25.17 16.53 7.15
C37 17F OA . -25.07 17.95 7.59
C38 17F OA . -24.73 18.15 9.08
C39 17F OA . -24.65 19.65 9.44
C40 17F OA . -24.62 19.82 10.96
C41 17F OA . -25.73 20.85 11.43
C42 17F OA . -26.53 20.56 12.70
C1 17F PA . 2.70 4.59 -24.04
N1 17F PA . 4.72 4.81 -25.50
O1 17F PA . 2.25 3.60 -20.96
P1 17F PA . 2.06 4.94 -21.61
C2 17F PA . 3.93 3.91 -24.67
O2 17F PA . 0.68 5.27 -22.11
C3 17F PA . 3.47 2.71 -25.51
O3 17F PA . 3.02 5.15 -22.81
C4 17F PA . 2.33 7.49 -21.06
O4 17F PA . 3.78 2.57 -26.75
C5 17F PA . 2.75 8.53 -19.98
O5 17F PA . 2.79 1.82 -25.01
C6 17F PA . 1.66 9.62 -19.85
O6 17F PA . 2.43 6.13 -20.64
C7 17F PA . 1.52 11.79 -19.02
O7 17F PA . 1.99 10.59 -18.87
C8 17F PA . 2.04 12.65 -17.84
O8 17F PA . 0.81 12.25 -19.88
C9 17F PA . 1.29 14.01 -17.71
O9 17F PA . 3.04 7.93 -18.71
C10 17F PA . 1.78 14.94 -16.53
O10 17F PA . 5.06 6.84 -18.95
C11 17F PA . 2.15 16.40 -16.98
C12 17F PA . 2.64 17.28 -15.77
C17 17F PA . 4.34 7.76 -18.54
C18 17F PA . 4.95 8.88 -17.73
C19 17F PA . 5.62 9.99 -18.57
C20 17F PA . 5.63 11.37 -17.83
C1X 17F PA . 2.99 18.70 -16.24
C1Y 17F PA . 6.30 12.46 -18.70
C1Z 17F PA . 5.31 13.58 -19.02
C2X 17F PA . 3.48 19.64 -15.04
C21 17F PA . 3.32 21.16 -15.35
C22 17F PA . 3.17 22.07 -14.46
C23 17F PA . 3.14 21.90 -13.01
C24 17F PA . 4.46 22.21 -12.30
C25 17F PA . 4.48 22.04 -10.79
C26 17F PA . 3.46 22.95 -9.97
C27 17F PA . 3.49 22.77 -8.47
C28 17F PA . 2.43 23.74 -7.84
C29 17F PA . 1.34 22.92 -7.26
C30 17F PA . 0.24 23.72 -6.61
C31 17F PA . 5.90 15.02 -19.21
C32 17F PA . 4.86 16.12 -19.55
C33 17F PA . 5.57 17.45 -19.73
C34 17F PA . 4.97 18.61 -20.02
C35 17F PA . 3.49 18.83 -20.23
C36 17F PA . 3.12 20.21 -20.84
C37 17F PA . 2.36 19.99 -22.10
C38 17F PA . 0.83 20.19 -21.99
C39 17F PA . 0.12 19.95 -23.32
C40 17F PA . -1.36 19.62 -23.08
C41 17F PA . -2.10 19.31 -24.45
C42 17F PA . -3.45 19.97 -24.74
C1 17F QA . -8.97 -5.10 1.65
N1 17F QA . -8.83 -3.80 3.79
O1 17F QA . -10.88 -3.18 0.53
P1 17F QA . -9.40 -2.89 0.46
C2 17F QA . -8.35 -4.95 3.05
O2 17F QA . -8.88 -2.33 -0.84
C3 17F QA . -6.81 -4.87 2.92
O3 17F QA . -8.51 -4.12 0.77
C4 17F QA . -7.60 -1.40 1.67
O4 17F QA . -6.13 -3.89 3.43
C5 17F QA . -7.34 -0.36 2.79
O5 17F QA . -6.17 -5.74 2.33
C6 17F QA . -7.69 -0.95 4.18
O6 17F QA . -8.96 -1.82 1.56
C7 17F QA . -8.45 0.69 5.66
O7 17F QA . -7.45 -0.01 5.22
C8 17F QA . -7.91 1.63 6.76
O8 17F QA . -9.61 0.70 5.34
C9 17F QA . -8.57 1.39 8.15
O9 17F QA . -6.00 0.17 2.77
C10 17F QA . -8.05 2.32 9.32
O10 17F QA . -4.75 -1.71 2.27
C11 17F QA . -9.20 3.09 10.09
C12 17F QA . -8.62 3.99 11.24
C17 17F QA . -5.06 -0.74 2.98
C18 17F QA . -4.30 -0.49 4.25
C19 17F QA . -2.95 0.25 4.06
C20 17F QA . -2.21 0.51 5.43
C1X 17F QA . -9.75 4.71 11.98
C1Y 17F QA . -0.87 1.23 5.20
C1Z 17F QA . -0.65 2.32 6.26
C2X 17F QA . -9.20 5.65 13.16
C21 17F QA . -9.93 5.38 14.52
C22 17F QA . -10.49 6.29 15.24
C23 17F QA . -10.54 7.74 14.98
C24 17F QA . -11.80 8.43 15.49
C25 17F QA . -11.90 9.92 15.24
C26 17F QA . -12.24 10.82 16.52
C27 17F QA . -12.33 12.30 16.25
C28 17F QA . -12.67 13.01 17.62
C29 17F QA . -12.22 14.41 17.54
C30 17F QA . -12.46 15.21 18.79
C31 17F QA . 0.37 2.00 7.41
C32 17F QA . 0.56 3.11 8.47
C33 17F QA . -0.13 2.70 9.77
C34 17F QA . -0.16 3.43 10.87
C35 17F QA . 0.46 4.79 11.09
C36 17F QA . -0.16 5.61 12.26
C37 17F QA . 0.56 6.90 12.40
C38 17F QA . -0.30 8.08 12.91
C39 17F QA . 0.53 9.37 13.02
C40 17F QA . -0.16 10.37 13.96
C41 17F QA . -0.64 11.64 13.16
C42 17F QA . 0.19 12.92 13.22
C1 PCW RA . -9.12 35.34 6.56
C2 PCW RA . -8.87 35.80 5.07
C3 PCW RA . -7.74 34.93 4.42
C4 PCW RA . -12.54 35.26 9.81
C5 PCW RA . -13.77 36.00 10.32
C6 PCW RA . -16.13 35.09 9.98
C7 PCW RA . -15.09 35.05 12.20
C8 PCW RA . -15.54 36.53 11.19
C11 PCW RA . -6.56 36.30 2.84
C12 PCW RA . -6.48 36.55 1.36
C13 PCW RA . -5.30 35.69 0.79
C14 PCW RA . -5.06 35.82 -0.72
C15 PCW RA . -4.81 34.49 -1.48
C16 PCW RA . -3.34 34.42 -2.02
C17 PCW RA . -3.01 35.26 -3.29
C18 PCW RA . -1.72 36.08 -3.15
C19 PCW RA . -0.44 35.21 -3.26
C20 PCW RA . 0.03 34.73 -4.47
C21 PCW RA . -0.45 34.88 -5.87
C22 PCW RA . -1.25 33.59 -6.21
C23 PCW RA . -2.06 33.58 -7.52
C24 PCW RA . -3.52 33.24 -7.42
C25 PCW RA . -4.50 33.51 -8.60
C26 PCW RA . -4.46 32.51 -9.74
C27 PCW RA . -5.37 32.78 -10.97
C28 PCW RA . -4.58 33.45 -12.06
C31 PCW RA . -10.69 36.73 3.87
C32 PCW RA . -11.93 36.37 3.04
C33 PCW RA . -11.70 36.32 1.46
C34 PCW RA . -11.21 34.96 0.95
C35 PCW RA . -10.09 35.27 -0.12
C36 PCW RA . -9.60 34.00 -0.86
C37 PCW RA . -8.49 34.24 -1.95
C38 PCW RA . -8.30 33.05 -2.82
C39 PCW RA . -7.24 33.26 -3.87
C40 PCW RA . -6.46 32.34 -4.42
C41 PCW RA . -6.52 30.86 -4.07
C42 PCW RA . -7.03 30.07 -5.36
C43 PCW RA . -6.05 29.81 -6.48
C44 PCW RA . -6.79 29.05 -7.57
C45 PCW RA . -7.30 29.90 -8.71
C46 PCW RA . -8.80 29.85 -8.87
C47 PCW RA . -9.36 30.49 -10.11
C48 PCW RA . -10.90 30.36 -10.14
N PCW RA . -14.90 35.24 10.78
O2 PCW RA . -10.10 35.60 4.25
O3 PCW RA . -7.51 35.35 3.07
O11 PCW RA . -5.88 36.83 3.68
O31 PCW RA . -10.29 37.91 4.14
O1P PCW RA . -9.77 34.59 9.23
O2P PCW RA . -9.46 37.06 9.45
O3P PCW RA . -10.20 36.05 7.21
O4P PCW RA . -11.68 36.23 9.14
P PCW RA . -10.23 35.96 8.82
C1 PCW SA . 3.11 30.86 11.23
C2 PCW SA . 3.32 30.49 9.70
C3 PCW SA . 3.68 28.97 9.54
C4 PCW SA . 6.63 31.86 11.43
C5 PCW SA . 7.48 31.59 10.19
C6 PCW SA . 7.79 32.31 7.75
C7 PCW SA . 8.20 33.89 9.58
C8 PCW SA . 9.11 32.33 9.21
C11 PCW SA . 5.04 29.01 7.56
C12 PCW SA . 5.03 28.56 6.12
C13 PCW SA . 4.32 29.67 5.26
C14 PCW SA . 4.24 29.36 3.76
C15 PCW SA . 3.41 28.10 3.37
C16 PCW SA . 2.01 28.50 2.79
C17 PCW SA . 0.75 28.11 3.64
C18 PCW SA . -0.54 28.08 2.83
C19 PCW SA . -1.39 29.37 3.02
C20 PCW SA . -1.79 30.17 1.96
C21 PCW SA . -1.58 30.06 0.49
C22 PCW SA . -2.99 29.97 -0.16
C23 PCW SA . -3.15 29.06 -1.41
C24 PCW SA . -3.43 27.61 -1.16
C25 PCW SA . -4.89 27.07 -1.15
C26 PCW SA . -5.47 26.67 -2.49
C27 PCW SA . -6.95 27.02 -2.77
C28 PCW SA . -7.38 26.41 -4.08
C31 PCW SA . 2.17 31.60 7.96
C32 PCW SA . 0.79 31.75 7.28
C33 PCW SA . 0.01 30.37 6.99
C34 PCW SA . -1.44 30.40 7.45
C35 PCW SA . -2.20 29.37 6.52
C36 PCW SA . -3.68 29.15 6.95
C37 PCW SA . -4.50 28.15 6.07
C38 PCW SA . -4.34 26.74 6.53
C39 PCW SA . -5.12 25.75 5.69
C40 PCW SA . -4.65 24.98 4.73
C41 PCW SA . -3.19 24.93 4.30
C42 PCW SA . -3.03 23.77 3.22
C43 PCW SA . -1.97 23.93 2.14
C44 PCW SA . -2.05 22.68 1.27
C45 PCW SA . -1.66 22.89 -0.17
C46 PCW SA . -2.82 22.89 -1.12
C47 PCW SA . -3.01 21.65 -1.95
C48 PCW SA . -4.23 21.78 -2.87
N PCW SA . 7.65 32.61 9.19
O2 PCW SA . 2.05 30.72 8.95
O3 PCW SA . 3.86 28.65 8.16
O11 PCW SA . 5.94 29.58 8.10
O31 PCW SA . 3.21 32.23 7.64
O1P PCW SA . 4.65 31.80 13.56
O2P PCW SA . 5.54 29.50 13.91
O3P PCW SA . 3.73 29.93 12.15
O4P PCW SA . 6.05 30.60 11.84
P PCW SA . 5.02 30.48 12.95
C1 PCW TA . 2.81 26.01 19.76
C2 PCW TA . 2.13 24.80 19.00
C3 PCW TA . 1.26 25.34 17.81
C4 PCW TA . 6.19 26.54 17.95
C5 PCW TA . 6.80 25.49 17.01
C6 PCW TA . 5.41 26.27 15.03
C7 PCW TA . 7.08 24.50 14.75
C8 PCW TA . 5.54 24.46 15.77
C11 PCW TA . 1.20 23.82 15.96
C12 PCW TA . 0.37 22.69 15.39
C13 PCW TA . 0.37 21.51 16.44
C14 PCW TA . -0.42 20.28 16.01
C15 PCW TA . -0.95 19.38 17.17
C16 PCW TA . -2.27 19.97 17.78
C17 PCW TA . -3.63 19.42 17.24
C18 PCW TA . -4.09 18.14 17.95
C19 PCW TA . -3.90 16.87 17.06
C20 PCW TA . -4.33 15.61 17.47
C21 PCW TA . -5.01 15.13 18.70
C22 PCW TA . -5.98 14.00 18.26
C23 PCW TA . -5.50 12.53 18.39
C24 PCW TA . -4.58 12.03 17.33
C25 PCW TA . -5.05 10.99 16.28
C26 PCW TA . -5.24 11.50 14.87
C27 PCW TA . -4.28 10.95 13.78
C28 PCW TA . -5.01 9.97 12.89
C31 PCW TA . 3.40 22.80 19.13
C32 PCW TA . 4.50 21.99 18.41
C33 PCW TA . 4.01 21.14 17.14
C34 PCW TA . 4.68 19.77 17.03
C35 PCW TA . 3.52 18.77 16.64
C36 PCW TA . 3.86 17.30 16.99
C37 PCW TA . 2.76 16.26 16.63
C38 PCW TA . 1.61 16.31 17.59
C39 PCW TA . 0.52 15.31 17.26
C40 PCW TA . -0.29 14.71 18.12
C41 PCW TA . -0.27 14.93 19.63
C42 PCW TA . -1.05 16.28 19.95
C43 PCW TA . -0.45 17.24 20.95
C44 PCW TA . -1.40 18.43 21.07
C45 PCW TA . -0.94 19.52 22.00
C46 PCW TA . -0.85 20.87 21.34
C47 PCW TA . -0.80 22.07 22.25
C48 PCW TA . -0.70 23.37 21.45
N PCW TA . 6.56 25.54 15.61
O2 PCW TA . 3.18 23.91 18.42
O3 PCW TA . 0.64 24.24 17.12
O11 PCW TA . 2.18 24.28 15.45
O31 PCW TA . 2.82 22.46 20.20
O1P PCW TA . 4.85 27.95 20.12
O2P PCW TA . 6.19 26.38 21.54
O3P PCW TA . 3.94 25.63 20.56
O4P PCW TA . 5.96 25.87 19.21
P PCW TA . 5.27 26.54 20.38
C1 PCW UA . -10.59 31.89 10.81
C2 PCW UA . -11.77 31.91 9.76
C3 PCW UA . -11.22 31.56 8.33
C4 PCW UA . -9.98 34.92 12.80
C5 PCW UA . -8.64 35.39 13.38
C6 PCW UA . -9.67 37.51 14.38
C7 PCW UA . -7.33 36.92 14.82
C8 PCW UA . -8.11 37.36 13.20
C11 PCW UA . -12.69 32.78 6.86
C12 PCW UA . -13.85 32.58 5.93
C13 PCW UA . -15.18 32.82 6.75
C14 PCW UA . -16.47 32.66 5.95
C15 PCW UA . -17.76 32.47 6.79
C16 PCW UA . -18.86 31.72 5.97
C17 PCW UA . -20.36 31.97 6.37
C18 PCW UA . -21.34 31.00 5.70
C19 PCW UA . -22.11 31.64 4.52
C20 PCW UA . -22.86 30.89 3.63
C21 PCW UA . -23.11 29.43 3.53
C22 PCW UA . -24.34 29.25 2.59
C23 PCW UA . -25.72 28.97 3.26
C24 PCW UA . -26.55 27.88 2.66
C25 PCW UA . -27.45 26.97 3.56
C26 PCW UA . -27.99 25.72 2.91
C27 PCW UA . -28.33 24.53 3.83
C28 PCW UA . -28.95 23.41 3.04
C31 PCW UA . -14.04 31.37 10.19
C32 PCW UA . -14.98 30.21 10.56
C33 PCW UA . -16.25 30.61 11.45
C34 PCW UA . -16.13 30.17 12.90
C35 PCW UA . -16.60 28.65 12.93
C36 PCW UA . -15.72 27.76 13.82
C37 PCW UA . -16.12 26.25 13.88
C38 PCW UA . -15.49 25.47 12.78
C39 PCW UA . -15.87 24.01 12.82
C40 PCW UA . -16.31 23.28 11.80
C41 PCW UA . -16.53 23.80 10.39
C42 PCW UA . -18.09 23.94 10.14
C43 PCW UA . -18.58 24.44 8.79
C44 PCW UA . -20.10 24.46 8.84
C45 PCW UA . -20.78 23.39 8.02
C46 PCW UA . -21.25 22.22 8.84
C47 PCW UA . -20.29 21.05 8.95
C48 PCW UA . -20.90 19.93 9.81
N PCW UA . -8.61 36.48 14.30
O2 PCW UA . -12.80 30.89 10.10
O3 PCW UA . -12.30 31.58 7.39
O11 PCW UA . -12.20 33.84 7.14
O31 PCW UA . -14.38 32.58 10.02
O1P PCW UA . -12.51 33.60 12.34
O2P PCW UA . -11.91 32.37 14.43
O3P PCW UA . -11.02 31.56 12.16
O4P PCW UA . -10.18 33.56 13.27
P PCW UA . -11.47 32.80 13.08
C1 PCW VA . 9.85 23.06 24.30
C2 PCW VA . 9.35 21.86 23.39
C3 PCW VA . 9.78 22.11 21.91
C4 PCW VA . 6.52 22.36 25.33
C5 PCW VA . 5.92 23.16 24.17
C6 PCW VA . 4.59 21.34 22.99
C7 PCW VA . 3.82 23.65 22.96
C8 PCW VA . 5.37 22.96 22.22
C11 PCW VA . 8.25 21.21 20.29
C12 PCW VA . 7.92 19.95 19.54
C13 PCW VA . 9.16 19.55 18.66
C14 PCW VA . 8.99 18.28 17.83
C15 PCW VA . 9.02 16.95 18.64
C16 PCW VA . 10.18 16.01 18.14
C17 PCW VA . 11.19 15.49 19.21
C18 PCW VA . 11.34 13.97 19.21
C19 PCW VA . 12.16 13.45 20.42
C20 PCW VA . 11.93 12.20 21.00
C21 PCW VA . 10.97 11.12 20.69
C22 PCW VA . 11.66 9.78 21.08
C23 PCW VA . 12.56 9.09 20.01
C24 PCW VA . 11.86 8.42 18.87
C25 PCW VA . 12.22 6.97 18.45
C26 PCW VA . 13.55 6.79 17.72
C27 PCW VA . 13.57 7.01 16.20
C28 PCW VA . 14.32 5.88 15.51
C31 PCW VA . 9.13 19.58 23.97
C32 PCW VA . 9.92 18.34 24.42
C33 PCW VA . 10.61 17.50 23.25
C34 PCW VA . 11.85 18.17 22.65
C35 PCW VA . 12.91 18.23 23.84
C36 PCW VA . 14.05 19.24 23.56
C37 PCW VA . 15.14 19.34 24.68
C38 PCW VA . 16.49 19.62 24.13
C39 PCW VA . 17.55 19.74 25.20
C40 PCW VA . 18.86 19.56 25.07
C41 PCW VA . 19.54 19.17 23.77
C42 PCW VA . 20.73 18.16 24.12
C43 PCW VA . 21.11 17.12 23.09
C44 PCW VA . 22.25 16.32 23.68
C45 PCW VA . 22.22 14.83 23.37
C46 PCW VA . 22.85 13.98 24.44
C47 PCW VA . 22.16 12.68 24.78
C48 PCW VA . 22.92 11.93 25.87
N PCW VA . 4.73 22.70 23.54
O2 PCW VA . 9.99 20.59 23.83
O3 PCW VA . 9.32 21.01 21.09
O11 PCW VA . 7.62 22.24 20.20
O31 PCW VA . 7.87 19.64 23.78
O1P PCW VA . 8.60 21.02 26.87
O2P PCW VA . 8.88 23.27 27.88
O3P PCW VA . 10.09 22.68 25.69
O4P PCW VA . 7.67 23.11 25.81
P PCW VA . 8.80 22.49 26.63
C1 PCW WA . -5.61 10.92 39.43
C2 PCW WA . -6.32 10.41 38.11
C3 PCW WA . -7.86 10.25 38.35
C4 PCW WA . -7.49 9.07 42.14
C5 PCW WA . -7.93 8.96 43.59
C6 PCW WA . -7.41 6.51 44.12
C7 PCW WA . -7.12 8.24 45.83
C8 PCW WA . -8.69 7.71 45.02
C11 PCW WA . -8.86 8.47 37.08
C12 PCW WA . -9.49 8.20 35.75
C13 PCW WA . -11.00 7.83 35.99
C14 PCW WA . -11.81 7.52 34.72
C15 PCW WA . -11.39 6.22 33.96
C16 PCW WA . -11.53 4.97 34.90
C17 PCW WA . -11.64 3.56 34.20
C18 PCW WA . -11.37 2.40 35.16
C19 PCW WA . -12.48 2.21 36.21
C20 PCW WA . -13.40 1.17 36.16
C21 PCW WA . -13.59 0.06 35.20
C22 PCW WA . -14.67 -0.89 35.82
C23 PCW WA . -15.32 -1.94 34.89
C24 PCW WA . -15.10 -3.38 35.25
C25 PCW WA . -13.80 -4.13 34.81
C26 PCW WA . -12.80 -4.45 35.91
C27 PCW WA . -12.48 -5.93 36.19
C28 PCW WA . -11.43 -6.04 37.26
C31 PCW WA . -5.34 11.00 36.03
C32 PCW WA . -5.25 12.13 34.99
C33 PCW WA . -4.27 11.85 33.75
C34 PCW WA . -3.04 12.75 33.74
C35 PCW WA . -1.96 11.96 32.89
C36 PCW WA . -0.86 12.88 32.33
C37 PCW WA . 0.24 12.14 31.49
C38 PCW WA . 0.60 12.89 30.25
C39 PCW WA . 1.66 12.20 29.43
C40 PCW WA . 1.46 11.29 28.47
C41 PCW WA . 0.09 10.79 28.06
C42 PCW WA . 0.25 9.98 26.68
C43 PCW WA . -1.01 9.48 26.00
C44 PCW WA . -0.57 8.76 24.73
C45 PCW WA . -0.42 7.26 24.87
C46 PCW WA . -1.48 6.48 24.15
C47 PCW WA . -2.19 5.42 24.96
C48 PCW WA . -3.25 4.70 24.11
N PCW WA . -7.34 7.96 44.43
O2 PCW WA . -6.13 11.41 37.03
O3 PCW WA . -8.48 9.78 37.14
O11 PCW WA . -8.71 7.66 37.96
O31 PCW WA . -4.77 9.88 35.96
O1P PCW WA . -5.26 10.94 42.27
O2P PCW WA . -7.07 12.63 42.57
O3P PCW WA . -6.39 11.86 40.21
O4P PCW WA . -7.67 10.46 41.73
P PCW WA . -6.56 11.49 41.77
C1 PCW XA . 7.62 12.53 33.61
C2 PCW XA . 8.20 11.30 32.81
C3 PCW XA . 9.00 10.37 33.78
C4 PCW XA . 7.07 16.21 31.31
C5 PCW XA . 8.44 16.68 30.80
C6 PCW XA . 8.36 18.69 29.46
C7 PCW XA . 7.65 16.67 28.52
C8 PCW XA . 9.89 16.96 28.81
C11 PCW XA . 10.68 8.68 33.50
C12 PCW XA . 11.04 7.52 32.61
C13 PCW XA . 10.59 6.21 33.35
C14 PCW XA . 10.88 4.91 32.59
C15 PCW XA . 11.57 3.77 33.41
C16 PCW XA . 10.52 3.01 34.30
C17 PCW XA . 10.83 1.51 34.63
C18 PCW XA . 9.72 0.83 35.44
C19 PCW XA . 8.49 0.47 34.57
C20 PCW XA . 8.13 -0.85 34.28
C21 PCW XA . 8.75 -2.14 34.65
C22 PCW XA . 9.34 -2.75 33.34
C23 PCW XA . 10.73 -3.42 33.43
C24 PCW XA . 11.84 -2.79 32.63
C25 PCW XA . 12.98 -3.66 32.02
C26 PCW XA . 14.19 -3.89 32.89
C27 PCW XA . 14.31 -5.25 33.61
C28 PCW XA . 14.75 -5.06 35.04
C31 PCW XA . 6.74 10.82 31.01
C32 PCW XA . 5.58 9.91 30.56
C33 PCW XA . 5.94 8.88 29.38
C34 PCW XA . 4.86 8.81 28.29
C35 PCW XA . 3.68 7.97 28.93
C36 PCW XA . 2.76 7.35 27.85
C37 PCW XA . 1.56 6.51 28.41
C38 PCW XA . 1.27 5.32 27.57
C39 PCW XA . 0.12 4.48 28.08
C40 PCW XA . 0.15 3.20 28.40
C41 PCW XA . 1.38 2.32 28.31
C42 PCW XA . 0.94 0.81 28.61
C43 PCW XA . 1.48 0.13 29.84
C44 PCW XA . 0.90 -1.28 29.86
C45 PCW XA . 1.92 -2.39 29.82
C46 PCW XA . 1.36 -3.70 29.32
C47 PCW XA . 2.27 -4.54 28.45
C48 PCW XA . 1.59 -5.83 28.01
N PCW XA . 8.58 17.22 29.47
O2 PCW XA . 7.08 10.49 32.25
O3 PCW XA . 9.52 9.24 33.06
O11 PCW XA . 11.32 9.05 34.44
O31 PCW XA . 7.26 11.74 30.30
O1P PCW XA . 4.86 15.08 32.86
O2P PCW XA . 6.58 15.09 34.68
O3P PCW XA . 6.46 13.13 33.01
O4P PCW XA . 7.34 15.33 32.42
P PCW XA . 6.25 14.70 33.28
C1 PCW YA . 11.05 43.35 -11.11
C2 PCW YA . 10.40 42.27 -12.07
C3 PCW YA . 8.90 42.64 -12.34
C4 PCW YA . 9.98 40.51 -7.99
C5 PCW YA . 8.60 40.46 -7.31
C6 PCW YA . 7.57 39.20 -9.10
C7 PCW YA . 6.34 39.69 -7.18
C8 PCW YA . 7.95 38.10 -6.98
C11 PCW YA . 7.25 40.94 -12.76
C12 PCW YA . 6.82 39.96 -13.83
C13 PCW YA . 6.26 40.77 -15.05
C14 PCW YA . 5.77 39.90 -16.22
C15 PCW YA . 4.42 40.33 -16.87
C16 PCW YA . 3.99 39.29 -17.96
C17 PCW YA . 4.83 39.22 -19.28
C18 PCW YA . 4.02 38.79 -20.50
C19 PCW YA . 4.24 37.30 -20.86
C20 PCW YA . 3.24 36.34 -20.71
C21 PCW YA . 1.84 36.43 -20.21
C22 PCW YA . 1.19 35.04 -20.46
C23 PCW YA . 0.25 34.91 -21.70
C24 PCW YA . 0.18 33.56 -22.35
C25 PCW YA . 1.01 33.25 -23.62
C26 PCW YA . 0.49 32.12 -24.51
C27 PCW YA . 1.14 31.95 -25.89
C28 PCW YA . 1.35 30.49 -26.19
C31 PCW YA . 11.37 41.08 -13.88
C32 PCW YA . 12.08 41.26 -15.23
C33 PCW YA . 12.98 40.03 -15.72
C34 PCW YA . 14.07 40.43 -16.71
C35 PCW YA . 14.80 39.08 -17.10
C36 PCW YA . 16.27 39.04 -16.62
C37 PCW YA . 17.05 37.75 -16.98
C38 PCW YA . 17.30 36.89 -15.77
C39 PCW YA . 18.06 35.63 -16.08
C40 PCW YA . 17.68 34.38 -15.85
C41 PCW YA . 16.35 34.02 -15.20
C42 PCW YA . 15.37 33.49 -16.34
C43 PCW YA . 14.20 34.36 -16.75
C44 PCW YA . 13.45 33.62 -17.84
C45 PCW YA . 12.43 32.61 -17.35
C46 PCW YA . 11.08 32.74 -18.02
C47 PCW YA . 10.79 31.79 -19.15
C48 PCW YA . 9.39 32.04 -19.73
N PCW YA . 7.67 39.41 -7.63
O2 PCW YA . 11.10 42.29 -13.39
O3 PCW YA . 8.32 41.66 -13.21
O11 PCW YA . 6.74 41.07 -11.68
O31 PCW YA . 11.10 39.97 -13.33
O1P PCW YA . 12.13 42.42 -7.55
O2P PCW YA . 10.41 44.06 -8.30
O3P PCW YA . 11.82 42.78 -10.03
O4P PCW YA . 10.03 41.74 -8.75
P PCW YA . 11.11 42.79 -8.59
C1 PCW ZA . 19.14 14.79 26.11
C2 PCW ZA . 17.61 14.41 26.03
C3 PCW ZA . 17.14 14.45 24.55
C4 PCW ZA . 20.94 14.29 30.68
C5 PCW ZA . 21.25 15.60 31.42
C6 PCW ZA . 23.00 16.58 33.01
C7 PCW ZA . 23.55 16.15 30.66
C8 PCW ZA . 22.31 17.35 31.34
C11 PCW ZA . 14.81 15.00 24.91
C12 PCW ZA . 13.44 14.44 24.73
C13 PCW ZA . 13.05 13.64 26.03
C14 PCW ZA . 11.65 13.00 26.00
C15 PCW ZA . 11.46 11.84 24.98
C16 PCW ZA . 9.96 11.72 24.56
C17 PCW ZA . 9.18 10.43 25.00
C18 PCW ZA . 9.59 9.18 24.21
C19 PCW ZA . 8.43 8.58 23.38
C20 PCW ZA . 8.35 7.23 23.09
C21 PCW ZA . 9.20 6.08 23.42
C22 PCW ZA . 10.07 5.77 22.16
C23 PCW ZA . 10.57 4.32 21.97
C24 PCW ZA . 10.48 3.74 20.59
C25 PCW ZA . 11.77 3.45 19.76
C26 PCW ZA . 11.72 2.21 18.87
C27 PCW ZA . 12.37 2.33 17.46
C28 PCW ZA . 11.45 1.74 16.42
C31 PCW ZA . 16.79 12.96 27.71
C32 PCW ZA . 16.65 11.47 28.09
C33 PCW ZA . 16.60 10.44 26.86
C34 PCW ZA . 17.72 9.41 26.89
C35 PCW ZA . 18.34 9.41 25.42
C36 PCW ZA . 18.91 8.04 25.03
C37 PCW ZA . 19.55 7.96 23.59
C38 PCW ZA . 20.79 7.12 23.57
C39 PCW ZA . 21.41 7.04 22.20
C40 PCW ZA . 21.87 5.95 21.60
C41 PCW ZA . 21.86 4.56 22.20
C42 PCW ZA . 22.01 3.49 21.02
C43 PCW ZA . 22.05 2.01 21.38
C44 PCW ZA . 22.20 1.25 20.07
C45 PCW ZA . 21.47 -0.07 20.01
C46 PCW ZA . 20.71 -0.27 18.73
C47 PCW ZA . 19.87 -1.54 18.65
C48 PCW ZA . 19.15 -1.63 17.30
N PCW ZA . 22.60 15.94 31.73
O2 PCW ZA . 17.41 13.03 26.53
O3 PCW ZA . 15.74 14.09 24.47
O11 PCW ZA . 15.07 16.08 25.38
O31 PCW ZA . 16.39 13.95 28.39
O1P PCW ZA . 21.53 15.81 28.29
O2P PCW ZA . 19.14 16.48 28.45
O3P PCW ZA . 19.80 14.28 27.30
O4P PCW ZA . 19.89 14.58 29.72
P PCW ZA . 20.12 15.36 28.45
C1 PCW AB . 33.32 20.92 5.08
C2 PCW AB . 33.80 19.61 4.34
C3 PCW AB . 32.58 18.91 3.64
C4 PCW AB . 33.09 25.48 5.37
C5 PCW AB . 33.72 26.61 6.20
C6 PCW AB . 31.65 27.86 6.05
C7 PCW AB . 33.62 28.78 5.18
C8 PCW AB . 33.42 28.71 7.45
C11 PCW AB . 33.10 16.56 3.70
C12 PCW AB . 33.57 15.44 2.81
C13 PCW AB . 35.02 15.01 3.28
C14 PCW AB . 35.65 13.87 2.48
C15 PCW AB . 35.62 12.46 3.14
C16 PCW AB . 34.32 11.68 2.73
C17 PCW AB . 34.18 10.21 3.25
C18 PCW AB . 34.55 9.16 2.19
C19 PCW AB . 33.31 8.49 1.56
C20 PCW AB . 33.37 7.24 0.94
C21 PCW AB . 34.49 6.30 0.72
C22 PCW AB . 33.86 4.89 0.49
C23 PCW AB . 34.09 4.21 -0.88
C24 PCW AB . 33.02 4.39 -1.91
C25 PCW AB . 32.75 3.29 -2.98
C26 PCW AB . 31.54 2.41 -2.75
C27 PCW AB . 30.14 3.04 -2.95
C28 PCW AB . 29.07 2.04 -2.61
C31 PCW AB . 35.93 19.27 3.34
C32 PCW AB . 36.84 19.74 2.19
C33 PCW AB . 36.94 18.73 0.95
C34 PCW AB . 38.34 18.16 0.74
C35 PCW AB . 38.85 18.76 -0.63
C36 PCW AB . 40.11 18.04 -1.16
C37 PCW AB . 40.68 18.56 -2.50
C38 PCW AB . 40.99 17.44 -3.45
C39 PCW AB . 41.55 17.91 -4.76
C40 PCW AB . 40.92 18.02 -5.92
C41 PCW AB . 39.45 17.67 -6.13
C42 PCW AB . 39.39 16.35 -7.03
C43 PCW AB . 38.20 15.43 -6.87
C44 PCW AB . 38.40 14.28 -7.83
C45 PCW AB . 38.66 12.94 -7.18
C46 PCW AB . 37.66 11.88 -7.55
C47 PCW AB . 38.00 10.46 -7.15
C48 PCW AB . 36.90 9.49 -7.59
N PCW AB . 33.13 27.92 6.23
O2 PCW AB . 34.80 19.96 3.28
O3 PCW AB . 33.02 17.71 2.98
O11 PCW AB . 32.83 16.46 4.87
O31 PCW AB . 36.22 18.38 4.20
O1P PCW AB . 33.25 23.03 6.90
O2P PCW AB . 35.68 23.15 6.33
O3P PCW AB . 34.01 22.13 4.67
O4P PCW AB . 34.14 24.51 5.08
P PCW AB . 34.28 23.20 5.83
C1 PCW BB . -15.37 14.91 33.28
C2 PCW BB . -16.31 14.18 32.24
C3 PCW BB . -17.59 13.62 32.97
C4 PCW BB . -14.84 18.07 35.96
C5 PCW BB . -14.29 17.24 37.12
C6 PCW BB . -12.87 18.77 38.57
C7 PCW BB . -14.51 17.28 39.60
C8 PCW BB . -12.99 16.82 38.65
C11 PCW BB . -18.91 11.73 32.32
C12 PCW BB . -19.77 11.22 31.18
C13 PCW BB . -19.13 9.90 30.64
C14 PCW BB . -19.88 9.24 29.48
C15 PCW BB . -19.65 7.72 29.29
C16 PCW BB . -20.47 7.17 28.08
C17 PCW BB . -19.67 6.72 26.81
C18 PCW BB . -19.92 5.26 26.41
C19 PCW BB . -18.63 4.54 25.95
C20 PCW BB . -18.61 3.19 25.63
C21 PCW BB . -19.66 2.14 25.64
C22 PCW BB . -19.54 1.39 27.00
C23 PCW BB . -20.77 0.61 27.50
C24 PCW BB . -20.66 -0.06 28.83
C25 PCW BB . -21.65 -1.17 29.26
C26 PCW BB . -21.50 -2.51 28.57
C27 PCW BB . -22.54 -2.89 27.49
C28 PCW BB . -21.94 -3.87 26.50
C31 PCW BB . -16.59 14.70 29.96
C32 PCW BB . -17.10 15.79 28.99
C33 PCW BB . -16.08 16.21 27.84
C34 PCW BB . -16.56 15.81 26.44
C35 PCW BB . -15.28 15.98 25.51
C36 PCW BB . -14.78 14.64 24.92
C37 PCW BB . -13.53 14.74 24.00
C38 PCW BB . -13.26 13.45 23.28
C39 PCW BB . -12.06 13.53 22.37
C40 PCW BB . -11.50 12.52 21.71
C41 PCW BB . -11.99 11.08 21.75
C42 PCW BB . -11.49 10.35 20.42
C43 PCW BB . -10.83 8.99 20.54
C44 PCW BB . -10.47 8.55 19.12
C45 PCW BB . -9.49 7.41 19.04
C46 PCW BB . -8.13 7.81 18.53
C47 PCW BB . -7.14 6.69 18.35
C48 PCW BB . -5.80 7.22 17.83
N PCW BB . -14.02 17.88 38.38
O2 PCW BB . -16.77 15.14 31.20
O3 PCW BB . -18.43 12.96 32.00
O11 PCW BB . -18.69 11.13 33.34
O31 PCW BB . -16.08 13.60 29.62
O1P PCW BB . -15.28 18.74 33.17
O2P PCW BB . -17.29 17.30 33.44
O3P PCW BB . -14.99 16.25 32.91
O4P PCW BB . -15.56 17.15 35.10
P PCW BB . -15.83 17.43 33.63
C1 PCW CB . 2.06 37.45 1.88
C2 PCW CB . 1.39 36.16 1.25
C3 PCW CB . 2.42 34.98 1.24
C4 PCW CB . 6.22 38.30 1.72
C5 PCW CB . 6.92 37.31 2.64
C6 PCW CB . 9.35 36.78 3.23
C7 PCW CB . 8.20 38.66 4.29
C8 PCW CB . 7.79 36.87 4.44
C11 PCW CB . 1.87 33.64 -0.68
C12 PCW CB . 1.15 32.36 -1.05
C13 PCW CB . 1.71 31.85 -2.43
C14 PCW CB . 1.08 30.56 -2.95
C15 PCW CB . 0.65 30.58 -4.45
C16 PCW CB . -0.85 30.18 -4.63
C17 PCW CB . -1.33 29.73 -6.05
C18 PCW CB . -2.48 28.74 -6.02
C19 PCW CB . -2.02 27.29 -5.75
C20 PCW CB . -2.85 26.20 -5.97
C21 PCW CB . -4.24 26.08 -6.47
C22 PCW CB . -4.25 24.89 -7.47
C23 PCW CB . -5.03 23.62 -7.05
C24 PCW CB . -6.43 23.48 -7.56
C25 PCW CB . -7.65 23.60 -6.60
C26 PCW CB . -9.02 23.38 -7.21
C27 PCW CB . -10.01 22.48 -6.45
C28 PCW CB . -11.37 23.12 -6.41
C31 PCW CB . -0.91 36.38 1.82
C32 PCW CB . -1.99 35.80 2.76
C33 PCW CB . -2.31 34.24 2.58
C34 PCW CB . -2.90 33.58 3.82
C35 PCW CB . -4.42 33.33 3.47
C36 PCW CB . -4.86 31.87 3.75
C37 PCW CB . -6.36 31.55 3.42
C38 PCW CB . -7.18 31.39 4.65
C39 PCW CB . -8.62 31.09 4.35
C40 PCW CB . -9.34 30.06 4.80
C41 PCW CB . -8.79 28.97 5.70
C42 PCW CB . -8.42 27.71 4.81
C43 PCW CB . -9.54 26.86 4.25
C44 PCW CB . -8.89 25.74 3.44
C45 PCW CB . -8.89 25.96 1.95
C46 PCW CB . -7.63 25.50 1.27
C47 PCW CB . -7.56 24.04 0.89
C48 PCW CB . -6.22 23.71 0.22
N PCW CB . 8.17 37.67 3.24
O2 PCW CB . 0.23 35.73 2.08
O3 PCW CB . 1.80 33.81 0.67
O11 PCW CB . 2.41 34.40 -1.44
O31 PCW CB . -1.08 37.30 0.99
O1P PCW CB . 4.37 40.13 0.41
O2P PCW CB . 3.24 40.13 2.64
O3P PCW CB . 2.74 38.28 0.92
O4P PCW CB . 4.83 38.38 2.16
P PCW CB . 3.82 39.31 1.54
C1 PCW DB . -17.22 28.52 22.13
C2 PCW DB . -17.14 26.94 22.31
C3 PCW DB . -18.57 26.34 22.10
C4 PCW DB . -13.58 30.26 20.52
C5 PCW DB . -12.08 30.10 20.75
C6 PCW DB . -9.88 30.63 19.56
C7 PCW DB . -11.20 32.42 20.60
C8 PCW DB . -10.37 31.00 21.43
C11 PCW DB . -19.46 24.32 23.05
C12 PCW DB . -19.24 22.83 23.06
C13 PCW DB . -20.24 22.18 22.03
C14 PCW DB . -20.16 20.66 21.90
C15 PCW DB . -20.24 20.10 20.45
C16 PCW DB . -21.73 19.99 19.97
C17 PCW DB . -22.18 18.62 19.36
C18 PCW DB . -23.13 18.77 18.17
C19 PCW DB . -22.79 17.83 16.98
C20 PCW DB . -23.66 17.61 15.93
C21 PCW DB . -25.02 18.12 15.63
C22 PCW DB . -25.67 17.12 14.64
C23 PCW DB . -27.07 16.53 15.01
C24 PCW DB . -27.08 15.13 15.57
C25 PCW DB . -27.88 14.79 16.86
C26 PCW DB . -27.69 15.74 18.04
C27 PCW DB . -26.89 15.22 19.26
C28 PCW DB . -25.84 16.24 19.64
C31 PCW DB . -15.00 26.13 21.68
C32 PCW DB . -14.23 25.52 20.50
C33 PCW DB . -14.42 23.94 20.30
C34 PCW DB . -15.31 23.58 19.10
C35 PCW DB . -14.62 22.32 18.44
C36 PCW DB . -15.51 21.68 17.33
C37 PCW DB . -14.90 20.42 16.63
C38 PCW DB . -15.61 19.16 17.03
C39 PCW DB . -15.04 17.94 16.37
C40 PCW DB . -15.65 16.77 16.18
C41 PCW DB . -17.07 16.47 16.63
C42 PCW DB . -17.88 15.94 15.35
C43 PCW DB . -19.38 16.15 15.32
C44 PCW DB . -19.88 15.55 14.00
C45 PCW DB . -20.68 16.49 13.13
C46 PCW DB . -20.87 15.99 11.73
C47 PCW DB . -22.26 15.53 11.38
C48 PCW DB . -22.33 15.04 9.92
N PCW DB . -11.17 31.04 20.18
O2 PCW DB . -16.26 26.36 21.26
O3 PCW DB . -18.52 24.91 22.25
O11 PCW DB . -20.34 24.89 23.63
O31 PCW DB . -14.53 26.37 22.83
O1P PCW DB . -16.44 30.75 20.77
O2P PCW DB . -15.78 31.78 22.94
O3P PCW DB . -16.15 29.23 22.78
O4P PCW DB . -14.19 30.35 21.84
P PCW DB . -15.68 30.59 22.05
C1 PCW EB . 13.70 39.91 -4.58
C2 PCW EB . 13.16 39.34 -5.95
C3 PCW EB . 14.09 39.83 -7.11
C4 PCW EB . 16.60 38.72 -2.68
C5 PCW EB . 17.69 37.70 -3.04
C6 PCW EB . 19.86 36.56 -2.35
C7 PCW EB . 18.06 36.88 -0.72
C8 PCW EB . 18.04 35.84 -2.25
C11 PCW EB . 13.80 40.06 -9.48
C12 PCW EB . 13.24 39.33 -10.67
C13 PCW EB . 14.45 38.81 -11.54
C14 PCW EB . 14.06 38.04 -12.80
C15 PCW EB . 13.38 36.65 -12.58
C16 PCW EB . 11.97 36.61 -13.28
C17 PCW EB . 11.94 36.51 -14.83
C18 PCW EB . 10.62 36.97 -15.45
C19 PCW EB . 10.34 36.30 -16.81
C20 PCW EB . 9.79 37.00 -17.88
C21 PCW EB . 9.36 38.40 -18.04
C22 PCW EB . 10.58 39.19 -18.60
C23 PCW EB . 10.67 39.36 -20.14
C24 PCW EB . 11.90 38.84 -20.80
C25 PCW EB . 13.27 39.58 -20.66
C26 PCW EB . 14.35 39.18 -21.65
C27 PCW EB . 15.82 39.24 -21.15
C28 PCW EB . 16.63 40.16 -22.02
C31 PCW EB . 12.07 37.26 -6.22
C32 PCW EB . 12.29 35.73 -6.15
C33 PCW EB . 12.92 35.08 -7.47
C34 PCW EB . 14.41 34.69 -7.30
C35 PCW EB . 15.21 36.01 -7.61
C36 PCW EB . 16.12 36.45 -6.43
C37 PCW EB . 16.95 37.75 -6.66
C38 PCW EB . 18.18 37.49 -7.45
C39 PCW EB . 19.00 38.74 -7.68
C40 PCW EB . 19.62 39.09 -8.81
C41 PCW EB . 19.61 38.26 -10.08
C42 PCW EB . 19.70 39.26 -11.32
C43 PCW EB . 18.80 39.02 -12.52
C44 PCW EB . 19.11 40.13 -13.53
C45 PCW EB . 20.03 39.74 -14.65
C46 PCW EB . 19.67 40.36 -15.96
C47 PCW EB . 20.83 40.63 -16.91
C48 PCW EB . 20.33 41.28 -18.21
N PCW EB . 18.58 37.22 -2.03
O2 PCW EB . 13.22 37.85 -5.92
O3 PCW EB . 13.60 39.31 -8.36
O11 PCW EB . 14.35 41.13 -9.51
O31 PCW EB . 10.99 37.83 -6.51
O1P PCW EB . 14.10 38.51 -1.21
O2P PCW EB . 13.61 36.78 -2.93
O3P PCW EB . 13.13 39.27 -3.41
O4P PCW EB . 15.40 38.30 -3.36
P PCW EB . 14.05 38.16 -2.67
C1 PCW FB . -20.66 33.17 12.69
C2 PCW FB . -21.42 32.50 11.48
C3 PCW FB . -22.13 31.18 11.93
C4 PCW FB . -20.42 37.48 14.32
C5 PCW FB . -19.44 37.90 15.43
C6 PCW FB . -18.93 36.43 17.27
C7 PCW FB . -21.09 37.26 17.05
C8 PCW FB . -19.49 38.72 17.77
C11 PCW FB . -22.09 29.84 9.93
C12 PCW FB . -23.02 29.32 8.86
C13 PCW FB . -23.08 27.75 8.98
C14 PCW FB . -23.98 27.06 7.96
C15 PCW FB . -23.39 26.90 6.53
C16 PCW FB . -24.13 25.76 5.73
C17 PCW FB . -23.46 25.27 4.40
C18 PCW FB . -24.28 24.20 3.68
C19 PCW FB . -23.64 23.75 2.35
C20 PCW FB . -22.99 22.53 2.22
C21 PCW FB . -22.75 21.41 3.16
C22 PCW FB . -21.27 21.51 3.58
C23 PCW FB . -20.48 20.17 3.73
C24 PCW FB . -19.01 20.28 3.99
C25 PCW FB . -18.47 20.93 5.30
C26 PCW FB . -16.97 20.92 5.50
C27 PCW FB . -16.28 22.24 5.88
C28 PCW FB . -15.35 22.03 7.05
C31 PCW FB . -23.41 33.81 11.80
C32 PCW FB . -24.38 34.74 11.05
C33 PCW FB . -25.80 34.10 10.68
C34 PCW FB . -25.70 32.87 9.77
C35 PCW FB . -27.02 32.04 10.04
C36 PCW FB . -26.75 30.69 10.74
C37 PCW FB . -28.02 29.82 11.02
C38 PCW FB . -27.91 28.47 10.40
C39 PCW FB . -29.12 27.61 10.66
C40 PCW FB . -29.62 26.66 9.87
C41 PCW FB . -29.01 26.27 8.53
C42 PCW FB . -28.40 24.80 8.67
C43 PCW FB . -27.70 24.19 7.47
C44 PCW FB . -27.22 22.81 7.89
C45 PCW FB . -27.38 21.73 6.85
C46 PCW FB . -28.65 20.92 7.02
C47 PCW FB . -28.51 19.62 7.77
C48 PCW FB . -29.87 18.89 7.87
N PCW FB . -19.72 37.59 16.80
O2 PCW FB . -22.46 33.43 10.93
O3 PCW FB . -22.82 30.59 10.82
O11 PCW FB . -20.92 29.63 10.00
O31 PCW FB . -23.51 33.48 13.02
O1P PCW FB . -19.86 34.71 14.90
O2P PCW FB . -17.87 35.09 13.47
O3P PCW FB . -20.15 34.49 12.40
O4P PCW FB . -19.67 36.67 13.37
P PCW FB . -19.34 35.21 13.60
C1 PCW GB . -13.81 20.91 27.70
C2 PCW GB . -15.14 20.14 28.07
C3 PCW GB . -15.06 19.63 29.55
C4 PCW GB . -15.03 23.57 30.65
C5 PCW GB . -14.29 24.65 31.45
C6 PCW GB . -15.13 26.55 32.92
C7 PCW GB . -14.62 24.36 33.90
C8 PCW GB . -13.44 25.54 33.08
C11 PCW GB . -17.24 19.61 30.56
C12 PCW GB . -18.43 18.71 30.77
C13 PCW GB . -19.36 18.80 29.51
C14 PCW GB . -20.61 17.94 29.55
C15 PCW GB . -21.05 17.30 28.20
C16 PCW GB . -22.62 17.22 28.11
C17 PCW GB . -23.32 16.09 28.91
C18 PCW GB . -23.34 14.74 28.19
C19 PCW GB . -22.28 13.75 28.74
C20 PCW GB . -21.42 13.05 27.92
C21 PCW GB . -21.25 13.03 26.44
C22 PCW GB . -19.81 12.50 26.17
C23 PCW GB . -19.29 12.53 24.70
C24 PCW GB . -19.21 11.22 23.99
C25 PCW GB . -20.24 10.83 22.89
C26 PCW GB . -21.22 9.73 23.22
C27 PCW GB . -20.84 8.28 22.84
C28 PCW GB . -22.01 7.61 22.14
C31 PCW GB . -17.10 20.84 26.92
C32 PCW GB . -18.25 21.85 26.96
C33 PCW GB . -19.64 21.32 26.39
C34 PCW GB . -20.79 22.32 26.57
C35 PCW GB . -21.97 21.49 27.20
C36 PCW GB . -23.21 21.42 26.28
C37 PCW GB . -24.43 20.62 26.85
C38 PCW GB . -25.40 20.25 25.77
C39 PCW GB . -26.57 19.48 26.30
C40 PCW GB . -26.81 18.17 26.14
C41 PCW GB . -25.89 17.23 25.36
C42 PCW GB . -26.41 15.74 25.60
C43 PCW GB . -25.61 14.60 25.01
C44 PCW GB . -26.32 13.31 25.38
C45 PCW GB . -25.62 12.46 26.41
C46 PCW GB . -25.33 11.07 25.93
C47 PCW GB . -24.29 10.30 26.73
C48 PCW GB . -24.08 8.89 26.14
N PCW GB . -14.83 25.13 32.69
O2 PCW GB . -16.31 21.06 27.97
O3 PCW GB . -16.27 18.93 29.88
O11 PCW GB . -17.17 20.76 30.93
O31 PCW GB . -16.93 19.95 26.04
O1P PCW GB . -12.57 22.54 29.52
O2P PCW GB . -12.79 24.51 28.02
O3P PCW GB . -14.00 22.32 27.46
O4P PCW GB . -14.71 23.82 29.26
P PCW GB . -13.44 23.31 28.59
C1 PCW HB . 13.42 11.41 33.45
C2 PCW HB . 14.04 10.81 32.12
C3 PCW HB . 14.75 9.46 32.44
C4 PCW HB . 14.98 14.60 31.07
C5 PCW HB . 15.02 16.09 30.74
C6 PCW HB . 16.25 17.55 29.04
C7 PCW HB . 14.25 16.30 28.39
C8 PCW HB . 14.37 17.67 29.62
C11 PCW HB . 16.53 8.31 31.30
C12 PCW HB . 16.96 7.85 29.93
C13 PCW HB . 16.53 6.34 29.76
C14 PCW HB . 16.90 5.72 28.41
C15 PCW HB . 15.70 5.24 27.54
C16 PCW HB . 15.82 3.70 27.25
C17 PCW HB . 15.69 3.24 25.76
C18 PCW HB . 15.51 1.73 25.61
C19 PCW HB . 16.82 1.00 25.21
C20 PCW HB . 16.88 -0.37 24.98
C21 PCW HB . 15.85 -1.43 25.02
C22 PCW HB . 16.00 -2.15 26.40
C23 PCW HB . 15.09 -3.37 26.67
C24 PCW HB . 15.54 -4.68 26.12
C25 PCW HB . 16.73 -5.46 26.78
C26 PCW HB . 16.40 -6.83 27.35
C27 PCW HB . 16.03 -6.91 28.85
C28 PCW HB . 17.16 -7.53 29.64
C31 PCW HB . 13.04 11.22 30.01
C32 PCW HB . 11.86 10.80 29.11
C33 PCW HB . 12.05 9.41 28.33
C34 PCW HB . 13.21 9.42 27.33
C35 PCW HB . 13.00 8.13 26.42
C36 PCW HB . 13.46 8.38 24.96
C37 PCW HB . 13.29 7.15 24.00
C38 PCW HB . 14.26 7.19 22.87
C39 PCW HB . 14.12 6.03 21.93
C40 PCW HB . 15.08 5.27 21.43
C41 PCW HB . 16.55 5.47 21.74
C42 PCW HB . 17.39 5.19 20.40
C43 PCW HB . 17.79 3.76 20.09
C44 PCW HB . 18.55 3.79 18.77
C45 PCW HB . 17.70 3.85 17.54
C46 PCW HB . 17.17 2.50 17.11
C47 PCW HB . 16.22 2.52 15.94
C48 PCW HB . 15.75 1.09 15.61
N PCW HB . 15.27 16.51 29.39
O2 PCW HB . 12.95 10.52 31.14
O3 PCW HB . 15.32 8.92 31.22
O11 PCW HB . 17.18 8.17 32.30
O31 PCW HB . 13.94 12.06 29.71
O1P PCW HB . 12.47 13.59 32.13
O2P PCW HB . 13.04 15.04 34.07
O3P PCW HB . 14.02 12.64 33.88
O4P PCW HB . 14.78 14.50 32.50
P PCW HB . 13.50 13.97 33.13
C1 PCW IB . 3.73 40.50 -10.81
C2 PCW IB . 2.64 41.05 -11.82
C3 PCW IB . 3.00 40.66 -13.29
C4 PCW IB . 4.16 43.56 -6.97
C5 PCW IB . 5.53 43.52 -6.29
C6 PCW IB . 7.58 44.95 -6.77
C7 PCW IB . 6.03 45.55 -4.98
C8 PCW IB . 7.09 44.05 -5.09
C11 PCW IB . 2.06 42.49 -14.54
C12 PCW IB . 0.95 42.82 -15.50
C13 PCW IB . 1.42 42.41 -16.95
C14 PCW IB . 0.41 42.67 -18.07
C15 PCW IB . -0.47 41.46 -18.48
C16 PCW IB . -1.72 41.33 -17.54
C17 PCW IB . -3.09 41.05 -18.23
C18 PCW IB . -3.29 39.59 -18.63
C19 PCW IB . -3.71 39.42 -20.10
C20 PCW IB . -4.59 38.43 -20.51
C21 PCW IB . -5.32 37.37 -19.77
C22 PCW IB . -5.39 36.13 -20.71
C23 PCW IB . -6.69 35.93 -21.54
C24 PCW IB . -6.58 36.13 -23.02
C25 PCW IB . -6.64 37.54 -23.65
C26 PCW IB . -5.34 38.06 -24.25
C27 PCW IB . -5.32 39.53 -24.74
C28 PCW IB . -4.14 40.26 -24.14
C31 PCW IB . 1.20 39.14 -11.55
C32 PCW IB . -0.24 38.74 -11.18
C33 PCW IB . -0.54 37.17 -11.20
C34 PCW IB . 0.05 36.42 -10.00
C35 PCW IB . 0.79 35.16 -10.61
C36 PCW IB . -0.18 34.00 -10.92
C37 PCW IB . 0.49 32.73 -11.53
C38 PCW IB . -0.40 31.53 -11.42
C39 PCW IB . 0.22 30.30 -11.99
C40 PCW IB . -0.31 29.49 -12.92
C41 PCW IB . -1.67 29.71 -13.56
C42 PCW IB . -2.68 28.63 -12.97
C43 PCW IB . -3.72 29.09 -11.96
C44 PCW IB . -4.53 27.87 -11.57
C45 PCW IB . -6.03 28.04 -11.62
C46 PCW IB . -6.61 28.04 -13.01
C47 PCW IB . -7.26 29.33 -13.44
C48 PCW IB . -7.82 29.22 -14.87
N PCW IB . 6.26 44.73 -6.13
O2 PCW IB . 1.29 40.47 -11.49
O3 PCW IB . 2.00 41.17 -14.20
O11 PCW IB . 2.89 43.27 -14.15
O31 PCW IB . 2.12 38.33 -11.85
O1P PCW IB . 2.52 43.29 -9.38
O2P PCW IB . 2.11 41.01 -8.44
O3P PCW IB . 4.21 41.48 -9.86
O4P PCW IB . 3.96 42.25 -7.57
P PCW IB . 3.11 42.03 -8.82
C1 PCW JB . -11.15 42.03 1.75
C2 PCW JB . -11.83 41.19 0.60
C3 PCW JB . -13.38 41.26 0.74
C4 PCW JB . -14.04 44.57 2.18
C5 PCW JB . -15.13 44.86 1.15
C6 PCW JB . -17.23 43.51 1.68
C7 PCW JB . -17.37 45.93 1.31
C8 PCW JB . -16.87 44.62 0.10
C11 PCW JB . -15.37 40.43 -0.32
C12 PCW JB . -15.82 39.62 -1.51
C13 PCW JB . -16.21 40.63 -2.66
C14 PCW JB . -16.68 39.98 -3.96
C15 PCW JB . -18.23 39.85 -4.12
C16 PCW JB . -18.74 38.52 -3.46
C17 PCW JB . -20.29 38.38 -3.23
C18 PCW JB . -20.66 37.16 -2.40
C19 PCW JB . -21.30 36.03 -3.24
C20 PCW JB . -20.58 34.91 -3.66
C21 PCW JB . -19.16 34.51 -3.47
C22 PCW JB . -19.03 33.08 -4.08
C23 PCW JB . -17.69 32.71 -4.74
C24 PCW JB . -17.03 31.42 -4.30
C25 PCW JB . -17.77 30.05 -4.47
C26 PCW JB . -17.99 29.58 -5.90
C27 PCW JB . -18.68 28.21 -6.11
C28 PCW JB . -17.89 27.37 -7.09
C31 PCW JB . -10.28 41.44 -1.20
C32 PCW JB . -10.08 42.12 -2.56
C33 PCW JB . -10.58 41.28 -3.83
C34 PCW JB . -9.74 40.04 -4.13
C35 PCW JB . -10.54 38.81 -3.50
C36 PCW JB . -10.82 37.70 -4.53
C37 PCW JB . -11.60 36.47 -3.99
C38 PCW JB . -11.29 35.23 -4.76
C39 PCW JB . -12.04 34.02 -4.25
C40 PCW JB . -12.60 33.06 -4.97
C41 PCW JB . -12.60 33.03 -6.49
C42 PCW JB . -14.09 32.78 -6.98
C43 PCW JB . -14.37 31.59 -7.89
C44 PCW JB . -15.86 31.61 -8.19
C45 PCW JB . -16.21 31.49 -9.66
C46 PCW JB . -16.21 30.08 -10.17
C47 PCW JB . -17.56 29.46 -10.44
C48 PCW JB . -17.42 28.01 -10.96
N PCW JB . -16.51 44.80 1.53
O2 PCW JB . -11.49 41.77 -0.74
O3 PCW JB . -14.00 40.51 -0.31
O11 PCW JB . -16.10 40.94 0.48
O31 PCW JB . -9.44 40.70 -0.61
O1P PCW JB . -11.60 44.10 3.64
O2P PCW JB . -10.68 45.83 2.10
O3P PCW JB . -10.78 43.37 1.36
O4P PCW JB . -12.77 44.79 1.52
P PCW JB . -11.45 44.55 2.22
C1 PCW KB . 3.92 34.67 -4.07
C2 PCW KB . 4.09 33.34 -4.90
C3 PCW KB . 2.99 33.25 -6.00
C4 PCW KB . 2.41 37.45 -2.49
C5 PCW KB . 1.74 38.83 -2.58
C6 PCW KB . 1.66 40.93 -1.15
C7 PCW KB . 3.60 40.48 -2.58
C8 PCW KB . 1.84 40.80 -3.10
C11 PCW KB . 2.30 31.80 -7.78
C12 PCW KB . 2.65 30.49 -8.44
C13 PCW KB . 3.58 30.81 -9.66
C14 PCW KB . 4.05 29.58 -10.46
C15 PCW KB . 4.00 29.73 -12.01
C16 PCW KB . 5.00 30.83 -12.49
C17 PCW KB . 5.46 30.79 -13.99
C18 PCW KB . 6.75 31.56 -14.25
C19 PCW KB . 7.24 31.45 -15.72
C20 PCW KB . 8.13 30.47 -16.13
C21 PCW KB . 8.82 29.37 -15.42
C22 PCW KB . 8.04 28.07 -15.75
C23 PCW KB . 8.73 27.05 -16.70
C24 PCW KB . 8.08 25.70 -16.81
C25 PCW KB . 8.88 24.41 -16.44
C26 PCW KB . 9.46 24.34 -15.04
C27 PCW KB . 8.66 23.59 -13.96
C28 PCW KB . 9.58 22.75 -13.11
C31 PCW KB . 6.29 32.46 -5.09
C32 PCW KB . 7.59 32.57 -5.90
C33 PCW KB . 8.75 31.56 -5.49
C34 PCW KB . 8.56 30.15 -6.02
C35 PCW KB . 9.71 29.28 -5.38
C36 PCW KB . 9.28 27.82 -5.09
C37 PCW KB . 10.38 26.93 -4.45
C38 PCW KB . 10.67 25.71 -5.27
C39 PCW KB . 11.73 24.82 -4.67
C40 PCW KB . 11.87 23.52 -4.85
C41 PCW KB . 10.96 22.67 -5.73
C42 PCW KB . 10.26 21.58 -4.79
C43 PCW KB . 10.66 20.12 -4.95
C44 PCW KB . 9.83 19.32 -3.95
C45 PCW KB . 8.58 18.70 -4.49
C46 PCW KB . 7.49 18.52 -3.48
C47 PCW KB . 7.08 17.10 -3.15
C48 PCW KB . 5.97 17.08 -2.10
N PCW KB . 2.38 39.96 -1.99
O2 PCW KB . 5.42 33.34 -5.59
O3 PCW KB . 3.15 32.04 -6.75
O11 PCW KB . 1.39 32.52 -8.12
O31 PCW KB . 6.10 31.68 -4.12
O1P PCW KB . 5.23 36.91 -2.12
O2P PCW KB . 5.44 38.18 -4.25
O3P PCW KB . 4.95 35.65 -4.29
O4P PCW KB . 3.28 37.35 -3.64
P PCW KB . 4.77 37.06 -3.54
C1 PCW LB . -3.91 43.70 -4.82
C2 PCW LB . -3.88 42.14 -5.01
C3 PCW LB . -5.26 41.62 -5.55
C4 PCW LB . -4.49 42.69 -1.24
C5 PCW LB . -5.19 41.54 -0.52
C6 PCW LB . -3.21 40.22 0.38
C7 PCW LB . -5.30 40.33 1.64
C8 PCW LB . -5.02 39.57 -0.01
C11 PCW LB . -5.48 39.42 -4.63
C12 PCW LB . -5.42 37.97 -5.03
C13 PCW LB . -6.75 37.62 -5.80
C14 PCW LB . -6.87 36.17 -6.29
C15 PCW LB . -8.24 35.76 -6.91
C16 PCW LB . -8.66 36.77 -8.04
C17 PCW LB . -8.94 36.18 -9.47
C18 PCW LB . -9.97 36.97 -10.27
C19 PCW LB . -9.97 36.61 -11.79
C20 PCW LB . -10.73 35.58 -12.30
C21 PCW LB . -11.66 34.61 -11.68
C22 PCW LB . -12.53 34.01 -12.82
C23 PCW LB . -12.61 32.47 -12.93
C24 PCW LB . -11.47 31.77 -13.61
C25 PCW LB . -11.06 32.11 -15.06
C26 PCW LB . -12.07 31.77 -16.14
C27 PCW LB . -12.72 32.94 -16.92
C28 PCW LB . -14.22 32.91 -16.74
C31 PCW LB . -1.66 41.47 -5.51
C32 PCW LB . -0.71 41.11 -6.68
C33 PCW LB . -0.68 39.56 -7.09
C34 PCW LB . -0.04 38.67 -6.03
C35 PCW LB . 1.51 38.65 -6.37
C36 PCW LB . 1.98 37.25 -6.84
C37 PCW LB . 3.50 37.15 -7.20
C38 PCW LB . 3.76 36.04 -8.17
C39 PCW LB . 5.22 35.91 -8.52
C40 PCW LB . 5.81 36.31 -9.64
C41 PCW LB . 5.08 37.01 -10.78
C42 PCW LB . 4.90 35.95 -11.96
C43 PCW LB . 4.79 36.47 -13.38
C44 PCW LB . 4.61 35.27 -14.30
C45 PCW LB . 3.18 34.85 -14.55
C46 PCW LB . 2.47 35.71 -15.56
C47 PCW LB . 1.39 36.61 -15.02
C48 PCW LB . 0.74 37.43 -16.14
N PCW LB . -4.52 40.86 0.54
O2 PCW LB . -2.85 41.77 -6.02
O3 PCW LB . -5.23 40.20 -5.71
O11 PCW LB . -5.73 39.81 -3.51
O31 PCW LB . -1.34 41.48 -4.29
O1P PCW LB . -4.02 45.30 -2.40
O2P PCW LB . -6.50 45.37 -2.50
O3P PCW LB . -5.17 44.23 -4.38
O4P PCW LB . -5.46 43.25 -2.17
P PCW LB . -5.28 44.61 -2.82
C1 PCW MB . 16.09 32.38 -0.53
C2 PCW MB . 15.87 31.59 -1.89
C3 PCW MB . 14.79 32.31 -2.75
C4 PCW MB . 20.14 32.45 2.28
C5 PCW MB . 20.46 31.96 3.69
C6 PCW MB . 22.03 30.23 4.73
C7 PCW MB . 22.87 32.43 4.05
C8 PCW MB . 21.63 32.04 5.36
C11 PCW MB . 13.75 30.52 -3.97
C12 PCW MB . 13.71 29.91 -5.35
C13 PCW MB . 12.91 30.88 -6.29
C14 PCW MB . 12.76 30.42 -7.74
C15 PCW MB . 12.35 31.51 -8.77
C16 PCW MB . 12.45 30.96 -10.24
C17 PCW MB . 11.32 31.38 -11.25
C18 PCW MB . 10.32 30.27 -11.54
C19 PCW MB . 9.00 30.42 -10.73
C20 PCW MB . 8.48 29.39 -9.96
C21 PCW MB . 8.94 28.00 -9.69
C22 PCW MB . 8.28 27.10 -10.77
C23 PCW MB . 6.83 26.59 -10.50
C24 PCW MB . 6.18 25.82 -11.61
C25 PCW MB . 6.01 26.43 -13.02
C26 PCW MB . 5.00 25.76 -13.94
C27 PCW MB . 3.54 26.25 -13.89
C28 PCW MB . 3.15 26.83 -15.22
C31 PCW MB . 17.91 30.54 -2.43
C32 PCW MB . 19.17 30.66 -3.32
C33 PCW MB . 19.46 29.40 -4.27
C34 PCW MB . 20.91 29.31 -4.73
C35 PCW MB . 20.87 29.36 -6.31
C36 PCW MB . 21.17 27.99 -6.96
C37 PCW MB . 21.14 27.97 -8.51
C38 PCW MB . 21.49 26.62 -9.07
C39 PCW MB . 21.47 26.60 -10.57
C40 PCW MB . 20.66 25.86 -11.35
C41 PCW MB . 19.60 24.91 -10.81
C42 PCW MB . 18.21 25.67 -10.80
C43 PCW MB . 17.01 25.01 -11.46
C44 PCW MB . 15.83 25.96 -11.29
C45 PCW MB . 14.48 25.36 -11.60
C46 PCW MB . 13.38 25.94 -10.76
C47 PCW MB . 13.02 25.20 -9.50
C48 PCW MB . 11.87 25.89 -8.75
N PCW MB . 21.77 31.49 3.99
O2 PCW MB . 17.14 31.58 -2.68
O3 PCW MB . 14.60 31.58 -3.97
O11 PCW MB . 13.12 30.12 -3.03
O31 PCW MB . 17.69 29.59 -1.62
O1P PCW MB . 18.84 34.06 0.24
O2P PCW MB . 16.90 33.94 1.82
O3P PCW MB . 17.32 32.04 0.15
O4P PCW MB . 18.70 32.39 2.12
P PCW MB . 17.94 33.19 1.09
C1 PCW NB . 9.57 30.26 5.22
C2 PCW NB . 9.78 29.03 4.25
C3 PCW NB . 8.42 28.25 4.12
C4 PCW NB . 12.81 34.30 5.44
C5 PCW NB . 14.21 34.26 4.82
C6 PCW NB . 16.37 35.50 4.23
C7 PCW NB . 14.61 36.63 5.50
C8 PCW NB . 15.62 35.18 6.01
C11 PCW NB . 7.89 27.13 2.07
C12 PCW NB . 8.18 25.86 1.30
C13 PCW NB . 6.86 25.00 1.29
C14 PCW NB . 6.97 23.66 0.55
C15 PCW NB . 6.24 22.46 1.22
C16 PCW NB . 4.76 22.34 0.69
C17 PCW NB . 4.55 21.56 -0.65
C18 PCW NB . 3.59 20.37 -0.51
C19 PCW NB . 2.14 20.70 -0.94
C20 PCW NB . 1.70 20.55 -2.25
C21 PCW NB . 2.37 20.09 -3.49
C22 PCW NB . 1.71 18.72 -3.87
C23 PCW NB . 2.09 18.12 -5.24
C24 PCW NB . 3.31 17.24 -5.28
C25 PCW NB . 3.33 15.87 -4.55
C26 PCW NB . 2.84 14.67 -5.35
C27 PCW NB . 1.34 14.35 -5.32
C28 PCW NB . 1.09 13.05 -4.61
C31 PCW NB . 11.42 29.88 2.77
C32 PCW NB . 11.66 30.33 1.31
C33 PCW NB . 11.50 29.17 0.21
C34 PCW NB . 12.66 28.17 0.22
C35 PCW NB . 12.14 26.94 -0.63
C36 PCW NB . 11.83 25.71 0.25
C37 PCW NB . 11.32 24.45 -0.53
C38 PCW NB . 10.99 23.32 0.39
C39 PCW NB . 10.49 22.09 -0.33
C40 PCW NB . 10.05 20.96 0.21
C41 PCW NB . 9.98 20.70 1.71
C42 PCW NB . 8.63 19.90 2.01
C43 PCW NB . 8.42 19.33 3.39
C44 PCW NB . 7.08 18.62 3.40
C45 PCW NB . 7.09 17.21 2.85
C46 PCW NB . 5.72 16.63 2.68
C47 PCW NB . 4.94 17.09 1.46
C48 PCW NB . 3.56 16.42 1.41
N PCW NB . 14.97 35.47 4.70
O2 PCW NB . 10.16 29.49 2.88
O3 PCW NB . 8.59 27.13 3.24
O11 PCW NB . 7.14 28.00 1.71
O31 PCW NB . 12.28 29.93 3.69
O1P PCW NB . 11.20 32.10 6.96
O2P PCW NB . 10.32 33.38 5.62
O3P PCW NB . 10.02 31.53 4.68
O4P PCW NB . 12.01 33.30 4.74
P PCW NB . 11.23 32.22 5.46
C1 PCW OB . -21.28 32.49 17.85
C2 PCW OB . -21.70 30.98 17.73
C3 PCW OB . -21.59 30.29 19.14
C4 PCW OB . -20.50 33.18 21.25
C5 PCW OB . -20.75 32.51 22.61
C6 PCW OB . -19.58 30.54 23.70
C7 PCW OB . -18.86 32.82 24.17
C8 PCW OB . -20.48 32.04 24.58
C11 PCW OB . -21.13 27.96 19.54
C12 PCW OB . -21.71 26.59 19.31
C13 PCW OB . -21.67 26.29 17.77
C14 PCW OB . -22.22 24.92 17.35
C15 PCW OB . -23.73 24.90 16.96
C16 PCW OB . -24.65 24.76 18.24
C17 PCW OB . -24.34 23.58 19.23
C18 PCW OB . -25.46 23.33 20.24
C19 PCW OB . -25.50 21.88 20.76
C20 PCW OB . -26.02 20.84 20.00
C21 PCW OB . -26.61 20.78 18.64
C22 PCW OB . -27.49 19.48 18.58
C23 PCW OB . -29.03 19.66 18.63
C24 PCW OB . -29.72 19.98 17.33
C25 PCW OB . -29.95 18.88 16.25
C26 PCW OB . -31.17 18.01 16.42
C27 PCW OB . -31.24 16.69 15.62
C28 PCW OB . -31.77 15.58 16.50
C31 PCW OB . -23.30 30.72 16.01
C32 PCW OB . -24.80 30.64 15.72
C33 PCW OB . -25.52 29.30 16.20
C34 PCW OB . -26.70 28.89 15.32
C35 PCW OB . -26.39 27.40 14.86
C36 PCW OB . -25.99 27.32 13.37
C37 PCW OB . -25.67 25.89 12.85
C38 PCW OB . -24.36 25.84 12.13
C39 PCW OB . -24.03 24.46 11.62
C40 PCW OB . -22.95 23.74 11.89
C41 PCW OB . -21.82 24.19 12.80
C42 PCW OB . -21.24 22.89 13.52
C43 PCW OB . -19.82 22.44 13.18
C44 PCW OB . -19.53 21.20 14.01
C45 PCW OB . -18.92 20.06 13.25
C46 PCW OB . -17.41 20.01 13.30
C47 PCW OB . -16.73 19.19 12.23
C48 PCW OB . -15.20 19.23 12.40
N PCW OB . -19.66 31.96 23.34
O2 PCW OB . -23.13 30.89 17.31
O3 PCW OB . -21.97 28.91 19.02
O11 PCW OB . -20.10 28.20 20.09
O31 PCW OB . -22.38 30.63 15.14
O1P PCW OB . -21.00 35.22 19.26
O2P PCW OB . -23.37 34.95 19.97
O3P PCW OB . -22.36 33.38 18.20
O4P PCW OB . -21.79 33.24 20.58
P PCW OB . -22.12 34.27 19.52
C1 PCW PB . 35.27 12.32 19.28
C2 PCW PB . 34.41 11.17 19.95
C3 PCW PB . 32.96 11.18 19.36
C4 PCW PB . 36.17 12.42 23.61
C5 PCW PB . 35.25 11.44 24.34
C6 PCW PB . 36.43 11.22 26.44
C7 PCW PB . 36.83 9.68 24.74
C8 PCW PB . 34.85 9.52 25.84
C11 PCW PB . 31.41 10.43 21.05
C12 PCW PB . 30.73 9.19 21.54
C13 PCW PB . 31.72 8.46 22.53
C14 PCW PB . 31.18 7.16 23.15
C15 PCW PB . 32.18 6.39 24.06
C16 PCW PB . 31.72 4.90 24.22
C17 PCW PB . 31.81 4.28 25.66
C18 PCW PB . 31.35 2.82 25.71
C19 PCW PB . 30.22 2.59 26.75
C20 PCW PB . 28.94 2.20 26.38
C21 PCW PB . 28.31 1.91 25.06
C22 PCW PB . 27.74 0.47 25.14
C23 PCW PB . 28.50 -0.65 24.38
C24 PCW PB . 28.89 -1.86 25.19
C25 PCW PB . 30.37 -2.30 25.32
C26 PCW PB . 30.67 -3.38 26.34
C27 PCW PB . 31.30 -4.70 25.83
C28 PCW PB . 30.53 -5.88 26.37
C31 PCW PB . 35.40 9.14 20.69
C32 PCW PB . 35.99 7.81 20.19
C33 PCW PB . 34.91 6.69 19.79
C34 PCW PB . 35.40 5.73 18.71
C35 PCW PB . 36.27 4.65 19.47
C36 PCW PB . 35.66 3.22 19.42
C37 PCW PB . 36.49 2.12 20.16
C38 PCW PB . 37.61 1.60 19.32
C39 PCW PB . 38.42 0.55 20.01
C40 PCW PB . 38.33 -0.77 19.83
C41 PCW PB . 37.35 -1.43 18.88
C42 PCW PB . 36.04 -1.81 19.69
C43 PCW PB . 34.90 -2.49 18.95
C44 PCW PB . 33.80 -2.74 19.96
C45 PCW PB . 33.52 -4.20 20.26
C46 PCW PB . 32.50 -4.82 19.34
C47 PCW PB . 32.15 -6.26 19.61
C48 PCW PB . 31.11 -6.78 18.61
N PCW PB . 35.81 10.51 25.30
O2 PCW PB . 35.01 9.85 19.62
O3 PCW PB . 32.20 10.12 19.98
O11 PCW PB . 31.30 11.53 21.52
O31 PCW PB . 35.29 9.50 21.90
O1P PCW PB . 37.38 14.32 21.77
O2P PCW PB . 35.04 14.66 21.03
O3P PCW PB . 36.42 12.72 20.08
O4P PCW PB . 35.53 12.71 22.33
P PCW PB . 36.10 13.69 21.33
C1 PCW QB . 28.26 19.43 18.56
C2 PCW QB . 27.71 19.04 17.12
C3 PCW QB . 28.07 20.17 16.09
C4 PCW QB . 32.07 19.23 16.84
C5 PCW QB . 33.31 18.46 16.40
C6 PCW QB . 35.65 18.30 15.82
C7 PCW QB . 34.84 20.29 16.74
C8 PCW QB . 34.29 19.84 14.58
C11 PCW QB . 28.47 19.64 13.79
C12 PCW QB . 27.73 19.27 12.53
C13 PCW QB . 26.99 20.56 11.99
C14 PCW QB . 26.19 20.37 10.71
C15 PCW QB . 26.12 21.61 9.77
C16 PCW QB . 25.22 21.30 8.53
C17 PCW QB . 25.94 21.14 7.14
C18 PCW QB . 26.10 19.69 6.72
C19 PCW QB . 26.63 19.54 5.27
C20 PCW QB . 26.03 18.70 4.34
C21 PCW QB . 24.85 17.80 4.41
C22 PCW QB . 24.21 17.79 3.00
C23 PCW QB . 23.66 16.44 2.47
C24 PCW QB . 23.82 16.19 1.00
C25 PCW QB . 22.59 16.19 0.05
C26 PCW QB . 22.82 16.72 -1.35
C27 PCW QB . 22.16 18.05 -1.74
C28 PCW QB . 22.07 18.18 -3.23
C31 PCW QB . 27.67 16.68 16.92
C32 PCW QB . 28.44 15.47 16.37
C33 PCW QB . 30.03 15.52 16.55
C34 PCW QB . 30.74 14.27 16.03
C35 PCW QB . 30.69 14.38 14.45
C36 PCW QB . 30.98 13.03 13.75
C37 PCW QB . 30.95 13.06 12.19
C38 PCW QB . 31.13 11.70 11.60
C39 PCW QB . 31.10 11.71 10.10
C40 PCW QB . 30.21 11.12 9.30
C41 PCW QB . 29.03 10.31 9.81
C42 PCW QB . 27.76 10.67 8.90
C43 PCW QB . 26.45 10.99 9.59
C44 PCW QB . 25.44 11.27 8.50
C45 PCW QB . 24.01 10.97 8.86
C46 PCW QB . 23.01 11.80 8.08
C47 PCW QB . 21.90 11.04 7.39
C48 PCW QB . 20.97 12.00 6.64
N PCW QB . 34.46 19.19 15.91
O2 PCW QB . 28.36 17.78 16.65
O3 PCW QB . 27.57 19.81 14.80
O11 PCW QB . 29.66 19.77 13.89
O31 PCW QB . 26.57 16.62 17.53
O1P PCW QB . 30.65 20.73 18.88
O2P PCW QB . 31.50 18.92 20.38
O3P PCW QB . 29.33 18.58 19.04
O4P PCW QB . 31.54 18.54 18.01
P PCW QB . 30.79 19.26 19.12
C1 PCW RB . 18.70 26.34 11.18
C2 PCW RB . 18.38 25.02 10.37
C3 PCW RB . 17.16 24.29 10.99
C4 PCW RB . 22.33 26.80 10.03
C5 PCW RB . 23.61 27.23 10.77
C6 PCW RB . 24.17 24.88 11.58
C7 PCW RB . 25.83 26.68 11.70
C8 PCW RB . 24.22 26.55 12.59
C11 PCW RB . 15.64 22.95 9.70
C12 PCW RB . 15.56 21.65 8.95
C13 PCW RB . 14.74 21.91 7.62
C14 PCW RB . 14.56 20.70 6.72
C15 PCW RB . 13.52 19.64 7.20
C16 PCW RB . 12.09 20.29 7.32
C17 PCW RB . 11.27 20.50 6.01
C18 PCW RB . 11.15 21.97 5.59
C19 PCW RB . 10.56 22.87 6.71
C20 PCW RB . 9.58 23.82 6.46
C21 PCW RB . 8.87 24.23 5.23
C22 PCW RB . 7.55 24.92 5.69
C23 PCW RB . 6.22 24.33 5.16
C24 PCW RB . 5.61 23.20 5.94
C25 PCW RB . 5.83 21.73 5.52
C26 PCW RB . 4.61 20.93 5.16
C27 PCW RB . 4.18 19.77 6.09
C28 PCW RB . 3.46 18.71 5.31
C31 PCW RB . 19.05 25.31 8.11
C32 PCW RB . 18.54 25.67 6.71
C33 PCW RB . 18.22 24.43 5.75
C34 PCW RB . 17.55 24.82 4.44
C35 PCW RB . 18.00 23.72 3.39
C36 PCW RB . 16.80 22.92 2.84
C37 PCW RB . 17.15 21.81 1.80
C38 PCW RB . 15.93 21.25 1.14
C39 PCW RB . 16.26 20.18 0.14
C40 PCW RB . 15.98 18.88 0.24
C41 PCW RB . 15.26 18.25 1.41
C42 PCW RB . 16.11 16.98 1.89
C43 PCW RB . 17.37 17.22 2.68
C44 PCW RB . 17.97 15.85 2.99
C45 PCW RB . 19.06 15.40 2.04
C46 PCW RB . 18.93 13.97 1.60
C47 PCW RB . 19.87 12.97 2.21
C48 PCW RB . 19.61 11.56 1.67
N PCW RB . 24.56 26.24 11.17
O2 PCW RB . 18.02 25.36 8.96
O3 PCW RB . 16.89 23.09 10.22
O11 PCW RB . 14.74 23.74 9.84
O31 PCW RB . 20.25 25.01 8.39
O1P PCW RB . 20.52 28.86 9.08
O2P PCW RB . 20.25 29.33 11.51
O3P PCW RB . 18.82 27.52 10.36
O4P PCW RB . 21.22 27.22 10.85
P PCW RB . 20.23 28.30 10.44
C1 PCW SB . -2.45 27.77 20.73
C2 PCW SB . -2.89 27.22 19.32
C3 PCW SB . -3.12 25.67 19.41
C4 PCW SB . -3.72 29.99 24.48
C5 PCW SB . -4.80 30.52 25.42
C6 PCW SB . -5.11 30.76 27.94
C7 PCW SB . -3.72 32.36 26.70
C8 PCW SB . -5.54 32.07 26.53
C11 PCW SB . -3.49 23.81 17.94
C12 PCW SB . -3.97 23.49 16.55
C13 PCW SB . -5.51 23.18 16.63
C14 PCW SB . -6.17 22.84 15.30
C15 PCW SB . -6.36 21.31 15.01
C16 PCW SB . -6.29 21.01 13.47
C17 PCW SB . -6.78 19.60 12.99
C18 PCW SB . -8.11 19.64 12.24
C19 PCW SB . -8.21 18.57 11.13
C20 PCW SB . -9.39 18.32 10.44
C21 PCW SB . -10.75 18.92 10.53
C22 PCW SB . -11.04 19.56 9.14
C23 PCW SB . -12.47 19.41 8.57
C24 PCW SB . -12.58 18.97 7.15
C25 PCW SB . -13.84 18.20 6.65
C26 PCW SB . -13.71 16.69 6.54
C27 PCW SB . -14.58 15.82 7.47
C28 PCW SB . -15.17 14.67 6.69
C31 PCW SB . -4.07 28.70 17.89
C32 PCW SB . -5.47 29.25 17.59
C33 PCW SB . -6.04 28.88 16.14
C34 PCW SB . -7.53 29.19 15.98
C35 PCW SB . -8.18 27.88 15.35
C36 PCW SB . -8.50 26.80 16.42
C37 PCW SB . -9.14 25.49 15.86
C38 PCW SB . -9.27 24.44 16.92
C39 PCW SB . -9.89 23.16 16.42
C40 PCW SB . -10.50 22.23 17.14
C41 PCW SB . -10.68 22.31 18.65
C42 PCW SB . -11.30 20.92 19.15
C43 PCW SB . -11.67 20.77 20.62
C44 PCW SB . -12.23 19.38 20.79
C45 PCW SB . -13.73 19.29 20.87
C46 PCW SB . -14.24 17.93 21.28
C47 PCW SB . -15.65 17.59 20.88
C48 PCW SB . -16.04 16.18 21.35
N PCW SB . -4.42 31.09 26.68
O2 PCW SB . -4.18 27.84 18.90
O3 PCW SB . -3.53 25.16 18.13
O11 PCW SB . -3.14 23.01 18.76
O31 PCW SB . -3.01 29.02 17.28
O1P PCW SB . -3.25 30.27 21.62
O2P PCW SB . -5.55 29.34 21.47
O3P PCW SB . -3.51 27.76 21.71
O4P PCW SB . -4.38 29.10 23.54
P PCW SB . -4.19 29.18 22.04
C1 PCW TB . 2.49 28.44 14.71
C2 PCW TB . 1.32 28.05 13.71
C3 PCW TB . 1.92 27.35 12.44
C4 PCW TB . -0.16 30.29 16.97
C5 PCW TB . -0.64 31.54 16.24
C6 PCW TB . -0.71 31.68 13.69
C7 PCW TB . -2.79 31.52 15.00
C8 PCW TB . -1.55 32.89 15.00
C11 PCW TB . 0.19 27.97 10.87
C12 PCW TB . -0.86 27.36 9.98
C13 PCW TB . -0.13 26.67 8.77
C14 PCW TB . -1.05 25.99 7.76
C15 PCW TB . -0.39 24.86 6.91
C16 PCW TB . -0.90 23.45 7.36
C17 PCW TB . -0.22 22.20 6.68
C18 PCW TB . -1.11 21.51 5.65
C19 PCW TB . -0.35 20.45 4.82
C20 PCW TB . -0.84 19.16 4.62
C21 PCW TB . -2.08 18.48 5.08
C22 PCW TB . -1.79 16.95 5.04
C23 PCW TB . -2.45 16.12 3.90
C24 PCW TB . -3.94 15.97 3.95
C25 PCW TB . -4.61 14.76 4.67
C26 PCW TB . -4.67 13.46 3.88
C27 PCW TB . -5.97 13.14 3.12
C28 PCW TB . -6.03 11.67 2.80
C31 PCW TB . -0.82 27.58 14.59
C32 PCW TB . -1.69 26.50 15.24
C33 PCW TB . -2.71 25.76 14.24
C34 PCW TB . -3.60 26.74 13.46
C35 PCW TB . -5.06 26.11 13.51
C36 PCW TB . -5.92 26.53 12.31
C37 PCW TB . -7.38 25.96 12.29
C38 PCW TB . -8.36 26.93 11.72
C39 PCW TB . -9.77 26.38 11.70
C40 PCW TB . -10.64 26.44 10.71
C41 PCW TB . -10.34 27.08 9.35
C42 PCW TB . -11.63 26.91 8.44
C43 PCW TB . -12.54 28.11 8.23
C44 PCW TB . -13.67 27.67 7.32
C45 PCW TB . -13.60 28.15 5.89
C46 PCW TB . -14.24 27.22 4.90
C47 PCW TB . -13.35 26.16 4.29
C48 PCW TB . -14.14 25.28 3.31
N PCW TB . -1.35 31.41 15.01
O2 PCW TB . 0.38 27.08 14.34
O3 PCW TB . 0.86 26.98 11.53
O11 PCW TB . 0.40 29.14 10.97
O31 PCW TB . -1.21 28.77 14.35
O1P PCW TB . 1.45 28.33 18.35
O2P PCW TB . 3.34 29.73 17.56
O3P PCW TB . 2.33 27.92 16.04
O4P PCW TB . 1.19 30.03 16.53
P PCW TB . 2.10 29.02 17.21
C1 PCW UB . -8.17 24.33 30.84
C2 PCW UB . -7.53 24.60 29.42
C3 PCW UB . -6.03 25.03 29.56
C4 PCW UB . -11.17 27.12 28.83
C5 PCW UB . -11.04 27.13 27.30
C6 PCW UB . -11.73 25.62 25.36
C7 PCW UB . -13.37 27.08 26.45
C8 PCW UB . -11.87 27.59 25.49
C11 PCW UB . -5.49 26.56 27.79
C12 PCW UB . -4.87 26.58 26.42
C13 PCW UB . -5.92 26.00 25.40
C14 PCW UB . -5.46 25.96 23.95
C15 PCW UB . -4.46 24.81 23.59
C16 PCW UB . -5.22 23.46 23.33
C17 PCW UB . -5.23 22.91 21.86
C18 PCW UB . -4.55 21.54 21.73
C19 PCW UB . -5.31 20.41 22.47
C20 PCW UB . -6.45 19.81 21.96
C21 PCW UB . -7.22 20.02 20.70
C22 PCW UB . -7.40 18.62 20.05
C23 PCW UB . -8.46 18.49 18.93
C24 PCW UB . -8.03 18.83 17.54
C25 PCW UB . -8.51 18.00 16.32
C26 PCW UB . -9.65 18.60 15.51
C27 PCW UB . -11.04 17.92 15.61
C28 PCW UB . -11.87 18.26 14.40
C31 PCW UB . -8.57 23.33 27.72
C32 PCW UB . -8.48 22.00 26.94
C33 PCW UB . -8.20 20.70 27.82
C34 PCW UB . -8.51 19.41 27.07
C35 PCW UB . -7.10 18.88 26.57
C36 PCW UB . -7.18 17.42 26.04
C37 PCW UB . -5.83 16.83 25.51
C38 PCW UB . -6.04 15.52 24.82
C39 PCW UB . -4.76 14.91 24.31
C40 PCW UB . -4.35 13.66 24.47
C41 PCW UB . -5.14 12.59 25.22
C42 PCW UB . -5.46 11.41 24.20
C43 PCW UB . -4.48 10.27 24.05
C44 PCW UB . -5.04 9.31 23.03
C45 PCW UB . -5.71 8.07 23.60
C46 PCW UB . -6.29 7.16 22.55
C47 PCW UB . -7.30 6.15 23.03
C48 PCW UB . -7.80 5.28 21.87
N PCW UB . -12.05 26.50 26.50
O2 PCW UB . -7.57 23.37 28.59
O3 PCW UB . -5.47 25.28 28.26
O11 PCW UB . -5.94 27.51 28.36
O31 PCW UB . -9.46 24.22 27.55
O1P PCW UB . -10.77 26.94 31.69
O2P PCW UB . -8.36 27.18 31.09
O3P PCW UB . -9.50 24.87 31.01
O4P PCW UB . -9.92 26.60 29.35
P PCW UB . -9.63 26.46 30.83
C1 PCW VB . -4.93 22.70 34.42
C2 PCW VB . -4.77 21.41 33.52
C3 PCW VB . -5.51 21.63 32.15
C4 PCW VB . -1.22 24.24 32.28
C5 PCW VB . -1.63 23.71 30.90
C6 PCW VB . -1.72 25.64 29.25
C7 PCW VB . -0.54 23.57 28.68
C8 PCW VB . -2.34 23.80 28.99
C11 PCW VB . -4.85 20.63 30.08
C12 PCW VB . -4.76 19.29 29.40
C13 PCW VB . -3.26 19.05 29.01
C14 PCW VB . -2.98 17.73 28.30
C15 PCW VB . -1.52 17.52 27.78
C16 PCW VB . -0.95 16.14 28.26
C17 PCW VB . -1.14 14.91 27.30
C18 PCW VB . -0.40 15.07 25.97
C19 PCW VB . 0.43 13.82 25.58
C20 PCW VB . 1.41 13.84 24.60
C21 PCW VB . 1.90 14.92 23.72
C22 PCW VB . 2.51 14.23 22.46
C23 PCW VB . 2.95 15.15 21.29
C24 PCW VB . 3.97 14.60 20.34
C25 PCW VB . 5.48 14.92 20.52
C26 PCW VB . 5.87 16.38 20.49
C27 PCW VB . 6.56 16.96 21.74
C28 PCW VB . 5.54 17.67 22.60
C31 PCW VB . -2.66 20.59 34.22
C32 PCW VB . -1.21 20.40 33.76
C33 PCW VB . -0.43 19.17 34.44
C34 PCW VB . -0.36 17.92 33.57
C35 PCW VB . -1.69 17.12 33.88
C36 PCW VB . -2.70 17.17 32.71
C37 PCW VB . -4.04 16.40 32.95
C38 PCW VB . -5.19 17.34 33.13
C39 PCW VB . -6.49 16.63 33.37
C40 PCW VB . -7.44 16.35 32.47
C41 PCW VB . -7.34 16.71 31.00
C42 PCW VB . -6.80 15.43 30.22
C43 PCW VB . -5.39 15.48 29.64
C44 PCW VB . -5.14 14.15 28.95
C45 PCW VB . -3.93 13.38 29.45
C46 PCW VB . -3.67 12.12 28.69
C47 PCW VB . -4.13 10.83 29.34
C48 PCW VB . -3.79 9.62 28.47
N PCW VB . -1.16 24.35 29.72
O2 PCW VB . -3.34 21.17 33.22
O3 PCW VB . -5.36 20.46 31.33
O11 PCW VB . -4.51 21.68 29.61
O31 PCW VB . -3.14 20.25 35.34
O1P PCW VB . -2.83 25.85 34.09
O2P PCW VB . -2.56 23.87 35.59
O3P PCW VB . -4.42 23.91 33.80
O4P PCW VB . -2.07 23.59 33.25
P PCW VB . -2.94 24.35 34.24
C1 PCW WB . 23.06 36.06 -4.04
C2 PCW WB . 22.21 34.92 -4.72
C3 PCW WB . 21.40 35.51 -5.94
C4 PCW WB . 25.79 33.35 -1.42
C5 PCW WB . 26.54 33.12 -0.10
C6 PCW WB . 28.11 31.99 1.34
C7 PCW WB . 28.61 32.20 -0.93
C8 PCW WB . 26.99 30.71 -0.35
C11 PCW WB . 19.39 34.19 -6.04
C12 PCW WB . 18.77 33.05 -6.80
C13 PCW WB . 18.51 33.54 -8.28
C14 PCW WB . 17.88 32.48 -9.21
C15 PCW WB . 16.53 31.89 -8.72
C16 PCW WB . 16.30 30.45 -9.32
C17 PCW WB . 17.09 29.28 -8.66
C18 PCW WB . 16.18 28.22 -8.04
C19 PCW WB . 16.53 27.92 -6.56
C20 PCW WB . 17.13 26.73 -6.17
C21 PCW WB . 17.55 25.52 -6.91
C22 PCW WB . 18.26 24.60 -5.89
C23 PCW WB . 17.49 23.36 -5.39
C24 PCW WB . 17.42 23.16 -3.89
C25 PCW WB . 18.44 22.24 -3.16
C26 PCW WB . 18.71 20.89 -3.78
C27 PCW WB . 18.10 19.64 -3.10
C28 PCW WB . 17.85 18.55 -4.12
C31 PCW WB . 23.34 32.87 -4.41
C32 PCW WB . 24.26 31.85 -5.11
C33 PCW WB . 25.74 32.37 -5.43
C34 PCW WB . 26.01 32.57 -6.91
C35 PCW WB . 26.68 31.22 -7.40
C36 PCW WB . 25.72 30.34 -8.24
C37 PCW WB . 26.33 29.00 -8.75
C38 PCW WB . 25.26 28.02 -9.16
C39 PCW WB . 25.82 26.72 -9.65
C40 PCW WB . 25.61 26.16 -10.83
C41 PCW WB . 24.75 26.76 -11.93
C42 PCW WB . 25.21 26.14 -13.33
C43 PCW WB . 24.17 25.47 -14.21
C44 PCW WB . 24.90 24.97 -15.45
C45 PCW WB . 25.03 23.48 -15.58
C46 PCW WB . 25.50 23.02 -16.93
C47 PCW WB . 24.93 21.73 -17.45
C48 PCW WB . 25.49 21.39 -18.84
N PCW WB . 27.52 32.06 -0.01
O2 PCW WB . 23.10 33.86 -5.26
O3 PCW WB . 20.63 34.46 -6.54
O11 PCW WB . 18.88 34.77 -5.11
O31 PCW WB . 22.89 32.76 -3.24
O1P PCW WB . 25.70 35.13 -3.71
O2P PCW WB . 25.65 36.90 -1.96
O3P PCW WB . 23.47 35.75 -2.69
O4P PCW WB . 25.15 34.64 -1.30
P PCW WB . 25.06 35.63 -2.45
C1 17F XB . 1.80 10.82 36.32
N1 17F XB . 0.72 13.02 35.76
O1 17F XB . 3.99 11.26 38.43
P1 17F XB . 4.21 11.24 36.93
C2 17F XB . 0.55 11.57 35.84
O2 17F XB . 5.30 12.14 36.40
C3 17F XB . -0.63 11.26 36.78
O3 17F XB . 2.94 11.59 36.13
C4 17F XB . 4.85 9.52 35.04
O4 17F XB . -1.31 12.19 37.37
C5 17F XB . 5.21 8.02 34.77
O5 17F XB . -0.97 10.10 37.02
C6 17F XB . 3.98 7.14 35.12
O6 17F XB . 4.60 9.78 36.42
C7 17F XB . 3.25 4.94 34.79
O7 17F XB . 4.25 5.76 34.91
C8 17F XB . 3.82 3.52 34.57
O8 17F XB . 2.06 5.14 34.83
C9 17F XB . 4.42 2.91 35.86
O9 17F XB . 5.65 7.80 33.43
C10 17F XB . 5.02 1.47 35.71
O10 17F XB . 7.65 6.96 34.24
C11 17F XB . 4.04 0.29 36.08
C12 17F XB . 4.71 -1.11 35.91
C17 17F XB . 6.76 7.07 33.39
C18 17F XB . 6.90 6.33 32.08
C19 17F XB . 6.08 5.02 31.98
C20 17F XB . 5.17 4.98 30.69
C1X 17F XB . 3.74 -2.24 36.28
C1Y 17F XB . 4.37 3.66 30.62
C1Z 17F XB . 4.89 2.77 29.50
C2X 17F XB . 4.39 -3.70 36.12
C21 17F XB . 5.01 -3.92 34.70
C22 17F XB . 4.50 -4.66 33.77
C23 17F XB . 3.25 -5.45 33.84
C24 17F XB . 2.29 -5.19 32.70
C25 17F XB . 0.99 -5.99 32.72
C26 17F XB . 1.06 -7.47 32.12
C27 17F XB . -0.23 -8.23 32.14
C28 17F XB . 0.04 -9.65 31.51
C29 17F XB . -0.50 -9.66 30.14
C30 17F XB . -0.30 -10.96 29.41
C31 17F XB . 5.64 1.46 29.93
C32 17F XB . 6.15 0.58 28.75
C33 17F XB . 5.31 -0.69 28.70
C34 17F XB . 5.48 -1.67 27.81
C35 17F XB . 6.50 -1.74 26.71
C36 17F XB . 6.82 -3.18 26.21
C37 17F XB . 7.67 -3.11 24.99
C38 17F XB . 9.14 -3.54 25.19
C39 17F XB . 9.95 -3.43 23.89
C40 17F XB . 10.42 -1.99 23.67
C41 17F XB . 11.82 -1.74 24.39
C42 17F XB . 12.22 -0.31 24.75
C1 17F YB . 16.24 28.63 19.93
N1 17F YB . 13.92 28.04 19.15
O1 17F YB . 18.12 26.67 20.79
P1 17F YB . 18.01 26.93 19.30
C2 17F YB . 14.84 29.11 19.48
O2 17F YB . 19.24 27.46 18.62
C3 17F YB . 14.99 30.04 18.26
O3 17F YB . 16.86 27.89 18.92
C4 17F YB . 17.47 25.59 17.11
O4 17F YB . 14.35 29.86 17.16
C5 17F YB . 17.09 24.19 16.56
O5 17F YB . 15.72 31.04 18.31
C6 17F YB . 18.37 23.29 16.51
O6 17F YB . 17.64 25.60 18.52
C7 17F YB . 18.25 21.74 14.76
O7 17F YB . 18.09 21.98 16.02
C8 17F YB . 17.86 20.26 14.50
O8 17F YB . 18.62 22.45 13.87
C9 17F YB . 16.60 19.80 15.27
O9 17F YB . 16.04 23.56 17.30
C10 17F YB . 16.15 18.31 15.05
O10 17F YB . 14.29 25.02 16.97
C11 17F YB . 14.61 18.05 15.32
C12 17F YB . 14.23 16.54 15.08
C17 17F YB . 14.85 23.92 16.87
C18 17F YB . 14.14 22.78 16.17
C19 17F YB . 14.23 22.81 14.63
C20 17F YB . 13.80 21.43 13.98
C1X 17F YB . 12.73 16.33 15.35
C1Y 17F YB . 13.90 21.50 12.44
C1Z 17F YB . 13.50 20.17 11.81
C2X 17F YB . 12.27 14.81 15.11
C21 17F YB . 11.99 14.48 13.61
C22 17F YB . 11.38 13.43 13.19
C23 17F YB . 10.82 12.33 13.99
C24 17F YB . 9.30 12.30 14.04
C25 17F YB . 8.66 11.18 14.86
C26 17F YB . 7.08 11.01 14.71
C27 17F YB . 6.49 9.90 15.54
C28 17F YB . 4.93 9.89 15.28
C29 17F YB . 4.30 8.91 16.18
C30 17F YB . 2.82 8.79 16.04
C31 17F YB . 14.65 19.12 11.61
C32 17F YB . 14.21 17.76 10.98
C33 17F YB . 15.18 17.40 9.86
C34 17F YB . 15.09 16.31 9.11
C35 17F YB . 14.04 15.22 9.21
C36 17F YB . 13.42 14.81 7.85
C37 17F YB . 14.11 13.59 7.34
C38 17F YB . 14.45 13.62 5.82
C39 17F YB . 15.16 12.33 5.37
C40 17F YB . 15.11 12.20 3.85
C41 17F YB . 15.72 10.80 3.39
C42 17F YB . 15.46 10.32 1.95
C1 17F ZB . 9.85 28.36 12.41
N1 17F ZB . 12.00 29.25 11.50
O1 17F ZB . 8.37 27.58 14.83
P1 17F ZB . 9.79 27.10 14.60
C2 17F ZB . 10.60 29.52 11.73
O2 17F ZB . 10.68 27.06 15.81
C3 17F ZB . 10.46 30.79 12.58
O3 17F ZB . 10.54 27.93 13.54
C4 17F ZB . 11.01 24.95 13.73
O4 17F ZB . 11.47 31.46 13.00
C5 17F ZB . 10.79 23.53 13.18
O5 17F ZB . 9.35 31.21 12.91
C6 17F ZB . 10.27 22.61 14.31
O6 17F ZB . 9.80 25.64 14.03
C7 17F ZB . 10.47 20.30 14.60
O7 17F ZB . 10.03 21.29 13.87
C8 17F ZB . 10.06 18.99 13.89
O8 17F ZB . 11.06 20.30 15.64
C9 17F ZB . 8.60 18.57 14.18
O9 17F ZB . 9.91 23.50 12.05
C10 17F ZB . 8.11 17.25 13.51
O10 17F ZB . 11.06 24.31 10.22
C11 17F ZB . 6.54 17.10 13.40
C12 17F ZB . 6.13 15.75 12.71
C17 17F ZB . 10.56 23.41 10.91
C18 17F ZB . 10.67 21.98 10.42
C19 17F ZB . 9.35 21.37 9.89
C20 17F ZB . 9.24 19.83 10.17
C1X 17F ZB . 4.59 15.63 12.63
C1Y 17F ZB . 7.92 19.26 9.62
C1Z 17F ZB . 8.15 17.92 8.92
C2X 17F ZB . 4.13 14.27 11.93
C21 17F ZB . 4.29 14.32 10.37
C22 17F ZB . 5.12 13.59 9.69
C23 17F ZB . 6.05 12.58 10.22
C24 17F ZB . 7.27 12.34 9.33
C25 17F ZB . 8.27 11.30 9.82
C26 17F ZB . 8.23 9.87 9.08
C27 17F ZB . 9.24 8.87 9.59
C28 17F ZB . 9.05 7.55 8.76
C29 17F ZB . 10.25 6.71 8.91
C30 17F ZB . 10.21 5.41 8.15
C31 17F ZB . 7.98 17.90 7.36
C32 17F ZB . 8.22 16.53 6.68
C33 17F ZB . 9.55 16.57 5.93
C34 17F ZB . 10.06 15.56 5.25
C35 17F ZB . 9.46 14.19 5.05
C36 17F ZB . 9.84 13.16 6.16
C37 17F ZB . 10.38 11.93 5.52
C38 17F ZB . 11.00 10.92 6.51
C39 17F ZB . 11.54 9.67 5.77
C40 17F ZB . 13.01 9.44 6.14
C41 17F ZB . 13.15 8.40 7.32
C42 17F ZB . 14.25 8.60 8.37
C1 17F AC . 9.43 2.56 44.97
N1 17F AC . 11.71 3.55 44.96
O1 17F AC . 8.34 -0.24 44.50
P1 17F AC . 9.81 0.13 44.42
C2 17F AC . 10.37 3.63 44.42
O2 17F AC . 10.78 -0.93 44.88
C3 17F AC . 9.78 5.03 44.71
O3 17F AC . 10.14 1.39 45.23
C4 17F AC . 11.60 0.85 42.65
O4 17F AC . 10.44 5.93 45.35
C5 17F AC . 11.86 1.18 41.15
O5 17F AC . 8.65 5.33 44.34
C6 17F AC . 12.43 2.62 41.04
O6 17F AC . 10.25 0.49 42.94
C7 17F AC . 13.36 4.06 39.45
O7 17F AC . 12.69 2.98 39.68
C8 17F AC . 13.49 4.22 37.92
O8 17F AC . 13.83 4.87 40.20
C9 17F AC . 14.93 3.96 37.41
O9 17F AC . 12.72 0.22 40.51
C10 17F AC . 15.15 4.11 35.87
O10 17F AC . 12.19 0.15 38.26
C11 17F AC . 14.82 2.81 35.02
C12 17F AC . 15.06 3.05 33.49
C17 17F AC . 12.16 -0.29 39.42
C18 17F AC . 11.40 -1.57 39.71
C19 17F AC . 12.23 -2.69 40.38
C20 17F AC . 12.86 -3.69 39.33
C1X 17F AC . 14.73 1.78 32.69
C1Y 17F AC . 13.68 -4.78 40.06
C1Z 17F AC . 15.18 -4.63 39.75
C2X 17F AC . 14.95 1.97 31.11
C21 17F AC . 13.76 2.72 30.43
C22 17F AC . 12.72 2.15 29.94
C23 17F AC . 12.42 0.71 29.92
C24 17F AC . 12.33 0.11 28.52
C25 17F AC . 12.01 -1.38 28.44
C26 17F AC . 10.57 -1.82 28.98
C27 17F AC . 10.27 -3.31 28.89
C28 17F AC . 8.83 -3.54 29.47
C29 17F AC . 8.79 -4.88 30.09
C30 17F AC . 7.46 -5.25 30.69
C31 17F AC . 15.89 -5.84 39.06
C32 17F AC . 17.41 -5.66 38.76
C33 17F AC . 18.08 -7.02 38.73
C34 17F AC . 19.37 -7.24 38.51
C35 17F AC . 20.43 -6.19 38.23
C36 17F AC . 20.72 -5.96 36.71
C37 17F AC . 21.63 -7.03 36.22
C38 17F AC . 21.36 -7.49 34.77
C39 17F AC . 22.33 -8.61 34.34
C40 17F AC . 21.65 -9.97 34.41
C41 17F AC . 21.25 -10.46 32.96
C42 17F AC . 20.89 -11.94 32.75
C1 17F BC . -17.17 40.12 7.80
N1 17F BC . -18.49 40.98 9.74
O1 17F BC . -19.77 42.28 6.35
P1 17F BC . -18.67 41.27 6.11
C2 17F BC . -18.30 39.89 8.81
O2 17F BC . -17.83 42.32 5.42
C3 17F BC . -18.04 38.58 9.57
O3 17F BC . -17.43 41.26 7.03
C4 17F BC . -17.52 39.67 4.38
O4 17F BC . -17.99 38.54 10.85
C5 17F BC . -17.56 39.14 2.91
O5 17F BC . -17.85 37.53 8.97
C6 17F BC . -16.42 38.10 2.71
O6 17F BC . -18.53 40.63 4.67
C7 17F BC . -16.13 36.32 1.23
O7 17F BC . -16.42 37.58 1.39
C8 17F BC . -16.23 35.99 -0.28
O8 17F BC . -15.85 35.47 2.04
C9 17F BC . -14.93 35.38 -0.85
O9 17F BC . -18.83 38.59 2.55
C10 17F BC . -14.96 35.01 -2.39
O10 17F BC . -18.86 39.07 0.29
C11 17F BC . -15.53 36.14 -3.33
C12 17F BC . -15.54 35.70 -4.83
C17 17F BC . -19.31 39.13 1.44
C18 17F BC . -20.58 39.91 1.70
C19 17F BC . -20.52 41.40 1.28
C20 17F BC . -21.03 41.62 -0.21
C1X 17F BC . -16.11 36.82 -5.72
C1Y 17F BC . -20.95 43.12 -0.58
C1Z 17F BC . -22.19 43.53 -1.38
C2X 17F BC . -16.14 36.42 -7.28
C21 17F BC . -17.42 35.61 -7.67
C22 17F BC . -18.59 36.13 -7.82
C23 17F BC . -18.98 37.55 -7.67
C24 17F BC . -19.31 38.24 -8.99
C25 17F BC . -19.72 39.70 -8.89
C26 17F BC . -21.26 39.98 -8.55
C27 17F BC . -21.64 41.43 -8.46
C28 17F BC . -23.18 41.50 -8.11
C29 17F BC . -23.92 41.86 -9.34
C30 17F BC . -25.40 41.94 -9.16
C31 17F BC . -23.47 43.93 -0.56
C32 17F BC . -24.70 44.35 -1.39
C33 17F BC . -25.68 43.18 -1.44
C34 17F BC . -26.85 43.19 -2.08
C35 17F BC . -27.46 44.33 -2.86
C36 17F BC . -28.68 45.00 -2.17
C37 17F BC . -29.89 44.16 -2.39
C38 17F BC . -31.24 44.91 -2.24
C39 17F BC . -32.42 43.97 -2.50
C40 17F BC . -33.73 44.77 -2.56
C41 17F BC . -34.61 44.51 -1.26
C42 17F BC . -36.12 44.76 -1.32
C1 17F CC . 31.03 26.51 10.31
N1 17F CC . 30.40 28.45 8.86
O1 17F CC . 27.92 25.59 9.87
P1 17F CC . 29.22 24.84 9.73
C2 17F CC . 30.58 27.98 10.22
O2 17F CC . 29.68 24.04 10.92
C3 17F CC . 31.60 28.87 10.93
O3 17F CC . 30.42 25.74 9.33
C4 17F CC . 30.27 22.97 8.23
O4 17F CC . 32.17 29.87 10.34
C5 17F CC . 30.04 22.01 7.03
O5 17F CC . 31.92 28.67 12.09
C6 17F CC . 30.35 22.73 5.70
O6 17F CC . 29.16 23.80 8.54
C7 17F CC . 29.17 22.15 3.76
O7 17F CC . 30.15 21.89 4.58
C8 17F CC . 29.21 21.09 2.63
O8 17F CC . 28.34 23.02 3.78
C9 17F CC . 30.06 21.54 1.42
O9 17F CC . 30.79 20.79 7.15
C10 17F CC . 30.17 20.52 0.22
O10 17F CC . 29.05 19.67 8.16
C11 17F CC . 29.29 20.88 -1.04
C12 17F CC . 29.46 19.82 -2.18
C17 17F CC . 30.01 19.76 7.39
C18 17F CC . 30.43 18.54 6.59
C19 17F CC . 30.34 17.19 7.36
C20 17F CC . 29.05 16.38 6.98
C1X 17F CC . 28.61 20.18 -3.40
C1Y 17F CC . 28.99 15.05 7.76
C1Z 17F CC . 29.19 13.86 6.83
C2X 17F CC . 28.76 19.11 -4.59
C21 17F CC . 27.97 17.80 -4.32
C22 17F CC . 27.06 17.31 -5.10
C23 17F CC . 26.60 17.87 -6.37
C24 17F CC . 25.31 18.68 -6.28
C25 17F CC . 24.79 19.28 -7.58
C26 17F CC . 24.07 18.26 -8.57
C27 17F CC . 23.56 18.86 -9.85
C28 17F CC . 22.88 17.72 -10.69
C29 17F CC . 22.26 18.32 -11.89
C30 17F CC . 21.56 17.35 -12.79
C31 17F CC . 28.16 13.68 5.67
C32 17F CC . 28.39 12.46 4.74
C33 17F CC . 29.44 12.82 3.69
C34 17F CC . 29.86 11.99 2.75
C35 17F CC . 29.41 10.57 2.52
C36 17F CC . 30.25 9.49 3.25
C37 17F CC . 29.35 8.63 4.05
C38 17F CC . 29.41 8.88 5.58
C39 17F CC . 28.44 7.95 6.34
C40 17F CC . 29.18 7.21 7.46
C41 17F CC . 28.18 6.31 8.29
C42 17F CC . 28.29 4.79 8.20
C1 17F DC . 22.19 23.52 14.94
N1 17F DC . 21.39 25.12 16.69
O1 17F DC . 25.57 22.63 16.36
P1 17F DC . 24.50 22.51 15.30
C2 17F DC . 21.87 24.97 15.32
O2 17F DC . 24.75 23.26 14.01
C3 17F DC . 20.84 25.54 14.35
O3 17F DC . 23.11 22.96 15.82
C4 17F DC . 23.32 20.63 13.87
O4 17F DC . 19.73 26.07 14.74
C5 17F DC . 23.25 19.10 13.60
O5 17F DC . 21.03 25.53 13.13
C6 17F DC . 22.30 18.82 12.41
O6 17F DC . 24.28 21.00 14.86
C7 17F DC . 21.06 16.84 12.22
O7 17F DC . 22.22 17.43 12.13
C8 17F DC . 21.24 15.35 11.88
O8 17F DC . 19.98 17.29 12.53
C9 17F DC . 20.02 14.74 11.15
O9 17F DC . 24.55 18.53 13.38
C10 17F DC . 20.14 13.21 10.77
O10 17F DC . 24.82 17.75 15.53
C11 17F DC . 19.85 12.22 11.95
C12 17F DC . 19.99 10.72 11.50
C17 17F DC . 24.86 17.64 14.30
C18 17F DC . 25.34 16.35 13.69
C19 17F DC . 24.34 15.17 13.84
C20 17F DC . 24.80 13.88 13.06
C1X 17F DC . 19.70 9.78 12.69
C1Y 17F DC . 23.77 12.74 13.23
C1Z 17F DC . 24.44 11.37 13.08
C2X 17F DC . 19.84 8.23 12.29
C21 17F DC . 20.78 7.44 13.26
C22 17F DC . 20.42 6.97 14.39
C23 17F DC . 19.10 7.04 15.03
C24 17F DC . 19.13 7.53 16.47
C25 17F DC . 17.79 7.64 17.18
C26 17F DC . 17.64 8.87 18.20
C27 17F DC . 16.30 8.97 18.90
C28 17F DC . 16.33 10.23 19.84
C29 17F DC . 16.31 9.78 21.24
C30 17F DC . 16.33 10.88 22.25
C31 17F DC . 25.50 10.97 14.18
C32 17F DC . 26.15 9.57 13.99
C33 17F DC . 27.67 9.74 13.95
C34 17F DC . 28.51 8.72 13.81
C35 17F DC . 28.17 7.27 13.66
C36 17F DC . 28.21 6.73 12.20
C37 17F DC . 26.87 6.21 11.84
C38 17F DC . 25.93 7.24 11.15
C39 17F DC . 24.57 6.62 10.81
C40 17F DC . 23.99 7.25 9.54
C41 17F DC . 22.43 7.03 9.47
C42 17F DC . 21.78 6.67 8.12
C1 17F EC . 25.91 11.03 33.35
N1 17F EC . 25.74 12.58 31.38
O1 17F EC . 26.51 8.71 34.87
P1 17F EC . 27.32 8.94 33.61
C2 17F EC . 25.04 11.63 32.23
O2 17F EC . 28.81 9.06 33.78
C3 17F EC . 23.80 12.31 32.83
O3 17F EC . 26.88 10.20 32.82
C4 17F EC . 27.78 7.76 31.32
O4 17F EC . 23.50 13.54 32.60
C5 17F EC . 27.45 6.51 30.44
O5 17F EC . 23.05 11.70 33.59
C6 17F EC . 26.12 6.73 29.67
O6 17F EC . 27.11 7.76 32.58
C7 17F EC . 25.01 5.81 27.84
O7 17F EC . 25.78 5.62 28.86
C8 17F EC . 24.82 4.46 27.11
O8 17F EC . 24.50 6.82 27.42
C9 17F EC . 23.46 4.37 26.34
O9 17F EC . 28.52 6.14 29.55
C10 17F EC . 23.18 3.03 25.57
O10 17F EC . 28.70 8.25 28.60
C11 17F EC . 23.74 1.72 26.24
C12 17F EC . 23.41 0.44 25.39
C17 17F EC . 28.73 7.00 28.57
C18 17F EC . 29.04 6.30 27.26
C19 17F EC . 28.10 6.68 26.09
C20 17F EC . 28.03 5.55 25.00
C1X 17F EC . 23.97 -0.81 26.07
C1Y 17F EC . 27.08 5.96 23.84
C1Z 17F EC . 27.39 5.13 22.58
C2X 17F EC . 23.64 -2.16 25.24
C21 17F EC . 24.60 -2.35 24.02
C22 17F EC . 24.39 -3.19 23.06
C23 17F EC . 23.26 -4.12 22.92
C24 17F EC . 22.26 -3.74 21.83
C25 17F EC . 21.08 -4.66 21.64
C26 17F EC . 19.62 -4.00 21.83
C27 17F EC . 18.46 -4.94 21.64
C28 17F EC . 17.14 -4.11 21.87
C29 17F EC . 16.02 -5.05 22.12
C30 17F EC . 14.70 -4.40 22.35
C31 17F EC . 26.50 5.41 21.32
C32 17F EC . 26.82 4.56 20.07
C33 17F EC . 26.92 5.47 18.85
C34 17F EC . 27.18 5.07 17.61
C35 17F EC . 27.46 3.66 17.15
C36 17F EC . 28.87 3.42 16.55
C37 17F EC . 29.88 3.34 17.64
C38 17F EC . 30.57 1.96 17.78
C39 17F EC . 31.59 1.97 18.94
C40 17F EC . 30.92 1.55 20.25
C41 17F EC . 31.78 0.45 21.00
C42 17F EC . 32.76 0.88 22.09
PG GNP FC . -27.66 -13.68 -13.84
O1G GNP FC . -27.07 -13.11 -15.07
O2G GNP FC . -26.94 -13.22 -12.58
O3G GNP FC . -29.10 -13.37 -13.90
N3B GNP FC . -27.60 -15.31 -13.89
PB GNP FC . -26.36 -16.27 -13.60
O1B GNP FC . -25.75 -16.03 -12.27
O2B GNP FC . -25.40 -16.07 -14.68
O3A GNP FC . -26.88 -17.72 -13.69
PA GNP FC . -27.51 -18.71 -12.63
O1A GNP FC . -26.51 -19.10 -11.61
O2A GNP FC . -28.84 -18.27 -12.17
O5' GNP FC . -27.83 -20.03 -13.41
C5' GNP FC . -28.79 -20.02 -14.49
C4' GNP FC . -29.39 -21.38 -14.66
O4' GNP FC . -28.62 -22.13 -15.66
C3' GNP FC . -29.41 -22.26 -13.40
O3' GNP FC . -30.66 -22.90 -13.27
C2' GNP FC . -28.22 -23.20 -13.60
O2' GNP FC . -28.30 -24.45 -12.95
C1' GNP FC . -28.16 -23.38 -15.11
N9 GNP FC . -26.79 -23.62 -15.64
C8 GNP FC . -25.88 -22.66 -15.93
N7 GNP FC . -24.75 -23.14 -16.37
C5 GNP FC . -24.93 -24.53 -16.39
C6 GNP FC . -24.05 -25.58 -16.78
O6 GNP FC . -22.91 -25.52 -17.21
N1 GNP FC . -24.61 -26.82 -16.65
C2 GNP FC . -25.87 -27.07 -16.18
N2 GNP FC . -26.21 -28.36 -16.13
N3 GNP FC . -26.71 -26.10 -15.81
C4 GNP FC . -26.19 -24.85 -15.94
MG MG GC . -24.15 -12.01 -7.18
N LEU A 3 47.63 -14.03 0.70
CA LEU A 3 48.55 -14.12 1.83
C LEU A 3 47.93 -13.53 3.09
N LYS A 4 47.41 -12.32 2.96
CA LYS A 4 46.79 -11.62 4.08
C LYS A 4 45.61 -12.39 4.63
N LEU A 5 44.76 -12.88 3.74
CA LEU A 5 43.59 -13.65 4.14
C LEU A 5 44.01 -14.96 4.81
N LEU A 6 45.13 -15.51 4.36
CA LEU A 6 45.63 -16.77 4.91
C LEU A 6 46.06 -16.60 6.36
N ASP A 7 46.93 -15.62 6.61
CA ASP A 7 47.41 -15.36 7.96
C ASP A 7 46.28 -14.93 8.88
N ASN A 8 45.39 -14.09 8.37
CA ASN A 8 44.25 -13.60 9.13
C ASN A 8 43.34 -14.77 9.51
N TRP A 9 42.93 -15.55 8.51
CA TRP A 9 42.05 -16.68 8.73
C TRP A 9 42.70 -17.76 9.59
N ASP A 10 44.03 -17.89 9.49
CA ASP A 10 44.74 -18.86 10.30
C ASP A 10 44.63 -18.48 11.77
N SER A 11 44.84 -17.18 12.03
CA SER A 11 44.74 -16.65 13.38
C SER A 11 43.31 -16.78 13.89
N VAL A 12 42.35 -16.66 12.97
CA VAL A 12 40.94 -16.79 13.30
C VAL A 12 40.59 -18.25 13.56
N THR A 13 41.17 -19.16 12.77
CA THR A 13 40.93 -20.58 12.95
C THR A 13 41.47 -21.03 14.31
N SER A 14 42.63 -20.51 14.68
CA SER A 14 43.23 -20.86 15.96
C SER A 14 42.39 -20.32 17.13
N THR A 15 41.81 -19.14 16.94
CA THR A 15 40.98 -18.56 17.98
C THR A 15 39.66 -19.32 18.08
N PHE A 16 39.12 -19.71 16.92
CA PHE A 16 37.90 -20.49 16.85
C PHE A 16 38.08 -21.79 17.62
N SER A 17 39.24 -22.40 17.43
CA SER A 17 39.56 -23.64 18.11
C SER A 17 39.58 -23.42 19.63
N LYS A 18 40.27 -22.37 20.06
CA LYS A 18 40.37 -22.03 21.47
C LYS A 18 39.00 -21.67 22.03
N LEU A 19 38.16 -21.08 21.19
CA LEU A 19 36.81 -20.73 21.58
C LEU A 19 36.04 -21.99 21.92
N ARG A 20 36.18 -22.99 21.07
CA ARG A 20 35.51 -24.28 21.26
C ARG A 20 36.09 -24.98 22.48
N GLU A 21 37.41 -24.89 22.62
CA GLU A 21 38.11 -25.49 23.75
C GLU A 21 37.57 -24.94 25.07
N GLN A 22 37.05 -23.72 25.02
CA GLN A 22 36.49 -23.08 26.19
C GLN A 22 34.97 -23.27 26.23
N LEU A 23 34.35 -23.27 25.06
CA LEU A 23 32.89 -23.45 24.96
C LEU A 23 32.46 -24.81 25.46
N GLY A 24 33.29 -25.83 25.22
CA GLY A 24 32.98 -27.17 25.69
C GLY A 24 32.72 -27.18 27.19
N PRO A 25 33.76 -26.89 28.01
CA PRO A 25 33.61 -26.83 29.46
C PRO A 25 32.57 -25.78 29.87
N VAL A 26 32.49 -24.67 29.12
CA VAL A 26 31.51 -23.62 29.41
C VAL A 26 30.10 -24.21 29.38
N THR A 27 29.82 -25.01 28.37
CA THR A 27 28.53 -25.66 28.24
C THR A 27 28.31 -26.60 29.42
N GLN A 28 29.38 -27.27 29.85
CA GLN A 28 29.31 -28.20 30.97
C GLN A 28 29.04 -27.44 32.27
N GLU A 29 29.79 -26.37 32.48
CA GLU A 29 29.65 -25.54 33.67
C GLU A 29 28.28 -24.90 33.70
N PHE A 30 27.86 -24.37 32.56
CA PHE A 30 26.56 -23.75 32.44
C PHE A 30 25.46 -24.79 32.62
N TRP A 31 25.71 -26.00 32.11
CA TRP A 31 24.75 -27.09 32.24
C TRP A 31 24.60 -27.48 33.70
N ASP A 32 25.73 -27.55 34.40
CA ASP A 32 25.73 -27.89 35.81
C ASP A 32 24.94 -26.85 36.59
N ASN A 33 25.20 -25.58 36.29
CA ASN A 33 24.49 -24.48 36.94
C ASN A 33 23.02 -24.47 36.53
N LEU A 34 22.76 -24.72 35.25
CA LEU A 34 21.40 -24.77 34.75
C LEU A 34 20.63 -25.89 35.43
N GLU A 35 21.31 -27.00 35.69
CA GLU A 35 20.69 -28.13 36.38
C GLU A 35 20.37 -27.75 37.82
N LYS A 36 21.20 -26.90 38.41
CA LYS A 36 20.96 -26.43 39.77
C LYS A 36 19.76 -25.49 39.75
N GLU A 37 19.75 -24.62 38.73
CA GLU A 37 18.67 -23.68 38.54
C GLU A 37 17.37 -24.44 38.36
N THR A 38 17.39 -25.41 37.45
CA THR A 38 16.22 -26.23 37.19
C THR A 38 15.85 -27.07 38.40
N GLU A 39 16.86 -27.61 39.09
CA GLU A 39 16.61 -28.42 40.29
C GLU A 39 15.85 -27.58 41.32
N GLY A 40 16.30 -26.36 41.51
CA GLY A 40 15.66 -25.46 42.44
C GLY A 40 14.27 -25.12 41.96
N LEU A 41 14.17 -24.76 40.68
CA LEU A 41 12.89 -24.41 40.07
C LEU A 41 11.93 -25.60 40.05
N ARG A 42 12.47 -26.80 39.89
CA ARG A 42 11.65 -28.01 39.87
C ARG A 42 10.97 -28.18 41.22
N GLN A 43 11.77 -28.11 42.28
CA GLN A 43 11.24 -28.24 43.63
C GLN A 43 10.31 -27.08 43.93
N GLU A 44 10.71 -25.90 43.46
CA GLU A 44 9.92 -24.70 43.64
C GLU A 44 8.58 -24.87 42.95
N MET A 45 8.60 -25.36 41.71
CA MET A 45 7.38 -25.57 40.94
C MET A 45 6.48 -26.58 41.62
N SER A 46 7.05 -27.66 42.15
CA SER A 46 6.25 -28.69 42.82
C SER A 46 5.57 -28.12 44.07
N LYS A 47 6.04 -26.97 44.52
CA LYS A 47 5.46 -26.30 45.67
C LYS A 47 4.56 -25.16 45.19
N ASP A 48 5.12 -24.33 44.31
CA ASP A 48 4.42 -23.18 43.74
C ASP A 48 3.11 -23.63 43.10
N LEU A 49 3.22 -24.55 42.14
CA LEU A 49 2.04 -25.05 41.44
C LEU A 49 1.08 -25.75 42.40
N GLU A 50 1.62 -26.51 43.35
CA GLU A 50 0.79 -27.20 44.32
C GLU A 50 0.03 -26.20 45.17
N GLU A 51 0.75 -25.21 45.69
CA GLU A 51 0.13 -24.17 46.51
C GLU A 51 -0.88 -23.39 45.69
N VAL A 52 -0.51 -23.04 44.47
CA VAL A 52 -1.39 -22.30 43.58
C VAL A 52 -2.64 -23.11 43.24
N LYS A 53 -2.47 -24.40 42.98
CA LYS A 53 -3.60 -25.26 42.65
C LYS A 53 -4.46 -25.56 43.88
N ALA A 54 -3.82 -25.75 45.02
CA ALA A 54 -4.54 -26.03 46.25
C ALA A 54 -5.32 -24.79 46.68
N LYS A 55 -4.73 -23.63 46.45
CA LYS A 55 -5.37 -22.37 46.81
C LYS A 55 -6.30 -21.89 45.69
N VAL A 56 -6.07 -22.36 44.47
CA VAL A 56 -6.90 -21.97 43.34
C VAL A 56 -8.34 -22.41 43.56
N GLN A 57 -8.51 -23.49 44.34
CA GLN A 57 -9.84 -23.99 44.64
C GLN A 57 -10.64 -22.95 45.42
N PRO A 58 -10.20 -22.57 46.65
CA PRO A 58 -10.91 -21.56 47.43
C PRO A 58 -10.89 -20.20 46.74
N TYR A 59 -9.82 -19.93 45.97
CA TYR A 59 -9.71 -18.67 45.24
C TYR A 59 -10.81 -18.57 44.20
N LEU A 60 -10.90 -19.58 43.34
CA LEU A 60 -11.91 -19.60 42.28
C LEU A 60 -13.29 -19.81 42.86
N ASP A 61 -13.40 -20.64 43.89
CA ASP A 61 -14.68 -20.91 44.54
C ASP A 61 -15.23 -19.66 45.20
N ASP A 62 -14.35 -18.92 45.89
CA ASP A 62 -14.75 -17.69 46.54
C ASP A 62 -15.24 -16.69 45.51
N PHE A 63 -14.42 -16.47 44.49
CA PHE A 63 -14.77 -15.55 43.42
C PHE A 63 -16.01 -16.03 42.68
N GLN A 64 -16.17 -17.35 42.57
CA GLN A 64 -17.34 -17.92 41.91
C GLN A 64 -18.58 -17.65 42.74
N LYS A 65 -18.45 -17.78 44.07
CA LYS A 65 -19.55 -17.53 44.97
C LYS A 65 -19.92 -16.06 44.93
N LYS A 66 -18.90 -15.21 44.88
CA LYS A 66 -19.11 -13.77 44.79
C LYS A 66 -19.78 -13.45 43.47
N TRP A 67 -19.21 -13.99 42.39
CA TRP A 67 -19.74 -13.82 41.04
C TRP A 67 -21.17 -14.32 40.95
N GLN A 68 -21.43 -15.42 41.66
CA GLN A 68 -22.77 -16.01 41.70
C GLN A 68 -23.73 -15.01 42.29
N GLU A 69 -23.39 -14.48 43.48
CA GLU A 69 -24.22 -13.48 44.14
C GLU A 69 -24.36 -12.26 43.24
N GLU A 70 -23.23 -11.85 42.67
CA GLU A 70 -23.19 -10.70 41.78
C GLU A 70 -24.14 -10.88 40.60
N MET A 71 -24.07 -12.04 39.96
CA MET A 71 -24.92 -12.33 38.80
C MET A 71 -26.37 -12.47 39.22
N GLU A 72 -26.60 -13.17 40.34
CA GLU A 72 -27.96 -13.36 40.85
C GLU A 72 -28.61 -12.02 41.16
N LEU A 73 -27.89 -11.17 41.88
CA LEU A 73 -28.39 -9.86 42.25
C LEU A 73 -28.48 -8.95 41.03
N TYR A 74 -27.53 -9.09 40.12
CA TYR A 74 -27.52 -8.28 38.91
C TYR A 74 -28.74 -8.61 38.06
N ARG A 75 -28.99 -9.91 37.87
CA ARG A 75 -30.15 -10.36 37.10
C ARG A 75 -31.43 -9.93 37.80
N GLN A 76 -31.44 -10.09 39.11
CA GLN A 76 -32.58 -9.71 39.94
C GLN A 76 -32.91 -8.24 39.78
N LYS A 77 -31.89 -7.44 39.50
CA LYS A 77 -32.07 -6.01 39.32
C LYS A 77 -32.34 -5.70 37.84
N VAL A 78 -31.62 -6.38 36.95
CA VAL A 78 -31.77 -6.19 35.51
C VAL A 78 -33.22 -6.30 35.07
N GLU A 79 -33.95 -7.26 35.64
CA GLU A 79 -35.36 -7.45 35.27
C GLU A 79 -36.19 -6.17 35.48
N PRO A 80 -36.32 -5.66 36.74
CA PRO A 80 -37.06 -4.43 36.98
C PRO A 80 -36.42 -3.21 36.32
N LEU A 81 -35.09 -3.20 36.24
CA LEU A 81 -34.37 -2.09 35.60
C LEU A 81 -34.69 -2.05 34.12
N ARG A 82 -34.81 -3.22 33.52
CA ARG A 82 -35.15 -3.34 32.11
C ARG A 82 -36.56 -2.81 31.91
N ALA A 83 -37.42 -3.07 32.89
CA ALA A 83 -38.79 -2.60 32.86
C ALA A 83 -38.81 -1.08 32.90
N GLU A 84 -38.05 -0.51 33.82
CA GLU A 84 -37.96 0.95 33.96
C GLU A 84 -37.49 1.57 32.65
N LEU A 85 -36.45 0.99 32.08
CA LEU A 85 -35.89 1.48 30.83
C LEU A 85 -36.89 1.33 29.69
N GLN A 86 -37.55 0.17 29.65
CA GLN A 86 -38.53 -0.11 28.60
C GLN A 86 -39.78 0.76 28.75
N GLU A 87 -40.39 0.73 29.93
CA GLU A 87 -41.59 1.52 30.19
C GLU A 87 -41.28 3.00 30.03
N GLY A 88 -40.14 3.41 30.58
CA GLY A 88 -39.72 4.79 30.47
C GLY A 88 -39.48 5.16 29.02
N ALA A 89 -38.93 4.22 28.26
CA ALA A 89 -38.67 4.44 26.85
C ALA A 89 -39.97 4.60 26.08
N ARG A 90 -41.01 3.89 26.53
CA ARG A 90 -42.32 3.98 25.87
C ARG A 90 -42.82 5.42 25.90
N GLN A 91 -42.73 6.04 27.08
CA GLN A 91 -43.15 7.42 27.25
C GLN A 91 -42.27 8.34 26.42
N LYS A 92 -40.96 8.14 26.55
CA LYS A 92 -39.99 8.95 25.82
C LYS A 92 -40.17 8.81 24.32
N LEU A 93 -40.44 7.59 23.87
CA LEU A 93 -40.67 7.33 22.46
C LEU A 93 -42.01 7.90 22.02
N HIS A 94 -43.01 7.78 22.88
CA HIS A 94 -44.35 8.30 22.58
C HIS A 94 -44.29 9.81 22.42
N GLU A 95 -43.56 10.46 23.32
CA GLU A 95 -43.42 11.91 23.26
C GLU A 95 -42.71 12.34 21.98
N LEU A 96 -41.90 11.44 21.44
CA LEU A 96 -41.17 11.71 20.20
C LEU A 96 -42.05 11.36 19.00
N GLN A 97 -42.71 10.21 19.07
CA GLN A 97 -43.58 9.74 17.99
C GLN A 97 -44.76 10.68 17.79
N GLU A 98 -45.33 11.15 18.90
CA GLU A 98 -46.45 12.08 18.83
C GLU A 98 -46.02 13.42 18.29
N LYS A 99 -44.71 13.58 18.11
CA LYS A 99 -44.16 14.81 17.58
C LYS A 99 -43.61 14.58 16.17
N LEU A 100 -43.25 13.33 15.87
CA LEU A 100 -42.73 12.98 14.56
C LEU A 100 -43.75 13.27 13.47
N SER A 101 -45.02 13.14 13.82
CA SER A 101 -46.10 13.40 12.88
C SER A 101 -46.30 14.91 12.66
N PRO A 102 -46.64 15.70 13.72
CA PRO A 102 -46.84 17.16 13.56
C PRO A 102 -45.57 17.87 13.12
N LEU A 103 -44.47 17.65 13.85
CA LEU A 103 -43.20 18.29 13.50
C LEU A 103 -42.72 17.81 12.15
N GLY A 104 -43.16 16.61 11.77
CA GLY A 104 -42.80 16.05 10.49
C GLY A 104 -43.59 16.75 9.40
N GLU A 105 -44.89 16.89 9.62
CA GLU A 105 -45.76 17.57 8.68
C GLU A 105 -45.32 19.02 8.52
N GLU A 106 -44.98 19.65 9.64
CA GLU A 106 -44.51 21.03 9.62
C GLU A 106 -43.22 21.13 8.82
N MET A 107 -42.37 20.12 8.96
CA MET A 107 -41.11 20.09 8.22
C MET A 107 -41.37 19.95 6.74
N ARG A 108 -42.40 19.17 6.41
CA ARG A 108 -42.79 18.96 5.02
C ARG A 108 -43.50 20.18 4.47
N ASP A 109 -44.26 20.85 5.34
CA ASP A 109 -44.97 22.06 4.97
C ASP A 109 -43.99 23.19 4.70
N ARG A 110 -43.03 23.36 5.61
CA ARG A 110 -42.02 24.39 5.45
C ARG A 110 -41.07 24.03 4.31
N ALA A 111 -41.08 22.75 3.94
CA ALA A 111 -40.26 22.27 2.84
C ALA A 111 -40.80 22.83 1.53
N ARG A 112 -42.06 23.21 1.53
CA ARG A 112 -42.69 23.79 0.36
C ARG A 112 -42.12 25.18 0.16
N ALA A 113 -42.04 25.94 1.24
CA ALA A 113 -41.48 27.29 1.19
C ALA A 113 -39.97 27.23 1.22
N HIS A 114 -39.43 26.02 1.18
CA HIS A 114 -37.99 25.79 1.19
C HIS A 114 -37.51 25.27 -0.16
N VAL A 115 -37.93 24.06 -0.50
CA VAL A 115 -37.53 23.41 -1.75
C VAL A 115 -38.40 23.87 -2.91
N ASP A 116 -39.72 23.80 -2.74
CA ASP A 116 -40.64 24.22 -3.81
C ASP A 116 -40.47 25.69 -4.14
N ALA A 117 -40.28 26.51 -3.11
CA ALA A 117 -40.06 27.93 -3.29
C ALA A 117 -38.74 28.15 -4.01
N LEU A 118 -37.78 27.26 -3.76
CA LEU A 118 -36.48 27.33 -4.39
C LEU A 118 -36.60 27.00 -5.88
N ARG A 119 -37.64 26.25 -6.24
CA ARG A 119 -37.86 25.90 -7.63
C ARG A 119 -38.21 27.16 -8.41
N THR A 120 -39.11 27.95 -7.84
CA THR A 120 -39.54 29.20 -8.46
C THR A 120 -38.42 30.23 -8.38
N HIS A 121 -37.41 29.93 -7.57
CA HIS A 121 -36.26 30.80 -7.40
C HIS A 121 -35.15 30.39 -8.36
N LEU A 122 -34.94 29.08 -8.48
CA LEU A 122 -33.91 28.53 -9.34
C LEU A 122 -34.31 28.60 -10.81
N ALA A 123 -35.60 28.55 -11.09
CA ALA A 123 -36.08 28.62 -12.48
C ALA A 123 -35.52 29.86 -13.19
N PRO A 124 -35.76 31.09 -12.68
CA PRO A 124 -35.21 32.29 -13.30
C PRO A 124 -33.69 32.33 -13.13
N TYR A 125 -33.21 31.87 -11.97
CA TYR A 125 -31.78 31.86 -11.68
C TYR A 125 -31.01 31.06 -12.72
N SER A 126 -31.48 29.86 -12.99
CA SER A 126 -30.84 28.98 -13.96
C SER A 126 -30.87 29.57 -15.36
N ASP A 127 -32.01 30.17 -15.72
CA ASP A 127 -32.13 30.79 -17.03
C ASP A 127 -31.21 31.99 -17.15
N GLU A 128 -31.12 32.77 -16.08
CA GLU A 128 -30.22 33.91 -16.03
C GLU A 128 -28.80 33.39 -16.16
N LEU A 129 -28.55 32.23 -15.56
CA LEU A 129 -27.24 31.59 -15.62
C LEU A 129 -26.97 31.17 -17.06
N ARG A 130 -27.99 30.65 -17.71
CA ARG A 130 -27.86 30.23 -19.11
C ARG A 130 -27.52 31.43 -19.97
N GLN A 131 -28.14 32.57 -19.66
CA GLN A 131 -27.90 33.81 -20.39
C GLN A 131 -26.49 34.31 -20.14
N ARG A 132 -26.10 34.39 -18.87
CA ARG A 132 -24.76 34.85 -18.51
C ARG A 132 -23.69 33.90 -19.05
N LEU A 133 -23.98 32.60 -19.00
CA LEU A 133 -23.04 31.61 -19.51
C LEU A 133 -22.93 31.75 -21.02
N ALA A 134 -24.02 32.17 -21.66
CA ALA A 134 -24.03 32.38 -23.09
C ALA A 134 -23.16 33.57 -23.43
N ALA A 135 -23.30 34.64 -22.64
CA ALA A 135 -22.50 35.84 -22.82
C ALA A 135 -21.04 35.52 -22.55
N ARG A 136 -20.81 34.76 -21.48
CA ARG A 136 -19.46 34.36 -21.12
C ARG A 136 -18.86 33.48 -22.19
N LEU A 137 -19.63 32.51 -22.66
CA LEU A 137 -19.17 31.60 -23.71
C LEU A 137 -18.92 32.37 -25.00
N GLU A 138 -19.78 33.34 -25.28
CA GLU A 138 -19.65 34.16 -26.47
C GLU A 138 -18.35 34.94 -26.39
N ALA A 139 -18.08 35.54 -25.23
CA ALA A 139 -16.86 36.29 -25.01
C ALA A 139 -15.67 35.34 -25.04
N LEU A 140 -15.87 34.14 -24.49
CA LEU A 140 -14.84 33.11 -24.47
C LEU A 140 -14.55 32.63 -25.88
N LYS A 141 -15.52 32.78 -26.77
CA LYS A 141 -15.36 32.39 -28.17
C LYS A 141 -14.70 33.52 -28.94
N GLU A 142 -15.14 34.75 -28.67
CA GLU A 142 -14.57 35.92 -29.32
C GLU A 142 -13.09 36.00 -28.94
N ASN A 143 -12.84 35.99 -27.64
CA ASN A 143 -11.49 36.05 -27.12
C ASN A 143 -10.78 34.75 -27.45
N GLY A 144 -11.53 33.65 -27.43
CA GLY A 144 -10.96 32.35 -27.73
C GLY A 144 -10.40 32.29 -29.12
N GLY A 145 -11.18 32.75 -30.09
CA GLY A 145 -10.71 32.77 -31.47
C GLY A 145 -9.47 33.61 -31.61
N ALA A 146 -9.50 34.77 -30.97
CA ALA A 146 -8.37 35.68 -30.99
C ALA A 146 -7.16 35.04 -30.31
N ARG A 147 -7.40 34.43 -29.15
CA ARG A 147 -6.34 33.78 -28.39
C ARG A 147 -5.75 32.62 -29.19
N LEU A 148 -6.60 31.87 -29.87
CA LEU A 148 -6.15 30.74 -30.67
C LEU A 148 -5.36 31.22 -31.89
N ALA A 149 -5.87 32.25 -32.56
CA ALA A 149 -5.18 32.80 -33.72
C ALA A 149 -3.84 33.36 -33.29
N GLU A 150 -3.85 34.10 -32.19
CA GLU A 150 -2.65 34.68 -31.64
C GLU A 150 -1.70 33.59 -31.16
N TYR A 151 -2.25 32.55 -30.56
CA TYR A 151 -1.45 31.43 -30.07
C TYR A 151 -0.76 30.76 -31.25
N HIS A 152 -1.47 30.66 -32.36
CA HIS A 152 -0.91 30.06 -33.56
C HIS A 152 0.21 30.92 -34.10
N ALA A 153 -0.01 32.24 -34.08
CA ALA A 153 0.98 33.20 -34.55
C ALA A 153 2.18 33.20 -33.60
N LYS A 154 1.91 33.23 -32.30
CA LYS A 154 2.95 33.22 -31.29
C LYS A 154 3.73 31.90 -31.37
N ALA A 155 3.05 30.84 -31.82
CA ALA A 155 3.66 29.54 -31.96
C ALA A 155 4.52 29.48 -33.22
N THR A 156 4.00 30.00 -34.33
CA THR A 156 4.75 30.02 -35.57
C THR A 156 5.98 30.88 -35.44
N GLU A 157 5.82 32.06 -34.84
CA GLU A 157 6.93 32.98 -34.62
C GLU A 157 7.93 32.38 -33.64
N HIS A 158 7.45 31.46 -32.80
CA HIS A 158 8.32 30.80 -31.85
C HIS A 158 9.05 29.65 -32.54
N LEU A 159 8.33 28.97 -33.42
CA LEU A 159 8.88 27.85 -34.18
C LEU A 159 9.92 28.32 -35.18
N SER A 160 9.63 29.44 -35.85
CA SER A 160 10.55 29.99 -36.82
C SER A 160 11.87 30.34 -36.15
N THR A 161 11.76 31.08 -35.04
CA THR A 161 12.92 31.47 -34.28
C THR A 161 13.55 30.24 -33.63
N LEU A 162 12.74 29.23 -33.37
CA LEU A 162 13.23 27.98 -32.79
C LEU A 162 14.11 27.27 -33.79
N SER A 163 13.69 27.29 -35.06
CA SER A 163 14.47 26.67 -36.12
C SER A 163 15.77 27.45 -36.26
N GLU A 164 15.69 28.76 -36.09
CA GLU A 164 16.84 29.64 -36.18
C GLU A 164 17.70 29.57 -34.93
N LYS A 165 17.32 28.70 -34.00
CA LYS A 165 18.06 28.53 -32.76
C LYS A 165 18.56 27.09 -32.66
N ALA A 166 17.64 26.15 -32.88
CA ALA A 166 17.96 24.74 -32.81
C ALA A 166 18.95 24.32 -33.88
N LYS A 167 18.71 24.75 -35.12
CA LYS A 167 19.61 24.40 -36.24
C LYS A 167 21.06 24.81 -35.97
N PRO A 168 21.34 26.12 -35.77
CA PRO A 168 22.71 26.58 -35.50
C PRO A 168 23.26 25.97 -34.22
N ALA A 169 22.41 25.85 -33.20
CA ALA A 169 22.83 25.25 -31.93
C ALA A 169 23.22 23.80 -32.14
N LEU A 170 22.39 23.06 -32.87
CA LEU A 170 22.68 21.66 -33.16
C LEU A 170 23.97 21.53 -33.92
N GLU A 171 24.17 22.40 -34.90
CA GLU A 171 25.40 22.38 -35.69
C GLU A 171 26.59 22.70 -34.80
N ASP A 172 26.41 23.68 -33.92
CA ASP A 172 27.47 24.07 -33.01
C ASP A 172 27.74 22.97 -32.00
N LEU A 173 26.66 22.37 -31.48
CA LEU A 173 26.78 21.29 -30.52
C LEU A 173 27.44 20.09 -31.16
N ARG A 174 27.06 19.77 -32.39
CA ARG A 174 27.66 18.65 -33.11
C ARG A 174 29.11 18.97 -33.47
N GLN A 175 29.35 20.23 -33.82
CA GLN A 175 30.69 20.67 -34.15
C GLN A 175 31.58 20.70 -32.92
N GLY A 176 30.95 20.86 -31.76
CA GLY A 176 31.66 20.88 -30.49
C GLY A 176 31.80 19.46 -29.97
N LEU A 177 30.81 18.63 -30.30
CA LEU A 177 30.82 17.23 -29.89
C LEU A 177 32.01 16.48 -30.47
N LEU A 178 32.41 16.86 -31.68
CA LEU A 178 33.55 16.22 -32.34
C LEU A 178 34.82 16.32 -31.48
N PRO A 179 35.30 17.55 -31.19
CA PRO A 179 36.50 17.75 -30.37
C PRO A 179 36.27 17.35 -28.90
N VAL A 180 35.07 17.63 -28.38
CA VAL A 180 34.76 17.30 -27.00
C VAL A 180 34.72 15.80 -26.76
N LEU A 181 34.15 15.05 -27.68
CA LEU A 181 34.10 13.60 -27.55
C LEU A 181 35.48 13.03 -27.75
N GLU A 182 36.28 13.70 -28.57
CA GLU A 182 37.65 13.26 -28.82
C GLU A 182 38.48 13.46 -27.56
N SER A 183 38.38 14.63 -26.96
CA SER A 183 39.12 14.92 -25.72
C SER A 183 38.59 14.03 -24.60
N PHE A 184 37.28 13.79 -24.61
CA PHE A 184 36.65 12.92 -23.63
C PHE A 184 37.21 11.51 -23.78
N LYS A 185 37.31 11.06 -25.02
CA LYS A 185 37.85 9.74 -25.29
C LYS A 185 39.31 9.68 -24.89
N VAL A 186 40.04 10.77 -25.14
CA VAL A 186 41.45 10.84 -24.77
C VAL A 186 41.60 10.69 -23.25
N SER A 187 40.74 11.39 -22.52
CA SER A 187 40.77 11.31 -21.06
C SER A 187 40.24 9.97 -20.57
N PHE A 188 39.19 9.46 -21.22
CA PHE A 188 38.60 8.17 -20.84
C PHE A 188 39.61 7.05 -21.04
N LEU A 189 40.26 7.05 -22.20
CA LEU A 189 41.24 6.03 -22.53
C LEU A 189 42.43 6.05 -21.57
N SER A 190 42.87 7.25 -21.21
CA SER A 190 44.00 7.41 -20.30
C SER A 190 43.58 7.05 -18.87
N ALA A 191 42.34 7.40 -18.50
CA ALA A 191 41.83 7.09 -17.18
C ALA A 191 41.70 5.58 -17.02
N LEU A 192 41.36 4.91 -18.12
CA LEU A 192 41.21 3.46 -18.13
C LEU A 192 42.55 2.78 -17.87
N GLU A 193 43.63 3.49 -18.19
CA GLU A 193 44.97 2.95 -17.98
C GLU A 193 45.31 2.97 -16.48
N GLU A 194 44.80 3.98 -15.80
CA GLU A 194 45.03 4.10 -14.36
C GLU A 194 44.12 3.15 -13.60
N TYR A 195 43.06 2.69 -14.27
CA TYR A 195 42.12 1.75 -13.66
C TYR A 195 42.77 0.38 -13.55
N THR A 196 43.49 -0.01 -14.61
CA THR A 196 44.24 -1.26 -14.62
C THR A 196 45.51 -1.04 -13.79
N LYS A 197 46.01 0.20 -13.86
CA LYS A 197 47.20 0.62 -13.13
C LYS A 197 46.98 0.54 -11.61
N LYS A 198 45.74 0.76 -11.19
CA LYS A 198 45.35 0.73 -9.77
C LYS A 198 45.91 -0.51 -9.05
N LEU A 199 45.69 -1.67 -9.63
CA LEU A 199 46.12 -2.96 -9.08
C LEU A 199 46.45 -3.90 -10.23
N ASN A 200 47.72 -4.20 -10.36
CA ASN A 200 48.21 -5.09 -11.41
C ASN A 200 47.37 -6.32 -11.53
N LEU B 3 38.08 28.65 -25.73
CA LEU B 3 37.80 27.25 -25.52
C LEU B 3 36.30 26.97 -25.79
N LYS B 4 35.82 25.87 -25.23
CA LYS B 4 34.43 25.48 -25.37
C LYS B 4 33.52 26.56 -24.81
N LEU B 5 33.85 27.02 -23.60
CA LEU B 5 33.07 28.03 -22.92
C LEU B 5 33.03 29.36 -23.67
N LEU B 6 34.03 29.63 -24.51
CA LEU B 6 34.08 30.88 -25.23
C LEU B 6 33.25 30.84 -26.49
N ASP B 7 33.38 29.78 -27.27
CA ASP B 7 32.63 29.66 -28.52
C ASP B 7 31.16 29.35 -28.27
N ASN B 8 30.91 28.33 -27.44
CA ASN B 8 29.55 27.90 -27.14
C ASN B 8 28.72 29.02 -26.52
N TRP B 9 29.35 29.80 -25.65
CA TRP B 9 28.67 30.92 -24.98
C TRP B 9 28.20 31.97 -25.96
N ASP B 10 28.94 32.13 -27.07
CA ASP B 10 28.57 33.12 -28.07
C ASP B 10 27.29 32.70 -28.77
N SER B 11 27.16 31.40 -29.00
CA SER B 11 25.98 30.84 -29.63
C SER B 11 24.80 31.01 -28.68
N VAL B 12 25.03 30.73 -27.40
CA VAL B 12 24.00 30.87 -26.38
C VAL B 12 23.50 32.30 -26.29
N THR B 13 24.41 33.25 -26.22
CA THR B 13 24.04 34.66 -26.15
C THR B 13 23.28 35.08 -27.40
N SER B 14 23.70 34.55 -28.55
CA SER B 14 23.04 34.85 -29.82
C SER B 14 21.62 34.31 -29.81
N THR B 15 21.45 33.07 -29.36
CA THR B 15 20.13 32.46 -29.30
C THR B 15 19.29 33.16 -28.24
N PHE B 16 19.96 33.67 -27.20
CA PHE B 16 19.29 34.39 -26.13
C PHE B 16 18.78 35.72 -26.66
N SER B 17 19.56 36.33 -27.54
CA SER B 17 19.17 37.58 -28.16
C SER B 17 17.91 37.35 -28.98
N LYS B 18 17.89 36.23 -29.70
CA LYS B 18 16.74 35.87 -30.52
C LYS B 18 15.54 35.58 -29.63
N LEU B 19 15.79 35.03 -28.43
CA LEU B 19 14.74 34.74 -27.48
C LEU B 19 14.04 36.05 -27.10
N ARG B 20 14.85 37.08 -26.92
CA ARG B 20 14.34 38.41 -26.58
C ARG B 20 13.63 39.01 -27.78
N GLU B 21 14.12 38.66 -28.98
CA GLU B 21 13.53 39.14 -30.22
C GLU B 21 12.08 38.66 -30.35
N GLN B 22 11.83 37.45 -29.84
CA GLN B 22 10.48 36.88 -29.88
C GLN B 22 9.65 37.55 -28.80
N LEU B 23 10.28 37.75 -27.63
CA LEU B 23 9.61 38.35 -26.48
C LEU B 23 8.95 39.68 -26.84
N GLY B 24 9.61 40.47 -27.68
CA GLY B 24 9.06 41.75 -28.10
C GLY B 24 7.64 41.61 -28.64
N PRO B 25 7.48 41.12 -29.87
CA PRO B 25 6.16 40.92 -30.48
C PRO B 25 5.26 40.02 -29.62
N VAL B 26 5.87 39.04 -28.95
CA VAL B 26 5.12 38.13 -28.10
C VAL B 26 4.44 38.88 -26.96
N THR B 27 5.20 39.73 -26.27
CA THR B 27 4.64 40.51 -25.16
C THR B 27 3.68 41.57 -25.69
N GLN B 28 4.04 42.17 -26.83
CA GLN B 28 3.20 43.19 -27.45
C GLN B 28 1.84 42.59 -27.77
N GLU B 29 1.87 41.43 -28.42
CA GLU B 29 0.65 40.73 -28.79
C GLU B 29 -0.03 40.20 -27.53
N PHE B 30 0.77 39.83 -26.53
CA PHE B 30 0.23 39.34 -25.26
C PHE B 30 -0.52 40.46 -24.55
N TRP B 31 0.01 41.67 -24.63
CA TRP B 31 -0.62 42.83 -24.03
C TRP B 31 -1.92 43.10 -24.77
N ASP B 32 -1.89 42.96 -26.09
CA ASP B 32 -3.07 43.13 -26.92
C ASP B 32 -4.09 42.06 -26.57
N ASN B 33 -3.57 40.85 -26.32
CA ASN B 33 -4.40 39.73 -25.93
C ASN B 33 -5.05 40.04 -24.59
N LEU B 34 -4.24 40.52 -23.66
CA LEU B 34 -4.72 40.90 -22.33
C LEU B 34 -5.77 41.99 -22.46
N GLU B 35 -5.60 42.86 -23.45
CA GLU B 35 -6.55 43.93 -23.71
C GLU B 35 -7.88 43.31 -24.11
N LYS B 36 -7.82 42.29 -24.95
CA LYS B 36 -9.00 41.57 -25.40
C LYS B 36 -9.61 40.85 -24.21
N GLU B 37 -8.75 40.19 -23.44
CA GLU B 37 -9.17 39.46 -22.24
C GLU B 37 -9.89 40.38 -21.28
N THR B 38 -9.27 41.51 -20.95
CA THR B 38 -9.86 42.47 -20.03
C THR B 38 -11.15 43.05 -20.60
N GLU B 39 -11.14 43.38 -21.89
CA GLU B 39 -12.32 43.92 -22.55
C GLU B 39 -13.48 42.94 -22.47
N GLY B 40 -13.21 41.68 -22.77
CA GLY B 40 -14.23 40.66 -22.69
C GLY B 40 -14.66 40.42 -21.26
N LEU B 41 -13.67 40.28 -20.38
CA LEU B 41 -13.93 40.05 -18.97
C LEU B 41 -14.68 41.22 -18.34
N ARG B 42 -14.45 42.42 -18.86
CA ARG B 42 -15.12 43.61 -18.36
C ARG B 42 -16.62 43.48 -18.62
N GLN B 43 -16.97 42.98 -19.81
CA GLN B 43 -18.36 42.79 -20.17
C GLN B 43 -18.94 41.62 -19.37
N GLU B 44 -18.16 40.56 -19.24
CA GLU B 44 -18.57 39.38 -18.49
C GLU B 44 -18.80 39.73 -17.03
N MET B 45 -17.82 40.40 -16.43
CA MET B 45 -17.88 40.79 -15.03
C MET B 45 -18.89 41.88 -14.74
N SER B 46 -19.07 42.83 -15.65
CA SER B 46 -20.04 43.90 -15.43
C SER B 46 -21.43 43.31 -15.30
N LYS B 47 -21.76 42.40 -16.21
CA LYS B 47 -23.05 41.73 -16.17
C LYS B 47 -23.09 40.79 -14.98
N ASP B 48 -21.97 40.11 -14.74
CA ASP B 48 -21.87 39.18 -13.62
C ASP B 48 -22.13 39.90 -12.30
N LEU B 49 -21.38 40.96 -12.04
CA LEU B 49 -21.51 41.73 -10.81
C LEU B 49 -22.92 42.30 -10.64
N GLU B 50 -23.44 42.92 -11.70
CA GLU B 50 -24.77 43.51 -11.65
C GLU B 50 -25.84 42.45 -11.41
N GLU B 51 -25.74 41.33 -12.13
CA GLU B 51 -26.69 40.24 -11.97
C GLU B 51 -26.55 39.62 -10.60
N VAL B 52 -25.32 39.49 -10.13
CA VAL B 52 -25.05 38.92 -8.82
C VAL B 52 -25.73 39.76 -7.74
N LYS B 53 -25.65 41.07 -7.87
CA LYS B 53 -26.29 41.97 -6.90
C LYS B 53 -27.80 41.78 -6.93
N ALA B 54 -28.34 41.57 -8.13
CA ALA B 54 -29.77 41.36 -8.31
C ALA B 54 -30.15 39.90 -8.04
N LYS B 55 -29.15 39.08 -7.76
CA LYS B 55 -29.37 37.68 -7.46
C LYS B 55 -29.22 37.42 -5.97
N VAL B 56 -28.22 38.06 -5.38
CA VAL B 56 -27.96 37.92 -3.94
C VAL B 56 -29.07 38.54 -3.11
N GLN B 57 -29.64 39.65 -3.59
CA GLN B 57 -30.72 40.31 -2.87
C GLN B 57 -31.90 39.36 -2.62
N PRO B 58 -32.52 38.80 -3.68
CA PRO B 58 -33.63 37.86 -3.52
C PRO B 58 -33.16 36.53 -2.94
N TYR B 59 -31.86 36.26 -3.05
CA TYR B 59 -31.30 35.03 -2.52
C TYR B 59 -31.23 35.13 -1.01
N LEU B 60 -30.64 36.21 -0.51
CA LEU B 60 -30.52 36.44 0.92
C LEU B 60 -31.90 36.63 1.52
N ASP B 61 -32.78 37.28 0.77
CA ASP B 61 -34.14 37.50 1.21
C ASP B 61 -34.85 36.17 1.41
N ASP B 62 -34.79 35.35 0.37
CA ASP B 62 -35.41 34.03 0.40
C ASP B 62 -34.75 33.14 1.45
N PHE B 63 -33.43 33.18 1.49
CA PHE B 63 -32.67 32.40 2.46
C PHE B 63 -33.00 32.85 3.87
N GLN B 64 -33.20 34.15 4.05
CA GLN B 64 -33.55 34.71 5.35
C GLN B 64 -34.93 34.22 5.75
N LYS B 65 -35.85 34.22 4.80
CA LYS B 65 -37.21 33.74 5.06
C LYS B 65 -37.17 32.27 5.43
N LYS B 66 -36.36 31.52 4.70
CA LYS B 66 -36.20 30.09 4.93
C LYS B 66 -35.51 29.87 6.28
N TRP B 67 -34.51 30.70 6.57
CA TRP B 67 -33.79 30.64 7.82
C TRP B 67 -34.74 30.97 8.96
N GLN B 68 -35.63 31.94 8.72
CA GLN B 68 -36.63 32.33 9.70
C GLN B 68 -37.55 31.16 9.97
N GLU B 69 -37.93 30.46 8.90
CA GLU B 69 -38.79 29.29 9.02
C GLU B 69 -38.10 28.24 9.88
N GLU B 70 -36.82 28.08 9.64
CA GLU B 70 -36.03 27.12 10.39
C GLU B 70 -35.81 27.59 11.81
N MET B 71 -35.55 28.89 11.99
CA MET B 71 -35.36 29.46 13.31
C MET B 71 -36.63 29.23 14.13
N GLU B 72 -37.76 29.53 13.51
CA GLU B 72 -39.06 29.33 14.15
C GLU B 72 -39.27 27.83 14.35
N LEU B 73 -38.85 27.07 13.34
CA LEU B 73 -38.94 25.62 13.37
C LEU B 73 -38.18 25.06 14.56
N TYR B 74 -36.97 25.56 14.76
CA TYR B 74 -36.13 25.13 15.87
C TYR B 74 -36.76 25.58 17.19
N ARG B 75 -37.41 26.74 17.17
CA ARG B 75 -38.06 27.27 18.36
C ARG B 75 -39.30 26.43 18.69
N GLN B 76 -39.94 25.91 17.64
CA GLN B 76 -41.13 25.09 17.79
C GLN B 76 -40.78 23.61 17.92
N LYS B 77 -39.49 23.30 17.83
CA LYS B 77 -39.05 21.92 17.93
C LYS B 77 -38.05 21.74 19.07
N VAL B 78 -36.90 22.37 18.97
CA VAL B 78 -35.85 22.27 19.97
C VAL B 78 -36.33 22.69 21.35
N GLU B 79 -37.09 23.79 21.42
CA GLU B 79 -37.60 24.28 22.71
C GLU B 79 -38.50 23.26 23.40
N PRO B 80 -39.63 22.84 22.77
CA PRO B 80 -40.51 21.83 23.36
C PRO B 80 -39.77 20.51 23.55
N LEU B 81 -38.83 20.22 22.65
CA LEU B 81 -38.04 19.01 22.75
C LEU B 81 -37.17 19.07 23.99
N ARG B 82 -36.60 20.24 24.26
CA ARG B 82 -35.76 20.43 25.43
C ARG B 82 -36.56 20.18 26.71
N ALA B 83 -37.84 20.52 26.66
CA ALA B 83 -38.73 20.31 27.80
C ALA B 83 -38.96 18.81 28.00
N GLU B 84 -39.39 18.14 26.95
CA GLU B 84 -39.64 16.70 27.00
C GLU B 84 -38.34 15.94 27.26
N LEU B 85 -37.25 16.43 26.67
CA LEU B 85 -35.95 15.81 26.85
C LEU B 85 -35.47 16.05 28.26
N GLN B 86 -35.87 17.17 28.85
CA GLN B 86 -35.48 17.47 30.22
C GLN B 86 -36.20 16.50 31.15
N GLU B 87 -37.48 16.29 30.88
CA GLU B 87 -38.28 15.36 31.66
C GLU B 87 -37.74 13.95 31.44
N GLY B 88 -37.42 13.65 30.19
CA GLY B 88 -36.88 12.34 29.85
C GLY B 88 -35.53 12.15 30.49
N ALA B 89 -34.72 13.20 30.51
CA ALA B 89 -33.41 13.16 31.12
C ALA B 89 -33.56 13.06 32.63
N ARG B 90 -34.50 13.82 33.18
CA ARG B 90 -34.76 13.78 34.62
C ARG B 90 -35.20 12.38 35.01
N GLN B 91 -36.05 11.79 34.18
CA GLN B 91 -36.51 10.44 34.41
C GLN B 91 -35.34 9.49 34.32
N LYS B 92 -34.55 9.62 33.25
CA LYS B 92 -33.39 8.76 33.05
C LYS B 92 -32.38 8.94 34.17
N LEU B 93 -32.17 10.19 34.59
CA LEU B 93 -31.26 10.48 35.68
C LEU B 93 -31.76 9.80 36.95
N HIS B 94 -33.06 9.86 37.16
CA HIS B 94 -33.67 9.22 38.30
C HIS B 94 -33.56 7.72 38.14
N GLU B 95 -33.82 7.24 36.93
CA GLU B 95 -33.71 5.82 36.61
C GLU B 95 -32.29 5.34 36.92
N LEU B 96 -31.32 6.15 36.53
CA LEU B 96 -29.92 5.84 36.77
C LEU B 96 -29.61 5.92 38.26
N GLN B 97 -30.12 6.95 38.92
CA GLN B 97 -29.91 7.14 40.34
C GLN B 97 -30.53 5.99 41.14
N GLU B 98 -31.68 5.51 40.69
CA GLU B 98 -32.37 4.40 41.35
C GLU B 98 -31.58 3.11 41.19
N LYS B 99 -30.60 3.15 40.30
CA LYS B 99 -29.74 2.02 40.05
C LYS B 99 -28.41 2.25 40.75
N LEU B 100 -27.92 3.48 40.68
CA LEU B 100 -26.66 3.86 41.30
C LEU B 100 -26.69 3.71 42.81
N SER B 101 -27.87 3.84 43.42
CA SER B 101 -27.99 3.70 44.86
C SER B 101 -27.80 2.24 45.32
N PRO B 102 -28.67 1.30 44.89
CA PRO B 102 -28.55 -0.12 45.28
C PRO B 102 -27.32 -0.77 44.67
N LEU B 103 -27.10 -0.55 43.38
CA LEU B 103 -25.95 -1.12 42.69
C LEU B 103 -24.67 -0.51 43.21
N GLY B 104 -24.76 0.74 43.66
CA GLY B 104 -23.60 1.40 44.23
C GLY B 104 -23.17 0.72 45.49
N GLU B 105 -24.10 0.57 46.43
CA GLU B 105 -23.82 -0.10 47.69
C GLU B 105 -23.43 -1.55 47.43
N GLU B 106 -24.10 -2.13 46.44
CA GLU B 106 -23.83 -3.51 46.07
C GLU B 106 -22.43 -3.65 45.51
N MET B 107 -22.07 -2.78 44.57
CA MET B 107 -20.74 -2.80 43.97
C MET B 107 -19.68 -2.56 45.03
N ARG B 108 -19.98 -1.67 45.96
CA ARG B 108 -19.06 -1.37 47.05
C ARG B 108 -18.90 -2.61 47.92
N ASP B 109 -19.99 -3.33 48.13
CA ASP B 109 -19.95 -4.55 48.94
C ASP B 109 -19.27 -5.67 48.15
N ARG B 110 -19.49 -5.66 46.84
CA ARG B 110 -18.86 -6.64 45.96
C ARG B 110 -17.35 -6.40 46.03
N ALA B 111 -16.98 -5.13 45.95
CA ALA B 111 -15.58 -4.72 46.02
C ALA B 111 -15.05 -5.03 47.43
N ARG B 112 -15.89 -4.83 48.43
CA ARG B 112 -15.53 -5.11 49.82
C ARG B 112 -15.09 -6.56 49.91
N ALA B 113 -15.96 -7.45 49.46
CA ALA B 113 -15.69 -8.88 49.48
C ALA B 113 -14.52 -9.20 48.55
N HIS B 114 -14.50 -8.57 47.38
CA HIS B 114 -13.44 -8.78 46.40
C HIS B 114 -12.08 -8.44 47.00
N VAL B 115 -11.95 -7.22 47.52
CA VAL B 115 -10.71 -6.77 48.12
C VAL B 115 -10.39 -7.51 49.40
N ASP B 116 -11.40 -7.75 50.23
CA ASP B 116 -11.19 -8.48 51.49
C ASP B 116 -10.71 -9.88 51.20
N ALA B 117 -11.27 -10.49 50.17
CA ALA B 117 -10.85 -11.82 49.76
C ALA B 117 -9.46 -11.71 49.16
N LEU B 118 -9.28 -10.70 48.30
CA LEU B 118 -7.99 -10.46 47.67
C LEU B 118 -6.89 -10.30 48.71
N ARG B 119 -7.24 -9.71 49.84
CA ARG B 119 -6.29 -9.54 50.93
C ARG B 119 -5.78 -10.89 51.39
N THR B 120 -6.70 -11.76 51.76
CA THR B 120 -6.35 -13.11 52.22
C THR B 120 -6.00 -14.02 51.04
N HIS B 121 -5.96 -13.46 49.84
CA HIS B 121 -5.63 -14.23 48.64
C HIS B 121 -4.27 -13.79 48.09
N LEU B 122 -3.94 -12.52 48.24
CA LEU B 122 -2.69 -11.97 47.73
C LEU B 122 -1.63 -11.81 48.82
N ALA B 123 -2.03 -11.39 50.02
CA ALA B 123 -1.07 -11.20 51.12
C ALA B 123 -0.29 -12.49 51.40
N PRO B 124 -0.97 -13.61 51.74
CA PRO B 124 -0.27 -14.87 52.00
C PRO B 124 0.41 -15.37 50.73
N TYR B 125 -0.21 -15.10 49.59
CA TYR B 125 0.33 -15.51 48.29
C TYR B 125 1.68 -14.85 48.08
N SER B 126 1.76 -13.55 48.37
CA SER B 126 2.99 -12.81 48.24
C SER B 126 4.01 -13.31 49.25
N ASP B 127 3.54 -13.63 50.45
CA ASP B 127 4.42 -14.14 51.50
C ASP B 127 5.01 -15.47 51.08
N GLU B 128 4.15 -16.37 50.62
CA GLU B 128 4.58 -17.68 50.16
C GLU B 128 5.48 -17.52 48.93
N LEU B 129 5.14 -16.55 48.09
CA LEU B 129 5.93 -16.25 46.91
C LEU B 129 7.32 -15.79 47.33
N ARG B 130 7.38 -15.00 48.40
CA ARG B 130 8.64 -14.51 48.93
C ARG B 130 9.50 -15.69 49.38
N GLN B 131 8.85 -16.67 50.01
CA GLN B 131 9.52 -17.87 50.47
C GLN B 131 10.14 -18.63 49.30
N ARG B 132 9.39 -18.69 48.21
CA ARG B 132 9.84 -19.37 47.00
C ARG B 132 10.91 -18.53 46.30
N LEU B 133 10.63 -17.23 46.15
CA LEU B 133 11.56 -16.29 45.51
C LEU B 133 12.89 -16.27 46.24
N ALA B 134 12.85 -16.37 47.56
CA ALA B 134 14.06 -16.37 48.36
C ALA B 134 14.95 -17.53 47.96
N ALA B 135 14.34 -18.71 47.87
CA ALA B 135 15.07 -19.92 47.47
C ALA B 135 15.58 -19.77 46.05
N ARG B 136 14.73 -19.23 45.18
CA ARG B 136 15.09 -19.01 43.79
C ARG B 136 16.29 -18.07 43.71
N LEU B 137 16.23 -17.00 44.49
CA LEU B 137 17.31 -16.02 44.53
C LEU B 137 18.56 -16.63 45.13
N GLU B 138 18.40 -17.42 46.19
CA GLU B 138 19.52 -18.07 46.84
C GLU B 138 20.21 -19.02 45.88
N ALA B 139 19.41 -19.75 45.11
CA ALA B 139 19.94 -20.67 44.12
C ALA B 139 20.74 -19.86 43.10
N LEU B 140 20.17 -18.73 42.70
CA LEU B 140 20.80 -17.83 41.75
C LEU B 140 22.03 -17.16 42.36
N LYS B 141 22.07 -17.12 43.69
CA LYS B 141 23.20 -16.53 44.40
C LYS B 141 24.37 -17.51 44.38
N GLU B 142 24.10 -18.75 44.78
CA GLU B 142 25.12 -19.79 44.79
C GLU B 142 25.57 -20.06 43.35
N ASN B 143 24.61 -20.05 42.45
CA ASN B 143 24.90 -20.26 41.03
C ASN B 143 25.61 -19.04 40.48
N GLY B 144 25.24 -17.87 41.01
CA GLY B 144 25.86 -16.63 40.59
C GLY B 144 27.32 -16.59 40.99
N GLY B 145 27.59 -17.00 42.22
CA GLY B 145 28.94 -17.04 42.72
C GLY B 145 29.78 -17.99 41.90
N ALA B 146 29.19 -19.14 41.58
CA ALA B 146 29.86 -20.14 40.75
C ALA B 146 30.11 -19.57 39.37
N ARG B 147 29.07 -18.98 38.78
CA ARG B 147 29.18 -18.37 37.46
C ARG B 147 30.21 -17.27 37.45
N LEU B 148 30.30 -16.51 38.54
CA LEU B 148 31.28 -15.45 38.66
C LEU B 148 32.68 -16.04 38.63
N ALA B 149 32.84 -17.17 39.32
CA ALA B 149 34.11 -17.87 39.35
C ALA B 149 34.42 -18.42 37.95
N GLU B 150 33.41 -18.99 37.33
CA GLU B 150 33.53 -19.53 35.99
C GLU B 150 33.88 -18.42 35.02
N TYR B 151 33.13 -17.32 35.09
CA TYR B 151 33.37 -16.17 34.23
C TYR B 151 34.79 -15.66 34.41
N HIS B 152 35.24 -15.58 35.66
CA HIS B 152 36.58 -15.13 35.97
C HIS B 152 37.61 -16.09 35.39
N ALA B 153 37.31 -17.38 35.49
CA ALA B 153 38.20 -18.40 34.96
C ALA B 153 38.27 -18.28 33.45
N LYS B 154 37.11 -18.27 32.81
CA LYS B 154 37.02 -18.16 31.36
C LYS B 154 37.61 -16.85 30.87
N ALA B 155 37.44 -15.79 31.66
CA ALA B 155 37.98 -14.48 31.30
C ALA B 155 39.49 -14.57 31.25
N THR B 156 40.08 -15.21 32.26
CA THR B 156 41.52 -15.39 32.32
C THR B 156 41.99 -16.30 31.18
N GLU B 157 41.21 -17.35 30.91
CA GLU B 157 41.52 -18.29 29.84
C GLU B 157 41.42 -17.58 28.48
N HIS B 158 40.57 -16.57 28.42
CA HIS B 158 40.38 -15.80 27.21
C HIS B 158 41.41 -14.68 27.13
N LEU B 159 41.88 -14.22 28.28
CA LEU B 159 42.89 -13.17 28.33
C LEU B 159 44.21 -13.69 27.81
N SER B 160 44.53 -14.94 28.15
CA SER B 160 45.75 -15.56 27.68
C SER B 160 45.69 -15.78 26.17
N THR B 161 44.50 -16.14 25.68
CA THR B 161 44.31 -16.36 24.26
C THR B 161 44.28 -15.03 23.52
N LEU B 162 43.72 -14.01 24.17
CA LEU B 162 43.66 -12.68 23.58
C LEU B 162 45.07 -12.14 23.42
N SER B 163 45.90 -12.30 24.45
CA SER B 163 47.28 -11.84 24.38
C SER B 163 48.08 -12.73 23.42
N GLU B 164 47.64 -13.99 23.29
CA GLU B 164 48.30 -14.94 22.40
C GLU B 164 48.07 -14.53 20.96
N LYS B 165 47.14 -13.62 20.75
CA LYS B 165 46.84 -13.10 19.43
C LYS B 165 47.25 -11.64 19.34
N ALA B 166 47.16 -10.94 20.46
CA ALA B 166 47.53 -9.53 20.54
C ALA B 166 49.05 -9.38 20.46
N LYS B 167 49.76 -10.49 20.57
CA LYS B 167 51.22 -10.44 20.49
C LYS B 167 51.73 -10.93 19.13
N PRO B 168 51.85 -12.26 18.87
CA PRO B 168 52.39 -12.76 17.60
C PRO B 168 51.58 -12.30 16.37
N ALA B 169 50.27 -12.43 16.44
CA ALA B 169 49.41 -12.04 15.33
C ALA B 169 49.52 -10.54 15.07
N LEU B 170 49.50 -9.74 16.13
CA LEU B 170 49.61 -8.29 15.98
C LEU B 170 51.01 -7.91 15.47
N GLU B 171 52.02 -8.64 15.92
CA GLU B 171 53.39 -8.40 15.48
C GLU B 171 53.51 -8.69 13.99
N ASP B 172 52.92 -9.81 13.57
CA ASP B 172 52.92 -10.19 12.16
C ASP B 172 52.12 -9.19 11.36
N LEU B 173 51.00 -8.75 11.92
CA LEU B 173 50.16 -7.75 11.27
C LEU B 173 50.94 -6.46 11.06
N ARG B 174 51.69 -6.05 12.08
CA ARG B 174 52.50 -4.85 11.99
C ARG B 174 53.61 -5.08 10.96
N GLN B 175 54.19 -6.27 11.01
CA GLN B 175 55.24 -6.62 10.09
C GLN B 175 54.75 -6.71 8.66
N GLY B 176 53.44 -6.85 8.50
CA GLY B 176 52.84 -6.92 7.18
C GLY B 176 52.32 -5.55 6.75
N LEU B 177 51.81 -4.79 7.70
CA LEU B 177 51.28 -3.46 7.42
C LEU B 177 52.37 -2.54 6.90
N LEU B 178 53.57 -2.65 7.46
CA LEU B 178 54.68 -1.81 7.03
C LEU B 178 55.02 -1.99 5.54
N PRO B 179 55.43 -3.20 5.09
CA PRO B 179 55.75 -3.44 3.68
C PRO B 179 54.53 -3.19 2.80
N VAL B 180 53.35 -3.39 3.35
CA VAL B 180 52.11 -3.16 2.61
C VAL B 180 51.95 -1.67 2.36
N LEU B 181 52.14 -0.87 3.40
CA LEU B 181 52.03 0.58 3.28
C LEU B 181 53.14 1.10 2.39
N GLU B 182 54.29 0.44 2.44
CA GLU B 182 55.43 0.81 1.62
C GLU B 182 55.11 0.57 0.15
N SER B 183 54.60 -0.62 -0.15
CA SER B 183 54.22 -0.97 -1.51
C SER B 183 53.03 -0.13 -1.97
N PHE B 184 52.09 0.09 -1.05
CA PHE B 184 50.92 0.91 -1.33
C PHE B 184 51.37 2.33 -1.63
N LYS B 185 52.36 2.80 -0.87
CA LYS B 185 52.89 4.14 -1.06
C LYS B 185 53.45 4.26 -2.48
N VAL B 186 54.23 3.27 -2.88
CA VAL B 186 54.81 3.26 -4.23
C VAL B 186 53.70 3.24 -5.27
N SER B 187 52.68 2.42 -5.05
CA SER B 187 51.56 2.32 -5.96
C SER B 187 50.79 3.64 -6.03
N PHE B 188 50.48 4.19 -4.85
CA PHE B 188 49.74 5.45 -4.77
C PHE B 188 50.53 6.59 -5.37
N LEU B 189 51.82 6.66 -5.08
CA LEU B 189 52.68 7.71 -5.62
C LEU B 189 52.65 7.69 -7.15
N SER B 190 52.73 6.49 -7.71
CA SER B 190 52.71 6.33 -9.16
C SER B 190 51.35 6.75 -9.71
N ALA B 191 50.27 6.34 -9.03
CA ALA B 191 48.92 6.68 -9.45
C ALA B 191 48.68 8.18 -9.33
N LEU B 192 49.13 8.76 -8.23
CA LEU B 192 48.98 10.19 -7.98
C LEU B 192 49.64 11.00 -9.08
N GLU B 193 50.87 10.65 -9.41
CA GLU B 193 51.63 11.34 -10.44
C GLU B 193 50.95 11.22 -11.79
N GLU B 194 50.47 10.01 -12.10
CA GLU B 194 49.78 9.76 -13.35
C GLU B 194 48.49 10.56 -13.43
N TYR B 195 47.73 10.53 -12.34
CA TYR B 195 46.47 11.26 -12.26
C TYR B 195 46.65 12.76 -12.45
N THR B 196 47.69 13.32 -11.85
CA THR B 196 47.96 14.76 -11.99
C THR B 196 48.27 15.14 -13.43
N LYS B 197 48.93 14.24 -14.15
CA LYS B 197 49.26 14.50 -15.55
C LYS B 197 48.01 14.50 -16.43
N LYS B 198 47.11 13.57 -16.14
CA LYS B 198 45.87 13.43 -16.88
C LYS B 198 44.83 14.49 -16.51
N LEU B 199 44.82 14.88 -15.24
CA LEU B 199 43.88 15.88 -14.76
C LEU B 199 44.36 17.30 -15.02
N ASN B 200 45.53 17.43 -15.64
CA ASN B 200 46.09 18.73 -15.95
C ASN B 200 45.81 19.08 -17.40
N MET C 3 4.89 -12.18 1.47
CA MET C 3 3.46 -12.04 1.14
C MET C 3 3.26 -12.03 -0.38
N THR C 4 2.13 -12.58 -0.81
CA THR C 4 1.79 -12.65 -2.23
C THR C 4 0.28 -12.61 -2.40
N GLU C 5 -0.19 -11.71 -3.25
CA GLU C 5 -1.62 -11.57 -3.50
C GLU C 5 -1.96 -12.08 -4.89
N TYR C 6 -3.24 -12.33 -5.12
CA TYR C 6 -3.71 -12.81 -6.41
C TYR C 6 -5.04 -12.15 -6.76
N LYS C 7 -5.05 -11.40 -7.86
CA LYS C 7 -6.25 -10.72 -8.31
C LYS C 7 -6.97 -11.53 -9.37
N LEU C 8 -8.08 -12.14 -8.98
CA LEU C 8 -8.86 -12.97 -9.89
C LEU C 8 -10.13 -12.26 -10.32
N VAL C 9 -10.32 -12.14 -11.63
CA VAL C 9 -11.52 -11.48 -12.16
C VAL C 9 -12.37 -12.49 -12.93
N VAL C 10 -13.65 -12.53 -12.62
CA VAL C 10 -14.56 -13.45 -13.26
C VAL C 10 -15.40 -12.73 -14.31
N VAL C 11 -15.29 -13.17 -15.56
CA VAL C 11 -16.05 -12.56 -16.65
C VAL C 11 -17.05 -13.56 -17.22
N GLY C 12 -18.10 -13.04 -17.82
CA GLY C 12 -19.12 -13.89 -18.40
C GLY C 12 -20.48 -13.24 -18.36
N ALA C 13 -21.47 -13.91 -18.92
CA ALA C 13 -22.83 -13.39 -18.94
C ALA C 13 -23.45 -13.39 -17.55
N GLY C 14 -24.32 -12.43 -17.29
CA GLY C 14 -24.95 -12.35 -15.98
C GLY C 14 -25.89 -13.49 -15.71
N GLY C 15 -26.35 -14.15 -16.77
CA GLY C 15 -27.29 -15.25 -16.62
C GLY C 15 -26.61 -16.58 -16.33
N VAL C 16 -25.28 -16.61 -16.33
CA VAL C 16 -24.56 -17.85 -16.07
C VAL C 16 -24.52 -18.17 -14.58
N GLY C 17 -24.44 -17.13 -13.75
CA GLY C 17 -24.38 -17.33 -12.31
C GLY C 17 -22.97 -17.17 -11.76
N LYS C 18 -22.31 -16.08 -12.13
CA LYS C 18 -20.95 -15.82 -11.70
C LYS C 18 -20.86 -15.62 -10.19
N SER C 19 -21.81 -14.89 -9.62
CA SER C 19 -21.82 -14.64 -8.18
C SER C 19 -22.15 -15.89 -7.36
N ALA C 20 -22.80 -16.87 -7.99
CA ALA C 20 -23.15 -18.09 -7.30
C ALA C 20 -21.90 -18.89 -6.97
N LEU C 21 -20.99 -18.96 -7.94
CA LEU C 21 -19.74 -19.69 -7.78
C LEU C 21 -18.85 -19.02 -6.73
N THR C 22 -18.88 -17.69 -6.70
CA THR C 22 -18.05 -16.95 -5.76
C THR C 22 -18.53 -17.09 -4.31
N ILE C 23 -19.82 -16.83 -4.07
CA ILE C 23 -20.36 -16.93 -2.71
C ILE C 23 -20.29 -18.37 -2.19
N GLN C 24 -20.46 -19.34 -3.07
CA GLN C 24 -20.39 -20.75 -2.70
C GLN C 24 -18.95 -21.11 -2.32
N LEU C 25 -18.00 -20.40 -2.89
CA LEU C 25 -16.60 -20.63 -2.62
C LEU C 25 -16.16 -19.93 -1.34
N ILE C 26 -16.71 -18.75 -1.10
CA ILE C 26 -16.38 -17.97 0.09
C ILE C 26 -16.84 -18.62 1.39
N GLN C 27 -18.16 -18.72 1.60
CA GLN C 27 -18.67 -19.32 2.83
C GLN C 27 -19.75 -20.36 2.58
N ASN C 28 -19.66 -21.01 1.42
CA ASN C 28 -20.60 -22.07 1.03
C ASN C 28 -22.05 -21.61 1.08
N HIS C 29 -22.38 -20.59 0.29
CA HIS C 29 -23.74 -20.09 0.25
C HIS C 29 -24.25 -19.97 -1.18
N PHE C 30 -25.11 -20.89 -1.56
CA PHE C 30 -25.70 -20.89 -2.89
C PHE C 30 -26.83 -19.87 -2.93
N VAL C 31 -26.84 -19.04 -3.96
CA VAL C 31 -27.88 -18.02 -4.09
C VAL C 31 -29.02 -18.50 -4.97
N ASP C 32 -30.23 -18.24 -4.53
CA ASP C 32 -31.43 -18.62 -5.27
C ASP C 32 -32.00 -17.39 -5.96
N GLU C 33 -31.73 -16.24 -5.37
CA GLU C 33 -32.19 -14.97 -5.89
C GLU C 33 -31.31 -14.52 -7.05
N TYR C 34 -31.93 -13.87 -8.03
CA TYR C 34 -31.19 -13.37 -9.17
C TYR C 34 -30.72 -11.95 -8.91
N ASP C 35 -29.66 -11.83 -8.12
CA ASP C 35 -29.10 -10.52 -7.79
C ASP C 35 -28.17 -10.03 -8.89
N PRO C 36 -28.45 -8.84 -9.44
CA PRO C 36 -27.65 -8.24 -10.51
C PRO C 36 -26.27 -7.82 -10.01
N THR C 37 -25.25 -8.55 -10.43
CA THR C 37 -23.89 -8.26 -10.05
C THR C 37 -23.38 -7.00 -10.77
N ILE C 38 -22.66 -6.15 -10.04
CA ILE C 38 -22.13 -4.92 -10.60
C ILE C 38 -20.62 -4.86 -10.46
N GLU C 39 -20.15 -4.83 -9.22
CA GLU C 39 -18.71 -4.79 -8.91
C GLU C 39 -18.48 -5.39 -7.52
N ASP C 40 -19.16 -6.49 -7.26
CA ASP C 40 -19.06 -7.18 -5.99
C ASP C 40 -17.71 -7.86 -5.82
N SER C 41 -17.01 -7.50 -4.74
CA SER C 41 -15.71 -8.06 -4.45
C SER C 41 -15.82 -9.19 -3.44
N TYR C 42 -14.94 -10.18 -3.55
CA TYR C 42 -14.94 -11.32 -2.64
C TYR C 42 -13.51 -11.62 -2.19
N ARG C 43 -13.24 -11.48 -0.90
CA ARG C 43 -11.91 -11.73 -0.37
C ARG C 43 -11.93 -12.80 0.72
N LYS C 44 -11.08 -13.80 0.57
CA LYS C 44 -10.99 -14.89 1.54
C LYS C 44 -9.62 -15.57 1.45
N GLN C 45 -9.20 -16.19 2.55
CA GLN C 45 -7.93 -16.89 2.58
C GLN C 45 -8.17 -18.38 2.39
N VAL C 46 -7.45 -18.98 1.44
CA VAL C 46 -7.60 -20.40 1.16
C VAL C 46 -6.25 -21.09 1.04
N VAL C 47 -6.28 -22.41 1.05
CA VAL C 47 -5.06 -23.21 0.92
C VAL C 47 -4.98 -23.81 -0.47
N ILE C 48 -4.20 -23.20 -1.34
CA ILE C 48 -4.05 -23.68 -2.71
C ILE C 48 -2.88 -24.66 -2.82
N ASP C 49 -3.23 -25.95 -2.86
CA ASP C 49 -2.24 -27.01 -2.98
C ASP C 49 -1.13 -26.91 -1.93
N GLY C 50 -1.52 -26.63 -0.70
CA GLY C 50 -0.56 -26.53 0.39
C GLY C 50 -0.20 -25.10 0.76
N GLU C 51 -0.16 -24.23 -0.22
CA GLU C 51 0.20 -22.84 0.03
C GLU C 51 -1.00 -22.00 0.47
N THR C 52 -0.87 -21.34 1.61
CA THR C 52 -1.93 -20.50 2.14
C THR C 52 -1.82 -19.09 1.58
N CYS C 53 -2.79 -18.69 0.77
CA CYS C 53 -2.77 -17.38 0.16
C CYS C 53 -4.14 -16.70 0.24
N LEU C 54 -4.15 -15.39 0.08
CA LEU C 54 -5.37 -14.61 0.14
C LEU C 54 -5.87 -14.33 -1.28
N LEU C 55 -7.14 -14.57 -1.52
CA LEU C 55 -7.71 -14.35 -2.84
C LEU C 55 -8.65 -13.17 -2.85
N ASP C 56 -8.31 -12.16 -3.66
CA ASP C 56 -9.13 -10.97 -3.80
C ASP C 56 -9.82 -11.05 -5.16
N ILE C 57 -11.02 -11.59 -5.16
CA ILE C 57 -11.80 -11.78 -6.38
C ILE C 57 -12.72 -10.60 -6.66
N LEU C 58 -12.82 -10.24 -7.93
CA LEU C 58 -13.68 -9.16 -8.37
C LEU C 58 -14.70 -9.66 -9.38
N ASP C 59 -15.96 -9.72 -8.97
CA ASP C 59 -17.03 -10.18 -9.84
C ASP C 59 -17.82 -8.99 -10.35
N THR C 60 -17.47 -8.53 -11.54
CA THR C 60 -18.13 -7.38 -12.15
C THR C 60 -19.25 -7.78 -13.11
N ALA C 61 -20.04 -6.79 -13.51
CA ALA C 61 -21.16 -7.01 -14.41
C ALA C 61 -20.69 -7.35 -15.83
N GLY C 62 -21.38 -8.29 -16.47
CA GLY C 62 -21.04 -8.67 -17.81
C GLY C 62 -21.88 -7.91 -18.83
N GLN C 63 -23.09 -7.56 -18.42
CA GLN C 63 -24.01 -6.83 -19.27
C GLN C 63 -23.82 -5.33 -19.13
N GLU C 64 -22.61 -4.86 -19.44
CA GLU C 64 -22.28 -3.45 -19.35
C GLU C 64 -21.84 -2.95 -20.72
N GLU C 65 -21.92 -1.64 -20.91
CA GLU C 65 -21.52 -1.04 -22.18
C GLU C 65 -20.02 -0.81 -22.19
N TYR C 66 -19.59 0.38 -21.80
CA TYR C 66 -18.18 0.72 -21.74
C TYR C 66 -17.95 1.96 -20.90
N SER C 67 -17.75 1.76 -19.62
CA SER C 67 -17.49 2.86 -18.71
C SER C 67 -16.00 2.99 -18.46
N ALA C 68 -15.59 4.10 -17.88
CA ALA C 68 -14.19 4.32 -17.57
C ALA C 68 -13.78 3.39 -16.44
N MET C 69 -14.72 3.13 -15.54
CA MET C 69 -14.48 2.26 -14.41
C MET C 69 -14.21 0.84 -14.87
N ARG C 70 -14.96 0.39 -15.88
CA ARG C 70 -14.80 -0.96 -16.41
C ARG C 70 -13.38 -1.23 -16.88
N ASP C 71 -12.86 -0.32 -17.69
CA ASP C 71 -11.51 -0.46 -18.23
C ASP C 71 -10.48 -0.46 -17.11
N GLN C 72 -10.73 0.36 -16.10
CA GLN C 72 -9.82 0.48 -14.97
C GLN C 72 -9.85 -0.74 -14.05
N TYR C 73 -11.03 -1.13 -13.59
CA TYR C 73 -11.16 -2.26 -12.69
C TYR C 73 -10.75 -3.61 -13.29
N MET C 74 -10.81 -3.70 -14.61
CA MET C 74 -10.45 -4.93 -15.30
C MET C 74 -9.00 -4.89 -15.79
N ARG C 75 -8.32 -3.79 -15.51
CA ARG C 75 -6.94 -3.61 -15.93
C ARG C 75 -5.96 -4.21 -14.91
N THR C 76 -6.29 -4.08 -13.63
CA THR C 76 -5.44 -4.59 -12.56
C THR C 76 -5.63 -6.08 -12.29
N GLY C 77 -6.46 -6.74 -13.08
CA GLY C 77 -6.69 -8.16 -12.89
C GLY C 77 -5.56 -9.02 -13.43
N GLU C 78 -5.20 -10.06 -12.71
CA GLU C 78 -4.13 -10.96 -13.13
C GLU C 78 -4.69 -12.11 -13.96
N GLY C 79 -5.63 -12.83 -13.38
CA GLY C 79 -6.24 -13.94 -14.07
C GLY C 79 -7.70 -13.69 -14.36
N PHE C 80 -8.18 -14.16 -15.51
CA PHE C 80 -9.57 -13.95 -15.89
C PHE C 80 -10.26 -15.28 -16.18
N LEU C 81 -11.36 -15.52 -15.48
CA LEU C 81 -12.14 -16.73 -15.67
C LEU C 81 -13.34 -16.46 -16.57
N CYS C 82 -13.40 -17.14 -17.70
CA CYS C 82 -14.50 -16.98 -18.63
C CYS C 82 -15.58 -18.01 -18.34
N VAL C 83 -16.61 -17.58 -17.61
CA VAL C 83 -17.68 -18.48 -17.23
C VAL C 83 -18.90 -18.32 -18.14
N PHE C 84 -19.34 -19.44 -18.70
CA PHE C 84 -20.50 -19.47 -19.58
C PHE C 84 -21.41 -20.62 -19.17
N ALA C 85 -22.64 -20.61 -19.64
CA ALA C 85 -23.59 -21.65 -19.32
C ALA C 85 -23.78 -22.59 -20.50
N ILE C 86 -23.68 -23.90 -20.25
CA ILE C 86 -23.83 -24.89 -21.30
C ILE C 86 -25.27 -24.97 -21.80
N ASN C 87 -26.18 -24.35 -21.06
CA ASN C 87 -27.59 -24.32 -21.41
C ASN C 87 -27.92 -23.07 -22.22
N ASN C 88 -26.92 -22.24 -22.42
CA ASN C 88 -27.09 -21.00 -23.18
C ASN C 88 -26.01 -20.88 -24.24
N THR C 89 -26.35 -21.23 -25.47
CA THR C 89 -25.42 -21.18 -26.60
C THR C 89 -24.90 -19.76 -26.85
N LYS C 90 -25.73 -18.77 -26.56
CA LYS C 90 -25.34 -17.37 -26.78
C LYS C 90 -24.15 -16.98 -25.91
N SER C 91 -24.10 -17.53 -24.69
CA SER C 91 -23.01 -17.26 -23.77
C SER C 91 -21.68 -17.75 -24.34
N PHE C 92 -21.76 -18.80 -25.16
CA PHE C 92 -20.58 -19.37 -25.79
C PHE C 92 -20.03 -18.41 -26.84
N GLU C 93 -20.93 -17.68 -27.49
CA GLU C 93 -20.54 -16.72 -28.52
C GLU C 93 -19.95 -15.47 -27.90
N ASP C 94 -20.59 -14.99 -26.84
CA ASP C 94 -20.16 -13.78 -26.14
C ASP C 94 -18.77 -13.93 -25.53
N ILE C 95 -18.31 -15.18 -25.42
CA ILE C 95 -16.97 -15.46 -24.86
C ILE C 95 -15.90 -14.72 -25.66
N HIS C 96 -16.05 -14.69 -26.98
CA HIS C 96 -15.10 -14.02 -27.85
C HIS C 96 -15.08 -12.52 -27.54
N HIS C 97 -16.26 -11.99 -27.25
CA HIS C 97 -16.42 -10.57 -26.93
C HIS C 97 -15.65 -10.25 -25.64
N TYR C 98 -15.73 -11.14 -24.67
CA TYR C 98 -15.04 -10.95 -23.39
C TYR C 98 -13.53 -11.06 -23.58
N ARG C 99 -13.11 -12.06 -24.34
CA ARG C 99 -11.69 -12.29 -24.62
C ARG C 99 -11.05 -11.06 -25.24
N GLU C 100 -11.70 -10.51 -26.26
CA GLU C 100 -11.19 -9.32 -26.95
C GLU C 100 -11.18 -8.10 -26.03
N GLN C 101 -12.21 -7.98 -25.20
CA GLN C 101 -12.30 -6.85 -24.27
C GLN C 101 -11.13 -6.87 -23.28
N ILE C 102 -10.87 -8.04 -22.72
CA ILE C 102 -9.78 -8.19 -21.75
C ILE C 102 -8.43 -7.97 -22.44
N LYS C 103 -8.32 -8.45 -23.66
CA LYS C 103 -7.08 -8.32 -24.43
C LYS C 103 -6.70 -6.84 -24.61
N ARG C 104 -7.72 -5.99 -24.71
CA ARG C 104 -7.48 -4.56 -24.89
C ARG C 104 -7.20 -3.86 -23.57
N VAL C 105 -7.92 -4.22 -22.52
CA VAL C 105 -7.73 -3.59 -21.22
C VAL C 105 -6.41 -4.00 -20.57
N LYS C 106 -5.89 -5.15 -20.97
CA LYS C 106 -4.63 -5.65 -20.43
C LYS C 106 -3.47 -5.34 -21.37
N ASP C 107 -3.79 -4.81 -22.55
CA ASP C 107 -2.79 -4.47 -23.56
C ASP C 107 -1.95 -5.69 -23.93
N SER C 108 -2.60 -6.84 -24.00
CA SER C 108 -1.93 -8.09 -24.34
C SER C 108 -2.93 -9.22 -24.56
N GLU C 109 -2.56 -10.14 -25.43
CA GLU C 109 -3.41 -11.30 -25.72
C GLU C 109 -2.92 -12.49 -24.89
N ASP C 110 -1.69 -12.36 -24.41
CA ASP C 110 -1.06 -13.40 -23.60
C ASP C 110 -1.45 -13.22 -22.12
N VAL C 111 -2.73 -13.45 -21.85
CA VAL C 111 -3.27 -13.32 -20.50
C VAL C 111 -3.83 -14.66 -20.03
N PRO C 112 -3.47 -15.10 -18.81
CA PRO C 112 -3.95 -16.36 -18.23
C PRO C 112 -5.47 -16.39 -18.09
N MET C 113 -6.12 -17.26 -18.84
CA MET C 113 -7.58 -17.36 -18.79
C MET C 113 -7.98 -18.83 -18.77
N VAL C 114 -9.16 -19.10 -18.22
CA VAL C 114 -9.67 -20.45 -18.14
C VAL C 114 -11.16 -20.44 -18.51
N LEU C 115 -11.58 -21.39 -19.33
CA LEU C 115 -12.97 -21.48 -19.75
C LEU C 115 -13.75 -22.32 -18.74
N VAL C 116 -14.80 -21.74 -18.19
CA VAL C 116 -15.63 -22.42 -17.20
C VAL C 116 -17.05 -22.63 -17.70
N GLY C 117 -17.45 -23.89 -17.78
CA GLY C 117 -18.80 -24.21 -18.23
C GLY C 117 -19.71 -24.50 -17.04
N ASN C 118 -20.42 -23.47 -16.59
CA ASN C 118 -21.31 -23.59 -15.44
C ASN C 118 -22.67 -24.16 -15.82
N LYS C 119 -23.38 -24.68 -14.82
CA LYS C 119 -24.70 -25.26 -15.00
C LYS C 119 -24.65 -26.53 -15.86
N CYS C 120 -23.51 -27.20 -15.82
CA CYS C 120 -23.30 -28.42 -16.59
C CYS C 120 -24.10 -29.60 -16.02
N ASP C 121 -24.73 -29.39 -14.88
CA ASP C 121 -25.52 -30.42 -14.23
C ASP C 121 -26.96 -30.38 -14.71
N LEU C 122 -27.27 -29.43 -15.59
CA LEU C 122 -28.61 -29.29 -16.13
C LEU C 122 -28.77 -30.14 -17.39
N PRO C 123 -29.93 -30.82 -17.52
CA PRO C 123 -30.21 -31.67 -18.68
C PRO C 123 -30.26 -30.89 -19.99
N SER C 124 -30.50 -29.59 -19.87
CA SER C 124 -30.57 -28.72 -21.03
C SER C 124 -29.16 -28.31 -21.46
N ARG C 125 -28.50 -29.17 -22.21
CA ARG C 125 -27.14 -28.88 -22.66
C ARG C 125 -27.09 -28.64 -24.16
N THR C 126 -26.94 -27.39 -24.54
CA THR C 126 -26.85 -27.04 -25.96
C THR C 126 -25.40 -26.98 -26.40
N VAL C 127 -24.53 -26.59 -25.48
CA VAL C 127 -23.10 -26.51 -25.77
C VAL C 127 -22.40 -27.79 -25.30
N ASP C 128 -21.82 -28.50 -26.25
CA ASP C 128 -21.12 -29.75 -25.93
C ASP C 128 -19.73 -29.46 -25.36
N THR C 129 -19.25 -30.38 -24.53
CA THR C 129 -17.94 -30.26 -23.90
C THR C 129 -16.84 -30.12 -24.94
N LYS C 130 -16.93 -30.89 -26.02
CA LYS C 130 -15.94 -30.85 -27.07
C LYS C 130 -15.90 -29.48 -27.74
N GLN C 131 -17.07 -28.85 -27.85
CA GLN C 131 -17.17 -27.54 -28.47
C GLN C 131 -16.41 -26.51 -27.65
N ALA C 132 -16.60 -26.57 -26.34
CA ALA C 132 -15.94 -25.66 -25.42
C ALA C 132 -14.44 -25.90 -25.42
N GLN C 133 -14.05 -27.17 -25.44
CA GLN C 133 -12.64 -27.53 -25.45
C GLN C 133 -11.97 -27.07 -26.74
N ASP C 134 -12.71 -27.17 -27.84
CA ASP C 134 -12.21 -26.74 -29.14
C ASP C 134 -11.97 -25.24 -29.15
N LEU C 135 -12.94 -24.49 -28.64
CA LEU C 135 -12.83 -23.03 -28.58
C LEU C 135 -11.69 -22.62 -27.66
N ALA C 136 -11.58 -23.30 -26.53
CA ALA C 136 -10.53 -23.02 -25.56
C ALA C 136 -9.16 -23.29 -26.15
N ARG C 137 -9.06 -24.34 -26.96
CA ARG C 137 -7.81 -24.71 -27.60
C ARG C 137 -7.34 -23.61 -28.54
N SER C 138 -8.29 -22.94 -29.18
CA SER C 138 -7.98 -21.86 -30.11
C SER C 138 -7.40 -20.65 -29.39
N TYR C 139 -7.72 -20.51 -28.12
CA TYR C 139 -7.22 -19.39 -27.33
C TYR C 139 -6.06 -19.83 -26.44
N GLY C 140 -5.73 -21.11 -26.50
CA GLY C 140 -4.65 -21.66 -25.70
C GLY C 140 -4.96 -21.70 -24.23
N ILE C 141 -6.24 -21.81 -23.91
CA ILE C 141 -6.67 -21.86 -22.51
C ILE C 141 -7.36 -23.19 -22.20
N PRO C 142 -7.35 -23.62 -20.92
CA PRO C 142 -7.98 -24.86 -20.51
C PRO C 142 -9.47 -24.69 -20.24
N PHE C 143 -10.21 -25.80 -20.29
CA PHE C 143 -11.65 -25.77 -20.06
C PHE C 143 -12.02 -26.69 -18.90
N ILE C 144 -12.89 -26.21 -18.03
CA ILE C 144 -13.34 -26.98 -16.88
C ILE C 144 -14.86 -26.91 -16.74
N GLU C 145 -15.51 -28.06 -16.64
CA GLU C 145 -16.95 -28.12 -16.44
C GLU C 145 -17.22 -27.80 -14.98
N THR C 146 -18.13 -26.88 -14.72
CA THR C 146 -18.39 -26.48 -13.35
C THR C 146 -19.89 -26.36 -13.03
N SER C 147 -20.23 -26.63 -11.78
CA SER C 147 -21.59 -26.54 -11.30
C SER C 147 -21.58 -26.01 -9.87
N ALA C 148 -22.28 -24.91 -9.64
CA ALA C 148 -22.33 -24.30 -8.32
C ALA C 148 -23.19 -25.14 -7.37
N LYS C 149 -24.01 -26.02 -7.92
CA LYS C 149 -24.88 -26.86 -7.12
C LYS C 149 -24.08 -27.93 -6.38
N THR C 150 -23.40 -28.78 -7.14
CA THR C 150 -22.61 -29.85 -6.54
C THR C 150 -21.17 -29.40 -6.26
N ARG C 151 -20.86 -28.15 -6.62
CA ARG C 151 -19.53 -27.58 -6.44
C ARG C 151 -18.48 -28.34 -7.26
N GLN C 152 -18.94 -28.96 -8.34
CA GLN C 152 -18.05 -29.72 -9.20
C GLN C 152 -17.20 -28.79 -10.05
N GLY C 153 -15.88 -28.90 -9.90
CA GLY C 153 -14.95 -28.09 -10.67
C GLY C 153 -14.80 -26.67 -10.17
N VAL C 154 -15.53 -26.31 -9.12
CA VAL C 154 -15.46 -24.96 -8.57
C VAL C 154 -14.08 -24.64 -8.00
N ASP C 155 -13.55 -25.55 -7.19
CA ASP C 155 -12.25 -25.36 -6.57
C ASP C 155 -11.13 -25.36 -7.60
N ASP C 156 -11.11 -26.39 -8.43
CA ASP C 156 -10.08 -26.54 -9.45
C ASP C 156 -10.07 -25.40 -10.47
N ALA C 157 -11.25 -24.86 -10.78
CA ALA C 157 -11.35 -23.76 -11.74
C ALA C 157 -10.50 -22.57 -11.29
N PHE C 158 -10.64 -22.21 -10.02
CA PHE C 158 -9.88 -21.10 -9.46
C PHE C 158 -8.40 -21.46 -9.34
N TYR C 159 -8.14 -22.70 -8.93
CA TYR C 159 -6.77 -23.17 -8.76
C TYR C 159 -6.02 -23.16 -10.09
N THR C 160 -6.69 -23.61 -11.14
CA THR C 160 -6.10 -23.65 -12.47
C THR C 160 -5.71 -22.25 -12.91
N LEU C 161 -6.56 -21.28 -12.62
CA LEU C 161 -6.29 -19.90 -12.98
C LEU C 161 -5.00 -19.42 -12.31
N VAL C 162 -4.86 -19.72 -11.02
CA VAL C 162 -3.66 -19.36 -10.27
C VAL C 162 -2.44 -20.06 -10.86
N ARG C 163 -2.63 -21.32 -11.27
CA ARG C 163 -1.57 -22.10 -11.87
C ARG C 163 -1.12 -21.47 -13.19
N GLU C 164 -2.08 -20.96 -13.96
CA GLU C 164 -1.79 -20.31 -15.23
C GLU C 164 -1.02 -19.02 -14.98
N ILE C 165 -1.48 -18.25 -13.99
CA ILE C 165 -0.83 -17.00 -13.63
C ILE C 165 0.61 -17.25 -13.21
N ARG C 166 0.82 -18.26 -12.38
CA ARG C 166 2.15 -18.62 -11.91
C ARG C 166 3.06 -19.04 -13.06
N LYS C 167 2.51 -19.82 -13.99
CA LYS C 167 3.28 -20.26 -15.16
C LYS C 167 3.65 -19.06 -16.02
N HIS C 168 2.70 -18.15 -16.17
CA HIS C 168 2.92 -16.95 -16.97
C HIS C 168 4.00 -16.07 -16.34
N LYS C 169 4.01 -16.01 -15.02
CA LYS C 169 5.01 -15.20 -14.31
C LYS C 169 6.40 -15.76 -14.53
N GLU C 170 6.52 -17.08 -14.58
CA GLU C 170 7.80 -17.73 -14.82
C GLU C 170 8.24 -17.44 -16.24
N LYS C 171 7.27 -17.40 -17.15
CA LYS C 171 7.52 -17.12 -18.55
C LYS C 171 8.17 -15.75 -18.71
N MET C 172 7.62 -14.76 -18.01
CA MET C 172 8.15 -13.40 -18.06
C MET C 172 9.54 -13.33 -17.46
N SER C 173 9.78 -14.16 -16.45
CA SER C 173 11.08 -14.21 -15.79
C SER C 173 12.13 -14.83 -16.71
N LYS C 174 11.71 -15.81 -17.50
CA LYS C 174 12.59 -16.47 -18.44
C LYS C 174 12.76 -15.65 -19.71
N ASP C 175 11.64 -15.18 -20.23
CA ASP C 175 11.64 -14.39 -21.46
C ASP C 175 11.07 -13.00 -21.20
N GLY C 176 11.95 -12.02 -21.13
CA GLY C 176 11.53 -10.66 -20.88
C GLY C 176 12.69 -9.69 -21.02
N LYS C 177 13.63 -9.77 -20.09
CA LYS C 177 14.81 -8.92 -20.10
C LYS C 177 15.70 -9.24 -21.30
N LYS C 178 16.09 -8.21 -22.03
CA LYS C 178 16.93 -8.39 -23.20
C LYS C 178 18.32 -8.89 -22.78
N LYS C 179 18.98 -9.60 -23.68
CA LYS C 179 20.30 -10.17 -23.44
C LYS C 179 20.24 -11.25 -22.36
N LYS C 180 20.05 -12.49 -22.78
CA LYS C 180 19.99 -13.59 -21.86
C LYS C 180 21.27 -14.40 -21.94
N LYS C 181 22.04 -14.39 -20.86
CA LYS C 181 23.30 -15.11 -20.79
C LYS C 181 23.11 -16.62 -20.73
N LYS C 182 21.85 -17.05 -20.74
CA LYS C 182 21.46 -18.45 -20.71
C LYS C 182 21.70 -19.10 -19.35
N SER C 183 22.97 -19.20 -18.96
CA SER C 183 23.32 -19.79 -17.67
C SER C 183 22.89 -18.88 -16.53
N LYS C 184 22.21 -19.46 -15.55
CA LYS C 184 21.74 -18.71 -14.39
C LYS C 184 22.87 -18.52 -13.41
N THR C 185 23.83 -19.44 -13.44
CA THR C 185 24.98 -19.38 -12.54
C THR C 185 26.27 -19.27 -13.36
N LYS C 186 27.14 -18.35 -12.97
CA LYS C 186 28.41 -18.15 -13.65
C LYS C 186 29.38 -19.29 -13.34
N CYS C 187 30.36 -19.47 -14.21
CA CYS C 187 31.36 -20.51 -14.02
C CYS C 187 32.44 -20.06 -13.05
C1 PCW D . 9.41 -1.37 -16.54
C2 PCW D . 10.28 -0.10 -16.16
C3 PCW D . 11.22 0.27 -17.35
C4 PCW D . 6.74 -3.65 -14.98
C5 PCW D . 5.51 -4.56 -15.00
C6 PCW D . 5.43 -7.06 -15.43
C7 PCW D . 5.36 -6.20 -13.14
C8 PCW D . 4.10 -5.96 -14.48
C11 PCW D . 13.33 1.41 -17.29
C12 PCW D . 13.95 2.70 -16.85
C13 PCW D . 13.37 3.86 -17.75
C14 PCW D . 13.90 5.25 -17.45
C15 PCW D . 13.54 6.36 -18.49
C16 PCW D . 14.83 6.99 -19.12
C17 PCW D . 15.81 6.02 -19.86
C18 PCW D . 17.14 6.68 -20.24
C19 PCW D . 18.20 6.63 -19.11
C20 PCW D . 18.58 7.76 -18.39
C21 PCW D . 18.15 9.17 -18.46
C22 PCW D . 18.39 9.79 -17.05
C23 PCW D . 18.43 11.33 -16.94
C24 PCW D . 17.18 12.02 -16.52
C25 PCW D . 16.27 12.74 -17.56
C26 PCW D . 15.05 13.47 -17.01
C27 PCW D . 15.28 14.79 -16.26
C28 PCW D . 15.17 15.95 -17.22
C31 PCW D . 9.67 1.74 -14.81
C32 PCW D . 8.68 2.92 -14.68
C33 PCW D . 8.46 3.47 -13.20
C34 PCW D . 9.59 4.35 -12.70
C35 PCW D . 8.95 5.79 -12.49
C36 PCW D . 9.83 6.71 -11.61
C37 PCW D . 9.26 8.14 -11.35
C38 PCW D . 10.03 9.19 -12.09
C39 PCW D . 9.49 10.58 -11.86
C40 PCW D . 9.86 11.45 -10.93
C41 PCW D . 10.94 11.18 -9.90
C42 PCW D . 10.23 11.00 -8.48
C43 PCW D . 10.43 12.06 -7.42
C44 PCW D . 9.64 11.63 -6.19
C45 PCW D . 9.70 12.56 -5.02
C46 PCW D . 8.41 13.29 -4.76
C47 PCW D . 8.51 14.79 -4.62
C48 PCW D . 7.12 15.40 -4.36
N PCW D . 5.60 -5.90 -14.54
O2 PCW D . 9.38 1.07 -15.92
O3 PCW D . 12.00 1.42 -17.00
O11 PCW D . 13.91 0.51 -17.83
O31 PCW D . 10.59 1.46 -13.97
O1P PCW D . 7.40 -0.86 -14.58
O2P PCW D . 5.66 -0.50 -16.33
O3P PCW D . 8.09 -1.05 -17.01
O4P PCW D . 6.57 -2.71 -16.07
P PCW D . 6.89 -1.23 -15.94
C1 PCW E . -1.26 7.92 -27.20
C2 PCW E . -0.68 9.37 -26.97
C3 PCW E . -1.61 10.44 -27.63
C4 PCW E . 0.10 3.57 -26.94
C5 PCW E . -0.90 2.42 -26.79
C6 PCW E . 0.27 0.34 -25.86
C7 PCW E . -1.79 1.18 -24.83
C8 PCW E . -1.57 0.50 -26.54
C11 PCW E . -1.92 12.82 -27.43
C12 PCW E . -1.14 14.08 -27.16
C13 PCW E . -0.08 14.28 -28.31
C14 PCW E . 0.79 15.54 -28.17
C15 PCW E . 1.73 15.85 -29.36
C16 PCW E . 2.99 16.65 -28.89
C17 PCW E . 2.90 18.21 -28.87
C18 PCW E . 3.63 18.87 -30.04
C19 PCW E . 2.67 19.50 -31.07
C20 PCW E . 3.11 20.36 -32.07
C21 PCW E . 4.45 20.88 -32.43
C22 PCW E . 4.29 22.42 -32.64
C23 PCW E . 4.79 23.35 -31.50
C24 PCW E . 3.75 24.10 -30.73
C25 PCW E . 2.97 23.41 -29.56
C26 PCW E . 1.65 24.04 -29.17
C27 PCW E . 1.51 24.53 -27.71
C28 PCW E . 0.47 25.63 -27.63
C31 PCW E . 0.57 10.06 -25.08
C32 PCW E . 0.46 10.33 -23.57
C33 PCW E . 0.69 11.86 -23.12
C34 PCW E . 2.15 12.29 -23.18
C35 PCW E . 2.19 13.75 -22.59
C36 PCW E . 2.42 14.83 -23.66
C37 PCW E . 2.46 16.30 -23.14
C38 PCW E . 3.85 16.76 -22.87
C39 PCW E . 3.90 18.18 -22.35
C40 PCW E . 4.14 18.56 -21.09
C41 PCW E . 4.39 17.61 -19.95
C42 PCW E . 4.98 18.44 -18.72
C43 PCW E . 4.37 18.22 -17.35
C44 PCW E . 5.11 19.12 -16.38
C45 PCW E . 4.55 20.52 -16.24
C46 PCW E . 5.31 21.37 -15.28
C47 PCW E . 5.40 22.85 -15.59
C48 PCW E . 6.19 23.60 -14.51
N PCW E . -0.71 1.44 -25.76
O2 PCW E . -0.63 9.67 -25.51
O3 PCW E . -1.07 11.75 -27.41
O11 PCW E . -3.09 12.76 -27.63
O31 PCW E . 1.60 10.20 -25.78
O1P PCW E . -1.59 4.90 -24.97
O2P PCW E . -2.89 5.59 -26.98
O3P PCW E . -0.84 6.94 -26.23
O4P PCW E . -0.67 4.76 -27.30
P PCW E . -1.56 5.51 -26.34
C1 PCW F . -26.83 -16.23 19.68
C2 PCW F . -26.30 -15.03 20.56
C3 PCW F . -25.59 -15.57 21.85
C4 PCW F . -22.66 -16.36 17.46
C5 PCW F . -21.86 -16.87 18.65
C6 PCW F . -20.19 -18.80 18.72
C7 PCW F . -19.42 -16.48 18.46
C8 PCW F . -20.28 -17.24 19.91
C11 PCW F . -23.79 -14.15 22.59
C12 PCW F . -23.52 -12.97 23.48
C13 PCW F . -23.65 -13.46 24.97
C14 PCW F . -23.41 -12.38 26.03
C15 PCW F . -24.65 -11.98 26.88
C16 PCW F . -24.48 -10.53 27.46
C17 PCW F . -23.87 -10.40 28.90
C18 PCW F . -23.27 -9.03 29.19
C19 PCW F . -21.82 -9.10 29.70
C20 PCW F . -21.36 -8.31 30.75
C21 PCW F . -22.04 -7.30 31.60
C22 PCW F . -21.42 -5.91 31.23
C23 PCW F . -20.20 -5.43 32.06
C24 PCW F . -19.99 -3.96 32.18
C25 PCW F . -19.29 -3.15 31.06
C26 PCW F . -20.12 -2.12 30.33
C27 PCW F . -19.63 -1.61 28.96
C28 PCW F . -19.11 -0.20 29.08
C31 PCW F . -25.74 -13.08 19.33
C32 PCW F . -24.60 -12.38 18.57
C33 PCW F . -23.98 -11.09 19.29
C34 PCW F . -24.83 -9.82 19.10
C35 PCW F . -25.20 -9.34 20.56
C36 PCW F . -24.65 -7.93 20.88
C37 PCW F . -24.99 -7.39 22.30
C38 PCW F . -25.59 -6.02 22.26
C39 PCW F . -25.92 -5.48 23.62
C40 PCW F . -27.01 -4.79 23.98
C41 PCW F . -28.13 -4.42 23.02
C42 PCW F . -28.11 -2.85 22.82
C43 PCW F . -28.68 -1.97 23.92
C44 PCW F . -28.53 -0.52 23.47
C45 PCW F . -28.71 0.52 24.54
C46 PCW F . -28.37 1.91 24.11
C47 PCW F . -26.96 2.37 24.38
C48 PCW F . -26.74 3.81 23.89
N PCW F . -20.55 -17.39 18.45
O2 PCW F . -25.29 -14.23 19.79
O3 PCW F . -25.12 -14.46 22.64
O11 PCW F . -22.97 -14.73 21.93
O31 PCW F . -26.91 -12.61 19.48
O1P PCW F . -25.15 -17.65 16.71
O2P PCW F . -26.10 -15.39 17.07
O3P PCW F . -25.78 -17.01 19.06
O4P PCW F . -23.93 -15.86 17.97
P PCW F . -25.26 -16.48 17.62
C1 PCW G . 29.10 -18.03 -4.39
C2 PCW G . 29.23 -16.50 -4.02
C3 PCW G . 30.32 -15.82 -4.92
C4 PCW G . 29.53 -20.97 -7.08
C5 PCW G . 29.59 -21.32 -8.57
C6 PCW G . 31.49 -20.83 -10.18
C7 PCW G . 31.24 -23.06 -9.20
C8 PCW G . 30.09 -22.19 -10.35
C11 PCW G . 31.05 -13.61 -5.48
C12 PCW G . 31.07 -12.20 -4.94
C13 PCW G . 29.93 -11.38 -5.67
C14 PCW G . 29.82 -9.92 -5.23
C15 PCW G . 28.39 -9.30 -5.34
C16 PCW G . 28.04 -8.50 -4.03
C17 PCW G . 26.52 -8.32 -3.68
C18 PCW G . 26.27 -7.33 -2.54
C19 PCW G . 25.83 -5.94 -3.04
C20 PCW G . 26.27 -4.76 -2.45
C21 PCW G . 27.19 -4.50 -1.31
C22 PCW G . 28.49 -3.90 -1.92
C23 PCW G . 29.82 -4.62 -1.59
C24 PCW G . 30.26 -5.72 -2.51
C25 PCW G . 31.37 -5.50 -3.57
C26 PCW G . 30.98 -5.69 -5.02
C27 PCW G . 31.74 -6.75 -5.84
C28 PCW G . 31.42 -6.60 -7.31
C31 PCW G . 27.08 -15.83 -3.27
C32 PCW G . 25.81 -15.09 -3.71
C33 PCW G . 25.69 -13.56 -3.21
C34 PCW G . 26.80 -12.67 -3.74
C35 PCW G . 27.38 -11.92 -2.48
C36 PCW G . 28.78 -12.41 -2.07
C37 PCW G . 29.40 -11.71 -0.83
C38 PCW G . 30.18 -10.49 -1.21
C39 PCW G . 30.80 -9.80 -0.02
C40 PCW G . 30.34 -8.71 0.58
C41 PCW G . 29.08 -7.96 0.15
C42 PCW G . 28.48 -7.23 1.42
C43 PCW G . 26.97 -7.06 1.51
C44 PCW G . 26.67 -6.32 2.82
C45 PCW G . 25.77 -5.13 2.69
C46 PCW G . 26.26 -3.92 3.44
C47 PCW G . 25.24 -2.84 3.69
C48 PCW G . 25.85 -1.67 4.47
N PCW G . 30.83 -21.67 -9.17
O2 PCW G . 27.94 -15.80 -4.28
O3 PCW G . 30.43 -14.43 -4.59
O11 PCW G . 31.49 -13.95 -6.54
O31 PCW G . 27.26 -16.38 -2.14
O1P PCW G . 28.35 -20.68 -4.45
O2P PCW G . 26.28 -20.16 -5.76
O3P PCW G . 28.01 -18.31 -5.28
O4P PCW G . 28.39 -20.09 -6.90
P PCW G . 27.72 -19.88 -5.56
C1 PCW H . 2.48 7.04 -25.01
C2 PCW H . 3.90 7.53 -24.53
C3 PCW H . 3.76 8.83 -23.66
C4 PCW H . 5.17 7.11 -28.04
C5 PCW H . 6.00 8.35 -27.70
C6 PCW H . 5.65 9.48 -29.96
C7 PCW H . 6.53 10.75 -28.06
C8 PCW H . 7.31 9.31 -28.93
C11 PCW H . 5.81 10.00 -24.10
C12 PCW H . 7.15 10.32 -23.45
C13 PCW H . 7.95 11.26 -24.43
C14 PCW H . 9.33 11.68 -23.92
C15 PCW H . 9.72 13.16 -24.16
C16 PCW H . 10.35 13.35 -25.59
C17 PCW H . 11.63 14.24 -25.70
C18 PCW H . 11.43 15.69 -25.27
C19 PCW H . 12.53 16.63 -25.76
C20 PCW H . 13.38 17.31 -24.88
C21 PCW H . 13.45 17.35 -23.40
C22 PCW H . 14.58 18.35 -23.04
C23 PCW H . 15.69 17.85 -22.08
C24 PCW H . 15.56 18.23 -20.63
C25 PCW H . 16.48 19.32 -20.01
C26 PCW H . 15.85 20.68 -19.79
C27 PCW H . 16.33 21.86 -20.68
C28 PCW H . 17.38 22.67 -19.95
C31 PCW H . 5.75 6.13 -24.07
C32 PCW H . 6.28 5.07 -23.09
C33 PCW H . 7.50 5.52 -22.16
C34 PCW H . 7.33 6.91 -21.55
C35 PCW H . 6.29 6.73 -20.38
C36 PCW H . 6.96 6.62 -18.99
C37 PCW H . 5.98 6.44 -17.79
C38 PCW H . 6.58 5.65 -16.68
C39 PCW H . 5.65 5.47 -15.51
C40 PCW H . 5.53 6.26 -14.44
C41 PCW H . 6.36 7.51 -14.22
C42 PCW H . 5.48 8.55 -13.40
C43 PCW H . 5.60 8.58 -11.89
C44 PCW H . 4.66 9.65 -11.38
C45 PCW H . 3.44 9.14 -10.64
C46 PCW H . 2.34 10.16 -10.50
C47 PCW H . 1.13 9.97 -11.37
C48 PCW H . 0.08 11.08 -11.13
N PCW H . 5.89 9.52 -28.50
O2 PCW H . 4.54 6.49 -23.67
O3 PCW H . 5.06 9.26 -23.23
O11 PCW H . 5.47 10.35 -25.19
O31 PCW H . 6.38 6.59 -25.07
O1P PCW H . 3.15 5.01 -28.18
O2P PCW H . 1.58 6.94 -28.09
O3P PCW H . 2.52 5.91 -25.92
O4P PCW H . 3.85 7.31 -27.44
P PCW H . 2.75 6.27 -27.48
C1 PCW I . 8.85 -13.05 3.17
C2 PCW I . 8.38 -12.05 4.31
C3 PCW I . 9.16 -12.37 5.63
C4 PCW I . 8.44 -15.52 -1.06
C5 PCW I . 7.74 -16.88 -1.00
C6 PCW I . 6.20 -17.65 0.90
C7 PCW I . 5.27 -16.87 -1.23
C8 PCW I . 6.33 -18.36 -0.95
C11 PCW I . 8.12 -11.99 7.76
C12 PCW I . 7.77 -10.89 8.73
C13 PCW I . 9.00 -10.69 9.70
C14 PCW I . 8.82 -9.60 10.75
C15 PCW I . 9.51 -9.87 12.12
C16 PCW I . 10.53 -8.73 12.47
C17 PCW I . 11.82 -9.12 13.27
C18 PCW I . 11.88 -8.49 14.66
C19 PCW I . 12.82 -7.27 14.72
C20 PCW I . 13.68 -7.04 15.79
C21 PCW I . 13.93 -7.79 17.05
C22 PCW I . 15.23 -8.62 16.83
C23 PCW I . 15.30 -10.03 17.48
C24 PCW I . 16.26 -10.20 18.61
C25 PCW I . 16.48 -11.59 19.28
C26 PCW I . 17.64 -12.42 18.76
C27 PCW I . 18.31 -13.42 19.72
C28 PCW I . 19.75 -13.03 19.95
C31 PCW I . 7.90 -10.11 3.02
C32 PCW I . 8.37 -8.66 2.75
C33 PCW I . 9.85 -8.52 2.16
C34 PCW I . 9.98 -9.02 0.73
C35 PCW I . 10.51 -7.77 -0.11
C36 PCW I . 11.50 -8.19 -1.22
C37 PCW I . 12.06 -7.01 -2.10
C38 PCW I . 13.51 -6.77 -1.83
C39 PCW I . 14.06 -5.63 -2.67
C40 PCW I . 14.86 -4.65 -2.25
C41 PCW I . 15.35 -4.50 -0.82
C42 PCW I . 15.28 -2.95 -0.45
C43 PCW I . 14.67 -2.56 0.89
C44 PCW I . 14.72 -1.05 0.98
C45 PCW I . 14.86 -0.49 2.38
C46 PCW I . 16.11 0.32 2.59
C47 PCW I . 17.26 -0.39 3.27
C48 PCW I . 18.48 0.54 3.42
N PCW I . 6.44 -16.97 -0.39
O2 PCW I . 8.71 -10.64 3.93
O3 PCW I . 8.74 -11.47 6.66
O11 PCW I . 7.89 -13.16 7.94
O31 PCW I . 6.92 -10.67 2.47
O1P PCW I . 7.32 -12.74 -0.07
O2P PCW I . 6.78 -14.52 0.76
O3P PCW I . 7.76 -13.59 2.39
O4P PCW I . 8.56 -15.06 0.32
P PCW I . 8.04 -13.73 0.82
C1 PCW J . 21.02 -12.14 -4.09
C2 PCW J . 20.79 -10.78 -3.34
C3 PCW J . 21.06 -10.97 -1.80
C4 PCW J . 17.56 -10.64 -5.97
C5 PCW J . 16.20 -11.31 -6.13
C6 PCW J . 15.06 -9.89 -7.72
C7 PCW J . 14.35 -12.10 -7.42
C8 PCW J . 16.31 -11.78 -8.55
C11 PCW J . 21.35 -9.60 0.15
C12 PCW J . 21.00 -8.23 0.69
C13 PCW J . 22.35 -7.46 0.94
C14 PCW J . 22.19 -6.05 1.50
C15 PCW J . 22.17 -4.90 0.45
C16 PCW J . 20.79 -4.13 0.50
C17 PCW J . 20.74 -2.73 -0.18
C18 PCW J . 20.51 -1.58 0.81
C19 PCW J . 20.98 -0.22 0.26
C20 PCW J . 22.29 0.23 0.38
C21 PCW J . 23.49 -0.38 0.99
C22 PCW J . 24.48 -0.70 -0.18
C23 PCW J . 25.95 -0.24 -0.01
C24 PCW J . 26.86 -1.16 0.75
C25 PCW J . 28.40 -0.99 0.69
C26 PCW J . 29.18 -1.41 1.92
C27 PCW J . 29.83 -2.81 1.93
C28 PCW J . 31.34 -2.68 1.98
C31 PCW J . 21.25 -8.95 -4.78
C32 PCW J . 22.34 -7.94 -5.18
C33 PCW J . 22.42 -6.62 -4.28
C34 PCW J . 22.31 -5.33 -5.08
C35 PCW J . 21.43 -4.36 -4.20
C36 PCW J . 20.77 -3.23 -5.04
C37 PCW J . 19.89 -2.23 -4.24
C38 PCW J . 20.39 -0.83 -4.34
C39 PCW J . 19.55 0.16 -3.58
C40 PCW J . 19.46 1.47 -3.79
C41 PCW J . 20.22 2.22 -4.86
C42 PCW J . 20.51 3.69 -4.32
C43 PCW J . 21.63 4.49 -4.97
C44 PCW J . 21.68 5.83 -4.27
C45 PCW J . 22.05 6.99 -5.15
C46 PCW J . 22.29 8.27 -4.40
C47 PCW J . 23.36 9.20 -4.96
C48 PCW J . 23.50 10.45 -4.09
N PCW J . 15.52 -11.27 -7.39
O2 PCW J . 21.74 -9.74 -3.82
O3 PCW J . 20.84 -9.73 -1.11
O11 PCW J . 21.96 -10.45 0.73
O31 PCW J . 20.09 -9.02 -5.30
O1P PCW J . 19.31 -12.32 -7.53
O2P PCW J . 19.02 -13.89 -5.62
O3P PCW J . 20.82 -12.05 -5.52
O4P PCW J . 18.43 -11.60 -5.30
P PCW J . 19.37 -12.51 -6.05
C1 PCW K . -28.51 10.36 -12.61
C2 PCW K . -28.27 11.85 -12.11
C3 PCW K . -29.61 12.65 -12.09
C4 PCW K . -28.53 6.57 -9.46
C5 PCW K . -27.45 5.50 -9.61
C6 PCW K . -27.48 4.92 -7.26
C7 PCW K . -26.14 3.70 -8.73
C8 PCW K . -28.39 3.35 -8.84
C11 PCW K . -30.39 14.87 -11.65
C12 PCW K . -29.91 16.19 -11.10
C13 PCW K . -30.65 16.42 -9.72
C14 PCW K . -30.29 17.73 -9.00
C15 PCW K . -30.76 19.05 -9.68
C16 PCW K . -31.75 19.85 -8.76
C17 PCW K . -31.26 20.19 -7.31
C18 PCW K . -30.44 21.48 -7.24
C19 PCW K . -29.47 21.51 -6.03
C20 PCW K . -29.34 22.62 -5.21
C21 PCW K . -29.99 23.96 -5.22
C22 PCW K . -29.65 24.62 -3.85
C23 PCW K . -29.10 26.06 -3.87
C24 PCW K . -27.74 26.27 -3.29
C25 PCW K . -26.65 27.07 -4.07
C26 PCW K . -25.61 27.79 -3.24
C27 PCW K . -25.83 29.30 -2.97
C28 PCW K . -24.73 30.11 -3.61
C31 PCW K . -26.52 12.36 -10.61
C32 PCW K . -26.09 12.30 -9.14
C33 PCW K . -25.52 10.88 -8.65
C34 PCW K . -24.27 11.00 -7.78
C35 PCW K . -24.68 11.89 -6.54
C36 PCW K . -23.88 13.20 -6.46
C37 PCW K . -24.24 14.14 -5.26
C38 PCW K . -25.47 14.94 -5.53
C39 PCW K . -25.85 15.85 -4.40
C40 PCW K . -26.95 16.58 -4.29
C41 PCW K . -28.05 16.63 -5.34
C42 PCW K . -27.90 17.98 -6.17
C43 PCW K . -26.98 18.00 -7.37
C44 PCW K . -27.03 19.41 -7.95
C45 PCW K . -25.74 20.19 -7.84
C46 PCW K . -25.94 21.62 -7.39
C47 PCW K . -24.82 22.23 -6.59
C48 PCW K . -25.14 23.67 -6.20
N PCW K . -27.37 4.43 -8.65
O2 PCW K . -27.73 11.85 -10.72
O3 PCW K . -29.36 13.98 -11.62
O11 PCW K . -31.50 14.64 -12.04
O31 PCW K . -25.81 12.83 -11.56
O1P PCW K . -29.75 9.19 -9.71
O2P PCW K . -30.46 8.32 -11.94
O3P PCW K . -28.13 9.36 -11.65
O4P PCW K . -28.72 7.16 -10.78
P PCW K . -29.35 8.52 -11.00
C1 PCW L . -1.60 -9.95 5.25
C2 PCW L . -0.61 -8.75 5.51
C3 PCW L . 0.26 -8.48 4.24
C4 PCW L . -3.83 -7.84 3.07
C5 PCW L . -4.83 -6.73 2.77
C6 PCW L . -6.31 -5.50 1.31
C7 PCW L . -5.37 -7.48 0.55
C8 PCW L . -3.99 -5.67 0.69
C11 PCW L . 1.14 -6.35 3.61
C12 PCW L . 2.13 -5.31 4.06
C13 PCW L . 1.33 -4.10 4.66
C14 PCW L . 2.18 -2.94 5.17
C15 PCW L . 1.62 -1.52 4.88
C16 PCW L . 2.56 -0.40 5.46
C17 PCW L . 2.68 0.93 4.65
C18 PCW L . 4.13 1.31 4.31
C19 PCW L . 4.38 1.44 2.79
C20 PCW L . 5.62 1.20 2.23
C21 PCW L . 6.93 0.81 2.80
C22 PCW L . 7.85 0.44 1.61
C23 PCW L . 9.33 0.94 1.66
C24 PCW L . 10.31 0.09 2.41
C25 PCW L . 10.36 0.09 3.96
C26 PCW L . 10.38 1.45 4.63
C27 PCW L . 9.59 1.62 5.95
C28 PCW L . 10.23 2.68 6.81
C31 PCW L . -1.40 -7.15 7.08
C32 PCW L . -2.23 -5.86 7.20
C33 PCW L . -2.75 -5.53 8.68
C34 PCW L . -2.53 -4.07 9.08
C35 PCW L . -3.13 -3.94 10.54
C36 PCW L . -2.99 -2.50 11.10
C37 PCW L . -3.56 -2.29 12.55
C38 PCW L . -2.48 -2.36 13.59
C39 PCW L . -3.01 -2.16 14.98
C40 PCW L . -3.14 -3.08 15.92
C41 PCW L . -2.78 -4.55 15.76
C42 PCW L . -1.28 -4.76 16.28
C43 PCW L . -0.93 -6.04 17.01
C44 PCW L . 0.54 -5.96 17.37
C45 PCW L . 1.40 -7.07 16.81
C46 PCW L . 2.48 -6.57 15.90
C47 PCW L . 2.18 -6.59 14.42
C48 PCW L . 3.37 -6.08 13.60
N PCW L . -5.11 -6.37 1.40
O2 PCW L . -1.39 -7.51 5.79
O3 PCW L . 1.15 -7.39 4.49
O11 PCW L . 0.45 -6.27 2.63
O31 PCW L . -0.83 -7.75 8.03
O1P PCW L . -4.07 -10.63 3.86
O2P PCW L . -5.44 -9.69 5.71
O3P PCW L . -2.88 -9.81 5.91
O4P PCW L . -4.02 -8.20 4.47
P PCW L . -4.16 -9.63 4.96
C1 PCW M . -18.64 9.30 -17.90
C2 PCW M . -18.17 10.68 -17.27
C3 PCW M . -19.01 11.00 -15.99
C4 PCW M . -16.89 8.13 -14.41
C5 PCW M . -15.62 8.82 -13.93
C6 PCW M . -15.74 9.68 -11.54
C7 PCW M . -14.02 8.06 -12.20
C8 PCW M . -14.23 9.81 -12.79
C11 PCW M . -17.89 12.22 -14.25
C12 PCW M . -17.50 13.62 -13.86
C13 PCW M . -18.59 14.16 -12.85
C14 PCW M . -18.34 15.58 -12.34
C15 PCW M . -18.38 15.77 -10.80
C16 PCW M . -18.25 17.29 -10.41
C17 PCW M . -19.34 17.87 -9.44
C18 PCW M . -19.29 17.26 -8.04
C19 PCW M . -20.48 16.31 -7.77
C20 PCW M . -20.58 15.55 -6.60
C21 PCW M . -19.71 15.43 -5.41
C22 PCW M . -20.49 14.59 -4.35
C23 PCW M . -20.68 15.22 -2.95
C24 PCW M . -21.94 14.86 -2.23
C25 PCW M . -22.56 15.85 -1.19
C26 PCW M . -22.77 15.31 0.21
C27 PCW M . -23.84 14.21 0.40
C28 PCW M . -23.94 13.84 1.86
C31 PCW M . -15.88 10.86 -17.85
C32 PCW M . -14.45 10.74 -17.29
C33 PCW M . -13.61 12.11 -17.27
C34 PCW M . -14.09 13.10 -16.21
C35 PCW M . -13.36 14.47 -16.55
C36 PCW M . -13.28 15.42 -15.33
C37 PCW M . -12.57 16.78 -15.59
C38 PCW M . -13.39 17.93 -15.12
C39 PCW M . -12.72 19.26 -15.37
C40 PCW M . -12.92 20.40 -14.69
C41 PCW M . -13.90 20.53 -13.52
C42 PCW M . -13.41 21.73 -12.60
C43 PCW M . -14.39 22.31 -11.59
C44 PCW M . -13.66 23.43 -10.85
C45 PCW M . -14.55 24.42 -10.16
C46 PCW M . -13.82 25.39 -9.29
C47 PCW M . -14.64 26.51 -8.67
C48 PCW M . -13.78 27.43 -7.81
N PCW M . -15.24 8.73 -12.56
O2 PCW M . -16.74 10.59 -16.86
O3 PCW M . -18.56 12.25 -15.43
O11 PCW M . -17.63 11.23 -13.62
O31 PCW M . -16.18 11.16 -19.04
O1P PCW M . -19.10 7.24 -16.12
O2P PCW M . -17.31 5.84 -17.16
O3P PCW M . -17.62 8.27 -17.90
O4P PCW M . -16.63 7.66 -15.77
P PCW M . -17.71 7.19 -16.71
C1 PCW N . 3.58 -11.64 7.36
C2 PCW N . 3.42 -10.11 7.01
C3 PCW N . 2.53 -9.41 8.10
C4 PCW N . 1.96 -15.25 6.24
C5 PCW N . 2.30 -16.74 6.24
C6 PCW N . 1.75 -19.08 6.41
C7 PCW N . 0.66 -17.77 4.82
C8 PCW N . 0.05 -17.47 6.99
C11 PCW N . 2.90 -7.11 8.65
C12 PCW N . 2.64 -5.72 8.15
C13 PCW N . 1.69 -4.99 9.16
C14 PCW N . 1.32 -3.55 8.80
C15 PCW N . 2.35 -2.46 9.23
C16 PCW N . 1.81 -1.65 10.46
C17 PCW N . 2.83 -0.75 11.24
C18 PCW N . 2.68 0.74 10.94
C19 PCW N . 3.47 1.62 11.94
C20 PCW N . 2.86 2.64 12.66
C21 PCW N . 1.48 3.15 12.71
C22 PCW N . 0.88 2.68 14.07
C23 PCW N . -0.18 1.53 14.03
C24 PCW N . 0.00 0.42 15.03
C25 PCW N . 0.94 -0.78 14.75
C26 PCW N . 1.41 -1.56 15.96
C27 PCW N . 2.37 -2.75 15.72
C28 PCW N . 3.77 -2.37 16.11
C31 PCW N . 5.29 -9.30 5.79
C32 PCW N . 6.63 -8.59 5.96
C33 PCW N . 6.55 -7.10 6.53
C34 PCW N . 7.09 -6.97 7.96
C35 PCW N . 8.57 -6.45 7.82
C36 PCW N . 9.21 -6.10 9.17
C37 PCW N . 10.68 -5.58 9.11
C38 PCW N . 10.80 -4.19 9.65
C39 PCW N . 12.22 -3.66 9.59
C40 PCW N . 13.01 -3.37 10.62
C41 PCW N . 12.60 -3.51 12.08
C42 PCW N . 13.92 -3.46 12.97
C43 PCW N . 13.78 -3.27 14.47
C44 PCW N . 15.18 -3.26 15.06
C45 PCW N . 15.85 -1.91 15.08
C46 PCW N . 16.70 -1.68 16.29
C47 PCW N . 17.10 -0.24 16.57
C48 PCW N . 17.96 -0.15 17.84
N PCW N . 1.24 -17.71 6.13
O2 PCW N . 4.74 -9.43 7.00
O3 PCW N . 2.39 -8.02 7.78
O11 PCW N . 3.48 -7.38 9.67
O31 PCW N . 4.80 -9.70 4.70
O1P PCW N . 1.74 -12.45 5.51
O2P PCW N . 3.54 -13.05 3.88
O3P PCW N . 4.14 -12.44 6.30
O4P PCW N . 3.12 -14.55 5.70
P PCW N . 3.08 -13.10 5.29
C1 PCW O . -11.52 5.83 -10.03
C2 PCW O . -11.49 7.37 -9.68
C3 PCW O . -11.77 7.58 -8.15
C4 PCW O . -14.35 2.15 -8.93
C5 PCW O . -15.78 2.05 -9.44
C6 PCW O . -18.14 1.57 -9.16
C7 PCW O . -17.14 3.17 -7.80
C8 PCW O . -16.65 1.00 -7.36
C11 PCW O . -12.77 9.77 -8.27
C12 PCW O . -12.54 11.19 -7.81
C13 PCW O . -13.11 11.34 -6.35
C14 PCW O . -12.96 12.74 -5.74
C15 PCW O . -14.28 13.47 -5.41
C16 PCW O . -14.35 14.87 -6.13
C17 PCW O . -15.45 15.87 -5.67
C18 PCW O . -15.57 17.10 -6.57
C19 PCW O . -15.66 18.43 -5.76
C20 PCW O . -14.69 19.42 -5.85
C21 PCW O . -13.43 19.52 -6.63
C22 PCW O . -13.45 20.89 -7.34
C23 PCW O . -12.72 22.07 -6.65
C24 PCW O . -13.57 23.21 -6.16
C25 PCW O . -13.59 23.60 -4.65
C26 PCW O . -13.94 25.05 -4.33
C27 PCW O . -12.97 25.84 -3.44
C28 PCW O . -12.99 27.30 -3.82
C31 PCW O . -10.14 8.81 -10.99
C32 PCW O . -8.69 9.32 -11.16
C33 PCW O . -8.24 9.57 -12.68
C34 PCW O . -6.73 9.52 -12.86
C35 PCW O . -6.23 11.02 -12.69
C36 PCW O . -5.38 11.22 -11.42
C37 PCW O . -4.85 12.68 -11.19
C38 PCW O . -3.60 12.69 -10.37
C39 PCW O . -3.07 14.08 -10.13
C40 PCW O . -2.10 14.44 -9.30
C41 PCW O . -1.35 13.46 -8.41
C42 PCW O . -1.16 14.15 -6.98
C43 PCW O . 0.23 14.20 -6.38
C44 PCW O . 0.10 14.90 -5.03
C45 PCW O . 0.33 16.39 -5.05
C46 PCW O . 1.75 16.79 -4.76
C47 PCW O . 2.45 17.59 -5.82
C48 PCW O . 3.88 17.94 -5.40
N PCW O . -16.87 1.95 -8.49
O2 PCW O . -10.15 7.95 -9.97
O3 PCW O . -11.74 8.99 -7.84
O11 PCW O . -13.73 9.39 -8.89
O31 PCW O . -11.13 9.17 -11.69
O1P PCW O . -14.59 4.97 -8.24
O2P PCW O . -14.23 5.31 -10.68
O3P PCW O . -12.22 5.01 -9.08
O4P PCW O . -13.68 3.17 -9.73
P PCW O . -13.75 4.66 -9.44
C1 PCW P . -18.47 -1.13 5.77
C2 PCW P . -18.86 -1.36 7.29
C3 PCW P . -17.86 -0.61 8.22
C4 PCW P . -17.39 -3.00 2.21
C5 PCW P . -17.38 -2.21 0.91
C6 PCW P . -16.03 -0.11 1.43
C7 PCW P . -15.75 -1.26 -0.71
C8 PCW P . -17.25 -0.42 -0.07
C11 PCW P . -18.55 0.24 10.36
C12 PCW P . -18.89 -0.21 11.75
C13 PCW P . -17.59 -0.09 12.63
C14 PCW P . -17.74 -0.51 14.09
C15 PCW P . -18.19 0.61 15.08
C16 PCW P . -19.20 0.04 16.14
C17 PCW P . -18.95 0.42 17.65
C18 PCW P . -19.71 1.66 18.09
C19 PCW P . -21.24 1.46 18.13
C20 PCW P . -22.03 1.85 19.20
C21 PCW P . -21.71 2.51 20.49
C22 PCW P . -22.55 1.81 21.58
C23 PCW P . -22.09 0.41 22.06
C24 PCW P . -23.14 -0.63 22.24
C25 PCW P . -24.20 -0.53 23.39
C26 PCW P . -23.68 -0.77 24.79
C27 PCW P . -24.04 0.26 25.88
C28 PCW P . -23.13 0.09 27.08
C31 PCW P . -21.21 -1.69 7.46
C32 PCW P . -22.53 -0.95 7.74
C33 PCW P . -22.62 -0.24 9.17
C34 PCW P . -23.08 1.22 9.10
C35 PCW P . -23.34 1.66 10.60
C36 PCW P . -24.38 2.79 10.73
C37 PCW P . -24.67 3.25 12.19
C38 PCW P . -25.99 3.94 12.32
C39 PCW P . -26.28 4.39 13.73
C40 PCW P . -26.26 5.63 14.20
C41 PCW P . -25.93 6.86 13.37
C42 PCW P . -24.86 7.73 14.18
C43 PCW P . -24.53 9.13 13.68
C44 PCW P . -23.50 9.71 14.63
C45 PCW P . -23.69 11.17 14.96
C46 PCW P . -22.95 11.60 16.20
C47 PCW P . -23.80 12.08 17.35
C48 PCW P . -22.93 12.50 18.54
N PCW P . -16.29 -1.31 0.62
O2 PCW P . -20.21 -0.79 7.54
O3 PCW P . -18.22 -0.84 9.59
O11 PCW P . -18.56 1.39 9.98
O31 PCW P . -21.09 -2.91 7.19
O1P PCW P . -17.85 -3.68 5.01
O2P PCW P . -20.20 -4.07 4.23
O3P PCW P . -19.40 -1.69 4.83
O4P PCW P . -18.70 -2.82 2.80
P PCW P . -19.03 -3.15 4.24
C1 PCW Q . -11.50 -6.53 5.77
C2 PCW Q . -11.13 -5.04 5.41
C3 PCW Q . -12.11 -4.06 6.15
C4 PCW Q . -9.18 -10.65 6.68
C5 PCW Q . -7.77 -11.25 6.87
C6 PCW Q . -5.57 -11.29 8.16
C7 PCW Q . -7.38 -9.81 8.87
C8 PCW Q . -7.37 -11.66 8.84
C11 PCW Q . -12.71 -1.74 6.02
C12 PCW Q . -12.15 -0.39 5.65
C13 PCW Q . -12.79 0.03 4.27
C14 PCW Q . -12.32 1.39 3.73
C15 PCW Q . -12.12 1.47 2.19
C16 PCW Q . -10.95 2.46 1.84
C17 PCW Q . -11.28 3.99 1.87
C18 PCW Q . -10.04 4.87 1.92
C19 PCW Q . -9.64 5.26 3.36
C20 PCW Q . -9.95 6.49 3.92
C21 PCW Q . -10.68 7.67 3.39
C22 PCW Q . -9.61 8.63 2.82
C23 PCW Q . -9.77 9.07 1.33
C24 PCW Q . -8.63 9.84 0.73
C25 PCW Q . -7.57 9.13 -0.16
C26 PCW Q . -6.22 9.83 -0.29
C27 PCW Q . -5.41 9.59 -1.57
C28 PCW Q . -5.13 10.89 -2.27
C31 PCW Q . -8.79 -4.97 5.01
C32 PCW Q . -7.44 -4.61 5.67
C33 PCW Q . -6.87 -3.16 5.29
C34 PCW Q . -5.51 -3.21 4.60
C35 PCW Q . -4.46 -2.83 5.72
C36 PCW Q . -3.08 -2.44 5.15
C37 PCW Q . -1.99 -2.05 6.20
C38 PCW Q . -2.06 -0.61 6.57
C39 PCW Q . -1.02 -0.21 7.57
C40 PCW Q . -1.11 0.72 8.52
C41 PCW Q . -2.35 1.58 8.74
C42 PCW Q . -2.01 3.06 8.23
C43 PCW Q . -3.14 3.89 7.65
C44 PCW Q . -2.54 5.24 7.26
C45 PCW Q . -3.54 6.30 6.86
C46 PCW Q . -3.90 7.24 7.97
C47 PCW Q . -4.82 8.39 7.61
C48 PCW Q . -5.11 9.27 8.83
N PCW Q . -6.87 -10.68 7.84
O2 PCW Q . -9.75 -4.73 5.90
O3 PCW Q . -11.76 -2.70 5.83
O11 PCW Q . -13.82 -1.93 6.44
O31 PCW Q . -8.94 -5.43 3.84
O1P PCW Q . -11.45 -9.48 5.32
O2P PCW Q . -9.69 -8.43 3.89
O3P PCW Q . -10.37 -7.36 6.12
O4P PCW Q . -9.04 -9.39 6.00
P PCW Q . -10.18 -8.70 5.26
C1 PCW R . 22.45 -26.93 12.58
C2 PCW R . 23.66 -26.81 13.60
C3 PCW R . 24.90 -27.58 13.04
C4 PCW R . 21.32 -24.29 8.67
C5 PCW R . 22.21 -24.64 7.47
C6 PCW R . 22.93 -26.02 5.63
C7 PCW R . 20.65 -25.82 6.07
C8 PCW R . 21.89 -27.10 7.52
C11 PCW R . 27.00 -26.61 13.65
C12 PCW R . 28.04 -26.63 14.75
C13 PCW R . 27.78 -25.40 15.69
C14 PCW R . 28.76 -25.28 16.87
C15 PCW R . 30.08 -24.52 16.56
C16 PCW R . 30.33 -23.39 17.62
C17 PCW R . 31.77 -23.28 18.22
C18 PCW R . 32.42 -21.91 17.99
C19 PCW R . 33.41 -21.92 16.80
C20 PCW R . 33.31 -21.02 15.75
C21 PCW R . 32.36 -19.92 15.45
C22 PCW R . 32.77 -18.71 16.35
C23 PCW R . 31.90 -17.43 16.29
C24 PCW R . 32.60 -16.14 16.03
C25 PCW R . 33.42 -15.43 17.15
C26 PCW R . 34.19 -14.19 16.76
C27 PCW R . 35.64 -14.37 16.24
C28 PCW R . 36.61 -14.40 17.40
C31 PCW R . 23.52 -24.78 14.81
C32 PCW R . 24.02 -23.33 14.84
C33 PCW R . 24.63 -22.83 16.23
C34 PCW R . 23.68 -21.95 17.03
C35 PCW R . 24.24 -21.95 18.51
C36 PCW R . 23.36 -21.13 19.48
C37 PCW R . 23.86 -21.08 20.96
C38 PCW R . 24.56 -19.81 21.28
C39 PCW R . 25.05 -19.74 22.70
C40 PCW R . 24.74 -18.83 23.61
C41 PCW R . 23.83 -17.64 23.35
C42 PCW R . 22.50 -17.85 24.22
C43 PCW R . 21.80 -16.63 24.78
C44 PCW R . 20.59 -17.12 25.55
C45 PCW R . 20.48 -16.62 26.97
C46 PCW R . 21.17 -17.51 27.97
C47 PCW R . 21.72 -16.83 29.21
C48 PCW R . 22.39 -17.85 30.13
N PCW R . 21.94 -25.84 6.71
O2 PCW R . 24.05 -25.38 13.75
O3 PCW R . 25.99 -27.47 13.97
O11 PCW R . 27.07 -25.93 12.66
O31 PCW R . 22.75 -25.31 15.67
O1P PCW R . 20.28 -25.36 11.15
O2P PCW R . 21.97 -23.83 12.18
O3P PCW R . 22.64 -26.17 11.36
O4P PCW R . 22.17 -24.34 9.84
P PCW R . 21.70 -24.89 11.18
C1 PCW S . 14.05 -11.15 -1.26
C2 PCW S . 15.13 -11.09 -0.10
C3 PCW S . 16.57 -11.28 -0.71
C4 PCW S . 14.73 -15.84 -1.32
C5 PCW S . 16.14 -15.59 -1.87
C6 PCW S . 17.11 -17.81 -1.97
C7 PCW S . 17.37 -16.52 -0.03
C8 PCW S . 18.59 -15.91 -1.85
C11 PCW S . 18.33 -12.35 0.50
C12 PCW S . 19.29 -12.12 1.65
C13 PCW S . 19.61 -13.52 2.30
C14 PCW S . 20.58 -13.47 3.48
C15 PCW S . 20.16 -14.33 4.73
C16 PCW S . 21.28 -15.35 5.10
C17 PCW S . 20.84 -16.67 5.82
C18 PCW S . 20.47 -16.46 7.29
C19 PCW S . 20.64 -17.76 8.14
C20 PCW S . 20.35 -17.80 9.49
C21 PCW S . 19.86 -16.78 10.44
C22 PCW S . 18.73 -17.44 11.28
C23 PCW S . 17.91 -16.53 12.22
C24 PCW S . 18.30 -16.51 13.67
C25 PCW S . 19.09 -15.32 14.26
C26 PCW S . 20.61 -15.48 14.33
C27 PCW S . 21.48 -14.23 14.13
C28 PCW S . 22.14 -14.26 12.78
C31 PCW S . 14.03 -9.49 1.29
C32 PCW S . 14.16 -8.08 1.88
C33 PCW S . 13.26 -7.78 3.16
C34 PCW S . 14.07 -7.45 4.41
C35 PCW S . 13.82 -8.66 5.41
C36 PCW S . 13.45 -8.19 6.83
C37 PCW S . 13.18 -9.33 7.86
C38 PCW S . 14.42 -9.69 8.63
C39 PCW S . 14.17 -10.80 9.62
C40 PCW S . 14.98 -11.18 10.62
C41 PCW S . 16.32 -10.54 10.91
C42 PCW S . 16.73 -10.92 12.40
C43 PCW S . 17.72 -10.03 13.13
C44 PCW S . 17.92 -10.63 14.51
C45 PCW S . 19.34 -10.60 15.03
C46 PCW S . 19.44 -10.13 16.45
C47 PCW S . 20.47 -9.05 16.74
C48 PCW S . 20.47 -8.68 18.22
N PCW S . 17.24 -16.42 -1.45
O2 PCW S . 15.12 -9.74 0.55
O3 PCW S . 17.55 -11.25 0.34
O11 PCW S . 18.26 -13.35 -0.15
O31 PCW S . 13.04 -10.28 1.47
O1P PCW S . 13.83 -13.61 0.28
O2P PCW S . 11.86 -13.65 -1.25
O3P PCW S . 14.01 -12.42 -1.94
O4P PCW S . 13.85 -14.84 -1.90
P PCW S . 13.34 -13.63 -1.13
C1 PCW T . -0.86 5.88 -22.19
C2 PCW T . -0.55 6.38 -20.72
C3 PCW T . -1.03 5.33 -19.67
C4 PCW T . 1.85 2.97 -20.75
C5 PCW T . 3.33 2.84 -20.41
C6 PCW T . 4.25 3.11 -18.05
C7 PCW T . 4.09 0.89 -19.08
C8 PCW T . 5.14 2.32 -19.61
C11 PCW T . 0.33 5.26 -17.70
C12 PCW T . 0.48 5.90 -16.35
C13 PCW T . 1.19 7.29 -16.55
C14 PCW T . 1.41 8.10 -15.27
C15 PCW T . 2.55 9.16 -15.33
C16 PCW T . 2.02 10.52 -15.90
C17 PCW T . 2.80 11.82 -15.51
C18 PCW T . 2.45 12.35 -14.12
C19 PCW T . 3.57 13.21 -13.50
C20 PCW T . 3.33 14.09 -12.45
C21 PCW T . 2.11 14.43 -11.69
C22 PCW T . 2.57 15.06 -10.35
C23 PCW T . 2.34 16.59 -10.16
C24 PCW T . 1.11 16.99 -9.40
C25 PCW T . -0.08 17.68 -10.12
C26 PCW T . 0.08 19.16 -10.45
C27 PCW T . -0.19 20.19 -9.34
C28 PCW T . 0.91 21.23 -9.31
C31 PCW T . 1.33 7.80 -20.46
C32 PCW T . 2.86 7.80 -20.29
C33 PCW T . 3.46 8.99 -19.39
C34 PCW T . 3.55 10.32 -20.13
C35 PCW T . 5.06 10.78 -20.00
C36 PCW T . 5.34 12.10 -20.76
C37 PCW T . 6.81 12.61 -20.66
C38 PCW T . 6.87 14.11 -20.52
C39 PCW T . 8.28 14.63 -20.44
C40 PCW T . 9.03 14.71 -19.34
C41 PCW T . 8.59 14.28 -17.96
C42 PCW T . 9.42 15.13 -16.88
C43 PCW T . 9.11 14.93 -15.41
C44 PCW T . 10.03 15.85 -14.63
C45 PCW T . 9.42 17.17 -14.23
C46 PCW T . 8.47 17.07 -13.07
C47 PCW T . 7.01 17.33 -13.39
C48 PCW T . 6.13 17.20 -12.13
N PCW T . 3.72 2.29 -19.16
O2 PCW T . 0.94 6.54 -20.55
O3 PCW T . -0.73 5.80 -18.35
O11 PCW T . 1.07 4.40 -18.15
O31 PCW T . 0.60 8.83 -20.51
O1P PCW T . -0.70 3.15 -22.09
O2P PCW T . 0.70 3.12 -24.15
O3P PCW T . 0.27 5.35 -22.90
O4P PCW T . 1.77 3.61 -22.06
P PCW T . 0.46 3.75 -22.83
C1 PCW U . -24.03 -5.11 13.95
C2 PCW U . -23.08 -3.85 13.82
C3 PCW U . -23.61 -2.67 14.69
C4 PCW U . -23.04 -6.39 10.84
C5 PCW U . -23.84 -6.97 9.67
C6 PCW U . -24.19 -4.90 8.22
C7 PCW U . -23.96 -7.12 7.20
C8 PCW U . -25.31 -6.51 8.31
C11 PCW U . -23.00 -0.63 13.60
C12 PCW U . -21.96 0.47 13.64
C13 PCW U . -22.49 1.61 14.57
C14 PCW U . -21.55 2.81 14.71
C15 PCW U . -22.23 4.20 14.85
C16 PCW U . -21.29 5.34 14.32
C17 PCW U . -20.82 6.41 15.35
C18 PCW U . -19.99 7.54 14.73
C19 PCW U . -19.87 8.77 15.66
C20 PCW U . -18.68 9.48 15.78
C21 PCW U . -17.34 9.33 15.16
C22 PCW U . -16.84 10.76 14.81
C23 PCW U . -15.44 11.17 15.32
C24 PCW U . -15.32 12.53 15.95
C25 PCW U . -13.96 13.04 16.49
C26 PCW U . -13.92 14.47 16.99
C27 PCW U . -12.54 15.12 17.23
C28 PCW U . -12.17 15.99 16.06
C31 PCW U . -20.72 -3.79 13.54
C32 PCW U . -19.39 -4.20 14.21
C33 PCW U . -19.17 -3.68 15.70
C34 PCW U . -17.73 -3.78 16.17
C35 PCW U . -17.77 -3.47 17.73
C36 PCW U . -16.40 -3.72 18.42
C37 PCW U . -16.37 -3.43 19.95
C38 PCW U . -15.56 -2.23 20.27
C39 PCW U . -15.50 -1.93 21.75
C40 PCW U . -16.07 -0.91 22.39
C41 PCW U . -16.89 0.18 21.71
C42 PCW U . -15.98 1.47 21.53
C43 PCW U . -16.63 2.77 21.11
C44 PCW U . -15.54 3.83 21.01
C45 PCW U . -15.19 4.50 22.31
C46 PCW U . -14.71 5.92 22.15
C47 PCW U . -14.61 6.74 23.41
C48 PCW U . -14.12 8.16 23.11
N PCW U . -23.83 -6.32 8.40
O2 PCW U . -21.71 -4.20 14.34
O3 PCW U . -22.73 -1.55 14.56
O11 PCW U . -23.93 -0.67 12.84
O31 PCW U . -20.84 -3.18 12.44
O1P PCW U . -21.33 -6.99 13.10
O2P PCW U . -23.05 -8.72 13.56
O3P PCW U . -23.37 -6.31 14.41
O4P PCW U . -23.61 -6.95 12.06
P PCW U . -22.78 -7.29 13.28
C1 PCW V . -14.75 -16.36 19.94
C2 PCW V . -16.06 -15.53 20.27
C3 PCW V . -16.38 -15.63 21.80
C4 PCW V . -14.30 -16.43 15.03
C5 PCW V . -14.65 -15.33 14.03
C6 PCW V . -15.21 -16.70 12.12
C7 PCW V . -13.06 -15.79 12.29
C8 PCW V . -14.75 -14.36 11.77
C11 PCW V . -18.15 -15.06 23.31
C12 PCW V . -19.39 -14.21 23.40
C13 PCW V . -18.96 -12.78 23.91
C14 PCW V . -20.10 -11.78 24.07
C15 PCW V . -20.12 -10.99 25.41
C16 PCW V . -19.85 -9.47 25.17
C17 PCW V . -18.34 -9.01 25.14
C18 PCW V . -17.71 -8.91 26.54
C19 PCW V . -17.27 -7.46 26.89
C20 PCW V . -18.13 -6.53 27.47
C21 PCW V . -19.56 -6.61 27.86
C22 PCW V . -20.25 -5.33 27.33
C23 PCW V . -21.78 -5.38 27.09
C24 PCW V . -22.58 -4.21 27.56
C25 PCW V . -23.98 -3.90 26.94
C26 PCW V . -25.07 -3.48 27.91
C27 PCW V . -26.26 -2.68 27.36
C28 PCW V . -26.67 -1.60 28.32
C31 PCW V . -16.37 -13.70 18.79
C32 PCW V . -16.07 -12.21 18.61
C33 PCW V . -16.69 -11.24 19.74
C34 PCW V . -15.88 -9.97 19.95
C35 PCW V . -14.67 -10.37 20.90
C36 PCW V . -14.03 -9.15 21.60
C37 PCW V . -12.84 -9.47 22.56
C38 PCW V . -12.02 -8.26 22.86
C39 PCW V . -10.86 -8.55 23.78
C40 PCW V . -10.62 -7.98 24.95
C41 PCW V . -11.49 -6.91 25.59
C42 PCW V . -10.64 -6.18 26.73
C43 PCW V . -10.67 -4.67 26.80
C44 PCW V . -9.78 -4.27 27.97
C45 PCW V . -10.15 -2.96 28.62
C46 PCW V . -10.10 -3.01 30.12
C47 PCW V . -11.39 -3.29 30.83
C48 PCW V . -11.20 -3.31 32.36
N PCW V . -14.43 -15.54 12.63
O2 PCW V . -15.85 -14.09 19.95
O3 PCW V . -17.57 -14.89 22.08
O11 PCW V . -17.75 -15.81 24.17
O31 PCW V . -16.99 -14.43 17.97
O1P PCW V . -14.26 -18.32 17.23
O2P PCW V . -16.46 -17.29 17.76
O3P PCW V . -14.28 -16.19 18.59
O4P PCW V . -15.00 -16.12 16.26
P PCW V . -15.04 -17.05 17.46
C1 PCW W . 13.42 -23.33 16.65
C2 PCW W . 13.24 -23.06 18.19
C3 PCW W . 12.58 -21.67 18.43
C4 PCW W . 9.42 -25.64 16.62
C5 PCW W . 8.36 -26.42 15.84
C6 PCW W . 6.60 -28.25 16.06
C7 PCW W . 6.49 -26.25 17.47
C8 PCW W . 6.33 -26.35 15.63
C11 PCW W . 12.40 -20.16 20.29
C12 PCW W . 12.22 -20.14 21.78
C13 PCW W . 10.72 -19.82 22.09
C14 PCW W . 10.35 -19.77 23.58
C15 PCW W . 10.44 -18.36 24.24
C16 PCW W . 9.59 -18.31 25.56
C17 PCW W . 10.32 -18.67 26.91
C18 PCW W . 11.48 -17.73 27.23
C19 PCW W . 11.46 -17.22 28.69
C20 PCW W . 11.35 -15.87 29.01
C21 PCW W . 11.24 -14.65 28.18
C22 PCW W . 12.67 -14.30 27.68
C23 PCW W . 13.24 -12.90 28.04
C24 PCW W . 13.28 -11.90 26.93
C25 PCW W . 13.94 -12.23 25.56
C26 PCW W . 13.06 -12.12 24.34
C27 PCW W . 13.67 -12.44 22.97
C28 PCW W . 13.06 -13.72 22.41
C31 PCW W . 12.88 -24.82 19.74
C32 PCW W . 11.82 -25.83 20.25
C33 PCW W . 11.15 -25.45 21.65
C34 PCW W . 12.17 -25.18 22.76
C35 PCW W . 11.57 -25.86 24.07
C36 PCW W . 12.36 -25.49 25.34
C37 PCW W . 11.82 -26.11 26.67
C38 PCW W . 10.55 -25.48 27.11
C39 PCW W . 10.02 -26.08 28.40
C40 PCW W . 9.28 -25.46 29.31
C41 PCW W . 8.82 -24.01 29.21
C42 PCW W . 9.02 -23.33 30.63
C43 PCW W . 8.90 -21.81 30.73
C44 PCW W . 9.14 -21.44 32.18
C45 PCW W . 9.58 -20.02 32.42
C46 PCW W . 10.45 -19.85 33.63
C47 PCW W . 11.40 -18.68 33.63
C48 PCW W . 12.22 -18.61 34.92
N PCW W . 7.29 -27.03 16.55
O2 PCW W . 12.32 -24.08 18.79
O3 PCW W . 12.42 -21.44 19.85
O11 PCW W . 12.50 -19.18 19.59
O31 PCW W . 14.07 -24.73 20.16
O1P PCW W . 10.71 -23.10 16.04
O2P PCW W . 11.46 -24.28 13.98
O3P PCW W . 12.78 -24.53 16.17
O4P PCW W . 10.62 -25.61 15.80
P PCW W . 11.34 -24.32 15.45
C1 PCW X . -9.56 9.51 -18.33
C2 PCW X . -8.89 10.91 -17.99
C3 PCW X . -8.76 11.77 -19.29
C4 PCW X . -13.55 8.17 -20.56
C5 PCW X . -13.81 6.66 -20.68
C6 PCW X . -15.30 5.09 -22.03
C7 PCW X . -13.34 6.14 -23.07
C8 PCW X . -13.37 4.93 -21.67
C11 PCW X . -8.95 14.14 -18.95
C12 PCW X . -8.12 15.35 -18.61
C13 PCW X . -7.84 15.33 -17.07
C14 PCW X . -7.00 16.50 -16.54
C15 PCW X . -7.78 17.82 -16.28
C16 PCW X . -7.37 18.92 -17.33
C17 PCW X . -5.97 19.60 -17.14
C18 PCW X . -5.76 20.81 -18.05
C19 PCW X . -4.90 20.50 -19.29
C20 PCW X . -5.00 21.24 -20.47
C21 PCW X . -5.84 22.39 -20.86
C22 PCW X . -4.88 23.50 -21.38
C23 PCW X . -4.06 24.30 -20.34
C24 PCW X . -4.61 25.65 -19.95
C25 PCW X . -4.64 26.09 -18.46
C26 PCW X . -3.99 27.43 -18.14
C27 PCW X . -4.58 28.24 -16.97
C28 PCW X . -5.21 29.50 -17.47
C31 PCW X . -9.17 11.92 -15.87
C32 PCW X . -10.17 12.70 -14.99
C33 PCW X . -9.62 13.18 -13.56
C34 PCW X . -8.67 14.38 -13.65
C35 PCW X . -8.39 14.82 -12.16
C36 PCW X . -8.13 16.34 -12.03
C37 PCW X . -7.85 16.84 -10.58
C38 PCW X . -8.33 18.24 -10.37
C39 PCW X . -8.06 18.75 -8.98
C40 PCW X . -7.17 19.67 -8.61
C41 PCW X . -6.24 20.38 -9.57
C42 PCW X . -6.93 21.77 -10.00
C43 PCW X . -6.99 22.12 -11.47
C44 PCW X . -7.69 23.47 -11.58
C45 PCW X . -9.16 23.41 -11.91
C46 PCW X . -9.86 24.73 -11.81
C47 PCW X . -10.84 25.07 -12.90
C48 PCW X . -11.48 26.45 -12.66
N PCW X . -14.24 6.11 -21.93
O2 PCW X . -9.76 11.65 -17.03
O3 PCW X . -8.16 13.04 -18.97
O11 PCW X . -10.14 14.15 -19.18
O31 PCW X . -7.99 11.60 -15.53
O1P PCW X . -12.42 10.83 -20.16
O2P PCW X . -10.35 9.74 -21.01
O3P PCW X . -10.99 9.56 -18.52
O4P PCW X . -12.14 8.33 -20.27
P PCW X . -11.48 9.67 -20.05
C1 PCW Y . -19.10 7.00 -9.99
C2 PCW Y . -18.81 7.71 -8.61
C3 PCW Y . -17.27 7.81 -8.37
C4 PCW Y . -20.97 4.47 -7.26
C5 PCW Y . -20.52 5.36 -6.09
C6 PCW Y . -21.94 4.32 -4.25
C7 PCW Y . -19.82 5.43 -3.71
C8 PCW Y . -21.35 6.19 -4.43
C11 PCW Y . -17.18 7.74 -5.96
C12 PCW Y . -16.87 8.61 -4.78
C13 PCW Y . -18.17 9.44 -4.42
C14 PCW Y . -18.02 10.39 -3.23
C15 PCW Y . -18.56 9.85 -1.87
C16 PCW Y . -19.79 10.71 -1.39
C17 PCW Y . -19.64 11.48 -0.04
C18 PCW Y . -19.18 12.92 -0.20
C19 PCW Y . -17.68 13.12 0.16
C20 PCW Y . -16.95 14.22 -0.29
C21 PCW Y . -17.31 15.40 -1.11
C22 PCW Y . -16.00 15.86 -1.81
C23 PCW Y . -15.15 16.95 -1.11
C24 PCW Y . -14.51 17.98 -1.98
C25 PCW Y . -13.00 17.87 -2.38
C26 PCW Y . -12.07 18.91 -1.80
C27 PCW Y . -11.98 20.27 -2.53
C28 PCW Y . -11.54 21.35 -1.58
C31 PCW Y . -20.19 9.36 -7.62
C32 PCW Y . -20.68 10.81 -7.77
C33 PCW Y . -19.59 11.87 -8.28
C34 PCW Y . -18.50 12.16 -7.25
C35 PCW Y . -17.13 11.84 -7.99
C36 PCW Y . -16.57 13.08 -8.74
C37 PCW Y . -15.22 12.84 -9.50
C38 PCW Y . -15.22 13.46 -10.85
C39 PCW Y . -13.92 13.24 -11.60
C40 PCW Y . -12.94 14.12 -11.78
C41 PCW Y . -12.96 15.54 -11.26
C42 PCW Y . -11.72 15.70 -10.26
C43 PCW Y . -12.01 15.93 -8.78
C44 PCW Y . -10.67 16.06 -8.08
C45 PCW Y . -10.74 16.06 -6.57
C46 PCW Y . -10.32 17.36 -5.95
C47 PCW Y . -9.15 17.31 -5.00
C48 PCW Y . -8.82 18.69 -4.44
N PCW Y . -20.68 4.90 -4.75
O2 PCW Y . -19.37 9.09 -8.62
O3 PCW Y . -17.03 8.47 -7.11
O11 PCW Y . -17.51 6.59 -5.90
O31 PCW Y . -20.53 8.57 -6.69
O1P PCW Y . -22.14 4.64 -9.91
O2P PCW Y . -19.82 4.07 -10.63
O3P PCW Y . -20.45 6.51 -10.13
O4P PCW Y . -20.14 4.83 -8.39
P PCW Y . -20.67 4.94 -9.80
C1 PCW Z . -12.46 -12.83 7.76
C2 PCW Z . -11.99 -11.59 8.60
C3 PCW Z . -12.75 -10.30 8.14
C4 PCW Z . -15.47 -14.69 6.58
C5 PCW Z . -16.25 -13.39 6.83
C6 PCW Z . -17.14 -12.72 4.53
C7 PCW Z . -18.54 -12.49 6.54
C8 PCW Z . -16.97 -11.61 6.15
C11 PCW Z . -13.15 -8.68 9.86
C12 PCW Z . -12.50 -7.49 10.55
C13 PCW Z . -12.86 -6.21 9.74
C14 PCW Z . -12.29 -4.89 10.30
C15 PCW Z . -13.20 -3.64 10.15
C16 PCW Z . -14.17 -3.51 11.38
C17 PCW Z . -13.99 -2.26 12.30
C18 PCW Z . -14.18 -2.56 13.78
C19 PCW Z . -12.96 -2.16 14.64
C20 PCW Z . -13.08 -1.45 15.82
C21 PCW Z . -14.26 -0.91 16.55
C22 PCW Z . -14.12 0.65 16.55
C23 PCW Z . -13.73 1.33 17.89
C24 PCW Z . -13.29 2.76 17.82
C25 PCW Z . -11.78 3.13 17.85
C26 PCW Z . -11.12 3.18 19.22
C27 PCW Z . -9.82 2.36 19.41
C28 PCW Z . -9.98 1.42 20.59
C31 PCW Z . -11.23 -11.82 10.82
C32 PCW Z . -11.70 -12.03 12.28
C33 PCW Z . -10.71 -11.50 13.42
C34 PCW Z . -10.49 -9.99 13.37
C35 PCW Z . -8.99 -9.78 13.82
C36 PCW Z . -8.71 -8.35 14.33
C37 PCW Z . -7.24 -8.09 14.80
C38 PCW Z . -7.01 -8.57 16.20
C39 PCW Z . -5.60 -8.33 16.67
C40 PCW Z . -4.81 -9.21 17.30
C41 PCW Z . -5.23 -10.63 17.66
C42 PCW Z . -5.46 -10.70 19.23
C43 PCW Z . -4.27 -10.97 20.14
C44 PCW Z . -4.78 -10.98 21.57
C45 PCW Z . -4.78 -9.64 22.26
C46 PCW Z . -3.52 -9.34 23.00
C47 PCW Z . -2.75 -8.11 22.59
C48 PCW Z . -1.49 -7.92 23.43
N PCW Z . -17.33 -13.04 5.97
O2 PCW Z . -12.30 -11.80 10.05
O3 PCW Z . -12.31 -9.18 8.92
O11 PCW Z . -14.24 -9.11 10.11
O31 PCW Z . -10.03 -11.68 10.46
O1P PCW Z . -12.63 -15.37 6.37
O2P PCW Z . -13.09 -16.57 8.51
O3P PCW Z . -12.56 -14.06 8.52
O4P PCW Z . -14.69 -14.94 7.77
P PCW Z . -13.22 -15.31 7.76
C1 PCW AA . 9.15 -17.98 9.11
C2 PCW AA . 10.00 -17.02 10.03
C3 PCW AA . 9.37 -15.58 10.03
C4 PCW AA . 12.52 -21.08 9.03
C5 PCW AA . 12.13 -22.50 9.49
C6 PCW AA . 11.96 -22.05 12.00
C7 PCW AA . 10.67 -23.86 10.97
C8 PCW AA . 12.51 -23.71 11.10
C11 PCW AA . 11.23 -14.07 10.30
C12 PCW AA . 11.92 -13.24 11.34
C13 PCW AA . 12.87 -14.19 12.17
C14 PCW AA . 13.66 -13.50 13.28
C15 PCW AA . 15.02 -14.16 13.65
C16 PCW AA . 15.55 -13.63 15.03
C17 PCW AA . 15.70 -14.66 16.19
C18 PCW AA . 14.38 -15.05 16.83
C19 PCW AA . 14.20 -14.47 18.25
C20 PCW AA . 13.04 -13.82 18.64
C21 PCW AA . 11.78 -13.51 17.92
C22 PCW AA . 11.72 -11.97 17.77
C23 PCW AA . 10.40 -11.35 17.22
C24 PCW AA . 9.67 -10.42 18.14
C25 PCW AA . 9.74 -8.87 17.96
C26 PCW AA . 9.72 -8.03 19.21
C27 PCW AA . 10.56 -6.73 19.23
C28 PCW AA . 11.12 -6.49 20.61
C31 PCW AA . 11.05 -18.24 11.77
C32 PCW AA . 10.90 -18.65 13.23
C33 PCW AA . 12.07 -18.16 14.21
C34 PCW AA . 13.25 -19.14 14.28
C35 PCW AA . 14.04 -18.78 15.61
C36 PCW AA . 15.30 -19.66 15.82
C37 PCW AA . 16.12 -19.35 17.11
C38 PCW AA . 17.39 -20.14 17.15
C39 PCW AA . 18.21 -19.87 18.40
C40 PCW AA . 19.45 -19.41 18.45
C41 PCW AA . 20.29 -19.07 17.23
C42 PCW AA . 21.11 -17.74 17.54
C43 PCW AA . 22.60 -17.85 17.79
C44 PCW AA . 23.10 -16.43 18.06
C45 PCW AA . 24.03 -16.30 19.24
C46 PCW AA . 25.49 -16.27 18.87
C47 PCW AA . 26.46 -16.72 19.93
C48 PCW AA . 27.91 -16.64 19.43
N PCW AA . 11.48 -22.68 10.75
O2 PCW AA . 9.99 -17.49 11.43
O3 PCW AA . 10.17 -14.72 10.86
O11 PCW AA . 11.56 -14.16 9.15
O31 PCW AA . 12.02 -18.55 11.01
O1P PCW AA . 9.85 -20.54 10.00
O2P PCW AA . 9.21 -21.17 7.67
O3P PCW AA . 9.94 -18.77 8.19
O4P PCW AA . 11.50 -20.63 8.10
P PCW AA . 10.06 -20.33 8.52
C1 PCW BA . 3.10 -19.86 12.19
C2 PCW BA . 3.78 -18.80 13.15
C3 PCW BA . 5.26 -18.52 12.70
C4 PCW BA . -1.58 -19.72 10.70
C5 PCW BA . -2.25 -18.39 10.33
C6 PCW BA . -4.38 -19.05 9.11
C7 PCW BA . -4.40 -17.22 10.73
C8 PCW BA . -3.49 -17.30 9.13
C11 PCW BA . 6.16 -17.95 14.84
C12 PCW BA . 6.77 -16.79 15.60
C13 PCW BA . 5.64 -16.12 16.46
C14 PCW BA . 6.09 -14.91 17.28
C15 PCW BA . 5.53 -13.53 16.82
C16 PCW BA . 6.67 -12.44 16.85
C17 PCW BA . 6.59 -11.31 15.76
C18 PCW BA . 5.71 -10.12 16.17
C19 PCW BA . 6.04 -8.82 15.40
C20 PCW BA . 6.24 -7.61 16.04
C21 PCW BA . 6.22 -7.22 17.47
C22 PCW BA . 5.82 -5.72 17.51
C23 PCW BA . 4.90 -5.25 18.68
C24 PCW BA . 5.56 -5.02 20.01
C25 PCW BA . 6.50 -3.79 20.24
C26 PCW BA . 7.95 -4.10 20.56
C27 PCW BA . 8.89 -2.91 20.87
C28 PCW BA . 9.39 -3.01 22.28
C31 PCW BA . 2.26 -17.25 14.11
C32 PCW BA . 1.58 -15.88 13.89
C33 PCW BA . 1.88 -14.78 15.01
C34 PCW BA . 0.89 -14.79 16.16
C35 PCW BA . 1.76 -14.88 17.47
C36 PCW BA . 1.85 -13.52 18.20
C37 PCW BA . 2.70 -13.52 19.51
C38 PCW BA . 3.41 -12.21 19.72
C39 PCW BA . 4.23 -12.20 20.98
C40 PCW BA . 5.31 -11.47 21.23
C41 PCW BA . 5.93 -10.50 20.24
C42 PCW BA . 6.86 -9.49 21.06
C43 PCW BA . 6.20 -8.34 21.78
C44 PCW BA . 7.32 -7.56 22.48
C45 PCW BA . 6.96 -7.01 23.83
C46 PCW BA . 6.80 -5.51 23.86
C47 PCW BA . 6.29 -4.90 25.13
C48 PCW BA . 6.18 -3.38 25.02
N PCW BA . -3.67 -18.34 10.18
O2 PCW BA . 3.05 -17.49 13.07
O3 PCW BA . 5.86 -17.56 13.58
O11 PCW BA . 5.97 -19.04 15.30
O31 PCW BA . 2.09 -17.99 15.13
O1P PCW BA . 0.59 -21.60 11.32
O2P PCW BA . 0.46 -20.49 13.56
O3P PCW BA . 1.84 -19.43 11.65
O4P PCW BA . -0.59 -19.39 11.71
P PCW BA . 0.55 -20.31 12.09
C1 PCW CA . 5.77 -3.71 -4.42
C2 PCW CA . 5.52 -2.26 -3.85
C3 PCW CA . 6.89 -1.52 -3.66
C4 PCW CA . 2.50 -4.31 -1.85
C5 PCW CA . 1.91 -5.65 -1.38
C6 PCW CA . -0.58 -5.32 -1.83
C7 PCW CA . 0.47 -7.52 -2.12
C8 PCW CA . 0.28 -6.55 -0.55
C11 PCW CA . 7.59 0.38 -2.36
C12 PCW CA . 7.13 1.74 -1.93
C13 PCW CA . 7.91 2.82 -2.77
C14 PCW CA . 7.56 4.28 -2.46
C15 PCW CA . 8.77 5.27 -2.38
C16 PCW CA . 8.27 6.73 -2.11
C17 PCW CA . 8.71 7.82 -3.13
C18 PCW CA . 9.07 9.16 -2.47
C19 PCW CA . 10.57 9.53 -2.61
C20 PCW CA . 11.16 10.53 -1.87
C21 PCW CA . 10.63 11.46 -0.84
C22 PCW CA . 11.34 12.82 -1.06
C23 PCW CA . 10.46 14.06 -1.38
C24 PCW CA . 10.88 15.35 -0.78
C25 PCW CA . 9.84 16.32 -0.13
C26 PCW CA . 9.64 16.19 1.37
C27 PCW CA . 9.89 17.45 2.24
C28 PCW CA . 8.57 17.98 2.74
C31 PCW CA . 3.45 -1.27 -4.45
C32 PCW CA . 2.77 -0.42 -5.54
C33 PCW CA . 2.78 1.16 -5.26
C34 PCW CA . 3.50 1.97 -6.33
C35 PCW CA . 5.03 1.98 -5.91
C36 PCW CA . 5.89 2.88 -6.82
C37 PCW CA . 7.41 2.94 -6.46
C38 PCW CA . 8.13 4.02 -7.21
C39 PCW CA . 9.59 4.09 -6.88
C40 PCW CA . 10.36 5.18 -6.89
C41 PCW CA . 9.88 6.57 -7.25
C42 PCW CA . 11.08 7.33 -7.98
C43 PCW CA . 12.25 7.81 -7.15
C44 PCW CA . 13.21 8.50 -8.10
C45 PCW CA . 13.96 9.67 -7.52
C46 PCW CA . 15.45 9.56 -7.62
C47 PCW CA . 16.21 10.81 -8.02
C48 PCW CA . 17.71 10.54 -8.10
N PCW CA . 0.67 -6.10 -1.92
O2 PCW CA . 4.72 -1.45 -4.82
O3 PCW CA . 6.64 -0.20 -3.14
O11 PCW CA . 8.64 -0.12 -2.06
O31 PCW CA . 2.89 -1.73 -3.42
O1P PCW CA . 2.73 -6.05 -4.17
O2P PCW CA . 5.01 -6.48 -3.27
O3P PCW CA . 4.56 -4.42 -4.77
O4P PCW CA . 3.80 -4.57 -2.45
P PCW CA . 4.01 -5.46 -3.66
C1 PCW DA . -31.66 5.42 3.90
C2 PCW DA . -31.34 6.93 3.55
C3 PCW DA . -32.25 7.89 4.43
C4 PCW DA . -31.62 3.39 -0.52
C5 PCW DA . -31.39 4.12 -1.85
C6 PCW DA . -33.26 3.29 -3.13
C7 PCW DA . -31.20 2.21 -3.30
C8 PCW DA . -31.39 4.23 -4.32
C11 PCW DA . -32.41 9.78 2.94
C12 PCW DA . -31.97 11.21 2.83
C13 PCW DA . -32.92 12.09 3.71
C14 PCW DA . -32.60 13.59 3.71
C15 PCW DA . -31.43 14.02 4.66
C16 PCW DA . -31.27 15.58 4.65
C17 PCW DA . -30.04 16.16 5.43
C18 PCW DA . -30.42 17.34 6.33
C19 PCW DA . -29.17 18.10 6.86
C20 PCW DA . -28.71 19.27 6.26
C21 PCW DA . -29.18 20.05 5.10
C22 PCW DA . -30.01 21.25 5.67
C23 PCW DA . -29.70 22.66 5.12
C24 PCW DA . -30.77 23.32 4.30
C25 PCW DA . -30.93 24.87 4.31
C26 PCW DA . -32.13 25.42 3.56
C27 PCW DA . -32.06 25.46 2.02
C28 PCW DA . -33.12 26.40 1.48
C31 PCW DA . -29.52 7.09 5.13
C32 PCW DA . -28.03 7.46 5.22
C33 PCW DA . -27.74 8.99 5.59
C34 PCW DA . -27.05 9.77 4.48
C35 PCW DA . -27.97 11.03 4.21
C36 PCW DA . -27.42 11.95 3.10
C37 PCW DA . -28.27 13.22 2.78
C38 PCW DA . -28.47 13.40 1.31
C39 PCW DA . -29.31 14.61 0.99
C40 PCW DA . -28.88 15.76 0.49
C41 PCW DA . -27.43 16.07 0.15
C42 PCW DA . -26.91 17.17 1.17
C43 PCW DA . -26.36 16.72 2.51
C44 PCW DA . -25.93 17.97 3.27
C45 PCW DA . -24.77 17.78 4.21
C46 PCW DA . -23.89 18.99 4.33
C47 PCW DA . -22.53 18.78 4.96
C48 PCW DA . -21.74 20.10 5.01
N PCW DA . -31.79 3.49 -3.08
O2 PCW DA . -29.91 7.25 3.85
O3 PCW DA . -31.94 9.26 4.10
O11 PCW DA . -33.08 9.19 2.12
O31 PCW DA . -30.23 6.68 6.10
O1P PCW DA . -32.85 2.68 2.00
O2P PCW DA . -33.66 5.05 1.93
O3P PCW DA . -31.31 4.50 2.85
O4P PCW DA . -31.86 4.42 0.48
P PCW DA . -32.51 4.13 1.82
C1 PCW EA . 10.49 -3.21 -2.94
C2 PCW EA . 10.15 -3.51 -1.43
C3 PCW EA . 11.22 -2.82 -0.51
C4 PCW EA . 8.03 -6.81 -3.97
C5 PCW EA . 8.21 -8.05 -3.08
C6 PCW EA . 6.92 -9.14 -1.18
C7 PCW EA . 6.22 -9.48 -3.50
C8 PCW EA . 7.80 -10.01 -2.70
C11 PCW EA . 11.39 -4.23 1.44
C12 PCW EA . 10.97 -4.29 2.89
C13 PCW EA . 12.18 -3.80 3.77
C14 PCW EA . 11.93 -3.79 5.28
C15 PCW EA . 13.03 -3.11 6.14
C16 PCW EA . 12.69 -1.59 6.38
C17 PCW EA . 13.70 -0.53 5.83
C18 PCW EA . 13.64 0.80 6.57
C19 PCW EA . 14.01 2.01 5.68
C20 PCW EA . 15.29 2.53 5.61
C21 PCW EA . 16.55 2.15 6.30
C22 PCW EA . 17.14 3.46 6.91
C23 PCW EA . 18.64 3.77 6.65
C24 PCW EA . 18.96 5.11 6.06
C25 PCW EA . 20.21 5.91 6.53
C26 PCW EA . 20.21 7.39 6.22
C27 PCW EA . 19.96 8.38 7.38
C28 PCW EA . 19.39 9.67 6.85
C31 PCW EA . 7.87 -3.82 -0.82
C32 PCW EA . 6.58 -3.07 -0.46
C33 PCW EA . 6.36 -2.78 1.10
C34 PCW EA . 5.91 -4.02 1.88
C35 PCW EA . 6.01 -3.61 3.41
C36 PCW EA . 7.37 -3.98 4.03
C37 PCW EA . 7.54 -3.60 5.54
C38 PCW EA . 7.84 -2.16 5.74
C39 PCW EA . 8.00 -1.79 7.19
C40 PCW EA . 7.15 -1.10 7.95
C41 PCW EA . 5.83 -0.56 7.45
C42 PCW EA . 5.54 0.82 8.21
C43 PCW EA . 6.12 2.10 7.62
C44 PCW EA . 5.69 3.23 8.53
C45 PCW EA . 6.77 3.80 9.41
C46 PCW EA . 6.35 4.02 10.84
C47 PCW EA . 5.95 5.43 11.22
C48 PCW EA . 5.55 5.51 12.70
N PCW EA . 7.05 -8.72 -2.59
O2 PCW EA . 8.83 -2.92 -1.07
O3 PCW EA . 10.92 -3.08 0.87
O11 PCW EA . 12.06 -5.06 0.88
O31 PCW EA . 8.00 -5.08 -0.87
O1P PCW EA . 8.78 -4.83 -5.93
O2P PCW EA . 11.06 -5.19 -5.00
O3P PCW EA . 9.43 -3.55 -3.86
O4P PCW EA . 9.18 -5.97 -3.73
P PCW EA . 9.65 -4.90 -4.71
C1 PCW FA . -10.25 -21.23 16.06
C2 PCW FA . -9.14 -21.00 17.16
C3 PCW FA . -8.25 -22.28 17.29
C4 PCW FA . -13.37 -19.98 14.89
C5 PCW FA . -13.82 -21.14 15.78
C6 PCW FA . -14.43 -21.16 18.26
C7 PCW FA . -16.16 -20.91 16.55
C8 PCW FA . -15.06 -22.37 16.85
C11 PCW FA . -7.39 -22.71 19.48
C12 PCW FA . -6.25 -22.33 20.40
C13 PCW FA . -6.87 -21.93 21.79
C14 PCW FA . -5.86 -21.52 22.86
C15 PCW FA . -6.43 -21.36 24.30
C16 PCW FA . -5.42 -21.95 25.36
C17 PCW FA . -4.20 -21.04 25.76
C18 PCW FA . -4.12 -20.79 27.27
C19 PCW FA . -3.11 -19.66 27.63
C20 PCW FA . -2.80 -19.34 28.94
C21 PCW FA . -3.28 -19.86 30.25
C22 PCW FA . -2.66 -18.95 31.34
C23 PCW FA . -2.01 -19.64 32.57
C24 PCW FA . -1.75 -18.78 33.77
C25 PCW FA . -1.99 -19.32 35.20
C26 PCW FA . -3.03 -18.58 36.04
C27 PCW FA . -4.09 -19.41 36.77
C28 PCW FA . -4.66 -18.62 37.93
C31 PCW FA . -8.39 -18.77 17.48
C32 PCW FA . -7.41 -17.71 16.94
C33 PCW FA . -6.41 -17.08 18.02
C34 PCW FA . -4.94 -17.12 17.59
C35 PCW FA . -4.65 -15.71 16.92
C36 PCW FA . -3.38 -15.04 17.49
C37 PCW FA . -3.02 -13.65 16.88
C38 PCW FA . -1.95 -12.97 17.65
C39 PCW FA . -1.58 -11.61 17.09
C40 PCW FA . -1.01 -10.60 17.73
C41 PCW FA . -0.62 -10.63 19.19
C42 PCW FA . 0.12 -9.25 19.53
C43 PCW FA . 1.28 -9.28 20.51
C44 PCW FA . 1.78 -7.84 20.64
C45 PCW FA . 2.41 -7.50 21.97
C46 PCW FA . 2.71 -6.04 22.15
C47 PCW FA . 2.26 -5.41 23.45
C48 PCW FA . 2.62 -3.92 23.49
N PCW FA . -14.75 -20.91 16.84
O2 PCW FA . -8.25 -19.88 16.75
O3 PCW FA . -7.24 -22.06 18.30
O11 PCW FA . -8.29 -23.46 19.77
O31 PCW FA . -9.18 -18.61 18.44
O1P PCW FA . -10.91 -18.45 14.89
O2P PCW FA . -10.63 -19.48 12.63
O3P PCW FA . -9.89 -20.76 14.74
O4P PCW FA . -12.23 -20.45 14.13
P PCW FA . -10.91 -19.71 14.07
C1 PCW GA . -6.30 -1.78 -4.55
C2 PCW GA . -6.42 -0.22 -4.75
C3 PCW GA . -7.29 0.11 -6.02
C4 PCW GA . -9.26 -3.79 -3.66
C5 PCW GA . -10.59 -3.05 -3.44
C6 PCW GA . -12.04 -4.87 -2.76
C7 PCW GA . -11.93 -4.28 -5.02
C8 PCW GA . -13.05 -2.87 -3.63
C11 PCW GA . -8.58 2.13 -5.90
C12 PCW GA . -8.45 3.61 -6.16
C13 PCW GA . -7.84 4.29 -4.87
C14 PCW GA . -7.65 5.80 -4.97
C15 PCW GA . -8.94 6.67 -4.83
C16 PCW GA . -8.66 7.96 -3.99
C17 PCW GA . -7.85 9.11 -4.68
C18 PCW GA . -8.73 10.10 -5.43
C19 PCW GA . -8.52 10.06 -6.96
C20 PCW GA . -8.54 11.20 -7.75
C21 PCW GA . -8.75 12.64 -7.42
C22 PCW GA . -7.67 13.44 -8.23
C23 PCW GA . -6.41 13.90 -7.45
C24 PCW GA . -6.01 15.33 -7.61
C25 PCW GA . -4.88 15.94 -6.73
C26 PCW GA . -5.27 17.11 -5.85
C27 PCW GA . -4.16 18.08 -5.39
C28 PCW GA . -4.73 19.16 -4.50
C31 PCW GA . -6.35 1.31 -2.93
C32 PCW GA . -7.18 1.85 -1.75
C33 PCW GA . -6.34 2.35 -0.49
C34 PCW GA . -6.97 3.52 0.25
C35 PCW GA . -5.79 4.51 0.57
C36 PCW GA . -6.19 5.63 1.57
C37 PCW GA . -5.05 6.64 1.92
C38 PCW GA . -5.36 7.41 3.17
C39 PCW GA . -4.28 8.39 3.53
C40 PCW GA . -4.43 9.64 3.93
C41 PCW GA . -5.78 10.33 4.09
C42 PCW GA . -5.68 11.78 3.44
C43 PCW GA . -5.06 12.90 4.26
C44 PCW GA . -5.10 14.15 3.40
C45 PCW GA . -3.79 14.87 3.25
C46 PCW GA . -3.79 16.25 3.86
C47 PCW GA . -2.67 16.55 4.83
C48 PCW GA . -2.79 17.98 5.37
N PCW GA . -11.84 -3.74 -3.70
O2 PCW GA . -7.10 0.40 -3.58
O3 PCW GA . -7.39 1.53 -6.19
O11 PCW GA . -9.56 1.58 -5.49
O31 PCW GA . -5.18 1.67 -3.24
O1P PCW GA . -6.46 -4.61 -3.76
O2P PCW GA . -6.50 -3.95 -1.35
O3P PCW GA . -6.11 -2.18 -3.18
O4P PCW GA . -8.29 -3.19 -2.76
P PCW GA . -6.82 -3.56 -2.74
C1 PCW HA . 8.66 -21.24 17.08
C2 PCW HA . 8.02 -21.26 18.54
C3 PCW HA . 8.99 -21.98 19.54
C4 PCW HA . 4.19 -21.58 15.86
C5 PCW HA . 3.60 -20.36 16.58
C6 PCW HA . 2.69 -21.73 18.55
C7 PCW HA . 2.69 -19.28 18.61
C8 PCW HA . 1.76 -20.38 17.47
C11 PCW HA . 7.92 -23.16 21.33
C12 PCW HA . 7.36 -22.93 22.71
C13 PCW HA . 8.46 -23.33 23.76
C14 PCW HA . 8.06 -23.16 25.21
C15 PCW HA . 8.01 -21.70 25.74
C16 PCW HA . 7.15 -21.60 27.05
C17 PCW HA . 5.62 -21.87 26.93
C18 PCW HA . 4.82 -21.43 28.16
C19 PCW HA . 5.04 -22.35 29.38
C20 PCW HA . 4.80 -21.93 30.69
C21 PCW HA . 4.32 -20.65 31.25
C22 PCW HA . 5.60 -19.83 31.63
C23 PCW HA . 5.65 -18.35 31.19
C24 PCW HA . 6.97 -17.66 31.31
C25 PCW HA . 7.18 -16.53 32.36
C26 PCW HA . 8.62 -16.18 32.71
C27 PCW HA . 8.92 -14.79 33.29
C28 PCW HA . 10.28 -14.31 32.84
C31 PCW HA . 6.56 -19.57 19.32
C32 PCW HA . 6.51 -18.10 19.79
C33 PCW HA . 7.38 -17.78 21.09
C34 PCW HA . 8.66 -17.00 20.79
C35 PCW HA . 8.26 -15.47 20.95
C36 PCW HA . 9.34 -14.65 21.70
C37 PCW HA . 9.02 -13.14 21.90
C38 PCW HA . 9.29 -12.68 23.30
C39 PCW HA . 8.99 -11.22 23.50
C40 PCW HA . 9.14 -10.52 24.62
C41 PCW HA . 9.65 -11.09 25.93
C42 PCW HA . 10.08 -9.88 26.86
C43 PCW HA . 9.81 -9.98 28.35
C44 PCW HA . 10.33 -8.70 28.99
C45 PCW HA . 9.33 -7.98 29.87
C46 PCW HA . 8.97 -6.60 29.38
C47 PCW HA . 8.65 -5.57 30.44
C48 PCW HA . 8.31 -4.21 29.80
N PCW HA . 3.17 -20.47 17.94
O2 PCW HA . 7.82 -19.87 19.01
O3 PCW HA . 8.41 -21.98 20.85
O11 PCW HA . 7.92 -24.21 20.75
O31 PCW HA . 5.56 -20.35 19.23
O1P PCW HA . 6.47 -22.20 14.20
O2P PCW HA . 7.19 -23.50 16.19
O3P PCW HA . 7.71 -20.98 16.03
O4P PCW HA . 5.48 -21.86 16.48
P PCW HA . 6.72 -22.20 15.67
C1 PCW IA . 20.23 0.75 -17.21
C2 PCW IA . 21.59 1.11 -16.48
C3 PCW IA . 22.74 1.25 -17.54
C4 PCW IA . 16.39 -1.43 -17.92
C5 PCW IA . 15.34 -2.49 -17.57
C6 PCW IA . 13.96 -2.36 -19.55
C7 PCW IA . 13.75 -4.19 -18.12
C8 PCW IA . 15.62 -4.10 -19.41
C11 PCW IA . 25.13 1.15 -17.43
C12 PCW IA . 26.29 1.62 -16.58
C13 PCW IA . 27.33 0.44 -16.47
C14 PCW IA . 28.59 0.76 -15.65
C15 PCW IA . 28.57 0.26 -14.17
C16 PCW IA . 29.70 0.97 -13.34
C17 PCW IA . 29.29 1.60 -11.96
C18 PCW IA . 29.92 2.97 -11.71
C19 PCW IA . 30.05 3.31 -10.21
C20 PCW IA . 30.85 4.34 -9.74
C21 PCW IA . 31.74 5.31 -10.45
C22 PCW IA . 32.76 5.81 -9.39
C23 PCW IA . 34.26 5.85 -9.79
C24 PCW IA . 35.24 6.19 -8.71
C25 PCW IA . 36.05 5.09 -7.97
C26 PCW IA . 35.27 4.15 -7.09
C27 PCW IA . 35.99 3.56 -5.85
C28 PCW IA . 35.28 2.31 -5.39
C31 PCW IA . 21.38 2.34 -14.46
C32 PCW IA . 21.25 3.76 -13.89
C33 PCW IA . 19.88 4.50 -14.23
C34 PCW IA . 19.98 6.04 -14.17
C35 PCW IA . 20.65 6.47 -15.53
C36 PCW IA . 21.87 7.39 -15.34
C37 PCW IA . 22.58 7.86 -16.64
C38 PCW IA . 22.50 9.34 -16.83
C39 PCW IA . 23.19 9.80 -18.09
C40 PCW IA . 22.91 10.90 -18.79
C41 PCW IA . 21.82 11.90 -18.43
C42 PCW IA . 22.52 13.13 -17.69
C43 PCW IA . 21.67 14.00 -16.79
C44 PCW IA . 22.58 15.10 -16.23
C45 PCW IA . 22.52 15.27 -14.73
C46 PCW IA . 23.82 14.95 -14.04
C47 PCW IA . 23.70 14.22 -12.71
C48 PCW IA . 25.08 13.95 -12.11
N PCW IA . 14.70 -3.24 -18.61
O2 PCW IA . 21.46 2.42 -15.78
O3 PCW IA . 23.97 1.57 -16.87
O11 PCW IA . 25.22 0.50 -18.44
O31 PCW IA . 21.41 1.27 -13.78
O1P PCW IA . 19.08 -1.09 -18.91
O2P PCW IA . 19.64 -2.75 -17.14
O3P PCW IA . 19.46 -0.26 -16.54
O4P PCW IA . 17.50 -1.65 -17.03
P PCW IA . 18.96 -1.48 -17.46
C1 17F JA . 26.10 -7.95 -17.54
N1 17F JA . 27.28 -10.11 -17.06
O1 17F JA . 23.01 -9.11 -18.94
P1 17F JA . 23.62 -8.24 -17.86
C2 17F JA . 27.23 -8.92 -17.90
O2 17F JA . 23.11 -9.18 -16.79
C3 17F JA . 28.58 -8.18 -17.82
O3 17F JA . 24.95 -8.64 -17.19
C4 17F JA . 23.16 -6.41 -16.02
O4 17F JA . 29.56 -8.61 -17.09
C5 17F JA . 22.06 -5.52 -15.36
O5 17F JA . 28.78 -7.16 -18.45
C6 17F JA . 21.01 -6.43 -14.64
O6 17F JA . 22.66 -7.26 -17.06
C7 17F JA . 19.72 -5.90 -12.78
O7 17F JA . 19.99 -5.68 -14.02
C8 17F JA . 18.58 -4.95 -12.34
O8 17F JA . 20.22 -6.69 -11.99
C9 17F JA . 18.97 -4.03 -11.15
O9 17F JA . 22.60 -4.55 -14.44
C10 17F JA . 17.85 -3.04 -10.67
O10 17F JA . 20.92 -3.00 -14.70
C11 17F JA . 16.90 -3.62 -9.55
C12 17F JA . 15.81 -2.57 -9.10
C17 17F JA . 22.09 -3.35 -14.64
C18 17F JA . 23.19 -2.30 -14.76
C19 17F JA . 23.49 -1.53 -13.44
C20 17F JA . 24.44 -0.29 -13.68
C1X 17F JA . 14.92 -3.17 -8.01
C1Y 17F JA . 24.70 0.44 -12.34
C1Z 17F JA . 25.53 1.72 -12.55
C2X 17F JA . 13.78 -2.14 -7.53
C21 17F JA . 13.95 -1.74 -6.03
C22 17F JA . 14.48 -0.64 -5.62
C23 17F JA . 15.03 0.45 -6.44
C24 17F JA . 16.55 0.57 -6.41
C25 17F JA . 17.15 1.69 -7.24
C26 17F JA . 16.92 3.18 -6.69
C27 17F JA . 17.53 4.27 -7.54
C28 17F JA . 17.20 5.65 -6.84
C29 17F JA . 18.46 6.32 -6.49
C30 17F JA . 18.29 7.65 -5.81
C31 17F JA . 24.73 3.04 -12.86
C32 17F JA . 25.59 4.30 -13.08
C33 17F JA . 26.75 3.99 -14.01
C34 17F JA . 27.67 4.86 -14.40
C35 17F JA . 27.77 6.32 -14.00
C36 17F JA . 27.61 7.32 -15.19
C37 17F JA . 27.37 8.68 -14.64
C38 17F JA . 26.05 9.34 -15.12
C39 17F JA . 25.87 10.74 -14.51
C40 17F JA . 25.49 11.75 -15.60
C41 17F JA . 26.79 12.44 -16.21
C42 17F JA . 26.90 12.60 -17.72
C1 17F KA . -13.58 -4.79 1.34
N1 17F KA . -14.66 -4.32 -0.88
O1 17F KA . -13.69 -1.95 1.32
P1 17F KA . -12.48 -2.60 0.71
C2 17F KA . -14.39 -5.32 0.15
O2 17F KA . -12.25 -2.36 -0.76
C3 17F KA . -15.72 -5.92 0.64
O3 17F KA . -12.43 -4.14 0.91
C4 17F KA . -9.86 -2.57 1.00
O4 17F KA . -16.85 -5.55 0.17
C5 17F KA . -8.69 -1.95 1.82
O5 17F KA . -15.74 -6.79 1.50
C6 17F KA . -7.36 -2.16 1.06
O6 17F KA . -11.14 -2.10 1.41
C7 17F KA . -5.28 -1.08 1.11
O7 17F KA . -6.26 -1.62 1.77
C8 17F KA . -4.22 -0.60 2.12
O8 17F KA . -5.12 -0.95 -0.08
C9 17F KA . -4.30 0.91 2.43
O9 17F KA . -8.90 -0.57 2.12
C10 17F KA . -3.23 1.45 3.45
O10 17F KA . -9.25 -0.97 4.37
C11 17F KA . -2.45 2.74 2.99
C12 17F KA . -1.41 3.21 4.06
C17 17F KA . -8.80 -0.33 3.41
C18 17F KA . -8.02 0.94 3.68
C19 17F KA . -7.03 0.86 4.88
C20 17F KA . -7.63 1.47 6.20
C1X 17F KA . -0.67 4.48 3.57
C1Y 17F KA . -6.62 1.36 7.36
C1Z 17F KA . -6.40 -0.10 7.77
C2X 17F KA . 0.41 5.00 4.64
C21 17F KA . 1.36 6.08 4.04
C22 17F KA . 1.63 7.21 4.60
C23 17F KA . 1.13 7.72 5.88
C24 17F KA . -0.08 8.65 5.77
C25 17F KA . -0.63 9.20 7.07
C26 17F KA . -1.19 10.70 7.01
C27 17F KA . -1.75 11.23 8.30
C28 17F KA . -2.25 12.71 8.04
C29 17F KA . -3.15 13.10 9.13
C30 17F KA . -3.71 14.49 9.01
C31 17F KA . -7.55 -0.78 8.60
C32 17F KA . -7.29 -2.26 8.99
C33 17F KA . -8.62 -3.01 8.96
C34 17F KA . -8.77 -4.29 9.24
C35 17F KA . -7.69 -5.27 9.63
C36 17F KA . -7.95 -6.03 10.97
C37 17F KA . -7.12 -5.41 12.04
C38 17F KA . -7.91 -4.53 13.04
C39 17F KA . -6.99 -3.93 14.11
C40 17F KA . -7.65 -2.73 14.79
C41 17F KA . -6.84 -1.40 14.53
C42 17F KA . -6.75 -0.35 15.65
C1 17F LA . 10.52 -7.44 -14.12
N1 17F LA . 8.28 -6.31 -14.13
O1 17F LA . 11.05 -5.56 -16.66
P1 17F LA . 11.87 -5.73 -15.42
C2 17F LA . 9.05 -7.48 -14.57
O2 17F LA . 13.03 -6.69 -15.50
C3 17F LA . 8.38 -8.76 -14.05
O3 17F LA . 11.03 -6.15 -14.18
C4 17F LA . 13.35 -4.26 -13.81
O4 17F LA . 7.30 -8.73 -13.34
C5 17F LA . 13.88 -2.81 -13.55
O5 17F LA . 8.86 -9.86 -14.29
C6 17F LA . 15.38 -2.72 -13.91
O6 17F LA . 12.52 -4.35 -14.97
C7 17F LA . 17.17 -1.21 -13.78
O7 17F LA . 15.89 -1.42 -13.70
C8 17F LA . 17.43 0.29 -13.52
O8 17F LA . 18.07 -1.98 -14.04
C9 17F LA . 17.80 0.61 -12.06
O9 17F LA . 13.12 -1.82 -14.25
C10 17F LA . 18.07 2.13 -11.72
O10 17F LA . 11.48 -1.12 -12.78
C11 17F LA . 19.36 2.40 -10.86
C12 17F LA . 19.56 3.93 -10.56
C17 17F LA . 12.53 -0.97 -13.42
C18 17F LA . 13.29 0.33 -13.30
C19 17F LA . 13.71 0.70 -11.86
C20 17F LA . 12.75 1.76 -11.20
C1X 17F LA . 20.82 4.16 -9.72
C1Y 17F LA . 13.21 2.10 -9.76
C1Z 17F LA . 14.31 3.16 -9.76
C2X 17F LA . 21.07 5.71 -9.40
C21 17F LA . 21.87 6.43 -10.52
C22 17F LA . 22.38 7.61 -10.42
C23 17F LA . 22.31 8.52 -9.26
C24 17F LA . 22.29 10.00 -9.62
C25 17F LA . 22.22 10.98 -8.46
C26 17F LA . 23.49 11.96 -8.30
C27 17F LA . 23.40 12.93 -7.14
C28 17F LA . 24.72 13.79 -7.16
C29 17F LA . 25.58 13.37 -6.04
C30 17F LA . 26.88 14.11 -5.94
C31 17F LA . 13.88 4.64 -10.02
C32 17F LA . 15.03 5.68 -10.03
C33 17F LA . 15.81 5.55 -11.33
C34 17F LA . 16.87 6.30 -11.66
C35 17F LA . 17.50 7.40 -10.85
C36 17F LA . 17.32 8.83 -11.43
C37 17F LA . 18.66 9.42 -11.69
C38 17F LA . 18.63 10.85 -12.29
C39 17F LA . 20.05 11.40 -12.52
C40 17F LA . 20.04 12.46 -13.63
C41 17F LA . 19.47 13.83 -13.08
C42 17F LA . 18.79 14.80 -14.05
C1 17F MA . -9.35 6.39 -17.10
N1 17F MA . -8.96 3.92 -16.82
O1 17F MA . -6.94 7.32 -18.53
P1 17F MA . -6.83 6.43 -17.31
C2 17F MA . -9.91 4.95 -17.20
O2 17F MA . -6.45 4.99 -17.56
C3 17F MA . -10.41 4.70 -18.63
O3 17F MA . -8.12 6.39 -16.46
C4 17F MA . -5.45 6.28 -15.08
O4 17F MA . -10.01 3.70 -19.33
C5 17F MA . -4.36 6.97 -14.22
O5 17F MA . -11.23 5.45 -19.16
C6 17F MA . -3.67 5.91 -13.32
O6 17F MA . -5.74 6.97 -16.30
C7 17F MA . -2.64 6.22 -11.24
O7 17F MA . -2.66 6.49 -12.51
C8 17F MA . -1.45 6.97 -10.60
O8 17F MA . -3.38 5.52 -10.59
C9 17F MA . -1.56 7.09 -9.06
O9 17F MA . -3.40 7.69 -15.02
C10 17F MA . -0.39 7.84 -8.34
O10 17F MA . -4.46 9.68 -15.48
C11 17F MA . 0.38 6.98 -7.26
C12 17F MA . 1.55 7.79 -6.59
C17 17F MA . -3.58 8.99 -14.95
C18 17F MA . -2.53 9.66 -14.09
C19 17F MA . -1.89 10.93 -14.72
C20 17F MA . -2.19 12.23 -13.88
C1X 17F MA . 2.28 6.91 -5.54
C1Y 17F MA . -1.54 13.47 -14.54
C1Z 17F MA . -2.16 14.76 -14.01
C2X 17F MA . 3.48 7.70 -4.84
C21 17F MA . 4.87 7.07 -5.16
C22 17F MA . 5.61 7.39 -6.17
C23 17F MA . 5.31 8.39 -7.21
C24 17F MA . 5.96 9.74 -7.00
C25 17F MA . 5.68 10.80 -8.06
C26 17F MA . 6.41 12.20 -7.86
C27 17F MA . 6.12 13.23 -8.94
C28 17F MA . 6.91 14.54 -8.57
C29 17F MA . 8.12 14.60 -9.42
C30 17F MA . 8.99 15.81 -9.19
C31 17F MA . -1.47 16.11 -14.41
C32 17F MA . -2.12 17.40 -13.86
C33 17F MA . -1.49 18.61 -14.53
C34 17F MA . -1.83 19.87 -14.28
C35 17F MA . -2.87 20.36 -13.30
C36 17F MA . -2.57 21.75 -12.66
C37 17F MA . -3.10 21.77 -11.28
C38 17F MA . -2.73 23.04 -10.46
C39 17F MA . -3.31 22.99 -9.04
C40 17F MA . -3.67 24.40 -8.55
C41 17F MA . -5.10 24.41 -7.88
C42 17F MA . -5.43 25.47 -6.82
C1 17F NA . -19.17 1.31 -3.14
N1 17F NA . -19.01 2.77 -5.17
O1 17F NA . -21.11 0.55 -1.18
P1 17F NA . -20.82 2.03 -1.35
C2 17F NA . -19.19 1.42 -4.67
O2 17F NA . -22.02 2.93 -1.47
C3 17F NA . -20.51 0.84 -5.22
O3 17F NA . -19.92 2.34 -2.57
C4 17F NA . -19.61 3.96 -0.05
O4 17F NA . -21.29 1.52 -5.98
C5 17F NA . -18.81 4.32 1.23
O5 17F NA . -20.87 -0.29 -4.93
C6 17F NA . -17.33 4.59 0.88
O6 17F NA . -20.00 2.60 -0.12
C7 17F NA . -15.52 4.22 2.30
O7 17F NA . -16.57 4.92 2.03
C8 17F NA . -14.90 4.78 3.60
O8 17F NA . -15.03 3.27 1.73
C9 17F NA . -15.23 3.94 4.84
O9 17F NA . -19.39 5.42 1.94
C10 17F NA . -14.63 4.45 6.21
O10 17F NA . -20.07 4.19 3.79
C11 17F NA . -13.06 4.63 6.23
C12 17F NA . -12.54 5.15 7.62
C17 17F NA . -19.53 5.17 3.23
C18 17F NA . -18.95 6.27 4.09
C19 17F NA . -19.32 7.71 3.63
C20 17F NA . -18.96 8.80 4.72
C1X 17F NA . -11.02 5.31 7.60
C1Y 17F NA . -19.33 10.21 4.23
C1Z 17F NA . -19.37 11.21 5.39
C2X 17F NA . -10.45 5.84 9.01
C21 17F NA . -9.03 6.47 8.88
C22 17F NA . -8.67 7.59 9.42
C23 17F NA . -9.49 8.49 10.23
C24 17F NA . -8.70 9.39 11.17
C25 17F NA . -9.50 10.35 12.04
C26 17F NA . -9.70 11.83 11.45
C27 17F NA . -10.50 12.77 12.33
C28 17F NA . -10.58 14.15 11.59
C29 17F NA . -10.60 15.23 12.59
C30 17F NA . -10.67 16.61 12.02
C31 17F NA . -18.35 12.39 5.33
C32 17F NA . -18.43 13.39 6.53
C33 17F NA . -17.15 13.27 7.36
C34 17F NA . -16.89 13.97 8.45
C35 17F NA . -17.77 15.01 9.10
C36 17F NA . -18.48 14.54 10.40
C37 17F NA . -19.90 14.20 10.08
C38 17F NA . -20.46 12.97 10.84
C39 17F NA . -21.92 12.69 10.45
C40 17F NA . -22.19 11.18 10.43
C41 17F NA . -22.13 10.63 8.95
C42 17F NA . -20.99 9.69 8.55
C1 17F OA . 10.51 0.78 -22.40
N1 17F OA . 11.41 -0.50 -24.36
O1 17F OA . 7.78 2.04 -21.57
P1 17F OA . 8.31 1.90 -22.98
C2 17F OA . 11.70 0.47 -23.32
O2 17F OA . 7.30 1.69 -24.08
C3 17F OA . 12.90 -0.04 -22.48
O3 17F OA . 9.33 0.74 -23.12
C4 17F OA . 9.76 3.28 -24.72
O4 17F OA . 13.47 -1.15 -22.72
C5 17F OA . 10.53 4.61 -24.95
O5 17F OA . 13.33 0.62 -21.54
C6 17F OA . 9.90 5.39 -26.12
O6 17F OA . 9.15 3.18 -23.42
C7 17F OA . 9.94 7.73 -26.12
O7 17F OA . 10.57 6.62 -26.38
C8 17F OA . 10.88 8.90 -26.49
O8 17F OA . 8.83 7.92 -25.68
C9 17F OA . 11.81 9.33 -25.33
O9 17F OA . 10.60 5.42 -23.76
C10 17F OA . 12.79 10.52 -25.64
O10 17F OA . 12.33 4.18 -22.86
C11 17F OA . 14.11 10.13 -26.41
C12 17F OA . 15.02 11.38 -26.68
C17 17F OA . 11.72 5.24 -23.10
C18 17F OA . 12.28 6.53 -22.56
C19 17F OA . 13.66 6.93 -23.13
C20 17F OA . 14.15 8.34 -22.60
C1X 17F OA . 16.30 10.99 -27.43
C1Y 17F OA . 15.53 8.70 -23.19
C1Z 17F OA . 16.28 9.65 -22.26
C2X 17F OA . 17.24 12.25 -27.72
C21 17F OA . 18.31 11.96 -28.82
C22 17F OA . 19.53 12.36 -28.77
C23 17F OA . 20.17 13.16 -27.72
C24 17F OA . 21.36 14.00 -28.18
C25 17F OA . 22.06 14.83 -27.12
C26 17F OA . 23.13 15.90 -27.66
C27 17F OA . 23.80 16.72 -26.58
C28 17F OA . 24.80 17.70 -27.29
C29 17F OA . 25.82 18.13 -26.31
C30 17F OA . 26.85 19.08 -26.84
C31 17F OA . 15.91 11.17 -22.36
C32 17F OA . 16.69 12.12 -21.40
C33 17F OA . 17.34 13.25 -22.21
C34 17F OA . 18.07 14.21 -21.69
C35 17F OA . 18.41 14.41 -20.23
C36 17F OA . 19.27 15.67 -19.92
C37 17F OA . 18.81 16.27 -18.64
C38 17F OA . 19.49 17.61 -18.26
C39 17F OA . 18.98 18.15 -16.92
C40 17F OA . 18.94 19.68 -16.93
C41 17F OA . 17.82 20.23 -15.95
C42 17F OA . 17.61 21.74 -15.83
C1 17F PA . 14.12 -20.26 3.77
N1 17F PA . 14.15 -21.86 1.83
O1 17F PA . 13.52 -18.28 0.62
P1 17F PA . 14.24 -18.51 1.92
C2 17F PA . 14.06 -21.72 3.28
O2 17F PA . 15.62 -19.10 1.81
C3 17F PA . 12.75 -22.37 3.77
O3 17F PA . 13.43 -19.41 2.90
C4 17F PA . 15.09 -17.13 3.99
O4 17F PA . 11.92 -22.94 2.95
C5 17F PA . 15.20 -15.72 4.62
O5 17F PA . 12.46 -22.39 4.96
C6 17F PA . 16.26 -14.89 3.84
O6 17F PA . 14.44 -17.15 2.72
C7 17F PA . 15.95 -12.57 3.70
O7 17F PA . 16.42 -13.58 4.37
C8 17F PA . 16.27 -11.28 4.50
O8 17F PA . 15.36 -12.54 2.66
C9 17F PA . 17.79 -10.97 4.55
O9 17F PA . 13.94 -15.03 4.68
C10 17F PA . 18.21 -9.67 5.34
O10 17F PA . 12.68 -15.93 6.38
C11 17F PA . 19.77 -9.42 5.41
C12 17F PA . 20.11 -8.12 6.22
C17 17F PA . 13.42 -15.07 5.89
C18 17F PA . 13.80 -13.87 6.74
C19 17F PA . 14.89 -14.16 7.81
C20 17F PA . 16.18 -13.28 7.59
C1X 17F PA . 21.64 -7.92 6.26
C1Y 17F PA . 17.25 -13.60 8.67
C1Z 17F PA . 18.66 -13.35 8.12
C2X 17F PA . 22.05 -6.59 7.07
C21 17F PA . 22.99 -5.65 6.25
C22 17F PA . 22.59 -4.60 5.61
C23 17F PA . 21.23 -4.07 5.52
C24 17F PA . 20.94 -2.86 6.40
C25 17F PA . 19.53 -2.28 6.33
C26 17F PA . 18.96 -1.67 7.70
C27 17F PA . 17.56 -1.10 7.61
C28 17F PA . 17.17 -0.54 9.03
C29 17F PA . 15.71 -0.64 9.20
C30 17F PA . 15.19 -0.14 10.50
C31 17F PA . 19.80 -13.13 9.16
C32 17F PA . 21.21 -12.88 8.54
C33 17F PA . 22.09 -12.18 9.58
C34 17F PA . 23.36 -11.82 9.38
C35 17F PA . 24.17 -12.02 8.12
C36 17F PA . 24.34 -10.74 7.25
C37 17F PA . 24.99 -11.13 5.96
C38 17F PA . 24.80 -10.09 4.82
C39 17F PA . 25.49 -10.55 3.52
C40 17F PA . 24.49 -11.26 2.60
C41 17F PA . 25.11 -11.51 1.17
C42 17F PA . 24.60 -12.67 0.32
C1 17F QA . -3.56 -0.03 -13.98
N1 17F QA . -5.13 1.85 -14.52
O1 17F QA . -0.13 0.23 -13.59
P1 17F QA . -1.38 0.26 -12.74
C2 17F QA . -4.98 0.56 -13.86
O2 17F QA . -1.82 -1.06 -12.15
C3 17F QA . -5.36 0.70 -12.37
O3 17F QA . -2.61 0.85 -13.48
C4 17F QA . -2.25 1.42 -10.54
O4 17F QA . -5.74 1.81 -11.85
C5 17F QA . -1.85 2.40 -9.37
O5 17F QA . -5.30 -0.27 -11.62
C6 17F QA . -3.13 2.88 -8.64
O6 17F QA . -1.20 1.22 -11.48
C7 17F QA . -3.56 3.73 -6.49
O7 17F QA . -2.82 3.76 -7.57
C8 17F QA . -3.00 4.76 -5.49
O8 17F QA . -4.51 3.04 -6.22
C9 17F QA . -3.95 5.97 -5.26
O9 17F QA . -0.90 1.83 -8.45
C10 17F QA . -3.45 7.06 -4.25
O10 17F QA . -0.55 -0.41 -8.87
C11 17F QA . -2.47 8.14 -4.84
C12 17F QA . -2.03 9.19 -3.77
C17 17F QA . -1.05 0.53 -8.24
C18 17F QA . -1.94 0.23 -7.05
C19 17F QA . -1.19 0.07 -5.71
C20 17F QA . -2.18 -0.04 -4.49
C1X 17F QA . -1.08 10.23 -4.38
C1Y 17F QA . -1.40 -0.22 -3.16
C1Z 17F QA . -1.15 1.15 -2.50
C2X 17F QA . -0.60 11.32 -3.30
C21 17F QA . 0.61 10.83 -2.45
C22 17F QA . 1.50 11.61 -1.93
C23 17F QA . 1.59 13.07 -2.03
C24 17F QA . 2.72 13.70 -1.21
C25 17F QA . 2.85 15.22 -1.27
C26 17F QA . 4.32 15.80 -1.01
C27 17F QA . 4.43 17.30 -1.08
C28 17F QA . 5.94 17.67 -0.80
C29 17F QA . 6.17 19.06 -1.24
C30 17F QA . 7.56 19.56 -1.04
C31 17F QA . -2.05 1.51 -1.27
C32 17F QA . -1.77 2.89 -0.62
C33 17F QA . -2.52 3.96 -1.40
C34 17F QA . -2.50 5.26 -1.12
C35 17F QA . -1.76 5.94 0.01
C36 17F QA . -2.01 7.47 0.12
C37 17F QA . -0.97 8.07 0.99
C38 17F QA . -1.02 9.62 1.08
C39 17F QA . 0.09 10.17 2.00
C40 17F QA . -0.01 11.69 2.12
C41 17F QA . -0.67 12.09 3.50
C42 17F QA . -0.13 13.32 4.25
C1 PCW RA . 27.98 20.94 11.24
C2 PCW RA . 28.96 19.99 10.46
C3 PCW RA . 29.52 18.88 11.42
C4 PCW RA . 27.15 24.67 8.31
C5 PCW RA . 28.05 24.96 7.12
C6 PCW RA . 27.96 27.50 7.19
C7 PCW RA . 29.86 26.36 6.14
C8 PCW RA . 28.08 26.34 5.61
C11 PCW RA . 31.14 17.11 11.40
C12 PCW RA . 31.97 16.31 10.46
C13 PCW RA . 31.10 15.09 9.96
C14 PCW RA . 31.80 14.15 8.97
C15 PCW RA . 30.92 13.02 8.37
C16 PCW RA . 31.79 12.00 7.55
C17 PCW RA . 31.38 10.49 7.62
C18 PCW RA . 32.35 9.57 6.88
C19 PCW RA . 32.47 8.18 7.54
C20 PCW RA . 33.56 7.34 7.33
C21 PCW RA . 34.79 7.49 6.50
C22 PCW RA . 35.15 6.07 5.99
C23 PCW RA . 36.29 5.31 6.73
C24 PCW RA . 37.01 4.26 5.96
C25 PCW RA . 37.46 2.92 6.65
C26 PCW RA . 38.75 2.98 7.44
C27 PCW RA . 38.73 2.38 8.87
C28 PCW RA . 38.83 3.49 9.89
C31 PCW RA . 28.36 19.87 8.17
C32 PCW RA . 27.56 19.04 7.15
C33 PCW RA . 28.39 17.91 6.39
C34 PCW RA . 28.20 16.53 6.97
C35 PCW RA . 27.86 15.59 5.75
C36 PCW RA . 28.40 14.15 5.92
C37 PCW RA . 28.11 13.17 4.74
C38 PCW RA . 28.42 11.75 5.10
C39 PCW RA . 28.13 10.80 3.97
C40 PCW RA . 28.96 10.47 2.97
C41 PCW RA . 30.36 11.03 2.80
C42 PCW RA . 31.41 9.86 3.06
C43 PCW RA . 32.88 10.13 2.82
C44 PCW RA . 33.64 8.85 3.14
C45 PCW RA . 34.35 8.23 1.98
C46 PCW RA . 33.85 6.86 1.62
C47 PCW RA . 33.13 6.74 0.29
C48 PCW RA . 32.67 5.29 0.05
N PCW RA . 28.67 26.23 6.98
O2 PCW RA . 28.23 19.29 9.36
O3 PCW RA . 30.40 18.01 10.69
O11 PCW RA . 31.10 16.97 12.60
O31 PCW RA . 29.03 20.92 7.91
O1P PCW RA . 26.05 24.00 10.90
O2P PCW RA . 28.46 23.71 11.50
O3P PCW RA . 27.16 21.78 10.40
O4P PCW RA . 27.87 23.77 9.18
P PCW RA . 27.36 23.36 10.55
C1 PCW SA . 17.99 21.06 15.21
C2 PCW SA . 19.00 19.95 15.75
C3 PCW SA . 18.39 18.52 15.52
C4 PCW SA . 17.50 20.46 19.42
C5 PCW SA . 16.64 19.85 20.53
C6 PCW SA . 16.49 18.64 22.77
C7 PCW SA . 18.62 19.60 22.02
C8 PCW SA . 17.05 20.50 22.43
C11 PCW SA . 19.32 17.29 17.36
C12 PCW SA . 20.32 16.22 17.67
C13 PCW SA . 21.74 16.89 17.78
C14 PCW SA . 22.90 15.93 18.08
C15 PCW SA . 23.36 15.02 16.90
C16 PCW SA . 24.75 14.37 17.21
C17 PCW SA . 25.78 14.28 16.05
C18 PCW SA . 26.34 12.88 15.84
C19 PCW SA . 27.77 12.71 16.40
C20 PCW SA . 28.86 12.43 15.58
C21 PCW SA . 28.99 12.23 14.11
C22 PCW SA . 28.95 10.70 13.86
C23 PCW SA . 29.41 10.19 12.48
C24 PCW SA . 28.40 10.23 11.37
C25 PCW SA . 27.61 8.96 10.95
C26 PCW SA . 28.27 8.05 9.93
C27 PCW SA . 28.28 8.50 8.45
C28 PCW SA . 27.57 7.49 7.59
C31 PCW SA . 21.27 20.63 15.67
C32 PCW SA . 22.52 20.61 14.76
C33 PCW SA . 22.46 21.59 13.49
C34 PCW SA . 23.84 21.89 12.90
C35 PCW SA . 24.22 20.62 12.04
C36 PCW SA . 24.07 20.88 10.51
C37 PCW SA . 24.42 19.67 9.60
C38 PCW SA . 23.25 18.77 9.38
C39 PCW SA . 23.57 17.59 8.49
C40 PCW SA . 23.09 16.36 8.61
C41 PCW SA . 22.11 15.93 9.69
C42 PCW SA . 22.87 14.95 10.70
C43 PCW SA . 22.52 15.01 12.17
C44 PCW SA . 23.39 13.99 12.88
C45 PCW SA . 22.89 12.57 12.82
C46 PCW SA . 23.99 11.54 12.89
C47 PCW SA . 23.80 10.43 13.90
C48 PCW SA . 24.99 9.46 13.88
N PCW SA . 17.27 19.23 21.66
O2 PCW SA . 20.29 20.02 15.01
O3 PCW SA . 19.29 17.53 16.02
O11 PCW SA . 18.64 17.85 18.18
O31 PCW SA . 21.21 21.14 16.83
O1P PCW SA . 18.36 22.50 17.52
O2P PCW SA . 15.94 23.10 17.52
O3P PCW SA . 16.79 21.21 16.00
O4P PCW SA . 16.57 20.96 18.41
P PCW SA . 16.95 22.02 17.38
C1 PCW TA . 6.29 29.40 14.03
C2 PCW TA . 6.24 27.96 13.35
C3 PCW TA . 7.45 27.79 12.37
C4 PCW TA . 9.45 27.34 15.62
C5 PCW TA . 9.61 26.01 16.37
C6 PCW TA . 12.12 26.25 16.79
C7 PCW TA . 10.79 24.66 18.08
C8 PCW TA . 11.13 24.65 16.26
C11 PCW TA . 8.29 25.56 12.13
C12 PCW TA . 8.05 24.28 11.36
C13 PCW TA . 8.72 24.42 9.95
C14 PCW TA . 8.56 23.20 9.04
C15 PCW TA . 7.48 23.33 7.92
C16 PCW TA . 7.12 21.93 7.32
C17 PCW TA . 6.26 21.91 6.00
C18 PCW TA . 6.34 20.58 5.25
C19 PCW TA . 5.85 20.70 3.78
C20 PCW TA . 5.14 19.69 3.15
C21 PCW TA . 4.67 18.36 3.62
C22 PCW TA . 3.63 17.85 2.57
C23 PCW TA . 2.50 16.91 3.07
C24 PCW TA . 1.13 17.16 2.53
C25 PCW TA . 0.51 16.20 1.46
C26 PCW TA . -0.93 16.47 1.08
C27 PCW TA . -1.36 16.21 -0.38
C28 PCW TA . -2.74 16.79 -0.63
C31 PCW TA . 5.18 26.47 14.86
C32 PCW TA . 5.46 25.39 15.92
C33 PCW TA . 6.52 24.26 15.49
C34 PCW TA . 5.97 22.84 15.55
C35 PCW TA . 5.72 22.43 14.04
C36 PCW TA . 6.73 21.36 13.54
C37 PCW TA . 6.54 20.91 12.06
C38 PCW TA . 6.75 19.44 11.90
C39 PCW TA . 6.57 18.99 10.47
C40 PCW TA . 5.49 18.41 9.94
C41 PCW TA . 4.22 18.11 10.71
C42 PCW TA . 3.23 19.35 10.54
C43 PCW TA . 2.70 20.03 11.79
C44 PCW TA . 1.79 21.16 11.33
C45 PCW TA . 2.16 22.54 11.84
C46 PCW TA . 1.53 22.88 13.17
C47 PCW TA . 2.07 24.09 13.88
C48 PCW TA . 1.35 24.33 15.21
N PCW TA . 10.77 25.78 17.17
O2 PCW TA . 6.35 26.90 14.39
O3 PCW TA . 7.39 26.50 11.75
O11 PCW TA . 9.16 25.71 12.95
O31 PCW TA . 4.04 26.87 14.51
O1P PCW TA . 8.86 30.06 14.81
O2P PCW TA . 8.17 30.28 17.20
O3P PCW TA . 6.51 29.37 15.46
O4P PCW TA . 8.41 28.08 16.30
P PCW TA . 8.04 29.51 15.94
C1 PCW UA . 21.37 26.46 5.21
C2 PCW UA . 22.21 26.36 3.88
C3 PCW UA . 23.73 26.17 4.23
C4 PCW UA . 21.23 30.16 4.20
C5 PCW UA . 21.27 31.48 4.95
C6 PCW UA . 22.87 31.32 6.94
C7 PCW UA . 23.07 33.14 5.31
C8 PCW UA . 21.67 32.81 6.46
C11 PCW UA . 25.45 27.05 2.79
C12 PCW UA . 26.15 26.75 1.49
C13 PCW UA . 25.52 27.67 0.36
C14 PCW UA . 26.12 27.49 -1.03
C15 PCW UA . 26.63 28.80 -1.73
C16 PCW UA . 28.04 28.57 -2.38
C17 PCW UA . 28.11 27.59 -3.60
C18 PCW UA . 29.49 26.95 -3.78
C19 PCW UA . 29.66 25.65 -2.95
C20 PCW UA . 30.88 25.01 -2.81
C21 PCW UA . 32.24 25.32 -3.32
C22 PCW UA . 32.52 24.32 -4.48
C23 PCW UA . 32.54 24.89 -5.92
C24 PCW UA . 31.72 24.17 -6.95
C25 PCW UA . 32.36 23.15 -7.93
C26 PCW UA . 31.41 22.37 -8.80
C27 PCW UA . 31.77 20.91 -9.13
C28 PCW UA . 32.08 20.77 -10.60
C31 PCW UA . 20.89 25.42 2.16
C32 PCW UA . 20.55 24.09 1.45
C33 PCW UA . 21.51 23.69 0.23
C34 PCW UA . 21.74 22.19 0.11
C35 PCW UA . 20.87 21.72 -1.13
C36 PCW UA . 21.04 20.21 -1.42
C37 PCW UA . 20.22 19.67 -2.64
C38 PCW UA . 20.57 18.25 -2.97
C39 PCW UA . 19.79 17.71 -4.14
C40 PCW UA . 20.27 17.01 -5.17
C41 PCW UA . 21.73 16.62 -5.34
C42 PCW UA . 22.50 17.86 -5.98
C43 PCW UA . 23.65 17.61 -6.94
C44 PCW UA . 24.18 18.96 -7.37
C45 PCW UA . 24.39 19.13 -8.85
C46 PCW UA . 23.93 20.46 -9.37
C47 PCW UA . 24.74 21.07 -10.50
C48 PCW UA . 24.17 22.42 -10.93
N PCW UA . 22.47 31.87 5.62
O2 PCW UA . 21.79 25.17 3.10
O3 PCW UA . 24.51 26.08 3.02
O11 PCW UA . 25.68 27.98 3.51
O31 PCW UA . 20.40 26.55 1.89
O1P PCW UA . 18.61 28.89 4.42
O2P PCW UA . 19.29 28.59 6.78
O3P PCW UA . 20.00 26.87 5.00
O4P PCW UA . 21.00 29.12 5.18
P PCW UA . 19.66 28.41 5.36
C1 PCW VA . 4.74 29.45 21.04
C2 PCW VA . 4.53 28.03 20.40
C3 PCW VA . 5.86 27.21 20.44
C4 PCW VA . 1.81 30.27 19.16
C5 PCW VA . 2.59 30.33 17.85
C6 PCW VA . 1.49 28.57 16.37
C7 PCW VA . 2.21 30.72 15.43
C8 PCW VA . 3.27 29.40 16.17
C11 PCW VA . 6.66 25.01 19.89
C12 PCW VA . 6.22 23.73 19.24
C13 PCW VA . 5.34 22.93 20.27
C14 PCW VA . 4.80 21.59 19.78
C15 PCW VA . 3.60 21.66 18.78
C16 PCW VA . 2.31 21.07 19.44
C17 PCW VA . 0.95 21.79 19.13
C18 PCW VA . -0.10 20.88 18.48
C19 PCW VA . 0.03 20.82 16.94
C20 PCW VA . -1.08 20.74 16.11
C21 PCW VA . -2.54 20.68 16.38
C22 PCW VA . -2.90 19.18 16.61
C23 PCW VA . -4.22 18.85 17.36
C24 PCW VA . -4.39 19.46 18.72
C25 PCW VA . -3.58 18.95 19.94
C26 PCW VA . -4.08 17.69 20.61
C27 PCW VA . -3.17 16.44 20.59
C28 PCW VA . -2.98 15.92 22.00
C31 PCW VA . 2.43 26.92 20.51
C32 PCW VA . 1.50 26.13 21.45
C33 PCW VA . 2.00 24.67 21.86
C34 PCW VA . 2.66 24.60 23.24
C35 PCW VA . 1.48 24.33 24.26
C36 PCW VA . 1.65 25.09 25.59
C37 PCW VA . 0.52 24.87 26.64
C38 PCW VA . 0.79 23.68 27.51
C39 PCW VA . -0.29 23.46 28.53
C40 PCW VA . -1.10 22.40 28.64
C41 PCW VA . -1.06 21.20 27.71
C42 PCW VA . -1.40 19.89 28.56
C43 PCW VA . -1.86 18.65 27.83
C44 PCW VA . -2.12 17.58 28.88
C45 PCW VA . -3.53 17.06 28.91
C46 PCW VA . -3.63 15.58 28.64
C47 PCW VA . -4.89 15.11 27.95
C48 PCW VA . -4.86 13.59 27.74
N PCW VA . 1.97 29.95 16.63
O2 PCW VA . 3.52 27.26 21.19
O3 PCW VA . 5.65 25.92 19.85
O11 PCW VA . 7.75 25.21 20.37
O31 PCW VA . 2.20 27.17 19.29
O1P PCW VA . 1.29 29.69 21.96
O2P PCW VA . 2.38 31.90 22.31
O3P PCW VA . 3.81 29.77 22.10
O4P PCW VA . 2.67 30.82 20.19
P PCW VA . 2.47 30.57 21.66
C1 PCW WA . -6.22 33.83 3.54
C2 PCW WA . -6.10 33.06 2.18
C3 PCW WA . -6.60 33.95 0.99
C4 PCW WA . -6.30 37.35 5.54
C5 PCW WA . -7.58 38.18 5.35
C6 PCW WA . -9.30 37.72 7.17
C7 PCW WA . -8.54 40.00 6.73
C8 PCW WA . -9.48 38.88 5.61
C11 PCW WA . -5.62 33.72 -1.19
C12 PCW WA . -5.62 32.81 -2.38
C13 PCW WA . -6.37 33.52 -3.56
C14 PCW WA . -6.46 32.73 -4.86
C15 PCW WA . -7.77 31.92 -5.07
C16 PCW WA . -8.82 32.74 -5.88
C17 PCW WA . -9.89 31.95 -6.70
C18 PCW WA . -10.67 32.81 -7.69
C19 PCW WA . -11.57 31.99 -8.63
C20 PCW WA . -12.95 31.91 -8.46
C21 PCW WA . -13.86 32.49 -7.45
C22 PCW WA . -14.92 31.40 -7.11
C23 PCW WA . -15.02 30.93 -5.65
C24 PCW WA . -16.37 30.47 -5.17
C25 PCW WA . -16.95 30.96 -3.82
C26 PCW WA . -16.93 29.97 -2.67
C27 PCW WA . -18.27 29.36 -2.20
C28 PCW WA . -18.15 27.86 -2.08
C31 PCW WA . -4.41 31.41 1.96
C32 PCW WA . -2.91 31.21 1.66
C33 PCW WA . -2.58 30.22 0.45
C34 PCW WA . -2.66 28.74 0.84
C35 PCW WA . -3.62 28.07 -0.22
C36 PCW WA . -3.98 26.61 0.14
C37 PCW WA . -4.93 25.88 -0.87
C38 PCW WA . -5.09 24.44 -0.55
C39 PCW WA . -6.00 23.73 -1.51
C40 PCW WA . -6.69 22.61 -1.31
C41 PCW WA . -6.67 21.82 -0.01
C42 PCW WA . -7.36 20.41 -0.28
C43 PCW WA . -6.61 19.15 0.15
C44 PCW WA . -7.49 17.96 -0.23
C45 PCW WA . -6.75 16.67 -0.44
C46 PCW WA . -6.81 16.16 -1.85
C47 PCW WA . -6.89 14.66 -2.03
C48 PCW WA . -6.94 14.28 -3.52
N PCW WA . -8.32 38.59 6.51
O2 PCW WA . -4.67 32.72 1.91
O3 PCW WA . -6.47 33.22 -0.24
O11 PCW WA . -4.97 34.72 -1.08
O31 PCW WA . -5.24 30.49 2.20
O1P PCW WA . -3.68 36.49 4.62
O2P PCW WA . -4.83 36.42 2.39
O3P PCW WA . -4.99 34.43 4.01
O4P PCW WA . -6.19 36.52 4.37
P PCW WA . -4.86 36.02 3.82
C1 PCW XA . -5.13 33.68 14.08
C2 PCW XA . -6.35 32.78 14.46
C3 PCW XA . -7.66 33.64 14.51
C4 PCW XA . -3.67 32.69 17.71
C5 PCW XA . -4.54 31.46 17.48
C6 PCW XA . -5.01 30.78 19.74
C7 PCW XA . -3.18 29.86 18.63
C8 PCW XA . -5.25 29.15 17.99
C11 PCW XA . -9.27 32.87 16.14
C12 PCW XA . -10.44 31.94 16.26
C13 PCW XA . -11.63 32.53 15.44
C14 PCW XA . -12.93 31.70 15.46
C15 PCW XA . -13.75 31.69 14.14
C16 PCW XA . -14.31 30.25 13.86
C17 PCW XA . -15.54 30.14 12.89
C18 PCW XA . -16.84 29.83 13.61
C19 PCW XA . -17.89 30.97 13.47
C20 PCW XA . -19.09 30.79 12.81
C21 PCW XA . -19.69 29.62 12.13
C22 PCW XA . -21.23 29.76 12.29
C23 PCW XA . -21.91 28.92 13.41
C24 PCW XA . -22.95 27.93 12.97
C25 PCW XA . -22.70 26.40 13.07
C26 PCW XA . -23.83 25.56 13.61
C27 PCW XA . -23.88 25.30 15.13
C28 PCW XA . -25.03 26.06 15.76
C31 PCW XA . -6.51 30.48 13.92
C32 PCW XA . -6.72 29.50 12.76
C33 PCW XA . -8.00 29.78 11.84
C34 PCW XA . -8.02 28.95 10.55
C35 PCW XA . -8.71 29.87 9.46
C36 PCW XA . -9.20 29.05 8.25
C37 PCW XA . -9.91 29.87 7.12
C38 PCW XA . -10.82 29.03 6.30
C39 PCW XA . -11.51 29.80 5.20
C40 PCW XA . -12.26 29.30 4.21
C41 PCW XA . -12.54 27.82 4.02
C42 PCW XA . -14.09 27.57 4.31
C43 PCW XA . -14.48 26.43 5.24
C44 PCW XA . -15.99 26.43 5.33
C45 PCW XA . -16.68 25.26 4.68
C46 PCW XA . -17.15 24.22 5.66
C47 PCW XA . -16.69 22.80 5.40
C48 PCW XA . -17.24 21.84 6.46
N PCW XA . -4.50 30.37 18.42
O2 PCW XA . -6.55 31.71 13.44
O3 PCW XA . -8.79 32.81 14.86
O11 PCW XA . -8.83 33.57 17.01
O31 PCW XA . -6.30 30.15 15.13
O1P PCW XA . -1.79 32.48 15.50
O2P PCW XA . -2.38 34.87 15.12
O3P PCW XA . -3.85 33.00 14.16
O4P PCW XA . -3.82 33.54 16.53
P PCW XA . -2.88 33.50 15.34
C1 PCW YA . 34.68 6.20 26.17
C2 PCW YA . 34.91 4.90 25.32
C3 PCW YA . 36.41 4.79 24.90
C4 PCW YA . 34.16 7.81 22.26
C5 PCW YA . 33.46 6.50 21.91
C6 PCW YA . 34.57 6.02 19.81
C7 PCW YA . 32.46 7.06 19.80
C8 PCW YA . 32.53 4.84 20.33
C11 PCW YA . 36.41 3.68 22.77
C12 PCW YA . 36.68 2.34 22.14
C13 PCW YA . 35.31 1.70 21.74
C14 PCW YA . 35.40 0.32 21.08
C15 PCW YA . 35.87 0.31 19.61
C16 PCW YA . 36.23 -1.15 19.14
C17 PCW YA . 37.51 -1.81 19.75
C18 PCW YA . 37.94 -3.08 19.03
C19 PCW YA . 37.45 -4.37 19.74
C20 PCW YA . 38.02 -5.62 19.50
C21 PCW YA . 39.12 -6.05 18.61
C22 PCW YA . 39.20 -7.60 18.73
C23 PCW YA . 39.51 -8.41 17.44
C24 PCW YA . 38.58 -9.52 17.10
C25 PCW YA . 37.06 -9.24 16.85
C26 PCW YA . 36.32 -10.26 16.00
C27 PCW YA . 36.11 -9.94 14.50
C28 PCW YA . 35.07 -10.85 13.92
C31 PCW YA . 33.79 2.82 25.48
C32 PCW YA . 33.52 1.64 26.43
C33 PCW YA . 32.02 1.51 26.96
C34 PCW YA . 31.92 1.01 28.40
C35 PCW YA . 32.08 -0.57 28.33
C36 PCW YA . 30.73 -1.29 28.12
C37 PCW YA . 30.82 -2.85 28.04
C38 PCW YA . 29.90 -3.50 29.01
C39 PCW YA . 29.97 -5.01 28.97
C40 PCW YA . 29.07 -5.83 28.43
C41 PCW YA . 27.78 -5.37 27.77
C42 PCW YA . 27.91 -5.62 26.19
C43 PCW YA . 28.35 -4.45 25.32
C44 PCW YA . 28.40 -4.96 23.89
C45 PCW YA . 28.61 -3.90 22.84
C46 PCW YA . 29.76 -4.19 21.92
C47 PCW YA . 30.17 -3.07 20.98
C48 PCW YA . 31.36 -3.48 20.11
N PCW YA . 33.27 6.13 20.53
O2 PCW YA . 34.57 3.69 26.12
O3 PCW YA . 36.62 3.60 24.11
O11 PCW YA . 36.07 4.67 22.17
O31 PCW YA . 33.33 2.94 24.31
O1P PCW YA . 32.91 9.16 24.50
O2P PCW YA . 35.21 9.07 25.47
O3P PCW YA . 33.63 7.05 25.69
O4P PCW YA . 34.71 7.65 23.59
P PCW YA . 34.11 8.32 24.83
C1 PCW ZA . -4.99 21.06 26.79
C2 PCW ZA . -5.66 21.29 25.37
C3 PCW ZA . -4.60 21.09 24.23
C4 PCW ZA . -6.30 23.53 30.74
C5 PCW ZA . -7.17 22.86 31.81
C6 PCW ZA . -6.60 21.66 33.98
C7 PCW ZA . -6.95 24.08 33.96
C8 PCW ZA . -8.18 22.76 33.57
C11 PCW ZA . -5.47 22.58 22.56
C12 PCW ZA . -6.12 22.56 21.20
C13 PCW ZA . -6.01 24.00 20.58
C14 PCW ZA . -6.63 24.16 19.19
C15 PCW ZA . -6.03 25.29 18.31
C16 PCW ZA . -5.57 24.72 16.92
C17 PCW ZA . -6.45 25.06 15.67
C18 PCW ZA . -5.98 24.37 14.39
C19 PCW ZA . -7.15 23.83 13.54
C20 PCW ZA . -7.50 22.48 13.53
C21 PCW ZA . -6.93 21.30 14.21
C22 PCW ZA . -8.12 20.32 14.46
C23 PCW ZA . -7.83 19.05 15.29
C24 PCW ZA . -7.91 17.74 14.57
C25 PCW ZA . -6.62 16.96 14.19
C26 PCW ZA . -6.77 15.49 13.88
C27 PCW ZA . -5.76 14.84 12.92
C28 PCW ZA . -6.41 13.67 12.20
C31 PCW ZA . -7.91 20.85 24.80
C32 PCW ZA . -8.94 19.72 24.61
C33 PCW ZA . -10.32 19.90 25.39
C34 PCW ZA . -11.52 19.40 24.59
C35 PCW ZA . -11.58 17.84 24.85
C36 PCW ZA . -11.73 17.04 23.53
C37 PCW ZA . -11.80 15.48 23.69
C38 PCW ZA . -12.47 14.82 22.52
C39 PCW ZA . -12.54 13.32 22.66
C40 PCW ZA . -13.32 12.50 21.97
C41 PCW ZA . -14.28 12.95 20.88
C42 PCW ZA . -14.65 11.67 19.99
C43 PCW ZA . -16.05 11.09 20.10
C44 PCW ZA . -16.11 9.90 19.15
C45 PCW ZA . -16.45 8.58 19.80
C46 PCW ZA . -17.05 7.58 18.85
C47 PCW ZA . -18.08 6.64 19.43
C48 PCW ZA . -18.61 5.67 18.37
N PCW ZA . -6.75 22.88 33.18
O2 PCW ZA . -6.75 20.30 25.15
O3 PCW ZA . -5.21 21.30 22.95
O11 PCW ZA . -5.21 23.57 23.20
O31 PCW ZA . -8.16 22.09 24.67
O1P PCW ZA . -4.52 23.52 28.42
O2P PCW ZA . -6.67 23.76 27.16
O3P PCW ZA . -5.83 21.44 27.90
O4P PCW ZA . -6.78 23.05 29.45
P PCW ZA . -5.92 23.02 28.20
C1 PCW AB . 7.60 8.58 42.70
C2 PCW AB . 6.56 7.44 42.35
C3 PCW AB . 5.45 8.01 41.39
C4 PCW AB . 11.33 9.68 42.23
C5 PCW AB . 11.99 9.60 40.85
C6 PCW AB . 14.39 9.54 40.70
C7 PCW AB . 13.35 11.51 41.41
C8 PCW AB . 13.20 10.97 39.20
C11 PCW AB . 3.32 6.98 41.75
C12 PCW AB . 2.48 5.82 41.29
C13 PCW AB . 1.50 6.35 40.18
C14 PCW AB . 0.56 5.30 39.58
C15 PCW AB . -0.75 5.85 38.92
C16 PCW AB . -2.01 5.25 39.61
C17 PCW AB . -3.39 5.95 39.32
C18 PCW AB . -4.22 6.19 40.58
C19 PCW AB . -5.57 6.90 40.29
C20 PCW AB . -6.78 6.22 40.30
C21 PCW AB . -7.14 4.81 40.56
C22 PCW AB . -8.27 4.81 41.62
C23 PCW AB . -8.58 3.46 42.33
C24 PCW AB . -9.89 2.82 42.02
C25 PCW AB . -9.98 1.32 41.63
C26 PCW AB . -10.05 1.00 40.14
C27 PCW AB . -8.81 0.36 39.49
C28 PCW AB . -8.87 0.53 37.99
C31 PCW AB . 6.90 5.12 42.02
C32 PCW AB . 7.68 4.09 41.19
C33 PCW AB . 7.25 3.97 39.66
C34 PCW AB . 5.96 3.18 39.45
C35 PCW AB . 6.39 1.85 38.72
C36 PCW AB . 6.40 0.63 39.68
C37 PCW AB . 6.82 -0.72 39.02
C38 PCW AB . 5.86 -1.83 39.34
C39 PCW AB . 6.25 -3.14 38.72
C40 PCW AB . 5.56 -3.85 37.84
C41 PCW AB . 4.19 -3.45 37.31
C42 PCW AB . 4.37 -3.01 35.78
C43 PCW AB . 3.55 -3.74 34.73
C44 PCW AB . 3.91 -3.13 33.38
C45 PCW AB . 3.05 -3.56 32.23
C46 PCW AB . 3.83 -3.97 31.01
C47 PCW AB . 3.53 -3.20 29.73
C48 PCW AB . 4.39 -3.72 28.57
N PCW AB . 13.17 10.36 40.55
O2 PCW AB . 7.26 6.33 41.63
O3 PCW AB . 4.51 6.97 41.08
O11 PCW AB . 3.00 7.78 42.59
O31 PCW AB . 6.04 4.83 42.92
O1P PCW AB . 10.82 8.17 44.68
O2P PCW AB . 10.05 6.42 43.07
O3P PCW AB . 8.45 8.29 43.83
O4P PCW AB . 10.29 8.67 42.25
P PCW AB . 9.96 7.84 43.49
C1 PCW BB . 1.29 36.95 -2.99
C2 PCW BB . 1.31 35.59 -3.81
C3 PCW BB . 0.38 35.71 -5.07
C4 PCW BB . 1.39 40.35 -0.96
C5 PCW BB . 0.12 41.10 -0.58
C6 PCW BB . -1.43 41.49 1.40
C7 PCW BB . 0.86 42.34 1.43
C8 PCW BB . -0.52 42.83 0.30
C11 PCW BB . -0.60 34.25 -6.70
C12 PCW BB . -0.39 32.90 -7.34
C13 PCW BB . -1.66 32.02 -7.02
C14 PCW BB . -1.63 30.60 -7.59
C15 PCW BB . -2.63 29.59 -6.94
C16 PCW BB . -3.08 28.50 -7.97
C17 PCW BB . -3.90 28.98 -9.21
C18 PCW BB . -4.60 27.84 -9.95
C19 PCW BB . -4.98 28.22 -11.41
C20 PCW BB . -4.50 27.51 -12.51
C21 PCW BB . -3.62 26.32 -12.62
C22 PCW BB . -4.50 25.14 -13.10
C23 PCW BB . -4.51 24.83 -14.62
C24 PCW BB . -5.57 23.89 -15.12
C25 PCW BB . -6.76 24.42 -15.95
C26 PCW BB . -8.15 23.95 -15.54
C27 PCW BB . -8.93 23.07 -16.53
C28 PCW BB . -9.45 21.83 -15.81
C31 PCW BB . 3.48 34.72 -3.39
C32 PCW BB . 4.86 34.48 -4.03
C33 PCW BB . 5.21 32.95 -4.34
C34 PCW BB . 5.70 32.17 -3.12
C35 PCW BB . 4.57 31.10 -2.80
C36 PCW BB . 4.97 29.68 -3.22
C37 PCW BB . 3.91 28.56 -2.95
C38 PCW BB . 3.87 27.54 -4.03
C39 PCW BB . 2.85 26.45 -3.78
C40 PCW BB . 3.10 25.17 -3.50
C41 PCW BB . 4.49 24.59 -3.39
C42 PCW BB . 4.45 23.40 -2.31
C43 PCW BB . 4.56 23.73 -0.84
C44 PCW BB . 4.49 22.42 -0.08
C45 PCW BB . 3.10 21.95 0.26
C46 PCW BB . 2.66 20.75 -0.52
C47 PCW BB . 1.17 20.50 -0.58
C48 PCW BB . 0.86 19.24 -1.41
N PCW BB . -0.10 41.48 0.78
O2 PCW BB . 2.69 35.30 -4.30
O3 PCW BB . 0.41 34.48 -5.81
O11 PCW BB . -1.51 34.99 -6.92
O31 PCW BB . 3.17 34.42 -2.21
O1P PCW BB . 3.28 40.19 -3.17
O2P PCW BB . 1.21 39.80 -4.52
O3P PCW BB . 2.38 37.85 -3.31
O4P PCW BB . 1.08 39.55 -2.13
P PCW BB . 2.00 39.41 -3.32
C1 PCW CB . 29.84 17.55 21.09
C2 PCW CB . 28.74 16.61 20.43
C3 PCW CB . 28.07 15.71 21.53
C4 PCW CB . 28.24 18.61 24.01
C5 PCW CB . 26.82 18.35 24.53
C6 PCW CB . 25.27 17.82 26.49
C7 PCW CB . 27.48 18.82 26.89
C8 PCW CB . 26.05 19.56 25.99
C11 PCW CB . 25.85 14.80 21.51
C12 PCW CB . 24.97 13.88 20.72
C13 PCW CB . 25.64 12.44 20.71
C14 PCW CB . 24.86 11.37 19.94
C15 PCW CB . 25.37 9.91 20.13
C16 PCW CB . 25.80 9.28 18.76
C17 PCW CB . 27.30 9.44 18.33
C18 PCW CB . 27.70 8.51 17.19
C19 PCW CB . 28.97 7.67 17.50
C20 PCW CB . 29.10 6.35 17.11
C21 PCW CB . 28.19 5.42 16.38
C22 PCW CB . 28.56 5.54 14.86
C23 PCW CB . 27.53 5.02 13.83
C24 PCW CB . 26.66 6.04 13.17
C25 PCW CB . 25.24 5.67 12.66
C26 PCW CB . 25.13 5.20 11.23
C27 PCW CB . 24.46 6.13 10.20
C28 PCW CB . 24.23 5.40 8.90
C31 PCW CB . 27.79 17.64 18.52
C32 PCW CB . 26.62 18.52 18.05
C33 PCW CB . 25.84 17.97 16.76
C34 PCW CB . 26.05 18.85 15.52
C35 PCW CB . 27.10 18.07 14.62
C36 PCW CB . 26.41 17.16 13.56
C37 PCW CB . 27.39 16.36 12.64
C38 PCW CB . 26.76 15.11 12.12
C39 PCW CB . 27.69 14.31 11.23
C40 PCW CB . 27.43 13.83 10.03
C41 PCW CB . 26.09 13.99 9.31
C42 PCW CB . 25.94 12.80 8.26
C43 PCW CB . 25.08 11.62 8.64
C44 PCW CB . 25.11 10.64 7.47
C45 PCW CB . 23.86 10.60 6.63
C46 PCW CB . 24.13 10.68 5.16
C47 PCW CB . 23.99 12.05 4.52
C48 PCW CB . 24.29 12.00 3.02
N PCW CB . 26.60 18.18 25.94
O2 PCW CB . 27.66 17.45 19.83
O3 PCW CB . 27.08 14.88 20.92
O11 PCW CB . 25.51 15.39 22.50
O31 PCW CB . 28.70 17.19 17.78
O1P PCW CB . 30.31 20.25 22.82
O2P PCW CB . 28.43 21.09 21.40
O3P PCW CB . 29.68 18.94 20.75
O4P PCW CB . 28.11 19.04 22.63
P PCW CB . 29.14 19.90 21.93
C1 PCW DB . 19.23 32.12 -1.59
C2 PCW DB . 18.02 31.32 -2.19
C3 PCW DB . 17.80 31.70 -3.70
C4 PCW DB . 18.22 31.01 2.39
C5 PCW DB . 16.77 30.91 2.85
C6 PCW DB . 15.93 28.50 2.67
C7 PCW DB . 15.69 29.76 4.76
C8 PCW DB . 14.89 30.12 3.13
C11 PCW DB . 16.46 31.02 -5.57
C12 PCW DB . 15.27 30.17 -5.91
C13 PCW DB . 15.81 28.83 -6.55
C14 PCW DB . 14.72 27.83 -6.97
C15 PCW DB . 14.48 27.69 -8.50
C16 PCW DB . 14.14 26.21 -8.89
C17 PCW DB . 15.18 25.43 -9.75
C18 PCW DB . 14.55 24.63 -10.90
C19 PCW DB . 15.51 23.57 -11.49
C20 PCW DB . 15.34 23.05 -12.77
C21 PCW DB . 14.34 23.31 -13.83
C22 PCW DB . 13.36 22.08 -13.83
C23 PCW DB . 12.95 21.50 -15.20
C24 PCW DB . 11.95 22.28 -16.00
C25 PCW DB . 12.14 22.51 -17.53
C26 PCW DB . 13.24 23.47 -17.93
C27 PCW DB . 12.85 24.92 -18.27
C28 PCW DB . 13.01 25.17 -19.75
C31 PCW DB . 17.67 29.22 -1.15
C32 PCW DB . 18.04 27.73 -1.23
C33 PCW DB . 17.91 27.08 -2.68
C34 PCW DB . 17.21 25.72 -2.68
C35 PCW DB . 16.43 25.64 -4.05
C36 PCW DB . 16.43 24.21 -4.65
C37 PCW DB . 15.67 24.04 -6.00
C38 PCW DB . 14.55 23.06 -5.88
C39 PCW DB . 13.80 22.88 -7.18
C40 PCW DB . 13.39 21.72 -7.71
C41 PCW DB . 13.65 20.36 -7.07
C42 PCW DB . 12.84 19.27 -7.91
C43 PCW DB . 13.48 18.65 -9.12
C44 PCW DB . 12.49 17.66 -9.70
C45 PCW DB . 12.47 17.56 -11.21
C46 PCW DB . 13.39 16.52 -11.76
C47 PCW DB . 12.79 15.15 -12.00
C48 PCW DB . 13.84 14.18 -12.56
N PCW DB . 16.29 29.70 3.45
O2 PCW DB . 18.29 29.86 -2.14
O3 PCW DB . 16.70 30.96 -4.23
O11 PCW DB . 17.11 31.66 -6.35
O31 PCW DB . 16.90 29.74 -0.27
O1P PCW DB . 20.54 31.55 0.75
O2P PCW DB . 20.19 33.89 1.52
O3P PCW DB . 18.87 32.99 -0.49
O4P PCW DB . 18.39 32.32 1.79
P PCW DB . 19.59 32.68 0.92
C1 PCW EB . 28.92 8.89 26.97
C2 PCW EB . 28.65 7.59 26.12
C3 PCW EB . 29.87 7.30 25.19
C4 PCW EB . 28.16 7.78 30.33
C5 PCW EB . 27.53 8.10 31.68
C6 PCW EB . 27.95 8.35 34.18
C7 PCW EB . 29.37 9.52 32.57
C8 PCW EB . 27.56 9.76 32.88
C11 PCW EB . 30.56 5.14 24.40
C12 PCW EB . 30.10 4.01 23.53
C13 PCW EB . 29.60 2.85 24.46
C14 PCW EB . 29.09 1.60 23.73
C15 PCW EB . 29.62 0.23 24.29
C16 PCW EB . 30.84 -0.28 23.44
C17 PCW EB . 31.77 -1.35 24.11
C18 PCW EB . 33.27 -1.02 23.97
C19 PCW EB . 34.17 -2.26 24.17
C20 PCW EB . 35.09 -2.35 25.20
C21 PCW EB . 35.47 -1.42 26.30
C22 PCW EB . 36.14 -2.27 27.40
C23 PCW EB . 35.55 -2.21 28.84
C24 PCW EB . 34.56 -3.27 29.20
C25 PCW EB . 34.92 -4.79 29.09
C26 PCW EB . 33.93 -5.67 28.37
C27 PCW EB . 34.05 -5.78 26.83
C28 PCW EB . 32.68 -5.73 26.20
C31 PCW EB . 27.22 6.01 27.14
C32 PCW EB . 27.19 4.80 28.10
C33 PCW EB . 28.38 3.75 27.92
C34 PCW EB . 29.24 3.59 29.18
C35 PCW EB . 28.80 2.22 29.84
C36 PCW EB . 29.08 2.18 31.35
C37 PCW EB . 28.67 0.85 32.07
C38 PCW EB . 29.64 -0.25 31.79
C39 PCW EB . 29.27 -1.54 32.46
C40 PCW EB . 30.06 -2.59 32.66
C41 PCW EB . 31.52 -2.66 32.23
C42 PCW EB . 32.27 -3.73 33.13
C43 PCW EB . 33.21 -4.72 32.48
C44 PCW EB . 33.77 -5.61 33.58
C45 PCW EB . 35.22 -6.00 33.42
C46 PCW EB . 35.41 -7.40 32.89
C47 PCW EB . 36.26 -7.54 31.64
C48 PCW EB . 36.37 -9.01 31.22
N PCW EB . 28.36 8.51 32.78
O2 PCW EB . 28.48 6.42 27.02
O3 PCW EB . 29.61 6.12 24.41
O11 PCW EB . 31.61 5.19 24.99
O31 PCW EB . 26.21 6.52 26.57
O1P PCW EB . 28.46 10.54 29.51
O2P PCW EB . 26.01 10.37 29.07
O3P PCW EB . 27.72 9.63 27.28
O4P PCW EB . 27.27 8.34 29.31
P PCW EB . 27.35 9.78 28.83
C1 PCW FB . 28.06 28.11 -7.27
C2 PCW FB . 28.68 27.24 -8.44
C3 PCW FB . 27.54 26.48 -9.21
C4 PCW FB . 28.54 32.42 -5.23
C5 PCW FB . 28.13 32.68 -3.79
C6 PCW FB . 27.13 34.84 -4.19
C7 PCW FB . 29.26 34.72 -3.23
C8 PCW FB . 27.49 34.15 -1.91
C11 PCW FB . 28.54 24.44 -9.98
C12 PCW FB . 29.11 23.81 -11.22
C13 PCW FB . 27.91 23.26 -12.08
C14 PCW FB . 28.30 22.58 -13.39
C15 PCW FB . 27.39 21.40 -13.84
C16 PCW FB . 25.99 21.94 -14.32
C17 PCW FB . 25.69 21.87 -15.86
C18 PCW FB . 25.63 20.44 -16.40
C19 PCW FB . 24.21 20.05 -16.91
C20 PCW FB . 23.27 19.43 -16.11
C21 PCW FB . 23.30 18.98 -14.69
C22 PCW FB . 21.83 19.04 -14.17
C23 PCW FB . 21.62 19.19 -12.64
C24 PCW FB . 22.00 18.02 -11.79
C25 PCW FB . 20.93 17.04 -11.25
C26 PCW FB . 21.33 16.19 -10.04
C27 PCW FB . 20.21 15.75 -9.08
C28 PCW FB . 20.02 14.26 -9.14
C31 PCW FB . 28.67 29.02 -10.05
C32 PCW FB . 29.59 29.80 -11.01
C33 PCW FB . 29.31 29.57 -12.57
C34 PCW FB . 27.98 30.16 -13.04
C35 PCW FB . 27.83 29.72 -14.55
C36 PCW FB . 26.36 29.80 -15.04
C37 PCW FB . 26.13 29.39 -16.53
C38 PCW FB . 25.43 28.07 -16.65
C39 PCW FB . 25.19 27.66 -18.08
C40 PCW FB . 24.33 26.74 -18.52
C41 PCW FB . 23.40 25.94 -17.63
C42 PCW FB . 22.53 24.98 -18.55
C43 PCW FB . 22.65 23.49 -18.37
C44 PCW FB . 21.71 22.84 -19.38
C45 PCW FB . 21.45 21.36 -19.15
C46 PCW FB . 21.01 20.64 -20.39
C47 PCW FB . 21.84 19.44 -20.79
C48 PCW FB . 21.29 18.78 -22.06
N PCW FB . 28.01 34.03 -3.31
O2 PCW FB . 29.41 28.10 -9.42
O3 PCW FB . 28.12 25.70 -10.27
O11 PCW FB . 28.47 23.91 -8.90
O31 PCW FB . 27.44 29.24 -9.90
O1P PCW FB . 28.41 31.64 -8.03
O2P PCW FB . 26.41 30.37 -7.27
O3P PCW FB . 28.76 29.35 -7.01
O4P PCW FB . 27.94 31.15 -5.60
P PCW FB . 27.83 30.67 -7.04
C1 PCW GB . 9.20 37.48 -1.21
C2 PCW GB . 8.30 37.22 -2.48
C3 PCW GB . 6.92 37.95 -2.32
C4 PCW GB . 10.92 40.54 -2.22
C5 PCW GB . 10.64 41.10 -3.63
C6 PCW GB . 13.09 41.84 -3.88
C7 PCW GB . 11.33 42.80 -5.30
C8 PCW GB . 11.53 42.96 -3.47
C11 PCW GB . 5.97 38.69 -4.41
C12 PCW GB . 5.08 38.22 -5.52
C13 PCW GB . 5.94 38.13 -6.84
C14 PCW GB . 5.18 37.66 -8.08
C15 PCW GB . 6.05 37.39 -9.34
C16 PCW GB . 6.52 35.89 -9.38
C17 PCW GB . 6.35 35.13 -10.73
C18 PCW GB . 5.86 33.70 -10.57
C19 PCW GB . 4.31 33.60 -10.46
C20 PCW GB . 3.68 32.81 -9.50
C21 PCW GB . 4.21 31.92 -8.44
C22 PCW GB . 3.12 31.88 -7.33
C23 PCW GB . 3.05 30.60 -6.44
C24 PCW GB . 1.90 29.67 -6.69
C25 PCW GB . 2.08 28.42 -7.62
C26 PCW GB . 0.80 27.73 -8.06
C27 PCW GB . 0.85 26.87 -9.33
C28 PCW GB . -0.51 26.31 -9.64
C31 PCW GB . 9.40 36.85 -4.55
C32 PCW GB . 10.06 37.58 -5.74
C33 PCW GB . 9.61 37.04 -7.19
C34 PCW GB . 10.76 36.39 -7.97
C35 PCW GB . 10.39 36.57 -9.49
C36 PCW GB . 10.51 35.25 -10.29
C37 PCW GB . 10.16 35.35 -11.81
C38 PCW GB . 10.24 34.01 -12.48
C39 PCW GB . 9.91 34.07 -13.94
C40 PCW GB . 9.70 33.04 -14.76
C41 PCW GB . 9.77 31.59 -14.33
C42 PCW GB . 8.31 30.97 -14.46
C43 PCW GB . 7.34 31.13 -13.30
C44 PCW GB . 6.04 30.45 -13.70
C45 PCW GB . 4.83 31.35 -13.73
C46 PCW GB . 3.54 30.63 -13.43
C47 PCW GB . 2.40 31.48 -12.94
C48 PCW GB . 1.15 30.64 -12.67
N PCW GB . 11.69 41.77 -4.35
O2 PCW GB . 8.97 37.77 -3.69
O3 PCW GB . 6.11 37.70 -3.48
O11 PCW GB . 6.47 39.78 -4.34
O31 PCW GB . 9.30 35.59 -4.41
O1P PCW GB . 11.43 38.92 0.13
O2P PCW GB . 13.06 37.79 -1.37
O3P PCW GB . 10.59 37.10 -1.39
O4P PCW GB . 11.38 39.18 -2.38
P PCW GB . 11.68 38.26 -1.20
C1 PCW HB . -9.87 27.77 21.08
C2 PCW HB . -10.59 26.55 21.76
C3 PCW HB . -12.13 26.84 21.89
C4 PCW HB . -6.89 26.25 23.60
C5 PCW HB . -8.07 25.47 24.16
C6 PCW HB . -9.31 24.49 26.17
C7 PCW HB . -7.79 26.40 26.45
C8 PCW HB . -9.36 26.34 25.49
C11 PCW HB . -13.72 25.98 23.48
C12 PCW HB . -14.24 24.68 24.01
C13 PCW HB . -15.15 24.03 22.92
C14 PCW HB . -15.78 22.68 23.31
C15 PCW HB . -14.90 21.43 23.05
C16 PCW HB . -15.16 20.86 21.62
C17 PCW HB . -15.50 19.33 21.50
C18 PCW HB . -16.64 19.02 20.52
C19 PCW HB . -16.16 18.85 19.07
C20 PCW HB . -16.92 18.16 18.12
C21 PCW HB . -18.22 17.47 18.19
C22 PCW HB . -19.14 18.12 17.11
C23 PCW HB . -20.36 17.30 16.63
C24 PCW HB . -21.62 17.45 17.41
C25 PCW HB . -22.04 16.41 18.49
C26 PCW HB . -22.76 16.94 19.71
C27 PCW HB . -24.27 16.63 19.84
C28 PCW HB . -25.07 17.92 19.80
C31 PCW HB . -10.31 24.19 21.62
C32 PCW HB . -10.15 23.04 20.60
C33 PCW HB . -11.39 22.03 20.52
C34 PCW HB . -11.08 20.64 21.06
C35 PCW HB . -10.25 19.92 19.92
C36 PCW HB . -8.85 19.47 20.40
C37 PCW HB . -7.98 18.75 19.32
C38 PCW HB . -8.28 17.28 19.25
C39 PCW HB . -7.45 16.57 18.21
C40 PCW HB . -7.34 15.26 18.05
C41 PCW HB . -8.04 14.22 18.90
C42 PCW HB . -9.18 13.53 18.00
C43 PCW HB . -8.98 12.09 17.57
C44 PCW HB . -10.21 11.70 16.75
C45 PCW HB . -11.08 10.62 17.36
C46 PCW HB . -11.27 9.44 16.46
C47 PCW HB . -12.69 8.96 16.26
C48 PCW HB . -12.74 7.74 15.33
N PCW HB . -8.25 25.35 25.58
O2 PCW HB . -10.42 25.33 20.92
O3 PCW HB . -12.78 25.73 22.52
O11 PCW HB . -14.05 27.07 23.84
O31 PCW HB . -10.33 24.07 22.87
O1P PCW HB . -7.16 27.35 20.89
O2P PCW HB . -6.69 29.49 22.06
O3P PCW HB . -9.08 28.57 21.98
O4P PCW HB . -7.34 27.62 23.40
P PCW HB . -7.50 28.27 22.03
C1 PCW IB . 42.78 8.48 14.91
C2 PCW IB . 43.24 7.55 13.72
C3 PCW IB . 44.01 6.31 14.29
C4 PCW IB . 42.80 12.64 15.89
C5 PCW IB . 43.57 13.14 17.11
C6 PCW IB . 43.85 14.96 18.90
C7 PCW IB . 41.62 14.32 18.12
C8 PCW IB . 42.84 13.27 19.03
C11 PCW IB . 44.75 4.16 13.47
C12 PCW IB . 45.17 3.48 12.19
C13 PCW IB . 45.01 1.93 12.38
C14 PCW IB . 45.40 1.09 11.17
C15 PCW IB . 44.22 0.60 10.27
C16 PCW IB . 43.51 -0.64 10.92
C17 PCW IB . 42.06 -0.44 11.47
C18 PCW IB . 41.01 -0.34 10.35
C19 PCW IB . 40.12 -1.60 10.26
C20 PCW IB . 39.32 -1.86 9.16
C21 PCW IB . 39.08 -1.14 7.89
C22 PCW IB . 39.88 -1.90 6.78
C23 PCW IB . 40.95 -1.10 6.00
C24 PCW IB . 42.21 -0.75 6.73
C25 PCW IB . 43.17 -1.85 7.26
C26 PCW IB . 44.64 -1.69 6.92
C27 PCW IB . 45.11 -2.13 5.53
C28 PCW IB . 46.13 -1.15 4.98
C31 PCW IB . 41.14 6.37 13.67
C32 PCW IB . 40.01 5.95 12.70
C33 PCW IB . 38.52 6.26 13.21
C34 PCW IB . 37.69 5.01 13.47
C35 PCW IB . 36.46 5.10 12.47
C36 PCW IB . 35.66 3.78 12.38
C37 PCW IB . 34.44 3.80 11.42
C38 PCW IB . 33.90 2.42 11.18
C39 PCW IB . 32.71 2.42 10.25
C40 PCW IB . 32.65 1.93 9.01
C41 PCW IB . 33.82 1.29 8.29
C42 PCW IB . 33.31 0.74 6.88
C43 PCW IB . 34.20 0.93 5.66
C44 PCW IB . 33.46 0.33 4.47
C45 PCW IB . 33.46 1.18 3.22
C46 PCW IB . 32.42 2.25 3.20
C47 PCW IB . 31.10 1.90 2.53
C48 PCW IB . 30.13 3.09 2.57
N PCW IB . 43.04 14.23 17.90
O2 PCW IB . 42.06 7.05 12.95
O3 PCW IB . 44.43 5.46 13.20
O11 PCW IB . 44.71 3.67 14.56
O31 PCW IB . 41.17 6.10 14.89
O1P PCW IB . 40.28 11.38 15.18
O2P PCW IB . 40.93 9.74 16.95
O3P PCW IB . 41.81 9.48 14.54
O4P PCW IB . 42.62 11.20 16.07
P PCW IB . 41.33 10.47 15.72
C1 PCW JB . 37.85 20.52 7.41
C2 PCW JB . 37.53 21.24 6.04
C3 PCW JB . 38.40 20.61 4.90
C4 PCW JB . 40.40 23.94 8.04
C5 PCW JB . 40.33 24.55 6.64
C6 PCW JB . 41.33 26.84 7.20
C7 PCW JB . 41.45 25.94 4.92
C8 PCW JB . 39.94 26.41 5.87
C11 PCW JB . 38.80 22.40 3.32
C12 PCW JB . 38.35 22.90 1.98
C13 PCW JB . 39.19 22.15 0.88
C14 PCW JB . 38.87 22.52 -0.58
C15 PCW JB . 38.47 21.33 -1.50
C16 PCW JB . 36.92 21.27 -1.69
C17 PCW JB . 36.32 21.98 -2.95
C18 PCW JB . 35.39 21.08 -3.78
C19 PCW JB . 36.18 20.01 -4.59
C20 PCW JB . 35.70 19.49 -5.79
C21 PCW JB . 34.48 19.74 -6.57
C22 PCW JB . 34.78 19.26 -8.02
C23 PCW JB . 34.16 17.92 -8.48
C24 PCW JB . 35.10 16.89 -9.01
C25 PCW JB . 35.72 15.80 -8.07
C26 PCW JB . 34.90 14.55 -7.87
C27 PCW JB . 35.28 13.31 -8.70
C28 PCW JB . 34.17 12.98 -9.67
C31 PCW JB . 35.31 22.07 5.94
C32 PCW JB . 33.88 21.70 5.50
C33 PCW JB . 32.99 20.94 6.60
C34 PCW JB . 33.38 19.47 6.78
C35 PCW JB . 32.22 18.64 6.08
C36 PCW JB . 32.74 17.33 5.44
C37 PCW JB . 31.66 16.45 4.74
C38 PCW JB . 31.54 16.74 3.28
C39 PCW JB . 30.49 15.89 2.60
C40 PCW JB . 30.58 15.34 1.40
C41 PCW JB . 31.78 15.47 0.48
C42 PCW JB . 31.83 14.19 -0.46
C43 PCW JB . 32.74 14.22 -1.68
C44 PCW JB . 32.58 12.89 -2.39
C45 PCW JB . 33.87 12.29 -2.91
C46 PCW JB . 33.64 11.18 -3.89
C47 PCW JB . 34.12 11.41 -5.30
C48 PCW JB . 33.83 10.20 -6.20
N PCW JB . 41.16 25.66 6.31
O2 PCW JB . 36.10 21.02 5.67
O3 PCW JB . 38.11 21.26 3.64
O11 PCW JB . 39.63 22.93 4.01
O31 PCW JB . 35.66 23.17 6.45
O1P PCW JB . 39.33 22.52 10.34
O2P PCW JB . 40.27 20.54 9.15
O3P PCW JB . 37.94 21.42 8.54
O4P PCW JB . 39.99 22.55 7.90
P PCW JB . 39.43 21.74 9.05
C1 PCW KB . 24.66 9.02 24.69
C2 PCW KB . 24.82 8.16 23.39
C3 PCW KB . 26.08 7.24 23.49
C4 PCW KB . 28.46 11.14 23.40
C5 PCW KB . 29.89 11.62 23.70
C6 PCW KB . 30.35 12.59 21.38
C7 PCW KB . 31.68 13.28 23.31
C8 PCW KB . 31.58 11.60 22.56
C11 PCW KB . 27.25 6.72 21.46
C12 PCW KB . 27.20 5.78 20.28
C13 PCW KB . 27.96 4.46 20.69
C14 PCW KB . 28.01 3.38 19.60
C15 PCW KB . 28.92 2.17 19.91
C16 PCW KB . 29.38 1.46 18.58
C17 PCW KB . 29.23 -0.10 18.52
C18 PCW KB . 28.08 -0.56 17.63
C19 PCW KB . 28.54 -1.42 16.42
C20 PCW KB . 28.70 -2.80 16.50
C21 PCW KB . 28.52 -3.76 17.62
C22 PCW KB . 27.09 -4.37 17.48
C23 PCW KB . 26.08 -4.08 18.61
C24 PCW KB . 24.67 -4.54 18.41
C25 PCW KB . 23.59 -3.59 17.81
C26 PCW KB . 23.53 -3.51 16.30
C27 PCW KB . 22.58 -4.47 15.56
C28 PCW KB . 21.98 -3.80 14.34
C31 PCW KB . 22.59 7.82 22.60
C32 PCW KB . 21.48 6.76 22.51
C33 PCW KB . 21.77 5.54 21.51
C34 PCW KB . 21.89 4.19 22.21
C35 PCW KB . 20.41 3.75 22.55
C36 PCW KB . 20.34 2.32 23.14
C37 PCW KB . 18.90 1.82 23.51
C38 PCW KB . 18.63 0.44 22.98
C39 PCW KB . 17.26 -0.06 23.34
C40 PCW KB . 16.16 0.03 22.59
C41 PCW KB . 16.11 0.67 21.21
C42 PCW KB . 14.64 0.50 20.63
C43 PCW KB . 14.41 -0.47 19.49
C44 PCW KB . 12.92 -0.41 19.15
C45 PCW KB . 12.49 -1.33 18.04
C46 PCW KB . 11.82 -0.62 16.90
C47 PCW KB . 12.72 0.02 15.87
C48 PCW KB . 11.91 0.71 14.76
N PCW KB . 30.50 12.59 22.85
O2 PCW KB . 23.63 7.25 23.22
O3 PCW KB . 26.21 6.45 22.29
O11 PCW KB . 28.10 7.56 21.64
O31 PCW KB . 22.52 9.00 22.18
O1P PCW KB . 25.61 11.42 23.66
O2P PCW KB . 26.16 11.93 26.04
O3P PCW KB . 25.90 9.48 25.26
O4P PCW KB . 27.84 10.87 24.67
P PCW KB . 26.33 10.99 24.90
C1 PCW LB . 38.03 14.93 14.88
C2 PCW LB . 37.53 13.96 13.74
C3 PCW LB . 38.71 13.60 12.77
C4 PCW LB . 33.78 15.83 14.46
C5 PCW LB . 32.59 16.28 15.29
C6 PCW LB . 30.08 15.87 15.36
C7 PCW LB . 31.64 14.17 16.20
C8 PCW LB . 31.35 15.87 16.86
C11 PCW LB . 39.09 12.34 10.77
C12 PCW LB . 38.37 11.42 9.81
C13 PCW LB . 38.71 9.94 10.21
C14 PCW LB . 38.07 8.86 9.33
C15 PCW LB . 38.49 8.88 7.83
C16 PCW LB . 39.89 8.20 7.64
C17 PCW LB . 39.94 6.89 6.79
C18 PCW LB . 40.83 6.99 5.56
C19 PCW LB . 40.63 5.82 4.56
C20 PCW LB . 40.23 6.01 3.26
C21 PCW LB . 39.91 7.23 2.48
C22 PCW LB . 38.74 6.86 1.51
C23 PCW LB . 38.71 7.56 0.13
C24 PCW LB . 37.41 7.54 -0.61
C25 PCW LB . 37.32 8.01 -2.10
C26 PCW LB . 35.93 8.04 -2.71
C27 PCW LB . 35.54 6.89 -3.66
C28 PCW LB . 34.05 6.95 -3.96
C31 PCW LB . 35.76 12.45 14.19
C32 PCW LB . 35.44 11.10 14.84
C33 PCW LB . 35.36 9.85 13.83
C34 PCW LB . 33.98 9.20 13.78
C35 PCW LB . 33.93 8.18 15.00
C36 PCW LB . 32.71 7.24 14.94
C37 PCW LB . 32.61 6.21 16.11
C38 PCW LB . 33.36 4.96 15.83
C39 PCW LB . 33.28 3.95 16.94
C40 PCW LB . 34.27 3.28 17.49
C41 PCW LB . 35.73 3.41 17.05
C42 PCW LB . 36.11 2.13 16.18
C43 PCW LB . 37.57 1.84 15.92
C44 PCW LB . 37.63 0.58 15.07
C45 PCW LB . 38.32 0.72 13.74
C46 PCW LB . 37.40 0.57 12.56
C47 PCW LB . 36.98 -0.84 12.22
C48 PCW LB . 36.05 -0.85 10.99
N PCW LB . 31.47 15.40 15.46
O2 PCW LB . 37.07 12.67 14.34
O3 PCW LB . 38.23 12.73 11.74
O11 PCW LB . 40.24 12.67 10.67
O31 PCW LB . 34.93 13.21 13.61
O1P PCW LB . 35.72 14.81 16.37
O2P PCW LB . 36.02 17.23 16.90
O3P PCW LB . 37.31 16.18 14.94
O4P PCW LB . 34.91 16.65 14.85
P PCW LB . 35.98 16.20 15.84
C1 PCW MB . 22.10 6.55 35.14
C2 PCW MB . 21.81 6.01 33.69
C3 PCW MB . 23.15 5.83 32.89
C4 PCW MB . 18.11 8.42 34.85
C5 PCW MB . 17.09 9.53 35.11
C6 PCW MB . 17.61 10.89 33.02
C7 PCW MB . 15.50 11.20 34.21
C8 PCW MB . 17.21 11.55 34.82
C11 PCW MB . 23.29 6.06 30.51
C12 PCW MB . 22.89 5.36 29.24
C13 PCW MB . 23.26 6.28 28.01
C14 PCW MB . 22.91 5.70 26.63
C15 PCW MB . 23.34 4.22 26.39
C16 PCW MB . 24.40 4.14 25.24
C17 PCW MB . 25.26 2.83 25.15
C18 PCW MB . 24.45 1.59 24.79
C19 PCW MB . 25.26 0.54 23.99
C20 PCW MB . 25.50 0.67 22.63
C21 PCW MB . 25.11 1.70 21.65
C22 PCW MB . 24.28 0.97 20.54
C23 PCW MB . 24.26 1.60 19.13
C24 PCW MB . 23.92 0.69 17.98
C25 PCW MB . 23.19 1.23 16.72
C26 PCW MB . 22.61 0.19 15.79
C27 PCW MB . 22.77 0.39 14.27
C28 PCW MB . 23.99 -0.36 13.77
C31 PCW MB . 19.85 4.67 33.68
C32 PCW MB . 19.34 3.23 33.78
C33 PCW MB . 19.59 2.34 32.47
C34 PCW MB . 18.84 1.00 32.49
C35 PCW MB . 19.94 -0.09 32.18
C36 PCW MB . 19.32 -1.45 31.74
C37 PCW MB . 20.34 -2.57 31.41
C38 PCW MB . 20.22 -3.04 29.99
C39 PCW MB . 21.20 -4.13 29.66
C40 PCW MB . 21.03 -5.12 28.77
C41 PCW MB . 19.78 -5.30 27.94
C42 PCW MB . 19.99 -4.57 26.54
C43 PCW MB . 18.78 -4.02 25.82
C44 PCW MB . 19.29 -3.39 24.53
C45 PCW MB . 19.08 -4.21 23.28
C46 PCW MB . 18.55 -3.42 22.12
C47 PCW MB . 17.71 -4.18 21.11
C48 PCW MB . 17.24 -3.25 19.98
N PCW MB . 16.69 10.40 34.04
O2 PCW MB . 21.17 4.66 33.77
O3 PCW MB . 22.87 5.34 31.58
O11 PCW MB . 23.90 7.10 30.57
O31 PCW MB . 19.11 5.71 33.56
O1P PCW MB . 19.71 6.62 36.49
O2P PCW MB . 20.48 8.75 37.53
O3P PCW MB . 21.61 7.88 35.38
O4P PCW MB . 19.37 8.87 35.41
P PCW MB . 20.27 7.99 36.27
C1 PCW NB . 16.33 14.73 19.60
C2 PCW NB . 16.56 13.19 19.33
C3 PCW NB . 15.40 12.63 18.44
C4 PCW NB . 20.22 15.57 22.94
C5 PCW NB . 21.01 14.31 23.29
C6 PCW NB . 23.22 13.26 24.00
C7 PCW NB . 22.60 15.48 24.81
C8 PCW NB . 21.74 13.87 25.16
C11 PCW NB . 16.09 10.85 16.98
C12 PCW NB . 16.25 9.36 16.94
C13 PCW NB . 15.20 8.79 15.92
C14 PCW NB . 15.21 7.26 15.76
C15 PCW NB . 13.86 6.62 15.31
C16 PCW NB . 14.12 5.31 14.49
C17 PCW NB . 12.86 4.59 13.87
C18 PCW NB . 12.46 5.14 12.51
C19 PCW NB . 12.84 4.19 11.34
C20 PCW NB . 11.88 3.47 10.65
C21 PCW NB . 10.40 3.36 10.78
C22 PCW NB . 10.03 1.88 10.51
C23 PCW NB . 9.38 1.08 11.67
C24 PCW NB . 8.01 0.52 11.43
C25 PCW NB . 7.39 -0.53 12.39
C26 PCW NB . 7.43 -1.98 11.93
C27 PCW NB . 8.58 -2.87 12.44
C28 PCW NB . 8.09 -4.27 12.68
C31 PCW NB . 18.88 12.66 19.36
C32 PCW NB . 20.11 12.47 18.46
C33 PCW NB . 20.41 10.95 18.04
C34 PCW NB . 20.75 10.05 19.23
C35 PCW NB . 20.29 8.59 18.79
C36 PCW NB . 18.92 8.19 19.41
C37 PCW NB . 18.41 6.77 19.02
C38 PCW NB . 17.88 6.03 20.21
C39 PCW NB . 17.38 4.64 19.85
C40 PCW NB . 16.11 4.26 19.74
C41 PCW NB . 14.92 5.17 19.96
C42 PCW NB . 13.90 4.95 18.74
C43 PCW NB . 12.91 3.80 18.83
C44 PCW NB . 12.08 3.83 17.55
C45 PCW NB . 10.63 3.49 17.73
C46 PCW NB . 9.79 3.82 16.52
C47 PCW NB . 8.97 2.69 15.94
C48 PCW NB . 8.16 3.16 14.72
N PCW NB . 22.31 14.41 23.88
O2 PCW NB . 17.84 12.97 18.58
O3 PCW NB . 15.60 11.23 18.20
O11 PCW NB . 16.36 11.60 16.09
O31 PCW NB . 18.86 12.56 20.63
O1P PCW NB . 17.10 15.29 22.57
O2P PCW NB . 18.23 16.66 21.56
O3P PCW NB . 17.53 15.45 19.96
O4P PCW NB . 19.59 15.33 21.65
P PCW NB . 18.10 15.18 21.44
C1 PCW OB . 24.25 36.46 -6.41
C2 PCW OB . 23.59 35.08 -6.79
C3 PCW OB . 22.05 35.27 -7.04
C4 PCW OB . 22.89 39.40 -8.26
C5 PCW OB . 21.47 39.42 -8.84
C6 PCW OB . 21.57 40.92 -10.90
C7 PCW OB . 20.32 38.82 -10.95
C8 PCW OB . 19.98 40.32 -9.92
C11 PCW OB . 20.70 33.37 -6.46
C12 PCW OB . 20.19 32.09 -7.03
C13 PCW OB . 21.36 31.04 -7.06
C14 PCW OB . 21.00 29.65 -7.62
C15 PCW OB . 19.51 29.23 -7.51
C16 PCW OB . 18.94 28.80 -8.91
C17 PCW OB . 18.62 29.93 -9.94
C18 PCW OB . 17.16 30.41 -9.89
C19 PCW OB . 16.71 31.10 -11.20
C20 PCW OB . 15.69 30.59 -11.99
C21 PCW OB . 14.83 29.40 -11.86
C22 PCW OB . 15.66 28.19 -12.38
C23 PCW OB . 15.19 27.51 -13.70
C24 PCW OB . 16.17 26.61 -14.38
C25 PCW OB . 17.05 27.14 -15.56
C26 PCW OB . 17.04 26.33 -16.84
C27 PCW OB . 16.34 26.93 -18.06
C28 PCW OB . 17.14 26.64 -19.31
C31 PCW OB . 25.28 33.82 -7.89
C32 PCW OB . 25.76 33.37 -9.28
C33 PCW OB . 25.16 31.98 -9.80
C34 PCW OB . 23.88 32.14 -10.61
C35 PCW OB . 23.70 30.76 -11.39
C36 PCW OB . 22.23 30.27 -11.39
C37 PCW OB . 21.99 28.93 -12.14
C38 PCW OB . 21.88 27.77 -11.20
C39 PCW OB . 21.64 26.45 -11.90
C40 PCW OB . 21.33 25.29 -11.35
C41 PCW OB . 21.15 25.07 -9.86
C42 PCW OB . 20.02 23.95 -9.65
C43 PCW OB . 20.42 22.64 -8.99
C44 PCW OB . 19.17 21.77 -8.93
C45 PCW OB . 19.36 20.35 -9.37
C46 PCW OB . 18.10 19.68 -9.86
C47 PCW OB . 17.75 19.89 -11.31
C48 PCW OB . 16.44 19.16 -11.67
N PCW OB . 21.27 39.64 -10.24
O2 PCW OB . 24.18 34.56 -8.06
O3 PCW OB . 21.47 34.01 -7.39
O11 PCW OB . 20.48 33.78 -5.35
O31 PCW OB . 25.85 33.55 -6.78
O1P PCW OB . 25.68 38.84 -8.88
O2P PCW OB . 24.72 36.76 -9.84
O3P PCW OB . 25.28 36.90 -7.33
O4P PCW OB . 23.35 38.04 -8.35
P PCW OB . 24.79 37.66 -8.67
C1 PCW PB . -10.44 17.30 32.10
C2 PCW PB . -11.90 16.75 32.38
C3 PCW PB . -12.74 16.75 31.06
C4 PCW PB . -10.91 19.01 35.84
C5 PCW PB . -12.43 19.14 35.81
C6 PCW PB . -13.30 19.86 37.95
C7 PCW PB . -12.68 17.63 37.67
C8 PCW PB . -14.59 18.29 36.65
C11 PCW PB . -15.04 17.16 31.57
C12 PCW PB . -16.33 16.44 31.84
C13 PCW PB . -17.35 16.80 30.71
C14 PCW PB . -18.73 16.15 30.83
C15 PCW PB . -19.94 17.13 30.86
C16 PCW PB . -20.72 16.99 32.22
C17 PCW PB . -21.42 18.28 32.76
C18 PCW PB . -22.95 18.21 32.72
C19 PCW PB . -23.56 19.02 31.56
C20 PCW PB . -24.25 18.43 30.52
C21 PCW PB . -24.59 17.02 30.22
C22 PCW PB . -25.96 16.73 30.90
C23 PCW PB . -25.97 15.77 32.12
C24 PCW PB . -26.96 14.65 32.09
C25 PCW PB . -26.53 13.20 31.69
C26 PCW PB . -27.45 12.47 30.72
C27 PCW PB . -28.32 11.33 31.28
C28 PCW PB . -29.78 11.68 31.15
C31 PCW PB . -12.23 15.19 34.13
C32 PCW PB . -12.09 13.70 34.48
C33 PCW PB . -13.39 12.81 34.19
C34 PCW PB . -13.42 11.50 34.99
C35 PCW PB . -14.95 11.20 35.24
C36 PCW PB . -15.18 9.83 35.92
C37 PCW PB . -16.68 9.46 36.20
C38 PCW PB . -16.88 8.00 36.39
C39 PCW PB . -18.31 7.64 36.66
C40 PCW PB . -19.05 6.74 36.01
C41 PCW PB . -18.55 5.90 34.84
C42 PCW PB . -19.58 6.06 33.63
C43 PCW PB . -19.36 7.16 32.63
C44 PCW PB . -20.48 7.07 31.60
C45 PCW PB . -21.17 8.36 31.29
C46 PCW PB . -22.66 8.33 31.54
C47 PCW PB . -23.48 9.38 30.84
C48 PCW PB . -24.97 9.23 31.18
N PCW PB . -13.21 18.75 36.96
O2 PCW PB . -11.82 15.35 32.88
O3 PCW PB . -14.05 16.25 31.33
O11 PCW PB . -14.91 18.36 31.56
O31 PCW PB . -12.64 16.10 34.91
O1P PCW PB . -8.29 17.95 35.22
O2P PCW PB . -8.48 19.43 33.22
O3P PCW PB . -9.51 17.07 33.19
O4P PCW PB . -10.47 18.93 34.45
P PCW PB . -9.11 18.38 34.04
C1 PCW QB . -2.48 15.38 35.93
C2 PCW QB . -1.40 14.39 35.29
C3 PCW QB . 0.03 14.82 35.74
C4 PCW QB . -2.43 13.16 40.02
C5 PCW QB . -3.25 12.43 41.09
C6 PCW QB . -1.46 12.18 42.69
C7 PCW QB . -3.64 11.71 43.33
C8 PCW QB . -3.10 13.90 43.07
C11 PCW QB . 1.55 12.97 35.94
C12 PCW QB . 2.56 12.18 35.15
C13 PCW QB . 2.14 10.66 35.20
C14 PCW QB . 3.06 9.70 34.44
C15 PCW QB . 4.50 9.52 35.02
C16 PCW QB . 5.58 9.92 33.96
C17 PCW QB . 6.97 9.20 34.04
C18 PCW QB . 7.04 7.89 33.25
C19 PCW QB . 8.35 7.73 32.46
C20 PCW QB . 8.43 8.00 31.10
C21 PCW QB . 7.42 8.46 30.11
C22 PCW QB . 7.22 7.29 29.10
C23 PCW QB . 6.06 6.30 29.39
C24 PCW QB . 6.24 4.89 28.91
C25 PCW QB . 6.90 3.81 29.81
C26 PCW QB . 7.71 2.74 29.10
C27 PCW QB . 8.59 1.82 29.96
C28 PCW QB . 9.32 0.83 29.10
C31 PCW QB . -2.34 12.24 34.92
C32 PCW QB . -2.49 10.85 35.54
C33 PCW QB . -2.54 9.63 34.49
C34 PCW QB . -1.16 9.10 34.12
C35 PCW QB . -1.33 7.53 33.96
C36 PCW QB . -1.30 6.79 35.33
C37 PCW QB . -1.47 5.25 35.27
C38 PCW QB . -2.90 4.84 35.12
C39 PCW QB . -3.08 3.34 35.07
C40 PCW QB . -3.26 2.60 33.97
C41 PCW QB . -3.30 3.14 32.55
C42 PCW QB . -2.24 2.35 31.68
C43 PCW QB . -2.61 0.97 31.15
C44 PCW QB . -1.42 0.46 30.36
C45 PCW QB . -1.47 -1.00 29.98
C46 PCW QB . -0.65 -1.35 28.78
C47 PCW QB . -1.40 -1.63 27.49
C48 PCW QB . -0.43 -1.96 26.35
N PCW QB . -2.87 12.54 42.47
O2 PCW QB . -1.64 13.00 35.76
O3 PCW QB . 1.01 13.94 35.15
O11 PCW QB . 1.28 12.79 37.10
O31 PCW QB . -2.80 12.61 33.80
O1P PCW QB . -1.48 15.49 38.56
O2P PCW QB . -3.82 16.29 38.95
O3P PCW QB . -3.29 14.77 36.96
O4P PCW QB . -3.37 13.96 39.24
P PCW QB . -2.95 15.20 38.46
C1 PCW RB . 14.74 9.70 28.51
C2 PCW RB . 13.31 9.29 27.96
C3 PCW RB . 12.61 10.54 27.32
C4 PCW RB . 13.42 6.78 31.85
C5 PCW RB . 12.02 6.16 31.82
C6 PCW RB . 10.47 5.35 29.98
C7 PCW RB . 12.24 3.89 30.83
C8 PCW RB . 10.77 4.55 31.76
C11 PCW RB . 10.83 10.85 25.76
C12 PCW RB . 9.45 10.33 25.42
C13 PCW RB . 9.59 9.27 24.27
C14 PCW RB . 8.27 8.64 23.80
C15 PCW RB . 8.40 7.31 23.01
C16 PCW RB . 8.53 7.59 21.47
C17 PCW RB . 9.84 7.08 20.76
C18 PCW RB . 9.68 6.91 19.25
C19 PCW RB . 10.78 7.61 18.44
C20 PCW RB . 10.65 7.90 17.09
C21 PCW RB . 9.55 7.67 16.13
C22 PCW RB . 10.21 7.56 14.72
C23 PCW RB . 9.36 6.96 13.57
C24 PCW RB . 8.88 7.91 12.51
C25 PCW RB . 9.11 7.62 11.00
C26 PCW RB . 8.46 8.57 10.02
C27 PCW RB . 9.30 9.74 9.46
C28 PCW RB . 8.44 10.96 9.25
C31 PCW RB . 13.12 7.02 27.29
C32 PCW RB . 13.32 6.08 26.09
C33 PCW RB . 12.11 5.07 25.82
C34 PCW RB . 11.21 5.51 24.68
C35 PCW RB . 11.48 4.51 23.49
C36 PCW RB . 10.20 3.87 22.93
C37 PCW RB . 10.40 2.87 21.74
C38 PCW RB . 9.22 1.98 21.55
C39 PCW RB . 9.39 1.01 20.42
C40 PCW RB . 8.49 0.71 19.48
C41 PCW RB . 7.10 1.33 19.40
C42 PCW RB . 6.06 0.14 19.25
C43 PCW RB . 4.87 0.09 20.20
C44 PCW RB . 4.05 -1.14 19.83
C45 PCW RB . 2.57 -0.91 19.73
C46 PCW RB . 1.75 -2.16 19.90
C47 PCW RB . 0.25 -1.98 19.93
C48 PCW RB . -0.46 -3.34 20.11
N PCW RB . 11.69 5.23 30.79
O2 PCW RB . 13.45 8.26 26.90
O3 PCW RB . 11.31 10.17 26.85
O11 PCW RB . 11.40 11.72 25.17
O31 PCW RB . 12.73 6.67 28.44
O1P PCW RB . 15.33 8.96 32.14
O2P PCW RB . 13.53 10.27 31.01
O3P PCW RB . 15.20 8.90 29.62
O4P PCW RB . 13.41 7.88 30.91
P PCW RB . 14.37 9.05 30.99
C1 PCW SB . 11.88 26.76 8.21
C2 PCW SB . 12.03 25.81 6.96
C3 PCW SB . 11.03 26.24 5.83
C4 PCW SB . 11.44 29.35 11.09
C5 PCW SB . 11.67 30.65 11.88
C6 PCW SB . 11.30 33.06 11.15
C7 PCW SB . 9.58 31.87 12.41
C8 PCW SB . 11.28 32.33 12.97
C11 PCW SB . 10.34 24.30 4.61
C12 PCW SB . 10.66 23.51 3.37
C13 PCW SB . 10.97 22.03 3.79
C14 PCW SB . 11.33 21.08 2.64
C15 PCW SB . 10.43 21.18 1.37
C16 PCW SB . 11.32 21.38 0.09
C17 PCW SB . 11.24 20.27 -1.02
C18 PCW SB . 12.56 20.05 -1.75
C19 PCW SB . 13.26 18.73 -1.35
C20 PCW SB . 13.35 17.65 -2.21
C21 PCW SB . 12.86 17.42 -3.60
C22 PCW SB . 13.48 16.08 -4.07
C23 PCW SB . 12.55 15.08 -4.80
C24 PCW SB . 12.72 14.96 -6.28
C25 PCW SB . 13.69 13.91 -6.89
C26 PCW SB . 15.09 14.39 -7.21
C27 PCW SB . 15.34 15.02 -8.60
C28 PCW SB . 16.32 16.17 -8.48
C31 PCW SB . 13.98 24.75 6.14
C32 PCW SB . 15.39 25.03 5.57
C33 PCW SB . 16.38 23.76 5.56
C34 PCW SB . 17.56 23.94 4.59
C35 PCW SB . 17.01 23.50 3.17
C36 PCW SB . 16.88 24.68 2.20
C37 PCW SB . 16.34 24.32 0.78
C38 PCW SB . 14.85 24.33 0.72
C39 PCW SB . 14.31 23.99 -0.64
C40 PCW SB . 13.59 24.78 -1.44
C41 PCW SB . 13.17 26.19 -1.09
C42 PCW SB . 13.20 27.06 -2.43
C43 PCW SB . 11.92 27.73 -2.88
C44 PCW SB . 12.25 28.48 -4.17
C45 PCW SB . 11.63 29.85 -4.29
C46 PCW SB . 10.48 29.89 -5.26
C47 PCW SB . 9.35 30.85 -4.90
C48 PCW SB . 8.25 30.80 -5.96
N PCW SB . 10.81 31.77 11.67
O2 PCW SB . 13.41 25.92 6.40
O3 PCW SB . 11.18 25.36 4.70
O11 PCW SB . 9.48 24.02 5.40
O31 PCW SB . 13.47 23.61 6.32
O1P PCW SB . 12.66 26.72 10.92
O2P PCW SB . 14.72 28.03 10.46
O3P PCW SB . 13.10 27.48 8.55
O4P PCW SB . 12.61 29.15 10.26
P PCW SB . 13.31 27.80 10.11
C1 PCW TB . 14.63 23.32 14.78
C2 PCW TB . 14.76 22.37 13.53
C3 PCW TB . 14.13 20.98 13.87
C4 PCW TB . 16.70 26.40 11.96
C5 PCW TB . 17.23 25.95 10.61
C6 PCW TB . 19.20 27.54 10.29
C7 PCW TB . 19.30 25.25 9.43
C8 PCW TB . 18.16 26.61 8.90
C11 PCW TB . 14.92 18.93 12.88
C12 PCW TB . 14.88 18.17 11.58
C13 PCW TB . 13.58 17.30 11.57
C14 PCW TB . 13.38 16.44 10.31
C15 PCW TB . 12.05 15.62 10.25
C16 PCW TB . 12.16 14.49 9.17
C17 PCW TB . 13.13 13.31 9.47
C18 PCW TB . 12.73 12.00 8.79
C19 PCW TB . 13.40 11.80 7.41
C20 PCW TB . 12.89 10.93 6.46
C21 PCW TB . 11.72 10.02 6.45
C22 PCW TB . 12.27 8.57 6.34
C23 PCW TB . 11.43 7.55 5.54
C24 PCW TB . 10.85 6.40 6.31
C25 PCW TB . 9.51 6.55 7.08
C26 PCW TB . 8.26 6.79 6.24
C27 PCW TB . 6.89 6.51 6.89
C28 PCW TB . 6.02 7.74 6.82
C31 PCW TB . 14.70 23.07 11.27
C32 PCW TB . 13.79 23.66 10.17
C33 PCW TB . 12.68 22.66 9.59
C34 PCW TB . 13.10 21.19 9.63
C35 PCW TB . 12.41 20.51 8.38
C36 PCW TB . 13.35 19.51 7.66
C37 PCW TB . 12.74 18.81 6.41
C38 PCW TB . 13.21 17.39 6.29
C39 PCW TB . 12.64 16.68 5.08
C40 PCW TB . 13.32 16.02 4.16
C41 PCW TB . 14.83 15.86 4.15
C42 PCW TB . 15.24 15.07 2.83
C43 PCW TB . 16.13 15.75 1.81
C44 PCW TB . 16.35 14.77 0.67
C45 PCW TB . 16.21 15.36 -0.71
C46 PCW TB . 17.27 14.90 -1.68
C47 PCW TB . 16.80 14.52 -3.07
C48 PCW TB . 17.97 14.07 -3.94
N PCW TB . 18.59 26.19 10.27
O2 PCW TB . 13.98 22.94 12.39
O3 PCW TB . 14.24 20.11 12.73
O11 PCW TB . 15.43 18.56 13.89
O31 PCW TB . 15.93 22.79 11.13
O1P PCW TB . 16.53 26.55 14.85
O2P PCW TB . 17.34 24.20 14.69
O3P PCW TB . 14.83 24.73 14.49
O4P PCW TB . 16.44 25.20 12.73
P PCW TB . 16.34 25.19 14.23
C1 PCW UB . 9.92 34.63 6.53
C2 PCW UB . 9.43 33.13 6.61
C3 PCW UB . 8.18 33.01 7.54
C4 PCW UB . 11.68 37.11 2.71
C5 PCW UB . 12.93 36.63 1.97
C6 PCW UB . 14.58 38.41 1.18
C7 PCW UB . 15.24 36.74 2.84
C8 PCW UB . 14.75 36.45 1.07
C11 PCW UB . 8.31 30.84 8.56
C12 PCW UB . 7.71 29.46 8.45
C13 PCW UB . 8.18 28.83 7.08
C14 PCW UB . 7.64 27.42 6.82
C15 PCW UB . 6.44 27.32 5.84
C16 PCW UB . 6.33 25.88 5.22
C17 PCW UB . 5.92 25.79 3.71
C18 PCW UB . 6.95 25.04 2.85
C19 PCW UB . 7.92 26.00 2.12
C20 PCW UB . 8.48 25.69 0.90
C21 PCW UB . 8.36 24.51 0.00
C22 PCW UB . 8.80 24.97 -1.41
C23 PCW UB . 9.87 24.11 -2.15
C24 PCW UB . 9.91 24.23 -3.64
C25 PCW UB . 11.01 23.51 -4.48
C26 PCW UB . 10.91 22.00 -4.55
C27 PCW UB . 9.86 21.37 -5.48
C28 PCW UB . 9.87 19.87 -5.36
C31 PCW UB . 9.96 31.96 4.62
C32 PCW UB . 9.39 31.56 3.24
C33 PCW UB . 8.97 30.02 3.11
C34 PCW UB . 8.04 29.75 1.92
C35 PCW UB . 6.64 29.36 2.57
C36 PCW UB . 5.47 29.47 1.56
C37 PCW UB . 4.07 29.09 2.13
C38 PCW UB . 2.97 29.82 1.42
C39 PCW UB . 1.61 29.49 1.95
C40 PCW UB . 0.82 28.50 1.55
C41 PCW UB . 1.17 27.52 0.43
C42 PCW UB . 0.78 26.05 0.91
C43 PCW UB . -0.26 25.28 0.12
C44 PCW UB . -0.43 23.92 0.81
C45 PCW UB . -1.53 23.06 0.25
C46 PCW UB . -2.01 22.02 1.23
C47 PCW UB . -2.80 20.86 0.65
C48 PCW UB . -3.24 19.89 1.74
N PCW UB . 14.15 37.35 2.11
O2 PCW UB . 9.02 32.66 5.26
O3 PCW UB . 7.75 31.65 7.61
O11 PCW UB . 9.15 31.17 9.35
O31 PCW UB . 11.11 31.68 5.05
O1P PCW UB . 9.51 37.52 4.61
O2P PCW UB . 11.31 37.08 6.29
O3P PCW UB . 10.04 35.13 5.18
O4P PCW UB . 11.71 36.46 4.02
P PCW UB . 10.62 36.63 5.06
C1 PCW VB . 2.16 40.72 5.98
C2 PCW VB . 2.43 39.37 5.19
C3 PCW VB . 3.50 38.51 5.94
C4 PCW VB . 0.49 37.93 9.21
C5 PCW VB . 0.80 36.49 8.81
C6 PCW VB . 2.29 34.89 10.12
C7 PCW VB . -0.15 34.69 10.24
C8 PCW VB . 0.94 34.45 8.77
C11 PCW VB . 3.66 36.12 5.90
C12 PCW VB . 3.93 34.97 4.96
C13 PCW VB . 4.94 33.99 5.67
C14 PCW VB . 5.32 32.76 4.85
C15 PCW VB . 4.92 31.39 5.49
C16 PCW VB . 3.38 31.35 5.80
C17 PCW VB . 2.82 30.07 6.53
C18 PCW VB . 2.96 30.12 8.04
C19 PCW VB . 1.94 31.06 8.73
C20 PCW VB . 0.68 30.63 9.11
C21 PCW VB . 0.00 29.32 9.04
C22 PCW VB . -1.49 29.61 8.70
C23 PCW VB . -2.41 28.39 8.40
C24 PCW VB . -3.15 27.81 9.57
C25 PCW VB . -4.17 26.65 9.37
C26 PCW VB . -3.77 25.29 9.92
C27 PCW VB . -4.85 24.19 9.97
C28 PCW VB . -4.37 23.03 10.83
C31 PCW VB . 0.41 38.85 4.07
C32 PCW VB . -0.83 37.93 4.13
C33 PCW VB . -1.21 37.19 2.76
C34 PCW VB . -0.92 35.69 2.80
C35 PCW VB . -1.80 35.05 1.65
C36 PCW VB . -0.97 34.64 0.40
C37 PCW VB . -1.79 34.01 -0.77
C38 PCW VB . -0.92 33.58 -1.89
C39 PCW VB . -1.70 32.97 -3.03
C40 PCW VB . -1.65 31.72 -3.45
C41 PCW VB . -0.79 30.63 -2.83
C42 PCW VB . -1.14 29.26 -3.56
C43 PCW VB . -0.63 27.97 -2.96
C44 PCW VB . -1.11 26.84 -3.86
C45 PCW VB . -1.93 25.77 -3.19
C46 PCW VB . -1.50 24.37 -3.52
C47 PCW VB . -2.60 23.33 -3.62
C48 PCW VB . -2.02 21.96 -3.98
N PCW VB . 0.99 35.50 9.83
O2 PCW VB . 1.17 38.57 5.12
O3 PCW VB . 3.73 37.30 5.21
O11 PCW VB . 3.42 36.02 7.07
O31 PCW VB . 0.64 39.70 3.17
O1P PCW VB . 0.58 40.82 9.42
O2P PCW VB . -0.48 40.71 7.16
O3P PCW VB . 2.09 40.56 7.42
O4P PCW VB . 0.57 38.74 8.00
P PCW VB . 0.63 40.25 8.03
C1 PCW WB . 24.91 2.74 34.74
C2 PCW WB . 23.94 1.96 33.78
C3 PCW WB . 24.60 1.79 32.37
C4 PCW WB . 21.56 3.73 37.68
C5 PCW WB . 20.84 4.72 38.59
C6 PCW WB . 18.59 4.21 37.85
C7 PCW WB . 18.91 5.56 39.72
C8 PCW WB . 19.33 3.34 39.97
C11 PCW WB . 24.20 0.09 30.71
C12 PCW WB . 23.10 -0.51 29.89
C13 PCW WB . 22.80 0.46 28.69
C14 PCW WB . 21.69 -0.01 27.74
C15 PCW WB . 20.25 0.31 28.20
C16 PCW WB . 19.58 1.38 27.26
C17 PCW WB . 18.01 1.38 27.18
C18 PCW WB . 17.43 2.79 27.04
C19 PCW WB . 16.34 3.10 28.11
C20 PCW WB . 15.03 2.63 28.00
C21 PCW WB . 14.34 1.81 26.99
C22 PCW WB . 13.41 0.82 27.76
C23 PCW WB . 12.35 0.03 26.94
C24 PCW WB . 12.41 -1.47 27.01
C25 PCW WB . 11.14 -2.33 26.76
C26 PCW WB . 11.34 -3.64 26.02
C27 PCW WB . 10.25 -4.71 26.14
C28 PCW WB . 10.63 -5.94 25.35
C31 PCW WB . 22.63 0.55 35.16
C32 PCW WB . 22.49 -0.90 35.64
C33 PCW WB . 21.10 -1.60 35.28
C34 PCW WB . 20.12 -1.66 36.46
C35 PCW WB . 19.28 -2.99 36.24
C36 PCW WB . 18.04 -2.76 35.35
C37 PCW WB . 17.16 -4.02 35.10
C38 PCW WB . 16.91 -4.24 33.63
C39 PCW WB . 16.05 -5.45 33.36
C40 PCW WB . 15.98 -6.13 32.22
C41 PCW WB . 16.74 -5.77 30.95
C42 PCW WB . 17.98 -6.77 30.83
C43 PCW WB . 17.80 -8.05 30.05
C44 PCW WB . 19.12 -8.80 30.09
C45 PCW WB . 19.39 -9.57 31.35
C46 PCW WB . 19.49 -11.07 31.13
C47 PCW WB . 20.82 -11.70 31.46
C48 PCW WB . 20.79 -13.21 31.19
N PCW WB . 19.48 4.47 39.01
O2 PCW WB . 23.67 0.61 34.33
O3 PCW WB . 23.70 1.08 31.51
O11 PCW WB . 25.36 -0.24 30.67
O31 PCW WB . 21.89 1.51 35.50
O1P PCW WB . 24.08 2.29 37.38
O2P PCW WB . 25.06 4.56 37.75
O3P PCW WB . 24.30 3.88 35.39
O4P PCW WB . 22.74 4.42 37.17
P PCW WB . 24.09 3.75 36.99
C1 17F XB . -10.53 36.01 11.71
N1 17F XB . -9.48 37.90 10.45
O1 17F XB . -12.42 38.26 10.44
P1 17F XB . -12.77 37.21 11.48
C2 17F XB . -9.29 36.89 11.48
O2 17F XB . -13.84 37.59 12.47
C3 17F XB . -8.09 36.00 11.11
O3 17F XB . -11.55 36.76 12.32
C4 17F XB . -13.69 34.75 11.59
O4 17F XB . -7.40 36.17 10.05
C5 17F XB . -14.16 33.53 10.73
O5 17F XB . -7.74 35.08 11.84
C6 17F XB . -15.69 33.34 10.88
O6 17F XB . -13.29 35.87 10.81
C7 17F XB . -17.38 32.24 9.70
O7 17F XB . -16.15 32.23 10.12
C8 17F XB . -17.61 30.93 8.92
O8 17F XB . -18.25 33.06 9.84
C9 17F XB . -17.46 31.09 7.39
O9 17F XB . -13.79 33.64 9.35
C10 17F XB . -17.69 29.80 6.54
O10 17F XB . -11.64 32.83 9.61
C11 17F XB . -19.04 29.75 5.72
C12 17F XB . -19.18 28.42 4.91
C17 17F XB . -12.74 32.90 9.05
C18 17F XB . -13.00 32.00 7.85
C19 17F XB . -13.94 30.80 8.12
C20 17F XB . -13.41 29.87 9.26
C1X 17F XB . -20.51 28.39 4.11
C1Y 17F XB . -14.37 28.68 9.50
C1Z 17F XB . -13.82 27.41 8.86
C2X 17F XB . -20.68 27.03 3.28
C21 17F XB . -20.69 25.77 4.19
C22 17F XB . -21.18 24.61 3.85
C23 17F XB . -21.81 24.24 2.57
C24 17F XB . -22.81 23.11 2.68
C25 17F XB . -23.50 22.69 1.39
C26 17F XB . -22.87 21.42 0.63
C27 17F XB . -23.57 21.02 -0.65
C28 17F XB . -22.80 19.77 -1.23
C29 17F XB . -22.34 20.09 -2.60
C30 17F XB . -21.59 18.98 -3.29
C31 17F XB . -13.42 26.24 9.83
C32 17F XB . -12.88 24.96 9.15
C33 17F XB . -13.77 23.78 9.50
C34 17F XB . -13.60 22.53 9.09
C35 17F XB . -12.49 22.02 8.19
C36 17F XB . -12.82 20.68 7.46
C37 17F XB . -12.81 19.57 8.45
C38 17F XB . -14.09 18.69 8.45
C39 17F XB . -14.01 17.56 9.49
C40 17F XB . -15.12 17.71 10.53
C41 17F XB . -14.56 17.50 11.99
C42 17F XB . -15.51 17.64 13.18
C1 17F YB . 6.19 25.91 29.95
N1 17F YB . 7.59 25.16 28.02
O1 17F YB . 3.73 25.61 28.46
P1 17F YB . 4.16 24.50 29.40
C2 17F YB . 7.57 25.89 29.26
O2 17F YB . 3.30 24.29 30.62
C3 17F YB . 8.61 25.30 30.23
O3 17F YB . 5.60 24.65 29.90
C4 17F YB . 4.54 21.89 29.31
O4 17F YB . 9.36 24.30 29.90
C5 17F YB . 4.48 20.65 28.39
O5 17F YB . 8.78 25.76 31.35
C6 17F YB . 3.01 20.35 28.02
O6 17F YB . 4.18 23.10 28.65
C7 17F YB . 2.35 18.14 27.62
O7 17F YB . 2.89 19.22 27.16
C8 17F YB . 2.35 17.08 26.50
O8 17F YB . 1.90 17.90 28.72
C9 17F YB . 1.02 17.06 25.69
O9 17F YB . 5.29 20.79 27.21
C10 17F YB . 0.96 16.00 24.51
O10 17F YB . 7.44 20.63 28.04
C11 17F YB . 0.98 16.62 23.07
C12 17F YB . 0.90 15.51 21.96
C17 17F YB . 6.48 20.24 27.36
C18 17F YB . 6.62 18.96 26.56
C19 17F YB . 6.22 17.68 27.35
C20 17F YB . 7.17 16.46 27.03
C1X 17F YB . 0.92 16.16 20.55
C1Y 17F YB . 6.75 15.21 27.83
C1Z 17F YB . 5.71 14.40 27.05
C2X 17F YB . 0.85 15.06 19.38
C21 17F YB . 2.25 14.74 18.78
C22 17F YB . 2.50 14.66 17.53
C23 17F YB . 1.55 14.88 16.41
C24 17F YB . 1.35 13.65 15.52
C25 17F YB . 0.39 13.81 14.36
C26 17F YB . 0.97 13.43 12.92
C27 17F YB . 0.00 13.60 11.77
C28 17F YB . 0.75 13.17 10.45
C29 17F YB . 1.20 14.39 9.74
C30 17F YB . 1.94 14.13 8.47
C31 17F YB . 4.31 14.21 27.74
C32 17F YB . 3.27 13.39 26.93
C33 17F YB . 1.96 13.35 27.70
C34 17F YB . 0.86 12.73 27.29
C35 17F YB . 0.70 11.95 26.00
C36 17F YB . 0.28 10.47 26.19
C37 17F YB . 0.65 9.70 24.98
C38 17F YB . 1.71 8.59 25.20
C39 17F YB . 2.04 7.85 23.90
C40 17F YB . 3.51 8.04 23.54
C41 17F YB . 4.11 6.70 22.97
C42 17F YB . 4.25 6.55 21.44
C1 17F ZB . 13.81 22.97 24.27
N1 17F ZB . 13.85 20.68 25.29
O1 17F ZB . 14.53 23.04 21.43
P1 17F ZB . 13.08 22.94 21.85
C2 17F ZB . 14.65 21.79 24.83
O2 17F ZB . 12.23 24.17 21.66
C3 17F ZB . 15.54 22.29 25.97
O3 17F ZB . 12.90 22.51 23.33
C4 17F ZB . 10.94 21.51 21.28
O4 17F ZB . 15.54 21.77 27.15
C5 17F ZB . 10.39 20.34 20.41
O5 17F ZB . 16.31 23.24 25.80
C6 17F ZB . 8.87 20.52 20.20
O6 17F ZB . 12.32 21.79 21.05
C7 17F ZB . 7.79 19.76 18.27
O7 17F ZB . 8.32 19.47 19.41
C8 17F ZB . 7.26 18.44 17.65
O8 17F ZB . 7.64 20.82 17.70
C9 17F ZB . 8.21 17.84 16.58
O9 17F ZB . 11.09 20.21 19.16
C10 17F ZB . 7.73 16.49 15.92
O10 17F ZB . 13.24 19.48 19.47
C11 17F ZB . 6.50 16.62 14.94
C12 17F ZB . 6.10 15.22 14.35
C17 17F ZB . 12.05 19.32 19.21
C18 17F ZB . 11.54 17.93 18.90
C19 17F ZB . 11.40 17.00 20.14
C20 17F ZB . 12.15 15.64 19.94
C1X 17F ZB . 4.89 15.36 13.41
C1Y 17F ZB . 11.98 14.75 21.20
C1Z 17F ZB . 10.89 13.69 20.97
C2X 17F ZB . 4.46 13.94 12.79
C21 17F ZB . 5.07 13.70 11.37
C22 17F ZB . 4.97 12.58 10.71
C23 17F ZB . 4.29 11.36 11.14
C24 17F ZB . 3.72 10.52 10.01
C25 17F ZB . 3.01 9.23 10.41
C26 17F ZB . 3.16 8.02 9.38
C27 17F ZB . 2.45 6.74 9.79
C28 17F ZB . 2.72 5.67 8.66
C29 17F ZB . 1.80 4.53 8.88
C30 17F ZB . 1.94 3.42 7.88
C31 17F ZB . 9.78 13.57 22.07
C32 17F ZB . 8.70 12.49 21.81
C33 17F ZB . 7.35 12.98 22.31
C34 17F ZB . 6.21 12.32 22.25
C35 17F ZB . 6.01 10.93 21.67
C36 17F ZB . 5.72 10.90 20.13
C37 17F ZB . 4.26 10.97 19.91
C38 17F ZB . 3.63 9.67 19.37
C39 17F ZB . 2.10 9.82 19.17
C40 17F ZB . 1.35 9.41 20.44
C41 17F ZB . 0.45 10.60 20.96
C42 17F ZB . -1.04 10.58 20.65
C1 17F AC . -24.98 36.18 12.63
N1 17F AC . -26.38 38.26 12.71
O1 17F AC . -25.90 33.93 11.16
P1 17F AC . -26.67 34.31 12.40
C2 17F AC . -25.05 37.72 12.57
O2 17F AC . -28.18 34.43 12.25
C3 17F AC . -24.44 38.20 11.24
O3 17F AC . -26.20 35.65 13.02
C4 17F AC . -27.10 33.42 14.83
O4 17F AC . -25.08 38.98 10.43
C5 17F AC . -26.75 32.28 15.85
O5 17F AC . -23.31 37.86 10.90
C6 17F AC . -27.31 32.64 17.24
O6 17F AC . -26.47 33.27 13.57
C7 17F AC . -28.04 31.03 18.75
O7 17F AC . -27.03 31.64 18.19
C8 17F AC . -27.47 29.98 19.73
O8 17F AC . -29.23 31.16 18.59
C9 17F AC . -27.45 28.55 19.14
O9 17F AC . -27.23 31.00 15.41
C10 17F AC . -26.91 27.40 20.08
O10 17F AC . -25.35 29.72 15.75
C11 17F AC . -25.84 27.87 21.15
C12 17F AC . -25.35 26.68 22.04
C17 17F AC . -26.25 30.21 15.05
C18 17F AC . -26.29 29.89 13.57
C19 17F AC . -27.43 28.93 13.16
C20 17F AC . -26.93 27.75 12.24
C1X 17F AC . -24.32 27.17 23.07
C1Y 17F AC . -28.10 26.82 11.85
C1Z 17F AC . -28.56 26.01 13.07
C2X 17F AC . -23.78 25.99 24.00
C21 17F AC . -22.37 26.28 24.60
C22 17F AC . -21.26 25.90 24.08
C23 17F AC . -21.07 25.12 22.84
C24 17F AC . -19.98 24.05 22.93
C25 17F AC . -19.75 23.22 21.68
C26 17F AC . -18.40 23.52 20.88
C27 17F AC . -18.19 22.68 19.64
C28 17F AC . -16.81 23.12 19.00
C29 17F AC . -16.56 22.31 17.80
C30 17F AC . -15.28 22.63 17.08
C31 17F AC . -28.57 24.44 12.90
C32 17F AC . -29.05 23.64 14.15
C33 17F AC . -27.83 23.25 14.98
C34 17F AC . -27.88 22.57 16.12
C35 17F AC . -29.12 22.05 16.80
C36 17F AC . -28.88 21.55 18.26
C37 17F AC . -29.49 20.20 18.40
C38 17F AC . -29.29 19.54 19.79
C39 17F AC . -29.96 18.15 19.87
C40 17F AC . -29.02 17.15 20.55
C41 17F AC . -28.77 15.90 19.60
C42 17F AC . -27.77 14.82 20.05
C1 17F BC . 33.54 31.22 2.97
N1 17F BC . 35.49 31.67 4.48
O1 17F BC . 34.41 30.76 -0.21
P1 17F BC . 34.26 29.84 0.99
C2 17F BC . 34.09 31.92 4.23
O2 17F BC . 35.77 29.70 1.07
C3 17F BC . 33.27 31.49 5.45
O3 17F BC . 34.49 30.38 2.41
C4 17F BC . 34.32 27.35 1.85
O4 17F BC . 33.80 30.99 6.51
C5 17F BC . 34.52 25.87 1.45
O5 17F BC . 32.04 31.61 5.46
C6 17F BC . 33.58 24.97 2.29
O6 17F BC . 34.44 28.28 0.77
C7 17F BC . 32.67 22.84 2.00
O7 17F BC . 33.72 23.59 1.97
C8 17F BC . 33.10 21.40 1.61
O8 17F BC . 31.53 23.11 2.25
C9 17F BC . 32.24 20.79 0.48
O9 17F BC . 34.32 25.64 0.04
C10 17F BC . 32.64 19.31 0.05
O10 17F BC . 35.96 24.12 -0.48
C11 17F BC . 34.11 19.15 -0.47
C12 17F BC . 34.42 17.66 -0.87
C17 17F BC . 35.43 25.22 -0.55
C18 17F BC . 36.04 26.29 -1.43
C19 17F BC . 37.59 26.40 -1.33
C20 17F BC . 38.30 26.07 -2.69
C1X 17F BC . 35.87 17.54 -1.36
C1Y 17F BC . 39.84 26.19 -2.56
C1Z 17F BC . 40.54 25.70 -3.83
C2X 17F BC . 36.22 16.03 -1.79
C21 17F BC . 36.09 15.80 -3.33
C22 17F BC . 37.01 15.31 -4.08
C23 17F BC . 38.36 14.88 -3.68
C24 17F BC . 39.28 14.53 -4.85
C25 17F BC . 40.69 14.08 -4.49
C26 17F BC . 41.67 13.82 -5.72
C27 17F BC . 43.06 13.37 -5.33
C28 17F BC . 43.89 13.17 -6.66
C29 17F BC . 45.18 13.87 -6.53
C30 17F BC . 46.07 13.76 -7.73
C31 17F BC . 42.05 25.32 -3.70
C32 17F BC . 42.74 24.82 -5.00
C33 17F BC . 44.15 25.40 -5.07
C34 17F BC . 45.02 25.16 -6.05
C35 17F BC . 44.79 24.31 -7.28
C36 17F BC . 44.86 25.09 -8.62
C37 17F BC . 43.61 24.86 -9.39
C38 17F BC . 43.67 25.30 -10.87
C39 17F BC . 42.34 25.02 -11.61
C40 17F BC . 42.59 24.28 -12.92
C41 17F BC . 42.25 25.20 -14.16
C42 17F BC . 43.22 25.24 -15.35
C1 17F CC . 7.76 12.50 41.89
N1 17F CC . 9.56 13.49 43.31
O1 17F CC . 10.53 12.56 39.86
P1 17F CC . 9.19 11.86 39.89
C2 17F CC . 8.48 13.77 42.37
O2 17F CC . 8.06 12.53 39.12
C3 17F CC . 7.47 14.73 43.00
O3 17F CC . 8.66 11.61 41.32
C4 17F CC . 8.15 9.56 39.18
O4 17F CC . 7.61 15.19 44.20
C5 17F CC . 8.45 8.17 38.55
O5 17F CC . 6.47 15.10 42.39
C6 17F CC . 9.73 7.59 39.17
O6 17F CC . 9.28 10.41 39.27
C7 17F CC . 11.31 6.01 38.46
O7 17F CC . 10.06 6.31 38.63
C8 17F CC . 11.36 4.59 37.85
O8 17F CC . 12.32 6.63 38.70
C9 17F CC . 10.91 4.56 36.37
O9 17F CC . 7.35 7.26 38.67
C10 17F CC . 10.93 3.15 35.67
O10 17F CC . 7.63 6.46 36.53
C11 17F CC . 12.24 2.84 34.87
C12 17F CC . 12.20 1.42 34.20
C17 17F CC . 6.95 6.80 37.51
C18 17F CC . 5.44 6.70 37.43
C19 17F CC . 4.88 6.07 36.13
C20 17F CC . 3.57 5.25 36.38
C1X 17F CC . 13.50 1.16 33.41
C1Y 17F CC . 3.06 4.63 35.05
C1Z 17F CC . 2.16 3.43 35.31
C2X 17F CC . 13.50 -0.28 32.71
C21 17F CC . 12.27 -0.47 31.77
C22 17F CC . 12.04 -1.52 31.05
C23 17F CC . 12.88 -2.74 30.97
C24 17F CC . 12.15 -3.95 30.40
C25 17F CC . 12.95 -5.23 30.29
C26 17F CC . 13.05 -5.86 28.82
C27 17F CC . 13.86 -7.14 28.74
C28 17F CC . 13.84 -7.63 27.24
C29 17F CC . 15.23 -7.66 26.72
C30 17F CC . 15.36 -8.11 25.30
C31 17F CC . 1.55 2.73 34.04
C32 17F CC . 0.63 1.50 34.33
C33 17F CC . 1.16 0.30 33.56
C34 17F CC . 0.61 -0.91 33.58
C35 17F CC . -0.61 -1.35 34.34
C36 17F CC . -1.57 -2.29 33.56
C37 17F CC . -2.91 -2.27 34.20
C38 17F CC . -3.87 -3.39 33.73
C39 17F CC . -5.23 -3.30 34.44
C40 17F CC . -5.72 -4.70 34.85
C41 17F CC . -7.13 -5.01 34.20
C42 17F CC . -8.34 -5.24 35.12
C1 17F DC . 7.16 16.71 31.33
N1 17F DC . 7.16 19.01 30.35
O1 17F DC . 4.82 17.39 34.09
P1 17F DC . 5.38 16.37 33.13
C2 17F DC . 7.95 17.99 31.02
O2 17F DC . 6.48 15.49 33.64
C3 17F DC . 9.17 17.63 30.15
O3 17F DC . 5.89 17.02 31.81
C4 17F DC . 4.55 14.32 31.70
O4 17F DC . 9.40 18.20 29.01
C5 17F DC . 3.30 13.45 31.35
O5 17F DC . 9.98 16.79 30.51
C6 17F DC . 3.67 11.95 31.44
O6 17F DC . 4.26 15.37 32.63
C7 17F DC . 2.80 9.90 30.74
O7 17F DC . 2.58 11.12 31.12
C8 17F DC . 1.44 9.22 30.46
O8 17F DC . 3.85 9.30 30.59
C9 17F DC . 1.54 7.73 30.07
O9 17F DC . 2.16 13.75 32.15
C10 17F DC . 0.17 7.00 29.78
O10 17F DC . 1.24 15.18 30.58
C11 17F DC . -0.55 7.46 28.47
C12 17F DC . -1.91 6.69 28.25
C17 17F DC . 1.18 14.30 31.46
C18 17F DC . -0.17 13.74 31.83
C19 17F DC . -0.96 13.10 30.66
C20 17F DC . -1.49 11.67 31.01
C1X 17F DC . -2.60 7.17 26.96
C1Y 17F DC . -2.27 11.07 29.83
C1Z 17F DC . -3.26 9.99 30.30
C2X 17F DC . -3.99 6.41 26.70
C21 17F DC . -5.16 7.01 27.54
C22 17F DC . -5.89 8.00 27.17
C23 17F DC . -5.79 8.79 25.93
C24 17F DC . -6.81 9.91 25.81
C25 17F DC . -6.76 10.74 24.54
C26 17F DC . -6.95 12.32 24.74
C27 17F DC . -6.89 13.14 23.47
C28 17F DC . -7.11 14.65 23.87
C29 17F DC . -7.05 15.48 22.66
C30 17F DC . -7.24 16.95 22.89
C31 17F DC . -4.45 10.47 31.21
C32 17F DC . -5.42 9.35 31.68
C33 17F DC . -5.95 9.70 33.06
C34 17F DC . -6.81 8.95 33.76
C35 17F DC . -7.43 7.63 33.34
C36 17F DC . -6.60 6.38 33.71
C37 17F DC . -6.56 5.46 32.55
C38 17F DC . -7.16 4.05 32.81
C39 17F DC . -7.09 3.14 31.57
C40 17F DC . -7.60 1.73 31.88
C41 17F DC . -6.83 0.65 31.02
C42 17F DC . -6.67 -0.77 31.58
C1 17F EC . -11.01 25.63 32.01
N1 17F EC . -9.09 26.98 31.13
O1 17F EC . -12.47 25.38 34.73
P1 17F EC . -11.79 24.27 33.99
C2 17F EC . -9.85 25.74 31.00
O2 17F EC . -11.17 23.17 34.81
C3 17F EC . -10.40 25.61 29.57
O3 17F EC . -10.67 24.76 33.04
C4 17F EC . -12.37 22.42 32.21
O4 17F EC . -10.18 26.51 28.66
C5 17F EC . -13.49 21.80 31.32
O5 17F EC . -11.06 24.63 29.24
C6 17F EC . -14.32 22.92 30.63
O6 17F EC . -12.80 23.51 33.01
C7 17F EC . -15.49 22.88 28.61
O7 17F EC . -15.35 22.39 29.81
C8 17F EC . -16.65 22.12 27.92
O8 17F EC . -14.89 23.75 28.04
C9 17F EC . -17.59 23.03 27.10
O9 17F EC . -12.98 20.84 30.35
C10 17F EC . -18.78 22.31 26.38
O10 17F EC . -12.32 22.05 28.49
C11 17F EC . -18.36 21.32 25.23
C12 17F EC . -19.62 20.64 24.57
C17 17F EC . -12.11 21.37 29.51
C18 17F EC . -10.68 21.04 29.89
C19 17F EC . -9.95 20.10 28.90
C20 17F EC . -8.45 19.84 29.33
C1X 17F EC . -19.18 19.67 23.45
C1Y 17F EC . -7.75 18.89 28.32
C1Z 17F EC . -7.92 17.43 28.74
C2X 17F EC . -20.45 18.96 22.75
C21 17F EC . -20.82 17.61 23.43
C22 17F EC . -20.47 16.45 22.99
C23 17F EC . -19.68 16.17 21.78
C24 17F EC . -19.10 14.75 21.72
C25 17F EC . -18.28 14.42 20.48
C26 17F EC . -19.10 13.92 19.21
C27 17F EC . -18.27 13.59 17.99
C28 17F EC . -19.25 13.11 16.85
C29 17F EC . -19.01 13.94 15.66
C30 17F EC . -19.89 13.61 14.48
C31 17F EC . -9.17 16.67 28.17
C32 17F EC . -9.31 15.20 28.62
C33 17F EC . -9.24 14.29 27.39
C34 17F EC . -9.32 12.96 27.43
C35 17F EC . -9.49 12.08 28.64
C36 17F EC . -8.17 11.47 29.19
C37 17F EC . -7.56 12.41 30.16
C38 17F EC . -8.22 12.44 31.56
C39 17F EC . -7.53 13.45 32.49
C40 17F EC . -7.85 13.15 33.95
C41 17F EC . -6.59 13.42 34.88
C42 17F EC . -6.27 14.86 35.29
PG GNP FC . -28.41 -12.39 -12.57
O1G GNP FC . -28.77 -12.62 -14.00
O2G GNP FC . -27.05 -11.71 -12.41
O3G GNP FC . -29.55 -11.65 -11.98
N3B GNP FC . -28.38 -13.79 -11.76
PB GNP FC . -27.41 -15.05 -12.01
O1B GNP FC . -25.98 -14.68 -11.95
O2B GNP FC . -27.82 -15.65 -13.27
O3A GNP FC . -27.71 -16.09 -10.89
PA GNP FC . -27.15 -16.29 -9.44
O1A GNP FC . -25.72 -16.68 -9.50
O2A GNP FC . -27.53 -15.20 -8.52
O5' GNP FC . -27.88 -17.54 -8.85
C5' GNP FC . -29.32 -17.48 -8.65
C4' GNP FC . -30.02 -18.34 -9.68
O4' GNP FC . -29.03 -18.94 -10.60
C3' GNP FC . -30.81 -19.52 -9.10
O3' GNP FC . -32.08 -19.62 -9.71
C2' GNP FC . -29.89 -20.72 -9.34
O2' GNP FC . -30.52 -21.97 -9.42
C1' GNP FC . -29.17 -20.36 -10.63
N9 GNP FC . -27.81 -20.97 -10.75
C8 GNP FC . -26.64 -20.30 -10.74
N7 GNP FC . -25.59 -21.06 -10.87
C5 GNP FC . -26.11 -22.36 -10.97
C6 GNP FC . -25.47 -23.63 -11.13
O6 GNP FC . -24.29 -23.89 -11.21
N1 GNP FC . -26.34 -24.68 -11.19
C2 GNP FC . -27.71 -24.56 -11.10
N2 GNP FC . -28.37 -25.73 -11.18
N3 GNP FC . -28.34 -23.40 -10.97
C4 GNP FC . -27.48 -22.32 -10.90
MG MG GC . -21.38 -10.90 -8.39
N LEU A 3 56.77 -29.26 18.06
CA LEU A 3 57.18 -29.34 19.45
C LEU A 3 56.21 -28.58 20.35
N LYS A 4 55.92 -27.35 19.96
CA LYS A 4 55.03 -26.49 20.73
C LYS A 4 53.63 -27.05 20.79
N LEU A 5 53.06 -27.36 19.64
CA LEU A 5 51.70 -27.89 19.55
C LEU A 5 51.55 -29.18 20.36
N LEU A 6 52.62 -29.95 20.45
CA LEU A 6 52.61 -31.21 21.18
C LEU A 6 52.60 -30.98 22.68
N ASP A 7 53.66 -30.35 23.18
CA ASP A 7 53.82 -30.08 24.61
C ASP A 7 52.73 -29.17 25.16
N ASN A 8 52.33 -28.18 24.38
CA ASN A 8 51.29 -27.23 24.81
C ASN A 8 49.95 -27.92 24.94
N TRP A 9 49.60 -28.72 23.94
CA TRP A 9 48.32 -29.43 23.95
C TRP A 9 48.28 -30.44 25.08
N ASP A 10 49.41 -31.09 25.34
CA ASP A 10 49.48 -32.09 26.41
C ASP A 10 49.20 -31.42 27.75
N SER A 11 49.67 -30.20 27.92
CA SER A 11 49.45 -29.44 29.14
C SER A 11 47.95 -29.18 29.31
N VAL A 12 47.31 -28.86 28.20
CA VAL A 12 45.87 -28.62 28.19
C VAL A 12 45.13 -29.93 28.46
N THR A 13 45.60 -31.00 27.84
CA THR A 13 45.01 -32.32 28.01
C THR A 13 45.10 -32.76 29.48
N SER A 14 46.26 -32.55 30.09
CA SER A 14 46.47 -32.89 31.49
C SER A 14 45.51 -32.11 32.37
N THR A 15 45.19 -30.88 31.94
CA THR A 15 44.27 -30.04 32.67
C THR A 15 42.84 -30.55 32.47
N PHE A 16 42.57 -31.10 31.28
CA PHE A 16 41.27 -31.65 30.97
C PHE A 16 40.97 -32.83 31.89
N SER A 17 41.99 -33.66 32.14
CA SER A 17 41.83 -34.79 33.03
C SER A 17 41.53 -34.29 34.43
N LYS A 18 42.26 -33.26 34.84
CA LYS A 18 42.07 -32.65 36.16
C LYS A 18 40.68 -32.06 36.26
N LEU A 19 40.22 -31.49 35.15
CA LEU A 19 38.89 -30.91 35.10
C LEU A 19 37.86 -32.01 35.27
N ARG A 20 38.05 -33.11 34.57
CA ARG A 20 37.13 -34.25 34.64
C ARG A 20 37.16 -34.90 36.02
N GLU A 21 38.35 -34.98 36.61
CA GLU A 21 38.50 -35.55 37.94
C GLU A 21 37.67 -34.77 38.96
N GLN A 22 37.53 -33.48 38.72
CA GLN A 22 36.75 -32.63 39.61
C GLN A 22 35.31 -32.51 39.13
N LEU A 23 35.11 -32.60 37.81
CA LEU A 23 33.77 -32.50 37.23
C LEU A 23 32.87 -33.59 37.78
N GLY A 24 33.44 -34.79 37.96
CA GLY A 24 32.69 -35.90 38.50
C GLY A 24 32.03 -35.53 39.81
N PRO A 25 32.82 -35.33 40.88
CA PRO A 25 32.29 -34.93 42.18
C PRO A 25 31.45 -33.67 42.08
N VAL A 26 31.88 -32.71 41.25
CA VAL A 26 31.14 -31.47 41.05
C VAL A 26 29.70 -31.74 40.63
N THR A 27 29.53 -32.56 39.60
CA THR A 27 28.19 -32.88 39.12
C THR A 27 27.38 -33.64 40.16
N GLN A 28 28.06 -34.47 40.95
CA GLN A 28 27.41 -35.25 42.01
C GLN A 28 27.00 -34.36 43.17
N GLU A 29 27.91 -33.48 43.59
CA GLU A 29 27.65 -32.55 44.69
C GLU A 29 26.57 -31.57 44.25
N PHE A 30 26.67 -31.13 42.99
CA PHE A 30 25.68 -30.21 42.45
C PHE A 30 24.33 -30.89 42.36
N TRP A 31 24.34 -32.15 41.91
CA TRP A 31 23.11 -32.94 41.81
C TRP A 31 22.51 -33.15 43.18
N ASP A 32 23.35 -33.50 44.16
CA ASP A 32 22.89 -33.70 45.53
C ASP A 32 22.17 -32.45 46.02
N ASN A 33 22.75 -31.30 45.72
CA ASN A 33 22.17 -30.02 46.10
C ASN A 33 20.87 -29.81 45.32
N LEU A 34 20.88 -30.23 44.06
CA LEU A 34 19.70 -30.12 43.20
C LEU A 34 18.59 -31.03 43.72
N GLU A 35 18.97 -32.16 44.31
CA GLU A 35 18.02 -33.10 44.87
C GLU A 35 17.33 -32.46 46.06
N LYS A 36 18.11 -31.81 46.91
CA LYS A 36 17.57 -31.12 48.07
C LYS A 36 16.76 -29.92 47.60
N GLU A 37 17.22 -29.31 46.51
CA GLU A 37 16.54 -28.16 45.91
C GLU A 37 15.18 -28.60 45.42
N THR A 38 15.15 -29.70 44.67
CA THR A 38 13.91 -30.23 44.14
C THR A 38 13.02 -30.73 45.26
N GLU A 39 13.64 -31.21 46.35
CA GLU A 39 12.90 -31.66 47.51
C GLU A 39 12.13 -30.49 48.09
N GLY A 40 12.85 -29.39 48.31
CA GLY A 40 12.24 -28.20 48.84
C GLY A 40 11.20 -27.65 47.88
N LEU A 41 11.58 -27.56 46.61
CA LEU A 41 10.68 -27.06 45.57
C LEU A 41 9.44 -27.94 45.44
N ARG A 42 9.62 -29.26 45.53
CA ARG A 42 8.48 -30.17 45.46
C ARG A 42 7.60 -30.01 46.68
N GLN A 43 8.23 -29.84 47.83
CA GLN A 43 7.50 -29.63 49.08
C GLN A 43 6.71 -28.34 48.94
N GLU A 44 7.32 -27.35 48.32
CA GLU A 44 6.68 -26.08 48.08
C GLU A 44 5.51 -26.27 47.12
N MET A 45 5.77 -26.94 46.01
CA MET A 45 4.75 -27.20 44.99
C MET A 45 3.56 -27.96 45.57
N SER A 46 3.82 -28.77 46.60
CA SER A 46 2.75 -29.53 47.24
C SER A 46 1.78 -28.58 47.90
N LYS A 47 2.30 -27.47 48.43
CA LYS A 47 1.48 -26.45 49.07
C LYS A 47 1.04 -25.44 48.04
N ASP A 48 1.98 -25.01 47.22
CA ASP A 48 1.75 -24.03 46.16
C ASP A 48 0.52 -24.39 45.33
N LEU A 49 0.61 -25.50 44.61
CA LEU A 49 -0.48 -25.95 43.76
C LEU A 49 -1.77 -26.14 44.54
N GLU A 50 -1.66 -26.71 45.75
CA GLU A 50 -2.83 -26.94 46.59
C GLU A 50 -3.50 -25.62 46.96
N GLU A 51 -2.72 -24.68 47.48
CA GLU A 51 -3.24 -23.39 47.88
C GLU A 51 -3.72 -22.58 46.67
N VAL A 52 -2.92 -22.58 45.60
CA VAL A 52 -3.28 -21.85 44.39
C VAL A 52 -4.59 -22.36 43.81
N LYS A 53 -4.73 -23.68 43.71
CA LYS A 53 -5.96 -24.27 43.17
C LYS A 53 -7.13 -24.09 44.13
N ALA A 54 -6.86 -24.20 45.43
CA ALA A 54 -7.90 -24.04 46.44
C ALA A 54 -8.43 -22.61 46.42
N LYS A 55 -7.52 -21.67 46.21
CA LYS A 55 -7.88 -20.26 46.17
C LYS A 55 -8.33 -19.85 44.77
N VAL A 56 -7.96 -20.65 43.77
CA VAL A 56 -8.35 -20.37 42.40
C VAL A 56 -9.84 -20.61 42.21
N GLN A 57 -10.40 -21.49 43.03
CA GLN A 57 -11.82 -21.78 42.97
C GLN A 57 -12.62 -20.52 43.28
N PRO A 58 -12.46 -19.92 44.48
CA PRO A 58 -13.17 -18.68 44.83
C PRO A 58 -12.71 -17.54 43.91
N TYR A 59 -11.49 -17.66 43.39
CA TYR A 59 -10.96 -16.67 42.46
C TYR A 59 -11.83 -16.63 41.23
N LEU A 60 -11.88 -17.75 40.52
CA LEU A 60 -12.68 -17.86 39.32
C LEU A 60 -14.16 -17.67 39.64
N ASP A 61 -14.58 -18.24 40.76
CA ASP A 61 -15.97 -18.13 41.19
C ASP A 61 -16.38 -16.68 41.40
N ASP A 62 -15.59 -15.94 42.17
CA ASP A 62 -15.89 -14.54 42.44
C ASP A 62 -15.65 -13.67 41.21
N PHE A 63 -14.60 -13.98 40.46
CA PHE A 63 -14.29 -13.24 39.25
C PHE A 63 -15.44 -13.38 38.27
N GLN A 64 -15.87 -14.62 38.04
CA GLN A 64 -16.99 -14.87 37.13
C GLN A 64 -18.29 -14.35 37.74
N LYS A 65 -18.39 -14.41 39.06
CA LYS A 65 -19.56 -13.90 39.77
C LYS A 65 -19.72 -12.43 39.47
N LYS A 66 -18.61 -11.70 39.60
CA LYS A 66 -18.59 -10.28 39.32
C LYS A 66 -18.78 -10.05 37.83
N TRP A 67 -18.03 -10.81 37.03
CA TRP A 67 -18.11 -10.70 35.57
C TRP A 67 -19.53 -10.95 35.07
N GLN A 68 -20.24 -11.85 35.74
CA GLN A 68 -21.62 -12.15 35.37
C GLN A 68 -22.45 -10.89 35.55
N GLU A 69 -22.32 -10.28 36.73
CA GLU A 69 -23.04 -9.06 37.03
C GLU A 69 -22.57 -7.96 36.10
N GLU A 70 -21.26 -7.91 35.89
CA GLU A 70 -20.65 -6.92 35.02
C GLU A 70 -21.19 -7.05 33.60
N MET A 71 -21.22 -8.27 33.09
CA MET A 71 -21.72 -8.54 31.74
C MET A 71 -23.21 -8.24 31.66
N GLU A 72 -23.95 -8.65 32.69
CA GLU A 72 -25.39 -8.41 32.74
C GLU A 72 -25.67 -6.93 32.80
N LEU A 73 -24.95 -6.23 33.67
CA LEU A 73 -25.10 -4.78 33.79
C LEU A 73 -24.68 -4.09 32.51
N TYR A 74 -23.72 -4.70 31.82
CA TYR A 74 -23.26 -4.18 30.54
C TYR A 74 -24.35 -4.36 29.51
N ARG A 75 -24.88 -5.58 29.42
CA ARG A 75 -25.95 -5.92 28.47
C ARG A 75 -27.18 -5.07 28.74
N GLN A 76 -27.52 -4.94 30.01
CA GLN A 76 -28.68 -4.15 30.45
C GLN A 76 -28.52 -2.70 30.03
N LYS A 77 -27.28 -2.28 29.85
CA LYS A 77 -27.00 -0.92 29.43
C LYS A 77 -26.81 -0.85 27.92
N VAL A 78 -26.17 -1.88 27.36
CA VAL A 78 -25.92 -1.95 25.91
C VAL A 78 -27.19 -1.70 25.11
N GLU A 79 -28.31 -2.27 25.54
CA GLU A 79 -29.58 -2.07 24.84
C GLU A 79 -29.96 -0.58 24.76
N PRO A 80 -30.24 0.09 25.90
CA PRO A 80 -30.62 1.50 25.89
C PRO A 80 -29.48 2.41 25.43
N LEU A 81 -28.24 2.06 25.80
CA LEU A 81 -27.08 2.86 25.42
C LEU A 81 -26.91 2.87 23.90
N ARG A 82 -27.01 1.70 23.29
CA ARG A 82 -26.90 1.59 21.84
C ARG A 82 -28.07 2.29 21.19
N ALA A 83 -29.24 2.16 21.81
CA ALA A 83 -30.45 2.79 21.32
C ALA A 83 -30.28 4.30 21.28
N GLU A 84 -29.67 4.86 22.32
CA GLU A 84 -29.42 6.30 22.39
C GLU A 84 -28.51 6.72 21.24
N LEU A 85 -27.50 5.91 20.97
CA LEU A 85 -26.57 6.19 19.89
C LEU A 85 -27.27 6.05 18.55
N GLN A 86 -28.04 4.98 18.39
CA GLN A 86 -28.78 4.72 17.17
C GLN A 86 -29.81 5.81 16.89
N GLU A 87 -30.62 6.13 17.89
CA GLU A 87 -31.64 7.17 17.77
C GLU A 87 -31.00 8.54 17.62
N GLY A 88 -29.90 8.75 18.34
CA GLY A 88 -29.20 10.00 18.24
C GLY A 88 -28.60 10.16 16.86
N ALA A 89 -27.90 9.12 16.41
CA ALA A 89 -27.28 9.12 15.09
C ALA A 89 -28.36 9.17 14.03
N ARG A 90 -29.51 8.60 14.32
CA ARG A 90 -30.64 8.59 13.39
C ARG A 90 -30.97 10.03 13.02
N GLN A 91 -31.11 10.87 14.02
CA GLN A 91 -31.42 12.27 13.82
C GLN A 91 -30.21 12.99 13.21
N LYS A 92 -29.07 12.87 13.88
CA LYS A 92 -27.84 13.51 13.45
C LYS A 92 -27.47 13.16 12.00
N LEU A 93 -27.52 11.88 11.65
CA LEU A 93 -27.21 11.45 10.29
C LEU A 93 -28.25 11.95 9.30
N HIS A 94 -29.51 11.97 9.72
CA HIS A 94 -30.58 12.46 8.87
C HIS A 94 -30.38 13.93 8.57
N GLU A 95 -30.04 14.69 9.62
CA GLU A 95 -29.80 16.12 9.47
C GLU A 95 -28.60 16.34 8.57
N LEU A 96 -27.60 15.46 8.68
CA LEU A 96 -26.42 15.52 7.84
C LEU A 96 -26.81 15.23 6.41
N GLN A 97 -27.72 14.28 6.24
CA GLN A 97 -28.22 13.92 4.92
C GLN A 97 -28.99 15.09 4.33
N GLU A 98 -29.69 15.82 5.19
CA GLU A 98 -30.45 17.00 4.78
C GLU A 98 -29.50 18.08 4.29
N LYS A 99 -28.21 17.90 4.57
CA LYS A 99 -27.19 18.83 4.13
C LYS A 99 -26.42 18.25 2.94
N LEU A 100 -26.19 16.93 2.99
CA LEU A 100 -25.46 16.23 1.93
C LEU A 100 -26.06 16.50 0.55
N SER A 101 -27.37 16.48 0.46
CA SER A 101 -28.04 16.72 -0.82
C SER A 101 -27.86 18.17 -1.32
N PRO A 102 -28.37 19.19 -0.60
CA PRO A 102 -28.24 20.58 -1.03
C PRO A 102 -26.78 21.05 -1.12
N LEU A 103 -25.99 20.81 -0.06
CA LEU A 103 -24.58 21.21 -0.06
C LEU A 103 -23.82 20.45 -1.15
N GLY A 104 -24.27 19.23 -1.42
CA GLY A 104 -23.64 18.42 -2.45
C GLY A 104 -23.96 18.99 -3.82
N GLU A 105 -25.24 19.31 -4.02
CA GLU A 105 -25.68 19.89 -5.29
C GLU A 105 -25.00 21.23 -5.50
N GLU A 106 -24.84 22.00 -4.42
CA GLU A 106 -24.17 23.29 -4.49
C GLU A 106 -22.73 23.11 -4.94
N MET A 107 -22.09 22.07 -4.44
CA MET A 107 -20.71 21.77 -4.81
C MET A 107 -20.64 21.39 -6.27
N ARG A 108 -21.64 20.64 -6.73
CA ARG A 108 -21.72 20.21 -8.13
C ARG A 108 -22.04 21.39 -9.03
N ASP A 109 -22.91 22.26 -8.56
CA ASP A 109 -23.32 23.44 -9.32
C ASP A 109 -22.17 24.43 -9.41
N ARG A 110 -21.57 24.74 -8.27
CA ARG A 110 -20.44 25.67 -8.25
C ARG A 110 -19.23 25.07 -8.95
N ALA A 111 -19.27 23.75 -9.18
CA ALA A 111 -18.20 23.07 -9.88
C ALA A 111 -18.23 23.48 -11.35
N ARG A 112 -19.38 23.99 -11.79
CA ARG A 112 -19.54 24.46 -13.14
C ARG A 112 -18.85 25.81 -13.30
N ALA A 113 -18.67 26.49 -12.18
CA ALA A 113 -17.96 27.77 -12.17
C ALA A 113 -16.55 27.55 -11.66
N HIS A 114 -16.32 26.32 -11.19
CA HIS A 114 -15.04 25.93 -10.66
C HIS A 114 -14.22 25.20 -11.72
N VAL A 115 -14.58 23.94 -11.95
CA VAL A 115 -13.89 23.09 -12.92
C VAL A 115 -14.32 23.39 -14.34
N ASP A 116 -15.63 23.55 -14.55
CA ASP A 116 -16.15 23.82 -15.89
C ASP A 116 -15.66 25.17 -16.41
N ALA A 117 -15.63 26.17 -15.53
CA ALA A 117 -15.14 27.49 -15.92
C ALA A 117 -13.65 27.39 -16.19
N LEU A 118 -13.00 26.46 -15.49
CA LEU A 118 -11.58 26.23 -15.66
C LEU A 118 -11.33 25.56 -17.01
N ARG A 119 -12.34 24.87 -17.53
CA ARG A 119 -12.21 24.21 -18.82
C ARG A 119 -12.06 25.27 -19.91
N THR A 120 -12.92 26.27 -19.87
CA THR A 120 -12.89 27.36 -20.84
C THR A 120 -11.68 28.26 -20.54
N HIS A 121 -11.11 28.10 -19.36
CA HIS A 121 -9.96 28.89 -18.94
C HIS A 121 -8.68 28.19 -19.33
N LEU A 122 -8.69 26.87 -19.28
CA LEU A 122 -7.52 26.07 -19.64
C LEU A 122 -7.41 25.90 -21.14
N ALA A 123 -8.52 26.06 -21.85
CA ALA A 123 -8.52 25.95 -23.30
C ALA A 123 -7.53 26.93 -23.94
N PRO A 124 -7.66 28.25 -23.71
CA PRO A 124 -6.73 29.23 -24.26
C PRO A 124 -5.35 29.04 -23.64
N TYR A 125 -5.33 28.68 -22.36
CA TYR A 125 -4.08 28.47 -21.65
C TYR A 125 -3.23 27.39 -22.31
N SER A 126 -3.86 26.27 -22.64
CA SER A 126 -3.15 25.17 -23.28
C SER A 126 -2.80 25.53 -24.72
N ASP A 127 -3.68 26.28 -25.37
CA ASP A 127 -3.45 26.72 -26.74
C ASP A 127 -2.23 27.63 -26.77
N GLU A 128 -2.20 28.57 -25.82
CA GLU A 128 -1.08 29.49 -25.69
C GLU A 128 0.16 28.69 -25.32
N LEU A 129 -0.04 27.64 -24.53
CA LEU A 129 1.04 26.76 -24.12
C LEU A 129 1.67 26.10 -25.34
N ARG A 130 0.82 25.77 -26.32
CA ARG A 130 1.28 25.15 -27.55
C ARG A 130 2.17 26.15 -28.30
N GLN A 131 1.77 27.40 -28.26
CA GLN A 131 2.53 28.47 -28.91
C GLN A 131 3.84 28.66 -28.16
N ARG A 132 3.77 28.53 -26.83
CA ARG A 132 4.93 28.64 -25.98
C ARG A 132 5.89 27.50 -26.30
N LEU A 133 5.35 26.29 -26.33
CA LEU A 133 6.12 25.10 -26.65
C LEU A 133 6.77 25.27 -28.01
N ALA A 134 6.01 25.77 -28.96
CA ALA A 134 6.52 26.02 -30.30
C ALA A 134 7.67 27.00 -30.24
N ALA A 135 7.47 28.10 -29.52
CA ALA A 135 8.50 29.13 -29.37
C ALA A 135 9.76 28.53 -28.76
N ARG A 136 9.59 27.79 -27.67
CA ARG A 136 10.70 27.17 -26.98
C ARG A 136 11.37 26.13 -27.88
N LEU A 137 10.55 25.25 -28.46
CA LEU A 137 11.04 24.20 -29.34
C LEU A 137 11.79 24.76 -30.54
N GLU A 138 11.21 25.74 -31.23
CA GLU A 138 11.84 26.33 -32.39
C GLU A 138 13.17 26.98 -32.03
N ALA A 139 13.19 27.73 -30.93
CA ALA A 139 14.41 28.39 -30.47
C ALA A 139 15.45 27.34 -30.09
N LEU A 140 15.02 26.34 -29.32
CA LEU A 140 15.90 25.28 -28.88
C LEU A 140 16.32 24.38 -30.04
N LYS A 141 15.53 24.40 -31.12
CA LYS A 141 15.86 23.61 -32.30
C LYS A 141 17.02 24.24 -33.05
N GLU A 142 16.97 25.57 -33.19
CA GLU A 142 18.03 26.29 -33.86
C GLU A 142 19.26 26.33 -32.96
N ASN A 143 19.02 26.61 -31.69
CA ASN A 143 20.09 26.64 -30.69
C ASN A 143 20.71 25.27 -30.56
N GLY A 144 19.86 24.25 -30.53
CA GLY A 144 20.32 22.88 -30.42
C GLY A 144 21.00 22.41 -31.68
N GLY A 145 20.45 22.80 -32.83
CA GLY A 145 21.04 22.40 -34.10
C GLY A 145 22.47 22.90 -34.20
N ALA A 146 22.65 24.16 -33.86
CA ALA A 146 23.98 24.77 -33.89
C ALA A 146 24.83 24.15 -32.78
N ARG A 147 24.18 23.81 -31.66
CA ARG A 147 24.86 23.19 -30.52
C ARG A 147 25.40 21.82 -30.90
N LEU A 148 24.66 21.10 -31.73
CA LEU A 148 25.08 19.78 -32.18
C LEU A 148 26.37 19.89 -32.97
N ALA A 149 26.42 20.88 -33.86
CA ALA A 149 27.61 21.12 -34.66
C ALA A 149 28.72 21.65 -33.77
N GLU A 150 28.34 22.52 -32.84
CA GLU A 150 29.29 23.10 -31.89
C GLU A 150 29.93 22.00 -31.05
N TYR A 151 29.11 21.09 -30.54
CA TYR A 151 29.61 19.99 -29.73
C TYR A 151 30.43 19.05 -30.60
N HIS A 152 30.00 18.89 -31.85
CA HIS A 152 30.71 18.04 -32.79
C HIS A 152 32.11 18.58 -33.05
N ALA A 153 32.20 19.89 -33.28
CA ALA A 153 33.47 20.56 -33.52
C ALA A 153 34.38 20.41 -32.31
N LYS A 154 33.82 20.64 -31.13
CA LYS A 154 34.57 20.51 -29.90
C LYS A 154 34.99 19.06 -29.70
N ALA A 155 34.15 18.14 -30.18
CA ALA A 155 34.43 16.72 -30.09
C ALA A 155 35.59 16.35 -31.00
N THR A 156 35.58 16.86 -32.23
CA THR A 156 36.65 16.58 -33.17
C THR A 156 37.97 17.15 -32.65
N GLU A 157 37.90 18.32 -32.02
CA GLU A 157 39.08 18.96 -31.44
C GLU A 157 39.58 18.12 -30.28
N HIS A 158 38.64 17.53 -29.55
CA HIS A 158 38.97 16.68 -28.42
C HIS A 158 39.54 15.36 -28.93
N LEU A 159 38.94 14.84 -29.99
CA LEU A 159 39.37 13.59 -30.58
C LEU A 159 40.76 13.71 -31.20
N SER A 160 41.00 14.80 -31.93
CA SER A 160 42.30 15.03 -32.56
C SER A 160 43.38 15.14 -31.50
N THR A 161 43.10 15.89 -30.44
CA THR A 161 44.05 16.05 -29.36
C THR A 161 44.14 14.78 -28.53
N LEU A 162 43.13 13.92 -28.64
CA LEU A 162 43.12 12.64 -27.94
C LEU A 162 44.15 11.73 -28.59
N SER A 163 44.25 11.80 -29.91
CA SER A 163 45.23 11.01 -30.64
C SER A 163 46.63 11.49 -30.23
N GLU A 164 46.72 12.77 -29.93
CA GLU A 164 47.98 13.38 -29.49
C GLU A 164 48.30 12.98 -28.05
N LYS A 165 47.48 12.08 -27.50
CA LYS A 165 47.67 11.55 -26.16
C LYS A 165 47.75 10.04 -26.25
N ALA A 166 46.89 9.46 -27.08
CA ALA A 166 46.85 8.02 -27.28
C ALA A 166 48.11 7.54 -27.99
N LYS A 167 48.81 8.45 -28.64
CA LYS A 167 50.04 8.10 -29.32
C LYS A 167 51.27 8.39 -28.44
N PRO A 168 51.57 9.67 -28.12
CA PRO A 168 52.73 10.01 -27.30
C PRO A 168 52.63 9.51 -25.86
N ALA A 169 51.62 10.00 -25.14
CA ALA A 169 51.43 9.63 -23.74
C ALA A 169 51.25 8.12 -23.55
N LEU A 170 50.41 7.50 -24.35
CA LEU A 170 50.18 6.07 -24.24
C LEU A 170 51.40 5.23 -24.61
N GLU A 171 52.08 5.61 -25.70
CA GLU A 171 53.27 4.88 -26.11
C GLU A 171 54.37 5.05 -25.08
N ASP A 172 54.53 6.27 -24.59
CA ASP A 172 55.53 6.55 -23.57
C ASP A 172 55.17 5.83 -22.29
N LEU A 173 53.87 5.71 -22.02
CA LEU A 173 53.39 5.00 -20.84
C LEU A 173 53.80 3.54 -20.93
N ARG A 174 53.56 2.93 -22.08
CA ARG A 174 53.93 1.54 -22.30
C ARG A 174 55.46 1.41 -22.28
N GLN A 175 56.12 2.40 -22.89
CA GLN A 175 57.57 2.43 -22.96
C GLN A 175 58.19 2.67 -21.60
N GLY A 176 57.37 3.13 -20.66
CA GLY A 176 57.80 3.38 -19.30
C GLY A 176 57.47 2.16 -18.46
N LEU A 177 56.30 1.58 -18.74
CA LEU A 177 55.84 0.39 -18.04
C LEU A 177 56.69 -0.82 -18.35
N LEU A 178 57.13 -0.97 -19.60
CA LEU A 178 57.97 -2.09 -20.00
C LEU A 178 59.20 -2.25 -19.09
N PRO A 179 60.09 -1.22 -19.02
CA PRO A 179 61.27 -1.28 -18.16
C PRO A 179 60.90 -1.26 -16.69
N VAL A 180 59.79 -0.60 -16.36
CA VAL A 180 59.35 -0.53 -14.97
C VAL A 180 58.88 -1.91 -14.49
N LEU A 181 58.27 -2.67 -15.40
CA LEU A 181 57.81 -4.02 -15.10
C LEU A 181 59.01 -4.90 -14.82
N GLU A 182 60.10 -4.65 -15.54
CA GLU A 182 61.33 -5.40 -15.35
C GLU A 182 61.85 -5.17 -13.94
N SER A 183 61.93 -3.90 -13.54
CA SER A 183 62.41 -3.55 -12.21
C SER A 183 61.47 -4.14 -11.16
N PHE A 184 60.16 -4.11 -11.43
CA PHE A 184 59.18 -4.66 -10.52
C PHE A 184 59.33 -6.16 -10.43
N LYS A 185 59.58 -6.80 -11.57
CA LYS A 185 59.76 -8.24 -11.63
C LYS A 185 61.01 -8.64 -10.84
N VAL A 186 62.10 -7.92 -11.06
CA VAL A 186 63.35 -8.19 -10.36
C VAL A 186 63.15 -8.06 -8.86
N SER A 187 62.41 -7.03 -8.46
CA SER A 187 62.12 -6.79 -7.06
C SER A 187 61.19 -7.88 -6.52
N PHE A 188 60.25 -8.30 -7.36
CA PHE A 188 59.29 -9.34 -6.99
C PHE A 188 60.00 -10.66 -6.78
N LEU A 189 60.88 -11.00 -7.71
CA LEU A 189 61.64 -12.25 -7.64
C LEU A 189 62.44 -12.34 -6.35
N SER A 190 63.06 -11.23 -5.97
CA SER A 190 63.86 -11.19 -4.76
C SER A 190 62.98 -11.13 -3.50
N ALA A 191 61.88 -10.39 -3.58
CA ALA A 191 60.95 -10.26 -2.46
C ALA A 191 60.28 -11.59 -2.16
N LEU A 192 59.83 -12.27 -3.22
CA LEU A 192 59.17 -13.56 -3.08
C LEU A 192 60.13 -14.59 -2.52
N GLU A 193 61.38 -14.48 -2.93
CA GLU A 193 62.42 -15.39 -2.47
C GLU A 193 62.61 -15.22 -0.96
N GLU A 194 62.72 -13.96 -0.55
CA GLU A 194 62.89 -13.62 0.86
C GLU A 194 61.71 -14.08 1.70
N TYR A 195 60.50 -13.81 1.22
CA TYR A 195 59.29 -14.19 1.93
C TYR A 195 59.28 -15.68 2.26
N THR A 196 59.45 -16.49 1.24
CA THR A 196 59.46 -17.94 1.42
C THR A 196 60.68 -18.39 2.22
N LYS A 197 61.80 -17.70 2.03
CA LYS A 197 63.05 -18.03 2.72
C LYS A 197 62.89 -17.90 4.23
N LYS A 198 62.02 -17.00 4.66
CA LYS A 198 61.78 -16.79 6.09
C LYS A 198 60.66 -17.66 6.60
N LEU A 199 59.89 -18.20 5.67
CA LEU A 199 58.77 -19.06 6.02
C LEU A 199 59.26 -20.47 6.28
N ASN A 200 59.99 -21.02 5.31
CA ASN A 200 60.51 -22.37 5.41
C ASN A 200 61.51 -22.66 4.29
N LEU B 3 62.71 9.31 -10.71
CA LEU B 3 63.61 9.32 -11.85
C LEU B 3 62.82 9.06 -13.11
N LYS B 4 62.05 7.98 -13.11
CA LYS B 4 61.22 7.63 -14.25
C LYS B 4 60.00 8.53 -14.28
N LEU B 5 59.68 9.11 -13.13
CA LEU B 5 58.54 10.01 -13.01
C LEU B 5 58.80 11.31 -13.76
N LEU B 6 60.07 11.60 -14.00
CA LEU B 6 60.42 12.80 -14.73
C LEU B 6 59.97 12.70 -16.18
N ASP B 7 60.11 11.50 -16.73
CA ASP B 7 59.70 11.25 -18.11
C ASP B 7 58.18 11.37 -18.19
N ASN B 8 57.52 10.81 -17.18
CA ASN B 8 56.07 10.85 -17.10
C ASN B 8 55.59 12.29 -16.93
N TRP B 9 56.30 13.06 -16.12
CA TRP B 9 55.97 14.45 -15.88
C TRP B 9 55.96 15.23 -17.17
N ASP B 10 56.87 14.89 -18.09
CA ASP B 10 56.95 15.55 -19.38
C ASP B 10 55.70 15.23 -20.20
N SER B 11 55.24 13.98 -20.09
CA SER B 11 54.05 13.55 -20.79
C SER B 11 52.82 14.22 -20.20
N VAL B 12 52.86 14.45 -18.90
CA VAL B 12 51.77 15.12 -18.20
C VAL B 12 51.71 16.60 -18.55
N THR B 13 52.88 17.22 -18.67
CA THR B 13 52.96 18.63 -19.02
C THR B 13 52.52 18.88 -20.45
N SER B 14 52.95 17.99 -21.36
CA SER B 14 52.58 18.13 -22.76
C SER B 14 51.07 17.96 -22.94
N THR B 15 50.51 16.97 -22.27
CA THR B 15 49.07 16.73 -22.34
C THR B 15 48.31 17.88 -21.70
N PHE B 16 48.86 18.42 -20.62
CA PHE B 16 48.24 19.55 -19.93
C PHE B 16 48.23 20.76 -20.84
N SER B 17 49.32 20.96 -21.56
CA SER B 17 49.43 22.05 -22.51
C SER B 17 48.39 21.85 -23.62
N LYS B 18 48.25 20.60 -24.05
CA LYS B 18 47.28 20.25 -25.09
C LYS B 18 45.86 20.42 -24.56
N LEU B 19 45.69 20.25 -23.26
CA LEU B 19 44.38 20.44 -22.64
C LEU B 19 44.03 21.91 -22.72
N ARG B 20 45.03 22.76 -22.51
CA ARG B 20 44.84 24.20 -22.59
C ARG B 20 44.63 24.62 -24.05
N GLU B 21 45.20 23.84 -24.96
CA GLU B 21 45.05 24.09 -26.39
C GLU B 21 43.58 23.94 -26.77
N GLN B 22 42.93 22.98 -26.12
CA GLN B 22 41.51 22.73 -26.35
C GLN B 22 40.70 23.81 -25.65
N LEU B 23 41.09 24.10 -24.41
CA LEU B 23 40.40 25.11 -23.59
C LEU B 23 40.23 26.43 -24.33
N GLY B 24 41.25 26.83 -25.09
CA GLY B 24 41.18 28.07 -25.84
C GLY B 24 39.94 28.16 -26.73
N PRO B 25 39.93 27.45 -27.87
CA PRO B 25 38.80 27.45 -28.81
C PRO B 25 37.52 26.88 -28.18
N VAL B 26 37.66 25.86 -27.34
CA VAL B 26 36.49 25.25 -26.70
C VAL B 26 35.74 26.27 -25.85
N THR B 27 36.46 27.00 -25.01
CA THR B 27 35.83 28.01 -24.16
C THR B 27 35.37 29.19 -25.00
N GLN B 28 36.13 29.51 -26.05
CA GLN B 28 35.78 30.60 -26.95
C GLN B 28 34.43 30.30 -27.60
N GLU B 29 34.29 29.08 -28.10
CA GLU B 29 33.05 28.65 -28.71
C GLU B 29 31.97 28.53 -27.64
N PHE B 30 32.38 28.11 -26.45
CA PHE B 30 31.46 27.97 -25.33
C PHE B 30 30.84 29.32 -25.00
N TRP B 31 31.61 30.39 -25.16
CA TRP B 31 31.12 31.73 -24.91
C TRP B 31 30.01 32.06 -25.90
N ASP B 32 30.18 31.61 -27.14
CA ASP B 32 29.17 31.84 -28.16
C ASP B 32 28.00 30.90 -27.96
N ASN B 33 28.30 29.69 -27.48
CA ASN B 33 27.27 28.71 -27.20
C ASN B 33 26.39 29.26 -26.08
N LEU B 34 27.04 29.85 -25.08
CA LEU B 34 26.34 30.47 -23.98
C LEU B 34 25.60 31.69 -24.50
N GLU B 35 26.17 32.33 -25.50
CA GLU B 35 25.55 33.50 -26.12
C GLU B 35 24.24 33.07 -26.75
N LYS B 36 24.29 31.99 -27.54
CA LYS B 36 23.12 31.42 -28.18
C LYS B 36 22.10 31.08 -27.10
N GLU B 37 22.59 30.52 -26.00
CA GLU B 37 21.73 30.16 -24.88
C GLU B 37 21.06 31.40 -24.32
N THR B 38 21.87 32.44 -24.11
CA THR B 38 21.38 33.69 -23.58
C THR B 38 20.35 34.33 -24.51
N GLU B 39 20.72 34.50 -25.78
CA GLU B 39 19.83 35.11 -26.76
C GLU B 39 18.56 34.30 -26.93
N GLY B 40 18.72 33.00 -27.19
CA GLY B 40 17.57 32.13 -27.38
C GLY B 40 16.64 32.15 -26.18
N LEU B 41 17.19 31.81 -25.01
CA LEU B 41 16.41 31.79 -23.78
C LEU B 41 15.81 33.14 -23.46
N ARG B 42 16.51 34.22 -23.82
CA ARG B 42 16.00 35.56 -23.56
C ARG B 42 14.78 35.84 -24.42
N GLN B 43 14.83 35.43 -25.68
CA GLN B 43 13.72 35.62 -26.59
C GLN B 43 12.54 34.78 -26.13
N GLU B 44 12.85 33.64 -25.53
CA GLU B 44 11.82 32.76 -25.00
C GLU B 44 11.27 33.34 -23.68
N MET B 45 12.18 33.65 -22.76
CA MET B 45 11.83 34.18 -21.45
C MET B 45 11.12 35.53 -21.51
N SER B 46 11.46 36.36 -22.48
CA SER B 46 10.81 37.65 -22.61
C SER B 46 9.32 37.46 -22.86
N LYS B 47 9.00 36.62 -23.83
CA LYS B 47 7.61 36.32 -24.16
C LYS B 47 6.99 35.48 -23.05
N ASP B 48 7.81 34.61 -22.46
CA ASP B 48 7.36 33.74 -21.38
C ASP B 48 6.90 34.57 -20.18
N LEU B 49 7.76 35.43 -19.68
CA LEU B 49 7.43 36.28 -18.53
C LEU B 49 6.28 37.22 -18.83
N GLU B 50 6.27 37.78 -20.03
CA GLU B 50 5.21 38.71 -20.43
C GLU B 50 3.88 37.97 -20.52
N GLU B 51 3.89 36.82 -21.19
CA GLU B 51 2.68 36.04 -21.36
C GLU B 51 2.27 35.40 -20.03
N VAL B 52 3.26 35.08 -19.19
CA VAL B 52 2.98 34.48 -17.89
C VAL B 52 2.24 35.48 -17.01
N LYS B 53 2.55 36.76 -17.19
CA LYS B 53 1.88 37.80 -16.43
C LYS B 53 0.45 37.92 -16.92
N ALA B 54 0.28 37.80 -18.24
CA ALA B 54 -1.03 37.86 -18.86
C ALA B 54 -1.80 36.58 -18.59
N LYS B 55 -1.11 35.59 -18.02
CA LYS B 55 -1.72 34.32 -17.68
C LYS B 55 -2.04 34.28 -16.20
N VAL B 56 -1.08 34.73 -15.38
CA VAL B 56 -1.23 34.76 -13.94
C VAL B 56 -2.35 35.71 -13.50
N GLN B 57 -2.45 36.86 -14.17
CA GLN B 57 -3.49 37.84 -13.85
C GLN B 57 -4.89 37.21 -13.87
N PRO B 58 -5.36 36.69 -15.03
CA PRO B 58 -6.68 36.06 -15.11
C PRO B 58 -6.71 34.73 -14.36
N TYR B 59 -5.53 34.15 -14.14
CA TYR B 59 -5.44 32.89 -13.40
C TYR B 59 -5.80 33.15 -11.94
N LEU B 60 -5.16 34.15 -11.36
CA LEU B 60 -5.41 34.53 -9.99
C LEU B 60 -6.81 35.09 -9.87
N ASP B 61 -7.25 35.79 -10.92
CA ASP B 61 -8.59 36.36 -10.94
C ASP B 61 -9.64 35.26 -10.92
N ASP B 62 -9.50 34.30 -11.84
CA ASP B 62 -10.42 33.18 -11.94
C ASP B 62 -10.32 32.32 -10.68
N PHE B 63 -9.10 32.20 -10.16
CA PHE B 63 -8.86 31.44 -8.95
C PHE B 63 -9.48 32.14 -7.75
N GLN B 64 -9.40 33.48 -7.74
CA GLN B 64 -9.97 34.28 -6.67
C GLN B 64 -11.48 34.15 -6.67
N LYS B 65 -12.09 34.15 -7.85
CA LYS B 65 -13.53 34.00 -7.96
C LYS B 65 -13.91 32.64 -7.38
N LYS B 66 -13.11 31.64 -7.70
CA LYS B 66 -13.34 30.29 -7.20
C LYS B 66 -13.03 30.23 -5.71
N TRP B 67 -12.04 31.02 -5.28
CA TRP B 67 -11.66 31.09 -3.88
C TRP B 67 -12.83 31.63 -3.07
N GLN B 68 -13.57 32.56 -3.68
CA GLN B 68 -14.74 33.11 -3.02
C GLN B 68 -15.78 32.02 -2.85
N GLU B 69 -15.98 31.23 -3.91
CA GLU B 69 -16.93 30.12 -3.88
C GLU B 69 -16.50 29.11 -2.83
N GLU B 70 -15.20 28.92 -2.72
CA GLU B 70 -14.63 27.99 -1.76
C GLU B 70 -14.80 28.52 -0.33
N MET B 71 -14.29 29.74 -0.10
CA MET B 71 -14.37 30.36 1.22
C MET B 71 -15.81 30.54 1.67
N GLU B 72 -16.63 31.17 0.84
CA GLU B 72 -18.03 31.39 1.18
C GLU B 72 -18.76 30.06 1.26
N LEU B 73 -18.45 29.16 0.32
CA LEU B 73 -19.05 27.84 0.28
C LEU B 73 -18.75 27.10 1.59
N TYR B 74 -17.50 27.16 2.03
CA TYR B 74 -17.10 26.52 3.26
C TYR B 74 -17.78 27.17 4.45
N ARG B 75 -17.93 28.49 4.40
CA ARG B 75 -18.59 29.20 5.49
C ARG B 75 -20.05 28.80 5.58
N GLN B 76 -20.71 28.74 4.43
CA GLN B 76 -22.13 28.37 4.37
C GLN B 76 -22.34 26.86 4.53
N LYS B 77 -21.26 26.14 4.76
CA LYS B 77 -21.34 24.70 4.96
C LYS B 77 -20.83 24.34 6.34
N VAL B 78 -19.59 24.72 6.62
CA VAL B 78 -18.94 24.43 7.89
C VAL B 78 -19.66 25.11 9.05
N GLU B 79 -20.11 26.35 8.87
CA GLU B 79 -20.80 27.06 9.95
C GLU B 79 -22.12 26.37 10.35
N PRO B 80 -23.07 26.17 9.40
CA PRO B 80 -24.33 25.48 9.72
C PRO B 80 -24.06 24.09 10.27
N LEU B 81 -23.14 23.38 9.63
CA LEU B 81 -22.76 22.04 10.07
C LEU B 81 -22.11 22.10 11.45
N ARG B 82 -21.41 23.18 11.73
CA ARG B 82 -20.75 23.37 13.02
C ARG B 82 -21.81 23.43 14.10
N ALA B 83 -22.89 24.16 13.82
CA ALA B 83 -23.98 24.30 14.75
C ALA B 83 -24.66 22.94 14.95
N GLU B 84 -24.96 22.28 13.84
CA GLU B 84 -25.61 20.97 13.86
C GLU B 84 -24.70 19.94 14.54
N LEU B 85 -23.41 19.98 14.22
CA LEU B 85 -22.45 19.07 14.81
C LEU B 85 -22.29 19.38 16.29
N GLN B 86 -22.37 20.66 16.64
CA GLN B 86 -22.26 21.07 18.03
C GLN B 86 -23.46 20.56 18.81
N GLU B 87 -24.64 20.68 18.22
CA GLU B 87 -25.86 20.19 18.85
C GLU B 87 -25.79 18.67 18.96
N GLY B 88 -25.35 18.05 17.87
CA GLY B 88 -25.20 16.61 17.86
C GLY B 88 -24.15 16.17 18.85
N ALA B 89 -23.12 17.00 19.02
CA ALA B 89 -22.05 16.72 19.96
C ALA B 89 -22.56 16.94 21.38
N ARG B 90 -23.38 17.97 21.56
CA ARG B 90 -23.97 18.24 22.87
C ARG B 90 -24.86 17.09 23.26
N GLN B 91 -25.64 16.61 22.28
CA GLN B 91 -26.51 15.47 22.50
C GLN B 91 -25.65 14.24 22.77
N LYS B 92 -24.59 14.08 22.00
CA LYS B 92 -23.67 12.96 22.16
C LYS B 92 -22.99 13.04 23.53
N LEU B 93 -22.65 14.25 23.94
CA LEU B 93 -22.03 14.47 25.24
C LEU B 93 -23.02 14.09 26.32
N HIS B 94 -24.27 14.47 26.13
CA HIS B 94 -25.33 14.15 27.07
C HIS B 94 -25.53 12.64 27.09
N GLU B 95 -25.53 12.05 25.90
CA GLU B 95 -25.67 10.61 25.75
C GLU B 95 -24.55 9.93 26.51
N LEU B 96 -23.33 10.40 26.27
CA LEU B 96 -22.14 9.86 26.92
C LEU B 96 -22.18 10.13 28.43
N GLN B 97 -22.68 11.28 28.82
CA GLN B 97 -22.79 11.64 30.24
C GLN B 97 -23.74 10.67 30.93
N GLU B 98 -24.83 10.35 30.25
CA GLU B 98 -25.82 9.41 30.78
C GLU B 98 -25.27 7.98 30.79
N LYS B 99 -24.07 7.82 30.24
CA LYS B 99 -23.40 6.54 30.21
C LYS B 99 -22.27 6.53 31.22
N LEU B 100 -21.39 7.52 31.11
CA LEU B 100 -20.24 7.66 31.98
C LEU B 100 -20.60 7.83 33.45
N SER B 101 -21.70 8.52 33.73
CA SER B 101 -22.12 8.73 35.11
C SER B 101 -22.45 7.40 35.80
N PRO B 102 -23.46 6.63 35.31
CA PRO B 102 -23.82 5.35 35.91
C PRO B 102 -22.67 4.35 35.80
N LEU B 103 -22.00 4.35 34.64
CA LEU B 103 -20.88 3.45 34.42
C LEU B 103 -19.74 3.77 35.37
N GLY B 104 -19.52 5.05 35.65
CA GLY B 104 -18.47 5.46 36.55
C GLY B 104 -18.72 4.90 37.94
N GLU B 105 -19.93 5.11 38.44
CA GLU B 105 -20.30 4.62 39.75
C GLU B 105 -20.28 3.10 39.77
N GLU B 106 -20.72 2.49 38.67
CA GLU B 106 -20.74 1.05 38.54
C GLU B 106 -19.33 0.49 38.50
N MET B 107 -18.46 1.10 37.69
CA MET B 107 -17.08 0.69 37.57
C MET B 107 -16.39 0.83 38.91
N ARG B 108 -16.79 1.84 39.67
CA ARG B 108 -16.24 2.07 41.01
C ARG B 108 -16.64 0.91 41.90
N ASP B 109 -17.91 0.51 41.82
CA ASP B 109 -18.40 -0.61 42.62
C ASP B 109 -17.72 -1.90 42.18
N ARG B 110 -17.55 -2.04 40.86
CA ARG B 110 -16.87 -3.21 40.29
C ARG B 110 -15.45 -3.25 40.82
N ALA B 111 -14.83 -2.07 40.90
CA ALA B 111 -13.47 -1.94 41.39
C ALA B 111 -13.39 -2.40 42.85
N ARG B 112 -14.43 -2.14 43.62
CA ARG B 112 -14.47 -2.56 45.00
C ARG B 112 -14.51 -4.08 45.05
N ALA B 113 -15.38 -4.66 44.24
CA ALA B 113 -15.53 -6.11 44.17
C ALA B 113 -14.41 -6.76 43.34
N HIS B 114 -13.41 -5.97 42.99
CA HIS B 114 -12.27 -6.46 42.21
C HIS B 114 -10.97 -6.19 42.95
N VAL B 115 -10.66 -4.91 43.15
CA VAL B 115 -9.44 -4.50 43.83
C VAL B 115 -9.49 -4.86 45.30
N ASP B 116 -10.58 -4.51 45.98
CA ASP B 116 -10.71 -4.82 47.40
C ASP B 116 -10.81 -6.32 47.61
N ALA B 117 -11.46 -6.99 46.66
CA ALA B 117 -11.58 -8.44 46.71
C ALA B 117 -10.20 -9.04 46.54
N LEU B 118 -9.39 -8.42 45.70
CA LEU B 118 -8.02 -8.87 45.46
C LEU B 118 -7.16 -8.52 46.67
N ARG B 119 -7.53 -7.46 47.38
CA ARG B 119 -6.79 -7.05 48.56
C ARG B 119 -6.81 -8.16 49.61
N THR B 120 -7.99 -8.69 49.87
CA THR B 120 -8.16 -9.73 50.87
C THR B 120 -7.78 -11.12 50.32
N HIS B 121 -7.34 -11.17 49.06
CA HIS B 121 -6.96 -12.43 48.45
C HIS B 121 -5.47 -12.46 48.12
N LEU B 122 -4.96 -11.38 47.56
CA LEU B 122 -3.56 -11.26 47.21
C LEU B 122 -2.69 -11.05 48.44
N ALA B 123 -3.24 -10.37 49.45
CA ALA B 123 -2.50 -10.14 50.68
C ALA B 123 -2.10 -11.46 51.33
N PRO B 124 -3.07 -12.36 51.63
CA PRO B 124 -2.75 -13.67 52.19
C PRO B 124 -1.94 -14.50 51.19
N TYR B 125 -2.15 -14.23 49.90
CA TYR B 125 -1.44 -14.95 48.85
C TYR B 125 0.05 -14.61 48.89
N SER B 126 0.37 -13.32 48.99
CA SER B 126 1.76 -12.90 49.07
C SER B 126 2.35 -13.39 50.38
N ASP B 127 1.48 -13.54 51.37
CA ASP B 127 1.89 -14.04 52.67
C ASP B 127 2.24 -15.52 52.54
N GLU B 128 1.41 -16.25 51.81
CA GLU B 128 1.64 -17.67 51.56
C GLU B 128 2.93 -17.79 50.76
N LEU B 129 3.14 -16.83 49.86
CA LEU B 129 4.35 -16.79 49.06
C LEU B 129 5.56 -16.62 49.97
N ARG B 130 5.38 -15.88 51.07
CA ARG B 130 6.45 -15.67 52.04
C ARG B 130 6.80 -17.00 52.69
N GLN B 131 5.77 -17.77 53.02
CA GLN B 131 5.96 -19.09 53.64
C GLN B 131 6.74 -19.98 52.68
N ARG B 132 6.36 -19.95 51.41
CA ARG B 132 7.02 -20.75 50.39
C ARG B 132 8.44 -20.23 50.18
N LEU B 133 8.57 -18.91 50.01
CA LEU B 133 9.87 -18.29 49.81
C LEU B 133 10.78 -18.54 51.01
N ALA B 134 10.19 -18.71 52.19
CA ALA B 134 10.95 -18.98 53.39
C ALA B 134 11.64 -20.33 53.24
N ALA B 135 10.89 -21.31 52.73
CA ALA B 135 11.42 -22.65 52.50
C ALA B 135 12.41 -22.60 51.35
N ARG B 136 12.08 -21.80 50.34
CA ARG B 136 12.93 -21.62 49.17
C ARG B 136 14.26 -21.00 49.57
N LEU B 137 14.19 -19.90 50.32
CA LEU B 137 15.38 -19.21 50.79
C LEU B 137 16.16 -20.11 51.72
N GLU B 138 15.43 -20.91 52.49
CA GLU B 138 16.03 -21.86 53.41
C GLU B 138 16.84 -22.87 52.62
N ALA B 139 16.21 -23.45 51.61
CA ALA B 139 16.87 -24.43 50.76
C ALA B 139 18.07 -23.79 50.06
N LEU B 140 17.88 -22.56 49.60
CA LEU B 140 18.95 -21.82 48.93
C LEU B 140 20.10 -21.55 49.89
N LYS B 141 19.80 -21.47 51.18
CA LYS B 141 20.80 -21.23 52.20
C LYS B 141 21.46 -22.54 52.59
N GLU B 142 20.67 -23.60 52.66
CA GLU B 142 21.16 -24.94 53.01
C GLU B 142 22.11 -25.41 51.92
N ASN B 143 21.62 -25.44 50.70
CA ASN B 143 22.42 -25.85 49.55
C ASN B 143 23.46 -24.80 49.24
N GLY B 144 23.12 -23.54 49.48
CA GLY B 144 24.05 -22.46 49.24
C GLY B 144 25.26 -22.53 50.14
N GLY B 145 25.01 -22.77 51.43
CA GLY B 145 26.11 -22.87 52.38
C GLY B 145 27.02 -24.03 52.02
N ALA B 146 26.42 -25.14 51.63
CA ALA B 146 27.16 -26.32 51.23
C ALA B 146 27.94 -26.02 49.96
N ARG B 147 27.25 -25.42 48.99
CA ARG B 147 27.86 -25.05 47.71
C ARG B 147 29.03 -24.11 47.91
N LEU B 148 28.92 -23.20 48.87
CA LEU B 148 30.00 -22.26 49.15
C LEU B 148 31.25 -23.02 49.57
N ALA B 149 31.05 -24.08 50.35
CA ALA B 149 32.15 -24.91 50.81
C ALA B 149 32.66 -25.75 49.65
N GLU B 150 31.72 -26.23 48.82
CA GLU B 150 32.05 -27.02 47.65
C GLU B 150 32.88 -26.19 46.68
N TYR B 151 32.39 -24.99 46.36
CA TYR B 151 33.09 -24.09 45.47
C TYR B 151 34.46 -23.79 46.01
N HIS B 152 34.55 -23.57 47.32
CA HIS B 152 35.81 -23.29 47.98
C HIS B 152 36.76 -24.48 47.88
N ALA B 153 36.22 -25.67 48.11
CA ALA B 153 37.01 -26.89 48.03
C ALA B 153 37.50 -27.11 46.60
N LYS B 154 36.58 -27.02 45.64
CA LYS B 154 36.92 -27.20 44.25
C LYS B 154 37.85 -26.10 43.76
N ALA B 155 37.77 -24.94 44.40
CA ALA B 155 38.62 -23.82 44.06
C ALA B 155 40.06 -24.20 44.36
N THR B 156 40.29 -24.71 45.55
CA THR B 156 41.62 -25.15 45.96
C THR B 156 42.07 -26.31 45.07
N GLU B 157 41.15 -27.22 44.77
CA GLU B 157 41.43 -28.37 43.92
C GLU B 157 41.83 -27.90 42.51
N HIS B 158 41.20 -26.82 42.07
CA HIS B 158 41.49 -26.26 40.76
C HIS B 158 42.76 -25.42 40.79
N LEU B 159 43.01 -24.79 41.93
CA LEU B 159 44.19 -23.95 42.09
C LEU B 159 45.46 -24.81 42.12
N SER B 160 45.41 -25.89 42.89
CA SER B 160 46.55 -26.79 42.99
C SER B 160 46.87 -27.43 41.65
N THR B 161 45.83 -27.71 40.87
CA THR B 161 45.99 -28.32 39.56
C THR B 161 46.33 -27.26 38.52
N LEU B 162 46.23 -26.00 38.92
CA LEU B 162 46.55 -24.89 38.04
C LEU B 162 48.01 -24.51 38.20
N SER B 163 48.50 -24.57 39.44
CA SER B 163 49.89 -24.24 39.73
C SER B 163 50.85 -25.10 38.93
N GLU B 164 50.44 -26.34 38.64
CA GLU B 164 51.25 -27.25 37.85
C GLU B 164 51.52 -26.68 36.46
N LYS B 165 50.61 -25.83 35.99
CA LYS B 165 50.73 -25.21 34.69
C LYS B 165 51.09 -23.73 34.82
N ALA B 166 50.91 -23.18 36.02
CA ALA B 166 51.20 -21.79 36.27
C ALA B 166 52.66 -21.58 36.66
N LYS B 167 53.30 -22.64 37.13
CA LYS B 167 54.71 -22.55 37.53
C LYS B 167 55.61 -23.43 36.67
N PRO B 168 55.55 -24.78 36.79
CA PRO B 168 56.40 -25.68 35.99
C PRO B 168 56.17 -25.51 34.49
N ALA B 169 54.90 -25.63 34.07
CA ALA B 169 54.56 -25.49 32.66
C ALA B 169 54.89 -24.09 32.13
N LEU B 170 54.62 -23.06 32.94
CA LEU B 170 54.90 -21.70 32.54
C LEU B 170 56.40 -21.49 32.42
N GLU B 171 57.16 -22.07 33.35
CA GLU B 171 58.61 -21.98 33.32
C GLU B 171 59.15 -22.72 32.10
N ASP B 172 58.49 -23.83 31.76
CA ASP B 172 58.86 -24.61 30.61
C ASP B 172 58.61 -23.80 29.35
N LEU B 173 57.50 -23.07 29.34
CA LEU B 173 57.16 -22.21 28.21
C LEU B 173 58.19 -21.11 28.10
N ARG B 174 58.59 -20.56 29.25
CA ARG B 174 59.60 -19.52 29.30
C ARG B 174 60.93 -20.08 28.78
N GLN B 175 61.20 -21.33 29.15
CA GLN B 175 62.41 -21.99 28.72
C GLN B 175 62.39 -22.27 27.23
N GLY B 176 61.20 -22.57 26.71
CA GLY B 176 61.03 -22.83 25.29
C GLY B 176 61.18 -21.52 24.50
N LEU B 177 60.68 -20.44 25.09
CA LEU B 177 60.75 -19.12 24.49
C LEU B 177 62.19 -18.63 24.35
N LEU B 178 63.07 -19.12 25.22
CA LEU B 178 64.48 -18.72 25.19
C LEU B 178 65.13 -18.99 23.83
N PRO B 179 65.23 -20.27 23.38
CA PRO B 179 65.82 -20.60 22.07
C PRO B 179 64.88 -20.23 20.94
N VAL B 180 63.58 -20.19 21.22
CA VAL B 180 62.58 -19.85 20.22
C VAL B 180 62.70 -18.38 19.82
N LEU B 181 62.74 -17.49 20.81
CA LEU B 181 62.87 -16.08 20.55
C LEU B 181 64.25 -15.79 19.97
N GLU B 182 65.20 -16.68 20.26
CA GLU B 182 66.55 -16.55 19.76
C GLU B 182 66.57 -16.87 18.27
N SER B 183 65.95 -17.99 17.90
CA SER B 183 65.88 -18.39 16.50
C SER B 183 65.06 -17.36 15.73
N PHE B 184 64.03 -16.83 16.39
CA PHE B 184 63.20 -15.80 15.80
C PHE B 184 64.04 -14.56 15.54
N LYS B 185 64.90 -14.24 16.50
CA LYS B 185 65.81 -13.10 16.37
C LYS B 185 66.69 -13.28 15.14
N VAL B 186 67.24 -14.48 15.01
CA VAL B 186 68.09 -14.81 13.87
C VAL B 186 67.33 -14.62 12.57
N SER B 187 66.09 -15.13 12.53
CA SER B 187 65.25 -15.00 11.35
C SER B 187 64.92 -13.53 11.09
N PHE B 188 64.65 -12.78 12.16
CA PHE B 188 64.34 -11.36 12.04
C PHE B 188 65.54 -10.58 11.54
N LEU B 189 66.71 -10.87 12.09
CA LEU B 189 67.94 -10.19 11.70
C LEU B 189 68.22 -10.39 10.22
N SER B 190 68.15 -11.64 9.77
CA SER B 190 68.39 -11.94 8.37
C SER B 190 67.32 -11.32 7.47
N ALA B 191 66.07 -11.34 7.93
CA ALA B 191 64.97 -10.77 7.17
C ALA B 191 65.13 -9.26 7.04
N LEU B 192 65.32 -8.60 8.17
CA LEU B 192 65.47 -7.15 8.20
C LEU B 192 66.64 -6.68 7.35
N GLU B 193 67.81 -7.30 7.56
CA GLU B 193 69.00 -6.91 6.83
C GLU B 193 68.94 -7.24 5.34
N GLU B 194 68.30 -8.34 4.99
CA GLU B 194 68.19 -8.74 3.60
C GLU B 194 67.09 -7.97 2.87
N TYR B 195 65.95 -7.80 3.52
CA TYR B 195 64.83 -7.09 2.91
C TYR B 195 65.15 -5.62 2.66
N THR B 196 65.91 -5.00 3.56
CA THR B 196 66.26 -3.59 3.41
C THR B 196 67.10 -3.37 2.16
N LYS B 197 67.88 -4.38 1.79
CA LYS B 197 68.73 -4.30 0.61
C LYS B 197 67.89 -4.32 -0.66
N LYS B 198 66.67 -4.83 -0.55
CA LYS B 198 65.78 -4.89 -1.70
C LYS B 198 65.02 -3.56 -1.86
N LEU B 199 65.09 -2.72 -0.83
CA LEU B 199 64.40 -1.43 -0.84
C LEU B 199 65.37 -0.30 -1.17
N ASN B 200 66.58 -0.67 -1.58
CA ASN B 200 67.61 0.32 -1.91
C ASN B 200 67.61 0.59 -3.41
N MET C 3 3.04 -12.67 -1.74
CA MET C 3 1.69 -12.25 -2.18
C MET C 3 0.84 -13.48 -2.48
N THR C 4 0.12 -13.96 -1.46
CA THR C 4 -0.72 -15.13 -1.62
C THR C 4 -2.19 -14.75 -1.82
N GLU C 5 -2.41 -13.81 -2.74
CA GLU C 5 -3.75 -13.36 -3.05
C GLU C 5 -3.95 -13.34 -4.56
N TYR C 6 -5.09 -13.83 -5.02
CA TYR C 6 -5.39 -13.86 -6.44
C TYR C 6 -6.79 -13.34 -6.72
N LYS C 7 -6.90 -12.44 -7.69
CA LYS C 7 -8.18 -11.85 -8.05
C LYS C 7 -8.75 -12.57 -9.27
N LEU C 8 -9.92 -13.18 -9.10
CA LEU C 8 -10.56 -13.92 -10.17
C LEU C 8 -11.86 -13.25 -10.58
N VAL C 9 -12.07 -13.12 -11.89
CA VAL C 9 -13.28 -12.51 -12.40
C VAL C 9 -14.05 -13.50 -13.27
N VAL C 10 -15.32 -13.70 -12.93
CA VAL C 10 -16.17 -14.61 -13.69
C VAL C 10 -16.96 -13.85 -14.74
N VAL C 11 -16.69 -14.16 -16.00
CA VAL C 11 -17.39 -13.50 -17.11
C VAL C 11 -18.30 -14.48 -17.83
N GLY C 12 -19.40 -13.97 -18.35
CA GLY C 12 -20.36 -14.82 -19.05
C GLY C 12 -21.69 -14.11 -19.21
N ALA C 13 -22.56 -14.70 -20.01
CA ALA C 13 -23.89 -14.13 -20.25
C ALA C 13 -24.86 -14.48 -19.13
N GLY C 14 -25.93 -13.71 -19.03
CA GLY C 14 -26.93 -13.95 -18.01
C GLY C 14 -27.73 -15.21 -18.26
N GLY C 15 -27.35 -16.28 -17.60
CA GLY C 15 -28.04 -17.54 -17.76
C GLY C 15 -27.12 -18.74 -17.61
N VAL C 16 -25.82 -18.51 -17.73
CA VAL C 16 -24.84 -19.59 -17.61
C VAL C 16 -24.55 -20.00 -16.16
N GLY C 17 -25.22 -19.33 -15.22
CA GLY C 17 -25.02 -19.65 -13.82
C GLY C 17 -23.88 -18.85 -13.21
N LYS C 18 -23.80 -17.58 -13.60
CA LYS C 18 -22.76 -16.67 -13.13
C LYS C 18 -22.64 -16.65 -11.61
N SER C 19 -23.78 -16.62 -10.92
CA SER C 19 -23.77 -16.59 -9.46
C SER C 19 -24.15 -17.94 -8.87
N ALA C 20 -24.01 -18.98 -9.67
CA ALA C 20 -24.33 -20.34 -9.22
C ALA C 20 -23.04 -21.03 -8.77
N LEU C 21 -22.06 -21.09 -9.67
CA LEU C 21 -20.78 -21.72 -9.38
C LEU C 21 -20.08 -21.02 -8.22
N THR C 22 -20.29 -19.71 -8.12
CA THR C 22 -19.69 -18.92 -7.06
C THR C 22 -20.21 -19.35 -5.69
N ILE C 23 -21.53 -19.28 -5.52
CA ILE C 23 -22.14 -19.65 -4.25
C ILE C 23 -21.97 -21.13 -3.95
N GLN C 24 -21.90 -21.94 -5.00
CA GLN C 24 -21.72 -23.38 -4.86
C GLN C 24 -20.35 -23.71 -4.27
N LEU C 25 -19.40 -22.82 -4.48
CA LEU C 25 -18.05 -23.03 -3.95
C LEU C 25 -17.86 -22.28 -2.63
N ILE C 26 -18.47 -21.10 -2.53
CA ILE C 26 -18.35 -20.28 -1.33
C ILE C 26 -19.21 -20.80 -0.17
N GLN C 27 -20.47 -21.09 -0.44
CA GLN C 27 -21.38 -21.58 0.60
C GLN C 27 -21.83 -23.01 0.33
N ASN C 28 -21.35 -23.58 -0.77
CA ASN C 28 -21.70 -24.95 -1.17
C ASN C 28 -23.21 -25.11 -1.35
N HIS C 29 -23.86 -24.06 -1.84
CA HIS C 29 -25.31 -24.09 -2.05
C HIS C 29 -25.68 -23.57 -3.43
N PHE C 30 -26.34 -24.43 -4.20
CA PHE C 30 -26.77 -24.06 -5.54
C PHE C 30 -28.02 -23.20 -5.46
N VAL C 31 -28.03 -22.11 -6.20
CA VAL C 31 -29.18 -21.21 -6.21
C VAL C 31 -30.18 -21.61 -7.29
N ASP C 32 -31.43 -21.75 -6.88
CA ASP C 32 -32.51 -22.12 -7.78
C ASP C 32 -33.23 -20.86 -8.27
N GLU C 33 -33.10 -19.80 -7.48
CA GLU C 33 -33.71 -18.52 -7.80
C GLU C 33 -32.94 -17.84 -8.93
N TYR C 34 -33.65 -17.33 -9.91
CA TYR C 34 -33.02 -16.67 -11.03
C TYR C 34 -32.67 -15.22 -10.68
N ASP C 35 -31.69 -15.07 -9.81
CA ASP C 35 -31.24 -13.75 -9.38
C ASP C 35 -30.13 -13.24 -10.30
N PRO C 36 -30.26 -11.99 -10.77
CA PRO C 36 -29.28 -11.37 -11.65
C PRO C 36 -27.99 -10.99 -10.90
N THR C 37 -27.26 -10.03 -11.42
CA THR C 37 -26.02 -9.58 -10.81
C THR C 37 -25.59 -8.21 -11.33
N ILE C 38 -25.28 -7.33 -10.40
CA ILE C 38 -24.81 -6.00 -10.74
C ILE C 38 -23.37 -5.84 -10.24
N GLU C 39 -23.09 -6.43 -9.09
CA GLU C 39 -21.77 -6.37 -8.49
C GLU C 39 -21.66 -7.37 -7.33
N ASP C 40 -21.19 -8.57 -7.62
CA ASP C 40 -21.05 -9.62 -6.59
C ASP C 40 -19.58 -9.79 -6.25
N SER C 41 -19.29 -9.97 -4.96
CA SER C 41 -17.92 -10.16 -4.49
C SER C 41 -17.86 -11.25 -3.42
N TYR C 42 -17.03 -12.25 -3.65
CA TYR C 42 -16.88 -13.35 -2.71
C TYR C 42 -15.40 -13.63 -2.45
N ARG C 43 -15.02 -13.79 -1.19
CA ARG C 43 -13.63 -14.05 -0.85
C ARG C 43 -13.51 -15.25 0.08
N LYS C 44 -12.54 -16.12 -0.20
CA LYS C 44 -12.32 -17.31 0.61
C LYS C 44 -10.88 -17.76 0.51
N GLN C 45 -10.40 -18.47 1.52
CA GLN C 45 -9.03 -18.97 1.53
C GLN C 45 -9.03 -20.49 1.48
N VAL C 46 -8.42 -21.04 0.45
CA VAL C 46 -8.35 -22.48 0.28
C VAL C 46 -6.94 -22.92 -0.10
N VAL C 47 -6.61 -24.16 0.25
CA VAL C 47 -5.32 -24.72 -0.07
C VAL C 47 -5.35 -25.35 -1.45
N ILE C 48 -4.58 -24.78 -2.37
CA ILE C 48 -4.53 -25.28 -3.75
C ILE C 48 -3.17 -25.90 -4.05
N ASP C 49 -3.17 -27.20 -4.28
CA ASP C 49 -1.95 -27.95 -4.61
C ASP C 49 -0.90 -27.82 -3.51
N GLY C 50 -1.37 -27.71 -2.27
CA GLY C 50 -0.47 -27.60 -1.14
C GLY C 50 -0.17 -26.17 -0.75
N GLU C 51 -0.65 -25.21 -1.54
CA GLU C 51 -0.43 -23.80 -1.27
C GLU C 51 -1.75 -23.08 -1.01
N THR C 52 -1.96 -22.68 0.24
CA THR C 52 -3.19 -21.97 0.60
C THR C 52 -3.08 -20.51 0.15
N CYS C 53 -4.15 -19.99 -0.44
CA CYS C 53 -4.15 -18.61 -0.92
C CYS C 53 -5.52 -17.97 -0.78
N LEU C 54 -5.54 -16.63 -0.79
CA LEU C 54 -6.77 -15.87 -0.68
C LEU C 54 -7.35 -15.64 -2.07
N LEU C 55 -8.51 -16.21 -2.32
CA LEU C 55 -9.15 -16.06 -3.61
C LEU C 55 -10.33 -15.10 -3.53
N ASP C 56 -10.24 -14.00 -4.25
CA ASP C 56 -11.31 -13.02 -4.28
C ASP C 56 -11.97 -13.10 -5.65
N ILE C 57 -13.22 -13.55 -5.66
CA ILE C 57 -13.95 -13.73 -6.90
C ILE C 57 -14.97 -12.61 -7.11
N LEU C 58 -14.86 -11.97 -8.26
CA LEU C 58 -15.76 -10.88 -8.62
C LEU C 58 -16.72 -11.31 -9.71
N ASP C 59 -18.01 -11.31 -9.40
CA ASP C 59 -19.04 -11.69 -10.36
C ASP C 59 -19.58 -10.45 -11.04
N THR C 60 -19.15 -10.24 -12.28
CA THR C 60 -19.54 -9.08 -13.07
C THR C 60 -20.96 -9.22 -13.60
N ALA C 61 -21.49 -8.13 -14.14
CA ALA C 61 -22.82 -8.14 -14.70
C ALA C 61 -22.81 -8.81 -16.08
N GLY C 62 -23.89 -9.50 -16.41
CA GLY C 62 -23.98 -10.16 -17.69
C GLY C 62 -24.52 -9.27 -18.77
N GLN C 63 -25.67 -8.65 -18.49
CA GLN C 63 -26.29 -7.75 -19.45
C GLN C 63 -25.84 -6.32 -19.20
N GLU C 64 -24.58 -6.05 -19.48
CA GLU C 64 -24.03 -4.73 -19.28
C GLU C 64 -23.50 -4.17 -20.60
N GLU C 65 -23.42 -2.85 -20.69
CA GLU C 65 -22.93 -2.20 -21.89
C GLU C 65 -21.48 -1.75 -21.72
N TYR C 66 -21.15 -0.56 -22.22
CA TYR C 66 -19.79 -0.04 -22.10
C TYR C 66 -19.71 1.00 -20.99
N SER C 67 -19.52 0.54 -19.76
CA SER C 67 -19.41 1.42 -18.62
C SER C 67 -17.95 1.57 -18.22
N ALA C 68 -17.54 2.80 -17.95
CA ALA C 68 -16.16 3.08 -17.57
C ALA C 68 -15.83 2.40 -16.24
N MET C 69 -16.84 2.24 -15.39
CA MET C 69 -16.66 1.61 -14.09
C MET C 69 -16.35 0.11 -14.26
N ARG C 70 -16.91 -0.50 -15.30
CA ARG C 70 -16.67 -1.92 -15.57
C ARG C 70 -15.22 -2.15 -15.92
N ASP C 71 -14.70 -1.31 -16.81
CA ASP C 71 -13.32 -1.39 -17.26
C ASP C 71 -12.36 -1.15 -16.11
N GLN C 72 -12.87 -0.50 -15.07
CA GLN C 72 -12.08 -0.20 -13.90
C GLN C 72 -12.02 -1.42 -12.98
N TYR C 73 -13.18 -2.01 -12.68
CA TYR C 73 -13.22 -3.17 -11.78
C TYR C 73 -12.72 -4.47 -12.44
N MET C 74 -12.89 -4.58 -13.75
CA MET C 74 -12.47 -5.79 -14.48
C MET C 74 -10.95 -5.82 -14.66
N ARG C 75 -10.29 -4.72 -14.33
CA ARG C 75 -8.84 -4.63 -14.47
C ARG C 75 -8.13 -5.35 -13.32
N THR C 76 -8.88 -5.73 -12.30
CA THR C 76 -8.30 -6.40 -11.12
C THR C 76 -8.00 -7.88 -11.38
N GLY C 77 -8.83 -8.51 -12.19
CA GLY C 77 -8.66 -9.93 -12.48
C GLY C 77 -7.32 -10.32 -13.06
N GLU C 78 -6.72 -11.35 -12.49
CA GLU C 78 -5.44 -11.86 -12.96
C GLU C 78 -5.71 -13.04 -13.90
N GLY C 79 -6.76 -13.77 -13.59
CA GLY C 79 -7.16 -14.90 -14.39
C GLY C 79 -8.63 -14.81 -14.72
N PHE C 80 -8.99 -15.12 -15.94
CA PHE C 80 -10.37 -15.03 -16.36
C PHE C 80 -10.94 -16.38 -16.81
N LEU C 81 -12.12 -16.69 -16.33
CA LEU C 81 -12.79 -17.95 -16.67
C LEU C 81 -13.90 -17.69 -17.69
N CYS C 82 -13.76 -18.27 -18.87
CA CYS C 82 -14.76 -18.12 -19.91
C CYS C 82 -15.83 -19.19 -19.75
N VAL C 83 -16.86 -18.87 -18.97
CA VAL C 83 -17.94 -19.81 -18.70
C VAL C 83 -19.04 -19.73 -19.74
N PHE C 84 -19.21 -20.80 -20.48
CA PHE C 84 -20.25 -20.88 -21.51
C PHE C 84 -21.07 -22.15 -21.31
N ALA C 85 -22.19 -22.25 -22.00
CA ALA C 85 -23.05 -23.42 -21.88
C ALA C 85 -22.95 -24.27 -23.13
N ILE C 86 -22.75 -25.58 -22.94
CA ILE C 86 -22.63 -26.51 -24.07
C ILE C 86 -23.96 -26.61 -24.83
N ASN C 87 -25.03 -26.17 -24.19
CA ASN C 87 -26.35 -26.18 -24.79
C ASN C 87 -26.74 -24.78 -25.26
N ASN C 88 -25.74 -24.00 -25.62
CA ASN C 88 -25.96 -22.65 -26.09
C ASN C 88 -24.86 -22.25 -27.07
N THR C 89 -25.16 -22.39 -28.36
CA THR C 89 -24.21 -22.06 -29.41
C THR C 89 -23.85 -20.58 -29.38
N LYS C 90 -24.80 -19.74 -28.98
CA LYS C 90 -24.58 -18.30 -28.91
C LYS C 90 -23.51 -17.98 -27.88
N SER C 91 -23.51 -18.71 -26.77
CA SER C 91 -22.53 -18.50 -25.73
C SER C 91 -21.14 -18.94 -26.19
N PHE C 92 -21.10 -19.95 -27.05
CA PHE C 92 -19.85 -20.46 -27.58
C PHE C 92 -19.23 -19.41 -28.51
N GLU C 93 -20.08 -18.69 -29.21
CA GLU C 93 -19.62 -17.65 -30.12
C GLU C 93 -19.23 -16.40 -29.34
N ASP C 94 -19.74 -16.29 -28.12
CA ASP C 94 -19.45 -15.15 -27.27
C ASP C 94 -18.10 -15.28 -26.59
N ILE C 95 -17.49 -16.45 -26.72
CA ILE C 95 -16.18 -16.72 -26.13
C ILE C 95 -15.14 -15.72 -26.67
N HIS C 96 -15.18 -15.50 -27.97
CA HIS C 96 -14.26 -14.57 -28.61
C HIS C 96 -14.51 -13.16 -28.08
N HIS C 97 -15.77 -12.88 -27.75
CA HIS C 97 -16.16 -11.59 -27.22
C HIS C 97 -15.52 -11.37 -25.85
N TYR C 98 -15.49 -12.41 -25.04
CA TYR C 98 -14.87 -12.35 -23.72
C TYR C 98 -13.37 -12.18 -23.87
N ARG C 99 -12.80 -12.98 -24.77
CA ARG C 99 -11.36 -12.95 -25.05
C ARG C 99 -10.91 -11.53 -25.39
N GLU C 100 -11.64 -10.89 -26.30
CA GLU C 100 -11.32 -9.54 -26.75
C GLU C 100 -11.43 -8.54 -25.60
N GLN C 101 -12.46 -8.70 -24.79
CA GLN C 101 -12.70 -7.82 -23.65
C GLN C 101 -11.54 -7.90 -22.65
N ILE C 102 -11.12 -9.13 -22.36
CA ILE C 102 -10.02 -9.37 -21.41
C ILE C 102 -8.72 -8.73 -21.90
N LYS C 103 -8.40 -8.95 -23.18
CA LYS C 103 -7.19 -8.41 -23.77
C LYS C 103 -7.19 -6.89 -23.71
N ARG C 104 -8.37 -6.30 -23.86
CA ARG C 104 -8.52 -4.85 -23.86
C ARG C 104 -8.48 -4.27 -22.44
N VAL C 105 -9.09 -4.95 -21.48
CA VAL C 105 -9.11 -4.47 -20.10
C VAL C 105 -7.77 -4.66 -19.39
N LYS C 106 -7.04 -5.70 -19.74
CA LYS C 106 -5.75 -5.96 -19.11
C LYS C 106 -4.61 -5.37 -19.94
N ASP C 107 -4.97 -4.88 -21.13
CA ASP C 107 -4.00 -4.26 -22.06
C ASP C 107 -2.86 -5.23 -22.39
N SER C 108 -3.20 -6.50 -22.54
CA SER C 108 -2.23 -7.53 -22.87
C SER C 108 -2.91 -8.72 -23.55
N GLU C 109 -2.18 -9.46 -24.35
CA GLU C 109 -2.73 -10.61 -25.05
C GLU C 109 -2.49 -11.88 -24.25
N ASP C 110 -1.29 -12.01 -23.73
CA ASP C 110 -0.90 -13.17 -22.94
C ASP C 110 -1.47 -13.08 -21.52
N VAL C 111 -2.73 -13.47 -21.39
CA VAL C 111 -3.42 -13.44 -20.10
C VAL C 111 -3.98 -14.83 -19.79
N PRO C 112 -3.81 -15.30 -18.54
CA PRO C 112 -4.29 -16.61 -18.11
C PRO C 112 -5.82 -16.73 -18.20
N MET C 113 -6.29 -17.57 -19.11
CA MET C 113 -7.71 -17.79 -19.31
C MET C 113 -8.00 -19.27 -19.35
N VAL C 114 -9.20 -19.66 -18.95
CA VAL C 114 -9.60 -21.06 -18.97
C VAL C 114 -11.00 -21.18 -19.57
N LEU C 115 -11.18 -22.12 -20.48
CA LEU C 115 -12.47 -22.33 -21.10
C LEU C 115 -13.32 -23.24 -20.23
N VAL C 116 -14.45 -22.70 -19.75
CA VAL C 116 -15.33 -23.44 -18.87
C VAL C 116 -16.62 -23.82 -19.58
N GLY C 117 -16.78 -25.11 -19.87
CA GLY C 117 -17.99 -25.59 -20.50
C GLY C 117 -18.97 -26.09 -19.48
N ASN C 118 -19.83 -25.19 -19.01
CA ASN C 118 -20.80 -25.53 -17.98
C ASN C 118 -22.07 -26.14 -18.56
N LYS C 119 -22.85 -26.79 -17.69
CA LYS C 119 -24.12 -27.43 -18.04
C LYS C 119 -23.91 -28.69 -18.89
N CYS C 120 -22.80 -29.40 -18.64
CA CYS C 120 -22.50 -30.62 -19.38
C CYS C 120 -23.39 -31.77 -18.93
N ASP C 121 -24.15 -31.55 -17.86
CA ASP C 121 -25.05 -32.56 -17.31
C ASP C 121 -26.37 -32.57 -18.08
N LEU C 122 -26.56 -31.58 -18.94
CA LEU C 122 -27.78 -31.47 -19.73
C LEU C 122 -27.61 -32.17 -21.07
N PRO C 123 -28.62 -32.97 -21.47
CA PRO C 123 -28.60 -33.74 -22.72
C PRO C 123 -28.82 -32.89 -23.98
N SER C 124 -29.06 -31.60 -23.77
CA SER C 124 -29.29 -30.69 -24.89
C SER C 124 -27.96 -30.14 -25.41
N ARG C 125 -26.92 -30.97 -25.39
CA ARG C 125 -25.60 -30.56 -25.85
C ARG C 125 -25.59 -30.16 -27.32
N THR C 126 -25.45 -28.87 -27.57
CA THR C 126 -25.42 -28.35 -28.92
C THR C 126 -23.97 -28.27 -29.40
N VAL C 127 -23.10 -27.80 -28.50
CA VAL C 127 -21.67 -27.67 -28.80
C VAL C 127 -20.92 -28.91 -28.32
N ASP C 128 -20.18 -29.53 -29.22
CA ASP C 128 -19.40 -30.72 -28.89
C ASP C 128 -18.11 -30.36 -28.16
N THR C 129 -17.63 -31.28 -27.33
CA THR C 129 -16.40 -31.07 -26.56
C THR C 129 -15.21 -30.74 -27.46
N LYS C 130 -15.10 -31.42 -28.60
CA LYS C 130 -14.01 -31.20 -29.54
C LYS C 130 -14.03 -29.78 -30.07
N GLN C 131 -15.23 -29.23 -30.28
CA GLN C 131 -15.38 -27.87 -30.78
C GLN C 131 -14.73 -26.88 -29.84
N ALA C 132 -15.04 -27.01 -28.56
CA ALA C 132 -14.49 -26.14 -27.54
C ALA C 132 -12.99 -26.35 -27.40
N GLN C 133 -12.56 -27.60 -27.45
CA GLN C 133 -11.15 -27.94 -27.33
C GLN C 133 -10.34 -27.33 -28.48
N ASP C 134 -10.90 -27.41 -29.68
CA ASP C 134 -10.24 -26.87 -30.87
C ASP C 134 -10.06 -25.36 -30.74
N LEU C 135 -11.10 -24.68 -30.27
CA LEU C 135 -11.05 -23.24 -30.09
C LEU C 135 -10.08 -22.86 -28.98
N ALA C 136 -10.11 -23.62 -27.89
CA ALA C 136 -9.25 -23.40 -26.74
C ALA C 136 -7.78 -23.55 -27.13
N ARG C 137 -7.51 -24.54 -27.99
CA ARG C 137 -6.15 -24.81 -28.44
C ARG C 137 -5.59 -23.61 -29.19
N SER C 138 -6.43 -22.98 -30.01
CA SER C 138 -6.03 -21.82 -30.79
C SER C 138 -5.82 -20.59 -29.88
N TYR C 139 -6.47 -20.61 -28.73
CA TYR C 139 -6.35 -19.52 -27.77
C TYR C 139 -5.20 -19.77 -26.81
N GLY C 140 -4.68 -21.00 -26.82
CA GLY C 140 -3.59 -21.37 -25.93
C GLY C 140 -4.07 -21.53 -24.50
N ILE C 141 -5.32 -21.92 -24.35
CA ILE C 141 -5.92 -22.09 -23.03
C ILE C 141 -6.54 -23.49 -22.90
N PRO C 142 -6.59 -24.02 -21.67
CA PRO C 142 -7.18 -25.34 -21.42
C PRO C 142 -8.70 -25.28 -21.33
N PHE C 143 -9.37 -26.34 -21.76
CA PHE C 143 -10.83 -26.41 -21.71
C PHE C 143 -11.27 -27.48 -20.72
N ILE C 144 -12.17 -27.12 -19.82
CA ILE C 144 -12.66 -28.05 -18.82
C ILE C 144 -14.19 -28.09 -18.83
N GLU C 145 -14.76 -29.30 -18.89
CA GLU C 145 -16.21 -29.46 -18.87
C GLU C 145 -16.67 -29.38 -17.42
N THR C 146 -17.63 -28.51 -17.15
CA THR C 146 -18.11 -28.33 -15.79
C THR C 146 -19.62 -28.54 -15.67
N SER C 147 -20.04 -28.82 -14.45
CA SER C 147 -21.45 -29.04 -14.14
C SER C 147 -21.73 -28.48 -12.75
N ALA C 148 -22.55 -27.44 -12.69
CA ALA C 148 -22.90 -26.82 -11.41
C ALA C 148 -23.86 -27.70 -10.61
N LYS C 149 -24.39 -28.74 -11.26
CA LYS C 149 -25.33 -29.64 -10.61
C LYS C 149 -24.62 -30.87 -10.02
N THR C 150 -23.49 -31.25 -10.63
CA THR C 150 -22.76 -32.41 -10.16
C THR C 150 -21.38 -32.03 -9.61
N ARG C 151 -21.06 -30.74 -9.66
CA ARG C 151 -19.77 -30.21 -9.19
C ARG C 151 -18.62 -30.83 -10.00
N GLN C 152 -18.94 -31.24 -11.23
CA GLN C 152 -17.96 -31.86 -12.10
C GLN C 152 -17.04 -30.81 -12.73
N GLY C 153 -15.75 -30.97 -12.50
CA GLY C 153 -14.75 -30.06 -13.04
C GLY C 153 -14.76 -28.67 -12.43
N VAL C 154 -15.70 -28.42 -11.53
CA VAL C 154 -15.82 -27.11 -10.89
C VAL C 154 -14.58 -26.78 -10.07
N ASP C 155 -14.12 -27.75 -9.30
CA ASP C 155 -12.94 -27.57 -8.45
C ASP C 155 -11.70 -27.28 -9.28
N ASP C 156 -11.45 -28.14 -10.27
CA ASP C 156 -10.27 -28.00 -11.12
C ASP C 156 -10.31 -26.74 -11.96
N ALA C 157 -11.52 -26.28 -12.31
CA ALA C 157 -11.67 -25.06 -13.11
C ALA C 157 -10.98 -23.88 -12.44
N PHE C 158 -11.20 -23.76 -11.13
CA PHE C 158 -10.61 -22.68 -10.36
C PHE C 158 -9.14 -22.98 -10.07
N TYR C 159 -8.85 -24.23 -9.72
CA TYR C 159 -7.48 -24.66 -9.42
C TYR C 159 -6.57 -24.43 -10.60
N THR C 160 -6.96 -24.94 -11.77
CA THR C 160 -6.19 -24.80 -12.98
C THR C 160 -6.00 -23.34 -13.36
N LEU C 161 -7.03 -22.52 -13.16
CA LEU C 161 -6.93 -21.10 -13.48
C LEU C 161 -5.77 -20.49 -12.70
N VAL C 162 -5.73 -20.78 -11.40
CA VAL C 162 -4.66 -20.29 -10.54
C VAL C 162 -3.31 -20.86 -10.97
N ARG C 163 -3.32 -22.12 -11.39
CA ARG C 163 -2.10 -22.80 -11.84
C ARG C 163 -1.50 -22.08 -13.03
N GLU C 164 -2.35 -21.64 -13.96
CA GLU C 164 -1.89 -20.94 -15.14
C GLU C 164 -1.32 -19.58 -14.74
N ILE C 165 -1.95 -18.96 -13.73
CA ILE C 165 -1.49 -17.66 -13.24
C ILE C 165 -0.10 -17.82 -12.61
N ARG C 166 0.05 -18.89 -11.82
CA ARG C 166 1.32 -19.18 -11.17
C ARG C 166 2.43 -19.35 -12.20
N LYS C 167 2.14 -20.14 -13.22
CA LYS C 167 3.10 -20.39 -14.30
C LYS C 167 3.40 -19.10 -15.05
N HIS C 168 2.37 -18.29 -15.27
CA HIS C 168 2.50 -17.03 -15.98
C HIS C 168 3.46 -16.09 -15.25
N LYS C 169 3.40 -16.10 -13.93
CA LYS C 169 4.26 -15.24 -13.12
C LYS C 169 5.70 -15.77 -13.12
N GLU C 170 5.85 -17.08 -13.06
CA GLU C 170 7.18 -17.71 -13.09
C GLU C 170 7.82 -17.48 -14.45
N LYS C 171 7.00 -17.57 -15.50
CA LYS C 171 7.44 -17.35 -16.87
C LYS C 171 7.98 -15.93 -17.05
N MET C 172 7.27 -14.97 -16.49
CA MET C 172 7.66 -13.56 -16.57
C MET C 172 8.95 -13.30 -15.79
N SER C 173 9.19 -14.11 -14.76
CA SER C 173 10.38 -13.96 -13.94
C SER C 173 11.63 -14.43 -14.68
N LYS C 174 11.43 -15.30 -15.66
CA LYS C 174 12.54 -15.81 -16.46
C LYS C 174 12.67 -15.02 -17.74
N ASP C 175 11.54 -14.87 -18.45
CA ASP C 175 11.52 -14.14 -19.70
C ASP C 175 10.83 -12.80 -19.53
N GLY C 176 11.57 -11.81 -19.04
CA GLY C 176 11.02 -10.49 -18.83
C GLY C 176 12.12 -9.46 -18.76
N LYS C 177 12.80 -9.42 -17.62
CA LYS C 177 13.90 -8.49 -17.40
C LYS C 177 15.09 -8.91 -18.27
N LYS C 178 15.83 -7.92 -18.78
CA LYS C 178 16.96 -8.19 -19.63
C LYS C 178 18.16 -8.74 -18.85
N LYS C 179 18.91 -9.63 -19.51
CA LYS C 179 20.10 -10.26 -18.93
C LYS C 179 19.78 -11.16 -17.73
N LYS C 180 19.79 -12.46 -17.96
CA LYS C 180 19.51 -13.42 -16.92
C LYS C 180 20.69 -14.35 -16.70
N LYS C 181 20.87 -14.81 -15.46
CA LYS C 181 21.97 -15.72 -15.13
C LYS C 181 21.65 -17.14 -15.60
N LYS C 182 20.37 -17.37 -15.89
CA LYS C 182 19.88 -18.67 -16.37
C LYS C 182 19.90 -19.77 -15.30
N SER C 183 21.02 -19.90 -14.61
CA SER C 183 21.16 -20.89 -13.56
C SER C 183 20.68 -20.35 -12.22
N LYS C 184 19.98 -21.21 -11.48
CA LYS C 184 19.47 -20.85 -10.16
C LYS C 184 20.32 -21.51 -9.07
N THR C 185 21.44 -22.10 -9.50
CA THR C 185 22.35 -22.78 -8.60
C THR C 185 23.78 -22.59 -9.10
N LYS C 186 24.76 -22.90 -8.25
CA LYS C 186 26.16 -22.78 -8.61
C LYS C 186 27.01 -23.69 -7.74
N CYS C 187 28.32 -23.47 -7.75
CA CYS C 187 29.24 -24.27 -6.96
C CYS C 187 29.10 -23.98 -5.47
C1 PCW D . 22.84 -8.98 -9.47
C2 PCW D . 24.41 -8.82 -9.43
C3 PCW D . 25.09 -9.72 -10.52
C4 PCW D . 20.14 -11.32 -9.73
C5 PCW D . 20.50 -12.79 -9.98
C6 PCW D . 20.64 -14.37 -7.98
C7 PCW D . 18.92 -14.68 -9.70
C8 PCW D . 20.75 -14.82 -9.89
C11 PCW D . 27.28 -10.67 -10.51
C12 PCW D . 28.74 -10.29 -10.40
C13 PCW D . 29.56 -11.17 -11.40
C14 PCW D . 31.08 -10.89 -11.41
C15 PCW D . 31.51 -9.52 -12.00
C16 PCW D . 32.18 -8.63 -10.89
C17 PCW D . 33.56 -7.96 -11.24
C18 PCW D . 34.02 -6.94 -10.20
C19 PCW D . 35.33 -6.22 -10.59
C20 PCW D . 36.23 -5.73 -9.64
C21 PCW D . 36.21 -5.72 -8.16
C22 PCW D . 35.88 -4.27 -7.73
C23 PCW D . 34.39 -3.92 -7.45
C24 PCW D . 34.10 -2.54 -6.96
C25 PCW D . 33.86 -1.37 -7.95
C26 PCW D . 35.03 -0.44 -8.21
C27 PCW D . 34.77 1.08 -8.27
C28 PCW D . 35.22 1.74 -7.01
C31 PCW D . 25.32 -6.77 -8.69
C32 PCW D . 25.66 -5.33 -9.15
C33 PCW D . 26.93 -4.66 -8.45
C34 PCW D . 28.25 -4.98 -9.16
C35 PCW D . 28.73 -3.60 -9.79
C36 PCW D . 29.69 -2.83 -8.86
C37 PCW D . 30.21 -1.47 -9.42
C38 PCW D . 30.17 -0.39 -8.40
C39 PCW D . 30.67 0.93 -8.93
C40 PCW D . 30.92 2.03 -8.22
C41 PCW D . 30.73 2.15 -6.73
C42 PCW D . 29.78 3.39 -6.43
C43 PCW D . 29.06 3.46 -5.10
C44 PCW D . 28.24 4.74 -5.11
C45 PCW D . 28.04 5.38 -3.75
C46 PCW D . 26.62 5.29 -3.25
C47 PCW D . 26.29 6.17 -2.06
C48 PCW D . 24.82 5.99 -1.64
N PCW D . 19.93 -13.81 -9.15
O2 PCW D . 24.79 -7.41 -9.73
O3 PCW D . 26.51 -9.56 -10.46
O11 PCW D . 26.87 -11.80 -10.61
O31 PCW D . 25.52 -7.23 -7.53
O1P PCW D . 19.92 -8.43 -9.76
O2P PCW D . 20.14 -8.72 -12.23
O3P PCW D . 22.23 -8.63 -10.74
O4P PCW D . 20.75 -10.56 -10.80
P PCW D . 20.68 -9.04 -10.89
C1 PCW E . 19.00 5.04 -24.10
C2 PCW E . 20.36 5.84 -24.27
C3 PCW E . 20.07 7.24 -24.92
C4 PCW E . 17.55 0.73 -22.61
C5 PCW E . 17.98 -0.71 -22.38
C6 PCW E . 17.45 -3.02 -21.42
C7 PCW E . 15.64 -1.51 -22.06
C8 PCW E . 16.93 -2.28 -23.15
C11 PCW E . 22.01 7.79 -26.21
C12 PCW E . 23.26 8.63 -26.16
C13 PCW E . 24.48 7.67 -25.98
C14 PCW E . 25.85 8.37 -25.88
C15 PCW E . 26.76 7.91 -24.72
C16 PCW E . 26.62 8.87 -23.49
C17 PCW E . 27.83 9.80 -23.15
C18 PCW E . 27.67 11.23 -23.67
C19 PCW E . 26.93 12.15 -22.68
C20 PCW E . 27.56 12.75 -21.61
C21 PCW E . 28.96 12.72 -21.12
C22 PCW E . 29.19 14.06 -20.36
C23 PCW E . 29.94 15.18 -21.12
C24 PCW E . 29.36 16.56 -21.02
C25 PCW E . 30.26 17.83 -21.12
C26 PCW E . 29.66 19.03 -21.81
C27 PCW E . 29.30 20.26 -20.96
C28 PCW E . 30.02 21.48 -21.46
C31 PCW E . 22.23 5.61 -22.85
C32 PCW E . 22.74 5.92 -21.43
C33 PCW E . 23.54 7.30 -21.28
C34 PCW E . 23.77 7.70 -19.82
C35 PCW E . 25.34 7.69 -19.62
C36 PCW E . 25.94 9.12 -19.61
C37 PCW E . 27.49 9.18 -19.42
C38 PCW E . 27.87 9.92 -18.18
C39 PCW E . 29.35 9.99 -17.98
C40 PCW E . 30.04 11.00 -17.47
C41 PCW E . 29.42 12.30 -16.99
C42 PCW E . 30.40 12.97 -15.91
C43 PCW E . 29.97 12.97 -14.46
C44 PCW E . 31.07 13.65 -13.66
C45 PCW E . 30.60 14.56 -12.57
C46 PCW E . 31.58 15.67 -12.24
C47 PCW E . 31.26 17.03 -12.80
C48 PCW E . 32.33 18.06 -12.40
N PCW E . 17.06 -1.65 -21.81
O2 PCW E . 20.98 6.07 -22.94
O3 PCW E . 21.30 7.96 -25.07
O11 PCW E . 21.71 7.07 -27.12
O31 PCW E . 22.88 5.02 -23.75
O1P PCW E . 17.62 2.57 -24.85
O2P PCW E . 20.05 2.01 -24.83
O3P PCW E . 19.12 3.86 -23.28
O4P PCW E . 18.76 1.48 -22.89
P PCW E . 18.88 2.45 -24.05
C1 PCW F . -14.57 -11.08 12.44
C2 PCW F . -14.42 -9.98 13.57
C3 PCW F . -15.05 -10.50 14.92
C4 PCW F . -10.80 -13.03 14.30
C5 PCW F . -10.48 -12.31 15.61
C6 PCW F . -8.83 -12.24 17.54
C7 PCW F . -8.06 -11.92 15.23
C8 PCW F . -9.19 -10.84 16.21
C11 PCW F . -15.51 -9.71 17.13
C12 PCW F . -15.22 -8.57 18.06
C13 PCW F . -16.55 -7.76 18.28
C14 PCW F . -16.43 -6.54 19.21
C15 PCW F . -17.56 -6.37 20.26
C16 PCW F . -16.97 -6.14 21.70
C17 PCW F . -18.00 -5.91 22.87
C18 PCW F . -17.38 -6.00 24.26
C19 PCW F . -17.93 -4.94 25.23
C20 PCW F . -17.12 -4.01 25.87
C21 PCW F . -15.66 -3.76 25.82
C22 PCW F . -15.44 -2.61 24.79
C23 PCW F . -14.28 -2.79 23.76
C24 PCW F . -12.94 -2.25 24.15
C25 PCW F . -12.63 -0.73 24.08
C26 PCW F . -12.34 -0.03 25.40
C27 PCW F . -12.19 1.51 25.37
C28 PCW F . -12.23 2.05 26.78
C31 PCW F . -12.56 -8.56 13.31
C32 PCW F . -11.06 -8.40 13.65
C33 PCW F . -10.74 -7.29 14.76
C34 PCW F . -11.21 -7.68 16.17
C35 PCW F . -11.28 -6.34 16.99
C36 PCW F . -12.74 -5.95 17.34
C37 PCW F . -12.90 -4.62 18.15
C38 PCW F . -14.08 -3.82 17.70
C39 PCW F . -14.26 -2.54 18.47
C40 PCW F . -14.63 -1.35 17.99
C41 PCW F . -14.96 -1.08 16.53
C42 PCW F . -15.56 0.39 16.43
C43 PCW F . -14.79 1.44 15.65
C44 PCW F . -15.59 2.72 15.71
C45 PCW F . -15.10 3.74 16.73
C46 PCW F . -15.27 5.16 16.29
C47 PCW F . -14.59 6.21 17.14
C48 PCW F . -14.84 7.62 16.58
N PCW F . -9.13 -12.32 16.10
O2 PCW F . -12.98 -9.70 13.84
O3 PCW F . -14.90 -9.50 15.94
O11 PCW F . -16.16 -10.68 17.42
O31 PCW F . -13.24 -7.74 12.63
O1P PCW F . -12.22 -13.97 11.94
O2P PCW F . -12.03 -11.59 11.24
O3P PCW F . -13.96 -12.34 12.78
O4P PCW F . -11.66 -12.13 13.54
P PCW F . -12.42 -12.54 12.30
C1 PCW G . 33.82 -24.60 0.84
C2 PCW G . 35.40 -24.46 0.95
C3 PCW G . 36.09 -25.63 0.19
C4 PCW G . 35.25 -23.49 -3.01
C5 PCW G . 35.35 -22.58 -4.24
C6 PCW G . 37.73 -22.96 -5.08
C7 PCW G . 35.88 -22.73 -6.66
C8 PCW G . 36.52 -21.46 -5.48
C11 PCW G . 38.21 -25.04 -0.78
C12 PCW G . 39.68 -25.02 -0.46
C13 PCW G . 40.10 -23.51 -0.23
C14 PCW G . 41.57 -23.29 0.11
C15 PCW G . 41.97 -23.62 1.59
C16 PCW G . 41.82 -22.34 2.50
C17 PCW G . 42.67 -21.07 2.11
C18 PCW G . 42.22 -19.80 2.83
C19 PCW G . 42.11 -18.58 1.90
C20 PCW G . 43.23 -17.86 1.48
C21 PCW G . 44.67 -18.02 1.76
C22 PCW G . 45.33 -18.57 0.46
C23 PCW G . 46.72 -19.23 0.58
C24 PCW G . 47.90 -18.29 0.61
C25 PCW G . 48.65 -17.92 -0.70
C26 PCW G . 50.02 -17.27 -0.52
C27 PCW G . 50.20 -15.82 -1.00
C28 PCW G . 51.49 -15.24 -0.47
C31 PCW G . 36.27 -22.28 1.20
C32 PCW G . 36.70 -21.03 0.43
C33 PCW G . 36.54 -19.64 1.22
C34 PCW G . 37.81 -19.19 1.93
C35 PCW G . 37.52 -19.38 3.48
C36 PCW G . 38.55 -20.31 4.18
C37 PCW G . 38.32 -20.55 5.70
C38 PCW G . 39.53 -21.12 6.35
C39 PCW G . 39.35 -21.36 7.83
C40 PCW G . 40.08 -20.88 8.83
C41 PCW G . 41.30 -19.97 8.63
C42 PCW G . 41.83 -19.56 10.08
C43 PCW G . 41.63 -18.13 10.54
C44 PCW G . 42.23 -18.04 11.94
C45 PCW G . 41.26 -17.68 13.04
C46 PCW G . 40.79 -18.88 13.84
C47 PCW G . 41.75 -19.38 14.89
C48 PCW G . 41.16 -20.60 15.63
N PCW G . 36.26 -22.92 -5.28
O2 PCW G . 35.85 -23.18 0.33
O3 PCW G . 37.52 -25.51 0.30
O11 PCW G . 37.73 -24.72 -1.84
O31 PCW G . 36.32 -22.43 2.46
O1P PCW G . 33.63 -25.53 -1.74
O2P PCW G . 31.78 -23.92 -2.20
O3P PCW G . 33.21 -23.65 -0.07
O4P PCW G . 34.02 -23.11 -2.31
P PCW G . 33.12 -24.11 -1.61
C1 PCW H . 27.13 -1.49 -19.86
C2 PCW H . 28.61 -1.46 -19.28
C3 PCW H . 29.36 -0.17 -19.78
C4 PCW H . 28.84 -4.94 -21.42
C5 PCW H . 30.06 -4.68 -20.53
C6 PCW H . 31.88 -6.01 -21.72
C7 PCW H . 32.42 -3.90 -20.61
C8 PCW H . 31.82 -5.47 -19.84
C11 PCW H . 31.48 0.93 -19.48
C12 PCW H . 32.82 0.73 -18.85
C13 PCW H . 32.73 1.20 -17.34
C14 PCW H . 34.03 1.05 -16.55
C15 PCW H . 34.34 2.22 -15.57
C16 PCW H . 35.50 1.82 -14.58
C17 PCW H . 36.88 2.51 -14.78
C18 PCW H . 37.10 3.71 -13.84
C19 PCW H . 36.85 5.07 -14.55
C20 PCW H . 35.99 6.02 -14.02
C21 PCW H . 35.15 6.04 -12.79
C22 PCW H . 35.98 6.78 -11.70
C23 PCW H . 35.90 8.34 -11.68
C24 PCW H . 37.14 9.08 -11.25
C25 PCW H . 38.41 9.07 -12.14
C26 PCW H . 38.44 10.06 -13.29
C27 PCW H . 39.42 9.78 -14.46
C28 PCW H . 38.86 10.34 -15.75
C31 PCW H . 29.00 -2.51 -17.19
C32 PCW H . 28.90 -2.30 -15.68
C33 PCW H . 30.14 -1.55 -15.01
C34 PCW H . 29.74 -0.39 -14.10
C35 PCW H . 28.84 -1.03 -12.96
C36 PCW H . 27.56 -0.22 -12.68
C37 PCW H . 26.63 -0.79 -11.57
C38 PCW H . 25.70 -1.82 -12.11
C39 PCW H . 24.78 -2.38 -11.07
C40 PCW H . 23.45 -2.31 -11.04
C41 PCW H . 22.61 -1.61 -12.09
C42 PCW H . 22.35 -0.11 -11.61
C43 PCW H . 20.93 0.40 -11.58
C44 PCW H . 21.00 1.85 -11.08
C45 PCW H . 20.12 2.82 -11.83
C46 PCW H . 20.53 4.25 -11.66
C47 PCW H . 19.51 5.29 -12.07
C48 PCW H . 20.05 6.71 -11.84
N PCW H . 31.37 -4.78 -21.09
O2 PCW H . 28.57 -1.40 -17.79
O3 PCW H . 30.69 -0.16 -19.24
O11 PCW H . 31.14 1.90 -20.10
O31 PCW H . 29.43 -3.55 -17.77
O1P PCW H . 25.98 -5.01 -20.86
O2P PCW H . 25.97 -2.97 -22.31
O3P PCW H . 26.50 -2.79 -19.79
O4P PCW H . 28.07 -3.72 -21.42
P PCW H . 26.57 -3.66 -21.15
C1 PCW I . 20.06 -20.91 7.70
C2 PCW I . 19.53 -19.80 8.70
C3 PCW I . 19.39 -20.39 10.13
C4 PCW I . 15.22 -21.23 6.68
C5 PCW I . 14.77 -20.77 5.28
C6 PCW I . 15.51 -20.87 2.85
C7 PCW I . 14.84 -22.92 4.02
C8 PCW I . 13.79 -21.44 3.62
C11 PCW I . 18.81 -19.69 12.36
C12 PCW I . 18.27 -18.50 13.11
C13 PCW I . 19.04 -18.39 14.48
C14 PCW I . 18.60 -17.23 15.38
C15 PCW I . 19.34 -15.88 15.16
C16 PCW I . 18.61 -14.71 15.93
C17 PCW I . 19.47 -13.86 16.93
C18 PCW I . 18.63 -13.12 17.97
C19 PCW I . 19.24 -11.75 18.36
C20 PCW I . 19.62 -11.46 19.67
C21 PCW I . 19.58 -12.24 20.92
C22 PCW I . 21.03 -12.74 21.19
C23 PCW I . 21.29 -13.50 22.50
C24 PCW I . 21.28 -15.01 22.42
C25 PCW I . 22.59 -15.83 22.58
C26 PCW I . 22.54 -16.99 23.55
C27 PCW I . 23.88 -17.64 23.95
C28 PCW I . 23.64 -19.05 24.45
C31 PCW I . 20.51 -17.86 7.73
C32 PCW I . 21.54 -16.76 7.98
C33 PCW I . 22.99 -17.02 7.35
C34 PCW I . 23.16 -16.41 5.96
C35 PCW I . 24.71 -16.23 5.75
C36 PCW I . 25.14 -16.48 4.28
C37 PCW I . 26.67 -16.33 4.00
C38 PCW I . 27.36 -17.65 3.85
C39 PCW I . 28.84 -17.52 3.58
C40 PCW I . 29.79 -17.19 4.46
C41 PCW I . 29.53 -16.89 5.92
C42 PCW I . 30.94 -16.74 6.66
C43 PCW I . 30.96 -16.19 8.07
C44 PCW I . 32.41 -16.17 8.51
C45 PCW I . 32.85 -14.91 9.22
C46 PCW I . 33.00 -15.06 10.71
C47 PCW I . 34.41 -15.12 11.25
C48 PCW I . 34.40 -15.27 12.78
N PCW I . 15.19 -21.52 4.14
O2 PCW I . 20.50 -18.66 8.78
O3 PCW I . 18.90 -19.38 11.04
O11 PCW I . 19.11 -20.75 12.84
O31 PCW I . 19.79 -17.97 6.70
O1P PCW I . 17.63 -23.24 6.65
O2P PCW I . 17.52 -21.63 5.39
O3P PCW I . 19.22 -21.12 6.54
O4P PCW I . 16.59 -20.80 6.85
P PCW I . 17.78 -21.73 6.85
C1 PCW J . 32.82 -19.82 -3.69
C2 PCW J . 32.52 -19.42 -2.19
C3 PCW J . 33.44 -20.24 -1.22
C4 PCW J . 28.72 -20.61 -3.03
C5 PCW J . 28.69 -20.38 -1.51
C6 PCW J . 28.60 -22.71 -0.82
C7 PCW J . 26.63 -21.45 -0.90
C8 PCW J . 28.08 -21.00 0.80
C11 PCW J . 32.06 -20.40 0.73
C12 PCW J . 31.95 -19.89 2.14
C13 PCW J . 32.27 -21.08 3.12
C14 PCW J . 32.22 -20.75 4.61
C15 PCW J . 33.08 -19.52 5.06
C16 PCW J . 34.28 -19.99 5.95
C17 PCW J . 34.55 -19.18 7.26
C18 PCW J . 35.51 -18.01 7.07
C19 PCW J . 35.89 -17.32 8.40
C20 PCW J . 37.21 -17.05 8.73
C21 PCW J . 38.50 -17.28 8.03
C22 PCW J . 39.42 -16.07 8.34
C23 PCW J . 40.21 -15.44 7.16
C24 PCW J . 41.68 -15.29 7.34
C25 PCW J . 42.69 -16.16 6.53
C26 PCW J . 43.69 -16.98 7.34
C27 PCW J . 44.30 -18.22 6.66
C28 PCW J . 45.08 -19.03 7.68
C31 PCW J . 31.78 -17.17 -2.24
C32 PCW J . 32.24 -15.73 -1.98
C33 PCW J . 32.21 -15.28 -0.43
C34 PCW J . 30.85 -14.74 0.01
C35 PCW J . 31.15 -13.32 0.64
C36 PCW J . 31.34 -13.38 2.17
C37 PCW J . 31.64 -12.01 2.86
C38 PCW J . 32.83 -12.06 3.76
C39 PCW J . 33.13 -10.75 4.42
C40 PCW J . 34.26 -10.40 5.04
C41 PCW J . 35.47 -11.31 5.17
C42 PCW J . 36.15 -11.03 6.58
C43 PCW J . 37.47 -10.26 6.62
C44 PCW J . 37.87 -10.14 8.09
C45 PCW J . 39.10 -9.32 8.34
C46 PCW J . 39.32 -9.01 9.79
C47 PCW J . 39.66 -7.57 10.13
C48 PCW J . 39.86 -7.39 11.65
N PCW J . 28.04 -21.34 -0.66
O2 PCW J . 32.81 -17.99 -1.97
O3 PCW J . 33.17 -19.88 0.14
O11 PCW J . 31.27 -21.13 0.21
O31 PCW J . 30.64 -17.53 -2.66
O1P PCW J . 29.63 -20.19 -5.78
O2P PCW J . 31.28 -21.96 -5.17
O3P PCW J . 31.73 -19.51 -4.59
O4P PCW J . 30.10 -20.87 -3.39
P PCW J . 30.65 -20.68 -4.79
C1 PCW K . -8.65 9.36 -16.41
C2 PCW K . -7.41 10.13 -15.79
C3 PCW K . -7.61 11.68 -15.91
C4 PCW K . -9.14 5.83 -13.73
C5 PCW K . -8.61 4.42 -14.05
C6 PCW K . -6.86 2.76 -13.97
C7 PCW K . -6.41 4.94 -13.24
C8 PCW K . -6.61 4.60 -15.49
C11 PCW K . -6.73 13.30 -14.39
C12 PCW K . -5.43 13.89 -13.92
C13 PCW K . -5.17 15.19 -14.78
C14 PCW K . -3.87 15.93 -14.43
C15 PCW K . -3.13 16.58 -15.64
C16 PCW K . -3.32 18.14 -15.64
C17 PCW K . -2.56 18.96 -14.54
C18 PCW K . -2.03 20.31 -15.04
C19 PCW K . -3.14 21.36 -15.24
C20 PCW K . -3.62 22.15 -14.20
C21 PCW K . -3.27 22.23 -12.77
C22 PCW K . -4.19 23.31 -12.14
C23 PCW K . -5.06 22.89 -10.91
C24 PCW K . -4.33 22.62 -9.63
C25 PCW K . -3.84 23.80 -8.73
C26 PCW K . -3.64 23.49 -7.26
C27 PCW K . -4.47 24.30 -6.24
C28 PCW K . -3.55 24.94 -5.23
C31 PCW K . -6.43 8.84 -14.06
C32 PCW K . -6.41 8.64 -12.53
C33 PCW K . -7.83 8.78 -11.78
C34 PCW K . -7.77 8.38 -10.31
C35 PCW K . -7.54 9.73 -9.51
C36 PCW K . -6.14 9.83 -8.89
C37 PCW K . -5.85 11.14 -8.08
C38 PCW K . -4.38 11.40 -7.95
C39 PCW K . -4.08 12.66 -7.17
C40 PCW K . -4.09 13.91 -7.63
C41 PCW K . -4.42 14.31 -9.05
C42 PCW K . -3.05 14.64 -9.80
C43 PCW K . -2.71 13.86 -11.06
C44 PCW K . -1.36 14.38 -11.55
C45 PCW K . -0.49 13.37 -12.23
C46 PCW K . -0.80 13.21 -13.70
C47 PCW K . 0.38 12.98 -14.62
C48 PCW K . -0.09 12.85 -16.07
N PCW K . -7.19 4.19 -14.17
O2 PCW K . -7.29 9.82 -14.33
O3 PCW K . -6.49 12.36 -15.34
O11 PCW K . -7.82 13.61 -13.97
O31 PCW K . -5.76 8.18 -14.89
O1P PCW K . -11.42 7.25 -14.88
O2P PCW K . -10.15 6.94 -17.00
O3P PCW K . -9.62 8.92 -15.44
O4P PCW K . -8.98 6.63 -14.93
P PCW K . -10.10 7.39 -15.59
C1 PCW L . 7.56 -15.47 1.84
C2 PCW L . 8.72 -14.95 2.78
C3 PCW L . 10.07 -14.92 1.99
C4 PCW L . 8.34 -12.49 -0.28
C5 PCW L . 8.53 -10.99 -0.50
C6 PCW L . 9.98 -10.28 1.30
C7 PCW L . 9.92 -9.04 -0.68
C8 PCW L . 10.99 -11.05 -0.75
C11 PCW L . 12.03 -13.59 2.28
C12 PCW L . 13.05 -13.19 3.32
C13 PCW L . 12.89 -11.64 3.57
C14 PCW L . 13.84 -11.05 4.61
C15 PCW L . 14.32 -9.58 4.32
C16 PCW L . 14.99 -8.96 5.59
C17 PCW L . 15.65 -7.55 5.42
C18 PCW L . 17.01 -7.59 4.74
C19 PCW L . 17.37 -6.27 4.00
C20 PCW L . 18.53 -5.56 4.24
C21 PCW L . 19.67 -5.79 5.16
C22 PCW L . 19.67 -4.62 6.18
C23 PCW L . 21.00 -4.30 6.91
C24 PCW L . 21.10 -4.71 8.34
C25 PCW L . 22.24 -5.66 8.82
C26 PCW L . 23.28 -5.04 9.73
C27 PCW L . 24.71 -4.84 9.17
C28 PCW L . 25.53 -4.01 10.11
C31 PCW L . 7.98 -13.48 4.48
C32 PCW L . 7.74 -11.99 4.80
C33 PCW L . 7.09 -11.70 6.23
C34 PCW L . 8.08 -11.12 7.24
C35 PCW L . 7.26 -10.91 8.57
C36 PCW L . 8.01 -11.46 9.81
C37 PCW L . 7.25 -11.30 11.18
C38 PCW L . 6.92 -12.62 11.80
C39 PCW L . 6.20 -12.48 13.12
C40 PCW L . 6.73 -12.53 14.33
C41 PCW L . 8.21 -12.75 14.60
C42 PCW L . 8.90 -11.32 14.81
C43 PCW L . 10.19 -11.02 14.06
C44 PCW L . 10.61 -9.61 14.44
C45 PCW L . 10.23 -8.55 13.44
C46 PCW L . 9.17 -7.61 13.95
C47 PCW L . 7.81 -7.70 13.29
C48 PCW L . 6.83 -6.70 13.89
N PCW L . 9.79 -10.38 -0.17
O2 PCW L . 8.44 -13.55 3.24
O3 PCW L . 11.13 -14.45 2.83
O11 PCW L . 12.02 -13.21 1.14
O31 PCW L . 7.78 -14.43 5.26
O1P PCW L . 6.40 -14.62 -0.70
O2P PCW L . 4.87 -13.04 0.48
O3P PCW L . 6.39 -14.61 1.83
O4P PCW L . 7.24 -12.65 0.64
P PCW L . 6.17 -13.73 0.50
C1 PCW M . 5.78 3.03 -23.21
C2 PCW M . 5.78 4.49 -22.59
C3 PCW M . 5.21 4.46 -21.13
C4 PCW M . 7.50 1.88 -20.01
C5 PCW M . 7.91 0.50 -19.49
C6 PCW M . 7.49 -1.44 -17.88
C7 PCW M . 5.69 0.13 -18.44
C8 PCW M . 6.56 -1.04 -19.57
C11 PCW M . 4.17 6.18 -19.84
C12 PCW M . 4.40 7.60 -19.37
C13 PCW M . 4.75 7.56 -17.84
C14 PCW M . 5.01 8.93 -17.20
C15 PCW M . 3.82 9.94 -17.24
C16 PCW M . 2.67 9.49 -16.27
C17 PCW M . 1.44 8.76 -16.91
C18 PCW M . 0.80 7.73 -15.98
C19 PCW M . -0.63 7.31 -16.43
C20 PCW M . -1.72 8.15 -16.26
C21 PCW M . -1.87 9.50 -15.67
C22 PCW M . -2.39 9.31 -14.22
C23 PCW M . -1.35 9.38 -13.07
C24 PCW M . -1.89 9.28 -11.67
C25 PCW M . -1.04 9.73 -10.45
C26 PCW M . -0.67 8.66 -9.45
C27 PCW M . -1.13 8.85 -7.99
C28 PCW M . -0.22 8.09 -7.05
C31 PCW M . 7.35 6.22 -23.04
C32 PCW M . 8.83 6.61 -22.87
C33 PCW M . 9.35 6.74 -21.35
C34 PCW M . 8.36 7.46 -20.43
C35 PCW M . 8.38 8.98 -20.88
C36 PCW M . 8.29 9.95 -19.68
C37 PCW M . 8.30 11.47 -20.04
C38 PCW M . 9.69 12.00 -20.15
C39 PCW M . 9.72 13.47 -20.50
C40 PCW M . 9.85 14.50 -19.66
C41 PCW M . 10.00 14.35 -18.15
C42 PCW M . 8.81 15.16 -17.46
C43 PCW M . 9.00 15.63 -16.03
C44 PCW M . 7.73 16.36 -15.63
C45 PCW M . 7.45 16.42 -14.15
C46 PCW M . 6.94 17.75 -13.68
C47 PCW M . 7.37 18.19 -12.30
C48 PCW M . 6.78 19.56 -11.94
N PCW M . 7.10 -0.15 -18.50
O2 PCW M . 7.18 5.00 -22.50
O3 PCW M . 5.23 5.78 -20.58
O11 PCW M . 3.19 5.52 -19.58
O31 PCW M . 6.45 6.93 -23.59
O1P PCW M . 6.41 0.43 -22.27
O2P PCW M . 8.74 0.57 -23.14
O3P PCW M . 7.11 2.52 -23.49
O4P PCW M . 8.11 2.02 -21.33
P PCW M . 7.59 1.30 -22.56
C1 PCW N . 10.97 -15.81 5.96
C2 PCW N . 12.03 -14.74 6.43
C3 PCW N . 11.33 -13.70 7.38
C4 PCW N . 10.13 -20.52 6.58
C5 PCW N . 10.78 -21.51 7.55
C6 PCW N . 10.21 -21.50 9.88
C7 PCW N . 10.34 -23.53 8.75
C8 PCW N . 8.53 -22.22 8.31
C11 PCW N . 12.70 -12.76 9.11
C12 PCW N . 13.70 -11.66 9.36
C13 PCW N . 12.92 -10.41 9.90
C14 PCW N . 13.79 -9.19 10.21
C15 PCW N . 13.86 -8.77 11.71
C16 PCW N . 13.61 -7.23 11.87
C17 PCW N . 14.35 -6.50 13.03
C18 PCW N . 13.44 -6.21 14.23
C19 PCW N . 13.73 -4.83 14.90
C20 PCW N . 14.18 -4.73 16.20
C21 PCW N . 14.48 -5.74 17.24
C22 PCW N . 14.13 -5.09 18.62
C23 PCW N . 12.92 -5.68 19.39
C24 PCW N . 13.22 -6.68 20.47
C25 PCW N . 13.21 -6.29 21.96
C26 PCW N . 11.85 -6.06 22.60
C27 PCW N . 11.00 -7.30 22.95
C28 PCW N . 9.54 -7.02 22.65
C31 PCW N . 14.14 -15.81 6.47
C32 PCW N . 15.17 -16.47 7.40
C33 PCW N . 15.95 -15.47 8.37
C34 PCW N . 16.32 -16.09 9.72
C35 PCW N . 16.35 -14.88 10.75
C36 PCW N . 17.75 -14.64 11.34
C37 PCW N . 17.84 -13.47 12.36
C38 PCW N . 19.19 -12.80 12.34
C39 PCW N . 19.28 -11.67 13.32
C40 PCW N . 20.34 -11.36 14.08
C41 PCW N . 21.65 -12.11 14.08
C42 PCW N . 22.76 -11.21 14.78
C43 PCW N . 23.76 -11.87 15.70
C44 PCW N . 24.67 -10.77 16.22
C45 PCW N . 25.57 -11.16 17.36
C46 PCW N . 26.29 -9.99 17.99
C47 PCW N . 27.48 -9.45 17.22
C48 PCW N . 28.11 -8.27 17.96
N PCW N . 10.01 -22.16 8.57
O2 PCW N . 13.11 -15.40 7.21
O3 PCW N . 12.29 -12.72 7.80
O11 PCW N . 12.32 -13.55 9.93
O31 PCW N . 14.28 -15.67 5.21
O1P PCW N . 9.41 -18.18 5.02
O2P PCW N . 11.75 -18.39 4.18
O3P PCW N . 11.27 -17.16 6.39
O4P PCW N . 11.16 -19.58 6.17
P PCW N . 10.86 -18.33 5.36
C1 PCW O . 3.75 -1.35 -14.09
C2 PCW O . 4.64 -0.11 -13.67
C3 PCW O . 4.11 0.48 -12.31
C4 PCW O . 2.31 -4.34 -17.22
C5 PCW O . 2.84 -5.77 -17.37
C6 PCW O . 2.61 -8.16 -17.56
C7 PCW O . 1.30 -6.78 -18.91
C8 PCW O . 0.74 -6.90 -16.71
C11 PCW O . 4.29 2.66 -11.34
C12 PCW O . 5.30 3.73 -11.01
C13 PCW O . 4.98 5.00 -11.86
C14 PCW O . 5.91 6.18 -11.65
C15 PCW O . 5.34 7.36 -10.81
C16 PCW O . 4.89 8.54 -11.74
C17 PCW O . 3.44 8.48 -12.33
C18 PCW O . 2.60 9.71 -11.99
C19 PCW O . 3.04 10.98 -12.76
C20 PCW O . 3.22 12.20 -12.13
C21 PCW O . 3.06 12.63 -10.72
C22 PCW O . 4.39 13.34 -10.32
C23 PCW O . 4.30 14.52 -9.32
C24 PCW O . 4.67 15.87 -9.85
C25 PCW O . 3.77 17.11 -9.56
C26 PCW O . 4.04 17.86 -8.27
C27 PCW O . 2.87 18.03 -7.28
C28 PCW O . 2.96 19.38 -6.60
C31 PCW O . 6.87 -0.28 -14.44
C32 PCW O . 8.28 -0.79 -14.05
C33 PCW O . 9.44 -0.44 -15.08
C34 PCW O . 10.84 -0.41 -14.45
C35 PCW O . 11.06 1.09 -14.00
C36 PCW O . 12.50 1.59 -14.29
C37 PCW O . 12.78 3.07 -13.87
C38 PCW O . 13.22 3.15 -12.45
C39 PCW O . 13.51 4.57 -12.02
C40 PCW O . 14.64 5.02 -11.46
C41 PCW O . 15.85 4.15 -11.18
C42 PCW O . 16.03 4.05 -9.59
C43 PCW O . 17.26 4.68 -8.96
C44 PCW O . 17.16 4.45 -7.46
C45 PCW O . 16.51 5.56 -6.67
C46 PCW O . 17.41 6.74 -6.44
C47 PCW O . 16.82 8.10 -6.72
C48 PCW O . 17.83 9.21 -6.45
N PCW O . 1.92 -6.85 -17.62
O2 PCW O . 6.05 -0.54 -13.43
O3 PCW O . 4.92 1.61 -11.93
O11 PCW O . 3.11 2.73 -11.11
O31 PCW O . 6.57 0.26 -15.54
O1P PCW O . 4.50 -2.50 -17.61
O2P PCW O . 5.27 -3.40 -15.42
O3P PCW O . 3.56 -1.47 -15.51
O4P PCW O . 3.00 -3.78 -16.07
P PCW O . 4.16 -2.81 -16.19
C1 PCW P . -9.68 -5.53 2.29
C2 PCW P . -9.04 -4.99 3.63
C3 PCW P . -9.02 -6.13 4.72
C4 PCW P . -7.32 -6.77 -1.71
C5 PCW P . -6.08 -6.06 -2.28
C6 PCW P . -4.26 -7.08 -0.80
C7 PCW P . -3.76 -6.38 -3.10
C8 PCW P . -4.28 -5.32 -1.67
C11 PCW P . -7.68 -6.48 6.67
C12 PCW P . -7.15 -5.74 7.88
C13 PCW P . -6.01 -4.76 7.40
C14 PCW P . -5.36 -3.93 8.51
C15 PCW P . -5.36 -2.39 8.27
C16 PCW P . -5.96 -1.63 9.52
C17 PCW P . -4.96 -0.99 10.52
C18 PCW P . -5.63 -0.20 11.64
C19 PCW P . -5.01 1.20 11.86
C20 PCW P . -4.39 1.56 13.05
C21 PCW P . -4.16 0.83 14.32
C22 PCW P . -4.66 1.75 15.47
C23 PCW P . -5.60 1.11 16.53
C24 PCW P . -6.99 0.75 16.09
C25 PCW P . -8.21 1.01 17.01
C26 PCW P . -8.78 2.42 17.00
C27 PCW P . -10.29 2.59 16.73
C28 PCW P . -10.68 4.04 16.90
C31 PCW P . -7.34 -3.37 3.88
C32 PCW P . -5.86 -3.07 3.58
C33 PCW P . -5.34 -1.62 4.01
C34 PCW P . -4.96 -0.74 2.83
C35 PCW P . -6.27 0.07 2.45
C36 PCW P . -6.39 1.41 3.22
C37 PCW P . -7.67 2.24 2.90
C38 PCW P . -8.57 2.37 4.08
C39 PCW P . -9.81 3.18 3.78
C40 PCW P . -10.04 4.45 4.13
C41 PCW P . -9.07 5.31 4.91
C42 PCW P . -8.81 6.66 4.08
C43 PCW P . -9.77 7.81 4.24
C44 PCW P . -9.27 8.93 3.34
C45 PCW P . -8.74 10.15 4.06
C46 PCW P . -9.49 11.41 3.72
C47 PCW P . -8.96 12.69 4.32
C48 PCW P . -9.81 13.90 3.90
N PCW P . -4.80 -6.65 -2.11
O2 PCW P . -7.63 -4.57 3.41
O3 PCW P . -8.44 -5.63 5.93
O11 PCW P . -7.44 -7.62 6.41
O31 PCW P . -8.14 -2.59 4.49
O1P PCW P . -9.50 -7.49 0.09
O2P PCW P . -10.54 -5.41 -0.82
O3P PCW P . -8.87 -5.28 1.11
O4P PCW P . -8.19 -5.74 -1.17
P PCW P . -9.33 -6.03 -0.23
C1 PCW Q . 2.13 -10.86 2.85
C2 PCW Q . 2.20 -9.91 1.59
C3 PCW Q . 1.16 -8.75 1.74
C4 PCW Q . 2.95 -15.63 3.03
C5 PCW Q . 4.25 -15.77 3.81
C6 PCW Q . 4.64 -15.84 6.33
C7 PCW Q . 4.34 -17.92 5.08
C8 PCW Q . 5.71 -16.68 4.92
C11 PCW Q . 0.07 -7.58 -0.04
C12 PCW Q . 0.35 -6.66 -1.19
C13 PCW Q . -0.39 -5.30 -0.91
C14 PCW Q . -0.21 -4.22 -1.99
C15 PCW Q . 0.15 -4.71 -3.42
C16 PCW Q . 0.49 -3.51 -4.37
C17 PCW Q . 1.69 -2.58 -3.95
C18 PCW Q . 1.64 -1.21 -4.61
C19 PCW Q . 1.83 -0.05 -3.60
C20 PCW Q . 2.77 0.96 -3.78
C21 PCW Q . 3.76 1.22 -4.86
C22 PCW Q . 4.86 2.14 -4.24
C23 PCW Q . 6.34 1.74 -4.47
C24 PCW Q . 7.18 2.70 -5.26
C25 PCW Q . 7.48 4.13 -4.73
C26 PCW Q . 8.70 4.29 -3.85
C27 PCW Q . 8.48 4.44 -2.33
C28 PCW Q . 8.73 5.86 -1.89
C31 PCW Q . 4.23 -9.66 0.40
C32 PCW Q . 5.61 -8.96 0.44
C33 PCW Q . 6.00 -8.21 1.80
C34 PCW Q . 6.37 -9.15 2.93
C35 PCW Q . 5.49 -8.71 4.17
C36 PCW Q . 6.28 -7.82 5.17
C37 PCW Q . 5.47 -7.32 6.41
C38 PCW Q . 5.88 -5.96 6.84
C39 PCW Q . 5.12 -5.46 8.04
C40 PCW Q . 4.24 -4.47 8.08
C41 PCW Q . 3.84 -3.64 6.87
C42 PCW Q . 4.37 -2.14 7.10
C43 PCW Q . 4.47 -1.22 5.90
C44 PCW Q . 5.00 0.12 6.42
C45 PCW Q . 5.38 1.10 5.36
C46 PCW Q . 6.22 2.25 5.87
C47 PCW Q . 5.51 3.56 6.09
C48 PCW Q . 6.48 4.63 6.61
N PCW Q . 4.24 -16.47 5.07
O2 PCW Q . 3.55 -9.31 1.48
O3 PCW Q . 1.23 -7.89 0.59
O11 PCW Q . -1.02 -7.97 0.28
O31 PCW Q . 3.84 -10.45 -0.51
O1P PCW Q . 0.90 -13.58 3.03
O2P PCW Q . 1.69 -13.16 0.71
O3P PCW Q . 2.89 -12.09 2.71
O4P PCW Q . 3.10 -14.45 2.18
P PCW Q . 2.06 -13.34 2.13
C1 PCW R . 28.93 -31.87 18.19
C2 PCW R . 29.45 -31.58 19.65
C3 PCW R . 30.98 -31.93 19.75
C4 PCW R . 26.67 -30.95 14.79
C5 PCW R . 27.13 -29.87 13.82
C6 PCW R . 27.03 -28.60 11.76
C7 PCW R . 25.08 -29.55 12.62
C8 PCW R . 26.58 -30.96 11.66
C11 PCW R . 31.30 -32.64 22.02
C12 PCW R . 31.84 -32.17 23.35
C13 PCW R . 33.33 -32.66 23.46
C14 PCW R . 34.05 -32.26 24.77
C15 PCW R . 34.04 -30.74 25.10
C16 PCW R . 35.48 -30.27 25.53
C17 PCW R . 35.98 -28.90 24.97
C18 PCW R . 35.22 -27.69 25.53
C19 PCW R . 36.02 -26.95 26.63
C20 PCW R . 36.78 -25.82 26.34
C21 PCW R . 37.05 -25.07 25.09
C22 PCW R . 38.51 -25.40 24.67
C23 PCW R . 39.62 -24.39 25.08
C24 PCW R . 40.71 -24.92 25.96
C25 PCW R . 40.93 -24.33 27.39
C26 PCW R . 41.15 -25.34 28.51
C27 PCW R . 40.16 -25.35 29.68
C28 PCW R . 40.78 -24.70 30.89
C31 PCW R . 28.57 -29.88 21.05
C32 PCW R . 28.51 -28.35 21.24
C33 PCW R . 28.19 -27.86 22.73
C34 PCW R . 29.39 -27.22 23.43
C35 PCW R . 29.72 -28.16 24.65
C36 PCW R . 29.24 -27.56 26.00
C37 PCW R . 29.51 -28.42 27.27
C38 PCW R . 28.27 -29.02 27.82
C39 PCW R . 28.51 -29.85 29.05
C40 PCW R . 27.61 -30.51 29.77
C41 PCW R . 26.12 -30.51 29.47
C42 PCW R . 25.34 -30.19 30.83
C43 PCW R . 24.27 -29.11 30.82
C44 PCW R . 23.70 -29.02 32.23
C45 PCW R . 22.28 -29.46 32.38
C46 PCW R . 22.11 -30.78 33.07
C47 PCW R . 21.25 -30.81 34.31
C48 PCW R . 21.18 -32.22 34.90
N PCW R . 26.49 -29.75 12.53
O2 PCW R . 29.31 -30.12 19.96
O3 PCW R . 31.44 -31.66 21.09
O11 PCW R . 30.80 -33.72 21.83
O31 PCW R . 28.02 -30.74 21.79
O1P PCW R . 25.27 -31.14 17.34
O2P PCW R . 27.00 -29.50 18.07
O3P PCW R . 27.50 -32.02 18.10
O4P PCW R . 27.38 -30.72 16.04
P PCW R . 26.73 -30.79 17.41
C1 PCW S . 25.53 -19.96 7.06
C2 PCW S . 26.75 -19.50 7.96
C3 PCW S . 28.09 -20.11 7.40
C4 PCW S . 26.84 -23.07 5.67
C5 PCW S . 28.29 -23.47 5.98
C6 PCW S . 28.35 -25.41 4.55
C7 PCW S . 28.08 -25.70 6.85
C8 PCW S . 30.14 -25.08 6.12
C11 PCW S . 30.22 -20.60 8.39
C12 PCW S . 31.27 -20.00 9.29
C13 PCW S . 31.34 -20.85 10.61
C14 PCW S . 32.36 -20.37 11.64
C15 PCW S . 32.99 -21.48 12.53
C16 PCW S . 32.03 -21.84 13.73
C17 PCW S . 31.28 -23.21 13.65
C18 PCW S . 30.70 -23.66 14.99
C19 PCW S . 30.65 -25.21 15.15
C20 PCW S . 29.47 -25.92 15.03
C21 PCW S . 28.07 -25.52 14.74
C22 PCW S . 27.15 -26.61 15.36
C23 PCW S . 26.29 -26.22 16.59
C24 PCW S . 26.99 -26.19 17.92
C25 PCW S . 27.00 -24.89 18.78
C26 PCW S . 28.06 -24.79 19.86
C27 PCW S . 27.91 -23.68 20.92
C28 PCW S . 29.27 -23.14 21.31
C31 PCW S . 27.24 -17.47 9.08
C32 PCW S . 27.31 -15.95 8.88
C33 PCW S . 25.93 -15.16 9.07
C34 PCW S . 25.81 -14.47 10.43
C35 PCW S . 24.67 -15.25 11.19
C36 PCW S . 24.55 -14.81 12.67
C37 PCW S . 23.45 -15.55 13.50
C38 PCW S . 24.00 -16.16 14.75
C39 PCW S . 22.96 -16.88 15.57
C40 PCW S . 22.90 -16.95 16.89
C41 PCW S . 23.89 -16.29 17.83
C42 PCW S . 24.10 -17.26 19.09
C43 PCW S . 25.08 -18.41 18.97
C44 PCW S . 25.07 -19.14 20.30
C45 PCW S . 26.42 -19.63 20.78
C46 PCW S . 26.91 -18.96 22.03
C47 PCW S . 27.85 -17.78 21.85
C48 PCW S . 28.27 -17.19 23.20
N PCW S . 28.69 -24.85 5.88
O2 PCW S . 26.87 -18.02 7.92
O3 PCW S . 29.20 -19.70 8.22
O11 PCW S . 30.27 -21.69 7.91
O31 PCW S . 27.49 -18.08 10.15
O1P PCW S . 24.39 -21.73 4.92
O2P PCW S . 25.84 -20.62 3.25
O3P PCW S . 25.69 -19.69 5.65
O4P PCW S . 26.90 -21.74 5.09
P PCW S . 25.66 -20.98 4.68
C1 PCW T . 19.38 -4.87 -18.29
C2 PCW T . 19.75 -3.35 -18.52
C3 PCW T . 19.12 -2.46 -17.38
C4 PCW T . 23.54 -6.23 -16.22
C5 PCW T . 23.63 -6.58 -14.73
C6 PCW T . 24.27 -5.85 -12.37
C7 PCW T . 25.06 -4.58 -14.32
C8 PCW T . 23.32 -4.81 -13.73
C11 PCW T . 18.79 -0.39 -18.57
C12 PCW T . 19.29 1.02 -18.61
C13 PCW T . 20.27 1.15 -19.83
C14 PCW T . 20.88 2.54 -20.04
C15 PCW T . 22.01 2.93 -19.03
C16 PCW T . 21.58 4.18 -18.18
C17 PCW T . 21.50 3.99 -16.62
C18 PCW T . 22.00 5.20 -15.84
C19 PCW T . 21.05 6.42 -15.94
C20 PCW T . 21.52 7.71 -16.11
C21 PCW T . 22.89 8.27 -16.23
C22 PCW T . 22.71 9.79 -16.52
C23 PCW T . 23.88 10.73 -16.13
C24 PCW T . 23.66 11.63 -14.95
C25 PCW T . 22.48 12.64 -14.90
C26 PCW T . 21.79 12.82 -13.56
C27 PCW T . 21.03 11.61 -12.98
C28 PCW T . 20.02 12.10 -11.96
C31 PCW T . 21.76 -2.68 -19.58
C32 PCW T . 23.27 -2.54 -19.36
C33 PCW T . 23.70 -1.60 -18.13
C34 PCW T . 24.09 -0.19 -18.57
C35 PCW T . 24.43 0.59 -17.24
C36 PCW T . 25.51 1.69 -17.45
C37 PCW T . 25.90 2.48 -16.16
C38 PCW T . 27.38 2.56 -15.97
C39 PCW T . 27.75 3.33 -14.73
C40 PCW T . 28.87 4.03 -14.53
C41 PCW T . 29.99 4.16 -15.55
C42 PCW T . 30.98 5.30 -15.05
C43 PCW T . 30.72 6.73 -15.48
C44 PCW T . 31.81 7.59 -14.86
C45 PCW T . 31.32 8.73 -13.99
C46 PCW T . 32.40 9.36 -13.16
C47 PCW T . 31.92 10.15 -11.96
C48 PCW T . 33.11 10.74 -11.19
N PCW T . 24.44 -5.80 -13.84
O2 PCW T . 21.22 -3.16 -18.46
O3 PCW T . 19.46 -1.09 -17.60
O11 PCW T . 17.92 -0.84 -19.26
O31 PCW T . 21.13 -2.39 -20.64
O1P PCW T . 21.16 -4.62 -15.91
O2P PCW T . 20.03 -6.83 -15.82
O3P PCW T . 20.52 -5.72 -18.09
O4P PCW T . 22.26 -6.73 -16.69
P PCW T . 20.96 -5.95 -16.56
C1 PCW U . -13.41 -9.04 6.09
C2 PCW U . -12.40 -7.83 6.26
C3 PCW U . -12.99 -6.55 5.58
C4 PCW U . -12.96 -9.13 2.10
C5 PCW U . -14.03 -8.93 1.03
C6 PCW U . -12.77 -7.90 -0.94
C7 PCW U . -14.54 -9.55 -1.32
C8 PCW U . -14.69 -7.86 -0.58
C11 PCW U . -12.35 -4.48 6.62
C12 PCW U . -11.25 -3.44 6.56
C13 PCW U . -10.90 -3.00 8.02
C14 PCW U . -9.80 -1.94 8.15
C15 PCW U . -9.94 -0.69 7.22
C16 PCW U . -11.16 0.19 7.66
C17 PCW U . -11.05 1.74 7.42
C18 PCW U . -11.20 2.56 8.70
C19 PCW U . -11.05 4.08 8.47
C20 PCW U . -9.83 4.71 8.48
C21 PCW U . -8.44 4.22 8.67
C22 PCW U . -8.10 4.39 10.18
C23 PCW U . -7.04 5.45 10.55
C24 PCW U . -5.99 5.04 11.54
C25 PCW U . -4.48 5.08 11.18
C26 PCW U . -3.51 5.32 12.32
C27 PCW U . -2.41 6.38 12.12
C28 PCW U . -2.43 7.37 13.27
C31 PCW U . -11.30 -8.28 8.32
C32 PCW U . -11.21 -7.84 9.78
C33 PCW U . -11.03 -6.25 10.02
C34 PCW U . -9.60 -5.87 10.37
C35 PCW U . -9.69 -5.12 11.76
C36 PCW U . -8.32 -4.60 12.25
C37 PCW U . -8.33 -3.86 13.62
C38 PCW U . -7.65 -4.64 14.70
C39 PCW U . -7.67 -3.92 16.03
C40 PCW U . -6.66 -3.23 16.58
C41 PCW U . -5.30 -3.05 15.93
C42 PCW U . -4.19 -3.27 17.05
C43 PCW U . -2.98 -2.36 17.08
C44 PCW U . -2.11 -2.80 18.24
C45 PCW U . -2.19 -1.93 19.47
C46 PCW U . -1.84 -2.65 20.75
C47 PCW U . -0.89 -1.95 21.68
C48 PCW U . -0.63 -2.80 22.93
N PCW U . -13.67 -8.92 -0.36
O2 PCW U . -12.20 -7.52 7.70
O3 PCW U . -12.06 -5.47 5.72
O11 PCW U . -13.32 -4.42 7.31
O31 PCW U . -10.62 -9.21 7.79
O1P PCW U . -12.46 -11.63 3.48
O2P PCW U . -14.79 -11.32 4.31
O3P PCW U . -12.81 -10.21 5.52
O4P PCW U . -13.65 -9.43 3.35
P PCW U . -13.44 -10.72 4.13
C1 PCW V . -5.86 -14.52 19.21
C2 PCW V . -5.99 -12.97 19.50
C3 PCW V . -6.24 -12.72 21.03
C4 PCW V . -4.13 -15.43 14.69
C5 PCW V . -3.62 -14.48 13.58
C6 PCW V . -3.86 -15.90 11.63
C7 PCW V . -1.81 -15.81 12.74
C8 PCW V . -2.39 -14.00 11.50
C11 PCW V . -7.60 -10.74 21.19
C12 PCW V . -7.49 -9.27 21.49
C13 PCW V . -7.46 -8.48 20.12
C14 PCW V . -7.36 -6.97 20.25
C15 PCW V . -8.65 -6.18 19.91
C16 PCW V . -9.10 -5.27 21.12
C17 PCW V . -9.77 -5.98 22.34
C18 PCW V . -10.26 -5.01 23.42
C19 PCW V . -9.27 -4.88 24.60
C20 PCW V . -8.81 -3.65 25.06
C21 PCW V . -9.09 -2.26 24.61
C22 PCW V . -8.12 -1.96 23.44
C23 PCW V . -8.39 -0.69 22.58
C24 PCW V . -9.63 -0.70 21.75
C25 PCW V . -9.71 0.11 20.43
C26 PCW V . -11.09 0.53 19.97
C27 PCW V . -11.67 1.84 20.53
C28 PCW V . -13.14 1.70 20.78
C31 PCW V . -4.82 -11.38 18.18
C32 PCW V . -3.43 -10.76 17.94
C33 PCW V . -2.90 -9.80 19.11
C34 PCW V . -3.75 -8.54 19.30
C35 PCW V . -3.29 -7.93 20.68
C36 PCW V . -4.03 -8.53 21.89
C37 PCW V . -3.63 -7.96 23.28
C38 PCW V . -4.69 -7.08 23.86
C39 PCW V . -4.33 -6.52 25.21
C40 PCW V . -4.04 -5.25 25.51
C41 PCW V . -4.04 -4.13 24.49
C42 PCW V . -4.44 -2.78 25.25
C43 PCW V . -4.49 -1.50 24.45
C44 PCW V . -4.89 -0.39 25.42
C45 PCW V . -5.26 0.93 24.78
C46 PCW V . -4.74 2.12 25.55
C47 PCW V . -3.95 3.14 24.76
C48 PCW V . -3.49 4.30 25.66
N PCW V . -2.96 -15.02 12.42
O2 PCW V . -4.71 -12.28 19.15
O3 PCW V . -6.36 -11.32 21.28
O11 PCW V . -8.61 -11.31 20.90
O31 PCW V . -5.88 -11.08 17.56
O1P PCW V . -5.93 -16.66 16.59
O2P PCW V . -7.04 -14.41 16.54
O3P PCW V . -5.01 -14.83 18.08
O4P PCW V . -4.81 -14.60 15.66
P PCW V . -5.77 -15.16 16.69
C1 PCW W . 16.06 -27.66 23.02
C2 PCW W . 15.38 -27.58 24.44
C3 PCW W . 15.79 -26.24 25.15
C4 PCW W . 11.91 -27.54 20.87
C5 PCW W . 11.13 -27.63 19.57
C6 PCW W . 9.04 -26.96 18.25
C7 PCW W . 10.13 -25.37 19.77
C8 PCW W . 10.81 -26.12 18.22
C11 PCW W . 15.83 -26.68 27.52
C12 PCW W . 14.99 -26.52 28.75
C13 PCW W . 14.71 -24.98 28.97
C14 PCW W . 13.87 -24.65 30.19
C15 PCW W . 14.40 -23.50 31.10
C16 PCW W . 14.10 -23.81 32.62
C17 PCW W . 15.06 -24.81 33.35
C18 PCW W . 16.35 -24.16 33.84
C19 PCW W . 16.28 -23.74 35.32
C20 PCW W . 16.25 -22.41 35.72
C21 PCW W . 16.29 -21.14 34.96
C22 PCW W . 15.06 -20.30 35.42
C23 PCW W . 15.28 -19.29 36.57
C24 PCW W . 16.27 -18.18 36.32
C25 PCW W . 16.44 -17.02 37.33
C26 PCW W . 17.87 -16.68 37.74
C27 PCW W . 18.66 -15.71 36.85
C28 PCW W . 20.09 -15.62 37.33
C31 PCW W . 13.32 -28.70 24.75
C32 PCW W . 11.80 -28.54 24.56
C33 PCW W . 10.92 -28.75 25.88
C34 PCW W . 11.21 -27.73 26.99
C35 PCW W . 11.91 -28.54 28.15
C36 PCW W . 11.62 -27.96 29.55
C37 PCW W . 12.29 -28.71 30.74
C38 PCW W . 12.42 -27.86 31.96
C39 PCW W . 13.06 -28.57 33.12
C40 PCW W . 12.67 -28.58 34.38
C41 PCW W . 11.46 -27.84 34.91
C42 PCW W . 11.64 -27.66 36.49
C43 PCW W . 10.41 -27.38 37.33
C44 PCW W . 10.88 -27.25 38.77
C45 PCW W . 9.85 -26.70 39.73
C46 PCW W . 10.04 -25.26 40.06
C47 PCW W . 9.04 -24.65 41.01
C48 PCW W . 9.35 -23.16 41.27
N PCW W . 10.02 -26.74 19.33
O2 PCW W . 13.90 -27.58 24.31
O3 PCW W . 15.16 -26.18 26.44
O11 PCW W . 16.93 -27.16 27.48
O31 PCW W . 13.91 -29.71 25.21
O1P PCW W . 14.16 -25.95 21.78
O2P PCW W . 15.27 -26.95 19.78
O3P PCW W . 15.21 -28.23 22.00
O4P PCW W . 13.27 -27.96 20.57
P PCW W . 14.50 -27.19 21.01
C1 PCW X . 13.28 -0.17 -19.16
C2 PCW X . 14.13 1.08 -18.72
C3 PCW X . 15.46 1.14 -19.52
C4 PCW X . 11.85 1.06 -23.57
C5 PCW X . 11.46 2.47 -24.03
C6 PCW X . 11.87 3.06 -26.47
C7 PCW X . 9.60 3.02 -25.57
C8 PCW X . 10.99 4.14 -25.10
C11 PCW X . 16.57 3.21 -20.07
C12 PCW X . 17.39 4.31 -19.44
C13 PCW X . 16.67 5.68 -19.73
C14 PCW X . 17.38 6.90 -19.14
C15 PCW X . 18.74 7.30 -19.81
C16 PCW X . 18.48 8.00 -21.19
C17 PCW X . 19.01 9.46 -21.37
C18 PCW X . 20.45 9.52 -21.86
C19 PCW X . 20.67 10.56 -22.98
C20 PCW X . 21.87 11.24 -23.15
C21 PCW X . 23.15 11.19 -22.41
C22 PCW X . 23.22 12.49 -21.55
C23 PCW X . 23.21 12.32 -20.01
C24 PCW X . 21.88 12.27 -19.33
C25 PCW X . 21.44 13.36 -18.32
C26 PCW X . 20.21 14.16 -18.67
C27 PCW X . 20.42 15.62 -19.16
C28 PCW X . 19.58 15.88 -20.39
C31 PCW X . 13.45 3.24 -18.04
C32 PCW X . 12.62 4.47 -18.48
C33 PCW X . 12.97 5.83 -17.70
C34 PCW X . 12.42 7.08 -18.39
C35 PCW X . 13.08 8.30 -17.64
C36 PCW X . 12.02 9.28 -17.07
C37 PCW X . 12.58 10.52 -16.31
C38 PCW X . 12.58 11.75 -17.15
C39 PCW X . 13.13 12.97 -16.44
C40 PCW X . 13.86 13.94 -16.96
C41 PCW X . 14.31 14.00 -18.41
C42 PCW X . 14.85 15.48 -18.70
C43 PCW X . 16.14 15.92 -18.05
C44 PCW X . 16.41 17.35 -18.50
C45 PCW X . 16.65 18.33 -17.39
C46 PCW X . 18.11 18.52 -17.06
C47 PCW X . 18.59 19.95 -16.97
C48 PCW X . 20.09 20.01 -16.64
N PCW X . 10.99 2.68 -25.36
O2 PCW X . 13.37 2.33 -19.01
O3 PCW X . 16.23 2.29 -19.12
O11 PCW X . 16.27 3.15 -21.24
O31 PCW X . 14.07 3.13 -16.95
O1P PCW X . 11.35 -1.33 -22.02
O2P PCW X . 10.72 0.31 -20.26
O3P PCW X . 13.19 -0.35 -20.59
O4P PCW X . 11.98 1.10 -22.13
P PCW X . 11.73 -0.11 -21.24
C1 PCW Y . -3.67 1.25 -10.33
C2 PCW Y . -2.52 2.30 -10.06
C3 PCW Y . -1.25 1.57 -9.51
C4 PCW Y . -5.68 4.09 -8.46
C5 PCW Y . -4.70 4.30 -7.31
C6 PCW Y . -4.62 6.83 -7.56
C7 PCW Y . -3.78 5.75 -5.52
C8 PCW Y . -3.12 5.60 -7.24
C11 PCW Y . -0.26 3.30 -8.16
C12 PCW Y . 0.90 4.26 -8.14
C13 PCW Y . 2.08 3.58 -7.36
C14 PCW Y . 3.36 4.43 -7.26
C15 PCW Y . 3.53 5.23 -5.93
C16 PCW Y . 3.07 6.71 -6.12
C17 PCW Y . 4.05 7.68 -6.88
C18 PCW Y . 4.86 8.58 -5.95
C19 PCW Y . 4.03 9.76 -5.40
C20 PCW Y . 4.56 11.03 -5.24
C21 PCW Y . 5.89 11.61 -5.54
C22 PCW Y . 5.84 13.10 -5.07
C23 PCW Y . 7.17 13.74 -4.60
C24 PCW Y . 7.08 15.03 -3.84
C25 PCW Y . 8.20 16.11 -3.95
C26 PCW Y . 7.93 17.27 -4.89
C27 PCW Y . 7.28 18.54 -4.29
C28 PCW Y . 7.48 19.71 -5.24
C31 PCW Y . -2.25 4.30 -11.31
C32 PCW Y . -1.80 4.85 -12.68
C33 PCW Y . -0.58 4.08 -13.37
C34 PCW Y . 0.67 4.92 -13.51
C35 PCW Y . 1.81 3.92 -13.97
C36 PCW Y . 2.86 4.58 -14.89
C37 PCW Y . 4.02 3.63 -15.38
C38 PCW Y . 4.99 4.35 -16.25
C39 PCW Y . 6.11 3.46 -16.73
C40 PCW Y . 7.33 3.83 -17.14
C41 PCW Y . 7.80 5.27 -17.19
C42 PCW Y . 9.04 5.42 -16.20
C43 PCW Y . 8.94 6.42 -15.07
C44 PCW Y . 10.26 6.35 -14.29
C45 PCW Y . 10.13 6.49 -12.79
C46 PCW Y . 9.64 7.84 -12.35
C47 PCW Y . 10.70 8.89 -12.08
C48 PCW Y . 10.07 10.21 -11.63
N PCW Y . -4.53 5.60 -6.75
O2 PCW Y . -2.12 2.97 -11.34
O3 PCW Y . -0.20 2.54 -9.28
O11 PCW Y . -1.13 3.25 -7.32
O31 PCW Y . -2.68 4.98 -10.34
O1P PCW Y . -6.90 3.18 -10.95
O2P PCW Y . -6.88 0.97 -9.79
O3P PCW Y . -4.80 1.80 -11.05
O4P PCW Y . -5.50 2.72 -8.91
P PCW Y . -6.10 2.17 -10.19
C1 PCW Z . -3.76 -10.46 8.77
C2 PCW Z . -3.31 -9.21 9.63
C3 PCW Z . -4.31 -8.02 9.42
C4 PCW Z . -7.26 -11.11 8.69
C5 PCW Z . -8.55 -11.86 9.03
C6 PCW Z . -11.01 -12.29 8.48
C7 PCW Z . -9.41 -11.81 6.70
C8 PCW Z . -9.44 -13.26 7.83
C11 PCW Z . -4.76 -6.43 11.16
C12 PCW Z . -4.13 -5.28 11.88
C13 PCW Z . -3.26 -5.86 13.06
C14 PCW Z . -2.53 -4.82 13.92
C15 PCW Z . -1.10 -4.43 13.44
C16 PCW Z . -0.90 -2.89 13.51
C17 PCW Z . -1.30 -2.05 12.25
C18 PCW Z . -1.10 -0.55 12.42
C19 PCW Z . 0.25 -0.05 11.86
C20 PCW Z . 0.56 1.31 11.75
C21 PCW Z . -0.21 2.53 12.11
C22 PCW Z . 0.41 3.08 13.43
C23 PCW Z . -0.56 3.36 14.62
C24 PCW Z . -0.91 2.19 15.48
C25 PCW Z . 0.19 1.24 16.04
C26 PCW Z . -0.02 0.70 17.43
C27 PCW Z . 1.14 -0.08 18.10
C28 PCW Z . 1.32 0.36 19.53
C31 PCW Z . -2.14 -9.80 11.60
C32 PCW Z . -2.32 -10.14 13.09
C33 PCW Z . -1.50 -9.21 14.10
C34 PCW Z . 0.00 -9.55 14.16
C35 PCW Z . 0.74 -8.16 14.05
C36 PCW Z . 1.60 -7.85 15.30
C37 PCW Z . 2.37 -6.48 15.25
C38 PCW Z . 2.54 -5.90 16.62
C39 PCW Z . 3.28 -4.59 16.61
C40 PCW Z . 3.36 -3.70 17.60
C41 PCW Z . 2.69 -3.86 18.95
C42 PCW Z . 3.78 -4.40 19.98
C43 PCW Z . 3.32 -4.76 21.39
C44 PCW Z . 4.55 -5.25 22.15
C45 PCW Z . 4.69 -6.74 22.27
C46 PCW Z . 4.70 -7.23 23.69
C47 PCW Z . 4.33 -8.68 23.92
C48 PCW Z . 4.39 -9.05 25.41
N PCW Z . -9.66 -11.81 8.12
O2 PCW Z . -3.34 -9.55 11.08
O3 PCW Z . -3.90 -6.90 10.20
O11 PCW Z . -5.84 -6.88 11.38
O31 PCW Z . -1.03 -9.78 10.99
O1P PCW Z . -5.25 -13.11 8.00
O2P PCW Z . -5.30 -13.56 10.45
O3P PCW Z . -3.83 -11.69 9.52
O4P PCW Z . -6.26 -11.50 9.68
P PCW Z . -5.18 -12.54 9.39
C1 PCW AA . 16.01 -21.64 14.24
C2 PCW AA . 16.19 -21.07 15.69
C3 PCW AA . 15.33 -19.77 15.87
C4 PCW AA . 15.27 -26.42 13.39
C5 PCW AA . 16.47 -26.75 14.26
C6 PCW AA . 15.41 -26.72 16.58
C7 PCW AA . 17.27 -28.24 16.09
C8 PCW AA . 17.28 -26.40 16.10
C11 PCW AA . 15.36 -17.91 17.40
C12 PCW AA . 15.61 -17.59 18.84
C13 PCW AA . 17.14 -17.30 19.02
C14 PCW AA . 17.57 -16.95 20.45
C15 PCW AA . 17.27 -15.49 20.91
C16 PCW AA . 16.92 -15.45 22.44
C17 PCW AA . 16.66 -14.05 23.08
C18 PCW AA . 16.52 -14.10 24.60
C19 PCW AA . 15.92 -12.81 25.20
C20 PCW AA . 16.72 -11.76 25.65
C21 PCW AA . 18.19 -11.57 25.70
C22 PCW AA . 18.59 -10.79 24.41
C23 PCW AA . 18.40 -9.25 24.41
C24 PCW AA . 18.63 -8.54 23.11
C25 PCW AA . 17.77 -8.85 21.86
C26 PCW AA . 17.57 -7.71 20.88
C27 PCW AA . 17.14 -8.06 19.44
C28 PCW AA . 17.87 -7.17 18.45
C31 PCW AA . 16.65 -22.51 17.52
C32 PCW AA . 16.00 -23.50 18.49
C33 PCW AA . 17.02 -24.40 19.34
C34 PCW AA . 17.36 -23.81 20.71
C35 PCW AA . 18.51 -24.73 21.29
C36 PCW AA . 19.29 -24.05 22.43
C37 PCW AA . 20.45 -24.90 23.06
C38 PCW AA . 21.64 -24.06 23.41
C39 PCW AA . 22.76 -24.87 24.01
C40 PCW AA . 24.01 -24.47 24.21
C41 PCW AA . 24.54 -23.09 23.85
C42 PCW AA . 25.96 -22.90 24.55
C43 PCW AA . 26.50 -21.50 24.76
C44 PCW AA . 27.85 -21.63 25.44
C45 PCW AA . 28.84 -20.53 25.16
C46 PCW AA . 29.57 -20.06 26.38
C47 PCW AA . 29.85 -18.58 26.47
C48 PCW AA . 30.61 -18.25 27.76
N PCW AA . 16.27 -27.34 15.55
O2 PCW AA . 15.70 -22.06 16.70
O3 PCW AA . 15.51 -19.25 17.20
O11 PCW AA . 15.08 -17.11 16.54
O31 PCW AA . 17.87 -22.17 17.50
O1P PCW AA . 14.08 -24.28 14.94
O2P PCW AA . 14.01 -23.13 12.72
O3P PCW AA . 16.14 -23.07 14.15
O4P PCW AA . 15.41 -25.05 12.95
P PCW AA . 14.83 -23.88 13.71
C1 PCW BA . 10.42 -23.58 14.45
C2 PCW BA . 10.52 -22.82 15.84
C3 PCW BA . 11.91 -22.10 15.95
C4 PCW BA . 6.09 -22.49 12.86
C5 PCW BA . 5.54 -21.40 13.79
C6 PCW BA . 3.16 -21.69 12.90
C7 PCW BA . 3.67 -19.95 14.56
C8 PCW BA . 4.30 -20.08 12.82
C11 PCW BA . 12.17 -22.13 18.35
C12 PCW BA . 12.26 -21.20 19.53
C13 PCW BA . 10.85 -20.50 19.73
C14 PCW BA . 10.77 -19.51 20.90
C15 PCW BA . 11.89 -18.42 20.94
C16 PCW BA . 11.38 -17.08 20.31
C17 PCW BA . 11.68 -16.83 18.79
C18 PCW BA . 10.42 -16.68 17.95
C19 PCW BA . 10.46 -15.45 17.01
C20 PCW BA . 10.05 -14.20 17.41
C21 PCW BA . 9.50 -13.67 18.68
C22 PCW BA . 10.44 -12.52 19.14
C23 PCW BA . 11.69 -12.91 19.97
C24 PCW BA . 11.63 -12.64 21.44
C25 PCW BA . 12.91 -12.29 22.25
C26 PCW BA . 12.93 -10.94 22.94
C27 PCW BA . 14.19 -10.06 22.77
C28 PCW BA . 14.38 -9.20 24.00
C31 PCW BA . 8.47 -22.07 16.74
C32 PCW BA . 7.47 -20.90 16.71
C33 PCW BA . 7.90 -19.60 17.55
C34 PCW BA . 6.85 -18.50 17.53
C35 PCW BA . 6.45 -18.27 19.04
C36 PCW BA . 6.98 -16.94 19.60
C37 PCW BA . 6.62 -16.64 21.09
C38 PCW BA . 7.79 -16.06 21.84
C39 PCW BA . 7.47 -15.77 23.28
C40 PCW BA . 8.34 -15.52 24.26
C41 PCW BA . 9.84 -15.48 24.08
C42 PCW BA . 10.48 -14.83 25.38
C43 PCW BA . 10.80 -13.35 25.37
C44 PCW BA . 11.40 -13.01 26.73
C45 PCW BA . 12.17 -11.71 26.79
C46 PCW BA . 11.32 -10.53 27.18
C47 PCW BA . 11.62 -9.24 26.48
C48 PCW BA . 10.70 -8.11 26.97
N PCW BA . 4.14 -21.14 13.86
O2 PCW BA . 9.47 -21.76 15.92
O3 PCW BA . 12.01 -21.40 17.21
O11 PCW BA . 12.23 -23.33 18.40
O31 PCW BA . 8.35 -23.12 17.42
O1P PCW BA . 8.34 -23.64 11.41
O2P PCW BA . 8.40 -25.20 13.35
O3P PCW BA . 9.58 -22.92 13.49
O4P PCW BA . 7.15 -23.18 13.59
P PCW BA . 8.35 -23.79 12.90
C1 PCW CA . 19.61 -13.18 -3.94
C2 PCW CA . 19.80 -11.65 -3.56
C3 PCW CA . 20.04 -11.51 -2.02
C4 PCW CA . 15.69 -13.24 -5.11
C5 PCW CA . 14.57 -13.99 -4.38
C6 PCW CA . 13.08 -14.65 -6.36
C7 PCW CA . 13.23 -16.09 -4.37
C8 PCW CA . 12.56 -14.37 -4.49
C11 PCW CA . 20.45 -9.77 -0.41
C12 PCW CA . 20.59 -8.28 -0.30
C13 PCW CA . 22.12 -7.91 -0.33
C14 PCW CA . 22.43 -6.41 -0.23
C15 PCW CA . 22.57 -5.85 1.22
C16 PCW CA . 21.92 -4.42 1.31
C17 PCW CA . 22.11 -3.64 2.66
C18 PCW CA . 22.91 -2.35 2.51
C19 PCW CA . 22.00 -1.10 2.39
C20 PCW CA . 22.35 -0.01 1.61
C21 PCW CA . 23.54 0.28 0.77
C22 PCW CA . 23.35 1.71 0.19
C23 PCW CA . 24.03 2.88 0.94
C24 PCW CA . 25.53 2.95 0.86
C25 PCW CA . 26.31 4.18 1.42
C26 PCW CA . 26.09 4.50 2.88
C27 PCW CA . 26.67 5.84 3.43
C28 PCW CA . 27.24 5.63 4.81
C31 PCW CA . 20.77 -10.65 -5.48
C32 PCW CA . 22.10 -10.12 -6.04
C33 PCW CA . 22.65 -8.79 -5.34
C34 PCW CA . 24.14 -8.87 -4.97
C35 PCW CA . 24.19 -9.72 -3.63
C36 PCW CA . 25.63 -9.87 -3.08
C37 PCW CA . 25.77 -10.70 -1.76
C38 PCW CA . 26.28 -9.86 -0.64
C39 PCW CA . 26.43 -10.63 0.65
C40 PCW CA . 25.56 -10.65 1.67
C41 PCW CA . 24.25 -9.89 1.70
C42 PCW CA . 24.31 -8.83 2.89
C43 PCW CA . 23.28 -8.92 4.00
C44 PCW CA . 23.60 -7.79 4.98
C45 PCW CA . 24.05 -8.23 6.34
C46 PCW CA . 25.40 -7.71 6.74
C47 PCW CA . 26.44 -8.74 7.09
C48 PCW CA . 27.76 -8.07 7.47
N PCW CA . 13.79 -14.96 -5.10
O2 PCW CA . 21.00 -11.10 -4.26
O3 PCW CA . 20.21 -10.11 -1.71
O11 PCW CA . 20.53 -10.54 0.51
O31 PCW CA . 19.67 -10.66 -6.09
O1P PCW CA . 17.63 -14.15 -7.07
O2P PCW CA . 18.24 -15.75 -5.27
O3P PCW CA . 19.28 -13.40 -5.33
O4P PCW CA . 16.94 -13.83 -4.67
P PCW CA . 18.00 -14.34 -5.63
C1 PCW DA . -9.58 5.13 -6.12
C2 PCW DA . -9.65 6.71 -6.01
C3 PCW DA . -10.68 7.15 -4.91
C4 PCW DA . -10.13 1.36 -8.04
C5 PCW DA . -9.70 0.23 -8.97
C6 PCW DA . -8.23 -1.60 -9.52
C7 PCW DA . -9.78 -1.86 -7.80
C8 PCW DA . -7.96 -0.55 -7.37
C11 PCW DA . -11.88 9.22 -5.03
C12 PCW DA . -11.68 10.70 -4.90
C13 PCW DA . -10.97 11.21 -6.20
C14 PCW DA . -10.68 12.72 -6.24
C15 PCW DA . -10.08 13.26 -7.56
C16 PCW DA . -9.40 14.66 -7.33
C17 PCW DA . -8.07 14.94 -8.10
C18 PCW DA . -7.50 16.34 -7.85
C19 PCW DA . -8.22 17.44 -8.68
C20 PCW DA . -7.69 17.92 -9.87
C21 PCW DA . -6.45 17.60 -10.62
C22 PCW DA . -5.43 18.74 -10.32
C23 PCW DA . -4.31 18.44 -9.28
C24 PCW DA . -2.90 18.42 -9.79
C25 PCW DA . -1.88 19.51 -9.36
C26 PCW DA . -1.00 20.09 -10.45
C27 PCW DA . 0.35 19.38 -10.74
C28 PCW DA . 1.03 20.02 -11.92
C31 PCW DA . -7.81 6.83 -4.45
C32 PCW DA . -6.45 7.51 -4.24
C33 PCW DA . -6.51 8.98 -3.61
C34 PCW DA . -6.40 10.08 -4.66
C35 PCW DA . -7.38 11.22 -4.17
C36 PCW DA . -6.89 12.64 -4.57
C37 PCW DA . -7.82 13.82 -4.13
C38 PCW DA . -7.04 15.04 -3.80
C39 PCW DA . -7.91 16.19 -3.36
C40 PCW DA . -7.66 17.49 -3.52
C41 PCW DA . -6.42 18.05 -4.19
C42 PCW DA . -6.90 19.02 -5.37
C43 PCW DA . -6.01 20.19 -5.74
C44 PCW DA . -6.70 20.93 -6.87
C45 PCW DA . -7.62 22.05 -6.44
C46 PCW DA . -8.33 22.72 -7.59
C47 PCW DA . -9.84 22.84 -7.46
C48 PCW DA . -10.43 23.54 -8.68
N PCW DA . -8.95 -0.89 -8.44
O2 PCW DA . -8.30 7.26 -5.62
O3 PCW DA . -10.70 8.58 -4.83
O11 PCW DA . -12.93 8.67 -5.28
O31 PCW DA . -8.36 6.02 -3.65
O1P PCW DA . -11.36 3.99 -7.83
O2P PCW DA . -9.85 4.51 -9.74
O3P PCW DA . -8.98 4.66 -7.34
O4P PCW DA . -9.40 2.54 -8.47
P PCW DA . -9.97 3.95 -8.39
C1 PCW EA . 23.33 -13.85 1.53
C2 PCW EA . 22.92 -13.98 3.05
C3 PCW EA . 23.55 -12.80 3.88
C4 PCW EA . 21.65 -18.01 0.72
C5 PCW EA . 22.26 -18.89 1.80
C6 PCW EA . 22.33 -19.35 4.31
C7 PCW EA . 20.19 -19.34 3.11
C8 PCW EA . 21.61 -20.51 2.89
C11 PCW EA . 24.01 -12.43 6.20
C12 PCW EA . 23.42 -12.68 7.57
C13 PCW EA . 23.39 -11.32 8.36
C14 PCW EA . 22.83 -11.40 9.78
C15 PCW EA . 23.83 -11.09 10.92
C16 PCW EA . 23.64 -9.62 11.43
C17 PCW EA . 24.80 -9.01 12.30
C18 PCW EA . 25.33 -7.69 11.73
C19 PCW EA . 26.83 -7.45 12.05
C20 PCW EA . 27.25 -6.48 12.95
C21 PCW EA . 26.52 -5.50 13.78
C22 PCW EA . 27.19 -5.53 15.20
C23 PCW EA . 28.27 -4.44 15.49
C24 PCW EA . 27.95 -3.47 16.58
C25 PCW EA . 27.87 -1.94 16.28
C26 PCW EA . 28.14 -1.01 17.45
C27 PCW EA . 29.41 -0.14 17.40
C28 PCW EA . 29.05 1.31 17.16
C31 PCW EA . 20.84 -15.07 3.34
C32 PCW EA . 19.33 -14.80 3.48
C33 PCW EA . 18.92 -13.61 4.48
C34 PCW EA . 17.61 -13.86 5.23
C35 PCW EA . 17.57 -12.75 6.35
C36 PCW EA . 18.50 -13.07 7.55
C37 PCW EA . 18.50 -12.02 8.70
C38 PCW EA . 19.34 -10.83 8.38
C39 PCW EA . 19.35 -9.80 9.48
C40 PCW EA . 18.50 -8.81 9.66
C41 PCW EA . 17.32 -8.50 8.75
C42 PCW EA . 16.67 -7.12 9.22
C43 PCW EA . 17.38 -5.82 8.86
C44 PCW EA . 16.54 -4.68 9.43
C45 PCW EA . 17.10 -3.31 9.21
C46 PCW EA . 18.14 -2.91 10.21
C47 PCW EA . 18.99 -1.70 9.85
C48 PCW EA . 20.02 -1.41 10.95
N PCW EA . 21.60 -19.02 3.07
O2 PCW EA . 21.44 -13.89 3.19
O3 PCW EA . 23.16 -12.93 5.26
O11 PCW EA . 25.05 -11.88 5.99
O31 PCW EA . 21.40 -16.21 3.36
O1P PCW EA . 21.25 -15.17 0.26
O2P PCW EA . 22.96 -15.52 -1.52
O3P PCW EA . 23.69 -15.10 0.92
O4P PCW EA . 22.72 -17.21 0.17
P PCW EA . 22.60 -15.71 -0.10
C1 PCW FA . -6.57 -21.78 24.76
C2 PCW FA . -5.14 -21.90 25.43
C3 PCW FA . -4.71 -23.40 25.47
C4 PCW FA . -9.09 -18.83 24.37
C5 PCW FA . -10.55 -18.90 23.90
C6 PCW FA . -12.18 -18.06 25.66
C7 PCW FA . -12.17 -17.09 23.42
C8 PCW FA . -12.58 -18.83 23.89
C11 PCW FA . -3.35 -23.80 27.41
C12 PCW FA . -1.91 -23.86 27.84
C13 PCW FA . -1.87 -23.95 29.42
C14 PCW FA . -0.46 -24.02 30.03
C15 PCW FA . -0.35 -23.66 31.53
C16 PCW FA . -0.47 -22.11 31.75
C17 PCW FA . -0.05 -21.54 33.14
C18 PCW FA . -1.23 -21.19 34.04
C19 PCW FA . -1.48 -19.67 34.14
C20 PCW FA . -1.29 -18.96 35.32
C21 PCW FA . -0.86 -19.38 36.68
C22 PCW FA . 0.61 -18.91 36.84
C23 PCW FA . 1.32 -19.22 38.19
C24 PCW FA . 2.69 -18.64 38.39
C25 PCW FA . 3.34 -18.58 39.80
C26 PCW FA . 3.90 -17.24 40.23
C27 PCW FA . 5.34 -17.22 40.82
C28 PCW FA . 6.10 -16.05 40.25
C31 PCW FA . -3.42 -20.27 25.32
C32 PCW FA . -2.44 -19.61 24.35
C33 PCW FA . -2.19 -18.04 24.58
C34 PCW FA . -0.71 -17.65 24.50
C35 PCW FA . -0.50 -17.08 23.03
C36 PCW FA . 0.48 -17.92 22.20
C37 PCW FA . 0.73 -17.41 20.74
C38 PCW FA . 2.19 -17.21 20.46
C39 PCW FA . 2.44 -16.72 19.06
C40 PCW FA . 2.59 -15.46 18.66
C41 PCW FA . 2.54 -14.26 19.60
C42 PCW FA . 3.83 -13.36 19.34
C43 PCW FA . 4.97 -13.42 20.34
C44 PCW FA . 6.04 -12.47 19.84
C45 PCW FA . 6.28 -11.26 20.72
C46 PCW FA . 7.55 -11.33 21.51
C47 PCW FA . 7.54 -10.64 22.86
C48 PCW FA . 8.90 -10.80 23.56
N PCW FA . -11.49 -17.93 24.38
O2 PCW FA . -4.14 -21.16 24.62
O3 PCW FA . -3.41 -23.50 26.08
O11 PCW FA . -4.30 -23.99 28.12
O31 PCW FA . -3.55 -20.00 26.55
O1P PCW FA . -6.22 -18.96 24.65
O2P PCW FA . -6.27 -18.96 22.16
O3P PCW FA . -6.56 -21.17 23.45
O4P PCW FA . -8.30 -19.47 23.34
P PCW FA . -6.79 -19.58 23.40
C1 PCW GA . 13.04 -9.26 -6.15
C2 PCW GA . 13.05 -7.78 -6.73
C3 PCW GA . 12.41 -7.77 -8.15
C4 PCW GA . 9.54 -9.84 -7.08
C5 PCW GA . 8.47 -8.82 -7.46
C6 PCW GA . 8.78 -8.81 -9.85
C7 PCW GA . 6.85 -7.87 -8.96
C8 PCW GA . 7.01 -10.15 -8.95
C11 PCW GA . 11.22 -5.80 -8.87
C12 PCW GA . 11.45 -4.43 -9.43
C13 PCW GA . 11.57 -3.43 -8.23
C14 PCW GA . 11.81 -1.97 -8.63
C15 PCW GA . 10.98 -0.90 -7.84
C16 PCW GA . 9.94 -0.21 -8.78
C17 PCW GA . 10.26 1.27 -9.24
C18 PCW GA . 9.57 2.32 -8.37
C19 PCW GA . 8.63 3.24 -9.18
C20 PCW GA . 8.54 4.60 -8.93
C21 PCW GA . 9.22 5.49 -7.95
C22 PCW GA . 10.29 6.30 -8.73
C23 PCW GA . 11.72 5.68 -8.86
C24 PCW GA . 12.48 5.46 -7.59
C25 PCW GA . 12.94 6.66 -6.71
C26 PCW GA . 12.86 6.49 -5.21
C27 PCW GA . 13.54 7.54 -4.32
C28 PCW GA . 12.75 7.75 -3.05
C31 PCW GA . 12.93 -6.05 -5.12
C32 PCW GA . 11.95 -5.21 -4.28
C33 PCW GA . 12.16 -3.63 -4.36
C34 PCW GA . 10.93 -2.83 -3.93
C35 PCW GA . 11.48 -1.71 -2.97
C36 PCW GA . 11.16 -1.99 -1.47
C37 PCW GA . 11.67 -0.91 -0.47
C38 PCW GA . 10.60 0.07 -0.10
C39 PCW GA . 11.07 1.11 0.88
C40 PCW GA . 10.31 1.92 1.61
C41 PCW GA . 8.79 1.91 1.59
C42 PCW GA . 8.29 3.42 1.62
C43 PCW GA . 8.01 4.08 2.95
C44 PCW GA . 7.56 5.50 2.66
C45 PCW GA . 8.48 6.58 3.16
C46 PCW GA . 8.73 7.66 2.14
C47 PCW GA . 8.96 9.06 2.69
C48 PCW GA . 9.20 10.07 1.55
N PCW GA . 7.81 -8.91 -8.74
O2 PCW GA . 12.22 -6.90 -5.86
O3 PCW GA . 12.42 -6.43 -8.68
O11 PCW GA . 10.14 -6.29 -8.64
O31 PCW GA . 14.19 -5.94 -5.09
O1P PCW GA . 11.33 -11.61 -5.57
O2P PCW GA . 10.35 -10.40 -3.61
O3P PCW GA . 12.34 -9.40 -4.89
O4P PCW GA . 10.06 -9.42 -5.79
P PCW GA . 10.99 -10.28 -4.94
C1 PCW HA . 5.39 -23.67 18.57
C2 PCW HA . 5.43 -23.56 20.14
C3 PCW HA . 6.71 -24.27 20.70
C4 PCW HA . 1.38 -21.43 18.78
C5 PCW HA . 0.89 -21.24 20.22
C6 PCW HA . -0.78 -23.15 20.45
C7 PCW HA . 0.55 -22.44 22.37
C8 PCW HA . -0.73 -21.46 21.46
C11 PCW HA . 6.27 -25.19 22.87
C12 PCW HA . 6.40 -24.88 24.34
C13 PCW HA . 7.71 -25.59 24.86
C14 PCW HA . 8.01 -25.37 26.36
C15 PCW HA . 8.38 -23.92 26.77
C16 PCW HA . 9.29 -23.92 28.05
C17 PCW HA . 8.72 -24.63 29.33
C18 PCW HA . 7.64 -23.81 30.05
C19 PCW HA . 6.37 -24.64 30.35
C20 PCW HA . 5.80 -24.70 31.62
C21 PCW HA . 6.16 -24.08 32.90
C22 PCW HA . 7.05 -25.10 33.66
C23 PCW HA . 8.13 -24.53 34.63
C24 PCW HA . 9.13 -23.58 34.04
C25 PCW HA . 10.64 -23.96 33.94
C26 PCW HA . 11.39 -24.07 35.26
C27 PCW HA . 11.99 -22.77 35.86
C28 PCW HA . 12.65 -23.08 37.18
C31 PCW HA . 4.49 -21.70 21.27
C32 PCW HA . 4.72 -20.21 21.60
C33 PCW HA . 5.36 -19.90 23.03
C34 PCW HA . 6.51 -20.84 23.38
C35 PCW HA . 7.73 -19.90 23.79
C36 PCW HA . 8.62 -20.54 24.88
C37 PCW HA . 9.84 -19.68 25.34
C38 PCW HA . 10.81 -20.46 26.16
C39 PCW HA . 11.99 -19.64 26.61
C40 PCW HA . 12.57 -19.66 27.82
C41 PCW HA . 12.12 -20.53 28.97
C42 PCW HA . 12.94 -20.11 30.27
C43 PCW HA . 12.22 -19.33 31.35
C44 PCW HA . 13.24 -19.07 32.46
C45 PCW HA . 13.35 -17.62 32.87
C46 PCW HA . 12.73 -17.33 34.21
C47 PCW HA . 13.17 -16.06 34.89
C48 PCW HA . 12.45 -15.88 36.23
N PCW HA . 0.35 -22.35 20.94
O2 PCW HA . 5.51 -22.12 20.54
O3 PCW HA . 6.74 -24.15 22.13
O11 PCW HA . 5.81 -26.21 22.42
O31 PCW HA . 3.48 -22.38 21.63
O1P PCW HA . 2.75 -22.23 16.32
O2P PCW HA . 2.86 -24.43 17.48
O3P PCW HA . 4.64 -22.63 17.92
O4P PCW HA . 2.36 -22.49 18.80
P PCW HA . 3.11 -22.97 17.57
C1 PCW IA . 42.58 -11.24 -12.04
C2 PCW IA . 43.05 -11.72 -10.61
C3 PCW IA . 44.41 -11.02 -10.23
C4 PCW IA . 38.49 -12.11 -14.47
C5 PCW IA . 38.09 -13.48 -15.02
C6 PCW IA . 37.33 -13.38 -17.31
C7 PCW IA . 38.51 -15.25 -16.58
C8 PCW IA . 39.70 -13.34 -16.90
C11 PCW IA . 45.66 -12.54 -8.85
C12 PCW IA . 45.96 -12.83 -7.41
C13 PCW IA . 44.85 -13.81 -6.87
C14 PCW IA . 45.00 -14.21 -5.41
C15 PCW IA . 44.37 -15.59 -5.03
C16 PCW IA . 45.45 -16.53 -4.36
C17 PCW IA . 45.47 -16.58 -2.79
C18 PCW IA . 46.33 -15.49 -2.16
C19 PCW IA . 45.49 -14.37 -1.49
C20 PCW IA . 45.90 -13.77 -0.30
C21 PCW IA . 47.07 -13.97 0.58
C22 PCW IA . 46.63 -14.93 1.72
C23 PCW IA . 47.03 -14.55 3.17
C24 PCW IA . 48.19 -15.30 3.76
C25 PCW IA . 49.62 -15.17 3.17
C26 PCW IA . 50.37 -13.88 3.44
C27 PCW IA . 50.40 -12.82 2.31
C28 PCW IA . 49.69 -11.56 2.75
C31 PCW IA . 41.48 -12.34 -8.95
C32 PCW IA . 40.46 -11.76 -7.93
C33 PCW IA . 39.33 -10.82 -8.55
C34 PCW IA . 39.34 -9.40 -7.99
C35 PCW IA . 40.73 -8.78 -8.44
C36 PCW IA . 40.70 -8.25 -9.90
C37 PCW IA . 42.04 -7.63 -10.41
C38 PCW IA . 42.51 -6.52 -9.54
C39 PCW IA . 43.79 -5.90 -10.01
C40 PCW IA . 44.63 -5.14 -9.31
C41 PCW IA . 44.41 -4.75 -7.86
C42 PCW IA . 44.74 -3.20 -7.70
C43 PCW IA . 43.75 -2.31 -6.99
C44 PCW IA . 44.34 -0.89 -6.99
C45 PCW IA . 43.98 -0.05 -5.79
C46 PCW IA . 44.93 -0.21 -4.64
C47 PCW IA . 45.92 0.93 -4.42
C48 PCW IA . 46.83 0.64 -3.23
N PCW IA . 38.40 -13.83 -16.38
O2 PCW IA . 42.05 -11.32 -9.59
O3 PCW IA . 44.83 -11.47 -8.93
O11 PCW IA . 46.09 -13.16 -9.79
O31 PCW IA . 41.72 -13.58 -9.12
O1P PCW IA . 41.34 -12.57 -14.41
O2P PCW IA . 40.81 -13.87 -12.35
O3P PCW IA . 41.15 -11.32 -12.24
O4P PCW IA . 39.16 -12.34 -13.20
P PCW IA . 40.65 -12.59 -13.09
C1 17F JA . 40.52 -21.38 -6.58
N1 17F JA . 42.33 -19.70 -7.01
O1 17F JA . 39.52 -19.50 -9.74
P1 17F JA . 39.54 -19.72 -8.24
C2 17F JA . 42.00 -21.12 -6.92
O2 17F JA . 38.09 -20.16 -8.26
C3 17F JA . 42.37 -21.81 -8.24
O3 17F JA . 39.69 -21.15 -7.68
C4 17F JA . 38.86 -18.73 -5.88
O4 17F JA . 42.89 -21.17 -9.24
C5 17F JA . 38.15 -17.54 -5.17
O5 17F JA . 42.18 -23.02 -8.40
C6 17F JA . 38.27 -17.71 -3.64
O6 17F JA . 38.88 -18.61 -7.31
C7 17F JA . 36.63 -16.90 -2.17
O7 17F JA . 37.64 -16.64 -2.95
C8 17F JA . 36.11 -15.56 -1.61
O8 17F JA . 36.10 -17.95 -1.90
C9 17F JA . 35.64 -14.58 -2.72
O9 17F JA . 38.64 -16.25 -5.60
C10 17F JA . 35.10 -13.19 -2.22
O10 17F JA . 40.87 -16.60 -6.07
C11 17F JA . 34.03 -12.53 -3.18
C12 17F JA . 33.52 -11.14 -2.64
C17 17F JA . 39.94 -16.09 -5.44
C18 17F JA . 40.26 -15.12 -4.32
C19 17F JA . 40.16 -13.63 -4.70
C20 17F JA . 41.24 -12.75 -3.97
C1X 17F JA . 32.49 -10.55 -3.60
C1Y 17F JA . 41.10 -11.26 -4.37
C1Z 17F JA . 42.47 -10.57 -4.33
C2X 17F JA . 31.94 -9.12 -3.10
C21 17F JA . 30.46 -9.23 -2.57
C22 17F JA . 29.95 -8.42 -1.71
C23 17F JA . 30.58 -7.27 -1.06
C24 17F JA . 29.76 -6.63 0.05
C25 17F JA . 30.38 -5.44 0.76
C26 17F JA . 29.60 -4.05 0.57
C27 17F JA . 30.23 -2.87 1.27
C28 17F JA . 29.32 -1.61 0.99
C29 17F JA . 28.47 -1.34 2.16
C30 17F JA . 27.56 -0.17 2.02
C31 17F JA . 42.81 -9.63 -5.55
C32 17F JA . 44.20 -8.95 -5.49
C33 17F JA . 44.79 -8.88 -6.89
C34 17F JA . 45.98 -8.35 -7.19
C35 17F JA . 46.96 -7.72 -6.23
C36 17F JA . 47.95 -6.72 -6.87
C37 17F JA . 47.70 -5.36 -6.33
C38 17F JA . 48.91 -4.68 -5.65
C39 17F JA . 48.56 -3.28 -5.10
C40 17F JA . 48.98 -2.20 -6.10
C41 17F JA . 50.10 -1.28 -5.46
C42 17F JA . 49.95 0.24 -5.55
C1 17F KA . 4.09 -12.30 -5.84
N1 17F KA . 2.75 -12.40 -7.95
O1 17F KA . 2.48 -9.99 -6.49
P1 17F KA . 3.98 -9.82 -6.34
C2 17F KA . 3.62 -13.13 -7.04
O2 17F KA . 4.66 -9.01 -7.42
C3 17F KA . 2.90 -14.40 -6.55
O3 17F KA . 4.75 -11.15 -6.25
C4 17F KA . 5.68 -8.78 -4.63
O4 17F KA . 1.70 -14.70 -6.92
C5 17F KA . 5.81 -8.04 -3.26
O5 17F KA . 3.45 -15.17 -5.78
C6 17F KA . 7.29 -7.81 -2.92
O6 17F KA . 4.33 -9.07 -4.99
C7 17F KA . 8.02 -5.98 -1.67
O7 17F KA . 7.45 -7.14 -1.68
C8 17F KA . 8.08 -5.49 -0.20
O8 17F KA . 8.45 -5.30 -2.57
C9 17F KA . 7.59 -4.03 -0.01
O9 17F KA . 5.07 -6.81 -3.24
C10 17F KA . 7.62 -3.49 1.46
O10 17F KA . 3.20 -7.82 -2.34
C11 17F KA . 8.93 -2.71 1.85
C12 17F KA . 8.90 -2.19 3.33
C17 17F KA . 4.00 -6.90 -2.47
C18 17F KA . 3.78 -5.62 -1.66
C19 17F KA . 4.21 -5.71 -0.18
C20 17F KA . 3.38 -4.74 0.73
C1X 17F KA . 10.19 -1.43 3.66
C1Y 17F KA . 3.84 -4.86 2.22
C1Z 17F KA . 2.63 -4.81 3.16
C2X 17F KA . 10.21 -0.88 5.17
C21 17F KA . 11.27 -1.61 6.05
C22 17F KA . 11.85 -1.09 7.09
C23 17F KA . 11.63 0.25 7.65
C24 17F KA . 12.42 0.53 8.93
C25 17F KA . 12.24 1.89 9.56
C26 17F KA . 12.83 3.13 8.73
C27 17F KA . 12.64 4.49 9.37
C28 17F KA . 13.28 5.56 8.42
C29 17F KA . 14.56 6.01 9.00
C30 17F KA . 15.27 7.05 8.18
C31 17F KA . 2.25 -6.15 3.87
C32 17F KA . 1.02 -6.07 4.82
C33 17F KA . -0.26 -5.96 3.99
C34 17F KA . -1.48 -5.87 4.49
C35 17F KA . -1.88 -5.87 5.94
C36 17F KA . -1.92 -4.46 6.61
C37 17F KA . -1.55 -4.60 8.05
C38 17F KA . -0.07 -4.28 8.37
C39 17F KA . 0.22 -4.45 9.88
C40 17F KA . 1.33 -5.51 10.09
C41 17F KA . 0.71 -6.97 10.10
C42 17F KA . 1.04 -7.92 8.93
C1 17F LA . 26.53 -14.19 -8.21
N1 17F LA . 25.46 -15.61 -9.97
O1 17F LA . 28.37 -14.70 -10.52
P1 17F LA . 28.74 -15.03 -9.10
C2 17F LA . 25.24 -14.76 -8.81
O2 17F LA . 29.55 -16.28 -8.90
C3 17F LA . 24.28 -13.62 -9.20
O3 17F LA . 27.52 -15.16 -8.15
C4 17F LA . 30.08 -14.00 -7.09
O4 17F LA . 23.81 -13.49 -10.38
C5 17F LA . 30.93 -12.79 -6.61
O5 17F LA . 23.95 -12.76 -8.37
C6 17F LA . 32.36 -12.88 -7.18
O6 17F LA . 29.62 -13.89 -8.43
C7 17F LA . 33.99 -11.26 -7.61
O7 17F LA . 33.16 -11.79 -6.76
C8 17F LA . 34.74 -10.12 -6.89
O8 17F LA . 34.22 -11.53 -8.76
C9 17F LA . 35.87 -10.63 -5.95
O9 17F LA . 30.32 -11.52 -6.93
C10 17F LA . 36.67 -9.52 -5.17
O10 17F LA . 29.39 -11.35 -4.83
C11 17F LA . 37.16 -9.96 -3.73
C12 17F LA . 37.95 -8.81 -3.01
C17 17F LA . 29.40 -11.18 -6.05
C18 17F LA . 28.23 -10.47 -6.70
C19 17F LA . 27.82 -9.15 -6.04
C20 17F LA . 28.79 -7.96 -6.41
C1X 17F LA . 38.41 -9.30 -1.62
C1Y 17F LA . 28.34 -6.64 -5.72
C1Z 17F LA . 29.38 -6.21 -4.68
C2X 17F LA . 39.21 -8.15 -0.83
C21 17F LA . 39.34 -8.47 0.70
C22 17F LA . 40.26 -7.99 1.47
C23 17F LA . 41.36 -7.08 1.11
C24 17F LA . 41.47 -5.84 1.97
C25 17F LA . 42.58 -4.87 1.63
C26 17F LA . 43.20 -4.05 2.87
C27 17F LA . 44.31 -3.09 2.50
C28 17F LA . 44.78 -2.38 3.82
C29 17F LA . 46.25 -2.20 3.77
C30 17F LA . 46.84 -1.53 4.97
C31 17F LA . 30.32 -5.02 -5.09
C32 17F LA . 31.37 -4.60 -4.01
C33 17F LA . 30.98 -3.23 -3.46
C34 17F LA . 31.67 -2.60 -2.52
C35 17F LA . 32.92 -3.07 -1.82
C36 17F LA . 33.86 -1.93 -1.31
C37 17F LA . 35.16 -2.03 -2.00
C38 17F LA . 36.29 -1.13 -1.42
C39 17F LA . 37.60 -1.29 -2.20
C40 17F LA . 37.86 -0.06 -3.08
C41 17F LA . 39.15 0.71 -2.60
C42 17F LA . 39.36 2.17 -3.03
C1 17F MA . 12.63 -4.37 -18.62
N1 17F MA . 10.68 -2.97 -19.33
O1 17F MA . 15.31 -3.03 -19.42
P1 17F MA . 14.94 -3.50 -18.03
C2 17F MA . 11.97 -3.53 -19.73
O2 17F MA . 15.49 -4.83 -17.59
C3 17F MA . 11.79 -4.39 -20.99
O3 17F MA . 13.41 -3.56 -17.80
C4 17F MA . 15.19 -2.69 -15.52
O4 17F MA . 10.64 -4.54 -21.56
C5 17F MA . 15.75 -1.55 -14.62
O5 17F MA . 12.74 -4.96 -21.50
C6 17F MA . 16.24 -2.13 -13.27
O6 17F MA . 15.43 -2.46 -16.92
C7 17F MA . 16.13 -0.86 -11.31
O7 17F MA . 16.75 -1.12 -12.42
C8 17F MA . 16.89 0.28 -10.60
O8 17F MA . 15.14 -1.35 -10.83
C9 17F MA . 17.65 -0.17 -9.33
O9 17F MA . 16.78 -0.78 -15.25
C10 17F MA . 18.44 0.95 -8.56
O10 17F MA . 15.46 0.99 -15.92
C11 17F MA . 19.51 0.42 -7.54
C12 17F MA . 20.26 1.60 -6.81
C17 17F MA . 16.44 0.49 -15.36
C18 17F MA . 17.45 1.40 -14.68
C19 17F MA . 17.71 2.73 -15.43
C20 17F MA . 17.07 3.97 -14.70
C1X 17F MA . 21.30 1.05 -5.82
C1Y 17F MA . 17.37 5.28 -15.48
C1Z 17F MA . 16.39 6.39 -15.06
C2X 17F MA . 22.09 2.22 -5.05
C21 17F MA . 23.39 1.71 -4.36
C22 17F MA . 24.51 1.50 -4.96
C23 17F MA . 24.81 1.70 -6.39
C24 17F MA . 26.08 1.00 -6.88
C25 17F MA . 26.43 1.18 -8.35
C26 17F MA . 26.82 2.67 -8.79
C27 17F MA . 27.16 2.83 -10.25
C28 17F MA . 27.51 4.35 -10.49
C29 17F MA . 26.39 4.98 -11.23
C30 17F MA . 26.59 6.44 -11.53
C31 17F MA . 17.03 7.66 -14.39
C32 17F MA . 16.02 8.76 -13.98
C33 17F MA . 16.59 9.57 -12.82
C34 17F MA . 15.99 10.59 -12.22
C35 17F MA . 14.64 11.17 -12.57
C36 17F MA . 13.72 11.44 -11.34
C37 17F MA . 13.86 12.86 -10.93
C38 17F MA . 14.13 13.08 -9.42
C39 17F MA . 14.26 14.57 -9.07
C40 17F MA . 14.21 14.77 -7.55
C41 17F MA . 13.71 16.24 -7.20
C42 17F MA . 14.58 17.12 -6.29
C1 17F NA . -4.08 -4.93 -8.75
N1 17F NA . -4.09 -7.25 -9.67
O1 17F NA . -6.19 -5.94 -7.05
P1 17F NA . -6.07 -4.44 -7.23
C2 17F NA . -4.68 -5.93 -9.76
O2 17F NA . -7.36 -3.70 -7.53
C3 17F NA . -4.54 -5.39 -11.19
O3 17F NA . -5.05 -4.02 -8.31
C4 17F NA . -5.34 -2.34 -5.80
O4 17F NA . -3.97 -6.07 -12.13
C5 17F NA . -4.82 -1.86 -4.42
O5 17F NA . -4.97 -4.28 -11.50
C6 17F NA . -3.35 -2.30 -4.23
O6 17F NA . -5.54 -3.75 -5.89
C7 17F NA . -2.07 -0.83 -2.90
O7 17F NA . -2.83 -1.89 -2.97
C8 17F NA . -1.65 -0.63 -1.43
O8 17F NA . -1.69 -0.09 -3.78
C9 17F NA . -2.47 0.46 -0.70
O9 17F NA . -4.98 -0.46 -4.23
C10 17F NA . -2.09 0.71 0.80
O10 17F NA . -6.20 -0.91 -2.32
C11 17F NA . -2.51 2.12 1.36
C12 17F NA . -2.09 2.31 2.87
C17 17F NA . -5.76 -0.17 -3.21
C18 17F NA . -6.14 1.30 -3.19
C19 17F NA . -5.04 2.24 -2.64
C20 17F NA . -5.58 3.20 -1.51
C1X 17F NA . -2.52 3.70 3.38
C1Y 17F NA . -4.45 4.12 -0.99
C1Z 17F NA . -4.46 5.48 -1.72
C2X 17F NA . -2.11 3.93 4.92
C21 17F NA . -2.57 5.32 5.46
C22 17F NA . -1.76 6.27 5.82
C23 17F NA . -0.29 6.25 5.82
C24 17F NA . 0.35 6.67 7.13
C25 17F NA . 1.88 6.66 7.16
C26 17F NA . 2.57 8.11 7.23
C27 17F NA . 4.08 8.09 7.26
C28 17F NA . 4.58 9.57 7.31
C29 17F NA . 5.80 9.70 6.51
C30 17F NA . 6.39 11.08 6.47
C31 17F NA . -3.32 6.49 -1.34
C32 17F NA . -3.37 7.85 -2.10
C33 17F NA . -2.27 7.90 -3.14
C34 17F NA . -2.04 8.92 -3.96
C35 17F NA . -2.80 10.22 -4.02
C36 17F NA . -1.98 11.48 -3.60
C37 17F NA . -2.89 12.65 -3.53
C38 17F NA . -2.32 13.89 -2.80
C39 17F NA . -3.32 15.04 -2.76
C40 17F NA . -3.24 15.79 -1.43
C41 17F NA . -4.41 15.34 -0.47
C42 17F NA . -5.32 16.41 0.14
C1 17F OA . 27.62 -9.79 -15.17
N1 17F OA . 27.19 -11.91 -13.89
O1 17F OA . 26.70 -7.10 -13.42
P1 17F OA . 27.75 -7.36 -14.48
C2 17F OA . 26.69 -10.59 -14.23
O2 17F OA . 27.35 -7.05 -15.90
C3 17F OA . 25.30 -10.72 -14.88
O3 17F OA . 28.30 -8.80 -14.46
C4 17F OA . 30.18 -6.55 -15.10
O4 17F OA . 24.73 -11.87 -15.05
C5 17F OA . 31.36 -5.62 -14.68
O5 17F OA . 24.67 -9.73 -15.25
C6 17F OA . 32.13 -5.18 -15.95
O6 17F OA . 29.05 -6.48 -14.23
C7 17F OA . 33.36 -3.25 -16.34
O7 17F OA . 33.21 -4.31 -15.65
C8 17F OA . 34.61 -2.50 -15.81
O8 17F OA . 32.72 -2.81 -17.27
C9 17F OA . 35.82 -2.56 -16.78
O9 17F OA . 30.93 -4.49 -13.91
C10 17F OA . 37.12 -1.82 -16.29
O10 17F OA . 30.82 -5.55 -11.86
C11 17F OA . 37.95 -1.14 -17.45
C12 17F OA . 39.24 -0.43 -16.90
C17 17F OA . 31.17 -4.64 -12.63
C18 17F OA . 31.99 -3.49 -12.07
C19 17F OA . 33.51 -3.58 -12.37
C20 17F OA . 34.27 -2.27 -11.96
C1X 17F OA . 40.02 0.23 -18.05
C1Y 17F OA . 35.79 -2.39 -12.28
C1Z 17F OA . 36.59 -1.33 -11.52
C2X 17F OA . 41.34 0.96 -17.54
C21 17F OA . 42.57 0.01 -17.49
C22 17F OA . 43.77 0.36 -17.15
C23 17F OA . 44.23 1.71 -16.77
C24 17F OA . 45.26 2.32 -17.71
C25 17F OA . 45.76 3.71 -17.35
C26 17F OA . 47.06 3.76 -16.40
C27 17F OA . 47.54 5.16 -16.06
C28 17F OA . 48.81 5.00 -15.14
C29 17F OA . 48.47 5.52 -13.79
C30 17F OA . 49.59 5.45 -12.79
C31 17F OA . 37.75 -0.63 -12.32
C32 17F OA . 38.54 0.44 -11.53
C33 17F OA . 40.02 0.05 -11.48
C34 17F OA . 40.97 0.74 -10.88
C35 17F OA . 40.81 2.05 -10.13
C36 17F OA . 41.32 3.29 -10.91
C37 17F OA . 41.55 4.40 -9.95
C38 17F OA . 42.64 5.41 -10.38
C39 17F OA . 42.84 6.52 -9.33
C40 17F OA . 42.90 7.89 -10.01
C41 17F OA . 41.85 8.88 -9.37
C42 17F OA . 42.02 10.39 -9.57
C1 17F PA . 20.78 -26.62 9.78
N1 17F PA . 22.34 -27.95 11.22
O1 17F PA . 20.57 -24.44 7.72
P1 17F PA . 21.90 -25.02 8.16
C2 17F PA . 21.42 -26.83 11.16
O2 17F PA . 22.95 -25.15 7.08
C3 17F PA . 20.31 -27.02 12.22
O3 17F PA . 21.76 -26.42 8.81
C4 17F PA . 23.83 -24.48 9.86
O4 17F PA . 20.28 -28.04 13.01
C5 17F PA . 24.29 -23.48 10.96
O5 17F PA . 19.42 -26.18 12.35
C6 17F PA . 25.82 -23.25 10.82
O6 17F PA . 22.56 -24.13 9.29
C7 17F PA . 27.52 -21.93 11.72
O7 17F PA . 26.30 -22.35 11.81
C8 17F PA . 27.80 -20.99 12.92
O8 17F PA . 28.38 -22.17 10.90
C9 17F PA . 26.95 -19.69 12.90
O9 17F PA . 23.58 -22.24 10.93
C10 17F PA . 27.19 -18.70 14.09
O10 17F PA . 21.65 -23.02 11.95
C11 17F PA . 27.79 -17.30 13.66
C12 17F PA . 28.01 -16.35 14.89
C17 17F PA . 22.59 -22.22 11.80
C18 17F PA . 22.67 -21.01 12.71
C19 17F PA . 22.90 -21.35 14.21
C20 17F PA . 24.40 -21.68 14.53
C1X 17F PA . 28.59 -15.00 14.43
C1Y 17F PA . 24.58 -22.01 16.03
C1Z 17F PA . 26.06 -22.28 16.35
C2X 17F PA . 28.85 -13.99 15.65
C21 17F PA . 30.36 -13.74 15.89
C22 17F PA . 30.88 -13.42 17.03
C23 17F PA . 30.18 -13.24 18.31
C24 17F PA . 30.75 -12.14 19.19
C25 17F PA . 30.06 -11.91 20.52
C26 17F PA . 29.38 -10.47 20.72
C27 17F PA . 28.70 -10.26 22.05
C28 17F PA . 28.11 -8.81 22.05
C29 17F PA . 28.43 -8.15 23.33
C30 17F PA . 27.92 -6.75 23.47
C31 17F PA . 26.84 -21.15 17.12
C32 17F PA . 28.33 -21.47 17.43
C33 17F PA . 29.01 -20.20 17.96
C34 17F PA . 30.28 -20.13 18.32
C35 17F PA . 31.31 -21.23 18.28
C36 17F PA . 32.79 -20.76 18.33
C37 17F PA . 33.59 -21.60 17.41
C38 17F PA . 35.11 -21.35 17.46
C39 17F PA . 35.87 -22.26 16.48
C40 17F PA . 36.97 -21.47 15.76
C41 17F PA . 37.27 -22.09 14.33
C42 17F PA . 36.92 -21.28 13.09
C1 17F QA . 14.24 -10.35 -11.24
N1 17F QA . 13.09 -10.42 -13.46
O1 17F QA . 16.94 -10.76 -13.11
P1 17F QA . 16.66 -10.99 -11.64
C2 17F QA . 12.97 -10.68 -12.04
O2 17F QA . 17.48 -12.07 -10.96
C3 17F QA . 11.79 -9.88 -11.47
O3 17F QA . 15.18 -11.37 -11.37
C4 17F QA . 16.70 -9.67 -9.36
O4 17F QA . 11.06 -9.10 -12.21
C5 17F QA . 16.95 -8.28 -8.69
O5 17F QA . 11.49 -9.94 -10.28
C6 17F QA . 16.71 -7.15 -9.73
O6 17F QA . 16.89 -9.67 -10.77
C7 17F QA . 15.96 -4.98 -9.28
O7 17F QA . 16.91 -5.86 -9.17
C8 17F QA . 16.41 -3.69 -8.58
O8 17F QA . 14.88 -5.07 -9.81
C9 17F QA . 15.46 -3.27 -7.42
O9 17F QA . 16.15 -8.08 -7.53
C10 17F QA . 15.84 -1.95 -6.65
O10 17F QA . 17.55 -6.90 -6.11
C11 17F QA . 14.74 -0.84 -6.68
C12 17F QA . 15.18 0.46 -5.90
C17 17F QA . 16.89 -7.90 -6.45
C18 17F QA . 16.88 -9.12 -5.54
C19 17F QA . 17.35 -8.87 -4.09
C20 17F QA . 16.48 -9.63 -3.04
C1X 17F QA . 14.07 1.52 -5.97
C1Y 17F QA . 16.99 -9.37 -1.60
C1Z 17F QA . 15.82 -9.05 -0.66
C2X 17F QA . 14.46 2.85 -5.18
C21 17F QA . 14.09 2.79 -3.67
C22 17F QA . 14.61 3.54 -2.75
C23 17F QA . 15.63 4.58 -2.91
C24 17F QA . 16.90 4.35 -2.11
C25 17F QA . 18.00 5.39 -2.25
C26 17F QA . 18.22 6.35 -0.98
C27 17F QA . 19.31 7.38 -1.15
C28 17F QA . 19.37 8.21 0.18
C29 17F QA . 20.78 8.33 0.60
C30 17F QA . 21.00 9.12 1.87
C31 17F QA . 15.63 -7.55 -0.25
C32 17F QA . 14.45 -7.26 0.71
C33 17F QA . 13.50 -6.28 0.05
C34 17F QA . 12.38 -5.82 0.61
C35 17F QA . 11.83 -6.15 1.97
C36 17F QA . 12.74 -5.71 3.17
C37 17F QA . 12.76 -4.23 3.24
C38 17F QA . 14.14 -3.63 3.62
C39 17F QA . 14.10 -2.08 3.67
C40 17F QA . 15.37 -1.49 3.07
C41 17F QA . 16.41 -1.11 4.21
C42 17F QA . 17.61 -0.22 3.86
C1 PCW RA . 43.11 6.24 20.12
C2 PCW RA . 44.08 5.02 19.88
C3 PCW RA . 43.63 3.78 20.74
C4 PCW RA . 44.77 9.33 17.00
C5 PCW RA . 46.25 9.67 17.20
C6 PCW RA . 48.08 10.65 15.72
C7 PCW RA . 46.51 12.11 16.90
C8 PCW RA . 47.76 10.96 17.63
C11 PCW RA . 44.72 1.79 21.53
C12 PCW RA . 45.71 0.75 21.11
C13 PCW RA . 44.92 -0.43 20.43
C14 PCW RA . 45.78 -1.59 19.93
C15 PCW RA . 45.01 -2.87 19.49
C16 PCW RA . 45.07 -3.97 20.61
C17 PCW RA . 43.83 -4.92 20.76
C18 PCW RA . 44.15 -6.38 20.47
C19 PCW RA . 44.12 -6.69 18.95
C20 PCW RA . 44.81 -7.77 18.41
C21 PCW RA . 45.68 -8.81 19.01
C22 PCW RA . 44.84 -10.13 19.05
C23 PCW RA . 45.63 -11.47 19.08
C24 PCW RA . 46.19 -11.88 20.41
C25 PCW RA . 46.78 -13.31 20.61
C26 PCW RA . 45.92 -14.29 21.38
C27 PCW RA . 45.79 -15.74 20.83
C28 PCW RA . 46.40 -16.71 21.79
C31 PCW RA . 44.91 5.21 17.67
C32 PCW RA . 44.73 4.67 16.23
C33 PCW RA . 45.83 3.60 15.76
C34 PCW RA . 45.90 2.36 16.67
C35 PCW RA . 46.93 1.39 15.97
C36 PCW RA . 46.56 -0.09 16.17
C37 PCW RA . 47.53 -1.13 15.51
C38 PCW RA . 47.45 -2.48 16.16
C39 PCW RA . 48.38 -3.48 15.54
C40 PCW RA . 48.11 -4.75 15.26
C41 PCW RA . 46.77 -5.42 15.53
C42 PCW RA . 46.13 -5.84 14.13
C43 PCW RA . 44.87 -6.69 14.14
C44 PCW RA . 44.50 -6.94 12.67
C45 PCW RA . 44.51 -8.39 12.26
C46 PCW RA . 44.29 -8.59 10.77
C47 PCW RA . 44.35 -10.01 10.27
C48 PCW RA . 44.11 -10.08 8.76
N PCW RA . 46.82 10.76 16.49
O2 PCW RA . 44.02 4.60 18.45
O3 PCW RA . 44.53 2.68 20.52
O11 PCW RA . 44.18 1.84 22.61
O31 PCW RA . 45.75 6.09 18.02
O1P PCW RA . 42.59 7.51 17.60
O2P PCW RA . 41.96 9.29 19.23
O3P PCW RA . 43.71 7.52 19.87
O4P PCW RA . 44.16 9.34 18.32
P PCW RA . 43.02 8.41 18.72
C1 PCW SA . 32.82 13.62 19.24
C2 PCW SA . 32.92 12.07 19.58
C3 PCW SA . 32.31 11.23 18.40
C4 PCW SA . 32.09 12.92 23.36
C5 PCW SA . 31.06 11.79 23.32
C6 PCW SA . 32.31 9.87 24.46
C7 PCW SA . 29.89 10.14 24.75
C8 PCW SA . 30.80 9.77 23.18
C11 PCW SA . 31.44 9.27 19.52
C12 PCW SA . 31.73 7.81 19.71
C13 PCW SA . 32.77 7.66 20.89
C14 PCW SA . 33.18 6.23 21.23
C15 PCW SA . 34.66 5.85 20.91
C16 PCW SA . 34.72 4.77 19.77
C17 PCW SA . 36.01 3.88 19.69
C18 PCW SA . 35.77 2.52 19.05
C19 PCW SA . 35.27 1.45 20.06
C20 PCW SA . 35.79 0.16 20.08
C21 PCW SA . 36.83 -0.51 19.28
C22 PCW SA . 38.18 -0.31 20.03
C23 PCW SA . 39.21 -1.47 19.99
C24 PCW SA . 40.35 -1.34 19.03
C25 PCW SA . 41.39 -2.48 18.84
C26 PCW SA . 41.14 -3.42 17.68
C27 PCW SA . 41.55 -2.97 16.27
C28 PCW SA . 42.80 -3.68 15.84
C31 PCW SA . 34.63 11.06 20.88
C32 PCW SA . 36.12 10.70 20.88
C33 PCW SA . 36.51 9.31 20.20
C34 PCW SA . 37.01 9.46 18.77
C35 PCW SA . 37.41 7.99 18.31
C36 PCW SA . 37.96 7.95 16.86
C37 PCW SA . 38.38 6.54 16.35
C38 PCW SA . 37.75 6.21 15.04
C39 PCW SA . 38.14 4.85 14.54
C40 PCW SA . 37.33 3.85 14.19
C41 PCW SA . 35.80 3.94 14.25
C42 PCW SA . 35.30 2.87 15.32
C43 PCW SA . 34.08 2.04 14.97
C44 PCW SA . 33.82 1.12 16.16
C45 PCW SA . 33.82 -0.36 15.85
C46 PCW SA . 33.22 -1.20 16.93
C47 PCW SA . 33.82 -2.58 17.12
C48 PCW SA . 33.11 -3.33 18.26
N PCW SA . 31.12 10.74 24.28
O2 PCW SA . 34.34 11.67 19.73
O3 PCW SA . 32.41 9.82 18.73
O11 PCW SA . 30.50 9.86 19.99
O31 PCW SA . 33.81 10.80 21.80
O1P PCW SA . 33.93 14.34 21.62
O2P PCW SA . 32.28 16.19 21.86
O3P PCW SA . 31.92 14.35 20.10
O4P PCW SA . 31.59 13.97 22.48
P PCW SA . 32.50 14.76 21.55
C1 PCW TA . 23.44 23.61 16.77
C2 PCW TA . 23.59 22.46 15.70
C3 PCW TA . 25.05 21.88 15.73
C4 PCW TA . 23.05 21.52 20.70
C5 PCW TA . 22.60 20.14 20.23
C6 PCW TA . 24.82 19.09 19.56
C7 PCW TA . 23.01 17.70 20.45
C8 PCW TA . 23.04 18.66 18.87
C11 PCW TA . 25.16 19.54 15.18
C12 PCW TA . 25.30 18.62 14.00
C13 PCW TA . 26.82 18.40 13.72
C14 PCW TA . 27.15 17.48 12.54
C15 PCW TA . 26.69 16.01 12.68
C16 PCW TA . 27.32 15.13 11.54
C17 PCW TA . 26.36 14.16 10.77
C18 PCW TA . 25.52 14.85 9.70
C19 PCW TA . 25.79 14.31 8.27
C20 PCW TA . 24.77 13.95 7.40
C21 PCW TA . 23.29 13.95 7.53
C22 PCW TA . 22.71 13.64 6.12
C23 PCW TA . 22.21 12.19 5.86
C24 PCW TA . 22.99 11.36 4.89
C25 PCW TA . 23.96 10.25 5.40
C26 PCW TA . 24.04 8.99 4.55
C27 PCW TA . 23.55 7.67 5.17
C28 PCW TA . 22.95 6.78 4.11
C31 PCW TA . 21.53 21.33 15.33
C32 PCW TA . 20.68 20.12 15.77
C33 PCW TA . 20.05 20.23 17.24
C34 PCW TA . 19.07 19.10 17.56
C35 PCW TA . 19.93 17.78 17.55
C36 PCW TA . 19.43 16.76 16.50
C37 PCW TA . 20.23 15.44 16.42
C38 PCW TA . 21.55 15.63 15.74
C39 PCW TA . 22.35 14.36 15.64
C40 PCW TA . 22.34 13.49 14.63
C41 PCW TA . 21.50 13.64 13.37
C42 PCW TA . 22.28 14.60 12.37
C43 PCW TA . 21.67 15.97 12.06
C44 PCW TA . 22.60 16.67 11.09
C45 PCW TA . 22.01 16.98 9.74
C46 PCW TA . 22.96 17.67 8.81
C47 PCW TA . 22.37 18.73 7.91
C48 PCW TA . 23.44 19.34 7.00
N PCW TA . 23.52 19.05 20.23
O2 PCW TA . 22.67 21.33 16.03
O3 PCW TA . 25.18 20.84 14.75
O11 PCW TA . 25.04 19.20 16.33
O31 PCW TA . 21.19 22.17 14.45
O1P PCW TA . 24.29 23.79 19.36
O2P PCW TA . 22.09 24.88 19.81
O3P PCW TA . 22.39 23.39 17.75
O4P PCW TA . 22.22 22.48 20.00
P PCW TA . 22.80 23.69 19.28
C1 PCW UA . 44.61 15.09 11.07
C2 PCW UA . 45.69 14.43 10.12
C3 PCW UA . 46.13 13.05 10.71
C4 PCW UA . 45.65 17.56 13.48
C5 PCW UA . 46.38 18.91 13.41
C6 PCW UA . 48.90 18.61 13.60
C7 PCW UA . 47.93 19.86 11.72
C8 PCW UA . 47.88 20.29 13.51
C11 PCW UA . 47.75 11.32 10.30
C12 PCW UA . 48.72 10.84 9.27
C13 PCW UA . 49.97 11.81 9.29
C14 PCW UA . 51.08 11.47 8.28
C15 PCW UA . 50.63 11.35 6.79
C16 PCW UA . 51.77 11.84 5.82
C17 PCW UA . 52.78 10.76 5.30
C18 PCW UA . 52.21 9.88 4.19
C19 PCW UA . 52.22 10.57 2.80
C20 PCW UA . 51.37 10.19 1.78
C21 PCW UA . 50.34 9.14 1.67
C22 PCW UA . 50.82 8.14 0.58
C23 PCW UA . 50.74 8.61 -0.90
C24 PCW UA . 51.35 7.72 -1.93
C25 PCW UA . 50.48 6.73 -2.74
C26 PCW UA . 50.65 5.25 -2.44
C27 PCW UA . 49.63 4.58 -1.51
C28 PCW UA . 50.11 3.20 -1.13
C31 PCW UA . 45.40 15.09 7.85
C32 PCW UA . 44.73 14.68 6.53
C33 PCW UA . 43.23 15.23 6.31
C34 PCW UA . 42.26 14.79 7.41
C35 PCW UA . 42.17 13.21 7.30
C36 PCW UA . 40.89 12.64 7.94
C37 PCW UA . 40.74 11.08 7.87
C38 PCW UA . 40.37 10.61 6.50
C39 PCW UA . 40.22 9.11 6.42
C40 PCW UA . 40.32 8.34 5.33
C41 PCW UA . 40.63 8.88 3.94
C42 PCW UA . 40.72 7.63 2.94
C43 PCW UA . 41.41 7.83 1.60
C44 PCW UA . 41.35 6.51 0.87
C45 PCW UA . 42.31 6.37 -0.28
C46 PCW UA . 41.65 5.92 -1.56
C47 PCW UA . 42.55 5.80 -2.77
C48 PCW UA . 41.76 5.35 -4.01
N PCW UA . 47.69 18.97 12.84
O2 PCW UA . 45.09 14.17 8.78
O3 PCW UA . 47.11 12.44 9.84
O11 PCW UA . 47.56 10.81 11.37
O31 PCW UA . 46.11 16.11 8.03
O1P PCW UA . 46.16 17.65 10.65
O2P PCW UA . 43.99 18.88 10.59
O3P PCW UA . 44.02 16.31 10.56
O4P PCW UA . 44.54 17.62 12.55
P PCW UA . 44.72 17.67 11.04
C1 PCW VA . 18.69 22.99 19.10
C2 PCW VA . 17.94 21.92 19.98
C3 PCW VA . 18.97 21.13 20.86
C4 PCW VA . 19.10 26.37 17.18
C5 PCW VA . 19.82 25.49 16.15
C6 PCW VA . 19.16 24.50 13.89
C7 PCW VA . 20.08 26.76 14.04
C8 PCW VA . 20.92 25.18 14.46
C11 PCW VA . 18.73 18.88 21.65
C12 PCW VA . 17.85 18.04 22.53
C13 PCW VA . 16.54 17.70 21.74
C14 PCW VA . 15.52 16.83 22.51
C15 PCW VA . 14.65 15.88 21.64
C16 PCW VA . 13.63 16.69 20.77
C17 PCW VA . 12.13 16.22 20.79
C18 PCW VA . 11.44 16.31 19.44
C19 PCW VA . 11.80 15.15 18.48
C20 PCW VA . 10.83 14.40 17.83
C21 PCW VA . 9.36 14.45 17.83
C22 PCW VA . 8.85 13.02 17.48
C23 PCW VA . 7.35 12.85 17.18
C24 PCW VA . 6.80 11.45 17.21
C25 PCW VA . 6.61 10.62 15.91
C26 PCW VA . 5.90 9.29 16.04
C27 PCW VA . 6.39 8.12 15.16
C28 PCW VA . 5.69 6.84 15.56
C31 PCW VA . 15.74 22.68 20.46
C32 PCW VA . 14.89 23.39 21.52
C33 PCW VA . 13.75 22.48 22.20
C34 PCW VA . 14.26 21.11 22.66
C35 PCW VA . 14.27 21.16 24.24
C36 PCW VA . 15.21 20.10 24.87
C37 PCW VA . 15.28 20.09 26.43
C38 PCW VA . 13.95 19.80 27.04
C39 PCW VA . 13.99 19.78 28.55
C40 PCW VA . 12.97 20.02 29.37
C41 PCW VA . 11.55 20.34 28.92
C42 PCW VA . 10.93 19.04 28.23
C43 PCW VA . 10.06 18.11 29.06
C44 PCW VA . 9.62 16.98 28.14
C45 PCW VA . 8.77 15.92 28.78
C46 PCW VA . 7.35 16.34 29.06
C47 PCW VA . 6.35 16.16 27.93
C48 PCW VA . 4.96 16.64 28.36
N PCW VA . 19.54 25.64 14.76
O2 PCW VA . 16.99 22.60 20.91
O3 PCW VA . 18.26 20.15 21.64
O11 PCW VA . 19.69 18.49 21.05
O31 PCW VA . 15.33 22.24 19.34
O1P PCW VA . 17.31 25.45 19.24
O2P PCW VA . 19.01 26.43 20.77
O3P PCW VA . 19.32 24.04 19.87
O4P PCW VA . 19.63 26.03 18.49
P PCW VA . 18.75 25.53 19.63
C1 PCW WA . 16.57 30.51 -2.07
C2 PCW WA . 16.45 29.05 -2.65
C3 PCW WA . 17.42 28.87 -3.86
C4 PCW WA . 16.43 33.09 1.78
C5 PCW WA . 15.23 33.91 1.31
C6 PCW WA . 14.37 36.31 1.22
C7 PCW WA . 16.32 35.63 -0.11
C8 PCW WA . 14.58 35.05 -0.27
C11 PCW WA . 18.33 27.02 -5.10
C12 PCW WA . 17.99 25.62 -5.53
C13 PCW WA . 17.54 25.66 -7.03
C14 PCW WA . 17.16 24.31 -7.63
C15 PCW WA . 15.65 24.15 -8.01
C16 PCW WA . 15.47 24.10 -9.58
C17 PCW WA . 16.00 25.32 -10.40
C18 PCW WA . 14.96 26.41 -10.61
C19 PCW WA . 14.97 26.98 -12.05
C20 PCW WA . 13.98 27.82 -12.53
C21 PCW WA . 12.74 28.38 -11.92
C22 PCW WA . 12.75 29.91 -12.18
C23 PCW WA . 11.63 30.48 -13.08
C24 PCW WA . 11.95 30.67 -14.53
C25 PCW WA . 10.87 30.38 -15.63
C26 PCW WA . 9.86 31.48 -15.87
C27 PCW WA . 8.36 31.10 -15.85
C28 PCW WA . 7.61 32.00 -14.90
C31 PCW WA . 16.11 26.95 -1.60
C32 PCW WA . 16.64 26.04 -0.48
C33 PCW WA . 16.95 24.52 -0.91
C34 PCW WA . 16.83 23.53 0.24
C35 PCW WA . 15.33 23.01 0.23
C36 PCW WA . 15.21 21.51 -0.12
C37 PCW WA . 13.76 20.93 -0.15
C38 PCW WA . 13.61 19.87 -1.19
C39 PCW WA . 12.22 19.29 -1.24
C40 PCW WA . 11.86 18.13 -1.79
C41 PCW WA . 12.82 17.18 -2.47
C42 PCW WA . 11.96 16.03 -3.20
C43 PCW WA . 12.59 14.66 -3.34
C44 PCW WA . 11.57 13.79 -4.05
C45 PCW WA . 12.07 12.44 -4.49
C46 PCW WA . 11.78 12.13 -5.93
C47 PCW WA . 11.78 10.67 -6.32
C48 PCW WA . 11.48 10.48 -7.81
N PCW WA . 15.40 35.29 0.95
O2 PCW WA . 16.85 28.06 -1.60
O3 PCW WA . 17.31 27.53 -4.37
O11 PCW WA . 19.36 27.59 -5.35
O31 PCW WA . 15.14 26.68 -2.38
O1P PCW WA . 16.37 30.18 1.66
O2P PCW WA . 18.33 30.51 0.15
O3P PCW WA . 15.94 30.68 -0.78
O4P PCW WA . 16.94 32.41 0.61
P PCW WA . 16.95 30.90 0.46
C1 PCW XA . 9.49 32.23 9.97
C2 PCW XA . 8.38 31.13 9.73
C3 PCW XA . 7.08 31.78 9.15
C4 PCW XA . 12.72 30.05 12.93
C5 PCW XA . 12.50 29.25 14.21
C6 PCW XA . 14.70 29.65 15.13
C7 PCW XA . 14.24 27.59 14.12
C8 PCW XA . 13.31 27.98 16.17
C11 PCW XA . 5.31 30.40 10.01
C12 PCW XA . 4.36 29.32 9.58
C13 PCW XA . 2.91 29.93 9.56
C14 PCW XA . 1.81 28.96 9.14
C15 PCW XA . 0.94 29.39 7.92
C16 PCW XA . 0.16 28.17 7.33
C17 PCW XA . -1.40 28.25 7.29
C18 PCW XA . -2.04 28.21 8.68
C19 PCW XA . -2.14 26.78 9.27
C20 PCW XA . -2.99 25.81 8.74
C21 PCW XA . -3.96 25.83 7.62
C22 PCW XA . -5.36 25.57 8.22
C23 PCW XA . -6.53 25.34 7.23
C24 PCW XA . -7.82 24.85 7.83
C25 PCW XA . -9.01 24.42 6.91
C26 PCW XA . -10.04 25.49 6.60
C27 PCW XA . -11.22 25.10 5.68
C28 PCW XA . -12.53 25.41 6.38
C31 PCW XA . 9.18 28.95 9.26
C32 PCW XA . 9.66 28.04 8.11
C33 PCW XA . 8.49 27.42 7.20
C34 PCW XA . 9.00 26.71 5.95
C35 PCW XA . 8.73 27.68 4.74
C36 PCW XA . 9.38 27.20 3.43
C37 PCW XA . 9.15 28.12 2.19
C38 PCW XA . 8.62 27.37 1.01
C39 PCW XA . 8.40 28.24 -0.19
C40 PCW XA . 7.43 28.15 -1.09
C41 PCW XA . 6.34 27.08 -1.06
C42 PCW XA . 5.28 27.43 -2.20
C43 PCW XA . 3.81 27.16 -1.92
C44 PCW XA . 3.05 27.57 -3.17
C45 PCW XA . 1.77 26.82 -3.42
C46 PCW XA . 1.90 25.70 -4.42
C47 PCW XA . 0.73 24.75 -4.53
C48 PCW XA . 1.00 23.67 -5.58
N PCW XA . 13.63 28.65 14.88
O2 PCW XA . 8.87 30.13 8.73
O3 PCW XA . 6.09 30.76 8.95
O11 PCW XA . 5.39 30.86 11.11
O31 PCW XA . 9.11 28.63 10.49
O1P PCW XA . 11.86 32.78 12.47
O2P PCW XA . 9.57 31.80 12.80
O3P PCW XA . 10.73 31.70 10.49
O4P PCW XA . 11.40 30.31 12.37
P PCW XA . 10.88 31.71 12.09
C1 PCW YA . 42.31 -6.58 35.74
C2 PCW YA . 41.93 -8.05 35.29
C3 PCW YA . 43.23 -8.84 34.89
C4 PCW YA . 42.65 -4.00 32.75
C5 PCW YA . 42.15 -5.22 31.97
C6 PCW YA . 40.93 -6.32 30.20
C7 PCW YA . 41.47 -4.05 30.00
C8 PCW YA . 39.81 -4.60 31.47
C11 PCW YA . 43.74 -10.86 33.70
C12 PCW YA . 43.18 -12.23 33.41
C13 PCW YA . 43.19 -12.44 31.85
C14 PCW YA . 42.63 -13.78 31.37
C15 PCW YA . 41.92 -13.78 29.99
C16 PCW YA . 41.93 -15.20 29.35
C17 PCW YA . 43.32 -15.78 28.90
C18 PCW YA . 43.71 -17.05 29.64
C19 PCW YA . 44.41 -18.08 28.73
C20 PCW YA . 44.01 -19.41 28.67
C21 PCW YA . 42.95 -20.17 29.38
C22 PCW YA . 41.71 -20.20 28.44
C23 PCW YA . 40.36 -20.69 29.03
C24 PCW YA . 39.14 -19.94 28.63
C25 PCW YA . 38.04 -20.61 27.74
C26 PCW YA . 36.95 -19.69 27.22
C27 PCW YA . 36.80 -19.55 25.68
C28 PCW YA . 35.64 -20.38 25.20
C31 PCW YA . 39.98 -8.68 36.47
C32 PCW YA . 39.48 -9.48 37.68
C33 PCW YA . 38.12 -10.30 37.46
C34 PCW YA . 36.94 -9.73 38.22
C35 PCW YA . 35.92 -10.93 38.40
C36 PCW YA . 34.59 -10.70 37.65
C37 PCW YA . 33.55 -11.86 37.79
C38 PCW YA . 32.33 -11.43 38.55
C39 PCW YA . 31.32 -12.53 38.68
C40 PCW YA . 30.25 -12.75 37.92
C41 PCW YA . 29.86 -11.89 36.72
C42 PCW YA . 30.33 -12.64 35.40
C43 PCW YA . 31.07 -11.84 34.34
C44 PCW YA . 31.38 -12.81 33.21
C45 PCW YA . 32.25 -12.25 32.11
C46 PCW YA . 32.69 -13.28 31.11
C47 PCW YA . 33.24 -12.75 29.79
C48 PCW YA . 33.65 -13.91 28.87
N PCW YA . 41.14 -5.06 30.96
O2 PCW YA . 41.31 -8.78 36.43
O3 PCW YA . 42.86 -10.17 34.48
O11 PCW YA . 44.80 -10.45 33.32
O31 PCW YA . 39.25 -8.05 35.65
O1P PCW YA . 40.46 -3.47 34.56
O2P PCW YA . 42.27 -3.39 36.28
O3P PCW YA . 41.24 -5.63 35.56
O4P PCW YA . 42.77 -4.39 34.14
P PCW YA . 41.66 -4.14 35.15
C1 PCW ZA . 7.31 18.29 25.29
C2 PCW ZA . 7.87 18.66 23.85
C3 PCW ZA . 9.29 18.04 23.64
C4 PCW ZA . 4.57 20.91 28.35
C5 PCW ZA . 4.62 22.33 28.90
C6 PCW ZA . 3.33 22.95 31.01
C7 PCW ZA . 5.79 22.87 31.02
C8 PCW ZA . 4.70 24.01 30.06
C11 PCW ZA . 10.18 19.67 22.09
C12 PCW ZA . 10.65 19.78 20.67
C13 PCW ZA . 9.39 19.93 19.75
C14 PCW ZA . 9.68 20.06 18.24
C15 PCW ZA . 10.48 21.33 17.82
C16 PCW ZA . 9.59 22.28 16.94
C17 PCW ZA . 8.88 21.66 15.69
C18 PCW ZA . 9.83 21.41 14.51
C19 PCW ZA . 9.12 20.80 13.28
C20 PCW ZA . 8.88 19.44 13.17
C21 PCW ZA . 9.18 18.28 14.05
C22 PCW ZA . 8.89 17.00 13.23
C23 PCW ZA . 7.85 16.00 13.82
C24 PCW ZA . 7.54 14.79 12.99
C25 PCW ZA . 6.07 14.32 12.77
C26 PCW ZA . 5.85 13.28 11.69
C27 PCW ZA . 6.26 11.82 12.00
C28 PCW ZA . 5.13 10.89 11.66
C31 PCW ZA . 6.40 19.03 22.02
C32 PCW ZA . 5.52 18.31 21.00
C33 PCW ZA . 4.05 17.93 21.52
C34 PCW ZA . 2.99 17.97 20.42
C35 PCW ZA . 1.73 17.23 21.01
C36 PCW ZA . 1.24 16.07 20.12
C37 PCW ZA . -0.01 15.30 20.65
C38 PCW ZA . 0.12 13.82 20.41
C39 PCW ZA . -1.07 13.05 20.91
C40 PCW ZA . -1.90 12.29 20.20
C41 PCW ZA . -1.78 12.06 18.70
C42 PCW ZA . -3.22 11.69 18.12
C43 PCW ZA . -3.49 10.26 17.71
C44 PCW ZA . -4.92 10.20 17.21
C45 PCW ZA . -5.15 9.34 15.99
C46 PCW ZA . -5.99 8.13 16.26
C47 PCW ZA . -5.32 6.78 16.03
C48 PCW ZA . -6.30 5.64 16.35
N PCW ZA . 4.57 22.54 30.31
O2 PCW ZA . 6.97 18.10 22.80
O3 PCW ZA . 9.78 18.38 22.33
O11 PCW ZA . 10.16 20.57 22.88
O31 PCW ZA . 6.58 20.28 22.10
O1P PCW ZA . 7.08 19.50 28.07
O2P PCW ZA . 7.54 21.24 26.36
O3P PCW ZA . 6.22 19.12 25.73
O4P PCW ZA . 5.28 20.93 27.08
P PCW ZA . 6.60 20.22 26.85
C1 PCW AB . 14.24 5.83 44.21
C2 PCW AB . 13.00 5.01 43.66
C3 PCW AB . 12.32 5.78 42.48
C4 PCW AB . 18.97 5.05 44.47
C5 PCW AB . 20.08 5.86 43.83
C6 PCW AB . 21.70 6.65 45.43
C7 PCW AB . 22.41 6.05 43.30
C8 PCW AB . 21.85 4.35 44.69
C11 PCW AB . 9.99 5.17 42.60
C12 PCW AB . 8.97 4.29 41.92
C13 PCW AB . 8.29 5.14 40.78
C14 PCW AB . 7.22 4.40 39.97
C15 PCW AB . 5.74 4.77 40.31
C16 PCW AB . 4.79 3.57 39.99
C17 PCW AB . 3.58 3.85 39.01
C18 PCW AB . 2.28 3.21 39.48
C19 PCW AB . 1.05 4.10 39.16
C20 PCW AB . -0.17 3.56 38.75
C21 PCW AB . -0.63 2.16 38.53
C22 PCW AB . -1.87 2.25 37.60
C23 PCW AB . -2.84 1.02 37.58
C24 PCW AB . -2.57 -0.03 36.54
C25 PCW AB . -3.45 -0.13 35.27
C26 PCW AB . -3.16 -1.29 34.34
C27 PCW AB . -4.12 -2.50 34.37
C28 PCW AB . -4.84 -2.62 33.05
C31 PCW AB . 12.94 2.64 43.79
C32 PCW AB . 13.49 1.36 43.13
C33 PCW AB . 12.38 0.39 42.49
C34 PCW AB . 11.58 -0.40 43.53
C35 PCW AB . 11.86 -1.93 43.22
C36 PCW AB . 12.08 -2.75 44.50
C37 PCW AB . 12.36 -4.27 44.28
C38 PCW AB . 11.12 -5.08 44.32
C39 PCW AB . 11.37 -6.56 44.10
C40 PCW AB . 10.74 -7.37 43.25
C41 PCW AB . 9.64 -6.92 42.33
C42 PCW AB . 8.64 -8.15 42.11
C43 PCW AB . 7.19 -7.87 41.79
C44 PCW AB . 6.50 -9.21 41.63
C45 PCW AB . 5.01 -9.20 41.91
C46 PCW AB . 4.50 -10.47 42.54
C47 PCW AB . 3.80 -11.44 41.61
C48 PCW AB . 3.33 -12.69 42.37
N PCW AB . 21.43 5.74 44.29
O2 PCW AB . 13.45 3.69 43.13
O3 PCW AB . 11.20 5.04 41.98
O11 PCW AB . 9.78 5.88 43.55
O31 PCW AB . 12.15 2.68 44.77
O1P PCW AB . 16.96 3.94 42.72
O2P PCW AB . 16.35 6.35 42.39
O3P PCW AB . 15.42 5.02 44.41
O4P PCW AB . 17.72 5.76 44.26
P PCW AB . 16.62 5.26 43.36
C1 PCW BB . 26.14 26.39 -2.48
C2 PCW BB . 25.60 25.23 -3.41
C3 PCW BB . 25.68 25.67 -4.92
C4 PCW BB . 27.96 29.91 -1.44
C5 PCW BB . 27.00 31.09 -1.41
C6 PCW BB . 27.68 32.24 0.76
C7 PCW BB . 26.91 33.56 -1.16
C8 PCW BB . 25.94 32.35 -0.18
C11 PCW BB . 24.01 24.80 -6.41
C12 PCW BB . 23.71 23.58 -7.25
C13 PCW BB . 22.40 22.90 -6.68
C14 PCW BB . 21.95 21.64 -7.41
C15 PCW BB . 20.49 21.66 -7.95
C16 PCW BB . 20.42 22.31 -9.38
C17 PCW BB . 21.19 21.60 -10.54
C18 PCW BB . 20.29 20.72 -11.41
C19 PCW BB . 21.08 19.84 -12.40
C20 PCW BB . 20.56 18.69 -12.97
C21 PCW BB . 19.23 18.03 -12.84
C22 PCW BB . 19.47 16.52 -13.12
C23 PCW BB . 18.22 15.63 -13.36
C24 PCW BB . 18.17 14.87 -14.65
C25 PCW BB . 17.46 13.48 -14.72
C26 PCW BB . 17.71 12.67 -15.97
C27 PCW BB . 18.49 11.33 -15.82
C28 PCW BB . 18.49 10.58 -17.13
C31 PCW BB . 25.78 22.86 -3.29
C32 PCW BB . 26.79 21.71 -3.12
C33 PCW BB . 26.13 20.25 -2.93
C34 PCW BB . 26.28 19.70 -1.51
C35 PCW BB . 24.83 19.69 -0.91
C36 PCW BB . 24.40 18.29 -0.41
C37 PCW BB . 22.97 18.20 0.21
C38 PCW BB . 22.70 16.86 0.82
C39 PCW BB . 21.32 16.77 1.42
C40 PCW BB . 20.63 15.65 1.69
C41 PCW BB . 21.15 14.25 1.42
C42 PCW BB . 19.91 13.36 0.91
C43 PCW BB . 19.15 12.53 1.93
C44 PCW BB . 18.05 11.81 1.16
C45 PCW BB . 16.66 11.92 1.76
C46 PCW BB . 15.56 11.82 0.75
C47 PCW BB . 14.53 10.74 0.97
C48 PCW BB . 13.47 10.76 -0.14
N PCW BB . 27.35 32.27 -0.68
O2 PCW BB . 26.46 24.01 -3.25
O3 PCW BB . 25.19 24.62 -5.77
O11 PCW BB . 23.32 25.77 -6.34
O31 PCW BB . 24.53 22.73 -3.47
O1P PCW BB . 29.65 27.91 -2.71
O2P PCW BB . 27.91 28.00 -4.50
O3P PCW BB . 27.57 26.50 -2.43
O4P PCW BB . 27.38 28.93 -2.36
P PCW BB . 28.19 27.86 -3.05
C1 PCW CB . 42.18 6.60 27.42
C2 PCW CB . 41.51 5.50 26.49
C3 PCW CB . 40.49 4.65 27.31
C4 PCW CB . 38.55 8.42 29.17
C5 PCW CB . 37.31 9.13 28.61
C6 PCW CB . 35.02 8.57 29.60
C7 PCW CB . 36.00 10.81 29.87
C8 PCW CB . 35.47 9.97 28.30
C11 PCW CB . 38.93 2.86 26.95
C12 PCW CB . 38.44 1.91 25.88
C13 PCW CB . 39.57 0.86 25.60
C14 PCW CB . 39.24 -0.18 24.52
C15 PCW CB . 39.54 -1.66 24.89
C16 PCW CB . 39.46 -2.58 23.62
C17 PCW CB . 38.31 -3.63 23.56
C18 PCW CB . 38.64 -4.84 22.68
C19 PCW CB . 37.64 -5.05 21.53
C20 PCW CB . 38.03 -5.51 20.28
C21 PCW CB . 39.35 -5.89 19.72
C22 PCW CB . 39.44 -7.45 19.81
C23 PCW CB . 40.80 -8.10 19.45
C24 PCW CB . 40.77 -9.47 18.85
C25 PCW CB . 40.26 -9.71 17.40
C26 PCW CB . 39.10 -10.67 17.24
C27 PCW CB . 38.32 -10.65 15.91
C28 PCW CB . 38.25 -12.04 15.33
C31 PCW CB . 41.30 5.99 24.18
C32 PCW CB . 40.42 6.73 23.16
C33 PCW CB . 39.17 5.91 22.61
C34 PCW CB . 39.06 5.92 21.08
C35 PCW CB . 39.75 4.57 20.59
C36 PCW CB . 39.92 4.51 19.06
C37 PCW CB . 40.58 3.21 18.51
C38 PCW CB . 41.05 3.38 17.11
C39 PCW CB . 41.71 2.14 16.56
C40 PCW CB . 41.15 1.22 15.76
C41 PCW CB . 39.71 1.29 15.27
C42 PCW CB . 38.94 0.01 15.83
C43 PCW CB . 37.95 -0.68 14.91
C44 PCW CB . 37.37 -1.86 15.70
C45 PCW CB . 37.69 -3.22 15.12
C46 PCW CB . 37.17 -4.36 15.97
C47 PCW CB . 37.77 -5.72 15.70
C48 PCW CB . 37.17 -6.78 16.62
N PCW CB . 36.22 9.44 29.48
O2 PCW CB . 40.77 6.18 25.39
O3 PCW CB . 39.89 3.68 26.44
O11 PCW CB . 38.52 2.88 28.08
O31 PCW CB . 42.34 5.31 23.91
O1P PCW CB . 41.24 7.50 29.81
O2P PCW CB . 41.87 9.78 29.04
O3P PCW CB . 41.56 7.89 27.33
O4P PCW CB . 39.69 8.98 28.47
P PCW CB . 41.12 8.55 28.74
C1 PCW DB . 39.26 19.39 5.02
C2 PCW DB . 38.42 20.10 3.89
C3 PCW DB . 39.38 20.71 2.81
C4 PCW DB . 36.03 20.45 8.26
C5 PCW DB . 35.37 21.83 8.38
C6 PCW DB . 35.69 22.24 10.87
C7 PCW DB . 35.57 24.12 9.31
C8 PCW DB . 34.24 22.89 9.72
C11 PCW DB . 39.23 22.02 0.79
C12 PCW DB . 38.22 22.60 -0.15
C13 PCW DB . 37.35 21.42 -0.74
C14 PCW DB . 36.27 21.85 -1.73
C15 PCW DB . 35.06 20.86 -1.88
C16 PCW DB . 35.38 19.74 -2.92
C17 PCW DB . 34.19 18.84 -3.39
C18 PCW DB . 34.28 18.42 -4.86
C19 PCW DB . 34.75 16.95 -5.03
C20 PCW DB . 35.34 16.52 -6.22
C21 PCW DB . 35.65 17.20 -7.49
C22 PCW DB . 35.36 16.18 -8.63
C23 PCW DB . 35.65 16.63 -10.09
C24 PCW DB . 35.36 15.64 -11.18
C25 PCW DB . 36.39 14.53 -11.54
C26 PCW DB . 35.83 13.29 -12.21
C27 PCW DB . 36.04 13.13 -13.73
C28 PCW DB . 35.16 12.03 -14.26
C31 PCW DB . 36.26 19.44 3.15
C32 PCW DB . 35.51 18.32 2.42
C33 PCW DB . 35.54 18.40 0.81
C34 PCW DB . 36.34 17.27 0.17
C35 PCW DB . 35.29 16.11 -0.11
C36 PCW DB . 35.68 15.24 -1.32
C37 PCW DB . 34.68 14.09 -1.67
C38 PCW DB . 35.40 12.82 -2.01
C39 PCW DB . 34.46 11.70 -2.33
C40 PCW DB . 34.45 10.97 -3.45
C41 PCW DB . 35.40 11.15 -4.61
C42 PCW DB . 34.71 10.59 -5.93
C43 PCW DB . 35.52 9.66 -6.82
C44 PCW DB . 34.62 9.27 -7.99
C45 PCW DB . 34.17 7.84 -8.01
C46 PCW DB . 32.92 7.60 -8.81
C47 PCW DB . 32.74 6.21 -9.39
C48 PCW DB . 31.44 6.11 -10.19
N PCW DB . 35.70 22.69 9.47
O2 PCW DB . 37.55 19.09 3.21
O3 PCW DB . 38.59 21.35 1.80
O11 PCW DB . 40.42 22.12 0.68
O31 PCW DB . 35.75 20.50 3.61
O1P PCW DB . 38.49 18.99 8.66
O2P PCW DB . 39.48 20.91 7.41
O3P PCW DB . 38.45 18.91 6.14
O4P PCW DB . 37.11 20.59 7.31
P PCW DB . 38.44 19.86 7.44
C1 PCW EB . 37.60 -1.11 36.01
C2 PCW EB . 37.02 -2.44 35.39
C3 PCW EB . 37.69 -3.69 36.06
C4 PCW EB . 34.51 -0.29 38.27
C5 PCW EB . 32.98 -0.24 38.31
C6 PCW EB . 31.05 -1.20 39.67
C7 PCW EB . 32.50 0.53 40.62
C8 PCW EB . 31.37 0.67 39.17
C11 PCW EB . 36.77 -5.90 36.34
C12 PCW EB . 36.27 -7.07 35.54
C13 PCW EB . 34.74 -6.88 35.28
C14 PCW EB . 34.07 -7.99 34.47
C15 PCW EB . 34.94 -9.26 34.18
C16 PCW EB . 35.38 -9.30 32.68
C17 PCW EB . 36.56 -10.27 32.30
C18 PCW EB . 37.93 -9.59 32.28
C19 PCW EB . 39.06 -10.53 31.83
C20 PCW EB . 39.70 -11.41 32.71
C21 PCW EB . 39.51 -11.68 34.14
C22 PCW EB . 39.76 -13.21 34.35
C23 PCW EB . 39.37 -13.82 35.71
C24 PCW EB . 38.09 -14.60 35.76
C25 PCW EB . 36.90 -14.15 36.66
C26 PCW EB . 36.95 -14.59 38.12
C27 PCW EB . 36.02 -15.74 38.56
C28 PCW EB . 34.83 -15.18 39.29
C31 PCW EB . 34.78 -2.51 34.58
C32 PCW EB . 33.32 -2.60 35.03
C33 PCW EB . 32.91 -3.94 35.82
C34 PCW EB . 33.27 -3.90 37.31
C35 PCW EB . 32.50 -5.12 37.96
C36 PCW EB . 33.47 -6.11 38.65
C37 PCW EB . 32.79 -7.35 39.32
C38 PCW EB . 33.34 -7.63 40.68
C39 PCW EB . 32.68 -8.83 41.33
C40 PCW EB . 33.29 -9.85 41.91
C41 PCW EB . 34.80 -10.02 42.01
C42 PCW EB . 35.14 -11.57 41.93
C43 PCW EB . 35.19 -12.39 43.21
C44 PCW EB . 35.54 -13.80 42.82
C45 PCW EB . 36.89 -14.29 43.28
C46 PCW EB . 37.43 -15.43 42.47
C47 PCW EB . 38.90 -15.37 42.12
C48 PCW EB . 39.32 -16.59 41.29
N PCW EB . 32.30 -0.43 39.55
O2 PCW EB . 35.55 -2.52 35.67
O3 PCW EB . 37.16 -4.90 35.49
O11 PCW EB . 36.82 -5.85 37.54
O31 PCW EB . 35.19 -2.45 33.39
O1P PCW EB . 37.19 0.84 38.01
O2P PCW EB . 36.06 2.38 36.41
O3P PCW EB . 36.87 0.08 35.62
O4P PCW EB . 34.90 0.37 37.03
P PCW EB . 36.28 0.97 36.82
C1 PCW FB . 47.30 17.03 3.53
C2 PCW FB . 47.87 15.72 2.85
C3 PCW FB . 47.39 15.60 1.37
C4 PCW FB . 47.40 20.34 6.69
C5 PCW FB . 46.20 21.30 6.84
C6 PCW FB . 45.16 23.46 6.98
C7 PCW FB . 47.28 23.29 6.04
C8 PCW FB . 47.13 23.07 8.29
C11 PCW FB . 47.28 13.23 0.97
C12 PCW FB . 48.03 12.13 0.28
C13 PCW FB . 47.46 12.00 -1.18
C14 PCW FB . 48.11 10.91 -2.04
C15 PCW FB . 47.15 10.10 -2.96
C16 PCW FB . 46.11 9.29 -2.11
C17 PCW FB . 46.22 7.73 -2.13
C18 PCW FB . 47.03 7.15 -0.97
C19 PCW FB . 46.14 6.58 0.17
C20 PCW FB . 45.76 5.24 0.21
C21 PCW FB . 46.05 4.09 -0.69
C22 PCW FB . 45.08 2.94 -0.27
C23 PCW FB . 45.67 1.75 0.52
C24 PCW FB . 44.90 1.25 1.70
C25 PCW FB . 44.92 2.01 3.06
C26 PCW FB . 43.59 2.31 3.70
C27 PCW FB . 42.80 3.54 3.20
C28 PCW FB . 42.07 4.20 4.34
C31 PCW FB . 49.94 16.75 2.17
C32 PCW FB . 51.47 16.60 2.30
C33 PCW FB . 52.32 17.30 1.14
C34 PCW FB . 52.65 16.37 -0.03
C35 PCW FB . 51.74 16.87 -1.23
C36 PCW FB . 50.51 15.96 -1.47
C37 PCW FB . 49.58 16.38 -2.65
C38 PCW FB . 50.03 15.82 -3.95
C39 PCW FB . 49.14 16.21 -5.11
C40 PCW FB . 48.63 15.42 -6.04
C41 PCW FB . 48.87 13.92 -6.09
C42 PCW FB . 47.56 13.22 -6.68
C43 PCW FB . 47.73 11.94 -7.48
C44 PCW FB . 46.33 11.51 -7.91
C45 PCW FB . 46.20 10.05 -8.27
C46 PCW FB . 45.39 9.26 -7.28
C47 PCW FB . 46.00 7.99 -6.77
C48 PCW FB . 45.06 7.29 -5.78
N PCW FB . 46.43 22.70 7.02
O2 PCW FB . 49.38 15.75 2.86
O3 PCW FB . 47.93 14.41 0.78
O11 PCW FB . 46.27 13.10 1.60
O31 PCW FB . 49.36 17.67 1.55
O1P PCW FB . 49.73 19.40 5.20
O2P PCW FB . 48.21 19.76 3.27
O3P PCW FB . 48.12 17.54 4.59
O4P PCW FB . 47.22 19.66 5.43
P PCW FB . 48.38 19.14 4.58
C1 PCW GB . 30.63 23.59 -1.63
C2 PCW GB . 30.82 23.65 -3.20
C3 PCW GB . 30.03 24.86 -3.78
C4 PCW GB . 32.57 26.93 -1.80
C5 PCW GB . 33.79 27.86 -1.85
C6 PCW GB . 32.48 30.04 -1.67
C7 PCW GB . 34.86 29.97 -1.11
C8 PCW GB . 34.07 29.67 -2.75
C11 PCW GB . 31.02 25.88 -5.72
C12 PCW GB . 31.02 25.78 -7.22
C13 PCW GB . 32.10 24.71 -7.63
C14 PCW GB . 32.24 24.48 -9.14
C15 PCW GB . 32.87 23.13 -9.55
C16 PCW GB . 32.83 22.95 -11.11
C17 PCW GB . 32.03 21.73 -11.69
C18 PCW GB . 30.51 21.90 -11.59
C19 PCW GB . 29.84 22.23 -12.93
C20 PCW GB . 28.50 21.94 -13.18
C21 PCW GB . 27.44 21.32 -12.35
C22 PCW GB . 26.80 20.20 -13.21
C23 PCW GB . 27.32 18.75 -13.02
C24 PCW GB . 26.36 17.63 -13.30
C25 PCW GB . 26.85 16.31 -13.98
C26 PCW GB . 25.91 15.68 -14.99
C27 PCW GB . 26.46 14.53 -15.87
C28 PCW GB . 26.01 14.70 -17.29
C31 PCW GB . 32.77 22.93 -4.34
C32 PCW GB . 34.25 23.27 -4.59
C33 PCW GB . 34.86 22.73 -5.96
C34 PCW GB . 36.25 22.12 -5.83
C35 PCW GB . 36.34 21.04 -6.98
C36 PCW GB . 37.78 20.89 -7.54
C37 PCW GB . 37.96 19.84 -8.68
C38 PCW GB . 37.93 20.47 -10.03
C39 PCW GB . 38.10 19.47 -11.16
C40 PCW GB . 37.57 19.55 -12.36
C41 PCW GB . 36.68 20.69 -12.85
C42 PCW GB . 35.53 20.07 -13.76
C43 PCW GB . 34.58 21.03 -14.48
C44 PCW GB . 33.60 20.18 -15.26
C45 PCW GB . 32.40 20.92 -15.81
C46 PCW GB . 31.38 20.02 -16.45
C47 PCW GB . 29.93 20.45 -16.31
C48 PCW GB . 29.00 19.44 -17.00
N PCW GB . 33.67 29.20 -1.39
O2 PCW GB . 32.26 23.85 -3.52
O3 PCW GB . 30.19 24.92 -5.20
O11 PCW GB . 31.64 26.69 -5.07
O31 PCW GB . 32.15 21.95 -4.83
O1P PCW GB . 31.07 25.64 0.29
O2P PCW GB . 33.30 24.71 0.91
O3P PCW GB . 31.88 23.55 -0.88
O4P PCW GB . 33.04 25.67 -1.26
P PCW GB . 32.31 24.92 -0.16
C1 PCW HB . 6.48 26.92 19.52
C2 PCW HB . 5.35 25.82 19.58
C3 PCW HB . 4.18 26.21 18.62
C4 PCW HB . 9.66 24.18 21.63
C5 PCW HB . 9.96 24.01 23.13
C6 PCW HB . 7.80 22.81 23.80
C7 PCW HB . 9.85 22.52 25.11
C8 PCW HB . 8.86 24.06 24.86
C11 PCW HB . 1.94 25.48 18.13
C12 PCW HB . 1.02 24.31 18.33
C13 PCW HB . 1.27 23.27 17.17
C14 PCW HB . 0.40 22.01 17.24
C15 PCW HB . 0.53 21.15 18.53
C16 PCW HB . -0.40 19.90 18.46
C17 PCW HB . 0.13 18.65 17.66
C18 PCW HB . -0.84 18.16 16.58
C19 PCW HB . -0.51 18.72 15.18
C20 PCW HB . -1.49 19.15 14.29
C21 PCW HB . -2.97 19.19 14.40
C22 PCW HB . -3.50 17.83 13.88
C23 PCW HB . -4.54 17.88 12.72
C24 PCW HB . -4.69 16.63 11.90
C25 PCW HB . -6.09 16.13 11.43
C26 PCW HB . -6.10 15.04 10.38
C27 PCW HB . -5.82 15.44 8.91
C28 PCW HB . -4.92 14.42 8.26
C31 PCW HB . 6.13 23.65 20.13
C32 PCW HB . 6.65 22.34 19.52
C33 PCW HB . 5.98 21.90 18.13
C34 PCW HB . 4.78 20.97 18.31
C35 PCW HB . 5.15 19.65 17.51
C36 PCW HB . 3.91 18.93 16.94
C37 PCW HB . 4.21 17.62 16.13
C38 PCW HB . 4.07 16.40 16.98
C39 PCW HB . 4.35 15.13 16.22
C40 PCW HB . 3.47 14.20 15.87
C41 PCW HB . 1.98 14.27 16.19
C42 PCW HB . 1.46 12.79 16.41
C43 PCW HB . 1.01 11.98 15.21
C44 PCW HB . 0.57 10.62 15.71
C45 PCW HB . 1.49 9.47 15.37
C46 PCW HB . 1.13 8.74 14.11
C47 PCW HB . 2.15 7.76 13.58
C48 PCW HB . 1.65 7.08 12.29
N PCW HB . 9.26 23.01 23.88
O2 PCW HB . 5.88 24.50 19.14
O3 PCW HB . 3.16 25.20 18.68
O11 PCW HB . 1.65 26.50 17.56
O31 PCW HB . 5.98 23.88 21.36
O1P PCW HB . 8.66 25.16 19.07
O2P PCW HB . 9.86 27.25 19.73
O3P PCW HB . 7.46 26.80 20.57
O4P PCW HB . 9.41 25.60 21.43
P PCW HB . 8.89 26.18 20.13
C1 PCW IB . 47.42 -4.54 28.63
C2 PCW IB . 48.38 -5.32 27.66
C3 PCW IB . 48.93 -6.62 28.34
C4 PCW IB . 45.89 -0.38 30.08
C5 PCW IB . 45.40 -0.15 31.51
C6 PCW IB . 46.13 0.80 33.77
C7 PCW IB . 45.96 2.25 31.80
C8 PCW IB . 44.60 1.34 32.66
C11 PCW IB . 51.15 -7.04 27.51
C12 PCW IB . 51.88 -7.85 26.47
C13 PCW IB . 52.04 -6.95 25.19
C14 PCW IB . 52.78 -7.62 24.01
C15 PCW IB . 52.23 -9.00 23.58
C16 PCW IB . 51.55 -8.91 22.16
C17 PCW IB . 51.60 -10.20 21.28
C18 PCW IB . 50.35 -11.06 21.40
C19 PCW IB . 50.64 -12.44 22.04
C20 PCW IB . 50.66 -13.61 21.29
C21 PCW IB . 50.46 -13.89 19.85
C22 PCW IB . 50.75 -15.40 19.63
C23 PCW IB . 51.35 -15.82 18.26
C24 PCW IB . 51.42 -17.29 17.98
C25 PCW IB . 51.76 -17.82 16.56
C26 PCW IB . 51.21 -19.19 16.21
C27 PCW IB . 49.83 -19.25 15.51
C28 PCW IB . 49.19 -20.60 15.77
C31 PCW IB . 46.55 -6.45 26.59
C32 PCW IB . 45.95 -6.75 25.20
C33 PCW IB . 45.92 -8.30 24.80
C34 PCW IB . 45.62 -8.53 23.32
C35 PCW IB . 44.62 -9.76 23.27
C36 PCW IB . 43.19 -9.35 22.85
C37 PCW IB . 42.15 -10.51 22.78
C38 PCW IB . 42.39 -11.41 21.61
C39 PCW IB . 41.40 -12.54 21.53
C40 PCW IB . 41.45 -13.59 20.71
C41 PCW IB . 42.55 -13.84 19.70
C42 PCW IB . 41.95 -13.57 18.24
C43 PCW IB . 42.89 -13.07 17.16
C44 PCW IB . 42.06 -12.91 15.89
C45 PCW IB . 42.75 -12.20 14.75
C46 PCW IB . 42.41 -12.78 13.40
C47 PCW IB . 43.58 -13.26 12.56
C48 PCW IB . 43.09 -13.81 11.21
N PCW IB . 45.98 0.89 32.30
O2 PCW IB . 47.66 -5.72 26.41
O3 PCW IB . 49.81 -7.31 27.42
O11 PCW IB . 51.66 -6.29 28.28
O31 PCW IB . 46.07 -6.84 27.69
O1P PCW IB . 45.62 -1.51 27.44
O2P PCW IB . 44.79 -3.49 28.70
O3P PCW IB . 47.32 -3.13 28.35
O4P PCW IB . 45.98 -1.82 29.90
P PCW IB . 45.86 -2.48 28.55
C1 PCW JB . 54.03 4.73 16.19
C2 PCW JB . 53.88 4.65 14.62
C3 PCW JB . 55.09 3.88 14.01
C4 PCW JB . 54.44 8.08 17.27
C5 PCW JB . 55.68 8.20 18.17
C6 PCW JB . 57.39 8.11 16.28
C7 PCW JB . 57.99 9.05 18.47
C8 PCW JB . 57.51 7.31 18.07
C11 PCW JB . 55.74 2.87 11.94
C12 PCW JB . 55.48 2.94 10.46
C13 PCW JB . 56.82 2.64 9.70
C14 PCW JB . 56.74 2.67 8.17
C15 PCW JB . 55.38 2.22 7.55
C16 PCW JB . 55.16 2.91 6.15
C17 PCW JB . 55.11 4.48 6.10
C18 PCW JB . 53.69 5.04 6.07
C19 PCW JB . 53.51 6.17 5.03
C20 PCW JB . 53.09 5.92 3.72
C21 PCW JB . 52.73 4.68 3.00
C22 PCW JB . 51.18 4.65 2.90
C23 PCW JB . 50.44 3.45 3.55
C24 PCW JB . 50.93 2.08 3.20
C25 PCW JB . 49.98 0.86 3.29
C26 PCW JB . 50.25 -0.28 2.33
C27 PCW JB . 49.06 -0.86 1.54
C28 PCW JB . 49.43 -1.06 0.09
C31 PCW JB . 51.81 4.51 13.46
C32 PCW JB . 50.59 3.60 13.22
C33 PCW JB . 50.76 2.06 13.65
C34 PCW JB . 50.55 1.08 12.49
C35 PCW JB . 51.05 -0.32 13.04
C36 PCW JB . 51.68 -1.20 11.93
C37 PCW JB . 52.19 -2.59 12.39
C38 PCW JB . 51.58 -3.71 11.61
C39 PCW JB . 52.07 -5.07 12.05
C40 PCW JB . 53.11 -5.75 11.57
C41 PCW JB . 54.02 -5.24 10.46
C42 PCW JB . 54.05 -6.33 9.31
C43 PCW JB . 55.16 -7.36 9.33
C44 PCW JB . 54.95 -8.26 8.11
C45 PCW JB . 56.15 -8.43 7.22
C46 PCW JB . 55.91 -7.96 5.81
C47 PCW JB . 57.14 -7.61 5.01
C48 PCW JB . 56.77 -7.16 3.59
N PCW JB . 56.93 8.60 17.60
O2 PCW JB . 52.65 3.87 14.29
O3 PCW JB . 54.97 3.79 12.59
O11 PCW JB . 56.52 2.13 12.47
O31 PCW JB . 51.99 5.66 12.97
O1P PCW JB . 52.09 7.13 15.86
O2P PCW JB . 51.27 6.59 18.14
O3P PCW JB . 52.79 4.94 16.89
O4P PCW JB . 53.62 7.02 17.84
P PCW JB . 52.37 6.47 17.16
C1 PCW KB . 35.63 0.21 27.49
C2 PCW KB . 35.38 -1.35 27.33
C3 PCW KB . 36.62 -2.14 27.89
C4 PCW KB . 35.92 2.00 30.69
C5 PCW KB . 37.20 1.30 31.15
C6 PCW KB . 39.31 2.73 31.27
C7 PCW KB . 38.39 1.68 33.29
C8 PCW KB . 39.08 0.84 31.80
C11 PCW KB . 37.33 -4.40 28.27
C12 PCW KB . 36.92 -5.82 27.99
C13 PCW KB . 36.30 -6.42 29.30
C14 PCW KB . 35.82 -7.87 29.20
C15 PCW KB . 36.87 -8.87 28.63
C16 PCW KB . 36.16 -10.07 27.91
C17 PCW KB . 36.83 -11.49 28.05
C18 PCW KB . 37.32 -12.06 26.72
C19 PCW KB . 37.10 -13.59 26.61
C20 PCW KB . 36.23 -14.15 25.67
C21 PCW KB . 35.37 -13.55 24.63
C22 PCW KB . 34.73 -14.73 23.84
C23 PCW KB . 34.15 -14.44 22.44
C24 PCW KB . 33.14 -15.40 21.91
C25 PCW KB . 33.53 -16.86 21.56
C26 PCW KB . 33.00 -17.94 22.48
C27 PCW KB . 32.00 -18.96 21.90
C28 PCW KB . 31.94 -20.19 22.76
C31 PCW KB . 33.23 -2.36 27.45
C32 PCW KB . 32.09 -2.71 28.41
C33 PCW KB . 30.64 -2.83 27.74
C34 PCW KB . 30.03 -4.23 27.83
C35 PCW KB . 28.47 -4.01 27.97
C36 PCW KB . 27.65 -5.16 27.33
C37 PCW KB . 26.10 -5.00 27.45
C38 PCW KB . 25.38 -5.97 26.55
C39 PCW KB . 23.88 -5.83 26.65
C40 PCW KB . 22.96 -6.65 26.13
C41 PCW KB . 23.30 -7.90 25.33
C42 PCW KB . 22.66 -7.75 23.88
C43 PCW KB . 22.83 -8.89 22.90
C44 PCW KB . 22.14 -8.47 21.61
C45 PCW KB . 22.90 -8.72 20.34
C46 PCW KB . 22.07 -8.62 19.11
C47 PCW KB . 22.56 -7.69 18.03
C48 PCW KB . 21.61 -7.68 16.82
N PCW KB . 38.17 2.02 31.90
O2 PCW KB . 34.19 -1.75 28.14
O3 PCW KB . 36.40 -3.54 27.75
O11 PCW KB . 38.32 -4.06 28.85
O31 PCW KB . 33.26 -2.60 26.21
O1P PCW KB . 33.63 2.87 29.10
O2P PCW KB . 32.83 0.56 29.55
O3P PCW KB . 34.42 1.00 27.59
O4P PCW KB . 35.15 1.03 29.93
P PCW KB . 33.94 1.39 29.08
C1 PCW LB . 51.33 1.35 22.65
C2 PCW LB . 50.30 0.28 22.08
C3 PCW LB . 50.89 -0.46 20.84
C4 PCW LB . 51.49 4.11 20.36
C5 PCW LB . 50.29 3.84 19.48
C6 PCW LB . 47.75 3.62 19.69
C7 PCW LB . 48.82 5.82 19.85
C8 PCW LB . 48.77 4.69 18.40
C11 PCW LB . 50.40 -2.41 19.53
C12 PCW LB . 49.26 -3.32 19.16
C13 PCW LB . 49.49 -4.71 19.85
C14 PCW LB . 48.42 -5.77 19.57
C15 PCW LB . 48.77 -6.81 18.46
C16 PCW LB . 49.23 -8.17 19.11
C17 PCW LB . 49.60 -9.34 18.14
C18 PCW LB . 50.98 -9.19 17.51
C19 PCW LB . 51.22 -10.19 16.35
C20 PCW LB . 50.75 -9.99 15.06
C21 PCW LB . 49.97 -8.90 14.44
C22 PCW LB . 48.62 -9.54 13.96
C23 PCW LB . 47.41 -9.46 14.92
C24 PCW LB . 46.53 -10.67 15.01
C25 PCW LB . 47.00 -11.93 15.78
C26 PCW LB . 47.15 -13.20 14.97
C27 PCW LB . 46.50 -14.50 15.50
C28 PCW LB . 46.53 -15.57 14.45
C31 PCW LB . 48.94 -0.51 23.86
C32 PCW LB . 48.78 -1.66 24.86
C33 PCW LB . 48.14 -3.00 24.26
C34 PCW LB . 46.79 -2.78 23.60
C35 PCW LB . 45.70 -3.06 24.71
C36 PCW LB . 44.30 -2.53 24.31
C37 PCW LB . 43.18 -2.77 25.37
C38 PCW LB . 42.80 -4.21 25.48
C39 PCW LB . 41.71 -4.45 26.49
C40 PCW LB . 40.82 -5.45 26.49
C41 PCW LB . 40.75 -6.52 25.42
C42 PCW LB . 40.55 -7.93 26.14
C43 PCW LB . 41.76 -8.59 26.78
C44 PCW LB . 41.28 -9.91 27.38
C45 PCW LB . 42.36 -10.91 27.68
C46 PCW LB . 42.52 -11.95 26.61
C47 PCW LB . 43.95 -12.25 26.17
C48 PCW LB . 43.98 -13.32 25.09
N PCW LB . 49.00 4.38 19.84
O2 PCW LB . 50.02 -0.76 23.11
O3 PCW LB . 49.95 -1.42 20.35
O11 PCW LB . 51.54 -2.55 19.18
O31 PCW LB . 48.19 0.51 23.77
O1P PCW LB . 53.39 3.61 22.51
O2P PCW LB . 54.57 2.27 20.76
O3P PCW LB . 52.66 1.22 22.13
O4P PCW LB . 52.28 2.88 20.37
P PCW LB . 53.29 2.55 21.46
C1 PCW MB . 28.44 0.66 34.54
C2 PCW MB . 28.10 -0.85 34.18
C3 PCW MB . 29.37 -1.55 33.62
C4 PCW MB . 26.74 2.01 38.93
C5 PCW MB . 26.28 3.29 39.63
C6 PCW MB . 24.71 4.67 38.17
C7 PCW MB . 24.05 4.01 40.43
C8 PCW MB . 25.45 5.12 39.94
C11 PCW MB . 29.20 -3.32 32.00
C12 PCW MB . 28.82 -4.78 31.87
C13 PCW MB . 30.09 -5.64 32.22
C14 PCW MB . 29.90 -7.15 32.13
C15 PCW MB . 31.17 -7.98 31.82
C16 PCW MB . 31.53 -7.90 30.28
C17 PCW MB . 31.94 -9.22 29.55
C18 PCW MB . 31.10 -9.52 28.31
C19 PCW MB . 30.24 -10.80 28.45
C20 PCW MB . 29.16 -11.05 27.62
C21 PCW MB . 28.53 -10.29 26.52
C22 PCW MB . 27.79 -11.33 25.62
C23 PCW MB . 26.26 -11.20 25.50
C24 PCW MB . 25.70 -11.08 24.10
C25 PCW MB . 24.99 -12.29 23.43
C26 PCW MB . 25.40 -12.60 22.00
C27 PCW MB . 25.87 -14.04 21.68
C28 PCW MB . 26.62 -14.07 20.37
C31 PCW MB . 26.37 -1.59 35.65
C32 PCW MB . 26.13 -2.38 36.95
C33 PCW MB . 25.20 -3.68 36.80
C34 PCW MB . 24.58 -4.14 38.13
C35 PCW MB . 25.46 -5.37 38.59
C36 PCW MB . 24.70 -6.71 38.47
C37 PCW MB . 25.52 -7.97 38.92
C38 PCW MB . 24.90 -9.24 38.41
C39 PCW MB . 25.66 -10.46 38.83
C40 PCW MB . 25.80 -11.61 38.16
C41 PCW MB . 25.17 -11.87 36.81
C42 PCW MB . 26.31 -11.73 35.70
C43 PCW MB . 25.90 -11.42 34.27
C44 PCW MB . 27.18 -11.35 33.44
C45 PCW MB . 27.07 -11.87 32.04
C46 PCW MB . 27.98 -13.03 31.75
C47 PCW MB . 27.78 -13.73 30.42
C48 PCW MB . 28.77 -14.90 30.26
N PCW MB . 24.99 3.83 39.35
O2 PCW MB . 27.69 -1.58 35.43
O3 PCW MB . 29.06 -2.92 33.30
O11 PCW MB . 29.57 -2.61 31.09
O31 PCW MB . 25.48 -1.06 34.93
O1P PCW MB . 28.73 0.31 37.68
O2P PCW MB . 29.55 2.46 36.74
O3P PCW MB . 27.62 1.21 35.59
O4P PCW MB . 27.34 2.41 37.67
P PCW MB . 28.39 1.57 36.96
C1 PCW NB . 28.11 6.26 23.31
C2 PCW NB . 27.71 4.74 23.17
C3 PCW NB . 26.44 4.59 22.27
C4 PCW NB . 31.81 5.29 26.72
C5 PCW NB . 31.02 4.45 27.72
C6 PCW NB . 30.83 3.45 30.06
C7 PCW NB . 32.08 5.52 29.70
C8 PCW NB . 30.27 5.23 29.46
C11 PCW NB . 26.38 2.55 20.99
C12 PCW NB . 25.92 1.12 21.09
C13 PCW NB . 25.03 0.81 19.83
C14 PCW NB . 24.48 -0.62 19.76
C15 PCW NB . 23.67 -0.98 18.48
C16 PCW NB . 24.41 -2.09 17.65
C17 PCW NB . 23.53 -3.25 17.06
C18 PCW NB . 22.61 -2.80 15.92
C19 PCW NB . 23.26 -2.99 14.52
C20 PCW NB . 22.58 -3.61 13.47
C21 PCW NB . 21.23 -4.19 13.36
C22 PCW NB . 21.41 -5.72 13.10
C23 PCW NB . 20.26 -6.45 12.36
C24 PCW NB . 18.98 -6.61 13.09
C25 PCW NB . 18.79 -7.74 14.15
C26 PCW NB . 17.40 -8.34 14.25
C27 PCW NB . 17.10 -9.29 15.44
C28 PCW NB . 15.71 -9.87 15.31
C31 PCW NB . 29.56 3.28 23.35
C32 PCW NB . 30.65 2.56 22.54
C33 PCW NB . 30.12 1.40 21.57
C34 PCW NB . 29.96 0.06 22.27
C35 PCW NB . 29.28 -0.90 21.21
C36 PCW NB . 28.37 -1.96 21.86
C37 PCW NB . 27.66 -2.94 20.88
C38 PCW NB . 26.65 -3.79 21.56
C39 PCW NB . 25.95 -4.74 20.62
C40 PCW NB . 24.67 -5.10 20.66
C41 PCW NB . 23.67 -4.60 21.68
C42 PCW NB . 22.49 -3.85 20.90
C43 PCW NB . 21.38 -4.67 20.29
C44 PCW NB . 20.42 -3.69 19.63
C45 PCW NB . 19.92 -4.12 18.26
C46 PCW NB . 18.95 -3.15 17.67
C47 PCW NB . 18.44 -3.48 16.28
C48 PCW NB . 17.45 -2.41 15.78
N PCW NB . 31.43 4.38 29.09
O2 PCW NB . 28.82 3.99 22.51
O3 PCW NB . 26.08 3.21 22.16
O11 PCW NB . 26.92 3.05 20.03
O31 PCW NB . 29.42 3.21 24.60
O1P PCW NB . 29.33 7.15 26.24
O2P PCW NB . 30.97 7.16 25.04
O3P PCW NB . 29.49 6.48 23.67
O4P PCW NB . 31.08 5.30 25.46
P PCW NB . 29.88 6.18 25.20
C1 PCW OB . 44.37 20.07 2.41
C2 PCW OB . 43.66 19.13 1.35
C3 PCW OB . 42.20 19.61 1.10
C4 PCW OB . 42.69 24.26 1.22
C5 PCW OB . 43.06 25.23 0.09
C6 PCW OB . 42.82 25.78 -2.38
C7 PCW OB . 40.87 25.09 -1.08
C8 PCW OB . 41.89 26.62 -0.87
C11 PCW OB . 40.67 17.82 0.59
C12 PCW OB . 40.12 17.04 -0.56
C13 PCW OB . 41.13 15.89 -0.91
C14 PCW OB . 40.71 14.99 -2.07
C15 PCW OB . 40.46 15.71 -3.43
C16 PCW OB . 41.47 15.20 -4.52
C17 PCW OB . 41.30 15.74 -5.98
C18 PCW OB . 41.59 14.70 -7.06
C19 PCW OB . 42.67 15.16 -8.07
C20 PCW OB . 42.41 15.28 -9.43
C21 PCW OB . 41.19 15.03 -10.25
C22 PCW OB . 41.50 13.79 -11.14
C23 PCW OB . 42.00 14.06 -12.58
C24 PCW OB . 41.22 13.41 -13.70
C25 PCW OB . 39.85 13.98 -14.16
C26 PCW OB . 39.84 15.41 -14.68
C27 PCW OB . 38.50 16.01 -15.12
C28 PCW OB . 38.70 16.93 -16.31
C31 PCW OB . 44.64 18.00 -0.48
C32 PCW OB . 45.39 18.22 -1.80
C33 PCW OB . 45.07 17.14 -2.96
C34 PCW OB . 45.81 15.83 -2.76
C35 PCW OB . 45.33 14.89 -3.95
C36 PCW OB . 44.93 13.48 -3.46
C37 PCW OB . 44.44 12.50 -4.57
C38 PCW OB . 43.23 11.73 -4.14
C39 PCW OB . 42.74 10.78 -5.21
C40 PCW OB . 41.51 10.68 -5.70
C41 PCW OB . 40.34 11.55 -5.27
C42 PCW OB . 39.34 10.64 -4.40
C43 PCW OB . 39.36 10.78 -2.89
C44 PCW OB . 38.32 9.80 -2.35
C45 PCW OB . 38.80 8.94 -1.20
C46 PCW OB . 37.81 7.90 -0.79
C47 PCW OB . 37.58 7.73 0.70
C48 PCW OB . 36.56 6.63 0.99
N PCW OB . 42.31 25.20 -1.13
O2 PCW OB . 44.38 19.20 0.05
O3 PCW OB . 41.55 18.76 0.13
O11 PCW OB . 40.39 17.65 1.75
O31 PCW OB . 44.34 16.88 0.02
O1P PCW OB . 42.65 22.19 3.24
O2P PCW OB . 44.90 23.11 3.82
O3P PCW OB . 44.66 21.40 1.92
O4P PCW OB . 43.95 23.70 1.69
P PCW OB . 44.01 22.60 2.74
C1 PCW PB . -3.54 13.85 37.09
C2 PCW PB . -4.18 14.02 35.66
C3 PCW PB . -3.05 14.15 34.58
C4 PCW PB . -6.34 16.78 37.53
C5 PCW PB . -6.29 17.37 36.12
C6 PCW PB . -6.51 19.72 36.63
C7 PCW PB . -8.41 18.49 36.06
C8 PCW PB . -6.95 18.99 34.38
C11 PCW PB . -4.20 15.52 32.97
C12 PCW PB . -4.76 15.47 31.57
C13 PCW PB . -4.34 16.78 30.82
C14 PCW PB . -4.84 16.90 29.37
C15 PCW PB . -6.33 16.53 29.13
C16 PCW PB . -7.17 17.81 28.80
C17 PCW PB . -8.67 17.81 29.27
C18 PCW PB . -9.66 17.65 28.12
C19 PCW PB . -11.13 17.55 28.60
C20 PCW PB . -12.00 16.57 28.12
C21 PCW PB . -11.85 15.48 27.13
C22 PCW PB . -13.11 15.52 26.22
C23 PCW PB . -12.95 15.03 24.76
C24 PCW PB . -13.94 15.54 23.77
C25 PCW PB . -14.26 17.06 23.66
C26 PCW PB . -13.37 17.88 22.74
C27 PCW PB . -12.02 18.37 23.29
C28 PCW PB . -12.19 19.70 23.99
C31 PCW PB . -6.31 13.10 35.19
C32 PCW PB . -7.02 11.78 34.84
C33 PCW PB . -8.12 11.88 33.69
C34 PCW PB . -9.53 11.56 34.17
C35 PCW PB . -10.49 12.56 33.40
C36 PCW PB . -11.77 11.87 32.88
C37 PCW PB . -12.77 12.78 32.11
C38 PCW PB . -12.62 12.63 30.63
C39 PCW PB . -13.57 13.51 29.86
C40 PCW PB . -14.44 13.13 28.93
C41 PCW PB . -14.62 11.69 28.47
C42 PCW PB . -14.04 11.57 26.99
C43 PCW PB . -14.82 10.76 25.98
C44 PCW PB . -14.03 10.81 24.67
C45 PCW PB . -14.26 9.64 23.75
C46 PCW PB . -13.08 8.70 23.67
C47 PCW PB . -13.40 7.23 23.79
C48 PCW PB . -12.12 6.39 23.68
N PCW PB . -6.99 18.58 35.82
O2 PCW PB . -5.01 12.84 35.33
O3 PCW PB . -3.65 14.31 33.29
O11 PCW PB . -4.23 16.48 33.70
O31 PCW PB . -6.87 14.22 35.32
O1P PCW PB . -6.00 14.97 39.80
O2P PCW PB . -3.63 15.70 39.63
O3P PCW PB . -4.51 13.78 38.16
O4P PCW PB . -5.07 16.12 37.77
P PCW PB . -4.81 15.18 38.92
C1 PCW QB . 3.63 12.37 34.83
C2 PCW QB . 4.73 11.46 34.15
C3 PCW QB . 5.86 11.13 35.18
C4 PCW QB . 2.37 10.78 38.41
C5 PCW QB . 1.59 9.81 39.31
C6 PCW QB . 1.24 10.93 41.43
C7 PCW QB . -0.27 9.29 40.73
C8 PCW QB . -0.35 11.30 39.66
C11 PCW QB . 6.87 8.98 34.87
C12 PCW QB . 7.97 8.30 34.11
C13 PCW QB . 8.96 7.65 35.15
C14 PCW QB . 10.16 6.91 34.54
C15 PCW QB . 11.21 7.80 33.81
C16 PCW QB . 12.30 6.91 33.10
C17 PCW QB . 13.56 6.50 33.95
C18 PCW QB . 13.82 5.00 33.96
C19 PCW QB . 14.36 4.49 35.32
C20 PCW QB . 15.03 3.27 35.44
C21 PCW QB . 15.38 2.22 34.46
C22 PCW QB . 14.91 0.87 35.08
C23 PCW QB . 14.90 -0.37 34.15
C24 PCW QB . 13.84 -0.41 33.08
C25 PCW QB . 14.10 -1.16 31.73
C26 PCW QB . 12.93 -1.26 30.78
C27 PCW QB . 12.19 -2.61 30.67
C28 PCW QB . 10.70 -2.38 30.57
C31 PCW QB . 3.95 10.08 32.40
C32 PCW QB . 3.32 8.70 32.10
C33 PCW QB . 4.16 7.44 32.64
C34 PCW QB . 4.63 6.50 31.54
C35 PCW QB . 5.62 5.48 32.23
C36 PCW QB . 5.17 4.01 32.06
C37 PCW QB . 6.10 2.95 32.73
C38 PCW QB . 6.67 2.00 31.72
C39 PCW QB . 7.58 0.97 32.34
C40 PCW QB . 8.90 0.85 32.17
C41 PCW QB . 9.73 1.78 31.29
C42 PCW QB . 9.75 1.18 29.82
C43 PCW QB . 9.94 2.13 28.65
C44 PCW QB . 9.91 1.29 27.38
C45 PCW QB . 8.54 1.03 26.81
C46 PCW QB . 8.57 0.33 25.48
C47 PCW QB . 7.30 0.41 24.66
C48 PCW QB . 7.46 -0.36 23.33
N PCW QB . 0.61 10.31 40.23
O2 PCW QB . 4.13 10.17 33.71
O3 PCW QB . 6.85 10.30 34.55
O11 PCW QB . 6.13 8.44 35.64
O31 PCW QB . 4.22 10.96 31.53
O1P PCW QB . 2.10 13.26 36.96
O2P PCW QB . 0.06 12.16 36.05
O3P PCW QB . 2.34 11.73 34.96
O4P PCW QB . 1.70 10.79 37.13
P PCW QB . 1.51 12.05 36.29
C1 PCW RB . 20.87 6.80 33.45
C2 PCW RB . 20.06 6.34 32.17
C3 PCW RB . 20.72 6.95 30.88
C4 PCW RB . 20.79 4.89 36.39
C5 PCW RB . 19.67 5.81 36.87
C6 PCW RB . 17.24 6.38 36.39
C7 PCW RB . 17.84 4.20 37.31
C8 PCW RB . 18.04 5.85 38.11
C11 PCW RB . 20.31 7.08 28.53
C12 PCW RB . 19.44 6.51 27.44
C13 PCW RB . 20.12 5.19 26.90
C14 PCW RB . 19.35 4.48 25.79
C15 PCW RB . 20.21 3.86 24.64
C16 PCW RB . 19.93 4.59 23.28
C17 PCW RB . 21.09 4.60 22.23
C18 PCW RB . 21.43 6.00 21.71
C19 PCW RB . 22.91 6.39 21.94
C20 PCW RB . 23.59 7.24 21.08
C21 PCW RB . 23.18 7.95 19.85
C22 PCW RB . 24.36 8.89 19.45
C23 PCW RB . 24.04 10.05 18.48
C24 PCW RB . 24.11 9.75 17.02
C25 PCW RB . 22.88 9.98 16.10
C26 PCW RB . 22.91 9.31 14.73
C27 PCW RB . 21.87 9.76 13.68
C28 PCW RB . 22.52 9.90 12.33
C31 PCW RB . 19.37 4.19 32.91
C32 PCW RB . 19.53 2.69 32.64
C33 PCW RB . 18.86 2.16 31.28
C34 PCW RB . 19.82 2.19 30.10
C35 PCW RB . 19.13 1.29 28.97
C36 PCW RB . 20.02 0.10 28.55
C37 PCW RB . 19.42 -0.84 27.45
C38 PCW RB . 19.31 -2.25 27.92
C39 PCW RB . 18.73 -3.17 26.87
C40 PCW RB . 17.50 -3.66 26.82
C41 PCW RB . 16.42 -3.36 27.84
C42 PCW RB . 15.04 -3.98 27.32
C43 PCW RB . 14.17 -3.13 26.41
C44 PCW RB . 12.94 -3.96 26.07
C45 PCW RB . 11.63 -3.36 26.48
C46 PCW RB . 10.45 -3.95 25.76
C47 PCW RB . 9.08 -3.60 26.31
C48 PCW RB . 7.97 -4.25 25.47
N PCW RB . 18.31 5.42 36.70
O2 PCW RB . 20.12 4.86 32.03
O3 PCW RB . 19.98 6.53 29.72
O11 PCW RB . 21.18 7.90 28.35
O31 PCW RB . 18.67 4.70 33.84
O1P PCW RB . 22.27 3.93 34.10
O2P PCW RB . 24.06 5.40 35.00
O3P PCW RB . 22.24 6.37 33.46
O4P PCW RB . 21.81 5.72 35.79
P PCW RB . 22.63 5.29 34.59
C1 PCW SB . 30.23 20.05 9.96
C2 PCW SB . 30.53 18.54 9.61
C3 PCW SB . 29.18 17.81 9.30
C4 PCW SB . 29.69 23.74 11.84
C5 PCW SB . 29.63 24.54 13.14
C6 PCW SB . 31.59 26.17 13.11
C7 PCW SB . 29.36 26.91 13.80
C8 PCW SB . 30.44 25.67 14.63
C11 PCW SB . 29.21 16.02 7.71
C12 PCW SB . 29.56 14.56 7.57
C13 PCW SB . 30.82 14.43 6.64
C14 PCW SB . 31.31 13.01 6.39
C15 PCW SB . 31.57 12.63 4.90
C16 PCW SB . 32.28 11.24 4.79
C17 PCW SB . 31.95 10.37 3.51
C18 PCW SB . 31.50 8.95 3.85
C19 PCW SB . 30.14 8.59 3.21
C20 PCW SB . 29.94 7.41 2.51
C21 PCW SB . 30.84 6.27 2.17
C22 PCW SB . 30.06 5.36 1.19
C23 PCW SB . 30.54 3.88 1.05
C24 PCW SB . 30.53 3.29 -0.31
C25 PCW SB . 29.32 2.44 -0.82
C26 PCW SB . 29.59 1.50 -1.98
C27 PCW SB . 28.66 0.27 -2.13
C28 PCW SB . 27.34 0.68 -2.72
C31 PCW SB . 32.68 18.43 8.61
C32 PCW SB . 33.38 18.36 7.24
C33 PCW SB . 33.78 16.87 6.77
C34 PCW SB . 34.39 16.83 5.38
C35 PCW SB . 33.35 16.05 4.47
C36 PCW SB . 32.28 16.99 3.86
C37 PCW SB . 31.22 16.30 2.95
C38 PCW SB . 31.71 16.13 1.56
C39 PCW SB . 30.70 15.46 0.66
C40 PCW SB . 30.54 15.65 -0.65
C41 PCW SB . 31.37 16.60 -1.48
C42 PCW SB . 30.45 17.12 -2.69
C43 PCW SB . 30.27 18.61 -2.86
C44 PCW SB . 29.36 18.81 -4.06
C45 PCW SB . 29.88 19.78 -5.11
C46 PCW SB . 30.02 19.17 -6.47
C47 PCW SB . 30.41 20.11 -7.59
C48 PCW SB . 30.52 19.34 -8.93
N PCW SB . 30.15 25.87 13.19
O2 PCW SB . 31.36 18.47 8.38
O3 PCW SB . 29.45 16.43 8.98
O11 PCW SB . 28.80 16.72 6.82
O31 PCW SB . 33.26 18.45 9.73
O1P PCW SB . 29.02 20.94 12.25
O2P PCW SB . 31.21 20.92 13.46
O3P PCW SB . 31.14 20.64 10.90
O4P PCW SB . 30.75 22.77 12.00
P PCW SB . 30.49 21.28 12.22
C1 PCW TB . 32.04 17.33 13.59
C2 PCW TB . 32.83 15.98 13.34
C3 PCW TB . 32.31 14.87 14.32
C4 PCW TB . 35.81 18.60 11.66
C5 PCW TB . 37.11 17.91 12.04
C6 PCW TB . 37.87 15.51 12.43
C7 PCW TB . 37.65 16.39 10.16
C8 PCW TB . 38.82 16.95 11.48
C11 PCW TB . 34.24 13.49 14.72
C12 PCW TB . 34.81 12.15 14.36
C13 PCW TB . 34.35 11.11 15.45
C14 PCW TB . 34.86 9.68 15.23
C15 PCW TB . 34.24 8.59 16.17
C16 PCW TB . 33.87 7.30 15.37
C17 PCW TB . 33.11 6.17 16.14
C18 PCW TB . 31.72 5.91 15.60
C19 PCW TB . 31.72 4.99 14.34
C20 PCW TB . 30.64 4.91 13.49
C21 PCW TB . 29.30 5.58 13.48
C22 PCW TB . 28.28 4.53 12.98
C23 PCW TB . 26.87 5.03 12.59
C24 PCW TB . 25.92 4.03 12.00
C25 PCW TB . 24.79 4.47 11.02
C26 PCW TB . 24.25 3.40 10.10
C27 PCW TB . 24.61 3.50 8.59
C28 PCW TB . 23.57 4.31 7.87
C31 PCW TB . 33.68 15.29 11.23
C32 PCW TB . 33.25 14.80 9.84
C33 PCW TB . 33.99 13.49 9.32
C34 PCW TB . 34.99 13.76 8.20
C35 PCW TB . 35.09 12.40 7.38
C36 PCW TB . 36.34 11.57 7.75
C37 PCW TB . 36.50 10.22 6.99
C38 PCW TB . 35.90 9.08 7.75
C39 PCW TB . 36.05 7.77 7.02
C40 PCW TB . 35.59 6.58 7.42
C41 PCW TB . 34.83 6.35 8.73
C42 PCW TB . 35.79 5.58 9.73
C43 PCW TB . 36.04 4.10 9.50
C44 PCW TB . 36.98 3.63 10.60
C45 PCW TB . 38.34 3.17 10.14
C46 PCW TB . 38.46 1.68 9.98
C47 PCW TB . 38.94 1.19 8.63
C48 PCW TB . 39.01 -0.34 8.61
N PCW TB . 37.37 16.60 11.55
O2 PCW TB . 32.57 15.50 11.95
O3 PCW TB . 33.02 13.65 14.09
O11 PCW TB . 34.75 14.29 15.45
O31 PCW TB . 34.87 15.46 11.61
O1P PCW TB . 33.74 20.51 12.35
O2P PCW TB . 33.85 19.39 14.59
O3P PCW TB . 32.41 18.40 12.69
O4P PCW TB . 34.84 18.28 12.70
P PCW TB . 33.73 19.23 13.11
C1 PCW UB . 31.46 28.34 4.48
C2 PCW UB . 31.24 26.83 4.91
C3 PCW UB . 30.99 26.73 6.45
C4 PCW UB . 34.68 26.63 2.65
C5 PCW UB . 34.73 25.43 3.58
C6 PCW UB . 33.88 23.03 3.55
C7 PCW UB . 35.87 23.65 2.29
C8 PCW UB . 35.65 23.68 4.12
C11 PCW UB . 31.89 24.55 6.94
C12 PCW UB . 31.45 23.17 7.32
C13 PCW UB . 31.01 22.41 6.01
C14 PCW UB . 30.52 20.98 6.22
C15 PCW UB . 28.99 20.81 6.53
C16 PCW UB . 28.13 21.22 5.28
C17 PCW UB . 28.07 20.21 4.08
C18 PCW UB . 26.88 19.24 4.16
C19 PCW UB . 26.48 18.70 2.78
C20 PCW UB . 26.69 17.38 2.41
C21 PCW UB . 27.29 16.22 3.12
C22 PCW UB . 26.12 15.45 3.79
C23 PCW UB . 25.83 14.01 3.30
C24 PCW UB . 26.51 12.89 4.04
C25 PCW UB . 27.64 12.06 3.37
C26 PCW UB . 27.21 10.82 2.62
C27 PCW UB . 27.20 10.87 1.07
C28 PCW UB . 26.25 9.85 0.51
C31 PCW UB . 30.29 25.23 3.45
C32 PCW UB . 28.97 24.78 2.81
C33 PCW UB . 28.99 23.35 2.10
C34 PCW UB . 28.11 23.26 0.86
C35 PCW UB . 26.63 23.30 1.40
C36 PCW UB . 25.80 24.46 0.77
C37 PCW UB . 24.32 24.56 1.26
C38 PCW UB . 23.38 23.93 0.30
C39 PCW UB . 21.94 24.02 0.75
C40 PCW UB . 21.15 23.03 1.15
C41 PCW UB . 21.57 21.58 1.21
C42 PCW UB . 20.36 20.72 1.79
C43 PCW UB . 19.30 20.24 0.83
C44 PCW UB . 18.27 19.46 1.66
C45 PCW UB . 17.73 18.22 1.01
C46 PCW UB . 16.24 18.10 1.08
C47 PCW UB . 15.68 16.90 1.81
C48 PCW UB . 14.15 16.92 1.80
N PCW UB . 34.72 24.11 3.02
O2 PCW UB . 30.04 26.29 4.22
O3 PCW UB . 30.79 25.36 6.82
O11 PCW UB . 33.02 24.89 6.75
O31 PCW UB . 31.43 24.69 3.26
O1P PCW UB . 33.31 28.73 1.15
O2P PCW UB . 33.74 30.07 3.22
O3P PCW UB . 31.69 28.52 3.07
O4P PCW UB . 33.97 27.68 3.36
P PCW UB . 33.23 28.80 2.65
C1 PCW VB . 27.80 30.31 4.88
C2 PCW VB . 26.81 29.16 4.44
C3 PCW VB . 27.14 27.83 5.20
C4 PCW VB . 25.53 30.15 8.96
C5 PCW VB . 24.69 28.87 9.06
C6 PCW VB . 25.61 27.14 10.70
C7 PCW VB . 23.35 28.06 11.00
C8 PCW VB . 23.98 27.04 9.60
C11 PCW VB . 25.49 26.19 5.75
C12 PCW VB . 24.57 25.17 5.11
C13 PCW VB . 23.10 25.71 5.24
C14 PCW VB . 22.02 24.81 4.65
C15 PCW VB . 20.63 24.84 5.38
C16 PCW VB . 19.45 24.85 4.36
C17 PCW VB . 18.25 25.80 4.65
C18 PCW VB . 16.97 25.43 3.89
C19 PCW VB . 15.81 25.03 4.84
C20 PCW VB . 15.20 23.79 4.80
C21 PCW VB . 15.43 22.59 3.96
C22 PCW VB . 16.40 21.67 4.76
C23 PCW VB . 16.19 20.14 4.64
C24 PCW VB . 16.13 19.36 5.92
C25 PCW VB . 15.01 18.32 6.17
C26 PCW VB . 13.60 18.86 6.34
C27 PCW VB . 13.02 18.91 7.77
C28 PCW VB . 11.67 19.58 7.75
C31 PCW VB . 24.78 30.22 3.82
C32 PCW VB . 23.35 30.52 4.30
C33 PCW VB . 22.92 32.06 4.26
C34 PCW VB . 21.67 32.32 3.41
C35 PCW VB . 22.19 32.44 1.93
C36 PCW VB . 21.06 32.28 0.88
C37 PCW VB . 21.50 32.39 -0.60
C38 PCW VB . 22.11 31.12 -1.10
C39 PCW VB . 22.55 31.21 -2.53
C40 PCW VB . 23.19 30.26 -3.23
C41 PCW VB . 23.59 28.92 -2.67
C42 PCW VB . 22.72 27.80 -3.40
C43 PCW VB . 22.17 26.67 -2.58
C44 PCW VB . 21.40 25.76 -3.53
C45 PCW VB . 20.61 24.66 -2.87
C46 PCW VB . 21.08 23.29 -3.20
C47 PCW VB . 20.30 22.15 -2.57
C48 PCW VB . 20.89 20.79 -2.99
N PCW VB . 24.63 28.18 10.31
O2 PCW VB . 25.40 29.52 4.78
O3 PCW VB . 26.22 26.80 4.78
O11 PCW VB . 25.54 26.42 6.92
O31 PCW VB . 25.28 30.58 2.71
O1P PCW VB . 27.47 32.15 8.14
O2P PCW VB . 26.06 32.24 6.08
O3P PCW VB . 27.91 30.46 6.32
O4P PCW VB . 25.80 30.35 7.54
P PCW VB . 26.80 31.38 7.04
C1 PCW WB . 26.24 -2.08 42.34
C2 PCW WB . 26.32 -3.54 41.76
C3 PCW WB . 27.82 -3.90 41.43
C4 PCW WB . 22.50 -1.71 40.56
C5 PCW WB . 21.37 -0.73 40.89
C6 PCW WB . 19.14 -1.47 41.40
C7 PCW WB . 20.16 0.10 42.77
C8 PCW WB . 20.89 -2.05 42.94
C11 PCW WB . 29.13 -5.74 40.65
C12 PCW WB . 28.99 -7.13 40.09
C13 PCW WB . 29.27 -7.04 38.54
C14 PCW WB . 29.19 -8.38 37.80
C15 PCW WB . 29.41 -8.31 36.26
C16 PCW WB . 28.04 -8.31 35.50
C17 PCW WB . 27.40 -6.91 35.16
C18 PCW WB . 26.30 -7.00 34.11
C19 PCW WB . 25.69 -5.62 33.75
C20 PCW WB . 24.43 -5.49 33.17
C21 PCW WB . 23.42 -6.49 32.76
C22 PCW WB . 22.21 -5.69 32.19
C23 PCW WB . 21.90 -5.85 30.67
C24 PCW WB . 20.48 -5.67 30.26
C25 PCW WB . 19.96 -6.22 28.90
C26 PCW WB . 18.57 -6.83 28.90
C27 PCW WB . 18.24 -7.86 27.81
C28 PCW WB . 16.82 -8.35 27.96
C31 PCW WB . 24.51 -4.63 42.86
C32 PCW WB . 24.18 -5.67 43.93
C33 PCW WB . 24.22 -7.20 43.45
C34 PCW WB . 23.40 -7.46 42.18
C35 PCW WB . 22.03 -8.08 42.68
C36 PCW WB . 21.11 -8.50 41.50
C37 PCW WB . 19.74 -9.12 41.92
C38 PCW WB . 19.48 -10.40 41.20
C39 PCW WB . 18.15 -11.02 41.58
C40 PCW WB . 17.72 -12.23 41.26
C41 PCW WB . 18.50 -13.23 40.42
C42 PCW WB . 19.39 -14.11 41.41
C43 PCW WB . 19.58 -15.59 41.10
C44 PCW WB . 20.46 -16.16 42.19
C45 PCW WB . 20.32 -17.64 42.43
C46 PCW WB . 20.12 -17.99 43.88
C47 PCW WB . 21.36 -18.17 44.72
C48 PCW WB . 21.00 -18.53 46.17
N PCW WB . 20.44 -1.02 41.94
O2 PCW WB . 25.84 -4.52 42.77
O3 PCW WB . 27.89 -5.23 40.90
O11 PCW WB . 30.17 -5.16 40.84
O31 PCW WB . 23.66 -3.98 42.18
O1P PCW WB . 23.94 -0.67 42.85
O2P PCW WB . 24.61 1.13 41.26
O3P PCW WB . 25.94 -1.07 41.35
O4P PCW WB . 23.72 -0.91 40.37
P PCW WB . 24.53 -0.33 41.51
C1 17F XB . 9.12 31.61 2.62
N1 17F XB . 10.49 33.51 3.51
O1 17F XB . 8.55 32.32 -0.15
P1 17F XB . 7.63 32.80 0.96
C2 17F XB . 10.32 32.07 3.47
O2 17F XB . 7.15 34.23 0.86
C3 17F XB . 11.61 31.41 2.96
O3 17F XB . 8.25 32.66 2.37
C4 17F XB . 5.29 32.20 1.99
O4 17F XB . 12.64 32.10 2.61
C5 17F XB . 4.07 31.23 1.90
O5 17F XB . 11.70 30.19 2.83
C6 17F XB . 2.83 32.02 1.42
O6 17F XB . 6.31 31.93 1.03
C7 17F XB . 1.12 31.03 0.17
O7 17F XB . 1.68 31.19 1.32
C8 17F XB . -0.10 30.11 0.34
O8 17F XB . 1.43 31.47 -0.92
C9 17F XB . -0.07 28.85 -0.55
O9 17F XB . 4.32 30.10 1.06
C10 17F XB . -1.29 27.87 -0.42
O10 17F XB . 5.84 28.83 2.22
C11 17F XB . -1.09 26.45 -1.09
C12 17F XB . -2.36 25.54 -0.92
C17 17F XB . 4.72 29.06 1.75
C18 17F XB . 3.61 28.05 1.97
C19 17F XB . 3.61 27.38 3.37
C20 17F XB . 2.23 26.68 3.70
C1X 17F XB . -2.13 24.17 -1.58
C1Y 17F XB . 2.28 26.03 5.10
C1Z 17F XB . 2.53 24.52 4.99
C2X 17F XB . -3.41 23.20 -1.42
C21 17F XB . -3.12 22.00 -0.48
C22 17F XB . -3.15 20.75 -0.84
C23 17F XB . -3.45 20.21 -2.18
C24 17F XB . -2.23 19.85 -3.01
C25 17F XB . -2.50 19.29 -4.40
C26 17F XB . -1.74 17.93 -4.75
C27 17F XB . -2.02 17.38 -6.13
C28 17F XB . -1.19 16.05 -6.29
C29 17F XB . -0.40 16.12 -7.53
C30 17F XB . 0.43 14.91 -7.82
C31 17F XB . 1.43 23.58 5.61
C32 17F XB . 1.72 22.05 5.48
C33 17F XB . 1.37 21.37 6.80
C34 17F XB . 1.50 20.07 7.03
C35 17F XB . 2.00 19.02 6.06
C36 17F XB . 1.64 17.56 6.46
C37 17F XB . 0.38 17.16 5.77
C38 17F XB . 0.54 16.08 4.68
C39 17F XB . -0.82 15.74 4.03
C40 17F XB . -0.78 14.33 3.41
C41 17F XB . -0.88 14.43 1.84
C42 17F XB . 0.34 14.05 1.00
C1 17F YB . 21.01 18.57 26.21
N1 17F YB . 23.30 19.36 25.60
O1 17F YB . 18.82 20.56 27.08
P1 17F YB . 19.06 19.19 27.69
C2 17F YB . 22.51 18.31 26.25
O2 17F YB . 18.75 19.03 29.16
C3 17F YB . 22.82 16.96 25.58
O3 17F YB . 20.50 18.69 27.49
C4 17F YB . 18.22 16.72 27.38
O4 17F YB . 23.67 16.85 24.60
C5 17F YB . 17.28 15.79 26.56
O5 17F YB . 22.28 15.93 25.96
C6 17F YB . 15.81 16.02 26.97
O6 17F YB . 18.17 18.09 26.97
C7 17F YB . 13.73 15.00 26.73
O7 17F YB . 14.91 15.19 26.25
C8 17F YB . 12.95 14.06 25.77
O8 17F YB . 13.20 15.43 27.72
C9 17F YB . 12.20 14.81 24.65
O9 17F YB . 17.45 15.94 25.13
C10 17F YB . 11.39 13.91 23.64
O10 17F YB . 19.66 15.86 24.49
C11 17F YB . 12.29 13.08 22.64
C12 17F YB . 11.41 12.21 21.67
C17 17F YB . 18.55 15.35 24.70
C18 17F YB . 18.34 13.88 24.42
C19 17F YB . 19.41 12.95 25.06
C20 17F YB . 19.54 13.15 26.62
C1X 17F YB . 12.33 11.42 20.71
C1Y 17F YB . 20.61 12.20 27.21
C1Z 17F YB . 19.92 11.01 27.88
C2X 17F YB . 11.49 10.51 19.69
C21 17F YB . 11.64 8.99 19.98
C22 17F YB . 11.64 8.06 19.08
C23 17F YB . 11.49 8.24 17.63
C24 17F YB . 11.81 6.99 16.81
C25 17F YB . 11.68 7.11 15.29
C26 17F YB . 10.33 6.52 14.66
C27 17F YB . 10.23 6.66 13.16
C28 17F YB . 8.85 6.04 12.71
C29 17F YB . 8.87 5.81 11.26
C30 17F YB . 7.60 5.22 10.71
C31 17F YB . 19.30 11.25 29.30
C32 17F YB . 18.63 10.01 29.95
C33 17F YB . 18.18 10.37 31.38
C34 17F YB . 17.57 9.53 32.21
C35 17F YB . 17.15 8.10 31.94
C36 17F YB . 15.86 7.93 31.09
C37 17F YB . 15.67 6.50 30.77
C38 17F YB . 16.18 6.09 29.35
C39 17F YB . 15.95 4.58 29.10
C40 17F YB . 16.06 4.27 27.60
C41 17F YB . 14.84 3.39 27.13
C42 17F YB . 15.07 2.31 26.07
C1 17F ZB . 28.96 12.85 28.59
N1 17F ZB . 28.29 10.45 28.31
O1 17F ZB . 29.47 13.00 25.74
P1 17F ZB . 28.17 13.54 26.28
C2 17F ZB . 29.40 11.37 28.50
O2 17F ZB . 28.00 15.04 26.27
C3 17F ZB . 30.18 10.98 29.76
O3 17F ZB . 27.89 13.10 27.75
C4 17F ZB . 25.59 13.36 25.84
O4 17F ZB . 29.84 9.97 30.50
C5 17F ZB . 24.49 12.70 24.94
O5 17F ZB . 31.17 11.63 30.12
C6 17F ZB . 24.04 13.70 23.85
O6 17F ZB . 26.92 12.98 25.49
C7 17F ZB . 22.10 13.92 22.57
O7 17F ZB . 23.04 13.14 23.01
C8 17F ZB . 21.13 13.07 21.71
O8 17F ZB . 21.92 15.09 22.75
C9 17F ZB . 21.20 13.40 20.20
O9 17F ZB . 24.93 11.46 24.37
C10 17F ZB . 20.23 12.58 19.26
O10 17F ZB . 24.77 10.11 26.23
C11 17F ZB . 20.49 11.02 19.29
C12 17F ZB . 19.50 10.26 18.34
C17 17F ZB . 24.52 10.41 25.06
C18 17F ZB . 23.62 9.51 24.24
C19 17F ZB . 22.17 10.03 24.08
C20 17F ZB . 21.09 8.93 24.40
C1X 17F ZB . 19.78 8.74 18.39
C1Y 17F ZB . 19.66 9.50 24.21
C1Z 17F ZB . 18.76 8.50 23.49
C2X 17F ZB . 18.80 7.91 17.43
C21 17F ZB . 19.49 7.46 16.12
C22 17F ZB . 19.30 6.33 15.53
C23 17F ZB . 18.41 5.24 15.96
C24 17F ZB . 17.33 4.87 14.94
C25 17F ZB . 16.38 3.75 15.33
C26 17F ZB . 14.84 3.98 14.95
C27 17F ZB . 13.92 2.85 15.35
C28 17F ZB . 12.46 3.26 14.90
C29 17F ZB . 11.87 2.15 14.12
C30 17F ZB . 10.48 2.41 13.62
C31 17F ZB . 17.64 7.81 24.35
C32 17F ZB . 16.74 6.79 23.59
C33 17F ZB . 15.32 6.89 24.13
C34 17F ZB . 14.30 6.16 23.70
C35 17F ZB . 14.33 5.10 22.62
C36 17F ZB . 13.72 5.54 21.26
C37 17F ZB . 12.83 4.47 20.75
C38 17F ZB . 13.44 3.58 19.63
C39 17F ZB . 12.44 2.50 19.17
C40 17F ZB . 13.20 1.23 18.76
C41 17F ZB . 12.85 0.03 19.75
C42 17F ZB . 13.35 -1.38 19.41
C1 17F AC . 2.56 34.33 5.81
N1 17F AC . 2.53 35.06 8.22
O1 17F AC . 1.27 34.87 3.23
P1 17F AC . 0.71 35.46 4.50
C2 17F AC . 2.75 33.96 7.29
O2 17F AC . 0.21 36.87 4.44
C3 17F AC . 4.17 33.39 7.51
O3 17F AC . 1.72 35.42 5.68
C4 17F AC . -1.22 34.96 6.24
O4 17F AC . 4.98 33.88 8.38
C5 17F AC . -2.38 33.99 6.61
O5 17F AC . 4.58 32.45 6.83
C6 17F AC . -3.62 34.81 7.05
O6 17F AC . -0.52 34.60 5.04
C7 17F AC . -5.66 33.82 6.52
O7 17F AC . -4.72 33.97 7.39
C8 17F AC . -6.74 32.88 7.12
O8 17F AC . -5.80 34.28 5.41
C9 17F AC . -6.53 31.40 6.74
O9 17F AC . -2.71 33.09 5.54
C10 17F AC . -7.58 30.38 7.31
O10 17F AC . -2.86 31.15 6.76
C11 17F AC . -7.18 29.73 8.69
C12 17F AC . -8.29 28.73 9.20
C17 17F AC . -2.41 31.85 5.84
C18 17F AC . -1.39 31.27 4.89
C19 17F AC . -1.99 30.72 3.56
C20 17F AC . -2.77 29.37 3.77
C1X 17F AC . -7.88 28.11 10.54
C1Y 17F AC . -3.35 28.86 2.43
C1Z 17F AC . -4.35 27.73 2.68
C2X 17F AC . -8.98 27.08 11.09
C21 17F AC . -9.03 27.05 12.65
C22 17F AC . -8.77 26.01 13.37
C23 17F AC . -8.36 24.67 12.89
C24 17F AC . -6.88 24.37 13.01
C25 17F AC . -6.42 23.00 12.52
C26 17F AC . -5.84 22.95 11.03
C27 17F AC . -5.40 21.57 10.57
C28 17F AC . -4.87 21.72 9.09
C29 17F AC . -5.71 20.90 8.19
C30 17F AC . -5.33 20.95 6.75
C31 17F AC . -5.84 28.16 2.94
C32 17F AC . -6.84 27.00 3.18
C33 17F AC . -7.45 26.58 1.86
C34 17F AC . -8.35 25.61 1.69
C35 17F AC . -8.94 24.74 2.77
C36 17F AC . -8.13 23.44 3.07
C37 17F AC . -8.81 22.28 2.44
C38 17F AC . -8.27 20.89 2.90
C39 17F AC . -9.04 19.75 2.20
C40 17F AC . -10.09 19.15 3.15
C41 17F AC . -11.50 19.09 2.45
C42 17F AC . -12.40 20.33 2.49
C1 17F BC . 49.43 12.90 13.31
N1 17F BC . 49.65 15.31 12.67
O1 17F BC . 52.84 14.11 12.46
P1 17F BC . 51.87 12.96 12.69
C2 17F BC . 48.73 14.22 12.93
O2 17F BC . 52.61 12.57 13.94
C3 17F BC . 47.76 14.62 14.05
O3 17F BC . 50.73 13.12 13.73
C4 17F BC . 51.47 10.37 12.50
O4 17F BC . 47.80 15.78 14.62
C5 17F BC . 52.10 9.01 12.07
O5 17F BC . 46.89 13.85 14.45
C6 17F BC . 51.39 8.50 10.79
O6 17F BC . 52.34 11.49 12.31
C7 17F BC . 51.16 6.47 9.66
O7 17F BC . 51.93 7.26 10.34
C8 17F BC . 51.97 5.20 9.34
O8 17F BC . 50.01 6.60 9.31
C9 17F BC . 51.20 3.89 9.65
O9 17F BC . 53.52 9.09 11.89
C10 17F BC . 51.98 2.56 9.35
O10 17F BC . 54.04 7.88 13.79
C11 17F BC . 51.35 1.67 8.20
C12 17F BC . 52.19 0.36 7.96
C17 17F BC . 54.15 8.16 12.58
C18 17F BC . 55.12 7.36 11.72
C19 17F BC . 56.54 7.21 12.33
C20 17F BC . 57.52 6.41 11.39
C1X 17F BC . 51.54 -0.46 6.84
C1Y 17F BC . 58.91 6.29 12.04
C1Z 17F BC . 60.02 6.41 10.98
C2X 17F BC . 52.35 -1.82 6.54
C21 17F BC . 53.61 -1.58 5.64
C22 17F BC . 54.82 -1.86 5.98
C23 17F BC . 55.29 -2.45 7.25
C24 17F BC . 56.53 -3.32 7.13
C25 17F BC . 57.05 -3.95 8.40
C26 17F BC . 58.10 -5.15 8.22
C27 17F BC . 58.60 -5.77 9.51
C28 17F BC . 59.62 -6.92 9.12
C29 17F BC . 59.90 -7.73 10.31
C30 17F BC . 60.85 -8.87 10.10
C31 17F BC . 60.95 7.67 11.08
C32 17F BC . 62.07 7.76 10.00
C33 17F BC . 61.76 8.92 9.07
C34 17F BC . 62.53 9.29 8.04
C35 17F BC . 63.81 8.62 7.58
C36 17F BC . 64.89 9.61 7.03
C37 17F BC . 65.84 8.84 6.18
C38 17F BC . 66.61 9.69 5.13
C39 17F BC . 67.56 8.84 4.29
C40 17F BC . 69.00 9.35 4.41
C41 17F BC . 69.68 9.47 2.98
C42 17F BC . 70.82 8.53 2.61
C1 17F CC . 13.36 9.13 40.59
N1 17F CC . 14.34 10.39 42.52
O1 17F CC . 16.20 8.24 38.86
P1 17F CC . 14.78 7.72 39.05
C2 17F CC . 14.15 10.35 41.08
O2 17F CC . 13.77 8.16 38.04
C3 17F CC . 13.44 11.64 40.62
O3 17F CC . 14.20 8.04 40.45
C4 17F CC . 13.52 5.44 39.16
O4 17F CC . 13.09 12.57 41.45
C5 17F CC . 13.65 3.89 39.10
O5 17F CC . 13.17 11.83 39.44
C6 17F CC . 14.76 3.42 40.06
O6 17F CC . 14.75 6.14 39.00
C7 17F CC . 16.08 1.49 40.26
O7 17F CC . 14.91 2.01 40.04
C8 17F CC . 15.93 -0.05 40.17
O8 17F CC . 17.14 2.01 40.51
C9 17F CC . 15.53 -0.54 38.76
O9 17F CC . 12.41 3.22 39.37
C10 17F CC . 15.37 -2.09 38.59
O10 17F CC . 12.80 1.91 37.50
C11 17F CC . 16.63 -2.83 38.01
C12 17F CC . 16.39 -4.37 37.87
C17 17F CC . 12.14 2.28 38.48
C18 17F CC . 10.82 1.61 38.76
C19 17F CC . 9.61 2.22 38.00
C20 17F CC . 8.74 1.11 37.29
C1X 17F CC . 17.65 -5.05 37.29
C1Y 17F CC . 7.54 1.75 36.55
C1Z 17F CC . 6.63 0.66 35.97
C2X 17F CC . 17.45 -6.64 37.13
C21 17F CC . 18.19 -7.44 38.25
C22 17F CC . 18.46 -8.70 38.17
C23 17F CC . 18.14 -9.63 37.07
C24 17F CC . 18.62 -11.06 37.30
C25 17F CC . 18.33 -12.05 36.18
C26 17F CC . 19.39 -12.12 34.99
C27 17F CC . 19.06 -13.12 33.90
C28 17F CC . 20.21 -13.05 32.82
C29 17F CC . 21.15 -14.15 33.06
C30 17F CC . 22.30 -14.22 32.12
C31 17F CC . 5.10 0.80 36.27
C32 17F CC . 4.19 -0.32 35.67
C33 17F CC . 4.31 -1.57 36.54
C34 17F CC . 3.67 -2.72 36.29
C35 17F CC . 2.72 -3.01 35.16
C36 17F CC . 1.76 -4.22 35.43
C37 17F CC . 0.94 -4.47 34.21
C38 17F CC . -0.51 -4.93 34.50
C39 17F CC . -1.28 -5.18 33.19
C40 17F CC . -1.81 -6.62 33.14
C41 17F CC . -3.37 -6.64 32.92
C42 17F CC . -4.11 -7.99 32.89
C1 17F DC . 9.43 14.95 35.05
N1 17F DC . 10.83 16.87 35.84
O1 17F DC . 8.17 16.52 32.27
P1 17F DC . 8.26 15.11 32.80
C2 17F DC . 9.49 16.41 35.50
O2 17F DC . 7.08 14.62 33.60
C3 17F DC . 8.55 16.64 36.70
O3 17F DC . 9.52 14.86 33.66
C4 17F DC . 8.50 12.64 31.89
O4 17F DC . 8.96 17.14 37.81
C5 17F DC . 8.62 11.78 30.60
O5 17F DC . 7.36 16.33 36.64
C6 17F DC . 9.17 10.39 30.95
O6 17F DC . 8.40 14.05 31.62
C7 17F DC . 8.63 8.45 29.75
O7 17F DC . 9.29 9.57 29.79
C8 17F DC . 8.90 7.79 28.37
O8 17F DC . 7.89 7.95 30.55
C9 17F DC . 7.86 8.22 27.30
O9 17F DC . 7.38 11.68 29.88
C10 17F DC . 8.06 7.58 25.86
O10 17F DC . 8.43 12.53 28.01
C11 17F DC . 6.96 7.99 24.82
C12 17F DC . 7.21 7.33 23.40
C17 17F DC . 7.44 12.26 28.70
C18 17F DC . 6.07 12.61 28.17
C19 17F DC . 5.77 12.08 26.75
C20 17F DC . 4.25 12.21 26.36
C1X 17F DC . 6.11 7.75 22.42
C1Y 17F DC . 3.99 11.67 24.94
C1Z 17F DC . 3.87 10.14 24.94
C2X 17F DC . 6.32 7.12 20.96
C21 17F DC . 4.99 6.63 20.32
C22 17F DC . 4.19 7.38 19.65
C23 17F DC . 4.35 8.81 19.33
C24 17F DC . 3.12 9.67 19.62
C25 17F DC . 3.25 11.16 19.32
C26 17F DC . 4.19 12.00 20.31
C27 17F DC . 4.30 13.47 20.00
C28 17F DC . 5.25 14.10 21.08
C29 17F DC . 6.51 14.47 20.43
C30 17F DC . 7.53 15.10 21.35
C31 17F DC . 2.59 9.53 25.61
C32 17F DC . 2.51 7.98 25.60
C33 17F DC . 2.23 7.47 27.01
C34 17F DC . 2.10 6.20 27.35
C35 17F DC . 2.21 5.00 26.44
C36 17F DC . 3.64 4.43 26.25
C37 17F DC . 3.60 3.38 25.20
C38 17F DC . 3.47 1.93 25.74
C39 17F DC . 3.43 0.91 24.58
C40 17F DC . 2.81 -0.41 25.05
C41 17F DC . 3.84 -1.60 24.93
C42 17F DC . 4.54 -2.11 26.19
C1 17F EC . 3.86 26.62 26.06
N1 17F EC . 5.61 25.64 24.55
O1 17F EC . 1.49 26.79 27.88
P1 17F EC . 2.11 25.48 27.49
C2 17F EC . 4.22 26.03 24.68
O2 17F EC . 2.13 24.39 28.55
C3 17F EC . 3.86 27.05 23.58
O3 17F EC . 3.56 25.61 26.97
C4 17F EC . 1.73 23.57 25.71
O4 17F EC . 4.72 27.45 22.72
C5 17F EC . 0.82 23.11 24.54
O5 17F EC . 2.73 27.52 23.49
C6 17F EC . 0.98 24.08 23.32
O6 17F EC . 1.33 24.82 26.28
C7 17F EC . -0.84 24.44 21.92
O7 17F EC . 0.16 23.69 22.23
C8 17F EC . -1.58 23.79 20.73
O8 17F EC . -1.23 25.48 22.41
C9 17F EC . -3.11 23.67 20.93
O9 17F EC . 1.04 21.74 24.13
C10 17F EC . -3.91 23.01 19.75
O10 17F EC . 3.10 21.93 23.09
C11 17F EC . -3.80 21.44 19.69
C12 17F EC . -4.62 20.83 18.49
C17 17F EC . 2.32 21.45 23.92
C18 17F EC . 2.82 20.37 24.86
C19 17F EC . 2.35 18.94 24.50
C20 17F EC . 1.01 18.54 25.24
C1X 17F EC . -4.49 19.30 18.46
C1Y 17F EC . 0.59 17.11 24.85
C1Z 17F EC . -0.79 16.78 25.45
C2X 17F EC . -5.32 18.65 17.26
C21 17F EC . -6.69 18.07 17.72
C22 17F EC . -6.96 16.81 17.82
C23 17F EC . -6.07 15.68 17.52
C24 17F EC . -6.41 14.93 16.24
C25 17F EC . -5.52 13.74 15.88
C26 17F EC . -4.36 14.05 14.82
C27 17F EC . -3.49 12.85 14.47
C28 17F EC . -2.42 13.33 13.43
C29 17F EC . -2.75 12.75 12.11
C30 17F EC . -1.81 13.12 11.01
C31 17F EC . -1.58 15.60 24.78
C32 17F EC . -2.98 15.29 25.40
C33 17F EC . -3.98 15.05 24.28
C34 17F EC . -5.26 14.77 24.47
C35 17F EC . -5.97 14.61 25.80
C36 17F EC . -6.72 13.26 25.98
C37 17F EC . -5.87 12.33 26.75
C38 17F EC . -6.23 12.20 28.25
C39 17F EC . -5.29 11.22 28.97
C40 17F EC . -5.71 11.05 30.44
C41 17F EC . -5.11 9.72 31.03
C42 17F EC . -5.35 9.40 32.51
PG GNP FC . -29.20 -14.52 -13.88
O1G GNP FC . -29.24 -14.74 -15.35
O2G GNP FC . -27.92 -13.80 -13.44
O3G GNP FC . -30.46 -13.83 -13.54
N3B GNP FC . -29.28 -15.92 -13.09
PB GNP FC . -28.27 -17.18 -13.18
O1B GNP FC . -27.00 -16.94 -12.45
O2B GNP FC . -28.07 -17.44 -14.61
O3A GNP FC . -29.01 -18.39 -12.58
PA GNP FC . -28.88 -19.18 -11.21
O1A GNP FC . -27.58 -19.86 -11.16
O2A GNP FC . -29.28 -18.36 -10.06
O5' GNP FC . -29.95 -20.31 -11.26
C5' GNP FC . -31.36 -19.97 -11.32
C4' GNP FC . -32.02 -20.88 -12.32
O4' GNP FC . -31.09 -21.13 -13.42
C3' GNP FC . -32.39 -22.25 -11.75
O3' GNP FC . -33.71 -22.59 -12.13
C2' GNP FC . -31.30 -23.19 -12.30
O2' GNP FC . -31.70 -24.52 -12.53
C1' GNP FC . -30.84 -22.52 -13.60
N9 GNP FC . -29.38 -22.70 -13.87
C8 GNP FC . -28.52 -21.70 -14.19
N7 GNP FC . -27.30 -22.11 -14.39
C5 GNP FC . -27.35 -23.49 -14.16
C6 GNP FC . -26.34 -24.50 -14.22
O6 GNP FC . -25.16 -24.38 -14.48
N1 GNP FC . -26.80 -25.75 -13.95
C2 GNP FC . -28.09 -26.06 -13.64
N2 GNP FC . -28.33 -27.36 -13.40
N3 GNP FC . -29.07 -25.15 -13.57
C4 GNP FC . -28.64 -23.88 -13.85
MG MG GC . -23.81 -12.60 -9.36
N LEU A 3 -7.56 29.23 -29.86
CA LEU A 3 -7.18 30.60 -30.16
C LEU A 3 -5.90 30.98 -29.43
N LYS A 4 -5.97 30.99 -28.10
CA LYS A 4 -4.81 31.35 -27.29
C LYS A 4 -3.73 30.29 -27.41
N LEU A 5 -4.16 29.03 -27.47
CA LEU A 5 -3.23 27.92 -27.61
C LEU A 5 -2.54 27.97 -28.98
N LEU A 6 -3.21 28.54 -29.96
CA LEU A 6 -2.67 28.66 -31.30
C LEU A 6 -1.53 29.68 -31.31
N ASP A 7 -1.77 30.84 -30.70
CA ASP A 7 -0.76 31.90 -30.63
C ASP A 7 0.39 31.45 -29.75
N ASN A 8 0.05 30.76 -28.67
CA ASN A 8 1.05 30.25 -27.74
C ASN A 8 1.94 29.23 -28.46
N TRP A 9 1.30 28.23 -29.08
CA TRP A 9 2.03 27.21 -29.81
C TRP A 9 2.83 27.81 -30.97
N ASP A 10 2.31 28.89 -31.54
CA ASP A 10 2.98 29.57 -32.63
C ASP A 10 4.32 30.10 -32.15
N SER A 11 4.30 30.74 -31.00
CA SER A 11 5.49 31.29 -30.39
C SER A 11 6.46 30.16 -30.03
N VAL A 12 5.91 29.06 -29.54
CA VAL A 12 6.73 27.90 -29.17
C VAL A 12 7.38 27.28 -30.40
N THR A 13 6.59 27.10 -31.46
CA THR A 13 7.09 26.51 -32.69
C THR A 13 8.16 27.37 -33.34
N SER A 14 7.94 28.68 -33.39
CA SER A 14 8.91 29.59 -33.97
C SER A 14 10.20 29.57 -33.16
N THR A 15 10.07 29.57 -31.84
CA THR A 15 11.23 29.52 -30.97
C THR A 15 11.96 28.19 -31.14
N PHE A 16 11.20 27.10 -31.20
CA PHE A 16 11.77 25.78 -31.40
C PHE A 16 12.56 25.73 -32.70
N SER A 17 12.01 26.39 -33.72
CA SER A 17 12.65 26.46 -35.03
C SER A 17 13.95 27.25 -34.91
N LYS A 18 13.89 28.39 -34.22
CA LYS A 18 15.07 29.23 -34.03
C LYS A 18 16.12 28.49 -33.21
N LEU A 19 15.66 27.66 -32.27
CA LEU A 19 16.54 26.86 -31.46
C LEU A 19 17.19 25.77 -32.30
N ARG A 20 16.39 25.18 -33.19
CA ARG A 20 16.87 24.14 -34.09
C ARG A 20 17.89 24.72 -35.05
N GLU A 21 17.62 25.92 -35.54
CA GLU A 21 18.50 26.62 -36.45
C GLU A 21 19.83 26.94 -35.78
N GLN A 22 19.82 26.91 -34.45
CA GLN A 22 21.01 27.16 -33.66
C GLN A 22 21.66 25.84 -33.30
N LEU A 23 20.83 24.83 -33.05
CA LEU A 23 21.30 23.50 -32.69
C LEU A 23 22.19 22.93 -33.79
N GLY A 24 21.85 23.24 -35.04
CA GLY A 24 22.63 22.78 -36.17
C GLY A 24 24.08 23.21 -36.04
N PRO A 25 24.36 24.52 -36.18
CA PRO A 25 25.72 25.05 -36.03
C PRO A 25 26.30 24.69 -34.66
N VAL A 26 25.47 24.74 -33.63
CA VAL A 26 25.90 24.42 -32.27
C VAL A 26 26.51 23.02 -32.20
N THR A 27 25.83 22.04 -32.78
CA THR A 27 26.34 20.67 -32.76
C THR A 27 27.62 20.57 -33.58
N GLN A 28 27.69 21.36 -34.65
CA GLN A 28 28.86 21.39 -35.52
C GLN A 28 30.03 21.99 -34.74
N GLU A 29 29.77 23.12 -34.11
CA GLU A 29 30.78 23.81 -33.30
C GLU A 29 31.18 22.97 -32.11
N PHE A 30 30.19 22.29 -31.52
CA PHE A 30 30.44 21.43 -30.38
C PHE A 30 31.31 20.26 -30.81
N TRP A 31 30.95 19.63 -31.93
CA TRP A 31 31.72 18.51 -32.45
C TRP A 31 33.11 18.95 -32.88
N ASP A 32 33.19 20.14 -33.47
CA ASP A 32 34.47 20.70 -33.89
C ASP A 32 35.36 20.87 -32.68
N ASN A 33 34.77 21.37 -31.60
CA ASN A 33 35.51 21.54 -30.35
C ASN A 33 35.83 20.19 -29.76
N LEU A 34 34.87 19.27 -29.84
CA LEU A 34 35.05 17.91 -29.33
C LEU A 34 36.17 17.22 -30.10
N GLU A 35 36.33 17.60 -31.37
CA GLU A 35 37.39 17.04 -32.20
C GLU A 35 38.74 17.44 -31.65
N LYS A 36 38.89 18.72 -31.31
CA LYS A 36 40.14 19.20 -30.75
C LYS A 36 40.40 18.48 -29.43
N GLU A 37 39.32 18.31 -28.66
CA GLU A 37 39.39 17.63 -27.37
C GLU A 37 39.83 16.18 -27.56
N THR A 38 39.15 15.46 -28.45
CA THR A 38 39.48 14.07 -28.73
C THR A 38 40.87 13.96 -29.33
N GLU A 39 41.23 14.89 -30.20
CA GLU A 39 42.55 14.89 -30.82
C GLU A 39 43.62 14.98 -29.76
N GLY A 40 43.46 15.93 -28.84
CA GLY A 40 44.41 16.10 -27.76
C GLY A 40 44.43 14.85 -26.90
N LEU A 41 43.24 14.37 -26.53
CA LEU A 41 43.12 13.18 -25.72
C LEU A 41 43.75 11.97 -26.40
N ARG A 42 43.67 11.92 -27.73
CA ARG A 42 44.25 10.81 -28.48
C ARG A 42 45.77 10.87 -28.41
N GLN A 43 46.32 12.07 -28.53
CA GLN A 43 47.75 12.26 -28.48
C GLN A 43 48.28 12.09 -27.06
N GLU A 44 47.42 12.35 -26.09
CA GLU A 44 47.78 12.21 -24.69
C GLU A 44 47.59 10.78 -24.22
N MET A 45 46.47 10.17 -24.57
CA MET A 45 46.16 8.79 -24.19
C MET A 45 47.19 7.80 -24.72
N SER A 46 47.77 8.11 -25.88
CA SER A 46 48.78 7.23 -26.46
C SER A 46 49.99 7.20 -25.52
N LYS A 47 50.36 8.37 -25.02
CA LYS A 47 51.47 8.51 -24.10
C LYS A 47 51.04 7.99 -22.73
N ASP A 48 49.78 8.25 -22.39
CA ASP A 48 49.20 7.79 -21.13
C ASP A 48 49.34 6.28 -21.06
N LEU A 49 48.89 5.61 -22.10
CA LEU A 49 48.94 4.16 -22.20
C LEU A 49 50.37 3.66 -22.35
N GLU A 50 51.17 4.36 -23.14
CA GLU A 50 52.57 3.98 -23.35
C GLU A 50 53.32 4.02 -22.04
N GLU A 51 53.30 5.18 -21.40
CA GLU A 51 54.00 5.37 -20.14
C GLU A 51 53.37 4.56 -19.01
N VAL A 52 52.06 4.37 -19.03
CA VAL A 52 51.40 3.59 -17.99
C VAL A 52 51.87 2.15 -18.02
N LYS A 53 52.04 1.60 -19.23
CA LYS A 53 52.49 0.23 -19.39
C LYS A 53 54.00 0.15 -19.20
N ALA A 54 54.71 1.17 -19.68
CA ALA A 54 56.15 1.23 -19.55
C ALA A 54 56.55 1.34 -18.09
N LYS A 55 55.75 2.07 -17.32
CA LYS A 55 56.00 2.25 -15.90
C LYS A 55 55.42 1.10 -15.10
N VAL A 56 54.35 0.50 -15.61
CA VAL A 56 53.70 -0.61 -14.91
C VAL A 56 54.56 -1.87 -14.98
N GLN A 57 55.41 -1.97 -16.00
CA GLN A 57 56.29 -3.12 -16.14
C GLN A 57 57.19 -3.27 -14.91
N PRO A 58 58.08 -2.29 -14.63
CA PRO A 58 58.95 -2.37 -13.44
C PRO A 58 58.13 -2.24 -12.17
N TYR A 59 56.95 -1.64 -12.28
CA TYR A 59 56.06 -1.46 -11.15
C TYR A 59 55.55 -2.82 -10.68
N LEU A 60 54.98 -3.56 -11.61
CA LEU A 60 54.45 -4.89 -11.30
C LEU A 60 55.60 -5.85 -11.05
N ASP A 61 56.70 -5.65 -11.76
CA ASP A 61 57.89 -6.48 -11.62
C ASP A 61 58.42 -6.37 -10.19
N ASP A 62 58.55 -5.13 -9.72
CA ASP A 62 59.03 -4.87 -8.36
C ASP A 62 57.97 -5.34 -7.36
N PHE A 63 56.71 -5.07 -7.68
CA PHE A 63 55.58 -5.46 -6.84
C PHE A 63 55.56 -6.97 -6.67
N GLN A 64 55.76 -7.69 -7.76
CA GLN A 64 55.77 -9.15 -7.73
C GLN A 64 56.92 -9.67 -6.88
N LYS A 65 58.11 -9.10 -7.08
CA LYS A 65 59.27 -9.52 -6.30
C LYS A 65 59.02 -9.26 -4.83
N LYS A 66 58.54 -8.05 -4.53
CA LYS A 66 58.23 -7.68 -3.15
C LYS A 66 57.16 -8.61 -2.60
N TRP A 67 56.09 -8.82 -3.37
CA TRP A 67 54.99 -9.69 -2.96
C TRP A 67 55.51 -11.10 -2.72
N GLN A 68 56.43 -11.55 -3.59
CA GLN A 68 57.01 -12.86 -3.45
C GLN A 68 57.80 -12.94 -2.16
N GLU A 69 58.64 -11.93 -1.92
CA GLU A 69 59.43 -11.87 -0.69
C GLU A 69 58.49 -11.84 0.50
N GLU A 70 57.45 -11.02 0.37
CA GLU A 70 56.45 -10.89 1.41
C GLU A 70 55.78 -12.22 1.70
N MET A 71 55.37 -12.91 0.64
CA MET A 71 54.71 -14.22 0.76
C MET A 71 55.66 -15.28 1.28
N GLU A 72 56.85 -15.35 0.70
CA GLU A 72 57.85 -16.33 1.11
C GLU A 72 58.24 -16.12 2.56
N LEU A 73 58.50 -14.88 2.93
CA LEU A 73 58.87 -14.55 4.30
C LEU A 73 57.69 -14.72 5.24
N TYR A 74 56.48 -14.53 4.71
CA TYR A 74 55.27 -14.71 5.50
C TYR A 74 55.09 -16.17 5.81
N ARG A 75 55.14 -17.02 4.79
CA ARG A 75 55.00 -18.46 4.96
C ARG A 75 56.10 -19.01 5.84
N GLN A 76 57.28 -18.41 5.73
CA GLN A 76 58.44 -18.82 6.53
C GLN A 76 58.20 -18.50 8.01
N LYS A 77 57.12 -17.77 8.27
CA LYS A 77 56.74 -17.42 9.63
C LYS A 77 55.42 -18.06 9.98
N VAL A 78 54.47 -17.99 9.04
CA VAL A 78 53.14 -18.56 9.22
C VAL A 78 53.22 -20.00 9.73
N GLU A 79 54.08 -20.81 9.12
CA GLU A 79 54.22 -22.21 9.54
C GLU A 79 54.84 -22.34 10.94
N PRO A 80 56.07 -21.81 11.17
CA PRO A 80 56.72 -21.88 12.49
C PRO A 80 55.89 -21.21 13.58
N LEU A 81 55.30 -20.05 13.27
CA LEU A 81 54.49 -19.33 14.24
C LEU A 81 53.17 -20.07 14.48
N ARG A 82 52.76 -20.86 13.50
CA ARG A 82 51.53 -21.65 13.62
C ARG A 82 51.81 -22.81 14.55
N ALA A 83 53.06 -23.26 14.53
CA ALA A 83 53.49 -24.35 15.39
C ALA A 83 53.33 -23.93 16.84
N GLU A 84 53.72 -22.69 17.13
CA GLU A 84 53.59 -22.14 18.47
C GLU A 84 52.11 -22.03 18.82
N LEU A 85 51.33 -21.57 17.85
CA LEU A 85 49.90 -21.41 18.02
C LEU A 85 49.22 -22.74 18.27
N GLN A 86 49.59 -23.74 17.47
CA GLN A 86 49.02 -25.08 17.59
C GLN A 86 49.49 -25.78 18.86
N GLU A 87 50.80 -25.85 19.05
CA GLU A 87 51.36 -26.49 20.23
C GLU A 87 50.89 -25.78 21.48
N GLY A 88 50.85 -24.45 21.40
CA GLY A 88 50.39 -23.65 22.52
C GLY A 88 48.92 -23.89 22.75
N ALA A 89 48.15 -23.97 21.67
CA ALA A 89 46.72 -24.21 21.75
C ALA A 89 46.48 -25.59 22.35
N ARG A 90 47.34 -26.54 22.00
CA ARG A 90 47.25 -27.89 22.53
C ARG A 90 47.35 -27.85 24.04
N GLN A 91 48.30 -27.05 24.54
CA GLN A 91 48.49 -26.89 25.97
C GLN A 91 47.28 -26.20 26.58
N LYS A 92 46.90 -25.08 25.98
CA LYS A 92 45.75 -24.29 26.44
C LYS A 92 44.49 -25.16 26.49
N LEU A 93 44.22 -25.87 25.40
CA LEU A 93 43.06 -26.73 25.31
C LEU A 93 43.19 -27.95 26.22
N HIS A 94 44.40 -28.46 26.35
CA HIS A 94 44.64 -29.62 27.20
C HIS A 94 44.28 -29.28 28.63
N GLU A 95 44.83 -28.17 29.13
CA GLU A 95 44.55 -27.72 30.48
C GLU A 95 43.07 -27.39 30.63
N LEU A 96 42.48 -26.78 29.60
CA LEU A 96 41.07 -26.44 29.61
C LEU A 96 40.22 -27.70 29.66
N GLN A 97 40.57 -28.69 28.85
CA GLN A 97 39.84 -29.96 28.82
C GLN A 97 40.02 -30.70 30.13
N GLU A 98 41.22 -30.59 30.71
CA GLU A 98 41.51 -31.22 31.99
C GLU A 98 40.71 -30.56 33.09
N LYS A 99 40.26 -29.34 32.82
CA LYS A 99 39.44 -28.61 33.77
C LYS A 99 37.97 -28.85 33.46
N LEU A 100 37.67 -29.03 32.18
CA LEU A 100 36.30 -29.29 31.72
C LEU A 100 35.74 -30.53 32.39
N SER A 101 36.60 -31.49 32.72
CA SER A 101 36.16 -32.71 33.38
C SER A 101 35.67 -32.41 34.81
N PRO A 102 36.55 -31.98 35.73
CA PRO A 102 36.15 -31.68 37.12
C PRO A 102 35.14 -30.54 37.19
N LEU A 103 35.38 -29.46 36.43
CA LEU A 103 34.46 -28.32 36.42
C LEU A 103 33.10 -28.76 35.90
N GLY A 104 33.12 -29.67 34.92
CA GLY A 104 31.89 -30.18 34.36
C GLY A 104 31.17 -31.06 35.36
N GLU A 105 31.95 -31.89 36.07
CA GLU A 105 31.38 -32.76 37.10
C GLU A 105 30.73 -31.90 38.17
N GLU A 106 31.44 -30.84 38.57
CA GLU A 106 30.93 -29.91 39.57
C GLU A 106 29.66 -29.26 39.08
N MET A 107 29.66 -28.87 37.81
CA MET A 107 28.51 -28.24 37.19
C MET A 107 27.31 -29.15 37.26
N ARG A 108 27.52 -30.42 36.91
CA ARG A 108 26.44 -31.41 36.94
C ARG A 108 26.06 -31.76 38.37
N ASP A 109 27.05 -31.86 39.24
CA ASP A 109 26.83 -32.16 40.65
C ASP A 109 25.99 -31.05 41.29
N ARG A 110 26.36 -29.81 40.99
CA ARG A 110 25.64 -28.66 41.50
C ARG A 110 24.30 -28.52 40.80
N ALA A 111 24.24 -28.95 39.53
CA ALA A 111 23.01 -28.90 38.76
C ALA A 111 22.00 -29.88 39.34
N ARG A 112 22.48 -31.07 39.69
CA ARG A 112 21.62 -32.09 40.28
C ARG A 112 20.97 -31.54 41.55
N ALA A 113 21.78 -30.84 42.35
CA ALA A 113 21.31 -30.23 43.57
C ALA A 113 20.41 -29.04 43.26
N HIS A 114 20.82 -28.26 42.27
CA HIS A 114 20.06 -27.09 41.83
C HIS A 114 18.66 -27.49 41.40
N VAL A 115 18.58 -28.49 40.53
CA VAL A 115 17.30 -28.98 40.03
C VAL A 115 16.56 -29.75 41.11
N ASP A 116 17.29 -30.46 41.98
CA ASP A 116 16.67 -31.20 43.07
C ASP A 116 15.97 -30.24 44.00
N ALA A 117 16.67 -29.16 44.35
CA ALA A 117 16.13 -28.13 45.22
C ALA A 117 14.96 -27.44 44.51
N LEU A 118 15.00 -27.46 43.19
CA LEU A 118 13.93 -26.88 42.39
C LEU A 118 12.73 -27.81 42.44
N ARG A 119 12.97 -29.11 42.36
CA ARG A 119 11.92 -30.10 42.41
C ARG A 119 11.21 -30.06 43.76
N THR A 120 11.97 -29.84 44.82
CA THR A 120 11.43 -29.77 46.17
C THR A 120 10.79 -28.41 46.45
N HIS A 121 10.83 -27.52 45.47
CA HIS A 121 10.24 -26.19 45.63
C HIS A 121 9.13 -25.95 44.62
N LEU A 122 9.38 -26.30 43.36
CA LEU A 122 8.41 -26.11 42.29
C LEU A 122 7.15 -26.92 42.56
N ALA A 123 7.32 -28.13 43.06
CA ALA A 123 6.18 -29.00 43.37
C ALA A 123 5.23 -28.36 44.38
N PRO A 124 5.68 -28.05 45.62
CA PRO A 124 4.83 -27.42 46.62
C PRO A 124 4.37 -26.04 46.15
N TYR A 125 5.22 -25.35 45.39
CA TYR A 125 4.86 -24.03 44.90
C TYR A 125 3.68 -24.12 43.95
N SER A 126 3.74 -25.04 42.99
CA SER A 126 2.66 -25.22 42.04
C SER A 126 1.44 -25.82 42.72
N ASP A 127 1.66 -26.71 43.69
CA ASP A 127 0.57 -27.33 44.44
C ASP A 127 -0.20 -26.26 45.20
N GLU A 128 0.51 -25.42 45.93
CA GLU A 128 -0.10 -24.34 46.67
C GLU A 128 -0.71 -23.35 45.68
N LEU A 129 -0.06 -23.20 44.53
CA LEU A 129 -0.55 -22.32 43.48
C LEU A 129 -1.87 -22.85 42.94
N ARG A 130 -2.03 -24.17 42.96
CA ARG A 130 -3.26 -24.80 42.51
C ARG A 130 -4.38 -24.40 43.46
N GLN A 131 -4.07 -24.39 44.75
CA GLN A 131 -5.04 -23.99 45.77
C GLN A 131 -5.38 -22.52 45.60
N ARG A 132 -4.36 -21.72 45.33
CA ARG A 132 -4.54 -20.30 45.10
C ARG A 132 -5.34 -20.08 43.82
N LEU A 133 -4.98 -20.82 42.77
CA LEU A 133 -5.68 -20.75 41.49
C LEU A 133 -7.14 -21.08 41.70
N ALA A 134 -7.39 -22.10 42.52
CA ALA A 134 -8.74 -22.51 42.84
C ALA A 134 -9.48 -21.35 43.50
N ALA A 135 -8.79 -20.66 44.41
CA ALA A 135 -9.37 -19.52 45.10
C ALA A 135 -9.67 -18.41 44.10
N ARG A 136 -8.73 -18.18 43.18
CA ARG A 136 -8.91 -17.17 42.14
C ARG A 136 -10.09 -17.55 41.27
N LEU A 137 -10.17 -18.82 40.93
CA LEU A 137 -11.26 -19.33 40.11
C LEU A 137 -12.58 -19.16 40.84
N GLU A 138 -12.59 -19.43 42.15
CA GLU A 138 -13.79 -19.28 42.96
C GLU A 138 -14.26 -17.83 42.94
N ALA A 139 -13.29 -16.91 43.08
CA ALA A 139 -13.58 -15.50 43.06
C ALA A 139 -14.09 -15.11 41.68
N LEU A 140 -13.40 -15.60 40.64
CA LEU A 140 -13.78 -15.31 39.27
C LEU A 140 -15.15 -15.90 38.94
N LYS A 141 -15.53 -16.96 39.65
CA LYS A 141 -16.83 -17.58 39.43
C LYS A 141 -17.92 -16.71 40.03
N GLU A 142 -17.75 -16.34 41.30
CA GLU A 142 -18.73 -15.49 41.98
C GLU A 142 -18.77 -14.11 41.35
N ASN A 143 -17.61 -13.49 41.22
CA ASN A 143 -17.51 -12.16 40.62
C ASN A 143 -17.95 -12.21 39.16
N GLY A 144 -17.47 -13.22 38.44
CA GLY A 144 -17.82 -13.38 37.05
C GLY A 144 -19.31 -13.59 36.87
N GLY A 145 -19.89 -14.43 37.72
CA GLY A 145 -21.32 -14.69 37.66
C GLY A 145 -22.09 -13.41 37.89
N ALA A 146 -21.62 -12.62 38.85
CA ALA A 146 -22.24 -11.34 39.17
C ALA A 146 -22.06 -10.40 37.98
N ARG A 147 -20.84 -10.37 37.44
CA ARG A 147 -20.53 -9.52 36.29
C ARG A 147 -21.50 -9.80 35.14
N LEU A 148 -21.73 -11.07 34.86
CA LEU A 148 -22.62 -11.48 33.79
C LEU A 148 -24.04 -10.97 34.05
N ALA A 149 -24.51 -11.17 35.27
CA ALA A 149 -25.85 -10.73 35.65
C ALA A 149 -25.95 -9.20 35.60
N GLU A 150 -24.96 -8.53 36.17
CA GLU A 150 -24.91 -7.08 36.19
C GLU A 150 -24.79 -6.53 34.78
N TYR A 151 -23.94 -7.15 33.98
CA TYR A 151 -23.73 -6.73 32.59
C TYR A 151 -25.01 -6.91 31.80
N HIS A 152 -25.70 -8.02 32.02
CA HIS A 152 -26.95 -8.30 31.33
C HIS A 152 -28.01 -7.25 31.67
N ALA A 153 -28.08 -6.89 32.95
CA ALA A 153 -29.02 -5.87 33.39
C ALA A 153 -28.66 -4.53 32.76
N LYS A 154 -27.38 -4.18 32.84
CA LYS A 154 -26.89 -2.93 32.26
C LYS A 154 -27.08 -2.91 30.76
N ALA A 155 -26.89 -4.07 30.13
CA ALA A 155 -27.07 -4.19 28.68
C ALA A 155 -28.51 -3.97 28.31
N THR A 156 -29.42 -4.57 29.07
CA THR A 156 -30.84 -4.42 28.83
C THR A 156 -31.23 -2.95 28.96
N GLU A 157 -30.82 -2.34 30.08
CA GLU A 157 -31.10 -0.92 30.31
C GLU A 157 -30.48 -0.05 29.23
N HIS A 158 -29.24 -0.40 28.84
CA HIS A 158 -28.53 0.33 27.81
C HIS A 158 -29.27 0.21 26.48
N LEU A 159 -29.78 -0.97 26.20
CA LEU A 159 -30.52 -1.22 24.97
C LEU A 159 -31.89 -0.56 25.01
N SER A 160 -32.49 -0.52 26.19
CA SER A 160 -33.79 0.12 26.36
C SER A 160 -33.66 1.61 26.07
N THR A 161 -32.70 2.25 26.73
CA THR A 161 -32.46 3.67 26.52
C THR A 161 -31.97 3.92 25.10
N LEU A 162 -31.31 2.93 24.53
CA LEU A 162 -30.81 3.04 23.16
C LEU A 162 -31.97 2.95 22.18
N SER A 163 -32.97 2.14 22.51
CA SER A 163 -34.15 2.00 21.68
C SER A 163 -34.95 3.29 21.71
N GLU A 164 -34.85 4.01 22.82
CA GLU A 164 -35.53 5.29 22.98
C GLU A 164 -34.77 6.37 22.20
N LYS A 165 -33.72 5.93 21.51
CA LYS A 165 -32.91 6.81 20.67
C LYS A 165 -32.99 6.31 19.24
N ALA A 166 -32.88 4.99 19.07
CA ALA A 166 -32.93 4.35 17.76
C ALA A 166 -34.31 4.48 17.13
N LYS A 167 -35.30 4.84 17.93
CA LYS A 167 -36.64 5.01 17.42
C LYS A 167 -37.06 6.49 17.40
N PRO A 168 -37.30 7.13 18.58
CA PRO A 168 -37.70 8.54 18.64
C PRO A 168 -36.66 9.49 18.04
N ALA A 169 -35.42 9.39 18.51
CA ALA A 169 -34.35 10.25 18.03
C ALA A 169 -34.06 10.00 16.55
N LEU A 170 -34.01 8.74 16.15
CA LEU A 170 -33.75 8.40 14.77
C LEU A 170 -34.89 8.86 13.87
N GLU A 171 -36.12 8.73 14.36
CA GLU A 171 -37.28 9.18 13.60
C GLU A 171 -37.22 10.69 13.42
N ASP A 172 -36.82 11.38 14.49
CA ASP A 172 -36.69 12.84 14.46
C ASP A 172 -35.60 13.21 13.47
N LEU A 173 -34.53 12.43 13.46
CA LEU A 173 -33.42 12.66 12.55
C LEU A 173 -33.88 12.42 11.11
N ARG A 174 -34.63 11.35 10.91
CA ARG A 174 -35.17 11.04 9.59
C ARG A 174 -36.11 12.16 9.15
N GLN A 175 -36.88 12.65 10.12
CA GLN A 175 -37.81 13.73 9.86
C GLN A 175 -37.08 15.02 9.54
N GLY A 176 -35.90 15.22 10.14
CA GLY A 176 -35.10 16.41 9.89
C GLY A 176 -34.40 16.27 8.56
N LEU A 177 -33.99 15.04 8.25
CA LEU A 177 -33.31 14.74 7.00
C LEU A 177 -34.16 15.06 5.79
N LEU A 178 -35.48 14.94 5.93
CA LEU A 178 -36.40 15.24 4.83
C LEU A 178 -36.19 16.67 4.30
N PRO A 179 -36.44 17.72 5.12
CA PRO A 179 -36.22 19.09 4.69
C PRO A 179 -34.74 19.39 4.47
N VAL A 180 -33.87 18.67 5.21
CA VAL A 180 -32.42 18.85 5.06
C VAL A 180 -31.98 18.44 3.67
N LEU A 181 -32.38 17.24 3.24
CA LEU A 181 -32.05 16.74 1.93
C LEU A 181 -32.72 17.59 0.87
N GLU A 182 -33.92 18.05 1.18
CA GLU A 182 -34.67 18.91 0.28
C GLU A 182 -33.91 20.21 0.03
N SER A 183 -33.58 20.91 1.12
CA SER A 183 -32.85 22.16 1.01
C SER A 183 -31.47 21.93 0.40
N PHE A 184 -30.87 20.78 0.73
CA PHE A 184 -29.56 20.41 0.20
C PHE A 184 -29.65 20.23 -1.32
N LYS A 185 -30.73 19.60 -1.76
CA LYS A 185 -30.96 19.39 -3.18
C LYS A 185 -31.15 20.73 -3.87
N VAL A 186 -31.96 21.60 -3.25
CA VAL A 186 -32.22 22.92 -3.79
C VAL A 186 -30.93 23.70 -3.96
N SER A 187 -30.08 23.66 -2.93
CA SER A 187 -28.80 24.37 -2.99
C SER A 187 -27.86 23.73 -4.01
N PHE A 188 -27.83 22.40 -4.04
CA PHE A 188 -26.98 21.68 -4.98
C PHE A 188 -27.40 21.95 -6.42
N LEU A 189 -28.71 21.86 -6.68
CA LEU A 189 -29.23 22.10 -8.00
C LEU A 189 -28.95 23.53 -8.45
N SER A 190 -29.17 24.49 -7.57
CA SER A 190 -28.92 25.89 -7.89
C SER A 190 -27.43 26.17 -8.04
N ALA A 191 -26.62 25.37 -7.35
CA ALA A 191 -25.16 25.51 -7.43
C ALA A 191 -24.67 24.94 -8.75
N LEU A 192 -25.29 23.83 -9.16
CA LEU A 192 -24.95 23.17 -10.42
C LEU A 192 -25.18 24.12 -11.58
N GLU A 193 -26.26 24.89 -11.50
CA GLU A 193 -26.59 25.87 -12.52
C GLU A 193 -25.44 26.87 -12.66
N GLU A 194 -25.03 27.42 -11.53
CA GLU A 194 -23.95 28.41 -11.50
C GLU A 194 -22.62 27.80 -11.94
N TYR A 195 -22.34 26.58 -11.48
CA TYR A 195 -21.09 25.90 -11.85
C TYR A 195 -21.03 25.62 -13.35
N THR A 196 -22.13 25.15 -13.91
CA THR A 196 -22.19 24.83 -15.34
C THR A 196 -22.10 26.09 -16.21
N LYS A 197 -22.79 27.15 -15.82
CA LYS A 197 -22.78 28.40 -16.59
C LYS A 197 -21.43 29.12 -16.47
N LYS A 198 -20.60 28.68 -15.53
CA LYS A 198 -19.28 29.28 -15.36
C LYS A 198 -18.23 28.40 -16.02
N LEU A 199 -18.67 27.23 -16.48
CA LEU A 199 -17.77 26.29 -17.14
C LEU A 199 -17.62 26.66 -18.62
N ASN A 200 -18.67 27.27 -19.16
CA ASN A 200 -18.68 27.71 -20.55
C ASN A 200 -19.44 26.74 -21.44
N LEU B 3 -33.28 26.78 12.89
CA LEU B 3 -34.42 25.88 13.03
C LEU B 3 -33.95 24.45 13.30
N LYS B 4 -33.33 23.83 12.29
CA LYS B 4 -32.84 22.46 12.39
C LYS B 4 -31.90 22.32 13.57
N LEU B 5 -31.11 23.35 13.82
CA LEU B 5 -30.17 23.34 14.92
C LEU B 5 -30.88 23.16 16.26
N LEU B 6 -32.05 23.77 16.39
CA LEU B 6 -32.83 23.67 17.62
C LEU B 6 -33.48 22.30 17.75
N ASP B 7 -34.03 21.81 16.63
CA ASP B 7 -34.67 20.49 16.60
C ASP B 7 -33.67 19.41 17.01
N ASN B 8 -32.50 19.46 16.39
CA ASN B 8 -31.45 18.50 16.68
C ASN B 8 -30.99 18.62 18.13
N TRP B 9 -30.88 19.86 18.61
CA TRP B 9 -30.45 20.10 19.99
C TRP B 9 -31.47 19.54 20.97
N ASP B 10 -32.75 19.64 20.63
CA ASP B 10 -33.81 19.12 21.47
C ASP B 10 -33.61 17.63 21.68
N SER B 11 -33.37 16.92 20.59
CA SER B 11 -33.14 15.48 20.65
C SER B 11 -31.81 15.17 21.36
N VAL B 12 -30.82 16.03 21.18
CA VAL B 12 -29.53 15.86 21.83
C VAL B 12 -29.70 15.94 23.35
N THR B 13 -30.44 16.94 23.79
CA THR B 13 -30.72 17.12 25.21
C THR B 13 -31.50 15.92 25.74
N SER B 14 -32.45 15.44 24.94
CA SER B 14 -33.25 14.28 25.32
C SER B 14 -32.36 13.05 25.45
N THR B 15 -31.36 12.98 24.58
CA THR B 15 -30.39 11.90 24.58
C THR B 15 -29.55 11.98 25.85
N PHE B 16 -29.21 13.20 26.26
CA PHE B 16 -28.43 13.43 27.46
C PHE B 16 -29.18 12.90 28.68
N SER B 17 -30.48 13.12 28.70
CA SER B 17 -31.32 12.65 29.79
C SER B 17 -31.31 11.12 29.82
N LYS B 18 -31.32 10.50 28.65
CA LYS B 18 -31.29 9.05 28.54
C LYS B 18 -29.92 8.50 28.93
N LEU B 19 -28.98 9.40 29.15
CA LEU B 19 -27.64 9.03 29.56
C LEU B 19 -27.45 9.29 31.04
N ARG B 20 -27.73 10.53 31.44
CA ARG B 20 -27.57 10.94 32.84
C ARG B 20 -28.49 10.16 33.77
N GLU B 21 -29.73 9.93 33.34
CA GLU B 21 -30.69 9.20 34.16
C GLU B 21 -30.45 7.70 34.10
N GLN B 22 -29.61 7.28 33.16
CA GLN B 22 -29.29 5.87 32.99
C GLN B 22 -27.97 5.53 33.68
N LEU B 23 -26.98 6.39 33.47
CA LEU B 23 -25.67 6.21 34.06
C LEU B 23 -25.76 6.19 35.57
N GLY B 24 -26.68 6.99 36.11
CA GLY B 24 -26.88 7.04 37.55
C GLY B 24 -27.07 5.66 38.15
N PRO B 25 -28.22 5.01 37.90
CA PRO B 25 -28.49 3.66 38.40
C PRO B 25 -27.44 2.66 37.93
N VAL B 26 -27.03 2.75 36.66
CA VAL B 26 -26.04 1.85 36.10
C VAL B 26 -24.73 1.88 36.90
N THR B 27 -24.24 3.07 37.20
CA THR B 27 -23.00 3.20 37.95
C THR B 27 -23.20 2.77 39.39
N GLN B 28 -24.42 2.92 39.90
CA GLN B 28 -24.74 2.53 41.26
C GLN B 28 -24.49 1.03 41.43
N GLU B 29 -25.04 0.23 40.53
CA GLU B 29 -24.84 -1.21 40.60
C GLU B 29 -23.44 -1.56 40.11
N PHE B 30 -22.91 -0.77 39.17
CA PHE B 30 -21.57 -0.98 38.66
C PHE B 30 -20.55 -0.86 39.79
N TRP B 31 -20.69 0.19 40.58
CA TRP B 31 -19.81 0.42 41.72
C TRP B 31 -20.09 -0.60 42.81
N ASP B 32 -21.33 -1.12 42.83
CA ASP B 32 -21.72 -2.13 43.79
C ASP B 32 -21.03 -3.43 43.41
N ASN B 33 -20.97 -3.70 42.11
CA ASN B 33 -20.29 -4.89 41.61
C ASN B 33 -18.81 -4.73 41.89
N LEU B 34 -18.33 -3.48 41.85
CA LEU B 34 -16.94 -3.18 42.16
C LEU B 34 -16.66 -3.51 43.62
N GLU B 35 -17.71 -3.47 44.43
CA GLU B 35 -17.59 -3.82 45.84
C GLU B 35 -17.41 -5.32 45.93
N LYS B 36 -18.16 -6.05 45.10
CA LYS B 36 -18.04 -7.49 45.04
C LYS B 36 -16.65 -7.82 44.55
N GLU B 37 -16.19 -7.04 43.57
CA GLU B 37 -14.87 -7.20 43.00
C GLU B 37 -13.81 -6.99 44.06
N THR B 38 -13.90 -5.88 44.78
CA THR B 38 -12.93 -5.59 45.83
C THR B 38 -12.94 -6.65 46.92
N GLU B 39 -14.13 -7.16 47.24
CA GLU B 39 -14.25 -8.21 48.24
C GLU B 39 -13.55 -9.47 47.74
N GLY B 40 -13.85 -9.84 46.50
CA GLY B 40 -13.22 -10.99 45.89
C GLY B 40 -11.73 -10.79 45.77
N LEU B 41 -11.33 -9.59 45.31
CA LEU B 41 -9.93 -9.23 45.16
C LEU B 41 -9.24 -9.30 46.52
N ARG B 42 -9.97 -8.94 47.58
CA ARG B 42 -9.42 -8.98 48.92
C ARG B 42 -9.16 -10.43 49.33
N GLN B 43 -10.09 -11.31 48.97
CA GLN B 43 -9.95 -12.74 49.26
C GLN B 43 -8.74 -13.28 48.53
N GLU B 44 -8.54 -12.80 47.31
CA GLU B 44 -7.41 -13.19 46.52
C GLU B 44 -6.14 -12.60 47.11
N MET B 45 -6.16 -11.28 47.28
CA MET B 45 -5.02 -10.53 47.82
C MET B 45 -4.53 -11.08 49.16
N SER B 46 -5.45 -11.36 50.07
CA SER B 46 -5.06 -11.89 51.38
C SER B 46 -4.34 -13.22 51.24
N LYS B 47 -4.92 -14.12 50.43
CA LYS B 47 -4.31 -15.42 50.18
C LYS B 47 -2.99 -15.25 49.44
N ASP B 48 -3.05 -14.49 48.36
CA ASP B 48 -1.88 -14.23 47.52
C ASP B 48 -0.74 -13.62 48.33
N LEU B 49 -1.03 -12.57 49.09
CA LEU B 49 -0.02 -11.89 49.89
C LEU B 49 0.60 -12.80 50.94
N GLU B 50 -0.25 -13.44 51.73
CA GLU B 50 0.22 -14.34 52.78
C GLU B 50 0.99 -15.51 52.18
N GLU B 51 0.46 -16.06 51.09
CA GLU B 51 1.14 -17.16 50.41
C GLU B 51 2.44 -16.68 49.80
N VAL B 52 2.42 -15.45 49.27
CA VAL B 52 3.60 -14.84 48.68
C VAL B 52 4.70 -14.74 49.73
N LYS B 53 4.33 -14.34 50.93
CA LYS B 53 5.29 -14.22 52.02
C LYS B 53 5.86 -15.60 52.35
N ALA B 54 5.00 -16.60 52.32
CA ALA B 54 5.39 -17.98 52.60
C ALA B 54 5.96 -18.65 51.35
N LYS B 55 6.21 -17.86 50.32
CA LYS B 55 6.78 -18.36 49.07
C LYS B 55 8.07 -17.64 48.74
N VAL B 56 8.06 -16.32 48.90
CA VAL B 56 9.23 -15.50 48.62
C VAL B 56 10.35 -15.79 49.61
N GLN B 57 10.01 -15.89 50.89
CA GLN B 57 11.02 -16.18 51.91
C GLN B 57 11.75 -17.50 51.62
N PRO B 58 11.03 -18.64 51.51
CA PRO B 58 11.66 -19.93 51.21
C PRO B 58 12.34 -19.91 49.84
N TYR B 59 11.79 -19.13 48.91
CA TYR B 59 12.36 -19.02 47.57
C TYR B 59 13.68 -18.28 47.66
N LEU B 60 13.71 -17.21 48.43
CA LEU B 60 14.93 -16.43 48.60
C LEU B 60 15.99 -17.26 49.30
N ASP B 61 15.56 -18.10 50.24
CA ASP B 61 16.48 -18.97 50.96
C ASP B 61 17.06 -20.00 49.98
N ASP B 62 16.17 -20.58 49.18
CA ASP B 62 16.58 -21.58 48.19
C ASP B 62 17.45 -20.92 47.13
N PHE B 63 17.01 -19.76 46.68
CA PHE B 63 17.73 -18.98 45.68
C PHE B 63 19.08 -18.56 46.24
N GLN B 64 19.12 -18.25 47.54
CA GLN B 64 20.37 -17.87 48.20
C GLN B 64 21.34 -19.04 48.19
N LYS B 65 20.81 -20.23 48.47
CA LYS B 65 21.61 -21.44 48.46
C LYS B 65 22.13 -21.68 47.04
N LYS B 66 21.25 -21.51 46.07
CA LYS B 66 21.61 -21.68 44.67
C LYS B 66 22.65 -20.64 44.27
N TRP B 67 22.40 -19.40 44.68
CA TRP B 67 23.31 -18.29 44.40
C TRP B 67 24.66 -18.57 45.04
N GLN B 68 24.62 -19.09 46.27
CA GLN B 68 25.83 -19.44 47.00
C GLN B 68 26.60 -20.49 46.23
N GLU B 69 25.90 -21.53 45.77
CA GLU B 69 26.52 -22.60 44.99
C GLU B 69 27.10 -22.04 43.70
N GLU B 70 26.34 -21.15 43.07
CA GLU B 70 26.75 -20.52 41.82
C GLU B 70 28.00 -19.68 42.05
N MET B 71 27.93 -18.79 43.03
CA MET B 71 29.05 -17.91 43.37
C MET B 71 30.25 -18.71 43.85
N GLU B 72 30.01 -19.72 44.69
CA GLU B 72 31.07 -20.57 45.20
C GLU B 72 31.77 -21.22 44.03
N LEU B 73 30.97 -21.84 43.17
CA LEU B 73 31.47 -22.50 41.98
C LEU B 73 32.24 -21.52 41.12
N TYR B 74 31.63 -20.38 40.83
CA TYR B 74 32.27 -19.35 40.02
C TYR B 74 33.58 -18.88 40.64
N ARG B 75 33.60 -18.75 41.96
CA ARG B 75 34.81 -18.31 42.65
C ARG B 75 35.90 -19.38 42.54
N GLN B 76 35.47 -20.63 42.47
CA GLN B 76 36.39 -21.76 42.35
C GLN B 76 36.53 -22.20 40.90
N LYS B 77 36.02 -21.39 39.98
CA LYS B 77 36.09 -21.68 38.56
C LYS B 77 36.72 -20.51 37.81
N VAL B 78 36.13 -19.33 37.98
CA VAL B 78 36.61 -18.12 37.32
C VAL B 78 38.04 -17.79 37.77
N GLU B 79 38.33 -18.01 39.05
CA GLU B 79 39.66 -17.73 39.57
C GLU B 79 40.73 -18.60 38.90
N PRO B 80 40.65 -19.94 39.02
CA PRO B 80 41.62 -20.83 38.37
C PRO B 80 41.62 -20.63 36.85
N LEU B 81 40.43 -20.41 36.28
CA LEU B 81 40.32 -20.17 34.85
C LEU B 81 41.00 -18.87 34.47
N ARG B 82 40.92 -17.89 35.36
CA ARG B 82 41.55 -16.60 35.13
C ARG B 82 43.06 -16.78 35.15
N ALA B 83 43.52 -17.70 35.99
CA ALA B 83 44.94 -18.01 36.07
C ALA B 83 45.37 -18.69 34.77
N GLU B 84 44.59 -19.68 34.35
CA GLU B 84 44.87 -20.39 33.10
C GLU B 84 44.79 -19.43 31.93
N LEU B 85 43.79 -18.55 31.95
CA LEU B 85 43.62 -17.56 30.90
C LEU B 85 44.77 -16.58 30.93
N GLN B 86 45.21 -16.21 32.13
CA GLN B 86 46.32 -15.28 32.28
C GLN B 86 47.60 -15.89 31.73
N GLU B 87 47.88 -17.12 32.15
CA GLU B 87 49.06 -17.82 31.68
C GLU B 87 48.96 -18.08 30.19
N GLY B 88 47.79 -18.52 29.75
CA GLY B 88 47.57 -18.78 28.34
C GLY B 88 47.70 -17.51 27.54
N ALA B 89 47.20 -16.41 28.08
CA ALA B 89 47.28 -15.11 27.42
C ALA B 89 48.71 -14.63 27.44
N ARG B 90 49.42 -14.87 28.53
CA ARG B 90 50.82 -14.48 28.65
C ARG B 90 51.65 -15.22 27.62
N GLN B 91 51.31 -16.50 27.43
CA GLN B 91 51.99 -17.33 26.46
C GLN B 91 51.60 -16.87 25.05
N LYS B 92 50.31 -16.61 24.86
CA LYS B 92 49.80 -16.16 23.58
C LYS B 92 50.34 -14.77 23.26
N LEU B 93 50.48 -13.94 24.29
CA LEU B 93 51.02 -12.59 24.12
C LEU B 93 52.49 -12.71 23.79
N HIS B 94 53.17 -13.66 24.45
CA HIS B 94 54.58 -13.89 24.17
C HIS B 94 54.70 -14.36 22.73
N GLU B 95 53.74 -15.19 22.33
CA GLU B 95 53.67 -15.68 20.96
C GLU B 95 53.52 -14.47 20.05
N LEU B 96 52.51 -13.66 20.35
CA LEU B 96 52.22 -12.46 19.59
C LEU B 96 53.42 -11.53 19.54
N GLN B 97 54.16 -11.47 20.65
CA GLN B 97 55.35 -10.63 20.72
C GLN B 97 56.42 -11.18 19.78
N GLU B 98 56.64 -12.48 19.83
CA GLU B 98 57.64 -13.13 18.98
C GLU B 98 57.16 -13.24 17.54
N LYS B 99 55.90 -12.89 17.31
CA LYS B 99 55.32 -12.94 15.97
C LYS B 99 55.22 -11.52 15.39
N LEU B 100 54.67 -10.61 16.17
CA LEU B 100 54.48 -9.23 15.76
C LEU B 100 55.79 -8.46 15.67
N SER B 101 56.75 -8.76 16.54
CA SER B 101 58.04 -8.07 16.50
C SER B 101 58.73 -8.26 15.14
N PRO B 102 59.03 -9.51 14.72
CA PRO B 102 59.66 -9.75 13.42
C PRO B 102 58.73 -9.33 12.29
N LEU B 103 57.42 -9.55 12.47
CA LEU B 103 56.45 -9.19 11.47
C LEU B 103 56.46 -7.67 11.27
N GLY B 104 56.49 -6.94 12.37
CA GLY B 104 56.53 -5.49 12.30
C GLY B 104 57.80 -5.00 11.66
N GLU B 105 58.92 -5.55 12.09
CA GLU B 105 60.22 -5.18 11.53
C GLU B 105 60.25 -5.48 10.04
N GLU B 106 59.69 -6.62 9.67
CA GLU B 106 59.63 -7.02 8.28
C GLU B 106 58.67 -6.12 7.53
N MET B 107 57.49 -5.89 8.10
CA MET B 107 56.49 -5.02 7.49
C MET B 107 57.09 -3.64 7.26
N ARG B 108 57.94 -3.21 8.18
CA ARG B 108 58.61 -1.92 8.06
C ARG B 108 59.47 -1.90 6.81
N ASP B 109 60.28 -2.95 6.64
CA ASP B 109 61.16 -3.06 5.48
C ASP B 109 60.34 -3.16 4.21
N ARG B 110 59.26 -3.96 4.27
CA ARG B 110 58.37 -4.12 3.14
C ARG B 110 57.76 -2.77 2.79
N ALA B 111 57.34 -2.04 3.83
CA ALA B 111 56.76 -0.72 3.66
C ALA B 111 57.79 0.21 3.06
N ARG B 112 59.02 0.12 3.53
CA ARG B 112 60.11 0.95 3.01
C ARG B 112 60.27 0.70 1.53
N ALA B 113 60.37 -0.57 1.16
CA ALA B 113 60.53 -0.97 -0.23
C ALA B 113 59.32 -0.59 -1.06
N HIS B 114 58.13 -0.72 -0.48
CA HIS B 114 56.89 -0.39 -1.18
C HIS B 114 56.72 1.11 -1.32
N VAL B 115 56.78 1.83 -0.20
CA VAL B 115 56.62 3.28 -0.18
C VAL B 115 57.69 3.96 -1.02
N ASP B 116 58.94 3.50 -0.89
CA ASP B 116 60.03 4.08 -1.65
C ASP B 116 59.85 3.78 -3.12
N ALA B 117 59.26 2.61 -3.42
CA ALA B 117 58.98 2.24 -4.80
C ALA B 117 57.89 3.14 -5.33
N LEU B 118 56.96 3.51 -4.46
CA LEU B 118 55.89 4.42 -4.83
C LEU B 118 56.50 5.78 -5.13
N ARG B 119 57.61 6.08 -4.48
CA ARG B 119 58.30 7.34 -4.68
C ARG B 119 59.07 7.32 -6.00
N THR B 120 59.55 6.16 -6.40
CA THR B 120 60.29 6.02 -7.65
C THR B 120 59.35 5.67 -8.80
N HIS B 121 58.06 5.64 -8.53
CA HIS B 121 57.07 5.31 -9.54
C HIS B 121 55.96 6.36 -9.61
N LEU B 122 55.28 6.57 -8.49
CA LEU B 122 54.18 7.53 -8.44
C LEU B 122 54.66 8.97 -8.51
N ALA B 123 55.74 9.30 -7.81
CA ALA B 123 56.28 10.66 -7.83
C ALA B 123 56.59 11.14 -9.25
N PRO B 124 57.46 10.44 -10.00
CA PRO B 124 57.78 10.82 -11.38
C PRO B 124 56.54 10.76 -12.26
N TYR B 125 55.67 9.78 -11.97
CA TYR B 125 54.44 9.62 -12.74
C TYR B 125 53.51 10.79 -12.51
N SER B 126 53.57 11.38 -11.32
CA SER B 126 52.74 12.53 -11.00
C SER B 126 53.17 13.70 -11.88
N ASP B 127 54.47 13.81 -12.10
CA ASP B 127 54.99 14.87 -12.95
C ASP B 127 54.68 14.54 -14.41
N GLU B 128 54.73 13.25 -14.74
CA GLU B 128 54.40 12.80 -16.08
C GLU B 128 52.93 13.07 -16.34
N LEU B 129 52.13 12.95 -15.29
CA LEU B 129 50.70 13.23 -15.36
C LEU B 129 50.51 14.72 -15.56
N ARG B 130 51.35 15.51 -14.90
CA ARG B 130 51.30 16.97 -15.04
C ARG B 130 51.58 17.33 -16.49
N GLN B 131 52.54 16.63 -17.09
CA GLN B 131 52.90 16.84 -18.48
C GLN B 131 51.70 16.58 -19.39
N ARG B 132 50.87 15.63 -18.99
CA ARG B 132 49.67 15.29 -19.75
C ARG B 132 48.56 16.29 -19.43
N LEU B 133 48.45 16.65 -18.16
CA LEU B 133 47.45 17.61 -17.70
C LEU B 133 47.71 18.97 -18.33
N ALA B 134 48.98 19.30 -18.49
CA ALA B 134 49.37 20.57 -19.09
C ALA B 134 48.81 20.67 -20.50
N ALA B 135 48.91 19.56 -21.24
CA ALA B 135 48.40 19.50 -22.60
C ALA B 135 46.88 19.41 -22.60
N ARG B 136 46.35 18.64 -21.66
CA ARG B 136 44.92 18.47 -21.51
C ARG B 136 44.28 19.82 -21.24
N LEU B 137 44.83 20.53 -20.27
CA LEU B 137 44.34 21.86 -19.92
C LEU B 137 44.62 22.84 -21.05
N GLU B 138 45.73 22.64 -21.74
CA GLU B 138 46.12 23.48 -22.87
C GLU B 138 45.04 23.39 -23.94
N ALA B 139 44.65 22.16 -24.27
CA ALA B 139 43.61 21.92 -25.26
C ALA B 139 42.30 22.48 -24.74
N LEU B 140 42.03 22.26 -23.46
CA LEU B 140 40.82 22.77 -22.81
C LEU B 140 40.78 24.29 -22.81
N LYS B 141 41.95 24.92 -22.84
CA LYS B 141 42.04 26.37 -22.85
C LYS B 141 41.76 26.90 -24.25
N GLU B 142 42.29 26.22 -25.25
CA GLU B 142 42.06 26.61 -26.63
C GLU B 142 40.61 26.33 -26.98
N ASN B 143 40.15 25.16 -26.54
CA ASN B 143 38.78 24.74 -26.75
C ASN B 143 37.85 25.62 -25.94
N GLY B 144 38.31 25.99 -24.75
CA GLY B 144 37.54 26.84 -23.88
C GLY B 144 37.39 28.22 -24.46
N GLY B 145 38.50 28.77 -24.97
CA GLY B 145 38.45 30.09 -25.59
C GLY B 145 37.52 30.09 -26.78
N ALA B 146 37.63 29.05 -27.59
CA ALA B 146 36.78 28.89 -28.77
C ALA B 146 35.33 28.76 -28.32
N ARG B 147 35.11 27.87 -27.35
CA ARG B 147 33.77 27.65 -26.81
C ARG B 147 33.19 28.94 -26.25
N LEU B 148 33.99 29.67 -25.47
CA LEU B 148 33.53 30.93 -24.88
C LEU B 148 33.15 31.93 -25.96
N ALA B 149 33.95 32.02 -27.00
CA ALA B 149 33.67 32.92 -28.11
C ALA B 149 32.42 32.45 -28.84
N GLU B 150 32.32 31.13 -29.02
CA GLU B 150 31.17 30.53 -29.66
C GLU B 150 29.93 30.82 -28.83
N TYR B 151 30.02 30.57 -27.53
CA TYR B 151 28.91 30.81 -26.60
C TYR B 151 28.54 32.28 -26.61
N HIS B 152 29.52 33.15 -26.76
CA HIS B 152 29.27 34.60 -26.81
C HIS B 152 28.38 34.92 -28.00
N ALA B 153 28.71 34.32 -29.14
CA ALA B 153 27.93 34.51 -30.35
C ALA B 153 26.57 33.85 -30.20
N LYS B 154 26.57 32.60 -29.74
CA LYS B 154 25.34 31.84 -29.54
C LYS B 154 24.41 32.54 -28.55
N ALA B 155 24.99 33.13 -27.51
CA ALA B 155 24.21 33.85 -26.52
C ALA B 155 23.56 35.05 -27.18
N THR B 156 24.33 35.76 -27.99
CA THR B 156 23.82 36.91 -28.70
C THR B 156 22.70 36.49 -29.64
N GLU B 157 22.95 35.42 -30.41
CA GLU B 157 21.95 34.89 -31.34
C GLU B 157 20.68 34.54 -30.58
N HIS B 158 20.86 33.91 -29.42
CA HIS B 158 19.75 33.52 -28.57
C HIS B 158 19.04 34.74 -28.03
N LEU B 159 19.80 35.71 -27.55
CA LEU B 159 19.25 36.94 -27.01
C LEU B 159 18.49 37.71 -28.09
N SER B 160 19.06 37.77 -29.28
CA SER B 160 18.44 38.47 -30.40
C SER B 160 17.12 37.79 -30.79
N THR B 161 17.09 36.47 -30.75
CA THR B 161 15.88 35.73 -31.09
C THR B 161 14.88 35.77 -29.95
N LEU B 162 15.41 35.75 -28.72
CA LEU B 162 14.57 35.82 -27.53
C LEU B 162 13.82 37.14 -27.50
N SER B 163 14.52 38.23 -27.75
CA SER B 163 13.89 39.55 -27.77
C SER B 163 12.98 39.66 -28.97
N GLU B 164 13.40 39.04 -30.08
CA GLU B 164 12.63 39.02 -31.32
C GLU B 164 11.27 38.39 -31.08
N LYS B 165 11.24 37.45 -30.13
CA LYS B 165 10.01 36.76 -29.79
C LYS B 165 9.33 37.43 -28.60
N ALA B 166 10.10 37.70 -27.54
CA ALA B 166 9.58 38.30 -26.31
C ALA B 166 8.79 39.58 -26.57
N LYS B 167 9.31 40.47 -27.40
CA LYS B 167 8.63 41.73 -27.69
C LYS B 167 7.22 41.54 -28.24
N PRO B 168 7.06 40.95 -29.45
CA PRO B 168 5.75 40.73 -30.03
C PRO B 168 4.90 39.79 -29.20
N ALA B 169 5.54 38.76 -28.61
CA ALA B 169 4.82 37.80 -27.78
C ALA B 169 4.24 38.47 -26.54
N LEU B 170 5.04 39.29 -25.87
CA LEU B 170 4.58 39.98 -24.68
C LEU B 170 3.49 40.98 -25.05
N GLU B 171 3.66 41.66 -26.18
CA GLU B 171 2.67 42.62 -26.65
C GLU B 171 1.39 41.87 -26.99
N ASP B 172 1.53 40.71 -27.62
CA ASP B 172 0.40 39.88 -27.98
C ASP B 172 -0.29 39.37 -26.73
N LEU B 173 0.51 38.91 -25.76
CA LEU B 173 -0.01 38.41 -24.50
C LEU B 173 -0.73 39.52 -23.74
N ARG B 174 -0.09 40.69 -23.67
CA ARG B 174 -0.68 41.85 -23.00
C ARG B 174 -1.94 42.28 -23.75
N GLN B 175 -1.87 42.22 -25.08
CA GLN B 175 -3.02 42.58 -25.91
C GLN B 175 -4.15 41.60 -25.71
N GLY B 176 -3.82 40.35 -25.44
CA GLY B 176 -4.81 39.31 -25.21
C GLY B 176 -5.33 39.42 -23.78
N LEU B 177 -4.45 39.82 -22.87
CA LEU B 177 -4.80 39.97 -21.47
C LEU B 177 -5.86 41.04 -21.27
N LEU B 178 -5.78 42.12 -22.05
CA LEU B 178 -6.76 43.20 -21.95
C LEU B 178 -8.21 42.70 -22.04
N PRO B 179 -8.61 42.06 -23.16
CA PRO B 179 -9.96 41.53 -23.32
C PRO B 179 -10.21 40.30 -22.46
N VAL B 180 -9.20 39.44 -22.30
CA VAL B 180 -9.37 38.23 -21.50
C VAL B 180 -9.60 38.55 -20.03
N LEU B 181 -8.91 39.56 -19.51
CA LEU B 181 -9.10 39.94 -18.12
C LEU B 181 -10.44 40.62 -17.97
N GLU B 182 -10.89 41.27 -19.04
CA GLU B 182 -12.17 41.94 -19.04
C GLU B 182 -13.29 40.92 -19.07
N SER B 183 -13.18 39.94 -19.98
CA SER B 183 -14.17 38.88 -20.09
C SER B 183 -14.18 38.05 -18.80
N PHE B 184 -12.98 37.73 -18.30
CA PHE B 184 -12.85 36.98 -17.07
C PHE B 184 -13.48 37.75 -15.93
N LYS B 185 -13.29 39.07 -15.94
CA LYS B 185 -13.89 39.93 -14.92
C LYS B 185 -15.40 39.86 -15.00
N VAL B 186 -15.93 39.79 -16.21
CA VAL B 186 -17.36 39.68 -16.44
C VAL B 186 -17.88 38.37 -15.83
N SER B 187 -17.19 37.28 -16.12
CA SER B 187 -17.56 35.98 -15.59
C SER B 187 -17.42 35.95 -14.07
N PHE B 188 -16.39 36.62 -13.56
CA PHE B 188 -16.16 36.68 -12.12
C PHE B 188 -17.22 37.51 -11.43
N LEU B 189 -17.52 38.68 -11.99
CA LEU B 189 -18.53 39.57 -11.46
C LEU B 189 -19.87 38.86 -11.36
N SER B 190 -20.27 38.23 -12.47
CA SER B 190 -21.52 37.50 -12.50
C SER B 190 -21.47 36.33 -11.53
N ALA B 191 -20.34 35.61 -11.51
CA ALA B 191 -20.17 34.47 -10.62
C ALA B 191 -20.39 34.88 -9.17
N LEU B 192 -19.74 35.97 -8.75
CA LEU B 192 -19.85 36.46 -7.38
C LEU B 192 -21.30 36.79 -7.03
N GLU B 193 -21.93 37.58 -7.89
CA GLU B 193 -23.33 37.97 -7.67
C GLU B 193 -24.25 36.76 -7.68
N GLU B 194 -23.96 35.82 -8.57
CA GLU B 194 -24.75 34.61 -8.67
C GLU B 194 -24.54 33.70 -7.47
N TYR B 195 -23.31 33.66 -6.95
CA TYR B 195 -23.01 32.84 -5.78
C TYR B 195 -23.71 33.41 -4.56
N THR B 196 -24.07 34.69 -4.65
CA THR B 196 -24.77 35.38 -3.58
C THR B 196 -26.18 34.81 -3.42
N LYS B 197 -26.70 34.23 -4.51
CA LYS B 197 -28.03 33.62 -4.49
C LYS B 197 -27.99 32.33 -3.68
N LYS B 198 -26.80 31.77 -3.55
CA LYS B 198 -26.62 30.54 -2.79
C LYS B 198 -26.30 30.84 -1.34
N LEU B 199 -25.49 31.88 -1.12
CA LEU B 199 -25.10 32.30 0.21
C LEU B 199 -26.15 33.24 0.81
N ASN B 200 -27.35 32.71 1.02
CA ASN B 200 -28.44 33.49 1.57
C ASN B 200 -29.37 32.60 2.38
N MET C 3 -2.63 -16.85 5.24
CA MET C 3 -3.64 -17.30 4.25
C MET C 3 -3.65 -16.37 3.05
N THR C 4 -4.37 -16.75 2.00
CA THR C 4 -4.44 -15.96 0.78
C THR C 4 -5.90 -15.70 0.37
N GLU C 5 -6.08 -14.71 -0.50
CA GLU C 5 -7.42 -14.36 -1.00
C GLU C 5 -7.42 -14.46 -2.52
N TYR C 6 -8.44 -15.09 -3.08
CA TYR C 6 -8.54 -15.26 -4.52
C TYR C 6 -9.91 -14.84 -5.06
N LYS C 7 -9.92 -13.89 -5.97
CA LYS C 7 -11.16 -13.42 -6.58
C LYS C 7 -11.32 -14.08 -7.95
N LEU C 8 -12.32 -14.95 -8.07
CA LEU C 8 -12.58 -15.67 -9.31
C LEU C 8 -13.84 -15.17 -9.98
N VAL C 9 -13.72 -14.74 -11.23
CA VAL C 9 -14.86 -14.26 -11.98
C VAL C 9 -15.19 -15.23 -13.12
N VAL C 10 -16.46 -15.63 -13.21
CA VAL C 10 -16.88 -16.57 -14.24
C VAL C 10 -17.62 -15.83 -15.36
N VAL C 11 -17.08 -15.90 -16.57
CA VAL C 11 -17.69 -15.25 -17.70
C VAL C 11 -18.12 -16.27 -18.74
N GLY C 12 -19.10 -15.92 -19.55
CA GLY C 12 -19.58 -16.83 -20.56
C GLY C 12 -20.93 -16.39 -21.09
N ALA C 13 -21.44 -17.12 -22.06
CA ALA C 13 -22.73 -16.80 -22.66
C ALA C 13 -23.89 -17.25 -21.79
N GLY C 14 -25.00 -16.54 -21.89
CA GLY C 14 -26.18 -16.88 -21.12
C GLY C 14 -26.78 -18.19 -21.57
N GLY C 15 -26.46 -19.25 -20.86
CA GLY C 15 -26.97 -20.56 -21.19
C GLY C 15 -25.92 -21.64 -21.01
N VAL C 16 -24.65 -21.23 -20.90
CA VAL C 16 -23.56 -22.19 -20.73
C VAL C 16 -23.65 -22.91 -19.39
N GLY C 17 -24.21 -22.24 -18.39
CA GLY C 17 -24.36 -22.85 -17.08
C GLY C 17 -23.41 -22.26 -16.05
N LYS C 18 -23.26 -20.94 -16.08
CA LYS C 18 -22.37 -20.24 -15.16
C LYS C 18 -22.76 -20.47 -13.70
N SER C 19 -24.02 -20.24 -13.38
CA SER C 19 -24.49 -20.43 -12.00
C SER C 19 -24.64 -21.91 -11.68
N ALA C 20 -24.65 -22.76 -12.70
CA ALA C 20 -24.78 -24.20 -12.50
C ALA C 20 -23.45 -24.76 -11.98
N LEU C 21 -22.36 -24.31 -12.59
CA LEU C 21 -21.03 -24.75 -12.19
C LEU C 21 -20.71 -24.32 -10.77
N THR C 22 -21.17 -23.12 -10.42
CA THR C 22 -20.92 -22.57 -9.10
C THR C 22 -21.74 -23.30 -8.03
N ILE C 23 -23.03 -23.51 -8.29
CA ILE C 23 -23.89 -24.19 -7.34
C ILE C 23 -23.46 -25.64 -7.16
N GLN C 24 -22.96 -26.25 -8.23
CA GLN C 24 -22.49 -27.64 -8.18
C GLN C 24 -21.22 -27.76 -7.35
N LEU C 25 -20.44 -26.68 -7.30
CA LEU C 25 -19.19 -26.67 -6.54
C LEU C 25 -19.40 -26.21 -5.11
N ILE C 26 -20.21 -25.16 -4.93
CA ILE C 26 -20.47 -24.62 -3.61
C ILE C 26 -21.49 -25.45 -2.83
N GLN C 27 -22.72 -25.48 -3.33
CA GLN C 27 -23.79 -26.24 -2.66
C GLN C 27 -23.72 -27.72 -3.02
N ASN C 28 -22.95 -28.04 -4.06
CA ASN C 28 -22.77 -29.41 -4.52
C ASN C 28 -24.09 -30.01 -5.01
N HIS C 29 -24.87 -29.19 -5.71
CA HIS C 29 -26.14 -29.62 -6.23
C HIS C 29 -26.33 -29.10 -7.65
N PHE C 30 -26.77 -29.98 -8.54
CA PHE C 30 -26.98 -29.62 -9.94
C PHE C 30 -28.38 -29.07 -10.13
N VAL C 31 -28.47 -27.91 -10.76
CA VAL C 31 -29.75 -27.28 -11.03
C VAL C 31 -30.28 -27.71 -12.39
N ASP C 32 -31.59 -27.76 -12.52
CA ASP C 32 -32.23 -28.16 -13.76
C ASP C 32 -33.10 -27.04 -14.31
N GLU C 33 -33.36 -26.06 -13.46
CA GLU C 33 -34.18 -24.91 -13.83
C GLU C 33 -33.34 -23.87 -14.54
N TYR C 34 -33.98 -23.04 -15.34
CA TYR C 34 -33.29 -21.98 -16.05
C TYR C 34 -33.12 -20.76 -15.15
N ASP C 35 -32.21 -20.87 -14.20
CA ASP C 35 -31.96 -19.79 -13.27
C ASP C 35 -31.12 -18.69 -13.91
N PRO C 36 -31.56 -17.43 -13.75
CA PRO C 36 -30.86 -16.27 -14.31
C PRO C 36 -29.60 -15.91 -13.52
N THR C 37 -29.00 -14.78 -13.87
CA THR C 37 -27.79 -14.33 -13.20
C THR C 37 -27.45 -12.89 -13.62
N ILE C 38 -27.21 -12.04 -12.63
CA ILE C 38 -26.85 -10.65 -12.88
C ILE C 38 -25.56 -10.32 -12.11
N GLU C 39 -25.61 -10.52 -10.81
CA GLU C 39 -24.46 -10.28 -9.95
C GLU C 39 -24.53 -11.23 -8.76
N ASP C 40 -24.00 -12.43 -8.94
CA ASP C 40 -24.03 -13.44 -7.90
C ASP C 40 -22.70 -13.45 -7.15
N SER C 41 -22.76 -13.40 -5.83
CA SER C 41 -21.56 -13.43 -5.02
C SER C 41 -21.50 -14.72 -4.20
N TYR C 42 -20.45 -15.51 -4.44
CA TYR C 42 -20.26 -16.77 -3.73
C TYR C 42 -18.97 -16.73 -2.91
N ARG C 43 -19.10 -16.84 -1.60
CA ARG C 43 -17.94 -16.80 -0.72
C ARG C 43 -17.80 -18.12 0.03
N LYS C 44 -16.63 -18.74 -0.06
CA LYS C 44 -16.38 -20.01 0.62
C LYS C 44 -14.88 -20.25 0.75
N GLN C 45 -14.46 -20.84 1.87
CA GLN C 45 -13.05 -21.12 2.12
C GLN C 45 -12.75 -22.60 1.85
N VAL C 46 -11.67 -22.85 1.13
CA VAL C 46 -11.27 -24.22 0.80
C VAL C 46 -9.75 -24.36 0.85
N VAL C 47 -9.26 -25.58 0.82
CA VAL C 47 -7.83 -25.84 0.87
C VAL C 47 -7.35 -26.43 -0.45
N ILE C 48 -6.71 -25.60 -1.26
CA ILE C 48 -6.21 -26.02 -2.56
C ILE C 48 -4.68 -26.13 -2.52
N ASP C 49 -4.16 -27.31 -2.84
CA ASP C 49 -2.70 -27.56 -2.85
C ASP C 49 -2.11 -27.41 -1.46
N GLY C 50 -2.93 -27.69 -0.45
CA GLY C 50 -2.50 -27.58 0.94
C GLY C 50 -2.57 -26.15 1.44
N GLU C 51 -2.94 -25.25 0.53
CA GLU C 51 -3.05 -23.84 0.82
C GLU C 51 -4.52 -23.46 1.06
N THR C 52 -4.86 -23.19 2.32
CA THR C 52 -6.22 -22.81 2.66
C THR C 52 -6.44 -21.33 2.34
N CYS C 53 -7.41 -21.06 1.49
CA CYS C 53 -7.68 -19.68 1.09
C CYS C 53 -9.18 -19.43 0.96
N LEU C 54 -9.54 -18.16 1.01
CA LEU C 54 -10.92 -17.75 0.89
C LEU C 54 -11.22 -17.43 -0.57
N LEU C 55 -12.15 -18.15 -1.16
CA LEU C 55 -12.50 -17.92 -2.55
C LEU C 55 -13.67 -16.96 -2.69
N ASP C 56 -13.45 -15.93 -3.48
CA ASP C 56 -14.48 -14.93 -3.76
C ASP C 56 -14.91 -15.09 -5.21
N ILE C 57 -16.03 -15.77 -5.42
CA ILE C 57 -16.52 -16.02 -6.77
C ILE C 57 -17.62 -15.06 -7.16
N LEU C 58 -17.44 -14.39 -8.29
CA LEU C 58 -18.42 -13.45 -8.80
C LEU C 58 -19.02 -13.95 -10.11
N ASP C 59 -20.32 -14.19 -10.10
CA ASP C 59 -21.03 -14.66 -11.29
C ASP C 59 -21.90 -13.53 -11.85
N THR C 60 -21.34 -12.76 -12.76
CA THR C 60 -22.05 -11.63 -13.37
C THR C 60 -22.84 -12.05 -14.61
N ALA C 61 -23.69 -11.15 -15.09
CA ALA C 61 -24.50 -11.39 -16.27
C ALA C 61 -23.64 -11.57 -17.52
N GLY C 62 -24.09 -12.41 -18.43
CA GLY C 62 -23.35 -12.64 -19.66
C GLY C 62 -23.66 -11.60 -20.72
N GLN C 63 -24.89 -11.64 -21.22
CA GLN C 63 -25.30 -10.70 -22.25
C GLN C 63 -25.69 -9.35 -21.66
N GLU C 64 -24.69 -8.49 -21.48
CA GLU C 64 -24.91 -7.16 -20.96
C GLU C 64 -24.10 -6.15 -21.75
N GLU C 65 -24.63 -4.94 -21.89
CA GLU C 65 -23.95 -3.89 -22.64
C GLU C 65 -22.96 -3.14 -21.74
N TYR C 66 -22.41 -2.05 -22.26
CA TYR C 66 -21.45 -1.25 -21.52
C TYR C 66 -22.13 -0.47 -20.40
N SER C 67 -21.93 -0.93 -19.17
CA SER C 67 -22.50 -0.28 -18.00
C SER C 67 -21.39 0.14 -17.05
N ALA C 68 -21.50 1.34 -16.49
CA ALA C 68 -20.49 1.85 -15.57
C ALA C 68 -20.33 0.95 -14.35
N MET C 69 -21.46 0.45 -13.84
CA MET C 69 -21.44 -0.43 -12.68
C MET C 69 -20.67 -1.70 -12.98
N ARG C 70 -20.91 -2.25 -14.17
CA ARG C 70 -20.23 -3.47 -14.60
C ARG C 70 -18.72 -3.30 -14.61
N ASP C 71 -18.27 -2.24 -15.27
CA ASP C 71 -16.84 -1.94 -15.36
C ASP C 71 -16.24 -1.77 -13.97
N GLN C 72 -17.00 -1.13 -13.10
CA GLN C 72 -16.58 -0.86 -11.73
C GLN C 72 -16.23 -2.13 -10.95
N TYR C 73 -17.17 -3.07 -10.82
CA TYR C 73 -16.89 -4.29 -10.05
C TYR C 73 -16.06 -5.32 -10.80
N MET C 74 -16.09 -5.30 -12.12
CA MET C 74 -15.31 -6.25 -12.92
C MET C 74 -13.83 -5.86 -12.97
N ARG C 75 -13.55 -4.61 -12.62
CA ARG C 75 -12.19 -4.10 -12.61
C ARG C 75 -11.33 -4.78 -11.54
N THR C 76 -11.98 -5.19 -10.46
CA THR C 76 -11.30 -5.84 -9.34
C THR C 76 -11.17 -7.36 -9.53
N GLY C 77 -11.41 -7.84 -10.73
CA GLY C 77 -11.30 -9.26 -11.00
C GLY C 77 -9.86 -9.71 -11.21
N GLU C 78 -9.50 -10.85 -10.64
CA GLU C 78 -8.15 -11.39 -10.79
C GLU C 78 -8.09 -12.42 -11.90
N GLY C 79 -8.84 -13.50 -11.74
CA GLY C 79 -8.88 -14.55 -12.72
C GLY C 79 -10.23 -14.62 -13.39
N PHE C 80 -10.24 -14.83 -14.70
CA PHE C 80 -11.48 -14.90 -15.44
C PHE C 80 -11.63 -16.23 -16.18
N LEU C 81 -12.68 -16.97 -15.82
CA LEU C 81 -12.98 -18.25 -16.43
C LEU C 81 -13.92 -18.05 -17.61
N CYS C 82 -13.46 -18.36 -18.80
CA CYS C 82 -14.27 -18.20 -20.01
C CYS C 82 -14.97 -19.52 -20.32
N VAL C 83 -16.24 -19.61 -19.98
CA VAL C 83 -17.01 -20.82 -20.21
C VAL C 83 -17.91 -20.71 -21.43
N PHE C 84 -17.80 -21.70 -22.31
CA PHE C 84 -18.62 -21.77 -23.52
C PHE C 84 -19.27 -23.15 -23.61
N ALA C 85 -20.14 -23.32 -24.59
CA ALA C 85 -20.82 -24.61 -24.77
C ALA C 85 -20.42 -25.26 -26.09
N ILE C 86 -20.01 -26.52 -26.02
CA ILE C 86 -19.60 -27.25 -27.22
C ILE C 86 -20.79 -27.55 -28.12
N ASN C 87 -21.99 -27.40 -27.58
CA ASN C 87 -23.22 -27.65 -28.34
C ASN C 87 -23.75 -26.35 -28.92
N ASN C 88 -23.12 -25.24 -28.55
CA ASN C 88 -23.52 -23.94 -29.02
C ASN C 88 -22.32 -23.20 -29.60
N THR C 89 -22.15 -23.33 -30.92
CA THR C 89 -21.03 -22.70 -31.61
C THR C 89 -21.09 -21.17 -31.49
N LYS C 90 -22.28 -20.65 -31.27
CA LYS C 90 -22.47 -19.21 -31.12
C LYS C 90 -21.68 -18.69 -29.92
N SER C 91 -21.65 -19.46 -28.85
CA SER C 91 -20.92 -19.07 -27.65
C SER C 91 -19.43 -19.21 -27.85
N PHE C 92 -19.03 -20.07 -28.79
CA PHE C 92 -17.62 -20.31 -29.08
C PHE C 92 -17.00 -19.07 -29.70
N GLU C 93 -17.72 -18.45 -30.64
CA GLU C 93 -17.24 -17.25 -31.30
C GLU C 93 -17.51 -16.00 -30.46
N ASP C 94 -18.25 -16.18 -29.37
CA ASP C 94 -18.57 -15.08 -28.48
C ASP C 94 -17.48 -14.93 -27.43
N ILE C 95 -16.59 -15.92 -27.37
CA ILE C 95 -15.49 -15.92 -26.43
C ILE C 95 -14.60 -14.68 -26.57
N HIS C 96 -14.28 -14.32 -27.81
CA HIS C 96 -13.44 -13.14 -28.07
C HIS C 96 -14.15 -11.89 -27.59
N HIS C 97 -15.47 -11.89 -27.69
CA HIS C 97 -16.30 -10.77 -27.27
C HIS C 97 -16.17 -10.54 -25.76
N TYR C 98 -15.98 -11.63 -25.02
CA TYR C 98 -15.83 -11.56 -23.58
C TYR C 98 -14.41 -11.19 -23.20
N ARG C 99 -13.44 -11.80 -23.88
CA ARG C 99 -12.03 -11.53 -23.62
C ARG C 99 -11.69 -10.06 -23.83
N GLU C 100 -12.20 -9.48 -24.92
CA GLU C 100 -11.93 -8.08 -25.23
C GLU C 100 -12.49 -7.16 -24.16
N GLN C 101 -13.64 -7.53 -23.59
CA GLN C 101 -14.25 -6.75 -22.54
C GLN C 101 -13.39 -6.81 -21.29
N ILE C 102 -12.91 -8.00 -20.97
CA ILE C 102 -12.06 -8.22 -19.82
C ILE C 102 -10.74 -7.48 -20.00
N LYS C 103 -10.18 -7.54 -21.20
CA LYS C 103 -8.93 -6.88 -21.53
C LYS C 103 -9.07 -5.37 -21.38
N ARG C 104 -10.27 -4.87 -21.58
CA ARG C 104 -10.55 -3.45 -21.47
C ARG C 104 -10.79 -3.03 -20.02
N VAL C 105 -11.57 -3.82 -19.28
CA VAL C 105 -11.87 -3.51 -17.89
C VAL C 105 -10.64 -3.63 -17.00
N LYS C 106 -9.72 -4.51 -17.37
CA LYS C 106 -8.50 -4.69 -16.59
C LYS C 106 -7.39 -3.75 -17.04
N ASP C 107 -7.54 -3.21 -18.25
CA ASP C 107 -6.56 -2.29 -18.84
C ASP C 107 -5.20 -2.97 -18.99
N SER C 108 -5.24 -4.25 -19.31
CA SER C 108 -4.03 -5.04 -19.47
C SER C 108 -4.29 -6.18 -20.45
N GLU C 109 -3.24 -6.57 -21.17
CA GLU C 109 -3.35 -7.63 -22.16
C GLU C 109 -2.83 -8.94 -21.58
N ASP C 110 -2.44 -8.91 -20.31
CA ASP C 110 -1.92 -10.10 -19.63
C ASP C 110 -2.75 -10.40 -18.40
N VAL C 111 -3.93 -10.98 -18.63
CA VAL C 111 -4.84 -11.33 -17.54
C VAL C 111 -5.05 -12.84 -17.53
N PRO C 112 -4.97 -13.47 -16.34
CA PRO C 112 -5.16 -14.92 -16.19
C PRO C 112 -6.55 -15.37 -16.65
N MET C 113 -6.59 -16.15 -17.72
CA MET C 113 -7.83 -16.64 -18.28
C MET C 113 -7.74 -18.13 -18.53
N VAL C 114 -8.88 -18.81 -18.48
CA VAL C 114 -8.94 -20.24 -18.72
C VAL C 114 -10.15 -20.55 -19.60
N LEU C 115 -9.92 -21.25 -20.70
CA LEU C 115 -10.98 -21.61 -21.62
C LEU C 115 -11.68 -22.86 -21.13
N VAL C 116 -12.95 -22.73 -20.77
CA VAL C 116 -13.72 -23.83 -20.26
C VAL C 116 -14.82 -24.25 -21.24
N GLY C 117 -14.71 -25.46 -21.75
CA GLY C 117 -15.70 -25.98 -22.67
C GLY C 117 -16.69 -26.87 -21.95
N ASN C 118 -17.77 -26.28 -21.48
CA ASN C 118 -18.78 -27.00 -20.71
C ASN C 118 -19.78 -27.72 -21.63
N LYS C 119 -20.47 -28.70 -21.05
CA LYS C 119 -21.47 -29.49 -21.74
C LYS C 119 -20.87 -30.49 -22.73
N CYS C 120 -19.69 -31.01 -22.40
CA CYS C 120 -19.02 -31.98 -23.25
C CYS C 120 -19.68 -33.35 -23.12
N ASP C 121 -20.70 -33.43 -22.28
CA ASP C 121 -21.43 -34.66 -22.06
C ASP C 121 -22.54 -34.85 -23.09
N LEU C 122 -22.81 -33.79 -23.85
CA LEU C 122 -23.85 -33.83 -24.87
C LEU C 122 -23.28 -34.30 -26.20
N PRO C 123 -24.02 -35.19 -26.90
CA PRO C 123 -23.59 -35.73 -28.20
C PRO C 123 -23.64 -34.68 -29.31
N SER C 124 -24.32 -33.57 -29.06
CA SER C 124 -24.45 -32.50 -30.03
C SER C 124 -23.18 -31.62 -30.04
N ARG C 125 -22.04 -32.25 -30.28
CA ARG C 125 -20.77 -31.52 -30.32
C ARG C 125 -20.59 -30.78 -31.63
N THR C 126 -20.70 -29.46 -31.58
CA THR C 126 -20.54 -28.63 -32.75
C THR C 126 -19.12 -28.06 -32.80
N VAL C 127 -18.45 -28.13 -31.65
CA VAL C 127 -17.09 -27.63 -31.54
C VAL C 127 -16.14 -28.74 -31.12
N ASP C 128 -15.17 -29.04 -31.98
CA ASP C 128 -14.18 -30.08 -31.70
C ASP C 128 -13.23 -29.60 -30.62
N THR C 129 -12.71 -30.55 -29.84
CA THR C 129 -11.79 -30.23 -28.77
C THR C 129 -10.53 -29.54 -29.31
N LYS C 130 -10.05 -30.02 -30.46
CA LYS C 130 -8.88 -29.46 -31.10
C LYS C 130 -9.09 -27.99 -31.49
N GLN C 131 -10.31 -27.67 -31.89
CA GLN C 131 -10.65 -26.31 -32.29
C GLN C 131 -10.47 -25.36 -31.11
N ALA C 132 -10.98 -25.78 -29.96
CA ALA C 132 -10.87 -24.98 -28.75
C ALA C 132 -9.42 -24.95 -28.25
N GLN C 133 -8.74 -26.08 -28.42
CA GLN C 133 -7.34 -26.18 -28.00
C GLN C 133 -6.48 -25.19 -28.77
N ASP C 134 -6.68 -25.13 -30.08
CA ASP C 134 -5.92 -24.20 -30.92
C ASP C 134 -6.29 -22.76 -30.62
N LEU C 135 -7.54 -22.54 -30.23
CA LEU C 135 -7.99 -21.21 -29.88
C LEU C 135 -7.26 -20.74 -28.63
N ALA C 136 -7.25 -21.60 -27.62
CA ALA C 136 -6.58 -21.31 -26.35
C ALA C 136 -5.07 -21.19 -26.60
N ARG C 137 -4.57 -22.01 -27.52
CA ARG C 137 -3.16 -22.01 -27.88
C ARG C 137 -2.76 -20.63 -28.41
N SER C 138 -3.61 -20.04 -29.22
CA SER C 138 -3.36 -18.73 -29.80
C SER C 138 -3.65 -17.64 -28.76
N TYR C 139 -4.56 -17.94 -27.85
CA TYR C 139 -4.95 -17.02 -26.80
C TYR C 139 -3.88 -16.91 -25.72
N GLY C 140 -3.08 -17.96 -25.59
CA GLY C 140 -2.03 -17.99 -24.60
C GLY C 140 -2.56 -18.39 -23.24
N ILE C 141 -3.59 -19.24 -23.26
CA ILE C 141 -4.23 -19.72 -22.04
C ILE C 141 -4.56 -21.21 -22.16
N PRO C 142 -4.75 -21.91 -21.03
CA PRO C 142 -5.08 -23.34 -21.04
C PRO C 142 -6.56 -23.58 -21.35
N PHE C 143 -6.87 -24.76 -21.88
CA PHE C 143 -8.23 -25.13 -22.22
C PHE C 143 -8.66 -26.37 -21.42
N ILE C 144 -9.82 -26.28 -20.78
CA ILE C 144 -10.34 -27.38 -19.99
C ILE C 144 -11.79 -27.69 -20.37
N GLU C 145 -12.01 -28.84 -21.01
CA GLU C 145 -13.35 -29.26 -21.39
C GLU C 145 -14.03 -29.84 -20.15
N THR C 146 -15.21 -29.37 -19.81
CA THR C 146 -15.87 -29.84 -18.60
C THR C 146 -17.36 -30.13 -18.80
N SER C 147 -17.99 -30.53 -17.71
CA SER C 147 -19.41 -30.83 -17.67
C SER C 147 -19.88 -30.78 -16.21
N ALA C 148 -20.78 -29.85 -15.92
CA ALA C 148 -21.31 -29.69 -14.57
C ALA C 148 -22.24 -30.84 -14.19
N LYS C 149 -22.57 -31.68 -15.16
CA LYS C 149 -23.46 -32.81 -14.92
C LYS C 149 -22.72 -33.98 -14.29
N THR C 150 -21.57 -34.33 -14.85
CA THR C 150 -20.79 -35.45 -14.34
C THR C 150 -19.54 -34.97 -13.60
N ARG C 151 -19.44 -33.66 -13.40
CA ARG C 151 -18.31 -33.05 -12.72
C ARG C 151 -16.98 -33.38 -13.42
N GLN C 152 -17.04 -33.43 -14.75
CA GLN C 152 -15.85 -33.75 -15.55
C GLN C 152 -14.85 -32.61 -15.55
N GLY C 153 -13.85 -32.69 -14.69
CA GLY C 153 -12.81 -31.68 -14.61
C GLY C 153 -13.28 -30.35 -14.08
N VAL C 154 -14.45 -30.34 -13.43
CA VAL C 154 -15.01 -29.10 -12.89
C VAL C 154 -14.09 -28.50 -11.83
N ASP C 155 -13.63 -29.33 -10.91
CA ASP C 155 -12.74 -28.87 -9.84
C ASP C 155 -11.44 -28.36 -10.42
N ASP C 156 -10.83 -29.14 -11.29
CA ASP C 156 -9.55 -28.76 -11.91
C ASP C 156 -9.66 -27.47 -12.70
N ALA C 157 -10.81 -27.24 -13.34
CA ALA C 157 -11.02 -26.02 -14.12
C ALA C 157 -10.81 -24.79 -13.24
N PHE C 158 -11.38 -24.84 -12.04
CA PHE C 158 -11.26 -23.74 -11.10
C PHE C 158 -9.83 -23.64 -10.57
N TYR C 159 -9.24 -24.80 -10.26
CA TYR C 159 -7.88 -24.86 -9.72
C TYR C 159 -6.87 -24.34 -10.76
N THR C 160 -7.16 -24.58 -12.03
CA THR C 160 -6.30 -24.12 -13.11
C THR C 160 -6.15 -22.61 -13.07
N LEU C 161 -7.28 -21.92 -12.91
CA LEU C 161 -7.30 -20.47 -12.84
C LEU C 161 -6.42 -19.98 -11.69
N VAL C 162 -6.53 -20.66 -10.55
CA VAL C 162 -5.74 -20.31 -9.37
C VAL C 162 -4.25 -20.46 -9.66
N ARG C 163 -3.89 -21.53 -10.37
CA ARG C 163 -2.51 -21.80 -10.73
C ARG C 163 -1.96 -20.72 -11.66
N GLU C 164 -2.81 -20.23 -12.55
CA GLU C 164 -2.41 -19.19 -13.49
C GLU C 164 -2.22 -17.87 -12.76
N ILE C 165 -3.10 -17.59 -11.79
CA ILE C 165 -3.01 -16.37 -11.01
C ILE C 165 -1.71 -16.38 -10.19
N ARG C 166 -1.40 -17.52 -9.60
CA ARG C 166 -0.19 -17.68 -8.80
C ARG C 166 1.06 -17.39 -9.64
N LYS C 167 1.13 -18.01 -10.81
CA LYS C 167 2.26 -17.83 -11.72
C LYS C 167 2.36 -16.37 -12.16
N HIS C 168 1.21 -15.73 -12.32
CA HIS C 168 1.17 -14.34 -12.75
C HIS C 168 1.76 -13.42 -11.69
N LYS C 169 1.55 -13.76 -10.42
CA LYS C 169 2.06 -12.96 -9.32
C LYS C 169 3.58 -13.06 -9.21
N GLU C 170 4.11 -14.26 -9.35
CA GLU C 170 5.55 -14.46 -9.26
C GLU C 170 6.27 -13.87 -10.48
N LYS C 171 5.59 -13.89 -11.63
CA LYS C 171 6.13 -13.35 -12.87
C LYS C 171 6.45 -11.87 -12.70
N MET C 172 5.51 -11.15 -12.09
CA MET C 172 5.68 -9.71 -11.86
C MET C 172 6.70 -9.43 -10.76
N SER C 173 6.82 -10.36 -9.82
CA SER C 173 7.73 -10.20 -8.70
C SER C 173 9.19 -10.48 -9.08
N LYS C 174 9.40 -11.27 -10.12
CA LYS C 174 10.75 -11.62 -10.56
C LYS C 174 11.37 -10.53 -11.42
N ASP C 175 10.56 -9.55 -11.80
CA ASP C 175 10.99 -8.42 -12.63
C ASP C 175 11.38 -8.86 -14.04
N GLY C 176 10.38 -9.04 -14.88
CA GLY C 176 10.63 -9.44 -16.25
C GLY C 176 10.58 -8.24 -17.18
N LYS C 177 11.40 -8.27 -18.23
CA LYS C 177 11.46 -7.20 -19.21
C LYS C 177 11.94 -5.89 -18.57
N LYS C 178 13.26 -5.79 -18.35
CA LYS C 178 13.83 -4.61 -17.75
C LYS C 178 15.35 -4.60 -17.89
N LYS C 179 16.00 -5.63 -17.37
CA LYS C 179 17.46 -5.74 -17.42
C LYS C 179 17.94 -6.48 -18.66
N LYS C 180 18.13 -5.76 -19.74
CA LYS C 180 18.60 -6.37 -20.98
C LYS C 180 20.08 -6.05 -21.18
N LYS C 181 20.75 -6.85 -22.01
CA LYS C 181 22.16 -6.69 -22.32
C LYS C 181 23.06 -7.04 -21.12
N LYS C 182 24.35 -7.19 -21.40
CA LYS C 182 25.31 -7.52 -20.37
C LYS C 182 26.71 -7.09 -20.80
N SER C 183 27.23 -7.74 -21.84
CA SER C 183 28.56 -7.45 -22.38
C SER C 183 29.63 -7.64 -21.31
N LYS C 184 29.37 -8.54 -20.37
CA LYS C 184 30.29 -8.82 -19.28
C LYS C 184 30.71 -10.28 -19.30
N THR C 185 32.01 -10.51 -19.10
CA THR C 185 32.58 -11.86 -19.09
C THR C 185 32.39 -12.54 -20.45
N LYS C 186 32.47 -11.74 -21.51
CA LYS C 186 32.30 -12.25 -22.87
C LYS C 186 33.60 -12.89 -23.37
N CYS C 187 33.52 -13.52 -24.54
CA CYS C 187 34.67 -14.18 -25.13
C CYS C 187 35.49 -13.20 -25.97
C1 PCW D . -7.58 -4.05 -1.84
C2 PCW D . -7.57 -2.98 -0.68
C3 PCW D . -9.03 -2.76 -0.14
C4 PCW D . -4.84 -7.01 -3.68
C5 PCW D . -4.67 -8.51 -3.92
C6 PCW D . -5.83 -10.02 -2.22
C7 PCW D . -6.41 -10.15 -4.59
C8 PCW D . -4.79 -10.55 -3.81
C11 PCW D . -9.84 -0.71 0.80
C12 PCW D . -9.66 0.19 1.99
C13 PCW D . -11.08 0.61 2.52
C14 PCW D . -11.09 1.53 3.73
C15 PCW D . -12.47 2.18 4.08
C16 PCW D . -12.62 3.55 3.33
C17 PCW D . -13.56 3.58 2.07
C18 PCW D . -15.05 3.54 2.42
C19 PCW D . -15.72 4.93 2.30
C20 PCW D . -16.87 5.25 3.02
C21 PCW D . -17.69 4.49 3.99
C22 PCW D . -17.16 4.84 5.41
C23 PCW D . -16.22 3.82 6.10
C24 PCW D . -15.26 4.36 7.11
C25 PCW D . -15.73 4.76 8.53
C26 PCW D . -15.29 3.88 9.68
C27 PCW D . -16.13 2.62 10.00
C28 PCW D . -17.15 2.94 11.07
C31 PCW D . -5.98 -2.52 1.02
C32 PCW D . -5.19 -3.17 2.17
C33 PCW D . -3.76 -2.50 2.46
C34 PCW D . -3.69 -1.77 3.80
C35 PCW D . -3.41 -0.26 3.45
C36 PCW D . -2.04 0.23 3.96
C37 PCW D . -1.70 1.72 3.64
C38 PCW D . -1.51 2.53 4.88
C39 PCW D . -1.17 3.97 4.59
C40 PCW D . -0.43 4.79 5.32
C41 PCW D . 0.24 4.38 6.62
C42 PCW D . 0.10 5.60 7.65
C43 PCW D . -0.06 5.28 9.12
C44 PCW D . -0.17 6.61 9.85
C45 PCW D . 0.76 6.78 11.03
C46 PCW D . 0.37 7.89 11.96
C47 PCW D . 1.16 8.01 13.24
C48 PCW D . 0.66 9.20 14.09
N PCW D . -5.72 -9.40 -3.56
O2 PCW D . -6.74 -3.47 0.46
O3 PCW D . -9.00 -1.78 0.91
O11 PCW D . -10.59 -0.52 -0.12
O31 PCW D . -5.93 -1.30 0.68
O1P PCW D . -4.92 -4.38 -2.45
O2P PCW D . -4.77 -5.71 -0.33
O3P PCW D . -7.05 -5.34 -1.47
O4P PCW D . -5.38 -6.85 -2.35
P PCW D . -5.45 -5.52 -1.63
C1 PCW E . -13.53 -12.62 15.45
C2 PCW E . -14.65 -11.59 15.82
C3 PCW E . -14.86 -11.53 17.37
C4 PCW E . -12.01 -15.05 12.40
C5 PCW E . -12.36 -15.81 11.11
C6 PCW E . -11.24 -16.00 8.82
C7 PCW E . -10.56 -17.46 10.67
C8 PCW E . -12.20 -17.38 9.82
C11 PCW E . -17.14 -11.05 17.94
C12 PCW E . -18.06 -9.90 18.24
C13 PCW E . -19.19 -9.87 17.15
C14 PCW E . -20.22 -8.76 17.30
C15 PCW E . -20.40 -7.83 16.06
C16 PCW E . -21.30 -6.58 16.41
C17 PCW E . -20.76 -5.62 17.52
C18 PCW E . -21.80 -4.60 18.00
C19 PCW E . -22.70 -5.16 19.12
C20 PCW E . -22.57 -4.77 20.45
C21 PCW E . -21.63 -3.83 21.12
C22 PCW E . -21.92 -3.93 22.65
C23 PCW E . -22.82 -2.82 23.28
C24 PCW E . -22.52 -2.44 24.69
C25 PCW E . -23.40 -1.39 25.44
C26 PCW E . -22.76 -0.05 25.73
C27 PCW E . -23.16 1.16 24.84
C28 PCW E . -21.96 1.65 24.07
C31 PCW E . -15.20 -9.55 14.72
C32 PCW E . -14.62 -8.17 14.32
C33 PCW E . -14.89 -6.99 15.37
C34 PCW E . -15.58 -5.78 14.76
C35 PCW E . -16.75 -5.41 15.75
C36 PCW E . -16.82 -3.89 16.04
C37 PCW E . -17.96 -3.44 17.01
C38 PCW E . -17.56 -2.27 17.84
C39 PCW E . -18.64 -1.82 18.79
C40 PCW E . -18.99 -0.58 19.08
C41 PCW E . -18.33 0.65 18.48
C42 PCW E . -17.50 1.38 19.64
C43 PCW E . -16.52 2.48 19.25
C44 PCW E . -15.90 2.99 20.53
C45 PCW E . -15.56 4.46 20.55
C46 PCW E . -14.55 4.83 21.59
C47 PCW E . -13.26 5.45 21.10
C48 PCW E . -12.32 5.77 22.27
N PCW E . -11.30 -16.28 10.27
O2 PCW E . -14.25 -10.22 15.37
O3 PCW E . -15.89 -10.57 17.68
O11 PCW E . -17.46 -12.21 17.92
O31 PCW E . -16.36 -9.95 14.47
O1P PCW E . -11.60 -14.55 15.20
O2P PCW E . -13.29 -16.36 15.49
O3P PCW E . -14.05 -13.92 15.09
O4P PCW E . -13.08 -15.30 13.33
P PCW E . -12.95 -15.07 14.82
C1 PCW F . 38.79 -23.43 1.01
C2 PCW F . 39.66 -22.31 1.71
C3 PCW F . 41.04 -22.15 0.96
C4 PCW F . 38.43 -20.35 -2.46
C5 PCW F . 39.88 -20.53 -2.90
C6 PCW F . 39.51 -21.51 -5.22
C7 PCW F . 41.51 -20.19 -4.72
C8 PCW F . 41.02 -21.82 -4.01
C11 PCW F . 42.07 -19.98 0.90
C12 PCW F . 42.89 -19.05 1.76
C13 PCW F . 44.40 -19.21 1.35
C14 PCW F . 45.37 -18.32 2.13
C15 PCW F . 45.72 -18.80 3.57
C16 PCW F . 47.07 -18.18 4.06
C17 PCW F . 48.34 -19.09 4.01
C18 PCW F . 49.61 -18.41 4.54
C19 PCW F . 50.38 -17.64 3.45
C20 PCW F . 50.64 -16.27 3.53
C21 PCW F . 50.30 -15.25 4.55
C22 PCW F . 49.29 -14.27 3.90
C23 PCW F . 48.00 -13.93 4.72
C24 PCW F . 48.20 -13.45 6.12
C25 PCW F . 48.42 -11.95 6.44
C26 PCW F . 48.38 -11.53 7.90
C27 PCW F . 49.69 -11.61 8.71
C28 PCW F . 49.41 -12.21 10.06
C31 PCW F . 38.23 -20.75 2.73
C32 PCW F . 37.57 -19.38 2.54
C33 PCW F . 38.58 -18.14 2.41
C34 PCW F . 38.89 -17.48 3.76
C35 PCW F . 40.18 -18.23 4.30
C36 PCW F . 40.93 -17.41 5.38
C37 PCW F . 42.20 -18.08 5.98
C38 PCW F . 41.86 -19.03 7.07
C39 PCW F . 43.07 -19.70 7.67
C40 PCW F . 43.55 -19.54 8.91
C41 PCW F . 42.93 -18.62 9.94
C42 PCW F . 43.87 -18.62 11.23
C43 PCW F . 43.40 -19.38 12.46
C44 PCW F . 44.49 -19.21 13.52
C45 PCW F . 43.98 -19.08 14.94
C46 PCW F . 44.73 -18.06 15.75
C47 PCW F . 43.98 -16.80 16.12
C48 PCW F . 44.86 -15.85 16.95
N PCW F . 40.20 -20.60 -4.29
O2 PCW F . 38.96 -21.01 1.64
O3 PCW F . 41.81 -21.13 1.60
O11 PCW F . 41.70 -19.75 -0.21
O31 PCW F . 38.10 -21.50 3.75
O1P PCW F . 36.84 -22.73 -2.12
O2P PCW F . 36.54 -21.85 0.21
O3P PCW F . 38.63 -23.25 -0.42
O4P PCW F . 38.31 -20.95 -1.14
P PCW F . 37.49 -22.20 -0.88
C1 PCW G . -7.70 8.06 -20.03
C2 PCW G . -7.92 9.52 -20.57
C3 PCW G . -9.29 10.08 -20.04
C4 PCW G . -8.09 3.86 -19.35
C5 PCW G . -8.67 3.86 -17.94
C6 PCW G . -10.46 2.05 -17.74
C7 PCW G . -8.66 2.22 -16.08
C8 PCW G . -9.99 3.45 -16.43
C11 PCW G . -10.34 12.23 -19.82
C12 PCW G . -10.40 13.56 -20.50
C13 PCW G . -9.10 14.37 -20.12
C14 PCW G . -9.00 15.78 -20.73
C15 PCW G . -9.46 16.94 -19.80
C16 PCW G . -10.99 17.23 -19.98
C17 PCW G . -11.95 16.80 -18.83
C18 PCW G . -13.16 16.01 -19.32
C19 PCW G . -13.43 14.74 -18.48
C20 PCW G . -14.58 14.60 -17.70
C21 PCW G . -15.73 15.49 -17.46
C22 PCW G . -16.87 14.61 -16.86
C23 PCW G . -17.83 15.27 -15.83
C24 PCW G . -17.25 15.60 -14.48
C25 PCW G . -17.95 15.12 -13.18
C26 PCW G . -17.76 13.66 -12.80
C27 PCW G . -18.00 13.25 -11.34
C28 PCW G . -17.71 11.78 -11.15
C31 PCW G . -6.27 11.16 -21.02
C32 PCW G . -5.19 12.01 -20.35
C33 PCW G . -4.56 13.16 -21.28
C34 PCW G . -3.03 13.20 -21.23
C35 PCW G . -2.58 13.83 -22.61
C36 PCW G . -2.36 15.36 -22.52
C37 PCW G . -1.91 16.05 -23.85
C38 PCW G . -1.89 17.54 -23.70
C39 PCW G . -1.46 18.23 -24.98
C40 PCW G . -1.10 19.51 -25.12
C41 PCW G . -1.08 20.52 -23.99
C42 PCW G . -1.25 21.97 -24.63
C43 PCW G . 0.00 22.77 -24.95
C44 PCW G . -0.46 24.10 -25.53
C45 PCW G . 0.59 25.19 -25.53
C46 PCW G . 0.78 25.85 -24.20
C47 PCW G . 2.21 26.07 -23.76
C48 PCW G . 2.28 26.74 -22.39
N PCW G . -9.15 2.64 -17.37
O2 PCW G . -6.85 10.42 -20.07
O3 PCW G . -9.50 11.41 -20.53
O11 PCW G . -10.92 11.91 -18.82
O31 PCW G . -6.57 11.15 -22.26
O1P PCW G . -7.47 4.80 -22.03
O2P PCW G . -5.65 6.04 -20.86
O3P PCW G . -8.01 7.02 -20.98
O4P PCW G . -7.43 5.15 -19.54
P PCW G . -7.09 5.71 -20.90
C1 PCW H . -19.30 -9.34 6.73
C2 PCW H . -19.93 -7.93 7.04
C3 PCW H . -20.15 -7.76 8.59
C4 PCW H . -21.21 -8.95 2.95
C5 PCW H . -21.74 -7.56 3.32
C6 PCW H . -23.83 -7.61 1.86
C7 PCW H . -23.70 -6.11 3.78
C8 PCW H . -22.67 -6.09 2.26
C11 PCW H . -20.45 -5.87 10.04
C12 PCW H . -21.18 -4.55 10.10
C13 PCW H . -20.09 -3.41 10.16
C14 PCW H . -20.65 -1.99 10.21
C15 PCW H . -20.54 -1.29 11.61
C16 PCW H . -21.67 -0.22 11.79
C17 PCW H . -21.26 1.18 12.35
C18 PCW H . -21.66 2.34 11.45
C19 PCW H . -22.87 3.14 12.00
C20 PCW H . -22.73 4.28 12.79
C21 PCW H . -21.54 5.00 13.30
C22 PCW H . -21.50 6.37 12.55
C23 PCW H . -20.20 7.21 12.67
C24 PCW H . -20.33 8.56 13.29
C25 PCW H . -20.32 8.74 14.83
C26 PCW H . -19.09 9.39 15.44
C27 PCW H . -18.77 9.09 16.91
C28 PCW H . -17.39 9.62 17.25
C31 PCW H . -19.60 -5.87 5.91
C32 PCW H . -18.53 -4.84 5.53
C33 PCW H . -17.25 -5.43 4.77
C34 PCW H . -16.25 -4.36 4.34
C35 PCW H . -14.82 -5.04 4.42
C36 PCW H . -13.67 -4.02 4.44
C37 PCW H . -12.24 -4.62 4.52
C38 PCW H . -11.59 -4.33 5.83
C39 PCW H . -10.19 -4.91 5.93
C40 PCW H . -9.07 -4.40 5.40
C41 PCW H . -9.03 -3.11 4.59
C42 PCW H . -8.04 -2.09 5.30
C43 PCW H . -8.27 -1.76 6.77
C44 PCW H . -7.18 -0.78 7.20
C45 PCW H . -5.76 -1.27 7.08
C46 PCW H . -5.46 -2.49 7.90
C47 PCW H . -4.95 -3.69 7.14
C48 PCW H . -4.67 -4.88 8.08
N PCW H . -23.11 -7.24 3.09
O2 PCW H . -19.01 -6.85 6.60
O3 PCW H . -20.72 -6.47 8.85
O11 PCW H . -19.76 -6.33 10.91
O31 PCW H . -20.84 -5.81 5.63
O1P PCW H . -18.67 -10.34 3.08
O2P PCW H . -19.81 -11.66 4.85
O3P PCW H . -18.67 -9.42 5.43
O4P PCW H . -20.78 -9.56 4.20
P PCW H . -19.47 -10.31 4.35
C1 PCW I . 8.05 2.15 -14.39
C2 PCW I . 9.27 3.01 -13.90
C3 PCW I . 9.58 4.14 -14.95
C4 PCW I . 9.80 -2.66 -13.81
C5 PCW I . 9.18 -3.93 -14.37
C6 PCW I . 8.55 -6.38 -14.03
C7 PCW I . 8.64 -4.85 -12.12
C8 PCW I . 7.50 -4.79 -13.57
C11 PCW I . 11.95 4.43 -14.74
C12 PCW I . 12.97 5.41 -14.21
C13 PCW I . 13.26 6.47 -15.34
C14 PCW I . 14.28 7.56 -14.97
C15 PCW I . 15.15 8.09 -16.15
C16 PCW I . 15.25 9.65 -16.09
C17 PCW I . 15.02 10.43 -17.44
C18 PCW I . 16.01 10.05 -18.53
C19 PCW I . 17.41 10.69 -18.34
C20 PCW I . 18.56 9.92 -18.21
C21 PCW I . 18.80 8.46 -18.24
C22 PCW I . 20.31 8.25 -18.55
C23 PCW I . 20.68 7.71 -19.96
C24 PCW I . 20.77 8.72 -21.07
C25 PCW I . 22.17 9.17 -21.61
C26 PCW I . 22.72 10.46 -21.06
C27 PCW I . 23.85 10.37 -20.00
C28 PCW I . 25.02 11.22 -20.44
C31 PCW I . 8.84 2.86 -11.57
C32 PCW I . 8.50 3.69 -10.32
C33 PCW I . 7.01 3.51 -9.76
C34 PCW I . 6.68 4.42 -8.58
C35 PCW I . 6.21 5.78 -9.22
C36 PCW I . 5.90 6.87 -8.17
C37 PCW I . 5.43 8.25 -8.74
C38 PCW I . 3.94 8.36 -8.76
C39 PCW I . 3.48 9.69 -9.31
C40 PCW I . 2.39 10.37 -8.94
C41 PCW I . 1.43 9.92 -7.86
C42 PCW I . 1.64 10.84 -6.57
C43 PCW I . 0.67 11.98 -6.31
C44 PCW I . 1.12 12.67 -5.03
C45 PCW I . 1.78 14.01 -5.23
C46 PCW I . 2.36 14.58 -3.96
C47 PCW I . 3.87 14.44 -3.80
C48 PCW I . 4.33 15.05 -2.48
N PCW I . 8.97 -5.06 -13.51
O2 PCW I . 8.94 3.69 -12.62
O3 PCW I . 10.70 4.92 -14.51
O11 PCW I . 12.20 3.40 -15.29
O31 PCW I . 9.01 1.61 -11.59
O1P PCW I . 10.69 0.36 -13.77
O2P PCW I . 9.91 -0.54 -15.41
O3P PCW I . 8.43 0.91 -15.02
O4P PCW I . 8.90 -1.57 -14.14
P PCW I . 9.29 -0.11 -14.14
C1 PCW J . -3.57 6.59 -15.27
C2 PCW J . -2.75 7.32 -14.14
C3 PCW J . -1.99 8.55 -14.74
C4 PCW J . -5.13 2.27 -14.73
C5 PCW J . -4.50 1.04 -15.41
C6 PCW J . -5.26 -0.87 -14.13
C7 PCW J . -3.35 0.28 -13.46
C8 PCW J . -3.17 -1.04 -15.31
C11 PCW J . -1.02 10.54 -13.83
C12 PCW J . -0.22 11.02 -12.64
C13 PCW J . -1.16 11.96 -11.78
C14 PCW J . -0.51 12.55 -10.53
C15 PCW J . -1.48 13.12 -9.45
C16 PCW J . -2.16 14.44 -9.96
C17 PCW J . -1.36 15.77 -9.79
C18 PCW J . -1.76 16.85 -10.80
C19 PCW J . -0.81 18.07 -10.78
C20 PCW J . -1.19 19.32 -11.27
C21 PCW J . -2.44 19.80 -11.91
C22 PCW J . -2.14 21.22 -12.46
C23 PCW J . -2.84 21.65 -13.77
C24 PCW J . -2.11 21.37 -15.04
C25 PCW J . -2.88 20.94 -16.33
C26 PCW J . -3.24 19.47 -16.43
C27 PCW J . -4.18 19.03 -17.56
C28 PCW J . -4.45 17.55 -17.46
C31 PCW J . -3.28 7.52 -11.84
C32 PCW J . -4.31 8.11 -10.86
C33 PCW J . -3.69 8.95 -9.64
C34 PCW J . -4.74 9.43 -8.63
C35 PCW J . -5.08 10.91 -9.06
C36 PCW J . -5.18 11.87 -7.85
C37 PCW J . -5.52 13.35 -8.19
C38 PCW J . -6.69 13.85 -7.41
C39 PCW J . -7.04 15.28 -7.73
C40 PCW J . -8.16 15.93 -7.41
C41 PCW J . -9.31 15.31 -6.62
C42 PCW J . -9.75 16.34 -5.50
C43 PCW J . -10.41 15.81 -4.24
C44 PCW J . -10.73 17.01 -3.36
C45 PCW J . -11.42 16.68 -2.06
C46 PCW J . -10.91 17.48 -0.89
C47 PCW J . -9.74 16.90 -0.13
C48 PCW J . -9.33 17.81 1.03
N PCW J . -4.09 -0.09 -14.62
O2 PCW J . -3.66 7.83 -13.08
O3 PCW J . -1.24 9.20 -13.70
O11 PCW J . -1.40 11.23 -14.74
O31 PCW J . -2.25 6.86 -11.51
O1P PCW J . -6.71 4.52 -15.61
O2P PCW J . -4.81 4.86 -17.18
O3P PCW J . -4.69 5.81 -14.79
O4P PCW J . -4.47 3.43 -15.30
P PCW J . -5.23 4.65 -15.78
C1 PCW K . 8.20 -29.76 24.67
C2 PCW K . 7.75 -29.06 26.02
C3 PCW K . 7.73 -30.10 27.18
C4 PCW K . 11.99 -28.58 21.78
C5 PCW K . 12.28 -28.64 20.27
C6 PCW K . 13.82 -30.49 20.30
C7 PCW K . 14.66 -28.32 20.27
C8 PCW K . 13.74 -29.11 18.33
C11 PCW K . 8.13 -29.60 29.50
C12 PCW K . 7.53 -28.86 30.66
C13 PCW K . 8.30 -27.50 30.82
C14 PCW K . 7.82 -26.61 31.97
C15 PCW K . 7.89 -27.24 33.38
C16 PCW K . 8.30 -26.17 34.45
C17 PCW K . 7.14 -25.36 35.13
C18 PCW K . 6.15 -26.23 35.91
C19 PCW K . 5.95 -25.76 37.37
C20 PCW K . 5.02 -24.79 37.72
C21 PCW K . 4.05 -23.98 36.92
C22 PCW K . 3.74 -22.71 37.75
C23 PCW K . 2.72 -21.69 37.15
C24 PCW K . 3.29 -20.60 36.29
C25 PCW K . 3.45 -19.16 36.85
C26 PCW K . 2.23 -18.26 36.74
C27 PCW K . 1.37 -18.05 38.00
C28 PCW K . 0.93 -16.60 38.09
C31 PCW K . 8.52 -26.81 25.82
C32 PCW K . 9.61 -25.84 26.29
C33 PCW K . 10.96 -25.83 25.41
C34 PCW K . 10.71 -25.67 23.91
C35 PCW K . 10.30 -24.15 23.71
C36 PCW K . 10.80 -23.57 22.37
C37 PCW K . 10.43 -22.07 22.10
C38 PCW K . 11.59 -21.16 22.34
C39 PCW K . 11.25 -19.72 22.09
C40 PCW K . 11.28 -18.71 22.96
C41 PCW K . 11.69 -18.86 24.42
C42 PCW K . 10.36 -18.85 25.31
C43 PCW K . 10.16 -19.97 26.32
C44 PCW K . 8.83 -19.71 27.01
C45 PCW K . 8.94 -19.16 28.41
C46 PCW K . 8.70 -20.18 29.48
C47 PCW K . 8.18 -19.65 30.81
C48 PCW K . 8.00 -20.80 31.81
N PCW K . 13.56 -29.12 19.82
O2 PCW K . 8.74 -28.00 26.38
O3 PCW K . 7.32 -29.46 28.40
O11 PCW K . 9.15 -30.23 29.53
O31 PCW K . 7.58 -26.54 25.02
O1P PCW K . 10.86 -30.76 23.31
O2P PCW K . 8.92 -30.45 21.77
O3P PCW K . 9.15 -29.00 23.89
O4P PCW K . 10.55 -28.69 21.92
P PCW K . 9.87 -29.80 22.70
C1 PCW L . 13.08 -7.29 -3.59
C2 PCW L . 12.55 -5.88 -3.11
C3 PCW L . 11.89 -6.02 -1.69
C4 PCW L . 13.81 -10.89 -2.48
C5 PCW L . 14.58 -12.07 -1.87
C6 PCW L . 12.92 -13.81 -1.87
C7 PCW L . 13.19 -12.48 0.03
C8 PCW L . 14.80 -14.03 -0.40
C11 PCW L . 10.09 -4.46 -1.43
C12 PCW L . 9.78 -3.09 -0.89
C13 PCW L . 9.49 -3.22 0.65
C14 PCW L . 9.15 -1.90 1.35
C15 PCW L . 8.11 -1.99 2.50
C16 PCW L . 6.93 -0.98 2.25
C17 PCW L . 7.28 0.54 2.35
C18 PCW L . 6.04 1.44 2.38
C19 PCW L . 6.06 2.44 3.56
C20 PCW L . 6.50 3.74 3.42
C21 PCW L . 7.04 4.50 2.26
C22 PCW L . 6.00 5.61 1.94
C23 PCW L . 6.54 7.03 1.62
C24 PCW L . 5.54 8.14 1.60
C25 PCW L . 5.90 9.54 1.03
C26 PCW L . 6.53 10.52 2.00
C27 PCW L . 5.58 11.45 2.80
C28 PCW L . 6.39 12.49 3.54
C31 PCW L . 14.15 -4.45 -4.14
C32 PCW L . 15.31 -3.48 -3.83
C33 PCW L . 16.76 -4.14 -3.78
C34 PCW L . 17.83 -3.30 -4.48
C35 PCW L . 18.82 -2.83 -3.34
C36 PCW L . 20.28 -2.74 -3.83
C37 PCW L . 21.32 -2.29 -2.76
C38 PCW L . 22.40 -1.44 -3.35
C39 PCW L . 23.42 -1.00 -2.33
C40 PCW L . 23.86 0.24 -2.12
C41 PCW L . 23.37 1.46 -2.90
C42 PCW L . 22.12 2.09 -2.12
C43 PCW L . 21.00 2.70 -2.94
C44 PCW L . 19.96 3.21 -1.96
C45 PCW L . 18.53 3.20 -2.46
C46 PCW L . 17.56 2.61 -1.49
C47 PCW L . 16.95 1.28 -1.87
C48 PCW L . 15.97 0.79 -0.79
N PCW L . 13.91 -13.05 -1.07
O2 PCW L . 13.69 -4.91 -2.99
O3 PCW L . 11.41 -4.74 -1.25
O11 PCW L . 9.29 -5.21 -1.93
O31 PCW L . 13.73 -4.74 -5.29
O1P PCW L . 14.33 -9.42 -4.96
O2P PCW L . 16.53 -8.97 -3.88
O3P PCW L . 14.49 -7.50 -3.36
O4P PCW L . 14.73 -9.76 -2.49
P PCW L . 15.05 -8.95 -3.74
C1 PCW M . -4.20 -19.32 20.20
C2 PCW M . -4.76 -19.15 21.68
C3 PCW M . -3.78 -18.26 22.52
C4 PCW M . -5.53 -18.58 16.49
C5 PCW M . -4.38 -17.60 16.29
C6 PCW M . -2.62 -17.67 14.43
C7 PCW M . -4.54 -16.14 14.28
C8 PCW M . -3.16 -16.13 15.53
C11 PCW M . -4.07 -19.10 24.76
C12 PCW M . -4.68 -18.71 26.08
C13 PCW M . -3.66 -17.78 26.83
C14 PCW M . -4.11 -17.27 28.20
C15 PCW M . -3.13 -17.55 29.38
C16 PCW M . -2.05 -16.41 29.46
C17 PCW M . -0.95 -16.54 30.58
C18 PCW M . 0.47 -16.38 30.04
C19 PCW M . 1.47 -17.39 30.68
C20 PCW M . 2.43 -18.06 29.94
C21 PCW M . 2.78 -18.02 28.50
C22 PCW M . 4.21 -17.41 28.40
C23 PCW M . 4.45 -16.40 27.25
C24 PCW M . 5.23 -16.90 26.07
C25 PCW M . 6.75 -16.57 25.91
C26 PCW M . 7.24 -16.35 24.49
C27 PCW M . 8.53 -15.51 24.31
C28 PCW M . 8.16 -14.06 24.15
C31 PCW M . -6.97 -18.97 22.51
C32 PCW M . -8.27 -18.17 22.39
C33 PCW M . -8.78 -17.47 23.74
C34 PCW M . -7.70 -16.67 24.46
C35 PCW M . -8.39 -16.10 25.77
C36 PCW M . -7.36 -15.48 26.74
C37 PCW M . -7.95 -14.89 28.06
C38 PCW M . -7.02 -13.93 28.71
C39 PCW M . -7.57 -13.34 29.99
C40 PCW M . -6.95 -13.29 31.17
C41 PCW M . -5.56 -13.81 31.44
C42 PCW M . -4.53 -12.60 31.24
C43 PCW M . -3.11 -12.93 30.79
C44 PCW M . -2.36 -11.62 30.69
C45 PCW M . -1.40 -11.52 29.54
C46 PCW M . -0.32 -10.51 29.73
C47 PCW M . 1.09 -10.96 29.40
C48 PCW M . 2.10 -9.83 29.65
N PCW M . -3.95 -17.27 14.96
O2 PCW M . -6.08 -18.47 21.66
O3 PCW M . -4.29 -18.09 23.86
O11 PCW M . -3.50 -20.13 24.54
O31 PCW M . -6.78 -19.96 23.29
O1P PCW M . -6.26 -21.18 17.56
O2P PCW M . -7.29 -19.82 19.36
O3P PCW M . -4.79 -20.42 19.47
O4P PCW M . -5.70 -18.75 17.93
P PCW M . -6.08 -20.08 18.56
C1 PCW N . 11.35 -2.71 -6.38
C2 PCW N . 10.72 -1.94 -5.15
C3 PCW N . 11.82 -1.71 -4.05
C4 PCW N . 11.95 -6.12 -7.72
C5 PCW N . 12.94 -6.65 -8.76
C6 PCW N . 14.82 -7.96 -9.49
C7 PCW N . 13.27 -8.92 -8.03
C8 PCW N . 14.70 -7.35 -7.17
C11 PCW N . 11.71 0.25 -2.68
C12 PCW N . 11.02 0.80 -1.47
C13 PCW N . 11.96 0.59 -0.23
C14 PCW N . 11.40 1.09 1.11
C15 PCW N . 12.44 1.30 2.24
C16 PCW N . 12.73 2.84 2.47
C17 PCW N . 13.43 3.62 1.31
C18 PCW N . 14.88 4.01 1.63
C19 PCW N . 15.10 5.53 1.63
C20 PCW N . 16.36 6.11 1.45
C21 PCW N . 17.70 5.52 1.22
C22 PCW N . 18.73 6.65 1.51
C23 PCW N . 20.20 6.23 1.75
C24 PCW N . 21.26 7.26 1.50
C25 PCW N . 22.37 7.01 0.45
C26 PCW N . 23.79 6.92 0.98
C27 PCW N . 24.94 7.29 0.03
C28 PCW N . 25.32 8.73 0.20
C31 PCW N . 8.95 -0.53 -5.88
C32 PCW N . 8.63 0.91 -6.30
C33 PCW N . 8.14 1.88 -5.12
C34 PCW N . 9.19 2.90 -4.70
C35 PCW N . 9.00 4.13 -5.70
C36 PCW N . 10.25 5.04 -5.75
C37 PCW N . 10.13 6.26 -6.70
C38 PCW N . 9.53 7.45 -6.03
C39 PCW N . 9.41 8.65 -6.95
C40 PCW N . 9.92 9.86 -6.75
C41 PCW N . 10.73 10.27 -5.53
C42 PCW N . 11.07 11.81 -5.66
C43 PCW N . 12.51 12.22 -5.95
C44 PCW N . 12.54 13.73 -6.02
C45 PCW N . 13.82 14.33 -6.55
C46 PCW N . 14.04 15.76 -6.16
C47 PCW N . 15.46 16.27 -6.21
C48 PCW N . 15.54 17.74 -5.79
N PCW N . 13.88 -7.67 -8.38
O2 PCW N . 10.25 -0.59 -5.59
O3 PCW N . 11.25 -1.01 -2.94
O11 PCW N . 12.55 0.82 -3.31
O31 PCW N . 8.11 -1.49 -5.82
O1P PCW N . 9.56 -5.02 -6.47
O2P PCW N . 8.95 -4.48 -8.82
O3P PCW N . 10.46 -2.89 -7.49
O4P PCW N . 11.23 -5.03 -8.36
P PCW N . 9.99 -4.40 -7.78
C1 PCW O . 5.76 -19.18 14.61
C2 PCW O . 5.97 -17.71 15.16
C3 PCW O . 6.78 -16.85 14.12
C4 PCW O . 4.22 -20.88 11.30
C5 PCW O . 5.37 -20.94 10.29
C6 PCW O . 4.67 -23.02 9.28
C7 PCW O . 6.46 -23.01 10.78
C8 PCW O . 6.84 -22.13 8.71
C11 PCW O . 8.13 -15.21 15.24
C12 PCW O . 8.09 -13.78 15.71
C13 PCW O . 6.97 -13.65 16.81
C14 PCW O . 6.79 -12.26 17.40
C15 PCW O . 5.33 -11.85 17.74
C16 PCW O . 5.05 -11.98 19.28
C17 PCW O . 3.83 -12.86 19.71
C18 PCW O . 4.14 -13.76 20.92
C19 PCW O . 2.96 -13.83 21.92
C20 PCW O . 3.08 -13.41 23.23
C21 PCW O . 4.21 -12.83 24.00
C22 PCW O . 3.88 -13.02 25.51
C23 PCW O . 4.31 -11.90 26.49
C24 PCW O . 5.71 -11.97 27.03
C25 PCW O . 6.65 -10.73 27.04
C26 PCW O . 7.85 -10.78 26.11
C27 PCW O . 9.25 -10.62 26.73
C28 PCW O . 9.99 -9.47 26.07
C31 PCW O . 4.41 -16.68 16.61
C32 PCW O . 3.01 -16.02 16.66
C33 PCW O . 2.99 -14.44 16.44
C34 PCW O . 2.95 -14.03 14.96
C35 PCW O . 1.42 -13.83 14.61
C36 PCW O . 1.09 -12.38 14.21
C37 PCW O . -0.40 -12.10 13.85
C38 PCW O . -0.98 -11.00 14.67
C39 PCW O . -2.43 -10.73 14.34
C40 PCW O . -3.23 -9.84 14.93
C41 PCW O . -2.80 -8.94 16.07
C42 PCW O . -3.36 -7.48 15.77
C43 PCW O . -2.39 -6.32 15.84
C44 PCW O . -3.18 -5.06 15.52
C45 PCW O . -2.43 -3.76 15.67
C46 PCW O . -3.29 -2.54 15.61
C47 PCW O . -2.62 -1.26 15.16
C48 PCW O . -3.62 -0.09 15.14
N PCW O . 5.81 -22.21 9.78
O2 PCW O . 4.64 -17.04 15.35
O3 PCW O . 6.95 -15.52 14.65
O11 PCW O . 9.07 -15.95 15.36
O31 PCW O . 5.17 -16.86 17.61
O1P PCW O . 2.28 -20.17 13.33
O2P PCW O . 3.28 -17.89 13.06
O3P PCW O . 4.39 -19.63 14.63
O4P PCW O . 4.49 -19.77 12.20
P PCW O . 3.54 -19.33 13.29
C1 PCW P . 21.51 -16.28 8.34
C2 PCW P . 22.89 -16.38 9.12
C3 PCW P . 23.57 -14.97 9.18
C4 PCW P . 16.82 -15.98 8.95
C5 PCW P . 16.36 -14.74 9.73
C6 PCW P . 15.95 -12.88 8.04
C7 PCW P . 14.30 -13.36 9.78
C8 PCW P . 16.04 -12.74 9.99
C11 PCW P . 25.80 -14.18 9.56
C12 PCW P . 27.02 -14.44 10.39
C13 PCW P . 27.00 -13.45 11.61
C14 PCW P . 28.19 -13.58 12.59
C15 PCW P . 29.52 -12.92 12.14
C16 PCW P . 30.44 -12.60 13.37
C17 PCW P . 31.97 -12.47 13.12
C18 PCW P . 32.77 -12.12 14.38
C19 PCW P . 33.35 -13.38 15.09
C20 PCW P . 34.71 -13.65 15.13
C21 PCW P . 35.89 -12.94 14.59
C22 PCW P . 36.77 -14.00 13.86
C23 PCW P . 38.23 -14.18 14.37
C24 PCW P . 39.30 -14.24 13.32
C25 PCW P . 39.45 -15.48 12.38
C26 PCW P . 40.45 -16.54 12.81
C27 PCW P . 39.88 -17.86 13.39
C28 PCW P . 39.40 -18.74 12.28
C31 PCW P . 22.60 -18.15 10.65
C32 PCW P . 22.34 -18.47 12.14
C33 PCW P . 23.44 -19.42 12.82
C34 PCW P . 23.52 -19.24 14.34
C35 PCW P . 24.77 -20.10 14.80
C36 PCW P . 25.20 -19.79 16.25
C37 PCW P . 26.44 -20.59 16.78
C38 PCW P . 26.89 -20.10 18.10
C39 PCW P . 28.08 -20.86 18.63
C40 PCW P . 29.22 -20.36 19.09
C41 PCW P . 29.51 -18.87 19.16
C42 PCW P . 30.00 -18.53 20.64
C43 PCW P . 31.48 -18.28 20.87
C44 PCW P . 31.67 -17.98 22.35
C45 PCW P . 32.07 -19.16 23.20
C46 PCW P . 33.56 -19.28 23.41
C47 PCW P . 34.12 -20.68 23.43
C48 PCW P . 35.64 -20.66 23.64
N PCW P . 15.49 -13.81 9.09
O2 PCW P . 22.65 -16.83 10.51
O3 PCW P . 24.81 -15.06 9.89
O11 PCW P . 25.71 -13.32 8.72
O31 PCW P . 22.72 -19.01 9.73
O1P PCW P . 18.97 -17.26 7.43
O2P PCW P . 19.35 -18.48 9.58
O3P PCW P . 20.36 -16.14 9.21
O4P PCW P . 18.00 -16.48 9.64
P PCW P . 19.15 -17.16 8.92
C1 PCW Q . 18.75 -13.11 -1.13
C2 PCW Q . 18.64 -12.53 0.33
C3 PCW Q . 20.01 -12.74 1.08
C4 PCW Q . 18.32 -11.78 -5.58
C5 PCW Q . 18.18 -10.30 -5.92
C6 PCW Q . 18.84 -7.88 -5.46
C7 PCW Q . 19.85 -9.70 -4.18
C8 PCW Q . 20.01 -9.37 -6.00
C11 PCW Q . 19.77 -13.09 3.44
C12 PCW Q . 19.71 -12.35 4.74
C13 PCW Q . 20.84 -12.92 5.69
C14 PCW Q . 20.94 -12.28 7.07
C15 PCW Q . 20.01 -11.05 7.32
C16 PCW Q . 20.30 -10.38 8.72
C17 PCW Q . 19.11 -10.28 9.72
C18 PCW Q . 18.29 -9.00 9.55
C19 PCW Q . 16.91 -9.25 8.90
C20 PCW Q . 15.72 -9.10 9.59
C21 PCW Q . 15.43 -8.73 11.00
C22 PCW Q . 14.18 -9.55 11.44
C23 PCW Q . 14.33 -10.44 12.70
C24 PCW Q . 13.25 -10.30 13.74
C25 PCW Q . 13.53 -10.65 15.24
C26 PCW Q . 14.19 -9.57 16.07
C27 PCW Q . 13.32 -8.76 17.04
C28 PCW Q . 13.51 -9.28 18.45
C31 PCW Q . 17.11 -10.73 0.55
C32 PCW Q . 16.99 -9.20 0.47
C33 PCW Q . 15.54 -8.61 0.74
C34 PCW Q . 15.19 -7.39 -0.12
C35 PCW Q . 15.42 -6.14 0.83
C36 PCW Q . 15.16 -4.80 0.10
C37 PCW Q . 15.35 -3.52 0.97
C38 PCW Q . 16.80 -3.12 1.08
C39 PCW Q . 17.00 -1.89 1.90
C40 PCW Q . 17.92 -1.71 2.86
C41 PCW Q . 18.92 -2.77 3.28
C42 PCW Q . 18.76 -3.01 4.85
C43 PCW Q . 17.82 -4.11 5.33
C44 PCW Q . 17.88 -4.11 6.85
C45 PCW Q . 16.80 -4.91 7.55
C46 PCW Q . 16.03 -4.13 8.56
C47 PCW Q . 15.54 -4.92 9.77
C48 PCW Q . 14.77 -4.01 10.74
N PCW Q . 18.81 -9.31 -5.10
O2 PCW Q . 18.37 -11.06 0.29
O3 PCW Q . 19.91 -12.22 2.42
O11 PCW Q . 19.70 -14.29 3.32
O31 PCW Q . 16.16 -11.52 0.80
O1P PCW Q . 18.94 -13.98 -3.80
O2P PCW Q . 16.46 -14.02 -3.46
O3P PCW Q . 17.93 -12.42 -2.10
O4P PCW Q . 17.44 -12.06 -4.46
P PCW Q . 17.69 -13.20 -3.48
C1 PCW R . 10.88 9.79 -26.64
C2 PCW R . 11.49 11.21 -26.99
C3 PCW R . 10.44 12.34 -26.74
C4 PCW R . 7.74 6.96 -26.18
C5 PCW R . 6.41 6.88 -26.94
C6 PCW R . 5.09 6.25 -25.01
C7 PCW R . 5.59 4.65 -26.63
C8 PCW R . 4.04 6.22 -27.17
C11 PCW R . 10.68 14.16 -28.26
C12 PCW R . 11.39 15.49 -28.41
C13 PCW R . 10.68 16.54 -27.48
C14 PCW R . 11.27 17.96 -27.52
C15 PCW R . 12.79 18.07 -27.18
C16 PCW R . 13.03 19.15 -26.07
C17 PCW R . 13.76 20.47 -26.50
C18 PCW R . 15.18 20.59 -25.95
C19 PCW R . 15.22 21.08 -24.48
C20 PCW R . 16.29 21.79 -23.96
C21 PCW R . 17.57 22.26 -24.55
C22 PCW R . 17.33 23.70 -25.08
C23 PCW R . 17.56 24.87 -24.08
C24 PCW R . 16.95 26.18 -24.45
C25 PCW R . 15.41 26.43 -24.30
C26 PCW R . 15.00 27.52 -23.33
C27 PCW R . 15.20 28.98 -23.75
C28 PCW R . 15.91 29.75 -22.65
C31 PCW R . 13.71 12.00 -26.75
C32 PCW R . 14.83 12.23 -25.72
C33 PCW R . 14.87 13.70 -25.08
C34 PCW R . 15.40 14.76 -26.03
C35 PCW R . 15.78 16.00 -25.12
C36 PCW R . 17.27 16.40 -25.26
C37 PCW R . 17.72 17.61 -24.38
C38 PCW R . 19.03 17.37 -23.71
C39 PCW R . 19.48 18.53 -22.87
C40 PCW R . 20.25 18.47 -21.79
C41 PCW R . 20.82 17.18 -21.20
C42 PCW R . 22.33 17.48 -20.76
C43 PCW R . 23.29 16.31 -20.65
C44 PCW R . 24.64 16.88 -20.21
C45 PCW R . 25.84 16.27 -20.88
C46 PCW R . 26.47 17.16 -21.91
C47 PCW R . 27.60 16.56 -22.73
C48 PCW R . 28.15 17.59 -23.73
N PCW R . 5.34 6.05 -26.46
O2 PCW R . 12.66 11.49 -26.11
O3 PCW R . 11.02 13.61 -27.06
O11 PCW R . 9.95 13.68 -29.07
O31 PCW R . 13.78 12.26 -27.99
O1P PCW R . 7.41 9.58 -25.00
O2P PCW R . 7.96 10.36 -27.30
O3P PCW R . 9.84 9.80 -25.63
O4P PCW R . 8.47 8.09 -26.72
P PCW R . 8.35 9.50 -26.16
C1 PCW S . 1.16 4.31 -15.51
C2 PCW S . 2.42 4.48 -16.44
C3 PCW S . 1.98 4.96 -17.86
C4 PCW S . -2.29 3.11 -17.94
C5 PCW S . -2.37 4.07 -19.12
C6 PCW S . -4.49 3.39 -20.04
C7 PCW S . -2.53 2.50 -20.93
C8 PCW S . -3.00 4.67 -21.43
C11 PCW S . 2.94 5.58 -19.98
C12 PCW S . 4.27 5.66 -20.68
C13 PCW S . 4.57 7.18 -20.99
C14 PCW S . 5.90 7.45 -21.70
C15 PCW S . 6.65 8.74 -21.27
C16 PCW S . 8.17 8.43 -21.01
C17 PCW S . 9.17 8.74 -22.18
C18 PCW S . 9.46 7.51 -23.05
C19 PCW S . 10.72 6.74 -22.59
C20 PCW S . 12.00 7.06 -23.02
C21 PCW S . 12.51 8.10 -23.94
C22 PCW S . 13.13 9.22 -23.05
C23 PCW S . 12.29 10.51 -22.87
C24 PCW S . 13.04 11.74 -22.42
C25 PCW S . 12.30 13.08 -22.19
C26 PCW S . 11.39 13.56 -23.29
C27 PCW S . 9.91 13.86 -22.95
C28 PCW S . 9.06 12.65 -23.23
C31 PCW S . 4.10 5.13 -14.88
C32 PCW S . 4.94 6.33 -14.43
C33 PCW S . 5.58 6.22 -12.97
C34 PCW S . 6.17 7.54 -12.46
C35 PCW S . 7.73 7.29 -12.39
C36 PCW S . 8.41 8.18 -11.33
C37 PCW S . 9.96 8.01 -11.21
C38 PCW S . 10.71 8.86 -12.17
C39 PCW S . 12.20 8.71 -12.07
C40 PCW S . 13.11 9.68 -11.99
C41 PCW S . 12.77 11.15 -11.99
C42 PCW S . 13.14 11.74 -13.43
C43 PCW S . 12.44 13.01 -13.89
C44 PCW S . 12.98 13.34 -15.27
C45 PCW S . 14.09 14.36 -15.30
C46 PCW S . 15.27 13.95 -16.14
C47 PCW S . 16.53 14.77 -15.97
C48 PCW S . 17.66 14.24 -16.87
N PCW S . -3.07 3.69 -20.32
O2 PCW S . 3.32 5.54 -15.89
O3 PCW S . 3.13 5.12 -18.71
O11 PCW S . 1.88 5.86 -20.47
O31 PCW S . 4.13 3.97 -14.37
O1P PCW S . -1.64 1.70 -15.47
O2P PCW S . -1.61 4.01 -14.53
O3P PCW S . 0.46 3.07 -15.71
O4P PCW S . -1.52 3.78 -16.91
P PCW S . -1.13 3.12 -15.60
C1 PCW T . -15.76 -13.39 9.18
C2 PCW T . -15.26 -12.16 10.03
C3 PCW T . -13.86 -12.47 10.67
C4 PCW T . -12.67 -11.68 6.88
C5 PCW T . -12.65 -10.21 6.48
C6 PCW T . -11.32 -8.36 7.65
C7 PCW T . -10.51 -9.37 5.57
C8 PCW T . -12.04 -8.37 5.82
C11 PCW T . -12.47 -10.53 10.91
C12 PCW T . -12.15 -9.42 11.89
C13 PCW T . -11.07 -8.47 11.26
C14 PCW T . -10.63 -7.30 12.14
C15 PCW T . -9.32 -6.58 11.71
C16 PCW T . -9.34 -5.07 12.12
C17 PCW T . -9.18 -4.74 13.64
C18 PCW T . -9.57 -3.31 13.99
C19 PCW T . -11.10 -3.06 14.00
C20 PCW T . -11.87 -3.22 15.15
C21 PCW T . -11.53 -3.59 16.54
C22 PCW T . -12.77 -4.31 17.14
C23 PCW T . -13.00 -4.20 18.66
C24 PCW T . -14.15 -3.36 19.12
C25 PCW T . -14.20 -2.80 20.57
C26 PCW T . -14.78 -1.40 20.73
C27 PCW T . -13.90 -0.34 21.45
C28 PCW T . -14.22 -0.32 22.93
C31 PCW T . -16.18 -10.21 9.04
C32 PCW T . -15.84 -9.02 8.11
C33 PCW T . -15.12 -7.78 8.80
C34 PCW T . -15.97 -7.10 9.87
C35 PCW T . -16.69 -5.90 9.12
C36 PCW T . -16.06 -4.53 9.43
C37 PCW T . -16.74 -3.30 8.72
C38 PCW T . -15.86 -2.72 7.66
C39 PCW T . -16.48 -1.54 6.97
C40 PCW T . -15.84 -0.55 6.34
C41 PCW T . -14.33 -0.45 6.21
C42 PCW T . -13.83 0.71 7.18
C43 PCW T . -12.36 0.73 7.60
C44 PCW T . -12.19 1.93 8.50
C45 PCW T . -11.32 1.70 9.71
C46 PCW T . -12.09 1.34 10.95
C47 PCW T . -11.54 1.86 12.27
C48 PCW T . -12.43 1.42 13.44
N PCW T . -11.45 -9.45 6.66
O2 PCW T . -15.09 -10.97 9.15
O3 PCW T . -13.41 -11.35 11.44
O11 PCW T . -11.97 -10.65 9.81
O31 PCW T . -17.30 -10.41 9.59
O1P PCW T . -13.54 -14.27 7.86
O2P PCW T . -14.79 -14.34 5.70
O3P PCW T . -15.79 -13.15 7.76
O4P PCW T . -13.95 -12.22 6.46
P PCW T . -14.48 -13.56 6.93
C1 PCW U . 27.39 -19.13 4.88
C2 PCW U . 27.46 -18.35 6.26
C3 PCW U . 26.24 -18.73 7.16
C4 PCW U . 25.95 -23.65 6.10
C5 PCW U . 24.73 -23.71 7.01
C6 PCW U . 22.77 -22.16 6.53
C7 PCW U . 22.51 -24.59 6.33
C8 PCW U . 22.87 -23.61 7.86
C11 PCW U . 26.24 -18.77 9.55
C12 PCW U . 26.31 -17.85 10.75
C13 PCW U . 27.58 -18.24 11.59
C14 PCW U . 27.81 -17.40 12.85
C15 PCW U . 29.14 -17.64 13.60
C16 PCW U . 29.00 -17.31 15.13
C17 PCW U . 29.23 -15.83 15.58
C18 PCW U . 29.12 -15.62 17.08
C19 PCW U . 27.75 -15.03 17.50
C20 PCW U . 27.63 -14.01 18.43
C21 PCW U . 28.64 -13.25 19.22
C22 PCW U . 28.75 -11.84 18.56
C23 PCW U . 29.39 -10.71 19.41
C24 PCW U . 28.44 -9.66 19.93
C25 PCW U . 28.59 -8.17 19.50
C26 PCW U . 27.32 -7.37 19.44
C27 PCW U . 27.25 -6.03 20.24
C28 PCW U . 26.24 -5.11 19.61
C31 PCW U . 29.79 -18.09 6.60
C32 PCW U . 30.97 -18.59 7.45
C33 PCW U . 30.91 -18.18 9.00
C34 PCW U . 30.89 -16.67 9.24
C35 PCW U . 32.38 -16.27 9.57
C36 PCW U . 32.79 -14.92 8.93
C37 PCW U . 34.26 -14.47 9.22
C38 PCW U . 34.46 -13.02 8.94
C39 PCW U . 35.86 -12.56 9.22
C40 PCW U . 36.26 -11.75 10.21
C41 PCW U . 35.34 -11.17 11.26
C42 PCW U . 36.04 -9.87 11.87
C43 PCW U . 35.50 -9.29 13.16
C44 PCW U . 36.36 -8.08 13.50
C45 PCW U . 36.86 -8.03 14.93
C46 PCW U . 36.65 -6.69 15.59
C47 PCW U . 37.90 -5.91 15.94
C48 PCW U . 37.54 -4.58 16.61
N PCW U . 23.43 -23.49 6.48
O2 PCW U . 28.69 -18.74 6.99
O3 PCW U . 26.32 -18.03 8.41
O11 PCW U . 26.11 -19.96 9.60
O31 PCW U . 29.86 -17.22 5.68
O1P PCW U . 27.67 -22.50 4.06
O2P PCW U . 28.75 -21.39 6.01
O3P PCW U . 26.64 -20.37 4.92
O4P PCW U . 26.58 -22.35 6.31
P PCW U . 27.49 -21.69 5.30
C1 PCW V . 40.41 -16.52 -3.64
C2 PCW V . 40.17 -16.20 -2.10
C3 PCW V . 41.40 -16.67 -1.25
C4 PCW V . 35.91 -16.60 -5.01
C5 PCW V . 34.87 -16.80 -3.91
C6 PCW V . 33.02 -17.57 -5.26
C7 PCW V . 33.13 -15.32 -4.64
C8 PCW V . 32.57 -16.82 -3.02
C11 PCW V . 41.97 -15.44 0.71
C12 PCW V . 41.55 -15.25 2.15
C13 PCW V . 40.41 -14.17 2.18
C14 PCW V . 39.85 -13.85 3.57
C15 PCW V . 40.90 -13.50 4.66
C16 PCW V . 41.33 -12.00 4.55
C17 PCW V . 42.35 -11.45 5.61
C18 PCW V . 43.73 -12.10 5.51
C19 PCW V . 44.42 -12.26 6.88
C20 PCW V . 44.50 -13.48 7.53
C21 PCW V . 44.03 -14.84 7.17
C22 PCW V . 44.76 -15.84 8.12
C23 PCW V . 45.97 -16.63 7.53
C24 PCW V . 46.83 -17.37 8.51
C25 PCW V . 47.65 -16.60 9.59
C26 PCW V . 48.14 -17.43 10.77
C27 PCW V . 48.62 -16.67 12.02
C28 PCW V . 50.13 -16.68 12.09
C31 PCW V . 38.78 -14.31 -1.75
C32 PCW V . 38.80 -12.78 -1.57
C33 PCW V . 39.95 -12.00 -2.37
C34 PCW V . 41.18 -11.70 -1.51
C35 PCW V . 40.90 -10.29 -0.87
C36 PCW V . 40.63 -10.39 0.66
C37 PCW V . 40.34 -9.03 1.38
C38 PCW V . 41.22 -8.83 2.57
C39 PCW V . 40.94 -7.51 3.27
C40 PCW V . 41.58 -7.04 4.33
C41 PCW V . 42.72 -7.74 5.05
C42 PCW V . 43.94 -6.71 5.19
C43 PCW V . 44.63 -6.59 6.52
C44 PCW V . 45.73 -5.56 6.37
C45 PCW V . 45.62 -4.36 7.26
C46 PCW V . 46.30 -3.13 6.71
C47 PCW V . 46.98 -2.23 7.70
C48 PCW V . 47.64 -1.03 7.01
N PCW V . 33.47 -16.64 -4.20
O2 PCW V . 40.03 -14.72 -1.91
O3 PCW V . 41.17 -16.36 0.13
O11 PCW V . 42.87 -14.84 0.18
O31 PCW V . 37.74 -15.03 -1.74
O1P PCW V . 38.31 -16.65 -6.69
O2P PCW V . 38.99 -18.46 -5.10
O3P PCW V . 39.39 -15.99 -4.51
O4P PCW V . 37.19 -17.03 -4.46
P PCW V . 38.47 -17.08 -5.26
C1 PCW W . 22.82 2.50 -25.31
C2 PCW W . 23.49 3.76 -24.62
C3 PCW W . 23.10 3.81 -23.10
C4 PCW W . 25.64 -1.35 -26.43
C5 PCW W . 26.42 -2.06 -25.32
C6 PCW W . 28.87 -2.70 -25.55
C7 PCW W . 28.21 -0.85 -24.08
C8 PCW W . 27.78 -2.64 -23.92
C11 PCW W . 23.78 5.04 -21.14
C12 PCW W . 24.46 6.31 -20.72
C13 PCW W . 26.00 5.99 -20.59
C14 PCW W . 26.86 7.19 -20.18
C15 PCW W . 26.99 7.46 -18.65
C16 PCW W . 28.45 7.87 -18.27
C17 PCW W . 29.06 9.11 -19.01
C18 PCW W . 28.66 10.45 -18.39
C19 PCW W . 29.32 11.66 -19.08
C20 PCW W . 29.93 12.69 -18.37
C21 PCW W . 30.12 12.93 -16.92
C22 PCW W . 28.91 13.79 -16.45
C23 PCW W . 28.01 13.21 -15.33
C24 PCW W . 28.29 13.68 -13.93
C25 PCW W . 28.30 15.20 -13.58
C26 PCW W . 27.02 15.78 -13.03
C27 PCW W . 26.32 16.90 -13.83
C28 PCW W . 24.82 16.79 -13.69
C31 PCW W . 25.55 4.63 -25.41
C32 PCW W . 27.07 4.39 -25.40
C33 PCW W . 27.77 4.61 -23.97
C34 PCW W . 29.09 5.39 -24.06
C35 PCW W . 30.21 4.34 -23.68
C36 PCW W . 31.48 4.52 -24.54
C37 PCW W . 32.65 3.52 -24.23
C38 PCW W . 33.99 4.16 -24.38
C39 PCW W . 35.12 3.21 -24.07
C40 PCW W . 35.86 3.18 -22.97
C41 PCW W . 35.69 4.13 -21.80
C42 PCW W . 36.98 5.06 -21.70
C43 PCW W . 37.14 5.94 -20.47
C44 PCW W . 38.45 6.71 -20.66
C45 PCW W . 39.63 6.17 -19.90
C46 PCW W . 40.92 6.24 -20.66
C47 PCW W . 41.97 5.20 -20.32
C48 PCW W . 43.23 5.38 -21.17
N PCW W . 27.81 -1.77 -25.13
O2 PCW W . 24.97 3.66 -24.70
O3 PCW W . 23.73 4.96 -22.50
O11 PCW W . 23.33 4.21 -20.38
O31 PCW W . 24.96 5.58 -26.01
O1P PCW W . 26.05 1.19 -25.10
O2P PCW W . 24.08 0.49 -23.74
O3P PCW W . 23.75 1.64 -26.02
O4P PCW W . 24.51 -0.66 -25.81
P PCW W . 24.65 0.67 -25.09
C1 PCW X . -8.19 -15.00 14.25
C2 PCW X . -7.93 -13.96 15.39
C3 PCW X . -9.09 -12.91 15.45
C4 PCW X . -10.44 -17.17 16.62
C5 PCW X . -11.24 -18.45 16.72
C6 PCW X . -13.05 -17.98 18.46
C7 PCW X . -13.59 -19.22 16.41
C8 PCW X . -12.45 -19.73 17.78
C11 PCW X . -9.86 -11.70 17.37
C12 PCW X . -9.39 -10.68 18.38
C13 PCW X . -9.46 -11.33 19.82
C14 PCW X . -9.02 -10.43 20.97
C15 PCW X . -8.65 -11.15 22.29
C16 PCW X . -9.50 -10.60 23.48
C17 PCW X . -8.91 -9.39 24.28
C18 PCW X . -9.91 -8.74 25.24
C19 PCW X . -10.32 -7.31 24.81
C20 PCW X . -10.47 -6.28 25.73
C21 PCW X . -10.30 -6.22 27.20
C22 PCW X . -11.68 -5.82 27.79
C23 PCW X . -12.04 -6.36 29.20
C24 PCW X . -13.09 -7.41 29.27
C25 PCW X . -14.05 -7.51 30.50
C26 PCW X . -13.78 -8.64 31.47
C27 PCW X . -14.75 -8.83 32.66
C28 PCW X . -14.41 -7.86 33.76
C31 PCW X . -6.70 -14.79 17.25
C32 PCW X . -6.85 -15.51 18.61
C33 PCW X . -6.85 -14.54 19.88
C34 PCW X . -6.41 -15.24 21.16
C35 PCW X . -5.66 -14.14 22.02
C36 PCW X . -4.22 -14.55 22.38
C37 PCW X . -3.41 -13.51 23.21
C38 PCW X . -3.38 -13.86 24.67
C39 PCW X . -2.61 -12.87 25.49
C40 PCW X . -3.10 -11.97 26.33
C41 PCW X . -4.58 -11.79 26.61
C42 PCW X . -4.79 -10.31 27.19
C43 PCW X . -5.59 -10.15 28.47
C44 PCW X . -5.63 -8.66 28.77
C45 PCW X . -4.72 -8.20 29.89
C46 PCW X . -3.89 -6.99 29.53
C47 PCW X . -2.42 -7.09 29.84
C48 PCW X . -1.69 -5.79 29.44
N PCW X . -12.62 -18.40 17.11
O2 PCW X . -7.92 -14.65 16.73
O3 PCW X . -8.84 -11.97 16.50
O11 PCW X . -10.95 -12.19 17.33
O31 PCW X . -5.61 -14.40 16.74
O1P PCW X . -9.97 -17.10 13.73
O2P PCW X . -8.25 -18.83 14.29
O3P PCW X . -7.69 -16.33 14.52
O4P PCW X . -9.14 -17.50 16.08
P PCW X . -8.80 -17.49 14.60
C1 PCW Y . 10.55 -24.58 16.04
C2 PCW Y . 10.05 -23.16 16.52
C3 PCW Y . 9.89 -22.20 15.29
C4 PCW Y . 13.28 -23.15 18.92
C5 PCW Y . 12.90 -21.67 18.97
C6 PCW Y . 15.17 -20.95 18.03
C7 PCW Y . 13.45 -19.29 18.55
C8 PCW Y . 14.34 -20.41 19.72
C11 PCW Y . 10.32 -20.11 16.37
C12 PCW Y . 9.63 -18.82 16.75
C13 PCW Y . 9.06 -18.99 18.21
C14 PCW Y . 8.32 -17.77 18.77
C15 PCW Y . 9.16 -16.47 18.90
C16 PCW Y . 9.00 -15.84 20.33
C17 PCW Y . 8.60 -14.32 20.41
C18 PCW Y . 9.58 -13.39 19.69
C19 PCW Y . 10.50 -12.60 20.65
C20 PCW Y . 10.62 -11.22 20.59
C21 PCW Y . 10.01 -10.20 19.71
C22 PCW Y . 9.17 -9.25 20.61
C23 PCW Y . 7.66 -9.57 20.75
C24 PCW Y . 7.16 -9.87 22.14
C25 PCW Y . 6.52 -8.76 23.03
C26 PCW Y . 5.42 -7.94 22.37
C27 PCW Y . 4.20 -7.57 23.23
C28 PCW Y . 3.35 -6.56 22.51
C31 PCW Y . 8.74 -23.44 18.48
C32 PCW Y . 7.29 -23.53 18.98
C33 PCW Y . 6.43 -22.20 18.78
C34 PCW Y . 5.04 -22.27 19.42
C35 PCW Y . 4.06 -21.60 18.38
C36 PCW Y . 3.26 -20.42 18.98
C37 PCW Y . 2.27 -19.72 18.00
C38 PCW Y . 0.85 -20.02 18.35
C39 PCW Y . -0.15 -19.36 17.43
C40 PCW Y . -0.90 -18.28 17.70
C41 PCW Y . -0.87 -17.53 19.01
C42 PCW Y . -1.35 -16.03 18.73
C43 PCW Y . -0.31 -14.98 18.41
C44 PCW Y . -1.05 -13.67 18.20
C45 PCW Y . -0.30 -12.43 18.59
C46 PCW Y . -0.98 -11.63 19.67
C47 PCW Y . -0.26 -11.53 20.99
C48 PCW Y . -1.06 -10.69 22.00
N PCW Y . 13.75 -20.68 18.37
O2 PCW Y . 8.70 -23.27 17.16
O3 PCW Y . 9.43 -20.91 15.72
O11 PCW Y . 11.47 -20.37 16.61
O31 PCW Y . 9.79 -23.53 19.20
O1P PCW Y . 13.18 -26.03 18.44
O2P PCW Y . 13.52 -25.33 16.07
O3P PCW Y . 11.16 -25.36 17.09
O4P PCW Y . 12.81 -23.66 17.64
P PCW Y . 12.73 -25.14 17.31
C1 PCW Z . 22.89 -15.20 1.81
C2 PCW Z . 24.19 -14.50 2.39
C3 PCW Z . 24.61 -15.17 3.74
C4 PCW Z . 20.42 -17.20 3.69
C5 PCW Z . 19.77 -18.40 4.39
C6 PCW Z . 17.80 -19.42 5.63
C7 PCW Z . 17.51 -17.37 4.32
C8 PCW Z . 17.96 -19.05 3.71
C11 PCW Z . 26.98 -15.19 4.10
C12 PCW Z . 28.08 -14.37 4.70
C13 PCW Z . 28.03 -14.57 6.26
C14 PCW Z . 29.10 -13.80 7.05
C15 PCW Z . 28.69 -12.37 7.50
C16 PCW Z . 29.79 -11.75 8.44
C17 PCW Z . 31.08 -11.18 7.74
C18 PCW Z . 31.88 -10.22 8.63
C19 PCW Z . 31.67 -8.75 8.23
C20 PCW Z . 32.45 -7.72 8.76
C21 PCW Z . 33.56 -7.72 9.75
C22 PCW Z . 33.58 -6.30 10.39
C23 PCW Z . 34.87 -5.47 10.24
C24 PCW Z . 34.75 -4.17 9.50
C25 PCW Z . 34.79 -2.81 10.26
C26 PCW Z . 33.78 -1.76 9.83
C27 PCW Z . 34.31 -0.51 9.09
C28 PCW Z . 33.85 -0.52 7.65
C31 PCW Z . 25.56 -13.62 0.66
C32 PCW Z . 26.75 -13.94 -0.24
C33 PCW Z . 28.20 -13.76 0.42
C34 PCW Z . 28.65 -12.30 0.51
C35 PCW Z . 29.10 -11.90 -0.96
C36 PCW Z . 30.04 -10.67 -0.98
C37 PCW Z . 30.52 -10.23 -2.40
C38 PCW Z . 31.94 -9.75 -2.38
C39 PCW Z . 32.42 -9.31 -3.74
C40 PCW Z . 33.46 -9.79 -4.41
C41 PCW Z . 34.38 -10.88 -3.92
C42 PCW Z . 35.65 -10.94 -4.87
C43 PCW Z . 36.97 -10.39 -4.37
C44 PCW Z . 37.99 -10.57 -5.47
C45 PCW Z . 38.89 -9.39 -5.72
C46 PCW Z . 38.59 -8.66 -6.99
C47 PCW Z . 38.99 -7.19 -7.04
C48 PCW Z . 38.64 -6.58 -8.40
N PCW Z . 18.44 -18.30 4.91
O2 PCW Z . 25.33 -14.68 1.44
O3 PCW Z . 25.80 -14.54 4.25
O11 PCW Z . 27.12 -16.25 3.57
O31 PCW Z . 24.91 -12.53 0.67
O1P PCW Z . 20.63 -16.78 0.85
O2P PCW Z . 22.00 -18.86 0.93
O3P PCW Z . 23.07 -16.57 1.41
O4P PCW Z . 21.58 -17.69 2.98
P PCW Z . 21.77 -17.50 1.49
C1 PCW AA . 15.96 0.51 -14.17
C2 PCW AA . 16.13 2.01 -14.62
C3 PCW AA . 17.19 2.73 -13.71
C4 PCW AA . 18.85 -0.65 -17.47
C5 PCW AA . 19.48 -1.68 -18.41
C6 PCW AA . 20.44 -1.89 -20.77
C7 PCW AA . 21.56 -0.50 -19.10
C8 PCW AA . 21.32 -2.33 -19.06
C11 PCW AA . 17.37 5.06 -13.16
C12 PCW AA . 17.54 6.40 -13.80
C13 PCW AA . 19.05 6.80 -13.72
C14 PCW AA . 19.41 8.16 -14.34
C15 PCW AA . 20.92 8.41 -14.58
C16 PCW AA . 21.23 9.96 -14.56
C17 PCW AA . 22.74 10.38 -14.48
C18 PCW AA . 22.94 11.89 -14.62
C19 PCW AA . 24.21 12.40 -13.90
C20 PCW AA . 24.20 12.87 -12.59
C21 PCW AA . 23.10 13.03 -11.60
C22 PCW AA . 23.75 12.96 -10.20
C23 PCW AA . 23.73 11.58 -9.46
C24 PCW AA . 22.54 11.31 -8.58
C25 PCW AA . 21.37 10.42 -9.07
C26 PCW AA . 20.00 11.08 -9.17
C27 PCW AA . 19.37 11.26 -10.57
C28 PCW AA . 17.87 11.23 -10.47
C31 PCW AA . 15.68 2.02 -16.96
C32 PCW AA . 16.35 2.11 -18.34
C33 PCW AA . 15.75 3.21 -19.33
C34 PCW AA . 16.52 4.52 -19.33
C35 PCW AA . 16.14 5.23 -20.70
C36 PCW AA . 16.46 6.75 -20.68
C37 PCW AA . 16.10 7.51 -21.99
C38 PCW AA . 17.23 8.38 -22.46
C39 PCW AA . 16.90 9.12 -23.73
C40 PCW AA . 17.57 10.14 -24.26
C41 PCW AA . 18.82 10.75 -23.65
C42 PCW AA . 18.44 12.17 -23.03
C43 PCW AA . 18.76 12.44 -21.57
C44 PCW AA . 18.29 13.85 -21.26
C45 PCW AA . 16.92 13.95 -20.64
C46 PCW AA . 15.99 14.91 -21.35
C47 PCW AA . 15.82 16.26 -20.69
C48 PCW AA . 14.85 17.14 -21.51
N PCW AA . 20.37 -1.24 -19.44
O2 PCW AA . 16.63 2.08 -16.03
O3 PCW AA . 17.33 4.10 -14.13
O11 PCW AA . 17.28 4.85 -11.97
O31 PCW AA . 14.43 1.91 -16.75
O1P PCW AA . 18.51 -0.46 -14.60
O2P PCW AA . 17.33 -2.64 -14.87
O3P PCW AA . 16.07 -0.44 -15.25
O4P PCW AA . 17.71 -1.30 -16.84
P PCW AA . 17.47 -1.24 -15.33
C1 PCW BA . 21.95 -4.77 -14.86
C2 PCW BA . 22.38 -3.28 -14.52
C3 PCW BA . 21.12 -2.41 -14.21
C4 PCW BA . 21.87 -7.91 -17.08
C5 PCW BA . 20.99 -9.14 -16.88
C6 PCW BA . 18.96 -10.45 -17.70
C7 PCW BA . 20.68 -9.71 -19.28
C8 PCW BA . 20.87 -10.91 -17.88
C11 PCW BA . 21.75 -0.21 -14.94
C12 PCW BA . 22.16 1.14 -14.40
C13 PCW BA . 20.94 2.12 -14.59
C14 PCW BA . 21.16 3.55 -14.08
C15 PCW BA . 22.59 4.13 -14.29
C16 PCW BA . 23.02 4.99 -13.04
C17 PCW BA . 23.51 4.22 -11.77
C18 PCW BA . 23.60 5.10 -10.52
C19 PCW BA . 23.09 4.39 -9.24
C20 PCW BA . 22.31 5.03 -8.29
C21 PCW BA . 21.78 6.42 -8.20
C22 PCW BA . 22.31 7.01 -6.88
C23 PCW BA . 23.61 7.86 -6.92
C24 PCW BA . 24.61 7.63 -5.82
C25 PCW BA . 26.01 7.02 -6.13
C26 PCW BA . 26.04 5.54 -6.45
C27 PCW BA . 26.22 4.55 -5.28
C28 PCW BA . 27.11 3.39 -5.70
C31 PCW BA . 24.56 -3.29 -13.58
C32 PCW BA . 25.31 -3.26 -12.24
C33 PCW BA . 26.23 -1.96 -11.99
C34 PCW BA . 27.01 -2.01 -10.68
C35 PCW BA . 28.48 -1.53 -11.05
C36 PCW BA . 28.97 -0.37 -10.15
C37 PCW BA . 30.41 0.15 -10.46
C38 PCW BA . 30.76 1.33 -9.61
C39 PCW BA . 32.15 1.85 -9.89
C40 PCW BA . 32.48 2.90 -10.65
C41 PCW BA . 31.46 3.78 -11.37
C42 PCW BA . 31.20 5.08 -10.48
C43 PCW BA . 29.99 5.11 -9.58
C44 PCW BA . 30.00 6.45 -8.87
C45 PCW BA . 30.45 6.39 -7.42
C46 PCW BA . 30.23 7.67 -6.68
C47 PCW BA . 29.91 7.54 -5.20
C48 PCW BA . 29.71 8.92 -4.56
N PCW BA . 20.15 -9.61 -17.94
O2 PCW BA . 23.25 -3.26 -13.31
O3 PCW BA . 21.52 -1.06 -13.91
O11 PCW BA . 21.64 -0.48 -16.11
O31 PCW BA . 25.09 -3.34 -14.72
O1P PCW BA . 23.78 -5.71 -16.79
O2P PCW BA . 24.85 -7.27 -15.16
O3P PCW BA . 22.90 -5.76 -14.43
O4P PCW BA . 22.60 -7.72 -15.83
P PCW BA . 23.60 -6.60 -15.61
C1 PCW CA . 3.02 -5.63 -2.74
C2 PCW CA . 2.81 -5.52 -1.18
C3 PCW CA . 3.14 -4.07 -0.70
C4 PCW CA . 4.22 -8.59 -4.87
C5 PCW CA . 5.10 -7.74 -5.79
C6 PCW CA . 6.54 -5.74 -5.15
C7 PCW CA . 7.55 -7.95 -5.49
C8 PCW CA . 6.69 -6.89 -6.73
C11 PCW CA . 4.04 -3.95 1.51
C12 PCW CA . 3.62 -3.84 2.95
C13 PCW CA . 3.40 -2.31 3.27
C14 PCW CA . 2.96 -2.02 4.71
C15 PCW CA . 1.86 -0.93 4.87
C16 PCW CA . 1.92 -0.30 6.31
C17 PCW CA . 2.62 1.10 6.44
C18 PCW CA . 2.84 1.54 7.88
C19 PCW CA . 4.01 2.54 8.04
C20 PCW CA . 4.07 3.47 9.06
C21 PCW CA . 3.13 3.78 10.19
C22 PCW CA . 3.87 3.39 11.49
C23 PCW CA . 3.54 4.19 12.78
C24 PCW CA . 4.69 4.56 13.66
C25 PCW CA . 4.75 5.95 14.37
C26 PCW CA . 5.56 7.02 13.67
C27 PCW CA . 4.81 8.11 12.88
C28 PCW CA . 5.78 9.14 12.35
C31 PCW CA . 1.23 -6.56 0.25
C32 PCW CA . -0.27 -6.74 0.49
C33 PCW CA . -1.01 -5.51 1.21
C34 PCW CA . -1.87 -4.68 0.25
C35 PCW CA . -0.97 -3.46 -0.18
C36 PCW CA . -1.46 -2.79 -1.48
C37 PCW CA . -0.63 -1.56 -1.96
C38 PCW CA . -1.10 -0.28 -1.38
C39 PCW CA . -0.30 0.92 -1.83
C40 PCW CA . 0.74 1.46 -1.22
C41 PCW CA . 1.32 0.96 0.10
C42 PCW CA . 1.34 2.19 1.12
C43 PCW CA . 2.67 2.85 1.43
C44 PCW CA . 2.39 3.97 2.43
C45 PCW CA . 2.43 5.36 1.84
C46 PCW CA . 1.31 6.24 2.29
C47 PCW CA . 0.40 6.76 1.20
C48 PCW CA . -0.72 7.65 1.80
N PCW CA . 6.33 -7.19 -5.32
O2 PCW CA . 1.38 -5.79 -0.82
O3 PCW CA . 2.94 -3.96 0.72
O11 PCW CA . 5.18 -4.01 1.14
O31 PCW CA . 2.16 -7.04 0.98
O1P PCW CA . 2.72 -8.44 -2.39
O2P PCW CA . 0.75 -8.51 -3.92
O3P PCW CA . 1.92 -6.28 -3.43
O4P PCW CA . 2.89 -7.99 -4.85
P PCW CA . 2.04 -7.88 -3.61
C1 PCW DA . 20.51 -29.21 20.71
C2 PCW DA . 19.88 -28.22 21.78
C3 PCW DA . 19.32 -29.02 23.01
C4 PCW DA . 19.45 -28.54 15.94
C5 PCW DA . 18.22 -28.08 15.14
C6 PCW DA . 16.98 -27.56 13.14
C7 PCW DA . 18.64 -29.20 13.07
C8 PCW DA . 19.33 -27.04 13.19
C11 PCW DA . 18.71 -28.47 25.27
C12 PCW DA . 18.09 -27.37 26.07
C13 PCW DA . 19.19 -26.81 27.05
C14 PCW DA . 18.72 -25.67 27.97
C15 PCW DA . 18.75 -25.96 29.50
C16 PCW DA . 17.52 -26.85 29.92
C17 PCW DA . 16.10 -26.19 29.88
C18 PCW DA . 15.15 -26.87 28.90
C19 PCW DA . 14.48 -28.13 29.51
C20 PCW DA . 13.15 -28.14 29.94
C21 PCW DA . 12.10 -27.10 29.95
C22 PCW DA . 12.07 -26.50 31.38
C23 PCW DA . 12.22 -24.96 31.52
C24 PCW DA . 13.18 -24.46 32.56
C25 PCW DA . 12.81 -24.46 34.07
C26 PCW DA . 11.87 -23.35 34.53
C27 PCW DA . 11.29 -23.46 35.96
C28 PCW DA . 10.25 -22.39 36.18
C31 PCW DA . 21.99 -27.81 22.87
C32 PCW DA . 22.91 -26.67 23.30
C33 PCW DA . 22.67 -26.11 24.79
C34 PCW DA . 22.35 -24.62 24.84
C35 PCW DA . 22.44 -24.22 26.37
C36 PCW DA . 23.07 -22.82 26.58
C37 PCW DA . 23.21 -22.37 28.07
C38 PCW DA . 21.87 -22.15 28.70
C39 PCW DA . 21.98 -21.71 30.14
C40 PCW DA . 21.00 -21.64 31.03
C41 PCW DA . 19.55 -22.01 30.73
C42 PCW DA . 18.64 -20.72 30.99
C43 PCW DA . 17.76 -20.23 29.86
C44 PCW DA . 17.01 -19.01 30.36
C45 PCW DA . 15.55 -18.97 30.02
C46 PCW DA . 15.16 -17.78 29.18
C47 PCW DA . 14.50 -18.10 27.86
C48 PCW DA . 14.15 -16.80 27.09
N PCW DA . 18.29 -27.97 13.71
O2 PCW DA . 20.91 -27.26 22.27
O3 PCW DA . 18.76 -28.10 23.96
O11 PCW DA . 19.10 -29.52 25.71
O31 PCW DA . 22.21 -29.04 23.03
O1P PCW DA . 19.64 -30.63 17.96
O2P PCW DA . 17.96 -29.21 19.14
O3P PCW DA . 20.47 -28.70 19.35
O4P PCW DA . 19.19 -28.22 17.34
P PCW DA . 19.26 -29.25 18.45
C1 PCW EA . 1.48 -3.43 -5.23
C2 PCW EA . 2.45 -2.20 -5.12
C3 PCW EA . 1.63 -0.91 -4.74
C4 PCW EA . 4.49 -4.07 -8.30
C5 PCW EA . 4.50 -2.60 -8.77
C6 PCW EA . 5.25 -0.31 -7.94
C7 PCW EA . 6.90 -1.99 -8.60
C8 PCW EA . 5.64 -1.17 -9.66
C11 PCW EA . 2.05 1.45 -4.95
C12 PCW EA . 3.14 2.47 -4.76
C13 PCW EA . 2.73 3.78 -5.53
C14 PCW EA . 3.74 4.93 -5.43
C15 PCW EA . 3.22 6.24 -4.77
C16 PCW EA . 3.05 6.05 -3.21
C17 PCW EA . 2.15 7.07 -2.45
C18 PCW EA . 2.95 8.11 -1.67
C19 PCW EA . 2.50 9.57 -1.95
C20 PCW EA . 3.22 10.42 -2.77
C21 PCW EA . 4.47 10.25 -3.54
C22 PCW EA . 5.61 10.87 -2.68
C23 PCW EA . 7.03 10.91 -3.31
C24 PCW EA . 8.13 10.24 -2.55
C25 PCW EA . 9.30 11.08 -1.94
C26 PCW EA . 9.06 11.66 -0.56
C27 PCW EA . 9.22 13.19 -0.38
C28 PCW EA . 7.92 13.80 0.09
C31 PCW EA . 4.71 -2.50 -4.47
C32 PCW EA . 5.61 -2.74 -3.25
C33 PCW EA . 5.39 -1.75 -2.01
C34 PCW EA . 6.68 -1.08 -1.53
C35 PCW EA . 6.71 0.33 -2.24
C36 PCW EA . 5.75 1.35 -1.59
C37 PCW EA . 5.73 2.77 -2.26
C38 PCW EA . 6.31 3.82 -1.37
C39 PCW EA . 6.31 5.18 -2.01
C40 PCW EA . 7.35 5.96 -2.25
C41 PCW EA . 8.78 5.58 -1.91
C42 PCW EA . 9.50 6.84 -1.24
C43 PCW EA . 10.04 6.72 0.17
C44 PCW EA . 10.66 8.05 0.53
C45 PCW EA . 11.94 7.98 1.32
C46 PCW EA . 12.79 9.21 1.22
C47 PCW EA . 14.06 9.22 2.05
C48 PCW EA . 14.83 10.54 1.85
N PCW EA . 5.52 -1.72 -8.28
O2 PCW EA . 3.45 -2.43 -4.05
O3 PCW EA . 2.53 0.21 -4.63
O11 PCW EA . 0.92 1.68 -5.31
O31 PCW EA . 5.09 -2.38 -5.67
O1P PCW EA . 3.49 -5.20 -5.84
O2P PCW EA . 1.90 -6.37 -7.36
O3P PCW EA . 1.39 -3.98 -6.56
O4P PCW EA . 3.10 -4.48 -8.22
P PCW EA . 2.50 -5.08 -6.96
C1 PCW FA . 34.89 -5.75 -20.66
C2 PCW FA . 35.02 -4.77 -19.44
C3 PCW FA . 35.77 -3.46 -19.89
C4 PCW FA . 35.84 -9.77 -21.78
C5 PCW FA . 36.63 -10.09 -23.04
C6 PCW FA . 39.16 -10.41 -22.94
C7 PCW FA . 37.68 -12.32 -23.40
C8 PCW FA . 37.95 -10.80 -24.43
C11 PCW FA . 37.13 -2.28 -18.28
C12 PCW FA . 37.01 -1.35 -17.11
C13 PCW FA . 37.57 0.06 -17.54
C14 PCW FA . 37.52 1.14 -16.46
C15 PCW FA . 38.69 1.11 -15.42
C16 PCW FA . 39.91 1.95 -15.93
C17 PCW FA . 40.22 3.30 -15.21
C18 PCW FA . 41.70 3.50 -14.89
C19 PCW FA . 41.95 4.62 -13.86
C20 PCW FA . 42.65 4.42 -12.69
C21 PCW FA . 43.32 3.22 -12.11
C22 PCW FA . 44.83 3.56 -12.00
C23 PCW FA . 45.78 2.96 -13.08
C24 PCW FA . 46.42 3.92 -14.03
C25 PCW FA . 47.50 4.92 -13.53
C26 PCW FA . 47.27 6.39 -13.87
C27 PCW FA . 47.19 7.38 -12.70
C28 PCW FA . 45.89 8.15 -12.76
C31 PCW FA . 33.39 -4.75 -17.72
C32 PCW FA . 31.98 -4.26 -17.38
C33 PCW FA . 31.86 -2.69 -17.08
C34 PCW FA . 31.17 -2.38 -15.76
C35 PCW FA . 32.30 -2.43 -14.65
C36 PCW FA . 31.75 -2.21 -13.22
C37 PCW FA . 32.81 -2.25 -12.08
C38 PCW FA . 32.32 -3.04 -10.90
C39 PCW FA . 33.32 -3.10 -9.78
C40 PCW FA . 33.07 -3.02 -8.48
C41 PCW FA . 31.68 -2.87 -7.89
C42 PCW FA . 31.76 -1.80 -6.70
C43 PCW FA . 30.59 -0.84 -6.52
C44 PCW FA . 30.93 0.05 -5.34
C45 PCW FA . 31.28 1.48 -5.69
C46 PCW FA . 32.10 2.17 -4.65
C47 PCW FA . 33.49 2.60 -5.06
C48 PCW FA . 34.22 3.29 -3.90
N PCW FA . 37.77 -10.93 -22.96
O2 PCW FA . 33.68 -4.36 -18.96
O3 PCW FA . 35.88 -2.57 -18.77
O11 PCW FA . 38.16 -2.72 -18.72
O31 PCW FA . 34.15 -5.42 -16.95
O1P PCW FA . 33.11 -9.12 -21.12
O2P PCW FA . 33.43 -7.32 -22.80
O3P PCW FA . 34.17 -6.96 -20.35
O4P PCW FA . 35.37 -8.40 -21.91
P PCW FA . 33.95 -7.97 -21.59
C1 PCW GA . 7.64 -13.05 3.71
C2 PCW GA . 6.83 -13.15 5.07
C3 PCW GA . 6.33 -14.61 5.29
C4 PCW GA . 9.61 -16.27 5.40
C5 PCW GA . 10.47 -16.65 6.60
C6 PCW GA . 10.39 -18.99 5.98
C7 PCW GA . 9.37 -18.30 7.95
C8 PCW GA . 11.64 -18.37 7.94
C11 PCW GA . 6.17 -15.37 7.56
C12 PCW GA . 5.26 -15.34 8.75
C13 PCW GA . 5.81 -14.29 9.78
C14 PCW GA . 4.98 -14.14 11.05
C15 PCW GA . 4.71 -12.68 11.53
C16 PCW GA . 5.55 -12.35 12.81
C17 PCW GA . 5.68 -10.84 13.22
C18 PCW GA . 4.55 -10.35 14.13
C19 PCW GA . 4.91 -9.06 14.90
C20 PCW GA . 4.08 -8.51 15.85
C21 PCW GA . 2.75 -8.91 16.38
C22 PCW GA . 2.38 -7.91 17.51
C23 PCW GA . 1.14 -7.02 17.30
C24 PCW GA . 0.17 -6.93 18.44
C25 PCW GA . 0.41 -5.95 19.62
C26 PCW GA . 0.45 -4.47 19.29
C27 PCW GA . 0.95 -3.50 20.37
C28 PCW GA . 2.44 -3.26 20.23
C31 PCW GA . 7.28 -11.80 6.96
C32 PCW GA . 8.30 -11.55 8.09
C33 PCW GA . 8.48 -10.02 8.54
C34 PCW GA . 7.76 -9.68 9.84
C35 PCW GA . 8.30 -8.24 10.24
C36 PCW GA . 9.53 -8.31 11.17
C37 PCW GA . 10.12 -6.94 11.61
C38 PCW GA . 10.92 -7.05 12.87
C39 PCW GA . 11.50 -5.73 13.32
C40 PCW GA . 11.56 -5.27 14.56
C41 PCW GA . 11.07 -6.02 15.79
C42 PCW GA . 10.37 -4.97 16.77
C43 PCW GA . 10.16 -5.36 18.22
C44 PCW GA . 9.49 -4.19 18.90
C45 PCW GA . 10.01 -3.85 20.29
C46 PCW GA . 10.42 -2.41 20.44
C47 PCW GA . 9.33 -1.45 20.89
C48 PCW GA . 9.88 -0.03 21.02
N PCW GA . 10.47 -18.01 7.09
O2 PCW GA . 7.73 -12.80 6.21
O3 PCW GA . 5.60 -14.70 6.53
O11 PCW GA . 7.26 -15.91 7.52
O31 PCW GA . 6.21 -11.14 6.79
O1P PCW GA . 8.85 -15.33 2.75
O2P PCW GA . 11.10 -14.26 2.83
O3P PCW GA . 9.07 -13.07 3.88
O4P PCW GA . 10.14 -15.01 4.89
P PCW GA . 9.80 -14.46 3.52
C1 PCW HA . 25.82 1.47 -21.17
C2 PCW HA . 26.89 1.47 -20.02
C3 PCW HA . 28.19 2.22 -20.49
C4 PCW HA . 24.90 -2.37 -19.09
C5 PCW HA . 25.96 -3.45 -18.82
C6 PCW HA . 28.48 -3.61 -18.57
C7 PCW HA . 27.13 -2.67 -16.77
C8 PCW HA . 27.08 -4.39 -17.41
C11 PCW HA . 29.83 1.04 -19.17
C12 PCW HA . 30.79 1.25 -18.03
C13 PCW HA . 32.22 1.52 -18.63
C14 PCW HA . 33.32 1.75 -17.60
C15 PCW HA . 34.10 3.09 -17.73
C16 PCW HA . 34.51 3.65 -16.32
C17 PCW HA . 35.42 4.92 -16.28
C18 PCW HA . 35.91 5.27 -14.88
C19 PCW HA . 36.88 6.48 -14.87
C20 PCW HA . 36.67 7.62 -14.10
C21 PCW HA . 35.58 8.00 -13.16
C22 PCW HA . 35.11 9.43 -13.58
C23 PCW HA . 35.28 10.57 -12.54
C24 PCW HA . 34.48 11.82 -12.75
C25 PCW HA . 34.56 13.00 -11.75
C26 PCW HA . 35.31 14.23 -12.22
C27 PCW HA . 34.50 15.36 -12.89
C28 PCW HA . 35.08 15.66 -14.26
C31 PCW HA . 26.29 1.44 -17.74
C32 PCW HA . 25.72 2.31 -16.60
C33 PCW HA . 26.81 2.86 -15.56
C34 PCW HA . 26.78 4.37 -15.37
C35 PCW HA . 26.90 4.61 -13.80
C36 PCW HA . 27.11 6.09 -13.44
C37 PCW HA . 27.23 6.39 -11.91
C38 PCW HA . 26.36 7.54 -11.49
C39 PCW HA . 26.47 7.83 -10.01
C40 PCW HA . 27.09 8.87 -9.45
C41 PCW HA . 27.82 9.94 -10.23
C42 PCW HA . 28.33 11.04 -9.17
C43 PCW HA . 29.82 11.14 -8.90
C44 PCW HA . 30.02 12.25 -7.88
C45 PCW HA . 31.44 12.67 -7.63
C46 PCW HA . 32.24 11.66 -6.85
C47 PCW HA . 32.45 11.97 -5.39
C48 PCW HA . 33.28 10.87 -4.71
N PCW HA . 27.17 -3.10 -18.15
O2 PCW HA . 26.36 2.19 -18.83
O3 PCW HA . 29.17 2.20 -19.43
O11 PCW HA . 29.67 0.01 -19.76
O31 PCW HA . 26.62 0.22 -17.63
O1P PCW HA . 23.41 -1.47 -21.39
O2P PCW HA . 25.69 -1.18 -22.38
O3P PCW HA . 24.65 0.67 -20.89
O4P PCW HA . 25.50 -1.43 -20.01
P PCW HA . 24.78 -0.90 -21.25
C1 PCW IA . -20.48 3.25 -3.80
C2 PCW IA . -19.29 3.66 -4.77
C3 PCW IA . -19.41 5.18 -5.15
C4 PCW IA . -22.01 -1.31 -4.88
C5 PCW IA . -21.52 -2.46 -5.77
C6 PCW IA . -21.39 -4.79 -6.39
C7 PCW IA . -23.41 -3.64 -6.64
C8 PCW IA . -22.79 -4.20 -4.54
C11 PCW IA . -18.56 6.51 -6.95
C12 PCW IA . -17.30 6.73 -7.77
C13 PCW IA . -16.83 8.22 -7.57
C14 PCW IA . -15.56 8.60 -8.34
C15 PCW IA . -15.20 10.11 -8.33
C16 PCW IA . -13.72 10.32 -7.85
C17 PCW IA . -13.50 11.18 -6.55
C18 PCW IA . -14.02 12.62 -6.66
C19 PCW IA . -13.15 13.50 -7.59
C20 PCW IA . -13.05 14.87 -7.43
C21 PCW IA . -13.67 15.81 -6.46
C22 PCW IA . -13.34 17.25 -6.94
C23 PCW IA . -14.08 18.43 -6.28
C24 PCW IA . -13.28 19.68 -6.05
C25 PCW IA . -13.87 21.08 -6.40
C26 PCW IA . -14.12 22.02 -5.24
C27 PCW IA . -15.55 22.11 -4.67
C28 PCW IA . -16.31 23.23 -5.33
C31 PCW IA . -17.50 2.23 -4.18
C32 PCW IA . -16.15 2.19 -3.43
C33 PCW IA . -16.25 1.68 -1.91
C34 PCW IA . -16.48 2.80 -0.90
C35 PCW IA . -18.03 2.79 -0.59
C36 PCW IA . -18.62 4.21 -0.45
C37 PCW IA . -20.15 4.28 -0.15
C38 PCW IA . -20.44 4.90 1.19
C39 PCW IA . -21.91 4.98 1.49
C40 PCW IA . -22.48 5.18 2.68
C41 PCW IA . -21.71 5.37 3.97
C42 PCW IA . -21.64 6.94 4.29
C43 PCW IA . -20.32 7.66 4.13
C44 PCW IA . -20.55 9.12 4.47
C45 PCW IA . -19.31 9.97 4.51
C46 PCW IA . -19.54 11.40 4.10
C47 PCW IA . -18.62 11.96 3.03
C48 PCW IA . -18.97 13.43 2.71
N PCW IA . -22.24 -3.71 -5.83
O2 PCW IA . -17.98 3.47 -4.07
O3 PCW IA . -18.33 5.53 -6.03
O11 PCW IA . -19.58 7.11 -7.09
O31 PCW IA . -18.02 1.26 -4.79
O1P PCW IA . -22.93 1.43 -4.97
O2P PCW IA . -20.88 1.76 -6.35
O3P PCW IA . -20.75 1.83 -3.77
O4P PCW IA . -21.05 -0.24 -5.04
P PCW IA . -21.45 1.23 -5.09
C1 17F JA . -13.23 4.86 -14.37
N1 17F JA . -14.57 3.03 -15.46
O1 17F JA . -13.03 1.86 -12.32
P1 17F JA . -12.55 3.28 -12.52
C2 17F JA . -14.10 4.41 -15.56
O2 17F JA . -11.16 2.80 -12.84
C3 17F JA . -13.33 4.60 -16.87
O3 17F JA . -12.39 3.84 -13.95
C4 17F JA . -11.26 5.32 -11.45
O4 17F JA . -13.15 3.64 -17.72
C5 17F JA . -10.49 5.80 -10.19
O5 17F JA . -12.85 5.69 -17.18
C6 17F JA . -10.59 7.34 -10.06
O6 17F JA . -11.74 3.98 -11.35
C7 17F JA . -8.70 8.28 -9.04
O7 17F JA . -9.92 7.82 -8.91
C8 17F JA . -8.21 8.72 -7.65
O8 17F JA . -7.99 8.36 -10.01
C9 17F JA . -7.98 7.53 -6.67
O9 17F JA . -10.92 5.13 -8.98
C10 17F JA . -7.47 7.92 -5.22
O10 17F JA . -13.20 5.36 -9.14
C11 17F JA . -7.69 6.81 -4.13
C12 17F JA . -7.17 7.25 -2.72
C17 17F JA . -12.11 5.50 -8.57
C18 17F JA . -12.07 6.15 -7.20
C19 17F JA . -12.79 5.36 -6.09
C20 17F JA . -13.80 6.26 -5.27
C1X 17F JA . -7.40 6.13 -1.68
C1Y 17F JA . -14.49 5.43 -4.17
C1Z 17F JA . -15.17 6.36 -3.15
C2X 17F JA . -6.88 6.55 -0.22
C21 17F JA . -5.42 6.05 0.05
C22 17F JA . -4.66 6.48 1.00
C23 17F JA . -4.98 7.51 2.00
C24 17F JA . -4.17 7.39 3.29
C25 17F JA . -4.45 8.42 4.37
C26 17F JA . -3.20 9.30 4.85
C27 17F JA . -3.51 10.32 5.91
C28 17F JA . -2.17 11.07 6.25
C29 17F JA . -2.50 12.37 6.88
C30 17F JA . -1.31 13.20 7.26
C31 17F JA . -16.73 6.50 -3.26
C32 17F JA . -17.39 7.45 -2.23
C33 17F JA . -18.62 8.09 -2.86
C34 17F JA . -19.43 8.95 -2.26
C35 17F JA . -19.30 9.48 -0.85
C36 17F JA . -20.27 8.83 0.18
C37 17F JA . -21.27 9.83 0.62
C38 17F JA . -22.74 9.33 0.62
C39 17F JA . -23.71 10.43 1.08
C40 17F JA . -25.16 10.03 0.78
C41 17F JA . -25.86 11.14 -0.11
C42 17F JA . -27.14 11.81 0.41
C1 17F KA . 13.89 -17.19 4.47
N1 17F KA . 14.58 -19.19 5.80
O1 17F KA . 15.76 -15.89 6.22
P1 17F KA . 14.30 -15.53 6.35
C2 17F KA . 13.73 -18.70 4.73
O2 17F KA . 13.74 -15.48 7.74
C3 17F KA . 14.04 -19.47 3.42
O3 17F KA . 13.37 -16.46 5.53
C4 17F KA . 12.70 -13.52 5.76
O4 17F KA . 14.93 -20.40 3.36
C5 17F KA . 12.65 -12.10 5.13
O5 17F KA . 13.43 -19.21 2.38
C6 17F KA . 11.42 -11.33 5.69
O6 17F KA . 14.01 -14.09 5.75
C7 17F KA . 10.19 -9.58 4.75
O7 17F KA . 11.34 -10.02 5.15
C8 17F KA . 10.39 -8.12 4.25
O8 17F KA . 9.10 -10.10 4.75
C9 17F KA . 10.91 -7.17 5.36
O9 17F KA . 13.85 -11.35 5.33
C10 17F KA . 11.14 -5.68 4.93
O10 17F KA . 13.91 -10.51 3.19
C11 17F KA . 12.05 -4.85 5.93
C12 17F KA . 12.25 -3.37 5.46
C17 17F KA . 14.42 -11.04 4.18
C18 17F KA . 15.89 -11.38 4.16
C19 17F KA . 16.78 -10.47 5.04
C20 17F KA . 17.33 -9.22 4.25
C1X 17F KA . 13.13 -2.61 6.46
C1Y 17F KA . 18.22 -8.33 5.16
C1Z 17F KA . 19.61 -8.16 4.55
C2X 17F KA . 13.37 -1.09 6.03
C21 17F KA . 12.14 -0.18 6.33
C22 17F KA . 11.81 0.25 7.50
C23 17F KA . 12.51 0.01 8.77
C24 17F KA . 11.74 -0.85 9.77
C25 17F KA . 12.42 -1.12 11.10
C26 17F KA . 11.68 -0.53 12.39
C27 17F KA . 12.38 -0.82 13.71
C28 17F KA . 11.49 -0.17 14.85
C29 17F KA . 11.47 -1.09 16.02
C30 17F KA . 10.68 -0.59 17.18
C31 17F KA . 19.99 -6.71 4.08
C32 17F KA . 21.41 -6.55 3.48
C33 17F KA . 22.42 -6.30 4.59
C34 17F KA . 23.73 -6.12 4.42
C35 17F KA . 24.48 -6.15 3.11
C36 17F KA . 25.56 -5.04 2.97
C37 17F KA . 24.96 -3.86 2.28
C38 17F KA . 25.81 -2.57 2.32
C39 17F KA . 25.12 -1.40 1.59
C40 17F KA . 26.15 -0.36 1.16
C41 17F KA . 25.64 1.10 1.52
C42 17F KA . 25.98 2.26 0.58
C1 17F LA . -7.00 -4.96 -5.56
N1 17F LA . -8.21 -6.75 -4.28
O1 17F LA . -7.79 -2.53 -7.33
P1 17F LA . -7.15 -2.46 -5.97
C2 17F LA . -8.16 -5.98 -5.51
O2 17F LA . -5.66 -2.25 -5.94
C3 17F LA . -8.04 -6.95 -6.71
O3 17F LA . -7.43 -3.72 -5.10
C4 17F LA . -7.29 -1.02 -3.77
O4 17F LA . -8.00 -8.23 -6.55
C5 17F LA . -8.00 0.19 -3.09
O5 17F LA . -7.97 -6.53 -7.86
C6 17F LA . -9.53 0.10 -3.29
O6 17F LA . -7.75 -1.27 -5.11
C7 17F LA . -11.48 1.28 -2.79
O7 17F LA . -10.20 1.19 -2.67
C8 17F LA . -11.96 2.54 -2.01
O8 17F LA . -12.27 0.57 -3.36
C9 17F LA . -11.23 3.84 -2.44
O9 17F LA . -7.66 0.30 -1.70
C10 17F LA . -11.66 5.15 -1.69
O10 17F LA . -7.86 2.55 -1.18
C11 17F LA . -11.19 6.48 -2.37
C12 17F LA . -11.65 7.75 -1.57
C17 17F LA . -7.21 1.51 -1.39
C18 17F LA . -5.70 1.54 -1.30
C19 17F LA . -5.14 2.43 -0.16
C20 17F LA . -5.61 1.94 1.27
C1X 17F LA . -11.17 9.04 -2.27
C1Y 17F LA . -5.01 2.86 2.37
C1Z 17F LA . -6.12 3.52 3.19
C2X 17F LA . -11.62 10.36 -1.48
C21 17F LA . -10.42 11.33 -1.24
C22 17F LA . -10.51 12.47 -0.64
C23 17F LA . -11.72 13.08 -0.07
C24 17F LA . -11.56 13.55 1.38
C25 17F LA . -12.78 14.19 2.03
C26 17F LA . -12.67 15.77 2.30
C27 17F LA . -13.88 16.40 2.94
C28 17F LA . -13.58 17.92 3.14
C29 17F LA . -13.31 18.19 4.57
C30 17F LA . -13.00 19.62 4.89
C31 17F LA . -5.93 3.52 4.75
C32 17F LA . -7.08 4.19 5.56
C33 17F LA . -8.12 3.15 5.91
C34 17F LA . -9.23 3.39 6.60
C35 17F LA . -9.67 4.71 7.16
C36 17F LA . -10.95 5.32 6.49
C37 17F LA . -11.77 5.99 7.54
C38 17F LA . -11.72 7.54 7.51
C39 17F LA . -12.59 8.15 8.62
C40 17F LA . -13.03 9.57 8.24
C41 17F LA . -12.72 10.59 9.41
C42 17F LA . -11.52 11.53 9.27
C1 17F MA . -7.56 -15.64 10.28
N1 17F MA . -5.24 -15.48 11.20
O1 17F MA . -10.53 -13.34 10.54
P1 17F MA . -9.06 -13.58 10.26
C2 17F MA . -6.52 -16.15 11.28
O2 17F MA . -8.68 -13.65 8.81
C3 17F MA . -6.32 -17.66 11.09
O3 17F MA . -8.53 -14.88 10.92
C4 17F MA . -6.74 -12.46 10.73
O4 17F MA . -5.17 -18.19 10.89
C5 17F MA . -6.03 -11.25 11.41
O5 17F MA . -7.28 -18.44 11.13
C6 17F MA . -4.94 -10.71 10.46
O6 17F MA . -8.16 -12.44 10.88
C7 17F MA . -3.22 -9.12 10.40
O7 17F MA . -4.25 -9.60 11.02
C8 17F MA . -2.69 -7.91 11.21
O8 17F MA . -2.70 -9.46 9.36
C9 17F MA . -3.59 -6.65 11.10
O9 17F MA . -6.94 -10.21 11.80
C10 17F MA . -3.11 -5.39 11.89
O10 17F MA . -7.19 -10.97 13.95
C11 17F MA . -2.09 -4.48 11.11
C12 17F MA . -1.66 -3.23 11.94
C17 17F MA . -7.01 -10.09 13.10
C18 17F MA . -6.84 -8.65 13.56
C19 17F MA . -7.80 -8.23 14.70
C20 17F MA . -7.03 -7.84 16.02
C1X 17F MA . -0.67 -2.37 11.14
C1Y 17F MA . -8.01 -7.42 17.14
C1Z 17F MA . -7.36 -6.42 18.08
C2X 17F MA . -0.20 -1.07 11.97
C21 17F MA . -0.07 0.18 11.04
C22 17F MA . -0.13 1.41 11.46
C23 17F MA . -0.34 1.88 12.83
C24 17F MA . -0.46 3.40 12.96
C25 17F MA . -0.66 3.95 14.36
C26 17F MA . 0.60 4.72 14.98
C27 17F MA . 0.38 5.26 16.38
C28 17F MA . 1.73 5.97 16.81
C29 17F MA . 1.43 6.85 17.96
C30 17F MA . 2.61 7.60 18.49
C31 17F MA . -6.12 -6.93 18.91
C32 17F MA . -5.47 -5.89 19.87
C33 17F MA . -4.57 -4.97 19.07
C34 17F MA . -3.87 -3.97 19.59
C35 17F MA . -3.83 -3.55 21.04
C36 17F MA . -2.54 -3.99 21.80
C37 17F MA . -2.85 -5.18 22.64
C38 17F MA . -1.60 -5.86 23.29
C39 17F MA . -2.02 -7.08 24.14
C40 17F MA . -1.51 -6.92 25.58
C41 17F MA . -0.45 -8.04 25.91
C42 17F MA . 1.05 -7.72 25.78
C1 17F NA . 11.76 -21.24 12.61
N1 17F NA . 10.04 -19.43 12.42
O1 17F NA . 14.41 -22.27 13.02
P1 17F NA . 13.91 -21.20 13.96
C2 17F NA . 11.03 -20.22 11.71
O2 17F NA . 13.76 -21.60 15.41
C3 17F NA . 10.37 -20.96 10.54
O3 17F NA . 12.56 -20.58 13.55
C4 17F NA . 14.64 -18.83 14.80
O4 17F NA . 9.11 -20.85 10.28
C5 17F NA . 15.74 -17.72 14.68
O5 17F NA . 11.03 -21.69 9.80
C6 17F NA . 15.18 -16.38 15.23
O6 17F NA . 14.89 -19.97 13.98
C7 17F NA . 15.85 -14.28 14.45
O7 17F NA . 16.13 -15.34 15.15
C8 17F NA . 17.04 -13.29 14.58
O8 17F NA . 14.86 -13.99 13.82
C9 17F NA . 17.01 -12.47 15.90
O9 17F NA . 16.97 -18.09 15.32
C10 17F NA . 18.19 -11.45 16.12
O10 17F NA . 18.11 -18.44 13.34
C11 17F NA . 18.56 -11.18 17.62
C12 17F NA . 19.74 -10.14 17.76
C17 17F NA . 18.01 -18.03 14.51
C18 17F NA . 19.20 -17.35 15.15
C19 17F NA . 20.03 -18.26 16.09
C20 17F NA . 19.68 -18.04 17.61
C1X 17F NA . 20.07 -9.92 19.24
C1Y 17F NA . 20.53 -18.97 18.51
C1Z 17F NA . 21.29 -18.16 19.56
C2X 17F NA . 21.27 -8.86 19.44
C21 17F NA . 20.76 -7.46 19.87
C22 17F NA . 21.27 -6.74 20.81
C23 17F NA . 22.42 -7.09 21.66
C24 17F NA . 22.20 -6.85 23.14
C25 17F NA . 23.36 -7.18 24.06
C26 17F NA . 23.38 -8.68 24.64
C27 17F NA . 24.55 -8.99 25.55
C28 17F NA . 24.41 -10.50 25.99
C29 17F NA . 25.66 -11.20 25.68
C30 17F NA . 25.67 -12.65 26.06
C31 17F NA . 20.44 -17.53 20.72
C32 17F NA . 21.23 -16.71 21.77
C33 17F NA . 21.82 -15.46 21.10
C34 17F NA . 22.54 -14.55 21.71
C35 17F NA . 22.94 -14.53 23.18
C36 17F NA . 24.33 -15.18 23.48
C37 17F NA . 24.16 -16.20 24.54
C38 17F NA . 24.83 -17.58 24.26
C39 17F NA . 24.59 -18.56 25.41
C40 17F NA . 25.24 -19.92 25.11
C41 17F NA . 26.20 -20.36 26.29
C42 17F NA . 27.23 -21.47 26.04
C1 17F OA . -19.46 -5.66 -1.06
N1 17F OA . -21.02 -3.93 -1.98
O1 17F OA . -17.13 -5.17 1.26
P1 17F OA . -18.62 -5.03 1.24
C2 17F OA . -20.72 -5.35 -1.88
O2 17F OA . -19.43 -6.21 1.72
C3 17F OA . -21.93 -6.09 -1.25
O3 17F OA . -19.18 -4.66 -0.16
C4 17F OA . -20.49 -3.49 2.27
O4 17F OA . -23.00 -5.47 -0.90
C5 17F OA . -20.78 -2.27 3.20
O5 17F OA . -21.91 -7.30 -1.08
C6 17F OA . -21.58 -2.74 4.43
O6 17F OA . -19.11 -3.81 2.14
C7 17F OA . -22.10 -1.96 6.57
O7 17F OA . -21.87 -1.68 5.33
C8 17F OA . -22.41 -0.64 7.30
O8 17F OA . -22.11 -3.02 7.15
C9 17F OA . -23.89 -0.53 7.76
O9 17F OA . -19.57 -1.58 3.59
C10 17F OA . -24.28 0.79 8.50
O10 17F OA . -19.80 -0.07 1.87
C11 17F OA . -24.33 2.07 7.57
C12 17F OA . -24.73 3.36 8.36
C17 17F OA . -19.46 -0.40 3.01
C18 17F OA . -18.80 0.62 3.91
C19 17F OA . -19.76 1.28 4.94
C20 17F OA . -19.13 1.33 6.39
C1X 17F OA . -24.76 4.57 7.40
C1Y 17F OA . -20.11 2.00 7.38
C1Z 17F OA . -19.53 3.30 7.93
C2X 17F OA . -25.17 5.94 8.16
C21 17F OA . -26.48 6.57 7.57
C22 17F OA . -26.59 7.79 7.19
C23 17F OA . -25.56 8.84 7.22
C24 17F OA . -25.01 9.24 5.85
C25 17F OA . -23.94 10.32 5.85
C26 17F OA . -24.28 11.63 4.98
C27 17F OA . -23.21 12.69 4.98
C28 17F OA . -23.73 13.88 4.09
C29 17F OA . -22.74 14.13 3.02
C30 17F OA . -23.10 15.25 2.10
C31 17F OA . -20.54 4.39 8.39
C32 17F OA . -19.92 5.70 8.94
C33 17F OA . -20.41 6.88 8.11
C34 17F OA . -20.05 8.14 8.31
C35 17F OA . -19.13 8.68 9.38
C36 17F OA . -17.94 9.53 8.83
C37 17F OA . -17.54 10.51 9.88
C38 17F OA . -16.27 10.12 10.68
C39 17F OA . -15.92 11.18 11.74
C40 17F OA . -16.27 10.70 13.14
C41 17F OA . -14.95 10.46 14.00
C42 17F OA . -14.55 9.02 14.37
C1 17F PA . 7.86 0.64 -23.85
N1 17F PA . 6.31 -1.32 -24.16
O1 17F PA . 4.65 2.16 -22.74
P1 17F PA . 6.14 2.29 -22.97
C2 17F PA . 7.58 -0.71 -24.53
O2 17F PA . 6.55 2.97 -24.25
C3 17F PA . 8.72 -1.69 -24.22
O3 17F PA . 6.87 0.93 -22.91
C4 17F PA . 8.23 3.40 -21.83
O4 17F PA . 8.52 -2.85 -23.70
C5 17F PA . 8.74 4.25 -20.62
O5 17F PA . 9.89 -1.39 -24.45
C6 17F PA . 7.53 4.68 -19.74
O6 17F PA . 6.83 3.14 -21.82
C7 17F PA . 7.08 5.69 -17.69
O7 17F PA . 7.94 5.46 -18.63
C8 17F PA . 7.76 6.59 -16.62
O8 17F PA . 5.93 5.34 -17.56
C9 17F PA . 7.79 8.08 -17.03
O9 17F PA . 9.72 3.57 -19.84
C10 17F PA . 8.46 9.06 -15.99
O10 17F PA . 11.56 3.89 -21.20
C11 17F PA . 7.59 10.34 -15.67
C12 17F PA . 8.31 11.28 -14.63
C17 17F PA . 10.94 3.99 -20.13
C18 17F PA . 11.63 4.62 -18.93
C19 17F PA . 12.16 6.06 -19.18
C20 17F PA . 11.40 7.12 -18.30
C1X 17F PA . 7.43 12.50 -14.34
C1Y 17F PA . 11.95 8.54 -18.58
C1Z 17F PA . 10.81 9.49 -18.97
C2X 17F PA . 8.11 13.49 -13.29
C21 17F PA . 7.90 14.99 -13.67
C22 17F PA . 7.33 15.86 -12.90
C23 17F PA . 6.77 15.64 -11.55
C24 17F PA . 6.87 16.86 -10.63
C25 17F PA . 6.32 16.69 -9.23
C26 17F PA . 7.40 16.39 -8.08
C27 17F PA . 6.82 16.23 -6.69
C28 17F PA . 8.03 15.94 -5.72
C29 17F PA . 7.70 14.77 -4.88
C30 17F PA . 8.77 14.38 -3.89
C31 17F PA . 11.14 11.03 -18.98
C32 17F PA . 9.96 11.95 -19.37
C33 17F PA . 9.66 12.92 -18.23
C34 17F PA . 8.71 13.84 -18.25
C35 17F PA . 7.73 14.12 -19.37
C36 17F PA . 6.25 13.82 -19.02
C37 17F PA . 5.55 13.39 -20.26
C38 17F PA . 4.02 13.69 -20.29
C39 17F PA . 3.37 13.20 -21.60
C40 17F PA . 2.22 14.13 -21.99
C41 17F PA . 2.70 15.20 -23.04
C42 17F PA . 2.03 16.58 -23.07
C1 17F QA . 1.86 -16.18 3.17
N1 17F QA . -0.21 -15.83 4.58
O1 17F QA . 0.79 -13.81 1.82
P1 17F QA . 1.95 -13.66 2.78
C2 17F QA . 0.38 -16.55 3.46
O2 17F QA . 3.30 -13.36 2.17
C3 17F QA . 0.27 -18.06 3.72
O3 17F QA . 2.15 -14.92 3.68
C4 17F QA . 2.66 -12.19 4.84
O4 17F QA . -0.27 -18.54 4.79
C5 17F QA . 2.22 -11.02 5.76
O5 17F QA . 0.71 -18.87 2.91
C6 17F QA . 2.35 -11.47 7.24
O6 17F QA . 1.70 -12.51 3.83
C7 17F QA . 2.81 -9.98 9.00
O7 17F QA . 1.95 -10.43 8.14
C8 17F QA . 2.10 -8.89 9.85
O8 17F QA . 3.97 -10.28 9.20
C9 17F QA . 1.73 -9.39 11.26
O9 17F QA . 2.94 -9.81 5.52
C10 17F QA . 1.00 -8.33 12.18
O10 17F QA . 1.28 -8.60 4.49
C11 17F QA . 1.88 -7.08 12.56
C12 17F QA . 1.10 -6.07 13.48
C17 17F QA . 2.41 -9.09 4.56
C18 17F QA . 3.38 -8.86 3.42
C19 17F QA . 4.42 -7.74 3.67
C20 17F QA . 5.70 -8.27 4.43
C1X 17F QA . 1.99 -4.87 13.81
C1Y 17F QA . 6.71 -7.12 4.66
C1Z 17F QA . 6.83 -6.79 6.15
C2X 17F QA . 1.24 -3.80 14.75
C21 17F QA . 2.14 -3.30 15.91
C22 17F QA . 1.99 -2.17 16.53
C23 17F QA . 0.96 -1.16 16.29
C24 17F QA . 1.03 0.05 17.22
C25 17F QA . -0.01 1.13 17.01
C26 17F QA . -0.70 1.69 18.34
C27 17F QA . -1.73 2.77 18.12
C28 17F QA . -2.30 3.19 19.53
C29 17F QA . -1.78 4.54 19.86
C30 17F QA . -2.23 5.07 21.19
C31 17F QA . 7.13 -5.30 6.51
C32 17F QA . 7.25 -4.99 8.03
C33 17F QA . 6.05 -4.18 8.47
C34 17F QA . 5.84 -3.74 9.71
C35 17F QA . 6.72 -3.96 10.91
C36 17F QA . 7.92 -2.98 11.03
C37 17F QA . 7.69 -2.08 12.20
C38 17F QA . 7.93 -0.57 11.89
C39 17F QA . 7.68 0.30 13.14
C40 17F QA . 7.52 1.77 12.74
C41 17F QA . 8.77 2.63 13.21
C42 17F QA . 8.54 3.89 14.03
C1 PCW RA . 1.66 30.37 7.23
C2 PCW RA . 0.89 30.80 5.91
C3 PCW RA . 1.93 31.07 4.77
C4 PCW RA . -1.09 31.44 9.49
C5 PCW RA . -2.27 32.37 9.25
C6 PCW RA . -4.51 32.19 8.02
C7 PCW RA . -4.24 31.29 10.29
C8 PCW RA . -4.14 33.05 9.76
C11 PCW RA . 1.60 32.61 2.96
C12 PCW RA . 0.71 32.84 1.75
C13 PCW RA . 1.57 33.53 0.63
C14 PCW RA . 0.83 33.84 -0.66
C15 PCW RA . 1.59 33.52 -1.99
C16 PCW RA . 0.67 32.70 -2.96
C17 PCW RA . 1.38 31.61 -3.85
C18 PCW RA . 0.63 31.32 -5.15
C19 PCW RA . 1.57 30.89 -6.31
C20 PCW RA . 1.50 29.64 -6.88
C21 PCW RA . 0.63 28.46 -6.63
C22 PCW RA . 0.04 28.05 -8.02
C23 PCW RA . -1.20 28.84 -8.53
C24 PCW RA . -2.48 28.07 -8.69
C25 PCW RA . -2.64 27.03 -9.85
C26 PCW RA . -3.31 27.53 -11.11
C27 PCW RA . -4.49 26.70 -11.67
C28 PCW RA . -4.01 25.79 -12.77
C31 PCW RA . -1.26 29.79 5.83
C32 PCW RA . -2.02 28.58 5.27
C33 PCW RA . -2.61 28.77 3.80
C34 PCW RA . -1.54 28.78 2.71
C35 PCW RA . -2.26 28.25 1.40
C36 PCW RA . -1.28 27.55 0.44
C37 PCW RA . -1.93 27.00 -0.88
C38 PCW RA . -1.21 25.78 -1.37
C39 PCW RA . -1.81 25.23 -2.65
C40 PCW RA . -2.43 24.07 -2.81
C41 PCW RA . -2.64 23.05 -1.69
C42 PCW RA . -3.51 21.84 -2.27
C43 PCW RA . -2.83 20.84 -3.19
C44 PCW RA . -3.88 19.82 -3.59
C45 PCW RA . -3.41 18.74 -4.52
C46 PCW RA . -3.47 19.12 -5.97
C47 PCW RA . -4.18 18.14 -6.89
C48 PCW RA . -4.16 18.66 -8.34
N PCW RA . -3.59 31.82 9.11
O2 PCW RA . 0.01 29.69 5.45
O3 PCW RA . 1.21 31.46 3.58
O11 PCW RA . 2.47 33.34 3.33
O31 PCW RA . -1.76 30.72 6.54
O1P PCW RA . 1.54 30.38 10.19
O2P PCW RA . 2.16 32.80 10.21
O3P PCW RA . 2.17 31.48 8.00
O4P PCW RA . 0.11 32.18 9.13
P PCW RA . 1.52 31.69 9.46
C1 PCW SA . 9.92 24.19 13.53
C2 PCW SA . 10.14 24.20 11.96
C3 PCW SA . 11.04 22.99 11.53
C4 PCW SA . 12.73 27.94 14.68
C5 PCW SA . 13.73 27.21 13.78
C6 PCW SA . 12.98 27.35 11.35
C7 PCW SA . 15.26 27.93 11.98
C8 PCW SA . 14.44 26.28 12.11
C11 PCW SA . 12.29 23.68 9.59
C12 PCW SA . 12.26 23.61 8.09
C13 PCW SA . 11.08 24.52 7.59
C14 PCW SA . 10.89 24.57 6.06
C15 PCW SA . 9.65 23.79 5.51
C16 PCW SA . 8.36 24.67 5.58
C17 PCW SA . 7.90 25.38 4.26
C18 PCW SA . 7.01 24.51 3.36
C19 PCW SA . 5.58 25.08 3.20
C20 PCW SA . 5.12 25.63 2.01
C21 PCW SA . 5.76 25.80 0.68
C22 PCW SA . 4.79 26.68 -0.17
C23 PCW SA . 5.42 27.79 -1.06
C24 PCW SA . 4.47 28.75 -1.70
C25 PCW SA . 3.65 28.37 -2.97
C26 PCW SA . 4.44 28.23 -4.26
C27 PCW SA . 4.09 27.05 -5.19
C28 PCW SA . 5.35 26.36 -5.64
C31 PCW SA . 8.56 24.99 10.38
C32 PCW SA . 7.19 24.70 9.76
C33 PCW SA . 6.13 23.99 10.71
C34 PCW SA . 4.68 24.27 10.31
C35 PCW SA . 4.32 23.18 9.22
C36 PCW SA . 2.84 22.76 9.27
C37 PCW SA . 2.40 21.70 8.21
C38 PCW SA . 1.89 20.44 8.86
C39 PCW SA . 1.47 19.40 7.86
C40 PCW SA . 2.25 18.56 7.19
C41 PCW SA . 3.76 18.50 7.30
C42 PCW SA . 4.37 18.45 5.83
C43 PCW SA . 5.01 17.16 5.36
C44 PCW SA . 5.49 17.39 3.94
C45 PCW SA . 4.82 16.54 2.88
C46 PCW SA . 3.96 17.33 1.94
C47 PCW SA . 4.58 17.72 0.62
C48 PCW SA . 3.59 18.52 -0.24
N PCW SA . 13.93 27.65 12.45
O2 PCW SA . 8.83 24.03 11.27
O3 PCW SA . 11.21 23.03 10.10
O11 PCW SA . 13.13 24.25 10.24
O31 PCW SA . 9.31 25.97 10.09
O1P PCW SA . 10.35 27.15 13.28
O2P PCW SA . 9.49 26.62 15.55
O3P PCW SA . 10.93 24.90 14.27
O4P PCW SA . 11.87 26.92 15.26
P PCW SA . 10.59 26.45 14.58
C1 PCW TA . 9.27 17.09 24.81
C2 PCW TA . 9.24 16.22 23.48
C3 PCW TA . 8.43 16.99 22.38
C4 PCW TA . 11.66 19.51 23.92
C5 PCW TA . 11.62 19.40 22.39
C6 PCW TA . 10.92 20.63 20.27
C7 PCW TA . 12.50 21.66 21.84
C8 PCW TA . 12.74 20.13 20.83
C11 PCW TA . 9.06 16.68 20.09
C12 PCW TA . 8.90 15.71 18.95
C13 PCW TA . 7.60 16.10 18.15
C14 PCW TA . 7.28 15.21 16.95
C15 PCW TA . 6.69 13.80 17.28
C16 PCW TA . 6.19 13.09 15.98
C17 PCW TA . 5.32 11.80 16.17
C18 PCW TA . 6.13 10.53 16.38
C19 PCW TA . 6.07 10.00 17.84
C20 PCW TA . 6.30 8.67 18.15
C21 PCW TA . 6.62 7.48 17.32
C22 PCW TA . 6.44 6.24 18.24
C23 PCW TA . 7.47 5.10 18.10
C24 PCW TA . 7.09 3.75 18.62
C25 PCW TA . 6.45 2.68 17.68
C26 PCW TA . 5.36 1.81 18.27
C27 PCW TA . 5.02 0.48 17.56
C28 PCW TA . 4.78 -0.60 18.59
C31 PCW TA . 11.22 14.91 23.37
C32 PCW TA . 12.62 14.87 22.74
C33 PCW TA . 12.67 14.34 21.24
C34 PCW TA . 13.74 13.27 21.01
C35 PCW TA . 13.02 12.09 20.26
C36 PCW TA . 13.22 10.72 20.95
C37 PCW TA . 12.52 9.51 20.26
C38 PCW TA . 13.21 8.22 20.59
C39 PCW TA . 12.55 7.03 19.93
C40 PCW TA . 12.13 5.91 20.52
C41 PCW TA . 12.25 5.64 22.01
C42 PCW TA . 10.83 5.87 22.68
C43 PCW TA . 10.52 7.23 23.29
C44 PCW TA . 9.10 7.15 23.84
C45 PCW TA . 8.49 8.48 24.21
C46 PCW TA . 8.18 8.61 25.67
C47 PCW TA . 8.50 9.94 26.31
C48 PCW TA . 8.14 9.93 27.81
N PCW TA . 11.55 20.60 21.60
O2 PCW TA . 10.63 16.04 22.97
O3 PCW TA . 8.40 16.20 21.18
O11 PCW TA . 9.68 17.70 20.05
O31 PCW TA . 10.73 14.03 24.14
O1P PCW TA . 11.06 18.93 26.69
O2P PCW TA . 12.77 17.14 26.38
O3P PCW TA . 10.33 16.72 25.72
O4P PCW TA . 11.83 18.15 24.43
P PCW TA . 11.54 17.78 25.86
C1 PCW UA . -2.73 28.72 17.25
C2 PCW UA . -4.04 28.03 16.67
C3 PCW UA . -4.30 28.51 15.20
C4 PCW UA . -2.60 31.36 19.80
C5 PCW UA . -1.50 32.43 19.82
C6 PCW UA . -2.89 34.31 20.84
C7 PCW UA . -0.44 34.33 21.03
C8 PCW UA . -1.47 34.45 19.49
C11 PCW UA . -6.16 28.53 13.70
C12 PCW UA . -7.36 27.71 13.31
C13 PCW UA . -8.54 28.06 14.30
C14 PCW UA . -9.84 27.32 14.06
C15 PCW UA . -10.47 26.61 15.30
C16 PCW UA . -11.70 27.42 15.86
C17 PCW UA . -12.89 27.67 14.89
C18 PCW UA . -13.58 26.38 14.44
C19 PCW UA . -15.11 26.53 14.25
C20 PCW UA . -15.71 26.48 13.00
C21 PCW UA . -15.18 26.29 11.63
C22 PCW UA . -15.87 25.01 11.07
C23 PCW UA . -16.72 25.18 9.77
C24 PCW UA . -18.18 24.84 9.88
C25 PCW UA . -18.65 23.56 10.61
C26 PCW UA . -20.00 22.99 10.21
C27 PCW UA . -20.02 21.59 9.55
C28 PCW UA . -21.45 21.19 9.24
C31 PCW UA . -4.49 25.90 17.61
C32 PCW UA . -4.22 24.40 17.44
C33 PCW UA . -5.39 23.58 16.70
C34 PCW UA . -6.65 23.42 17.55
C35 PCW UA . -6.72 21.88 17.92
C36 PCW UA . -7.44 21.03 16.83
C37 PCW UA . -7.55 19.50 17.13
C38 PCW UA . -7.62 18.69 15.88
C39 PCW UA . -7.71 17.21 16.15
C40 PCW UA . -7.83 16.24 15.24
C41 PCW UA . -7.88 16.49 13.75
C42 PCW UA . -9.24 15.86 13.18
C43 PCW UA . -10.44 16.77 13.01
C44 PCW UA . -11.57 15.91 12.47
C45 PCW UA . -12.88 16.64 12.27
C46 PCW UA . -13.13 17.03 10.83
C47 PCW UA . -14.09 16.17 10.05
C48 PCW UA . -14.26 16.68 8.62
N PCW UA . -1.62 33.56 20.68
O2 PCW UA . -3.86 26.55 16.63
O3 PCW UA . -5.48 27.90 14.69
O11 PCW UA . -5.86 29.58 13.21
O31 PCW UA . -5.20 26.42 18.53
O1P PCW UA . -4.18 28.94 19.81
O2P PCW UA . -2.19 28.01 21.02
O3P PCW UA . -2.22 28.09 18.44
O4P PCW UA . -1.93 30.07 19.82
P PCW UA . -2.69 28.76 19.83
C1 PCW VA . 15.81 17.04 27.63
C2 PCW VA . 16.98 16.41 26.78
C3 PCW VA . 16.90 16.90 25.28
C4 PCW VA . 13.62 14.74 29.87
C5 PCW VA . 12.45 14.21 29.02
C6 PCW VA . 13.28 13.91 26.63
C7 PCW VA . 12.00 12.14 27.74
C8 PCW VA . 11.42 13.84 27.30
C11 PCW VA . 17.90 15.00 24.20
C12 PCW VA . 19.13 14.63 23.41
C13 PCW VA . 20.38 14.78 24.35
C14 PCW VA . 21.72 14.45 23.70
C15 PCW VA . 22.19 12.96 23.82
C16 PCW VA . 23.49 12.72 23.00
C17 PCW VA . 23.57 11.42 22.11
C18 PCW VA . 24.21 10.23 22.83
C19 PCW VA . 23.74 8.87 22.28
C20 PCW VA . 24.58 8.02 21.58
C21 PCW VA . 26.01 8.13 21.18
C22 PCW VA . 26.03 8.73 19.75
C23 PCW VA . 27.41 9.05 19.14
C24 PCW VA . 27.44 9.42 17.69
C25 PCW VA . 28.57 8.91 16.74
C26 PCW VA . 28.19 7.79 15.79
C27 PCW VA . 29.36 7.00 15.15
C28 PCW VA . 28.80 5.88 14.29
C31 PCW VA . 18.94 15.92 28.02
C32 PCW VA . 20.25 16.52 28.51
C33 PCW VA . 21.48 16.42 27.48
C34 PCW VA . 21.82 17.76 26.83
C35 PCW VA . 23.06 17.46 25.89
C36 PCW VA . 23.25 18.54 24.80
C37 PCW VA . 24.47 18.30 23.85
C38 PCW VA . 25.76 18.71 24.48
C39 PCW VA . 26.95 18.48 23.58
C40 PCW VA . 27.86 17.51 23.68
C41 PCW VA . 27.85 16.43 24.75
C42 PCW VA . 29.32 15.80 24.82
C43 PCW VA . 29.50 14.49 25.58
C44 PCW VA . 30.98 14.13 25.49
C45 PCW VA . 31.36 13.30 24.29
C46 PCW VA . 32.38 12.24 24.60
C47 PCW VA . 33.55 12.14 23.65
C48 PCW VA . 34.52 11.03 24.07
N PCW VA . 12.72 13.39 27.89
O2 PCW VA . 18.30 16.86 27.32
O3 PCW VA . 17.97 16.33 24.53
O11 PCW VA . 17.00 14.25 24.49
O31 PCW VA . 18.53 14.74 28.24
O1P PCW VA . 15.37 16.51 31.36
O2P PCW VA . 14.11 18.28 30.16
O3P PCW VA . 16.12 17.14 29.02
O4P PCW VA . 13.96 16.03 29.33
P PCW VA . 14.87 17.03 30.03
C1 PCW WA . 10.08 4.36 37.91
C2 PCW WA . 8.93 3.66 37.05
C3 PCW WA . 7.53 3.87 37.72
C4 PCW WA . 11.37 4.19 41.40
C5 PCW WA . 11.13 3.09 42.42
C6 PCW WA . 12.35 2.68 44.62
C7 PCW WA . 10.23 3.91 44.59
C8 PCW WA . 10.52 2.14 44.12
C11 PCW WA . 5.62 2.42 37.58
C12 PCW WA . 4.64 1.87 36.58
C13 PCW WA . 3.26 2.58 36.83
C14 PCW WA . 2.13 2.14 35.90
C15 PCW WA . 1.45 0.78 36.25
C16 PCW WA . 0.78 0.84 37.66
C17 PCW WA . 0.12 -0.48 38.19
C18 PCW WA . 1.05 -1.33 39.07
C19 PCW WA . 0.29 -2.31 39.98
C20 PCW WA . 0.54 -3.67 39.99
C21 PCW WA . 1.48 -4.53 39.23
C22 PCW WA . 1.71 -5.81 40.06
C23 PCW WA . 2.43 -7.00 39.37
C24 PCW WA . 1.64 -8.27 39.23
C25 PCW WA . 0.45 -8.39 38.23
C26 PCW WA . 0.64 -9.34 37.07
C27 PCW WA . -0.52 -10.29 36.72
C28 PCW WA . -0.53 -10.59 35.24
C31 PCW WA . 9.40 3.55 34.73
C32 PCW WA . 9.27 4.32 33.40
C33 PCW WA . 10.64 4.55 32.61
C34 PCW WA . 10.46 5.28 31.28
C35 PCW WA . 11.69 4.84 30.38
C36 PCW WA . 11.27 4.49 28.94
C37 PCW WA . 12.43 4.05 27.99
C38 PCW WA . 11.92 3.40 26.75
C39 PCW WA . 13.02 2.97 25.81
C40 PCW WA . 12.94 2.06 24.84
C41 PCW WA . 11.68 1.31 24.48
C42 PCW WA . 11.79 -0.16 25.10
C43 PCW WA . 11.35 -1.34 24.26
C44 PCW WA . 11.55 -2.59 25.10
C45 PCW WA . 10.82 -3.82 24.63
C46 PCW WA . 11.74 -4.92 24.16
C47 PCW WA . 11.09 -6.05 23.37
C48 PCW WA . 12.13 -7.09 22.96
N PCW WA . 11.32 3.36 43.81
O2 PCW WA . 8.87 4.30 35.69
O3 PCW WA . 6.51 3.23 36.94
O11 PCW WA . 5.63 2.18 38.76
O31 PCW WA . 9.94 2.42 34.87
O1P PCW WA . 10.09 6.72 40.79
O2P PCW WA . 8.06 5.28 40.56
O3P PCW WA . 9.68 5.58 38.56
O4P PCW WA . 10.21 4.22 40.54
P PCW WA . 9.47 5.50 40.17
C1 PCW XA . 16.93 6.51 35.67
C2 PCW XA . 18.19 5.62 35.27
C3 PCW XA . 18.44 4.54 36.38
C4 PCW XA . 18.06 10.42 32.97
C5 PCW XA . 18.55 10.19 31.54
C6 PCW XA . 20.02 10.52 29.67
C7 PCW XA . 20.87 10.76 31.84
C8 PCW XA . 19.50 12.42 31.05
C11 PCW XA . 20.60 3.63 36.89
C12 PCW XA . 21.68 2.77 36.29
C13 PCW XA . 21.72 1.40 37.08
C14 PCW XA . 22.77 0.40 36.59
C15 PCW XA . 22.54 -1.08 37.01
C16 PCW XA . 23.42 -2.05 36.14
C17 PCW XA . 22.68 -2.89 35.04
C18 PCW XA . 22.38 -4.33 35.47
C19 PCW XA . 22.63 -5.35 34.34
C20 PCW XA . 22.28 -6.69 34.46
C21 PCW XA . 21.64 -7.46 35.57
C22 PCW XA . 21.85 -8.96 35.23
C23 PCW XA . 23.03 -9.71 35.90
C24 PCW XA . 24.13 -10.19 35.01
C25 PCW XA . 24.90 -9.21 34.08
C26 PCW XA . 26.35 -8.95 34.43
C27 PCW XA . 27.39 -9.05 33.29
C28 PCW XA . 28.50 -8.04 33.52
C31 PCW XA . 18.42 5.51 32.92
C32 PCW XA . 18.06 4.64 31.69
C33 PCW XA . 16.57 4.84 31.14
C34 PCW XA . 16.12 3.71 30.21
C35 PCW XA . 15.53 2.59 31.17
C36 PCW XA . 14.25 1.94 30.60
C37 PCW XA . 13.61 0.83 31.50
C38 PCW XA . 13.61 -0.50 30.82
C39 PCW XA . 13.01 -1.60 31.65
C40 PCW XA . 12.84 -2.87 31.31
C41 PCW XA . 13.23 -3.44 29.96
C42 PCW XA . 13.96 -4.85 30.21
C43 PCW XA . 15.30 -5.09 29.55
C44 PCW XA . 15.75 -6.49 29.96
C45 PCW XA . 16.23 -7.37 28.84
C46 PCW XA . 15.93 -8.83 29.04
C47 PCW XA . 15.71 -9.65 27.79
C48 PCW XA . 15.41 -11.11 28.14
N PCW XA . 19.68 10.93 31.05
O2 PCW XA . 17.92 4.90 34.00
O3 PCW XA . 19.58 3.75 36.00
O11 PCW XA . 20.62 4.13 37.99
O31 PCW XA . 19.07 6.58 32.90
O1P PCW XA . 16.96 10.05 35.62
O2P PCW XA . 18.92 8.55 35.91
O3P PCW XA . 16.75 7.67 34.82
O4P PCW XA . 18.29 9.17 33.68
P PCW XA . 17.75 8.90 35.07
C1 PCW YA . 21.45 40.75 -10.74
C2 PCW YA . 20.83 39.72 -11.77
C3 PCW YA . 20.80 40.36 -13.19
C4 PCW YA . 18.09 39.63 -8.70
C5 PCW YA . 16.82 40.48 -8.51
C6 PCW YA . 14.62 40.93 -7.64
C7 PCW YA . 15.84 39.14 -6.78
C8 PCW YA . 14.97 38.89 -8.87
C11 PCW YA . 19.03 39.73 -14.70
C12 PCW YA . 18.62 38.63 -15.63
C13 PCW YA . 17.84 37.55 -14.80
C14 PCW YA . 17.34 36.35 -15.60
C15 PCW YA . 15.80 36.16 -15.65
C16 PCW YA . 15.32 35.16 -14.53
C17 PCW YA . 14.33 34.03 -14.96
C18 PCW YA . 12.86 34.39 -14.74
C19 PCW YA . 12.20 35.00 -16.01
C20 PCW YA . 11.61 34.20 -16.99
C21 PCW YA . 11.43 32.74 -17.13
C22 PCW YA . 12.64 32.22 -17.95
C23 PCW YA . 13.42 30.99 -17.40
C24 PCW YA . 13.38 29.75 -18.22
C25 PCW YA . 12.32 28.63 -17.96
C26 PCW YA . 11.12 28.61 -18.88
C27 PCW YA . 11.25 27.83 -20.20
C28 PCW YA . 11.22 28.78 -21.37
C31 PCW YA . 21.34 37.55 -10.97
C32 PCW YA . 22.30 36.37 -11.15
C33 PCW YA . 22.45 35.83 -12.65
C34 PCW YA . 23.76 35.10 -12.92
C35 PCW YA . 23.52 34.25 -14.23
C36 PCW YA . 23.95 32.77 -14.06
C37 PCW YA . 23.73 31.86 -15.31
C38 PCW YA . 23.12 30.54 -14.95
C39 PCW YA . 22.90 29.65 -16.15
C40 PCW YA . 21.79 28.99 -16.45
C41 PCW YA . 20.52 29.03 -15.62
C42 PCW YA . 19.35 28.35 -16.46
C43 PCW YA . 18.24 29.23 -17.00
C44 PCW YA . 17.27 28.31 -17.75
C45 PCW YA . 17.36 28.41 -19.26
C46 PCW YA . 18.14 27.28 -19.88
C47 PCW YA . 19.31 27.67 -20.74
C48 PCW YA . 20.02 26.44 -21.31
N PCW YA . 15.62 39.89 -7.98
O2 PCW YA . 21.68 38.51 -11.83
O3 PCW YA . 20.23 39.42 -14.13
O11 PCW YA . 18.41 40.74 -14.49
O31 PCW YA . 20.39 37.60 -10.14
O1P PCW YA . 20.49 39.93 -7.11
O2P PCW YA . 20.51 42.22 -8.12
O3P PCW YA . 21.53 40.23 -9.39
O4P PCW YA . 19.13 40.54 -9.13
P PCW YA . 20.42 40.76 -8.36
C1 PCW ZA . 34.61 4.57 24.46
C2 PCW ZA . 33.07 4.31 24.74
C3 PCW ZA . 32.22 4.84 23.53
C4 PCW ZA . 37.42 7.80 26.83
C5 PCW ZA . 37.45 8.40 28.24
C6 PCW ZA . 39.71 9.56 28.31
C7 PCW ZA . 37.76 10.56 29.41
C8 PCW ZA . 38.61 8.97 29.82
C11 PCW ZA . 30.11 5.57 24.41
C12 PCW ZA . 28.67 5.14 24.55
C13 PCW ZA . 28.17 5.50 26.00
C14 PCW ZA . 26.72 5.12 26.29
C15 PCW ZA . 26.14 5.66 27.62
C16 PCW ZA . 24.62 5.28 27.76
C17 PCW ZA . 24.26 4.03 28.61
C18 PCW ZA . 24.37 2.70 27.85
C19 PCW ZA . 23.16 1.78 28.06
C20 PCW ZA . 22.14 1.67 27.13
C21 PCW ZA . 21.89 2.33 25.82
C22 PCW ZA . 22.32 1.31 24.73
C23 PCW ZA . 23.27 1.82 23.61
C24 PCW ZA . 22.85 1.53 22.20
C25 PCW ZA . 23.72 2.01 21.00
C26 PCW ZA . 24.78 1.05 20.50
C27 PCW ZA . 24.37 -0.01 19.44
C28 PCW ZA . 25.10 0.24 18.15
C31 PCW ZA . 32.36 2.47 26.04
C32 PCW ZA . 32.16 0.93 26.01
C33 PCW ZA . 31.65 0.33 24.62
C34 PCW ZA . 32.26 -1.03 24.30
C35 PCW ZA . 32.52 -1.03 22.74
C36 PCW ZA . 33.25 -2.30 22.25
C37 PCW ZA . 33.54 -2.36 20.72
C38 PCW ZA . 33.25 -3.72 20.15
C39 PCW ZA . 33.53 -3.81 18.67
C40 PCW ZA . 32.85 -4.53 17.78
C41 PCW ZA . 31.66 -5.41 18.13
C42 PCW ZA . 31.95 -6.87 17.54
C43 PCW ZA . 32.34 -7.97 18.50
C44 PCW ZA . 32.54 -9.24 17.67
C45 PCW ZA . 33.92 -9.41 17.09
C46 PCW ZA . 34.95 -9.86 18.09
C47 PCW ZA . 35.57 -11.22 17.85
C48 PCW ZA . 36.59 -11.56 18.94
N PCW ZA . 38.25 9.55 28.49
O2 PCW ZA . 32.83 2.84 24.85
O3 PCW ZA . 30.82 4.61 23.78
O11 PCW ZA . 30.55 6.62 24.80
O31 PCW ZA . 32.13 3.22 27.03
O1P PCW ZA . 36.56 6.98 24.17
O2P PCW ZA . 34.30 7.58 25.05
O3P PCW ZA . 35.29 5.26 25.52
O4P PCW ZA . 36.07 7.28 26.63
P PCW ZA . 35.55 6.83 25.27
C1 PCW AB . 42.53 21.21 6.61
C2 PCW AB . 42.84 19.73 6.16
C3 PCW AB . 42.29 18.70 7.22
C4 PCW AB . 39.01 24.30 6.25
C5 PCW AB . 37.71 24.24 5.47
C6 PCW AB . 35.42 24.82 5.01
C7 PCW AB . 36.65 26.12 6.51
C8 PCW AB . 35.99 24.06 7.23
C11 PCW AB . 43.73 16.78 7.25
C12 PCW AB . 43.83 15.38 6.68
C13 PCW AB . 44.75 15.46 5.40
C14 PCW AB . 44.97 14.12 4.69
C15 PCW AB . 46.15 13.25 5.23
C16 PCW AB . 47.44 13.45 4.35
C17 PCW AB . 48.81 13.03 5.00
C18 PCW AB . 49.88 12.70 3.96
C19 PCW AB . 51.26 12.39 4.59
C20 PCW AB . 51.74 11.10 4.75
C21 PCW AB . 51.16 9.78 4.40
C22 PCW AB . 50.71 9.13 5.75
C23 PCW AB . 51.25 7.72 6.07
C24 PCW AB . 50.67 6.57 5.29
C25 PCW AB . 51.59 5.48 4.67
C26 PCW AB . 51.79 5.56 3.16
C27 PCW AB . 50.95 4.62 2.27
C28 PCW AB . 51.38 4.74 0.83
C31 PCW AB . 42.89 19.73 3.80
C32 PCW AB . 42.06 19.37 2.55
C33 PCW AB . 41.80 17.81 2.33
C34 PCW AB . 43.08 16.96 2.38
C35 PCW AB . 43.90 17.35 1.07
C36 PCW AB . 44.29 16.12 0.24
C37 PCW AB . 45.11 16.43 -1.06
C38 PCW AB . 45.11 15.27 -2.00
C39 PCW AB . 45.90 15.56 -3.26
C40 PCW AB . 45.45 15.49 -4.51
C41 PCW AB . 44.04 15.09 -4.91
C42 PCW AB . 44.01 14.84 -6.48
C43 PCW AB . 42.65 14.65 -7.15
C44 PCW AB . 42.93 14.44 -8.63
C45 PCW AB . 42.47 13.12 -9.19
C46 PCW AB . 43.31 11.94 -8.74
C47 PCW AB . 44.37 11.47 -9.70
C48 PCW AB . 45.14 10.28 -9.13
N PCW AB . 36.50 24.78 6.02
O2 PCW AB . 42.16 19.43 4.87
O3 PCW AB . 42.59 17.37 6.79
O11 PCW AB . 44.52 17.28 7.99
O31 PCW AB . 44.04 20.25 3.80
O1P PCW AB . 41.70 23.87 7.28
O2P PCW AB . 42.31 24.12 4.87
O3P PCW AB . 41.52 21.85 5.79
O4P PCW AB . 40.03 23.71 5.40
P PCW AB . 41.45 23.45 5.86
C1 PCW BB . -2.23 7.93 36.74
C2 PCW BB . -2.63 7.02 35.50
C3 PCW BB . -3.90 6.18 35.84
C4 PCW BB . 0.03 10.68 37.58
C5 PCW BB . 0.74 10.41 38.90
C6 PCW BB . 2.12 12.55 38.68
C7 PCW BB . 2.47 11.04 40.57
C8 PCW BB . 2.77 10.69 38.80
C11 PCW BB . -5.45 4.72 34.74
C12 PCW BB . -5.63 3.92 33.47
C13 PCW BB . -5.08 2.48 33.71
C14 PCW BB . -5.18 1.53 32.51
C15 PCW BB . -5.11 0.01 32.84
C16 PCW BB . -6.40 -0.46 33.59
C17 PCW BB . -7.60 -0.99 32.73
C18 PCW BB . -7.42 -2.44 32.27
C19 PCW BB . -8.26 -3.43 33.09
C20 PCW BB . -8.17 -4.80 32.93
C21 PCW BB . -7.34 -5.64 32.04
C22 PCW BB . -7.97 -7.08 32.05
C23 PCW BB . -8.76 -7.53 30.80
C24 PCW BB . -9.61 -8.75 30.93
C25 PCW BB . -9.30 -10.04 30.13
C26 PCW BB . -9.91 -10.14 28.74
C27 PCW BB . -11.29 -10.82 28.61
C28 PCW BB . -11.37 -11.62 27.33
C31 PCW BB . -2.31 7.53 33.21
C32 PCW BB . -2.74 8.49 32.10
C33 PCW BB . -3.63 7.85 30.93
C34 PCW BB . -3.20 8.29 29.53
C35 PCW BB . -2.18 7.18 29.04
C36 PCW BB . -0.92 7.78 28.37
C37 PCW BB . 0.12 6.74 27.85
C38 PCW BB . 0.94 7.27 26.72
C39 PCW BB . 1.95 6.27 26.22
C40 PCW BB . 2.18 5.93 24.95
C41 PCW BB . 1.43 6.52 23.76
C42 PCW BB . 1.26 5.37 22.66
C43 PCW BB . 2.33 5.24 21.58
C44 PCW BB . 1.91 4.07 20.70
C45 PCW BB . 2.86 2.90 20.70
C46 PCW BB . 2.21 1.60 21.08
C47 PCW BB . 2.37 1.17 22.54
C48 PCW BB . 1.67 -0.18 22.79
N PCW BB . 1.63 11.38 39.45
O2 PCW BB . -2.95 7.88 34.33
O3 PCW BB . -4.26 5.37 34.71
O11 PCW BB . -6.24 4.75 35.65
O31 PCW BB . -1.48 6.58 33.08
O1P PCW BB . -1.84 10.56 35.35
O2P PCW BB . -3.38 11.61 36.98
O3P PCW BB . -3.10 9.06 36.94
O4P PCW BB . -1.39 10.58 37.83
P PCW BB . -2.43 10.51 36.72
C1 PCW CB . 6.00 32.43 4.58
C2 PCW CB . 6.25 30.99 3.96
C3 PCW CB . 7.37 31.08 2.87
C4 PCW CB . 9.21 34.73 7.05
C5 PCW CB . 10.31 33.68 7.08
C6 PCW CB . 12.02 34.04 5.23
C7 PCW CB . 12.75 33.85 7.56
C8 PCW CB . 11.93 32.56 6.52
C11 PCW CB . 8.83 29.22 2.47
C12 PCW CB . 8.86 27.87 1.80
C13 PCW CB . 9.21 28.08 0.28
C14 PCW CB . 9.29 26.80 -0.55
C15 PCW CB . 8.95 26.96 -2.07
C16 PCW CB . 9.16 25.61 -2.83
C17 PCW CB . 7.97 24.58 -2.83
C18 PCW CB . 8.23 23.37 -1.92
C19 PCW CB . 8.96 22.22 -2.65
C20 PCW CB . 8.42 20.93 -2.76
C21 PCW CB . 7.16 20.34 -2.27
C22 PCW CB . 6.64 19.41 -3.40
C23 PCW CB . 5.15 19.55 -3.81
C24 PCW CB . 4.54 18.38 -4.52
C25 PCW CB . 3.96 18.51 -5.96
C26 PCW CB . 2.69 17.75 -6.27
C27 PCW CB . 1.34 18.47 -6.08
C28 PCW CB . 0.22 17.60 -6.59
C31 PCW CB . 5.76 29.57 5.80
C32 PCW CB . 6.40 28.62 6.83
C33 PCW CB . 5.74 27.16 6.91
C34 PCW CB . 4.36 27.16 7.57
C35 PCW CB . 3.35 26.76 6.41
C36 PCW CB . 2.55 25.47 6.72
C37 PCW CB . 1.54 25.03 5.62
C38 PCW CB . 2.08 23.91 4.79
C39 PCW CB . 1.10 23.47 3.72
C40 PCW CB . 0.74 22.22 3.45
C41 PCW CB . 1.26 21.00 4.19
C42 PCW CB . 1.12 19.74 3.23
C43 PCW CB . -0.08 18.83 3.39
C44 PCW CB . 0.04 17.72 2.36
C45 PCW CB . -0.97 17.78 1.24
C46 PCW CB . -0.39 17.42 -0.11
C47 PCW CB . -0.38 18.52 -1.15
C48 PCW CB . 0.22 18.02 -2.47
N PCW CB . 11.63 34.02 6.65
O2 PCW CB . 6.73 30.05 5.01
O3 PCW CB . 7.60 29.77 2.30
O11 PCW CB . 9.74 29.73 3.05
O31 PCW CB . 4.53 29.85 5.72
O1P PCW CB . 7.00 34.99 5.18
O2P PCW CB . 5.61 34.57 7.20
O3P PCW CB . 6.61 32.61 5.88
O4P PCW CB . 7.95 34.04 7.30
P PCW CB . 6.75 34.12 6.38
C1 PCW DB . -7.77 23.03 24.57
C2 PCW DB . -7.10 21.60 24.58
C3 PCW DB . -8.00 20.59 25.37
C4 PCW DB . -4.02 23.45 25.72
C5 PCW DB . -2.87 23.54 26.73
C6 PCW DB . -1.74 21.46 27.65
C7 PCW DB . -0.56 22.91 26.07
C8 PCW DB . -1.13 23.32 27.78
C11 PCW DB . -6.44 19.01 26.30
C12 PCW DB . -5.94 17.60 26.11
C13 PCW DB . -7.12 16.61 26.47
C14 PCW DB . -6.78 15.12 26.32
C15 PCW DB . -7.50 14.36 25.17
C16 PCW DB . -7.92 12.93 25.62
C17 PCW DB . -8.31 11.89 24.50
C18 PCW DB . -9.76 11.45 24.57
C19 PCW DB . -9.99 10.01 24.05
C20 PCW DB . -10.94 9.70 23.08
C21 PCW DB . -11.93 10.53 22.35
C22 PCW DB . -12.75 9.56 21.45
C23 PCW DB . -14.28 9.73 21.44
C24 PCW DB . -15.07 8.76 22.28
C25 PCW DB . -16.62 8.88 22.41
C26 PCW DB . -17.45 7.91 21.60
C27 PCW DB . -18.78 7.42 22.20
C28 PCW DB . -19.90 7.59 21.20
C31 PCW DB . -5.77 20.78 22.79
C32 PCW DB . -5.82 20.27 21.35
C33 PCW DB . -6.50 18.82 21.17
C34 PCW DB . -5.54 17.78 20.59
C35 PCW DB . -5.76 16.47 21.45
C36 PCW DB . -5.77 15.19 20.59
C37 PCW DB . -5.99 13.86 21.38
C38 PCW DB . -4.93 12.85 21.06
C39 PCW DB . -5.12 11.55 21.81
C40 PCW DB . -5.38 10.36 21.29
C41 PCW DB . -5.55 10.09 19.80
C42 PCW DB . -4.70 8.80 19.43
C43 PCW DB . -4.63 8.37 17.97
C44 PCW DB . -3.77 7.11 17.91
C45 PCW DB . -4.50 5.85 17.52
C46 PCW DB . -4.22 5.41 16.11
C47 PCW DB . -5.01 4.21 15.62
C48 PCW DB . -4.63 3.86 14.18
N PCW DB . -1.83 22.58 26.69
O2 PCW DB . -7.00 21.08 23.17
O3 PCW DB . -7.40 19.29 25.37
O11 PCW DB . -6.06 19.77 27.15
O31 PCW DB . -4.71 20.89 23.50
O1P PCW DB . -5.99 25.21 24.48
O2P PCW DB . -6.48 25.84 26.84
O3P PCW DB . -7.59 23.77 25.80
O4P PCW DB . -5.23 23.82 26.44
P PCW DB . -6.30 24.73 25.87
C1 PCW EB . 21.11 34.67 -3.50
C2 PCW EB . 20.34 34.27 -4.83
C3 PCW EB . 20.56 35.35 -5.94
C4 PCW EB . 24.28 33.15 -4.17
C5 PCW EB . 25.11 31.99 -4.72
C6 PCW EB . 26.95 33.42 -5.76
C7 PCW EB . 27.36 31.07 -5.22
C8 PCW EB . 26.17 31.76 -6.46
C11 PCW EB . 20.59 34.64 -8.23
C12 PCW EB . 19.66 34.27 -9.35
C13 PCW EB . 20.35 33.15 -10.23
C14 PCW EB . 19.52 32.66 -11.42
C15 PCW EB . 20.16 32.84 -12.82
C16 PCW EB . 19.13 33.44 -13.84
C17 PCW EB . 18.97 32.72 -15.22
C18 PCW EB . 20.15 32.97 -16.16
C19 PCW EB . 19.90 34.15 -17.14
C20 PCW EB . 20.93 34.84 -17.73
C21 PCW EB . 22.40 34.70 -17.67
C22 PCW EB . 22.89 34.36 -19.10
C23 PCW EB . 23.78 33.10 -19.27
C24 PCW EB . 23.70 32.39 -20.59
C25 PCW EB . 24.22 30.94 -20.76
C26 PCW EB . 25.31 30.72 -21.80
C27 PCW EB . 25.73 29.26 -22.12
C28 PCW EB . 25.79 29.06 -23.61
C31 PCW EB . 20.02 31.98 -5.30
C32 PCW EB . 20.70 30.72 -5.87
C33 PCW EB . 21.11 30.80 -7.41
C34 PCW EB . 22.62 30.97 -7.63
C35 PCW EB . 22.91 30.34 -9.06
C36 PCW EB . 24.19 30.91 -9.71
C37 PCW EB . 24.54 30.34 -11.11
C38 PCW EB . 26.00 30.07 -11.28
C39 PCW EB . 26.35 29.52 -12.63
C40 PCW EB . 26.99 30.15 -13.61
C41 PCW EB . 27.48 31.58 -13.52
C42 PCW EB . 28.20 31.95 -14.90
C43 PCW EB . 27.41 32.72 -15.95
C44 PCW EB . 28.33 32.93 -17.14
C45 PCW EB . 27.83 32.39 -18.45
C46 PCW EB . 28.46 33.03 -19.65
C47 PCW EB . 29.49 32.20 -20.40
C48 PCW EB . 30.04 32.98 -21.61
N PCW EB . 26.48 32.21 -5.07
O2 PCW EB . 20.88 32.98 -5.36
O3 PCW EB . 19.86 34.97 -7.13
O11 PCW EB . 21.79 34.65 -8.28
O31 PCW EB . 18.83 32.02 -4.85
O1P PCW EB . 23.42 34.16 -1.57
O2P PCW EB . 22.54 31.83 -1.31
O3P PCW EB . 21.15 33.61 -2.52
O4P PCW EB . 23.12 32.58 -3.51
P PCW EB . 22.61 33.04 -2.16
C1 PCW FB . -10.99 23.67 18.08
C2 PCW FB . -12.34 23.77 17.26
C3 PCW FB . -12.79 22.35 16.77
C4 PCW FB . -8.84 27.67 19.98
C5 PCW FB . -7.34 27.82 20.23
C6 PCW FB . -6.38 29.19 21.97
C7 PCW FB . -5.67 26.98 21.73
C8 PCW FB . -7.75 27.32 22.62
C11 PCW FB . -13.94 22.55 14.67
C12 PCW FB . -15.33 22.66 14.10
C13 PCW FB . -15.93 21.21 13.98
C14 PCW FB . -17.35 21.14 13.41
C15 PCW FB . -18.49 21.14 14.46
C16 PCW FB . -19.89 21.02 13.76
C17 PCW FB . -20.63 19.64 13.88
C18 PCW FB . -21.08 19.06 12.54
C19 PCW FB . -21.12 17.51 12.55
C20 PCW FB . -20.39 16.74 11.65
C21 PCW FB . -19.47 17.10 10.56
C22 PCW FB . -19.11 15.77 9.82
C23 PCW FB . -18.22 15.87 8.55
C24 PCW FB . -18.05 14.62 7.75
C25 PCW FB . -16.97 14.52 6.62
C26 PCW FB . -15.96 13.40 6.74
C27 PCW FB . -14.52 13.67 6.29
C28 PCW FB . -13.99 12.48 5.53
C31 PCW FB . -13.74 23.62 19.22
C32 PCW FB . -14.87 24.35 19.96
C33 PCW FB . -16.33 24.24 19.28
C34 PCW FB . -16.68 22.83 18.81
C35 PCW FB . -17.75 22.29 19.84
C36 PCW FB . -18.99 21.69 19.14
C37 PCW FB . -20.09 21.14 20.09
C38 PCW FB . -20.74 19.91 19.54
C39 PCW FB . -21.81 19.35 20.45
C40 PCW FB . -22.89 18.67 20.10
C41 PCW FB . -23.26 18.33 18.66
C42 PCW FB . -22.83 16.83 18.38
C43 PCW FB . -23.55 16.05 17.29
C44 PCW FB . -22.93 14.65 17.26
C45 PCW FB . -22.26 14.28 15.96
C46 PCW FB . -20.76 14.29 16.01
C47 PCW FB . -20.04 13.33 15.09
C48 PCW FB . -18.52 13.45 15.26
N PCW FB . -6.82 27.83 21.57
O2 PCW FB . -13.43 24.33 18.12
O3 PCW FB . -14.03 22.47 16.03
O11 PCW FB . -12.93 22.53 14.03
O31 PCW FB . -13.21 22.53 19.58
O1P PCW FB . -11.54 26.72 19.49
O2P PCW FB . -10.74 24.74 20.74
O3P PCW FB . -10.30 24.93 18.22
O4P PCW FB . -9.10 26.25 19.88
P PCW FB . -10.49 25.67 19.63
C1 PCW GB . -3.80 12.75 30.27
C2 PCW GB . -5.00 11.72 30.44
C3 PCW GB . -5.01 11.14 31.90
C4 PCW GB . -4.73 14.49 33.34
C5 PCW GB . -5.89 14.96 34.23
C6 PCW GB . -4.59 16.51 35.77
C7 PCW GB . -6.97 16.89 35.36
C8 PCW GB . -6.18 15.45 36.20
C11 PCW GB . -6.51 9.87 33.27
C12 PCW GB . -7.66 8.90 33.17
C13 PCW GB . -8.96 9.65 33.62
C14 PCW GB . -10.23 8.80 33.57
C15 PCW GB . -11.57 9.59 33.58
C16 PCW GB . -12.05 9.89 32.11
C17 PCW GB . -13.42 9.31 31.66
C18 PCW GB . -13.47 7.78 31.69
C19 PCW GB . -13.13 7.13 30.32
C20 PCW GB . -11.95 6.45 30.10
C21 PCW GB . -10.80 6.13 30.97
C22 PCW GB . -10.46 4.63 30.76
C23 PCW GB . -8.97 4.21 30.75
C24 PCW GB . -8.66 2.77 30.96
C25 PCW GB . -8.46 1.81 29.74
C26 PCW GB . -9.27 0.54 29.73
C27 PCW GB . -9.25 -0.33 28.46
C28 PCW GB . -8.94 -1.77 28.81
C31 PCW GB . -7.16 11.73 29.45
C32 PCW GB . -8.44 12.57 29.32
C33 PCW GB . -9.81 11.73 29.29
C34 PCW GB . -10.74 12.15 28.15
C35 PCW GB . -12.20 12.04 28.73
C36 PCW GB . -13.10 11.09 27.90
C37 PCW GB . -14.56 10.92 28.41
C38 PCW GB . -15.44 10.25 27.41
C39 PCW GB . -16.86 10.08 27.89
C40 PCW GB . -17.83 9.39 27.29
C41 PCW GB . -17.67 8.64 25.97
C42 PCW GB . -17.15 7.16 26.29
C43 PCW GB . -15.77 6.77 25.82
C44 PCW GB . -15.55 5.33 26.26
C45 PCW GB . -14.26 4.71 25.78
C46 PCW GB . -13.53 3.96 26.85
C47 PCW GB . -13.13 2.54 26.52
C48 PCW GB . -12.39 1.88 27.71
N PCW GB . -5.77 16.18 34.96
O2 PCW GB . -6.30 12.41 30.22
O3 PCW GB . -6.10 10.21 32.03
O11 PCW GB . -6.04 10.29 34.30
O31 PCW GB . -6.96 10.59 28.93
O1P PCW GB . -2.67 15.25 31.44
O2P PCW GB . -4.53 16.55 30.41
O3P PCW GB . -4.21 14.06 29.83
O4P PCW GB . -5.10 14.83 31.98
P PCW GB . -4.08 15.24 30.92
C1 PCW HB . 31.85 5.14 32.49
C2 PCW HB . 32.03 3.99 31.41
C3 PCW HB . 33.33 3.18 31.70
C4 PCW HB . 30.53 7.52 29.94
C5 PCW HB . 30.67 7.70 28.42
C6 PCW HB . 29.66 9.12 26.55
C7 PCW HB . 31.18 10.11 28.18
C8 PCW HB . 31.56 8.80 26.95
C11 PCW HB . 34.22 1.05 31.05
C12 PCW HB . 34.25 0.10 29.89
C13 PCW HB . 32.94 -0.76 29.92
C14 PCW HB . 32.81 -1.78 28.79
C15 PCW HB . 31.46 -2.53 28.69
C16 PCW HB . 31.68 -4.06 28.48
C17 PCW HB . 31.34 -4.65 27.07
C18 PCW HB . 31.71 -6.13 26.92
C19 PCW HB . 30.51 -7.08 27.12
C20 PCW HB . 30.39 -8.28 26.44
C21 PCW HB . 31.27 -8.95 25.44
C22 PCW HB . 31.67 -10.33 26.05
C23 PCW HB . 31.96 -11.50 25.08
C24 PCW HB . 31.78 -12.89 25.61
C25 PCW HB . 31.62 -14.12 24.67
C26 PCW HB . 30.31 -14.85 24.73
C27 PCW HB . 29.19 -14.40 23.75
C28 PCW HB . 28.41 -15.60 23.27
C31 PCW HB . 29.76 3.49 30.90
C32 PCW HB . 28.68 2.41 31.04
C33 PCW HB . 27.64 2.30 29.82
C34 PCW HB . 27.83 1.05 28.98
C35 PCW HB . 28.48 1.56 27.62
C36 PCW HB . 27.66 1.17 26.37
C37 PCW HB . 28.26 1.64 25.01
C38 PCW HB . 27.32 1.40 23.87
C39 PCW HB . 27.88 1.85 22.54
C40 PCW HB . 28.56 1.11 21.66
C41 PCW HB . 28.88 -0.35 21.83
C42 PCW HB . 29.35 -0.93 20.43
C43 PCW HB . 28.31 -1.58 19.53
C44 PCW HB . 29.05 -2.02 18.28
C45 PCW HB . 28.17 -2.64 17.21
C46 PCW HB . 28.92 -3.56 16.28
C47 PCW HB . 28.29 -4.92 16.04
C48 PCW HB . 29.15 -5.76 15.09
N PCW HB . 30.37 8.97 27.84
O2 PCW HB . 30.88 3.05 31.47
O3 PCW HB . 33.47 2.15 30.72
O11 PCW HB . 34.77 0.88 32.11
O31 PCW HB . 29.59 4.62 30.35
O1P PCW HB . 31.01 7.92 32.78
O2P PCW HB . 33.23 8.71 31.97
O3P PCW HB . 32.81 6.20 32.36
O4P PCW HB . 31.88 7.44 30.47
P PCW HB . 32.22 7.63 31.93
C1 PCW IB . 4.58 38.12 -5.45
C2 PCW IB . 3.40 37.62 -6.39
C3 PCW IB . 3.79 37.78 -7.90
C4 PCW IB . 4.43 42.54 -3.54
C5 PCW IB . 4.02 42.90 -2.11
C6 PCW IB . 4.23 45.18 -0.99
C7 PCW IB . 2.08 44.44 -1.93
C8 PCW IB . 3.02 43.71 -0.52
C11 PCW IB . 2.87 37.30 -10.07
C12 PCW IB . 1.62 36.79 -10.73
C13 PCW IB . 0.66 38.01 -10.97
C14 PCW IB . -0.68 37.68 -11.64
C15 PCW IB . -0.70 37.77 -13.20
C16 PCW IB . -2.03 37.17 -13.77
C17 PCW IB . -2.04 35.63 -14.10
C18 PCW IB . -1.27 35.28 -15.38
C19 PCW IB . -0.47 33.97 -15.26
C20 PCW IB . -0.59 32.94 -16.19
C21 PCW IB . -1.41 32.78 -17.41
C22 PCW IB . -0.52 33.24 -18.61
C23 PCW IB . -0.41 32.30 -19.83
C24 PCW IB . -1.08 32.74 -21.10
C25 PCW IB . -2.53 32.29 -21.44
C26 PCW IB . -2.68 31.27 -22.55
C27 PCW IB . -2.85 29.79 -22.13
C28 PCW IB . -4.23 29.30 -22.51
C31 PCW IB . 4.15 35.33 -6.33
C32 PCW IB . 3.64 33.91 -6.05
C33 PCW IB . 4.79 32.79 -5.88
C34 PCW IB . 5.45 32.41 -7.20
C35 PCW IB . 5.60 30.84 -7.15
C36 PCW IB . 6.05 30.24 -8.52
C37 PCW IB . 6.21 28.69 -8.55
C38 PCW IB . 7.16 28.26 -9.60
C39 PCW IB . 7.34 26.77 -9.65
C40 PCW IB . 7.00 25.96 -10.65
C41 PCW IB . 6.36 26.42 -11.94
C42 PCW IB . 4.98 25.64 -12.12
C43 PCW IB . 3.73 26.45 -12.41
C44 PCW IB . 2.58 25.47 -12.52
C45 PCW IB . 1.35 25.81 -11.72
C46 PCW IB . 1.54 25.65 -10.23
C47 PCW IB . 1.01 24.38 -9.62
C48 PCW IB . 1.26 24.35 -8.11
N PCW IB . 3.50 44.21 -1.83
O2 PCW IB . 3.11 36.17 -6.14
O3 PCW IB . 2.69 37.32 -8.71
O11 PCW IB . 3.86 37.63 -10.65
O31 PCW IB . 5.32 35.64 -6.70
O1P PCW IB . 3.24 41.48 -5.97
O2P PCW IB . 2.45 39.69 -4.43
O3P PCW IB . 4.80 39.55 -5.48
O4P PCW IB . 4.21 41.10 -3.68
P PCW IB . 3.60 40.47 -4.91
C1 PCW JB . -6.12 36.10 4.35
C2 PCW JB . -7.66 35.84 4.08
C3 PCW JB . -8.52 36.58 5.17
C4 PCW JB . -5.99 37.36 8.37
C5 PCW JB . -7.49 37.70 8.36
C6 PCW JB . -7.56 39.35 10.30
C7 PCW JB . -9.19 39.50 8.48
C8 PCW JB . -8.97 38.12 9.70
C11 PCW JB . -10.81 36.60 5.93
C12 PCW JB . -12.20 36.26 5.48
C13 PCW JB . -12.63 34.93 6.20
C14 PCW JB . -14.03 34.43 5.86
C15 PCW JB . -14.19 32.88 5.84
C16 PCW JB . -14.16 32.31 7.29
C17 PCW JB . -13.20 31.09 7.57
C18 PCW JB . -13.92 29.83 8.04
C19 PCW JB . -13.39 28.54 7.38
C20 PCW JB . -13.90 28.05 6.17
C21 PCW JB . -14.96 28.54 5.26
C22 PCW JB . -14.57 28.07 3.83
C23 PCW JB . -15.64 27.31 3.01
C24 PCW JB . -15.33 25.90 2.62
C25 PCW JB . -15.27 25.47 1.13
C26 PCW JB . -15.44 23.98 0.85
C27 PCW JB . -15.77 23.55 -0.59
C28 PCW JB . -15.87 22.05 -0.68
C31 PCW JB . -8.70 35.56 1.97
C32 PCW JB . -9.02 36.29 0.66
C33 PCW JB . -8.29 35.69 -0.64
C34 PCW JB . -6.77 35.73 -0.55
C35 PCW JB . -6.28 34.43 -1.29
C36 PCW JB . -4.96 33.88 -0.71
C37 PCW JB . -4.42 32.58 -1.39
C38 PCW JB . -5.19 31.37 -0.96
C39 PCW JB . -4.68 30.10 -1.59
C40 PCW JB . -5.41 29.03 -1.91
C41 PCW JB . -6.90 28.90 -1.66
C42 PCW JB . -7.23 27.36 -1.38
C43 PCW JB . -8.26 26.68 -2.24
C44 PCW JB . -8.37 25.24 -1.75
C45 PCW JB . -9.78 24.74 -1.59
C46 PCW JB . -9.94 23.28 -1.92
C47 PCW JB . -11.34 22.73 -1.88
C48 PCW JB . -11.37 21.23 -2.24
N PCW JB . -7.96 38.92 8.95
O2 PCW JB . -8.04 36.41 2.77
O3 PCW JB . -9.92 36.34 4.93
O11 PCW JB . -10.51 37.04 7.02
O31 PCW JB . -9.00 34.37 2.25
O1P PCW JB . -4.20 35.20 7.56
O2P PCW JB . -3.53 36.84 5.80
O3P PCW JB . -5.60 35.34 5.46
O4P PCW JB . -5.58 37.24 6.97
P PCW JB . -4.64 36.15 6.48
C1 PCW KB . 10.34 31.16 -0.40
C2 PCW KB . 10.82 30.87 -1.88
C3 PCW KB . 10.47 32.09 -2.80
C4 PCW KB . 10.68 34.29 1.46
C5 PCW KB . 9.87 35.16 0.50
C6 PCW KB . 7.43 35.59 1.13
C7 PCW KB . 9.02 37.45 0.95
C8 PCW KB . 8.45 36.31 -0.39
C11 PCW KB . 10.06 31.14 -4.97
C12 PCW KB . 10.71 30.99 -6.32
C13 PCW KB . 9.79 31.67 -7.40
C14 PCW KB . 10.30 31.61 -8.84
C15 PCW KB . 10.30 30.20 -9.50
C16 PCW KB . 10.05 30.30 -11.05
C17 PCW KB . 11.29 30.07 -11.99
C18 PCW KB . 11.36 28.65 -12.55
C19 PCW KB . 11.94 28.59 -13.98
C20 PCW KB . 13.13 27.94 -14.28
C21 PCW KB . 14.08 27.17 -13.46
C22 PCW KB . 15.27 28.14 -13.16
C23 PCW KB . 16.70 27.58 -13.30
C24 PCW KB . 17.29 26.92 -12.09
C25 PCW KB . 17.69 25.41 -12.11
C26 PCW KB . 16.71 24.44 -11.49
C27 PCW KB . 15.98 23.45 -12.43
C28 PCW KB . 15.59 22.20 -11.68
C31 PCW KB . 12.70 29.54 -2.45
C32 PCW KB . 14.23 29.50 -2.41
C33 PCW KB . 14.88 28.93 -1.06
C34 PCW KB . 14.72 27.42 -0.90
C35 PCW KB . 16.18 26.82 -1.11
C36 PCW KB . 16.32 25.40 -0.52
C37 PCW KB . 17.73 24.74 -0.69
C38 PCW KB . 17.65 23.45 -1.45
C39 PCW KB . 19.00 22.79 -1.63
C40 PCW KB . 19.25 21.49 -1.71
C41 PCW KB . 18.18 20.41 -1.64
C42 PCW KB . 18.84 19.03 -2.09
C43 PCW KB . 17.92 17.89 -2.51
C44 PCW KB . 18.83 16.72 -2.88
C45 PCW KB . 18.21 15.36 -2.70
C46 PCW KB . 18.83 14.31 -3.58
C47 PCW KB . 17.97 13.10 -3.89
C48 PCW KB . 18.73 12.11 -4.80
N PCW KB . 8.85 36.01 1.02
O2 PCW KB . 12.30 30.69 -1.91
O3 PCW KB . 10.91 31.82 -4.15
O11 PCW KB . 8.97 30.73 -4.68
O31 PCW KB . 11.96 28.63 -2.92
O1P PCW KB . 12.06 32.07 2.71
O2P PCW KB . 13.53 32.22 0.71
O3P PCW KB . 11.34 30.87 0.61
O4P PCW KB . 11.39 33.32 0.63
P PCW KB . 12.14 32.13 1.21
C1 PCW LB . 2.25 39.43 0.06
C2 PCW LB . 1.95 38.16 -0.85
C3 PCW LB . 0.94 38.53 -1.98
C4 PCW LB . 1.71 36.49 2.95
C5 PCW LB . 1.56 36.05 4.41
C6 PCW LB . 2.51 34.60 6.27
C7 PCW LB . 3.96 36.10 5.00
C8 PCW LB . 2.56 36.55 6.11
C11 PCW LB . -0.55 37.25 -3.38
C12 PCW LB . -0.60 35.97 -4.18
C13 PCW LB . -0.22 36.32 -5.67
C14 PCW LB . -0.22 35.14 -6.64
C15 PCW LB . -1.61 34.51 -6.93
C16 PCW LB . -1.51 33.45 -8.09
C17 PCW LB . -2.50 32.23 -8.04
C18 PCW LB . -3.96 32.64 -7.90
C19 PCW LB . -4.92 31.72 -8.70
C20 PCW LB . -5.73 30.78 -8.08
C21 PCW LB . -5.92 30.40 -6.66
C22 PCW LB . -5.48 28.91 -6.53
C23 PCW LB . -4.40 28.58 -5.47
C24 PCW LB . -4.07 27.12 -5.27
C25 PCW LB . -5.06 26.18 -4.51
C26 PCW LB . -5.79 25.15 -5.37
C27 PCW LB . -5.60 23.66 -5.01
C28 PCW LB . -6.93 22.93 -5.10
C31 PCW LB . 3.90 36.79 -0.84
C32 PCW LB . 5.14 36.44 -1.67
C33 PCW LB . 5.04 35.08 -2.51
C34 PCW LB . 6.16 34.10 -2.20
C35 PCW LB . 6.99 33.95 -3.54
C36 PCW LB . 8.14 34.99 -3.66
C37 PCW LB . 8.99 34.90 -4.95
C38 PCW LB . 9.41 36.24 -5.45
C39 PCW LB . 10.24 36.17 -6.70
C40 PCW LB . 9.80 36.20 -7.96
C41 PCW LB . 8.35 36.30 -8.35
C42 PCW LB . 7.95 35.01 -9.19
C43 PCW LB . 6.75 35.07 -10.12
C44 PCW LB . 6.64 33.70 -10.78
C45 PCW LB . 5.40 33.49 -11.62
C46 PCW LB . 5.54 32.38 -12.63
C47 PCW LB . 4.70 31.15 -12.38
C48 PCW LB . 4.93 30.09 -13.47
N PCW LB . 2.66 35.48 5.10
O2 PCW LB . 3.20 37.71 -1.52
O3 PCW LB . 0.68 37.36 -2.79
O11 PCW LB . -1.44 38.05 -3.28
O31 PCW LB . 3.60 36.31 0.29
O1P PCW LB . 3.41 38.78 2.48
O2P PCW LB . 1.61 39.98 3.72
O3P PCW LB . 1.37 39.57 1.19
O4P PCW LB . 1.12 37.80 2.85
P PCW LB . 1.94 39.06 2.61
C1 PCW MB . 29.38 28.55 -3.76
C2 PCW MB . 28.31 27.48 -3.36
C3 PCW MB . 27.27 27.28 -4.52
C4 PCW MB . 31.49 28.68 0.26
C5 PCW MB . 30.65 28.89 1.53
C6 PCW MB . 30.36 26.42 2.07
C7 PCW MB . 29.97 28.12 3.78
C8 PCW MB . 29.03 27.86 2.21
C11 PCW MB . 25.10 26.78 -3.67
C12 PCW MB . 24.22 25.61 -3.30
C13 PCW MB . 22.81 25.83 -3.98
C14 PCW MB . 21.78 24.73 -3.71
C15 PCW MB . 21.56 23.71 -4.86
C16 PCW MB . 20.84 24.38 -6.09
C17 PCW MB . 19.40 24.95 -5.85
C18 PCW MB . 18.99 25.98 -6.91
C19 PCW MB . 17.58 26.56 -6.65
C20 PCW MB . 16.42 25.90 -7.05
C21 PCW MB . 16.18 24.62 -7.74
C22 PCW MB . 15.09 23.86 -6.93
C23 PCW MB . 13.80 23.44 -7.69
C24 PCW MB . 13.75 22.05 -8.20
C25 PCW MB . 12.40 21.34 -8.52
C26 PCW MB . 12.40 19.83 -8.48
C27 PCW MB . 11.45 19.14 -7.47
C28 PCW MB . 11.13 17.74 -7.95
C31 PCW MB . 29.35 25.97 -1.86
C32 PCW MB . 30.00 24.58 -1.77
C33 PCW MB . 29.10 23.37 -2.29
C34 PCW MB . 29.73 22.60 -3.44
C35 PCW MB . 29.07 23.18 -4.76
C36 PCW MB . 29.78 22.68 -6.04
C37 PCW MB . 29.18 23.22 -7.38
C38 PCW MB . 29.42 22.28 -8.52
C39 PCW MB . 28.86 22.76 -9.82
C40 PCW MB . 27.75 22.32 -10.43
C41 PCW MB . 26.86 21.22 -9.89
C42 PCW MB . 25.48 21.26 -10.69
C43 PCW MB . 24.65 19.99 -10.76
C44 PCW MB . 23.40 20.32 -11.57
C45 PCW MB . 22.09 20.20 -10.82
C46 PCW MB . 21.67 21.46 -10.14
C47 PCW MB . 20.28 21.97 -10.45
C48 PCW MB . 19.97 23.27 -9.68
N PCW MB . 30.50 27.84 2.47
O2 PCW MB . 28.95 26.17 -3.11
O3 PCW MB . 26.29 26.32 -4.14
O11 PCW MB . 24.80 27.93 -3.56
O31 PCW MB . 29.23 26.79 -0.90
O1P PCW MB . 31.87 28.22 -2.57
O2P PCW MB . 31.94 30.72 -2.67
O3P PCW MB . 29.70 29.49 -2.71
O4P PCW MB . 31.05 29.67 -0.70
P PCW MB . 31.22 29.52 -2.20
C1 PCW NB . 18.26 24.96 9.04
C2 PCW NB . 18.46 24.15 7.70
C3 PCW NB . 17.10 23.47 7.28
C4 PCW NB . 18.34 29.87 7.48
C5 PCW NB . 19.28 30.01 6.28
C6 PCW NB . 20.64 31.75 4.98
C7 PCW NB . 21.20 31.20 7.31
C8 PCW NB . 21.27 30.08 5.84
C11 PCW NB . 16.46 22.98 5.02
C12 PCW NB . 16.86 22.11 3.85
C13 PCW NB . 15.57 21.77 3.02
C14 PCW NB . 15.82 20.89 1.78
C15 PCW NB . 15.49 19.37 1.95
C16 PCW NB . 14.84 18.80 0.64
C17 PCW NB . 15.24 17.34 0.21
C18 PCW NB . 14.05 16.52 -0.28
C19 PCW NB . 14.18 16.09 -1.76
C20 PCW NB . 13.96 14.78 -2.17
C21 PCW NB . 13.59 13.54 -1.43
C22 PCW NB . 14.05 12.35 -2.30
C23 PCW NB . 13.15 11.08 -2.32
C24 PCW NB . 13.85 9.76 -2.38
C25 PCW NB . 13.46 8.71 -3.47
C26 PCW NB . 12.78 7.45 -2.96
C27 PCW NB . 13.67 6.22 -2.62
C28 PCW NB . 12.81 5.06 -2.23
C31 PCW NB . 19.88 24.60 5.87
C32 PCW NB . 20.19 25.61 4.76
C33 PCW NB . 19.85 25.11 3.27
C34 PCW NB . 20.82 24.06 2.74
C35 PCW NB . 19.91 22.90 2.15
C36 PCW NB . 20.46 21.49 2.44
C37 PCW NB . 19.60 20.30 1.90
C38 PCW NB . 20.22 18.98 2.22
C39 PCW NB . 19.41 17.82 1.69
C40 PCW NB . 19.87 16.72 1.12
C41 PCW NB . 21.34 16.43 0.86
C42 PCW NB . 21.57 14.86 0.97
C43 PCW NB . 21.58 14.03 -0.30
C44 PCW NB . 21.81 12.58 0.10
C45 PCW NB . 21.88 11.59 -1.03
C46 PCW NB . 21.03 10.38 -0.83
C47 PCW NB . 20.00 10.08 -1.91
C48 PCW NB . 19.20 8.82 -1.58
N PCW NB . 20.24 31.08 6.24
O2 PCW NB . 18.86 25.05 6.58
O3 PCW NB . 17.30 22.72 6.07
O11 PCW NB . 15.55 23.77 5.02
O31 PCW NB . 20.52 23.52 6.07
O1P PCW NB . 19.41 27.91 9.68
O2P PCW NB . 17.42 28.26 9.37
O3P PCW NB . 17.54 26.21 8.88
O4P PCW NB . 17.94 28.48 7.53
P PCW NB . 18.43 27.51 8.59
C1 PCW OB . -11.81 23.56 23.60
C2 PCW OB . -12.12 22.25 22.77
C3 PCW OB . -10.84 21.83 21.94
C4 PCW OB . -11.00 24.60 28.27
C5 PCW OB . -11.57 24.40 29.67
C6 PCW OB . -13.02 22.81 31.03
C7 PCW OB . -10.80 22.11 30.23
C8 PCW OB . -11.20 23.45 31.44
C11 PCW OB . -10.21 20.25 20.26
C12 PCW OB . -10.69 18.99 19.59
C13 PCW OB . -10.02 17.78 20.32
C14 PCW OB . -10.40 16.40 19.77
C15 PCW OB . -9.72 15.18 20.48
C16 PCW OB . -10.76 14.41 21.37
C17 PCW OB . -11.44 15.22 22.54
C18 PCW OB . -11.48 14.47 23.86
C19 PCW OB . -12.73 14.80 24.70
C20 PCW OB . -13.91 14.10 24.58
C21 PCW OB . -14.31 12.94 23.74
C22 PCW OB . -15.39 13.46 22.74
C23 PCW OB . -16.63 12.57 22.50
C24 PCW OB . -17.55 12.97 21.38
C25 PCW OB . -18.24 11.89 20.48
C26 PCW OB . -19.38 12.38 19.61
C27 PCW OB . -20.81 11.97 20.01
C28 PCW OB . -21.56 13.17 20.54
C31 PCW OB . -13.72 21.06 24.05
C32 PCW OB . -13.91 19.87 25.00
C33 PCW OB . -14.55 18.56 24.34
C34 PCW OB . -13.74 17.99 23.19
C35 PCW OB . -14.79 17.26 22.24
C36 PCW OB . -14.46 17.43 20.74
C37 PCW OB . -15.45 16.73 19.75
C38 PCW OB . -14.98 15.36 19.35
C39 PCW OB . -15.93 14.69 18.39
C40 PCW OB . -15.86 13.42 17.98
C41 PCW OB . -14.78 12.43 18.41
C42 PCW OB . -13.63 12.43 17.30
C43 PCW OB . -12.28 13.00 17.67
C44 PCW OB . -11.40 12.87 16.43
C45 PCW OB . -9.99 13.41 16.58
C46 PCW OB . -8.97 12.62 15.81
C47 PCW OB . -8.02 11.78 16.64
C48 PCW OB . -7.02 11.02 15.75
N PCW OB . -11.87 23.09 30.15
O2 PCW OB . -12.44 21.12 23.69
O3 PCW OB . -11.12 20.64 21.20
O11 PCW OB . -9.20 20.82 20.00
O31 PCW OB . -14.64 21.85 23.67
O1P PCW OB . -11.44 25.78 25.65
O2P PCW OB . -13.69 24.72 25.89
O3P PCW OB . -11.69 23.34 25.02
O4P PCW OB . -11.94 23.98 27.34
P PCW OB . -12.22 24.53 25.96
C1 PCW PB . 48.11 5.41 22.03
C2 PCW PB . 47.87 3.92 22.49
C3 PCW PB . 46.73 3.86 23.56
C4 PCW PB . 51.74 3.61 21.48
C5 PCW PB . 52.61 3.32 22.70
C6 PCW PB . 53.22 2.17 24.73
C7 PCW PB . 52.19 0.97 23.02
C8 PCW PB . 50.89 2.41 24.22
C11 PCW PB . 45.82 2.26 25.11
C12 PCW PB . 45.71 0.77 25.33
C13 PCW PB . 46.98 0.29 26.12
C14 PCW PB . 47.03 -1.22 26.43
C15 PCW PB . 45.97 -1.74 27.44
C16 PCW PB . 45.04 -2.82 26.77
C17 PCW PB . 44.74 -4.12 27.61
C18 PCW PB . 44.94 -5.41 26.81
C19 PCW PB . 46.01 -6.34 27.45
C20 PCW PB . 45.83 -7.72 27.54
C21 PCW PB . 44.73 -8.62 27.13
C22 PCW PB . 45.19 -9.33 25.82
C23 PCW PB . 45.08 -10.88 25.76
C24 PCW PB . 43.93 -11.45 24.98
C25 PCW PB . 44.11 -12.72 24.10
C26 PCW PB . 44.20 -14.05 24.83
C27 PCW PB . 42.88 -14.71 25.28
C28 PCW PB . 42.90 -14.92 26.78
C31 PCW PB . 48.25 2.08 21.04
C32 PCW PB . 47.66 1.33 19.83
C33 PCW PB . 48.64 0.28 19.14
C34 PCW PB . 47.91 -0.81 18.36
C35 PCW PB . 48.28 -2.18 19.08
C36 PCW PB . 47.97 -3.41 18.20
C37 PCW PB . 48.31 -4.79 18.85
C38 PCW PB . 47.07 -5.57 19.18
C39 PCW PB . 47.37 -6.91 19.81
C40 PCW PB . 46.85 -8.08 19.47
C41 PCW PB . 45.82 -8.27 18.37
C42 PCW PB . 44.39 -8.49 19.05
C43 PCW PB . 43.17 -8.48 18.16
C44 PCW PB . 41.95 -8.71 19.06
C45 PCW PB . 40.62 -8.61 18.38
C46 PCW PB . 39.66 -7.67 19.04
C47 PCW PB . 38.24 -8.14 19.21
C48 PCW PB . 37.37 -7.08 19.90
N PCW PB . 52.25 2.27 23.63
O2 PCW PB . 47.43 3.10 21.33
O3 PCW PB . 46.51 2.50 23.96
O11 PCW PB . 45.37 3.10 25.84
O31 PCW PB . 49.31 1.78 21.67
O1P PCW PB . 51.02 5.65 19.54
O2P PCW PB . 50.75 7.07 21.57
O3P PCW PB . 48.83 5.54 20.79
O4P PCW PB . 50.85 4.68 21.85
P PCW PB . 50.42 5.79 20.90
C1 PCW QB . 38.81 13.62 18.16
C2 PCW QB . 38.27 13.02 16.80
C3 PCW QB . 37.88 14.19 15.83
C4 PCW QB . 41.98 14.38 16.55
C5 PCW QB . 42.74 13.90 15.30
C6 PCW QB . 42.09 15.26 13.41
C7 PCW QB . 44.23 14.34 13.46
C8 PCW QB . 43.81 16.09 14.86
C11 PCW QB . 38.11 13.86 13.47
C12 PCW QB . 37.43 13.20 12.30
C13 PCW QB . 36.05 13.90 12.05
C14 PCW QB . 35.23 13.35 10.89
C15 PCW QB . 34.40 14.39 10.09
C16 PCW QB . 33.46 13.68 9.05
C17 PCW QB . 33.04 14.50 7.79
C18 PCW QB . 31.85 15.44 8.04
C19 PCW QB . 32.10 16.87 7.53
C20 PCW QB . 31.97 17.22 6.19
C21 PCW QB . 31.63 16.43 4.97
C22 PCW QB . 30.08 16.27 4.95
C23 PCW QB . 29.49 15.15 4.06
C24 PCW QB . 29.77 13.73 4.46
C25 PCW QB . 31.06 13.00 3.98
C26 PCW QB . 31.18 12.74 2.49
C27 PCW QB . 32.39 13.35 1.75
C28 PCW QB . 31.93 14.35 0.72
C31 PCW QB . 39.23 10.90 16.31
C32 PCW QB . 40.38 10.22 15.56
C33 PCW QB . 39.94 9.15 14.46
C34 PCW QB . 41.11 8.68 13.59
C35 PCW QB . 40.80 9.24 12.13
C36 PCW QB . 41.68 8.58 11.05
C37 PCW QB . 41.43 9.10 9.60
C38 PCW QB . 40.28 8.40 8.95
C39 PCW QB . 40.02 8.87 7.53
C40 PCW QB . 39.19 8.34 6.64
C41 PCW QB . 38.33 7.12 6.91
C42 PCW QB . 37.00 7.58 7.66
C43 PCW QB . 35.66 7.22 7.04
C44 PCW QB . 34.58 7.77 7.96
C45 PCW QB . 33.23 7.93 7.34
C46 PCW QB . 32.36 6.71 7.45
C47 PCW QB . 32.04 5.98 6.16
C48 PCW QB . 31.16 4.76 6.43
N PCW QB . 43.19 14.85 14.31
O2 PCW QB . 39.33 12.21 16.13
O3 PCW QB . 37.38 13.64 14.60
O11 PCW QB . 39.12 14.49 13.41
O31 PCW QB . 38.33 10.30 16.99
O1P PCW QB . 41.38 14.61 19.39
O2P PCW QB . 42.20 12.25 19.43
O3P PCW QB . 39.76 12.75 18.83
O4P PCW QB . 41.62 13.19 17.31
P PCW QB . 41.29 13.23 18.79
C1 PCW RB . 28.60 20.37 7.52
C2 PCW RB . 27.79 19.41 6.57
C3 PCW RB . 26.76 18.59 7.41
C4 PCW RB . 31.20 21.21 4.23
C5 PCW RB . 31.84 19.96 3.64
C6 PCW RB . 30.86 18.47 1.81
C7 PCW RB . 32.59 20.12 1.29
C8 PCW RB . 32.74 18.63 2.37
C11 PCW RB . 24.73 18.04 6.27
C12 PCW RB . 24.13 16.99 5.38
C13 PCW RB . 23.03 16.23 6.21
C14 PCW RB . 22.29 15.12 5.46
C15 PCW RB . 20.90 15.50 4.87
C16 PCW RB . 19.81 15.50 6.00
C17 PCW RB . 19.36 16.89 6.57
C18 PCW RB . 18.42 17.66 5.65
C19 PCW RB . 17.84 18.93 6.31
C20 PCW RB . 16.50 19.25 6.25
C21 PCW RB . 15.33 18.57 5.63
C22 PCW RB . 14.13 18.78 6.59
C23 PCW RB . 13.49 17.51 7.22
C24 PCW RB . 12.02 17.31 7.00
C25 PCW RB . 11.23 16.23 7.79
C26 PCW RB . 10.95 16.53 9.25
C27 PCW RB . 9.51 16.28 9.76
C28 PCW RB . 8.80 17.60 9.96
C31 PCW RB . 27.50 20.16 4.33
C32 PCW RB . 26.60 21.03 3.43
C33 PCW RB . 25.11 20.47 3.22
C34 PCW RB . 24.88 19.94 1.81
C35 PCW RB . 24.46 18.42 2.00
C36 PCW RB . 25.62 17.45 1.70
C37 PCW RB . 25.30 15.93 1.87
C38 PCW RB . 25.84 15.12 0.74
C39 PCW RB . 25.53 13.65 0.88
C40 PCW RB . 26.05 12.65 0.16
C41 PCW RB . 27.06 12.83 -0.95
C42 PCW RB . 28.43 12.16 -0.49
C43 PCW RB . 29.07 11.13 -1.40
C44 PCW RB . 30.34 10.67 -0.71
C45 PCW RB . 30.41 9.18 -0.40
C46 PCW RB . 29.85 8.84 0.96
C47 PCW RB . 29.85 7.37 1.33
C48 PCW RB . 29.25 7.16 2.73
N PCW RB . 31.64 19.63 2.27
O2 PCW RB . 27.02 20.21 5.57
O3 PCW RB . 26.02 17.70 6.55
O11 PCW RB . 24.17 19.02 6.67
O31 PCW RB . 28.53 19.53 3.95
O1P PCW RB . 30.63 23.32 6.14
O2P PCW RB . 31.33 21.61 7.81
O3P PCW RB . 28.91 21.66 6.93
O4P PCW RB . 30.80 20.88 5.58
P PCW RB . 30.48 21.92 6.64
C1 PCW SB . 5.49 21.56 23.94
C2 PCW SB . 4.60 20.90 22.81
C3 PCW SB . 4.69 19.34 22.91
C4 PCW SB . 8.76 21.01 26.27
C5 PCW SB . 9.79 21.78 27.11
C6 PCW SB . 9.79 20.48 29.31
C7 PCW SB . 11.86 21.46 28.45
C8 PCW SB . 10.32 22.35 29.00
C11 PCW SB . 2.79 18.02 22.26
C12 PCW SB . 2.09 17.50 21.04
C13 PCW SB . 2.73 16.12 20.66
C14 PCW SB . 2.14 15.43 19.42
C15 PCW SB . 3.08 15.32 18.18
C16 PCW SB . 2.44 14.40 17.09
C17 PCW SB . 2.38 14.96 15.63
C18 PCW SB . 1.80 13.96 14.62
C19 PCW SB . 0.25 14.02 14.53
C20 PCW SB . -0.44 13.59 13.42
C21 PCW SB . 0.00 13.01 12.12
C22 PCW SB . -1.28 12.70 11.31
C23 PCW SB . -1.48 11.25 10.79
C24 PCW SB . -2.87 10.82 10.47
C25 PCW SB . -3.16 9.44 9.82
C26 PCW SB . -4.50 8.81 10.15
C27 PCW SB . -5.41 8.39 8.97
C28 PCW SB . -6.62 7.65 9.48
C31 PCW SB . 2.62 21.93 21.99
C32 PCW SB . 1.15 22.24 22.35
C33 PCW SB . 0.26 22.79 21.14
C34 PCW SB . -1.25 22.77 21.44
C35 PCW SB . -1.67 21.25 21.35
C36 PCW SB . -1.93 20.79 19.89
C37 PCW SB . -2.36 19.30 19.72
C38 PCW SB . -1.22 18.36 19.98
C39 PCW SB . -1.62 16.91 19.83
C40 PCW SB . -1.79 16.03 20.80
C41 PCW SB . -1.62 16.34 22.27
C42 PCW SB . -1.62 14.98 23.09
C43 PCW SB . -2.73 14.75 24.11
C44 PCW SB . -2.50 13.38 24.72
C45 PCW SB . -3.49 12.98 25.80
C46 PCW SB . -4.36 11.82 25.41
C47 PCW SB . -4.30 10.60 26.30
C48 PCW SB . -5.24 9.50 25.79
N PCW SB . 10.48 21.11 28.17
O2 PCW SB . 3.17 21.28 23.02
O3 PCW SB . 3.88 18.74 21.88
O11 PCW SB . 2.44 17.84 23.39
O31 PCW SB . 3.20 22.25 20.91
O1P PCW SB . 7.51 19.68 24.04
O2P PCW SB . 9.05 21.10 22.70
O3P PCW SB . 6.78 22.04 23.49
O4P PCW SB . 8.67 21.69 24.99
P PCW SB . 8.03 21.06 23.77
C1 PCW TB . 7.30 22.33 19.74
C2 PCW TB . 6.67 21.99 18.33
C3 PCW TB . 7.81 21.78 17.27
C4 PCW TB . 4.32 25.05 18.88
C5 PCW TB . 4.46 25.38 17.39
C6 PCW TB . 2.71 24.68 15.69
C7 PCW TB . 2.93 27.02 16.37
C8 PCW TB . 4.16 25.98 15.46
C11 PCW TB . 6.63 22.47 15.28
C12 PCW TB . 6.12 21.92 13.98
C13 PCW TB . 4.68 21.32 14.22
C14 PCW TB . 4.01 20.72 12.99
C15 PCW TB . 4.76 19.53 12.31
C16 PCW TB . 3.74 18.55 11.64
C17 PCW TB . 4.09 17.02 11.67
C18 PCW TB . 3.25 16.18 10.71
C19 PCW TB . 4.11 15.37 9.72
C20 PCW TB . 3.97 14.01 9.54
C21 PCW TB . 3.07 13.01 10.18
C22 PCW TB . 3.26 11.67 9.39
C23 PCW TB . 2.06 10.69 9.38
C24 PCW TB . 1.34 10.52 8.07
C25 PCW TB . 1.26 9.14 7.37
C26 PCW TB . 2.53 8.66 6.68
C27 PCW TB . 3.41 7.63 7.41
C28 PCW TB . 3.84 6.54 6.46
C31 PCW TB . 4.60 20.85 18.11
C32 PCW TB . 3.94 19.47 18.24
C33 PCW TB . 2.94 19.07 17.05
C34 PCW TB . 1.49 19.45 17.33
C35 PCW TB . 1.07 20.42 16.16
C36 PCW TB . -0.03 19.82 15.25
C37 PCW TB . -0.50 20.72 14.08
C38 PCW TB . -0.80 19.93 12.85
C39 PCW TB . -1.27 20.78 11.70
C40 PCW TB . -1.92 20.35 10.62
C41 PCW TB . -2.32 18.90 10.36
C42 PCW TB . -3.74 18.89 9.65
C43 PCW TB . -4.60 17.65 9.76
C44 PCW TB . -5.88 17.93 8.99
C45 PCW TB . -6.86 16.79 8.91
C46 PCW TB . -8.23 17.19 8.44
C47 PCW TB . -9.08 16.10 7.83
C48 PCW TB . -10.44 16.64 7.40
N PCW TB . 3.28 25.66 16.63
O2 PCW TB . 5.89 20.72 18.42
O3 PCW TB . 7.24 21.47 15.99
O11 PCW TB . 6.53 23.61 15.64
O31 PCW TB . 4.02 21.91 17.76
O1P PCW TB . 4.85 24.54 21.70
O2P PCW TB . 7.18 25.14 21.05
O3P PCW TB . 6.33 22.74 20.73
O4P PCW TB . 5.64 24.59 19.31
P PCW TB . 6.00 24.30 20.75
C1 PCW UB . 5.17 14.44 34.84
C2 PCW UB . 5.24 14.37 33.26
C3 PCW UB . 6.73 14.24 32.78
C4 PCW UB . 0.97 15.33 33.62
C5 PCW UB . 0.66 16.37 32.55
C6 PCW UB . 1.75 17.03 30.35
C7 PCW UB . 0.16 15.16 30.43
C8 PCW UB . -0.17 16.96 30.78
C11 PCW UB . 7.98 14.19 30.73
C12 PCW UB . 7.78 14.12 29.23
C13 PCW UB . 7.24 15.52 28.75
C14 PCW UB . 6.97 15.62 27.25
C15 PCW UB . 6.37 16.97 26.76
C16 PCW UB . 4.81 17.00 26.96
C17 PCW UB . 3.96 15.94 26.17
C18 PCW UB . 2.65 15.58 26.88
C19 PCW UB . 2.82 14.43 27.89
C20 PCW UB . 1.94 13.36 27.95
C21 PCW UB . 0.73 13.02 27.17
C22 PCW UB . 1.15 11.95 26.13
C23 PCW UB . 0.13 10.83 25.80
C24 PCW UB . 0.14 10.29 24.40
C25 PCW UB . -1.18 9.86 23.70
C26 PCW UB . -1.33 10.24 22.24
C27 PCW UB . -1.20 9.12 21.18
C28 PCW UB . -0.84 9.72 19.85
C31 PCW UB . 3.57 13.42 31.86
C32 PCW UB . 2.92 12.09 31.46
C33 PCW UB . 3.85 11.12 30.58
C34 PCW UB . 3.88 9.68 31.09
C35 PCW UB . 5.27 9.10 30.62
C36 PCW UB . 5.24 7.56 30.48
C37 PCW UB . 6.58 6.90 30.02
C38 PCW UB . 6.46 6.27 28.67
C39 PCW UB . 7.74 5.63 28.20
C40 PCW UB . 7.96 5.03 27.03
C41 PCW UB . 6.91 4.87 25.95
C42 PCW UB . 7.35 3.68 24.99
C43 PCW UB . 6.32 3.09 24.05
C44 PCW UB . 7.02 1.99 23.26
C45 PCW UB . 6.87 0.60 23.83
C46 PCW UB . 6.31 -0.39 22.86
C47 PCW UB . 6.11 -1.80 23.37
C48 PCW UB . 5.54 -2.71 22.26
N PCW UB . 0.98 16.10 31.18
O2 PCW UB . 4.51 13.16 32.77
O3 PCW UB . 6.77 14.17 31.35
O11 PCW UB . 9.04 14.25 31.28
O31 PCW UB . 3.27 14.56 31.40
O1P PCW UB . 1.76 15.16 36.42
O2P PCW UB . 3.56 16.73 35.69
O3P PCW UB . 3.85 14.20 35.38
O4P PCW UB . 2.36 15.53 34.00
P PCW UB . 2.85 15.46 35.43
C1 PCW VB . 8.54 14.53 40.68
C2 PCW VB . 7.83 13.48 39.74
C3 PCW VB . 8.14 13.81 38.24
C4 PCW VB . 12.21 12.54 38.77
C5 PCW VB . 11.77 12.38 37.32
C6 PCW VB . 12.00 13.37 34.97
C7 PCW VB . 13.99 12.70 36.24
C8 PCW VB . 12.62 11.62 35.61
C11 PCW VB . 8.05 12.59 36.18
C12 PCW VB . 7.23 11.55 35.45
C13 PCW VB . 8.23 10.49 34.86
C14 PCW VB . 7.58 9.35 34.09
C15 PCW VB . 8.46 8.69 32.99
C16 PCW VB . 8.92 9.77 31.93
C17 PCW VB . 10.36 9.62 31.31
C18 PCW VB . 11.44 10.31 32.13
C19 PCW VB . 12.33 11.26 31.29
C20 PCW VB . 13.67 11.04 31.09
C21 PCW VB . 14.60 9.98 31.54
C22 PCW VB . 14.58 8.87 30.44
C23 PCW VB . 15.89 8.65 29.63
C24 PCW VB . 15.88 7.53 28.64
C25 PCW VB . 14.58 7.12 27.89
C26 PCW VB . 14.70 6.93 26.39
C27 PCW VB . 13.59 7.53 25.50
C28 PCW VB . 14.09 8.80 24.83
C31 PCW VB . 7.42 11.24 40.38
C32 PCW VB . 8.13 9.89 40.62
C33 PCW VB . 7.35 8.60 40.06
C34 PCW VB . 7.53 8.40 38.56
C35 PCW VB . 6.09 8.03 38.01
C36 PCW VB . 5.58 6.66 38.53
C37 PCW VB . 4.17 6.23 38.02
C38 PCW VB . 3.07 6.95 38.74
C39 PCW VB . 1.69 6.56 38.27
C40 PCW VB . 1.08 6.95 37.17
C41 PCW VB . 1.67 7.89 36.14
C42 PCW VB . 1.53 7.22 34.70
C43 PCW VB . 2.79 6.85 33.94
C44 PCW VB . 2.36 6.24 32.63
C45 PCW VB . 2.90 4.86 32.35
C46 PCW VB . 2.75 4.43 30.91
C47 PCW VB . 1.43 3.78 30.54
C48 PCW VB . 1.40 3.39 29.07
N PCW VB . 12.56 12.96 36.27
O2 PCW VB . 8.36 12.11 40.01
O3 PCW VB . 7.48 12.85 37.39
O11 PCW VB . 9.05 13.12 35.76
O31 PCW VB . 6.19 11.45 40.50
O1P PCW VB . 12.29 14.26 41.11
O2P PCW VB . 10.47 12.76 41.90
O3P PCW VB . 9.94 14.76 40.36
O4P PCW VB . 11.02 12.73 39.57
P PCW VB . 10.97 13.60 40.80
C1 PCW WB . 30.62 31.23 -8.00
C2 PCW WB . 30.05 29.75 -8.01
C3 PCW WB . 28.82 29.66 -8.97
C4 PCW WB . 34.63 30.19 -5.89
C5 PCW WB . 34.55 29.62 -4.48
C6 PCW WB . 34.99 27.99 -2.75
C7 PCW WB . 36.62 28.43 -4.35
C8 PCW WB . 34.82 27.22 -5.02
C11 PCW WB . 27.29 28.02 -8.10
C12 PCW WB . 26.93 26.57 -8.23
C13 PCW WB . 25.38 26.40 -7.96
C14 PCW WB . 24.86 24.97 -8.05
C15 PCW WB . 25.57 23.93 -7.14
C16 PCW WB . 24.70 22.63 -6.97
C17 PCW WB . 25.17 21.58 -5.92
C18 PCW WB . 25.11 22.07 -4.48
C19 PCW WB . 25.91 21.19 -3.50
C20 PCW WB . 25.30 20.35 -2.59
C21 PCW WB . 23.87 20.07 -2.30
C22 PCW WB . 23.81 18.64 -1.69
C23 PCW WB . 22.81 17.64 -2.33
C24 PCW WB . 23.37 16.65 -3.31
C25 PCW WB . 24.46 15.62 -2.89
C26 PCW WB . 24.15 14.15 -3.15
C27 PCW WB . 24.71 13.52 -4.44
C28 PCW WB . 23.78 12.44 -4.94
C31 PCW WB . 31.86 28.26 -7.59
C32 PCW WB . 32.86 27.32 -8.29
C33 PCW WB . 32.29 25.88 -8.66
C34 PCW WB . 32.74 24.77 -7.70
C35 PCW WB . 33.42 23.67 -8.61
C36 PCW WB . 33.91 22.43 -7.81
C37 PCW WB . 34.59 21.31 -8.66
C38 PCW WB . 33.98 19.97 -8.40
C39 PCW WB . 34.61 18.88 -9.21
C40 PCW WB . 34.00 18.06 -10.08
C41 PCW WB . 32.52 18.13 -10.41
C42 PCW WB . 32.37 18.52 -11.95
C43 PCW WB . 31.03 18.28 -12.64
C44 PCW WB . 31.18 18.74 -14.08
C45 PCW WB . 31.48 17.65 -15.09
C46 PCW WB . 30.76 17.82 -16.39
C47 PCW WB . 31.37 17.11 -17.59
C48 PCW WB . 30.54 17.36 -18.86
N PCW WB . 35.20 28.38 -4.16
O2 PCW WB . 31.08 28.80 -8.52
O3 PCW WB . 28.31 28.32 -8.96
O11 PCW WB . 26.78 28.80 -7.35
O31 PCW WB . 31.81 28.48 -6.34
O1P PCW WB . 33.40 30.91 -8.41
O2P PCW WB . 33.37 33.19 -7.41
O3P PCW WB . 31.48 31.52 -6.88
O4P PCW WB . 33.72 31.32 -5.95
P PCW WB . 33.04 31.76 -7.24
C1 17F XB . 14.62 6.55 44.93
N1 17F XB . 12.54 5.78 43.77
O1 17F XB . 16.26 5.01 47.57
P1 17F XB . 16.23 4.96 46.06
C2 17F XB . 13.82 6.44 43.62
O2 17F XB . 17.23 5.81 45.33
C3 17F XB . 14.65 5.69 42.55
O3 17F XB . 14.83 5.29 45.48
C4 17F XB . 16.50 3.17 44.14
O4 17F XB . 14.22 4.64 41.95
C5 17F XB . 16.78 1.68 43.82
O5 17F XB . 15.78 6.07 42.25
C6 17F XB . 15.45 0.99 43.40
O6 17F XB . 16.49 3.48 45.53
C7 17F XB . 14.76 -1.24 43.57
O7 17F XB . 15.63 -0.39 43.10
C8 17F XB . 15.15 -2.66 43.09
O8 17F XB . 13.78 -1.06 44.26
C9 17F XB . 15.87 -3.50 44.18
O9 17F XB . 17.81 1.50 42.82
C10 17F XB . 16.30 -4.95 43.76
O10 17F XB . 18.67 -0.31 43.96
C11 17F XB . 17.34 -5.02 42.57
C12 17F XB . 17.72 -6.51 42.22
C17 17F XB . 18.45 0.36 42.94
C18 17F XB . 18.98 -0.14 41.62
C19 17F XB . 18.01 0.02 40.41
C20 17F XB . 18.66 0.80 39.22
C1X 17F XB . 18.72 -6.55 41.05
C1Y 17F XB . 17.67 0.94 38.05
C1Z 17F XB . 17.90 -0.14 36.99
C2X 17F XB . 19.13 -8.06 40.67
C21 17F XB . 19.49 -8.19 39.16
C22 17F XB . 18.72 -8.68 38.25
C23 17F XB . 17.33 -9.16 38.43
C24 17F XB . 16.55 -9.31 37.14
C25 17F XB . 15.12 -9.82 37.26
C26 17F XB . 14.94 -11.41 37.19
C27 17F XB . 13.52 -11.89 37.32
C28 17F XB . 13.54 -13.47 37.24
C29 17F XB . 12.75 -13.90 36.07
C30 17F XB . 12.69 -15.38 35.86
C31 17F XB . 18.03 0.34 35.51
C32 17F XB . 18.27 -0.78 34.45
C33 17F XB . 17.12 -0.78 33.45
C34 17F XB . 17.01 -1.61 32.42
C35 17F XB . 17.97 -2.71 32.04
C36 17F XB . 18.45 -2.68 30.55
C37 17F XB . 19.56 -1.72 30.41
C38 17F XB . 20.96 -2.28 30.79
C39 17F XB . 22.07 -1.23 30.61
C40 17F XB . 23.27 -1.57 31.51
C41 17F XB . 24.19 -0.29 31.73
C42 17F XB . 25.10 -0.24 32.96
C1 17F YB . 17.96 22.83 23.34
N1 17F YB . 16.78 20.64 23.63
O1 17F YB . 20.87 22.51 25.71
P1 17F YB . 20.30 22.55 24.32
C2 17F YB . 16.69 22.00 23.11
O2 17F YB . 20.50 23.82 23.54
C3 17F YB . 16.35 21.94 21.61
O3 17F YB . 18.77 22.24 24.30
C4 17F YB . 20.55 21.22 22.05
O4 17F YB . 16.19 20.84 20.97
C5 17F YB . 21.28 20.04 21.36
O5 17F YB . 16.23 22.98 20.95
C6 17F YB . 22.68 20.50 20.88
O6 17F YB . 20.92 21.40 23.42
C7 17F YB . 24.66 19.57 20.05
O7 17F YB . 23.39 19.45 20.24
C8 17F YB . 25.16 18.30 19.32
O8 17F YB . 25.41 20.46 20.35
C9 17F YB . 25.27 17.06 20.24
O9 17F YB . 21.36 18.87 22.19
C10 17F YB . 25.77 15.74 19.56
O10 17F YB . 19.26 17.95 22.15
C11 17F YB . 24.66 14.96 18.75
C12 17F YB . 25.22 13.65 18.10
C17 17F YB . 20.47 17.97 21.87
C18 17F YB . 21.06 16.84 21.06
C19 17F YB . 20.54 16.73 19.61
C20 17F YB . 21.63 17.11 18.56
C1X 17F YB . 24.12 12.91 17.33
C1Y 17F YB . 21.07 16.98 17.12
C1Z 17F YB . 22.19 16.58 16.14
C2X 17F YB . 24.67 11.57 16.65
C21 17F YB . 23.77 11.10 15.46
C22 17F YB . 23.22 9.95 15.36
C23 17F YB . 23.31 8.83 16.32
C24 17F YB . 24.16 7.66 15.86
C25 17F YB . 24.28 6.49 16.82
C26 17F YB . 23.33 5.23 16.50
C27 17F YB . 23.47 4.08 17.47
C28 17F YB . 22.48 2.94 16.99
C29 17F YB . 21.24 3.03 17.78
C30 17F YB . 20.20 1.99 17.42
C31 17F YB . 23.15 17.71 15.66
C32 17F YB . 24.27 17.27 14.67
C33 17F YB . 25.17 18.46 14.36
C34 17F YB . 26.22 18.42 13.54
C35 17F YB . 26.74 17.24 12.78
C36 17F YB . 26.87 17.45 11.25
C37 17F YB . 26.98 16.13 10.58
C38 17F YB . 25.79 15.78 9.64
C39 17F YB . 25.98 14.40 8.98
C40 17F YB . 24.65 13.64 8.94
C41 17F YB . 24.85 12.22 8.26
C42 17F YB . 23.98 11.05 8.71
C1 17F ZB . 16.15 25.11 16.81
N1 17F ZB . 17.34 25.84 14.71
O1 17F ZB . 13.60 24.61 15.57
P1 17F ZB . 14.51 23.43 15.86
C2 17F ZB . 16.35 26.18 15.70
O2 17F ZB . 14.08 22.49 16.96
C3 17F ZB . 16.71 27.52 16.36
O3 17F ZB . 15.95 23.87 16.23
C4 17F ZB . 15.54 21.36 14.62
O4 17F ZB . 17.77 28.18 16.02
C5 17F ZB . 15.59 20.62 13.25
O5 17F ZB . 16.01 28.02 17.23
C6 17F ZB . 15.28 19.11 13.46
O6 17F ZB . 14.72 22.53 14.58
C7 17F ZB . 14.95 17.15 12.24
O7 17F ZB . 15.32 18.39 12.23
C8 17F ZB . 15.04 16.60 10.80
O8 17F ZB . 14.57 16.45 13.14
C9 17F ZB . 15.97 15.37 10.67
O9 17F ZB . 14.73 21.19 12.26
C10 17F ZB . 16.11 14.76 9.23
O10 17F ZB . 15.65 23.20 11.61
C11 17F ZB . 17.10 13.53 9.14
C12 17F ZB . 17.18 12.97 7.67
C17 17F ZB . 15.39 22.01 11.45
C18 17F ZB . 15.83 21.31 10.19
C19 17F ZB . 17.37 21.19 10.04
C20 17F ZB . 17.90 19.75 10.38
C1X 17F ZB . 18.15 11.79 7.60
C1Y 17F ZB . 19.44 19.67 10.23
C1Z 17F ZB . 19.92 18.21 10.30
C2X 17F ZB . 18.28 11.16 6.12
C21 17F ZB . 18.21 12.25 5.00
C22 17F ZB . 19.00 12.27 3.97
C23 17F ZB . 20.06 11.31 3.63
C24 17F ZB . 21.48 11.85 3.83
C25 17F ZB . 22.62 10.90 3.50
C26 17F ZB . 22.83 9.69 4.53
C27 17F ZB . 23.96 8.75 4.19
C28 17F ZB . 24.01 7.64 5.31
C29 17F ZB . 25.34 7.64 5.92
C30 17F ZB . 25.52 6.62 7.02
C31 17F ZB . 19.89 17.53 11.71
C32 17F ZB . 20.39 16.06 11.75
C33 17F ZB . 19.47 15.24 12.66
C34 17F ZB . 19.62 13.94 12.90
C35 17F ZB . 20.69 13.03 12.34
C36 17F ZB . 20.25 12.23 11.08
C37 17F ZB . 20.95 10.91 11.09
C38 17F ZB . 20.00 9.68 11.10
C39 17F ZB . 20.80 8.37 11.11
C40 17F ZB . 20.36 7.49 12.30
C41 17F ZB . 21.48 6.41 12.63
C42 17F ZB . 21.05 5.06 13.23
C1 17F AC . 21.40 -1.50 45.24
N1 17F AC . 23.83 -1.43 44.67
O1 17F AC . 19.37 -3.36 44.22
P1 17F AC . 20.76 -3.85 44.54
C2 17F AC . 22.51 -0.94 44.33
O2 17F AC . 20.87 -5.21 45.19
C3 17F AC . 22.50 0.60 44.38
O3 17F AC . 21.56 -2.86 45.44
C4 17F AC . 23.02 -4.39 43.31
O4 17F AC . 23.55 1.28 44.68
C5 17F AC . 23.75 -4.43 41.95
O5 17F AC . 21.48 1.24 44.12
C6 17F AC . 25.27 -4.53 42.21
O6 17F AC . 21.66 -3.95 43.23
C7 17F AC . 26.69 -5.65 40.74
O7 17F AC . 26.04 -4.57 41.02
C8 17F AC . 27.50 -5.42 39.43
O8 17F AC . 26.76 -6.70 41.33
C9 17F AC . 26.62 -5.30 38.16
O9 17F AC . 23.30 -5.49 41.10
C10 17F AC . 27.41 -5.07 36.82
O10 17F AC . 23.31 -4.01 39.33
C11 17F AC . 26.52 -4.77 35.55
C12 17F AC . 27.42 -4.56 34.27
C17 17F AC . 23.14 -5.13 39.84
C18 17F AC . 22.72 -6.29 38.96
C19 17F AC . 23.05 -7.69 39.53
C20 17F AC . 24.48 -8.19 39.11
C1X 17F AC . 26.54 -4.27 33.03
C1Y 17F AC . 24.77 -9.59 39.70
C1Z 17F AC . 25.94 -10.26 38.97
C2X 17F AC . 27.43 -4.05 31.72
C21 17F AC . 26.60 -3.46 30.53
C22 17F AC . 25.70 -4.11 29.88
C23 17F AC . 25.26 -5.49 30.11
C24 17F AC . 24.75 -6.21 28.86
C25 17F AC . 24.28 -7.64 29.03
C26 17F AC . 23.03 -7.85 30.02
C27 17F AC . 22.59 -9.29 30.18
C28 17F AC . 21.36 -9.29 31.16
C29 17F AC . 20.84 -10.66 31.26
C30 17F AC . 19.65 -10.83 32.18
C31 17F AC . 25.83 -11.80 38.72
C32 17F AC . 27.02 -12.46 37.99
C33 17F AC . 26.83 -12.30 36.48
C34 17F AC . 27.67 -12.74 35.56
C35 17F AC . 28.97 -13.49 35.80
C36 17F AC . 29.77 -13.81 34.51
C37 17F AC . 29.69 -15.27 34.26
C38 17F AC . 30.48 -15.76 33.01
C39 17F AC . 30.36 -17.28 32.83
C40 17F AC . 31.48 -18.01 33.58
C41 17F AC . 31.72 -19.45 32.96
C42 17F AC . 30.95 -20.65 33.53
C1 17F BC . -6.82 32.38 16.25
N1 17F BC . -6.62 33.61 18.44
O1 17F BC . -10.10 30.77 16.47
P1 17F BC . -9.17 31.67 15.69
C2 17F BC . -6.06 32.58 17.58
O2 17F BC . -10.06 32.86 15.97
C3 17F BC . -4.59 32.91 17.27
O3 17F BC . -8.17 32.58 16.44
C4 17F BC . -8.73 32.92 13.42
O4 17F BC . -4.00 33.95 17.74
C5 17F BC . -9.30 33.22 12.01
O5 17F BC . -3.91 32.18 16.57
C6 17F BC . -8.48 32.46 10.94
O6 17F BC . -9.58 32.08 14.21
C7 17F BC . -8.39 33.60 8.90
O7 17F BC . -8.98 32.71 9.62
C8 17F BC . -9.13 33.69 7.55
O8 17F BC . -7.45 34.31 9.13
C9 17F BC . -8.74 32.57 6.55
O9 17F BC . -10.70 32.93 11.89
C10 17F BC . -9.46 32.62 5.16
O10 17F BC . -11.95 34.32 13.24
C11 17F BC . -9.65 31.22 4.45
C12 17F BC . -10.37 31.35 3.06
C17 17F BC . -11.45 33.97 12.16
C18 17F BC . -11.69 34.83 10.94
C19 17F BC . -12.94 35.75 11.02
C20 17F BC . -12.69 37.17 10.38
C1X 17F BC . -10.52 29.96 2.41
C1Y 17F BC . -13.95 38.04 10.47
C1Z 17F BC . -15.07 37.52 9.56
C2X 17F BC . -11.26 30.05 0.98
C21 17F BC . -12.28 28.90 0.77
C22 17F BC . -13.33 28.98 0.03
C23 17F BC . -13.79 30.14 -0.75
C24 17F BC . -15.30 30.32 -0.79
C25 17F BC . -15.81 31.52 -1.59
C26 17F BC . -15.40 31.54 -3.14
C27 17F BC . -15.93 32.74 -3.92
C28 17F BC . -15.43 32.60 -5.41
C29 17F BC . -14.34 33.56 -5.64
C30 17F BC . -13.76 33.55 -7.03
C31 17F BC . -16.35 36.94 10.25
C32 17F BC . -17.45 36.42 9.30
C33 17F BC . -18.68 37.32 9.39
C34 17F BC . -19.80 37.15 8.70
C35 17F BC . -20.08 36.06 7.69
C36 17F BC . -20.39 36.58 6.25
C37 17F BC . -21.42 35.71 5.65
C38 17F BC . -22.72 36.44 5.23
C39 17F BC . -23.74 35.46 4.61
C40 17F BC . -25.12 35.66 5.23
C41 17F BC . -25.23 34.87 6.60
C42 17F BC . -25.32 35.68 7.91
C1 17F CC . 40.94 22.69 11.06
N1 17F CC . 42.21 20.53 10.98
O1 17F CC . 38.88 24.55 9.21
P1 17F CC . 38.86 23.11 9.66
C2 17F CC . 42.30 21.97 11.04
O2 17F CC . 38.11 22.80 10.93
C3 17F CC . 43.11 22.37 12.28
O3 17F CC . 40.29 22.54 9.85
C4 17F CC . 38.12 20.75 8.76
O4 17F CC . 43.60 21.49 13.10
C5 17F CC . 37.47 20.00 7.56
O5 17F CC . 43.32 23.55 12.55
C6 17F CC . 38.10 20.52 6.24
O6 17F CC . 38.23 22.16 8.56
C7 17F CC . 38.25 19.00 4.48
O7 17F CC . 37.53 19.89 5.10
C8 17F CC . 37.44 18.48 3.27
O8 17F CC . 39.37 18.59 4.69
C9 17F CC . 37.88 19.13 1.93
O9 17F CC . 37.58 18.58 7.68
C10 17F CC . 37.09 18.65 0.65
O10 17F CC . 35.31 18.47 8.08
C11 17F CC . 37.36 17.15 0.25
C12 17F CC . 36.55 16.74 -1.04
C17 17F CC . 36.41 17.99 7.78
C18 17F CC . 36.49 16.51 7.44
C19 17F CC . 36.45 16.17 5.94
C20 17F CC . 36.19 14.64 5.67
C1X 17F CC . 36.83 15.27 -1.39
C1Y 17F CC . 36.16 14.35 4.15
C1Z 17F CC . 36.92 13.06 3.83
C2X 17F CC . 36.02 14.81 -2.71
C21 17F CC . 34.60 14.26 -2.37
C22 17F CC . 33.52 14.70 -2.89
C23 17F CC . 33.37 15.77 -3.89
C24 17F CC . 32.06 16.54 -3.81
C25 17F CC . 31.87 17.65 -4.82
C26 17F CC . 30.49 17.61 -5.64
C27 17F CC . 30.31 18.73 -6.65
C28 17F CC . 28.91 18.52 -7.34
C29 17F CC . 29.14 17.97 -8.70
C30 17F CC . 27.90 17.70 -9.49
C31 17F CC . 37.02 12.65 2.32
C32 17F CC . 37.79 11.34 2.03
C33 17F CC . 36.85 10.32 1.39
C34 17F CC . 37.20 9.09 1.02
C35 17F CC . 38.57 8.46 1.15
C36 17F CC . 38.55 6.94 1.50
C37 17F CC . 39.02 6.17 0.32
C38 17F CC . 38.36 4.77 0.16
C39 17F CC . 38.90 4.02 -1.08
C40 17F CC . 38.99 2.52 -0.79
C41 17F CC . 38.08 1.71 -1.79
C42 17F CC . 36.69 1.26 -1.35
C1 17F DC . 35.08 18.23 18.86
N1 17F DC . 34.00 18.85 21.04
O1 17F DC . 37.26 15.59 20.35
P1 17F DC . 36.47 16.13 19.19
C2 17F DC . 34.29 19.27 19.68
O2 17F DC . 37.26 16.80 18.10
C3 17F DC . 32.96 19.60 18.95
O3 17F DC . 35.35 17.12 19.64
C4 17F DC . 34.84 15.23 17.32
O4 17F DC . 31.82 19.49 19.53
C5 17F DC . 34.16 13.97 16.74
O5 17F DC . 32.95 19.98 17.79
C6 17F DC . 33.73 14.21 15.27
O6 17F DC . 35.67 14.97 18.45
C7 17F DC . 32.08 13.25 13.93
O7 17F DC . 33.10 13.07 14.70
C8 17F DC . 31.62 11.85 13.46
O8 17F DC . 31.52 14.25 13.57
C9 17F DC . 32.12 11.50 12.03
O9 17F DC . 34.98 12.78 16.86
C10 17F DC . 31.69 10.10 11.47
O10 17F DC . 33.30 11.62 17.93
C11 17F DC . 32.51 8.89 12.08
C12 17F DC . 32.05 7.51 11.50
C17 17F DC . 34.30 11.71 17.19
C18 17F DC . 34.86 10.46 16.56
C19 17F DC . 35.12 10.58 15.03
C20 17F DC . 36.18 9.51 14.52
C1X 17F DC . 32.87 6.37 12.13
C1Y 17F DC . 36.42 9.66 13.00
C1Z 17F DC . 36.17 8.32 12.29
C2X 17F DC . 32.45 4.93 11.57
C21 17F DC . 33.65 3.93 11.50
C22 17F DC . 34.05 3.19 12.48
C23 17F DC . 33.48 3.11 13.84
C24 17F DC . 32.87 1.76 14.19
C25 17F DC . 32.26 1.62 15.57
C26 17F DC . 30.94 2.49 15.83
C27 17F DC . 30.34 2.34 17.21
C28 17F DC . 29.08 3.27 17.28
C29 17F DC . 28.28 2.90 18.46
C30 17F DC . 27.03 3.70 18.66
C31 17F DC . 37.43 7.46 11.94
C32 17F DC . 37.14 6.12 11.23
C33 17F DC . 38.35 5.21 11.37
C34 17F DC . 38.43 3.98 10.86
C35 17F DC . 37.37 3.24 10.08
C36 17F DC . 37.90 2.06 9.22
C37 17F DC . 37.29 2.12 7.87
C38 17F DC . 38.21 2.73 6.77
C39 17F DC . 37.51 2.76 5.40
C40 17F DC . 37.90 4.02 4.63
C41 17F DC . 36.63 4.93 4.33
C42 17F DC . 35.78 4.64 3.08
C1 17F EC . 37.21 4.20 33.13
N1 17F EC . 37.26 6.22 34.64
O1 17F EC . 39.37 3.43 35.22
P1 17F EC . 39.59 3.61 33.74
C2 17F EC . 36.44 5.15 34.06
O2 17F EC . 40.94 4.11 33.33
C3 17F EC . 35.79 4.34 35.19
O3 17F EC . 38.56 4.55 33.09
C4 17F EC . 39.57 2.14 31.56
O4 17F EC . 35.98 4.62 36.44
C5 17F EC . 39.33 0.70 30.98
O5 17F EC . 35.05 3.39 34.95
C6 17F EC . 38.22 -0.02 31.81
O6 17F EC . 39.40 2.23 32.97
C7 17F EC . 37.57 -2.23 32.16
O7 17F EC . 37.98 -1.33 31.33
C8 17F EC . 37.35 -3.54 31.38
O8 17F EC . 37.35 -2.16 33.35
C9 17F EC . 36.07 -3.52 30.51
O9 17F EC . 39.02 0.69 29.57
C10 17F EC . 35.77 -4.82 29.68
O10 17F EC . 37.03 1.84 29.84
C11 17F EC . 35.68 -4.60 28.13
C12 17F EC . 35.37 -5.95 27.36
C17 17F EC . 38.05 1.53 29.23
C18 17F EC . 38.31 2.14 27.87
C19 17F EC . 37.82 1.27 26.68
C20 17F EC . 36.65 1.95 25.88
C1X 17F EC . 35.29 -5.70 25.85
C1Y 17F EC . 36.21 1.03 24.71
C1Z 17F EC . 37.16 1.19 23.51
C2X 17F EC . 34.97 -7.05 25.04
C21 17F EC . 36.26 -7.82 24.62
C22 17F EC . 36.26 -8.94 23.99
C23 17F EC . 35.09 -9.71 23.54
C24 17F EC . 34.54 -9.29 22.18
C25 17F EC . 33.33 -10.06 21.68
C26 17F EC . 33.57 -11.59 21.27
C27 17F EC . 32.34 -12.32 20.77
C28 17F EC . 32.77 -13.79 20.43
C29 17F EC . 32.56 -14.02 18.99
C30 17F EC . 32.93 -15.39 18.51
C31 17F EC . 37.10 0.07 22.42
C32 17F EC . 38.07 0.26 21.22
C33 17F EC . 37.42 -0.31 19.96
C34 17F EC . 37.98 -0.31 18.75
C35 17F EC . 39.33 0.24 18.39
C36 17F EC . 40.08 -0.56 17.28
C37 17F EC . 41.17 0.28 16.73
C38 17F EC . 42.54 0.07 17.44
C39 17F EC . 43.63 0.97 16.81
C40 17F EC . 44.47 1.62 17.91
C41 17F EC . 44.48 3.20 17.75
C42 17F EC . 45.80 3.96 17.92
PG GNP FC . -28.93 -17.59 -17.90
O1G GNP FC . -29.12 -17.33 -19.35
O2G GNP FC . -27.62 -17.05 -17.37
O3G GNP FC . -30.14 -17.04 -17.25
N3B GNP FC . -29.01 -19.18 -17.59
PB GNP FC . -27.85 -20.12 -16.99
O1B GNP FC . -27.42 -19.70 -15.64
O2B GNP FC . -26.75 -20.11 -17.97
O3A GNP FC . -28.42 -21.56 -16.94
PA GNP FC . -28.74 -22.56 -15.76
O1A GNP FC . -27.49 -22.98 -15.09
O2A GNP FC . -29.85 -22.11 -14.91
O5' GNP FC . -29.30 -23.85 -16.43
C5' GNP FC . -30.54 -23.79 -17.18
C4' GNP FC . -30.64 -25.01 -18.06
O4' GNP FC . -29.31 -25.37 -18.54
C3' GNP FC . -31.17 -26.25 -17.34
O3' GNP FC . -32.11 -26.93 -18.17
C2' GNP FC . -29.92 -27.06 -17.02
O2' GNP FC . -30.09 -28.45 -16.87
C1' GNP FC . -28.98 -26.72 -18.18
N9 GNP FC . -27.54 -26.78 -17.83
C8 GNP FC . -26.86 -25.82 -17.14
N7 GNP FC . -25.61 -26.11 -16.96
C5 GNP FC . -25.44 -27.35 -17.59
C6 GNP FC . -24.28 -28.18 -17.73
O6 GNP FC . -23.14 -28.00 -17.34
N1 GNP FC . -24.52 -29.34 -18.43
C2 GNP FC . -25.75 -29.69 -18.94
N2 GNP FC . -25.77 -30.88 -19.58
N3 GNP FC . -26.84 -28.94 -18.82
C4 GNP FC . -26.62 -27.78 -18.14
MG MG GC . -25.38 -16.75 -11.42
N LEU A 3 12.75 27.50 -37.20
CA LEU A 3 13.62 28.65 -36.94
C LEU A 3 14.16 28.60 -35.53
N LYS A 4 13.26 28.73 -34.55
CA LYS A 4 13.64 28.71 -33.14
C LYS A 4 14.29 27.38 -32.79
N LEU A 5 13.51 26.31 -32.87
CA LEU A 5 14.01 24.97 -32.56
C LEU A 5 15.01 24.50 -33.60
N LEU A 6 14.85 24.96 -34.83
CA LEU A 6 15.74 24.57 -35.93
C LEU A 6 17.19 24.96 -35.66
N ASP A 7 17.41 26.22 -35.29
CA ASP A 7 18.76 26.70 -35.03
C ASP A 7 19.20 26.44 -33.61
N ASN A 8 18.24 26.40 -32.68
CA ASN A 8 18.56 26.15 -31.27
C ASN A 8 19.05 24.71 -31.08
N TRP A 9 18.35 23.76 -31.67
CA TRP A 9 18.73 22.36 -31.57
C TRP A 9 20.06 22.10 -32.24
N ASP A 10 20.41 22.95 -33.20
CA ASP A 10 21.67 22.82 -33.90
C ASP A 10 22.81 23.06 -32.92
N SER A 11 22.68 24.12 -32.13
CA SER A 11 23.67 24.47 -31.12
C SER A 11 23.76 23.37 -30.07
N VAL A 12 22.62 22.72 -29.81
CA VAL A 12 22.57 21.63 -28.85
C VAL A 12 23.33 20.43 -29.38
N THR A 13 23.09 20.11 -30.66
CA THR A 13 23.75 18.98 -31.30
C THR A 13 25.26 19.20 -31.43
N SER A 14 25.67 20.45 -31.69
CA SER A 14 27.08 20.77 -31.80
C SER A 14 27.75 20.65 -30.44
N THR A 15 26.99 20.95 -29.39
CA THR A 15 27.50 20.84 -28.03
C THR A 15 27.62 19.36 -27.67
N PHE A 16 26.70 18.56 -28.21
CA PHE A 16 26.71 17.12 -27.99
C PHE A 16 27.95 16.51 -28.60
N SER A 17 28.31 16.95 -29.80
CA SER A 17 29.49 16.47 -30.47
C SER A 17 30.74 16.92 -29.72
N LYS A 18 30.71 18.16 -29.23
CA LYS A 18 31.82 18.69 -28.45
C LYS A 18 31.94 17.93 -27.13
N LEU A 19 30.80 17.49 -26.62
CA LEU A 19 30.74 16.72 -25.40
C LEU A 19 31.39 15.37 -25.65
N ARG A 20 31.06 14.77 -26.80
CA ARG A 20 31.63 13.48 -27.19
C ARG A 20 33.15 13.60 -27.32
N GLU A 21 33.60 14.75 -27.82
CA GLU A 21 35.02 15.02 -27.98
C GLU A 21 35.72 15.06 -26.63
N GLN A 22 34.95 15.38 -25.59
CA GLN A 22 35.49 15.44 -24.24
C GLN A 22 35.28 14.10 -23.54
N LEU A 23 34.16 13.47 -23.84
CA LEU A 23 33.80 12.17 -23.28
C LEU A 23 34.79 11.10 -23.69
N GLY A 24 35.29 11.21 -24.92
CA GLY A 24 36.26 10.25 -25.42
C GLY A 24 37.47 10.16 -24.49
N PRO A 25 38.32 11.20 -24.46
CA PRO A 25 39.50 11.22 -23.60
C PRO A 25 39.14 11.05 -22.11
N VAL A 26 38.04 11.68 -21.68
CA VAL A 26 37.62 11.60 -20.28
C VAL A 26 37.33 10.16 -19.84
N THR A 27 36.73 9.35 -20.73
CA THR A 27 36.45 7.97 -20.38
C THR A 27 37.73 7.16 -20.36
N GLN A 28 38.60 7.45 -21.32
CA GLN A 28 39.89 6.77 -21.41
C GLN A 28 40.70 7.09 -20.16
N GLU A 29 40.70 8.35 -19.79
CA GLU A 29 41.42 8.80 -18.60
C GLU A 29 40.76 8.19 -17.36
N PHE A 30 39.43 8.10 -17.39
CA PHE A 30 38.69 7.51 -16.29
C PHE A 30 39.05 6.03 -16.17
N TRP A 31 39.15 5.36 -17.31
CA TRP A 31 39.52 3.94 -17.34
C TRP A 31 40.91 3.76 -16.76
N ASP A 32 41.83 4.65 -17.14
CA ASP A 32 43.21 4.59 -16.64
C ASP A 32 43.23 4.87 -15.15
N ASN A 33 42.50 5.89 -14.73
CA ASN A 33 42.42 6.26 -13.33
C ASN A 33 41.85 5.09 -12.53
N LEU A 34 40.77 4.52 -13.06
CA LEU A 34 40.11 3.39 -12.42
C LEU A 34 41.01 2.17 -12.46
N GLU A 35 41.85 2.08 -13.48
CA GLU A 35 42.79 0.97 -13.63
C GLU A 35 43.77 1.02 -12.46
N LYS A 36 44.31 2.21 -12.20
CA LYS A 36 45.24 2.41 -11.11
C LYS A 36 44.53 2.11 -9.80
N GLU A 37 43.27 2.55 -9.72
CA GLU A 37 42.45 2.34 -8.54
C GLU A 37 42.20 0.85 -8.31
N THR A 38 41.75 0.15 -9.35
CA THR A 38 41.46 -1.28 -9.25
C THR A 38 42.73 -2.08 -8.97
N GLU A 39 43.82 -1.72 -9.63
CA GLU A 39 45.10 -2.40 -9.42
C GLU A 39 45.55 -2.21 -7.99
N GLY A 40 45.42 -0.98 -7.49
CA GLY A 40 45.79 -0.70 -6.12
C GLY A 40 44.93 -1.48 -5.16
N LEU A 41 43.61 -1.43 -5.42
CA LEU A 41 42.64 -2.15 -4.60
C LEU A 41 42.93 -3.65 -4.62
N ARG A 42 43.29 -4.16 -5.79
CA ARG A 42 43.60 -5.59 -5.93
C ARG A 42 44.86 -5.92 -5.17
N GLN A 43 45.87 -5.05 -5.28
CA GLN A 43 47.13 -5.23 -4.58
C GLN A 43 46.86 -5.27 -3.08
N GLU A 44 45.99 -4.36 -2.63
CA GLU A 44 45.61 -4.30 -1.23
C GLU A 44 44.79 -5.53 -0.87
N MET A 45 43.87 -5.90 -1.75
CA MET A 45 43.01 -7.06 -1.55
C MET A 45 43.83 -8.34 -1.39
N SER A 46 44.95 -8.40 -2.10
CA SER A 46 45.84 -9.55 -2.02
C SER A 46 46.36 -9.70 -0.60
N LYS A 47 46.52 -8.58 0.09
CA LYS A 47 46.99 -8.59 1.47
C LYS A 47 45.79 -8.65 2.40
N ASP A 48 44.76 -7.88 2.04
CA ASP A 48 43.52 -7.79 2.80
C ASP A 48 42.93 -9.18 3.06
N LEU A 49 42.82 -9.97 2.00
CA LEU A 49 42.27 -11.32 2.10
C LEU A 49 43.06 -12.18 3.08
N GLU A 50 44.37 -11.97 3.14
CA GLU A 50 45.22 -12.75 4.03
C GLU A 50 45.24 -12.17 5.45
N GLU A 51 45.28 -10.85 5.55
CA GLU A 51 45.31 -10.21 6.85
C GLU A 51 43.93 -10.26 7.51
N VAL A 52 42.90 -10.54 6.71
CA VAL A 52 41.54 -10.63 7.20
C VAL A 52 41.05 -12.09 7.28
N LYS A 53 41.10 -12.81 6.17
CA LYS A 53 40.62 -14.20 6.15
C LYS A 53 41.59 -15.18 6.79
N ALA A 54 42.85 -15.14 6.39
CA ALA A 54 43.84 -16.05 6.97
C ALA A 54 43.99 -15.76 8.45
N LYS A 55 43.78 -14.51 8.82
CA LYS A 55 43.87 -14.09 10.20
C LYS A 55 42.52 -14.23 10.91
N VAL A 56 41.48 -14.53 10.14
CA VAL A 56 40.15 -14.70 10.72
C VAL A 56 40.05 -16.08 11.35
N GLN A 57 40.95 -16.97 10.93
CA GLN A 57 41.00 -18.32 11.47
C GLN A 57 41.23 -18.28 12.98
N PRO A 58 42.34 -17.66 13.46
CA PRO A 58 42.61 -17.55 14.89
C PRO A 58 41.52 -16.74 15.59
N TYR A 59 40.88 -15.84 14.84
CA TYR A 59 39.80 -15.02 15.37
C TYR A 59 38.59 -15.90 15.68
N LEU A 60 38.17 -16.64 14.66
CA LEU A 60 37.03 -17.54 14.79
C LEU A 60 37.34 -18.67 15.75
N ASP A 61 38.54 -19.23 15.64
CA ASP A 61 38.97 -20.32 16.51
C ASP A 61 38.93 -19.87 17.96
N ASP A 62 39.39 -18.65 18.20
CA ASP A 62 39.38 -18.06 19.53
C ASP A 62 37.96 -17.96 20.04
N PHE A 63 37.10 -17.36 19.21
CA PHE A 63 35.69 -17.19 19.56
C PHE A 63 35.00 -18.54 19.74
N GLN A 64 35.42 -19.53 18.95
CA GLN A 64 34.86 -20.87 19.05
C GLN A 64 35.19 -21.47 20.41
N LYS A 65 36.45 -21.34 20.81
CA LYS A 65 36.90 -21.85 22.09
C LYS A 65 36.17 -21.13 23.22
N LYS A 66 36.11 -19.81 23.12
CA LYS A 66 35.42 -18.99 24.10
C LYS A 66 33.94 -19.36 24.15
N TRP A 67 33.33 -19.50 22.96
CA TRP A 67 31.93 -19.87 22.86
C TRP A 67 31.69 -21.26 23.41
N GLN A 68 32.68 -22.14 23.29
CA GLN A 68 32.56 -23.48 23.83
C GLN A 68 32.42 -23.39 25.33
N GLU A 69 33.27 -22.57 25.94
CA GLU A 69 33.22 -22.36 27.38
C GLU A 69 31.87 -21.75 27.73
N GLU A 70 31.49 -20.74 26.96
CA GLU A 70 30.23 -20.04 27.15
C GLU A 70 29.04 -20.99 27.07
N MET A 71 29.03 -21.85 26.05
CA MET A 71 27.95 -22.81 25.85
C MET A 71 28.01 -23.94 26.88
N GLU A 72 29.20 -24.47 27.11
CA GLU A 72 29.39 -25.56 28.08
C GLU A 72 28.96 -25.11 29.46
N LEU A 73 29.45 -23.96 29.89
CA LEU A 73 29.11 -23.41 31.19
C LEU A 73 27.62 -23.12 31.25
N TYR A 74 27.08 -22.60 30.15
CA TYR A 74 25.67 -22.30 30.09
C TYR A 74 24.84 -23.57 30.24
N ARG A 75 25.18 -24.59 29.46
CA ARG A 75 24.46 -25.87 29.51
C ARG A 75 24.60 -26.51 30.89
N GLN A 76 25.81 -26.49 31.42
CA GLN A 76 26.11 -27.07 32.71
C GLN A 76 25.31 -26.42 33.83
N LYS A 77 25.07 -25.12 33.70
CA LYS A 77 24.33 -24.39 34.71
C LYS A 77 22.84 -24.27 34.39
N VAL A 78 22.52 -24.26 33.10
CA VAL A 78 21.13 -24.15 32.66
C VAL A 78 20.27 -25.24 33.28
N GLU A 79 20.81 -26.46 33.36
CA GLU A 79 20.08 -27.58 33.93
C GLU A 79 19.71 -27.34 35.41
N PRO A 80 20.68 -27.20 36.33
CA PRO A 80 20.39 -26.96 37.74
C PRO A 80 19.58 -25.68 37.94
N LEU A 81 19.84 -24.67 37.11
CA LEU A 81 19.13 -23.41 37.20
C LEU A 81 17.67 -23.58 36.76
N ARG A 82 17.46 -24.31 35.68
CA ARG A 82 16.11 -24.56 35.18
C ARG A 82 15.38 -25.47 36.16
N ALA A 83 16.11 -26.44 36.71
CA ALA A 83 15.55 -27.35 37.69
C ALA A 83 15.12 -26.56 38.91
N GLU A 84 15.98 -25.65 39.35
CA GLU A 84 15.70 -24.79 40.48
C GLU A 84 14.47 -23.95 40.19
N LEU A 85 14.40 -23.42 38.98
CA LEU A 85 13.27 -22.61 38.56
C LEU A 85 12.01 -23.46 38.60
N GLN A 86 12.14 -24.72 38.19
CA GLN A 86 11.02 -25.65 38.19
C GLN A 86 10.59 -25.95 39.62
N GLU A 87 11.57 -26.19 40.50
CA GLU A 87 11.27 -26.47 41.89
C GLU A 87 10.55 -25.29 42.52
N GLY A 88 11.09 -24.10 42.27
CA GLY A 88 10.49 -22.89 42.79
C GLY A 88 9.13 -22.65 42.18
N ALA A 89 9.03 -22.89 40.87
CA ALA A 89 7.77 -22.71 40.15
C ALA A 89 6.74 -23.70 40.65
N ARG A 90 7.20 -24.92 40.96
CA ARG A 90 6.32 -25.96 41.49
C ARG A 90 5.61 -25.45 42.72
N GLN A 91 6.36 -24.81 43.61
CA GLN A 91 5.80 -24.26 44.83
C GLN A 91 4.79 -23.18 44.49
N LYS A 92 5.24 -22.21 43.70
CA LYS A 92 4.40 -21.09 43.28
C LYS A 92 3.13 -21.59 42.59
N LEU A 93 3.27 -22.55 41.70
CA LEU A 93 2.13 -23.12 40.99
C LEU A 93 1.23 -23.88 41.96
N HIS A 94 1.84 -24.57 42.91
CA HIS A 94 1.09 -25.32 43.90
C HIS A 94 0.29 -24.37 44.77
N GLU A 95 0.89 -23.24 45.10
CA GLU A 95 0.24 -22.22 45.91
C GLU A 95 -0.90 -21.59 45.11
N LEU A 96 -0.66 -21.40 43.81
CA LEU A 96 -1.67 -20.83 42.93
C LEU A 96 -2.82 -21.81 42.76
N GLN A 97 -2.48 -23.09 42.63
CA GLN A 97 -3.47 -24.15 42.49
C GLN A 97 -4.31 -24.20 43.75
N GLU A 98 -3.66 -23.99 44.89
CA GLU A 98 -4.33 -24.00 46.18
C GLU A 98 -4.90 -22.63 46.49
N LYS A 99 -5.02 -21.81 45.47
CA LYS A 99 -5.56 -20.47 45.62
C LYS A 99 -6.78 -20.34 44.71
N LEU A 100 -6.66 -20.88 43.51
CA LEU A 100 -7.74 -20.85 42.53
C LEU A 100 -8.93 -21.66 43.00
N SER A 101 -8.70 -22.61 43.89
CA SER A 101 -9.77 -23.45 44.41
C SER A 101 -10.51 -22.80 45.60
N PRO A 102 -9.86 -22.61 46.77
CA PRO A 102 -10.53 -22.00 47.93
C PRO A 102 -10.94 -20.55 47.68
N LEU A 103 -10.00 -19.75 47.18
CA LEU A 103 -10.29 -18.34 46.90
C LEU A 103 -11.06 -18.20 45.61
N GLY A 104 -11.02 -19.24 44.79
CA GLY A 104 -11.74 -19.22 43.53
C GLY A 104 -13.20 -19.56 43.75
N GLU A 105 -13.45 -20.56 44.59
CA GLU A 105 -14.80 -20.98 44.90
C GLU A 105 -15.57 -19.84 45.55
N GLU A 106 -14.95 -19.16 46.50
CA GLU A 106 -15.59 -18.04 47.18
C GLU A 106 -15.89 -16.92 46.18
N MET A 107 -14.95 -16.72 45.24
CA MET A 107 -15.12 -15.68 44.22
C MET A 107 -16.29 -16.05 43.32
N ARG A 108 -16.33 -17.32 42.90
CA ARG A 108 -17.41 -17.81 42.04
C ARG A 108 -18.72 -17.80 42.80
N ASP A 109 -18.67 -18.11 44.08
CA ASP A 109 -19.87 -18.12 44.92
C ASP A 109 -20.39 -16.69 45.09
N ARG A 110 -19.45 -15.75 45.22
CA ARG A 110 -19.81 -14.33 45.35
C ARG A 110 -20.39 -13.88 44.02
N ALA A 111 -19.86 -14.44 42.93
CA ALA A 111 -20.34 -14.13 41.59
C ALA A 111 -21.77 -14.65 41.45
N ARG A 112 -22.05 -15.78 42.11
CA ARG A 112 -23.38 -16.36 42.09
C ARG A 112 -24.35 -15.38 42.71
N ALA A 113 -23.99 -14.84 43.87
CA ALA A 113 -24.81 -13.87 44.57
C ALA A 113 -24.87 -12.58 43.77
N HIS A 114 -23.73 -12.23 43.18
CA HIS A 114 -23.61 -11.04 42.34
C HIS A 114 -24.64 -11.06 41.22
N VAL A 115 -24.65 -12.17 40.48
CA VAL A 115 -25.58 -12.35 39.37
C VAL A 115 -26.99 -12.62 39.88
N ASP A 116 -27.09 -13.33 41.01
CA ASP A 116 -28.39 -13.64 41.59
C ASP A 116 -29.12 -12.35 41.94
N ALA A 117 -28.41 -11.44 42.60
CA ALA A 117 -28.97 -10.16 42.97
C ALA A 117 -29.27 -9.36 41.72
N LEU A 118 -28.47 -9.59 40.68
CA LEU A 118 -28.65 -8.92 39.40
C LEU A 118 -29.93 -9.39 38.75
N ARG A 119 -30.26 -10.67 38.93
CA ARG A 119 -31.48 -11.25 38.36
C ARG A 119 -32.68 -10.61 39.04
N THR A 120 -32.62 -10.52 40.36
CA THR A 120 -33.69 -9.92 41.14
C THR A 120 -33.75 -8.41 40.91
N HIS A 121 -32.67 -7.87 40.38
CA HIS A 121 -32.58 -6.45 40.08
C HIS A 121 -33.06 -6.16 38.66
N LEU A 122 -32.51 -6.87 37.71
CA LEU A 122 -32.86 -6.69 36.30
C LEU A 122 -34.31 -7.04 36.01
N ALA A 123 -34.89 -7.97 36.77
CA ALA A 123 -36.28 -8.36 36.58
C ALA A 123 -37.23 -7.17 36.65
N PRO A 124 -37.32 -6.46 37.80
CA PRO A 124 -38.18 -5.30 37.92
C PRO A 124 -37.64 -4.14 37.09
N TYR A 125 -36.31 -4.01 37.03
CA TYR A 125 -35.67 -2.94 36.27
C TYR A 125 -36.11 -2.96 34.81
N SER A 126 -36.00 -4.12 34.18
CA SER A 126 -36.38 -4.27 32.78
C SER A 126 -37.89 -4.13 32.60
N ASP A 127 -38.66 -4.67 33.54
CA ASP A 127 -40.12 -4.58 33.46
C ASP A 127 -40.57 -3.14 33.57
N GLU A 128 -40.01 -2.42 34.53
CA GLU A 128 -40.34 -1.02 34.73
C GLU A 128 -39.82 -0.22 33.54
N LEU A 129 -38.71 -0.66 32.97
CA LEU A 129 -38.13 -0.01 31.80
C LEU A 129 -39.10 -0.13 30.64
N ARG A 130 -39.76 -1.28 30.53
CA ARG A 130 -40.74 -1.52 29.48
C ARG A 130 -41.87 -0.52 29.64
N GLN A 131 -42.32 -0.34 30.87
CA GLN A 131 -43.39 0.60 31.19
C GLN A 131 -42.96 2.01 30.81
N ARG A 132 -41.70 2.31 31.10
CA ARG A 132 -41.13 3.62 30.78
C ARG A 132 -41.05 3.79 29.28
N LEU A 133 -40.63 2.74 28.59
CA LEU A 133 -40.53 2.76 27.14
C LEU A 133 -41.92 2.93 26.54
N ALA A 134 -42.90 2.25 27.13
CA ALA A 134 -44.28 2.35 26.69
C ALA A 134 -44.78 3.78 26.84
N ALA A 135 -44.41 4.41 27.95
CA ALA A 135 -44.79 5.80 28.21
C ALA A 135 -44.16 6.71 27.16
N ARG A 136 -42.90 6.44 26.85
CA ARG A 136 -42.18 7.20 25.84
C ARG A 136 -42.82 6.96 24.47
N LEU A 137 -43.16 5.69 24.21
CA LEU A 137 -43.80 5.31 22.96
C LEU A 137 -45.14 6.02 22.80
N GLU A 138 -45.85 6.20 23.90
CA GLU A 138 -47.14 6.89 23.87
C GLU A 138 -46.95 8.30 23.33
N ALA A 139 -45.90 8.96 23.81
CA ALA A 139 -45.59 10.31 23.36
C ALA A 139 -45.07 10.27 21.92
N LEU A 140 -44.27 9.25 21.61
CA LEU A 140 -43.73 9.09 20.27
C LEU A 140 -44.81 8.76 19.25
N LYS A 141 -45.95 8.28 19.74
CA LYS A 141 -47.07 7.95 18.87
C LYS A 141 -48.05 9.11 18.77
N GLU A 142 -48.49 9.60 19.93
CA GLU A 142 -49.43 10.72 19.97
C GLU A 142 -48.76 12.01 19.52
N ASN A 143 -47.76 12.45 20.29
CA ASN A 143 -47.03 13.65 19.96
C ASN A 143 -46.23 13.44 18.68
N GLY A 144 -45.74 12.21 18.50
CA GLY A 144 -45.00 11.87 17.31
C GLY A 144 -45.88 12.01 16.08
N GLY A 145 -47.12 11.56 16.21
CA GLY A 145 -48.07 11.68 15.14
C GLY A 145 -48.40 13.13 14.88
N ALA A 146 -48.46 13.91 15.96
CA ALA A 146 -48.72 15.33 15.87
C ALA A 146 -47.57 16.01 15.13
N ARG A 147 -46.36 15.58 15.41
CA ARG A 147 -45.17 16.11 14.75
C ARG A 147 -45.28 15.87 13.25
N LEU A 148 -45.65 14.65 12.88
CA LEU A 148 -45.81 14.29 11.49
C LEU A 148 -46.87 15.16 10.82
N ALA A 149 -47.96 15.42 11.54
CA ALA A 149 -49.02 16.27 11.03
C ALA A 149 -48.47 17.69 10.83
N GLU A 150 -47.68 18.13 11.81
CA GLU A 150 -47.04 19.44 11.75
C GLU A 150 -46.13 19.51 10.53
N TYR A 151 -45.34 18.44 10.35
CA TYR A 151 -44.43 18.35 9.22
C TYR A 151 -45.18 18.38 7.92
N HIS A 152 -46.34 17.73 7.88
CA HIS A 152 -47.17 17.69 6.68
C HIS A 152 -47.65 19.11 6.32
N ALA A 153 -48.14 19.83 7.33
CA ALA A 153 -48.61 21.19 7.13
C ALA A 153 -47.47 22.07 6.64
N LYS A 154 -46.31 21.92 7.26
CA LYS A 154 -45.14 22.69 6.90
C LYS A 154 -44.64 22.29 5.51
N ALA A 155 -44.69 21.01 5.21
CA ALA A 155 -44.27 20.51 3.90
C ALA A 155 -45.18 21.09 2.82
N THR A 156 -46.47 21.15 3.13
CA THR A 156 -47.45 21.69 2.22
C THR A 156 -47.10 23.15 1.92
N GLU A 157 -46.81 23.91 2.97
CA GLU A 157 -46.44 25.31 2.82
C GLU A 157 -45.09 25.47 2.13
N HIS A 158 -44.21 24.47 2.29
CA HIS A 158 -42.92 24.49 1.65
C HIS A 158 -43.09 24.26 0.16
N LEU A 159 -43.94 23.31 -0.18
CA LEU A 159 -44.21 22.96 -1.57
C LEU A 159 -45.00 24.06 -2.27
N SER A 160 -45.96 24.64 -1.55
CA SER A 160 -46.77 25.71 -2.12
C SER A 160 -45.89 26.91 -2.46
N THR A 161 -45.07 27.32 -1.50
CA THR A 161 -44.15 28.42 -1.71
C THR A 161 -43.11 28.03 -2.77
N LEU A 162 -42.80 26.74 -2.83
CA LEU A 162 -41.86 26.23 -3.81
C LEU A 162 -42.45 26.37 -5.20
N SER A 163 -43.77 26.30 -5.28
CA SER A 163 -44.47 26.44 -6.55
C SER A 163 -44.35 27.89 -7.01
N GLU A 164 -44.26 28.80 -6.03
CA GLU A 164 -44.12 30.22 -6.31
C GLU A 164 -42.67 30.55 -6.65
N LYS A 165 -41.83 29.52 -6.68
CA LYS A 165 -40.42 29.65 -7.01
C LYS A 165 -40.11 28.85 -8.27
N ALA A 166 -40.58 27.62 -8.29
CA ALA A 166 -40.36 26.71 -9.41
C ALA A 166 -41.18 27.10 -10.63
N LYS A 167 -41.97 28.16 -10.53
CA LYS A 167 -42.76 28.62 -11.66
C LYS A 167 -42.46 30.08 -11.99
N PRO A 168 -42.87 31.05 -11.14
CA PRO A 168 -42.62 32.48 -11.40
C PRO A 168 -41.12 32.77 -11.49
N ALA A 169 -40.38 32.37 -10.47
CA ALA A 169 -38.94 32.59 -10.44
C ALA A 169 -38.25 31.79 -11.55
N LEU A 170 -38.78 30.61 -11.86
CA LEU A 170 -38.20 29.78 -12.91
C LEU A 170 -38.31 30.49 -14.25
N GLU A 171 -39.48 31.07 -14.52
CA GLU A 171 -39.68 31.80 -15.75
C GLU A 171 -38.82 33.06 -15.77
N ASP A 172 -38.61 33.64 -14.59
CA ASP A 172 -37.77 34.81 -14.47
C ASP A 172 -36.35 34.43 -14.83
N LEU A 173 -35.95 33.24 -14.38
CA LEU A 173 -34.64 32.71 -14.66
C LEU A 173 -34.53 32.42 -16.15
N ARG A 174 -35.63 32.00 -16.76
CA ARG A 174 -35.66 31.73 -18.19
C ARG A 174 -35.48 33.05 -18.93
N GLN A 175 -36.17 34.07 -18.45
CA GLN A 175 -36.08 35.39 -19.04
C GLN A 175 -34.73 36.04 -18.80
N GLY A 176 -33.92 35.40 -17.95
CA GLY A 176 -32.58 35.87 -17.65
C GLY A 176 -31.58 35.04 -18.43
N LEU A 177 -31.79 33.73 -18.41
CA LEU A 177 -30.92 32.78 -19.11
C LEU A 177 -30.94 33.03 -20.61
N LEU A 178 -32.12 33.28 -21.18
CA LEU A 178 -32.23 33.53 -22.61
C LEU A 178 -31.28 34.64 -23.08
N PRO A 179 -31.41 35.88 -22.56
CA PRO A 179 -30.53 36.98 -22.96
C PRO A 179 -29.09 36.70 -22.56
N VAL A 180 -28.89 36.09 -21.39
CA VAL A 180 -27.56 35.75 -20.90
C VAL A 180 -26.87 34.83 -21.89
N LEU A 181 -27.55 33.77 -22.30
CA LEU A 181 -27.00 32.82 -23.26
C LEU A 181 -26.66 33.53 -24.57
N GLU A 182 -27.55 34.42 -25.00
CA GLU A 182 -27.34 35.17 -26.23
C GLU A 182 -26.11 36.09 -26.10
N SER A 183 -26.07 36.88 -25.04
CA SER A 183 -24.96 37.79 -24.81
C SER A 183 -23.66 37.03 -24.64
N PHE A 184 -23.74 35.88 -23.95
CA PHE A 184 -22.56 35.06 -23.72
C PHE A 184 -22.07 34.45 -25.02
N LYS A 185 -23.00 34.01 -25.87
CA LYS A 185 -22.64 33.43 -27.16
C LYS A 185 -21.95 34.47 -28.02
N VAL A 186 -22.49 35.69 -28.03
CA VAL A 186 -21.92 36.78 -28.81
C VAL A 186 -20.47 37.06 -28.37
N SER A 187 -20.26 37.09 -27.05
CA SER A 187 -18.93 37.37 -26.49
C SER A 187 -18.00 36.17 -26.69
N PHE A 188 -18.51 34.97 -26.48
CA PHE A 188 -17.72 33.76 -26.65
C PHE A 188 -17.25 33.61 -28.09
N LEU A 189 -18.16 33.85 -29.03
CA LEU A 189 -17.84 33.75 -30.44
C LEU A 189 -16.74 34.73 -30.85
N SER A 190 -16.81 35.94 -30.30
CA SER A 190 -15.80 36.95 -30.61
C SER A 190 -14.48 36.65 -29.91
N ALA A 191 -14.57 35.94 -28.78
CA ALA A 191 -13.38 35.56 -28.03
C ALA A 191 -12.69 34.38 -28.72
N LEU A 192 -13.51 33.49 -29.27
CA LEU A 192 -13.01 32.32 -29.97
C LEU A 192 -12.15 32.72 -31.18
N GLU A 193 -12.67 33.65 -31.99
CA GLU A 193 -11.92 34.12 -33.15
C GLU A 193 -10.67 34.88 -32.70
N GLU A 194 -10.78 35.55 -31.56
CA GLU A 194 -9.66 36.32 -31.00
C GLU A 194 -8.49 35.38 -30.71
N TYR A 195 -8.75 34.37 -29.90
CA TYR A 195 -7.73 33.39 -29.54
C TYR A 195 -7.14 32.72 -30.77
N THR A 196 -8.01 32.33 -31.70
CA THR A 196 -7.59 31.66 -32.91
C THR A 196 -6.65 32.51 -33.77
N LYS A 197 -7.02 33.77 -34.00
CA LYS A 197 -6.20 34.65 -34.84
C LYS A 197 -4.96 35.17 -34.13
N LYS A 198 -4.88 34.99 -32.81
CA LYS A 198 -3.72 35.45 -32.06
C LYS A 198 -2.73 34.31 -31.81
N LEU A 199 -3.26 33.10 -31.74
CA LEU A 199 -2.41 31.93 -31.51
C LEU A 199 -1.90 31.37 -32.84
N ASN A 200 -2.61 31.66 -33.91
CA ASN A 200 -2.22 31.19 -35.24
C ASN A 200 -2.38 32.29 -36.28
N LEU B 3 -26.47 43.68 -16.22
CA LEU B 3 -27.24 44.87 -16.51
C LEU B 3 -28.60 44.79 -15.84
N LYS B 4 -29.16 43.59 -15.84
CA LYS B 4 -30.45 43.36 -15.24
C LYS B 4 -30.28 42.66 -13.89
N LEU B 5 -29.33 43.15 -13.11
CA LEU B 5 -29.05 42.60 -11.79
C LEU B 5 -30.27 42.79 -10.89
N LEU B 6 -30.91 43.94 -11.03
CA LEU B 6 -32.10 44.26 -10.24
C LEU B 6 -33.24 43.31 -10.58
N ASP B 7 -33.23 42.79 -11.81
CA ASP B 7 -34.25 41.85 -12.25
C ASP B 7 -34.09 40.54 -11.50
N ASN B 8 -32.84 40.09 -11.39
CA ASN B 8 -32.54 38.86 -10.68
C ASN B 8 -32.84 39.05 -9.20
N TRP B 9 -32.43 40.21 -8.69
CA TRP B 9 -32.66 40.55 -7.28
C TRP B 9 -34.15 40.62 -6.99
N ASP B 10 -34.93 41.03 -7.99
CA ASP B 10 -36.38 41.13 -7.85
C ASP B 10 -36.98 39.76 -7.58
N SER B 11 -36.54 38.75 -8.32
CA SER B 11 -37.01 37.40 -8.14
C SER B 11 -36.55 36.86 -6.79
N VAL B 12 -35.38 37.31 -6.35
CA VAL B 12 -34.82 36.88 -5.08
C VAL B 12 -35.57 37.54 -3.92
N THR B 13 -35.76 38.84 -4.00
CA THR B 13 -36.45 39.59 -2.96
C THR B 13 -37.91 39.13 -2.82
N SER B 14 -38.59 38.97 -3.95
CA SER B 14 -39.99 38.55 -3.93
C SER B 14 -40.14 37.17 -3.28
N THR B 15 -39.29 36.22 -3.67
CA THR B 15 -39.34 34.88 -3.10
C THR B 15 -38.93 34.91 -1.64
N PHE B 16 -38.02 35.82 -1.30
CA PHE B 16 -37.55 35.96 0.07
C PHE B 16 -38.71 36.36 0.98
N SER B 17 -39.54 37.30 0.51
CA SER B 17 -40.70 37.73 1.28
C SER B 17 -41.64 36.56 1.49
N LYS B 18 -41.79 35.75 0.45
CA LYS B 18 -42.66 34.58 0.52
C LYS B 18 -42.12 33.58 1.54
N LEU B 19 -40.80 33.41 1.54
CA LEU B 19 -40.14 32.52 2.49
C LEU B 19 -40.31 33.05 3.90
N ARG B 20 -40.13 34.35 4.06
CA ARG B 20 -40.28 34.99 5.36
C ARG B 20 -41.73 34.89 5.84
N GLU B 21 -42.66 35.02 4.89
CA GLU B 21 -44.07 34.92 5.20
C GLU B 21 -44.38 33.50 5.67
N GLN B 22 -43.93 32.52 4.89
CA GLN B 22 -44.14 31.12 5.22
C GLN B 22 -43.51 30.79 6.57
N LEU B 23 -42.33 31.35 6.81
CA LEU B 23 -41.60 31.13 8.06
C LEU B 23 -42.45 31.51 9.26
N GLY B 24 -43.37 32.46 9.07
CA GLY B 24 -44.25 32.89 10.15
C GLY B 24 -45.05 31.73 10.70
N PRO B 25 -46.08 31.28 9.99
CA PRO B 25 -46.90 30.14 10.42
C PRO B 25 -46.04 28.92 10.71
N VAL B 26 -45.00 28.70 9.89
CA VAL B 26 -44.11 27.58 10.07
C VAL B 26 -43.50 27.58 11.47
N THR B 27 -42.95 28.72 11.90
CA THR B 27 -42.35 28.80 13.22
C THR B 27 -43.42 28.78 14.31
N GLN B 28 -44.55 29.43 14.04
CA GLN B 28 -45.65 29.45 14.99
C GLN B 28 -46.11 28.03 15.30
N GLU B 29 -46.25 27.24 14.25
CA GLU B 29 -46.66 25.85 14.39
C GLU B 29 -45.51 25.02 14.94
N PHE B 30 -44.29 25.31 14.49
CA PHE B 30 -43.11 24.58 14.94
C PHE B 30 -42.91 24.78 16.44
N TRP B 31 -43.09 26.00 16.90
CA TRP B 31 -42.94 26.31 18.31
C TRP B 31 -44.06 25.66 19.10
N ASP B 32 -45.23 25.59 18.48
CA ASP B 32 -46.37 24.93 19.10
C ASP B 32 -46.05 23.44 19.20
N ASN B 33 -45.44 22.92 18.14
CA ASN B 33 -45.02 21.54 18.09
C ASN B 33 -43.95 21.30 19.15
N LEU B 34 -43.04 22.25 19.28
CA LEU B 34 -41.97 22.17 20.27
C LEU B 34 -42.58 22.12 21.67
N GLU B 35 -43.69 22.84 21.85
CA GLU B 35 -44.39 22.85 23.11
C GLU B 35 -45.03 21.48 23.34
N LYS B 36 -45.51 20.88 22.25
CA LYS B 36 -46.11 19.56 22.31
C LYS B 36 -45.02 18.53 22.65
N GLU B 37 -43.86 18.72 22.04
CA GLU B 37 -42.72 17.85 22.28
C GLU B 37 -42.27 17.95 23.73
N THR B 38 -42.09 19.19 24.18
CA THR B 38 -41.69 19.42 25.56
C THR B 38 -42.76 18.94 26.53
N GLU B 39 -44.01 19.00 26.09
CA GLU B 39 -45.13 18.52 26.90
C GLU B 39 -44.99 17.03 27.11
N GLY B 40 -44.65 16.32 26.04
CA GLY B 40 -44.44 14.89 26.14
C GLY B 40 -43.25 14.60 27.01
N LEU B 41 -42.18 15.37 26.81
CA LEU B 41 -40.97 15.22 27.59
C LEU B 41 -41.22 15.55 29.06
N ARG B 42 -42.19 16.44 29.29
CA ARG B 42 -42.57 16.83 30.64
C ARG B 42 -43.32 15.70 31.32
N GLN B 43 -43.59 14.64 30.58
CA GLN B 43 -44.26 13.46 31.10
C GLN B 43 -43.29 12.29 31.05
N GLU B 44 -42.49 12.24 29.99
CA GLU B 44 -41.49 11.20 29.82
C GLU B 44 -40.35 11.38 30.79
N MET B 45 -39.66 12.52 30.69
CA MET B 45 -38.51 12.81 31.53
C MET B 45 -38.87 13.00 33.00
N SER B 46 -40.08 13.48 33.28
CA SER B 46 -40.51 13.66 34.66
C SER B 46 -40.58 12.30 35.35
N LYS B 47 -41.32 11.39 34.72
CA LYS B 47 -41.45 10.03 35.22
C LYS B 47 -40.09 9.37 35.20
N ASP B 48 -39.33 9.64 34.15
CA ASP B 48 -38.00 9.08 34.00
C ASP B 48 -37.11 9.50 35.17
N LEU B 49 -37.01 10.79 35.41
CA LEU B 49 -36.19 11.30 36.50
C LEU B 49 -36.69 10.80 37.85
N GLU B 50 -38.01 10.81 38.03
CA GLU B 50 -38.62 10.36 39.27
C GLU B 50 -38.29 8.88 39.51
N GLU B 51 -38.55 8.06 38.51
CA GLU B 51 -38.27 6.64 38.61
C GLU B 51 -36.78 6.38 38.65
N VAL B 52 -36.01 7.26 38.03
CA VAL B 52 -34.54 7.14 38.03
C VAL B 52 -34.03 7.22 39.46
N LYS B 53 -34.57 8.16 40.22
CA LYS B 53 -34.17 8.32 41.62
C LYS B 53 -34.51 7.05 42.39
N ALA B 54 -35.68 6.49 42.09
CA ALA B 54 -36.15 5.26 42.73
C ALA B 54 -35.43 4.04 42.14
N LYS B 55 -34.57 4.29 41.16
CA LYS B 55 -33.81 3.22 40.53
C LYS B 55 -32.35 3.31 40.94
N VAL B 56 -31.86 4.54 41.12
CA VAL B 56 -30.50 4.77 41.54
C VAL B 56 -30.29 4.32 42.98
N GLN B 57 -31.30 4.51 43.82
CA GLN B 57 -31.22 4.10 45.22
C GLN B 57 -30.87 2.60 45.35
N PRO B 58 -31.71 1.69 44.82
CA PRO B 58 -31.44 0.25 44.88
C PRO B 58 -30.23 -0.11 44.02
N TYR B 59 -29.95 0.70 43.01
CA TYR B 59 -28.81 0.47 42.14
C TYR B 59 -27.53 0.70 42.91
N LEU B 60 -27.48 1.82 43.62
CA LEU B 60 -26.32 2.18 44.43
C LEU B 60 -26.19 1.22 45.59
N ASP B 61 -27.31 0.81 46.17
CA ASP B 61 -27.32 -0.14 47.27
C ASP B 61 -26.74 -1.47 46.82
N ASP B 62 -27.24 -1.95 45.70
CA ASP B 62 -26.78 -3.21 45.13
C ASP B 62 -25.32 -3.10 44.70
N PHE B 63 -25.00 -1.95 44.11
CA PHE B 63 -23.64 -1.68 43.67
C PHE B 63 -22.70 -1.64 44.86
N GLN B 64 -23.17 -1.04 45.96
CA GLN B 64 -22.38 -0.95 47.18
C GLN B 64 -22.13 -2.35 47.72
N LYS B 65 -23.16 -3.19 47.67
CA LYS B 65 -23.06 -4.57 48.12
C LYS B 65 -22.01 -5.28 47.29
N LYS B 66 -22.10 -5.10 45.98
CA LYS B 66 -21.16 -5.71 45.05
C LYS B 66 -19.77 -5.13 45.24
N TRP B 67 -19.70 -3.81 45.43
CA TRP B 67 -18.43 -3.13 45.66
C TRP B 67 -17.77 -3.66 46.91
N GLN B 68 -18.54 -3.83 47.97
CA GLN B 68 -18.00 -4.34 49.23
C GLN B 68 -17.61 -5.80 49.05
N GLU B 69 -18.41 -6.54 48.27
CA GLU B 69 -18.11 -7.94 47.99
C GLU B 69 -16.79 -8.04 47.23
N GLU B 70 -16.65 -7.20 46.21
CA GLU B 70 -15.44 -7.16 45.40
C GLU B 70 -14.25 -6.64 46.21
N MET B 71 -14.46 -5.54 46.94
CA MET B 71 -13.41 -4.95 47.76
C MET B 71 -12.87 -5.95 48.77
N GLU B 72 -13.77 -6.53 49.56
CA GLU B 72 -13.37 -7.50 50.56
C GLU B 72 -12.79 -8.73 49.87
N LEU B 73 -13.42 -9.12 48.76
CA LEU B 73 -12.97 -10.25 47.97
C LEU B 73 -11.52 -10.05 47.53
N TYR B 74 -11.25 -8.84 47.03
CA TYR B 74 -9.92 -8.48 46.58
C TYR B 74 -8.96 -8.45 47.76
N ARG B 75 -9.42 -8.00 48.91
CA ARG B 75 -8.61 -7.96 50.10
C ARG B 75 -8.26 -9.39 50.54
N GLN B 76 -9.24 -10.27 50.42
CA GLN B 76 -9.08 -11.67 50.77
C GLN B 76 -8.58 -12.44 49.55
N LYS B 77 -7.76 -11.79 48.74
CA LYS B 77 -7.21 -12.41 47.55
C LYS B 77 -5.87 -11.76 47.19
N VAL B 78 -5.91 -10.45 46.95
CA VAL B 78 -4.72 -9.70 46.59
C VAL B 78 -3.75 -9.57 47.76
N GLU B 79 -4.28 -9.27 48.95
CA GLU B 79 -3.45 -9.14 50.14
C GLU B 79 -2.64 -10.42 50.43
N PRO B 80 -3.30 -11.59 50.58
CA PRO B 80 -2.59 -12.84 50.82
C PRO B 80 -1.69 -13.19 49.63
N LEU B 81 -2.17 -12.87 48.42
CA LEU B 81 -1.38 -13.14 47.21
C LEU B 81 -0.12 -12.31 47.22
N ARG B 82 -0.20 -11.11 47.77
CA ARG B 82 0.96 -10.23 47.86
C ARG B 82 2.02 -10.87 48.75
N ALA B 83 1.56 -11.59 49.76
CA ALA B 83 2.46 -12.29 50.68
C ALA B 83 3.10 -13.47 49.97
N GLU B 84 2.27 -14.28 49.32
CA GLU B 84 2.75 -15.45 48.58
C GLU B 84 3.66 -15.00 47.44
N LEU B 85 3.21 -14.00 46.69
CA LEU B 85 3.98 -13.47 45.58
C LEU B 85 5.26 -12.81 46.10
N GLN B 86 5.22 -12.33 47.32
CA GLN B 86 6.39 -11.71 47.94
C GLN B 86 7.45 -12.79 48.15
N GLU B 87 7.00 -13.94 48.67
CA GLU B 87 7.88 -15.06 48.91
C GLU B 87 8.32 -15.61 47.56
N GLY B 88 7.37 -15.68 46.62
CA GLY B 88 7.67 -16.16 45.29
C GLY B 88 8.68 -15.26 44.60
N ALA B 89 8.53 -13.95 44.82
CA ALA B 89 9.44 -12.97 44.26
C ALA B 89 10.77 -13.06 44.97
N ARG B 90 10.73 -13.31 46.28
CA ARG B 90 11.95 -13.46 47.07
C ARG B 90 12.72 -14.66 46.55
N GLN B 91 11.99 -15.74 46.28
CA GLN B 91 12.58 -16.94 45.75
C GLN B 91 13.10 -16.65 44.34
N LYS B 92 12.33 -15.90 43.56
CA LYS B 92 12.74 -15.53 42.21
C LYS B 92 13.96 -14.63 42.26
N LEU B 93 14.01 -13.75 43.24
CA LEU B 93 15.15 -12.87 43.43
C LEU B 93 16.37 -13.69 43.83
N HIS B 94 16.12 -14.70 44.67
CA HIS B 94 17.18 -15.59 45.09
C HIS B 94 17.63 -16.39 43.88
N GLU B 95 16.65 -16.85 43.10
CA GLU B 95 16.91 -17.60 41.89
C GLU B 95 17.74 -16.74 40.94
N LEU B 96 17.35 -15.48 40.81
CA LEU B 96 18.06 -14.55 39.96
C LEU B 96 19.45 -14.24 40.49
N GLN B 97 19.55 -13.90 41.77
CA GLN B 97 20.82 -13.58 42.39
C GLN B 97 21.78 -14.78 42.37
N GLU B 98 21.23 -15.98 42.51
CA GLU B 98 22.03 -17.20 42.48
C GLU B 98 22.52 -17.48 41.06
N LYS B 99 22.06 -16.67 40.12
CA LYS B 99 22.45 -16.80 38.73
C LYS B 99 23.26 -15.58 38.31
N LEU B 100 22.78 -14.39 38.68
CA LEU B 100 23.44 -13.14 38.35
C LEU B 100 24.83 -13.05 38.96
N SER B 101 25.05 -13.70 40.09
CA SER B 101 26.35 -13.68 40.72
C SER B 101 27.37 -14.54 39.95
N PRO B 102 27.15 -15.88 39.84
CA PRO B 102 28.07 -16.76 39.11
C PRO B 102 28.16 -16.41 37.63
N LEU B 103 27.00 -16.16 37.01
CA LEU B 103 26.97 -15.81 35.60
C LEU B 103 27.46 -14.38 35.40
N GLY B 104 27.40 -13.58 36.46
CA GLY B 104 27.87 -12.21 36.39
C GLY B 104 29.36 -12.16 36.29
N GLU B 105 30.03 -12.87 37.20
CA GLU B 105 31.48 -12.94 37.19
C GLU B 105 31.93 -13.68 35.94
N GLU B 106 31.13 -14.66 35.54
CA GLU B 106 31.40 -15.44 34.35
C GLU B 106 31.30 -14.55 33.12
N MET B 107 30.26 -13.72 33.07
CA MET B 107 30.07 -12.79 31.97
C MET B 107 31.24 -11.83 31.90
N ARG B 108 31.80 -11.52 33.07
CA ARG B 108 32.95 -10.65 33.14
C ARG B 108 34.15 -11.35 32.52
N ASP B 109 34.30 -12.63 32.84
CA ASP B 109 35.38 -13.44 32.30
C ASP B 109 35.19 -13.62 30.80
N ARG B 110 33.94 -13.84 30.40
CA ARG B 110 33.60 -13.98 29.00
C ARG B 110 33.98 -12.69 28.29
N ALA B 111 33.60 -11.57 28.90
CA ALA B 111 33.90 -10.26 28.35
C ALA B 111 35.41 -10.05 28.32
N ARG B 112 36.11 -10.55 29.34
CA ARG B 112 37.57 -10.44 29.39
C ARG B 112 38.16 -11.20 28.22
N ALA B 113 37.73 -12.45 28.07
CA ALA B 113 38.20 -13.32 27.00
C ALA B 113 37.74 -12.84 25.62
N HIS B 114 36.79 -11.92 25.59
CA HIS B 114 36.28 -11.36 24.34
C HIS B 114 36.94 -10.02 24.05
N VAL B 115 36.96 -9.14 25.05
CA VAL B 115 37.55 -7.82 24.91
C VAL B 115 39.07 -7.91 24.76
N ASP B 116 39.71 -8.73 25.59
CA ASP B 116 41.15 -8.90 25.50
C ASP B 116 41.51 -9.52 24.16
N ALA B 117 40.64 -10.39 23.67
CA ALA B 117 40.83 -11.01 22.38
C ALA B 117 40.70 -9.92 21.32
N LEU B 118 39.67 -9.09 21.46
CA LEU B 118 39.44 -7.99 20.54
C LEU B 118 40.62 -7.03 20.57
N ARG B 119 41.26 -6.88 21.73
CA ARG B 119 42.41 -6.01 21.86
C ARG B 119 43.54 -6.45 20.94
N THR B 120 43.77 -7.76 20.88
CA THR B 120 44.82 -8.30 20.03
C THR B 120 44.28 -8.70 18.65
N HIS B 121 43.02 -8.37 18.39
CA HIS B 121 42.41 -8.70 17.10
C HIS B 121 42.03 -7.44 16.32
N LEU B 122 41.59 -6.42 17.03
CA LEU B 122 41.20 -5.15 16.41
C LEU B 122 42.37 -4.20 16.27
N ALA B 123 43.26 -4.19 17.27
CA ALA B 123 44.44 -3.31 17.24
C ALA B 123 45.28 -3.55 15.98
N PRO B 124 45.68 -4.81 15.69
CA PRO B 124 46.45 -5.11 14.47
C PRO B 124 45.59 -4.88 13.24
N TYR B 125 44.29 -5.09 13.40
CA TYR B 125 43.33 -4.91 12.31
C TYR B 125 43.33 -3.47 11.82
N SER B 126 43.19 -2.53 12.74
CA SER B 126 43.19 -1.12 12.39
C SER B 126 44.56 -0.71 11.88
N ASP B 127 45.59 -1.34 12.43
CA ASP B 127 46.96 -1.05 12.02
C ASP B 127 47.18 -1.53 10.59
N GLU B 128 46.66 -2.71 10.29
CA GLU B 128 46.75 -3.27 8.95
C GLU B 128 45.92 -2.41 8.02
N LEU B 129 44.77 -1.97 8.53
CA LEU B 129 43.89 -1.10 7.77
C LEU B 129 44.59 0.20 7.45
N ARG B 130 45.38 0.69 8.40
CA ARG B 130 46.15 1.92 8.21
C ARG B 130 47.09 1.77 7.02
N GLN B 131 47.74 0.61 6.95
CA GLN B 131 48.66 0.30 5.87
C GLN B 131 47.92 0.24 4.54
N ARG B 132 46.77 -0.40 4.53
CA ARG B 132 45.97 -0.53 3.32
C ARG B 132 45.38 0.84 2.95
N LEU B 133 44.83 1.54 3.94
CA LEU B 133 44.25 2.86 3.73
C LEU B 133 45.29 3.84 3.22
N ALA B 134 46.51 3.73 3.73
CA ALA B 134 47.60 4.60 3.31
C ALA B 134 47.87 4.39 1.83
N ALA B 135 47.85 3.13 1.40
CA ALA B 135 48.07 2.79 0.00
C ALA B 135 46.87 3.25 -0.83
N ARG B 136 45.68 3.05 -0.27
CA ARG B 136 44.45 3.45 -0.93
C ARG B 136 44.42 4.96 -1.11
N LEU B 137 44.75 5.67 -0.04
CA LEU B 137 44.80 7.13 -0.08
C LEU B 137 45.91 7.59 -0.99
N GLU B 138 46.98 6.81 -1.06
CA GLU B 138 48.10 7.11 -1.93
C GLU B 138 47.64 7.06 -3.38
N ALA B 139 46.91 6.01 -3.70
CA ALA B 139 46.37 5.84 -5.04
C ALA B 139 45.38 6.96 -5.32
N LEU B 140 44.58 7.29 -4.30
CA LEU B 140 43.60 8.36 -4.41
C LEU B 140 44.28 9.72 -4.55
N LYS B 141 45.50 9.83 -4.07
CA LYS B 141 46.26 11.06 -4.17
C LYS B 141 46.88 11.16 -5.56
N GLU B 142 47.35 10.02 -6.07
CA GLU B 142 47.93 9.97 -7.38
C GLU B 142 46.86 10.15 -8.44
N ASN B 143 45.81 9.34 -8.35
CA ASN B 143 44.70 9.42 -9.29
C ASN B 143 43.95 10.72 -9.07
N GLY B 144 43.84 11.11 -7.81
CA GLY B 144 43.15 12.36 -7.49
C GLY B 144 43.90 13.54 -8.07
N GLY B 145 45.20 13.58 -7.84
CA GLY B 145 46.03 14.65 -8.36
C GLY B 145 46.01 14.65 -9.87
N ALA B 146 46.01 13.46 -10.46
CA ALA B 146 45.95 13.33 -11.90
C ALA B 146 44.62 13.87 -12.40
N ARG B 147 43.54 13.42 -11.76
CA ARG B 147 42.18 13.87 -12.10
C ARG B 147 42.08 15.38 -11.96
N LEU B 148 42.76 15.93 -10.96
CA LEU B 148 42.75 17.37 -10.72
C LEU B 148 43.28 18.12 -11.93
N ALA B 149 44.17 17.47 -12.67
CA ALA B 149 44.76 18.07 -13.87
C ALA B 149 43.94 17.69 -15.10
N GLU B 150 43.56 16.43 -15.19
CA GLU B 150 42.77 15.92 -16.31
C GLU B 150 41.41 16.60 -16.36
N TYR B 151 40.74 16.65 -15.22
CA TYR B 151 39.42 17.28 -15.14
C TYR B 151 39.54 18.78 -15.33
N HIS B 152 40.63 19.37 -14.83
CA HIS B 152 40.84 20.82 -14.98
C HIS B 152 41.01 21.16 -16.45
N ALA B 153 41.75 20.31 -17.16
CA ALA B 153 41.97 20.49 -18.58
C ALA B 153 40.65 20.37 -19.31
N LYS B 154 39.90 19.31 -19.00
CA LYS B 154 38.60 19.07 -19.61
C LYS B 154 37.65 20.22 -19.30
N ALA B 155 37.73 20.73 -18.08
CA ALA B 155 36.89 21.85 -17.66
C ALA B 155 37.22 23.07 -18.51
N THR B 156 38.51 23.33 -18.68
CA THR B 156 38.96 24.46 -19.48
C THR B 156 38.52 24.29 -20.93
N GLU B 157 38.73 23.10 -21.48
CA GLU B 157 38.34 22.80 -22.85
C GLU B 157 36.83 22.95 -23.00
N HIS B 158 36.11 22.47 -22.00
CA HIS B 158 34.65 22.55 -22.01
C HIS B 158 34.19 23.99 -21.83
N LEU B 159 34.94 24.76 -21.05
CA LEU B 159 34.61 26.16 -20.82
C LEU B 159 34.86 26.97 -22.09
N SER B 160 35.98 26.71 -22.74
CA SER B 160 36.34 27.39 -23.97
C SER B 160 35.31 27.08 -25.07
N THR B 161 34.86 25.84 -25.13
CA THR B 161 33.86 25.45 -26.11
C THR B 161 32.50 26.02 -25.74
N LEU B 162 32.25 26.10 -24.43
CA LEU B 162 31.00 26.67 -23.94
C LEU B 162 30.91 28.12 -24.32
N SER B 163 31.99 28.86 -24.11
CA SER B 163 32.03 30.27 -24.46
C SER B 163 32.06 30.42 -25.99
N GLU B 164 32.74 29.49 -26.66
CA GLU B 164 32.83 29.49 -28.11
C GLU B 164 31.44 29.39 -28.72
N LYS B 165 30.56 28.68 -28.03
CA LYS B 165 29.19 28.51 -28.46
C LYS B 165 28.33 29.63 -27.88
N ALA B 166 28.58 29.98 -26.63
CA ALA B 166 27.83 31.03 -25.95
C ALA B 166 27.88 32.37 -26.66
N LYS B 167 29.07 32.75 -27.14
CA LYS B 167 29.23 34.03 -27.84
C LYS B 167 28.24 34.17 -29.00
N PRO B 168 28.31 33.30 -30.04
CA PRO B 168 27.38 33.36 -31.17
C PRO B 168 25.96 33.01 -30.75
N ALA B 169 25.82 32.10 -29.78
CA ALA B 169 24.49 31.70 -29.31
C ALA B 169 23.77 32.88 -28.68
N LEU B 170 24.49 33.68 -27.89
CA LEU B 170 23.93 34.86 -27.26
C LEU B 170 23.61 35.89 -28.33
N GLU B 171 24.46 35.96 -29.34
CA GLU B 171 24.26 36.89 -30.44
C GLU B 171 23.04 36.47 -31.26
N ASP B 172 22.89 35.16 -31.43
CA ASP B 172 21.76 34.61 -32.16
C ASP B 172 20.49 34.77 -31.35
N LEU B 173 20.58 34.45 -30.06
CA LEU B 173 19.44 34.57 -29.16
C LEU B 173 18.97 36.02 -29.09
N ARG B 174 19.89 36.92 -28.81
CA ARG B 174 19.57 38.34 -28.73
C ARG B 174 19.17 38.86 -30.11
N GLN B 175 19.85 38.36 -31.13
CA GLN B 175 19.56 38.76 -32.50
C GLN B 175 18.18 38.32 -32.91
N GLY B 176 17.72 37.22 -32.32
CA GLY B 176 16.39 36.71 -32.60
C GLY B 176 15.38 37.41 -31.73
N LEU B 177 15.78 37.74 -30.50
CA LEU B 177 14.92 38.43 -29.56
C LEU B 177 14.48 39.78 -30.09
N LEU B 178 15.37 40.47 -30.79
CA LEU B 178 15.06 41.78 -31.35
C LEU B 178 13.80 41.74 -32.24
N PRO B 179 13.81 40.98 -33.37
CA PRO B 179 12.64 40.87 -34.24
C PRO B 179 11.49 40.11 -33.58
N VAL B 180 11.83 39.10 -32.77
CA VAL B 180 10.83 38.31 -32.07
C VAL B 180 10.00 39.18 -31.13
N LEU B 181 10.68 40.08 -30.41
CA LEU B 181 9.99 40.97 -29.49
C LEU B 181 9.04 41.88 -30.26
N GLU B 182 9.44 42.22 -31.48
CA GLU B 182 8.61 43.07 -32.35
C GLU B 182 7.33 42.30 -32.70
N SER B 183 7.52 41.07 -33.15
CA SER B 183 6.40 40.21 -33.52
C SER B 183 5.49 40.00 -32.31
N PHE B 184 6.11 39.80 -31.15
CA PHE B 184 5.37 39.61 -29.91
C PHE B 184 4.61 40.89 -29.56
N LYS B 185 5.28 42.02 -29.68
CA LYS B 185 4.67 43.31 -29.38
C LYS B 185 3.48 43.56 -30.28
N VAL B 186 3.67 43.40 -31.58
CA VAL B 186 2.61 43.60 -32.55
C VAL B 186 1.41 42.70 -32.24
N SER B 187 1.71 41.44 -31.91
CA SER B 187 0.66 40.48 -31.60
C SER B 187 -0.02 40.81 -30.26
N PHE B 188 0.77 41.24 -29.29
CA PHE B 188 0.23 41.59 -27.98
C PHE B 188 -0.57 42.88 -28.04
N LEU B 189 -0.06 43.88 -28.75
CA LEU B 189 -0.73 45.16 -28.89
C LEU B 189 -2.11 44.99 -29.51
N SER B 190 -2.17 44.23 -30.60
CA SER B 190 -3.45 43.99 -31.26
C SER B 190 -4.37 43.17 -30.37
N ALA B 191 -3.81 42.18 -29.68
CA ALA B 191 -4.58 41.33 -28.79
C ALA B 191 -5.19 42.15 -27.65
N LEU B 192 -4.35 42.94 -27.00
CA LEU B 192 -4.79 43.79 -25.90
C LEU B 192 -5.85 44.77 -26.37
N GLU B 193 -5.63 45.34 -27.55
CA GLU B 193 -6.55 46.30 -28.13
C GLU B 193 -7.91 45.66 -28.41
N GLU B 194 -7.90 44.56 -29.15
CA GLU B 194 -9.12 43.86 -29.50
C GLU B 194 -9.82 43.28 -28.27
N TYR B 195 -9.03 42.81 -27.31
CA TYR B 195 -9.56 42.24 -26.08
C TYR B 195 -10.29 43.28 -25.24
N THR B 196 -9.65 44.42 -25.01
CA THR B 196 -10.24 45.48 -24.20
C THR B 196 -11.51 46.04 -24.83
N LYS B 197 -11.58 46.01 -26.16
CA LYS B 197 -12.75 46.50 -26.88
C LYS B 197 -13.91 45.53 -26.76
N LYS B 198 -13.61 44.25 -26.67
CA LYS B 198 -14.63 43.22 -26.55
C LYS B 198 -15.09 43.08 -25.09
N LEU B 199 -14.16 43.27 -24.17
CA LEU B 199 -14.46 43.17 -22.75
C LEU B 199 -14.96 44.51 -22.21
N ASN B 200 -15.55 45.30 -23.09
CA ASN B 200 -16.07 46.60 -22.72
C ASN B 200 -17.56 46.52 -22.43
N MET C 3 0.62 -13.55 0.11
CA MET C 3 -0.61 -12.99 -0.49
C MET C 3 -1.64 -12.69 0.60
N THR C 4 -2.73 -12.05 0.24
CA THR C 4 -3.76 -11.70 1.20
C THR C 4 -5.16 -11.92 0.62
N GLU C 5 -5.50 -11.17 -0.41
CA GLU C 5 -6.80 -11.26 -1.04
C GLU C 5 -6.67 -11.34 -2.57
N TYR C 6 -7.67 -11.96 -3.19
CA TYR C 6 -7.72 -12.10 -4.64
C TYR C 6 -9.17 -11.95 -5.11
N LYS C 7 -9.41 -11.04 -6.02
CA LYS C 7 -10.76 -10.81 -6.54
C LYS C 7 -11.01 -11.59 -7.82
N LEU C 8 -12.08 -12.36 -7.84
CA LEU C 8 -12.42 -13.18 -9.00
C LEU C 8 -13.80 -12.78 -9.53
N VAL C 9 -13.83 -12.41 -10.80
CA VAL C 9 -15.09 -12.00 -11.43
C VAL C 9 -15.67 -13.14 -12.26
N VAL C 10 -16.91 -13.50 -11.97
CA VAL C 10 -17.57 -14.59 -12.68
C VAL C 10 -18.30 -14.06 -13.93
N VAL C 11 -17.62 -14.13 -15.06
CA VAL C 11 -18.19 -13.67 -16.31
C VAL C 11 -18.83 -14.84 -17.07
N GLY C 12 -19.64 -14.52 -18.07
CA GLY C 12 -20.30 -15.56 -18.84
C GLY C 12 -21.79 -15.32 -18.91
N ALA C 13 -22.48 -16.16 -19.67
CA ALA C 13 -23.93 -16.03 -19.82
C ALA C 13 -24.66 -16.35 -18.53
N GLY C 14 -25.88 -15.85 -18.40
CA GLY C 14 -26.66 -16.09 -17.20
C GLY C 14 -27.33 -17.44 -17.19
N GLY C 15 -27.34 -18.10 -18.34
CA GLY C 15 -27.97 -19.40 -18.44
C GLY C 15 -27.01 -20.55 -18.21
N VAL C 16 -25.75 -20.25 -17.92
CA VAL C 16 -24.76 -21.30 -17.70
C VAL C 16 -24.77 -21.82 -16.26
N GLY C 17 -25.19 -20.97 -15.33
CA GLY C 17 -25.24 -21.37 -13.93
C GLY C 17 -24.08 -20.81 -13.12
N LYS C 18 -23.78 -19.53 -13.31
CA LYS C 18 -22.68 -18.88 -12.61
C LYS C 18 -22.95 -18.78 -11.12
N SER C 19 -24.00 -18.05 -10.76
CA SER C 19 -24.38 -17.85 -9.36
C SER C 19 -24.68 -19.17 -8.65
N ALA C 20 -25.04 -20.19 -9.42
CA ALA C 20 -25.35 -21.49 -8.85
C ALA C 20 -24.10 -22.09 -8.21
N LEU C 21 -22.97 -21.90 -8.89
CA LEU C 21 -21.69 -22.41 -8.39
C LEU C 21 -21.15 -21.51 -7.29
N THR C 22 -21.56 -20.25 -7.31
CA THR C 22 -21.12 -19.30 -6.31
C THR C 22 -21.64 -19.71 -4.93
N ILE C 23 -22.94 -19.93 -4.83
CA ILE C 23 -23.55 -20.35 -3.56
C ILE C 23 -23.06 -21.74 -3.17
N GLN C 24 -22.71 -22.52 -4.18
CA GLN C 24 -22.20 -23.88 -3.99
C GLN C 24 -20.81 -23.85 -3.37
N LEU C 25 -20.10 -22.74 -3.55
CA LEU C 25 -18.76 -22.59 -3.01
C LEU C 25 -18.77 -21.81 -1.70
N ILE C 26 -19.80 -20.98 -1.52
CA ILE C 26 -19.92 -20.16 -0.32
C ILE C 26 -20.64 -20.90 0.80
N GLN C 27 -21.83 -21.40 0.52
CA GLN C 27 -22.61 -22.11 1.54
C GLN C 27 -22.80 -23.57 1.18
N ASN C 28 -22.12 -24.00 0.11
CA ASN C 28 -22.21 -25.38 -0.37
C ASN C 28 -23.64 -25.78 -0.71
N HIS C 29 -24.38 -24.84 -1.30
CA HIS C 29 -25.76 -25.07 -1.66
C HIS C 29 -26.01 -24.76 -3.13
N PHE C 30 -26.62 -25.71 -3.83
CA PHE C 30 -26.92 -25.53 -5.24
C PHE C 30 -28.35 -25.02 -5.39
N VAL C 31 -28.60 -24.23 -6.42
CA VAL C 31 -29.93 -23.69 -6.63
C VAL C 31 -30.58 -24.24 -7.89
N ASP C 32 -31.90 -24.19 -7.93
CA ASP C 32 -32.67 -24.68 -9.06
C ASP C 32 -33.51 -23.54 -9.62
N GLU C 33 -33.87 -22.62 -8.74
CA GLU C 33 -34.67 -21.46 -9.10
C GLU C 33 -33.88 -20.50 -9.99
N TYR C 34 -34.58 -19.87 -10.92
CA TYR C 34 -33.94 -18.93 -11.83
C TYR C 34 -33.96 -17.52 -11.26
N ASP C 35 -32.82 -17.12 -10.70
CA ASP C 35 -32.70 -15.79 -10.13
C ASP C 35 -31.94 -14.88 -11.08
N PRO C 36 -32.55 -13.73 -11.44
CA PRO C 36 -31.94 -12.76 -12.35
C PRO C 36 -30.77 -12.02 -11.68
N THR C 37 -29.64 -12.69 -11.60
CA THR C 37 -28.45 -12.10 -11.00
C THR C 37 -27.95 -10.91 -11.80
N ILE C 38 -27.61 -9.83 -11.11
CA ILE C 38 -27.10 -8.62 -11.75
C ILE C 38 -25.85 -8.15 -11.04
N GLU C 39 -26.00 -7.79 -9.77
CA GLU C 39 -24.88 -7.31 -8.96
C GLU C 39 -24.91 -7.99 -7.59
N ASP C 40 -24.01 -8.93 -7.40
CA ASP C 40 -23.92 -9.66 -6.14
C ASP C 40 -22.53 -10.26 -5.96
N SER C 41 -21.89 -9.94 -4.84
CA SER C 41 -20.56 -10.43 -4.56
C SER C 41 -20.53 -11.33 -3.33
N TYR C 42 -19.58 -12.26 -3.30
CA TYR C 42 -19.43 -13.18 -2.19
C TYR C 42 -17.95 -13.30 -1.81
N ARG C 43 -17.63 -12.85 -0.59
CA ARG C 43 -16.27 -12.89 -0.10
C ARG C 43 -16.07 -14.02 0.90
N LYS C 44 -15.10 -14.89 0.63
CA LYS C 44 -14.82 -16.02 1.51
C LYS C 44 -13.32 -16.26 1.62
N GLN C 45 -12.86 -16.67 2.79
CA GLN C 45 -11.44 -16.93 3.00
C GLN C 45 -11.15 -18.43 2.88
N VAL C 46 -10.23 -18.78 2.00
CA VAL C 46 -9.88 -20.18 1.77
C VAL C 46 -8.37 -20.40 1.93
N VAL C 47 -7.93 -21.62 1.66
CA VAL C 47 -6.53 -21.97 1.77
C VAL C 47 -6.04 -22.54 0.45
N ILE C 48 -5.20 -21.78 -0.25
CA ILE C 48 -4.68 -22.22 -1.54
C ILE C 48 -3.17 -22.47 -1.45
N ASP C 49 -2.78 -23.73 -1.71
CA ASP C 49 -1.39 -24.15 -1.67
C ASP C 49 -0.81 -24.03 -0.26
N GLY C 50 -1.69 -24.07 0.73
CA GLY C 50 -1.26 -23.97 2.11
C GLY C 50 -1.35 -22.55 2.63
N GLU C 51 -1.33 -21.60 1.71
CA GLU C 51 -1.40 -20.18 2.07
C GLU C 51 -2.86 -19.73 2.17
N THR C 52 -3.20 -19.08 3.27
CA THR C 52 -4.56 -18.59 3.47
C THR C 52 -4.77 -17.33 2.62
N CYS C 53 -5.90 -17.28 1.91
CA CYS C 53 -6.19 -16.15 1.06
C CYS C 53 -7.69 -15.86 1.02
N LEU C 54 -8.03 -14.58 1.03
CA LEU C 54 -9.41 -14.15 0.97
C LEU C 54 -9.81 -13.98 -0.49
N LEU C 55 -10.89 -14.63 -0.88
CA LEU C 55 -11.36 -14.55 -2.25
C LEU C 55 -12.62 -13.70 -2.36
N ASP C 56 -12.56 -12.69 -3.20
CA ASP C 56 -13.70 -11.81 -3.44
C ASP C 56 -14.33 -12.20 -4.76
N ILE C 57 -15.35 -13.05 -4.69
CA ILE C 57 -16.04 -13.53 -5.88
C ILE C 57 -17.17 -12.60 -6.29
N LEU C 58 -17.03 -11.97 -7.44
CA LEU C 58 -18.05 -11.06 -7.93
C LEU C 58 -18.84 -11.71 -9.06
N ASP C 59 -20.11 -11.99 -8.79
CA ASP C 59 -20.98 -12.59 -9.78
C ASP C 59 -21.88 -11.52 -10.39
N THR C 60 -21.59 -11.16 -11.63
CA THR C 60 -22.35 -10.15 -12.33
C THR C 60 -23.39 -10.76 -13.26
N ALA C 61 -24.17 -9.90 -13.92
CA ALA C 61 -25.20 -10.35 -14.84
C ALA C 61 -24.61 -11.15 -16.00
N GLY C 62 -25.43 -12.03 -16.56
CA GLY C 62 -24.98 -12.84 -17.67
C GLY C 62 -25.20 -12.15 -19.01
N GLN C 63 -26.40 -11.63 -19.20
CA GLN C 63 -26.73 -10.95 -20.43
C GLN C 63 -26.47 -9.44 -20.31
N GLU C 64 -25.26 -9.11 -19.88
CA GLU C 64 -24.87 -7.71 -19.70
C GLU C 64 -24.63 -7.04 -21.05
N GLU C 65 -24.51 -5.72 -21.03
CA GLU C 65 -24.31 -4.95 -22.25
C GLU C 65 -23.13 -4.00 -22.10
N TYR C 66 -23.11 -2.95 -22.92
CA TYR C 66 -22.03 -1.98 -22.85
C TYR C 66 -22.33 -0.91 -21.80
N SER C 67 -22.02 -1.24 -20.56
CA SER C 67 -22.25 -0.34 -19.45
C SER C 67 -20.92 0.21 -18.94
N ALA C 68 -20.88 1.51 -18.63
CA ALA C 68 -19.67 2.14 -18.13
C ALA C 68 -19.28 1.53 -16.79
N MET C 69 -20.29 1.19 -15.99
CA MET C 69 -20.06 0.59 -14.68
C MET C 69 -19.46 -0.81 -14.84
N ARG C 70 -19.72 -1.42 -15.99
CA ARG C 70 -19.21 -2.75 -16.28
C ARG C 70 -17.69 -2.72 -16.40
N ASP C 71 -17.20 -1.78 -17.19
CA ASP C 71 -15.76 -1.62 -17.39
C ASP C 71 -15.07 -1.37 -16.07
N GLN C 72 -15.75 -0.66 -15.18
CA GLN C 72 -15.21 -0.35 -13.86
C GLN C 72 -15.04 -1.60 -13.01
N TYR C 73 -16.09 -2.41 -12.88
CA TYR C 73 -16.02 -3.61 -12.06
C TYR C 73 -15.08 -4.68 -12.65
N MET C 74 -14.80 -4.56 -13.94
CA MET C 74 -13.90 -5.49 -14.61
C MET C 74 -12.44 -5.08 -14.41
N ARG C 75 -12.21 -3.79 -14.17
CA ARG C 75 -10.87 -3.28 -13.98
C ARG C 75 -10.27 -3.75 -12.65
N THR C 76 -11.12 -3.97 -11.66
CA THR C 76 -10.67 -4.41 -10.36
C THR C 76 -10.29 -5.89 -10.35
N GLY C 77 -10.72 -6.61 -11.37
CA GLY C 77 -10.40 -8.04 -11.45
C GLY C 77 -8.95 -8.29 -11.83
N GLU C 78 -8.30 -9.21 -11.12
CA GLU C 78 -6.91 -9.54 -11.40
C GLU C 78 -6.82 -10.80 -12.25
N GLY C 79 -7.85 -11.62 -12.19
CA GLY C 79 -7.89 -12.84 -12.95
C GLY C 79 -9.28 -13.07 -13.52
N PHE C 80 -9.36 -13.54 -14.75
CA PHE C 80 -10.65 -13.78 -15.39
C PHE C 80 -10.78 -15.18 -15.94
N LEU C 81 -11.88 -15.84 -15.61
CA LEU C 81 -12.16 -17.18 -16.08
C LEU C 81 -13.11 -17.09 -17.27
N CYS C 82 -12.65 -17.50 -18.44
CA CYS C 82 -13.47 -17.48 -19.63
C CYS C 82 -14.35 -18.71 -19.67
N VAL C 83 -15.44 -18.66 -18.91
CA VAL C 83 -16.38 -19.77 -18.84
C VAL C 83 -17.34 -19.76 -20.02
N PHE C 84 -17.27 -20.81 -20.82
CA PHE C 84 -18.13 -20.95 -21.98
C PHE C 84 -18.71 -22.35 -22.04
N ALA C 85 -19.77 -22.50 -22.81
CA ALA C 85 -20.42 -23.80 -22.95
C ALA C 85 -19.91 -24.50 -24.20
N ILE C 86 -19.34 -25.69 -24.03
CA ILE C 86 -18.80 -26.45 -25.15
C ILE C 86 -19.92 -27.05 -26.00
N ASN C 87 -21.15 -26.84 -25.55
CA ASN C 87 -22.33 -27.33 -26.25
C ASN C 87 -22.96 -26.18 -27.04
N ASN C 88 -22.29 -25.03 -27.04
CA ASN C 88 -22.79 -23.86 -27.74
C ASN C 88 -21.66 -23.19 -28.52
N THR C 89 -21.79 -23.14 -29.85
CA THR C 89 -20.77 -22.54 -30.69
C THR C 89 -20.65 -21.03 -30.49
N LYS C 90 -21.78 -20.38 -30.21
CA LYS C 90 -21.80 -18.94 -30.00
C LYS C 90 -20.99 -18.53 -28.78
N SER C 91 -21.01 -19.38 -27.76
CA SER C 91 -20.25 -19.10 -26.53
C SER C 91 -18.75 -19.20 -26.80
N PHE C 92 -18.38 -20.10 -27.69
CA PHE C 92 -16.98 -20.31 -28.04
C PHE C 92 -16.41 -19.10 -28.79
N GLU C 93 -17.17 -18.58 -29.74
CA GLU C 93 -16.74 -17.43 -30.51
C GLU C 93 -16.80 -16.14 -29.69
N ASP C 94 -17.73 -16.11 -28.73
CA ASP C 94 -17.91 -14.93 -27.87
C ASP C 94 -16.71 -14.73 -26.95
N ILE C 95 -15.87 -15.75 -26.86
CA ILE C 95 -14.67 -15.70 -26.02
C ILE C 95 -13.76 -14.54 -26.43
N HIS C 96 -13.61 -14.33 -27.73
CA HIS C 96 -12.76 -13.25 -28.22
C HIS C 96 -13.36 -11.90 -27.87
N HIS C 97 -14.69 -11.85 -27.82
CA HIS C 97 -15.41 -10.64 -27.47
C HIS C 97 -15.13 -10.29 -26.00
N TYR C 98 -15.03 -11.33 -25.18
CA TYR C 98 -14.73 -11.16 -23.77
C TYR C 98 -13.25 -10.83 -23.58
N ARG C 99 -12.41 -11.55 -24.32
CA ARG C 99 -10.96 -11.36 -24.29
C ARG C 99 -10.60 -9.90 -24.54
N GLU C 100 -11.13 -9.34 -25.61
CA GLU C 100 -10.86 -7.95 -25.97
C GLU C 100 -11.38 -6.99 -24.91
N GLN C 101 -12.53 -7.32 -24.34
CA GLN C 101 -13.13 -6.49 -23.30
C GLN C 101 -12.22 -6.42 -22.08
N ILE C 102 -11.75 -7.58 -21.62
CA ILE C 102 -10.87 -7.65 -20.47
C ILE C 102 -9.54 -6.95 -20.79
N LYS C 103 -9.03 -7.20 -21.99
CA LYS C 103 -7.78 -6.59 -22.43
C LYS C 103 -7.90 -5.06 -22.46
N ARG C 104 -9.08 -4.59 -22.81
CA ARG C 104 -9.34 -3.15 -22.89
C ARG C 104 -9.52 -2.53 -21.50
N VAL C 105 -10.26 -3.21 -20.63
CA VAL C 105 -10.51 -2.68 -19.27
C VAL C 105 -9.24 -2.70 -18.42
N LYS C 106 -8.33 -3.62 -18.71
CA LYS C 106 -7.09 -3.73 -17.97
C LYS C 106 -5.99 -2.95 -18.67
N ASP C 107 -6.21 -2.67 -19.95
CA ASP C 107 -5.25 -1.93 -20.77
C ASP C 107 -3.90 -2.63 -20.85
N SER C 108 -3.95 -3.97 -20.87
CA SER C 108 -2.75 -4.79 -20.95
C SER C 108 -2.99 -5.95 -21.90
N GLU C 109 -1.99 -6.27 -22.71
CA GLU C 109 -2.09 -7.37 -23.66
C GLU C 109 -2.01 -8.71 -22.96
N ASP C 110 -1.21 -8.76 -21.90
CA ASP C 110 -1.04 -10.00 -21.13
C ASP C 110 -1.76 -9.91 -19.80
N VAL C 111 -2.92 -10.56 -19.72
CA VAL C 111 -3.73 -10.57 -18.51
C VAL C 111 -4.06 -12.01 -18.14
N PRO C 112 -3.93 -12.37 -16.83
CA PRO C 112 -4.21 -13.73 -16.35
C PRO C 112 -5.64 -14.19 -16.67
N MET C 113 -5.75 -15.06 -17.66
CA MET C 113 -7.05 -15.57 -18.08
C MET C 113 -6.97 -17.08 -18.21
N VAL C 114 -8.10 -17.76 -18.00
CA VAL C 114 -8.16 -19.21 -18.11
C VAL C 114 -9.40 -19.61 -18.88
N LEU C 115 -9.23 -20.46 -19.89
CA LEU C 115 -10.35 -20.91 -20.69
C LEU C 115 -11.08 -22.03 -19.97
N VAL C 116 -12.36 -21.82 -19.67
CA VAL C 116 -13.14 -22.81 -18.95
C VAL C 116 -14.30 -23.33 -19.79
N GLY C 117 -14.20 -24.57 -20.22
CA GLY C 117 -15.25 -25.18 -21.01
C GLY C 117 -16.16 -25.99 -20.11
N ASN C 118 -17.33 -25.45 -19.80
CA ASN C 118 -18.26 -26.12 -18.91
C ASN C 118 -19.28 -26.96 -19.67
N LYS C 119 -19.88 -27.91 -18.96
CA LYS C 119 -20.90 -28.81 -19.49
C LYS C 119 -20.32 -29.88 -20.41
N CYS C 120 -19.29 -30.56 -19.92
CA CYS C 120 -18.63 -31.63 -20.67
C CYS C 120 -19.40 -32.94 -20.54
N ASP C 121 -20.43 -32.92 -19.70
CA ASP C 121 -21.25 -34.10 -19.46
C ASP C 121 -22.50 -34.07 -20.33
N LEU C 122 -22.63 -33.03 -21.15
CA LEU C 122 -23.77 -32.88 -22.03
C LEU C 122 -23.45 -33.45 -23.41
N PRO C 123 -24.37 -34.26 -23.95
CA PRO C 123 -24.18 -34.89 -25.27
C PRO C 123 -24.37 -33.89 -26.41
N SER C 124 -24.75 -32.67 -26.06
CA SER C 124 -24.97 -31.62 -27.04
C SER C 124 -23.68 -30.88 -27.34
N ARG C 125 -22.55 -31.45 -26.94
CA ARG C 125 -21.25 -30.84 -27.16
C ARG C 125 -20.96 -30.65 -28.65
N THR C 126 -20.60 -29.43 -29.02
CA THR C 126 -20.28 -29.10 -30.39
C THR C 126 -18.82 -28.68 -30.50
N VAL C 127 -18.31 -28.04 -29.45
CA VAL C 127 -16.94 -27.58 -29.40
C VAL C 127 -16.07 -28.68 -28.80
N ASP C 128 -15.15 -29.21 -29.60
CA ASP C 128 -14.27 -30.26 -29.16
C ASP C 128 -13.06 -29.70 -28.41
N THR C 129 -12.44 -30.53 -27.58
CA THR C 129 -11.27 -30.15 -26.81
C THR C 129 -10.15 -29.67 -27.74
N LYS C 130 -10.07 -30.28 -28.92
CA LYS C 130 -9.05 -29.92 -29.90
C LYS C 130 -9.20 -28.46 -30.32
N GLN C 131 -10.45 -28.03 -30.47
CA GLN C 131 -10.75 -26.66 -30.88
C GLN C 131 -10.50 -25.70 -29.73
N ALA C 132 -10.96 -26.08 -28.55
CA ALA C 132 -10.80 -25.27 -27.35
C ALA C 132 -9.34 -25.08 -26.98
N GLN C 133 -8.57 -26.17 -26.97
CA GLN C 133 -7.16 -26.11 -26.62
C GLN C 133 -6.37 -25.28 -27.63
N ASP C 134 -6.77 -25.35 -28.89
CA ASP C 134 -6.10 -24.59 -29.93
C ASP C 134 -6.26 -23.09 -29.67
N LEU C 135 -7.48 -22.70 -29.31
CA LEU C 135 -7.79 -21.30 -29.02
C LEU C 135 -7.03 -20.85 -27.78
N ALA C 136 -7.06 -21.68 -26.74
CA ALA C 136 -6.38 -21.38 -25.49
C ALA C 136 -4.87 -21.23 -25.73
N ARG C 137 -4.31 -22.13 -26.52
CA ARG C 137 -2.89 -22.11 -26.83
C ARG C 137 -2.52 -20.87 -27.62
N SER C 138 -3.48 -20.30 -28.33
CA SER C 138 -3.25 -19.10 -29.11
C SER C 138 -3.03 -17.89 -28.20
N TYR C 139 -3.83 -17.80 -27.15
CA TYR C 139 -3.72 -16.70 -26.20
C TYR C 139 -2.62 -16.97 -25.17
N GLY C 140 -2.18 -18.22 -25.10
CA GLY C 140 -1.15 -18.60 -24.16
C GLY C 140 -1.73 -18.87 -22.79
N ILE C 141 -3.01 -19.22 -22.77
CA ILE C 141 -3.72 -19.50 -21.53
C ILE C 141 -4.08 -20.98 -21.46
N PRO C 142 -4.28 -21.52 -20.25
CA PRO C 142 -4.64 -22.92 -20.06
C PRO C 142 -6.14 -23.16 -20.24
N PHE C 143 -6.50 -24.39 -20.57
CA PHE C 143 -7.89 -24.76 -20.77
C PHE C 143 -8.31 -25.79 -19.72
N ILE C 144 -9.42 -25.53 -19.06
CA ILE C 144 -9.93 -26.44 -18.04
C ILE C 144 -11.35 -26.88 -18.39
N GLU C 145 -11.52 -28.16 -18.67
CA GLU C 145 -12.83 -28.71 -18.98
C GLU C 145 -13.57 -28.94 -17.67
N THR C 146 -14.78 -28.38 -17.56
CA THR C 146 -15.53 -28.48 -16.33
C THR C 146 -16.99 -28.88 -16.56
N SER C 147 -17.67 -29.15 -15.46
CA SER C 147 -19.09 -29.51 -15.46
C SER C 147 -19.72 -29.07 -14.15
N ALA C 148 -20.71 -28.19 -14.23
CA ALA C 148 -21.39 -27.68 -13.03
C ALA C 148 -22.13 -28.77 -12.27
N LYS C 149 -22.72 -29.72 -13.01
CA LYS C 149 -23.47 -30.81 -12.41
C LYS C 149 -22.61 -31.68 -11.49
N THR C 150 -21.52 -32.19 -12.02
CA THR C 150 -20.63 -33.05 -11.26
C THR C 150 -19.59 -32.27 -10.46
N ARG C 151 -19.51 -30.96 -10.73
CA ARG C 151 -18.55 -30.07 -10.06
C ARG C 151 -17.11 -30.45 -10.43
N GLN C 152 -16.97 -31.25 -11.47
CA GLN C 152 -15.67 -31.69 -11.93
C GLN C 152 -14.91 -30.58 -12.63
N GLY C 153 -13.65 -30.40 -12.23
CA GLY C 153 -12.81 -29.39 -12.83
C GLY C 153 -13.08 -27.99 -12.30
N VAL C 154 -14.27 -27.78 -11.72
CA VAL C 154 -14.66 -26.48 -11.20
C VAL C 154 -13.66 -25.98 -10.16
N ASP C 155 -13.33 -26.83 -9.19
CA ASP C 155 -12.38 -26.47 -8.14
C ASP C 155 -11.01 -26.14 -8.71
N ASP C 156 -10.56 -26.94 -9.68
CA ASP C 156 -9.25 -26.73 -10.29
C ASP C 156 -9.20 -25.47 -11.14
N ALA C 157 -10.33 -25.12 -11.76
CA ALA C 157 -10.42 -23.93 -12.58
C ALA C 157 -10.06 -22.70 -11.77
N PHE C 158 -10.59 -22.64 -10.55
CA PHE C 158 -10.31 -21.53 -9.65
C PHE C 158 -8.83 -21.53 -9.26
N TYR C 159 -8.32 -22.71 -8.92
CA TYR C 159 -6.92 -22.84 -8.54
C TYR C 159 -5.99 -22.46 -9.68
N THR C 160 -6.38 -22.84 -10.91
CA THR C 160 -5.60 -22.53 -12.09
C THR C 160 -5.47 -21.03 -12.28
N LEU C 161 -6.57 -20.31 -12.10
CA LEU C 161 -6.57 -18.86 -12.24
C LEU C 161 -5.61 -18.24 -11.23
N VAL C 162 -5.68 -18.70 -9.98
CA VAL C 162 -4.80 -18.22 -8.93
C VAL C 162 -3.35 -18.56 -9.25
N ARG C 163 -3.14 -19.74 -9.82
CA ARG C 163 -1.80 -20.18 -10.19
C ARG C 163 -1.20 -19.31 -11.28
N GLU C 164 -2.05 -18.81 -12.18
CA GLU C 164 -1.61 -17.94 -13.25
C GLU C 164 -1.29 -16.55 -12.71
N ILE C 165 -2.15 -16.06 -11.82
CA ILE C 165 -1.97 -14.75 -11.21
C ILE C 165 -0.68 -14.75 -10.38
N ARG C 166 -0.48 -15.83 -9.63
CA ARG C 166 0.71 -15.97 -8.79
C ARG C 166 1.98 -15.83 -9.60
N LYS C 167 2.04 -16.55 -10.72
CA LYS C 167 3.21 -16.51 -11.60
C LYS C 167 3.34 -15.15 -12.26
N HIS C 168 2.21 -14.50 -12.51
CA HIS C 168 2.21 -13.18 -13.15
C HIS C 168 2.83 -12.13 -12.25
N LYS C 169 2.46 -12.15 -10.97
CA LYS C 169 2.98 -11.18 -10.02
C LYS C 169 4.41 -11.55 -9.62
N GLU C 170 4.76 -12.81 -9.83
CA GLU C 170 6.09 -13.32 -9.53
C GLU C 170 7.08 -12.89 -10.61
N LYS C 171 6.64 -12.97 -11.86
CA LYS C 171 7.49 -12.60 -13.01
C LYS C 171 7.94 -11.14 -12.90
N MET C 172 7.13 -10.32 -12.22
CA MET C 172 7.43 -8.91 -12.06
C MET C 172 8.62 -8.69 -11.12
N SER C 173 9.00 -9.74 -10.40
CA SER C 173 10.12 -9.66 -9.48
C SER C 173 11.36 -10.31 -10.10
N LYS C 174 11.22 -10.80 -11.33
CA LYS C 174 12.31 -11.45 -12.03
C LYS C 174 12.67 -10.70 -13.31
N ASP C 175 11.67 -10.10 -13.92
CA ASP C 175 11.86 -9.35 -15.16
C ASP C 175 11.76 -7.85 -14.91
N GLY C 176 12.33 -7.07 -15.81
CA GLY C 176 12.30 -5.62 -15.67
C GLY C 176 12.79 -4.93 -16.91
N LYS C 177 13.38 -3.75 -16.75
CA LYS C 177 13.90 -2.98 -17.88
C LYS C 177 15.20 -3.58 -18.41
N LYS C 178 15.05 -4.64 -19.21
CA LYS C 178 16.19 -5.34 -19.80
C LYS C 178 16.06 -5.33 -21.32
N LYS C 179 17.00 -4.66 -21.99
CA LYS C 179 16.99 -4.60 -23.44
C LYS C 179 18.32 -5.06 -24.02
N LYS C 180 18.23 -5.84 -25.09
CA LYS C 180 19.41 -6.37 -25.78
C LYS C 180 19.98 -5.31 -26.72
N LYS C 181 19.08 -4.62 -27.42
CA LYS C 181 19.48 -3.59 -28.36
C LYS C 181 19.55 -2.23 -27.68
N LYS C 182 20.74 -1.64 -27.67
CA LYS C 182 20.95 -0.34 -27.05
C LYS C 182 20.89 0.77 -28.08
N SER C 183 19.73 0.91 -28.70
CA SER C 183 19.51 1.93 -29.71
C SER C 183 19.22 3.29 -29.08
N LYS C 184 19.87 4.33 -29.57
CA LYS C 184 19.68 5.67 -29.04
C LYS C 184 18.45 6.33 -29.66
N THR C 185 18.37 6.28 -30.99
CA THR C 185 17.26 6.87 -31.71
C THR C 185 16.50 5.82 -32.53
N LYS C 186 15.47 6.27 -33.25
CA LYS C 186 14.67 5.39 -34.07
C LYS C 186 15.39 5.03 -35.37
N CYS C 187 15.73 3.76 -35.50
CA CYS C 187 16.42 3.28 -36.69
C CYS C 187 15.43 2.66 -37.66
C1 PCW D . -16.03 4.43 -7.40
C2 PCW D . -16.22 5.99 -7.63
C3 PCW D . -17.73 6.31 -7.92
C4 PCW D . -13.40 1.87 -6.11
C5 PCW D . -13.31 0.35 -5.92
C6 PCW D . -12.21 -1.65 -4.79
C7 PCW D . -12.14 0.54 -3.74
C8 PCW D . -13.63 -0.50 -4.09
C11 PCW D . -19.16 8.21 -8.26
C12 PCW D . -19.08 9.70 -8.46
C13 PCW D . -18.92 9.97 -10.00
C14 PCW D . -18.83 11.44 -10.40
C15 PCW D . -20.02 12.35 -9.95
C16 PCW D . -19.49 13.61 -9.18
C17 PCW D . -20.43 14.23 -8.10
C18 PCW D . -21.34 15.33 -8.63
C19 PCW D . -20.61 16.69 -8.82
C20 PCW D . -21.03 17.84 -8.19
C21 PCW D . -22.14 18.13 -7.26
C22 PCW D . -22.73 19.52 -7.69
C23 PCW D . -23.19 20.47 -6.55
C24 PCW D . -22.12 21.11 -5.73
C25 PCW D . -22.42 21.61 -4.28
C26 PCW D . -21.34 22.45 -3.63
C27 PCW D . -21.71 23.89 -3.18
C28 PCW D . -21.39 24.07 -1.71
C31 PCW D . -14.94 7.68 -6.58
C32 PCW D . -14.66 8.36 -5.22
C33 PCW D . -13.99 9.81 -5.30
C34 PCW D . -14.99 10.92 -5.65
C35 PCW D . -15.06 11.84 -4.36
C36 PCW D . -15.39 13.31 -4.71
C37 PCW D . -15.48 14.28 -3.49
C38 PCW D . -14.70 15.53 -3.72
C39 PCW D . -14.78 16.49 -2.55
C40 PCW D . -13.81 16.80 -1.69
C41 PCW D . -12.41 16.22 -1.75
C42 PCW D . -11.76 16.34 -0.30
C43 PCW D . -11.43 17.72 0.24
C44 PCW D . -10.83 17.51 1.62
C45 PCW D . -11.06 18.65 2.59
C46 PCW D . -9.81 19.37 2.98
C47 PCW D . -9.93 20.87 3.18
C48 PCW D . -8.58 21.49 3.58
N PCW D . -12.43 -0.21 -4.94
O2 PCW D . -15.85 6.73 -6.38
O3 PCW D . -17.89 7.72 -8.12
O11 PCW D . -20.17 7.56 -8.22
O31 PCW D . -14.39 7.99 -7.67
O1P PCW D . -13.86 4.67 -5.59
O2P PCW D . -15.22 3.78 -3.70
O3P PCW D . -16.26 4.00 -6.04
O4P PCW D . -14.62 2.29 -5.46
P PCW D . -14.94 3.73 -5.15
C1 PCW E . -32.19 8.99 2.85
C2 PCW E . -33.10 10.22 2.45
C3 PCW E . -33.81 10.78 3.73
C4 PCW E . -31.40 4.96 0.28
C5 PCW E . -32.10 4.16 -0.81
C6 PCW E . -31.83 2.50 -2.73
C7 PCW E . -30.82 2.04 -0.55
C8 PCW E . -32.62 2.18 -0.97
C11 PCW E . -35.95 11.69 3.04
C12 PCW E . -36.61 13.00 2.72
C13 PCW E . -37.20 12.91 1.25
C14 PCW E . -37.91 14.17 0.76
C15 PCW E . -39.08 14.69 1.65
C16 PCW E . -39.59 16.08 1.15
C17 PCW E . -40.07 17.11 2.24
C18 PCW E . -40.50 18.46 1.65
C19 PCW E . -40.26 19.63 2.63
C20 PCW E . -39.34 20.64 2.38
C21 PCW E . -38.40 20.87 1.25
C22 PCW E . -37.46 22.03 1.67
C23 PCW E . -35.95 21.71 1.84
C24 PCW E . -35.05 22.83 2.24
C25 PCW E . -35.10 23.41 3.68
C26 PCW E . -34.56 24.81 3.86
C27 PCW E . -33.08 24.96 4.29
C28 PCW E . -32.36 25.89 3.33
C31 PCW E . -32.70 11.74 0.68
C32 PCW E . -31.75 12.88 0.23
C33 PCW E . -30.22 12.47 0.03
C34 PCW E . -29.32 13.02 1.14
C35 PCW E . -28.97 14.51 0.73
C36 PCW E . -28.35 15.31 1.89
C37 PCW E . -27.99 16.80 1.55
C38 PCW E . -27.75 17.59 2.79
C39 PCW E . -27.40 19.04 2.49
C40 PCW E . -26.66 19.85 3.24
C41 PCW E . -26.03 19.45 4.56
C42 PCW E . -26.30 20.62 5.61
C43 PCW E . -25.12 21.42 6.15
C44 PCW E . -25.68 22.44 7.12
C45 PCW E . -25.56 23.88 6.67
C46 PCW E . -25.10 24.81 7.76
C47 PCW E . -25.25 26.28 7.49
C48 PCW E . -24.72 27.11 8.68
N PCW E . -31.46 3.02 -1.40
O2 PCW E . -32.27 11.32 1.88
O3 PCW E . -34.64 11.91 3.37
O11 PCW E . -36.49 10.61 3.02
O31 PCW E . -33.69 11.31 0.03
O1P PCW E . -32.95 6.13 2.44
O2P PCW E . -33.92 7.50 0.60
O3P PCW E . -31.72 8.21 1.73
O4P PCW E . -31.87 6.33 0.18
P PCW E . -32.70 7.01 1.27
C1 PCW F . 5.53 -22.68 11.55
C2 PCW F . 6.31 -21.96 12.72
C3 PCW F . 7.23 -22.97 13.47
C4 PCW F . 8.49 -21.58 8.23
C5 PCW F . 9.63 -20.95 9.04
C6 PCW F . 11.10 -20.01 7.19
C7 PCW F . 10.90 -18.84 9.34
C8 PCW F . 11.63 -20.51 9.01
C11 PCW F . 9.30 -22.34 14.51
C12 PCW F . 9.85 -21.57 15.68
C13 PCW F . 10.88 -20.51 15.13
C14 PCW F . 11.55 -19.63 16.19
C15 PCW F . 13.10 -19.69 16.24
C16 PCW F . 13.65 -18.92 17.49
C17 PCW F . 15.08 -19.28 17.99
C18 PCW F . 15.42 -18.65 19.35
C19 PCW F . 16.75 -19.20 19.95
C20 PCW F . 16.83 -19.71 21.24
C21 PCW F . 15.81 -19.88 22.31
C22 PCW F . 15.66 -18.50 23.01
C23 PCW F . 16.05 -18.41 24.52
C24 PCW F . 15.66 -17.16 25.23
C25 PCW F . 16.31 -16.78 26.60
C26 PCW F . 16.56 -15.32 26.85
C27 PCW F . 17.94 -14.90 27.41
C28 PCW F . 18.10 -13.40 27.35
C31 PCW F . 6.57 -19.75 11.88
C32 PCW F . 7.60 -18.76 11.32
C33 PCW F . 8.50 -18.02 12.41
C34 PCW F . 7.69 -17.21 13.43
C35 PCW F . 8.11 -17.76 14.85
C36 PCW F . 6.95 -18.48 15.57
C37 PCW F . 7.29 -19.05 16.99
C38 PCW F . 6.26 -18.71 18.01
C39 PCW F . 6.57 -19.27 19.38
C40 PCW F . 6.56 -18.60 20.53
C41 PCW F . 6.21 -17.12 20.66
C42 PCW F . 5.86 -16.83 22.19
C43 PCW F . 6.93 -16.22 23.06
C44 PCW F . 6.33 -16.06 24.45
C45 PCW F . 6.44 -17.26 25.35
C46 PCW F . 7.20 -17.00 26.62
C47 PCW F . 7.94 -18.18 27.20
C48 PCW F . 8.67 -17.79 28.50
N PCW F . 10.38 -19.89 8.47
O2 PCW F . 7.20 -20.89 12.15
O3 PCW F . 7.95 -22.29 14.51
O11 PCW F . 9.97 -22.93 13.70
O31 PCW F . 5.34 -19.52 12.04
O1P PCW F . 6.55 -23.74 8.08
O2P PCW F . 4.98 -21.95 8.83
O3P PCW F . 6.37 -23.27 10.55
O4P PCW F . 7.32 -21.57 9.08
P PCW F . 6.26 -22.64 9.07
C1 PCW G . 1.68 6.23 -22.02
C2 PCW G . 1.85 7.80 -22.10
C3 PCW G . 2.44 8.21 -23.49
C4 PCW G . -0.88 5.80 -24.97
C5 PCW G . -2.09 5.19 -25.68
C6 PCW G . -3.58 5.49 -27.72
C7 PCW G . -1.22 4.89 -27.97
C8 PCW G . -2.56 3.90 -27.19
C11 PCW G . 3.66 10.13 -24.25
C12 PCW G . 3.64 11.63 -24.19
C13 PCW G . 3.71 12.20 -25.66
C14 PCW G . 3.71 13.72 -25.78
C15 PCW G . 2.33 14.42 -25.58
C16 PCW G . 2.34 15.86 -26.21
C17 PCW G . 3.21 16.95 -25.50
C18 PCW G . 3.99 17.85 -26.48
C19 PCW G . 4.06 19.32 -26.02
C20 PCW G . 3.03 20.23 -26.21
C21 PCW G . 1.69 20.09 -26.84
C22 PCW G . 0.82 21.29 -26.34
C23 PCW G . -0.65 20.99 -25.95
C24 PCW G . -1.66 22.03 -26.30
C25 PCW G . -1.96 22.39 -27.79
C26 PCW G . -3.23 21.83 -28.38
C27 PCW G . -3.48 22.02 -29.88
C28 PCW G . -4.77 21.35 -30.29
C31 PCW G . 0.37 9.11 -20.81
C32 PCW G . -1.02 9.77 -20.81
C33 PCW G . -1.09 11.23 -20.17
C34 PCW G . -0.39 12.30 -21.01
C35 PCW G . 0.88 12.74 -20.16
C36 PCW G . 2.13 12.95 -21.05
C37 PCW G . 3.42 13.37 -20.29
C38 PCW G . 4.35 14.13 -21.18
C39 PCW G . 5.62 14.55 -20.48
C40 PCW G . 5.98 15.79 -20.15
C41 PCW G . 5.14 17.03 -20.44
C42 PCW G . 5.73 18.24 -19.58
C43 PCW G . 5.50 18.25 -18.08
C44 PCW G . 6.18 19.50 -17.54
C45 PCW G . 6.71 19.40 -16.13
C46 PCW G . 6.49 20.63 -15.31
C47 PCW G . 6.95 20.56 -13.86
C48 PCW G . 6.67 21.89 -13.14
N PCW G . -2.25 5.36 -27.08
O2 PCW G . 0.53 8.48 -21.96
O3 PCW G . 2.59 9.64 -23.56
O11 PCW G . 4.48 9.47 -24.80
O31 PCW G . 1.21 9.18 -19.86
O1P PCW G . 0.71 3.96 -23.34
O2P PCW G . -1.37 3.89 -21.97
O3P PCW G . 0.36 5.79 -21.63
O4P PCW G . -1.13 5.68 -23.55
P PCW G . -0.36 4.74 -22.63
C1 PCW H . -28.67 9.33 -8.99
C2 PCW H . -28.07 10.78 -9.13
C3 PCW H . -27.96 11.45 -7.71
C4 PCW H . -30.87 10.33 -11.97
C5 PCW H . -30.12 11.63 -11.65
C6 PCW H . -31.83 13.07 -12.86
C7 PCW H . -30.00 14.10 -11.62
C8 PCW H . -29.89 13.04 -13.12
C11 PCW H . -28.27 13.82 -7.83
C12 PCW H . -27.50 15.10 -8.05
C13 PCW H . -26.47 15.27 -6.87
C14 PCW H . -25.60 16.53 -6.94
C15 PCW H . -26.13 17.76 -6.15
C16 PCW H . -27.02 18.67 -7.07
C17 PCW H . -28.57 18.56 -6.91
C18 PCW H . -29.15 19.52 -5.88
C19 PCW H . -29.64 20.85 -6.51
C20 PCW H . -29.15 22.09 -6.11
C21 PCW H . -28.15 22.49 -5.09
C22 PCW H . -26.74 22.32 -5.73
C23 PCW H . -25.84 23.57 -5.80
C24 PCW H . -25.78 24.30 -7.11
C25 PCW H . -25.54 25.83 -7.18
C26 PCW H . -26.76 26.72 -6.98
C27 PCW H . -26.97 27.34 -5.58
C28 PCW H . -26.48 28.77 -5.58
C31 PCW H . -26.45 11.61 -10.65
C32 PCW H . -24.99 11.40 -11.13
C33 PCW H . -23.91 12.47 -10.58
C34 PCW H . -24.19 12.96 -9.17
C35 PCW H . -23.94 11.72 -8.21
C36 PCW H . -24.12 12.07 -6.71
C37 PCW H . -23.88 10.89 -5.72
C38 PCW H . -22.45 10.74 -5.35
C39 PCW H . -22.20 9.60 -4.39
C40 PCW H . -21.11 9.37 -3.67
C41 PCW H . -19.88 10.27 -3.68
C42 PCW H . -19.59 10.70 -2.17
C43 PCW H . -20.43 11.81 -1.56
C44 PCW H . -19.93 12.01 -0.14
C45 PCW H . -20.95 11.77 0.95
C46 PCW H . -20.65 10.57 1.81
C47 PCW H . -21.35 10.51 3.15
C48 PCW H . -20.95 9.24 3.92
N PCW H . -30.74 12.89 -11.90
O2 PCW H . -26.69 10.71 -9.69
O3 PCW H . -27.41 12.77 -7.87
O11 PCW H . -29.46 13.76 -7.68
O31 PCW H . -27.25 12.48 -11.08
O1P PCW H . -29.11 8.11 -12.55
O2P PCW H . -30.43 7.01 -10.75
O3P PCW H . -28.39 8.49 -10.14
O4P PCW H . -30.54 9.38 -10.92
P PCW H . -29.63 8.18 -11.14
C1 PCW I . 2.26 2.76 -13.64
C2 PCW I . 3.44 3.24 -12.70
C3 PCW I . 4.76 3.34 -13.52
C4 PCW I . 0.86 -1.00 -10.32
C5 PCW I . -0.13 -1.95 -10.98
C6 PCW I . -0.21 -2.87 -13.36
C7 PCW I . 0.92 -4.12 -11.60
C8 PCW I . -0.88 -3.71 -11.72
C11 PCW I . 6.44 2.85 -11.87
C12 PCW I . 7.52 3.51 -11.07
C13 PCW I . 7.19 3.29 -9.55
C14 PCW I . 8.20 3.91 -8.57
C15 PCW I . 9.59 3.21 -8.48
C16 PCW I . 10.30 3.56 -7.13
C17 PCW I . 11.33 4.74 -7.14
C18 PCW I . 12.78 4.28 -6.93
C19 PCW I . 13.33 4.67 -5.54
C20 PCW I . 14.31 5.65 -5.37
C21 PCW I . 15.03 6.52 -6.33
C22 PCW I . 16.05 7.35 -5.51
C23 PCW I . 17.55 7.22 -5.89
C24 PCW I . 18.39 8.45 -5.74
C25 PCW I . 19.77 8.57 -6.46
C26 PCW I . 20.15 9.97 -6.93
C27 PCW I . 21.47 10.13 -7.71
C28 PCW I . 21.18 10.34 -9.18
C31 PCW I . 2.33 4.57 -11.08
C32 PCW I . 2.11 6.03 -10.63
C33 PCW I . 0.58 6.50 -10.58
C34 PCW I . 0.19 7.41 -11.75
C35 PCW I . -0.58 8.63 -11.11
C36 PCW I . 0.14 9.98 -11.36
C37 PCW I . -0.57 11.22 -10.75
C38 PCW I . 0.41 12.25 -10.28
C39 PCW I . -0.26 13.46 -9.68
C40 PCW I . 0.33 14.50 -9.09
C41 PCW I . 1.82 14.64 -8.90
C42 PCW I . 2.09 15.93 -8.00
C43 PCW I . 2.69 17.16 -8.64
C44 PCW I . 2.82 18.21 -7.55
C45 PCW I . 3.38 19.54 -8.00
C46 PCW I . 2.82 20.72 -7.25
C47 PCW I . 3.82 21.71 -6.71
C48 PCW I . 3.12 22.87 -5.97
N PCW I . 0.33 -2.87 -12.00
O2 PCW I . 3.13 4.59 -12.15
O3 PCW I . 5.83 3.78 -12.66
O11 PCW I . 6.16 1.67 -11.83
O31 PCW I . 1.84 3.55 -10.52
O1P PCW I . 2.98 0.15 -12.32
O2P PCW I . 1.01 -0.08 -12.81
O3P PCW I . 1.21 2.03 -12.94
O4P PCW I . 0.71 0.30 -10.97
P PCW I . 1.72 0.88 -11.93
C1 PCW J . -1.78 8.53 -17.45
C2 PCW J . -1.20 9.30 -16.20
C3 PCW J . 0.05 10.16 -16.62
C4 PCW J . -6.09 6.54 -18.39
C5 PCW J . -5.75 5.09 -18.02
C6 PCW J . -4.51 4.44 -19.99
C7 PCW J . -6.77 3.90 -19.84
C8 PCW J . -5.33 2.71 -18.52
C11 PCW J . 0.58 12.20 -15.49
C12 PCW J . 1.16 12.71 -14.20
C13 PCW J . 2.62 13.20 -14.48
C14 PCW J . 3.38 13.75 -13.27
C15 PCW J . 2.83 15.10 -12.69
C16 PCW J . 3.25 16.31 -13.61
C17 PCW J . 2.10 17.25 -14.10
C18 PCW J . 2.09 17.46 -15.61
C19 PCW J . 1.11 18.56 -16.07
C20 PCW J . 1.08 19.06 -17.36
C21 PCW J . 1.88 18.73 -18.58
C22 PCW J . 2.21 20.09 -19.26
C23 PCW J . 1.52 20.38 -20.62
C24 PCW J . 2.40 20.74 -21.78
C25 PCW J . 2.98 22.18 -21.93
C26 PCW J . 4.44 22.29 -22.32
C27 PCW J . 5.25 23.46 -21.75
C28 PCW J . 6.54 22.95 -21.14
C31 PCW J . -2.81 9.81 -14.54
C32 PCW J . -3.83 10.87 -14.11
C33 PCW J . -3.25 12.05 -13.19
C34 PCW J . -3.04 13.36 -13.95
C35 PCW J . -2.11 14.24 -13.02
C36 PCW J . -2.24 15.75 -13.32
C37 PCW J . -1.35 16.69 -12.44
C38 PCW J . -1.87 18.10 -12.43
C39 PCW J . -1.02 19.02 -11.59
C40 PCW J . -0.65 20.26 -11.89
C41 PCW J . -1.02 20.97 -13.19
C42 PCW J . -0.18 22.33 -13.26
C43 PCW J . -0.68 23.43 -14.17
C44 PCW J . 0.31 24.58 -14.05
C45 PCW J . -0.28 25.88 -13.55
C46 PCW J . 0.69 26.70 -12.74
C47 PCW J . 0.09 27.67 -11.75
C48 PCW J . 1.18 28.43 -10.99
N PCW J . -5.59 4.09 -19.04
O2 PCW J . -2.22 10.24 -15.65
O3 PCW J . 0.56 10.84 -15.48
O11 PCW J . 0.19 12.90 -16.38
O31 PCW J . -2.58 8.72 -13.94
O1P PCW J . -5.27 8.86 -16.85
O2P PCW J . -4.01 9.43 -18.92
O3P PCW J . -3.01 7.82 -17.19
O4P PCW J . -4.82 7.19 -18.68
P PCW J . -4.32 8.41 -17.91
C1 PCW K . -23.97 -12.76 18.07
C2 PCW K . -24.18 -12.76 19.63
C3 PCW K . -25.71 -12.85 19.98
C4 PCW K . -22.06 -17.06 17.90
C5 PCW K . -20.64 -17.60 17.80
C6 PCW K . -21.11 -19.90 18.37
C7 PCW K . -19.04 -19.35 17.43
C8 PCW K . -20.85 -19.33 16.05
C11 PCW K . -26.02 -11.65 22.04
C12 PCW K . -26.18 -11.88 23.53
C13 PCW K . -27.22 -10.84 24.08
C14 PCW K . -27.49 -10.94 25.58
C15 PCW K . -28.64 -10.03 26.12
C16 PCW K . -28.62 -9.98 27.68
C17 PCW K . -28.43 -8.57 28.35
C18 PCW K . -28.16 -8.64 29.86
C19 PCW K . -26.68 -8.94 30.19
C20 PCW K . -25.68 -7.99 30.09
C21 PCW K . -25.69 -6.56 29.67
C22 PCW K . -26.19 -5.74 30.90
C23 PCW K . -27.36 -4.75 30.65
C24 PCW K . -27.20 -3.37 31.21
C25 PCW K . -27.77 -2.99 32.61
C26 PCW K . -28.42 -1.63 32.74
C27 PCW K . -28.75 -1.12 34.16
C28 PCW K . -29.91 -0.15 34.11
C31 PCW K . -22.79 -13.67 21.32
C32 PCW K . -22.16 -14.98 21.83
C33 PCW K . -20.70 -15.31 21.26
C34 PCW K . -19.76 -14.11 21.22
C35 PCW K . -19.33 -13.85 22.71
C36 PCW K . -18.99 -12.36 22.97
C37 PCW K . -18.55 -12.02 24.44
C38 PCW K . -19.65 -11.37 25.22
C39 PCW K . -19.23 -11.02 26.63
C40 PCW K . -20.04 -10.84 27.68
C41 PCW K . -21.55 -10.96 27.65
C42 PCW K . -22.14 -9.57 27.18
C43 PCW K . -23.22 -9.56 26.11
C44 PCW K . -23.60 -8.11 25.86
C45 PCW K . -25.08 -7.85 25.70
C46 PCW K . -25.48 -6.42 25.97
C47 PCW K . -26.95 -6.09 25.81
C48 PCW K . -27.22 -4.61 26.11
N PCW K . -20.42 -18.97 17.43
O2 PCW K . -23.51 -13.94 20.24
O3 PCW K . -25.88 -12.85 21.41
O11 PCW K . -26.02 -10.57 21.51
O31 PCW K . -22.63 -12.53 21.85
O1P PCW K . -24.54 -15.54 17.71
O2P PCW K . -23.60 -14.87 15.49
O3P PCW K . -22.91 -13.62 17.62
O4P PCW K . -22.11 -15.85 17.09
P PCW K . -23.36 -15.00 16.95
C1 PCW L . 0.09 -8.42 -4.00
C2 PCW L . 0.26 -6.86 -3.97
C3 PCW L . -1.13 -6.15 -4.00
C4 PCW L . -4.02 -8.11 -3.13
C5 PCW L . -5.17 -7.96 -2.13
C6 PCW L . -4.27 -6.34 -0.57
C7 PCW L . -6.58 -6.68 -0.68
C8 PCW L . -5.63 -5.55 -2.40
C11 PCW L . -1.92 -3.95 -4.52
C12 PCW L . -1.53 -2.49 -4.38
C13 PCW L . -1.83 -2.05 -2.91
C14 PCW L . -1.49 -0.59 -2.59
C15 PCW L . -2.11 -0.03 -1.28
C16 PCW L . -2.99 1.24 -1.58
C17 PCW L . -3.17 2.28 -0.42
C18 PCW L . -2.25 3.49 -0.55
C19 PCW L . -2.39 4.47 0.64
C20 PCW L . -1.97 5.79 0.57
C21 PCW L . -1.33 6.57 -0.52
C22 PCW L . -2.29 7.76 -0.82
C23 PCW L . -1.79 8.85 -1.81
C24 PCW L . -0.71 9.77 -1.33
C25 PCW L . -1.04 11.21 -0.84
C26 PCW L . 0.14 12.14 -0.66
C27 PCW L . 0.25 12.91 0.68
C28 PCW L . 0.23 14.40 0.42
C31 PCW L . 2.25 -6.18 -2.87
C32 PCW L . 2.83 -5.76 -1.50
C33 PCW L . 3.39 -6.96 -0.61
C34 PCW L . 4.76 -7.47 -1.07
C35 PCW L . 5.69 -7.37 0.21
C36 PCW L . 7.16 -7.02 -0.16
C37 PCW L . 8.14 -6.91 1.06
C38 PCW L . 9.04 -5.72 0.93
C39 PCW L . 9.99 -5.59 2.08
C40 PCW L . 10.63 -4.50 2.48
C41 PCW L . 10.49 -3.14 1.83
C42 PCW L . 11.80 -2.30 2.15
C43 PCW L . 12.23 -1.21 1.18
C44 PCW L . 13.48 -0.57 1.72
C45 PCW L . 14.03 0.57 0.91
C46 PCW L . 14.09 1.88 1.65
C47 PCW L . 13.23 2.99 1.11
C48 PCW L . 13.39 4.26 1.97
N PCW L . -5.39 -6.70 -1.49
O2 PCW L . 0.95 -6.45 -2.72
O3 PCW L . -0.95 -4.73 -3.96
O11 PCW L . -2.93 -4.35 -5.05
O31 PCW L . 2.91 -6.26 -3.95
O1P PCW L . -2.15 -9.82 -4.61
O2P PCW L . -2.04 -11.04 -2.44
O3P PCW L . -0.57 -8.97 -2.85
O4P PCW L . -2.97 -8.84 -2.43
P PCW L . -1.95 -9.73 -3.12
C1 PCW M . -28.26 -8.02 7.70
C2 PCW M . -28.50 -6.75 8.61
C3 PCW M . -28.17 -7.08 10.10
C4 PCW M . -23.78 -7.01 6.71
C5 PCW M . -22.57 -7.20 5.78
C6 PCW M . -22.97 -7.43 3.28
C7 PCW M . -21.75 -5.50 4.18
C8 PCW M . -21.26 -7.27 4.22
C11 PCW M . -29.20 -6.05 12.02
C12 PCW M . -29.30 -4.73 12.72
C13 PCW M . -28.81 -4.93 14.20
C14 PCW M . -28.86 -3.67 15.08
C15 PCW M . -29.90 -3.70 16.24
C16 PCW M . -29.82 -2.38 17.10
C17 PCW M . -30.87 -2.19 18.23
C18 PCW M . -30.39 -2.69 19.60
C19 PCW M . -31.03 -4.04 20.00
C20 PCW M . -30.51 -4.86 21.00
C21 PCW M . -29.32 -4.72 21.89
C22 PCW M . -28.16 -5.49 21.20
C23 PCW M . -26.80 -4.77 21.07
C24 PCW M . -25.73 -5.13 22.05
C25 PCW M . -24.91 -4.04 22.78
C26 PCW M . -23.40 -4.18 22.75
C27 PCW M . -22.58 -2.96 22.29
C28 PCW M . -21.16 -3.38 22.02
C31 PCW M . -28.24 -4.49 7.93
C32 PCW M . -27.18 -3.45 7.52
C33 PCW M . -27.41 -1.98 8.13
C34 PCW M . -28.32 -1.10 7.28
C35 PCW M . -28.88 0.02 8.25
C36 PCW M . -30.41 0.19 8.14
C37 PCW M . -31.04 1.28 9.07
C38 PCW M . -32.02 0.71 10.04
C39 PCW M . -32.64 1.74 10.94
C40 PCW M . -32.20 2.12 12.14
C41 PCW M . -30.97 1.56 12.82
C42 PCW M . -31.35 1.19 14.32
C43 PCW M . -30.51 1.78 15.44
C44 PCW M . -31.10 1.26 16.75
C45 PCW M . -30.59 1.93 18.00
C46 PCW M . -31.16 1.37 19.26
C47 PCW M . -32.37 2.09 19.83
C48 PCW M . -32.87 1.42 21.12
N PCW M . -22.59 -6.65 4.48
O2 PCW M . -27.60 -5.64 8.19
O3 PCW M . -28.41 -5.92 10.91
O11 PCW M . -29.72 -7.08 12.37
O31 PCW M . -29.48 -4.30 8.00
O1P PCW M . -25.56 -8.62 8.38
O2P PCW M . -25.83 -9.92 6.29
O3P PCW M . -27.26 -7.82 6.67
O4P PCW M . -24.88 -7.74 6.11
P PCW M . -25.85 -8.59 6.91
C1 PCW N . 1.92 -1.90 -6.72
C2 PCW N . 1.83 -0.65 -5.75
C3 PCW N . 2.28 -1.06 -4.31
C4 PCW N . 3.12 -5.97 -7.23
C5 PCW N . 4.56 -6.00 -7.76
C6 PCW N . 6.14 -5.77 -5.95
C7 PCW N . 6.70 -7.07 -7.81
C8 PCW N . 5.18 -7.94 -6.36
C11 PCW N . 2.33 -0.11 -2.08
C12 PCW N . 2.27 1.22 -1.39
C13 PCW N . 1.35 1.08 -0.11
C14 PCW N . 1.20 2.35 0.71
C15 PCW N . 1.74 2.30 2.17
C16 PCW N . 2.98 3.24 2.32
C17 PCW N . 4.02 2.86 3.44
C18 PCW N . 5.30 2.22 2.88
C19 PCW N . 6.49 3.22 2.83
C20 PCW N . 7.73 2.93 3.38
C21 PCW N . 8.24 1.75 4.12
C22 PCW N . 9.79 1.95 4.27
C23 PCW N . 10.64 0.72 4.65
C24 PCW N . 12.07 0.97 5.01
C25 PCW N . 12.44 1.75 6.32
C26 PCW N . 12.99 3.15 6.13
C27 PCW N . 12.15 4.33 6.69
C28 PCW N . 12.96 5.61 6.65
C31 PCW N . 2.21 1.26 -7.11
C32 PCW N . 3.28 2.30 -7.47
C33 PCW N . 3.35 3.58 -6.49
C34 PCW N . 3.14 4.90 -7.22
C35 PCW N . 4.55 5.61 -7.22
C36 PCW N . 4.49 7.08 -6.73
C37 PCW N . 5.84 7.85 -6.71
C38 PCW N . 5.66 9.33 -6.57
C39 PCW N . 6.97 10.07 -6.55
C40 PCW N . 7.22 11.24 -5.95
C41 PCW N . 6.19 12.04 -5.19
C42 PCW N . 6.93 13.27 -4.50
C43 PCW N . 7.42 13.13 -3.08
C44 PCW N . 8.08 14.46 -2.70
C45 PCW N . 9.53 14.35 -2.28
C46 PCW N . 10.28 15.65 -2.40
C47 PCW N . 11.72 15.64 -1.93
C48 PCW N . 12.38 17.01 -2.11
N PCW N . 5.59 -6.66 -7.00
O2 PCW N . 2.75 0.43 -6.21
O3 PCW N . 2.21 0.09 -3.43
O11 PCW N . 2.50 -1.17 -1.55
O31 PCW N . 1.05 1.20 -7.57
O1P PCW N . 0.32 -5.40 -6.69
O2P PCW N . 0.57 -3.82 -8.61
O3P PCW N . 1.26 -3.09 -6.24
O4P PCW N . 2.57 -4.67 -7.57
P PCW N . 1.12 -4.29 -7.32
C1 PCW O . -17.43 -5.30 7.61
C2 PCW O . -18.64 -4.56 8.31
C3 PCW O . -18.22 -4.01 9.71
C4 PCW O . -16.57 -9.93 8.77
C5 PCW O . -15.69 -10.76 7.84
C6 PCW O . -15.41 -12.80 9.10
C7 PCW O . -15.04 -12.81 6.80
C8 PCW O . -17.20 -12.68 7.51
C11 PCW O . -19.87 -3.90 11.44
C12 PCW O . -21.03 -3.05 11.92
C13 PCW O . -20.58 -2.32 13.23
C14 PCW O . -21.65 -1.41 13.86
C15 PCW O . -22.23 -1.89 15.21
C16 PCW O . -23.75 -1.52 15.33
C17 PCW O . -24.17 -0.63 16.56
C18 PCW O . -25.69 -0.59 16.77
C19 PCW O . -26.18 -1.65 17.79
C20 PCW O . -26.57 -1.31 19.08
C21 PCW O . -26.64 -0.01 19.80
C22 PCW O . -26.09 -0.27 21.23
C23 PCW O . -25.27 0.88 21.88
C24 PCW O . -24.10 0.47 22.73
C25 PCW O . -22.67 0.97 22.39
C26 PCW O . -21.72 1.16 23.56
C27 PCW O . -20.33 1.78 23.28
C28 PCW O . -20.01 2.83 24.32
C31 PCW O . -20.29 -3.50 6.96
C32 PCW O . -20.57 -2.22 6.16
C33 PCW O . -21.51 -1.16 6.89
C34 PCW O . -20.75 0.06 7.42
C35 PCW O . -20.95 1.19 6.33
C36 PCW O . -19.75 2.16 6.24
C37 PCW O . -19.88 3.29 5.19
C38 PCW O . -18.59 4.03 4.99
C39 PCW O . -18.68 5.13 3.97
C40 PCW O . -18.12 6.33 4.04
C41 PCW O . -17.25 6.80 5.18
C42 PCW O . -18.02 8.00 5.93
C43 PCW O . -17.29 9.31 6.14
C44 PCW O . -18.24 10.25 6.85
C45 PCW O . -17.92 11.73 6.72
C46 PCW O . -19.13 12.60 6.67
C47 PCW O . -19.41 13.45 7.89
C48 PCW O . -20.68 14.29 7.72
N PCW O . -15.82 -12.19 7.81
O2 PCW O . -19.07 -3.38 7.49
O3 PCW O . -19.32 -3.34 10.33
O11 PCW O . -19.51 -4.90 11.98
O31 PCW O . -21.08 -4.48 7.08
O1P PCW O . -18.07 -7.82 10.07
O2P PCW O . -19.12 -7.58 7.82
O3P PCW O . -16.88 -6.41 8.36
O4P PCW O . -17.07 -8.81 8.00
P PCW O . -17.86 -7.66 8.61
C1 PCW P . -1.15 -14.18 13.66
C2 PCW P . -0.31 -13.95 14.98
C3 PCW P . 0.23 -12.49 15.02
C4 PCW P . -4.95 -14.08 11.18
C5 PCW P . -6.30 -13.42 10.89
C6 PCW P . -7.48 -11.52 9.66
C7 PCW P . -5.98 -13.05 8.45
C8 PCW P . -7.58 -13.45 9.28
C11 PCW P . 0.71 -11.15 16.94
C12 PCW P . 1.61 -11.10 18.15
C13 PCW P . 2.29 -9.69 18.21
C14 PCW P . 3.23 -9.47 19.38
C15 PCW P . 4.66 -10.09 19.24
C16 PCW P . 5.75 -9.17 19.90
C17 PCW P . 5.57 -8.84 21.42
C18 PCW P . 6.43 -9.71 22.34
C19 PCW P . 5.99 -9.64 23.82
C20 PCW P . 6.62 -10.36 24.81
C21 PCW P . 7.77 -11.31 24.79
C22 PCW P . 8.49 -11.16 26.17
C23 PCW P . 8.96 -12.46 26.87
C24 PCW P . 10.43 -12.58 27.13
C25 PCW P . 11.38 -13.33 26.14
C26 PCW P . 11.71 -14.77 26.47
C27 PCW P . 12.67 -15.04 27.66
C28 PCW P . 12.59 -16.50 28.06
C31 PCW P . -1.25 -15.42 16.60
C32 PCW P . -2.19 -15.45 17.82
C33 PCW P . -1.70 -14.62 19.10
C34 PCW P . -2.85 -14.02 19.90
C35 PCW P . -2.96 -14.89 21.21
C36 PCW P . -2.15 -14.29 22.39
C37 PCW P . -2.21 -15.11 23.73
C38 PCW P . -2.58 -14.25 24.90
C39 PCW P . -2.64 -15.01 26.20
C40 PCW P . -1.87 -14.83 27.26
C41 PCW P . -0.75 -13.79 27.34
C42 PCW P . -0.91 -13.00 28.72
C43 PCW P . -2.03 -11.96 28.82
C44 PCW P . -1.94 -11.36 30.22
C45 PCW P . -2.89 -11.96 31.24
C46 PCW P . -2.66 -11.48 32.64
C47 PCW P . -1.56 -12.16 33.42
C48 PCW P . -1.45 -11.56 34.83
N PCW P . -6.45 -12.58 9.74
O2 PCW P . -1.18 -14.15 16.17
O3 PCW P . 0.99 -12.27 16.22
O11 PCW P . -0.11 -10.33 16.66
O31 PCW P . -0.65 -16.41 16.11
O1P PCW P . -3.14 -15.81 12.65
O2P PCW P . -4.44 -15.02 14.61
O3P PCW P . -2.48 -13.62 13.71
O4P PCW P . -4.62 -13.78 12.56
P PCW P . -3.68 -14.63 13.40
C1 PCW Q . 5.60 -11.11 6.91
C2 PCW Q . 4.90 -9.94 7.70
C3 PCW Q . 5.27 -10.02 9.22
C4 PCW Q . 9.49 -9.57 4.39
C5 PCW Q . 9.96 -8.13 4.60
C6 PCW Q . 11.64 -6.49 5.61
C7 PCW Q . 12.07 -8.90 5.67
C8 PCW Q . 11.94 -7.81 4.17
C11 PCW Q . 5.41 -8.13 10.68
C12 PCW Q . 4.55 -7.10 11.35
C13 PCW Q . 3.80 -7.77 12.55
C14 PCW Q . 2.87 -6.86 13.34
C15 PCW Q . 1.84 -7.58 14.26
C16 PCW Q . 0.38 -7.40 13.70
C17 PCW Q . -0.30 -6.00 13.90
C18 PCW Q . -1.83 -6.05 13.91
C19 PCW Q . -2.46 -5.62 12.56
C20 PCW Q . -3.03 -4.36 12.37
C21 PCW Q . -3.21 -3.20 13.26
C22 PCW Q . -3.65 -2.01 12.35
C23 PCW Q . -4.23 -0.75 13.05
C24 PCW Q . -5.46 -0.16 12.46
C25 PCW Q . -6.84 -0.30 13.15
C26 PCW Q . -8.04 -0.53 12.24
C27 PCW Q . -9.41 -0.80 12.90
C28 PCW Q . -10.50 -0.75 11.86
C31 PCW Q . 4.40 -7.76 6.91
C32 PCW Q . 5.05 -6.45 6.42
C33 PCW Q . 5.31 -5.35 7.55
C34 PCW Q . 4.27 -4.22 7.55
C35 PCW Q . 5.08 -2.92 7.16
C36 PCW Q . 4.75 -1.71 8.07
C37 PCW Q . 5.51 -0.39 7.75
C38 PCW Q . 5.75 0.43 8.97
C39 PCW Q . 6.49 1.72 8.68
C40 PCW Q . 5.96 2.89 8.31
C41 PCW Q . 4.48 3.13 8.12
C42 PCW Q . 3.91 3.83 9.43
C43 PCW Q . 2.52 3.46 9.92
C44 PCW Q . 2.25 4.28 11.17
C45 PCW Q . 2.04 3.46 12.43
C46 PCW Q . 0.62 3.01 12.63
C47 PCW Q . 0.30 1.59 12.18
C48 PCW Q . -1.18 1.27 12.44
N PCW Q . 11.10 -7.85 5.42
O2 PCW Q . 5.38 -8.62 7.20
O3 PCW Q . 4.63 -8.96 9.93
O11 PCW Q . 6.60 -8.22 10.79
O31 PCW Q . 3.17 -7.97 7.01
O1P PCW Q . 8.20 -12.13 4.77
O2P PCW Q . 6.14 -10.88 4.13
O3P PCW Q . 6.99 -10.85 6.57
O4P PCW Q . 8.10 -9.62 4.78
P PCW Q . 7.35 -10.92 5.00
C1 PCW R . 19.68 2.73 -25.17
C2 PCW R . 21.21 3.00 -24.85
C3 PCW R . 21.82 4.00 -25.89
C4 PCW R . 16.37 3.86 -25.72
C5 PCW R . 16.36 5.38 -25.70
C6 PCW R . 15.46 7.55 -26.24
C7 PCW R . 14.03 5.89 -25.46
C8 PCW R . 14.80 5.68 -27.59
C11 PCW R . 23.85 5.22 -26.25
C12 PCW R . 25.28 5.28 -25.76
C13 PCW R . 25.28 6.08 -24.40
C14 PCW R . 26.65 6.24 -23.75
C15 PCW R . 27.17 7.71 -23.63
C16 PCW R . 28.23 8.01 -24.74
C17 PCW R . 28.00 9.26 -25.65
C18 PCW R . 27.04 9.00 -26.81
C19 PCW R . 26.31 10.28 -27.30
C20 PCW R . 25.05 10.62 -26.84
C21 PCW R . 24.11 9.97 -25.88
C22 PCW R . 23.89 10.98 -24.71
C23 PCW R . 24.77 10.82 -23.45
C24 PCW R . 24.08 10.37 -22.19
C25 PCW R . 23.12 11.32 -21.42
C26 PCW R . 23.69 12.66 -21.00
C27 PCW R . 24.49 12.73 -19.68
C28 PCW R . 25.94 13.05 -19.97
C31 PCW R . 22.14 2.95 -22.66
C32 PCW R . 22.19 3.71 -21.34
C33 PCW R . 22.69 5.23 -21.43
C34 PCW R . 24.07 5.45 -20.80
C35 PCW R . 23.83 6.53 -19.66
C36 PCW R . 24.93 7.62 -19.63
C37 PCW R . 24.77 8.72 -18.54
C38 PCW R . 26.09 9.21 -18.04
C39 PCW R . 25.95 10.27 -16.98
C40 PCW R . 26.59 10.33 -15.80
C41 PCW R . 27.59 9.28 -15.33
C42 PCW R . 27.87 9.54 -13.79
C43 PCW R . 29.25 9.21 -13.24
C44 PCW R . 29.23 9.54 -11.76
C45 PCW R . 29.51 8.39 -10.83
C46 PCW R . 30.90 7.83 -10.95
C47 PCW R . 31.56 7.37 -9.68
C48 PCW R . 32.97 6.83 -9.96
N PCW R . 15.23 6.09 -26.23
O2 PCW R . 21.34 3.63 -23.50
O3 PCW R . 23.20 4.22 -25.59
O11 PCW R . 23.37 5.94 -27.07
O31 PCW R . 22.74 1.86 -22.92
O1P PCW R . 16.99 1.05 -25.34
O2P PCW R . 16.75 1.64 -22.93
O3P PCW R . 18.98 2.01 -24.12
O4P PCW R . 17.02 3.43 -24.50
P PCW R . 17.38 1.98 -24.23
C1 PCW S . 0.82 6.25 -18.14
C2 PCW S . 2.29 6.41 -17.60
C3 PCW S . 3.19 7.01 -18.74
C4 PCW S . -0.32 2.14 -19.63
C5 PCW S . 0.52 1.65 -20.83
C6 PCW S . -1.33 0.65 -22.03
C7 PCW S . 0.18 -0.72 -20.89
C8 PCW S . 0.90 0.25 -22.83
C11 PCW S . 5.46 7.69 -19.12
C12 PCW S . 6.82 7.76 -18.46
C13 PCW S . 7.91 7.47 -19.55
C14 PCW S . 9.36 7.51 -19.03
C15 PCW S . 10.19 6.22 -19.27
C16 PCW S . 10.59 6.09 -20.79
C17 PCW S . 10.68 4.65 -21.38
C18 PCW S . 11.63 4.56 -22.59
C19 PCW S . 12.81 3.59 -22.36
C20 PCW S . 14.02 4.01 -21.84
C21 PCW S . 14.52 5.33 -21.39
C22 PCW S . 14.77 5.22 -19.86
C23 PCW S . 14.55 6.48 -19.00
C24 PCW S . 15.75 7.35 -18.73
C25 PCW S . 16.16 8.48 -19.73
C26 PCW S . 15.07 9.45 -20.15
C27 PCW S . 15.41 10.47 -21.26
C28 PCW S . 15.84 11.78 -20.64
C31 PCW S . 2.82 6.88 -15.35
C32 PCW S . 2.76 7.98 -14.27
C33 PCW S . 4.14 8.72 -13.96
C34 PCW S . 4.35 9.01 -12.47
C35 PCW S . 5.42 7.95 -11.98
C36 PCW S . 6.20 8.40 -10.74
C37 PCW S . 7.27 7.40 -10.21
C38 PCW S . 8.66 7.90 -10.43
C39 PCW S . 9.71 6.95 -9.93
C40 PCW S . 10.93 6.79 -10.41
C41 PCW S . 11.51 7.59 -11.57
C42 PCW S . 12.99 8.06 -11.18
C43 PCW S . 13.16 9.43 -10.56
C44 PCW S . 14.66 9.61 -10.31
C45 PCW S . 15.04 9.80 -8.86
C46 PCW S . 16.02 10.91 -8.63
C47 PCW S . 16.22 11.33 -7.20
C48 PCW S . 17.23 12.48 -7.08
N PCW S . 0.09 0.52 -21.61
O2 PCW S . 2.30 7.37 -16.47
O3 PCW S . 4.54 7.16 -18.26
O11 PCW S . 5.22 8.05 -20.25
O31 PCW S . 3.31 5.72 -15.18
O1P PCW S . -1.99 3.70 -17.83
O2P PCW S . -1.59 5.50 -19.52
O3P PCW S . 0.13 5.07 -17.65
O4P PCW S . -0.15 3.58 -19.57
P PCW S . -0.98 4.47 -18.65
C1 PCW T . -29.28 5.53 -6.88
C2 PCW T . -28.57 5.53 -5.46
C3 PCW T . -27.72 4.23 -5.26
C4 PCW T . -25.19 5.28 -7.86
C5 PCW T . -24.36 6.22 -6.97
C6 PCW T . -23.28 6.12 -4.67
C7 PCW T . -22.20 5.05 -6.59
C8 PCW T . -22.54 6.86 -6.33
C11 PCW T . -27.84 4.00 -2.86
C12 PCW T . -26.98 4.07 -1.63
C13 PCW T . -27.22 5.45 -0.94
C14 PCW T . -26.42 5.71 0.33
C15 PCW T . -26.74 7.06 1.06
C16 PCW T . -26.14 8.28 0.27
C17 PCW T . -24.84 8.94 0.82
C18 PCW T . -25.08 9.88 2.00
C19 PCW T . -26.11 11.00 1.67
C20 PCW T . -25.72 12.27 1.26
C21 PCW T . -24.40 12.89 1.03
C22 PCW T . -24.59 14.43 1.22
C23 PCW T . -23.43 15.23 1.85
C24 PCW T . -23.78 16.50 2.56
C25 PCW T . -22.72 17.26 3.42
C26 PCW T . -22.71 16.94 4.90
C27 PCW T . -22.49 18.10 5.89
C28 PCW T . -23.18 17.81 7.20
C31 PCW T . -28.18 7.78 -4.80
C32 PCW T . -27.11 8.88 -4.75
C33 PCW T . -26.87 9.55 -3.31
C34 PCW T . -27.78 10.76 -3.06
C35 PCW T . -27.08 11.98 -3.77
C36 PCW T . -26.72 13.12 -2.79
C37 PCW T . -26.02 14.36 -3.44
C38 PCW T . -24.87 14.86 -2.64
C39 PCW T . -24.18 16.05 -3.26
C40 PCW T . -24.21 17.31 -2.84
C41 PCW T . -24.97 17.77 -1.59
C42 PCW T . -24.13 18.96 -0.94
C43 PCW T . -24.88 20.14 -0.33
C44 PCW T . -23.84 21.10 0.22
C45 PCW T . -23.42 20.86 1.64
C46 PCW T . -22.36 21.81 2.13
C47 PCW T . -22.56 22.38 3.52
C48 PCW T . -21.41 23.33 3.89
N PCW T . -23.40 5.68 -6.07
O2 PCW T . -27.63 6.69 -5.35
O3 PCW T . -27.09 4.26 -3.97
O11 PCW T . -29.02 3.74 -2.87
O31 PCW T . -29.36 7.88 -4.36
O1P PCW T . -27.71 4.06 -8.56
O2P PCW T . -27.78 5.85 -10.27
O3P PCW T . -28.59 6.32 -7.88
O4P PCW T . -26.23 6.09 -8.46
P PCW T . -27.59 5.53 -8.85
C1 PCW U . 3.73 -17.10 14.98
C2 PCW U . 3.71 -15.87 15.96
C3 PCW U . 2.86 -16.21 17.24
C4 PCW U . -0.36 -17.50 12.59
C5 PCW U . -1.47 -18.51 12.87
C6 PCW U . -4.02 -18.70 12.94
C7 PCW U . -2.84 -18.31 10.81
C8 PCW U . -2.74 -19.80 11.91
C11 PCW U . 2.52 -15.32 19.44
C12 PCW U . 2.55 -14.01 20.19
C13 PCW U . 3.82 -14.00 21.12
C14 PCW U . 3.99 -12.74 21.97
C15 PCW U . 4.04 -12.95 23.51
C16 PCW U . 2.69 -12.51 24.17
C17 PCW U . 2.56 -12.65 25.72
C18 PCW U . 3.03 -11.41 26.48
C19 PCW U . 1.87 -10.43 26.82
C20 PCW U . 1.70 -9.23 26.17
C21 PCW U . 2.46 -8.56 25.08
C22 PCW U . 2.47 -7.04 25.41
C23 PCW U . 1.60 -6.11 24.52
C24 PCW U . 0.54 -5.31 25.23
C25 PCW U . 0.28 -3.82 24.85
C26 PCW U . 0.72 -2.78 25.87
C27 PCW U . 2.15 -2.23 25.75
C28 PCW U . 2.35 -1.09 26.73
C31 PCW U . 5.46 -14.29 16.29
C32 PCW U . 6.91 -14.15 16.78
C33 PCW U . 7.15 -14.57 18.32
C34 PCW U . 6.80 -13.46 19.32
C35 PCW U . 8.12 -13.25 20.18
C36 PCW U . 8.80 -11.89 19.88
C37 PCW U . 10.09 -11.61 20.69
C38 PCW U . 10.16 -10.20 21.17
C39 PCW U . 11.40 -9.91 21.96
C40 PCW U . 11.51 -9.09 23.01
C41 PCW U . 10.35 -8.28 23.57
C42 PCW U . 10.96 -7.10 24.46
C43 PCW U . 10.01 -6.23 25.27
C44 PCW U . 10.87 -5.20 26.00
C45 PCW U . 10.42 -3.77 25.86
C46 PCW U . 10.56 -2.97 27.14
C47 PCW U . 11.84 -2.20 27.32
C48 PCW U . 11.84 -1.44 28.66
N PCW U . -2.75 -18.34 12.25
O2 PCW U . 5.10 -15.57 16.42
O3 PCW U . 2.84 -15.09 18.13
O11 PCW U . 2.25 -16.39 19.90
O31 PCW U . 4.74 -13.36 15.83
O1P PCW U . 2.30 -18.37 11.84
O2P PCW U . 2.28 -19.38 14.12
O3P PCW U . 2.94 -16.90 13.78
O4P PCW U . 0.65 -17.70 13.61
P PCW U . 2.07 -18.16 13.31
C1 PCW V . 16.16 -15.80 7.47
C2 PCW V . 15.88 -15.61 9.02
C3 PCW V . 15.68 -17.00 9.69
C4 PCW V . 12.30 -14.52 4.68
C5 PCW V . 10.78 -14.73 4.84
C6 PCW V . 10.38 -15.99 2.82
C7 PCW V . 9.94 -13.70 2.83
C8 PCW V . 8.49 -15.05 3.96
C11 PCW V . 15.53 -17.90 11.91
C12 PCW V . 15.23 -17.50 13.33
C13 PCW V . 16.53 -16.87 13.95
C14 PCW V . 16.39 -16.40 15.40
C15 PCW V . 17.15 -15.09 15.76
C16 PCW V . 16.24 -14.15 16.65
C17 PCW V . 16.26 -14.40 18.19
C18 PCW V . 17.11 -13.39 18.96
C19 PCW V . 17.81 -13.99 20.20
C20 PCW V . 17.29 -13.87 21.48
C21 PCW V . 16.06 -13.22 22.02
C22 PCW V . 15.08 -14.36 22.41
C23 PCW V . 13.57 -14.08 22.24
C24 PCW V . 12.70 -15.24 21.84
C25 PCW V . 11.30 -15.45 22.48
C26 PCW V . 10.83 -16.89 22.63
C27 PCW V . 11.11 -17.60 23.97
C28 PCW V . 10.30 -18.87 24.07
C31 PCW V . 16.90 -13.64 9.85
C32 PCW V . 18.17 -13.11 10.54
C33 PCW V . 18.23 -13.32 12.13
C34 PCW V . 18.48 -12.01 12.89
C35 PCW V . 19.34 -12.42 14.16
C36 PCW V . 19.10 -11.48 15.35
C37 PCW V . 19.91 -11.82 16.65
C38 PCW V . 21.06 -10.88 16.86
C39 PCW V . 21.84 -11.20 18.10
C40 PCW V . 22.84 -10.49 18.62
C41 PCW V . 23.36 -9.19 18.02
C42 PCW V . 23.40 -8.09 19.18
C43 PCW V . 24.74 -7.77 19.82
C44 PCW V . 24.49 -6.71 20.88
C45 PCW V . 24.15 -7.23 22.25
C46 PCW V . 23.02 -6.49 22.92
C47 PCW V . 23.04 -6.45 24.43
C48 PCW V . 21.85 -5.67 24.98
N PCW V . 9.94 -14.87 3.68
O2 PCW V . 17.05 -14.96 9.67
O3 PCW V . 15.43 -16.82 11.09
O11 PCW V . 15.82 -19.01 11.55
O31 PCW V . 15.88 -12.95 9.53
O1P PCW V . 14.37 -16.57 4.79
O2P PCW V . 13.49 -16.92 7.09
O3P PCW V . 15.24 -15.09 6.62
O4P PCW V . 12.89 -14.89 5.95
P PCW V . 13.98 -15.94 6.09
C1 PCW W . 26.52 -4.11 -15.59
C2 PCW W . 27.19 -4.01 -14.17
C3 PCW W . 27.45 -2.51 -13.80
C4 PCW W . 24.00 -7.76 -14.34
C5 PCW W . 23.55 -9.20 -14.59
C6 PCW W . 22.42 -11.32 -13.72
C7 PCW W . 21.88 -9.14 -12.75
C8 PCW W . 21.57 -9.72 -14.48
C11 PCW W . 28.40 -1.21 -12.01
C12 PCW W . 29.01 -1.37 -10.64
C13 PCW W . 27.84 -1.56 -9.61
C14 PCW W . 28.29 -1.75 -8.15
C15 PCW W . 28.83 -0.47 -7.45
C16 PCW W . 30.35 -0.65 -7.09
C17 PCW W . 31.39 0.05 -8.03
C18 PCW W . 31.69 1.50 -7.62
C19 PCW W . 31.81 2.45 -8.83
C20 PCW W . 30.80 3.31 -9.21
C21 PCW W . 29.45 3.57 -8.65
C22 PCW W . 29.55 4.88 -7.82
C23 PCW W . 28.40 5.18 -6.82
C24 PCW W . 28.09 6.62 -6.55
C25 PCW W . 26.72 7.24 -6.97
C26 PCW W . 26.77 8.45 -7.87
C27 PCW W . 26.93 9.84 -7.22
C28 PCW W . 28.19 10.52 -7.73
C31 PCW W . 26.61 -5.79 -12.72
C32 PCW W . 25.59 -6.22 -11.65
C33 PCW W . 26.22 -6.81 -10.29
C34 PCW W . 26.77 -5.71 -9.36
C35 PCW W . 28.32 -6.00 -9.25
C36 PCW W . 29.18 -5.03 -10.08
C37 PCW W . 30.73 -5.26 -10.01
C38 PCW W . 31.36 -4.47 -8.91
C39 PCW W . 32.85 -4.67 -8.81
C40 PCW W . 33.64 -4.37 -7.79
C41 PCW W . 33.16 -3.73 -6.50
C42 PCW W . 34.27 -2.69 -6.01
C43 PCW W . 33.81 -1.32 -5.51
C44 PCW W . 35.08 -0.56 -5.12
C45 PCW W . 35.11 0.87 -5.57
C46 PCW W . 35.98 1.76 -4.72
C47 PCW W . 36.82 2.79 -5.44
C48 PCW W . 37.65 3.61 -4.45
N PCW W . 22.77 -9.89 -13.61
O2 PCW W . 26.28 -4.56 -13.13
O3 PCW W . 28.06 -2.44 -12.50
O11 PCW W . 28.24 -0.17 -12.57
O31 PCW W . 27.58 -6.49 -13.12
O1P PCW W . 23.90 -4.94 -14.97
O2P PCW W . 23.99 -5.78 -17.33
O3P PCW W . 26.16 -5.46 -15.98
O4P PCW W . 24.60 -7.28 -15.56
P PCW W . 24.59 -5.82 -15.97
C1 PCW X . -30.40 0.04 3.43
C2 PCW X . -30.13 1.50 3.97
C3 PCW X . -31.38 2.01 4.78
C4 PCW X . -32.07 -2.62 5.54
C5 PCW X . -32.24 -3.64 6.67
C6 PCW X . -33.97 -5.51 6.62
C7 PCW X . -31.60 -6.01 6.26
C8 PCW X . -32.40 -5.35 7.79
C11 PCW X . -31.87 3.80 6.31
C12 PCW X . -31.43 5.19 6.67
C13 PCW X . -30.27 5.07 7.73
C14 PCW X . -29.69 6.40 8.22
C15 PCW X . -29.17 6.40 9.69
C16 PCW X . -30.08 7.29 10.61
C17 PCW X . -31.55 6.81 10.84
C18 PCW X . -32.44 7.83 11.55
C19 PCW X . -32.60 9.16 10.75
C20 PCW X . -32.94 10.36 11.36
C21 PCW X . -33.22 10.71 12.77
C22 PCW X . -34.31 11.83 12.74
C23 PCW X . -34.15 13.02 13.73
C24 PCW X . -35.40 13.75 14.10
C25 PCW X . -36.02 13.61 15.52
C26 PCW X . -36.92 12.41 15.76
C27 PCW X . -36.52 11.44 16.88
C28 PCW X . -37.55 10.34 17.01
C31 PCW X . -27.98 2.34 4.51
C32 PCW X . -26.85 2.24 5.55
C33 PCW X . -26.81 3.44 6.62
C34 PCW X . -26.40 2.97 8.01
C35 PCW X . -25.52 4.14 8.62
C36 PCW X . -25.87 4.46 10.09
C37 PCW X . -25.03 5.60 10.74
C38 PCW X . -25.63 6.08 12.02
C39 PCW X . -24.84 7.18 12.65
C40 PCW X . -24.77 7.47 13.96
C41 PCW X . -25.52 6.71 15.03
C42 PCW X . -26.25 7.79 15.97
C43 PCW X . -26.99 7.28 17.20
C44 PCW X . -27.58 8.51 17.88
C45 PCW X . -28.59 8.21 18.96
C46 PCW X . -29.92 8.87 18.75
C47 PCW X . -30.13 10.20 19.45
C48 PCW X . -31.53 10.76 19.13
N PCW X . -32.63 -4.99 6.36
O2 PCW X . -28.96 1.51 4.89
O3 PCW X . -31.12 3.34 5.26
O11 PCW X . -32.72 3.18 6.87
O31 PCW X . -27.97 3.07 3.48
O1P PCW X . -30.87 -2.75 2.90
O2P PCW X . -28.85 -3.42 4.18
O3P PCW X . -29.41 -0.92 3.86
O4P PCW X . -30.65 -2.39 5.39
P PCW X . -29.94 -2.44 4.04
C1 PCW Y . -22.27 -10.69 9.32
C2 PCW Y . -22.28 -9.85 10.66
C3 PCW Y . -21.10 -8.81 10.65
C4 PCW Y . -21.58 -13.63 12.37
C5 PCW Y . -21.62 -12.68 13.57
C6 PCW Y . -19.07 -12.66 13.72
C7 PCW Y . -20.42 -11.61 15.48
C8 PCW Y . -20.36 -13.40 15.02
C11 PCW Y . -20.61 -8.61 13.00
C12 PCW Y . -20.79 -7.67 14.15
C13 PCW Y . -19.37 -7.27 14.69
C14 PCW Y . -19.37 -6.31 15.88
C15 PCW Y . -19.11 -4.81 15.54
C16 PCW Y . -17.57 -4.51 15.57
C17 PCW Y . -17.00 -3.80 16.84
C18 PCW Y . -16.63 -2.34 16.61
C19 PCW Y . -15.71 -1.77 17.72
C20 PCW Y . -15.91 -0.51 18.26
C21 PCW Y . -16.90 0.56 17.99
C22 PCW Y . -16.30 1.88 18.56
C23 PCW Y . -17.25 3.09 18.71
C24 PCW Y . -17.83 3.33 20.06
C25 PCW Y . -17.23 4.41 21.02
C26 PCW Y . -17.43 5.85 20.62
C27 PCW Y . -18.20 6.77 21.59
C28 PCW Y . -18.14 8.21 21.11
C31 PCW Y . -24.15 -9.22 11.95
C32 PCW Y . -25.44 -8.37 11.93
C33 PCW Y . -25.27 -6.87 12.48
C34 PCW Y . -24.29 -6.03 11.66
C35 PCW Y . -25.13 -4.80 11.12
C36 PCW Y . -25.17 -3.62 12.13
C37 PCW Y . -25.98 -2.37 11.67
C38 PCW Y . -25.10 -1.21 11.39
C39 PCW Y . -25.86 0.02 10.95
C40 PCW Y . -26.07 1.13 11.66
C41 PCW Y . -25.58 1.36 13.07
C42 PCW Y . -24.32 2.33 13.01
C43 PCW Y . -23.17 2.08 13.96
C44 PCW Y . -22.12 3.15 13.66
C45 PCW Y . -20.99 3.22 14.65
C46 PCW Y . -20.19 4.49 14.56
C47 PCW Y . -18.80 4.45 15.14
C48 PCW Y . -18.11 5.81 14.97
N PCW Y . -20.41 -12.19 14.15
O2 PCW Y . -23.54 -9.08 10.77
O3 PCW Y . -21.14 -8.06 11.87
O11 PCW Y . -20.11 -9.71 13.07
O31 PCW Y . -23.76 -9.94 12.92
O1P PCW Y . -22.57 -14.50 9.80
O2P PCW Y . -20.62 -13.20 8.95
O3P PCW Y . -22.85 -12.01 9.46
O4P PCW Y . -21.34 -12.81 11.20
P PCW Y . -21.82 -13.20 9.81
C1 PCW Z . 7.41 -14.76 7.61
C2 PCW Z . 7.99 -13.77 8.71
C3 PCW Z . 6.88 -13.42 9.76
C4 PCW Z . 5.12 -17.29 8.56
C5 PCW Z . 4.67 -18.68 9.02
C6 PCW Z . 2.79 -20.25 9.75
C7 PCW Z . 2.28 -18.03 8.85
C8 PCW Z . 3.08 -19.45 7.97
C11 PCW Z . 7.74 -13.04 11.96
C12 PCW Z . 8.26 -11.95 12.85
C13 PCW Z . 7.23 -11.74 14.02
C14 PCW Z . 7.61 -10.65 15.03
C15 PCW Z . 7.24 -9.19 14.63
C16 PCW Z . 8.30 -8.18 15.16
C17 PCW Z . 9.42 -7.73 14.17
C18 PCW Z . 8.98 -6.59 13.24
C19 PCW Z . 9.95 -5.38 13.26
C20 PCW Z . 9.73 -4.28 14.08
C21 PCW Z . 8.66 -3.94 15.05
C22 PCW Z . 9.34 -3.78 16.44
C23 PCW Z . 8.82 -4.67 17.60
C24 PCW Z . 9.50 -5.98 17.80
C25 PCW Z . 9.83 -6.50 19.23
C26 PCW Z . 11.28 -6.43 19.64
C27 PCW Z . 11.66 -5.43 20.76
C28 PCW Z . 13.01 -4.82 20.47
C31 PCW Z . 10.31 -14.22 8.89
C32 PCW Z . 11.35 -14.95 9.76
C33 PCW Z . 12.63 -14.09 10.19
C34 PCW Z . 12.28 -12.94 11.15
C35 PCW Z . 12.35 -11.62 10.28
C36 PCW Z . 11.82 -10.39 11.04
C37 PCW Z . 11.86 -9.04 10.23
C38 PCW Z . 13.16 -8.33 10.40
C39 PCW Z . 13.21 -7.03 9.62
C40 PCW Z . 13.90 -6.80 8.51
C41 PCW Z . 14.79 -7.83 7.83
C42 PCW Z . 16.32 -7.46 8.10
C43 PCW Z . 16.71 -6.91 9.46
C44 PCW Z . 18.21 -6.66 9.42
C45 PCW Z . 19.03 -7.50 10.37
C46 PCW Z . 18.87 -7.11 11.81
C47 PCW Z . 18.61 -8.23 12.79
C48 PCW Z . 18.46 -7.69 14.22
N PCW Z . 3.30 -18.92 9.35
O2 PCW Z . 9.11 -14.43 9.44
O3 PCW Z . 7.42 -12.53 10.75
O11 PCW Z . 7.61 -14.19 12.28
O31 PCW Z . 10.55 -13.56 7.85
O1P PCW Z . 6.69 -17.42 6.09
O2P PCW Z . 8.39 -18.47 7.56
O3P PCW Z . 8.22 -15.92 7.38
O4P PCW Z . 6.58 -17.27 8.60
P PCW Z . 7.46 -17.33 7.37
C1 PCW AA . 10.45 -3.93 -11.82
C2 PCW AA . 10.98 -2.61 -12.48
C3 PCW AA . 10.12 -1.39 -11.98
C4 PCW AA . 13.38 -7.87 -11.59
C5 PCW AA . 14.51 -7.81 -10.57
C6 PCW AA . 16.77 -8.70 -11.35
C7 PCW AA . 16.51 -6.36 -10.71
C8 PCW AA . 16.34 -7.86 -9.63
C11 PCW AA . 10.85 0.88 -11.76
C12 PCW AA . 11.34 2.05 -12.57
C13 PCW AA . 12.77 2.43 -12.06
C14 PCW AA . 13.44 3.61 -12.78
C15 PCW AA . 14.97 3.74 -12.58
C16 PCW AA . 15.30 4.54 -11.27
C17 PCW AA . 16.31 5.73 -11.38
C18 PCW AA . 17.77 5.30 -11.48
C19 PCW AA . 18.75 6.35 -10.90
C20 PCW AA . 19.29 6.25 -9.62
C21 PCW AA . 19.13 5.23 -8.55
C22 PCW AA . 20.43 4.37 -8.55
C23 PCW AA . 21.16 4.19 -7.19
C24 PCW AA . 22.53 4.78 -7.08
C25 PCW AA . 22.81 5.96 -6.10
C26 PCW AA . 22.67 5.65 -4.62
C27 PCW AA . 22.72 6.83 -3.62
C28 PCW AA . 21.33 7.17 -3.14
C31 PCW AA . 13.24 -2.26 -13.08
C32 PCW AA . 14.64 -1.98 -12.49
C33 PCW AA . 15.86 -2.19 -13.51
C34 PCW AA . 16.80 -0.99 -13.56
C35 PCW AA . 17.51 -1.08 -14.98
C36 PCW AA . 18.45 0.12 -15.25
C37 PCW AA . 19.18 0.09 -16.63
C38 PCW AA . 18.22 0.24 -17.77
C39 PCW AA . 18.90 0.22 -19.11
C40 PCW AA . 19.21 1.26 -19.88
C41 PCW AA . 18.93 2.71 -19.49
C42 PCW AA . 18.49 3.49 -20.81
C43 PCW AA . 18.60 5.00 -20.82
C44 PCW AA . 18.11 5.47 -22.18
C45 PCW AA . 18.38 6.92 -22.50
C46 PCW AA . 19.27 7.13 -23.70
C47 PCW AA . 20.66 7.63 -23.43
C48 PCW AA . 21.45 7.78 -24.74
N PCW AA . 15.86 -7.60 -11.02
O2 PCW AA . 12.39 -2.34 -12.06
O3 PCW AA . 10.59 -0.18 -12.57
O11 PCW AA . 10.71 0.89 -10.56
O31 PCW AA . 12.98 -2.37 -14.31
O1P PCW AA . 13.70 -5.01 -11.73
O2P PCW AA . 12.15 -5.03 -9.76
O3P PCW AA . 11.21 -5.10 -12.17
O4P PCW AA . 12.32 -7.00 -11.11
P PCW AA . 12.40 -5.49 -11.15
C1 PCW BA . 13.76 -9.44 -6.43
C2 PCW BA . 14.17 -8.04 -5.82
C3 PCW BA . 13.93 -6.91 -6.89
C4 PCW BA . 12.75 -13.35 -5.93
C5 PCW BA . 12.36 -14.21 -4.73
C6 PCW BA . 13.93 -16.22 -4.65
C7 PCW BA . 13.47 -14.91 -2.63
C8 PCW BA . 12.29 -15.93 -3.61
C11 PCW BA . 15.43 -5.03 -6.79
C12 PCW BA . 15.61 -3.71 -6.10
C13 PCW BA . 17.13 -3.53 -5.75
C14 PCW BA . 17.48 -2.22 -5.05
C15 PCW BA . 17.65 -2.31 -3.50
C16 PCW BA . 18.68 -1.24 -3.00
C17 PCW BA . 18.12 0.17 -2.62
C18 PCW BA . 19.15 1.06 -1.90
C19 PCW BA . 19.89 2.02 -2.85
C20 PCW BA . 19.81 3.39 -2.74
C21 PCW BA . 19.08 4.28 -1.79
C22 PCW BA . 17.92 4.93 -2.60
C23 PCW BA . 17.19 6.14 -1.95
C24 PCW BA . 16.01 5.83 -1.08
C25 PCW BA . 15.10 6.96 -0.52
C26 PCW BA . 15.78 8.02 0.34
C27 PCW BA . 15.80 7.81 1.87
C28 PCW BA . 16.81 8.73 2.51
C31 PCW BA . 13.91 -7.84 -3.48
C32 PCW BA . 12.89 -7.49 -2.37
C33 PCW BA . 13.20 -6.13 -1.57
C34 PCW BA . 13.89 -6.35 -0.22
C35 PCW BA . 15.28 -5.59 -0.31
C36 PCW BA . 16.47 -6.56 -0.32
C37 PCW BA . 17.88 -5.88 -0.41
C38 PCW BA . 18.35 -5.39 0.92
C39 PCW BA . 19.70 -4.73 0.86
C40 PCW BA . 19.95 -3.44 0.63
C41 PCW BA . 18.87 -2.40 0.39
C42 PCW BA . 18.83 -1.40 1.63
C43 PCW BA . 17.49 -0.88 2.10
C44 PCW BA . 17.76 0.04 3.29
C45 PCW BA . 16.56 0.38 4.12
C46 PCW BA . 16.77 1.57 5.03
C47 PCW BA . 16.50 1.36 6.49
C48 PCW BA . 16.74 2.65 7.30
N PCW BA . 13.36 -14.99 -4.07
O2 PCW BA . 13.30 -7.73 -4.65
O3 PCW BA . 14.29 -5.63 -6.34
O11 PCW BA . 16.17 -5.50 -7.62
O31 PCW BA . 15.11 -8.18 -3.28
O1P PCW BA . 13.40 -11.10 -4.24
O2P PCW BA . 10.93 -10.74 -4.28
O3P PCW BA . 12.40 -9.81 -6.18
O4P PCW BA . 11.89 -12.19 -5.93
P PCW BA . 12.16 -10.96 -5.07
C1 PCW CA . -6.50 1.44 -5.23
C2 PCW CA . -6.95 2.40 -4.05
C3 PCW CA . -5.69 3.02 -3.37
C4 PCW CA . -6.72 -2.50 -6.13
C5 PCW CA . -6.07 -3.07 -7.40
C6 PCW CA . -3.98 -4.32 -8.17
C7 PCW CA . -5.61 -5.40 -6.70
C8 PCW CA . -5.86 -4.81 -8.44
C11 PCW CA . -5.50 5.11 -2.24
C12 PCW CA . -6.04 5.85 -1.04
C13 PCW CA . -6.31 7.34 -1.45
C14 PCW CA . -6.86 8.24 -0.34
C15 PCW CA . -6.94 9.76 -0.67
C16 PCW CA . -5.60 10.49 -0.31
C17 PCW CA . -5.61 12.05 -0.26
C18 PCW CA . -4.22 12.66 -0.13
C19 PCW CA . -4.26 14.16 0.28
C20 PCW CA . -4.09 14.58 1.59
C21 PCW CA . -3.86 13.84 2.86
C22 PCW CA . -2.75 14.61 3.63
C23 PCW CA . -3.18 15.46 4.86
C24 PCW CA . -3.58 16.88 4.59
C25 PCW CA . -3.18 18.03 5.56
C26 PCW CA . -3.62 19.42 5.17
C27 PCW CA . -4.96 19.94 5.73
C28 PCW CA . -4.81 21.38 6.17
C31 PCW CA . -9.07 3.28 -4.62
C32 PCW CA . -9.77 4.52 -5.21
C33 PCW CA . -9.94 5.75 -4.20
C34 PCW CA . -11.09 6.68 -4.58
C35 PCW CA . -10.41 8.09 -4.84
C36 PCW CA . -10.35 8.98 -3.57
C37 PCW CA . -9.70 10.39 -3.77
C38 PCW CA . -8.22 10.30 -3.94
C39 PCW CA . -7.57 11.65 -4.12
C40 PCW CA . -6.27 11.91 -4.27
C41 PCW CA . -5.19 10.84 -4.28
C42 PCW CA . -3.81 11.54 -3.89
C43 PCW CA . -3.08 12.36 -4.95
C44 PCW CA . -1.82 12.90 -4.30
C45 PCW CA . -1.50 14.33 -4.64
C46 PCW CA . -0.26 14.86 -3.95
C47 PCW CA . 0.34 16.12 -4.52
C48 PCW CA . 1.60 16.54 -3.72
N PCW CA . -5.16 -4.16 -7.29
O2 PCW CA . -7.76 3.52 -4.60
O3 PCW CA . -6.08 3.89 -2.31
O11 PCW CA . -4.67 5.53 -3.00
O31 PCW CA . -9.65 2.23 -4.24
O1P PCW CA . -7.84 -0.72 -4.16
O2P PCW CA . -9.70 -0.52 -5.81
O3P PCW CA . -7.59 0.95 -6.03
O4P PCW CA . -7.60 -1.43 -6.56
P PCW CA . -8.24 -0.45 -5.58
C1 PCW DA . -15.80 -16.15 20.84
C2 PCW DA . -15.76 -15.09 22.01
C3 PCW DA . -16.03 -15.80 23.39
C4 PCW DA . -15.33 -15.46 15.99
C5 PCW DA . -14.65 -14.10 16.20
C6 PCW DA . -12.94 -12.44 15.82
C7 PCW DA . -13.75 -13.68 14.01
C8 PCW DA . -12.37 -14.75 15.48
C11 PCW DA . -16.50 -15.17 25.65
C12 PCW DA . -16.36 -14.02 26.62
C13 PCW DA . -17.05 -14.40 27.97
C14 PCW DA . -16.98 -13.32 29.06
C15 PCW DA . -15.58 -13.07 29.69
C16 PCW DA . -15.25 -14.16 30.77
C17 PCW DA . -14.04 -13.88 31.72
C18 PCW DA . -14.30 -12.76 32.72
C19 PCW DA . -15.17 -13.20 33.93
C20 PCW DA . -16.46 -12.74 34.12
C21 PCW DA . -17.30 -11.78 33.35
C22 PCW DA . -18.65 -12.52 33.06
C23 PCW DA . -19.92 -11.65 32.91
C24 PCW DA . -20.83 -11.59 34.08
C25 PCW DA . -20.45 -10.79 35.36
C26 PCW DA . -21.16 -9.47 35.57
C27 PCW DA . -21.02 -8.79 36.95
C28 PCW DA . -20.15 -7.56 36.83
C31 PCW DA . -13.38 -15.23 22.29
C32 PCW DA . -12.12 -14.35 22.33
C33 PCW DA . -11.35 -14.29 23.73
C34 PCW DA . -12.00 -13.34 24.74
C35 PCW DA . -11.09 -13.41 26.03
C36 PCW DA . -11.48 -12.34 27.07
C37 PCW DA . -10.62 -12.34 28.39
C38 PCW DA . -10.54 -10.98 29.01
C39 PCW DA . -9.72 -10.97 30.27
C40 PCW DA . -9.43 -9.92 31.04
C41 PCW DA . -9.90 -8.50 30.75
C42 PCW DA . -9.07 -7.50 31.68
C43 PCW DA . -9.55 -7.27 33.10
C44 PCW DA . -8.58 -6.29 33.73
C45 PCW DA . -9.21 -5.11 34.42
C46 PCW DA . -8.43 -4.59 35.58
C47 PCW DA . -9.17 -4.49 36.90
C48 PCW DA . -8.26 -3.95 38.01
N PCW DA . -13.49 -13.75 15.42
O2 PCW DA . -14.42 -14.42 22.08
O3 PCW DA . -15.99 -14.82 24.44
O11 PCW DA . -16.97 -16.24 25.93
O31 PCW DA . -13.40 -16.49 22.45
O1P PCW DA . -14.12 -17.15 18.00
O2P PCW DA . -16.50 -17.71 18.53
O3P PCW DA . -15.39 -15.62 19.55
O4P PCW DA . -16.06 -15.75 17.21
P PCW DA . -15.50 -16.64 18.32
C1 PCW EA . -7.45 -0.91 -10.13
C2 PCW EA . -7.07 0.54 -9.63
C3 PCW EA . -8.34 1.26 -9.09
C4 PCW EA . -3.52 -0.58 -12.07
C5 PCW EA . -3.42 0.73 -12.83
C6 PCW EA . -3.67 3.25 -12.48
C7 PCW EA . -1.85 2.03 -11.39
C8 PCW EA . -2.13 2.29 -13.20
C11 PCW EA . -7.80 3.57 -9.56
C12 PCW EA . -7.47 4.86 -8.86
C13 PCW EA . -5.94 4.85 -8.51
C14 PCW EA . -5.43 6.11 -7.80
C15 PCW EA . -4.09 5.95 -7.01
C16 PCW EA . -3.03 6.98 -7.53
C17 PCW EA . -1.71 7.11 -6.70
C18 PCW EA . -1.48 8.52 -6.13
C19 PCW EA . -0.35 9.29 -6.86
C20 PCW EA . 0.70 9.88 -6.16
C21 PCW EA . 1.04 9.94 -4.73
C22 PCW EA . 2.45 10.58 -4.63
C23 PCW EA . 2.54 12.04 -4.12
C24 PCW EA . 3.22 12.26 -2.80
C25 PCW EA . 3.58 13.70 -2.31
C26 PCW EA . 4.14 13.82 -0.91
C27 PCW EA . 4.13 15.22 -0.25
C28 PCW EA . 5.53 15.62 0.15
C31 PCW EA . -4.88 0.96 -8.81
C32 PCW EA . -3.98 0.82 -7.57
C33 PCW EA . -3.34 2.18 -7.03
C34 PCW EA . -2.47 1.99 -5.79
C35 PCW EA . -1.36 3.14 -5.87
C36 PCW EA . -0.94 3.64 -4.47
C37 PCW EA . 0.16 4.77 -4.47
C38 PCW EA . 1.24 4.49 -3.47
C39 PCW EA . 2.30 5.55 -3.44
C40 PCW EA . 2.79 6.17 -2.37
C41 PCW EA . 2.33 5.89 -0.95
C42 PCW EA . 2.74 7.16 -0.06
C43 PCW EA . 2.10 7.30 1.31
C44 PCW EA . 2.67 8.57 1.92
C45 PCW EA . 3.30 8.40 3.29
C46 PCW EA . 4.79 8.57 3.28
C47 PCW EA . 5.60 7.30 3.35
C48 PCW EA . 7.11 7.61 3.35
N PCW EA . -3.10 1.94 -12.13
O2 PCW EA . -6.09 0.46 -8.52
O3 PCW EA . -7.99 2.59 -8.63
O11 PCW EA . -7.90 3.43 -10.75
O31 PCW EA . -4.55 1.48 -9.91
O1P PCW EA . -5.02 -2.19 -10.16
O2P PCW EA . -5.80 -3.38 -12.21
O3P PCW EA . -6.97 -1.23 -11.45
O4P PCW EA . -4.76 -1.22 -12.47
P PCW EA . -5.61 -2.07 -11.54
C1 PCW FA . 20.46 -18.10 0.75
C2 PCW FA . 21.70 -17.16 0.97
C3 PCW FA . 22.12 -16.49 -0.39
C4 PCW FA . 19.73 -20.40 4.78
C5 PCW FA . 20.87 -21.18 5.47
C6 PCW FA . 20.45 -20.67 7.94
C7 PCW FA . 21.28 -22.87 7.24
C8 PCW FA . 22.13 -21.24 7.08
C11 PCW FA . 24.20 -15.59 -1.17
C12 PCW FA . 25.28 -14.62 -0.79
C13 PCW FA . 26.36 -15.41 0.05
C14 PCW FA . 27.55 -14.57 0.53
C15 PCW FA . 27.26 -13.60 1.72
C16 PCW FA . 28.60 -13.06 2.33
C17 PCW FA . 29.35 -11.94 1.53
C18 PCW FA . 30.54 -11.34 2.28
C19 PCW FA . 30.11 -10.33 3.37
C20 PCW FA . 30.84 -9.19 3.63
C21 PCW FA . 32.10 -8.64 3.07
C22 PCW FA . 32.24 -7.19 3.63
C23 PCW FA . 32.30 -6.03 2.59
C24 PCW FA . 31.57 -4.77 2.95
C25 PCW FA . 31.57 -3.54 2.00
C26 PCW FA . 31.48 -2.18 2.65
C27 PCW FA . 30.79 -1.04 1.84
C28 PCW FA . 29.82 -0.30 2.73
C31 PCW FA . 22.05 -16.08 3.04
C32 PCW FA . 21.58 -14.89 3.91
C33 PCW FA . 20.15 -15.10 4.62
C34 PCW FA . 19.63 -13.84 5.31
C35 PCW FA . 18.65 -13.16 4.28
C36 PCW FA . 17.27 -12.83 4.90
C37 PCW FA . 16.24 -12.15 3.94
C38 PCW FA . 16.27 -10.66 4.04
C39 PCW FA . 15.29 -9.98 3.12
C40 PCW FA . 15.24 -8.69 2.83
C41 PCW FA . 16.20 -7.65 3.38
C42 PCW FA . 15.34 -6.49 4.04
C43 PCW FA . 15.90 -5.09 4.07
C44 PCW FA . 14.88 -4.20 4.76
C45 PCW FA . 15.41 -3.37 5.90
C46 PCW FA . 14.45 -3.25 7.05
C47 PCW FA . 14.75 -2.18 8.07
C48 PCW FA . 13.70 -2.17 9.19
N PCW FA . 20.71 -21.61 6.83
O2 PCW FA . 21.35 -16.06 1.91
O3 PCW FA . 23.26 -15.63 -0.19
O11 PCW FA . 24.17 -16.21 -2.20
O31 PCW FA . 22.96 -16.90 3.36
O1P PCW FA . 17.80 -19.82 2.68
O2P PCW FA . 19.60 -20.76 1.21
O3P PCW FA . 19.65 -18.28 1.93
O4P PCW FA . 20.19 -20.10 3.44
P PCW FA . 19.25 -19.80 2.29
C1 PCW GA . -8.61 -4.45 1.82
C2 PCW GA . -9.32 -3.55 2.91
C3 PCW GA . -10.77 -4.10 3.21
C4 PCW GA . -6.85 -6.72 5.30
C5 PCW GA . -8.27 -7.03 5.78
C6 PCW GA . -7.74 -9.40 5.73
C7 PCW GA . -9.96 -8.71 5.97
C8 PCW GA . -8.61 -8.45 7.76
C11 PCW GA . -11.77 -3.87 5.38
C12 PCW GA . -12.46 -2.85 6.24
C13 PCW GA . -11.41 -2.28 7.27
C14 PCW GA . -11.94 -1.22 8.23
C15 PCW GA . -12.36 0.14 7.59
C16 PCW GA . -13.74 0.61 8.14
C17 PCW GA . -15.01 -0.21 7.71
C18 PCW GA . -16.33 0.38 8.22
C19 PCW GA . -16.96 -0.46 9.36
C20 PCW GA . -17.65 0.11 10.41
C21 PCW GA . -18.00 1.52 10.73
C22 PCW GA . -19.53 1.56 10.99
C23 PCW GA . -20.38 2.54 10.13
C24 PCW GA . -20.05 4.00 10.24
C25 PCW GA . -19.28 4.74 9.10
C26 PCW GA . -18.40 5.89 9.53
C27 PCW GA . -17.08 5.57 10.25
C28 PCW GA . -16.09 6.69 10.07
C31 PCW GA . -8.08 -2.40 4.58
C32 PCW GA . -7.32 -2.60 5.90
C33 PCW GA . -7.93 -1.86 7.17
C34 PCW GA . -6.88 -1.12 8.01
C35 PCW GA . -7.64 0.10 8.66
C36 PCW GA . -6.83 1.42 8.56
C37 PCW GA . -7.52 2.67 9.20
C38 PCW GA . -6.69 3.27 10.27
C39 PCW GA . -7.33 4.49 10.89
C40 PCW GA . -7.26 4.88 12.16
C41 PCW GA . -6.49 4.15 13.24
C42 PCW GA . -6.94 4.75 14.65
C43 PCW GA . -6.41 4.09 15.91
C44 PCW GA . -6.99 4.85 17.08
C45 PCW GA . -6.00 5.68 17.87
C46 PCW GA . -6.61 6.51 18.95
C47 PCW GA . -5.70 6.92 20.08
C48 PCW GA . -6.47 7.76 21.12
N PCW GA . -8.62 -8.33 6.28
O2 PCW GA . -8.55 -3.58 4.19
O3 PCW GA . -11.42 -3.29 4.19
O11 PCW GA . -11.57 -5.02 5.68
O31 PCW GA . -8.25 -1.29 3.99
O1P PCW GA . -6.75 -7.67 2.56
O2P PCW GA . -5.89 -5.39 2.09
O3P PCW GA . -8.41 -5.82 2.23
O4P PCW GA . -6.98 -5.78 4.19
P PCW GA . -6.94 -6.20 2.73
C1 PCW HA . 17.04 -11.74 -7.52
C2 PCW HA . 18.45 -11.06 -7.33
C3 PCW HA . 19.29 -11.18 -8.64
C4 PCW HA . 16.42 -11.51 -2.79
C5 PCW HA . 17.26 -10.52 -1.97
C6 PCW HA . 18.54 -10.65 0.23
C7 PCW HA . 19.57 -11.39 -1.86
C8 PCW HA . 19.03 -9.69 -1.41
C11 PCW HA . 20.86 -9.46 -9.24
C12 PCW HA . 22.24 -8.96 -8.89
C13 PCW HA . 22.13 -8.01 -7.65
C14 PCW HA . 23.45 -7.41 -7.17
C15 PCW HA . 23.34 -6.32 -6.05
C16 PCW HA . 24.76 -5.84 -5.59
C17 PCW HA . 25.19 -6.18 -4.12
C18 PCW HA . 26.61 -5.74 -3.79
C19 PCW HA . 27.28 -6.63 -2.71
C20 PCW HA . 27.71 -6.12 -1.49
C21 PCW HA . 27.69 -4.75 -0.92
C22 PCW HA . 29.11 -4.15 -1.13
C23 PCW HA . 29.33 -3.25 -2.38
C24 PCW HA . 30.09 -1.98 -2.17
C25 PCW HA . 30.55 -1.12 -3.38
C26 PCW HA . 30.02 0.30 -3.45
C27 PCW HA . 31.03 1.46 -3.33
C28 PCW HA . 30.32 2.70 -2.83
C31 PCW HA . 18.69 -9.21 -5.84
C32 PCW HA . 18.44 -7.71 -5.71
C33 PCW HA . 18.36 -7.16 -4.20
C34 PCW HA . 19.72 -6.83 -3.61
C35 PCW HA . 20.07 -5.37 -4.11
C36 PCW HA . 21.20 -4.71 -3.30
C37 PCW HA . 21.59 -3.27 -3.74
C38 PCW HA . 22.55 -2.63 -2.80
C39 PCW HA . 22.94 -1.23 -3.22
C40 PCW HA . 24.15 -0.68 -3.17
C41 PCW HA . 25.39 -1.40 -2.65
C42 PCW HA . 26.42 -0.30 -2.12
C43 PCW HA . 26.75 -0.27 -0.64
C44 PCW HA . 27.74 0.86 -0.43
C45 PCW HA . 27.25 1.99 0.45
C46 PCW HA . 28.34 2.88 0.96
C47 PCW HA . 28.14 3.48 2.33
C48 PCW HA . 29.32 4.37 2.72
N PCW HA . 18.36 -11.00 -1.19
O2 PCW HA . 18.27 -9.60 -7.06
O3 PCW HA . 20.56 -10.55 -8.46
O11 PCW HA . 20.14 -8.99 -10.07
O31 PCW HA . 19.20 -9.96 -4.96
O1P PCW HA . 15.45 -13.45 -4.70
O2P PCW HA . 17.83 -13.47 -5.44
O3P PCW HA . 16.20 -11.69 -6.34
O4P PCW HA . 17.09 -11.65 -4.06
P PCW HA . 16.65 -12.64 -5.12
C1 PCW IA . -15.32 14.61 -20.52
C2 PCW IA . -14.54 15.96 -20.80
C3 PCW IA . -15.48 16.97 -21.54
C4 PCW IA . -16.66 11.26 -22.88
C5 PCW IA . -16.65 9.75 -23.10
C6 PCW IA . -18.58 8.32 -23.34
C7 PCW IA . -16.91 8.27 -24.97
C8 PCW IA . -18.28 10.09 -24.94
C11 PCW IA . -14.10 18.34 -22.95
C12 PCW IA . -13.46 19.71 -22.98
C13 PCW IA . -12.19 19.64 -23.90
C14 PCW IA . -11.42 20.97 -24.04
C15 PCW IA . -10.17 20.93 -24.95
C16 PCW IA . -10.18 22.12 -25.99
C17 PCW IA . -9.02 22.18 -27.02
C18 PCW IA . -8.28 23.52 -27.03
C19 PCW IA . -7.14 23.58 -28.08
C20 PCW IA . -6.88 24.71 -28.83
C21 PCW IA . -7.52 26.05 -28.88
C22 PCW IA . -6.61 27.02 -28.08
C23 PCW IA . -7.30 28.15 -27.27
C24 PCW IA . -7.71 27.83 -25.87
C25 PCW IA . -6.97 28.46 -24.65
C26 PCW IA . -6.24 27.51 -23.72
C27 PCW IA . -4.76 27.23 -24.01
C28 PCW IA . -4.01 27.02 -22.71
C31 PCW IA . -12.88 16.98 -19.46
C32 PCW IA . -12.61 17.61 -18.08
C33 PCW IA . -13.66 18.74 -17.61
C34 PCW IA . -13.66 19.97 -18.52
C35 PCW IA . -14.80 20.91 -17.93
C36 PCW IA . -16.11 20.81 -18.73
C37 PCW IA . -17.27 21.72 -18.21
C38 PCW IA . -17.99 21.09 -17.07
C39 PCW IA . -19.13 21.95 -16.55
C40 PCW IA . -19.14 22.66 -15.42
C41 PCW IA . -17.98 22.74 -14.43
C42 PCW IA . -17.73 24.27 -14.08
C43 PCW IA . -17.92 24.73 -12.64
C44 PCW IA . -17.62 26.21 -12.59
C45 PCW IA . -16.30 26.58 -11.96
C46 PCW IA . -15.71 27.86 -12.52
C47 PCW IA . -14.36 27.75 -13.17
C48 PCW IA . -13.87 29.11 -13.69
N PCW IA . -17.56 9.14 -24.04
O2 PCW IA . -14.15 16.59 -19.49
O3 PCW IA . -14.77 18.20 -21.77
O11 PCW IA . -14.05 17.53 -23.82
O31 PCW IA . -12.02 16.87 -20.38
O1P PCW IA . -15.68 13.99 -23.16
O2P PCW IA . -13.46 12.86 -23.16
O3P PCW IA . -14.61 13.43 -20.93
O4P PCW IA . -15.35 11.62 -22.38
P PCW IA . -14.76 13.01 -22.48
C1 17F JA . -5.23 11.51 -26.43
N1 17F JA . -4.59 13.72 -27.42
O1 17F JA . -7.96 13.59 -27.97
P1 17F JA . -7.39 12.80 -26.80
C2 17F JA . -4.15 12.38 -27.10
O2 17F JA . -8.41 11.72 -27.01
C3 17F JA . -3.65 11.68 -28.38
O3 17F JA . -6.45 11.60 -27.09
C4 17F JA . -7.68 12.14 -24.27
O4 17F JA . -3.66 12.26 -29.53
C5 17F JA . -8.57 12.33 -23.01
O5 17F JA . -3.23 10.53 -28.35
C6 17F JA . -7.93 11.62 -21.80
O6 17F JA . -8.15 12.85 -25.42
C7 17F JA . -8.82 10.76 -19.82
O7 17F JA . -8.72 11.77 -20.63
C8 17F JA . -9.70 11.20 -18.63
O8 17F JA . -8.35 9.66 -19.88
C9 17F JA . -8.88 11.83 -17.47
O9 17F JA . -8.85 13.71 -22.73
C10 17F JA . -9.71 12.29 -16.22
O10 17F JA . -10.97 13.53 -21.87
C11 17F JA . -8.86 12.50 -14.91
C12 17F JA . -9.75 12.98 -13.71
C17 17F JA . -10.14 13.95 -22.68
C18 17F JA . -10.59 14.90 -23.77
C19 17F JA . -9.88 16.28 -23.79
C20 17F JA . -9.69 16.86 -22.34
C1X 17F JA . -8.89 13.17 -12.46
C1Y 17F JA . -8.99 18.24 -22.38
C1Z 17F JA . -9.53 19.14 -21.26
C2X 17F JA . -9.75 13.66 -11.19
C21 17F JA . -10.33 12.47 -10.37
C22 17F JA . -10.48 12.46 -9.08
C23 17F JA . -10.14 13.55 -8.16
C24 17F JA . -11.05 13.64 -6.93
C25 17F JA . -10.74 14.75 -5.94
C26 17F JA . -9.33 14.64 -5.19
C27 17F JA . -9.03 15.75 -4.22
C28 17F JA . -7.63 15.46 -3.59
C29 17F JA . -6.70 16.55 -3.94
C30 17F JA . -5.32 16.39 -3.40
C31 17F JA . -8.81 20.52 -21.06
C32 17F JA . -9.38 21.41 -19.92
C33 17F JA . -9.40 22.87 -20.37
C34 17F JA . -9.84 23.88 -19.63
C35 17F JA . -10.36 23.81 -18.22
C36 17F JA . -11.84 23.31 -18.09
C37 17F JA . -12.76 24.43 -18.43
C38 17F JA . -13.78 24.77 -17.32
C39 17F JA . -14.71 25.94 -17.73
C40 17F JA . -15.68 26.29 -16.59
C41 17F JA . -17.16 26.42 -17.13
C42 17F JA . -17.59 27.70 -17.85
C1 17F KA . -2.55 -11.60 9.56
N1 17F KA . -3.06 -13.97 8.90
O1 17F KA . -4.96 -10.05 10.45
P1 17F KA . -4.36 -9.89 9.07
C2 17F KA . -2.02 -12.96 9.08
O2 17F KA . -5.33 -9.66 7.94
C3 17F KA . -0.98 -13.49 10.07
O3 17F KA . -3.48 -11.10 8.66
C4 17F KA . -2.66 -8.33 7.80
O4 17F KA . -1.07 -14.66 10.62
C5 17F KA . -1.72 -7.10 7.92
O5 17F KA . 0.01 -12.82 10.38
C6 17F KA . -2.32 -5.89 7.16
O6 17F KA . -3.36 -8.66 9.00
C7 17F KA . -1.44 -3.92 6.25
O7 17F KA . -1.48 -4.74 7.25
C8 17F KA . -0.45 -2.78 6.60
O8 17F KA . -2.03 -3.92 5.19
C9 17F KA . -1.12 -1.39 6.76
O9 17F KA . -1.42 -6.75 9.28
C10 17F KA . -0.16 -0.20 7.13
O10 17F KA . 0.11 -8.28 10.07
C11 17F KA . -0.28 1.06 6.18
C12 17F KA . 0.70 2.20 6.60
C17 17F KA . -0.23 -7.16 9.64
C18 17F KA . 0.82 -6.09 9.51
C19 17F KA . 0.63 -4.88 10.47
C20 17F KA . 0.96 -3.50 9.79
C1X 17F KA . 0.55 3.42 5.66
C1Y 17F KA . 0.75 -2.34 10.78
C1Z 17F KA . 2.07 -1.62 11.07
C2X 17F KA . 1.54 4.62 6.06
C21 17F KA . 0.82 5.99 6.10
C22 17F KA . 0.09 6.41 7.07
C23 17F KA . -0.23 5.71 8.33
C24 17F KA . -1.71 5.45 8.55
C25 17F KA . -2.09 4.71 9.82
C26 17F KA . -2.20 5.61 11.14
C27 17F KA . -2.57 4.86 12.40
C28 17F KA . -2.63 5.90 13.59
C29 17F KA . -2.63 5.15 14.87
C30 17F KA . -2.68 6.02 16.08
C31 17F KA . 2.69 -1.83 12.50
C32 17F KA . 4.03 -1.09 12.75
C33 17F KA . 4.73 -1.75 13.94
C34 17F KA . 5.91 -1.36 14.44
C35 17F KA . 6.77 -0.22 13.94
C36 17F KA . 6.50 1.15 14.62
C37 17F KA . 7.74 1.95 14.61
C38 17F KA . 7.51 3.49 14.49
C39 17F KA . 8.85 4.26 14.48
C40 17F KA . 9.32 4.49 13.04
C41 17F KA . 9.73 6.00 12.84
C42 17F KA . 11.22 6.37 12.92
C1 17F LA . -11.37 5.99 -18.40
N1 17F LA . -9.68 4.13 -18.40
O1 17F LA . -10.17 5.33 -15.02
P1 17F LA . -11.18 6.09 -15.85
C2 17F LA . -11.04 4.51 -18.70
O2 17F LA . -12.52 5.44 -16.02
C3 17F LA . -11.35 4.20 -20.19
O3 17F LA . -10.65 6.43 -17.28
C4 17F LA . -12.40 8.42 -15.84
O4 17F LA . -10.46 3.70 -20.97
C5 17F LA . -12.57 9.77 -15.06
O5 17F LA . -12.44 4.44 -20.67
C6 17F LA . -13.21 10.84 -15.98
O6 17F LA . -11.49 7.52 -15.22
C7 17F LA . -13.61 13.14 -16.02
O7 17F LA . -13.38 12.07 -15.31
C8 17F LA . -13.78 14.34 -15.05
O8 17F LA . -13.70 13.28 -17.22
C9 17F LA . -12.45 15.02 -14.66
O9 17F LA . -13.31 9.62 -13.84
C10 17F LA . -12.55 16.24 -13.68
O10 17F LA . -11.41 10.22 -12.67
C11 17F LA . -13.04 17.59 -14.36
C12 17F LA . -13.13 18.78 -13.35
C17 17F LA . -12.57 9.77 -12.77
C18 17F LA . -13.29 9.32 -11.51
C19 17F LA . -13.34 10.40 -10.39
C20 17F LA . -14.74 11.10 -10.31
C1X 17F LA . -13.61 20.05 -14.06
C1Y 17F LA . -14.76 12.17 -9.18
C1Z 17F LA . -15.51 13.42 -9.62
C2X 17F LA . -13.73 21.31 -13.06
C21 17F LA . -13.06 22.59 -13.66
C22 17F LA . -12.99 23.74 -13.07
C23 17F LA . -13.51 24.09 -11.75
C24 17F LA . -12.70 25.14 -11.01
C25 17F LA . -13.20 25.55 -9.64
C26 17F LA . -12.98 27.09 -9.24
C27 17F LA . -13.48 27.48 -7.87
C28 17F LA . -13.16 29.01 -7.67
C29 17F LA . -14.40 29.79 -7.90
C30 17F LA . -14.25 31.27 -7.75
C31 17F LA . -14.79 14.35 -10.67
C32 17F LA . -15.57 15.62 -11.09
C33 17F LA . -16.52 15.27 -12.23
C34 17F LA . -17.35 16.12 -12.83
C35 17F LA . -17.51 17.58 -12.51
C36 17F LA . -18.98 18.08 -12.47
C37 17F LA . -19.15 19.01 -11.32
C38 17F LA . -18.66 20.47 -11.60
C39 17F LA . -18.87 21.36 -10.36
C40 17F LA . -17.58 21.45 -9.54
C41 17F LA . -17.78 20.78 -8.12
C42 17F LA . -17.65 21.65 -6.87
C1 17F MA . -24.29 -3.05 0.04
N1 17F MA . -24.02 -4.51 2.06
O1 17F MA . -27.25 -0.91 0.36
P1 17F MA . -25.84 -1.04 -0.16
C2 17F MA . -24.61 -4.39 0.73
O2 17F MA . -25.69 -1.44 -1.61
C3 17F MA . -24.10 -5.55 -0.15
O3 17F MA . -24.97 -2.01 0.68
C4 17F MA . -23.71 0.49 -0.48
O4 17F MA . -23.30 -6.46 0.30
C5 17F MA . -23.11 1.92 -0.27
O5 17F MA . -24.46 -5.66 -1.32
C6 17F MA . -22.50 2.43 -1.60
O6 17F MA . -25.06 0.35 -0.04
C7 17F MA . -21.06 4.13 -2.32
O7 17F MA . -21.94 3.73 -1.45
C8 17F MA . -20.59 5.53 -1.91
O8 17F MA . -20.60 3.57 -3.29
C9 17F MA . -19.42 5.50 -0.91
O9 17F MA . -24.06 2.85 0.25
C10 17F MA . -18.86 6.89 -0.43
O10 17F MA . -24.62 2.09 2.35
C11 17F MA . -17.34 7.14 -0.77
C12 17F MA . -16.84 8.54 -0.28
C17 17F MA . -24.06 2.86 1.57
C18 17F MA . -23.24 4.01 2.13
C19 17F MA . -23.98 4.92 3.13
C20 17F MA . -23.16 5.18 4.44
C1X 17F MA . -15.35 8.73 -0.63
C1Y 17F MA . -23.95 6.09 5.40
C1Z 17F MA . -23.02 7.05 6.15
C2X 17F MA . -14.78 10.16 -0.16
C21 17F MA . -13.24 10.25 -0.29
C22 17F MA . -12.54 11.32 -0.09
C23 17F MA . -13.03 12.65 0.30
C24 17F MA . -13.00 12.94 1.80
C25 17F MA . -13.49 14.29 2.25
C26 17F MA . -15.04 14.59 1.93
C27 17F MA . -15.55 15.95 2.37
C28 17F MA . -17.08 16.03 1.95
C29 17F MA . -17.16 16.68 0.63
C30 17F MA . -18.56 16.83 0.09
C31 17F MA . -23.68 8.08 7.12
C32 17F MA . -22.72 9.04 7.87
C33 17F MA . -22.12 8.31 9.06
C34 17F MA . -21.24 8.85 9.92
C35 17F MA . -20.68 10.26 9.87
C36 17F MA . -21.10 11.16 11.07
C37 17F MA . -22.18 12.08 10.62
C38 17F MA . -22.34 13.37 11.47
C39 17F MA . -23.48 14.27 10.96
C40 17F MA . -23.28 15.70 11.43
C41 17F MA . -24.18 16.00 12.70
C42 17F MA . -24.74 17.42 12.89
C1 17F NA . -11.50 -12.79 10.15
N1 17F NA . -13.12 -10.91 9.92
O1 17F NA . -9.72 -15.09 10.70
P1 17F NA . -10.19 -14.18 11.82
C2 17F NA . -11.75 -11.36 9.69
O2 17F NA . -11.26 -14.73 12.72
C3 17F NA . -11.42 -11.23 8.20
O3 17F NA . -10.72 -12.82 11.30
C4 17F NA . -9.21 -12.93 13.91
O4 17F NA . -12.27 -10.79 7.32
C5 17F NA . -7.90 -12.65 14.73
O5 17F NA . -10.31 -11.55 7.76
C6 17F NA . -7.29 -11.31 14.28
O6 17F NA . -9.00 -13.77 12.79
C7 17F NA . -5.01 -10.82 14.33
O7 17F NA . -6.10 -11.00 15.00
C8 17F NA . -3.89 -10.50 15.35
O8 17F NA . -4.79 -10.86 13.15
C9 17F NA . -3.89 -9.02 15.82
O9 17F NA . -8.13 -12.69 16.15
C10 17F NA . -2.78 -8.63 16.85
O10 17F NA . -6.40 -14.17 16.53
C11 17F NA . -2.82 -7.13 17.32
C12 17F NA . -1.68 -6.81 18.37
C17 17F NA . -7.11 -13.19 16.81
C18 17F NA . -6.81 -12.41 18.07
C19 17F NA . -7.98 -12.36 19.08
C20 17F NA . -7.50 -12.64 20.57
C1X 17F NA . -1.76 -5.35 18.80
C1Y 17F NA . -8.70 -12.58 21.53
C1Z 17F NA . -8.51 -11.46 22.58
C2X 17F NA . -0.62 -4.96 19.86
C21 17F NA . 0.74 -4.63 19.18
C22 17F NA . 1.61 -3.78 19.64
C23 17F NA . 1.49 -2.96 20.84
C24 17F NA . 1.93 -1.51 20.67
C25 17F NA . 1.83 -0.63 21.90
C26 17F NA . 0.34 -0.32 22.42
C27 17F NA . 0.27 0.57 23.64
C28 17F NA . -1.25 0.76 24.00
C29 17F NA . -1.64 2.15 23.71
C30 17F NA . -3.07 2.48 24.00
C31 17F NA . -9.77 -10.63 22.98
C32 17F NA . -9.53 -9.51 24.03
C33 17F NA . -9.64 -8.15 23.35
C34 17F NA . -9.49 -6.99 23.96
C35 17F NA . -9.19 -6.77 25.43
C36 17F NA . -8.11 -5.67 25.71
C37 17F NA . -7.58 -5.84 27.09
C38 17F NA . -6.31 -6.73 27.19
C39 17F NA . -5.82 -6.86 28.64
C40 17F NA . -6.32 -8.18 29.24
C41 17F NA . -5.25 -9.32 29.02
C42 17F NA . -5.70 -10.64 28.37
C1 17F OA . -25.45 11.43 -17.14
N1 17F OA . -23.61 9.87 -17.90
O1 17F OA . -22.33 11.39 -15.35
P1 17F OA . -23.76 11.85 -15.28
C2 17F OA . -25.02 10.00 -17.56
O2 17F OA . -24.74 10.94 -14.57
C3 17F OA . -25.88 9.55 -18.75
O3 17F OA . -24.35 12.16 -16.68
C4 17F OA . -25.15 13.88 -14.34
O4 17F OA . -25.36 9.13 -19.85
C5 17F OA . -25.07 15.24 -13.59
O5 17F OA . -27.11 9.57 -18.70
C6 17F OA . -26.49 15.80 -13.36
O6 17F OA . -23.89 13.24 -14.53
C7 17F OA . -27.41 17.29 -11.81
O7 17F OA . -26.47 17.04 -12.67
C8 17F OA . -27.14 18.69 -11.21
O8 17F OA . -28.35 16.64 -11.46
C9 17F OA . -27.98 19.81 -11.88
O9 17F OA . -24.33 15.15 -12.37
C10 17F OA . -27.75 21.26 -11.32
O10 17F OA . -22.18 15.67 -13.05
C11 17F OA . -29.04 21.96 -10.75
C12 17F OA . -28.74 23.41 -10.21
C17 17F OA . -23.22 15.86 -12.39
C18 17F OA . -23.30 17.07 -11.48
C19 17F OA . -23.36 18.43 -12.21
C20 17F OA . -23.48 19.64 -11.21
C1X 17F OA . -30.02 24.05 -9.69
C1Y 17F OA . -23.55 20.99 -11.96
C1Z 17F OA . -23.56 22.16 -10.98
C2X 17F OA . -29.77 25.53 -9.10
C21 17F OA . -30.87 26.54 -9.57
C22 17F OA . -30.83 27.81 -9.34
C23 17F OA . -29.79 28.56 -8.61
C24 17F OA . -29.92 30.08 -8.73
C25 17F OA . -28.87 30.90 -8.02
C26 17F OA . -27.83 31.67 -8.96
C27 17F OA . -26.78 32.49 -8.25
C28 17F OA . -25.87 33.17 -9.33
C29 17F OA . -25.46 34.49 -8.84
C30 17F OA . -24.58 35.27 -9.78
C31 17F OA . -22.18 22.82 -10.64
C32 17F OA . -22.22 24.01 -9.63
C33 17F OA . -21.21 23.76 -8.52
C34 17F OA . -21.00 24.58 -7.50
C35 17F OA . -21.68 25.89 -7.23
C36 17F OA . -21.08 26.73 -6.07
C37 17F OA . -22.17 27.21 -5.19
C38 17F OA . -21.70 27.81 -3.84
C39 17F OA . -22.89 28.29 -2.99
C40 17F OA . -22.97 29.82 -2.98
C41 17F OA . -22.54 30.39 -1.57
C42 17F OA . -21.54 31.54 -1.52
C1 17F PA . 9.22 -2.05 -22.72
N1 17F PA . 7.53 -3.82 -22.18
O1 17F PA . 11.09 0.44 -22.83
P1 17F PA . 10.56 -0.24 -21.59
C2 17F PA . 7.79 -2.59 -22.91
O2 17F PA . 11.50 -1.22 -20.92
C3 17F PA . 7.53 -2.82 -24.41
O3 17F PA . 9.24 -0.99 -21.82
C4 17F PA . 9.71 0.42 -19.18
O4 17F PA . 7.14 -3.95 -24.88
C5 17F PA . 9.46 1.63 -18.22
O5 17F PA . 7.68 -1.90 -25.22
C6 17F PA . 8.08 1.47 -17.53
O6 17F PA . 10.22 0.82 -20.46
C7 17F PA . 7.06 3.53 -17.06
O7 17F PA . 7.81 2.55 -16.65
C8 17F PA . 6.93 4.55 -15.91
O8 17F PA . 6.50 3.69 -18.12
C9 17F PA . 8.14 5.52 -15.82
O9 17F PA . 10.51 1.79 -17.26
C10 17F PA . 8.07 6.59 -14.67
O10 17F PA . 11.65 3.40 -18.45
C11 17F PA . 8.38 8.07 -15.13
C12 17F PA . 8.31 9.08 -13.94
C17 17F PA . 11.14 2.93 -17.42
C18 17F PA . 11.22 3.72 -16.13
C19 17F PA . 12.25 4.88 -16.14
C20 17F PA . 11.79 6.08 -15.22
C1X 17F PA . 8.61 10.50 -14.42
C1Y 17F PA . 12.85 7.22 -15.26
C1Z 17F PA . 12.22 8.52 -15.78
C2X 17F PA . 8.55 11.57 -13.23
C21 17F PA . 7.61 12.76 -13.54
C22 17F PA . 7.38 13.76 -12.75
C23 17F PA . 7.96 13.99 -11.41
C24 17F PA . 6.95 14.04 -10.28
C25 17F PA . 7.51 14.27 -8.88
C26 17F PA . 8.07 15.74 -8.59
C27 17F PA . 8.63 15.95 -7.19
C28 17F PA . 9.13 17.45 -7.09
C29 17F PA . 9.29 17.78 -5.66
C30 17F PA . 9.77 19.18 -5.40
C31 17F PA . 12.69 9.01 -17.19
C32 17F PA . 12.03 10.33 -17.69
C33 17F PA . 13.04 11.47 -17.54
C34 17F PA . 12.81 12.73 -17.88
C35 17F PA . 11.54 13.31 -18.46
C36 17F PA . 10.47 13.76 -17.40
C37 17F PA . 9.43 12.71 -17.27
C38 17F PA . 8.14 12.97 -18.08
C39 17F PA . 7.12 11.84 -17.90
C40 17F PA . 5.90 12.34 -17.10
C41 17F PA . 5.00 11.13 -16.65
C42 17F PA . 3.77 10.75 -17.49
C1 17F QA . -15.97 -3.56 -0.79
N1 17F QA . -15.12 -3.67 1.57
O1 17F QA . -14.37 -3.47 -3.41
P1 17F QA . -13.77 -3.71 -2.04
C2 17F QA . -16.29 -3.52 0.71
O2 17F QA . -12.59 -4.64 -1.98
C3 17F QA . -17.32 -4.61 1.06
O3 17F QA . -14.80 -4.26 -1.02
C4 17F QA . -12.64 -2.33 -0.10
O4 17F QA . -17.10 -5.50 1.97
C5 17F QA . -12.21 -0.90 0.33
O5 17F QA . -18.39 -4.69 0.46
C6 17F QA . -13.01 -0.46 1.58
O6 17F QA . -13.25 -2.36 -1.39
C7 17F QA . -11.98 0.98 3.11
O7 17F QA . -12.64 0.84 2.01
C8 17F QA . -11.72 2.49 3.31
O8 17F QA . -11.58 0.17 3.92
C9 17F QA . -12.88 3.23 4.03
O9 17F QA . -10.79 -0.80 0.56
C10 17F QA . -12.67 4.77 4.27
O10 17F QA . -10.46 1.36 -0.17
C11 17F QA . -11.45 5.14 5.20
C12 17F QA . -11.32 6.70 5.39
C17 17F QA . -10.24 0.14 -0.18
C18 17F QA . -9.21 -0.42 -1.14
C19 17F QA . -7.74 -0.22 -0.69
C20 17F QA . -7.38 -1.08 0.59
C1X 17F QA . -10.13 7.04 6.30
C1Y 17F QA . -5.90 -0.87 1.00
C1Z 17F QA . -5.72 0.50 1.66
C2X 17F QA . -9.96 8.62 6.51
C21 17F QA . -9.23 8.96 7.85
C22 17F QA . -9.18 10.15 8.36
C23 17F QA . -9.75 11.39 7.84
C24 17F QA . -8.73 12.45 7.46
C25 17F QA . -9.28 13.75 6.89
C26 17F QA . -8.45 15.07 7.26
C27 17F QA . -9.03 16.35 6.69
C28 17F QA . -8.09 17.53 7.14
C29 17F QA . -8.91 18.62 7.69
C30 17F QA . -8.15 19.81 8.16
C31 17F QA . -5.38 0.50 3.19
C32 17F QA . -5.20 1.90 3.84
C33 17F QA . -4.40 1.76 5.12
C34 17F QA . -4.06 2.77 5.92
C35 17F QA . -4.40 4.23 5.73
C36 17F QA . -3.44 5.01 4.78
C37 17F QA . -3.56 6.47 5.04
C38 17F QA . -2.64 7.35 4.17
C39 17F QA . -2.83 8.85 4.51
C40 17F QA . -1.85 9.71 3.69
C41 17F QA . -0.45 9.82 4.39
C42 17F QA . -0.18 10.98 5.35
C1 PCW RA . 6.83 37.70 0.32
C2 PCW RA . 7.20 37.22 -1.14
C3 PCW RA . 8.69 36.73 -1.19
C4 PCW RA . 2.59 38.31 2.40
C5 PCW RA . 1.67 39.08 1.46
C6 PCW RA . 0.38 40.13 3.41
C7 PCW RA . -0.09 40.80 1.10
C8 PCW RA . -0.34 39.14 1.87
C11 PCW RA . 10.27 36.18 -2.93
C12 PCW RA . 10.29 35.64 -4.33
C13 PCW RA . 9.56 34.23 -4.34
C14 PCW RA . 9.49 33.54 -5.70
C15 PCW RA . 8.30 33.99 -6.61
C16 PCW RA . 7.69 32.75 -7.37
C17 PCW RA . 6.71 33.06 -8.55
C18 PCW RA . 7.20 32.55 -9.91
C19 PCW RA . 7.92 33.64 -10.74
C20 PCW RA . 8.54 33.37 -11.95
C21 PCW RA . 8.71 32.12 -12.73
C22 PCW RA . 8.32 32.45 -14.20
C23 PCW RA . 9.18 31.83 -15.33
C24 PCW RA . 10.16 32.72 -16.03
C25 PCW RA . 10.40 32.62 -17.56
C26 PCW RA . 11.53 31.73 -18.00
C27 PCW RA . 11.69 31.44 -19.51
C28 PCW RA . 11.36 30.00 -19.80
C31 PCW RA . 5.75 36.22 -2.71
C32 PCW RA . 4.91 34.95 -2.99
C33 PCW RA . 5.43 34.03 -4.18
C34 PCW RA . 4.55 32.81 -4.44
C35 PCW RA . 3.96 33.00 -5.90
C36 PCW RA . 2.42 33.01 -5.92
C37 PCW RA . 1.78 33.19 -7.33
C38 PCW RA . 1.73 31.91 -8.09
C39 PCW RA . 1.11 32.06 -9.46
C40 PCW RA . 1.75 32.30 -10.60
C41 PCW RA . 3.25 32.48 -10.73
C42 PCW RA . 3.85 31.20 -11.46
C43 PCW RA . 4.75 31.41 -12.67
C44 PCW RA . 5.16 30.04 -13.16
C45 PCW RA . 5.49 29.96 -14.62
C46 PCW RA . 4.71 28.91 -15.37
C47 PCW RA . 3.29 29.28 -15.74
C48 PCW RA . 2.61 28.12 -16.49
N PCW RA . 0.81 40.09 1.99
O2 PCW RA . 6.35 36.06 -1.53
O3 PCW RA . 8.97 36.29 -2.53
O11 PCW RA . 11.23 36.42 -2.26
O31 PCW RA . 5.84 37.22 -3.48
O1P PCW RA . 4.71 36.43 3.03
O2P PCW RA . 6.15 38.46 2.96
O3P PCW RA . 5.56 37.20 0.79
O4P PCW RA . 3.96 38.58 1.97
P PCW RA . 5.12 37.65 2.27
C1 PCW SA . 4.10 29.19 10.54
C2 PCW SA . 4.99 28.43 9.47
C3 PCW SA . 4.31 27.06 9.09
C4 PCW SA . 7.93 31.19 12.29
C5 PCW SA . 8.57 29.80 12.26
C6 PCW SA . 10.56 30.36 10.76
C7 PCW SA . 10.66 28.46 12.31
C8 PCW SA . 9.55 28.68 10.86
C11 PCW SA . 6.21 25.70 8.56
C12 PCW SA . 6.90 25.06 7.38
C13 PCW SA . 7.92 26.09 6.78
C14 PCW SA . 8.71 25.59 5.57
C15 PCW SA . 7.94 25.56 4.21
C16 PCW SA . 8.07 26.93 3.47
C17 PCW SA . 6.78 27.79 3.29
C18 PCW SA . 6.79 28.68 2.04
C19 PCW SA . 6.22 27.97 0.78
C20 PCW SA . 6.59 28.32 -0.50
C21 PCW SA . 7.52 29.34 -1.03
C22 PCW SA . 7.71 29.04 -2.55
C23 PCW SA . 7.49 30.20 -3.54
C24 PCW SA . 7.03 29.85 -4.92
C25 PCW SA . 5.59 29.32 -5.17
C26 PCW SA . 5.35 28.60 -6.48
C27 PCW SA . 4.70 29.40 -7.63
C28 PCW SA . 3.98 28.47 -8.57
C31 PCW SA . 6.32 29.54 7.86
C32 PCW SA . 6.25 30.36 6.55
C33 PCW SA . 5.37 31.70 6.64
C34 PCW SA . 5.57 32.64 5.46
C35 PCW SA . 4.54 32.17 4.35
C36 PCW SA . 3.21 32.94 4.42
C37 PCW SA . 2.13 32.53 3.35
C38 PCW SA . 0.90 31.98 3.98
C39 PCW SA . -0.15 31.58 2.97
C40 PCW SA . -0.41 30.35 2.53
C41 PCW SA . 0.34 29.10 2.98
C42 PCW SA . 1.45 28.77 1.89
C43 PCW SA . 1.14 27.70 0.85
C44 PCW SA . 2.37 27.58 -0.05
C45 PCW SA . 2.43 26.32 -0.88
C46 PCW SA . 3.20 26.47 -2.15
C47 PCW SA . 4.38 25.55 -2.34
C48 PCW SA . 5.08 25.81 -3.69
N PCW SA . 9.95 29.65 11.91
O2 PCW SA . 5.08 29.23 8.22
O3 PCW SA . 5.12 26.37 8.13
O11 PCW SA . 6.58 25.62 9.69
O31 PCW SA . 7.38 29.22 8.46
O1P PCW SA . 5.83 31.44 10.32
O2P PCW SA . 4.44 32.08 12.28
O3P PCW SA . 4.82 29.60 11.72
O4P PCW SA . 6.54 31.00 12.68
P PCW SA . 5.39 31.11 11.71
C1 PCW TA . -1.15 32.88 18.26
C2 PCW TA . -1.39 31.50 17.52
C3 PCW TA . -0.44 31.40 16.27
C4 PCW TA . 2.33 32.20 18.14
C5 PCW TA . 3.39 31.11 18.09
C6 PCW TA . 4.42 31.25 15.75
C7 PCW TA . 5.84 30.95 17.72
C8 PCW TA . 4.57 29.79 17.05
C11 PCW TA . 0.40 29.29 15.57
C12 PCW TA . 0.00 28.05 14.81
C13 PCW TA . 0.90 27.96 13.52
C14 PCW TA . 0.63 26.76 12.61
C15 PCW TA . 1.38 26.76 11.26
C16 PCW TA . 0.45 26.21 10.12
C17 PCW TA . 0.82 24.82 9.49
C18 PCW TA . 0.58 24.75 7.98
C19 PCW TA . -0.92 24.61 7.62
C20 PCW TA . -1.52 23.37 7.39
C21 PCW TA . -0.99 21.99 7.43
C22 PCW TA . -1.57 21.32 8.71
C23 PCW TA . -1.78 19.79 8.69
C24 PCW TA . -2.72 19.22 9.71
C25 PCW TA . -3.92 18.31 9.28
C26 PCW TA . -3.67 16.81 9.33
C27 PCW TA . -4.52 15.97 10.30
C28 PCW TA . -5.40 15.01 9.54
C31 PCW TA . -2.04 30.03 19.27
C32 PCW TA . -1.56 28.85 20.13
C33 PCW TA . -0.10 29.00 20.76
C34 PCW TA . 0.68 27.68 20.80
C35 PCW TA . 1.29 27.51 19.34
C36 PCW TA . 1.56 26.04 18.99
C37 PCW TA . 2.18 25.79 17.57
C38 PCW TA . 1.52 24.63 16.89
C39 PCW TA . 2.09 24.37 15.51
C40 PCW TA . 1.61 23.54 14.58
C41 PCW TA . 0.36 22.71 14.76
C42 PCW TA . -0.44 22.69 13.38
C43 PCW TA . -1.52 23.73 13.15
C44 PCW TA . -2.10 23.48 11.77
C45 PCW TA . -3.60 23.52 11.68
C46 PCW TA . -4.23 22.17 11.46
C47 PCW TA . -5.67 22.02 11.88
C48 PCW TA . -6.18 20.59 11.61
N PCW TA . 4.53 31.27 17.22
O2 PCW TA . -1.06 30.35 18.42
O3 PCW TA . -0.64 30.15 15.60
O11 PCW TA . 1.48 29.48 16.06
O31 PCW TA . -3.17 30.60 19.37
O1P PCW TA . 1.20 34.18 19.91
O2P PCW TA . 0.93 32.24 21.45
O3P PCW TA . -0.86 32.74 19.68
O4P PCW TA . 1.34 31.80 19.13
P PCW TA . 0.69 32.78 20.10
C1 PCW UA . -3.42 37.20 4.81
C2 PCW UA . -4.51 36.83 3.75
C3 PCW UA . -4.24 37.61 2.40
C4 PCW UA . -3.94 40.42 6.23
C5 PCW UA . -4.80 41.25 7.18
C6 PCW UA . -6.08 43.42 7.49
C7 PCW UA . -6.44 42.05 5.50
C8 PCW UA . -6.80 41.61 7.26
C11 PCW UA . -4.83 36.79 0.22
C12 PCW UA . -6.03 36.48 -0.64
C13 PCW UA . -6.29 37.71 -1.59
C14 PCW UA . -7.48 37.56 -2.53
C15 PCW UA . -8.30 38.85 -2.81
C16 PCW UA . -9.63 38.52 -3.56
C17 PCW UA . -9.56 38.38 -5.12
C18 PCW UA . -10.87 37.94 -5.75
C19 PCW UA . -11.15 38.63 -7.11
C20 PCW UA . -11.81 37.99 -8.15
C21 PCW UA . -12.40 36.64 -8.27
C22 PCW UA . -11.43 35.83 -9.19
C23 PCW UA . -11.75 35.80 -10.70
C24 PCW UA . -10.73 35.16 -11.60
C25 PCW UA . -11.04 34.85 -13.09
C26 PCW UA . -12.01 33.73 -13.37
C27 PCW UA . -13.49 34.09 -13.61
C28 PCW UA . -14.38 33.05 -12.96
C31 PCW UA . -5.27 34.62 4.18
C32 PCW UA . -5.09 33.15 3.75
C33 PCW UA . -6.33 32.52 2.95
C34 PCW UA . -6.73 31.15 3.46
C35 PCW UA . -8.19 30.90 2.88
C36 PCW UA . -9.28 30.88 3.97
C37 PCW UA . -10.74 30.63 3.46
C38 PCW UA . -11.40 31.90 3.03
C39 PCW UA . -12.81 31.69 2.54
C40 PCW UA . -13.30 31.98 1.32
C41 PCW UA . -12.48 32.59 0.21
C42 PCW UA . -13.37 32.59 -1.12
C43 PCW UA . -13.42 31.35 -1.98
C44 PCW UA . -14.33 31.64 -3.15
C45 PCW UA . -15.21 30.49 -3.58
C46 PCW UA . -16.47 30.91 -4.27
C47 PCW UA . -17.61 29.91 -4.27
C48 PCW UA . -18.83 30.47 -5.01
N PCW UA . -5.62 42.29 6.66
O2 PCW UA . -4.46 35.37 3.43
O3 PCW UA . -5.24 37.26 1.43
O11 PCW UA . -3.69 36.62 -0.12
O31 PCW UA . -6.04 35.03 5.09
O1P PCW UA . -5.88 38.25 6.30
O2P PCW UA . -4.70 37.68 8.43
O3P PCW UA . -3.77 36.86 6.17
O4P PCW UA . -3.61 39.18 6.90
P PCW UA . -4.58 38.00 6.99
C1 PCW VA . 3.22 24.53 25.04
C2 PCW VA . 3.19 23.31 24.03
C3 PCW VA . 4.01 23.65 22.75
C4 PCW VA . -0.37 23.39 28.17
C5 PCW VA . -1.83 23.65 27.86
C6 PCW VA . -3.25 22.72 25.95
C7 PCW VA . -3.26 21.66 28.15
C8 PCW VA . -3.86 23.35 27.70
C11 PCW VA . 5.10 22.25 21.15
C12 PCW VA . 4.84 21.06 20.25
C13 PCW VA . 5.50 19.80 20.92
C14 PCW VA . 5.34 18.49 20.14
C15 PCW VA . 5.05 17.23 20.99
C16 PCW VA . 3.75 16.50 20.50
C17 PCW VA . 3.21 15.33 21.38
C18 PCW VA . 1.85 15.61 22.03
C19 PCW VA . 1.97 15.95 23.53
C20 PCW VA . 2.23 15.00 24.50
C21 PCW VA . 2.47 13.53 24.41
C22 PCW VA . 1.07 12.85 24.40
C23 PCW VA . 0.91 11.55 23.58
C24 PCW VA . 0.89 11.71 22.08
C25 PCW VA . 2.00 11.08 21.20
C26 PCW VA . 1.94 11.38 19.71
C27 PCW VA . 1.88 10.18 18.74
C28 PCW VA . 0.91 10.46 17.61
C31 PCW VA . 2.94 21.24 25.16
C32 PCW VA . 3.73 20.06 25.77
C33 PCW VA . 4.61 19.21 24.74
C34 PCW VA . 6.11 19.43 24.89
C35 PCW VA . 6.57 18.43 26.03
C36 PCW VA . 8.11 18.42 26.23
C37 PCW VA . 8.63 17.45 27.34
C38 PCW VA . 10.08 17.65 27.62
C39 PCW VA . 10.61 16.72 28.69
C40 PCW VA . 11.28 15.59 28.52
C41 PCW VA . 11.67 15.01 27.17
C42 PCW VA . 10.59 13.90 26.79
C43 PCW VA . 10.94 12.89 25.71
C44 PCW VA . 9.73 11.97 25.56
C45 PCW VA . 10.03 10.50 25.72
C46 PCW VA . 10.25 9.78 24.42
C47 PCW VA . 10.91 8.42 24.49
C48 PCW VA . 11.08 7.81 23.10
N PCW VA . -2.63 22.61 27.28
O2 PCW VA . 3.81 22.11 24.66
O3 PCW VA . 3.97 22.54 21.85
O11 PCW VA . 6.14 22.83 21.23
O31 PCW VA . 1.67 21.36 25.16
O1P PCW VA . 0.73 25.85 27.08
O2P PCW VA . 0.38 24.70 24.90
O3P PCW VA . 2.52 24.28 26.28
O4P PCW VA . 0.34 23.38 26.90
P PCW VA . 0.95 24.61 26.26
C1 PCW WA . -21.31 20.34 31.19
C2 PCW WA . -21.14 19.46 29.90
C3 PCW WA . -21.54 20.28 28.62
C4 PCW WA . -19.87 21.04 35.61
C5 PCW WA . -21.12 20.73 36.42
C6 PCW WA . -20.49 18.85 38.02
C7 PCW WA . -21.83 20.74 38.80
C8 PCW WA . -22.29 19.47 37.54
C11 PCW WA . -22.14 19.74 26.36
C12 PCW WA . -21.81 18.78 25.25
C13 PCW WA . -22.98 17.74 25.14
C14 PCW WA . -22.81 16.68 24.05
C15 PCW WA . -24.07 16.37 23.19
C16 PCW WA . -24.90 15.20 23.83
C17 PCW WA . -26.30 15.56 24.44
C18 PCW WA . -27.47 15.08 23.58
C19 PCW WA . -28.46 14.19 24.37
C20 PCW WA . -29.84 14.28 24.19
C21 PCW WA . -30.68 15.13 23.32
C22 PCW WA . -31.17 16.32 24.19
C23 PCW WA . -30.38 17.65 24.08
C24 PCW WA . -30.39 18.54 25.29
C25 PCW WA . -29.18 18.57 26.27
C26 PCW WA . -29.41 17.96 27.64
C27 PCW WA . -29.19 16.44 27.81
C28 PCW WA . -30.51 15.76 28.09
C31 PCW WA . -19.46 17.79 30.08
C32 PCW WA . -17.96 17.53 29.86
C33 PCW WA . -17.49 17.48 28.33
C34 PCW WA . -16.52 16.35 28.03
C35 PCW WA . -17.38 15.20 27.37
C36 PCW WA . -16.51 14.11 26.71
C37 PCW WA . -17.29 12.94 26.03
C38 PCW WA . -16.45 12.21 25.03
C39 PCW WA . -17.18 11.08 24.36
C40 PCW WA . -16.77 9.82 24.23
C41 PCW WA . -15.44 9.31 24.74
C42 PCW WA . -14.49 9.01 23.49
C43 PCW WA . -14.23 7.57 23.11
C44 PCW WA . -13.30 7.59 21.91
C45 PCW WA . -13.16 6.27 21.19
C46 PCW WA . -13.73 6.28 19.81
C47 PCW WA . -13.10 5.33 18.82
C48 PCW WA . -13.79 5.43 17.44
N PCW WA . -21.00 20.20 37.75
O2 PCW WA . -19.71 19.06 29.74
O3 PCW WA . -21.38 19.46 27.46
O11 PCW WA . -22.95 20.63 26.28
O31 PCW WA . -20.30 16.95 30.51
O1P PCW WA . -18.26 20.23 33.31
O2P PCW WA . -19.41 22.16 32.22
O3P PCW WA . -20.55 19.86 32.33
O4P PCW WA . -20.33 21.32 34.26
P PCW WA . -19.55 20.93 33.01
C1 PCW XA . -5.52 17.98 35.15
C2 PCW XA . -5.58 16.46 34.73
C3 PCW XA . -6.62 15.70 35.61
C4 PCW XA . -1.46 17.95 33.09
C5 PCW XA . -0.17 17.39 33.68
C6 PCW XA . 1.52 16.05 32.58
C7 PCW XA . 2.14 18.03 33.63
C8 PCW XA . 1.02 18.21 31.66
C11 PCW XA . -5.74 13.47 35.77
C12 PCW XA . -5.97 12.07 35.23
C13 PCW XA . -6.66 11.24 36.37
C14 PCW XA . -6.97 9.79 36.02
C15 PCW XA . -6.76 8.75 37.16
C16 PCW XA . -8.08 8.56 37.99
C17 PCW XA . -8.38 9.58 39.14
C18 PCW XA . -8.81 8.92 40.45
C19 PCW XA . -10.35 8.82 40.60
C20 PCW XA . -11.03 7.62 40.43
C21 PCW XA . -10.57 6.26 40.09
C22 PCW XA . -11.47 5.76 38.92
C23 PCW XA . -12.01 4.31 38.99
C24 PCW XA . -12.14 3.58 37.69
C25 PCW XA . -11.92 2.04 37.62
C26 PCW XA . -10.48 1.56 37.60
C27 PCW XA . -10.01 0.64 38.75
C28 PCW XA . -8.59 0.18 38.51
C31 PCW XA . -5.10 15.94 32.47
C32 PCW XA . -5.71 15.90 31.07
C33 PCW XA . -6.87 14.82 30.86
C34 PCW XA . -6.72 14.01 29.58
C35 PCW XA . -6.92 12.50 30.00
C36 PCW XA . -7.83 11.71 29.03
C37 PCW XA . -8.08 10.22 29.40
C38 PCW XA . -9.43 9.74 28.95
C39 PCW XA . -9.69 8.29 29.29
C40 PCW XA . -10.64 7.82 30.07
C41 PCW XA . -11.68 8.67 30.78
C42 PCW XA . -13.06 8.52 30.00
C43 PCW XA . -14.05 7.47 30.49
C44 PCW XA . -15.26 7.55 29.57
C45 PCW XA . -15.56 6.29 28.80
C46 PCW XA . -16.08 6.52 27.41
C47 PCW XA . -17.42 5.93 27.08
C48 PCW XA . -17.83 6.26 25.63
N PCW XA . 1.06 17.42 32.93
O2 PCW XA . -6.04 16.36 33.31
O3 PCW XA . -6.67 14.32 35.22
O11 PCW XA . -4.88 13.78 36.55
O31 PCW XA . -3.90 15.62 32.76
O1P PCW XA . -2.71 20.32 34.20
O2P PCW XA . -3.00 18.86 36.21
O3P PCW XA . -4.71 18.79 34.28
O4P PCW XA . -2.48 17.82 34.11
P PCW XA . -3.18 19.00 34.74
C1 PCW YA . 28.53 36.79 -6.78
C2 PCW YA . 28.57 35.29 -7.25
C3 PCW YA . 29.39 35.17 -8.59
C4 PCW YA . 24.75 35.82 -5.51
C5 PCW YA . 23.49 36.07 -6.34
C6 PCW YA . 22.03 35.92 -4.43
C7 PCW YA . 22.05 34.18 -5.99
C8 PCW YA . 21.04 36.13 -6.62
C11 PCW YA . 28.58 33.44 -10.03
C12 PCW YA . 28.80 31.98 -10.35
C13 PCW YA . 27.43 31.23 -10.14
C14 PCW YA . 27.48 29.72 -10.43
C15 PCW YA . 26.37 29.19 -11.40
C16 PCW YA . 26.46 27.62 -11.53
C17 PCW YA . 27.51 27.05 -12.55
C18 PCW YA . 26.86 26.26 -13.70
C19 PCW YA . 26.99 26.97 -15.07
C20 PCW YA . 27.98 26.63 -15.99
C21 PCW YA . 29.08 25.65 -15.96
C22 PCW YA . 28.54 24.36 -16.63
C23 PCW YA . 28.33 23.11 -15.73
C24 PCW YA . 27.06 22.34 -15.94
C25 PCW YA . 26.66 21.82 -17.36
C26 PCW YA . 25.52 20.83 -17.41
C27 PCW YA . 25.41 19.91 -18.65
C28 PCW YA . 24.65 20.62 -19.75
C31 PCW YA . 28.47 33.77 -5.45
C32 PCW YA . 29.34 32.96 -4.46
C33 PCW YA . 30.25 31.83 -5.12
C34 PCW YA . 30.84 30.87 -4.09
C35 PCW YA . 31.94 30.03 -4.86
C36 PCW YA . 32.50 28.85 -4.03
C37 PCW YA . 33.58 27.99 -4.73
C38 PCW YA . 33.07 26.63 -5.08
C39 PCW YA . 34.11 25.78 -5.76
C40 PCW YA . 33.93 24.60 -6.36
C41 PCW YA . 32.58 23.90 -6.45
C42 PCW YA . 32.67 22.84 -7.64
C43 PCW YA . 32.37 23.32 -9.05
C44 PCW YA . 32.52 22.11 -9.97
C45 PCW YA . 33.87 21.99 -10.65
C46 PCW YA . 33.98 20.81 -11.54
C47 PCW YA . 35.25 20.72 -12.38
C48 PCW YA . 35.24 19.45 -13.25
N PCW YA . 22.23 35.60 -5.87
O2 PCW YA . 29.27 34.45 -6.25
O3 PCW YA . 29.42 33.81 -9.02
O11 PCW YA . 27.80 34.17 -10.58
O31 PCW YA . 27.20 33.77 -5.48
O1P PCW YA . 26.31 37.49 -3.74
O2P PCW YA . 26.52 38.95 -5.76
O3P PCW YA . 28.12 36.96 -5.40
O4P PCW YA . 25.80 36.67 -6.06
P PCW YA . 26.65 37.58 -5.19
C1 PCW ZA . 11.32 10.31 31.10
C2 PCW ZA . 9.83 10.80 30.93
C3 PCW ZA . 9.60 11.37 29.49
C4 PCW ZA . 13.51 10.37 35.52
C5 PCW ZA . 13.84 11.49 36.50
C6 PCW ZA . 16.32 11.63 35.95
C7 PCW ZA . 15.20 13.47 37.11
C8 PCW ZA . 15.48 11.75 37.72
C11 PCW ZA . 7.88 13.04 29.82
C12 PCW ZA . 6.41 13.26 29.59
C13 PCW ZA . 6.18 13.54 28.06
C14 PCW ZA . 4.72 13.79 27.65
C15 PCW ZA . 3.79 12.54 27.69
C16 PCW ZA . 2.41 12.87 28.37
C17 PCW ZA . 1.53 11.67 28.85
C18 PCW ZA . 1.25 10.65 27.74
C19 PCW ZA . -0.22 10.16 27.74
C20 PCW ZA . -0.56 8.86 27.42
C21 PCW ZA . 0.25 7.67 27.05
C22 PCW ZA . 0.62 7.84 25.54
C23 PCW ZA . -0.07 6.89 24.53
C24 PCW ZA . 0.75 6.41 23.37
C25 PCW ZA . 1.09 7.35 22.19
C26 PCW ZA . 1.83 6.72 21.02
C27 PCW ZA . 3.33 6.40 21.20
C28 PCW ZA . 3.57 4.93 20.96
C31 PCW ZA . 8.36 9.55 32.31
C32 PCW ZA . 7.42 8.33 32.33
C33 PCW ZA . 8.11 6.92 31.97
C34 PCW ZA . 7.14 5.75 32.00
C35 PCW ZA . 7.07 5.21 30.51
C36 PCW ZA . 7.99 4.00 30.27
C37 PCW ZA . 7.97 3.43 28.82
C38 PCW ZA . 7.76 1.95 28.81
C39 PCW ZA . 7.74 1.37 27.42
C40 PCW ZA . 7.10 0.27 27.02
C41 PCW ZA . 6.26 -0.62 27.93
C42 PCW ZA . 6.34 -2.11 27.37
C43 PCW ZA . 6.85 -3.20 28.29
C44 PCW ZA . 6.81 -4.51 27.50
C45 PCW ZA . 7.24 -5.73 28.26
C46 PCW ZA . 6.42 -6.95 27.97
C47 PCW ZA . 6.67 -8.16 28.83
C48 PCW ZA . 5.76 -9.33 28.43
N PCW ZA . 15.05 12.24 36.38
O2 PCW ZA . 8.89 9.65 31.09
O3 PCW ZA . 8.24 11.80 29.36
O11 PCW ZA . 8.63 13.82 30.33
O31 PCW ZA . 8.58 10.32 33.29
O1P PCW ZA . 14.14 10.60 32.70
O2P PCW ZA . 12.48 12.47 32.80
O3P PCW ZA . 11.70 10.04 32.47
O4P PCW ZA . 12.52 10.89 34.60
P PCW ZA . 12.77 11.05 33.10
C1 PCW AB . 34.29 13.80 16.56
C2 PCW AB . 33.49 12.52 17.04
C3 PCW AB . 32.80 12.80 18.42
C4 PCW AB . 31.46 17.74 15.95
C5 PCW AB . 31.79 19.21 16.22
C6 PCW AB . 31.45 21.32 17.36
C7 PCW AB . 30.21 19.46 18.02
C8 PCW AB . 29.65 20.43 16.03
C11 PCW AB . 32.77 10.60 19.40
C12 PCW AB . 31.82 9.51 19.80
C13 PCW AB . 31.74 8.47 18.62
C14 PCW AB . 30.80 7.29 18.86
C15 PCW AB . 31.47 5.89 18.86
C16 PCW AB . 32.23 5.63 20.22
C17 PCW AB . 31.67 4.52 21.15
C18 PCW AB . 30.88 5.07 22.35
C19 PCW AB . 31.46 4.64 23.71
C20 PCW AB . 30.75 3.87 24.62
C21 PCW AB . 29.38 3.29 24.59
C22 PCW AB . 29.55 1.76 24.76
C23 PCW AB . 29.87 0.93 23.49
C24 PCW AB . 28.72 0.27 22.80
C25 PCW AB . 28.13 -1.08 23.30
C26 PCW AB . 27.23 -1.83 22.33
C27 PCW AB . 25.71 -1.77 22.55
C28 PCW AB . 25.21 -3.08 23.11
C31 PCW AB . 32.84 11.46 15.03
C32 PCW AB . 31.63 11.19 14.12
C33 PCW AB . 30.71 9.96 14.56
C34 PCW AB . 31.45 8.63 14.60
C35 PCW AB . 31.84 8.30 13.10
C36 PCW AB . 33.37 8.29 12.87
C37 PCW AB . 33.84 7.97 11.41
C38 PCW AB . 33.59 9.14 10.50
C39 PCW AB . 34.03 8.86 9.09
C40 PCW AB . 33.27 8.46 8.08
C41 PCW AB . 31.77 8.20 8.19
C42 PCW AB . 31.53 6.64 7.99
C43 PCW AB . 30.72 6.18 6.79
C44 PCW AB . 30.65 4.66 6.87
C45 PCW AB . 29.39 4.10 7.50
C46 PCW AB . 28.60 3.22 6.58
C47 PCW AB . 28.03 1.95 7.18
C48 PCW AB . 27.24 1.15 6.15
N PCW AB . 30.83 20.07 16.87
O2 PCW AB . 32.42 12.19 16.07
O3 PCW AB . 32.08 11.63 18.85
O11 PCW AB . 33.96 10.58 19.57
O31 PCW AB . 34.02 11.07 14.81
O1P PCW AB . 32.88 16.19 17.93
O2P PCW AB . 34.88 16.84 16.59
O3P PCW AB . 33.47 14.80 15.92
O4P PCW AB . 32.71 17.09 15.60
P PCW AB . 33.51 16.26 16.58
C1 PCW BB . -20.36 24.03 21.83
C2 PCW BB . -21.25 22.96 21.07
C3 PCW BB . -22.54 22.66 21.89
C4 PCW BB . -19.99 25.53 25.13
C5 PCW BB . -20.06 26.59 26.22
C6 PCW BB . -19.50 25.96 28.63
C7 PCW BB . -18.02 27.44 27.36
C8 PCW BB . -19.77 27.74 27.88
C11 PCW BB . -24.62 21.51 21.64
C12 PCW BB . -25.29 20.47 20.78
C13 PCW BB . -26.07 19.48 21.71
C14 PCW BB . -26.80 18.35 20.98
C15 PCW BB . -28.34 18.31 21.20
C16 PCW BB . -29.07 17.84 19.89
C17 PCW BB . -29.27 16.30 19.68
C18 PCW BB . -29.90 15.96 18.33
C19 PCW BB . -28.87 15.91 17.18
C20 PCW BB . -29.07 15.16 16.03
C21 PCW BB . -30.18 14.28 15.58
C22 PCW BB . -29.79 12.83 15.98
C23 PCW BB . -29.86 11.74 14.88
C24 PCW BB . -30.32 10.39 15.29
C25 PCW BB . -30.09 9.14 14.37
C26 PCW BB . -30.31 7.79 15.00
C27 PCW BB . -29.60 6.58 14.36
C28 PCW BB . -30.49 5.37 14.42
C31 PCW BB . -21.29 22.77 18.71
C32 PCW BB . -21.81 23.46 17.43
C33 PCW BB . -20.67 23.91 16.41
C34 PCW BB . -20.19 25.35 16.64
C35 PCW BB . -18.61 25.30 16.55
C36 PCW BB . -17.94 25.16 17.94
C37 PCW BB . -16.38 25.11 17.92
C38 PCW BB . -15.87 23.77 17.52
C39 PCW BB . -14.36 23.71 17.50
C40 PCW BB . -13.61 22.81 16.89
C41 PCW BB . -14.15 21.65 16.08
C42 PCW BB . -13.05 21.21 15.01
C43 PCW BB . -13.48 20.99 13.57
C44 PCW BB . -12.24 20.59 12.80
C45 PCW BB . -12.37 19.33 11.97
C46 PCW BB . -11.94 18.09 12.71
C47 PCW BB . -12.54 16.79 12.22
C48 PCW BB . -12.02 15.61 13.05
N PCW BB . -19.14 26.52 27.31
O2 PCW BB . -21.68 23.51 19.75
O3 PCW BB . -23.34 21.69 21.21
O11 PCW BB . -25.15 22.10 22.55
O31 PCW BB . -20.62 21.70 18.75
O1P PCW BB . -18.72 26.37 22.67
O2P PCW BB . -20.73 27.83 22.48
O3P PCW BB . -20.82 25.40 21.66
O4P PCW BB . -20.81 26.00 24.03
P PCW BB . -20.22 26.47 22.70
C1 PCW CB . 11.12 34.13 -0.31
C2 PCW CB . 10.51 32.67 -0.46
C3 PCW CB . 11.57 31.60 -0.03
C4 PCW CB . 14.82 33.58 2.56
C5 PCW CB . 14.88 33.40 4.08
C6 PCW CB . 15.36 30.94 4.49
C7 PCW CB . 16.52 32.65 5.78
C8 PCW CB . 14.71 32.28 5.78
C11 PCW CB . 11.41 29.31 0.68
C12 PCW CB . 10.72 28.01 0.36
C13 PCW CB . 11.56 27.28 -0.74
C14 PCW CB . 10.98 25.94 -1.20
C15 PCW CB . 10.05 25.98 -2.45
C16 PCW CB . 10.86 26.26 -3.76
C17 PCW CB . 10.95 25.11 -4.80
C18 PCW CB . 9.88 25.20 -5.90
C19 PCW CB . 9.06 23.89 -6.04
C20 PCW CB . 7.77 23.89 -6.54
C21 PCW CB . 6.87 24.96 -7.03
C22 PCW CB . 6.14 24.40 -8.28
C23 PCW CB . 5.95 25.35 -9.50
C24 PCW CB . 7.19 25.75 -10.23
C25 PCW CB . 7.37 25.40 -11.74
C26 PCW CB . 6.62 26.27 -12.73
C27 PCW CB . 5.66 25.57 -13.71
C28 PCW CB . 4.23 25.72 -13.24
C31 PCW CB . 8.17 32.89 -0.14
C32 PCW CB . 7.04 32.68 0.88
C33 PCW CB . 5.55 32.81 0.29
C34 PCW CB . 4.68 31.58 0.55
C35 PCW CB . 3.34 31.82 -0.25
C36 PCW CB . 3.21 30.88 -1.46
C37 PCW CB . 1.90 31.05 -2.31
C38 PCW CB . 1.78 30.02 -3.38
C39 PCW CB . 0.54 30.17 -4.21
C40 PCW CB . 0.17 29.41 -5.24
C41 PCW CB . 0.97 28.22 -5.75
C42 PCW CB . 0.11 27.46 -6.86
C43 PCW CB . 0.65 26.17 -7.42
C44 PCW CB . -0.37 25.67 -8.45
C45 PCW CB . -0.14 24.26 -8.94
C46 PCW CB . 0.93 24.15 -9.99
C47 PCW CB . 1.80 22.92 -9.94
C48 PCW CB . 2.85 22.94 -11.06
N PCW CB . 15.68 32.37 4.65
O2 PCW CB . 9.32 32.52 0.43
O3 PCW CB . 11.00 30.28 -0.18
O11 PCW CB . 12.21 29.46 1.57
O31 PCW CB . 8.03 33.33 -1.32
O1P PCW CB . 13.97 34.09 -0.18
O2P PCW CB . 13.44 36.34 0.73
O3P PCW CB . 11.74 34.39 0.97
O4P PCW CB . 13.78 34.55 2.29
P PCW CB . 13.28 34.88 0.89
C1 PCW DB . -13.44 38.35 7.71
C2 PCW DB . -14.26 37.15 8.33
C3 PCW DB . -15.79 37.46 8.22
C4 PCW DB . -11.08 37.70 10.39
C5 PCW DB . -10.81 37.40 11.87
C6 PCW DB . -8.39 38.20 11.86
C7 PCW DB . -9.61 37.95 13.97
C8 PCW DB . -9.14 36.63 12.77
C11 PCW DB . -17.19 36.60 9.97
C12 PCW DB . -17.90 35.34 10.40
C13 PCW DB . -19.44 35.57 10.20
C14 PCW DB . -20.32 34.37 10.60
C15 PCW DB . -20.96 33.59 9.41
C16 PCW DB . -21.36 32.14 9.87
C17 PCW DB . -22.36 31.35 8.96
C18 PCW DB . -21.77 30.06 8.39
C19 PCW DB . -20.72 30.31 7.29
C20 PCW DB . -20.92 29.94 5.96
C21 PCW DB . -22.04 29.27 5.28
C22 PCW DB . -21.43 28.43 4.13
C23 PCW DB . -22.07 27.05 3.82
C24 PCW DB . -22.48 26.78 2.41
C25 PCW DB . -23.96 26.92 1.95
C26 PCW DB . -24.79 25.65 1.99
C27 PCW DB . -25.94 25.58 3.01
C28 PCW DB . -26.64 24.24 2.92
C31 PCW DB . -13.31 34.98 8.24
C32 PCW DB . -13.13 33.76 7.33
C33 PCW DB . -14.06 32.50 7.68
C34 PCW DB . -13.93 31.35 6.69
C35 PCW DB . -14.25 30.04 7.53
C36 PCW DB . -15.53 29.32 7.03
C37 PCW DB . -15.90 28.01 7.81
C38 PCW DB . -17.39 27.84 7.93
C39 PCW DB . -17.78 26.59 8.68
C40 PCW DB . -18.41 25.53 8.19
C41 PCW DB . -18.86 25.40 6.74
C42 PCW DB . -17.76 24.55 5.96
C43 PCW DB . -18.08 23.11 5.61
C44 PCW DB . -16.87 22.57 4.87
C45 PCW DB . -17.16 21.93 3.53
C46 PCW DB . -16.09 21.00 3.05
C47 PCW DB . -15.84 20.96 1.56
C48 PCW DB . -14.72 19.98 1.21
N PCW DB . -9.69 37.99 12.53
O2 PCW DB . -14.00 35.90 7.57
O3 PCW DB . -16.54 36.37 8.79
O11 PCW DB . -17.20 37.65 10.56
O31 PCW DB . -12.86 35.10 9.43
O1P PCW DB . -10.96 39.86 8.49
O2P PCW DB . -12.28 41.07 10.22
O3P PCW DB . -13.47 39.56 8.50
O4P PCW DB . -12.14 38.68 10.35
P PCW DB . -12.15 39.85 9.38
C1 PCW EB . 22.81 27.62 -0.73
C2 PCW EB . 23.82 27.83 -1.92
C3 PCW EB . 24.01 29.36 -2.20
C4 PCW EB . 26.57 27.40 1.79
C5 PCW EB . 27.40 26.75 2.90
C6 PCW EB . 29.49 28.10 2.31
C7 PCW EB . 29.46 26.66 4.28
C8 PCW EB . 29.32 26.15 2.50
C11 PCW EB . 26.12 30.14 -3.02
C12 PCW EB . 26.92 30.23 -4.30
C13 PCW EB . 27.45 28.79 -4.67
C14 PCW EB . 28.30 28.71 -5.94
C15 PCW EB . 28.65 27.28 -6.44
C16 PCW EB . 29.20 27.33 -7.91
C17 PCW EB . 30.75 27.48 -8.09
C18 PCW EB . 31.17 28.87 -8.56
C19 PCW EB . 31.21 29.00 -10.10
C20 PCW EB . 32.37 28.84 -10.84
C21 PCW EB . 33.77 28.52 -10.45
C22 PCW EB . 33.86 26.97 -10.32
C23 PCW EB . 35.26 26.32 -10.36
C24 PCW EB . 35.49 25.24 -11.36
C25 PCW EB . 35.49 25.55 -12.89
C26 PCW EB . 34.39 24.93 -13.72
C27 PCW EB . 33.14 25.77 -14.02
C28 PCW EB . 31.93 25.20 -13.31
C31 PCW EB . 25.55 26.25 -2.28
C32 PCW EB . 26.93 25.79 -1.79
C33 PCW EB . 28.00 25.46 -2.94
C34 PCW EB . 29.38 26.04 -2.67
C35 PCW EB . 30.41 24.88 -3.04
C36 PCW EB . 31.58 24.78 -2.04
C37 PCW EB . 32.63 23.66 -2.35
C38 PCW EB . 34.02 24.11 -2.10
C39 PCW EB . 35.05 23.05 -2.39
C40 PCW EB . 36.38 23.20 -2.40
C41 PCW EB . 37.09 24.52 -2.13
C42 PCW EB . 37.91 24.91 -3.45
C43 PCW EB . 37.32 25.97 -4.36
C44 PCW EB . 38.30 26.16 -5.51
C45 PCW EB . 37.67 26.65 -6.81
C46 PCW EB . 37.12 28.04 -6.72
C47 PCW EB . 37.13 28.84 -8.00
C48 PCW EB . 36.54 30.24 -7.77
N PCW EB . 28.68 27.29 3.24
O2 PCW EB . 25.16 27.28 -1.54
O3 PCW EB . 24.93 29.55 -3.29
O11 PCW EB . 26.49 30.52 -1.95
O31 PCW EB . 24.91 25.73 -3.24
O1P PCW EB . 24.28 29.06 1.11
O2P PCW EB . 23.13 27.64 2.80
O3P PCW EB . 23.34 26.83 0.36
O4P PCW EB . 25.22 26.87 1.92
P PCW EB . 23.97 27.67 1.58
C1 PCW FB . -12.84 38.67 -0.25
C2 PCW FB . -13.62 38.66 -1.62
C3 PCW FB . -13.68 37.20 -2.21
C4 PCW FB . -12.95 42.62 2.68
C5 PCW FB . -12.25 42.94 4.00
C6 PCW FB . -11.93 44.23 6.02
C7 PCW FB . -13.80 44.65 4.69
C8 PCW FB . -11.77 45.37 3.91
C11 PCW FB . -14.28 36.14 -4.27
C12 PCW FB . -15.10 36.35 -5.52
C13 PCW FB . -16.37 35.43 -5.43
C14 PCW FB . -17.33 35.52 -6.62
C15 PCW FB . -17.03 34.55 -7.80
C16 PCW FB . -17.90 33.25 -7.68
C17 PCW FB . -18.75 32.83 -8.94
C18 PCW FB . -18.13 31.69 -9.74
C19 PCW FB . -19.11 30.52 -9.99
C20 PCW FB . -18.80 29.21 -9.68
C21 PCW FB . -17.58 28.58 -9.11
C22 PCW FB . -18.06 27.66 -7.96
C23 PCW FB . -17.19 26.42 -7.61
C24 PCW FB . -17.31 25.87 -6.23
C25 PCW FB . -16.37 26.35 -5.09
C26 PCW FB . -16.19 25.40 -3.91
C27 PCW FB . -16.96 25.72 -2.61
C28 PCW FB . -17.40 24.43 -1.96
C31 PCW FB . -15.78 38.43 -0.58
C32 PCW FB . -17.17 39.08 -0.52
C33 PCW FB . -18.06 38.92 -1.83
C34 PCW FB . -19.04 40.08 -2.05
C35 PCW FB . -20.24 39.46 -2.88
C36 PCW FB . -19.92 39.32 -4.38
C37 PCW FB . -21.05 38.72 -5.26
C38 PCW FB . -20.85 37.26 -5.51
C39 PCW FB . -21.93 36.65 -6.36
C40 PCW FB . -22.21 35.36 -6.50
C41 PCW FB . -21.43 34.24 -5.81
C42 PCW FB . -22.29 32.90 -5.93
C43 PCW FB . -21.82 31.82 -6.89
C44 PCW FB . -22.80 30.67 -6.79
C45 PCW FB . -23.48 30.31 -8.09
C46 PCW FB . -22.81 29.18 -8.83
C47 PCW FB . -23.54 28.61 -10.01
C48 PCW FB . -22.74 27.48 -10.67
N PCW FB . -12.42 44.23 4.63
O2 PCW FB . -15.03 39.15 -1.43
O3 PCW FB . -14.41 37.22 -3.45
O11 PCW FB . -13.61 35.16 -4.05
O31 PCW FB . -15.42 37.40 0.06
O1P PCW FB . -14.80 41.11 1.05
O2P PCW FB . -13.94 39.18 2.39
O3P PCW FB . -12.66 39.99 0.31
O4P PCW FB . -12.69 41.23 2.41
P PCW FB . -13.60 40.36 1.56
C1 PCW GB . -18.92 28.21 19.65
C2 PCW GB . -20.17 28.38 18.71
C3 PCW GB . -21.50 28.35 19.56
C4 PCW GB . -19.60 31.57 20.94
C5 PCW GB . -19.76 33.09 20.84
C6 PCW GB . -18.84 33.54 23.18
C7 PCW GB . -19.12 35.37 21.58
C8 PCW GB . -20.44 34.31 22.33
C11 PCW GB . -23.76 29.06 19.21
C12 PCW GB . -24.82 29.12 18.14
C13 PCW GB . -24.83 30.58 17.55
C14 PCW GB . -25.86 30.84 16.44
C15 PCW GB . -27.31 30.39 16.75
C16 PCW GB . -28.09 30.06 15.42
C17 PCW GB . -27.60 28.81 14.61
C18 PCW GB . -28.75 28.00 14.00
C19 PCW GB . -29.26 28.57 12.65
C20 PCW GB . -28.99 27.96 11.43
C21 PCW GB . -28.25 26.73 11.07
C22 PCW GB . -29.31 25.64 10.78
C23 PCW GB . -28.93 24.52 9.76
C24 PCW GB . -28.72 23.14 10.32
C25 PCW GB . -29.36 21.90 9.63
C26 PCW GB . -30.73 21.47 10.15
C27 PCW GB . -31.56 20.52 9.27
C28 PCW GB . -32.62 19.84 10.10
C31 PCW GB . -20.29 29.62 16.70
C32 PCW GB . -20.21 31.05 16.12
C33 PCW GB . -21.60 31.66 15.62
C34 PCW GB . -21.48 32.42 14.30
C35 PCW GB . -22.91 32.34 13.62
C36 PCW GB . -23.31 33.65 12.92
C37 PCW GB . -24.70 33.66 12.23
C38 PCW GB . -24.66 34.31 10.88
C39 PCW GB . -26.01 34.33 10.20
C40 PCW GB . -26.27 33.96 8.94
C41 PCW GB . -25.22 33.46 7.96
C42 PCW GB . -25.94 32.46 6.93
C43 PCW GB . -25.72 30.97 7.09
C44 PCW GB . -26.51 30.29 5.99
C45 PCW GB . -27.90 29.85 6.37
C46 PCW GB . -28.14 28.38 6.17
C47 PCW GB . -29.48 27.85 6.65
C48 PCW GB . -29.59 26.35 6.38
N PCW GB . -19.11 33.94 21.78
O2 PCW GB . -20.12 29.70 18.01
O3 PCW GB . -22.63 28.50 18.69
O11 PCW GB . -23.89 29.45 20.34
O31 PCW GB . -20.51 28.57 16.03
O1P PCW GB . -17.38 29.82 21.62
O2P PCW GB . -16.27 31.03 19.74
O3P PCW GB . -17.77 29.00 19.26
O4P PCW GB . -18.65 31.18 19.92
P PCW GB . -17.46 30.28 20.19
C1 PCW HB . 6.00 11.04 35.24
C2 PCW HB . 5.64 9.50 35.33
C3 PCW HB . 5.94 8.95 36.77
C4 PCW HB . 7.19 14.71 33.09
C5 PCW HB . 8.67 14.95 33.38
C6 PCW HB . 10.90 15.04 32.15
C7 PCW HB . 9.24 16.81 31.84
C8 PCW HB . 10.15 16.35 33.39
C11 PCW HB . 5.16 7.04 38.00
C12 PCW HB . 4.88 5.58 37.82
C13 PCW HB . 3.50 5.43 37.07
C14 PCW HB . 3.05 3.99 36.80
C15 PCW HB . 2.19 3.77 35.52
C16 PCW HB . 2.66 2.49 34.74
C17 PCW HB . 2.46 2.48 33.18
C18 PCW HB . 1.75 1.23 32.67
C19 PCW HB . 1.60 1.22 31.13
C20 PCW HB . 0.68 0.39 30.48
C21 PCW HB . -0.30 -0.59 30.97
C22 PCW HB . -0.64 -1.52 29.78
C23 PCW HB . -0.77 -3.04 30.06
C24 PCW HB . -2.05 -3.71 29.63
C25 PCW HB . -3.25 -3.83 30.60
C26 PCW HB . -3.13 -4.85 31.72
C27 PCW HB . -4.41 -5.27 32.46
C28 PCW HB . -4.36 -4.79 33.89
C31 PCW HB . 3.90 8.23 34.35
C32 PCW HB . 2.37 8.18 34.15
C33 PCW HB . 1.83 8.90 32.83
C34 PCW HB . 1.21 7.95 31.82
C35 PCW HB . 2.43 7.29 31.05
C36 PCW HB . 3.13 8.27 30.09
C37 PCW HB . 4.34 7.67 29.29
C38 PCW HB . 5.11 8.73 28.58
C39 PCW HB . 6.28 8.19 27.80
C40 PCW HB . 6.32 7.90 26.50
C41 PCW HB . 5.16 8.10 25.55
C42 PCW HB . 4.79 6.69 24.90
C43 PCW HB . 3.93 5.73 25.70
C44 PCW HB . 3.75 4.49 24.85
C45 PCW HB . 4.72 3.35 25.13
C46 PCW HB . 5.22 2.66 23.91
C47 PCW HB . 6.70 2.41 23.83
C48 PCW HB . 7.08 1.69 22.53
N PCW HB . 9.51 15.48 32.36
O2 PCW HB . 4.19 9.31 35.06
O3 PCW HB . 5.60 7.56 36.82
O11 PCW HB . 5.02 7.66 39.02
O31 PCW HB . 4.73 7.38 33.89
O1P PCW HB . 4.49 13.67 32.92
O2P PCW HB . 4.65 13.65 35.41
O3P PCW HB . 5.57 11.67 34.02
O4P PCW HB . 6.69 13.84 34.13
P PCW HB . 5.28 13.25 34.12
C1 PCW IB . 15.99 35.91 -8.18
C2 PCW IB . 15.90 35.94 -9.75
C3 PCW IB . 15.84 34.48 -10.31
C4 PCW IB . 15.16 39.78 -5.26
C5 PCW IB . 15.87 40.13 -3.96
C6 PCW IB . 17.54 41.94 -3.27
C7 PCW IB . 15.13 42.39 -3.26
C8 PCW IB . 16.06 41.18 -2.21
C11 PCW IB . 16.90 34.30 -12.46
C12 PCW IB . 16.60 34.40 -13.93
C13 PCW IB . 16.63 32.94 -14.54
C14 PCW IB . 16.34 32.87 -16.04
C15 PCW IB . 15.24 31.86 -16.47
C16 PCW IB . 15.74 30.97 -17.67
C17 PCW IB . 15.17 29.51 -17.76
C18 PCW IB . 15.12 28.97 -19.20
C19 PCW IB . 15.76 27.58 -19.34
C20 PCW IB . 16.26 27.11 -20.55
C21 PCW IB . 16.33 27.71 -21.91
C22 PCW IB . 15.62 26.72 -22.87
C23 PCW IB . 16.04 26.75 -24.37
C24 PCW IB . 14.97 27.04 -25.36
C25 PCW IB . 15.14 28.16 -26.42
C26 PCW IB . 15.41 29.56 -25.90
C27 PCW IB . 14.21 30.53 -25.75
C28 PCW IB . 14.60 31.69 -24.87
C31 PCW IB . 14.82 37.50 -11.18
C32 PCW IB . 13.45 38.12 -11.51
C33 PCW IB . 12.75 37.55 -12.83
C34 PCW IB . 11.43 36.83 -12.56
C35 PCW IB . 11.83 35.47 -11.85
C36 PCW IB . 12.21 34.35 -12.84
C37 PCW IB . 12.62 32.98 -12.21
C38 PCW IB . 13.22 32.06 -13.21
C39 PCW IB . 13.62 30.73 -12.61
C40 PCW IB . 13.62 29.56 -13.22
C41 PCW IB . 13.20 29.33 -14.66
C42 PCW IB . 11.74 28.70 -14.67
C43 PCW IB . 11.04 28.51 -16.00
C44 PCW IB . 9.67 27.89 -15.71
C45 PCW IB . 9.36 26.64 -16.49
C46 PCW IB . 8.01 26.68 -17.15
C47 PCW IB . 7.28 25.36 -17.26
C48 PCW IB . 5.92 25.54 -17.96
N PCW IB . 16.18 41.50 -3.67
O2 PCW IB . 14.65 36.63 -10.19
O3 PCW IB . 15.76 34.52 -11.75
O11 PCW IB . 17.98 34.07 -11.98
O31 PCW IB . 15.92 37.78 -11.75
O1P PCW IB . 13.80 38.44 -7.44
O2P PCW IB . 14.14 36.42 -6.00
O3P PCW IB . 16.01 37.22 -7.57
O4P PCW IB . 15.42 38.38 -5.52
P PCW IB . 14.76 37.60 -6.65
C1 PCW JB . -0.72 40.99 -5.66
C2 PCW JB . -1.17 41.26 -7.15
C3 PCW JB . -2.46 42.14 -7.18
C4 PCW JB . 0.87 45.31 -5.29
C5 PCW JB . -0.47 45.90 -5.74
C6 PCW JB . -1.59 45.79 -3.45
C7 PCW JB . -2.49 47.25 -5.20
C8 PCW JB . -2.37 45.40 -5.20
C11 PCW JB . -2.82 43.66 -8.99
C12 PCW JB . -3.24 43.68 -10.43
C13 PCW JB . -4.60 44.46 -10.53
C14 PCW JB . -5.18 44.57 -11.95
C15 PCW JB . -6.41 43.67 -12.25
C16 PCW JB . -6.03 42.54 -13.28
C17 PCW JB . -7.21 41.74 -13.93
C18 PCW JB . -6.88 40.28 -14.19
C19 PCW JB . -8.01 39.31 -13.75
C20 PCW JB . -7.77 38.16 -13.01
C21 PCW JB . -6.53 37.56 -12.46
C22 PCW JB . -6.03 36.53 -13.52
C23 PCW JB . -4.80 36.93 -14.37
C24 PCW JB . -4.80 36.47 -15.80
C25 PCW JB . -4.63 34.97 -16.17
C26 PCW JB . -5.66 34.38 -17.10
C27 PCW JB . -5.34 33.02 -17.75
C28 PCW JB . -6.15 32.83 -19.01
C31 PCW JB . 0.87 41.24 -8.36
C32 PCW JB . 1.86 42.14 -9.11
C33 PCW JB . 1.88 42.00 -10.70
C34 PCW JB . 2.50 40.68 -11.19
C35 PCW JB . 1.36 39.94 -11.98
C36 PCW JB . 1.21 38.45 -11.56
C37 PCW JB . 0.09 37.66 -12.30
C38 PCW JB . 0.27 36.18 -12.15
C39 PCW JB . -0.80 35.39 -12.85
C40 PCW JB . -0.70 34.73 -14.00
C41 PCW JB . 0.56 34.66 -14.83
C42 PCW JB . 0.16 34.82 -16.37
C43 PCW JB . -0.15 36.20 -16.91
C44 PCW JB . -0.49 36.02 -18.39
C45 PCW JB . -1.89 35.56 -18.68
C46 PCW JB . -1.99 34.58 -19.81
C47 PCW JB . -1.73 33.13 -19.47
C48 PCW JB . -1.86 32.24 -20.71
N PCW JB . -1.38 46.43 -4.77
O2 PCW JB . -0.11 42.00 -7.89
O3 PCW JB . -2.85 42.38 -8.54
O11 PCW JB . -2.51 44.62 -8.34
O31 PCW JB . 0.98 39.99 -8.21
O1P PCW JB . 0.74 43.37 -3.14
O2P PCW JB . 1.86 41.88 -4.80
O3P PCW JB . -0.71 42.16 -4.82
O4P PCW JB . 0.81 43.89 -5.60
P PCW JB . 0.74 42.81 -4.53
C1 PCW KB . 13.92 28.74 -4.37
C2 PCW KB . 14.93 27.66 -4.93
C3 PCW KB . 15.45 28.08 -6.35
C4 PCW KB . 13.53 32.55 -2.87
C5 PCW KB . 14.19 33.80 -3.44
C6 PCW KB . 14.88 36.09 -2.53
C7 PCW KB . 16.29 34.11 -2.16
C8 PCW KB . 15.87 34.92 -3.77
C11 PCW KB . 15.85 25.96 -7.42
C12 PCW KB . 16.97 25.08 -7.87
C13 PCW KB . 17.33 25.48 -9.35
C14 PCW KB . 18.47 24.67 -9.98
C15 PCW KB . 18.56 24.75 -11.54
C16 PCW KB . 20.01 24.42 -12.03
C17 PCW KB . 21.00 25.61 -12.20
C18 PCW KB . 22.11 25.34 -13.21
C19 PCW KB . 23.47 25.02 -12.54
C20 PCW KB . 24.06 23.76 -12.62
C21 PCW KB . 23.64 22.49 -13.28
C22 PCW KB . 23.39 21.47 -12.13
C23 PCW KB . 21.91 21.13 -11.81
C24 PCW KB . 21.48 19.69 -11.97
C25 PCW KB . 20.04 19.24 -11.64
C26 PCW KB . 19.91 18.05 -10.71
C27 PCW KB . 20.44 16.68 -11.19
C28 PCW KB . 19.31 15.83 -11.73
C31 PCW KB . 16.38 26.32 -3.61
C32 PCW KB . 17.62 26.38 -2.72
C33 PCW KB . 17.36 26.23 -1.14
C34 PCW KB . 16.69 24.91 -0.75
C35 PCW KB . 17.81 23.81 -0.89
C36 PCW KB . 17.47 22.74 -1.96
C37 PCW KB . 18.54 21.61 -2.14
C38 PCW KB . 18.30 20.47 -1.20
C39 PCW KB . 19.31 19.35 -1.36
C40 PCW KB . 19.05 18.07 -1.51
C41 PCW KB . 17.66 17.47 -1.56
C42 PCW KB . 17.76 15.90 -1.27
C43 PCW KB . 17.42 14.94 -2.39
C44 PCW KB . 17.60 13.53 -1.84
C45 PCW KB . 17.33 12.43 -2.82
C46 PCW KB . 16.01 11.75 -2.60
C47 PCW KB . 15.80 10.42 -3.29
C48 PCW KB . 14.41 9.84 -2.99
N PCW KB . 15.01 34.62 -2.59
O2 PCW KB . 16.12 27.56 -4.03
O3 PCW KB . 16.36 27.09 -6.85
O11 PCW KB . 14.67 25.73 -7.55
O31 PCW KB . 15.73 25.27 -3.90
O1P PCW KB . 14.84 30.62 -1.15
O2P PCW KB . 16.33 30.32 -3.11
O3P PCW KB . 14.09 29.03 -2.97
O4P PCW KB . 14.23 31.42 -3.45
P PCW KB . 14.94 30.36 -2.62
C1 PCW LB . 7.64 41.66 -9.01
C2 PCW LB . 7.34 40.18 -9.46
C3 PCW LB . 7.53 40.04 -11.01
C4 PCW LB . 4.87 41.69 -6.73
C5 PCW LB . 4.02 40.42 -6.66
C6 PCW LB . 4.34 37.97 -6.02
C7 PCW LB . 4.11 39.69 -4.28
C8 PCW LB . 2.85 39.15 -5.55
C11 PCW LB . 7.66 38.29 -12.64
C12 PCW LB . 7.29 36.84 -12.83
C13 PCW LB . 5.73 36.71 -12.69
C14 PCW LB . 5.18 35.29 -12.86
C15 PCW LB . 3.88 35.17 -13.71
C16 PCW LB . 4.22 35.07 -15.23
C17 PCW LB . 4.41 33.64 -15.84
C18 PCW LB . 4.45 33.62 -17.37
C19 PCW LB . 5.88 33.83 -17.93
C20 PCW LB . 6.69 32.77 -18.32
C21 PCW LB . 6.48 31.30 -18.30
C22 PCW LB . 7.17 30.75 -19.59
C23 PCW LB . 7.09 29.22 -19.83
C24 PCW LB . 6.35 28.77 -21.07
C25 PCW LB . 4.83 28.45 -21.02
C26 PCW LB . 4.28 27.57 -22.13
C27 PCW LB . 3.00 26.75 -21.83
C28 PCW LB . 1.97 26.99 -22.91
C31 PCW LB . 7.99 38.91 -7.56
C32 PCW LB . 9.07 37.94 -7.04
C33 PCW LB . 10.54 38.14 -7.66
C34 PCW LB . 10.97 36.99 -8.57
C35 PCW LB . 11.46 35.84 -7.60
C36 PCW LB . 12.03 34.62 -8.34
C37 PCW LB . 12.52 33.45 -7.43
C38 PCW LB . 13.97 33.16 -7.62
C39 PCW LB . 14.46 32.03 -6.74
C40 PCW LB . 15.73 31.67 -6.56
C41 PCW LB . 16.92 32.33 -7.21
C42 PCW LB . 17.63 31.24 -8.15
C43 PCW LB . 17.43 31.36 -9.66
C44 PCW LB . 18.21 30.22 -10.29
C45 PCW LB . 17.42 29.36 -11.25
C46 PCW LB . 18.19 28.97 -12.48
C47 PCW LB . 17.49 29.14 -13.81
C48 PCW LB . 18.39 28.70 -14.97
N PCW LB . 4.32 39.41 -5.70
O2 PCW LB . 8.30 39.24 -8.81
O3 PCW LB . 7.27 38.69 -11.39
O11 PCW LB . 8.21 38.98 -13.45
O31 PCW LB . 6.98 39.31 -6.91
O1P PCW LB . 6.43 44.03 -7.53
O2P PCW LB . 4.72 44.18 -9.34
O3P PCW LB . 6.76 42.65 -9.60
O4P PCW LB . 4.90 42.11 -8.12
P PCW LB . 5.69 43.32 -8.62
C1 PCW MB . 28.30 23.53 6.30
C2 PCW MB . 27.07 22.88 5.55
C3 PCW MB . 26.82 23.60 4.18
C4 PCW MB . 24.99 24.99 9.13
C5 PCW MB . 24.93 23.61 9.76
C6 PCW MB . 26.41 22.64 11.59
C7 PCW MB . 24.25 23.63 12.16
C8 PCW MB . 24.57 22.13 11.13
C11 PCW MB . 24.49 23.62 3.62
C12 PCW MB . 23.46 22.82 2.87
C13 PCW MB . 23.20 23.52 1.49
C14 PCW MB . 22.17 22.83 0.59
C15 PCW MB . 22.07 23.36 -0.87
C16 PCW MB . 22.37 22.22 -1.90
C17 PCW MB . 22.99 22.63 -3.28
C18 PCW MB . 23.46 21.44 -4.11
C19 PCW MB . 22.93 21.47 -5.56
C20 PCW MB . 21.92 20.64 -6.01
C21 PCW MB . 21.13 19.58 -5.33
C22 PCW MB . 19.92 19.27 -6.26
C23 PCW MB . 18.67 18.64 -5.62
C24 PCW MB . 18.51 17.16 -5.78
C25 PCW MB . 18.15 16.53 -7.15
C26 PCW MB . 16.68 16.37 -7.47
C27 PCW MB . 16.16 16.90 -8.83
C28 PCW MB . 15.25 18.08 -8.61
C31 PCW MB . 27.03 20.62 6.24
C32 PCW MB . 27.38 19.19 5.80
C33 PCW MB . 26.83 18.77 4.35
C34 PCW MB . 27.18 17.34 3.96
C35 PCW MB . 27.78 17.43 2.49
C36 PCW MB . 28.05 16.03 1.88
C37 PCW MB . 28.63 16.04 0.44
C38 PCW MB . 27.92 15.07 -0.46
C39 PCW MB . 28.47 15.06 -1.86
C40 PCW MB . 27.89 14.56 -2.95
C41 PCW MB . 26.51 13.90 -2.95
C42 PCW MB . 25.44 14.99 -3.40
C43 PCW MB . 24.05 14.53 -3.78
C44 PCW MB . 23.25 15.77 -4.16
C45 PCW MB . 23.23 16.09 -5.64
C46 PCW MB . 22.13 15.43 -6.40
C47 PCW MB . 22.49 14.84 -7.74
C48 PCW MB . 21.28 14.19 -8.41
N PCW MB . 25.27 23.45 11.15
O2 PCW MB . 27.35 21.45 5.26
O3 PCW MB . 25.70 22.99 3.53
O11 PCW MB . 24.28 24.64 4.21
O31 PCW MB . 26.55 20.94 7.37
O1P PCW MB . 27.80 25.76 9.31
O2P PCW MB . 27.49 26.24 6.87
O3P PCW MB . 28.05 23.84 7.68
O4P PCW MB . 25.86 24.87 7.97
P PCW MB . 27.32 25.26 7.97
C1 PCW NB . 17.76 26.24 9.46
C2 PCW NB . 17.21 24.92 8.77
C3 PCW NB . 15.65 25.00 8.64
C4 PCW NB . 20.24 27.41 5.31
C5 PCW NB . 21.65 27.06 5.80
C6 PCW NB . 24.16 27.45 5.56
C7 PCW NB . 22.59 29.31 5.29
C8 PCW NB . 22.93 28.30 6.81
C11 PCW NB . 14.13 23.13 8.62
C12 PCW NB . 13.78 21.91 7.81
C13 PCW NB . 12.85 22.35 6.62
C14 PCW NB . 12.41 21.21 5.70
C15 PCW NB . 11.18 21.52 4.79
C16 PCW NB . 11.33 20.80 3.40
C17 PCW NB . 11.04 19.26 3.36
C18 PCW NB . 9.64 18.91 2.81
C19 PCW NB . 9.69 18.17 1.46
C20 PCW NB . 9.58 16.80 1.34
C21 PCW NB . 9.42 15.73 2.36
C22 PCW NB . 9.61 14.37 1.61
C23 PCW NB . 8.69 13.19 2.03
C24 PCW NB . 7.82 12.60 0.97
C25 PCW NB . 7.10 11.24 1.18
C26 PCW NB . 6.12 10.81 0.11
C27 PCW NB . 6.26 9.40 -0.49
C28 PCW NB . 7.08 9.46 -1.76
C31 PCW NB . 18.56 23.75 7.22
C32 PCW NB . 19.06 23.75 5.76
C33 PCW NB . 17.91 23.70 4.64
C34 PCW NB . 18.29 22.87 3.42
C35 PCW NB . 16.97 22.08 3.03
C36 PCW NB . 16.91 20.67 3.65
C37 PCW NB . 15.63 19.84 3.32
C38 PCW NB . 15.90 18.37 3.37
C39 PCW NB . 14.67 17.55 3.06
C40 PCW NB . 14.65 16.30 2.60
C41 PCW NB . 15.88 15.46 2.29
C42 PCW NB . 15.44 13.93 2.23
C43 PCW NB . 14.67 13.45 1.01
C44 PCW NB . 14.39 11.97 1.20
C45 PCW NB . 13.09 11.48 0.62
C46 PCW NB . 12.69 10.11 1.09
C47 PCW NB . 11.32 9.62 0.65
C48 PCW NB . 11.05 8.22 1.21
N PCW NB . 22.76 27.88 5.39
O2 PCW NB . 17.76 24.80 7.39
O3 PCW NB . 15.16 23.80 8.02
O11 PCW NB . 13.59 23.47 9.64
O31 PCW NB . 18.87 22.90 8.09
O1P PCW NB . 20.23 28.51 8.27
O2P PCW NB . 18.62 28.62 7.03
O3P PCW NB . 17.87 27.36 8.56
O4P PCW NB . 19.28 26.96 6.32
P PCW NB . 19.26 27.48 7.75
C1 PCW OB . -17.65 41.01 3.91
C2 PCW OB . -18.44 39.91 3.11
C3 PCW OB . -17.74 38.51 3.31
C4 PCW OB . -19.43 42.41 8.27
C5 PCW OB . -20.16 41.41 9.18
C6 PCW OB . -20.05 40.07 11.35
C7 PCW OB . -19.52 42.46 11.34
C8 PCW OB . -21.14 41.66 10.96
C11 PCW OB . -18.31 36.21 2.96
C12 PCW OB . -19.17 35.33 2.09
C13 PCW OB . -20.04 34.40 3.02
C14 PCW OB . -20.96 33.43 2.30
C15 PCW OB . -21.88 32.55 3.20
C16 PCW OB . -22.60 33.42 4.28
C17 PCW OB . -24.11 33.82 4.02
C18 PCW OB . -24.30 34.77 2.85
C19 PCW OB . -25.69 34.65 2.18
C20 PCW OB . -25.98 33.66 1.26
C21 PCW OB . -25.19 32.54 0.68
C22 PCW OB . -25.39 31.32 1.61
C23 PCW OB . -26.40 30.23 1.17
C24 PCW OB . -27.07 29.44 2.25
C25 PCW OB . -28.41 28.69 1.97
C26 PCW OB . -29.69 29.43 2.33
C27 PCW OB . -30.95 29.10 1.52
C28 PCW OB . -32.17 29.72 2.18
C31 PCW OB . -20.75 40.42 2.89
C32 PCW OB . -22.12 40.22 3.56
C33 PCW OB . -23.31 39.87 2.55
C34 PCW OB . -23.37 38.40 2.16
C35 PCW OB . -22.63 38.30 0.77
C36 PCW OB . -22.13 36.87 0.47
C37 PCW OB . -21.39 36.69 -0.90
C38 PCW OB . -20.86 35.30 -1.07
C39 PCW OB . -20.14 35.11 -2.38
C40 PCW OB . -18.84 34.97 -2.57
C41 PCW OB . -17.81 34.98 -1.45
C42 PCW OB . -17.25 33.50 -1.27
C43 PCW OB . -17.73 32.69 -0.08
C44 PCW OB . -17.04 31.34 -0.16
C45 PCW OB . -17.22 30.45 1.04
C46 PCW OB . -17.32 29.00 0.72
C47 PCW OB . -18.34 28.21 1.51
C48 PCW OB . -18.35 26.72 1.07
N PCW OB . -19.76 41.27 10.54
O2 PCW OB . -19.83 39.79 3.63
O3 PCW OB . -18.47 37.51 2.58
O11 PCW OB . -17.62 35.83 3.87
O31 PCW OB . -20.53 41.07 1.82
O1P PCW OB . -17.72 43.43 6.17
O2P PCW OB . -19.69 42.94 4.73
O3P PCW OB . -18.00 41.09 5.30
O4P PCW OB . -19.61 41.95 6.91
P PCW OB . -18.76 42.43 5.76
C1 PCW PB . 19.45 5.51 35.59
C2 PCW PB . 18.07 4.79 35.90
C3 PCW PB . 16.89 5.62 35.30
C4 PCW PB . 20.81 2.94 38.10
C5 PCW PB . 20.35 3.42 39.48
C6 PCW PB . 21.06 1.42 40.64
C7 PCW PB . 18.79 1.80 40.30
C8 PCW PB . 19.83 3.09 41.86
C11 PCW PB . 14.60 5.72 36.01
C12 PCW PB . 13.41 4.82 36.26
C13 PCW PB . 13.32 4.51 37.79
C14 PCW PB . 12.15 3.61 38.21
C15 PCW PB . 12.03 3.31 39.73
C16 PCW PB . 11.91 1.77 39.98
C17 PCW PB . 11.21 1.32 41.30
C18 PCW PB . 10.26 0.13 41.11
C19 PCW PB . 10.91 -1.23 41.47
C20 PCW PB . 10.23 -2.22 42.16
C21 PCW PB . 8.84 -2.28 42.70
C22 PCW PB . 8.57 -3.77 43.08
C23 PCW PB . 7.76 -4.05 44.37
C24 PCW PB . 6.82 -5.21 44.34
C25 PCW PB . 6.95 -6.37 45.37
C26 PCW PB . 6.17 -7.64 45.05
C27 PCW PB . 5.39 -8.31 46.21
C28 PCW PB . 4.06 -8.82 45.71
C31 PCW PB . 17.96 2.43 36.11
C32 PCW PB . 17.95 1.13 35.28
C33 PCW PB . 19.35 0.75 34.61
C34 PCW PB . 19.32 -0.55 33.81
C35 PCW PB . 20.26 -1.56 34.59
C36 PCW PB . 19.46 -2.50 35.55
C37 PCW PB . 20.32 -3.52 36.34
C38 PCW PB . 19.47 -4.52 37.05
C39 PCW PB . 20.27 -5.53 37.83
C40 PCW PB . 20.66 -6.74 37.42
C41 PCW PB . 20.36 -7.32 36.05
C42 PCW PB . 18.96 -8.09 36.12
C43 PCW PB . 18.52 -8.91 34.94
C44 PCW PB . 17.17 -9.53 35.29
C45 PCW PB . 15.99 -8.98 34.53
C46 PCW PB . 15.38 -9.95 33.58
C47 PCW PB . 14.20 -10.75 34.09
C48 PCW PB . 13.66 -11.70 33.01
N PCW PB . 20.03 2.48 40.51
O2 PCW PB . 18.05 3.45 35.25
O3 PCW PB . 15.65 4.95 35.60
O11 PCW PB . 14.61 6.91 36.15
O31 PCW PB . 17.88 2.50 37.37
O1P PCW PB . 22.02 2.75 35.47
O2P PCW PB . 22.76 5.07 35.99
O3P PCW PB . 20.43 4.64 34.97
O4P PCW PB . 21.00 4.13 37.30
P PCW PB . 21.62 4.12 35.92
C1 PCW QB . 17.27 14.15 29.49
C2 PCW QB . 17.08 13.55 28.04
C3 PCW QB . 17.87 14.41 27.00
C4 PCW QB . 21.70 14.88 31.26
C5 PCW QB . 22.64 13.83 30.69
C6 PCW QB . 24.83 13.07 30.00
C7 PCW QB . 24.43 13.53 32.25
C8 PCW QB . 24.62 15.31 30.85
C11 PCW QB . 18.81 13.57 24.95
C12 PCW QB . 18.41 13.00 23.62
C13 PCW QB . 18.74 14.07 22.52
C14 PCW QB . 18.40 13.66 21.08
C15 PCW QB . 19.20 12.45 20.50
C16 PCW QB . 20.74 12.60 20.74
C17 PCW QB . 21.44 13.88 20.16
C18 PCW QB . 21.14 14.13 18.68
C19 PCW QB . 22.08 13.36 17.72
C20 PCW QB . 21.66 12.87 16.50
C21 PCW QB . 20.35 12.93 15.80
C22 PCW QB . 20.61 12.60 14.30
C23 PCW QB . 20.08 11.24 13.77
C24 PCW QB . 19.76 11.18 12.30
C25 PCW QB . 20.15 9.95 11.45
C26 PCW QB . 19.14 8.83 11.36
C27 PCW QB . 19.65 7.37 11.36
C28 PCW QB . 19.91 6.90 9.96
C31 PCW QB . 16.74 11.26 27.57
C32 PCW QB . 17.42 9.88 27.58
C33 PCW QB . 17.81 9.31 26.13
C34 PCW QB . 19.30 9.37 25.85
C35 PCW QB . 19.49 8.64 24.45
C36 PCW QB . 20.89 8.89 23.83
C37 PCW QB . 21.14 8.19 22.46
C38 PCW QB . 21.33 6.71 22.61
C39 PCW QB . 21.58 6.00 21.31
C40 PCW QB . 20.84 5.04 20.77
C41 PCW QB . 19.59 4.46 21.41
C42 PCW QB . 18.35 4.77 20.44
C43 PCW QB . 17.78 6.18 20.44
C44 PCW QB . 16.62 6.18 19.45
C45 PCW QB . 16.31 7.51 18.83
C46 PCW QB . 16.76 7.62 17.40
C47 PCW QB . 17.81 8.67 17.11
C48 PCW QB . 18.19 8.67 15.62
N PCW QB . 24.05 13.93 30.93
O2 PCW QB . 17.62 12.16 27.99
O3 PCW QB . 17.69 13.86 25.68
O11 PCW QB . 19.94 13.76 25.32
O31 PCW QB . 15.54 11.50 27.20
O1P PCW QB . 19.21 16.16 30.54
O2P PCW QB . 18.30 14.84 32.45
O3P PCW QB . 18.52 13.78 30.12
O4P PCW QB . 20.44 14.22 31.54
P PCW QB . 19.10 14.82 31.19
C1 PCW RB . 22.40 21.82 15.38
C2 PCW RB . 20.93 21.47 14.92
C3 PCW RB . 20.15 22.80 14.60
C4 PCW RB . 24.98 18.30 13.88
C5 PCW RB . 25.05 16.95 14.59
C6 PCW RB . 23.43 16.41 16.49
C7 PCW RB . 23.28 15.22 14.35
C8 PCW RB . 24.67 15.19 15.57
C11 PCW RB . 18.46 22.74 12.89
C12 PCW RB . 17.01 22.37 12.68
C13 PCW RB . 16.94 20.90 12.13
C14 PCW RB . 15.52 20.38 11.87
C15 PCW RB . 15.32 19.58 10.55
C16 PCW RB . 13.86 19.05 10.44
C17 PCW RB . 13.40 18.44 9.06
C18 PCW RB . 11.90 18.40 8.88
C19 PCW RB . 11.48 17.75 7.53
C20 PCW RB . 10.22 17.94 6.97
C21 PCW RB . 9.04 18.73 7.41
C22 PCW RB . 7.84 17.75 7.44
C23 PCW RB . 6.62 18.07 6.53
C24 PCW RB . 5.26 17.79 7.09
C25 PCW RB . 4.63 18.72 8.17
C26 PCW RB . 4.45 20.17 7.80
C27 PCW RB . 3.13 20.87 8.20
C28 PCW RB . 3.42 22.21 8.82
C31 PCW RB . 21.20 19.37 13.86
C32 PCW RB . 21.18 18.67 12.49
C33 PCW RB . 19.75 18.07 12.06
C34 PCW RB . 19.78 16.56 11.81
C35 PCW RB . 18.27 16.12 11.68
C36 PCW RB . 18.10 14.76 10.96
C37 PCW RB . 16.64 14.27 10.80
C38 PCW RB . 16.26 13.26 11.84
C39 PCW RB . 14.85 12.76 11.71
C40 PCW RB . 14.47 11.56 11.31
C41 PCW RB . 15.42 10.44 10.93
C42 PCW RB . 14.64 9.06 11.04
C43 PCW RB . 15.39 7.77 10.75
C44 PCW RB . 14.41 6.63 10.94
C45 PCW RB . 14.71 5.38 10.15
C46 PCW RB . 14.12 4.13 10.76
C47 PCW RB . 15.10 3.02 11.08
C48 PCW RB . 14.36 1.82 11.70
N PCW RB . 23.85 16.33 15.07
O2 PCW RB . 20.94 20.66 13.67
O3 PCW RB . 18.80 22.49 14.18
O11 PCW RB . 19.19 23.19 12.04
O31 PCW RB . 21.44 18.79 14.97
O1P PCW RB . 25.89 21.03 14.27
O2P PCW RB . 24.80 20.76 16.49
O3P PCW RB . 23.42 21.44 14.43
O4P PCW RB . 24.26 19.18 14.77
P PCW RB . 24.67 20.62 15.03
C1 PCW SB . -7.20 32.36 13.81
C2 PCW SB . -7.17 31.74 12.36
C3 PCW SB . -8.16 30.53 12.28
C4 PCW SB . -4.95 32.28 17.44
C5 PCW SB . -4.82 33.33 18.55
C6 PCW SB . -5.68 32.15 20.63
C7 PCW SB . -3.75 33.65 20.76
C8 PCW SB . -5.49 34.08 20.33
C11 PCW SB . -8.33 28.64 10.82
C12 PCW SB . -8.26 28.26 9.35
C13 PCW SB . -9.73 28.12 8.81
C14 PCW SB . -9.85 27.73 7.34
C15 PCW SB . -11.20 27.05 6.93
C16 PCW SB . -11.61 27.46 5.47
C17 PCW SB . -13.09 27.18 5.04
C18 PCW SB . -13.25 26.84 3.56
C19 PCW SB . -14.52 26.01 3.27
C20 PCW SB . -14.47 24.78 2.62
C21 PCW SB . -13.35 23.98 2.07
C22 PCW SB . -13.46 24.06 0.53
C23 PCW SB . -12.64 23.03 -0.31
C24 PCW SB . -11.16 23.01 -0.08
C25 PCW SB . -10.18 22.57 -1.21
C26 PCW SB . -9.81 21.11 -1.25
C27 PCW SB . -9.35 20.52 -2.60
C28 PCW SB . -10.50 19.77 -3.25
C31 PCW SB . -6.69 33.04 10.44
C32 PCW SB . -7.29 34.08 9.48
C33 PCW SB . -7.69 33.52 8.03
C34 PCW SB . -9.19 33.58 7.76
C35 PCW SB . -9.79 32.27 8.39
C36 PCW SB . -10.66 32.55 9.64
C37 PCW SB . -11.29 31.30 10.33
C38 PCW SB . -12.43 31.68 11.22
C39 PCW SB . -13.05 30.48 11.89
C40 PCW SB . -14.33 30.11 11.84
C41 PCW SB . -15.40 30.84 11.06
C42 PCW SB . -16.68 29.89 10.94
C43 PCW SB . -18.00 30.36 11.51
C44 PCW SB . -19.02 29.26 11.27
C45 PCW SB . -19.90 28.93 12.44
C46 PCW SB . -21.37 29.12 12.16
C47 PCW SB . -22.33 28.25 12.94
C48 PCW SB . -23.79 28.56 12.57
N PCW SB . -4.66 32.92 19.90
O2 PCW SB . -7.62 32.75 11.36
O3 PCW SB . -8.12 29.97 10.95
O11 PCW SB . -8.55 27.87 11.72
O31 PCW SB . -5.53 32.53 10.37
O1P PCW SB . -5.26 30.84 14.94
O2P PCW SB . -3.54 32.45 14.13
O3P PCW SB . -6.03 33.11 14.15
O4P PCW SB . -4.68 32.95 16.18
P PCW SB . -4.82 32.27 14.82
C1 PCW TB . 0.39 33.05 13.22
C2 PCW TB . 0.05 32.06 12.04
C3 PCW TB . 1.33 31.25 11.63
C4 PCW TB . -3.32 34.34 11.61
C5 PCW TB . -3.31 34.69 10.13
C6 PCW TB . -1.16 33.98 8.96
C7 PCW TB . -3.34 33.27 8.10
C8 PCW TB . -2.67 34.99 8.22
C11 PCW TB . 1.05 30.83 9.27
C12 PCW TB . 0.65 29.74 8.32
C13 PCW TB . 1.87 29.44 7.37
C14 PCW TB . 1.64 28.35 6.33
C15 PCW TB . 2.91 27.73 5.68
C16 PCW TB . 2.62 26.29 5.14
C17 PCW TB . 3.86 25.40 4.77
C18 PCW TB . 3.67 23.93 5.12
C19 PCW TB . 4.52 22.98 4.24
C20 PCW TB . 4.13 21.69 3.94
C21 PCW TB . 2.94 20.89 4.31
C22 PCW TB . 3.19 19.44 3.80
C23 PCW TB . 2.40 18.29 4.50
C24 PCW TB . 2.14 17.06 3.68
C25 PCW TB . 2.00 15.67 4.35
C26 PCW TB . 3.12 14.68 4.07
C27 PCW TB . 2.72 13.24 3.66
C28 PCW TB . 3.83 12.61 2.87
C31 PCW TB . -1.99 30.94 11.62
C32 PCW TB . -2.97 29.89 12.19
C33 PCW TB . -2.79 28.40 11.63
C34 PCW TB . -2.94 28.30 10.11
C35 PCW TB . -4.39 27.75 9.86
C36 PCW TB . -4.40 26.26 9.46
C37 PCW TB . -5.80 25.64 9.20
C38 PCW TB . -5.94 25.12 7.81
C39 PCW TB . -7.29 24.51 7.53
C40 PCW TB . -7.88 24.39 6.34
C41 PCW TB . -7.27 24.86 5.04
C42 PCW TB . -8.40 25.62 4.19
C43 PCW TB . -8.30 25.60 2.68
C44 PCW TB . -9.50 26.39 2.16
C45 PCW TB . -9.19 27.37 1.05
C46 PCW TB . -9.57 26.87 -0.32
C47 PCW TB . -10.13 27.89 -1.28
C48 PCW TB . -10.48 27.24 -2.63
N PCW TB . -2.62 33.87 9.20
O2 PCW TB . -0.98 31.07 12.47
O3 PCW TB . 1.00 30.35 10.55
O11 PCW TB . 1.35 31.95 8.97
O31 PCW TB . -2.13 31.55 10.52
O1P PCW TB . -2.68 35.08 14.36
O2P PCW TB . -0.59 35.94 13.31
O3P PCW TB . -0.77 33.46 13.98
O4P PCW TB . -1.94 34.41 12.05
P PCW TB . -1.51 34.79 13.46
C1 PCW UB . -12.98 33.82 20.52
C2 PCW UB . -12.30 32.85 19.47
C3 PCW UB . -10.75 32.85 19.67
C4 PCW UB . -16.09 33.19 17.68
C5 PCW UB . -15.73 33.51 16.23
C6 PCW UB . -13.53 33.14 15.00
C7 PCW UB . -15.34 31.50 14.84
C8 PCW UB . -15.34 33.25 14.24
C11 PCW UB . -9.95 32.41 17.45
C12 PCW UB . -9.30 31.33 16.63
C13 PCW UB . -10.44 30.37 16.11
C14 PCW UB . -9.95 29.20 15.26
C15 PCW UB . -10.81 27.89 15.36
C16 PCW UB . -12.14 28.04 14.53
C17 PCW UB . -13.21 26.91 14.70
C18 PCW UB . -14.30 27.25 15.73
C19 PCW UB . -15.45 28.11 15.14
C20 PCW UB . -16.37 27.60 14.23
C21 PCW UB . -16.54 26.26 13.61
C22 PCW UB . -15.99 26.36 12.16
C23 PCW UB . -15.16 25.16 11.63
C24 PCW UB . -14.43 25.35 10.34
C25 PCW UB . -14.67 24.40 9.12
C26 PCW UB . -13.52 24.25 8.15
C27 PCW UB . -13.83 23.75 6.73
C28 PCW UB . -12.56 23.35 6.02
C31 PCW UB . -13.28 30.88 18.59
C32 PCW UB . -13.72 29.46 18.95
C33 PCW UB . -12.56 28.48 19.47
C34 PCW UB . -12.82 27.92 20.87
C35 PCW UB . -13.28 26.42 20.65
C36 PCW UB . -13.23 25.59 21.95
C37 PCW UB . -13.66 24.09 21.81
C38 PCW UB . -12.67 23.16 22.43
C39 PCW UB . -13.07 21.72 22.31
C40 PCW UB . -12.58 20.83 21.45
C41 PCW UB . -11.49 21.14 20.43
C42 PCW UB . -11.16 19.79 19.63
C43 PCW UB . -11.65 19.66 18.21
C44 PCW UB . -11.18 18.29 17.71
C45 PCW UB . -12.22 17.50 16.95
C46 PCW UB . -12.68 16.25 17.65
C47 PCW UB . -13.64 15.36 16.90
C48 PCW UB . -14.02 14.13 17.74
N PCW UB . -14.83 32.67 15.52
O2 PCW UB . -12.78 31.45 19.69
O3 PCW UB . -10.15 31.97 18.72
O11 PCW UB . -10.25 33.51 17.04
O31 PCW UB . -13.37 31.41 17.44
O1P PCW UB . -16.81 33.93 20.41
O2P PCW UB . -15.22 35.80 20.00
O3P PCW UB . -14.36 33.51 20.80
O4P PCW UB . -15.15 33.92 18.52
P PCW UB . -15.45 34.34 19.95
C1 PCW VB . -13.97 28.91 29.15
C2 PCW VB . -14.30 27.50 28.52
C3 PCW VB . -13.48 27.30 27.20
C4 PCW VB . -10.24 26.83 31.12
C5 PCW VB . -9.53 26.33 29.87
C6 PCW VB . -7.46 24.82 29.91
C7 PCW VB . -9.66 23.92 29.33
C8 PCW VB . -8.68 25.18 28.41
C11 PCW VB . -12.81 25.05 26.70
C12 PCW VB . -13.33 23.78 26.12
C13 PCW VB . -13.21 22.66 27.24
C14 PCW VB . -13.70 21.27 26.84
C15 PCW VB . -13.36 20.12 27.84
C16 PCW VB . -11.92 20.29 28.45
C17 PCW VB . -10.81 19.29 27.95
C18 PCW VB . -9.72 19.95 27.11
C19 PCW VB . -8.81 20.89 27.94
C20 PCW VB . -7.43 20.79 27.92
C21 PCW VB . -6.49 19.89 27.20
C22 PCW VB . -5.85 18.97 28.27
C23 PCW VB . -4.48 18.33 27.93
C24 PCW VB . -4.50 16.87 27.57
C25 PCW VB . -4.99 16.39 26.18
C26 PCW VB . -6.37 15.75 26.14
C27 PCW VB . -7.56 16.61 25.64
C28 PCW VB . -7.98 16.17 24.26
C31 PCW VB . -14.93 25.64 29.84
C32 PCW VB . -14.37 24.57 30.80
C33 PCW VB . -15.45 23.88 31.75
C34 PCW VB . -15.70 22.41 31.41
C35 PCW VB . -16.92 22.42 30.39
C36 PCW VB . -16.77 21.38 29.27
C37 PCW VB . -17.93 21.33 28.22
C38 PCW VB . -17.93 22.52 27.32
C39 PCW VB . -19.04 22.51 26.32
C40 PCW VB . -19.05 21.87 25.14
C41 PCW VB . -17.89 21.04 24.61
C42 PCW VB . -18.00 20.97 23.02
C43 PCW VB . -17.11 21.89 22.20
C44 PCW VB . -17.43 21.61 20.74
C45 PCW VB . -16.31 20.98 19.94
C46 PCW VB . -16.79 20.19 18.76
C47 PCW VB . -16.07 18.89 18.50
C48 PCW VB . -16.63 18.17 17.26
N PCW VB . -8.93 25.04 29.88
O2 PCW VB . -13.91 26.41 29.45
O3 PCW VB . -13.79 26.01 26.65
O11 PCW VB . -11.71 25.22 27.16
O31 PCW VB . -16.14 25.77 29.49
O1P PCW VB . -11.52 29.30 31.92
O2P PCW VB . -13.60 27.94 31.80
O3P PCW VB . -12.62 29.04 29.67
O4P PCW VB . -11.62 27.09 30.74
P PCW VB . -12.36 28.36 31.11
C1 PCW WB . 32.00 23.92 3.72
C2 PCW WB . 31.20 22.83 2.90
C3 PCW WB . 31.29 23.17 1.37
C4 PCW WB . 31.59 21.89 7.88
C5 PCW WB . 30.75 21.94 9.15
C6 PCW WB . 31.61 20.20 10.58
C7 PCW WB . 30.50 22.01 11.53
C8 PCW WB . 32.60 22.39 10.72
C11 PCW WB . 29.32 22.52 0.17
C12 PCW WB . 28.74 21.38 -0.61
C13 PCW WB . 27.59 20.73 0.25
C14 PCW WB . 26.88 19.53 -0.41
C15 PCW WB . 25.51 19.84 -1.07
C16 PCW WB . 24.86 18.53 -1.65
C17 PCW WB . 23.72 17.86 -0.82
C18 PCW WB . 24.24 17.11 0.41
C19 PCW WB . 23.15 16.23 1.08
C20 PCW WB . 22.42 16.66 2.18
C21 PCW WB . 22.43 17.92 2.95
C22 PCW WB . 20.94 18.30 3.18
C23 PCW WB . 20.51 18.68 4.63
C24 PCW WB . 19.38 17.88 5.21
C25 PCW WB . 19.63 16.52 5.91
C26 PCW WB . 18.81 15.34 5.41
C27 PCW WB . 19.37 14.53 4.23
C28 PCW WB . 19.24 13.05 4.51
C31 PCW WB . 31.35 20.81 4.15
C32 PCW WB . 32.08 19.45 4.20
C33 PCW WB . 31.17 18.18 3.84
C34 PCW WB . 31.07 17.17 4.97
C35 PCW WB . 31.26 15.74 4.28
C36 PCW WB . 30.32 14.67 4.89
C37 PCW WB . 30.44 13.24 4.27
C38 PCW WB . 29.18 12.82 3.58
C39 PCW WB . 29.28 11.44 2.99
C40 PCW WB . 29.69 11.13 1.75
C41 PCW WB . 30.16 12.13 0.73
C42 PCW WB . 29.55 11.73 -0.69
C43 PCW WB . 30.49 11.40 -1.82
C44 PCW WB . 29.63 11.06 -3.03
C45 PCW WB . 29.98 9.77 -3.72
C46 PCW WB . 30.97 9.93 -4.83
C47 PCW WB . 31.73 8.69 -5.25
C48 PCW WB . 32.70 9.00 -6.39
N PCW WB . 31.34 21.65 10.42
O2 PCW WB . 31.81 21.48 3.09
O3 PCW WB . 30.57 22.20 0.61
O11 PCW WB . 28.76 23.58 0.39
O31 PCW WB . 30.48 21.21 4.97
O1P PCW WB . 33.44 22.57 5.73
O2P PCW WB . 33.32 24.83 6.77
O3P PCW WB . 31.53 24.09 5.07
O4P PCW WB . 31.63 23.24 7.36
P PCW WB . 32.56 23.67 6.24
C1 17F XB . -11.82 19.10 35.30
N1 17F XB . -9.61 20.07 34.64
O1 17F XB . -12.12 18.55 38.11
P1 17F XB . -11.31 17.58 37.27
C2 17F XB . -11.03 20.03 34.36
O2 17F XB . -10.00 17.12 37.85
C3 17F XB . -11.61 21.46 34.46
O3 17F XB . -10.99 18.13 35.85
C4 17F XB . -11.57 15.19 36.20
O4 17F XB . -10.88 22.48 34.75
C5 17F XB . -12.54 13.99 36.05
O5 17F XB . -12.80 21.67 34.27
C6 17F XB . -13.67 14.36 35.06
O6 17F XB . -12.12 16.26 36.97
C7 17F XB . -14.84 12.88 33.68
O7 17F XB . -14.59 13.28 34.88
C8 17F XB . -15.89 11.73 33.78
O8 17F XB . -14.44 13.27 32.61
C9 17F XB . -15.25 10.37 34.12
O9 17F XB . -11.86 12.79 35.64
C10 17F XB . -16.25 9.16 34.24
O10 17F XB . -12.00 12.06 37.83
C11 17F XB . -16.90 8.72 32.88
C12 17F XB . -17.89 7.51 33.07
C17 17F XB . -11.66 11.96 36.65
C18 17F XB . -10.91 10.72 36.21
C19 17F XB . -11.74 9.72 35.37
C20 17F XB . -11.47 8.22 35.77
C1X 17F XB . -18.51 7.09 31.72
C1Y 17F XB . -12.32 7.27 34.92
C1Z 17F XB . -11.44 6.51 33.92
C2X 17F XB . -19.53 5.86 31.88
C21 17F XB . -18.86 4.62 32.54
C22 17F XB . -19.10 3.40 32.21
C23 17F XB . -20.04 2.92 31.17
C24 17F XB . -19.39 2.10 30.07
C25 17F XB . -20.30 1.59 28.97
C26 17F XB . -21.24 0.35 29.36
C27 17F XB . -22.13 -0.15 28.25
C28 17F XB . -22.97 -1.36 28.82
C29 17F XB . -23.25 -2.30 27.72
C30 17F XB . -24.04 -3.52 28.13
C31 17F XB . -12.14 5.40 33.06
C32 17F XB . -11.22 4.65 32.06
C33 17F XB . -10.92 3.26 32.59
C34 17F XB . -10.16 2.36 31.98
C35 17F XB . -9.44 2.52 30.67
C36 17F XB . -7.89 2.56 30.76
C37 17F XB . -7.31 1.78 29.65
C38 17F XB . -5.78 1.92 29.47
C39 17F XB . -5.26 1.09 28.29
C40 17F XB . -3.94 0.41 28.65
C41 17F XB . -3.10 0.11 27.34
C42 17F XB . -3.43 -1.14 26.52
C1 17F YB . 10.78 27.73 25.37
N1 17F YB . 9.20 28.03 23.46
O1 17F YB . 10.09 25.78 27.78
P1 17F YB . 10.87 25.48 26.52
C2 17F YB . 10.48 28.40 24.02
O2 17F YB . 12.37 25.56 26.62
C3 17F YB . 11.60 28.08 23.03
O3 17F YB . 10.46 26.38 25.33
C4 17F YB . 11.21 23.54 24.80
O4 17F YB . 11.38 27.54 21.88
C5 17F YB . 10.80 22.09 24.41
O5 17F YB . 12.78 28.32 23.30
C6 17F YB . 11.70 21.07 25.15
O6 17F YB . 10.57 24.03 25.97
C7 17F YB . 12.28 18.82 24.85
O7 17F YB . 11.36 19.73 24.81
C8 17F YB . 11.65 17.48 24.41
O8 17F YB . 13.45 18.89 25.13
C9 17F YB . 11.33 17.44 22.90
O9 17F YB . 9.41 21.83 24.65
C10 17F YB . 10.68 16.12 22.36
O10 17F YB . 8.06 23.14 23.31
C11 17F YB . 9.80 16.29 21.08
C12 17F YB . 9.18 14.92 20.60
C17 17F YB . 8.67 22.10 23.59
C18 17F YB . 8.61 20.93 22.63
C19 17F YB . 9.24 21.21 21.23
C20 17F YB . 10.73 20.72 21.16
C1X 17F YB . 8.34 15.13 19.34
C1Y 17F YB . 11.34 21.01 19.77
C1Z 17F YB . 12.36 19.93 19.38
C2X 17F YB . 7.68 13.76 18.79
C21 17F YB . 8.50 13.13 17.63
C22 17F YB . 8.04 12.34 16.73
C23 17F YB . 6.66 11.84 16.60
C24 17F YB . 6.42 10.95 15.40
C25 17F YB . 5.01 10.41 15.23
C26 17F YB . 4.47 10.35 13.71
C27 17F YB . 3.06 9.81 13.55
C28 17F YB . 2.72 9.83 12.02
C29 17F YB . 1.83 8.70 11.71
C30 17F YB . 1.42 8.59 10.27
C31 17F YB . 12.07 19.15 18.05
C32 17F YB . 13.12 18.07 17.67
C33 17F YB . 14.12 18.66 16.69
C34 17F YB . 15.15 17.99 16.17
C35 17F YB . 15.53 16.55 16.43
C36 17F YB . 15.61 15.67 15.15
C37 17F YB . 14.62 14.57 15.27
C38 17F YB . 15.23 13.16 15.52
C39 17F YB . 14.15 12.08 15.64
C40 17F YB . 14.79 10.70 15.85
C41 17F YB . 14.13 9.63 14.90
C42 17F YB . 13.25 8.55 15.51
C1 17F ZB . 11.44 30.67 15.69
N1 17F ZB . 12.13 31.01 13.31
O1 17F ZB . 8.23 30.40 15.36
P1 17F ZB . 9.24 29.44 15.95
C2 17F ZB . 11.61 31.64 14.50
O2 17F ZB . 9.41 29.49 17.44
C3 17F ZB . 12.53 32.79 14.92
O3 17F ZB . 10.65 29.58 15.33
C4 17F ZB . 9.66 26.85 16.09
O4 17F ZB . 13.60 33.09 14.26
C5 17F ZB . 9.11 25.46 15.67
O5 17F ZB . 12.30 33.47 15.91
C6 17F ZB . 8.33 24.83 16.86
O6 17F ZB . 8.86 27.93 15.63
C7 17F ZB . 7.55 22.71 17.48
O7 17F ZB . 7.82 23.55 16.52
C8 17F ZB . 7.00 21.42 16.84
O8 17F ZB . 7.67 22.83 18.67
C9 17F ZB . 5.51 21.49 16.44
O9 17F ZB . 8.30 25.51 14.49
C10 17F ZB . 4.89 20.21 15.78
O10 17F ZB . 9.62 23.85 13.59
C11 17F ZB . 3.97 20.48 14.54
C12 17F ZB . 3.40 19.15 13.93
C17 17F ZB . 8.66 24.62 13.59
C18 17F ZB . 7.70 24.59 12.42
C19 17F ZB . 6.71 23.39 12.43
C20 17F ZB . 7.01 22.37 11.25
C1X 17F ZB . 2.51 19.46 12.71
C1Y 17F ZB . 6.00 21.19 11.29
C1Z 17F ZB . 6.63 19.97 11.99
C2X 17F ZB . 1.90 18.13 12.07
C21 17F ZB . 1.43 18.33 10.59
C22 17F ZB . 1.37 17.39 9.71
C23 17F ZB . 1.69 15.97 9.88
C24 17F ZB . 1.58 15.13 8.61
C25 17F ZB . 1.91 13.66 8.74
C26 17F ZB . 2.88 13.06 7.62
C27 17F ZB . 3.19 11.59 7.76
C28 17F ZB . 4.15 11.19 6.59
C29 17F ZB . 5.55 11.30 7.04
C30 17F ZB . 6.58 10.94 6.01
C31 17F ZB . 7.05 18.77 11.07
C32 17F ZB . 7.68 17.55 11.81
C33 17F ZB . 9.11 17.91 12.23
C34 17F ZB . 9.92 17.09 12.88
C35 17F ZB . 9.64 15.68 13.33
C36 17F ZB . 10.87 14.91 13.88
C37 17F ZB . 11.05 13.66 13.08
C38 17F ZB . 10.65 12.36 13.84
C39 17F ZB . 10.86 11.12 12.96
C40 17F ZB . 9.64 10.88 12.07
C41 17F ZB . 8.75 9.71 12.63
C42 17F ZB . 7.67 9.10 11.74
C1 17F AC . -11.10 10.98 43.55
N1 17F AC . -11.96 13.29 43.07
O1 17F AC . -12.28 9.22 45.47
P1 17F AC . -10.77 9.20 45.32
C2 17F AC . -10.93 12.50 43.73
O2 17F AC . -9.97 9.32 46.59
C3 17F AC . -9.55 12.93 43.21
O3 17F AC . -10.23 10.29 44.37
C4 17F AC . -8.87 7.62 44.43
O4 17F AC . -9.39 13.86 42.33
C5 17F AC . -8.55 6.26 43.76
O5 17F AC . -8.52 12.39 43.63
C6 17F AC . -7.02 6.03 43.77
O6 17F AC . -10.26 7.85 44.65
C7 17F AC . -5.44 4.38 43.25
O7 17F AC . -6.67 4.79 43.18
C8 17F AC . -5.36 3.02 42.52
O8 17F AC . -4.46 4.87 43.76
C9 17F AC . -5.20 3.17 40.99
O9 17F AC . -9.25 5.17 44.40
C10 17F AC . -5.10 1.82 40.18
O10 17F AC . -11.35 5.26 43.46
C11 17F AC . -3.68 1.13 40.21
C12 17F AC . -3.65 -0.21 39.40
C17 17F AC . -10.24 4.73 43.66
C18 17F AC . -9.93 3.40 42.99
C19 17F AC . -9.19 2.38 43.89
C20 17F AC . -8.62 1.17 43.06
C1X 17F AC . -2.26 -0.84 39.46
C1Y 17F AC . -7.88 0.17 43.97
C1Z 17F AC . -6.81 -0.59 43.19
C2X 17F AC . -2.18 -2.21 38.64
C21 17F AC . -1.05 -2.18 37.55
C22 17F AC . -1.24 -1.91 36.31
C23 17F AC . -2.51 -1.58 35.66
C24 17F AC . -2.55 -0.21 34.99
C25 17F AC . -3.85 0.19 34.30
C26 17F AC . -4.39 -0.84 33.20
C27 17F AC . -5.67 -0.43 32.53
C28 17F AC . -6.05 -1.55 31.47
C29 17F AC . -7.33 -2.16 31.86
C30 17F AC . -7.81 -3.25 30.93
C31 17F AC . -5.58 -1.15 44.01
C32 17F AC . -4.52 -1.91 43.18
C33 17F AC . -4.02 -3.10 43.99
C34 17F AC . -3.11 -3.97 43.58
C35 17F AC . -2.38 -3.95 42.25
C36 17F AC . -3.05 -4.84 41.14
C37 17F AC . -2.73 -6.27 41.40
C38 17F AC . -1.36 -6.74 40.84
C39 17F AC . -1.12 -8.23 41.16
C40 17F AC . 0.08 -8.39 42.11
C41 17F AC . -0.38 -8.37 43.61
C42 17F AC . -1.18 -9.56 44.17
C1 17F BC . -4.96 42.66 1.36
N1 17F BC . -3.29 40.81 1.14
O1 17F BC . -7.73 43.55 -0.20
P1 17F BC . -6.38 43.04 -0.69
C2 17F BC . -3.50 42.19 1.53
O2 17F BC . -6.02 44.40 -1.22
C3 17F BC . -3.07 42.38 3.00
O3 17F BC . -5.11 43.31 0.14
C4 17F BC . -4.98 42.25 -2.77
O4 17F BC . -2.61 41.41 3.71
C5 17F BC . -5.02 42.02 -4.32
O5 17F BC . -3.17 43.47 3.56
C6 17F BC . -4.80 40.53 -4.64
O6 17F BC . -6.21 42.74 -2.24
C7 17F BC . -4.90 39.07 -6.46
O7 17F BC . -4.83 40.29 -6.04
C8 17F BC . -4.91 39.10 -8.01
O8 17F BC . -4.94 38.02 -5.86
C9 17F BC . -3.59 38.62 -8.65
O9 17F BC . -6.23 42.51 -4.92
C10 17F BC . -3.55 38.62 -10.22
O10 17F BC . -5.17 44.04 -6.29
C11 17F BC . -2.83 39.86 -10.86
C12 17F BC . -2.83 39.80 -12.44
C17 17F BC . -6.00 43.16 -6.05
C18 17F BC . -6.94 42.70 -7.15
C19 17F BC . -8.33 43.40 -7.13
C20 17F BC . -8.28 44.86 -7.72
C1X 17F BC . -2.13 41.02 -13.04
C1Y 17F BC . -9.68 45.51 -7.68
C1Z 17F BC . -9.89 46.39 -8.92
C2X 17F BC . -2.11 40.98 -14.64
C21 17F BC . -0.72 41.33 -15.24
C22 17F BC . -0.46 41.39 -16.51
C23 17F BC . -1.38 41.16 -17.62
C24 17F BC . -1.04 39.96 -18.48
C25 17F BC . -1.97 39.67 -19.65
C26 17F BC . -3.30 38.82 -19.31
C27 17F BC . -4.20 38.55 -20.49
C28 17F BC . -5.43 37.71 -19.98
C29 17F BC . -6.02 36.99 -21.11
C30 17F BC . -7.21 36.14 -20.77
C31 17F BC . -11.05 47.46 -8.86
C32 17F BC . -11.23 48.33 -10.12
C33 17F BC . -12.64 48.15 -10.65
C34 17F BC . -13.14 48.75 -11.73
C35 17F BC . -12.43 49.72 -12.64
C36 17F BC . -12.49 51.22 -12.18
C37 17F BC . -13.82 51.78 -12.50
C38 17F BC . -14.60 52.35 -11.29
C39 17F BC . -15.96 52.92 -11.71
C40 17F BC . -17.07 52.33 -10.84
C41 17F BC . -17.70 51.04 -11.50
C42 17F BC . -17.71 49.73 -10.70
C1 17F CC . 28.41 16.50 26.00
N1 17F CC . 29.25 18.35 24.55
O1 17F CC . 25.49 16.09 25.14
P1 17F CC . 26.65 15.19 24.76
C2 17F CC . 28.60 18.01 25.80
O2 17F CC . 26.80 13.92 25.55
C3 17F CC . 29.41 18.58 26.97
O3 17F CC . 28.02 15.90 24.81
C4 17F CC . 27.53 13.86 22.68
O4 17F CC . 30.51 19.25 26.80
C5 17F CC . 27.26 13.51 21.19
O5 17F CC . 29.05 18.42 28.14
C6 17F CC . 28.36 14.15 20.31
O6 17F CC . 26.55 14.72 23.24
C7 17F CC . 29.08 14.17 18.08
O7 17F CC . 28.15 13.86 18.93
C8 17F CC . 28.59 13.75 16.67
O8 17F CC . 30.15 14.69 18.24
C9 17F CC . 29.54 14.20 15.53
O9 17F CC . 27.15 12.10 20.97
C10 17F CC . 29.07 13.79 14.07
O10 17F CC . 25.03 12.39 20.11
C11 17F CC . 27.74 14.48 13.60
C12 17F CC . 27.33 14.04 12.15
C17 17F CC . 26.10 11.79 20.24
C18 17F CC . 26.31 10.50 19.47
C19 17F CC . 25.72 9.24 20.16
C20 17F CC . 25.66 7.99 19.19
C1X 17F CC . 26.01 14.74 11.74
C1Y 17F CC . 25.07 6.76 19.92
C1Z 17F CC . 25.51 5.46 19.25
C2X 17F CC . 25.54 14.33 10.26
C21 17F CC . 24.20 15.02 9.87
C22 17F CC . 23.84 15.28 8.65
C23 17F CC . 24.60 15.01 7.42
C24 17F CC . 23.82 15.25 6.14
C25 17F CC . 24.55 14.99 4.84
C26 17F CC . 24.26 13.57 4.15
C27 17F CC . 24.99 13.33 2.86
C28 17F CC . 24.57 11.90 2.35
C29 17F CC . 25.76 11.21 1.81
C30 17F CC . 25.49 9.84 1.27
C31 17F CC . 24.63 4.19 19.52
C32 17F CC . 25.11 2.89 18.82
C33 17F CC . 25.27 1.80 19.88
C34 17F CC . 25.66 0.55 19.63
C35 17F CC . 26.03 -0.03 18.28
C36 17F CC . 26.11 -1.58 18.24
C37 17F CC . 24.75 -2.14 18.02
C38 17F CC . 24.47 -3.48 18.72
C39 17F CC . 23.05 -4.00 18.44
C40 17F CC . 22.15 -3.76 19.66
C41 17F CC . 20.94 -2.81 19.30
C42 17F CC . 19.53 -3.20 19.75
C1 17F DC . 16.10 20.06 22.95
N1 17F DC . 16.30 21.51 24.98
O1 17F DC . 17.65 17.82 25.40
P1 17F DC . 17.01 17.95 24.03
C2 17F DC . 16.17 21.49 23.54
O2 17F DC . 17.96 18.12 22.87
C3 17F DC . 14.91 22.28 23.13
O3 17F DC . 16.00 19.12 23.95
C4 17F DC . 15.45 16.57 22.44
O4 17F DC . 14.14 22.84 23.99
C5 17F DC . 14.63 15.25 22.28
O5 17F DC . 14.59 22.39 21.95
C6 17F DC . 14.28 15.02 20.80
O6 17F DC . 16.13 16.67 23.68
C7 17F DC . 14.00 12.91 19.83
O7 17F DC . 13.53 13.83 20.61
C8 17F DC . 12.99 11.75 19.79
O8 17F DC . 15.04 12.87 19.20
C9 17F DC . 12.01 11.85 18.60
O9 17F DC . 15.31 14.11 22.85
C10 17F DC . 10.93 10.70 18.49
O10 17F DC . 14.68 14.24 25.05
C11 17F DC . 11.40 9.28 19.01
C12 17F DC . 10.27 8.21 18.86
C17 17F DC . 14.74 13.68 23.96
C18 17F DC . 14.11 12.31 23.78
C19 17F DC . 15.06 11.21 23.27
C20 17F DC . 14.33 9.83 23.06
C1X 17F DC . 10.77 6.84 19.37
C1Y 17F DC . 15.32 8.76 22.55
C1Z 17F DC . 15.14 7.45 23.31
C2X 17F DC . 9.64 5.71 19.24
C21 17F DC . 9.12 5.21 20.62
C22 17F DC . 8.19 5.77 21.31
C23 17F DC . 7.41 6.98 20.98
C24 17F DC . 7.26 7.97 22.13
C25 17F DC . 6.47 9.23 21.83
C26 17F DC . 6.61 10.41 22.90
C27 17F DC . 5.80 11.65 22.57
C28 17F DC . 6.05 12.69 23.73
C29 17F DC . 6.45 13.98 23.13
C30 17F DC . 6.72 15.07 24.11
C31 17F DC . 16.46 6.71 23.75
C32 17F DC . 16.25 5.37 24.52
C33 17F DC . 16.60 5.59 25.99
C34 17F DC . 16.54 4.64 26.93
C35 17F DC . 16.12 3.21 26.74
C36 17F DC . 17.28 2.17 26.91
C37 17F DC . 17.88 1.89 25.58
C38 17F DC . 19.43 1.81 25.58
C39 17F DC . 20.00 1.53 24.18
C40 17F DC . 20.71 0.17 24.15
C41 17F DC . 22.12 0.29 23.46
C42 17F DC . 22.27 -0.14 21.98
C1 17F EC . 11.30 11.67 40.53
N1 17F EC . 10.44 13.33 38.85
O1 17F EC . 13.38 9.99 41.76
P1 17F EC . 13.05 9.86 40.28
C2 17F EC . 11.10 13.15 40.14
O2 17F EC . 14.22 9.66 39.36
C3 17F EC . 12.46 13.87 40.11
O3 17F EC . 12.25 11.07 39.72
C4 17F EC . 11.65 8.28 38.71
O4 17F EC . 12.88 14.52 39.08
C5 17F EC . 10.72 7.03 38.68
O5 17F EC . 13.20 13.86 41.10
C6 17F EC . 9.37 7.36 39.38
O6 17F EC . 12.10 8.62 40.02
C7 17F EC . 8.08 5.79 40.52
O7 17F EC . 8.50 6.24 39.38
C8 17F EC . 7.18 4.57 40.26
O8 17F EC . 8.30 6.17 41.65
C9 17F EC . 7.91 3.22 40.47
O9 17F EC . 10.52 6.50 37.35
C10 17F EC . 7.07 1.92 40.22
O10 17F EC . 9.01 7.98 36.43
C11 17F EC . 7.18 1.35 38.75
C12 17F EC . 6.31 0.04 38.58
C17 17F EC . 10.10 7.40 36.48
C18 17F EC . 11.15 7.71 35.44
C19 17F EC . 11.00 6.90 34.11
C20 17F EC . 12.34 6.84 33.29
C1X 17F EC . 6.44 -0.51 37.14
C1Y 17F EC . 12.14 6.03 31.99
C1Z 17F EC . 12.78 4.64 32.09
C2X 17F EC . 5.57 -1.83 36.93
C21 17F EC . 4.06 -1.62 37.29
C22 17F EC . 3.09 -1.60 36.44
C23 17F EC . 3.18 -1.75 34.98
C24 17F EC . 2.14 -2.69 34.37
C25 17F EC . 2.19 -2.86 32.86
C26 17F EC . 2.68 -4.30 32.35
C27 17F EC . 2.73 -4.45 30.84
C28 17F EC . 3.22 -5.93 30.54
C29 17F EC . 2.05 -6.76 30.22
C30 17F EC . 2.38 -8.19 29.91
C31 17F EC . 14.14 4.45 31.34
C32 17F EC . 14.77 3.03 31.45
C33 17F EC . 16.16 3.04 30.81
C34 17F EC . 16.98 2.00 30.74
C35 17F EC . 16.72 0.60 31.25
C36 17F EC . 15.90 -0.32 30.31
C37 17F EC . 16.78 -0.78 29.20
C38 17F EC . 16.35 -2.10 28.53
C39 17F EC . 17.31 -2.49 27.39
C40 17F EC . 18.38 -3.47 27.91
C41 17F EC . 19.71 -3.32 27.07
C42 17F EC . 20.73 -2.24 27.47
PG GNP FC . -30.50 -17.44 -14.29
O1G GNP FC . -30.70 -17.39 -15.77
O2G GNP FC . -29.31 -16.59 -13.84
O3G GNP FC . -31.80 -17.06 -13.71
N3B GNP FC . -30.27 -18.97 -13.79
PB GNP FC . -29.27 -20.06 -14.41
O1B GNP FC . -27.85 -19.77 -14.12
O2B GNP FC . -29.57 -20.14 -15.83
O3A GNP FC . -29.65 -21.42 -13.78
PA GNP FC . -30.29 -21.85 -12.41
O1A GNP FC . -29.36 -21.56 -11.30
O2A GNP FC . -31.68 -21.42 -12.28
O5' GNP FC . -30.39 -23.41 -12.45
C5' GNP FC . -31.24 -24.01 -13.45
C4' GNP FC . -31.28 -25.50 -13.25
O4' GNP FC . -30.25 -26.13 -14.08
C3' GNP FC . -31.00 -25.96 -11.81
O3' GNP FC . -31.93 -26.96 -11.44
C2' GNP FC . -29.55 -26.44 -11.87
O2' GNP FC . -29.21 -27.45 -10.94
C1' GNP FC . -29.37 -26.93 -13.29
N9 GNP FC . -28.00 -26.77 -13.83
C8 GNP FC . -27.05 -25.92 -13.35
N7 GNP FC . -25.93 -25.97 -14.01
C5 GNP FC . -26.14 -26.95 -14.99
C6 GNP FC . -25.27 -27.45 -16.01
O6 GNP FC . -24.12 -27.16 -16.28
N1 GNP FC . -25.86 -28.42 -16.79
C2 GNP FC . -27.15 -28.87 -16.63
N2 GNP FC . -27.52 -29.82 -17.50
N3 GNP FC . -27.97 -28.41 -15.69
C4 GNP FC . -27.41 -27.46 -14.90
MG MG GC . -25.23 -12.73 -8.85
N LEU A 3 43.61 -15.68 5.50
CA LEU A 3 44.51 -15.70 6.65
C LEU A 3 43.84 -15.10 7.86
N LYS A 4 43.59 -13.80 7.80
CA LYS A 4 42.94 -13.08 8.90
C LYS A 4 41.55 -13.62 9.14
N LEU A 5 40.92 -14.12 8.08
CA LEU A 5 39.58 -14.66 8.16
C LEU A 5 39.61 -16.08 8.73
N LEU A 6 40.79 -16.68 8.71
CA LEU A 6 40.96 -18.04 9.22
C LEU A 6 41.40 -18.01 10.68
N ASP A 7 42.39 -17.17 10.96
CA ASP A 7 42.93 -17.03 12.32
C ASP A 7 41.86 -16.46 13.24
N ASN A 8 41.14 -15.46 12.75
CA ASN A 8 40.07 -14.85 13.53
C ASN A 8 38.97 -15.87 13.77
N TRP A 9 38.72 -16.70 12.76
CA TRP A 9 37.70 -17.73 12.86
C TRP A 9 38.06 -18.74 13.94
N ASP A 10 39.35 -19.08 14.02
CA ASP A 10 39.81 -20.03 15.04
C ASP A 10 39.65 -19.41 16.41
N SER A 11 39.84 -18.09 16.48
CA SER A 11 39.70 -17.35 17.73
C SER A 11 38.24 -17.41 18.18
N VAL A 12 37.33 -17.51 17.23
CA VAL A 12 35.91 -17.60 17.51
C VAL A 12 35.55 -19.05 17.81
N THR A 13 36.20 -19.97 17.11
CA THR A 13 35.97 -21.39 17.31
C THR A 13 36.42 -21.81 18.71
N SER A 14 37.53 -21.24 19.16
CA SER A 14 38.05 -21.53 20.49
C SER A 14 37.16 -20.95 21.58
N THR A 15 36.50 -19.82 21.29
CA THR A 15 35.61 -19.21 22.25
C THR A 15 34.29 -19.97 22.29
N PHE A 16 33.84 -20.42 21.12
CA PHE A 16 32.62 -21.19 21.00
C PHE A 16 32.75 -22.53 21.73
N SER A 17 33.93 -23.15 21.61
CA SER A 17 34.19 -24.41 22.28
C SER A 17 34.25 -24.19 23.78
N LYS A 18 34.87 -23.08 24.18
CA LYS A 18 34.96 -22.73 25.59
C LYS A 18 33.57 -22.44 26.13
N LEU A 19 32.74 -21.84 25.29
CA LEU A 19 31.37 -21.54 25.67
C LEU A 19 30.63 -22.85 25.92
N ARG A 20 30.81 -23.80 25.00
CA ARG A 20 30.18 -25.10 25.13
C ARG A 20 30.71 -25.81 26.38
N GLU A 21 32.00 -25.63 26.63
CA GLU A 21 32.64 -26.23 27.81
C GLU A 21 31.92 -25.79 29.06
N GLN A 22 31.65 -24.50 29.17
CA GLN A 22 30.97 -23.95 30.32
C GLN A 22 29.47 -24.19 30.26
N LEU A 23 28.91 -24.14 29.04
CA LEU A 23 27.48 -24.37 28.83
C LEU A 23 27.03 -25.69 29.42
N GLY A 24 27.91 -26.70 29.34
CA GLY A 24 27.59 -28.00 29.89
C GLY A 24 27.23 -27.90 31.37
N PRO A 25 28.22 -27.63 32.24
CA PRO A 25 27.96 -27.46 33.67
C PRO A 25 26.93 -26.37 33.92
N VAL A 26 26.97 -25.31 33.11
CA VAL A 26 26.03 -24.18 33.24
C VAL A 26 24.59 -24.66 33.17
N THR A 27 24.27 -25.50 32.18
CA THR A 27 22.92 -26.01 32.05
C THR A 27 22.61 -26.94 33.20
N GLN A 28 23.59 -27.74 33.60
CA GLN A 28 23.44 -28.66 34.72
C GLN A 28 23.14 -27.90 36.01
N GLU A 29 23.91 -26.82 36.23
CA GLU A 29 23.73 -25.97 37.39
C GLU A 29 22.36 -25.30 37.32
N PHE A 30 22.01 -24.84 36.12
CA PHE A 30 20.72 -24.19 35.91
C PHE A 30 19.58 -25.17 36.18
N TRP A 31 19.72 -26.39 35.67
CA TRP A 31 18.73 -27.42 35.87
C TRP A 31 18.65 -27.78 37.35
N ASP A 32 19.81 -27.86 38.00
CA ASP A 32 19.87 -28.18 39.42
C ASP A 32 19.09 -27.12 40.22
N ASN A 33 19.36 -25.87 39.89
CA ASN A 33 18.69 -24.75 40.54
C ASN A 33 17.20 -24.74 40.20
N LEU A 34 16.90 -24.98 38.93
CA LEU A 34 15.52 -25.01 38.47
C LEU A 34 14.75 -26.18 39.06
N GLU A 35 15.43 -27.31 39.28
CA GLU A 35 14.81 -28.48 39.88
C GLU A 35 14.42 -28.16 41.32
N LYS A 36 15.30 -27.46 42.02
CA LYS A 36 15.03 -27.06 43.40
C LYS A 36 13.90 -26.04 43.41
N GLU A 37 13.93 -25.15 42.42
CA GLU A 37 12.92 -24.13 42.26
C GLU A 37 11.57 -24.77 41.99
N THR A 38 11.53 -25.65 40.99
CA THR A 38 10.30 -26.34 40.63
C THR A 38 9.82 -27.24 41.77
N GLU A 39 10.75 -27.81 42.52
CA GLU A 39 10.39 -28.66 43.65
C GLU A 39 9.62 -27.82 44.66
N GLY A 40 10.17 -26.66 44.97
CA GLY A 40 9.52 -25.75 45.88
C GLY A 40 8.20 -25.30 45.30
N LEU A 41 8.22 -24.94 44.02
CA LEU A 41 7.03 -24.50 43.31
C LEU A 41 5.95 -25.58 43.31
N ARG A 42 6.37 -26.84 43.20
CA ARG A 42 5.42 -27.95 43.20
C ARG A 42 4.75 -28.04 44.57
N GLN A 43 5.55 -27.91 45.60
CA GLN A 43 5.05 -27.96 46.96
C GLN A 43 4.14 -26.76 47.21
N GLU A 44 4.50 -25.64 46.60
CA GLU A 44 3.72 -24.42 46.72
C GLU A 44 2.43 -24.55 45.94
N MET A 45 2.53 -24.98 44.69
CA MET A 45 1.37 -25.14 43.81
C MET A 45 0.34 -26.10 44.37
N SER A 46 0.79 -27.15 45.04
CA SER A 46 -0.15 -28.10 45.63
C SER A 46 -0.97 -27.39 46.69
N LYS A 47 -0.28 -26.67 47.58
CA LYS A 47 -0.94 -25.92 48.63
C LYS A 47 -1.78 -24.80 48.02
N ASP A 48 -1.19 -24.16 47.00
CA ASP A 48 -1.86 -23.08 46.28
C ASP A 48 -3.19 -23.57 45.74
N LEU A 49 -3.15 -24.62 44.93
CA LEU A 49 -4.35 -25.20 44.35
C LEU A 49 -5.33 -25.65 45.43
N GLU A 50 -4.80 -26.27 46.48
CA GLU A 50 -5.62 -26.74 47.59
C GLU A 50 -6.34 -25.58 48.27
N GLU A 51 -5.57 -24.60 48.72
CA GLU A 51 -6.12 -23.44 49.41
C GLU A 51 -6.95 -22.55 48.49
N VAL A 52 -6.69 -22.63 47.19
CA VAL A 52 -7.45 -21.84 46.22
C VAL A 52 -8.75 -22.55 45.87
N LYS A 53 -8.69 -23.84 45.53
CA LYS A 53 -9.87 -24.61 45.17
C LYS A 53 -10.81 -24.78 46.36
N ALA A 54 -10.24 -25.13 47.51
CA ALA A 54 -11.03 -25.32 48.72
C ALA A 54 -11.68 -24.02 49.16
N LYS A 55 -11.03 -22.91 48.84
CA LYS A 55 -11.56 -21.60 49.20
C LYS A 55 -12.43 -21.04 48.08
N VAL A 56 -12.26 -21.57 46.88
CA VAL A 56 -13.06 -21.12 45.75
C VAL A 56 -14.49 -21.63 45.89
N GLN A 57 -14.66 -22.69 46.67
CA GLN A 57 -15.98 -23.25 46.91
C GLN A 57 -16.86 -22.20 47.57
N PRO A 58 -16.48 -21.66 48.75
CA PRO A 58 -17.25 -20.61 49.40
C PRO A 58 -17.23 -19.32 48.57
N TYR A 59 -16.18 -19.14 47.76
CA TYR A 59 -16.08 -17.96 46.89
C TYR A 59 -17.25 -17.96 45.92
N LEU A 60 -17.34 -19.06 45.16
CA LEU A 60 -18.39 -19.22 44.17
C LEU A 60 -19.76 -19.33 44.82
N ASP A 61 -19.83 -20.07 45.92
CA ASP A 61 -21.08 -20.26 46.65
C ASP A 61 -21.60 -18.93 47.20
N ASP A 62 -20.72 -18.18 47.84
CA ASP A 62 -21.07 -16.88 48.41
C ASP A 62 -21.48 -15.92 47.32
N PHE A 63 -20.68 -15.86 46.27
CA PHE A 63 -20.97 -14.99 45.15
C PHE A 63 -22.23 -15.43 44.42
N GLN A 64 -22.46 -16.73 44.35
CA GLN A 64 -23.66 -17.27 43.71
C GLN A 64 -24.90 -16.89 44.51
N LYS A 65 -24.80 -17.02 45.83
CA LYS A 65 -25.90 -16.67 46.72
C LYS A 65 -26.26 -15.21 46.52
N LYS A 66 -25.23 -14.37 46.47
CA LYS A 66 -25.41 -12.95 46.26
C LYS A 66 -25.93 -12.68 44.86
N TRP A 67 -25.35 -13.35 43.87
CA TRP A 67 -25.76 -13.21 42.48
C TRP A 67 -27.23 -13.58 42.32
N GLN A 68 -27.65 -14.62 43.04
CA GLN A 68 -29.04 -15.07 43.01
C GLN A 68 -29.92 -13.93 43.50
N GLU A 69 -29.59 -13.41 44.67
CA GLU A 69 -30.35 -12.31 45.25
C GLU A 69 -30.30 -11.09 44.34
N GLU A 70 -29.12 -10.79 43.83
CA GLU A 70 -28.93 -9.66 42.92
C GLU A 70 -29.80 -9.81 41.69
N MET A 71 -29.87 -11.02 41.16
CA MET A 71 -30.67 -11.29 39.96
C MET A 71 -32.16 -11.29 40.31
N GLU A 72 -32.49 -11.81 41.50
CA GLU A 72 -33.87 -11.84 41.95
C GLU A 72 -34.38 -10.44 42.21
N LEU A 73 -33.58 -9.66 42.93
CA LEU A 73 -33.92 -8.28 43.24
C LEU A 73 -34.00 -7.49 41.95
N TYR A 74 -33.23 -7.91 40.95
CA TYR A 74 -33.24 -7.28 39.65
C TYR A 74 -34.50 -7.70 38.91
N ARG A 75 -34.82 -8.99 39.00
CA ARG A 75 -36.02 -9.54 38.37
C ARG A 75 -37.27 -8.85 38.93
N GLN A 76 -37.25 -8.66 40.24
CA GLN A 76 -38.34 -8.02 40.96
C GLN A 76 -38.39 -6.53 40.63
N LYS A 77 -37.52 -6.11 39.73
CA LYS A 77 -37.45 -4.73 39.30
C LYS A 77 -37.64 -4.63 37.79
N VAL A 78 -36.92 -5.47 37.05
CA VAL A 78 -37.01 -5.50 35.59
C VAL A 78 -38.46 -5.52 35.11
N GLU A 79 -39.31 -6.29 35.79
CA GLU A 79 -40.72 -6.36 35.41
C GLU A 79 -41.48 -5.07 35.74
N PRO A 80 -41.58 -4.68 37.03
CA PRO A 80 -42.32 -3.46 37.42
C PRO A 80 -41.70 -2.19 36.84
N LEU A 81 -40.37 -2.13 36.80
CA LEU A 81 -39.67 -0.96 36.26
C LEU A 81 -39.96 -0.85 34.77
N ARG A 82 -40.07 -1.99 34.10
CA ARG A 82 -40.38 -2.01 32.69
C ARG A 82 -41.80 -1.51 32.50
N ALA A 83 -42.67 -1.85 33.45
CA ALA A 83 -44.05 -1.41 33.41
C ALA A 83 -44.10 0.11 33.50
N GLU A 84 -43.31 0.67 34.44
CA GLU A 84 -43.24 2.11 34.61
C GLU A 84 -42.77 2.75 33.31
N LEU A 85 -41.70 2.18 32.76
CA LEU A 85 -41.13 2.67 31.52
C LEU A 85 -42.13 2.52 30.37
N GLN A 86 -42.84 1.39 30.35
CA GLN A 86 -43.82 1.13 29.32
C GLN A 86 -44.96 2.13 29.37
N GLU A 87 -45.57 2.27 30.55
CA GLU A 87 -46.67 3.22 30.71
C GLU A 87 -46.18 4.63 30.44
N GLY A 88 -45.03 4.97 30.99
CA GLY A 88 -44.45 6.28 30.78
C GLY A 88 -44.15 6.52 29.31
N ALA A 89 -43.56 5.54 28.66
CA ALA A 89 -43.23 5.64 27.25
C ALA A 89 -44.49 5.74 26.42
N ARG A 90 -45.52 4.97 26.78
CA ARG A 90 -46.77 5.00 26.05
C ARG A 90 -47.36 6.40 26.08
N GLN A 91 -47.29 7.04 27.24
CA GLN A 91 -47.79 8.40 27.39
C GLN A 91 -46.94 9.36 26.59
N LYS A 92 -45.62 9.27 26.79
CA LYS A 92 -44.67 10.12 26.07
C LYS A 92 -44.82 9.95 24.56
N LEU A 93 -44.91 8.71 24.13
CA LEU A 93 -45.07 8.39 22.72
C LEU A 93 -46.40 8.88 22.20
N HIS A 94 -47.47 8.67 22.98
CA HIS A 94 -48.81 9.10 22.58
C HIS A 94 -48.84 10.62 22.41
N GLU A 95 -48.22 11.32 23.35
CA GLU A 95 -48.17 12.78 23.29
C GLU A 95 -47.36 13.21 22.08
N LEU A 96 -46.34 12.43 21.74
CA LEU A 96 -45.50 12.70 20.58
C LEU A 96 -46.26 12.41 19.30
N GLN A 97 -46.98 11.28 19.29
CA GLN A 97 -47.78 10.89 18.13
C GLN A 97 -48.84 11.93 17.83
N GLU A 98 -49.53 12.35 18.88
CA GLU A 98 -50.59 13.35 18.76
C GLU A 98 -50.01 14.73 18.47
N LYS A 99 -48.69 14.81 18.42
CA LYS A 99 -47.99 16.05 18.11
C LYS A 99 -47.40 15.97 16.70
N LEU A 100 -46.90 14.79 16.35
CA LEU A 100 -46.30 14.56 15.04
C LEU A 100 -47.36 14.66 13.94
N SER A 101 -48.62 14.46 14.32
CA SER A 101 -49.71 14.56 13.36
C SER A 101 -49.98 16.02 12.96
N PRO A 102 -50.39 16.90 13.92
CA PRO A 102 -50.65 18.32 13.61
C PRO A 102 -49.38 19.04 13.18
N LEU A 103 -48.30 18.87 13.94
CA LEU A 103 -47.03 19.51 13.62
C LEU A 103 -46.47 18.95 12.32
N GLY A 104 -46.80 17.70 12.03
CA GLY A 104 -46.35 17.08 10.81
C GLY A 104 -47.12 17.58 9.62
N GLU A 105 -48.45 17.58 9.73
CA GLU A 105 -49.31 18.05 8.66
C GLU A 105 -49.03 19.53 8.39
N GLU A 106 -48.83 20.29 9.46
CA GLU A 106 -48.52 21.71 9.34
C GLU A 106 -47.13 21.88 8.73
N MET A 107 -46.21 21.00 9.10
CA MET A 107 -44.85 21.04 8.56
C MET A 107 -44.92 20.76 7.06
N ARG A 108 -45.78 19.83 6.69
CA ARG A 108 -45.99 19.49 5.30
C ARG A 108 -46.62 20.65 4.56
N ASP A 109 -47.56 21.32 5.21
CA ASP A 109 -48.22 22.47 4.61
C ASP A 109 -47.23 23.61 4.46
N ARG A 110 -46.36 23.74 5.45
CA ARG A 110 -45.31 24.75 5.41
C ARG A 110 -44.33 24.39 4.32
N ALA A 111 -44.15 23.09 4.11
CA ALA A 111 -43.27 22.59 3.07
C ALA A 111 -43.89 22.88 1.71
N ARG A 112 -45.21 22.83 1.65
CA ARG A 112 -45.94 23.13 0.42
C ARG A 112 -45.60 24.55 -0.01
N ALA A 113 -45.79 25.48 0.91
CA ALA A 113 -45.50 26.89 0.66
C ALA A 113 -44.00 27.07 0.44
N HIS A 114 -43.21 26.34 1.22
CA HIS A 114 -41.75 26.39 1.12
C HIS A 114 -41.30 26.03 -0.28
N VAL A 115 -41.70 24.84 -0.74
CA VAL A 115 -41.32 24.35 -2.06
C VAL A 115 -42.02 25.11 -3.18
N ASP A 116 -43.30 25.37 -3.04
CA ASP A 116 -44.06 26.08 -4.07
C ASP A 116 -43.51 27.49 -4.31
N ALA A 117 -43.22 28.20 -3.24
CA ALA A 117 -42.67 29.56 -3.35
C ALA A 117 -41.28 29.49 -3.96
N LEU A 118 -40.58 28.40 -3.68
CA LEU A 118 -39.25 28.19 -4.22
C LEU A 118 -39.36 27.82 -5.70
N ARG A 119 -40.36 27.03 -6.03
CA ARG A 119 -40.61 26.62 -7.41
C ARG A 119 -40.82 27.84 -8.30
N THR A 120 -41.73 28.71 -7.88
CA THR A 120 -42.05 29.92 -8.63
C THR A 120 -40.89 30.92 -8.60
N HIS A 121 -39.86 30.64 -7.81
CA HIS A 121 -38.70 31.50 -7.74
C HIS A 121 -37.53 30.89 -8.49
N LEU A 122 -37.38 29.57 -8.37
CA LEU A 122 -36.31 28.85 -9.03
C LEU A 122 -36.56 28.77 -10.54
N ALA A 123 -37.83 28.69 -10.93
CA ALA A 123 -38.19 28.63 -12.34
C ALA A 123 -37.61 29.83 -13.10
N PRO A 124 -37.94 31.08 -12.71
CA PRO A 124 -37.37 32.26 -13.37
C PRO A 124 -35.88 32.36 -13.09
N TYR A 125 -35.46 31.91 -11.90
CA TYR A 125 -34.05 31.95 -11.53
C TYR A 125 -33.20 31.16 -12.50
N SER A 126 -33.63 29.93 -12.79
CA SER A 126 -32.91 29.09 -13.74
C SER A 126 -33.01 29.67 -15.14
N ASP A 127 -34.16 30.23 -15.48
CA ASP A 127 -34.35 30.84 -16.79
C ASP A 127 -33.39 32.01 -16.97
N GLU A 128 -33.33 32.85 -15.95
CA GLU A 128 -32.43 33.99 -15.97
C GLU A 128 -30.98 33.49 -15.91
N LEU A 129 -30.78 32.36 -15.25
CA LEU A 129 -29.46 31.74 -15.16
C LEU A 129 -29.03 31.32 -16.56
N ARG A 130 -29.98 30.83 -17.34
CA ARG A 130 -29.72 30.44 -18.72
C ARG A 130 -29.29 31.66 -19.51
N GLN A 131 -29.91 32.80 -19.19
CA GLN A 131 -29.57 34.06 -19.84
C GLN A 131 -28.12 34.41 -19.53
N ARG A 132 -27.76 34.31 -18.26
CA ARG A 132 -26.39 34.60 -17.82
C ARG A 132 -25.43 33.61 -18.45
N LEU A 133 -25.80 32.34 -18.44
CA LEU A 133 -24.98 31.29 -19.02
C LEU A 133 -24.80 31.55 -20.51
N ALA A 134 -25.87 32.00 -21.16
CA ALA A 134 -25.82 32.31 -22.58
C ALA A 134 -24.94 33.52 -22.81
N ALA A 135 -25.10 34.53 -21.95
CA ALA A 135 -24.30 35.74 -22.04
C ALA A 135 -22.82 35.40 -21.87
N ARG A 136 -22.53 34.57 -20.88
CA ARG A 136 -21.16 34.14 -20.63
C ARG A 136 -20.65 33.28 -21.77
N LEU A 137 -21.51 32.39 -22.26
CA LEU A 137 -21.16 31.51 -23.37
C LEU A 137 -20.89 32.30 -24.64
N GLU A 138 -21.69 33.36 -24.86
CA GLU A 138 -21.51 34.19 -26.03
C GLU A 138 -20.24 35.03 -25.89
N ALA A 139 -20.01 35.55 -24.69
CA ALA A 139 -18.81 36.34 -24.43
C ALA A 139 -17.59 35.44 -24.54
N LEU A 140 -17.64 34.28 -23.86
CA LEU A 140 -16.56 33.32 -23.90
C LEU A 140 -16.40 32.70 -25.29
N LYS A 141 -17.42 32.86 -26.12
CA LYS A 141 -17.38 32.34 -27.48
C LYS A 141 -16.35 33.14 -28.26
N GLU A 142 -16.47 34.46 -28.17
CA GLU A 142 -15.54 35.35 -28.84
C GLU A 142 -14.25 35.42 -28.03
N ASN A 143 -14.42 35.42 -26.71
CA ASN A 143 -13.28 35.46 -25.78
C ASN A 143 -12.38 34.25 -26.02
N GLY A 144 -12.99 33.07 -26.05
CA GLY A 144 -12.25 31.85 -26.28
C GLY A 144 -11.84 31.73 -27.72
N GLY A 145 -12.70 32.20 -28.62
CA GLY A 145 -12.42 32.15 -30.05
C GLY A 145 -11.15 32.89 -30.37
N ALA A 146 -11.06 34.13 -29.89
CA ALA A 146 -9.89 34.95 -30.11
C ALA A 146 -8.70 34.35 -29.37
N ARG A 147 -8.97 33.80 -28.18
CA ARG A 147 -7.93 33.19 -27.38
C ARG A 147 -7.31 32.00 -28.09
N LEU A 148 -8.15 31.14 -28.66
CA LEU A 148 -7.66 29.97 -29.39
C LEU A 148 -6.87 30.40 -30.61
N ALA A 149 -7.39 31.41 -31.30
CA ALA A 149 -6.73 31.95 -32.48
C ALA A 149 -5.34 32.47 -32.09
N GLU A 150 -5.33 33.29 -31.06
CA GLU A 150 -4.08 33.87 -30.55
C GLU A 150 -3.17 32.77 -30.00
N TYR A 151 -3.76 31.78 -29.36
CA TYR A 151 -2.99 30.68 -28.80
C TYR A 151 -2.23 29.97 -29.91
N HIS A 152 -2.86 29.88 -31.08
CA HIS A 152 -2.24 29.26 -32.23
C HIS A 152 -1.05 30.10 -32.66
N ALA A 153 -1.24 31.42 -32.69
CA ALA A 153 -0.18 32.35 -33.06
C ALA A 153 0.95 32.32 -32.05
N LYS A 154 0.61 32.38 -30.77
CA LYS A 154 1.60 32.34 -29.70
C LYS A 154 2.34 31.01 -29.73
N ALA A 155 1.63 29.96 -30.13
CA ALA A 155 2.23 28.64 -30.23
C ALA A 155 3.15 28.55 -31.44
N THR A 156 2.70 29.07 -32.58
CA THR A 156 3.52 29.03 -33.78
C THR A 156 4.80 29.83 -33.57
N GLU A 157 4.69 30.99 -32.94
CA GLU A 157 5.84 31.83 -32.66
C GLU A 157 6.77 31.10 -31.70
N HIS A 158 6.19 30.30 -30.81
CA HIS A 158 6.96 29.55 -29.84
C HIS A 158 7.63 28.35 -30.50
N LEU A 159 6.87 27.64 -31.34
CA LEU A 159 7.39 26.47 -32.04
C LEU A 159 8.50 26.86 -33.01
N SER A 160 8.32 27.98 -33.69
CA SER A 160 9.30 28.48 -34.63
C SER A 160 10.59 28.89 -33.91
N THR A 161 10.44 29.54 -32.75
CA THR A 161 11.61 29.95 -31.99
C THR A 161 12.18 28.75 -31.24
N LEU A 162 11.36 27.71 -31.10
CA LEU A 162 11.78 26.49 -30.44
C LEU A 162 12.66 25.69 -31.37
N SER A 163 12.34 25.69 -32.66
CA SER A 163 13.15 24.98 -33.65
C SER A 163 14.50 25.64 -33.76
N GLU A 164 14.55 26.93 -33.44
CA GLU A 164 15.78 27.70 -33.48
C GLU A 164 16.65 27.36 -32.26
N LYS A 165 16.14 26.45 -31.44
CA LYS A 165 16.84 25.98 -30.26
C LYS A 165 17.02 24.45 -30.37
N ALA A 166 15.93 23.78 -30.73
CA ALA A 166 15.94 22.33 -30.89
C ALA A 166 16.84 21.87 -32.03
N LYS A 167 17.31 22.80 -32.84
CA LYS A 167 18.21 22.46 -33.92
C LYS A 167 19.62 23.01 -33.67
N PRO A 168 19.82 24.36 -33.71
CA PRO A 168 21.15 24.95 -33.49
C PRO A 168 21.71 24.64 -32.10
N ALA A 169 20.90 24.88 -31.08
CA ALA A 169 21.33 24.63 -29.71
C ALA A 169 21.52 23.14 -29.46
N LEU A 170 20.63 22.32 -30.02
CA LEU A 170 20.73 20.88 -29.85
C LEU A 170 21.96 20.33 -30.57
N GLU A 171 22.23 20.83 -31.77
CA GLU A 171 23.39 20.40 -32.52
C GLU A 171 24.65 20.84 -31.79
N ASP A 172 24.58 22.03 -31.20
CA ASP A 172 25.70 22.58 -30.44
C ASP A 172 25.91 21.72 -29.20
N LEU A 173 24.82 21.36 -28.55
CA LEU A 173 24.86 20.50 -27.36
C LEU A 173 25.46 19.14 -27.71
N ARG A 174 24.96 18.55 -28.79
CA ARG A 174 25.46 17.25 -29.23
C ARG A 174 26.92 17.37 -29.66
N GLN A 175 27.24 18.52 -30.24
CA GLN A 175 28.60 18.79 -30.69
C GLN A 175 29.56 18.89 -29.52
N GLY A 176 29.04 19.28 -28.36
CA GLY A 176 29.84 19.39 -27.15
C GLY A 176 29.84 18.04 -26.44
N LEU A 177 28.66 17.43 -26.37
CA LEU A 177 28.47 16.14 -25.72
C LEU A 177 29.42 15.08 -26.26
N LEU A 178 29.65 15.07 -27.57
CA LEU A 178 30.55 14.09 -28.17
C LEU A 178 31.95 14.14 -27.53
N PRO A 179 32.70 15.25 -27.68
CA PRO A 179 34.04 15.39 -27.09
C PRO A 179 33.99 15.31 -25.57
N VAL A 180 32.90 15.79 -24.99
CA VAL A 180 32.72 15.76 -23.54
C VAL A 180 32.63 14.32 -23.04
N LEU A 181 31.83 13.51 -23.72
CA LEU A 181 31.69 12.11 -23.35
C LEU A 181 32.98 11.36 -23.63
N GLU A 182 33.71 11.83 -24.64
CA GLU A 182 34.97 11.21 -25.01
C GLU A 182 36.04 11.51 -23.96
N SER A 183 36.14 12.78 -23.56
CA SER A 183 37.11 13.17 -22.55
C SER A 183 36.77 12.50 -21.23
N PHE A 184 35.47 12.45 -20.92
CA PHE A 184 35.00 11.80 -19.70
C PHE A 184 35.30 10.32 -19.78
N LYS A 185 35.15 9.74 -20.97
CA LYS A 185 35.42 8.32 -21.16
C LYS A 185 36.89 8.03 -20.87
N VAL A 186 37.76 8.95 -21.24
CA VAL A 186 39.20 8.80 -21.00
C VAL A 186 39.44 8.72 -19.49
N SER A 187 38.78 9.58 -18.74
CA SER A 187 38.90 9.60 -17.30
C SER A 187 38.25 8.37 -16.69
N PHE A 188 37.11 7.96 -17.25
CA PHE A 188 36.39 6.79 -16.77
C PHE A 188 37.20 5.53 -17.04
N LEU A 189 37.77 5.43 -18.23
CA LEU A 189 38.57 4.27 -18.61
C LEU A 189 39.72 4.09 -17.62
N SER A 190 40.39 5.19 -17.30
CA SER A 190 41.50 5.14 -16.37
C SER A 190 41.02 4.90 -14.95
N ALA A 191 39.88 5.50 -14.60
CA ALA A 191 39.30 5.34 -13.27
C ALA A 191 38.92 3.89 -13.03
N LEU A 192 38.38 3.23 -14.04
CA LEU A 192 38.02 1.83 -13.95
C LEU A 192 39.26 1.00 -13.67
N GLU A 193 40.35 1.34 -14.37
CA GLU A 193 41.61 0.64 -14.19
C GLU A 193 42.10 0.83 -12.76
N GLU A 194 41.87 2.02 -12.22
CA GLU A 194 42.26 2.33 -10.86
C GLU A 194 41.60 1.36 -9.89
N TYR A 195 40.28 1.25 -9.98
CA TYR A 195 39.51 0.35 -9.12
C TYR A 195 39.97 -1.10 -9.23
N THR A 196 40.35 -1.49 -10.44
CA THR A 196 40.78 -2.85 -10.68
C THR A 196 42.19 -3.11 -10.12
N LYS A 197 42.99 -2.06 -10.02
CA LYS A 197 44.35 -2.19 -9.52
C LYS A 197 44.44 -2.16 -7.99
N LYS A 198 43.82 -1.16 -7.37
CA LYS A 198 43.90 -1.01 -5.92
C LYS A 198 42.82 -1.79 -5.15
N LEU A 199 42.23 -2.78 -5.81
CA LEU A 199 41.20 -3.61 -5.16
C LEU A 199 41.40 -5.08 -5.54
N ASN A 200 42.44 -5.34 -6.32
CA ASN A 200 42.73 -6.71 -6.76
C ASN A 200 44.20 -6.88 -7.08
N LEU B 3 35.56 22.80 -20.10
CA LEU B 3 36.46 23.68 -20.82
C LEU B 3 35.69 24.41 -21.90
N LYS B 4 34.60 23.79 -22.33
CA LYS B 4 33.75 24.37 -23.36
C LYS B 4 32.50 24.95 -22.69
N LEU B 5 32.65 25.30 -21.41
CA LEU B 5 31.56 25.87 -20.64
C LEU B 5 31.06 27.16 -21.27
N LEU B 6 32.00 27.99 -21.73
CA LEU B 6 31.66 29.26 -22.36
C LEU B 6 30.87 28.98 -23.64
N ASP B 7 31.22 27.89 -24.31
CA ASP B 7 30.57 27.49 -25.54
C ASP B 7 29.15 27.05 -25.25
N ASN B 8 28.98 26.29 -24.18
CA ASN B 8 27.66 25.81 -23.76
C ASN B 8 26.80 27.00 -23.36
N TRP B 9 27.42 27.96 -22.67
CA TRP B 9 26.73 29.16 -22.21
C TRP B 9 26.36 30.03 -23.40
N ASP B 10 27.06 29.87 -24.51
CA ASP B 10 26.77 30.63 -25.73
C ASP B 10 25.42 30.20 -26.29
N SER B 11 25.19 28.89 -26.32
CA SER B 11 23.94 28.36 -26.80
C SER B 11 22.81 28.80 -25.86
N VAL B 12 23.15 28.89 -24.58
CA VAL B 12 22.21 29.30 -23.55
C VAL B 12 21.88 30.79 -23.67
N THR B 13 22.91 31.61 -23.92
CA THR B 13 22.69 33.05 -24.07
C THR B 13 21.83 33.34 -25.28
N SER B 14 22.05 32.60 -26.38
CA SER B 14 21.25 32.77 -27.57
C SER B 14 19.82 32.35 -27.25
N THR B 15 19.70 31.32 -26.42
CA THR B 15 18.39 30.83 -25.98
C THR B 15 17.69 31.91 -25.16
N PHE B 16 18.45 32.57 -24.29
CA PHE B 16 17.90 33.66 -23.48
C PHE B 16 17.36 34.76 -24.36
N SER B 17 18.14 35.13 -25.38
CA SER B 17 17.74 36.16 -26.32
C SER B 17 16.50 35.69 -27.09
N LYS B 18 16.49 34.41 -27.45
CA LYS B 18 15.37 33.82 -28.16
C LYS B 18 14.14 33.82 -27.27
N LEU B 19 14.34 33.65 -25.97
CA LEU B 19 13.25 33.67 -25.02
C LEU B 19 12.68 35.07 -24.95
N ARG B 20 13.58 36.05 -24.99
CA ARG B 20 13.21 37.46 -24.96
C ARG B 20 12.42 37.83 -26.21
N GLU B 21 12.67 37.12 -27.30
CA GLU B 21 11.95 37.35 -28.55
C GLU B 21 10.49 36.94 -28.35
N GLN B 22 10.30 35.85 -27.61
CA GLN B 22 8.96 35.35 -27.32
C GLN B 22 8.33 36.22 -26.24
N LEU B 23 9.17 36.87 -25.46
CA LEU B 23 8.71 37.75 -24.39
C LEU B 23 8.35 39.13 -24.93
N GLY B 24 8.37 39.26 -26.25
CA GLY B 24 8.02 40.52 -26.88
C GLY B 24 6.63 40.50 -27.46
N PRO B 25 6.49 40.14 -28.75
CA PRO B 25 5.18 40.08 -29.42
C PRO B 25 4.18 39.16 -28.72
N VAL B 26 4.66 38.02 -28.25
CA VAL B 26 3.80 37.06 -27.57
C VAL B 26 3.21 37.63 -26.28
N THR B 27 4.02 38.34 -25.49
CA THR B 27 3.53 38.91 -24.25
C THR B 27 2.57 40.06 -24.52
N GLN B 28 2.93 40.92 -25.48
CA GLN B 28 2.09 42.05 -25.85
C GLN B 28 0.74 41.52 -26.32
N GLU B 29 0.78 40.49 -27.15
CA GLU B 29 -0.41 39.87 -27.66
C GLU B 29 -1.19 39.25 -26.50
N PHE B 30 -0.47 38.68 -25.54
CA PHE B 30 -1.08 38.08 -24.37
C PHE B 30 -1.74 39.13 -23.50
N TRP B 31 -1.14 40.32 -23.47
CA TRP B 31 -1.69 41.44 -22.70
C TRP B 31 -3.00 41.88 -23.31
N ASP B 32 -3.04 41.94 -24.64
CA ASP B 32 -4.24 42.32 -25.36
C ASP B 32 -5.26 41.19 -25.23
N ASN B 33 -4.74 39.98 -25.06
CA ASN B 33 -5.57 38.79 -24.88
C ASN B 33 -6.26 38.86 -23.53
N LEU B 34 -5.47 39.18 -22.50
CA LEU B 34 -5.98 39.33 -21.15
C LEU B 34 -6.98 40.46 -21.11
N GLU B 35 -6.72 41.48 -21.94
CA GLU B 35 -7.62 42.61 -22.05
C GLU B 35 -8.95 42.16 -22.62
N LYS B 36 -8.89 41.29 -23.65
CA LYS B 36 -10.12 40.76 -24.26
C LYS B 36 -10.88 39.97 -23.21
N GLU B 37 -10.14 39.28 -22.35
CA GLU B 37 -10.74 38.53 -21.26
C GLU B 37 -11.44 39.51 -20.34
N THR B 38 -10.76 40.60 -20.01
CA THR B 38 -11.32 41.63 -19.15
C THR B 38 -12.57 42.23 -19.82
N GLU B 39 -12.49 42.46 -21.13
CA GLU B 39 -13.62 43.01 -21.88
C GLU B 39 -14.80 42.05 -21.84
N GLY B 40 -14.51 40.77 -22.06
CA GLY B 40 -15.54 39.76 -22.00
C GLY B 40 -16.13 39.68 -20.61
N LEU B 41 -15.26 39.66 -19.61
CA LEU B 41 -15.67 39.61 -18.22
C LEU B 41 -16.42 40.88 -17.84
N ARG B 42 -16.11 41.98 -18.50
CA ARG B 42 -16.80 43.24 -18.24
C ARG B 42 -18.24 43.13 -18.70
N GLN B 43 -18.48 42.23 -19.64
CA GLN B 43 -19.82 41.99 -20.17
C GLN B 43 -20.50 40.89 -19.36
N GLU B 44 -19.70 39.92 -18.92
CA GLU B 44 -20.21 38.81 -18.12
C GLU B 44 -20.49 39.24 -16.69
N MET B 45 -19.45 39.78 -16.04
CA MET B 45 -19.55 40.22 -14.64
C MET B 45 -20.60 41.30 -14.43
N SER B 46 -20.76 42.19 -15.40
CA SER B 46 -21.75 43.26 -15.27
C SER B 46 -23.14 42.65 -15.14
N LYS B 47 -23.49 41.79 -16.09
CA LYS B 47 -24.78 41.13 -16.07
C LYS B 47 -24.89 40.22 -14.86
N ASP B 48 -23.82 39.48 -14.58
CA ASP B 48 -23.78 38.57 -13.44
C ASP B 48 -24.02 39.33 -12.14
N LEU B 49 -23.35 40.47 -11.97
CA LEU B 49 -23.49 41.27 -10.76
C LEU B 49 -24.85 41.97 -10.70
N GLU B 50 -25.25 42.60 -11.79
CA GLU B 50 -26.53 43.31 -11.83
C GLU B 50 -27.68 42.34 -11.62
N GLU B 51 -27.54 41.15 -12.18
CA GLU B 51 -28.56 40.12 -12.04
C GLU B 51 -28.48 39.48 -10.66
N VAL B 52 -27.28 39.31 -10.14
CA VAL B 52 -27.11 38.71 -8.81
C VAL B 52 -27.72 39.61 -7.74
N LYS B 53 -27.59 40.93 -7.92
CA LYS B 53 -28.16 41.88 -6.99
C LYS B 53 -29.67 41.80 -7.07
N ALA B 54 -30.17 41.67 -8.30
CA ALA B 54 -31.60 41.58 -8.55
C ALA B 54 -32.13 40.20 -8.17
N LYS B 55 -31.22 39.26 -7.94
CA LYS B 55 -31.60 37.91 -7.55
C LYS B 55 -31.50 37.75 -6.04
N VAL B 56 -30.43 38.27 -5.47
CA VAL B 56 -30.21 38.19 -4.03
C VAL B 56 -31.31 38.89 -3.25
N GLN B 57 -31.81 40.01 -3.78
CA GLN B 57 -32.88 40.75 -3.13
C GLN B 57 -34.10 39.87 -2.87
N PRO B 58 -34.77 39.33 -3.92
CA PRO B 58 -35.94 38.46 -3.72
C PRO B 58 -35.54 37.11 -3.13
N TYR B 59 -34.29 36.71 -3.36
CA TYR B 59 -33.80 35.45 -2.82
C TYR B 59 -33.81 35.51 -1.30
N LEU B 60 -33.15 36.53 -0.76
CA LEU B 60 -33.09 36.72 0.68
C LEU B 60 -34.44 37.17 1.20
N ASP B 61 -35.18 37.89 0.37
CA ASP B 61 -36.52 38.36 0.73
C ASP B 61 -37.41 37.17 1.05
N ASP B 62 -37.41 36.20 0.14
CA ASP B 62 -38.20 35.00 0.33
C ASP B 62 -37.51 34.06 1.29
N PHE B 63 -36.18 34.14 1.33
CA PHE B 63 -35.40 33.31 2.25
C PHE B 63 -35.77 33.68 3.67
N GLN B 64 -35.96 34.97 3.90
CA GLN B 64 -36.37 35.47 5.21
C GLN B 64 -37.74 34.90 5.55
N LYS B 65 -38.61 34.87 4.55
CA LYS B 65 -39.95 34.33 4.73
C LYS B 65 -39.85 32.86 5.09
N LYS B 66 -39.05 32.13 4.32
CA LYS B 66 -38.84 30.70 4.56
C LYS B 66 -38.23 30.47 5.94
N TRP B 67 -37.25 31.29 6.28
CA TRP B 67 -36.59 31.19 7.57
C TRP B 67 -37.57 31.52 8.69
N GLN B 68 -38.44 32.49 8.45
CA GLN B 68 -39.45 32.88 9.43
C GLN B 68 -40.51 31.80 9.55
N GLU B 69 -40.83 31.17 8.43
CA GLU B 69 -41.80 30.08 8.40
C GLU B 69 -41.30 28.98 9.34
N GLU B 70 -40.03 28.64 9.17
CA GLU B 70 -39.41 27.61 10.00
C GLU B 70 -39.06 28.13 11.39
N MET B 71 -38.82 29.44 11.50
CA MET B 71 -38.51 30.05 12.79
C MET B 71 -39.73 29.89 13.70
N GLU B 72 -40.88 30.28 13.17
CA GLU B 72 -42.13 30.15 13.89
C GLU B 72 -42.47 28.68 14.04
N LEU B 73 -42.20 27.92 12.98
CA LEU B 73 -42.45 26.48 12.96
C LEU B 73 -41.66 25.79 14.07
N TYR B 74 -40.37 26.10 14.17
CA TYR B 74 -39.53 25.51 15.19
C TYR B 74 -39.90 26.07 16.55
N ARG B 75 -40.26 27.34 16.60
CA ARG B 75 -40.66 27.97 17.85
C ARG B 75 -41.92 27.28 18.39
N GLN B 76 -42.89 27.08 17.51
CA GLN B 76 -44.15 26.43 17.89
C GLN B 76 -43.99 24.92 17.98
N LYS B 77 -42.76 24.46 17.81
CA LYS B 77 -42.45 23.04 17.92
C LYS B 77 -41.64 22.81 19.18
N VAL B 78 -40.61 23.61 19.35
CA VAL B 78 -39.73 23.53 20.50
C VAL B 78 -40.48 23.87 21.78
N GLU B 79 -41.35 24.87 21.74
CA GLU B 79 -42.12 25.27 22.92
C GLU B 79 -42.92 24.09 23.51
N PRO B 80 -43.84 23.47 22.73
CA PRO B 80 -44.62 22.33 23.22
C PRO B 80 -43.71 21.12 23.47
N LEU B 81 -42.76 20.88 22.57
CA LEU B 81 -41.84 19.76 22.71
C LEU B 81 -41.03 19.89 23.99
N ARG B 82 -40.63 21.11 24.33
CA ARG B 82 -39.86 21.35 25.55
C ARG B 82 -40.73 21.01 26.75
N ALA B 83 -42.03 21.29 26.64
CA ALA B 83 -42.96 20.99 27.70
C ALA B 83 -43.11 19.48 27.81
N GLU B 84 -43.29 18.83 26.66
CA GLU B 84 -43.40 17.38 26.60
C GLU B 84 -42.12 16.72 27.11
N LEU B 85 -40.98 17.29 26.68
CA LEU B 85 -39.68 16.79 27.09
C LEU B 85 -39.50 17.01 28.59
N GLN B 86 -39.97 18.15 29.09
CA GLN B 86 -39.88 18.45 30.50
C GLN B 86 -40.75 17.50 31.31
N GLU B 87 -41.99 17.33 30.87
CA GLU B 87 -42.91 16.41 31.55
C GLU B 87 -42.39 14.99 31.44
N GLY B 88 -41.87 14.66 30.27
CA GLY B 88 -41.31 13.34 30.05
C GLY B 88 -40.07 13.13 30.89
N ALA B 89 -39.28 14.19 31.03
CA ALA B 89 -38.06 14.13 31.84
C ALA B 89 -38.41 14.10 33.31
N ARG B 90 -39.45 14.82 33.69
CA ARG B 90 -39.90 14.85 35.08
C ARG B 90 -40.34 13.46 35.48
N GLN B 91 -41.12 12.83 34.61
CA GLN B 91 -41.57 11.47 34.86
C GLN B 91 -40.37 10.54 34.82
N LYS B 92 -39.48 10.77 33.86
CA LYS B 92 -38.27 9.96 33.71
C LYS B 92 -37.41 10.11 34.96
N LEU B 93 -37.41 11.31 35.55
CA LEU B 93 -36.66 11.56 36.77
C LEU B 93 -37.24 10.73 37.88
N HIS B 94 -38.57 10.72 37.96
CA HIS B 94 -39.26 9.92 38.96
C HIS B 94 -38.99 8.46 38.68
N GLU B 95 -39.08 8.07 37.41
CA GLU B 95 -38.81 6.71 36.99
C GLU B 95 -37.41 6.31 37.40
N LEU B 96 -36.44 7.17 37.10
CA LEU B 96 -35.04 6.93 37.42
C LEU B 96 -34.82 6.94 38.93
N GLN B 97 -35.36 7.94 39.63
CA GLN B 97 -35.20 8.03 41.08
C GLN B 97 -35.85 6.85 41.78
N GLU B 98 -36.95 6.36 41.23
CA GLU B 98 -37.66 5.21 41.80
C GLU B 98 -36.85 3.94 41.59
N LYS B 99 -35.75 4.08 40.87
CA LYS B 99 -34.85 2.96 40.60
C LYS B 99 -33.50 3.21 41.24
N LEU B 100 -32.93 4.37 40.95
CA LEU B 100 -31.62 4.76 41.47
C LEU B 100 -31.55 4.77 42.99
N SER B 101 -32.64 5.15 43.66
CA SER B 101 -32.66 5.17 45.10
C SER B 101 -32.61 3.74 45.69
N PRO B 102 -33.62 2.89 45.43
CA PRO B 102 -33.64 1.52 45.94
C PRO B 102 -32.46 0.71 45.42
N LEU B 103 -32.15 0.84 44.13
CA LEU B 103 -31.03 0.13 43.53
C LEU B 103 -29.71 0.66 44.08
N GLY B 104 -29.71 1.94 44.45
CA GLY B 104 -28.52 2.54 45.01
C GLY B 104 -28.23 1.96 46.37
N GLU B 105 -29.26 1.89 47.20
CA GLU B 105 -29.12 1.32 48.54
C GLU B 105 -28.85 -0.17 48.42
N GLU B 106 -29.52 -0.79 47.46
CA GLU B 106 -29.36 -2.21 47.21
C GLU B 106 -27.94 -2.48 46.74
N MET B 107 -27.47 -1.67 45.80
CA MET B 107 -26.11 -1.80 45.28
C MET B 107 -25.11 -1.58 46.41
N ARG B 108 -25.46 -0.69 47.33
CA ARG B 108 -24.61 -0.44 48.47
C ARG B 108 -24.54 -1.70 49.32
N ASP B 109 -25.69 -2.31 49.56
CA ASP B 109 -25.76 -3.55 50.33
C ASP B 109 -25.02 -4.66 49.58
N ARG B 110 -25.21 -4.68 48.26
CA ARG B 110 -24.54 -5.66 47.42
C ARG B 110 -23.03 -5.46 47.52
N ALA B 111 -22.61 -4.19 47.41
CA ALA B 111 -21.21 -3.84 47.51
C ALA B 111 -20.69 -4.19 48.89
N ARG B 112 -21.52 -3.98 49.91
CA ARG B 112 -21.15 -4.31 51.28
C ARG B 112 -20.87 -5.79 51.36
N ALA B 113 -21.83 -6.58 50.89
CA ALA B 113 -21.71 -8.03 50.90
C ALA B 113 -20.58 -8.49 49.97
N HIS B 114 -20.28 -7.68 48.97
CA HIS B 114 -19.21 -7.98 48.03
C HIS B 114 -17.85 -7.70 48.65
N VAL B 115 -17.65 -6.44 49.05
CA VAL B 115 -16.40 -6.00 49.66
C VAL B 115 -16.15 -6.67 51.00
N ASP B 116 -17.18 -6.81 51.83
CA ASP B 116 -17.01 -7.44 53.13
C ASP B 116 -16.56 -8.87 52.96
N ALA B 117 -17.12 -9.55 51.95
CA ALA B 117 -16.73 -10.90 51.65
C ALA B 117 -15.31 -10.88 51.12
N LEU B 118 -15.03 -9.91 50.26
CA LEU B 118 -13.70 -9.74 49.68
C LEU B 118 -12.66 -9.54 50.78
N ARG B 119 -13.05 -8.84 51.84
CA ARG B 119 -12.16 -8.61 52.97
C ARG B 119 -11.65 -9.94 53.52
N THR B 120 -12.59 -10.85 53.79
CA THR B 120 -12.26 -12.17 54.30
C THR B 120 -11.91 -13.14 53.18
N HIS B 121 -11.80 -12.63 51.95
CA HIS B 121 -11.46 -13.46 50.81
C HIS B 121 -10.11 -13.05 50.23
N LEU B 122 -9.69 -11.83 50.53
CA LEU B 122 -8.43 -11.31 50.05
C LEU B 122 -7.39 -11.30 51.16
N ALA B 123 -7.83 -11.04 52.40
CA ALA B 123 -6.91 -11.03 53.54
C ALA B 123 -6.19 -12.38 53.69
N PRO B 124 -6.93 -13.51 53.79
CA PRO B 124 -6.29 -14.82 53.91
C PRO B 124 -5.57 -15.20 52.62
N TYR B 125 -6.10 -14.71 51.50
CA TYR B 125 -5.53 -14.99 50.18
C TYR B 125 -4.14 -14.35 50.07
N SER B 126 -4.06 -13.07 50.37
CA SER B 126 -2.80 -12.34 50.31
C SER B 126 -1.83 -12.91 51.34
N ASP B 127 -2.35 -13.34 52.48
CA ASP B 127 -1.52 -13.93 53.52
C ASP B 127 -0.99 -15.28 53.06
N GLU B 128 -1.83 -16.04 52.38
CA GLU B 128 -1.43 -17.33 51.82
C GLU B 128 -0.32 -17.10 50.81
N LEU B 129 -0.52 -16.06 50.00
CA LEU B 129 0.45 -15.68 48.99
C LEU B 129 1.75 -15.29 49.67
N ARG B 130 1.65 -14.60 50.81
CA ARG B 130 2.83 -14.19 51.56
C ARG B 130 3.62 -15.40 52.01
N GLN B 131 2.91 -16.43 52.46
CA GLN B 131 3.55 -17.67 52.91
C GLN B 131 4.22 -18.37 51.73
N ARG B 132 3.54 -18.41 50.61
CA ARG B 132 4.07 -19.04 49.41
C ARG B 132 5.23 -18.22 48.87
N LEU B 133 5.01 -16.91 48.76
CA LEU B 133 6.05 -16.01 48.27
C LEU B 133 7.28 -16.04 49.18
N ALA B 134 7.06 -16.30 50.46
CA ALA B 134 8.16 -16.40 51.41
C ALA B 134 9.05 -17.57 51.03
N ALA B 135 8.43 -18.72 50.84
CA ALA B 135 9.15 -19.93 50.46
C ALA B 135 9.74 -19.76 49.06
N ARG B 136 8.96 -19.13 48.19
CA ARG B 136 9.38 -18.88 46.82
C ARG B 136 10.61 -17.98 46.80
N LEU B 137 10.55 -16.90 47.56
CA LEU B 137 11.66 -15.96 47.65
C LEU B 137 12.85 -16.64 48.29
N GLU B 138 12.59 -17.48 49.30
CA GLU B 138 13.64 -18.21 49.98
C GLU B 138 14.30 -19.18 49.00
N ALA B 139 13.50 -19.81 48.16
CA ALA B 139 14.03 -20.74 47.16
C ALA B 139 14.88 -19.96 46.17
N LEU B 140 14.35 -18.83 45.70
CA LEU B 140 15.06 -17.98 44.77
C LEU B 140 16.32 -17.40 45.42
N LYS B 141 16.26 -17.23 46.73
CA LYS B 141 17.40 -16.71 47.49
C LYS B 141 18.47 -17.77 47.60
N GLU B 142 18.07 -18.97 48.01
CA GLU B 142 18.99 -20.08 48.15
C GLU B 142 19.64 -20.40 46.81
N ASN B 143 18.80 -20.59 45.80
CA ASN B 143 19.26 -20.90 44.46
C ASN B 143 20.01 -19.71 43.89
N GLY B 144 19.52 -18.51 44.21
CA GLY B 144 20.16 -17.29 43.75
C GLY B 144 21.55 -17.14 44.34
N GLY B 145 21.68 -17.46 45.62
CA GLY B 145 22.99 -17.40 46.27
C GLY B 145 23.95 -18.37 45.64
N ALA B 146 23.41 -19.51 45.22
CA ALA B 146 24.20 -20.54 44.55
C ALA B 146 24.55 -20.04 43.16
N ARG B 147 23.54 -19.48 42.48
CA ARG B 147 23.71 -18.93 41.14
C ARG B 147 24.77 -17.85 41.13
N LEU B 148 24.75 -16.98 42.14
CA LEU B 148 25.73 -15.93 42.26
C LEU B 148 27.15 -16.50 42.30
N ALA B 149 27.31 -17.60 43.03
CA ALA B 149 28.59 -18.27 43.13
C ALA B 149 28.94 -18.92 41.78
N GLU B 150 27.94 -19.57 41.19
CA GLU B 150 28.10 -20.22 39.90
C GLU B 150 28.48 -19.19 38.84
N TYR B 151 27.72 -18.11 38.78
CA TYR B 151 27.96 -17.04 37.82
C TYR B 151 29.37 -16.48 38.00
N HIS B 152 29.76 -16.24 39.24
CA HIS B 152 31.09 -15.72 39.53
C HIS B 152 32.16 -16.71 39.11
N ALA B 153 31.95 -17.98 39.43
CA ALA B 153 32.88 -19.03 39.08
C ALA B 153 33.03 -19.13 37.56
N LYS B 154 31.90 -19.24 36.87
CA LYS B 154 31.90 -19.34 35.42
C LYS B 154 32.42 -18.07 34.78
N ALA B 155 32.15 -16.93 35.42
CA ALA B 155 32.63 -15.65 34.90
C ALA B 155 34.15 -15.60 35.00
N THR B 156 34.68 -16.12 36.11
CA THR B 156 36.12 -16.18 36.32
C THR B 156 36.76 -17.05 35.24
N GLU B 157 36.14 -18.21 34.99
CA GLU B 157 36.62 -19.13 33.97
C GLU B 157 36.46 -18.50 32.60
N HIS B 158 35.41 -17.70 32.44
CA HIS B 158 35.16 -17.02 31.18
C HIS B 158 36.16 -15.90 30.98
N LEU B 159 36.61 -15.30 32.09
CA LEU B 159 37.59 -14.23 32.03
C LEU B 159 38.94 -14.77 31.59
N SER B 160 39.33 -15.92 32.13
CA SER B 160 40.58 -16.54 31.77
C SER B 160 40.56 -17.01 30.32
N THR B 161 39.42 -17.57 29.90
CA THR B 161 39.27 -18.04 28.53
C THR B 161 39.21 -16.86 27.56
N LEU B 162 38.72 -15.72 28.03
CA LEU B 162 38.68 -14.52 27.21
C LEU B 162 40.07 -13.93 27.10
N SER B 163 40.83 -14.09 28.18
CA SER B 163 42.20 -13.59 28.23
C SER B 163 43.08 -14.30 27.20
N GLU B 164 42.69 -15.52 26.82
CA GLU B 164 43.43 -16.28 25.81
C GLU B 164 43.33 -15.56 24.47
N LYS B 165 42.28 -14.77 24.33
CA LYS B 165 42.04 -14.02 23.12
C LYS B 165 42.25 -12.53 23.39
N ALA B 166 42.52 -12.19 24.64
CA ALA B 166 42.74 -10.81 25.04
C ALA B 166 44.22 -10.48 25.09
N LYS B 167 45.05 -11.50 25.02
CA LYS B 167 46.49 -11.30 25.03
C LYS B 167 47.14 -11.88 23.77
N PRO B 168 47.21 -13.23 23.61
CA PRO B 168 47.83 -13.85 22.44
C PRO B 168 47.13 -13.42 21.15
N ALA B 169 45.80 -13.53 21.15
CA ALA B 169 45.01 -13.16 19.99
C ALA B 169 45.09 -11.65 19.72
N LEU B 170 45.02 -10.85 20.78
CA LEU B 170 45.10 -9.40 20.63
C LEU B 170 46.46 -8.97 20.10
N GLU B 171 47.53 -9.58 20.63
CA GLU B 171 48.88 -9.27 20.19
C GLU B 171 49.06 -9.73 18.75
N ASP B 172 48.50 -10.88 18.42
CA ASP B 172 48.59 -11.40 17.06
C ASP B 172 47.78 -10.54 16.11
N LEU B 173 46.65 -10.02 16.60
CA LEU B 173 45.81 -9.15 15.80
C LEU B 173 46.61 -7.92 15.39
N ARG B 174 47.38 -7.39 16.34
CA ARG B 174 48.22 -6.23 16.07
C ARG B 174 49.37 -6.65 15.16
N GLN B 175 49.90 -7.85 15.43
CA GLN B 175 50.99 -8.38 14.64
C GLN B 175 50.58 -8.59 13.18
N GLY B 176 49.29 -8.71 12.96
CA GLY B 176 48.75 -8.87 11.61
C GLY B 176 48.34 -7.51 11.08
N LEU B 177 47.76 -6.69 11.95
CA LEU B 177 47.30 -5.35 11.58
C LEU B 177 48.45 -4.46 11.14
N LEU B 178 49.57 -4.53 11.85
CA LEU B 178 50.73 -3.69 11.52
C LEU B 178 51.20 -3.88 10.08
N PRO B 179 51.65 -5.08 9.67
CA PRO B 179 52.09 -5.31 8.29
C PRO B 179 50.99 -5.01 7.28
N VAL B 180 49.76 -5.36 7.64
CA VAL B 180 48.62 -5.11 6.77
C VAL B 180 48.40 -3.61 6.59
N LEU B 181 48.47 -2.85 7.68
CA LEU B 181 48.30 -1.40 7.61
C LEU B 181 49.40 -0.79 6.75
N GLU B 182 50.63 -1.26 6.96
CA GLU B 182 51.76 -0.78 6.18
C GLU B 182 51.54 -1.07 4.70
N SER B 183 51.08 -2.29 4.41
CA SER B 183 50.80 -2.70 3.04
C SER B 183 49.63 -1.87 2.49
N PHE B 184 48.64 -1.63 3.34
CA PHE B 184 47.47 -0.85 2.96
C PHE B 184 47.91 0.56 2.58
N LYS B 185 48.83 1.11 3.36
CA LYS B 185 49.35 2.45 3.09
C LYS B 185 50.00 2.49 1.71
N VAL B 186 50.71 1.41 1.36
CA VAL B 186 51.35 1.31 0.05
C VAL B 186 50.30 1.45 -1.04
N SER B 187 49.21 0.70 -0.89
CA SER B 187 48.12 0.73 -1.84
C SER B 187 47.48 2.11 -1.85
N PHE B 188 47.34 2.71 -0.66
CA PHE B 188 46.76 4.04 -0.52
C PHE B 188 47.64 5.07 -1.21
N LEU B 189 48.95 4.91 -1.08
CA LEU B 189 49.90 5.80 -1.71
C LEU B 189 49.75 5.73 -3.22
N SER B 190 49.72 4.49 -3.74
CA SER B 190 49.55 4.27 -5.17
C SER B 190 48.19 4.82 -5.61
N ALA B 191 47.19 4.68 -4.76
CA ALA B 191 45.85 5.17 -5.05
C ALA B 191 45.84 6.69 -5.16
N LEU B 192 46.33 7.35 -4.12
CA LEU B 192 46.35 8.81 -4.08
C LEU B 192 47.29 9.41 -5.11
N GLU B 193 48.27 8.65 -5.58
CA GLU B 193 49.22 9.14 -6.58
C GLU B 193 48.71 8.95 -8.00
N GLU B 194 48.07 7.81 -8.25
CA GLU B 194 47.58 7.52 -9.59
C GLU B 194 46.22 8.18 -9.86
N TYR B 195 45.40 8.30 -8.82
CA TYR B 195 44.07 8.89 -8.95
C TYR B 195 44.15 10.40 -9.21
N THR B 196 45.17 11.05 -8.64
CA THR B 196 45.35 12.49 -8.80
C THR B 196 45.55 12.86 -10.27
N LYS B 197 46.11 11.91 -11.03
CA LYS B 197 46.36 12.12 -12.46
C LYS B 197 45.03 12.23 -13.21
N LYS B 198 43.98 11.65 -12.63
CA LYS B 198 42.65 11.68 -13.23
C LYS B 198 41.89 12.91 -12.77
N LEU B 199 42.25 13.41 -11.60
CA LEU B 199 41.61 14.59 -11.04
C LEU B 199 42.23 15.87 -11.60
N ASN B 200 43.40 15.72 -12.21
CA ASN B 200 44.12 16.85 -12.79
C ASN B 200 43.37 17.38 -14.00
N MET C 3 -2.42 -6.38 -6.95
CA MET C 3 -1.16 -6.57 -6.21
C MET C 3 -1.22 -7.80 -5.32
N THR C 4 -1.15 -7.61 -4.00
CA THR C 4 -1.21 -8.72 -3.06
C THR C 4 -2.62 -9.29 -2.94
N GLU C 5 -3.62 -8.42 -3.12
CA GLU C 5 -5.00 -8.85 -3.07
C GLU C 5 -5.39 -9.49 -4.39
N TYR C 6 -6.06 -10.64 -4.32
CA TYR C 6 -6.47 -11.35 -5.52
C TYR C 6 -7.87 -10.96 -5.97
N LYS C 7 -7.95 -10.24 -7.08
CA LYS C 7 -9.23 -9.81 -7.62
C LYS C 7 -9.59 -10.65 -8.83
N LEU C 8 -10.61 -11.49 -8.68
CA LEU C 8 -11.05 -12.39 -9.76
C LEU C 8 -12.36 -11.93 -10.35
N VAL C 9 -12.42 -11.87 -11.68
CA VAL C 9 -13.63 -11.46 -12.38
C VAL C 9 -14.20 -12.63 -13.19
N VAL C 10 -15.49 -12.90 -12.99
CA VAL C 10 -16.15 -13.98 -13.70
C VAL C 10 -17.02 -13.44 -14.82
N VAL C 11 -16.75 -13.87 -16.05
CA VAL C 11 -17.52 -13.43 -17.21
C VAL C 11 -18.17 -14.62 -17.90
N GLY C 12 -19.26 -14.35 -18.60
CA GLY C 12 -19.98 -15.39 -19.31
C GLY C 12 -21.39 -14.96 -19.66
N ALA C 13 -21.98 -15.64 -20.63
CA ALA C 13 -23.34 -15.34 -21.06
C ALA C 13 -24.36 -15.54 -19.95
N GLY C 14 -25.50 -14.88 -20.08
CA GLY C 14 -26.56 -14.97 -19.10
C GLY C 14 -27.27 -16.32 -19.12
N GLY C 15 -26.64 -17.31 -18.51
CA GLY C 15 -27.22 -18.64 -18.47
C GLY C 15 -26.18 -19.71 -18.18
N VAL C 16 -24.91 -19.36 -18.35
CA VAL C 16 -23.81 -20.30 -18.12
C VAL C 16 -23.73 -20.76 -16.65
N GLY C 17 -24.39 -20.04 -15.76
CA GLY C 17 -24.40 -20.41 -14.35
C GLY C 17 -23.21 -19.89 -13.59
N LYS C 18 -22.86 -18.62 -13.82
CA LYS C 18 -21.73 -18.00 -13.12
C LYS C 18 -22.02 -17.90 -11.62
N SER C 19 -23.27 -17.56 -11.30
CA SER C 19 -23.70 -17.43 -9.91
C SER C 19 -23.61 -18.78 -9.21
N ALA C 20 -23.99 -19.84 -9.91
CA ALA C 20 -23.97 -21.19 -9.36
C ALA C 20 -22.55 -21.58 -8.94
N LEU C 21 -21.60 -21.34 -9.83
CA LEU C 21 -20.20 -21.66 -9.56
C LEU C 21 -19.69 -20.88 -8.35
N THR C 22 -20.06 -19.61 -8.29
CA THR C 22 -19.64 -18.75 -7.20
C THR C 22 -20.23 -19.17 -5.85
N ILE C 23 -21.54 -19.36 -5.81
CA ILE C 23 -22.22 -19.74 -4.58
C ILE C 23 -21.82 -21.15 -4.11
N GLN C 24 -21.57 -22.05 -5.06
CA GLN C 24 -21.18 -23.41 -4.74
C GLN C 24 -19.78 -23.44 -4.11
N LEU C 25 -18.99 -22.42 -4.40
CA LEU C 25 -17.64 -22.32 -3.86
C LEU C 25 -17.61 -21.50 -2.58
N ILE C 26 -18.32 -20.38 -2.59
CA ILE C 26 -18.36 -19.48 -1.44
C ILE C 26 -19.19 -20.06 -0.29
N GLN C 27 -20.46 -20.32 -0.53
CA GLN C 27 -21.33 -20.84 0.51
C GLN C 27 -21.60 -22.33 0.36
N ASN C 28 -20.93 -22.95 -0.62
CA ASN C 28 -21.08 -24.38 -0.88
C ASN C 28 -22.53 -24.76 -1.09
N HIS C 29 -23.26 -23.92 -1.81
CA HIS C 29 -24.67 -24.17 -2.08
C HIS C 29 -24.98 -23.92 -3.54
N PHE C 30 -25.63 -24.89 -4.17
CA PHE C 30 -25.99 -24.78 -5.57
C PHE C 30 -27.35 -24.14 -5.74
N VAL C 31 -27.43 -23.19 -6.65
CA VAL C 31 -28.68 -22.52 -6.93
C VAL C 31 -29.35 -23.19 -8.13
N ASP C 32 -30.52 -23.76 -7.90
CA ASP C 32 -31.26 -24.44 -8.94
C ASP C 32 -32.34 -23.53 -9.50
N GLU C 33 -32.56 -22.42 -8.80
CA GLU C 33 -33.55 -21.44 -9.21
C GLU C 33 -32.90 -20.38 -10.09
N TYR C 34 -33.64 -19.84 -11.04
CA TYR C 34 -33.13 -18.82 -11.94
C TYR C 34 -32.96 -17.50 -11.19
N ASP C 35 -31.71 -17.11 -10.98
CA ASP C 35 -31.41 -15.87 -10.28
C ASP C 35 -30.63 -14.91 -11.17
N PRO C 36 -31.24 -13.76 -11.51
CA PRO C 36 -30.59 -12.73 -12.33
C PRO C 36 -29.56 -11.97 -11.51
N THR C 37 -28.32 -11.97 -11.98
CA THR C 37 -27.25 -11.32 -11.27
C THR C 37 -26.68 -10.13 -12.06
N ILE C 38 -26.52 -9.01 -11.38
CA ILE C 38 -25.97 -7.81 -12.01
C ILE C 38 -24.61 -7.48 -11.40
N GLU C 39 -24.59 -7.29 -10.10
CA GLU C 39 -23.37 -7.00 -9.36
C GLU C 39 -23.19 -8.02 -8.25
N ASP C 40 -21.95 -8.47 -8.05
CA ASP C 40 -21.69 -9.48 -7.03
C ASP C 40 -20.46 -9.11 -6.21
N SER C 41 -20.65 -8.98 -4.90
CA SER C 41 -19.55 -8.66 -4.02
C SER C 41 -19.32 -9.82 -3.05
N TYR C 42 -18.53 -10.79 -3.50
CA TYR C 42 -18.23 -11.96 -2.68
C TYR C 42 -16.76 -12.00 -2.29
N ARG C 43 -16.49 -12.42 -1.07
CA ARG C 43 -15.13 -12.49 -0.56
C ARG C 43 -14.98 -13.66 0.40
N LYS C 44 -13.93 -14.46 0.22
CA LYS C 44 -13.69 -15.62 1.08
C LYS C 44 -12.21 -15.84 1.33
N GLN C 45 -11.88 -16.19 2.57
CA GLN C 45 -10.50 -16.43 2.97
C GLN C 45 -10.24 -17.93 3.05
N VAL C 46 -9.44 -18.44 2.11
CA VAL C 46 -9.12 -19.86 2.07
C VAL C 46 -7.61 -20.07 1.94
N VAL C 47 -7.19 -21.33 1.97
CA VAL C 47 -5.77 -21.65 1.85
C VAL C 47 -5.48 -22.09 0.42
N ILE C 48 -4.58 -21.37 -0.24
CA ILE C 48 -4.24 -21.68 -1.63
C ILE C 48 -2.80 -22.13 -1.78
N ASP C 49 -2.63 -23.44 -1.98
CA ASP C 49 -1.32 -24.06 -2.17
C ASP C 49 -0.35 -23.80 -1.02
N GLY C 50 -0.89 -23.71 0.19
CA GLY C 50 -0.05 -23.49 1.35
C GLY C 50 -0.42 -22.24 2.12
N GLU C 51 -0.31 -21.09 1.46
CA GLU C 51 -0.63 -19.82 2.11
C GLU C 51 -2.11 -19.49 1.98
N THR C 52 -2.65 -18.87 3.01
CA THR C 52 -4.05 -18.48 3.02
C THR C 52 -4.17 -17.09 2.41
N CYS C 53 -5.21 -16.88 1.62
CA CYS C 53 -5.42 -15.59 0.98
C CYS C 53 -6.90 -15.26 0.88
N LEU C 54 -7.19 -13.97 0.78
CA LEU C 54 -8.56 -13.48 0.67
C LEU C 54 -8.91 -13.31 -0.80
N LEU C 55 -9.90 -14.04 -1.26
CA LEU C 55 -10.31 -13.97 -2.66
C LEU C 55 -11.49 -13.04 -2.86
N ASP C 56 -11.30 -12.04 -3.71
CA ASP C 56 -12.34 -11.09 -4.05
C ASP C 56 -12.94 -11.51 -5.38
N ILE C 57 -14.19 -11.94 -5.36
CA ILE C 57 -14.84 -12.41 -6.58
C ILE C 57 -15.93 -11.46 -7.06
N LEU C 58 -15.76 -10.97 -8.26
CA LEU C 58 -16.71 -10.07 -8.87
C LEU C 58 -17.34 -10.70 -10.11
N ASP C 59 -18.60 -11.07 -10.01
CA ASP C 59 -19.31 -11.68 -11.13
C ASP C 59 -20.06 -10.62 -11.92
N THR C 60 -20.05 -10.77 -13.23
CA THR C 60 -20.71 -9.81 -14.12
C THR C 60 -22.20 -10.13 -14.24
N ALA C 61 -22.87 -9.48 -15.18
CA ALA C 61 -24.28 -9.73 -15.40
C ALA C 61 -24.45 -10.75 -16.51
N GLY C 62 -24.02 -10.38 -17.71
CA GLY C 62 -24.11 -11.27 -18.84
C GLY C 62 -24.57 -10.56 -20.09
N GLN C 63 -25.82 -10.09 -20.07
CA GLN C 63 -26.39 -9.38 -21.22
C GLN C 63 -25.99 -7.91 -21.17
N GLU C 64 -24.71 -7.64 -21.42
CA GLU C 64 -24.19 -6.29 -21.40
C GLU C 64 -23.47 -5.98 -22.69
N GLU C 65 -23.76 -4.83 -23.28
CA GLU C 65 -23.12 -4.41 -24.52
C GLU C 65 -21.94 -3.50 -24.21
N TYR C 66 -22.22 -2.20 -24.13
CA TYR C 66 -21.19 -1.22 -23.83
C TYR C 66 -21.58 -0.34 -22.66
N SER C 67 -20.70 -0.23 -21.68
CA SER C 67 -20.94 0.58 -20.50
C SER C 67 -19.61 0.96 -19.85
N ALA C 68 -19.46 2.25 -19.55
CA ALA C 68 -18.23 2.74 -18.93
C ALA C 68 -18.03 2.13 -17.55
N MET C 69 -19.13 1.90 -16.84
CA MET C 69 -19.07 1.31 -15.50
C MET C 69 -18.48 -0.11 -15.58
N ARG C 70 -18.89 -0.84 -16.61
CA ARG C 70 -18.42 -2.20 -16.82
C ARG C 70 -16.92 -2.21 -17.12
N ASP C 71 -16.50 -1.30 -17.99
CA ASP C 71 -15.10 -1.20 -18.39
C ASP C 71 -14.22 -0.89 -17.17
N GLN C 72 -14.74 -0.05 -16.29
CA GLN C 72 -14.02 0.35 -15.08
C GLN C 72 -13.87 -0.81 -14.09
N TYR C 73 -14.95 -1.56 -13.85
CA TYR C 73 -14.89 -2.67 -12.90
C TYR C 73 -14.05 -3.84 -13.41
N MET C 74 -13.84 -3.88 -14.72
CA MET C 74 -13.04 -4.94 -15.32
C MET C 74 -11.57 -4.54 -15.40
N ARG C 75 -11.29 -3.30 -15.01
CA ARG C 75 -9.92 -2.78 -15.04
C ARG C 75 -9.16 -3.22 -13.79
N THR C 76 -9.87 -3.31 -12.67
CA THR C 76 -9.28 -3.70 -11.40
C THR C 76 -8.95 -5.19 -11.33
N GLY C 77 -9.78 -6.02 -11.97
CA GLY C 77 -9.57 -7.46 -11.95
C GLY C 77 -8.22 -7.89 -12.51
N GLU C 78 -7.58 -8.84 -11.84
CA GLU C 78 -6.28 -9.35 -12.26
C GLU C 78 -6.45 -10.67 -13.01
N GLY C 79 -7.41 -11.47 -12.57
CA GLY C 79 -7.67 -12.75 -13.20
C GLY C 79 -9.08 -12.82 -13.76
N PHE C 80 -9.21 -13.37 -14.96
CA PHE C 80 -10.52 -13.48 -15.60
C PHE C 80 -10.87 -14.91 -15.96
N LEU C 81 -12.07 -15.32 -15.57
CA LEU C 81 -12.55 -16.66 -15.86
C LEU C 81 -13.59 -16.64 -16.97
N CYS C 82 -13.29 -17.33 -18.06
CA CYS C 82 -14.21 -17.40 -19.20
C CYS C 82 -15.10 -18.64 -19.07
N VAL C 83 -16.27 -18.45 -18.50
CA VAL C 83 -17.20 -19.56 -18.29
C VAL C 83 -18.20 -19.69 -19.43
N PHE C 84 -18.24 -20.87 -20.03
CA PHE C 84 -19.16 -21.15 -21.11
C PHE C 84 -19.78 -22.53 -20.92
N ALA C 85 -20.98 -22.72 -21.44
CA ALA C 85 -21.66 -24.00 -21.32
C ALA C 85 -21.36 -24.86 -22.54
N ILE C 86 -20.90 -26.08 -22.31
CA ILE C 86 -20.56 -27.00 -23.39
C ILE C 86 -21.81 -27.50 -24.12
N ASN C 87 -22.98 -27.18 -23.55
CA ASN C 87 -24.25 -27.58 -24.12
C ASN C 87 -24.76 -26.48 -25.05
N ASN C 88 -24.13 -25.33 -24.98
CA ASN C 88 -24.52 -24.18 -25.80
C ASN C 88 -23.34 -23.70 -26.62
N THR C 89 -23.41 -23.94 -27.92
CA THR C 89 -22.34 -23.58 -28.84
C THR C 89 -22.19 -22.07 -28.98
N LYS C 90 -23.26 -21.32 -28.74
CA LYS C 90 -23.22 -19.87 -28.83
C LYS C 90 -22.23 -19.29 -27.82
N SER C 91 -22.28 -19.81 -26.60
CA SER C 91 -21.39 -19.35 -25.53
C SER C 91 -19.92 -19.64 -25.88
N PHE C 92 -19.71 -20.73 -26.61
CA PHE C 92 -18.38 -21.13 -27.03
C PHE C 92 -17.76 -20.08 -27.96
N GLU C 93 -18.59 -19.50 -28.80
CA GLU C 93 -18.13 -18.48 -29.74
C GLU C 93 -18.00 -17.12 -29.06
N ASP C 94 -18.78 -16.91 -28.01
CA ASP C 94 -18.75 -15.64 -27.28
C ASP C 94 -17.44 -15.50 -26.51
N ILE C 95 -16.72 -16.62 -26.38
CA ILE C 95 -15.44 -16.63 -25.68
C ILE C 95 -14.46 -15.64 -26.32
N HIS C 96 -14.41 -15.62 -27.66
CA HIS C 96 -13.52 -14.72 -28.37
C HIS C 96 -13.97 -13.28 -28.15
N HIS C 97 -15.28 -13.10 -28.08
CA HIS C 97 -15.88 -11.79 -27.86
C HIS C 97 -15.47 -11.25 -26.49
N TYR C 98 -15.45 -12.13 -25.50
CA TYR C 98 -15.06 -11.75 -24.15
C TYR C 98 -13.55 -11.56 -24.09
N ARG C 99 -12.82 -12.49 -24.71
CA ARG C 99 -11.36 -12.45 -24.76
C ARG C 99 -10.85 -11.10 -25.26
N GLU C 100 -11.41 -10.66 -26.40
CA GLU C 100 -11.02 -9.39 -27.00
C GLU C 100 -11.35 -8.21 -26.08
N GLN C 101 -12.50 -8.31 -25.41
CA GLN C 101 -12.92 -7.25 -24.51
C GLN C 101 -11.96 -7.11 -23.34
N ILE C 102 -11.58 -8.25 -22.76
CA ILE C 102 -10.66 -8.27 -21.63
C ILE C 102 -9.30 -7.72 -22.06
N LYS C 103 -8.89 -8.07 -23.27
CA LYS C 103 -7.61 -7.61 -23.80
C LYS C 103 -7.62 -6.09 -23.97
N ARG C 104 -8.80 -5.54 -24.20
CA ARG C 104 -8.94 -4.10 -24.37
C ARG C 104 -9.02 -3.38 -23.03
N VAL C 105 -9.76 -3.96 -22.08
CA VAL C 105 -9.92 -3.34 -20.76
C VAL C 105 -8.62 -3.31 -19.95
N LYS C 106 -7.73 -4.25 -20.22
CA LYS C 106 -6.46 -4.31 -19.52
C LYS C 106 -5.33 -3.79 -20.40
N ASP C 107 -5.57 -3.77 -21.71
CA ASP C 107 -4.60 -3.30 -22.72
C ASP C 107 -3.33 -4.15 -22.76
N SER C 108 -3.33 -5.25 -22.02
CA SER C 108 -2.19 -6.15 -21.99
C SER C 108 -2.37 -7.27 -22.99
N GLU C 109 -1.28 -7.75 -23.55
CA GLU C 109 -1.32 -8.82 -24.52
C GLU C 109 -1.46 -10.17 -23.83
N ASP C 110 -0.73 -10.34 -22.73
CA ASP C 110 -0.76 -11.58 -21.96
C ASP C 110 -1.61 -11.42 -20.70
N VAL C 111 -2.91 -11.61 -20.84
CA VAL C 111 -3.82 -11.50 -19.72
C VAL C 111 -4.17 -12.88 -19.18
N PRO C 112 -4.05 -13.08 -17.85
CA PRO C 112 -4.35 -14.37 -17.20
C PRO C 112 -5.83 -14.74 -17.36
N MET C 113 -6.10 -15.63 -18.30
CA MET C 113 -7.46 -16.09 -18.57
C MET C 113 -7.53 -17.59 -18.45
N VAL C 114 -8.66 -18.11 -18.00
CA VAL C 114 -8.86 -19.54 -17.87
C VAL C 114 -10.18 -19.93 -18.53
N LEU C 115 -10.13 -20.91 -19.42
CA LEU C 115 -11.32 -21.37 -20.11
C LEU C 115 -12.07 -22.36 -19.24
N VAL C 116 -13.30 -22.04 -18.89
CA VAL C 116 -14.11 -22.89 -18.04
C VAL C 116 -15.33 -23.43 -18.77
N GLY C 117 -15.31 -24.73 -19.07
CA GLY C 117 -16.42 -25.37 -19.73
C GLY C 117 -17.34 -25.96 -18.68
N ASN C 118 -18.47 -25.32 -18.46
CA ASN C 118 -19.40 -25.77 -17.42
C ASN C 118 -20.54 -26.61 -17.98
N LYS C 119 -21.13 -27.41 -17.09
CA LYS C 119 -22.27 -28.28 -17.39
C LYS C 119 -21.88 -29.55 -18.13
N CYS C 120 -20.89 -30.25 -17.59
CA CYS C 120 -20.44 -31.51 -18.18
C CYS C 120 -21.20 -32.67 -17.54
N ASP C 121 -22.15 -32.33 -16.69
CA ASP C 121 -22.98 -33.31 -15.99
C ASP C 121 -24.29 -33.52 -16.74
N LEU C 122 -24.44 -32.80 -17.84
CA LEU C 122 -25.63 -32.90 -18.67
C LEU C 122 -25.31 -33.69 -19.94
N PRO C 123 -26.19 -34.63 -20.32
CA PRO C 123 -26.00 -35.45 -21.52
C PRO C 123 -25.95 -34.63 -22.80
N SER C 124 -26.57 -33.46 -22.77
CA SER C 124 -26.57 -32.58 -23.93
C SER C 124 -25.24 -31.85 -24.05
N ARG C 125 -24.42 -32.27 -25.01
CA ARG C 125 -23.12 -31.65 -25.22
C ARG C 125 -22.87 -31.41 -26.70
N THR C 126 -22.74 -30.15 -27.07
CA THR C 126 -22.49 -29.80 -28.46
C THR C 126 -21.01 -29.51 -28.69
N VAL C 127 -20.36 -28.93 -27.69
CA VAL C 127 -18.95 -28.61 -27.79
C VAL C 127 -18.09 -29.73 -27.22
N ASP C 128 -17.24 -30.31 -28.06
CA ASP C 128 -16.37 -31.39 -27.63
C ASP C 128 -15.22 -30.83 -26.81
N THR C 129 -14.72 -31.65 -25.88
CA THR C 129 -13.63 -31.24 -25.02
C THR C 129 -12.39 -30.86 -25.82
N LYS C 130 -12.14 -31.60 -26.90
CA LYS C 130 -10.98 -31.35 -27.76
C LYS C 130 -11.09 -29.99 -28.44
N GLN C 131 -12.30 -29.62 -28.83
CA GLN C 131 -12.54 -28.34 -29.49
C GLN C 131 -12.15 -27.20 -28.57
N ALA C 132 -12.58 -27.29 -27.32
CA ALA C 132 -12.27 -26.27 -26.33
C ALA C 132 -10.77 -26.26 -26.01
N GLN C 133 -10.19 -27.45 -25.96
CA GLN C 133 -8.76 -27.58 -25.66
C GLN C 133 -7.92 -26.90 -26.74
N ASP C 134 -8.28 -27.15 -28.00
CA ASP C 134 -7.58 -26.54 -29.13
C ASP C 134 -7.74 -25.03 -29.12
N LEU C 135 -8.93 -24.58 -28.77
CA LEU C 135 -9.22 -23.15 -28.70
C LEU C 135 -8.39 -22.50 -27.61
N ALA C 136 -8.36 -23.13 -26.44
CA ALA C 136 -7.59 -22.63 -25.30
C ALA C 136 -6.11 -22.62 -25.65
N ARG C 137 -5.67 -23.65 -26.36
CA ARG C 137 -4.29 -23.76 -26.80
C ARG C 137 -3.91 -22.58 -27.70
N SER C 138 -4.85 -22.20 -28.54
CA SER C 138 -4.66 -21.10 -29.48
C SER C 138 -4.44 -19.76 -28.77
N TYR C 139 -5.01 -19.63 -27.58
CA TYR C 139 -4.88 -18.40 -26.81
C TYR C 139 -3.75 -18.54 -25.79
N GLY C 140 -3.35 -19.78 -25.54
CA GLY C 140 -2.29 -20.02 -24.58
C GLY C 140 -2.83 -19.98 -23.16
N ILE C 141 -4.03 -20.49 -22.97
CA ILE C 141 -4.67 -20.50 -21.67
C ILE C 141 -5.14 -21.92 -21.32
N PRO C 142 -5.24 -22.24 -20.02
CA PRO C 142 -5.68 -23.56 -19.57
C PRO C 142 -7.20 -23.73 -19.67
N PHE C 143 -7.65 -24.96 -19.88
CA PHE C 143 -9.06 -25.26 -19.99
C PHE C 143 -9.47 -26.25 -18.91
N ILE C 144 -10.53 -25.92 -18.19
CA ILE C 144 -11.04 -26.79 -17.13
C ILE C 144 -12.52 -27.06 -17.31
N GLU C 145 -12.89 -28.33 -17.34
CA GLU C 145 -14.28 -28.74 -17.47
C GLU C 145 -14.89 -28.77 -16.06
N THR C 146 -15.97 -28.02 -15.86
CA THR C 146 -16.59 -27.94 -14.55
C THR C 146 -18.08 -28.20 -14.58
N SER C 147 -18.62 -28.38 -13.38
CA SER C 147 -20.03 -28.60 -13.15
C SER C 147 -20.35 -28.18 -11.73
N ALA C 148 -21.33 -27.30 -11.56
CA ALA C 148 -21.69 -26.78 -10.25
C ALA C 148 -22.62 -27.73 -9.50
N LYS C 149 -23.52 -28.39 -10.23
CA LYS C 149 -24.49 -29.30 -9.62
C LYS C 149 -23.82 -30.57 -9.08
N THR C 150 -22.58 -30.81 -9.48
CA THR C 150 -21.83 -31.98 -9.02
C THR C 150 -20.46 -31.57 -8.46
N ARG C 151 -20.22 -30.27 -8.41
CA ARG C 151 -18.95 -29.71 -7.93
C ARG C 151 -17.75 -30.43 -8.53
N GLN C 152 -17.59 -30.32 -9.84
CA GLN C 152 -16.50 -30.98 -10.53
C GLN C 152 -15.49 -29.96 -11.03
N GLY C 153 -14.30 -29.97 -10.42
CA GLY C 153 -13.23 -29.06 -10.82
C GLY C 153 -13.55 -27.60 -10.55
N VAL C 154 -14.53 -27.36 -9.68
CA VAL C 154 -14.93 -26.00 -9.35
C VAL C 154 -13.87 -25.28 -8.53
N ASP C 155 -13.40 -25.94 -7.47
CA ASP C 155 -12.40 -25.37 -6.59
C ASP C 155 -11.09 -25.11 -7.33
N ASP C 156 -10.64 -26.11 -8.07
CA ASP C 156 -9.39 -26.00 -8.81
C ASP C 156 -9.44 -24.95 -9.92
N ALA C 157 -10.62 -24.75 -10.51
CA ALA C 157 -10.78 -23.75 -11.56
C ALA C 157 -10.37 -22.37 -11.07
N PHE C 158 -10.87 -22.02 -9.90
CA PHE C 158 -10.57 -20.73 -9.30
C PHE C 158 -9.11 -20.68 -8.83
N TYR C 159 -8.65 -21.79 -8.24
CA TYR C 159 -7.28 -21.87 -7.75
C TYR C 159 -6.26 -21.77 -8.88
N THR C 160 -6.57 -22.41 -10.00
CA THR C 160 -5.67 -22.39 -11.16
C THR C 160 -5.51 -20.96 -11.67
N LEU C 161 -6.61 -20.20 -11.69
CA LEU C 161 -6.56 -18.82 -12.14
C LEU C 161 -5.59 -18.02 -11.27
N VAL C 162 -5.68 -18.24 -9.96
CA VAL C 162 -4.81 -17.56 -9.00
C VAL C 162 -3.34 -17.93 -9.28
N ARG C 163 -3.12 -19.19 -9.61
CA ARG C 163 -1.78 -19.69 -9.92
C ARG C 163 -1.22 -18.98 -11.15
N GLU C 164 -2.06 -18.84 -12.18
CA GLU C 164 -1.65 -18.17 -13.41
C GLU C 164 -1.26 -16.72 -13.11
N ILE C 165 -2.04 -16.08 -12.22
CA ILE C 165 -1.78 -14.70 -11.83
C ILE C 165 -0.44 -14.62 -11.10
N ARG C 166 -0.21 -15.55 -10.18
CA ARG C 166 1.03 -15.61 -9.41
C ARG C 166 2.24 -15.71 -10.34
N LYS C 167 2.13 -16.57 -11.34
CA LYS C 167 3.20 -16.77 -12.31
C LYS C 167 3.36 -15.54 -13.20
N HIS C 168 2.27 -14.83 -13.43
CA HIS C 168 2.30 -13.62 -14.26
C HIS C 168 3.19 -12.57 -13.62
N LYS C 169 3.17 -12.51 -12.29
CA LYS C 169 3.97 -11.55 -11.54
C LYS C 169 5.45 -11.90 -11.68
N GLU C 170 5.76 -13.18 -11.46
CA GLU C 170 7.13 -13.67 -11.54
C GLU C 170 7.71 -13.49 -12.94
N LYS C 171 6.90 -13.82 -13.95
CA LYS C 171 7.32 -13.70 -15.34
C LYS C 171 7.77 -12.28 -15.66
N MET C 172 6.99 -11.30 -15.22
CA MET C 172 7.29 -9.91 -15.47
C MET C 172 8.51 -9.43 -14.67
N SER C 173 8.78 -10.10 -13.56
CA SER C 173 9.91 -9.74 -12.71
C SER C 173 11.22 -10.26 -13.29
N LYS C 174 11.20 -11.50 -13.76
CA LYS C 174 12.38 -12.11 -14.36
C LYS C 174 12.59 -11.62 -15.79
N ASP C 175 11.54 -11.05 -16.37
CA ASP C 175 11.59 -10.52 -17.72
C ASP C 175 12.53 -9.32 -17.80
N GLY C 176 13.45 -9.36 -18.76
CA GLY C 176 14.41 -8.27 -18.93
C GLY C 176 13.87 -7.11 -19.73
N LYS C 177 12.63 -7.24 -20.19
CA LYS C 177 11.95 -6.21 -20.98
C LYS C 177 12.42 -6.19 -22.43
N LYS C 178 11.52 -5.82 -23.33
CA LYS C 178 11.81 -5.76 -24.75
C LYS C 178 11.72 -4.33 -25.27
N LYS C 179 11.83 -3.37 -24.35
CA LYS C 179 11.75 -1.96 -24.72
C LYS C 179 12.92 -1.17 -24.13
N LYS C 180 14.04 -1.84 -23.91
CA LYS C 180 15.22 -1.20 -23.35
C LYS C 180 16.45 -1.40 -24.22
N LYS C 181 17.15 -0.31 -24.50
CA LYS C 181 18.35 -0.35 -25.31
C LYS C 181 19.55 -0.68 -24.43
N LYS C 182 19.93 -1.95 -24.40
CA LYS C 182 21.07 -2.40 -23.61
C LYS C 182 22.38 -1.88 -24.18
N SER C 183 22.86 -0.79 -23.59
CA SER C 183 24.11 -0.18 -24.03
C SER C 183 25.28 -0.92 -23.39
N LYS C 184 26.32 -1.15 -24.19
CA LYS C 184 27.50 -1.85 -23.70
C LYS C 184 28.35 -0.93 -22.83
N THR C 185 28.71 -1.41 -21.64
CA THR C 185 29.51 -0.64 -20.69
C THR C 185 28.74 0.56 -20.16
N LYS C 186 27.85 0.28 -19.21
CA LYS C 186 27.00 1.30 -18.57
C LYS C 186 25.91 1.82 -19.52
N CYS C 187 24.67 1.49 -19.21
CA CYS C 187 23.53 1.92 -20.01
C CYS C 187 23.02 3.28 -19.55
C1 PCW D . 3.42 -2.04 -10.09
C2 PCW D . 4.65 -1.04 -10.06
C3 PCW D . 5.72 -1.47 -11.11
C4 PCW D . 3.21 -4.32 -12.82
C5 PCW D . 4.73 -4.27 -12.91
C6 PCW D . 6.91 -4.96 -11.78
C7 PCW D . 5.19 -6.63 -12.31
C8 PCW D . 6.18 -5.61 -13.48
C11 PCW D . 7.94 -0.84 -11.81
C12 PCW D . 8.96 0.24 -11.62
C13 PCW D . 8.66 1.39 -12.66
C14 PCW D . 9.63 2.57 -12.61
C15 PCW D . 10.97 2.40 -13.37
C16 PCW D . 11.42 3.76 -14.02
C17 PCW D . 12.86 3.83 -14.64
C18 PCW D . 13.01 4.92 -15.70
C19 PCW D . 13.59 4.39 -17.02
C20 PCW D . 14.84 4.77 -17.50
C21 PCW D . 15.87 5.69 -16.97
C22 PCW D . 15.72 7.03 -17.76
C23 PCW D . 15.84 8.35 -16.96
C24 PCW D . 14.57 8.94 -16.44
C25 PCW D . 14.06 8.61 -15.01
C26 PCW D . 13.05 9.57 -14.40
C27 PCW D . 11.60 9.06 -14.21
C28 PCW D . 10.70 10.19 -13.76
C31 PCW D . 4.10 1.17 -9.38
C32 PCW D . 3.62 2.52 -9.91
C33 PCW D . 4.62 3.75 -9.65
C34 PCW D . 5.78 3.81 -10.66
C35 PCW D . 6.39 5.25 -10.49
C36 PCW D . 5.88 6.25 -11.55
C37 PCW D . 6.46 7.70 -11.44
C38 PCW D . 5.72 8.52 -10.44
C39 PCW D . 6.26 9.92 -10.30
C40 PCW D . 7.14 10.36 -9.42
C41 PCW D . 7.78 9.51 -8.34
C42 PCW D . 7.52 10.21 -6.92
C43 PCW D . 7.72 9.38 -5.67
C44 PCW D . 7.41 10.28 -4.49
C45 PCW D . 8.45 10.28 -3.40
C46 PCW D . 7.95 10.79 -2.08
C47 PCW D . 9.00 11.10 -1.04
C48 PCW D . 8.35 11.61 0.25
N PCW D . 5.52 -5.23 -12.20
O2 PCW D . 4.18 0.33 -10.42
O3 PCW D . 6.82 -0.54 -11.07
O11 PCW D . 8.06 -1.81 -12.51
O31 PCW D . 4.36 0.88 -8.18
O1P PCW D . 0.96 -3.68 -11.10
O2P PCW D . 0.62 -1.82 -12.74
O3P PCW D . 2.26 -1.53 -10.79
O4P PCW D . 2.74 -2.95 -12.72
P PCW D . 1.58 -2.52 -11.85
C1 PCW E . -0.14 11.95 -23.96
C2 PCW E . -0.32 13.48 -23.57
C3 PCW E . -1.74 13.98 -24.00
C4 PCW E . -2.35 8.43 -21.31
C5 PCW E . -3.33 7.35 -21.80
C6 PCW E . -5.63 6.28 -21.57
C7 PCW E . -5.37 8.71 -21.40
C8 PCW E . -5.06 7.62 -22.87
C11 PCW E . -1.47 16.31 -24.54
C12 PCW E . -1.72 17.68 -23.96
C13 PCW E . -0.33 18.39 -23.77
C14 PCW E . -0.39 19.80 -23.19
C15 PCW E . 0.88 20.68 -23.42
C16 PCW E . 0.69 21.65 -24.64
C17 PCW E . 0.60 23.19 -24.33
C18 PCW E . 1.98 23.87 -24.25
C19 PCW E . 2.15 25.00 -25.29
C20 PCW E . 3.16 25.95 -25.19
C21 PCW E . 4.24 26.16 -24.19
C22 PCW E . 4.44 27.70 -24.08
C23 PCW E . 3.89 28.41 -22.81
C24 PCW E . 2.47 28.93 -22.90
C25 PCW E . 2.16 30.42 -22.62
C26 PCW E . 1.98 30.82 -21.16
C27 PCW E . 0.60 30.55 -20.51
C28 PCW E . 0.78 30.16 -19.07
C31 PCW E . 0.94 14.15 -21.69
C32 PCW E . 0.90 14.25 -20.16
C33 PCW E . 0.78 15.74 -19.57
C34 PCW E . 2.00 16.16 -18.74
C35 PCW E . 2.41 17.59 -19.31
C36 PCW E . 2.83 18.57 -18.19
C37 PCW E . 3.25 19.99 -18.67
C38 PCW E . 4.51 20.45 -18.02
C39 PCW E . 4.93 21.83 -18.46
C40 PCW E . 5.69 22.69 -17.80
C41 PCW E . 6.28 22.41 -16.42
C42 PCW E . 5.74 23.53 -15.41
C43 PCW E . 5.09 23.09 -14.12
C44 PCW E . 4.68 24.35 -13.38
C45 PCW E . 5.30 24.53 -12.01
C46 PCW E . 5.81 25.91 -11.76
C47 PCW E . 6.70 26.10 -10.54
C48 PCW E . 7.15 27.56 -10.42
N PCW E . -4.71 7.42 -21.44
O2 PCW E . -0.22 13.64 -22.10
O3 PCW E . -1.88 15.37 -23.65
O11 PCW E . -0.98 16.08 -25.61
O31 PCW E . 1.91 14.50 -22.43
O1P PCW E . -2.94 11.06 -22.32
O2P PCW E . -2.26 10.07 -24.49
O3P PCW E . -0.49 11.03 -22.90
O4P PCW E . -1.65 8.92 -22.50
P PCW E . -1.91 10.30 -23.08
C1 PCW F . -29.41 -11.39 16.56
C2 PCW F . -28.93 -10.41 17.70
C3 PCW F . -29.74 -10.67 19.00
C4 PCW F . -27.15 -14.07 18.94
C5 PCW F . -25.71 -13.61 19.21
C6 PCW F . -24.30 -13.07 21.26
C7 PCW F . -24.63 -15.40 20.56
C8 PCW F . -23.76 -14.04 19.64
C11 PCW F . -28.83 -10.33 21.19
C12 PCW F . -28.48 -9.24 22.17
C13 PCW F . -29.77 -8.84 22.97
C14 PCW F . -29.59 -7.73 24.01
C15 PCW F . -30.83 -6.82 24.27
C16 PCW F . -30.58 -5.89 25.50
C17 PCW F . -31.84 -5.34 26.25
C18 PCW F . -32.31 -6.24 27.40
C19 PCW F . -33.72 -5.86 27.92
C20 PCW F . -34.55 -6.78 28.56
C21 PCW F . -34.39 -8.21 28.90
C22 PCW F . -33.72 -8.26 30.31
C23 PCW F . -32.54 -9.25 30.51
C24 PCW F . -31.46 -8.83 31.46
C25 PCW F . -31.66 -8.93 33.00
C26 PCW F . -30.97 -7.87 33.85
C27 PCW F . -29.43 -7.82 33.83
C28 PCW F . -28.96 -6.40 34.00
C31 PCW F . -26.63 -10.18 17.10
C32 PCW F . -25.21 -10.50 17.55
C33 PCW F . -24.77 -9.88 18.96
C34 PCW F . -24.84 -8.35 19.01
C35 PCW F . -26.16 -8.03 19.83
C36 PCW F . -26.46 -6.51 19.90
C37 PCW F . -27.75 -6.13 20.70
C38 PCW F . -28.16 -4.71 20.46
C39 PCW F . -29.40 -4.34 21.22
C40 PCW F . -29.47 -3.57 22.31
C41 PCW F . -28.27 -2.94 23.00
C42 PCW F . -28.75 -2.39 24.41
C43 PCW F . -29.53 -1.08 24.45
C44 PCW F . -29.85 -0.80 25.91
C45 PCW F . -30.43 0.56 26.19
C46 PCW F . -30.53 0.88 27.66
C47 PCW F . -30.27 2.31 28.05
C48 PCW F . -30.40 2.50 29.57
N PCW F . -25.05 -14.02 20.41
O2 PCW F . -27.48 -10.65 18.01
O3 PCW F . -29.32 -9.77 20.05
O11 PCW F . -28.73 -11.51 21.41
O31 PCW F . -26.95 -9.59 16.02
O1P PCW F . -29.37 -15.14 17.40
O2P PCW F . -28.23 -13.98 15.50
O3P PCW F . -29.82 -12.69 17.05
O4P PCW F . -27.60 -13.38 17.75
P PCW F . -28.74 -13.87 16.89
C1 PCW G . 23.35 -15.83 -0.54
C2 PCW G . 24.42 -14.81 0.00
C3 PCW G . 25.65 -14.77 -0.98
C4 PCW G . 22.77 -12.49 -2.98
C5 PCW G . 22.26 -12.27 -4.41
C6 PCW G . 23.10 -11.14 -6.54
C7 PCW G . 23.94 -13.36 -5.90
C8 PCW G . 22.21 -12.89 -6.37
C11 PCW G . 26.72 -12.61 -1.09
C12 PCW G . 27.82 -11.83 -0.45
C13 PCW G . 27.23 -11.05 0.78
C14 PCW G . 28.23 -10.18 1.56
C15 PCW G . 29.04 -9.17 0.71
C16 PCW G . 28.16 -7.91 0.35
C17 PCW G . 28.91 -6.61 -0.12
C18 PCW G . 30.38 -6.83 -0.47
C19 PCW G . 31.20 -5.53 -0.48
C20 PCW G . 32.18 -5.26 -1.43
C21 PCW G . 32.69 -6.05 -2.57
C22 PCW G . 34.16 -5.59 -2.80
C23 PCW G . 34.91 -6.16 -4.04
C24 PCW G . 34.39 -5.74 -5.38
C25 PCW G . 35.17 -4.70 -6.25
C26 PCW G . 34.35 -3.92 -7.26
C27 PCW G . 34.48 -4.32 -8.75
C28 PCW G . 33.11 -4.37 -9.38
C31 PCW G . 23.23 -13.14 1.19
C32 PCW G . 22.70 -11.71 1.08
C33 PCW G . 22.57 -10.91 2.47
C34 PCW G . 23.55 -9.74 2.60
C35 PCW G . 24.81 -10.31 3.37
C36 PCW G . 25.50 -9.26 4.26
C37 PCW G . 26.75 -9.77 5.05
C38 PCW G . 27.60 -8.63 5.54
C39 PCW G . 28.80 -9.11 6.30
C40 PCW G . 29.56 -8.39 7.12
C41 PCW G . 29.32 -6.93 7.46
C42 PCW G . 29.62 -6.71 9.01
C43 PCW G . 28.46 -6.66 9.97
C44 PCW G . 29.04 -6.45 11.36
C45 PCW G . 28.17 -6.90 12.50
C46 PCW G . 27.60 -5.77 13.32
C47 PCW G . 26.10 -5.55 13.18
C48 PCW G . 25.64 -4.38 14.06
N PCW G . 23.20 -12.18 -5.49
O2 PCW G . 23.86 -13.43 0.05
O3 PCW G . 26.64 -13.84 -0.51
O11 PCW G . 26.04 -12.23 -2.00
O31 PCW G . 23.10 -13.91 2.18
O1P PCW G . 22.90 -15.38 -3.20
O2P PCW G . 20.44 -15.22 -2.81
O3P PCW G . 22.07 -15.24 -0.82
O4P PCW G . 21.79 -13.31 -2.29
P PCW G . 21.79 -14.83 -2.35
C1 PCW H . 1.49 4.41 -20.31
C2 PCW H . 2.95 5.01 -20.20
C3 PCW H . 2.87 6.50 -19.71
C4 PCW H . 4.04 1.64 -22.63
C5 PCW H . 5.47 2.20 -22.51
C6 PCW H . 5.63 3.13 -24.88
C7 PCW H . 7.14 3.92 -23.12
C8 PCW H . 7.03 2.21 -23.83
C11 PCW H . 4.71 7.72 -20.69
C12 PCW H . 6.10 8.20 -20.36
C13 PCW H . 6.84 8.51 -21.72
C14 PCW H . 8.28 9.01 -21.56
C15 PCW H . 8.45 10.56 -21.54
C16 PCW H . 9.92 10.96 -21.92
C17 PCW H . 10.14 12.41 -22.50
C18 PCW H . 10.26 13.47 -21.40
C19 PCW H . 10.55 14.88 -21.97
C20 PCW H . 10.92 15.95 -21.16
C21 PCW H . 11.13 16.06 -19.70
C22 PCW H . 12.67 16.14 -19.46
C23 PCW H . 13.18 17.21 -18.48
C24 PCW H . 14.49 16.93 -17.80
C25 PCW H . 15.03 17.86 -16.69
C26 PCW H . 14.74 19.34 -16.82
C27 PCW H . 15.92 20.29 -17.12
C28 PCW H . 15.72 21.60 -16.40
C31 PCW H . 5.03 4.11 -19.49
C32 PCW H . 5.70 3.30 -18.36
C33 PCW H . 6.42 4.17 -17.22
C34 PCW H . 5.55 5.29 -16.64
C35 PCW H . 4.35 4.55 -15.92
C36 PCW H . 4.06 5.12 -14.50
C37 PCW H . 2.89 4.42 -13.74
C38 PCW H . 1.67 5.29 -13.68
C39 PCW H . 0.52 4.66 -12.95
C40 PCW H . 0.33 4.61 -11.63
C41 PCW H . 1.29 5.20 -10.61
C42 PCW H . 0.80 6.68 -10.27
C43 PCW H . 1.75 7.85 -10.54
C44 PCW H . 1.03 9.12 -10.13
C45 PCW H . 0.51 9.96 -11.27
C46 PCW H . -0.89 10.45 -11.07
C47 PCW H . -1.05 11.67 -10.21
C48 PCW H . -2.53 12.07 -10.09
N PCW H . 5.94 3.17 -23.43
O2 PCW H . 3.74 4.24 -19.19
O3 PCW H . 4.19 7.05 -19.61
O11 PCW H . 4.13 7.91 -21.72
O31 PCW H . 5.62 4.56 -20.51
O1P PCW H . 1.20 1.12 -22.25
O2P PCW H . 0.98 3.47 -23.06
O3P PCW H . 1.46 2.99 -20.57
O4P PCW H . 3.14 2.73 -22.31
P PCW H . 1.64 2.54 -22.11
C1 PCW I . 4.87 -10.38 4.00
C2 PCW I . 6.00 -9.91 5.00
C3 PCW I . 5.63 -10.35 6.46
C4 PCW I . 3.41 -14.89 2.82
C5 PCW I . 2.50 -15.06 1.59
C6 PCW I . 4.45 -15.81 0.11
C7 PCW I . 2.17 -15.67 -0.79
C8 PCW I . 3.24 -14.29 -0.17
C11 PCW I . 7.12 -10.85 8.27
C12 PCW I . 8.17 -10.22 9.14
C13 PCW I . 7.50 -9.85 10.51
C14 PCW I . 8.44 -9.20 11.53
C15 PCW I . 8.04 -9.38 13.03
C16 PCW I . 7.18 -8.17 13.53
C17 PCW I . 6.70 -8.20 15.02
C18 PCW I . 5.37 -8.94 15.21
C19 PCW I . 4.77 -8.73 16.62
C20 PCW I . 4.95 -9.65 17.65
C21 PCW I . 5.66 -10.95 17.73
C22 PCW I . 7.16 -10.60 17.98
C23 PCW I . 8.05 -11.69 18.64
C24 PCW I . 9.49 -11.34 18.87
C25 PCW I . 9.98 -10.85 20.26
C26 PCW I . 11.47 -10.95 20.53
C27 PCW I . 11.94 -11.70 21.79
C28 PCW I . 12.73 -12.93 21.41
C31 PCW I . 8.27 -9.75 4.32
C32 PCW I . 9.52 -10.58 4.00
C33 PCW I . 9.57 -11.21 2.53
C34 PCW I . 10.98 -11.43 2.01
C35 PCW I . 11.38 -10.10 1.24
C36 PCW I . 12.89 -9.85 1.22
C37 PCW I . 13.36 -8.56 0.47
C38 PCW I . 14.63 -8.03 1.01
C39 PCW I . 15.10 -6.77 0.31
C40 PCW I . 15.62 -5.68 0.87
C41 PCW I . 15.85 -5.52 2.36
C42 PCW I . 15.04 -4.23 2.84
C43 PCW I . 13.88 -4.41 3.80
C44 PCW I . 13.31 -3.04 4.08
C45 PCW I . 13.61 -2.47 5.46
C46 PCW I . 14.57 -1.32 5.42
C47 PCW I . 16.03 -1.66 5.64
C48 PCW I . 16.90 -0.40 5.59
N PCW I . 3.00 -15.66 0.40
O2 PCW I . 7.29 -10.59 4.66
O3 PCW I . 6.66 -9.94 7.37
O11 PCW I . 6.74 -11.99 8.36
O31 PCW I . 8.18 -8.48 4.28
O1P PCW I . 6.17 -13.75 3.79
O2P PCW I . 5.29 -13.24 2.03
O3P PCW I . 5.30 -11.38 3.04
O4P PCW I . 3.65 -13.47 2.98
P PCW I . 4.97 -12.90 3.45
C1 PCW J . 17.89 -12.48 -5.59
C2 PCW J . 17.49 -11.68 -4.30
C3 PCW J . 18.54 -11.91 -3.16
C4 PCW J . 13.41 -13.04 -5.62
C5 PCW J . 12.65 -13.06 -4.29
C6 PCW J . 10.45 -12.35 -5.02
C7 PCW J . 11.96 -10.76 -4.21
C8 PCW J . 11.00 -12.17 -2.68
C11 PCW J . 18.50 -11.68 -0.77
C12 PCW J . 18.01 -10.75 0.31
C13 PCW J . 19.06 -9.59 0.46
C14 PCW J . 18.72 -8.55 1.53
C15 PCW J . 19.22 -7.10 1.24
C16 PCW J . 19.97 -6.50 2.49
C17 PCW J . 21.53 -6.48 2.46
C18 PCW J . 22.10 -5.54 1.39
C19 PCW J . 23.41 -6.08 0.75
C20 PCW J . 24.65 -5.91 1.34
C21 PCW J . 25.07 -5.25 2.61
C22 PCW J . 26.48 -5.80 2.95
C23 PCW J . 27.61 -4.77 3.25
C24 PCW J . 28.66 -5.17 4.22
C25 PCW J . 30.11 -5.47 3.74
C26 PCW J . 30.49 -6.93 3.57
C27 PCW J . 31.96 -7.26 3.26
C28 PCW J . 32.72 -7.50 4.54
C31 PCW J . 16.27 -9.73 -4.90
C32 PCW J . 16.42 -8.22 -5.17
C33 PCW J . 16.62 -7.30 -3.88
C34 PCW J . 18.03 -6.75 -3.73
C35 PCW J . 18.05 -5.97 -2.35
C36 PCW J . 18.60 -4.54 -2.49
C37 PCW J . 18.65 -3.70 -1.18
C38 PCW J . 19.52 -2.50 -1.30
C39 PCW J . 19.58 -1.67 -0.05
C40 PCW J . 19.21 -0.40 0.09
C41 PCW J . 18.65 0.45 -1.04
C42 PCW J . 19.26 1.91 -0.90
C43 PCW J . 18.53 2.93 -0.04
C44 PCW J . 19.33 4.22 -0.09
C45 PCW J . 19.95 4.65 1.22
C46 PCW J . 20.07 6.14 1.38
C47 PCW J . 21.42 6.67 1.77
C48 PCW J . 21.41 8.19 1.90
N PCW J . 11.56 -12.14 -4.07
O2 PCW J . 17.48 -10.21 -4.60
O3 PCW J . 18.17 -11.17 -1.99
O11 PCW J . 19.09 -12.70 -0.60
O31 PCW J . 15.19 -10.37 -4.97
O1P PCW J . 15.19 -14.28 -7.56
O2P PCW J . 16.44 -14.97 -5.51
O3P PCW J . 16.82 -12.65 -6.54
O4P PCW J . 14.81 -13.22 -5.30
P PCW J . 15.80 -13.86 -6.25
C1 PCW K . -34.70 13.57 -7.19
C2 PCW K . -33.87 14.92 -7.07
C3 PCW K . -34.83 16.15 -7.23
C4 PCW K . -34.59 9.93 -3.90
C5 PCW K . -34.58 8.39 -3.90
C6 PCW K . -32.89 6.78 -3.33
C7 PCW K . -34.85 6.86 -2.08
C8 PCW K . -33.34 8.53 -1.74
C11 PCW K . -34.51 18.44 -7.83
C12 PCW K . -33.59 19.61 -7.58
C13 PCW K . -32.86 19.97 -8.92
C14 PCW K . -31.87 21.14 -8.82
C15 PCW K . -31.74 22.01 -10.12
C16 PCW K . -33.06 22.81 -10.40
C17 PCW K . -33.14 24.28 -9.85
C18 PCW K . -32.54 25.31 -10.80
C19 PCW K . -32.77 26.77 -10.34
C20 PCW K . -31.85 27.47 -9.58
C21 PCW K . -30.52 27.11 -9.04
C22 PCW K . -30.02 28.33 -8.22
C23 PCW K . -28.73 28.15 -7.38
C24 PCW K . -27.52 27.66 -8.09
C25 PCW K . -26.55 28.64 -8.82
C26 PCW K . -25.50 28.01 -9.71
C27 PCW K . -24.84 28.91 -10.78
C28 PCW K . -24.62 28.14 -12.04
C31 PCW K . -31.93 15.18 -5.72
C32 PCW K . -31.44 15.26 -4.26
C33 PCW K . -30.32 14.19 -3.86
C34 PCW K . -28.92 14.57 -4.35
C35 PCW K . -28.40 15.67 -3.35
C36 PCW K . -27.37 15.12 -2.33
C37 PCW K . -26.82 16.16 -1.31
C38 PCW K . -27.52 16.06 0.01
C39 PCW K . -27.01 17.05 1.02
C40 PCW K . -27.69 18.06 1.58
C41 PCW K . -29.14 18.38 1.28
C42 PCW K . -29.17 19.51 0.14
C43 PCW K . -29.85 19.18 -1.17
C44 PCW K . -29.72 20.43 -2.05
C45 PCW K . -29.19 20.19 -3.44
C46 PCW K . -28.75 21.45 -4.14
C47 PCW K . -27.60 21.31 -5.10
C48 PCW K . -27.26 22.67 -5.74
N PCW K . -33.95 7.68 -2.81
O2 PCW K . -33.25 15.01 -5.71
O3 PCW K . -34.07 17.36 -7.12
O11 PCW K . -35.47 18.47 -8.55
O31 PCW K . -31.20 15.27 -6.75
O1P PCW K . -36.32 12.04 -4.95
O2P PCW K . -35.98 10.80 -7.09
O3P PCW K . -34.25 12.52 -6.29
O4P PCW K . -34.49 10.34 -5.29
P PCW K . -35.35 11.42 -5.90
C1 PCW L . -6.37 -8.62 6.66
C2 PCW L . -5.76 -7.27 7.25
C3 PCW L . -5.58 -6.23 6.09
C4 PCW L . -8.67 -7.38 4.26
C5 PCW L . -9.98 -6.78 3.74
C6 PCW L . -9.08 -4.89 2.53
C7 PCW L . -11.28 -5.53 2.17
C8 PCW L . -9.68 -6.86 1.29
C11 PCW L . -5.53 -3.82 6.18
C12 PCW L . -4.81 -2.68 6.86
C13 PCW L . -3.65 -2.21 5.92
C14 PCW L . -2.81 -1.04 6.46
C15 PCW L . -1.27 -1.20 6.31
C16 PCW L . -0.78 -0.58 4.96
C17 PCW L . -0.11 -1.54 3.93
C18 PCW L . 1.40 -1.68 4.09
C19 PCW L . 2.19 -0.68 3.22
C20 PCW L . 3.02 0.30 3.76
C21 PCW L . 3.38 0.64 5.15
C22 PCW L . 4.63 1.56 5.08
C23 PCW L . 5.85 1.17 5.96
C24 PCW L . 6.76 2.28 6.39
C25 PCW L . 6.80 2.76 7.87
C26 PCW L . 7.45 1.83 8.87
C27 PCW L . 8.97 2.01 9.14
C28 PCW L . 9.55 0.74 9.67
C31 PCW L . -6.47 -7.10 9.49
C32 PCW L . -7.48 -6.40 10.41
C33 PCW L . -8.17 -7.34 11.51
C34 PCW L . -7.22 -7.73 12.64
C35 PCW L . -8.13 -7.89 13.92
C36 PCW L . -7.32 -8.28 15.18
C37 PCW L . -8.15 -8.46 16.48
C38 PCW L . -8.17 -9.88 16.95
C39 PCW L . -8.97 -10.08 18.21
C40 PCW L . -8.53 -10.59 19.35
C41 PCW L . -7.10 -11.07 19.59
C42 PCW L . -6.21 -9.82 19.99
C43 PCW L . -4.81 -9.73 19.43
C44 PCW L . -4.19 -8.44 19.96
C45 PCW L . -3.39 -7.64 18.96
C46 PCW L . -3.11 -6.24 19.39
C47 PCW L . -2.13 -5.45 18.55
C48 PCW L . -1.95 -4.02 19.11
N PCW L . -10.00 -6.05 2.50
O2 PCW L . -6.68 -6.68 8.24
O3 PCW L . -5.03 -5.01 6.62
O11 PCW L . -6.40 -3.70 5.36
O31 PCW L . -5.58 -7.92 9.87
O1P PCW L . -8.85 -10.06 5.35
O2P PCW L . -10.18 -8.94 7.13
O3P PCW L . -7.62 -9.01 7.28
O4P PCW L . -8.83 -7.58 5.69
P PCW L . -8.93 -8.95 6.34
C1 PCW M . -19.52 9.80 -15.81
C2 PCW M . -19.45 11.03 -14.82
C3 PCW M . -19.94 10.60 -13.39
C4 PCW M . -15.85 8.40 -13.80
C5 PCW M . -14.59 9.27 -13.72
C6 PCW M . -13.14 7.41 -14.69
C7 PCW M . -12.11 9.43 -13.77
C8 PCW M . -13.09 8.15 -12.87
C11 PCW M . -21.01 12.46 -12.30
C12 PCW M . -20.71 13.58 -11.33
C13 PCW M . -22.02 13.90 -10.53
C14 PCW M . -21.88 15.04 -9.50
C15 PCW M . -22.20 16.47 -10.03
C16 PCW M . -21.43 17.55 -9.19
C17 PCW M . -22.25 18.45 -8.22
C18 PCW M . -22.04 18.12 -6.74
C19 PCW M . -23.20 18.59 -5.85
C20 PCW M . -23.12 18.58 -4.47
C21 PCW M . -22.05 18.15 -3.53
C22 PCW M . -22.49 16.79 -2.92
C23 PCW M . -22.21 15.52 -3.75
C24 PCW M . -22.24 14.21 -3.01
C25 PCW M . -23.51 13.75 -2.24
C26 PCW M . -23.28 13.04 -0.92
C27 PCW M . -22.75 13.87 0.27
C28 PCW M . -23.43 13.45 1.54
C31 PCW M . -17.88 12.81 -14.79
C32 PCW M . -16.38 13.13 -14.62
C33 PCW M . -16.06 14.58 -14.02
C34 PCW M . -15.53 15.56 -15.07
C35 PCW M . -15.01 16.81 -14.25
C36 PCW M . -16.13 17.83 -13.96
C37 PCW M . -15.70 19.10 -13.16
C38 PCW M . -16.42 20.32 -13.63
C39 PCW M . -16.02 21.57 -12.87
C40 PCW M . -16.56 22.03 -11.75
C41 PCW M . -17.72 21.37 -11.02
C42 PCW M . -17.51 21.58 -9.45
C43 PCW M . -18.23 22.73 -8.79
C44 PCW M . -17.86 22.70 -7.31
C45 PCW M . -18.15 23.96 -6.55
C46 PCW M . -16.92 24.67 -6.06
C47 PCW M . -16.57 24.49 -4.60
C48 PCW M . -15.29 25.26 -4.24
N PCW M . -13.33 8.78 -14.20
O2 PCW M . -18.03 11.49 -14.67
O3 PCW M . -19.88 11.72 -12.49
O11 PCW M . -22.07 12.26 -12.80
O31 PCW M . -18.80 13.66 -14.99
O1P PCW M . -18.56 7.60 -14.47
O2P PCW M . -17.49 6.92 -16.62
O3P PCW M . -18.23 9.35 -16.28
O4P PCW M . -16.28 8.40 -15.18
P PCW M . -17.67 7.99 -15.62
C1 PCW N . 2.94 -11.70 9.59
C2 PCW N . 3.07 -10.19 10.03
C3 PCW N . 3.97 -10.07 11.31
C4 PCW N . 0.87 -14.07 7.67
C5 PCW N . 0.75 -15.10 8.78
C6 PCW N . -0.20 -17.11 9.72
C7 PCW N . -0.98 -16.33 7.67
C8 PCW N . -1.60 -15.17 9.53
C11 PCW N . 3.07 -8.13 12.40
C12 PCW N . 3.41 -6.69 12.71
C13 PCW N . 2.85 -5.78 11.55
C14 PCW N . 3.12 -4.29 11.72
C15 PCW N . 1.93 -3.45 12.28
C16 PCW N . 1.22 -2.66 11.12
C17 PCW N . 0.56 -1.29 11.48
C18 PCW N . -0.55 -1.40 12.53
C19 PCW N . -1.09 -0.02 12.98
C20 PCW N . -0.49 0.72 13.99
C21 PCW N . 0.69 0.47 14.86
C22 PCW N . 0.19 -0.34 16.08
C23 PCW N . 0.32 0.31 17.49
C24 PCW N . 1.58 0.03 18.25
C25 PCW N . 2.18 -1.41 18.30
C26 PCW N . 2.57 -1.93 19.66
C27 PCW N . 2.08 -3.33 20.08
C28 PCW N . 1.15 -3.22 21.27
C31 PCW N . 3.04 -8.30 8.61
C32 PCW N . 3.83 -7.57 7.50
C33 PCW N . 4.74 -6.35 8.00
C34 PCW N . 6.09 -6.79 8.58
C35 PCW N . 6.14 -6.20 10.05
C36 PCW N . 7.43 -5.41 10.33
C37 PCW N . 7.54 -4.80 11.77
C38 PCW N . 8.89 -5.01 12.37
C39 PCW N . 9.01 -4.42 13.75
C40 PCW N . 9.49 -3.22 14.07
C41 PCW N . 10.00 -2.21 13.07
C42 PCW N . 11.34 -1.57 13.64
C43 PCW N . 11.66 -0.12 13.29
C44 PCW N . 12.98 0.22 13.97
C45 PCW N . 13.12 1.64 14.39
C46 PCW N . 14.34 1.92 15.23
C47 PCW N . 14.10 2.42 16.63
C48 PCW N . 15.42 2.65 17.37
N PCW N . -0.45 -15.89 8.92
O2 PCW N . 3.73 -9.39 8.96
O3 PCW N . 4.09 -8.70 11.70
O11 PCW N . 2.05 -8.68 12.72
O31 PCW N . 1.94 -7.92 9.09
O1P PCW N . 1.76 -11.40 6.94
O2P PCW N . 3.66 -12.64 5.89
O3P PCW N . 3.69 -12.05 8.41
O4P PCW N . 2.29 -13.79 7.49
P PCW N . 2.83 -12.43 7.10
C1 PCW O . -18.11 4.52 -4.20
C2 PCW O . -18.00 5.89 -4.99
C3 PCW O . -16.92 6.81 -4.31
C4 PCW O . -21.95 1.81 -5.67
C5 PCW O . -22.66 1.10 -4.53
C6 PCW O . -21.69 -1.03 -3.92
C7 PCW O . -22.95 -0.87 -5.88
C8 PCW O . -24.08 -0.82 -3.92
C11 PCW O . -15.74 8.84 -4.82
C12 PCW O . -15.86 10.09 -5.64
C13 PCW O . -16.78 11.11 -4.88
C14 PCW O . -17.02 12.45 -5.58
C15 PCW O . -18.23 13.28 -5.05
C16 PCW O . -18.24 14.71 -5.72
C17 PCW O . -17.65 15.90 -4.88
C18 PCW O . -18.56 17.12 -4.83
C19 PCW O . -18.10 18.26 -5.75
C20 PCW O . -18.18 19.59 -5.37
C21 PCW O . -18.66 20.27 -4.14
C22 PCW O . -19.91 21.10 -4.55
C23 PCW O . -20.32 22.26 -3.62
C24 PCW O . -21.14 21.92 -2.42
C25 PCW O . -20.47 21.59 -1.06
C26 PCW O . -20.73 22.54 0.08
C27 PCW O . -19.72 23.69 0.31
C28 PCW O . -19.09 23.57 1.67
C31 PCW O . -18.19 6.39 -7.30
C32 PCW O . -17.63 6.00 -8.68
C33 PCW O . -16.53 7.00 -9.28
C34 PCW O . -15.25 7.08 -8.46
C35 PCW O . -14.20 7.83 -9.38
C36 PCW O . -12.98 8.33 -8.59
C37 PCW O . -11.90 9.09 -9.43
C38 PCW O . -11.53 10.40 -8.83
C39 PCW O . -10.49 11.13 -9.63
C40 PCW O . -9.16 11.08 -9.49
C41 PCW O . -8.45 10.23 -8.45
C42 PCW O . -7.92 11.21 -7.30
C43 PCW O . -6.75 12.11 -7.60
C44 PCW O . -6.47 12.92 -6.34
C45 PCW O . -5.07 13.47 -6.25
C46 PCW O . -4.05 12.45 -5.82
C47 PCW O . -2.74 12.98 -5.31
C48 PCW O . -1.80 11.83 -4.91
N PCW O . -22.84 -0.33 -4.56
O2 PCW O . -17.58 5.63 -6.38
O3 PCW O . -16.82 8.04 -5.03
O11 PCW O . -14.84 8.60 -4.06
O31 PCW O . -19.05 7.28 -7.08
O1P PCW O . -20.45 4.11 -6.59
O2P PCW O . -18.51 2.58 -6.34
O3P PCW O . -19.40 3.89 -4.31
O4P PCW O . -20.57 1.98 -5.28
P PCW O . -19.72 3.16 -5.71
C1 PCW P . -22.68 -1.68 7.36
C2 PCW P . -23.12 -1.64 8.88
C3 PCW P . -21.87 -1.95 9.80
C4 PCW P . -20.57 -0.90 4.37
C5 PCW P . -19.96 -0.07 3.24
C6 PCW P . -17.47 -0.39 2.78
C7 PCW P . -19.14 -0.97 1.08
C8 PCW P . -18.75 0.70 1.77
C11 PCW P . -22.02 -0.78 11.89
C12 PCW P . -22.50 -0.95 13.31
C13 PCW P . -21.35 -0.48 14.27
C14 PCW P . -21.65 -0.58 15.76
C15 PCW P . -20.52 -0.09 16.71
C16 PCW P . -21.07 0.96 17.74
C17 PCW P . -20.83 0.66 19.26
C18 PCW P . -21.35 1.78 20.18
C19 PCW P . -22.88 1.77 20.35
C20 PCW P . -23.54 2.59 21.26
C21 PCW P . -23.05 3.60 22.22
C22 PCW P . -24.31 4.19 22.93
C23 PCW P . -24.99 3.31 24.02
C24 PCW P . -24.71 3.67 25.44
C25 PCW P . -25.76 4.45 26.29
C26 PCW P . -25.27 5.70 26.98
C27 PCW P . -25.91 7.05 26.57
C28 PCW P . -24.97 8.19 26.87
C31 PCW P . -24.93 -0.20 9.38
C32 PCW P . -25.27 1.26 9.75
C33 PCW P . -25.43 1.55 11.32
C34 PCW P . -26.89 1.73 11.76
C35 PCW P . -26.82 2.52 13.13
C36 PCW P . -28.15 3.24 13.45
C37 PCW P . -28.18 4.04 14.79
C38 PCW P . -29.58 4.39 15.20
C39 PCW P . -29.63 5.15 16.49
C40 PCW P . -30.58 6.01 16.88
C41 PCW P . -31.80 6.35 16.05
C42 PCW P . -32.29 7.82 16.47
C43 PCW P . -33.75 8.03 16.79
C44 PCW P . -33.93 9.50 17.15
C45 PCW P . -34.09 9.79 18.62
C46 PCW P . -33.38 11.04 19.07
C47 PCW P . -32.24 10.85 20.04
C48 PCW P . -31.60 12.20 20.41
N PCW P . -18.90 -0.62 2.46
O2 PCW P . -23.61 -0.28 9.25
O3 PCW P . -22.27 -1.92 11.18
O11 PCW P . -21.48 0.20 11.45
O31 PCW P . -25.76 -1.13 9.22
O1P PCW P . -23.12 -2.26 4.54
O2P PCW P . -24.04 0.02 4.17
O3P PCW P . -23.41 -0.75 6.53
O4P PCW P . -21.75 -0.18 4.83
P PCW P . -23.12 -0.82 4.95
C1 PCW Q . -14.65 -5.89 4.96
C2 PCW Q . -14.46 -4.53 5.75
C3 PCW Q . -15.76 -4.19 6.55
C4 PCW Q . -13.66 -10.22 6.62
C5 PCW Q . -12.45 -10.84 7.33
C6 PCW Q . -10.87 -10.88 9.33
C7 PCW Q . -12.80 -9.36 9.31
C8 PCW Q . -12.80 -11.21 9.31
C11 PCW Q . -16.38 -1.89 6.91
C12 PCW Q . -16.05 -0.71 7.78
C13 PCW Q . -17.24 -0.49 8.78
C14 PCW Q . -17.07 0.67 9.75
C15 PCW Q . -18.00 1.89 9.51
C16 PCW Q . -17.20 3.11 8.92
C17 PCW Q . -17.42 3.45 7.41
C18 PCW Q . -16.35 2.86 6.48
C19 PCW Q . -16.90 2.47 5.09
C20 PCW Q . -16.25 2.77 3.92
C21 PCW Q . -14.97 3.49 3.64
C22 PCW Q . -15.34 4.81 2.92
C23 PCW Q . -14.31 5.96 2.97
C24 PCW Q . -14.06 6.70 1.68
C25 PCW Q . -14.54 8.17 1.51
C26 PCW Q . -15.99 8.36 1.09
C27 PCW Q . -16.34 8.18 -0.40
C28 PCW Q . -17.59 7.33 -0.52
C31 PCW Q . -12.12 -4.57 6.20
C32 PCW Q . -11.09 -4.71 7.33
C33 PCW Q . -9.66 -4.07 7.02
C34 PCW Q . -8.81 -3.84 8.28
C35 PCW Q . -9.16 -2.37 8.75
C36 PCW Q . -8.01 -1.73 9.57
C37 PCW Q . -8.27 -0.28 10.07
C38 PCW Q . -7.79 0.75 9.10
C39 PCW Q . -8.02 2.16 9.58
C40 PCW Q . -8.77 3.10 8.99
C41 PCW Q . -9.55 2.88 7.70
C42 PCW Q . -10.59 4.08 7.55
C43 PCW Q . -11.79 4.13 8.48
C44 PCW Q . -12.59 5.36 8.10
C45 PCW Q . -12.79 6.36 9.22
C46 PCW Q . -12.91 7.78 8.74
C47 PCW Q . -11.82 8.73 9.20
C48 PCW Q . -12.07 10.14 8.65
N PCW Q . -11.95 -10.26 8.55
O2 PCW Q . -13.35 -4.65 6.75
O3 PCW Q . -15.60 -2.96 7.27
O11 PCW Q . -17.20 -1.90 6.04
O31 PCW Q . -11.85 -4.40 4.98
O1P PCW Q . -15.53 -8.63 5.09
O2P PCW Q . -13.72 -8.63 3.40
O3P PCW Q . -13.71 -6.93 5.31
O4P PCW Q . -13.17 -9.27 5.65
P PCW Q . -14.09 -8.41 4.81
C1 PCW R . 17.47 -25.03 11.10
C2 PCW R . 18.40 -24.66 12.32
C3 PCW R . 19.90 -24.94 11.95
C4 PCW R . 15.06 -22.73 8.17
C5 PCW R . 14.85 -22.79 6.67
C6 PCW R . 12.59 -21.97 6.94
C7 PCW R . 13.33 -22.63 4.83
C8 PCW R . 14.13 -20.66 5.65
C11 PCW R . 20.86 -25.50 14.07
C12 PCW R . 21.77 -24.93 15.13
C13 PCW R . 23.24 -24.94 14.57
C14 PCW R . 24.31 -24.40 15.52
C15 PCW R . 24.42 -22.85 15.59
C16 PCW R . 25.03 -22.26 14.26
C17 PCW R . 26.43 -21.58 14.35
C18 PCW R . 26.50 -20.48 15.40
C19 PCW R . 26.72 -19.08 14.80
C20 PCW R . 27.00 -17.96 15.57
C21 PCW R . 27.15 -17.78 17.03
C22 PCW R . 26.50 -16.41 17.40
C23 PCW R . 26.60 -15.93 18.87
C24 PCW R . 27.04 -14.52 19.09
C25 PCW R . 28.54 -14.19 19.37
C26 PCW R . 28.89 -13.80 20.80
C27 PCW R . 30.18 -14.40 21.42
C28 PCW R . 29.88 -14.90 22.82
C31 PCW R . 17.65 -22.98 13.78
C32 PCW R . 17.59 -21.46 13.98
C33 PCW R . 16.65 -20.95 15.17
C34 PCW R . 17.12 -19.64 15.80
C35 PCW R . 17.97 -20.05 17.07
C36 PCW R . 17.92 -18.97 18.19
C37 PCW R . 18.74 -19.31 19.48
C38 PCW R . 18.15 -18.67 20.69
C39 PCW R . 18.92 -18.98 21.94
C40 PCW R . 18.42 -19.38 23.11
C41 PCW R . 16.95 -19.60 23.39
C42 PCW R . 16.78 -21.04 24.06
C43 PCW R . 16.39 -21.11 25.52
C44 PCW R . 16.31 -22.58 25.89
C45 PCW R . 16.89 -22.93 27.24
C46 PCW R . 15.94 -22.71 28.38
C47 PCW R . 16.54 -22.75 29.77
C48 PCW R . 15.47 -22.51 30.85
N PCW R . 13.77 -22.06 6.06
O2 PCW R . 18.27 -23.22 12.63
O3 PCW R . 20.73 -24.60 13.06
O11 PCW R . 20.32 -26.57 14.12
O31 PCW R . 17.17 -23.84 14.57
O1P PCW R . 16.07 -22.66 10.89
O2P PCW R . 18.12 -21.74 9.79
O3P PCW R . 17.74 -24.29 9.89
O4P PCW R . 16.48 -22.83 8.41
P PCW R . 17.10 -22.81 9.80
C1 PCW S . 14.67 -13.28 1.33
C2 PCW S . 15.63 -13.29 2.58
C3 PCW S . 16.87 -14.20 2.29
C4 PCW S . 15.80 -14.50 -2.42
C5 PCW S . 17.15 -15.04 -1.93
C6 PCW S . 17.82 -16.77 -3.49
C7 PCW S . 16.37 -17.31 -1.74
C8 PCW S . 18.55 -16.94 -1.20
C11 PCW S . 18.13 -15.39 3.96
C12 PCW S . 19.00 -15.15 5.16
C13 PCW S . 18.30 -15.77 6.41
C14 PCW S . 19.06 -15.62 7.73
C15 PCW S . 18.18 -15.66 9.02
C16 PCW S . 18.12 -17.11 9.60
C17 PCW S . 16.73 -17.61 10.13
C18 PCW S . 16.29 -18.93 9.51
C19 PCW S . 14.96 -18.82 8.72
C20 PCW S . 13.80 -19.45 9.13
C21 PCW S . 13.48 -20.30 10.31
C22 PCW S . 12.46 -19.51 11.18
C23 PCW S . 12.92 -19.08 12.60
C24 PCW S . 13.52 -17.71 12.72
C25 PCW S . 13.39 -16.89 14.03
C26 PCW S . 14.62 -16.83 14.91
C27 PCW S . 14.50 -16.13 16.28
C28 PCW S . 15.87 -15.95 16.90
C31 PCW S . 15.44 -11.23 3.74
C32 PCW S . 16.09 -9.85 3.90
C33 PCW S . 15.65 -9.05 5.21
C34 PCW S . 14.47 -8.10 4.99
C35 PCW S . 13.97 -7.67 6.43
C36 PCW S . 14.81 -6.50 7.01
C37 PCW S . 14.38 -6.01 8.43
C38 PCW S . 14.61 -7.05 9.48
C39 PCW S . 14.20 -6.59 10.85
C40 PCW S . 13.80 -7.34 11.87
C41 PCW S . 13.66 -8.86 11.82
C42 PCW S . 13.02 -9.34 13.20
C43 PCW S . 11.76 -10.16 13.16
C44 PCW S . 11.38 -10.47 14.61
C45 PCW S . 11.74 -11.85 15.08
C46 PCW S . 12.38 -11.88 16.44
C47 PCW S . 13.78 -12.44 16.51
C48 PCW S . 14.31 -12.41 17.95
N PCW S . 17.46 -16.44 -2.09
O2 PCW S . 16.14 -11.91 2.83
O3 PCW S . 17.74 -14.19 3.43
O11 PCW S . 17.81 -16.47 3.54
O31 PCW S . 14.42 -11.66 4.37
O1P PCW S . 13.39 -13.70 -1.06
O2P PCW S . 13.99 -11.43 -1.89
O3P PCW S . 15.03 -12.34 0.30
O4P PCW S . 15.69 -13.15 -1.90
P PCW S . 14.45 -12.65 -1.17
C1 PCW T . -4.89 2.97 -18.32
C2 PCW T . -4.55 4.46 -17.90
C3 PCW T . -5.69 5.05 -17.00
C4 PCW T . -2.30 1.63 -14.74
C5 PCW T . -1.06 0.84 -14.35
C6 PCW T . 0.81 2.04 -15.61
C7 PCW T . 1.21 1.15 -13.36
C8 PCW T . 0.81 0.21 -14.90
C11 PCW T . -5.33 7.36 -17.57
C12 PCW T . -4.96 8.67 -16.93
C13 PCW T . -3.39 8.79 -16.90
C14 PCW T . -2.85 10.08 -16.28
C15 PCW T . -1.54 10.63 -16.91
C16 PCW T . -0.81 11.59 -15.92
C17 PCW T . -0.49 13.04 -16.42
C18 PCW T . -1.13 14.13 -15.56
C19 PCW T . -0.28 15.43 -15.50
C20 PCW T . -0.83 16.69 -15.68
C21 PCW T . -2.22 17.14 -15.96
C22 PCW T . -2.77 17.69 -14.61
C23 PCW T . -2.98 19.22 -14.48
C24 PCW T . -2.60 19.84 -13.18
C25 PCW T . -2.32 21.37 -13.07
C26 PCW T . -3.17 22.14 -12.08
C27 PCW T . -3.04 21.80 -10.58
C28 PCW T . -4.41 21.59 -9.97
C31 PCW T . -2.28 5.08 -17.72
C32 PCW T . -1.05 5.04 -16.79
C33 PCW T . -0.59 6.45 -16.20
C34 PCW T . 0.15 7.33 -17.22
C35 PCW T . 1.56 7.63 -16.57
C36 PCW T . 2.07 9.06 -16.90
C37 PCW T . 3.46 9.43 -16.30
C38 PCW T . 4.52 9.50 -17.35
C39 PCW T . 5.87 9.86 -16.81
C40 PCW T . 6.62 10.90 -17.16
C41 PCW T . 6.23 11.92 -18.22
C42 PCW T . 6.06 13.34 -17.51
C43 PCW T . 4.71 13.69 -16.91
C44 PCW T . 4.85 15.09 -16.32
C45 PCW T . 3.78 15.45 -15.30
C46 PCW T . 3.93 16.84 -14.77
C47 PCW T . 2.64 17.56 -14.40
C48 PCW T . 2.93 18.97 -13.86
N PCW T . 0.22 1.47 -14.38
O2 PCW T . -3.28 4.48 -17.10
O3 PCW T . -5.36 6.38 -16.61
O11 PCW T . -5.55 7.20 -18.74
O31 PCW T . -2.30 5.61 -18.86
O1P PCW T . -4.99 2.26 -15.61
O2P PCW T . -4.89 -0.02 -16.60
O3P PCW T . -3.93 1.99 -17.88
O4P PCW T . -2.83 1.01 -15.94
P PCW T . -4.23 1.28 -16.47
C1 PCW U . -26.23 -6.42 15.90
C2 PCW U . -25.63 -5.00 16.25
C3 PCW U . -26.62 -4.23 17.19
C4 PCW U . -25.86 -6.82 11.24
C5 PCW U . -26.04 -5.55 10.41
C6 PCW U . -26.97 -4.82 8.15
C7 PCW U . -28.49 -5.50 9.96
C8 PCW U . -27.35 -4.04 9.91
C11 PCW U . -26.70 -1.83 17.06
C12 PCW U . -25.96 -0.61 17.51
C13 PCW U . -25.37 0.11 16.24
C14 PCW U . -24.57 1.38 16.53
C15 PCW U . -25.41 2.62 16.98
C16 PCW U . -24.69 3.95 16.54
C17 PCW U . -23.46 4.40 17.38
C18 PCW U . -23.38 5.92 17.58
C19 PCW U . -22.65 6.65 16.42
C20 PCW U . -21.90 7.79 16.61
C21 PCW U . -21.59 8.60 17.82
C22 PCW U . -21.12 9.99 17.33
C23 PCW U . -19.67 10.44 17.70
C24 PCW U . -19.45 11.89 17.91
C25 PCW U . -18.42 12.41 18.95
C26 PCW U . -17.89 13.82 18.73
C27 PCW U . -18.83 15.00 19.02
C28 PCW U . -18.16 16.03 19.89
C31 PCW U . -23.41 -4.28 16.65
C32 PCW U . -22.16 -4.57 17.49
C33 PCW U . -22.22 -4.05 19.00
C34 PCW U . -22.63 -2.58 19.13
C35 PCW U . -23.25 -2.44 20.58
C36 PCW U . -22.19 -2.05 21.64
C37 PCW U . -22.72 -1.90 23.09
C38 PCW U . -22.62 -0.48 23.57
C39 PCW U . -23.13 -0.30 24.97
C40 PCW U . -22.43 0.10 26.03
C41 PCW U . -20.95 0.46 26.00
C42 PCW U . -20.75 1.81 26.83
C43 PCW U . -20.97 3.14 26.11
C44 PCW U . -20.71 4.23 27.14
C45 PCW U . -21.16 5.61 26.74
C46 PCW U . -21.37 6.54 27.91
C47 PCW U . -20.14 7.21 28.47
C48 PCW U . -20.50 8.11 29.66
N PCW U . -27.13 -5.46 9.48
O2 PCW U . -24.35 -5.16 16.99
O3 PCW U . -26.07 -2.95 17.52
O11 PCW U . -27.70 -1.83 16.39
O31 PCW U . -23.53 -3.37 15.78
O1P PCW U . -26.12 -8.96 13.18
O2P PCW U . -28.01 -7.55 14.02
O3P PCW U . -25.59 -7.07 14.79
O4P PCW U . -26.41 -6.54 12.55
P PCW U . -26.58 -7.59 13.63
C1 PCW V . -21.60 -13.86 24.67
C2 PCW V . -22.22 -12.47 24.23
C3 PCW V . -23.23 -11.96 25.31
C4 PCW V . -18.07 -14.99 21.43
C5 PCW V . -17.66 -14.35 20.10
C6 PCW V . -19.31 -15.23 18.56
C7 PCW V . -17.30 -16.39 18.88
C8 PCW V . -17.21 -14.46 17.68
C11 PCW V . -25.14 -10.60 24.82
C12 PCW V . -25.51 -9.21 24.38
C13 PCW V . -25.84 -8.36 25.66
C14 PCW V . -26.24 -6.90 25.39
C15 PCW V . -26.92 -6.15 26.57
C16 PCW V . -26.74 -4.60 26.41
C17 PCW V . -25.50 -3.95 27.11
C18 PCW V . -25.87 -2.93 28.18
C19 PCW V . -25.41 -3.34 29.60
C20 PCW V . -26.24 -4.01 30.49
C21 PCW V . -27.66 -4.46 30.38
C22 PCW V . -28.53 -3.39 31.10
C23 PCW V . -30.06 -3.48 30.93
C24 PCW V . -30.71 -2.51 30.00
C25 PCW V . -32.04 -2.86 29.27
C26 PCW V . -32.96 -1.72 28.91
C27 PCW V . -33.67 -1.76 27.54
C28 PCW V . -34.30 -0.43 27.23
C31 PCW V . -20.78 -11.18 22.84
C32 PCW V . -19.68 -10.11 22.88
C33 PCW V . -18.32 -10.53 23.61
C34 PCW V . -18.42 -10.47 25.15
C35 PCW V . -17.33 -9.42 25.60
C36 PCW V . -17.45 -9.04 27.09
C37 PCW V . -16.41 -8.01 27.61
C38 PCW V . -16.62 -7.68 29.05
C39 PCW V . -15.61 -6.68 29.57
C40 PCW V . -15.76 -5.85 30.60
C41 PCW V . -17.01 -5.76 31.45
C42 PCW V . -16.58 -5.32 32.93
C43 PCW V . -16.38 -3.85 33.22
C44 PCW V . -15.97 -3.74 34.68
C45 PCW V . -16.17 -2.38 35.30
C46 PCW V . -17.32 -2.31 36.27
C47 PCW V . -18.65 -1.85 35.71
C48 PCW V . -19.72 -1.84 36.81
N PCW V . -17.86 -15.07 18.87
O2 PCW V . -21.14 -11.45 24.10
O3 PCW V . -23.79 -10.71 24.90
O11 PCW V . -25.93 -11.47 25.06
O31 PCW V . -21.26 -11.71 21.80
O1P PCW V . -20.05 -16.41 22.99
O2P PCW V . -21.62 -14.77 21.94
O3P PCW V . -20.31 -14.15 24.08
O4P PCW V . -19.27 -14.29 21.87
P PCW V . -20.36 -14.97 22.69
C1 PCW W . 7.99 -22.61 16.07
C2 PCW W . 7.87 -22.49 17.64
C3 PCW W . 8.09 -20.99 18.08
C4 PCW W . 3.31 -23.20 15.30
C5 PCW W . 2.23 -23.43 14.26
C6 PCW W . 1.24 -25.74 13.84
C7 PCW W . -0.09 -24.02 14.97
C8 PCW W . 0.55 -24.00 13.24
C11 PCW W . 7.18 -19.90 20.00
C12 PCW W . 7.23 -19.92 21.51
C13 PCW W . 5.76 -20.04 22.06
C14 PCW W . 5.63 -20.07 23.58
C15 PCW W . 4.91 -18.85 24.23
C16 PCW W . 5.78 -18.22 25.36
C17 PCW W . 6.83 -17.12 24.94
C18 PCW W . 8.01 -17.03 25.89
C19 PCW W . 9.29 -17.70 25.34
C20 PCW W . 10.57 -17.27 25.68
C21 PCW W . 11.06 -16.18 26.56
C22 PCW W . 12.58 -16.03 26.28
C23 PCW W . 13.55 -16.20 27.47
C24 PCW W . 14.37 -15.00 27.86
C25 PCW W . 13.91 -14.09 29.04
C26 PCW W . 14.60 -12.74 29.15
C27 PCW W . 13.78 -11.48 28.83
C28 PCW W . 14.66 -10.42 28.22
C31 PCW W . 6.48 -23.89 18.95
C32 PCW W . 5.01 -24.18 19.30
C33 PCW W . 4.55 -23.75 20.78
C34 PCW W . 4.82 -24.82 21.83
C35 PCW W . 4.80 -24.05 23.23
C36 PCW W . 6.13 -24.16 23.99
C37 PCW W . 6.17 -23.43 25.38
C38 PCW W . 6.09 -24.39 26.52
C39 PCW W . 6.13 -23.71 27.86
C40 PCW W . 6.81 -24.09 28.93
C41 PCW W . 7.71 -25.32 28.99
C42 PCW W . 9.00 -24.96 29.85
C43 PCW W . 9.56 -26.01 30.79
C44 PCW W . 10.77 -25.40 31.48
C45 PCW W . 10.76 -25.48 32.98
C46 PCW W . 10.34 -24.20 33.64
C47 PCW W . 11.16 -23.76 34.84
C48 PCW W . 10.62 -22.44 35.43
N PCW W . 1.23 -24.42 14.50
O2 PCW W . 6.50 -22.89 18.08
O3 PCW W . 7.99 -20.87 19.50
O11 PCW W . 6.53 -19.13 19.35
O31 PCW W . 7.47 -24.52 19.40
O1P PCW W . 5.42 -21.26 15.84
O2P PCW W . 6.09 -21.80 13.50
O3P PCW W . 6.87 -23.29 15.45
O4P PCW W . 4.59 -23.29 14.62
P PCW W . 5.73 -22.32 14.83
C1 PCW X . -13.23 13.96 -17.34
C2 PCW X . -12.01 14.06 -16.34
C3 PCW X . -11.22 15.40 -16.61
C4 PCW X . -15.82 10.50 -18.83
C5 PCW X . -15.92 8.98 -18.71
C6 PCW X . -16.59 7.16 -20.37
C7 PCW X . -14.28 7.92 -20.23
C8 PCW X . -15.26 7.05 -18.93
C11 PCW X . -9.07 16.29 -16.05
C12 PCW X . -8.02 16.26 -14.96
C13 PCW X . -8.01 17.66 -14.25
C14 PCW X . -7.01 17.80 -13.10
C15 PCW X . -6.98 19.19 -12.39
C16 PCW X . -6.42 20.29 -13.36
C17 PCW X . -6.88 21.77 -13.10
C18 PCW X . -8.02 22.22 -14.02
C19 PCW X . -7.52 22.58 -15.44
C20 PCW X . -8.05 23.62 -16.19
C21 PCW X . -9.12 24.60 -15.90
C22 PCW X . -8.60 26.00 -16.35
C23 PCW X . -9.58 27.20 -16.27
C24 PCW X . -9.88 27.90 -17.56
C25 PCW X . -11.33 28.29 -17.94
C26 PCW X . -11.67 28.26 -19.42
C27 PCW X . -12.40 29.47 -20.02
C28 PCW X . -11.79 29.85 -21.34
C31 PCW X . -12.01 13.13 -14.16
C32 PCW X . -12.59 13.32 -12.75
C33 PCW X . -11.65 14.13 -11.72
C34 PCW X . -11.37 15.55 -12.16
C35 PCW X . -10.23 16.07 -11.19
C36 PCW X . -10.79 17.01 -10.08
C37 PCW X . -9.74 17.57 -9.08
C38 PCW X . -9.47 19.02 -9.31
C39 PCW X . -8.46 19.60 -8.35
C40 PCW X . -7.92 20.81 -8.40
C41 PCW X . -8.24 21.85 -9.46
C42 PCW X . -8.91 23.10 -8.73
C43 PCW X . -10.37 23.01 -8.32
C44 PCW X . -10.73 24.32 -7.67
C45 PCW X . -12.19 24.51 -7.34
C46 PCW X . -12.96 25.26 -8.38
C47 PCW X . -14.27 24.65 -8.83
C48 PCW X . -14.95 25.53 -9.89
N PCW X . -15.65 8.16 -19.85
O2 PCW X . -12.49 14.11 -14.93
O3 PCW X . -10.11 15.49 -15.70
O11 PCW X . -8.99 16.94 -17.07
O31 PCW X . -11.22 12.22 -14.52
O1P PCW X . -13.10 11.41 -18.45
O2P PCW X . -13.52 10.72 -16.09
O3P PCW X . -14.26 13.04 -16.91
O4P PCW X . -15.40 10.99 -17.54
P PCW X . -14.00 11.49 -17.25
C1 PCW Y . -24.19 5.88 -7.12
C2 PCW Y . -23.49 7.13 -6.43
C3 PCW Y . -21.99 6.80 -6.13
C4 PCW Y . -26.60 6.65 -4.02
C5 PCW Y . -25.46 7.24 -3.18
C6 PCW Y . -26.48 6.87 -0.87
C7 PCW Y . -24.06 7.01 -1.16
C8 PCW Y . -25.31 8.34 -1.47
C11 PCW Y . -21.50 8.10 -4.16
C12 PCW Y . -20.79 9.36 -3.74
C13 PCW Y . -21.00 9.57 -2.20
C14 PCW Y . -20.33 10.82 -1.61
C15 PCW Y . -18.77 10.82 -1.60
C16 PCW Y . -18.24 12.21 -1.08
C17 PCW Y . -17.76 12.29 0.40
C18 PCW Y . -16.81 13.46 0.67
C19 PCW Y . -16.86 13.96 2.14
C20 PCW Y . -17.70 14.98 2.56
C21 PCW Y . -18.68 15.83 1.83
C22 PCW Y . -18.52 17.27 2.39
C23 PCW Y . -18.61 18.44 1.37
C24 PCW Y . -17.34 18.83 0.68
C25 PCW Y . -17.20 18.74 -0.86
C26 PCW Y . -16.09 17.85 -1.39
C27 PCW Y . -15.29 18.34 -2.61
C28 PCW Y . -14.36 17.26 -3.10
C31 PCW Y . -23.99 9.41 -6.82
C32 PCW Y . -23.94 10.52 -7.90
C33 PCW Y . -22.47 10.90 -8.40
C34 PCW Y . -21.53 11.34 -7.28
C35 PCW Y . -20.12 11.58 -7.97
C36 PCW Y . -19.28 10.29 -8.07
C37 PCW Y . -17.88 10.45 -8.74
C38 PCW Y . -17.96 10.36 -10.22
C39 PCW Y . -16.61 10.50 -10.89
C40 PCW Y . -15.97 11.64 -11.16
C41 PCW Y . -16.52 13.02 -10.82
C42 PCW Y . -15.42 13.79 -9.95
C43 PCW Y . -15.70 15.22 -9.55
C44 PCW Y . -14.50 15.68 -8.73
C45 PCW Y . -14.79 16.79 -7.74
C46 PCW Y . -14.07 18.07 -8.06
C47 PCW Y . -14.21 19.19 -7.04
C48 PCW Y . -13.43 20.43 -7.49
N PCW Y . -25.34 6.88 -1.81
O2 PCW Y . -23.51 8.29 -7.37
O3 PCW Y . -21.37 7.94 -5.51
O11 PCW Y . -22.10 7.36 -3.42
O31 PCW Y . -24.41 9.55 -5.64
O1P PCW Y . -27.97 6.13 -6.54
O2P PCW Y . -26.69 3.99 -6.42
O3P PCW Y . -25.60 6.10 -7.40
O4P PCW Y . -26.00 5.80 -5.02
P PCW Y . -26.64 5.47 -6.35
C1 PCW Z . -19.74 -11.94 12.73
C2 PCW Z . -19.83 -10.59 13.55
C3 PCW Z . -20.75 -9.57 12.79
C4 PCW Z . -23.41 -12.02 12.91
C5 PCW Z . -24.76 -12.10 13.61
C6 PCW Z . -27.28 -11.66 13.57
C7 PCW Z . -26.00 -11.71 11.49
C8 PCW Z . -26.28 -13.10 12.68
C11 PCW Z . -21.91 -7.55 13.35
C12 PCW Z . -21.78 -6.33 14.21
C13 PCW Z . -20.63 -5.43 13.64
C14 PCW Z . -20.35 -4.14 14.40
C15 PCW Z . -19.06 -4.14 15.28
C16 PCW Z . -18.48 -2.69 15.41
C17 PCW Z . -17.09 -2.41 14.73
C18 PCW Z . -16.29 -1.33 15.44
C19 PCW Z . -15.22 -1.91 16.40
C20 PCW Z . -15.37 -1.92 17.78
C21 PCW Z . -16.47 -1.44 18.66
C22 PCW Z . -16.99 -2.67 19.46
C23 PCW Z . -18.20 -2.47 20.40
C24 PCW Z . -18.00 -1.57 21.58
C25 PCW Z . -16.76 -1.72 22.52
C26 PCW Z . -16.60 -3.06 23.20
C27 PCW Z . -17.42 -3.33 24.47
C28 PCW Z . -17.66 -4.82 24.63
C31 PCW Z . -19.57 -10.96 15.87
C32 PCW Z . -20.35 -11.22 17.17
C33 PCW Z . -20.33 -10.04 18.26
C34 PCW Z . -18.94 -9.48 18.57
C35 PCW Z . -18.08 -10.73 19.08
C36 PCW Z . -16.56 -10.42 19.08
C37 PCW Z . -15.65 -11.60 19.56
C38 PCW Z . -15.38 -11.53 21.04
C39 PCW Z . -14.50 -12.65 21.50
C40 PCW Z . -14.59 -13.32 22.65
C41 PCW Z . -15.65 -13.06 23.71
C42 PCW Z . -14.92 -12.48 25.00
C43 PCW Z . -15.17 -13.15 26.34
C44 PCW Z . -14.36 -12.38 27.37
C45 PCW Z . -15.15 -11.87 28.56
C46 PCW Z . -14.73 -12.47 29.87
C47 PCW Z . -13.86 -11.61 30.76
C48 PCW Z . -13.51 -12.34 32.06
N PCW Z . -25.95 -11.67 12.93
O2 PCW Z . -20.46 -10.85 14.88
O3 PCW Z . -20.82 -8.35 13.53
O11 PCW Z . -22.83 -7.79 12.61
O31 PCW Z . -18.31 -10.87 15.77
O1P PCW Z . -21.61 -13.99 11.73
O2P PCW Z . -21.71 -15.02 14.00
O3P PCW Z . -20.04 -13.12 13.50
O4P PCW Z . -22.45 -12.75 13.75
P PCW Z . -21.48 -13.79 13.20
C1 PCW AA . 5.18 -15.89 8.96
C2 PCW AA . 6.03 -15.43 10.21
C3 PCW AA . 5.53 -14.04 10.71
C4 PCW AA . 3.27 -20.03 10.48
C5 PCW AA . 4.51 -20.83 10.86
C6 PCW AA . 4.41 -22.57 9.00
C7 PCW AA . 6.54 -22.03 10.10
C8 PCW AA . 5.04 -22.81 10.84
C11 PCW AA . 5.66 -13.11 12.92
C12 PCW AA . 6.67 -12.71 13.97
C13 PCW AA . 7.36 -14.01 14.51
C14 PCW AA . 8.42 -13.78 15.60
C15 PCW AA . 8.57 -14.92 16.65
C16 PCW AA . 10.07 -15.11 17.05
C17 PCW AA . 10.36 -15.90 18.38
C18 PCW AA . 10.22 -15.05 19.63
C19 PCW AA . 9.64 -15.84 20.83
C20 PCW AA . 8.84 -15.25 21.80
C21 PCW AA . 8.32 -13.88 21.98
C22 PCW AA . 6.78 -13.98 22.13
C23 PCW AA . 5.91 -13.05 21.26
C24 PCW AA . 5.35 -11.82 21.92
C25 PCW AA . 6.26 -10.60 22.24
C26 PCW AA . 5.99 -9.34 21.44
C27 PCW AA . 7.16 -8.34 21.25
C28 PCW AA . 6.67 -7.11 20.52
C31 PCW AA . 6.91 -17.20 11.51
C32 PCW AA . 6.59 -18.13 12.69
C33 PCW AA . 7.85 -18.78 13.43
C34 PCW AA . 8.63 -17.79 14.29
C35 PCW AA . 9.15 -18.61 15.54
C36 PCW AA . 10.66 -18.93 15.45
C37 PCW AA . 11.24 -19.74 16.65
C38 PCW AA . 12.73 -19.88 16.55
C39 PCW AA . 13.31 -20.65 17.70
C40 PCW AA . 13.95 -20.16 18.76
C41 PCW AA . 14.19 -18.68 18.99
C42 PCW AA . 14.27 -18.44 20.57
C43 PCW AA . 14.12 -17.02 21.09
C44 PCW AA . 14.23 -17.09 22.61
C45 PCW AA . 14.77 -15.84 23.26
C46 PCW AA . 16.01 -16.08 24.08
C47 PCW AA . 17.27 -15.37 23.62
C48 PCW AA . 18.46 -15.70 24.54
N PCW AA . 5.15 -21.66 9.90
O2 PCW AA . 5.87 -16.40 11.32
O3 PCW AA . 6.31 -13.61 11.83
O11 PCW AA . 4.48 -12.99 13.02
O31 PCW AA . 7.98 -17.21 10.84
O1P PCW AA . 2.92 -17.16 10.39
O2P PCW AA . 2.56 -17.56 7.97
O3P PCW AA . 4.94 -17.32 8.91
O4P PCW AA . 3.59 -19.30 9.26
P PCW AA . 3.43 -17.80 9.15
C1 PCW BA . -2.13 -18.37 13.24
C2 PCW BA . -0.92 -17.60 13.89
C3 PCW BA . 0.36 -17.74 12.98
C4 PCW BA . -5.53 -15.90 12.54
C5 PCW BA . -6.85 -16.29 11.86
C6 PCW BA . -8.89 -15.61 10.50
C7 PCW BA . -7.16 -13.97 11.04
C8 PCW BA . -6.99 -15.47 9.99
C11 PCW BA . 2.66 -17.67 13.65
C12 PCW BA . 3.68 -16.73 14.26
C13 PCW BA . 3.21 -16.38 15.72
C14 PCW BA . 4.15 -15.43 16.48
C15 PCW BA . 3.65 -13.96 16.62
C16 PCW BA . 2.61 -13.84 17.79
C17 PCW BA . 1.15 -13.38 17.41
C18 PCW BA . 0.31 -13.00 18.62
C19 PCW BA . -0.75 -11.92 18.27
C20 PCW BA . -0.87 -10.73 19.00
C21 PCW BA . -0.12 -10.18 20.15
C22 PCW BA . 0.22 -8.70 19.80
C23 PCW BA . 0.57 -7.74 20.96
C24 PCW BA . 2.00 -7.35 21.14
C25 PCW BA . 2.78 -7.69 22.45
C26 PCW BA . 3.60 -6.56 23.05
C27 PCW BA . 2.86 -5.48 23.87
C28 PCW BA . 3.85 -4.50 24.44
C31 PCW BA . -1.79 -15.77 15.14
C32 PCW BA . -2.04 -14.26 15.09
C33 PCW BA . -3.22 -13.73 16.04
C34 PCW BA . -4.57 -13.64 15.34
C35 PCW BA . -5.55 -14.55 16.18
C36 PCW BA . -6.49 -13.72 17.10
C37 PCW BA . -7.48 -14.55 17.96
C38 PCW BA . -6.84 -15.08 19.20
C39 PCW BA . -7.78 -15.89 20.05
C40 PCW BA . -7.47 -16.63 21.12
C41 PCW BA . -6.06 -16.78 21.65
C42 PCW BA . -5.70 -15.48 22.51
C43 PCW BA . -5.34 -15.65 23.97
C44 PCW BA . -5.05 -14.27 24.53
C45 PCW BA . -3.66 -14.07 25.04
C46 PCW BA . -2.69 -13.59 24.00
C47 PCW BA . -1.89 -12.33 24.33
C48 PCW BA . -0.94 -11.96 23.19
N PCW BA . -7.70 -15.29 11.29
O2 PCW BA . -1.22 -16.13 13.98
O3 PCW BA . 1.45 -17.03 13.56
O11 PCW BA . 2.88 -18.79 13.29
O31 PCW BA . -2.07 -16.53 16.10
O1P PCW BA . -4.39 -17.40 10.31
O2P PCW BA . -4.65 -19.34 11.88
O3P PCW BA . -2.58 -17.82 11.99
O4P PCW BA . -4.77 -17.12 12.79
P PCW BA . -4.14 -17.96 11.68
C1 PCW CA . -1.68 -2.80 -2.06
C2 PCW CA . -2.00 -1.39 -1.43
C3 PCW CA . -0.69 -0.76 -0.82
C4 PCW CA . -5.77 -3.11 -2.42
C5 PCW CA . -6.12 -2.23 -1.23
C6 PCW CA . -8.39 -2.77 -0.19
C7 PCW CA . -6.35 -2.84 1.17
C8 PCW CA . -7.11 -1.38 0.35
C11 PCW CA . -0.08 1.52 -0.38
C12 PCW CA . -0.60 2.76 0.28
C13 PCW CA . 0.15 2.94 1.65
C14 PCW CA . -0.25 4.17 2.46
C15 PCW CA . 0.82 5.30 2.57
C16 PCW CA . 0.25 6.67 2.07
C17 PCW CA . 1.27 7.68 1.45
C18 PCW CA . 2.04 8.49 2.49
C19 PCW CA . 3.06 9.46 1.87
C20 PCW CA . 3.20 10.77 2.30
C21 PCW CA . 2.50 11.55 3.34
C22 PCW CA . 3.57 12.48 3.99
C23 PCW CA . 3.64 12.50 5.55
C24 PCW CA . 4.54 13.53 6.16
C25 PCW CA . 4.04 14.98 6.43
C26 PCW CA . 5.10 16.02 6.74
C27 PCW CA . 5.21 16.53 8.20
C28 PCW CA . 6.61 16.33 8.71
C31 PCW CA . -3.53 0.30 -2.13
C32 PCW CA . -3.91 1.17 -3.34
C33 PCW CA . -2.68 1.86 -4.11
C34 PCW CA . -2.21 3.17 -3.48
C35 PCW CA . -0.69 3.31 -3.90
C36 PCW CA . -0.51 4.21 -5.15
C37 PCW CA . 0.96 4.39 -5.63
C38 PCW CA . 1.46 5.79 -5.39
C39 PCW CA . 2.88 5.99 -5.85
C40 PCW CA . 3.93 6.33 -5.11
C41 PCW CA . 3.87 6.59 -3.61
C42 PCW CA . 5.31 7.09 -3.15
C43 PCW CA . 6.13 6.20 -2.24
C44 PCW CA . 7.43 6.92 -1.94
C45 PCW CA . 8.63 6.03 -1.73
C46 PCW CA . 9.53 6.49 -0.62
C47 PCW CA . 10.89 7.01 -1.02
C48 PCW CA . 11.71 7.44 0.20
N PCW CA . -6.92 -2.77 -0.16
O2 PCW CA . -2.49 -0.46 -2.50
O3 PCW CA . -0.99 0.52 -0.25
O11 PCW CA . 0.98 1.42 -0.95
O31 PCW CA . -4.11 0.29 -1.01
O1P PCW CA . -4.18 -4.09 -4.67
O2P PCW CA . -3.08 -5.47 -2.93
O3P PCW CA . -2.33 -3.05 -3.32
O4P PCW CA . -4.42 -3.59 -2.21
P PCW CA . -3.53 -4.11 -3.32
C1 PCW DA . -32.04 5.62 2.49
C2 PCW DA . -31.93 7.19 2.37
C3 PCW DA . -32.98 7.90 3.29
C4 PCW DA . -30.15 3.10 -1.31
C5 PCW DA . -29.62 3.42 -2.70
C6 PCW DA . -29.59 2.91 -5.06
C7 PCW DA . -30.39 1.31 -3.55
C8 PCW DA . -28.15 1.65 -3.61
C11 PCW DA . -32.72 10.08 4.28
C12 PCW DA . -32.63 11.53 3.91
C13 PCW DA . -31.14 11.83 3.49
C14 PCW DA . -30.87 13.28 3.08
C15 PCW DA . -30.22 14.19 4.17
C16 PCW DA . -30.81 15.64 4.11
C17 PCW DA . -32.23 15.87 4.75
C18 PCW DA . -33.16 16.70 3.87
C19 PCW DA . -34.66 16.28 3.99
C20 PCW DA . -35.69 17.06 3.50
C21 PCW DA . -35.72 18.37 2.80
C22 PCW DA . -37.18 18.89 2.89
C23 PCW DA . -37.49 19.97 3.95
C24 PCW DA . -37.77 21.36 3.44
C25 PCW DA . -36.64 22.20 2.75
C26 PCW DA . -35.45 22.56 3.59
C27 PCW DA . -35.05 24.05 3.70
C28 PCW DA . -34.02 24.38 2.64
C31 PCW DA . -30.19 7.32 4.02
C32 PCW DA . -28.77 7.87 4.25
C33 PCW DA . -28.70 9.31 4.93
C34 PCW DA . -28.52 9.26 6.45
C35 PCW DA . -29.67 10.17 7.04
C36 PCW DA . -29.26 11.65 7.20
C37 PCW DA . -30.35 12.60 7.77
C38 PCW DA . -29.85 14.00 7.94
C39 PCW DA . -30.89 14.93 8.49
C40 PCW DA . -30.91 16.25 8.40
C41 PCW DA . -29.85 17.07 7.70
C42 PCW DA . -30.37 18.57 7.59
C43 PCW DA . -30.09 19.34 6.32
C44 PCW DA . -30.69 20.73 6.49
C45 PCW DA . -29.90 21.86 5.88
C46 PCW DA . -30.46 23.22 6.19
C47 PCW DA . -29.52 24.39 6.00
C48 PCW DA . -30.20 25.71 6.33
N PCW DA . -29.45 2.38 -3.68
O2 PCW DA . -30.56 7.64 2.78
O3 PCW DA . -32.85 9.33 3.15
O11 PCW DA . -32.70 9.65 5.40
O31 PCW DA . -30.87 6.67 4.88
O1P PCW DA . -32.62 3.42 0.21
O2P PCW DA . -32.34 5.80 -0.48
O3P PCW DA . -31.14 4.91 1.61
O4P PCW DA . -30.45 4.37 -0.67
P PCW DA . -31.72 4.62 0.13
C1 PCW EA . 9.90 -6.41 -0.28
C2 PCW EA . 9.24 -6.10 1.13
C3 PCW EA . 10.37 -5.74 2.16
C4 PCW EA . 6.72 -6.90 -3.32
C5 PCW EA . 5.62 -7.74 -2.67
C6 PCW EA . 4.37 -9.93 -3.08
C7 PCW EA . 6.70 -9.95 -2.30
C8 PCW EA . 5.21 -9.30 -1.41
C11 PCW EA . 10.39 -6.00 4.54
C12 PCW EA . 9.65 -5.59 5.77
C13 PCW EA . 10.67 -4.89 6.74
C14 PCW EA . 10.07 -4.39 8.07
C15 PCW EA . 11.10 -4.10 9.21
C16 PCW EA . 11.59 -2.61 9.15
C17 PCW EA . 13.07 -2.32 9.57
C18 PCW EA . 13.35 -0.83 9.79
C19 PCW EA . 14.74 -0.39 9.25
C20 PCW EA . 15.60 0.39 10.01
C21 PCW EA . 15.51 0.96 11.36
C22 PCW EA . 16.46 2.20 11.39
C23 PCW EA . 15.82 3.59 11.14
C24 PCW EA . 15.42 4.37 12.36
C25 PCW EA . 14.09 5.19 12.39
C26 PCW EA . 14.19 6.65 12.01
C27 PCW EA . 13.85 7.04 10.55
C28 PCW EA . 15.10 7.47 9.81
C31 PCW EA . 7.07 -5.24 0.70
C32 PCW EA . 6.26 -3.94 0.64
C33 PCW EA . 5.71 -3.41 2.06
C34 PCW EA . 4.89 -4.45 2.82
C35 PCW EA . 4.96 -4.02 4.35
C36 PCW EA . 6.38 -4.19 4.95
C37 PCW EA . 6.54 -3.80 6.45
C38 PCW EA . 6.95 -2.37 6.63
C39 PCW EA . 7.11 -1.98 8.07
C40 PCW EA . 6.15 -1.58 8.91
C41 PCW EA . 4.68 -1.44 8.52
C42 PCW EA . 3.98 -0.47 9.57
C43 PCW EA . 3.52 0.89 9.11
C44 PCW EA . 2.90 1.59 10.31
C45 PCW EA . 3.71 2.73 10.89
C46 PCW EA . 3.58 2.86 12.37
C47 PCW EA . 4.51 3.85 13.04
C48 PCW EA . 4.26 3.89 14.56
N PCW EA . 5.60 -9.16 -2.85
O2 PCW EA . 8.33 -4.93 1.04
O3 PCW EA . 9.79 -5.46 3.44
O11 PCW EA . 11.37 -6.69 4.52
O31 PCW EA . 6.63 -6.41 0.45
O1P PCW EA . 9.12 -5.33 -3.85
O2P PCW EA . 10.26 -7.38 -2.99
O3P PCW EA . 9.38 -5.60 -1.37
O4P PCW EA . 7.92 -7.13 -2.55
P PCW EA . 9.21 -6.37 -2.77
C1 PCW FA . -15.65 -20.21 28.66
C2 PCW FA . -14.47 -20.02 29.69
C3 PCW FA . -13.70 -21.38 29.88
C4 PCW FA . -19.09 -18.56 31.62
C5 PCW FA . -20.55 -18.83 31.95
C6 PCW FA . -21.85 -18.21 34.07
C7 PCW FA . -21.96 -16.79 32.07
C8 PCW FA . -22.55 -18.52 32.25
C11 PCW FA . -12.85 -21.52 32.12
C12 PCW FA . -11.61 -21.24 32.92
C13 PCW FA . -12.01 -20.36 34.17
C14 PCW FA . -10.87 -20.00 35.10
C15 PCW FA . -10.78 -18.49 35.49
C16 PCW FA . -9.33 -17.94 35.27
C17 PCW FA . -8.82 -17.82 33.80
C18 PCW FA . -7.39 -18.30 33.59
C19 PCW FA . -7.05 -18.64 32.13
C20 PCW FA . -6.15 -17.89 31.38
C21 PCW FA . -5.34 -16.69 31.69
C22 PCW FA . -4.00 -17.21 32.27
C23 PCW FA . -3.36 -16.38 33.41
C24 PCW FA . -2.37 -17.09 34.29
C25 PCW FA . -0.90 -16.59 34.41
C26 PCW FA . -0.06 -17.21 35.51
C27 PCW FA . 0.23 -16.35 36.75
C28 PCW FA . -0.36 -16.99 37.99
C31 PCW FA . -12.97 -18.23 30.08
C32 PCW FA . -11.98 -17.28 29.38
C33 PCW FA . -12.40 -15.74 29.40
C34 PCW FA . -11.21 -14.79 29.20
C35 PCW FA . -11.26 -14.35 27.69
C36 PCW FA . -10.40 -15.28 26.78
C37 PCW FA . -10.39 -14.90 25.27
C38 PCW FA . -9.22 -14.06 24.90
C39 PCW FA . -9.20 -13.69 23.43
C40 PCW FA . -9.04 -12.48 22.92
C41 PCW FA . -8.83 -11.22 23.74
C42 PCW FA . -7.43 -10.57 23.32
C43 PCW FA . -6.31 -10.55 24.34
C44 PCW FA . -5.12 -9.88 23.68
C45 PCW FA . -4.75 -8.52 24.24
C46 PCW FA . -3.61 -7.86 23.51
C47 PCW FA . -3.04 -6.61 24.15
C48 PCW FA . -1.89 -6.04 23.31
N PCW FA . -21.28 -17.89 32.74
O2 PCW FA . -13.48 -19.03 29.16
O3 PCW FA . -12.62 -21.20 30.81
O11 PCW FA . -13.88 -21.95 32.56
O31 PCW FA . -13.21 -18.25 31.33
O1P PCW FA . -16.65 -17.85 30.21
O2P PCW FA . -18.10 -18.14 28.19
O3P PCW FA . -16.96 -20.18 29.28
O4P PCW FA . -18.86 -19.04 30.27
P PCW FA . -17.62 -18.73 29.47
C1 PCW GA . -11.69 -1.65 -2.80
C2 PCW GA . -11.20 -0.17 -2.51
C3 PCW GA . -11.50 0.75 -3.73
C4 PCW GA . -13.65 -4.95 -3.37
C5 PCW GA . -15.04 -4.34 -3.52
C6 PCW GA . -16.40 -5.76 -2.09
C7 PCW GA . -16.16 -6.31 -4.36
C8 PCW GA . -17.49 -4.53 -3.86
C11 PCW GA . -11.98 3.09 -3.40
C12 PCW GA . -11.30 4.39 -3.08
C13 PCW GA . -12.24 5.58 -3.54
C14 PCW GA . -11.70 6.99 -3.28
C15 PCW GA . -11.78 7.48 -1.80
C16 PCW GA . -12.52 8.86 -1.74
C17 PCW GA . -11.65 10.14 -1.48
C18 PCW GA . -11.47 10.44 0.01
C19 PCW GA . -10.64 11.73 0.26
C20 PCW GA . -9.59 11.77 1.15
C21 PCW GA . -8.98 10.74 2.03
C22 PCW GA . -7.45 11.01 2.07
C23 PCW GA . -6.92 11.99 3.16
C24 PCW GA . -6.21 13.22 2.68
C25 PCW GA . -6.13 14.50 3.56
C26 PCW GA . -6.04 15.81 2.83
C27 PCW GA . -5.05 16.87 3.36
C28 PCW GA . -5.80 18.01 4.00
C31 PCW GA . -11.17 0.58 -0.26
C32 PCW GA . -12.03 1.17 0.86
C33 PCW GA . -12.00 2.77 1.00
C34 PCW GA . -10.62 3.37 0.73
C35 PCW GA . -10.53 4.66 1.64
C36 PCW GA . -9.19 4.75 2.43
C37 PCW GA . -9.03 6.00 3.34
C38 PCW GA . -9.86 5.92 4.57
C39 PCW GA . -9.72 7.11 5.46
C40 PCW GA . -10.58 8.11 5.60
C41 PCW GA . -11.90 8.20 4.86
C42 PCW GA . -11.97 9.62 4.13
C43 PCW GA . -13.14 10.54 4.44
C44 PCW GA . -12.94 11.81 3.62
C45 PCW GA . -12.81 13.08 4.41
C46 PCW GA . -11.65 13.94 3.99
C47 PCW GA . -11.01 14.79 5.08
C48 PCW GA . -9.85 15.61 4.51
N PCW GA . -16.22 -5.19 -3.45
O2 PCW GA . -11.93 0.41 -1.34
O3 PCW GA . -11.06 2.09 -3.44
O11 PCW GA . -13.16 2.95 -3.59
O31 PCW GA . -9.93 0.30 -0.17
O1P PCW GA . -10.80 -4.32 -3.12
O2P PCW GA . -11.20 -4.84 -0.72
O3P PCW GA . -11.69 -2.50 -1.63
O4P PCW GA . -13.11 -4.42 -2.12
P PCW GA . -11.65 -4.08 -1.90
C1 PCW HA . 2.46 -19.46 17.21
C2 PCW HA . 1.93 -19.42 18.69
C3 PCW HA . 3.12 -19.55 19.71
C4 PCW HA . -2.07 -19.98 16.56
C5 PCW HA . -2.79 -19.18 17.65
C6 PCW HA . -5.17 -20.03 17.90
C7 PCW HA . -3.74 -19.75 19.87
C8 PCW HA . -4.37 -18.44 18.72
C11 PCW HA . 2.05 -20.63 21.58
C12 PCW HA . 1.56 -20.34 22.97
C13 PCW HA . 2.17 -21.41 23.95
C14 PCW HA . 1.76 -21.24 25.41
C15 PCW HA . 2.69 -21.92 26.47
C16 PCW HA . 2.07 -21.81 27.91
C17 PCW HA . 2.99 -22.14 29.12
C18 PCW HA . 2.23 -22.27 30.44
C19 PCW HA . 2.23 -20.95 31.27
C20 PCW HA . 3.20 -20.66 32.22
C21 PCW HA . 4.39 -21.40 32.68
C22 PCW HA . 4.95 -20.63 33.91
C23 PCW HA . 4.80 -21.29 35.31
C24 PCW HA . 4.55 -20.38 36.46
C25 PCW HA . 3.19 -20.40 37.22
C26 PCW HA . 3.27 -20.48 38.73
C27 PCW HA . 2.29 -19.62 39.55
C28 PCW HA . 2.88 -18.27 39.83
C31 PCW HA . 0.08 -18.21 19.55
C32 PCW HA . -0.48 -16.79 19.76
C33 PCW HA . -1.08 -16.51 21.21
C34 PCW HA . -0.15 -16.89 22.36
C35 PCW HA . 0.73 -15.60 22.63
C36 PCW HA . 2.13 -15.94 23.19
C37 PCW HA . 3.05 -14.71 23.48
C38 PCW HA . 3.65 -14.78 24.85
C39 PCW HA . 4.55 -13.61 25.17
C40 PCW HA . 4.22 -12.50 25.81
C41 PCW HA . 2.83 -12.22 26.35
C42 PCW HA . 2.35 -10.80 25.79
C43 PCW HA . 1.00 -10.26 26.23
C44 PCW HA . 0.80 -8.92 25.55
C45 PCW HA . 1.30 -7.74 26.33
C46 PCW HA . 0.25 -7.09 27.18
C47 PCW HA . 0.73 -6.06 28.17
C48 PCW HA . -0.44 -5.47 28.98
N PCW HA . -3.82 -19.79 18.43
O2 PCW HA . 1.27 -18.10 18.96
O3 PCW HA . 2.62 -19.51 21.05
O11 PCW HA . 1.94 -21.68 20.99
O31 PCW HA . -0.51 -19.29 19.87
O1P PCW HA . 0.00 -20.67 14.64
O2P PCW HA . 1.00 -21.82 16.62
O3P PCW HA . 1.42 -19.31 16.22
O4P PCW HA . -0.71 -20.20 17.01
P PCW HA . 0.43 -20.57 16.09
C1 PCW IA . 19.73 -2.01 -17.33
C2 PCW IA . 20.74 -1.77 -16.13
C3 PCW IA . 22.18 -1.51 -16.67
C4 PCW IA . 17.34 -5.09 -15.43
C5 PCW IA . 17.10 -6.51 -15.96
C6 PCW IA . 16.65 -8.87 -15.75
C7 PCW IA . 16.04 -7.44 -14.02
C8 PCW IA . 18.26 -7.89 -14.27
C11 PCW IA . 24.14 -0.46 -15.76
C12 PCW IA . 24.94 -0.37 -14.49
C13 PCW IA . 26.02 -1.51 -14.50
C14 PCW IA . 26.93 -1.56 -13.27
C15 PCW IA . 26.23 -1.91 -11.93
C16 PCW IA . 26.97 -3.09 -11.21
C17 PCW IA . 26.47 -3.49 -9.78
C18 PCW IA . 27.32 -2.89 -8.66
C19 PCW IA . 28.55 -3.73 -8.30
C20 PCW IA . 29.51 -3.32 -7.38
C21 PCW IA . 29.63 -2.12 -6.54
C22 PCW IA . 31.13 -1.99 -6.16
C23 PCW IA . 31.54 -2.43 -4.72
C24 PCW IA . 32.89 -2.00 -4.25
C25 PCW IA . 33.11 -1.52 -2.78
C26 PCW IA . 34.39 -1.96 -2.11
C27 PCW IA . 34.61 -1.55 -0.64
C28 PCW IA . 35.91 -0.80 -0.49
C31 PCW IA . 19.48 -0.80 -14.36
C32 PCW IA . 19.18 0.55 -13.68
C33 PCW IA . 20.20 1.00 -12.54
C34 PCW IA . 21.59 1.35 -13.06
C35 PCW IA . 21.51 2.88 -13.47
C36 PCW IA . 21.97 3.82 -12.35
C37 PCW IA . 21.91 5.35 -12.69
C38 PCW IA . 23.26 5.92 -12.94
C39 PCW IA . 23.22 7.38 -13.27
C40 PCW IA . 23.89 8.36 -12.67
C41 PCW IA . 24.85 8.14 -11.50
C42 PCW IA . 25.40 9.56 -11.04
C43 PCW IA . 26.88 9.68 -10.69
C44 PCW IA . 27.14 11.12 -10.29
C45 PCW IA . 28.53 11.40 -9.78
C46 PCW IA . 28.80 10.86 -8.40
C47 PCW IA . 29.62 9.58 -8.33
C48 PCW IA . 29.81 9.13 -6.87
N PCW IA . 17.02 -7.62 -15.05
O2 PCW IA . 20.33 -0.56 -15.37
O3 PCW IA . 23.08 -1.29 -15.57
O11 PCW IA . 24.39 0.13 -16.77
O31 PCW IA . 19.01 -1.92 -14.03
O1P PCW IA . 16.04 -3.06 -17.08
O2P PCW IA . 17.79 -3.75 -18.73
O3P PCW IA . 18.34 -2.01 -16.93
O4P PCW IA . 18.10 -4.39 -16.45
P PCW IA . 17.51 -3.32 -17.35
C1 17F JA . 21.38 -8.89 -11.35
N1 17F JA . 20.23 -10.66 -12.69
O1 17F JA . 23.09 -6.40 -13.57
P1 17F JA . 22.02 -6.75 -12.54
C2 17F JA . 21.18 -10.39 -11.63
O2 17F JA . 20.94 -6.56 -13.57
C3 17F JA . 20.73 -11.09 -10.34
O3 17F JA . 21.41 -8.16 -12.54
C4 17F JA . 20.19 -5.84 -10.90
O4 17F JA . 19.65 -11.80 -10.28
C5 17F JA . 19.49 -4.56 -10.36
O5 17F JA . 21.38 -11.00 -9.31
C6 17F JA . 18.47 -4.93 -9.25
O6 17F JA . 21.19 -5.58 -11.87
C7 17F JA . 17.16 -3.87 -7.62
O7 17F JA . 17.81 -3.78 -8.74
C8 17F JA . 16.55 -2.48 -7.32
O8 17F JA . 16.98 -4.81 -6.89
C9 17F JA . 17.12 -1.84 -6.02
O9 17F JA . 20.41 -3.57 -9.90
C10 17F JA . 16.56 -0.42 -5.65
O10 17F JA . 19.54 -1.80 -11.09
C11 17F JA . 15.13 -0.42 -4.97
C12 17F JA . 14.64 1.04 -4.64
C17 17F JA . 20.47 -2.52 -10.71
C18 17F JA . 21.87 -2.25 -11.19
C19 17F JA . 22.85 -1.75 -10.09
C20 17F JA . 22.78 -0.18 -9.90
C1X 17F JA . 13.25 1.01 -3.98
C1Y 17F JA . 23.75 0.28 -8.80
C1Z 17F JA . 24.90 1.11 -9.40
C2X 17F JA . 12.73 2.48 -3.62
C21 17F JA . 11.60 2.46 -2.53
C22 17F JA . 11.78 2.71 -1.28
C23 17F JA . 13.05 3.04 -0.61
C24 17F JA . 12.89 3.66 0.77
C25 17F JA . 14.17 4.02 1.51
C26 17F JA . 14.76 5.48 1.21
C27 17F JA . 16.04 5.82 1.96
C28 17F JA . 16.47 7.28 1.53
C29 17F JA . 16.94 7.99 2.73
C30 17F JA . 17.39 9.40 2.49
C31 17F JA . 24.61 2.61 -9.72
C32 17F JA . 25.79 3.41 -10.32
C33 17F JA . 25.88 3.14 -11.81
C34 17F JA . 26.78 3.67 -12.62
C35 17F JA . 27.89 4.62 -12.23
C36 17F JA . 27.87 5.97 -13.01
C37 17F JA . 28.68 6.97 -12.26
C38 17F JA . 29.90 7.53 -13.05
C39 17F JA . 30.68 8.56 -12.20
C40 17F JA . 31.71 7.86 -11.32
C41 17F JA . 32.67 8.92 -10.64
C42 17F JA . 33.62 8.48 -9.53
C1 17F KA . -16.74 -3.78 3.02
N1 17F KA . -17.90 -5.03 1.20
O1 17F KA . -16.22 -2.26 0.61
P1 17F KA . -15.09 -3.05 1.25
C2 17F KA . -17.90 -4.72 2.61
O2 17F KA . -14.20 -3.83 0.32
C3 17F KA . -19.23 -4.09 3.01
O3 17F KA . -15.60 -4.08 2.30
C4 17F KA . -13.01 -2.65 2.78
O4 17F KA . -20.19 -3.90 2.17
C5 17F KA . -12.19 -1.59 3.57
O5 17F KA . -19.45 -3.75 4.17
C6 17F KA . -10.71 -1.61 3.11
O6 17F KA . -14.13 -2.11 2.09
C7 17F KA . -8.71 -0.95 4.12
O7 17F KA . -9.93 -0.66 3.81
C8 17F KA . -8.13 0.22 4.95
O8 17F KA . -8.06 -1.95 3.90
C9 17F KA . -7.14 1.10 4.15
O9 17F KA . -12.74 -0.27 3.47
C10 17F KA . -6.53 2.31 4.96
O10 17F KA . -14.55 -0.24 4.89
C11 17F KA . -5.49 1.88 6.06
C12 17F KA . -4.91 3.13 6.85
C17 17F KA . -13.40 0.07 4.56
C18 17F KA . -12.57 0.95 5.48
C19 17F KA . -12.03 0.22 6.73
C20 17F KA . -12.74 0.69 8.06
C1X 17F KA . -3.90 2.65 7.91
C1Y 17F KA . -12.15 -0.06 9.28
C1Z 17F KA . -12.81 0.43 10.57
C2X 17F KA . -3.28 3.88 8.75
C21 17F KA . -2.68 5.00 7.84
C22 17F KA . -3.19 6.18 7.72
C23 17F KA . -4.39 6.71 8.37
C24 17F KA . -5.50 7.15 7.41
C25 17F KA . -6.77 7.70 8.05
C26 17F KA . -6.57 8.64 9.33
C27 17F KA . -7.85 9.16 9.94
C28 17F KA . -7.46 10.05 11.19
C29 17F KA . -8.06 9.46 12.39
C30 17F KA . -7.78 10.20 13.66
C31 17F KA . -11.84 0.95 11.70
C32 17F KA . -12.54 1.44 12.99
C33 17F KA . -11.82 0.85 14.21
C34 17F KA . -12.16 1.08 15.47
C35 17F KA . -13.29 1.93 15.97
C36 17F KA . -13.03 2.63 17.34
C37 17F KA . -13.61 1.80 18.43
C38 17F KA . -12.58 1.10 19.34
C39 17F KA . -13.27 0.27 20.44
C40 17F KA . -12.84 0.76 21.83
C41 17F KA . -14.11 1.18 22.68
C42 17F KA . -14.43 2.67 22.86
C1 17F LA . 3.85 -6.28 -6.79
N1 17F LA . 1.66 -6.55 -7.98
O1 17F LA . 3.95 -4.99 -10.02
P1 17F LA . 4.89 -5.23 -8.86
C2 17F LA . 2.93 -7.18 -7.62
O2 17F LA . 5.65 -6.52 -8.87
C3 17F LA . 2.64 -8.48 -6.85
O3 17F LA . 4.18 -5.12 -7.48
C4 17F LA . 7.02 -4.11 -7.79
O4 17F LA . 1.44 -8.89 -6.62
C5 17F LA . 8.03 -2.94 -7.92
O5 17F LA . 3.56 -9.18 -6.44
C6 17F LA . 9.16 -3.33 -8.92
O6 17F LA . 6.02 -4.11 -8.81
C7 17F LA . 11.37 -2.63 -9.10
O7 17F LA . 10.12 -2.31 -9.08
C8 17F LA . 12.21 -1.34 -9.29
O8 17F LA . 11.90 -3.72 -9.01
C9 17F LA . 13.31 -1.49 -10.37
O9 17F LA . 7.41 -1.70 -8.29
C10 17F LA . 14.21 -0.22 -10.62
O10 17F LA . 8.92 -0.01 -7.89
C11 17F LA . 15.11 0.21 -9.39
C12 17F LA . 15.97 1.47 -9.71
C17 17F LA . 7.92 -0.67 -7.63
C18 17F LA . 7.09 -0.31 -6.41
C19 17F LA . 6.94 1.21 -6.16
C20 17F LA . 7.67 1.69 -4.85
C1X 17F LA . 16.83 1.84 -8.49
C1Y 17F LA . 7.49 3.20 -4.63
C1Z 17F LA . 8.26 4.00 -5.70
C2X 17F LA . 17.75 3.13 -8.76
C21 17F LA . 19.22 2.74 -9.13
C22 17F LA . 20.24 3.50 -8.93
C23 17F LA . 20.26 4.84 -8.35
C24 17F LA . 20.92 5.90 -9.22
C25 17F LA . 20.98 7.31 -8.66
C26 17F LA . 22.44 7.89 -8.35
C27 17F LA . 22.47 9.30 -7.81
C28 17F LA . 23.97 9.69 -7.56
C29 17F LA . 24.04 11.00 -6.91
C30 17F LA . 25.42 11.49 -6.62
C31 17F LA . 9.82 3.82 -5.72
C32 17F LA . 10.57 4.62 -6.81
C33 17F LA . 10.61 3.79 -8.09
C34 17F LA . 11.19 4.19 -9.22
C35 17F LA . 11.90 5.49 -9.47
C36 17F LA . 12.59 5.60 -10.87
C37 17F LA . 13.98 6.09 -10.68
C38 17F LA . 15.04 5.43 -11.60
C39 17F LA . 16.46 5.99 -11.34
C40 17F LA . 16.84 7.02 -12.41
C41 17F LA . 18.36 6.85 -12.83
C42 17F LA . 18.71 6.79 -14.32
C1 17F MA . -9.93 6.05 -18.27
N1 17F MA . -10.41 3.81 -17.25
O1 17F MA . -12.79 8.42 -17.56
P1 17F MA . -11.32 8.09 -17.67
C2 17F MA . -10.09 4.53 -18.47
O2 17F MA . -10.61 8.61 -18.90
C3 17F MA . -8.79 3.97 -19.09
O3 17F MA . -11.04 6.57 -17.59
C4 17F MA . -9.10 8.52 -16.31
O4 17F MA . -8.14 2.99 -18.56
C5 17F MA . -8.50 9.17 -15.03
O5 17F MA . -8.33 4.44 -20.13
C6 17F MA . -7.82 8.09 -14.15
O6 17F MA . -10.51 8.69 -16.44
C7 17F MA . -5.98 8.69 -12.85
O7 17F MA . -7.26 8.65 -12.97
C8 17F MA . -5.64 9.34 -11.48
O8 17F MA . -5.10 8.32 -13.59
C9 17F MA . -4.85 8.41 -10.54
O9 17F MA . -7.60 10.24 -15.33
C10 17F MA . -4.47 9.00 -9.14
O10 17F MA . -8.77 12.07 -16.05
C11 17F MA . -4.11 7.93 -8.04
C12 17F MA . -3.75 8.59 -6.66
C17 17F MA . -8.16 11.42 -15.20
C18 17F MA . -8.01 11.98 -13.80
C19 17F MA . -6.59 12.52 -13.47
C20 17F MA . -6.64 13.83 -12.60
C1X 17F MA . -3.40 7.50 -5.63
C1Y 17F MA . -5.22 14.34 -12.29
C1Z 17F MA . -5.14 14.86 -10.84
C2X 17F MA . -3.03 8.12 -4.20
C21 17F MA . -2.89 7.02 -3.10
C22 17F MA . -2.66 7.26 -1.85
C23 17F MA . -2.47 8.58 -1.21
C24 17F MA . -1.03 9.08 -1.19
C25 17F MA . -0.78 10.43 -0.54
C26 17F MA . 0.56 11.17 -0.97
C27 17F MA . 0.79 12.51 -0.32
C28 17F MA . 2.14 13.10 -0.86
C29 17F MA . 2.41 14.37 -0.19
C30 17F MA . 3.68 15.05 -0.61
C31 17F MA . -4.56 16.29 -10.63
C32 17F MA . -4.50 16.77 -9.16
C33 17F MA . -3.17 16.32 -8.53
C34 17F MA . -2.81 16.57 -7.27
C35 17F MA . -3.60 17.32 -6.23
C36 17F MA . -3.08 18.78 -5.97
C37 17F MA . -4.22 19.71 -6.10
C38 17F MA . -3.83 21.22 -6.00
C39 17F MA . -5.06 22.14 -6.14
C40 17F MA . -4.62 23.58 -6.36
C41 17F MA . -5.82 24.45 -6.93
C42 17F MA . -6.84 25.02 -5.96
C1 17F NA . -24.74 0.73 -1.00
N1 17F NA . -22.29 0.89 -1.46
O1 17F NA . -27.22 2.54 -0.90
P1 17F NA . -25.80 3.03 -1.12
C2 17F NA . -23.31 0.56 -0.49
O2 17F NA . -25.64 4.23 -2.00
C3 17F NA . -23.10 -0.89 -0.03
O3 17F NA . -24.87 1.92 -1.70
C4 17F NA . -23.77 3.91 0.30
O4 17F NA . -22.15 -1.64 -0.48
C5 17F NA . -23.29 4.24 1.75
O5 17F NA . -23.85 -1.39 0.81
C6 17F NA . -22.14 5.28 1.69
O6 17F NA . -25.12 3.43 0.25
C7 17F NA . -20.55 6.27 3.07
O7 17F NA . -21.67 5.62 2.98
C8 17F NA . -20.26 6.54 4.56
O8 17F NA . -19.79 6.64 2.20
C9 17F NA . -18.79 6.90 4.86
O9 17F NA . -24.36 4.69 2.59
C10 17F NA . -18.45 7.18 6.36
O10 17F NA . -24.90 2.50 3.12
C11 17F NA . -18.27 8.72 6.72
C12 17F NA . -17.94 8.93 8.24
C17 17F NA . -24.84 3.72 3.35
C18 17F NA . -25.41 4.24 4.65
C19 17F NA . -24.56 5.33 5.34
C20 17F NA . -24.88 5.45 6.89
C1X 17F NA . -17.77 10.43 8.53
C1Y 17F NA . -24.02 6.55 7.55
C1Z 17F NA . -24.89 7.75 7.92
C2X 17F NA . -17.43 10.71 10.07
C21 17F NA . -16.12 10.01 10.53
C22 17F NA . -15.13 10.60 11.10
C23 17F NA . -15.03 12.03 11.46
C24 17F NA . -14.76 12.31 12.93
C25 17F NA . -14.65 13.77 13.33
C26 17F NA . -16.01 14.62 13.22
C27 17F NA . -15.89 16.07 13.63
C28 17F NA . -17.30 16.73 13.44
C29 17F NA . -17.39 17.90 14.33
C30 17F NA . -18.70 18.64 14.27
C31 17F NA . -24.21 9.17 7.81
C32 17F NA . -25.12 10.36 8.20
C33 17F NA . -24.24 11.53 8.63
C34 17F NA . -24.69 12.72 9.04
C35 17F NA . -26.14 13.15 9.14
C36 17F NA . -26.58 13.66 10.54
C37 17F NA . -26.25 15.10 10.66
C38 17F NA . -27.36 15.97 11.30
C39 17F NA . -26.95 17.45 11.38
C40 17F NA . -28.12 18.37 11.06
C41 17F NA . -28.92 18.74 12.36
C42 17F NA . -30.23 19.54 12.24
C1 17F OA . 9.19 -0.53 -18.47
N1 17F OA . 11.40 -1.59 -17.96
O1 17F OA . 6.67 0.11 -20.03
P1 17F OA . 8.06 0.15 -20.64
C2 17F OA . 10.66 -0.34 -18.06
O2 17F OA . 8.17 -0.29 -22.08
C3 17F OA . 10.73 0.40 -16.72
O3 17F OA . 9.09 -0.70 -19.84
C4 17F OA . 9.98 1.89 -21.12
O4 17F OA . 11.38 -0.07 -15.71
C5 17F OA . 10.40 3.38 -20.98
O5 17F OA . 10.18 1.48 -16.57
C6 17F OA . 10.96 3.92 -22.33
O6 17F OA . 8.68 1.61 -20.59
C7 17F OA . 10.77 6.15 -22.98
O7 17F OA . 11.36 5.27 -22.23
C8 17F OA . 11.39 7.55 -22.66
O8 17F OA . 9.90 6.03 -23.81
C9 17F OA . 12.76 7.78 -23.35
O9 17F OA . 9.35 4.22 -20.49
C10 17F OA . 13.42 9.17 -23.07
O10 17F OA . 9.91 3.85 -18.29
C11 17F OA . 14.21 9.25 -21.70
C12 17F OA . 14.87 10.66 -21.47
C17 17F OA . 9.52 4.55 -19.23
C18 17F OA . 9.20 6.01 -18.96
C19 17F OA . 10.40 6.98 -19.09
C20 17F OA . 10.15 8.33 -18.32
C1X 17F OA . 15.62 10.69 -20.13
C1Y 17F OA . 11.37 9.28 -18.47
C1Z 17F OA . 11.02 10.68 -17.93
C2X 17F OA . 16.31 12.12 -19.86
C21 17F OA . 16.22 12.53 -18.35
C22 17F OA . 17.03 13.36 -17.77
C23 17F OA . 18.18 14.07 -18.37
C24 17F OA . 19.53 13.70 -17.78
C25 17F OA . 20.75 14.39 -18.34
C26 17F OA . 21.55 15.34 -17.33
C27 17F OA . 22.75 16.04 -17.91
C28 17F OA . 23.39 16.91 -16.76
C29 17F OA . 23.74 18.23 -17.32
C30 17F OA . 24.36 19.17 -16.34
C31 17F OA . 12.19 11.71 -17.86
C32 17F OA . 11.80 13.11 -17.31
C33 17F OA . 12.27 13.21 -15.85
C34 17F OA . 12.10 14.28 -15.07
C35 17F OA . 11.43 15.58 -15.43
C36 17F OA . 11.19 16.55 -14.24
C37 17F OA . 12.24 17.60 -14.25
C38 17F OA . 12.77 18.00 -12.84
C39 17F OA . 13.85 19.10 -12.93
C40 17F OA . 13.21 20.47 -13.13
C41 17F OA . 14.01 21.59 -12.37
C42 17F OA . 13.22 22.70 -11.64
C1 17F PA . 9.07 -20.36 6.40
N1 17F PA . 9.50 -22.61 5.37
O1 17F PA . 10.00 -19.22 2.89
P1 17F PA . 10.23 -19.36 4.37
C2 17F PA . 8.76 -21.87 6.37
O2 17F PA . 11.34 -20.29 4.78
C3 17F PA . 7.25 -22.09 6.14
O3 17F PA . 8.96 -19.81 5.14
C4 17F PA . 10.90 -17.85 6.43
O4 17F PA . 6.80 -22.82 5.18
C5 17F PA . 11.26 -16.40 6.89
O5 17F PA . 6.42 -21.56 6.88
C6 17F PA . 12.67 -16.03 6.38
O6 17F PA . 10.62 -17.96 5.03
C7 17F PA . 14.27 -14.53 7.18
O7 17F PA . 13.05 -14.72 6.78
C8 17F PA . 14.43 -13.04 7.56
O8 17F PA . 15.19 -15.30 7.28
C9 17F PA . 15.58 -12.79 8.57
O9 17F PA . 10.29 -15.43 6.48
C10 17F PA . 15.80 -11.30 9.01
O10 17F PA . 8.34 -16.13 7.49
C11 17F PA . 17.31 -10.86 9.11
C12 17F PA . 17.47 -9.36 9.57
C17 17F PA . 9.29 -15.35 7.33
C18 17F PA . 9.38 -14.11 8.20
C19 17F PA . 9.95 -14.37 9.63
C20 17F PA . 11.16 -13.41 9.96
C1X 17F PA . 18.95 -8.99 9.64
C1Y 17F PA . 11.71 -13.69 11.37
C1Z 17F PA . 13.12 -14.27 11.30
C2X 17F PA . 19.18 -7.47 10.10
C21 17F PA . 18.86 -6.44 8.97
C22 17F PA . 18.34 -5.27 9.17
C23 17F PA . 17.96 -4.69 10.46
C24 17F PA . 16.86 -3.63 10.39
C25 17F PA . 16.44 -3.00 11.70
C26 17F PA . 17.58 -2.15 12.47
C27 17F PA . 17.13 -1.54 13.78
C28 17F PA . 18.36 -0.75 14.38
C29 17F PA . 17.98 0.66 14.58
C30 17F PA . 19.06 1.53 15.15
C31 17F PA . 14.21 -13.59 12.21
C32 17F PA . 15.64 -14.19 12.10
C33 17F PA . 16.48 -13.68 13.27
C34 17F PA . 17.75 -14.01 13.47
C35 17F PA . 18.61 -14.93 12.63
C36 17F PA . 20.05 -15.14 13.16
C37 17F PA . 20.98 -14.22 12.45
C38 17F PA . 21.55 -13.08 13.34
C39 17F PA . 22.51 -12.16 12.55
C40 17F PA . 22.83 -10.91 13.35
C41 17F PA . 24.00 -10.09 12.67
C42 17F PA . 25.43 -10.32 13.12
C1 17F QA . -6.96 -0.14 -7.64
N1 17F QA . -8.62 1.63 -8.26
O1 17F QA . -6.62 -1.88 -5.09
P1 17F QA . -7.62 -0.77 -5.28
C2 17F QA . -7.53 0.80 -8.72
O2 17F QA . -8.94 -0.92 -4.57
C3 17F QA . -8.00 -0.02 -9.93
O3 17F QA . -7.96 -0.52 -6.76
C4 17F QA . -7.80 1.83 -4.85
O4 17F QA . -9.20 0.05 -10.40
C5 17F QA . -7.03 3.05 -4.27
O5 17F QA . -7.24 -0.81 -10.50
C6 17F QA . -7.93 4.31 -4.30
O6 17F QA . -7.04 0.62 -4.77
C7 17F QA . -7.72 6.63 -4.00
O7 17F QA . -7.26 5.45 -3.77
C8 17F QA . -6.79 7.66 -3.31
O8 17F QA . -8.69 6.98 -4.63
C9 17F QA . -7.22 7.96 -1.85
O9 17F QA . -6.48 2.81 -2.96
C10 17F QA . -6.32 8.99 -1.07
O10 17F QA . -8.23 1.66 -1.99
C11 17F QA . -6.01 10.33 -1.85
C12 17F QA . -5.11 11.30 -1.00
C17 17F QA . -7.41 2.58 -2.04
C18 17F QA . -7.37 3.60 -0.93
C19 17F QA . -6.67 3.12 0.36
C20 17F QA . -5.21 3.69 0.48
C1X 17F QA . -4.83 12.60 -1.77
C1Y 17F QA . -4.53 3.18 1.77
C1Z 17F QA . -3.94 4.35 2.57
C2X 17F QA . -3.92 13.62 -0.94
C21 17F QA . -4.37 15.10 -1.10
C22 17F QA . -3.58 16.12 -1.05
C23 17F QA . -2.13 16.12 -0.83
C24 17F QA . -1.51 17.50 -0.69
C25 17F QA . -0.01 17.56 -0.45
C26 17F QA . 0.52 18.80 0.42
C27 17F QA . 2.01 18.83 0.63
C28 17F QA . 2.33 20.11 1.49
C29 17F QA . 3.76 20.10 1.83
C30 17F QA . 4.21 21.27 2.67
C31 17F QA . -4.94 5.42 3.14
C32 17F QA . -4.29 6.57 3.94
C33 17F QA . -4.56 7.89 3.22
C34 17F QA . -4.13 9.08 3.64
C35 17F QA . -3.32 9.36 4.88
C36 17F QA . -3.16 10.86 5.23
C37 17F QA . -3.83 11.14 6.52
C38 17F QA . -5.12 12.00 6.43
C39 17F QA . -5.75 12.24 7.81
C40 17F QA . -5.36 13.63 8.33
C41 17F QA . -6.27 14.75 7.69
C42 17F QA . -5.69 16.16 7.51
C1 PCW RA . 24.84 16.73 14.89
C2 PCW RA . 26.15 15.90 14.61
C3 PCW RA . 26.12 14.54 15.38
C4 PCW RA . 25.46 20.99 12.50
C5 PCW RA . 26.68 21.67 11.89
C6 PCW RA . 25.52 23.67 10.79
C7 PCW RA . 27.86 23.81 11.52
C8 PCW RA . 27.15 22.72 10.20
C11 PCW RA . 28.00 13.29 16.17
C12 PCW RA . 29.25 12.60 15.68
C13 PCW RA . 28.84 11.43 14.70
C14 PCW RA . 30.00 10.64 14.12
C15 PCW RA . 29.72 9.12 13.87
C16 PCW RA . 30.22 8.26 15.08
C17 PCW RA . 30.28 6.71 14.88
C18 PCW RA . 29.02 5.99 15.36
C19 PCW RA . 28.09 5.57 14.19
C20 PCW RA . 27.86 4.23 13.88
C21 PCW RA . 28.35 2.97 14.46
C22 PCW RA . 28.65 2.02 13.27
C23 PCW RA . 30.13 1.65 12.99
C24 PCW RA . 30.60 1.74 11.58
C25 PCW RA . 32.07 2.14 11.24
C26 PCW RA . 32.74 1.37 10.12
C27 PCW RA . 32.31 1.69 8.67
C28 PCW RA . 31.84 0.42 7.99
C31 PCW RA . 27.21 16.25 12.53
C32 PCW RA . 27.20 15.82 11.05
C33 PCW RA . 27.86 14.40 10.74
C34 PCW RA . 26.86 13.25 10.75
C35 PCW RA . 26.74 12.76 9.25
C36 PCW RA . 25.28 12.48 8.83
C37 PCW RA . 25.10 12.01 7.36
C38 PCW RA . 24.60 10.61 7.29
C39 PCW RA . 24.40 10.12 5.87
C40 PCW RA . 25.07 9.14 5.26
C41 PCW RA . 26.17 8.33 5.91
C42 PCW RA . 26.93 7.53 4.76
C43 PCW RA . 28.06 8.23 4.02
C44 PCW RA . 28.60 7.25 2.99
C45 PCW RA . 28.35 7.61 1.56
C46 PCW RA . 26.96 7.24 1.07
C47 PCW RA . 26.82 5.90 0.40
C48 PCW RA . 25.37 5.65 -0.03
N PCW RA . 26.63 23.06 11.56
O2 PCW RA . 26.25 15.59 13.17
O3 PCW RA . 27.33 13.83 15.12
O11 PCW RA . 27.64 13.34 17.31
O31 PCW RA . 28.02 17.07 13.05
O1P PCW RA . 24.55 20.11 15.13
O2P PCW RA . 26.74 18.91 15.14
O3P PCW RA . 24.67 17.87 14.01
O4P PCW RA . 25.91 19.71 13.04
P PCW RA . 25.49 19.19 14.40
C1 PCW SA . 13.34 19.06 15.63
C2 PCW SA . 13.78 17.55 15.71
C3 PCW SA . 13.83 16.92 14.27
C4 PCW SA . 15.64 19.48 19.44
C5 PCW SA . 15.74 19.91 20.91
C6 PCW SA . 15.76 18.77 23.19
C7 PCW SA . 17.79 18.83 21.80
C8 PCW SA . 16.89 20.26 22.56
C11 PCW SA . 13.27 14.59 14.30
C12 PCW SA . 13.92 13.23 14.42
C13 PCW SA . 14.28 13.01 15.93
C14 PCW SA . 14.96 11.68 16.26
C15 PCW SA . 16.51 11.67 16.16
C16 PCW SA . 17.13 10.67 17.21
C17 PCW SA . 18.62 10.91 17.64
C18 PCW SA . 19.61 10.78 16.47
C19 PCW SA . 20.43 9.48 16.52
C20 PCW SA . 21.54 9.27 15.70
C21 PCW SA . 22.18 10.11 14.66
C22 PCW SA . 21.63 9.63 13.29
C23 PCW SA . 21.65 10.64 12.12
C24 PCW SA . 22.83 10.60 11.20
C25 PCW SA . 23.23 9.29 10.48
C26 PCW SA . 24.55 8.67 10.91
C27 PCW SA . 24.95 7.31 10.28
C28 PCW SA . 26.41 7.33 9.90
C31 PCW SA . 15.27 16.51 17.23
C32 PCW SA . 16.74 16.52 17.71
C33 PCW SA . 17.66 15.36 17.10
C34 PCW SA . 18.39 15.79 15.83
C35 PCW SA . 17.54 15.20 14.64
C36 PCW SA . 17.64 16.07 13.36
C37 PCW SA . 16.82 15.57 12.12
C38 PCW SA . 17.56 14.52 11.35
C39 PCW SA . 16.79 14.03 10.15
C40 PCW SA . 15.98 12.97 10.11
C41 PCW SA . 15.69 12.06 11.28
C42 PCW SA . 16.70 10.83 11.21
C43 PCW SA . 17.21 10.24 12.52
C44 PCW SA . 18.15 9.10 12.15
C45 PCW SA . 17.73 7.74 12.64
C46 PCW SA . 17.67 7.62 14.14
C47 PCW SA . 17.78 6.22 14.71
C48 PCW SA . 17.72 6.26 16.24
N PCW SA . 16.36 19.04 21.87
O2 PCW SA . 15.15 17.44 16.29
O3 PCW SA . 14.23 15.56 14.36
O11 PCW SA . 12.10 14.79 14.17
O31 PCW SA . 14.36 15.75 17.66
O1P PCW SA . 15.58 20.30 16.64
O2P PCW SA . 14.01 22.04 17.50
O3P PCW SA . 13.13 19.68 16.92
O4P PCW SA . 14.47 20.15 18.90
P PCW SA . 14.35 20.60 17.45
C1 PCW TA . 6.07 27.76 14.01
C2 PCW TA . 6.06 26.19 13.79
C3 PCW TA . 7.32 25.76 12.97
C4 PCW TA . 9.28 27.05 15.81
C5 PCW TA . 10.03 26.21 16.84
C6 PCW TA . 9.99 23.69 17.25
C7 PCW TA . 11.70 24.69 15.80
C8 PCW TA . 11.45 24.95 17.61
C11 PCW TA . 8.20 23.59 13.48
C12 PCW TA . 8.02 22.14 13.12
C13 PCW TA . 8.51 21.95 11.63
C14 PCW TA . 8.41 20.52 11.08
C15 PCW TA . 6.98 19.92 11.03
C16 PCW TA . 6.25 20.32 9.71
C17 PCW TA . 4.71 20.02 9.62
C18 PCW TA . 4.07 20.50 8.31
C19 PCW TA . 2.55 20.73 8.44
C20 PCW TA . 1.69 20.65 7.36
C21 PCW TA . 1.91 20.35 5.92
C22 PCW TA . 0.80 19.35 5.49
C23 PCW TA . 1.25 18.02 4.82
C24 PCW TA . 0.17 17.10 4.36
C25 PCW TA . 0.38 16.13 3.16
C26 PCW TA . -0.02 14.69 3.37
C27 PCW TA . -1.07 14.09 2.41
C28 PCW TA . -2.38 13.86 3.15
C31 PCW TA . 4.94 25.21 15.64
C32 PCW TA . 5.18 24.49 16.98
C33 PCW TA . 6.00 23.12 16.88
C34 PCW TA . 5.12 21.87 17.05
C35 PCW TA . 5.27 21.07 15.68
C36 PCW TA . 6.09 19.77 15.85
C37 PCW TA . 6.28 18.93 14.54
C38 PCW TA . 5.37 17.74 14.51
C39 PCW TA . 5.53 16.93 13.26
C40 PCW TA . 4.56 16.46 12.47
C41 PCW TA . 3.08 16.69 12.72
C42 PCW TA . 2.70 18.15 12.18
C43 PCW TA . 2.17 19.17 13.17
C44 PCW TA . 1.91 20.44 12.39
C45 PCW TA . 2.26 21.72 13.12
C46 PCW TA . 1.16 22.23 14.02
C47 PCW TA . 1.42 22.13 15.50
C48 PCW TA . 0.22 22.68 16.30
N PCW TA . 10.46 24.87 16.51
O2 PCW TA . 6.13 25.48 15.10
O3 PCW TA . 7.32 24.34 12.77
O11 PCW TA . 9.00 24.02 14.27
O31 PCW TA . 3.81 25.51 15.15
O1P PCW TA . 7.96 29.60 15.20
O2P PCW TA . 6.95 29.27 17.46
O3P PCW TA . 5.91 28.15 15.39
O4P PCW TA . 8.00 27.37 16.40
P PCW TA . 7.24 28.66 16.14
C1 PCW UA . 23.46 24.73 5.04
C2 PCW UA . 22.98 24.68 3.53
C3 PCW UA . 22.54 23.23 3.16
C4 PCW UA . 26.13 27.22 6.77
C5 PCW UA . 26.65 28.42 7.57
C6 PCW UA . 28.32 30.34 7.51
C7 PCW UA . 26.62 30.14 5.77
C8 PCW UA . 26.36 30.45 7.58
C11 PCW UA . 21.66 22.00 1.30
C12 PCW UA . 21.28 22.17 -0.15
C13 PCW UA . 22.27 21.33 -1.03
C14 PCW UA . 22.01 21.40 -2.54
C15 PCW UA . 23.17 21.99 -3.41
C16 PCW UA . 23.73 20.90 -4.39
C17 PCW UA . 25.18 21.12 -4.96
C18 PCW UA . 25.58 20.09 -6.01
C19 PCW UA . 26.93 20.42 -6.69
C20 PCW UA . 27.08 20.38 -8.07
C21 PCW UA . 26.15 20.04 -9.18
C22 PCW UA . 26.52 18.62 -9.67
C23 PCW UA . 25.36 17.62 -9.91
C24 PCW UA . 25.70 16.33 -10.60
C25 PCW UA . 24.64 15.56 -11.43
C26 PCW UA . 24.65 14.05 -11.33
C27 PCW UA . 23.78 13.40 -10.21
C28 PCW UA . 22.62 12.67 -10.82
C31 PCW UA . 21.87 26.33 2.24
C32 PCW UA . 20.59 27.17 2.17
C33 PCW UA . 19.33 26.47 1.47
C34 PCW UA . 18.32 27.46 0.90
C35 PCW UA . 17.11 26.57 0.39
C36 PCW UA . 17.31 26.07 -1.06
C37 PCW UA . 16.16 25.19 -1.63
C38 PCW UA . 16.68 24.07 -2.47
C39 PCW UA . 15.59 23.20 -3.04
C40 PCW UA . 15.58 21.87 -3.09
C41 PCW UA . 16.69 20.99 -2.57
C42 PCW UA . 17.13 20.01 -3.75
C43 PCW UA . 16.35 18.73 -3.97
C44 PCW UA . 16.97 18.00 -5.14
C45 PCW UA . 16.08 17.82 -6.33
C46 PCW UA . 16.81 17.83 -7.65
C47 PCW UA . 16.79 19.11 -8.43
C48 PCW UA . 17.57 18.98 -9.75
N PCW UA . 27.29 29.50 6.89
O2 PCW UA . 21.80 25.58 3.33
O3 PCW UA . 22.11 23.18 1.79
O11 PCW UA . 21.59 20.97 1.92
O31 PCW UA . 22.81 26.36 1.40
O1P PCW UA . 24.60 27.17 4.31
O2P PCW UA . 22.96 28.45 5.66
O3P PCW UA . 22.97 25.88 5.77
O4P PCW UA . 24.68 27.27 6.81
P PCW UA . 23.80 27.25 5.58
C1 PCW VA . 0.56 29.50 21.23
C2 PCW VA . 0.63 28.04 20.65
C3 PCW VA . 1.96 27.34 21.11
C4 PCW VA . 0.57 30.01 16.99
C5 PCW VA . -0.19 28.70 16.88
C6 PCW VA . -0.27 28.08 14.40
C7 PCW VA . 0.24 26.39 16.08
C8 PCW VA . -1.34 27.34 15.87
C11 PCW VA . 3.05 25.21 20.91
C12 PCW VA . 2.91 23.88 20.23
C13 PCW VA . 1.98 22.97 21.11
C14 PCW VA . 1.72 21.56 20.57
C15 PCW VA . 0.30 21.31 20.00
C16 PCW VA . -0.61 20.58 21.06
C17 PCW VA . -2.14 20.88 21.03
C18 PCW VA . -3.00 19.64 20.80
C19 PCW VA . -4.44 19.98 20.36
C20 PCW VA . -5.00 19.43 19.21
C21 PCW VA . -4.49 18.49 18.18
C22 PCW VA . -4.75 17.06 18.73
C23 PCW VA . -5.94 16.26 18.13
C24 PCW VA . -7.06 15.92 19.07
C25 PCW VA . -7.61 14.46 19.15
C26 PCW VA . -8.47 13.99 17.99
C27 PCW VA . -9.01 12.54 18.04
C28 PCW VA . -10.36 12.47 17.37
C31 PCW VA . -1.14 26.51 20.27
C32 PCW VA . -2.27 25.74 20.96
C33 PCW VA . -1.81 24.42 21.77
C34 PCW VA . -1.44 24.69 23.22
C35 PCW VA . -2.81 25.08 23.94
C36 PCW VA . -2.67 25.20 25.48
C37 PCW VA . -3.98 25.59 26.24
C38 PCW VA . -4.28 24.63 27.35
C39 PCW VA . -5.55 24.99 28.09
C40 PCW VA . -6.50 24.16 28.49
C41 PCW VA . -6.50 22.67 28.26
C42 PCW VA . -7.44 21.99 29.36
C43 PCW VA . -8.93 21.87 29.08
C44 PCW VA . -9.56 21.20 30.30
C45 PCW VA . -10.28 19.91 30.02
C46 PCW VA . -9.41 18.69 30.23
C47 PCW VA . -8.92 17.99 28.99
C48 PCW VA . -8.05 16.77 29.35
N PCW VA . 0.08 27.80 15.80
O2 PCW VA . -0.50 27.23 21.19
O3 PCW VA . 2.00 26.01 20.57
O11 PCW VA . 3.96 25.52 21.63
O31 PCW VA . -0.86 26.47 19.04
O1P PCW VA . -0.38 32.19 18.66
O2P PCW VA . 1.81 31.87 19.81
O3P PCW VA . -0.24 30.41 20.44
O4P PCW VA . 1.02 30.12 18.36
P PCW VA . 0.57 31.23 19.31
C1 PCW WA . -7.02 36.34 1.37
C2 PCW WA . -7.39 34.92 0.81
C3 PCW WA . -6.81 34.73 -0.63
C4 PCW WA . -8.77 39.29 4.24
C5 PCW WA . -9.97 39.94 3.56
C6 PCW WA . -11.84 38.28 4.07
C7 PCW WA . -12.31 40.68 3.95
C8 PCW WA . -11.73 39.57 2.59
C11 PCW WA . -8.44 33.23 -1.56
C12 PCW WA . -8.59 31.80 -2.02
C13 PCW WA . -7.69 31.58 -3.29
C14 PCW WA . -7.72 30.16 -3.88
C15 PCW WA . -9.13 29.47 -3.92
C16 PCW WA . -9.84 29.75 -5.29
C17 PCW WA . -9.47 28.80 -6.49
C18 PCW WA . -10.70 28.32 -7.28
C19 PCW WA . -11.41 29.47 -8.05
C20 PCW WA . -12.75 29.76 -7.86
C21 PCW WA . -13.79 29.16 -6.99
C22 PCW WA . -13.65 29.81 -5.59
C23 PCW WA . -14.65 29.38 -4.49
C24 PCW WA . -14.80 30.30 -3.31
C25 PCW WA . -15.50 29.81 -2.01
C26 PCW WA . -17.01 29.79 -2.01
C27 PCW WA . -17.76 31.10 -1.65
C28 PCW WA . -18.76 31.44 -2.73
C31 PCW WA . -7.69 33.21 2.41
C32 PCW WA . -6.94 32.16 3.25
C33 PCW WA . -7.84 30.98 3.86
C34 PCW WA . -8.19 31.19 5.32
C35 PCW WA . -9.37 30.18 5.63
C36 PCW WA . -8.95 29.04 6.58
C37 PCW WA . -10.08 28.00 6.91
C38 PCW WA . -9.75 26.64 6.38
C39 PCW WA . -10.82 25.62 6.68
C40 PCW WA . -11.66 25.07 5.82
C41 PCW WA . -11.70 25.39 4.33
C42 PCW WA . -12.24 24.10 3.55
C43 PCW WA . -11.46 23.62 2.34
C44 PCW WA . -12.19 22.39 1.81
C45 PCW WA . -11.42 21.10 1.89
C46 PCW WA . -12.24 19.88 1.60
C47 PCW WA . -11.94 18.65 2.41
C48 PCW WA . -12.85 17.48 2.01
N PCW WA . -11.29 39.65 4.02
O2 PCW WA . -6.80 33.86 1.66
O3 PCW WA . -7.16 33.43 -1.13
O11 PCW WA . -9.31 34.05 -1.56
O31 PCW WA . -8.94 33.42 2.43
O1P PCW WA . -6.45 37.67 4.90
O2P PCW WA . -5.61 38.51 2.71
O3P PCW WA . -7.17 36.47 2.80
O4P PCW WA . -7.95 38.73 3.18
P PCW WA . -6.73 37.87 3.43
C1 PCW XA . -11.65 34.53 15.26
C2 PCW XA . -12.61 33.28 15.34
C3 PCW XA . -14.10 33.75 15.43
C4 PCW XA . -7.96 32.40 17.52
C5 PCW XA . -7.90 30.88 17.49
C6 PCW XA . -5.89 30.87 18.83
C7 PCW XA . -6.74 28.85 18.06
C8 PCW XA . -7.88 29.87 19.75
C11 PCW XA . -15.75 32.46 16.61
C12 PCW XA . -16.57 31.21 16.46
C13 PCW XA . -18.07 31.65 16.22
C14 PCW XA . -19.06 30.49 16.05
C15 PCW XA . -20.54 30.89 15.78
C16 PCW XA . -21.35 29.68 15.19
C17 PCW XA . -22.15 28.80 16.20
C18 PCW XA . -22.59 27.46 15.61
C19 PCW XA . -24.00 27.51 14.98
C20 PCW XA . -25.11 26.95 15.58
C21 PCW XA . -25.29 26.21 16.85
C22 PCW XA . -26.72 26.55 17.37
C23 PCW XA . -27.82 25.47 17.19
C24 PCW XA . -28.82 25.70 16.10
C25 PCW XA . -30.12 24.85 16.00
C26 PCW XA . -30.38 24.16 14.68
C27 PCW XA . -31.72 24.44 13.96
C28 PCW XA . -31.75 23.74 12.62
C31 PCW XA . -11.58 31.47 14.19
C32 PCW XA . -11.56 30.74 12.84
C33 PCW XA . -12.96 30.16 12.35
C34 PCW XA . -13.06 30.02 10.83
C35 PCW XA . -14.11 31.10 10.35
C36 PCW XA . -14.37 31.05 8.83
C37 PCW XA . -15.40 32.10 8.29
C38 PCW XA . -15.30 32.27 6.80
C39 PCW XA . -16.29 33.27 6.26
C40 PCW XA . -16.85 33.26 5.06
C41 PCW XA . -16.58 32.21 3.99
C42 PCW XA . -17.91 32.05 3.10
C43 PCW XA . -18.59 30.71 3.06
C44 PCW XA . -19.81 30.84 2.15
C45 PCW XA . -20.19 29.58 1.40
C46 PCW XA . -21.53 29.69 0.71
C47 PCW XA . -22.21 28.38 0.38
C48 PCW XA . -23.55 28.63 -0.32
N PCW XA . -7.14 30.16 18.48
O2 PCW XA . -12.47 32.46 14.10
O3 PCW XA . -14.97 32.61 15.49
O11 PCW XA . -15.78 33.21 17.55
O31 PCW XA . -10.88 31.18 15.20
O1P PCW XA . -8.67 35.18 17.20
O2P PCW XA . -10.92 34.41 17.97
O3P PCW XA . -10.25 34.22 15.49
O4P PCW XA . -9.34 32.76 17.21
P PCW XA . -9.79 34.20 17.04
C1 PCW YA . 30.26 6.15 31.81
C2 PCW YA . 30.53 4.98 30.79
C3 PCW YA . 31.53 3.95 31.41
C4 PCW YA . 30.44 8.14 27.81
C5 PCW YA . 30.09 6.98 26.87
C6 PCW YA . 31.35 7.98 25.05
C7 PCW YA . 30.16 6.01 24.68
C8 PCW YA . 32.06 5.85 25.92
C11 PCW YA . 32.66 3.10 29.46
C12 PCW YA . 32.77 1.87 28.60
C13 PCW YA . 31.61 1.91 27.54
C14 PCW YA . 31.57 0.73 26.57
C15 PCW YA . 31.55 1.11 25.06
C16 PCW YA . 30.81 0.01 24.22
C17 PCW YA . 31.63 -0.73 23.13
C18 PCW YA . 31.96 -2.18 23.49
C19 PCW YA . 33.46 -2.51 23.35
C20 PCW YA . 33.97 -3.79 23.55
C21 PCW YA . 33.32 -5.08 23.90
C22 PCW YA . 33.42 -5.99 22.65
C23 PCW YA . 33.32 -7.52 22.86
C24 PCW YA . 32.23 -8.25 22.14
C25 PCW YA . 32.22 -9.81 22.06
C26 PCW YA . 32.14 -10.41 20.67
C27 PCW YA . 33.44 -11.01 20.08
C28 PCW YA . 33.18 -12.39 19.54
C31 PCW YA . 29.01 4.02 29.24
C32 PCW YA . 27.67 3.27 29.12
C33 PCW YA . 27.53 1.96 30.02
C34 PCW YA . 27.77 0.67 29.25
C35 PCW YA . 27.74 -0.49 30.34
C36 PCW YA . 26.74 -1.60 29.99
C37 PCW YA . 26.66 -2.78 31.02
C38 PCW YA . 25.30 -3.41 31.07
C39 PCW YA . 25.20 -4.52 32.06
C40 PCW YA . 24.76 -5.76 31.85
C41 PCW YA . 24.25 -6.27 30.50
C42 PCW YA . 25.51 -6.63 29.60
C43 PCW YA . 25.74 -8.09 29.24
C44 PCW YA . 27.00 -8.15 28.39
C45 PCW YA . 26.75 -8.29 26.90
C46 PCW YA . 27.99 -8.12 26.07
C47 PCW YA . 27.88 -7.20 24.88
C48 PCW YA . 29.20 -7.12 24.11
N PCW YA . 30.88 6.73 25.69
O2 PCW YA . 29.25 4.25 30.52
O3 PCW YA . 31.77 2.88 30.48
O11 PCW YA . 33.27 4.12 29.28
O31 PCW YA . 29.74 4.37 28.26
O1P PCW YA . 30.19 9.63 30.28
O2P PCW YA . 32.12 8.22 30.98
O3P PCW YA . 29.71 7.34 31.20
O4P PCW YA . 30.86 7.54 29.06
P PCW YA . 30.76 8.26 30.39
C1 PCW ZA . -13.90 23.88 30.32
C2 PCW ZA . -13.79 23.70 28.75
C3 PCW ZA . -12.30 23.48 28.34
C4 PCW ZA . -12.28 21.55 34.19
C5 PCW ZA . -11.64 22.89 34.52
C6 PCW ZA . -12.92 23.42 36.67
C7 PCW ZA . -10.65 24.28 36.32
C8 PCW ZA . -12.17 24.68 35.35
C11 PCW ZA . -11.28 24.05 26.24
C12 PCW ZA . -11.35 23.73 24.77
C13 PCW ZA . -10.38 22.54 24.48
C14 PCW ZA . -10.33 22.07 23.02
C15 PCW ZA . -9.03 22.44 22.25
C16 PCW ZA . -9.29 22.56 20.71
C17 PCW ZA . -8.42 23.59 19.90
C18 PCW ZA . -9.09 24.08 18.62
C19 PCW ZA . -8.50 23.42 17.34
C20 PCW ZA . -9.04 22.28 16.77
C21 PCW ZA . -10.19 21.42 17.13
C22 PCW ZA . -9.62 20.09 17.70
C23 PCW ZA . -10.56 18.87 17.74
C24 PCW ZA . -10.94 18.34 19.09
C25 PCW ZA . -11.20 16.82 19.31
C26 PCW ZA . -12.58 16.31 18.93
C27 PCW ZA . -12.74 15.59 17.59
C28 PCW ZA . -13.92 14.66 17.64
C31 PCW ZA . -15.43 22.74 27.35
C32 PCW ZA . -16.14 21.42 27.01
C33 PCW ZA . -17.65 21.29 27.54
C34 PCW ZA . -18.65 20.97 26.43
C35 PCW ZA . -19.19 19.52 26.76
C36 PCW ZA . -19.26 18.61 25.51
C37 PCW ZA . -19.78 17.17 25.77
C38 PCW ZA . -18.94 16.14 25.06
C39 PCW ZA . -19.43 14.73 25.29
C40 PCW ZA . -19.83 13.86 24.37
C41 PCW ZA . -19.87 14.16 22.88
C42 PCW ZA . -20.27 12.83 22.11
C43 PCW ZA . -21.72 12.65 21.66
C44 PCW ZA . -21.81 11.30 20.97
C45 PCW ZA . -23.21 10.86 20.63
C46 PCW ZA . -23.58 9.52 21.19
C47 PCW ZA . -25.05 9.18 21.23
C48 PCW ZA . -25.29 7.79 21.83
N PCW ZA . -11.68 23.37 35.87
O2 PCW ZA . -14.55 22.50 28.32
O3 PCW ZA . -12.21 23.32 26.91
O11 PCW ZA . -10.51 24.83 26.74
O31 PCW ZA . -15.66 23.85 26.78
O1P PCW ZA . -14.66 22.40 32.78
O2P PCW ZA . -13.91 20.71 31.10
O3P PCW ZA . -12.93 23.10 31.06
O4P PCW ZA . -12.33 21.45 32.74
P PCW ZA . -13.53 21.88 31.92
C1 PCW AB . 2.70 8.08 45.02
C2 PCW AB . 1.32 7.35 44.81
C3 PCW AB . 0.28 8.33 44.15
C4 PCW AB . 6.97 8.90 45.10
C5 PCW AB . 6.68 9.57 43.75
C6 PCW AB . 8.30 8.86 42.09
C7 PCW AB . 8.89 10.52 43.62
C8 PCW AB . 7.43 11.11 41.97
C11 PCW AB . -1.95 7.85 44.88
C12 PCW AB . -3.17 7.06 44.50
C13 PCW AB . -3.05 5.63 45.15
C14 PCW AB . -4.22 4.68 44.85
C15 PCW AB . -5.42 4.78 45.84
C16 PCW AB . -6.72 4.18 45.19
C17 PCW AB . -7.59 3.22 46.09
C18 PCW AB . -8.77 2.60 45.34
C19 PCW AB . -8.48 1.16 44.87
C20 PCW AB . -8.49 0.80 43.53
C21 PCW AB . -8.74 1.57 42.29
C22 PCW AB . -10.11 1.09 41.73
C23 PCW AB . -11.28 2.10 41.69
C24 PCW AB . -12.60 1.66 42.26
C25 PCW AB . -13.11 0.21 42.06
C26 PCW AB . -14.60 0.02 41.95
C27 PCW AB . -15.28 0.38 40.62
C28 PCW AB . -14.89 -0.60 39.53
C31 PCW AB . 1.62 5.02 44.49
C32 PCW AB . 1.79 3.94 43.41
C33 PCW AB . 0.42 3.48 42.70
C34 PCW AB . 0.36 1.97 42.44
C35 PCW AB . 1.46 1.69 41.32
C36 PCW AB . 0.84 1.38 39.94
C37 PCW AB . 1.87 1.10 38.80
C38 PCW AB . 2.37 2.36 38.19
C39 PCW AB . 3.37 2.11 37.08
C40 PCW AB . 3.11 1.95 35.80
C41 PCW AB . 1.72 2.00 35.19
C42 PCW AB . 1.27 0.51 34.84
C43 PCW AB . -0.16 0.09 35.12
C44 PCW AB . -0.29 -1.37 34.69
C45 PCW AB . -1.35 -2.16 35.43
C46 PCW AB . -2.66 -2.24 34.70
C47 PCW AB . -3.91 -2.25 35.55
C48 PCW AB . -5.17 -2.34 34.67
N PCW AB . 7.77 9.98 42.90
O2 PCW AB . 1.49 6.19 43.88
O3 PCW AB . -0.97 7.64 43.97
O11 PCW AB . -1.86 8.56 45.84
O31 PCW AB . 1.61 4.81 45.74
O1P PCW AB . 4.65 8.65 46.84
O2P PCW AB . 5.27 6.22 46.80
O3P PCW AB . 3.85 7.22 44.91
O4P PCW AB . 6.22 7.66 45.13
P PCW AB . 5.00 7.45 46.01
C1 PCW BB . -0.06 37.21 -1.85
C2 PCW BB . -0.48 35.71 -1.62
C3 PCW BB . -1.10 35.13 -2.93
C4 PCW BB . -0.63 38.56 2.12
C5 PCW BB . -2.04 38.98 2.55
C6 PCW BB . -1.48 40.38 4.60
C7 PCW BB . -3.46 40.88 3.26
C8 PCW BB . -3.11 39.36 4.24
C11 PCW BB . -0.89 32.81 -3.50
C12 PCW BB . -1.42 31.45 -3.11
C13 PCW BB . -2.03 30.78 -4.39
C14 PCW BB . -2.62 29.39 -4.19
C15 PCW BB . -4.17 29.27 -4.33
C16 PCW BB . -4.53 28.41 -5.60
C17 PCW BB . -4.96 29.17 -6.89
C18 PCW BB . -5.77 28.31 -7.86
C19 PCW BB . -6.32 29.11 -9.07
C20 PCW BB . -7.12 28.54 -10.05
C21 PCW BB . -7.66 27.17 -10.23
C22 PCW BB . -9.19 27.30 -10.42
C23 PCW BB . -9.79 26.83 -11.77
C24 PCW BB . -10.89 25.82 -11.71
C25 PCW BB . -10.61 24.31 -11.96
C26 PCW BB . -11.79 23.47 -12.43
C27 PCW BB . -12.43 22.51 -11.41
C28 PCW BB . -11.90 21.11 -11.62
C31 PCW BB . 0.99 34.84 0.03
C32 PCW BB . 2.23 33.94 0.22
C33 PCW BB . 1.93 32.37 0.21
C34 PCW BB . 2.80 31.58 1.18
C35 PCW BB . 1.80 30.79 2.11
C36 PCW BB . 2.43 30.38 3.46
C37 PCW BB . 1.48 29.59 4.42
C38 PCW BB . 2.03 28.25 4.76
C39 PCW BB . 1.14 27.47 5.69
C40 PCW BB . 0.72 26.21 5.54
C41 PCW BB . 1.10 25.32 4.37
C42 PCW BB . -0.18 24.46 3.97
C43 PCW BB . -0.05 22.95 3.95
C44 PCW BB . -1.41 22.40 3.53
C45 PCW BB . -1.45 21.77 2.16
C46 PCW BB . -2.59 20.81 1.97
C47 PCW BB . -3.28 20.87 0.62
C48 PCW BB . -4.43 19.85 0.56
N PCW BB . -2.22 40.15 3.35
O2 PCW BB . 0.70 34.87 -1.28
O3 PCW BB . -1.49 33.76 -2.74
O11 PCW BB . -0.06 33.01 -4.34
O31 PCW BB . 0.37 35.45 0.95
O1P PCW BB . 1.80 39.34 0.75
O2P PCW BB . 0.20 40.14 -0.99
O3P PCW BB . 0.97 37.68 -0.95
O4P PCW BB . -0.60 38.61 0.68
P PCW BB . 0.63 39.01 -0.12
C1 PCW CB . 23.46 16.04 21.38
C2 PCW CB . 23.57 14.71 20.54
C3 PCW CB . 23.10 13.49 21.39
C4 PCW CB . 24.30 18.72 23.74
C5 PCW CB . 23.92 20.01 24.46
C6 PCW CB . 23.14 21.04 26.65
C7 PCW CB . 25.12 19.60 26.60
C8 PCW CB . 24.89 21.24 25.78
C11 PCW CB . 22.06 11.57 20.41
C12 PCW CB . 22.36 10.38 19.55
C13 PCW CB . 22.43 9.10 20.47
C14 PCW CB . 22.73 7.80 19.74
C15 PCW CB . 24.23 7.35 19.74
C16 PCW CB . 24.47 6.19 18.71
C17 PCW CB . 24.12 4.73 19.19
C18 PCW CB . 23.90 3.75 18.03
C19 PCW CB . 22.44 3.25 17.95
C20 PCW CB . 21.46 3.90 17.19
C21 PCW CB . 21.50 5.12 16.36
C22 PCW CB . 21.57 4.65 14.88
C23 PCW CB . 22.14 5.65 13.84
C24 PCW CB . 21.21 6.09 12.75
C25 PCW CB . 21.04 5.24 11.45
C26 PCW CB . 19.86 4.29 11.41
C27 PCW CB . 20.15 2.78 11.55
C28 PCW CB . 20.04 2.09 10.21
C31 PCW CB . 23.31 15.14 18.22
C32 PCW CB . 22.27 15.15 17.08
C33 PCW CB . 22.32 13.90 16.10
C34 PCW CB . 21.31 13.99 14.95
C35 PCW CB . 22.18 13.89 13.61
C36 PCW CB . 22.21 15.22 12.83
C37 PCW CB . 23.04 15.19 11.50
C38 PCW CB . 22.17 15.37 10.30
C39 PCW CB . 22.95 15.34 9.01
C40 PCW CB . 22.47 15.13 7.79
C41 PCW CB . 21.01 14.88 7.48
C42 PCW CB . 20.81 13.30 7.30
C43 PCW CB . 20.47 12.48 8.52
C44 PCW CB . 20.33 11.04 8.06
C45 PCW CB . 18.92 10.59 7.74
C46 PCW CB . 18.74 9.09 7.70
C47 PCW CB . 18.88 8.44 6.35
C48 PCW CB . 18.68 6.93 6.45
N PCW CB . 23.95 20.08 25.88
O2 PCW CB . 22.68 14.78 19.34
O3 PCW CB . 23.20 12.29 20.61
O11 PCW CB . 20.98 11.86 20.85
O31 PCW CB . 24.54 15.42 18.09
O1P PCW CB . 25.91 17.60 21.57
O2P PCW CB . 24.86 19.45 20.26
O3P PCW CB . 23.61 17.23 20.60
O4P PCW CB . 23.87 18.87 22.37
P PCW CB . 24.64 18.32 21.19
C1 PCW DB . 16.81 32.98 1.29
C2 PCW DB . 15.46 32.95 0.46
C3 PCW DB . 15.64 33.72 -0.89
C4 PCW DB . 15.93 31.41 5.79
C5 PCW DB . 15.37 32.30 6.90
C6 PCW DB . 14.12 30.38 8.02
C7 PCW DB . 14.27 32.57 9.10
C8 PCW DB . 13.42 32.15 7.53
C11 PCW DB . 14.01 34.80 -2.29
C12 PCW DB . 12.70 34.54 -2.97
C13 PCW DB . 12.95 33.59 -4.20
C14 PCW DB . 11.70 33.23 -5.00
C15 PCW DB . 10.95 31.95 -4.52
C16 PCW DB . 10.16 31.29 -5.71
C17 PCW DB . 10.73 29.95 -6.29
C18 PCW DB . 10.78 29.92 -7.82
C19 PCW DB . 12.11 29.34 -8.38
C20 PCW DB . 12.25 28.94 -9.69
C21 PCW DB . 11.32 28.93 -10.84
C22 PCW DB . 11.67 27.68 -11.69
C23 PCW DB . 10.50 26.82 -12.24
C24 PCW DB . 9.69 27.41 -13.36
C25 PCW DB . 10.35 27.72 -14.74
C26 PCW DB . 9.64 28.74 -15.60
C27 PCW DB . 10.36 29.25 -16.86
C28 PCW DB . 9.53 28.99 -18.10
C31 PCW DB . 14.22 31.00 0.97
C32 PCW DB . 13.95 29.56 0.50
C33 PCW DB . 12.78 29.39 -0.57
C34 PCW DB . 13.18 28.57 -1.80
C35 PCW DB . 12.15 27.38 -1.87
C36 PCW DB . 11.56 27.17 -3.28
C37 PCW DB . 10.53 26.00 -3.41
C38 PCW DB . 10.34 25.57 -4.84
C39 PCW DB . 9.35 24.45 -4.98
C40 PCW DB . 8.93 23.86 -6.10
C41 PCW DB . 9.42 24.25 -7.49
C42 PCW DB . 8.98 23.09 -8.49
C43 PCW DB . 9.75 22.93 -9.80
C44 PCW DB . 9.12 21.77 -10.54
C45 PCW DB . 10.05 20.62 -10.85
C46 PCW DB . 10.31 19.72 -9.67
C47 PCW DB . 10.11 18.23 -9.91
C48 PCW DB . 10.41 17.43 -8.63
N PCW DB . 14.75 31.71 8.05
O2 PCW DB . 15.11 31.54 0.13
O3 PCW DB . 14.40 33.68 -1.62
O11 PCW DB . 14.63 35.84 -2.33
O31 PCW DB . 13.69 31.56 1.96
O1P PCW DB . 16.66 30.57 3.12
O2P PCW DB . 18.73 31.87 3.58
O3P PCW DB . 16.62 33.06 2.71
O4P PCW DB . 16.82 32.23 4.99
P PCW DB . 17.25 31.86 3.57
C1 PCW EB . 23.16 6.18 30.53
C2 PCW EB . 23.12 4.71 29.97
C3 PCW EB . 24.30 4.47 28.95
C4 PCW EB . 23.46 5.58 35.06
C5 PCW EB . 22.54 5.05 36.15
C6 PCW EB . 23.43 4.69 38.52
C7 PCW EB . 21.79 6.45 38.07
C8 PCW EB . 21.56 4.62 37.89
C11 PCW EB . 23.79 2.93 27.19
C12 PCW EB . 23.78 1.46 26.88
C13 PCW EB . 25.24 1.04 26.45
C14 PCW EB . 25.40 -0.45 26.10
C15 PCW EB . 26.76 -0.83 25.43
C16 PCW EB . 27.25 -2.23 25.93
C17 PCW EB . 28.51 -2.25 26.86
C18 PCW EB . 29.71 -2.95 26.23
C19 PCW EB . 30.07 -4.30 26.91
C20 PCW EB . 30.79 -4.37 28.10
C21 PCW EB . 31.37 -3.33 28.98
C22 PCW EB . 30.39 -3.13 30.16
C23 PCW EB . 30.83 -3.62 31.56
C24 PCW EB . 30.54 -5.06 31.90
C25 PCW EB . 29.08 -5.55 32.11
C26 PCW EB . 28.81 -7.01 31.81
C27 PCW EB . 28.30 -7.91 32.96
C28 PCW EB . 29.48 -8.61 33.62
C31 PCW EB . 22.40 2.74 31.09
C32 PCW EB . 22.71 1.84 32.29
C33 PCW EB . 23.78 0.67 32.03
C34 PCW EB . 24.78 0.50 33.17
C35 PCW EB . 24.58 -0.99 33.67
C36 PCW EB . 23.75 -1.08 34.98
C37 PCW EB . 23.53 -2.53 35.52
C38 PCW EB . 24.59 -2.92 36.50
C39 PCW EB . 24.40 -4.31 37.04
C40 PCW EB . 25.15 -5.38 36.79
C41 PCW EB . 26.37 -5.37 35.88
C42 PCW EB . 27.65 -5.76 36.75
C43 PCW EB . 29.01 -5.42 36.21
C44 PCW EB . 30.03 -5.89 37.23
C45 PCW EB . 31.06 -6.86 36.71
C46 PCW EB . 32.24 -6.21 36.03
C47 PCW EB . 33.14 -7.11 35.25
C48 PCW EB . 34.30 -6.32 34.60
N PCW EB . 22.72 5.48 37.50
O2 PCW EB . 23.30 3.74 31.08
O3 PCW EB . 24.24 3.13 28.46
O11 PCW EB . 23.45 3.79 26.44
O31 PCW EB . 21.47 2.57 30.25
O1P PCW EB . 24.62 6.97 32.77
O2P PCW EB . 22.67 8.51 33.10
O3P PCW EB . 22.39 6.35 31.74
O4P PCW EB . 22.61 6.36 34.16
P PCW EB . 23.14 7.12 32.95
C1 PCW FB . 23.68 28.12 -2.94
C2 PCW FB . 23.02 26.70 -3.07
C3 PCW FB . 21.81 26.73 -4.08
C4 PCW FB . 23.44 30.64 0.27
C5 PCW FB . 22.98 30.36 1.70
C6 PCW FB . 20.61 30.72 1.56
C7 PCW FB . 22.00 32.50 2.18
C8 PCW FB . 21.65 30.86 3.72
C11 PCW FB . 20.26 25.21 -5.11
C12 PCW FB . 19.78 23.78 -5.01
C13 PCW FB . 20.51 22.93 -6.13
C14 PCW FB . 20.12 21.45 -6.17
C15 PCW FB . 20.69 20.64 -7.37
C16 PCW FB . 21.42 19.34 -6.89
C17 PCW FB . 20.57 18.27 -6.12
C18 PCW FB . 21.41 17.24 -5.37
C19 PCW FB . 20.88 16.92 -3.96
C20 PCW FB . 20.42 15.66 -3.59
C21 PCW FB . 20.31 14.38 -4.34
C22 PCW FB . 18.88 14.35 -4.96
C23 PCW FB . 17.80 13.54 -4.20
C24 PCW FB . 16.47 14.21 -4.03
C25 PCW FB . 15.76 14.25 -2.64
C26 PCW FB . 15.55 15.63 -2.04
C27 PCW FB . 14.37 15.82 -1.05
C28 PCW FB . 14.62 17.01 -0.17
C31 PCW FB . 24.58 25.99 -4.77
C32 PCW FB . 25.56 24.86 -5.12
C33 PCW FB . 25.85 24.65 -6.67
C34 PCW FB . 24.70 23.97 -7.42
C35 PCW FB . 24.62 24.70 -8.83
C36 PCW FB . 24.62 23.71 -10.01
C37 PCW FB . 24.54 24.34 -11.43
C38 PCW FB . 24.27 23.32 -12.49
C39 PCW FB . 24.20 23.92 -13.86
C40 PCW FB . 23.10 24.14 -14.58
C41 PCW FB . 21.70 23.82 -14.11
C42 PCW FB . 21.01 22.86 -15.19
C43 PCW FB . 20.30 21.62 -14.70
C44 PCW FB . 19.77 20.91 -15.94
C45 PCW FB . 20.35 19.54 -16.18
C46 PCW FB . 19.32 18.44 -16.19
C47 PCW FB . 19.33 17.51 -15.00
C48 PCW FB . 18.24 16.43 -15.12
N PCW FB . 21.87 31.06 2.26
O2 PCW FB . 24.02 25.70 -3.59
O3 PCW FB . 21.23 25.41 -4.18
O11 PCW FB . 19.84 26.03 -5.87
O31 PCW FB . 24.37 27.01 -5.49
O1P PCW FB . 21.26 30.80 -1.61
O2P PCW FB . 21.07 28.36 -1.16
O3P PCW FB . 22.74 29.23 -2.92
O4P PCW FB . 23.09 29.48 -0.52
P PCW FB . 21.96 29.47 -1.53
C1 PCW GB . 5.17 36.27 0.01
C2 PCW GB . 4.99 36.02 -1.54
C3 PCW GB . 3.67 36.70 -2.06
C4 PCW GB . 7.50 39.74 0.22
C5 PCW GB . 6.92 39.68 -1.19
C6 PCW GB . 6.66 42.16 -1.72
C7 PCW GB . 7.20 40.55 -3.48
C8 PCW GB . 5.65 40.65 -2.47
C11 PCW GB . 3.53 37.53 -4.31
C12 PCW GB . 3.34 37.05 -5.72
C13 PCW GB . 4.63 37.41 -6.55
C14 PCW GB . 4.61 36.99 -8.02
C15 PCW GB . 5.52 35.78 -8.39
C16 PCW GB . 4.79 34.42 -8.11
C17 PCW GB . 5.66 33.23 -7.61
C18 PCW GB . 4.86 31.97 -7.29
C19 PCW GB . 5.45 30.69 -7.93
C20 PCW GB . 4.67 29.78 -8.63
C21 PCW GB . 3.23 29.74 -8.95
C22 PCW GB . 3.08 28.83 -10.21
C23 PCW GB . 2.11 27.61 -10.10
C24 PCW GB . 1.45 27.16 -11.36
C25 PCW GB . 0.32 28.01 -12.01
C26 PCW GB . -1.11 27.60 -11.72
C27 PCW GB . -1.86 28.33 -10.59
C28 PCW GB . -3.03 29.11 -11.16
C31 PCW GB . 6.86 35.73 -2.96
C32 PCW GB . 7.99 36.49 -3.67
C33 PCW GB . 8.08 36.26 -5.25
C34 PCW GB . 9.51 36.34 -5.80
C35 PCW GB . 9.35 36.61 -7.35
C36 PCW GB . 9.85 35.42 -8.22
C37 PCW GB . 9.73 35.63 -9.75
C38 PCW GB . 10.80 34.88 -10.49
C39 PCW GB . 10.70 35.05 -11.99
C40 PCW GB . 10.62 34.09 -12.91
C41 PCW GB . 10.59 32.61 -12.59
C42 PCW GB . 9.20 32.02 -13.11
C43 PCW GB . 8.38 31.15 -12.18
C44 PCW GB . 7.13 30.75 -12.93
C45 PCW GB . 5.86 30.79 -12.11
C46 PCW GB . 5.32 32.17 -11.90
C47 PCW GB . 3.82 32.34 -11.97
C48 PCW GB . 3.41 33.80 -11.73
N PCW GB . 7.09 40.80 -2.07
O2 PCW GB . 6.13 36.62 -2.29
O3 PCW GB . 3.53 36.46 -3.46
O11 PCW GB . 3.67 38.68 -3.98
O31 PCW GB . 6.67 34.48 -3.01
O1P PCW GB . 5.67 38.22 1.87
O2P PCW GB . 7.76 37.07 2.58
O3P PCW GB . 6.55 36.32 0.44
O4P PCW GB . 7.83 38.39 0.59
P PCW GB . 6.93 37.52 1.45
C1 PCW HB . -15.64 28.49 25.91
C2 PCW HB . -16.07 27.03 25.48
C3 PCW HB . -17.63 26.88 25.60
C4 PCW HB . -12.30 27.24 27.89
C5 PCW HB . -11.29 27.20 29.03
C6 PCW HB . -9.44 25.58 29.71
C7 PCW HB . -9.01 27.33 28.04
C8 PCW HB . -9.44 27.55 29.83
C11 PCW HB . -18.64 25.39 24.01
C12 PCW HB . -18.99 23.93 23.83
C13 PCW HB . -18.21 23.38 22.59
C14 PCW HB . -18.45 21.91 22.27
C15 PCW HB . -19.70 21.60 21.38
C16 PCW HB . -20.17 20.11 21.56
C17 PCW HB . -20.31 19.24 20.26
C18 PCW HB . -21.53 19.60 19.43
C19 PCW HB . -21.19 19.85 17.95
C20 PCW HB . -21.83 19.17 16.91
C21 PCW HB . -22.90 18.15 16.90
C22 PCW HB . -23.16 17.78 15.41
C23 PCW HB . -24.59 18.03 14.84
C24 PCW HB . -25.57 16.91 15.01
C25 PCW HB . -27.05 17.21 15.40
C26 PCW HB . -27.49 16.79 16.79
C27 PCW HB . -28.95 16.34 16.99
C28 PCW HB . -29.02 14.85 17.19
C31 PCW HB . -14.40 26.56 23.87
C32 PCW HB . -14.18 26.32 22.36
C33 PCW HB . -13.57 24.89 21.98
C34 PCW HB . -14.64 23.84 21.69
C35 PCW HB . -14.56 22.81 22.89
C36 PCW HB . -14.15 21.38 22.43
C37 PCW HB . -14.04 20.31 23.55
C38 PCW HB . -14.99 19.17 23.33
C39 PCW HB . -14.91 18.13 24.39
C40 PCW HB . -15.28 16.85 24.29
C41 PCW HB . -15.86 16.23 23.03
C42 PCW HB . -15.48 14.68 23.02
C43 PCW HB . -14.13 14.27 22.48
C44 PCW HB . -14.04 12.76 22.59
C45 PCW HB . -13.42 12.06 21.40
C46 PCW HB . -14.34 11.06 20.75
C47 PCW HB . -14.46 11.13 19.25
C48 PCW HB . -15.42 10.05 18.72
N PCW HB . -10.00 26.61 28.82
O2 PCW HB . -15.70 26.78 24.06
O3 PCW HB . -18.03 25.56 25.22
O11 PCW HB . -18.88 26.25 23.22
O31 PCW HB . -13.50 26.56 24.76
O1P PCW HB . -13.30 29.72 26.72
O2P PCW HB . -14.20 30.08 29.03
O3P PCW HB . -15.54 28.67 27.33
O4P PCW HB . -13.51 27.87 28.43
P PCW HB . -14.09 29.16 27.87
C1 PCW IB . 35.12 7.91 22.76
C2 PCW IB . 36.17 6.94 22.08
C3 PCW IB . 36.18 5.56 22.81
C4 PCW IB . 33.90 12.52 22.62
C5 PCW IB . 34.27 13.04 24.01
C6 PCW IB . 35.77 11.42 25.29
C7 PCW IB . 36.45 13.74 24.97
C8 PCW IB . 35.00 13.11 25.93
C11 PCW IB . 38.43 4.75 22.61
C12 PCW IB . 39.26 3.77 21.84
C13 PCW IB . 39.01 2.33 22.42
C14 PCW IB . 39.78 1.19 21.75
C15 PCW IB . 39.96 1.31 20.20
C16 PCW IB . 39.04 0.28 19.46
C17 PCW IB . 39.23 0.14 17.90
C18 PCW IB . 39.11 -1.31 17.41
C19 PCW IB . 38.21 -1.45 16.17
C20 PCW IB . 38.65 -2.04 14.99
C21 PCW IB . 39.95 -2.64 14.59
C22 PCW IB . 39.66 -4.13 14.23
C23 PCW IB . 40.62 -4.81 13.22
C24 PCW IB . 40.43 -6.28 13.00
C25 PCW IB . 41.27 -7.06 11.94
C26 PCW IB . 40.50 -7.85 10.91
C27 PCW IB . 40.59 -9.39 10.97
C28 PCW IB . 39.51 -10.01 10.12
C31 PCW IB . 34.57 6.20 20.43
C32 PCW IB . 34.40 6.04 18.92
C33 PCW IB . 33.27 4.99 18.47
C34 PCW IB . 33.74 3.98 17.44
C35 PCW IB . 33.20 2.59 17.93
C36 PCW IB . 31.83 2.23 17.32
C37 PCW IB . 31.24 0.84 17.77
C38 PCW IB . 31.06 -0.09 16.62
C39 PCW IB . 30.48 -1.42 17.03
C40 PCW IB . 30.55 -2.57 16.35
C41 PCW IB . 31.24 -2.73 15.01
C42 PCW IB . 30.11 -2.76 13.87
C43 PCW IB . 30.48 -2.26 12.48
C44 PCW IB . 29.23 -2.40 11.63
C45 PCW IB . 29.48 -2.67 10.17
C46 PCW IB . 28.27 -2.50 9.30
C47 PCW IB . 28.48 -2.68 7.81
C48 PCW IB . 27.17 -2.48 7.04
N PCW IB . 35.53 12.69 24.59
O2 PCW IB . 35.80 6.71 20.64
O3 PCW IB . 37.13 4.68 22.19
O11 PCW IB . 38.84 5.48 23.47
O31 PCW IB . 33.72 5.90 21.32
O1P PCW IB . 34.87 10.76 20.50
O2P PCW IB . 33.07 9.26 21.36
O3P PCW IB . 35.39 9.31 22.49
O4P PCW IB . 33.76 11.08 22.75
P PCW IB . 34.23 10.10 21.69
C1 PCW JB . 33.30 22.01 8.06
C2 PCW JB . 33.36 21.39 6.62
C3 PCW JB . 33.71 22.49 5.56
C4 PCW JB . 36.80 22.53 7.95
C5 PCW JB . 37.66 22.05 6.79
C6 PCW JB . 38.61 23.62 5.01
C7 PCW JB . 40.07 22.65 6.72
C8 PCW JB . 39.12 21.76 5.40
C11 PCW JB . 34.96 21.82 3.60
C12 PCW JB . 34.79 21.15 2.27
C13 PCW JB . 35.91 20.06 2.11
C14 PCW JB . 35.88 19.27 0.80
C15 PCW JB . 35.86 20.12 -0.50
C16 PCW JB . 35.23 19.30 -1.69
C17 PCW JB . 34.40 20.11 -2.75
C18 PCW JB . 32.94 19.66 -2.84
C19 PCW JB . 32.71 18.57 -3.93
C20 PCW JB . 32.47 17.25 -3.62
C21 PCW JB . 32.37 16.53 -2.33
C22 PCW JB . 30.97 15.86 -2.30
C23 PCW JB . 30.84 14.49 -1.57
C24 PCW JB . 30.30 13.34 -2.36
C25 PCW JB . 30.72 13.10 -3.84
C26 PCW JB . 32.09 12.49 -4.07
C27 PCW JB . 32.21 11.38 -5.13
C28 PCW JB . 32.87 11.93 -6.39
C31 PCW JB . 34.04 19.19 6.01
C32 PCW JB . 35.26 18.24 6.02
C33 PCW JB . 34.93 16.71 5.69
C34 PCW JB . 34.53 15.91 6.93
C35 PCW JB . 33.88 14.56 6.37
C36 PCW JB . 32.36 14.49 6.64
C37 PCW JB . 31.65 13.20 6.13
C38 PCW JB . 30.96 13.43 4.82
C39 PCW JB . 30.27 12.18 4.31
C40 PCW JB . 30.63 11.45 3.28
C41 PCW JB . 31.85 11.74 2.41
C42 PCW JB . 31.58 11.12 0.97
C43 PCW JB . 32.71 10.36 0.29
C44 PCW JB . 32.17 9.88 -1.05
C45 PCW JB . 31.89 8.41 -1.15
C46 PCW JB . 30.78 8.07 -2.10
C47 PCW JB . 31.01 6.90 -3.04
C48 PCW JB . 29.78 6.69 -3.95
N PCW JB . 38.71 22.89 6.29
O2 PCW JB . 34.43 20.35 6.56
O3 PCW JB . 33.76 21.88 4.25
O11 PCW JB . 36.00 22.23 4.05
O31 PCW JB . 32.88 18.93 5.55
O1P PCW JB . 35.19 22.74 10.37
O2P PCW JB . 35.70 20.30 10.56
O3P PCW JB . 33.75 21.11 9.11
O4P PCW JB . 36.08 21.38 8.45
P PCW JB . 35.22 21.40 9.69
C1 PCW KB . 25.71 6.41 25.34
C2 PCW KB . 25.39 5.53 24.08
C3 PCW KB . 25.86 4.06 24.33
C4 PCW KB . 26.78 8.84 22.35
C5 PCW KB . 27.61 9.91 21.65
C6 PCW KB . 26.86 11.27 19.62
C7 PCW KB . 26.83 12.24 21.86
C8 PCW KB . 28.30 11.68 20.90
C11 PCW KB . 26.58 3.03 22.29
C12 PCW KB . 26.09 2.15 21.16
C13 PCW KB . 26.08 0.67 21.67
C14 PCW KB . 25.59 -0.36 20.64
C15 PCW KB . 26.60 -1.50 20.30
C16 PCW KB . 26.07 -2.87 20.86
C17 PCW KB . 26.28 -3.14 22.39
C18 PCW KB . 25.80 -4.51 22.84
C19 PCW KB . 24.53 -4.45 23.71
C20 PCW KB . 23.89 -5.58 24.19
C21 PCW KB . 24.18 -7.04 24.05
C22 PCW KB . 23.36 -7.77 25.15
C23 PCW KB . 22.11 -8.59 24.69
C24 PCW KB . 21.76 -9.80 25.49
C25 PCW KB . 22.32 -11.20 25.13
C26 PCW KB . 21.73 -11.89 23.92
C27 PCW KB . 22.68 -12.29 22.78
C28 PCW KB . 22.12 -13.47 22.02
C31 PCW KB . 23.41 6.60 23.33
C32 PCW KB . 21.89 6.40 23.17
C33 PCW KB . 20.99 6.96 24.36
C34 PCW KB . 19.49 6.95 24.05
C35 PCW KB . 18.96 5.56 24.61
C36 PCW KB . 17.95 4.90 23.64
C37 PCW KB . 17.36 3.53 24.11
C38 PCW KB . 17.93 2.38 23.34
C39 PCW KB . 17.37 1.05 23.78
C40 PCW KB . 16.90 0.08 23.00
C41 PCW KB . 16.83 0.15 21.49
C42 PCW KB . 15.32 0.41 21.07
C43 PCW KB . 14.52 -0.73 20.47
C44 PCW KB . 13.13 -0.20 20.18
C45 PCW KB . 12.66 -0.35 18.76
C46 PCW KB . 11.35 0.32 18.47
C47 PCW KB . 10.51 -0.29 17.37
C48 PCW KB . 9.20 0.49 17.18
N PCW KB . 26.96 11.04 21.08
O2 PCW KB . 23.92 5.48 23.84
O3 PCW KB . 25.58 3.25 23.18
O11 PCW KB . 27.70 3.45 22.39
O31 PCW KB . 24.05 7.65 23.03
O1P PCW KB . 25.94 9.18 25.11
O2P PCW KB . 28.39 9.10 25.55
O3P PCW KB . 27.06 6.93 25.36
O4P PCW KB . 27.60 8.32 23.43
P PCW KB . 27.23 8.46 24.90
C1 PCW LB . 32.38 11.99 18.39
C2 PCW LB . 32.24 10.61 17.64
C3 PCW LB . 33.62 10.20 17.03
C4 PCW LB . 29.41 15.51 19.39
C5 PCW LB . 28.34 16.41 18.76
C6 PCW LB . 28.21 18.83 19.56
C7 PCW LB . 28.76 18.31 17.23
C8 PCW LB . 27.18 17.97 18.13
C11 PCW LB . 34.54 8.46 15.63
C12 PCW LB . 34.20 7.13 15.05
C13 PCW LB . 33.94 7.31 13.50
C14 PCW LB . 33.57 6.03 12.75
C15 PCW LB . 33.17 6.22 11.26
C16 PCW LB . 34.43 6.35 10.33
C17 PCW LB . 35.42 5.13 10.28
C18 PCW LB . 35.99 4.88 8.89
C19 PCW LB . 35.66 3.45 8.36
C20 PCW LB . 35.54 3.18 7.01
C21 PCW LB . 35.67 4.02 5.81
C22 PCW LB . 34.85 3.33 4.68
C23 PCW LB . 33.70 4.13 4.03
C24 PCW LB . 34.09 5.20 3.06
C25 PCW LB . 34.32 4.89 1.55
C26 PCW LB . 33.27 5.38 0.59
C27 PCW LB . 32.19 4.38 0.11
C28 PCW LB . 30.83 4.82 0.60
C31 PCW LB . 30.55 9.43 18.83
C32 PCW LB . 30.32 8.29 19.82
C33 PCW LB . 30.04 6.85 19.17
C34 PCW LB . 29.33 5.88 20.11
C35 PCW LB . 30.40 5.50 21.21
C36 PCW LB . 30.71 3.98 21.25
C37 PCW LB . 31.75 3.54 22.32
C38 PCW LB . 32.94 2.87 21.71
C39 PCW LB . 33.97 2.43 22.71
C40 PCW LB . 35.11 1.82 22.47
C41 PCW LB . 35.58 1.42 21.08
C42 PCW LB . 35.25 -0.12 20.87
C43 PCW LB . 34.30 -0.51 19.75
C44 PCW LB . 34.16 -2.02 19.78
C45 PCW LB . 35.08 -2.77 18.85
C46 PCW LB . 34.76 -4.23 18.73
C47 PCW LB . 33.91 -4.64 17.54
C48 PCW LB . 33.67 -6.16 17.53
N PCW LB . 28.60 17.80 18.57
O2 PCW LB . 31.86 9.53 18.61
O3 PCW LB . 33.48 8.94 16.35
O11 PCW LB . 35.60 9.02 15.51
O31 PCW LB . 29.65 10.16 18.31
O1P PCW LB . 31.97 14.30 20.02
O2P PCW LB . 32.65 15.30 17.85
O3P PCW LB . 31.47 13.01 17.92
O4P PCW LB . 30.30 15.10 18.32
P PCW LB . 31.66 14.47 18.57
C1 PCW MB . 18.39 5.77 35.09
C2 PCW MB . 17.71 4.66 34.19
C3 PCW MB . 18.73 4.11 33.13
C4 PCW MB . 15.41 7.58 38.55
C5 PCW MB . 15.06 9.06 38.70
C6 PCW MB . 12.51 9.05 38.89
C7 PCW MB . 13.85 10.62 40.21
C8 PCW MB . 13.67 10.54 38.37
C11 PCW MB . 17.40 3.50 31.23
C12 PCW MB . 16.84 2.27 30.54
C13 PCW MB . 17.76 1.96 29.30
C14 PCW MB . 17.34 0.74 28.47
C15 PCW MB . 18.27 0.38 27.27
C16 PCW MB . 19.58 -0.31 27.77
C17 PCW MB . 20.72 -0.54 26.72
C18 PCW MB . 20.91 -2.01 26.34
C19 PCW MB . 21.22 -2.21 24.83
C20 PCW MB . 20.26 -2.69 23.94
C21 PCW MB . 18.85 -3.11 24.12
C22 PCW MB . 18.49 -3.98 22.88
C23 PCW MB . 18.32 -5.50 23.10
C24 PCW MB . 19.57 -6.32 23.14
C25 PCW MB . 20.59 -6.28 21.96
C26 PCW MB . 20.38 -7.30 20.85
C27 PCW MB . 21.01 -8.69 21.04
C28 PCW MB . 19.95 -9.76 20.96
C31 PCW MB . 15.99 3.24 35.00
C32 PCW MB . 15.72 2.03 35.91
C33 PCW MB . 14.89 0.83 35.25
C34 PCW MB . 14.58 -0.31 36.21
C35 PCW MB . 15.59 -1.47 35.84
C36 PCW MB . 14.88 -2.80 35.53
C37 PCW MB . 15.83 -3.98 35.16
C38 PCW MB . 15.20 -4.90 34.16
C39 PCW MB . 16.09 -6.06 33.79
C40 PCW MB . 16.08 -6.75 32.66
C41 PCW MB . 15.11 -6.48 31.52
C42 PCW MB . 15.95 -6.37 30.16
C43 PCW MB . 15.20 -6.30 28.85
C44 PCW MB . 16.24 -6.20 27.74
C45 PCW MB . 15.71 -5.70 26.42
C46 PCW MB . 16.04 -4.25 26.15
C47 PCW MB . 14.88 -3.29 26.12
C48 PCW MB . 15.35 -1.87 25.84
N PCW MB . 13.85 9.44 39.37
O2 PCW MB . 17.29 3.51 35.03
O3 PCW MB . 18.10 3.10 32.33
O11 PCW MB . 17.25 4.63 30.87
O31 PCW MB . 15.10 3.87 34.34
O1P PCW MB . 16.43 5.05 37.58
O2P PCW MB . 18.65 6.11 38.05
O3P PCW MB . 17.44 6.56 35.83
O4P PCW MB . 16.72 7.52 37.93
P PCW MB . 17.33 6.24 37.39
C1 PCW NB . 12.84 15.55 21.14
C2 PCW NB . 12.47 14.01 21.19
C3 PCW NB . 12.60 13.38 19.75
C4 PCW NB . 17.94 14.58 21.28
C5 PCW NB . 17.94 13.31 22.13
C6 PCW NB . 19.27 11.63 23.52
C7 PCW NB . 20.02 13.96 23.33
C8 PCW NB . 18.46 13.33 24.11
C11 PCW NB . 13.28 11.08 19.86
C12 PCW NB . 12.72 9.69 19.95
C13 PCW NB . 13.43 8.81 18.85
C14 PCW NB . 12.98 7.35 18.80
C15 PCW NB . 11.76 7.05 17.87
C16 PCW NB . 11.73 5.53 17.47
C17 PCW NB . 11.54 5.19 15.95
C18 PCW NB . 10.34 4.29 15.68
C19 PCW NB . 9.73 4.52 14.27
C20 PCW NB . 9.00 3.52 13.60
C21 PCW NB . 8.62 2.14 13.97
C22 PCW NB . 7.56 1.68 12.94
C23 PCW NB . 7.19 0.17 12.92
C24 PCW NB . 5.74 -0.17 13.09
C25 PCW NB . 5.08 -0.21 14.50
C26 PCW NB . 4.70 -1.58 15.03
C27 PCW NB . 5.47 -2.13 16.25
C28 PCW NB . 5.94 -3.53 15.98
C31 PCW NB . 12.85 12.68 23.11
C32 PCW NB . 13.94 11.96 23.94
C33 PCW NB . 15.02 11.15 23.09
C34 PCW NB . 15.58 9.93 23.83
C35 PCW NB . 15.63 8.77 22.75
C36 PCW NB . 14.66 7.61 23.10
C37 PCW NB . 14.65 6.42 22.09
C38 PCW NB . 13.40 5.60 22.21
C39 PCW NB . 13.37 4.45 21.24
C40 PCW NB . 12.33 3.66 20.97
C41 PCW NB . 10.97 3.78 21.63
C42 PCW NB . 9.86 3.52 20.51
C43 PCW NB . 8.85 4.61 20.23
C44 PCW NB . 7.93 4.09 19.14
C45 PCW NB . 6.52 3.78 19.59
C46 PCW NB . 6.37 2.43 20.24
C47 PCW NB . 5.81 1.32 19.38
C48 PCW NB . 5.71 0.00 20.18
N PCW NB . 19.13 12.93 22.83
O2 PCW NB . 13.43 13.28 22.08
O3 PCW NB . 12.27 11.99 19.81
O11 PCW NB . 14.45 11.36 19.88
O31 PCW NB . 11.61 12.68 23.39
O1P PCW NB . 15.48 15.61 22.93
O2P PCW NB . 16.09 16.50 21.19
O3P PCW NB . 14.17 15.83 20.64
O4P PCW NB . 16.60 14.72 20.70
P PCW NB . 15.40 15.22 21.48
C1 PCW OB . 20.79 33.39 -3.56
C2 PCW OB . 19.90 32.14 -3.95
C3 PCW OB . 18.53 32.20 -3.20
C4 PCW OB . 17.59 36.72 -2.95
C5 PCW OB . 16.90 37.88 -3.69
C6 PCW OB . 14.46 38.29 -4.29
C7 PCW OB . 15.36 39.05 -2.14
C8 PCW OB . 15.84 39.61 -3.84
C11 PCW OB . 17.51 30.13 -2.59
C12 PCW OB . 16.65 29.03 -3.17
C13 PCW OB . 17.48 28.25 -4.26
C14 PCW OB . 16.74 27.11 -4.96
C15 PCW OB . 15.81 27.53 -6.13
C16 PCW OB . 16.65 27.78 -7.44
C17 PCW OB . 16.34 29.08 -8.25
C18 PCW OB . 16.89 29.05 -9.68
C19 PCW OB . 16.64 30.37 -10.44
C20 PCW OB . 15.85 30.42 -11.58
C21 PCW OB . 15.10 29.38 -12.32
C22 PCW OB . 14.46 30.09 -13.56
C23 PCW OB . 14.57 29.36 -14.93
C24 PCW OB . 14.90 30.22 -16.12
C25 PCW OB . 15.12 29.60 -17.52
C26 PCW OB . 16.39 28.80 -17.72
C27 PCW OB . 16.42 27.77 -18.87
C28 PCW OB . 17.63 27.99 -19.74
C31 PCW OB . 20.65 31.80 -6.18
C32 PCW OB . 20.20 31.86 -7.64
C33 PCW OB . 19.92 30.44 -8.33
C34 PCW OB . 21.19 29.65 -8.64
C35 PCW OB . 20.75 28.47 -9.59
C36 PCW OB . 20.89 27.07 -8.95
C37 PCW OB . 20.47 25.86 -9.84
C38 PCW OB . 19.01 25.55 -9.70
C39 PCW OB . 18.58 24.39 -10.57
C40 PCW OB . 18.01 23.26 -10.14
C41 PCW OB . 17.71 22.94 -8.70
C42 PCW OB . 16.14 23.10 -8.47
C43 PCW OB . 15.55 22.61 -7.16
C44 PCW OB . 14.06 22.89 -7.22
C45 PCW OB . 13.19 21.70 -7.56
C46 PCW OB . 12.29 21.27 -6.43
C47 PCW OB . 12.46 19.84 -5.95
C48 PCW OB . 11.48 19.54 -4.81
N PCW OB . 15.57 38.24 -3.32
O2 PCW OB . 19.62 32.16 -5.41
O3 PCW OB . 17.73 31.07 -3.55
O11 PCW OB . 17.93 30.16 -1.47
O31 PCW OB . 21.81 31.46 -5.77
O1P PCW OB . 19.62 35.11 -1.66
O2P PCW OB . 21.18 36.70 -2.80
O3P PCW OB . 20.27 34.65 -4.05
O4P PCW OB . 18.91 36.60 -3.55
P PCW OB . 20.02 35.78 -2.94
C1 PCW PB . -16.41 13.60 38.99
C2 PCW PB . -17.76 14.14 38.36
C3 PCW PB . -17.51 14.54 36.86
C4 PCW PB . -17.95 15.55 42.71
C5 PCW PB . -19.37 15.94 42.28
C6 PCW PB . -20.37 18.05 42.87
C7 PCW PB . -19.84 16.53 44.56
C8 PCW PB . -21.64 16.04 43.24
C11 PCW PB . -19.14 16.30 36.61
C12 PCW PB . -20.43 16.62 35.90
C13 PCW PB . -21.61 16.37 36.91
C14 PCW PB . -23.01 16.65 36.34
C15 PCW PB . -24.04 17.20 37.37
C16 PCW PB . -25.48 17.22 36.73
C17 PCW PB . -26.64 16.51 37.51
C18 PCW PB . -27.41 15.51 36.66
C19 PCW PB . -28.74 15.06 37.33
C20 PCW PB . -29.78 14.50 36.60
C21 PCW PB . -29.95 14.20 35.16
C22 PCW PB . -31.06 15.16 34.63
C23 PCW PB . -31.99 14.63 33.52
C24 PCW PB . -31.92 15.29 32.18
C25 PCW PB . -32.10 14.48 30.87
C26 PCW PB . -33.07 15.03 29.85
C27 PCW PB . -33.80 14.03 28.92
C28 PCW PB . -33.04 13.86 27.63
C31 PCW PB . -19.89 13.38 39.05
C32 PCW PB . -20.85 12.18 38.97
C33 PCW PB . -20.88 11.24 40.27
C34 PCW PB . -21.19 9.79 39.96
C35 PCW PB . -22.67 9.54 40.45
C36 PCW PB . -23.70 9.55 39.30
C37 PCW PB . -25.18 9.33 39.74
C38 PCW PB . -25.82 10.57 40.26
C39 PCW PB . -27.25 10.36 40.68
C40 PCW PB . -28.34 10.78 40.05
C41 PCW PB . -28.32 11.59 38.76
C42 PCW PB . -29.08 10.75 37.64
C43 PCW PB . -28.27 10.04 36.58
C44 PCW PB . -29.26 9.34 35.66
C45 PCW PB . -28.75 9.02 34.28
C46 PCW PB . -29.18 7.67 33.77
C47 PCW PB . -28.88 7.38 32.32
C48 PCW PB . -29.38 5.98 31.93
N PCW PB . -20.26 16.61 43.19
O2 PCW PB . -18.78 13.06 38.37
O3 PCW PB . -18.74 15.03 36.30
O11 PCW PB . -18.55 17.05 37.34
O31 PCW PB . -20.12 14.47 39.64
O1P PCW PB . -15.70 13.71 42.74
O2P PCW PB . -14.86 15.17 40.91
O3P PCW PB . -16.52 13.26 40.39
O4P PCW PB . -17.19 15.32 41.49
P PCW PB . -15.99 14.38 41.43
C1 PCW QB . -8.92 15.91 35.72
C2 PCW QB . -8.41 14.43 35.56
C3 PCW QB . -6.87 14.36 35.85
C4 PCW QB . -10.17 17.20 40.24
C5 PCW QB . -11.21 16.24 40.81
C6 PCW QB . -9.91 15.52 42.72
C7 PCW QB . -10.08 14.13 40.86
C8 PCW QB . -11.92 14.32 42.18
C11 PCW QB . -6.28 12.22 36.79
C12 PCW QB . -5.78 10.87 36.38
C13 PCW QB . -4.29 11.02 35.91
C14 PCW QB . -3.61 9.72 35.46
C15 PCW QB . -2.65 9.06 36.48
C16 PCW QB . -1.15 9.41 36.15
C17 PCW QB . -0.41 8.47 35.14
C18 PCW QB . 1.11 8.53 35.26
C19 PCW QB . 1.82 8.65 33.89
C20 PCW QB . 2.44 7.57 33.28
C21 PCW QB . 2.60 6.14 33.68
C22 PCW QB . 1.25 5.43 33.41
C23 PCW QB . 1.20 4.43 32.23
C24 PCW QB . -0.11 3.73 31.99
C25 PCW QB . -0.20 2.19 31.86
C26 PCW QB . 0.77 1.54 30.90
C27 PCW QB . 0.19 0.61 29.81
C28 PCW QB . 1.28 0.19 28.85
C31 PCW QB . -10.11 12.84 36.01
C32 PCW QB . -10.70 11.96 37.13
C33 PCW QB . -11.54 10.68 36.64
C34 PCW QB . -11.31 9.44 37.49
C35 PCW QB . -10.28 8.55 36.69
C36 PCW QB . -9.27 7.82 37.61
C37 PCW QB . -8.23 6.93 36.88
C38 PCW QB . -8.82 5.63 36.42
C39 PCW QB . -7.82 4.75 35.70
C40 PCW QB . -7.56 4.73 34.41
C41 PCW QB . -8.24 5.63 33.39
C42 PCW QB . -7.68 5.25 31.94
C43 PCW QB . -8.62 5.37 30.75
C44 PCW QB . -7.82 4.95 29.52
C45 PCW QB . -8.32 3.71 28.84
C46 PCW QB . -7.98 3.66 27.37
C47 PCW QB . -6.70 2.95 27.01
C48 PCW QB . -6.46 2.96 25.49
N PCW QB . -10.80 15.11 41.61
O2 PCW QB . -9.08 13.53 36.53
O3 PCW QB . -6.41 13.01 35.68
O11 PCW QB . -6.54 12.56 37.91
O31 PCW QB . -10.51 12.90 34.83
O1P PCW QB . -8.03 17.27 38.27
O2P PCW QB . -9.65 18.67 37.00
O3P PCW QB . -9.78 16.11 36.87
O4P PCW QB . -10.49 17.37 38.83
P PCW QB . -9.42 17.41 37.75
C1 PCW RB . 8.63 12.46 31.98
C2 PCW RB . 7.71 11.57 31.05
C3 PCW RB . 7.76 12.12 29.58
C4 PCW RB . 8.37 9.92 35.40
C5 PCW RB . 7.01 9.89 36.09
C6 PCW RB . 4.68 10.33 35.12
C7 PCW RB . 5.56 8.04 35.28
C8 PCW RB . 5.16 9.21 36.66
C11 PCW RB . 5.59 11.60 28.66
C12 PCW RB . 4.92 10.63 27.73
C13 PCW RB . 5.31 11.02 26.26
C14 PCW RB . 4.71 10.14 25.17
C15 PCW RB . 5.64 9.03 24.61
C16 PCW RB . 6.75 9.66 23.68
C17 PCW RB . 7.11 8.88 22.36
C18 PCW RB . 8.11 9.63 21.48
C19 PCW RB . 8.78 8.72 20.43
C20 PCW RB . 8.76 9.02 19.07
C21 PCW RB . 8.19 10.15 18.30
C22 PCW RB . 6.70 9.78 18.01
C23 PCW RB . 5.79 10.89 17.43
C24 PCW RB . 5.34 10.71 16.01
C25 PCW RB . 4.41 9.53 15.60
C26 PCW RB . 3.68 9.68 14.27
C27 PCW RB . 4.15 8.78 13.10
C28 PCW RB . 3.20 7.62 12.92
C31 PCW RB . 7.62 9.33 31.86
C32 PCW RB . 8.27 7.94 31.69
C33 PCW RB . 7.43 6.90 30.81
C34 PCW RB . 6.06 6.57 31.39
C35 PCW RB . 5.07 6.60 30.15
C36 PCW RB . 4.74 5.18 29.63
C37 PCW RB . 3.76 5.12 28.42
C38 PCW RB . 2.94 3.87 28.43
C39 PCW RB . 1.97 3.79 27.27
C40 PCW RB . 0.76 4.33 27.19
C41 PCW RB . 0.11 5.14 28.30
C42 PCW RB . -1.36 4.60 28.50
C43 PCW RB . -2.40 5.52 29.15
C44 PCW RB . -3.70 4.74 29.22
C45 PCW RB . -4.16 4.38 30.62
C46 PCW RB . -3.91 2.95 30.99
C47 PCW RB . -4.96 1.94 30.58
C48 PCW RB . -4.58 0.53 31.02
N PCW RB . 5.85 9.46 35.36
O2 PCW RB . 8.23 10.17 31.01
O3 PCW RB . 6.92 11.30 28.74
O11 PCW RB . 5.05 12.50 29.24
O31 PCW RB . 6.70 9.62 32.67
O1P PCW RB . 10.94 11.08 34.72
O2P PCW RB . 9.66 13.22 34.74
O3P PCW RB . 9.70 11.73 32.63
O4P PCW RB . 8.43 11.15 34.64
P PCW RB . 9.74 11.83 34.24
C1 PCW SB . 10.96 27.84 9.81
C2 PCW SB . 11.46 26.37 9.55
C3 PCW SB . 10.23 25.42 9.33
C4 PCW SB . 9.65 30.35 12.84
C5 PCW SB . 9.72 31.64 13.66
C6 PCW SB . 7.31 32.45 13.75
C7 PCW SB . 8.74 32.58 15.73
C8 PCW SB . 8.96 33.47 14.13
C11 PCW SB . 10.55 23.58 7.81
C12 PCW SB . 11.07 22.17 7.78
C13 PCW SB . 9.85 21.20 7.59
C14 PCW SB . 10.20 19.71 7.53
C15 PCW SB . 9.12 18.80 6.88
C16 PCW SB . 9.51 18.42 5.41
C17 PCW SB . 8.62 18.99 4.25
C18 PCW SB . 8.18 17.94 3.24
C19 PCW SB . 7.98 18.50 1.81
C20 PCW SB . 8.86 18.23 0.77
C21 PCW SB . 10.10 17.42 0.70
C22 PCW SB . 9.68 15.96 0.36
C23 PCW SB . 10.57 15.17 -0.63
C24 PCW SB . 9.96 14.84 -1.95
C25 PCW SB . 10.79 14.96 -3.26
C26 PCW SB . 10.02 14.79 -4.57
C27 PCW SB . 9.25 16.02 -5.10
C28 PCW SB . 8.10 15.56 -5.96
C31 PCW SB . 13.53 26.79 8.45
C32 PCW SB . 14.24 26.68 7.09
C33 PCW SB . 14.41 25.20 6.53
C34 PCW SB . 14.74 25.14 5.03
C35 PCW SB . 13.34 25.11 4.30
C36 PCW SB . 13.25 23.99 3.23
C37 PCW SB . 11.89 23.89 2.47
C38 PCW SB . 11.67 25.08 1.58
C39 PCW SB . 10.35 25.00 0.83
C40 PCW SB . 9.46 25.98 0.70
C41 PCW SB . 9.61 27.36 1.30
C42 PCW SB . 8.59 28.34 0.55
C43 PCW SB . 8.81 28.63 -0.93
C44 PCW SB . 7.71 29.57 -1.37
C45 PCW SB . 7.65 29.85 -2.85
C46 PCW SB . 6.81 28.86 -3.62
C47 PCW SB . 7.46 28.22 -4.83
C48 PCW SB . 6.49 27.25 -5.52
N PCW SB . 8.57 32.05 14.40
O2 PCW SB . 12.29 26.32 8.31
O3 PCW SB . 10.68 24.09 9.08
O11 PCW SB . 10.08 24.18 6.89
O31 PCW SB . 14.05 27.27 9.51
O1P PCW SB . 10.45 27.60 12.50
O2P PCW SB . 12.71 28.50 13.07
O3P PCW SB . 11.84 28.63 10.65
O4P PCW SB . 11.00 30.05 12.42
P PCW SB . 11.50 28.64 12.22
C1 PCW TB . 14.74 24.56 11.05
C2 PCW TB . 15.09 23.08 10.60
C3 PCW TB . 13.83 22.15 10.75
C4 PCW TB . 18.56 24.31 12.92
C5 PCW TB . 18.79 22.81 12.68
C6 PCW TB . 19.71 21.00 11.12
C7 PCW TB . 20.93 23.10 11.46
C8 PCW TB . 20.56 21.78 12.71
C11 PCW TB . 13.81 19.78 11.13
C12 PCW TB . 14.28 18.49 10.52
C13 PCW TB . 13.24 18.07 9.41
C14 PCW TB . 13.56 16.78 8.68
C15 PCW TB . 12.50 15.64 8.81
C16 PCW TB . 11.33 15.85 7.78
C17 PCW TB . 10.99 14.66 6.83
C18 PCW TB . 9.82 13.80 7.31
C19 PCW TB . 8.61 13.86 6.35
C20 PCW TB . 8.31 12.83 5.47
C21 PCW TB . 8.96 11.53 5.19
C22 PCW TB . 8.28 10.48 6.12
C23 PCW TB . 7.76 9.17 5.46
C24 PCW TB . 6.46 8.64 5.96
C25 PCW TB . 5.27 8.38 4.98
C26 PCW TB . 4.49 7.10 5.19
C27 PCW TB . 3.17 7.18 5.97
C28 PCW TB . 2.74 5.79 6.41
C31 PCW TB . 16.80 23.01 8.98
C32 PCW TB . 17.07 23.00 7.47
C33 PCW TB . 16.83 21.59 6.74
C34 PCW TB . 15.44 21.45 6.13
C35 PCW TB . 15.11 19.90 6.17
C36 PCW TB . 14.12 19.47 5.06
C37 PCW TB . 13.74 17.95 5.03
C38 PCW TB . 14.71 17.17 4.20
C39 PCW TB . 14.37 15.70 4.16
C40 PCW TB . 15.21 14.68 3.99
C41 PCW TB . 16.71 14.84 3.80
C42 PCW TB . 17.04 14.60 2.25
C43 PCW TB . 18.03 13.50 1.89
C44 PCW TB . 18.15 13.50 0.37
C45 PCW TB . 18.10 12.14 -0.27
C46 PCW TB . 19.32 11.81 -1.10
C47 PCW TB . 19.73 10.36 -1.13
C48 PCW TB . 20.97 10.16 -2.01
N PCW TB . 19.69 22.39 11.66
O2 PCW TB . 15.49 23.08 9.17
O3 PCW TB . 14.19 20.83 10.34
O11 PCW TB . 13.20 19.88 12.16
O31 PCW TB . 17.69 22.97 9.88
O1P PCW TB . 17.62 26.90 12.04
O2P PCW TB . 15.60 26.30 13.37
O3P PCW TB . 15.83 25.48 10.94
O4P PCW TB . 17.14 24.54 12.78
P PCW TB . 16.56 25.87 12.32
C1 PCW UB . 5.94 35.58 9.35
C2 PCW UB . 6.37 34.28 8.56
C3 PCW UB . 6.01 33.01 9.40
C4 PCW UB . 8.57 37.33 6.22
C5 PCW UB . 10.04 36.95 6.07
C6 PCW UB . 11.80 35.28 5.25
C7 PCW UB . 9.61 35.39 4.16
C8 PCW UB . 10.91 36.72 4.24
C11 PCW UB . 7.35 31.02 9.25
C12 PCW UB . 7.63 29.85 8.34
C13 PCW UB . 8.28 30.41 7.01
C14 PCW UB . 8.63 29.35 5.96
C15 PCW UB . 7.47 28.39 5.55
C16 PCW UB . 6.35 29.17 4.78
C17 PCW UB . 6.24 28.94 3.24
C18 PCW UB . 5.37 27.74 2.85
C19 PCW UB . 4.61 27.96 1.52
C20 PCW UB . 4.72 27.09 0.44
C21 PCW UB . 5.52 25.85 0.24
C22 PCW UB . 5.84 25.78 -1.29
C23 PCW UB . 7.03 24.88 -1.72
C24 PCW UB . 6.69 23.61 -2.43
C25 PCW UB . 7.15 22.23 -1.88
C26 PCW UB . 8.35 21.59 -2.56
C27 PCW UB . 9.55 21.17 -1.68
C28 PCW UB . 10.64 22.21 -1.78
C31 PCW UB . 6.37 34.16 6.19
C32 PCW UB . 5.45 34.08 4.97
C33 PCW UB . 4.52 35.36 4.72
C34 PCW UB . 3.54 35.17 3.57
C35 PCW UB . 2.10 35.22 4.22
C36 PCW UB . 1.45 33.83 4.39
C37 PCW UB . 0.03 33.81 5.03
C38 PCW UB . -0.66 32.50 4.80
C39 PCW UB . -2.04 32.45 5.40
C40 PCW UB . -2.75 31.37 5.71
C41 PCW UB . -2.26 29.95 5.50
C42 PCW UB . -3.48 29.07 4.97
C43 PCW UB . -3.19 27.93 4.00
C44 PCW UB . -4.52 27.28 3.69
C45 PCW UB . -4.42 25.94 2.97
C46 PCW UB . -5.75 25.38 2.56
C47 PCW UB . -5.74 24.01 1.94
C48 PCW UB . -7.15 23.55 1.57
N PCW UB . 10.41 35.79 5.30
O2 PCW UB . 5.61 34.20 7.28
O3 PCW UB . 6.41 31.83 8.67
O11 PCW UB . 7.87 31.20 10.31
O31 PCW UB . 7.64 34.18 6.16
O1P PCW UB . 7.00 39.00 8.02
O2P PCW UB . 8.05 37.57 9.77
O3P PCW UB . 5.92 36.78 8.54
O4P PCW UB . 8.12 36.81 7.50
P PCW UB . 7.31 37.60 8.49
C1 PCW VB . 2.29 38.55 7.69
C2 PCW VB . 1.62 37.14 7.48
C3 PCW VB . 2.55 36.00 8.02
C4 PCW VB . 1.31 37.63 12.03
C5 PCW VB . 1.04 36.13 12.05
C6 PCW VB . -0.12 35.74 14.29
C7 PCW VB . -0.81 34.51 12.29
C8 PCW VB . 0.81 34.43 13.16
C11 PCW VB . 1.92 33.85 8.88
C12 PCW VB . 1.24 32.57 8.46
C13 PCW VB . -0.11 32.46 9.26
C14 PCW VB . -0.94 31.20 8.95
C15 PCW VB . -2.03 30.84 9.99
C16 PCW VB . -3.45 31.33 9.52
C17 PCW VB . -4.57 30.24 9.37
C18 PCW VB . -5.76 30.48 10.30
C19 PCW VB . -6.85 29.39 10.18
C20 PCW VB . -7.45 28.81 11.29
C21 PCW VB . -7.28 29.03 12.74
C22 PCW VB . -8.19 27.99 13.46
C23 PCW VB . -9.02 28.47 14.68
C24 PCW VB . -9.92 27.46 15.33
C25 PCW VB . -10.56 27.74 16.72
C26 PCW VB . -11.99 28.27 16.72
C27 PCW VB . -12.66 28.52 18.09
C28 PCW VB . -12.88 30.00 18.29
C31 PCW VB . -0.72 37.54 7.57
C32 PCW VB . -1.95 37.41 8.48
C33 PCW VB . -3.31 37.01 7.72
C34 PCW VB . -3.41 35.53 7.39
C35 PCW VB . -4.12 35.45 5.97
C36 PCW VB . -3.17 35.75 4.79
C37 PCW VB . -3.82 35.67 3.38
C38 PCW VB . -2.82 35.33 2.32
C39 PCW VB . -3.42 35.25 0.94
C40 PCW VB . -3.34 34.24 0.10
C41 PCW VB . -2.59 32.94 0.40
C42 PCW VB . -3.67 31.84 0.83
C43 PCW VB . -3.84 30.60 -0.01
C44 PCW VB . -4.92 29.76 0.64
C45 PCW VB . -6.27 29.80 -0.04
C46 PCW VB . -7.15 28.62 0.28
C47 PCW VB . -8.59 28.93 0.63
C48 PCW VB . -9.37 27.65 0.94
N PCW VB . -0.04 35.61 12.81
O2 PCW VB . 0.34 37.07 8.23
O3 PCW VB . 1.95 34.72 7.83
O11 PCW VB . 2.37 34.06 9.97
O31 PCW VB . -0.71 38.02 6.40
O1P PCW VB . 2.58 40.11 11.13
O2P PCW VB . 0.70 40.13 9.49
O3P PCW VB . 2.83 38.76 9.02
O4P PCW VB . 1.16 38.07 10.66
P PCW VB . 1.79 39.34 10.11
C1 PCW WB . 21.61 0.92 40.34
C2 PCW WB . 20.60 0.61 39.17
C3 PCW WB . 21.34 0.56 37.79
C4 PCW WB . 18.71 2.50 41.92
C5 PCW WB . 17.46 3.35 41.70
C6 PCW WB . 15.61 1.80 41.82
C7 PCW WB . 15.25 4.06 42.28
C8 PCW WB . 16.37 2.86 43.86
C11 PCW WB . 20.16 1.25 35.82
C12 PCW WB . 19.15 0.75 34.81
C13 PCW WB . 19.93 0.28 33.53
C14 PCW WB . 19.05 -0.26 32.40
C15 PCW WB . 19.64 -1.48 31.62
C16 PCW WB . 18.58 -2.63 31.53
C17 PCW WB . 17.42 -2.48 30.48
C18 PCW WB . 16.03 -2.53 31.10
C19 PCW WB . 15.62 -1.22 31.80
C20 PCW WB . 14.29 -0.83 31.93
C21 PCW WB . 13.02 -1.46 31.51
C22 PCW WB . 12.20 -0.36 30.76
C23 PCW WB . 11.06 0.34 31.56
C24 PCW WB . 9.69 0.22 31.00
C25 PCW WB . 8.54 1.14 31.49
C26 PCW WB . 7.38 0.46 32.20
C27 PCW WB . 6.03 1.21 32.24
C28 PCW WB . 5.11 0.55 33.24
C31 PCW WB . 18.68 -0.67 39.68
C32 PCW WB . 18.18 -2.11 39.87
C33 PCW WB . 16.60 -2.33 39.69
C34 PCW WB . 15.80 -2.07 40.97
C35 PCW WB . 14.78 -3.27 41.08
C36 PCW WB . 13.39 -2.93 40.50
C37 PCW WB . 12.33 -4.06 40.59
C38 PCW WB . 12.15 -4.77 39.29
C39 PCW WB . 11.13 -5.88 39.36
C40 PCW WB . 10.25 -6.21 38.42
C41 PCW WB . 10.13 -5.51 37.08
C42 PCW WB . 10.22 -6.62 35.93
C43 PCW WB . 11.40 -6.55 34.97
C44 PCW WB . 11.24 -7.72 34.00
C45 PCW WB . 12.53 -8.20 33.37
C46 PCW WB . 12.59 -9.69 33.20
C47 PCW WB . 13.97 -10.28 33.08
C48 PCW WB . 13.90 -11.81 32.92
N PCW WB . 16.24 3.03 42.37
O2 PCW WB . 19.97 -0.72 39.38
O3 PCW WB . 20.40 0.27 36.74
O11 PCW WB . 20.68 2.33 35.80
O31 PCW WB . 17.97 0.37 39.78
O1P PCW WB . 21.43 2.39 42.93
O2P PCW WB . 21.66 4.54 41.68
O3P PCW WB . 21.97 2.31 40.46
O4P PCW WB . 19.79 3.14 41.18
P PCW WB . 21.24 3.13 41.64
C1 17F XB . -16.09 37.62 9.43
N1 17F XB . -13.87 38.57 8.74
O1 17F XB . -17.15 38.77 6.80
P1 17F XB . -17.96 38.67 8.07
C2 17F XB . -14.76 38.28 9.84
O2 17F XB . -18.96 39.76 8.32
C3 17F XB . -14.03 37.37 10.85
O3 17F XB . -17.09 38.58 9.35
C4 17F XB . -19.66 36.99 9.19
O4 17F XB . -12.82 36.98 10.66
C5 17F XB . -20.38 35.63 9.01
O5 17F XB . -14.58 37.00 11.88
C6 17F XB . -21.83 35.87 8.51
O6 17F XB . -18.81 37.32 8.09
C7 17F XB . -23.80 34.60 8.64
O7 17F XB . -22.54 34.65 8.33
C8 17F XB . -24.32 33.19 8.32
O8 17F XB . -24.52 35.45 9.10
C9 17F XB . -24.67 32.36 9.59
O9 17F XB . -19.68 34.74 8.13
C10 17F XB . -25.20 30.90 9.33
O10 17F XB . -18.12 33.87 9.58
C11 17F XB . -24.98 30.37 7.86
C12 17F XB . -25.53 28.91 7.68
C17 17F XB . -19.07 33.78 8.79
C18 17F XB . -19.65 32.42 8.50
C19 17F XB . -19.89 31.53 9.75
C20 17F XB . -21.32 30.87 9.76
C1X 17F XB . -25.30 28.42 6.23
C1Y 17F XB . -21.52 29.98 11.02
C1Z 17F XB . -20.67 28.71 10.93
C2X 17F XB . -25.85 26.92 6.01
C21 17F XB . -24.71 25.86 6.11
C22 17F XB . -24.41 25.01 5.17
C23 17F XB . -25.05 24.85 3.86
C24 17F XB . -24.22 25.33 2.68
C25 17F XB . -24.85 25.18 1.32
C26 17F XB . -24.51 23.81 0.55
C27 17F XB . -25.14 23.67 -0.81
C28 17F XB . -24.71 22.28 -1.39
C29 17F XB . -25.85 21.35 -1.31
C30 17F XB . -25.58 19.97 -1.83
C31 17F XB . -21.06 27.68 9.81
C32 17F XB . -20.18 26.40 9.76
C33 17F XB . -19.07 26.61 8.72
C34 17F XB . -18.14 25.72 8.41
C35 17F XB . -17.95 24.34 9.01
C36 17F XB . -18.89 23.24 8.40
C37 17F XB . -19.27 22.28 9.47
C38 17F XB . -18.87 20.80 9.19
C39 17F XB . -19.29 19.87 10.34
C40 17F XB . -20.70 19.30 10.08
C41 17F XB . -21.38 18.82 11.43
C42 17F XB . -22.58 19.61 11.97
C1 17F YB . 4.80 23.60 26.83
N1 17F YB . 5.56 23.84 24.46
O1 17F YB . 1.88 25.99 27.19
P1 17F YB . 2.51 24.62 27.32
C2 17F YB . 5.97 23.68 25.84
O2 17F YB . 2.89 24.18 28.71
C3 17F YB . 6.85 22.41 25.97
O3 17F YB . 3.79 24.46 26.44
C4 17F YB . 1.93 22.10 26.79
O4 17F YB . 7.14 21.66 24.97
C5 17F YB . 0.85 21.15 26.21
O5 17F YB . 7.32 22.08 27.06
C6 17F YB . -0.55 21.56 26.72
O6 17F YB . 1.54 23.48 26.77
C7 17F YB . -2.39 20.17 27.06
O7 17F YB . -1.57 20.72 26.22
C8 17F YB . -3.38 19.29 26.25
O8 17F YB . -2.45 20.25 28.26
C9 17F YB . -2.85 17.86 25.98
O9 17F YB . 0.87 21.08 24.78
C10 17F YB . -3.82 16.92 25.16
O10 17F YB . 3.03 20.71 24.07
C11 17F YB . -3.16 16.22 23.92
C12 17F YB . -4.18 15.29 23.15
C17 17F YB . 1.87 20.36 24.33
C18 17F YB . 1.49 18.92 24.12
C19 17F YB . 2.09 17.93 25.14
C20 17F YB . 3.16 16.97 24.48
C1X 17F YB . -3.48 14.64 21.95
C1Y 17F YB . 3.75 16.00 25.54
C1Z 17F YB . 3.01 14.66 25.50
C2X 17F YB . -4.49 13.70 21.12
C21 17F YB . -3.91 12.26 20.92
C22 17F YB . -3.57 11.76 19.78
C23 17F YB . -3.65 12.42 18.47
C24 17F YB . -4.73 11.87 17.55
C25 17F YB . -4.86 12.51 16.18
C26 17F YB . -3.95 11.87 15.02
C27 17F YB . -4.09 12.53 13.67
C28 17F YB . -3.13 11.78 12.67
C29 17F YB . -3.91 10.84 11.86
C30 17F YB . -3.12 10.05 10.86
C31 17F YB . 2.20 14.28 26.79
C32 17F YB . 1.46 12.92 26.73
C33 17F YB . 0.95 12.57 28.14
C34 17F YB . 0.28 11.47 28.45
C35 17F YB . -0.12 10.35 27.51
C36 17F YB . 0.61 8.99 27.77
C37 17F YB . 1.56 8.74 26.67
C38 17F YB . 0.99 7.91 25.48
C39 17F YB . 2.05 7.70 24.38
C40 17F YB . 1.70 6.45 23.55
C41 17F YB . 2.37 6.54 22.12
C42 17F YB . 3.88 6.31 21.98
C1 17F ZB . 11.75 23.07 23.05
N1 17F ZB . 11.27 21.09 24.52
O1 17F ZB . 11.90 23.31 20.23
P1 17F ZB . 10.52 23.09 20.83
C2 17F ZB . 12.21 21.69 23.59
O2 17F ZB . 9.49 24.15 20.54
C3 17F ZB . 13.58 21.85 24.27
O3 17F ZB . 10.54 22.95 22.37
C4 17F ZB . 8.57 21.33 20.77
O4 17F ZB . 13.80 21.48 25.48
C5 17F ZB . 8.11 19.96 20.17
O5 17F ZB . 14.53 22.34 23.67
C6 17F ZB . 6.62 19.72 20.52
O6 17F ZB . 9.87 21.74 20.33
C7 17F ZB . 4.87 18.27 19.93
O7 17F ZB . 6.15 18.48 20.00
C8 17F ZB . 4.65 16.87 19.34
O8 17F ZB . 3.94 18.98 20.25
C9 17F ZB . 4.17 16.89 17.87
O9 17F ZB . 8.33 19.87 18.76
C10 17F ZB . 3.92 15.48 17.21
O10 17F ZB . 10.57 19.29 18.64
C11 17F ZB . 2.43 15.24 16.74
C12 17F ZB . 2.25 13.81 16.09
C17 17F ZB . 9.36 19.08 18.48
C18 17F ZB . 8.91 17.76 17.86
C19 17F ZB . 9.33 16.50 18.66
C20 17F ZB . 8.10 15.63 19.10
C1X 17F ZB . 0.79 13.62 15.65
C1Y 17F ZB . 8.57 14.37 19.88
C1Z 17F ZB . 7.44 13.34 19.95
C2X 17F ZB . 0.56 12.18 14.97
C21 17F ZB . 0.65 11.02 16.01
C22 17F ZB . 0.09 9.87 15.88
C23 17F ZB . -0.76 9.42 14.78
C24 17F ZB . -0.39 8.06 14.21
C25 17F ZB . -1.23 7.54 13.06
C26 17F ZB . -2.17 6.28 13.39
C27 17F ZB . -3.00 5.78 12.23
C28 17F ZB . -3.84 4.56 12.74
C29 17F ZB . -5.16 4.56 12.08
C30 17F ZB . -6.06 3.45 12.49
C31 17F ZB . 6.19 13.69 20.82
C32 17F ZB . 5.06 12.62 20.86
C33 17F ZB . 4.09 12.97 21.99
C34 17F ZB . 3.02 12.26 22.31
C35 17F ZB . 2.54 10.99 21.63
C36 17F ZB . 1.05 11.03 21.18
C37 17F ZB . 0.81 9.93 20.20
C38 17F ZB . -0.67 9.48 20.09
C39 17F ZB . -0.84 8.36 19.06
C40 17F ZB . -1.07 7.01 19.77
C41 17F ZB . -0.65 5.81 18.83
C42 17F ZB . -0.92 4.38 19.29
C1 17F AC . -20.04 35.02 14.95
N1 17F AC . -18.49 36.83 15.72
O1 17F AC . -19.84 33.75 12.17
P1 17F AC . -21.10 34.34 12.75
C2 17F AC . -19.81 36.23 15.87
O2 17F AC . -22.03 35.02 11.78
C3 17F AC . -20.04 35.82 17.33
O3 17F AC . -20.84 35.37 13.87
C4 17F AC . -23.23 33.58 14.07
O4 17F AC . -19.16 36.00 18.25
C5 17F AC . -23.96 32.38 14.72
O5 17F AC . -21.10 35.29 17.67
C6 17F AC . -24.28 32.69 16.20
O6 17F AC . -21.99 33.24 13.46
C7 17F AC . -24.47 31.12 17.93
O7 17F AC . -24.96 31.62 16.83
C8 17F AC . -25.42 29.98 18.40
O8 17F AC . -23.48 31.41 18.55
C9 17F AC . -26.31 30.40 19.59
O9 17F AC . -25.15 32.00 14.01
C10 17F AC . -27.31 29.30 20.11
O10 17F AC . -24.02 30.21 13.08
C11 17F AC . -26.62 28.02 20.74
C12 17F AC . -27.68 26.97 21.24
C17 17F AC . -25.05 30.81 13.44
C18 17F AC . -26.39 30.15 13.24
C19 17F AC . -27.53 30.65 14.17
C20 17F AC . -27.67 29.79 15.48
C1X 17F AC . -26.97 25.75 21.83
C1Y 17F AC . -28.80 30.33 16.37
C1Z 17F AC . -29.87 29.25 16.58
C2X 17F AC . -28.02 24.65 22.35
C21 17F AC . -27.32 23.33 22.77
C22 17F AC . -27.20 22.28 22.01
C23 17F AC . -27.68 22.11 20.63
C24 17F AC . -27.11 20.90 19.91
C25 17F AC . -27.57 20.69 18.47
C26 17F AC . -26.62 21.28 17.33
C27 17F AC . -27.11 21.06 15.92
C28 17F AC . -26.05 21.71 14.95
C29 17F AC . -26.64 22.90 14.33
C30 17F AC . -25.75 23.63 13.38
C31 17F AC . -30.70 29.31 17.92
C32 17F AC . -31.77 28.21 18.10
C33 17F AC . -32.83 28.36 17.01
C34 17F AC . -33.90 27.57 16.87
C35 17F AC . -34.28 26.40 17.74
C36 17F AC . -33.69 25.03 17.29
C37 17F AC . -34.70 24.30 16.48
C38 17F AC . -34.40 22.80 16.25
C39 17F AC . -35.49 22.12 15.40
C40 17F AC . -35.61 20.63 15.76
C41 17F AC . -36.78 19.96 14.95
C42 17F AC . -38.02 19.47 15.69
C1 17F BC . 31.44 28.82 4.93
N1 17F BC . 29.24 27.88 5.63
O1 17F BC . 31.30 29.01 1.55
P1 17F BC . 31.56 27.90 2.56
C2 17F BC . 30.69 27.74 5.71
O2 17F BC . 33.00 27.84 2.15
C3 17F BC . 31.12 27.77 7.19
O3 17F BC . 32.22 28.24 3.92
C4 17F BC . 31.90 25.32 2.95
O4 17F BC . 30.28 27.90 8.16
C5 17F BC . 31.97 23.92 2.25
O5 17F BC . 32.31 27.66 7.50
C6 17F BC . 30.98 22.94 2.94
O6 17F BC . 31.67 26.40 2.05
C7 17F BC . 30.07 20.82 2.63
O7 17F BC . 31.01 21.66 2.34
C8 17F BC . 30.37 19.49 1.90
O8 17F BC . 29.11 20.93 3.36
C9 17F BC . 31.02 18.44 2.82
O9 17F BC . 31.73 24.00 0.84
C10 17F BC . 31.37 17.05 2.15
O10 17F BC . 32.72 22.16 -0.13
C11 17F BC . 32.91 16.80 1.92
C12 17F BC . 33.16 15.40 1.25
C17 17F BC . 32.65 23.36 0.15
C18 17F BC . 33.73 24.31 -0.35
C19 17F BC . 35.09 24.16 0.37
C20 17F BC . 35.63 25.51 0.95
C1X 17F BC . 34.67 15.18 1.04
C1Y 17F BC . 36.98 25.31 1.65
C1Z 17F BC . 38.13 25.29 0.64
C2X 17F BC . 34.98 13.75 0.36
C21 17F BC . 34.60 13.72 -1.15
C22 17F BC . 35.40 13.35 -2.10
C23 17F BC . 36.78 12.87 -1.96
C24 17F BC . 37.49 12.63 -3.29
C25 17F BC . 38.94 12.14 -3.20
C26 17F BC . 40.06 13.25 -3.41
C27 17F BC . 41.48 12.74 -3.32
C28 17F BC . 42.44 13.97 -3.55
C29 17F BC . 43.39 14.06 -2.41
C30 17F BC . 44.37 15.18 -2.50
C31 17F BC . 38.88 26.65 0.39
C32 17F BC . 40.04 26.59 -0.64
C33 17F BC . 39.57 27.17 -1.96
C34 17F BC . 40.32 27.27 -3.06
C35 17F BC . 41.76 26.82 -3.22
C36 17F BC . 42.41 27.31 -4.55
C37 17F BC . 43.15 26.17 -5.17
C38 17F BC . 42.62 25.73 -6.55
C39 17F BC . 43.43 24.55 -7.12
C40 17F BC . 42.85 24.10 -8.46
C41 17F BC . 43.99 23.48 -9.36
C42 17F BC . 44.14 21.96 -9.42
C1 17F CC . 2.63 13.01 43.53
N1 17F CC . 3.94 11.85 45.32
O1 17F CC . 3.57 12.86 40.64
P1 17F CC . 2.73 11.79 41.31
C2 17F CC . 3.58 13.13 44.73
O2 17F CC . 1.26 11.78 40.99
C3 17F CC . 2.96 14.04 45.80
O3 17F CC . 2.84 11.81 42.86
C4 17F CC . 2.61 9.17 41.43
O4 17F CC . 2.80 13.66 47.01
C5 17F CC . 3.27 7.85 40.94
O5 17F CC . 2.58 15.18 45.52
C6 17F CC . 4.59 7.62 41.72
O6 17F CC . 3.25 10.34 40.93
C7 17F CC . 5.37 5.45 42.14
O7 17F CC . 5.25 6.44 41.30
C8 17F CC . 6.15 4.33 41.41
O8 17F CC . 5.00 5.32 43.27
C9 17F CC . 5.22 3.31 40.69
O9 17F CC . 2.40 6.72 41.02
C10 17F CC . 5.95 2.15 39.93
O10 17F CC . 2.95 5.14 39.46
C11 17F CC . 7.16 1.50 40.70
C12 17F CC . 7.84 0.35 39.87
C17 17F CC . 2.29 6.10 39.87
C18 17F CC . 1.19 6.69 39.01
C19 17F CC . 0.59 5.71 37.97
C20 17F CC . -0.98 5.78 37.93
C1X 17F CC . 9.01 -0.24 40.66
C1Y 17F CC . -1.54 4.81 36.87
C1Z 17F CC . -2.45 3.76 37.52
C2X 17F CC . 9.74 -1.41 39.83
C21 17F CC . 10.90 -0.86 38.95
C22 17F CC . 10.96 -0.98 37.66
C23 17F CC . 9.99 -1.63 36.77
C24 17F CC . 10.36 -1.59 35.29
C25 17F CC . 9.38 -2.26 34.34
C26 17F CC . 10.02 -3.33 33.33
C27 17F CC . 9.05 -3.99 32.39
C28 17F CC . 9.87 -4.99 31.49
C29 17F CC . 9.31 -4.98 30.13
C30 17F CC . 9.99 -5.89 29.16
C31 17F CC . -2.20 2.27 37.13
C32 17F CC . -3.14 1.24 37.80
C33 17F CC . -4.58 1.56 37.43
C34 17F CC . -5.65 0.87 37.83
C35 17F CC . -5.65 -0.35 38.74
C36 17F CC . -7.06 -0.99 38.95
C37 17F CC . -7.44 -1.77 37.75
C38 17F CC . -8.79 -1.34 37.11
C39 17F CC . -9.12 -2.19 35.88
C40 17F CC . -10.63 -2.25 35.64
C41 17F CC . -11.01 -3.47 34.71
C42 17F CC . -12.23 -4.34 35.08
C1 17F DC . -2.11 19.06 35.65
N1 17F DC . -1.57 20.52 33.69
O1 17F DC . -5.68 18.61 35.56
P1 17F DC . -4.35 17.90 35.44
C2 17F DC . -1.06 19.86 34.88
O2 17F DC . -3.81 17.27 36.70
C3 17F DC . 0.12 18.94 34.50
O3 17F DC . -3.23 18.80 34.87
C4 17F DC . -3.28 15.89 34.11
O4 17F DC . 0.53 18.81 33.28
C5 17F DC . -3.55 14.78 33.05
O5 17F DC . 0.69 18.27 35.36
C6 17F DC . -2.42 13.72 33.10
O6 17F DC . -4.43 16.70 34.38
C7 17F DC . -1.87 11.63 32.24
O7 17F DC . -2.62 12.68 32.16
C8 17F DC . -2.30 10.65 31.12
O8 17F DC . -0.99 11.35 33.00
C9 17F DC . -3.49 9.74 31.52
O9 17F DC . -4.84 14.17 33.20
C10 17F DC . -3.98 8.72 30.43
O10 17F DC . -6.11 15.52 31.83
C11 17F DC . -4.48 9.38 29.09
C12 17F DC . -4.95 8.29 28.05
C17 17F DC . -5.62 14.43 32.18
C18 17F DC . -5.95 13.18 31.38
C19 17F DC . -7.46 12.82 31.34
C20 17F DC . -7.85 11.71 32.37
C1X 17F DC . -5.43 8.98 26.76
C1Y 17F DC . -9.35 11.38 32.28
C1Z 17F DC . -9.59 9.87 32.26
C2X 17F DC . -5.91 7.91 25.66
C21 17F DC . -7.30 7.29 26.02
C22 17F DC . -8.41 7.56 25.40
C23 17F DC . -8.59 8.48 24.27
C24 17F DC . -9.65 9.56 24.51
C25 17F DC . -9.88 10.53 23.36
C26 17F DC . -9.33 12.02 23.59
C27 17F DC . -9.58 12.96 22.43
C28 17F DC . -8.98 14.36 22.84
C29 17F DC . -10.00 15.40 22.63
C30 17F DC . -9.56 16.79 22.98
C31 17F DC . -11.09 9.39 32.22
C32 17F DC . -11.29 7.85 32.20
C33 17F DC . -12.12 7.44 33.41
C34 17F DC . -12.48 6.19 33.69
C35 17F DC . -12.14 4.95 32.90
C36 17F DC . -12.84 3.65 33.41
C37 17F DC . -11.92 2.51 33.21
C38 17F DC . -10.85 2.31 34.30
C39 17F DC . -9.94 1.11 34.02
C40 17F DC . -8.72 1.52 33.18
C41 17F DC . -8.59 0.60 31.90
C42 17F DC . -8.00 -0.81 32.05
C1 17F EC . -16.02 28.30 35.29
N1 17F EC . -13.78 28.18 34.18
O1 17F EC . -17.34 26.87 37.77
P1 17F EC . -16.53 26.22 36.65
C2 17F EC . -15.17 28.57 34.05
O2 17F EC . -15.74 24.99 37.02
C3 17F EC . -15.25 30.07 33.68
O3 17F EC . -15.54 27.20 35.99
C4 17F EC . -16.92 25.13 34.28
O4 17F EC . -14.20 30.80 33.55
C5 17F EC . -18.01 24.77 33.22
O5 17F EC . -16.33 30.62 33.50
C6 17F EC . -17.37 24.72 31.82
O6 17F EC . -17.46 25.76 35.44
C7 17F EC . -18.28 25.01 29.68
O7 17F EC . -18.33 24.39 30.81
C8 17F EC . -19.43 24.49 28.80
O8 17F EC . -17.52 25.87 29.29
C9 17F EC . -20.31 25.62 28.20
O9 17F EC . -18.73 23.56 33.54
C10 17F EC . -21.51 25.16 27.29
O10 17F EC . -17.03 22.16 34.26
C11 17F EC . -21.34 23.73 26.62
C12 17F EC . -22.58 23.36 25.72
C17 17F EC . -17.98 22.47 33.52
C18 17F EC . -18.40 21.50 32.43
C19 17F EC . -17.33 20.46 32.02
C20 17F EC . -17.80 18.99 32.28
C1X 17F EC . -22.36 21.98 25.09
C1Y 17F EC . -16.69 17.98 31.86
C1Z 17F EC . -16.97 16.60 32.44
C2X 17F EC . -23.59 21.53 24.16
C21 17F EC . -24.34 20.28 24.73
C22 17F EC . -24.37 19.13 24.16
C23 17F EC . -23.73 18.74 22.89
C24 17F EC . -23.67 17.24 22.64
C25 17F EC . -23.03 16.79 21.34
C26 17F EC . -23.82 15.67 20.52
C27 17F EC . -23.14 15.23 19.23
C28 17F EC . -24.06 14.15 18.56
C29 17F EC . -23.84 14.16 17.10
C30 17F EC . -24.66 13.16 16.34
C31 17F EC . -17.61 15.54 31.48
C32 17F EC . -17.89 14.15 32.10
C33 17F EC . -18.40 13.21 31.01
C34 17F EC . -18.73 11.94 31.21
C35 17F EC . -18.67 11.16 32.50
C36 17F EC . -17.58 10.05 32.55
C37 17F EC . -16.61 10.37 33.63
C38 17F EC . -15.81 9.15 34.16
C39 17F EC . -14.83 9.57 35.27
C40 17F EC . -15.24 8.95 36.61
C41 17F EC . -15.85 10.06 37.56
C42 17F EC . -17.21 9.81 38.22
PG GNP FC . -28.93 -16.20 -14.75
O1G GNP FC . -28.86 -16.06 -16.23
O2G GNP FC . -27.64 -15.80 -14.05
O3G GNP FC . -30.13 -15.45 -14.33
N3B GNP FC . -29.27 -17.74 -14.35
PB GNP FC . -28.56 -19.07 -14.90
O1B GNP FC . -27.13 -18.85 -15.21
O2B GNP FC . -29.33 -19.50 -16.06
O3A GNP FC . -28.70 -20.16 -13.81
PA GNP FC . -28.36 -20.18 -12.26
O1A GNP FC . -26.91 -20.08 -12.06
O2A GNP FC . -29.23 -19.29 -11.48
O5' GNP FC . -28.75 -21.61 -11.77
C5' GNP FC . -30.13 -22.04 -11.83
C4' GNP FC . -30.37 -22.86 -13.08
O4' GNP FC . -29.09 -23.15 -13.73
C3' GNP FC . -31.02 -24.22 -12.81
O3' GNP FC . -32.04 -24.46 -13.77
C2' GNP FC . -29.85 -25.20 -12.88
O2' GNP FC . -30.16 -26.53 -13.22
C1' GNP FC . -28.91 -24.55 -13.90
N9 GNP FC . -27.47 -24.88 -13.68
C8 GNP FC . -26.51 -23.99 -13.33
N7 GNP FC . -25.34 -24.51 -13.20
C5 GNP FC . -25.52 -25.87 -13.48
C6 GNP FC . -24.60 -26.96 -13.49
O6 GNP FC . -23.41 -26.98 -13.27
N1 GNP FC . -25.18 -28.17 -13.82
C2 GNP FC . -26.52 -28.33 -14.10
N2 GNP FC . -26.88 -29.59 -14.40
N3 GNP FC . -27.40 -27.33 -14.09
C4 GNP FC . -26.84 -26.12 -13.77
MG MG GC . -23.44 -12.00 -10.14
#